data_9GB1
#
_entry.id   9GB1
#
_cell.length_a   1.00
_cell.length_b   1.00
_cell.length_c   1.00
_cell.angle_alpha   90.00
_cell.angle_beta   90.00
_cell.angle_gamma   90.00
#
_symmetry.space_group_name_H-M   'P 1'
#
loop_
_entity.id
_entity.type
_entity.pdbx_description
1 polymer 'gp56 - Tail tube protein'
2 polymer 'gp55 - Tail sheath protein'
#
loop_
_entity_poly.entity_id
_entity_poly.type
_entity_poly.pdbx_seq_one_letter_code
_entity_poly.pdbx_strand_id
1 'polypeptide(L)'
;MYNDDYIEEASFLNGSDVVILIDGVEELYMEEIKADFEQDEQSIKLLGCQNEISRVGTTKGSFSLNGYKTDSKFAKLGFR
SFEIIYNLSNSETLGYESIRLKNCRLKKLPLINSKAGEIVKIEVEGSFRGYDLLNEL
;
S,T,U,V,W,X,e,f,g,h,i,j,q,r,s,t,u,v
2 'polypeptide(L)'
;MATGTWNEKERKEIPGFYNRFKTQAEKSTNTGLKGRLAMPIRANWGDVGKVVTIKNDLRQLKNLFGDDMNYSAFKLGKLA
LLGNVKELLLYRLVDGNQKKGTLTLKDTTENSAKDVIKLETKYPTARNFNVTIKSNLVDSDKKDFIFFENTKQLFSSSIK
GTIDEIVLEINSNLDNEYVIATKVADSDTILANVVNQALEGGNDGCTSITNESYLKALEEFERYSFDSFVLDGVADEALQ
ETTKAWVAKNKELGKDILLFLGGKTEDNIKQINDKSKSFNDENIVNVGSSAYYENIKYTPSEVAVYIAALSVSKGITGSI
CNAKTIFEEVEPRLSQSEVKECLKSGTLVLDFDDGDVIIVDDVNTFKKYVDDKNEAMGYISNIMFINTINKDTSLKRKEF
VGKIFNDATGQTTVICALKKYFEELMSQGIISEFNVDIDTELQATAKADEFYWKWDAVKVDVMKKIYGTGYLG
;
Y,Z,a,b,c,d,k,l,m,n,o,p,w,x,y,z,1,2
#
# COMPACT_ATOMS: atom_id res chain seq x y z
N ILE A 7 10.46 19.54 -24.49
CA ILE A 7 11.74 20.26 -24.33
C ILE A 7 11.56 21.45 -23.39
N GLU A 8 10.73 22.40 -23.82
CA GLU A 8 10.66 23.70 -23.14
C GLU A 8 9.98 23.54 -21.78
N GLU A 9 10.73 23.81 -20.72
CA GLU A 9 10.19 23.78 -19.36
C GLU A 9 9.06 24.78 -19.18
N ALA A 10 9.14 25.93 -19.86
CA ALA A 10 8.23 27.03 -19.57
C ALA A 10 6.81 26.77 -20.08
N SER A 11 6.63 25.85 -21.01
CA SER A 11 5.32 25.63 -21.60
C SER A 11 4.35 25.00 -20.60
N PHE A 12 4.85 24.23 -19.64
CA PHE A 12 3.99 23.57 -18.68
C PHE A 12 3.31 24.59 -17.77
N LEU A 13 2.06 24.29 -17.42
CA LEU A 13 1.21 25.16 -16.64
C LEU A 13 0.82 24.45 -15.35
N ASN A 14 1.06 25.09 -14.21
CA ASN A 14 0.77 24.51 -12.92
C ASN A 14 -0.64 24.90 -12.49
N GLY A 15 -1.19 24.11 -11.57
CA GLY A 15 -2.48 24.45 -11.02
C GLY A 15 -2.49 25.73 -10.22
N SER A 16 -1.33 26.16 -9.73
CA SER A 16 -1.21 27.36 -8.93
C SER A 16 -1.46 28.65 -9.71
N ASP A 17 -1.44 28.59 -11.04
CA ASP A 17 -1.65 29.76 -11.89
C ASP A 17 -3.11 29.90 -12.31
N VAL A 18 -4.02 29.53 -11.41
CA VAL A 18 -5.45 29.39 -11.71
C VAL A 18 -6.23 30.39 -10.88
N VAL A 19 -7.17 31.08 -11.52
CA VAL A 19 -8.12 31.94 -10.83
C VAL A 19 -9.50 31.66 -11.41
N ILE A 20 -10.48 31.46 -10.53
CA ILE A 20 -11.83 31.06 -10.90
C ILE A 20 -12.80 32.14 -10.45
N LEU A 21 -13.72 32.50 -11.34
CA LEU A 21 -14.76 33.49 -11.07
C LEU A 21 -16.12 32.82 -11.21
N ILE A 22 -16.87 32.79 -10.11
CA ILE A 22 -18.24 32.25 -10.10
C ILE A 22 -19.18 33.44 -10.08
N ASP A 23 -19.89 33.65 -11.20
CA ASP A 23 -20.83 34.76 -11.33
C ASP A 23 -20.12 36.10 -11.11
N GLY A 24 -18.89 36.20 -11.60
CA GLY A 24 -18.15 37.44 -11.61
C GLY A 24 -17.32 37.73 -10.38
N VAL A 25 -17.45 36.95 -9.31
CA VAL A 25 -16.70 37.14 -8.08
C VAL A 25 -15.72 35.99 -7.93
N GLU A 26 -14.48 36.32 -7.58
CA GLU A 26 -13.41 35.34 -7.56
C GLU A 26 -13.63 34.31 -6.46
N GLU A 27 -13.34 33.05 -6.77
CA GLU A 27 -13.41 31.94 -5.84
C GLU A 27 -11.99 31.51 -5.50
N LEU A 28 -11.65 31.57 -4.22
CA LEU A 28 -10.28 31.40 -3.77
C LEU A 28 -9.99 30.04 -3.14
N TYR A 29 -11.01 29.38 -2.60
CA TYR A 29 -10.85 28.17 -1.80
C TYR A 29 -11.21 26.91 -2.57
N MET A 30 -10.85 26.85 -3.85
CA MET A 30 -11.13 25.70 -4.70
C MET A 30 -9.91 24.80 -4.81
N GLU A 31 -10.17 23.49 -4.87
CA GLU A 31 -9.14 22.47 -4.94
C GLU A 31 -8.94 21.93 -6.35
N GLU A 32 -10.02 21.72 -7.09
CA GLU A 32 -9.90 21.29 -8.48
C GLU A 32 -11.18 21.65 -9.22
N ILE A 33 -11.05 21.69 -10.55
CA ILE A 33 -12.15 22.02 -11.45
C ILE A 33 -12.03 21.19 -12.72
N LYS A 34 -13.18 20.83 -13.27
CA LYS A 34 -13.26 20.05 -14.50
C LYS A 34 -14.38 20.62 -15.36
N ALA A 35 -14.21 20.53 -16.67
CA ALA A 35 -15.26 20.91 -17.60
C ALA A 35 -15.03 20.21 -18.92
N ASP A 36 -16.08 19.56 -19.42
CA ASP A 36 -16.03 18.84 -20.68
C ASP A 36 -17.25 19.20 -21.51
N PHE A 37 -17.06 19.20 -22.83
CA PHE A 37 -18.10 19.50 -23.82
C PHE A 37 -18.24 18.26 -24.69
N GLU A 38 -19.28 17.47 -24.42
CA GLU A 38 -19.37 16.09 -24.89
C GLU A 38 -20.33 15.96 -26.06
N GLN A 39 -19.94 15.14 -27.04
CA GLN A 39 -20.82 14.77 -28.14
C GLN A 39 -21.88 13.77 -27.73
N ASP A 40 -23.02 13.82 -28.41
CA ASP A 40 -23.90 12.66 -28.53
C ASP A 40 -23.66 12.00 -29.90
N GLU A 41 -22.47 11.41 -30.01
CA GLU A 41 -21.97 10.95 -31.31
C GLU A 41 -22.90 9.93 -31.93
N GLN A 42 -23.21 10.14 -33.20
CA GLN A 42 -24.15 9.31 -33.95
C GLN A 42 -23.38 8.31 -34.79
N SER A 43 -23.65 7.02 -34.56
CA SER A 43 -23.01 5.94 -35.29
C SER A 43 -23.89 5.56 -36.48
N ILE A 44 -23.25 5.40 -37.64
CA ILE A 44 -23.91 5.09 -38.89
C ILE A 44 -23.26 3.85 -39.48
N LYS A 45 -24.10 2.89 -39.87
CA LYS A 45 -23.67 1.70 -40.59
C LYS A 45 -24.37 1.70 -41.94
N LEU A 46 -23.59 1.46 -42.99
CA LEU A 46 -24.10 1.46 -44.36
C LEU A 46 -23.98 0.08 -44.96
N LEU A 47 -24.84 -0.18 -45.95
CA LEU A 47 -24.93 -1.52 -46.53
C LEU A 47 -23.70 -1.84 -47.37
N GLY A 48 -23.20 -0.88 -48.15
CA GLY A 48 -22.06 -1.15 -48.99
C GLY A 48 -20.71 -1.02 -48.33
N CYS A 49 -20.67 -0.57 -47.08
CA CYS A 49 -19.43 -0.19 -46.42
C CYS A 49 -19.27 -0.98 -45.13
N GLN A 50 -18.03 -1.31 -44.79
CA GLN A 50 -17.72 -2.24 -43.71
C GLN A 50 -17.07 -1.56 -42.51
N ASN A 51 -17.23 -0.25 -42.36
CA ASN A 51 -16.80 0.44 -41.15
C ASN A 51 -17.87 1.46 -40.75
N GLU A 52 -17.96 1.71 -39.45
CA GLU A 52 -18.95 2.65 -38.95
C GLU A 52 -18.55 4.08 -39.29
N ILE A 53 -19.55 4.89 -39.63
CA ILE A 53 -19.39 6.31 -39.86
C ILE A 53 -19.94 7.05 -38.64
N SER A 54 -19.12 7.96 -38.11
CA SER A 54 -19.45 8.73 -36.91
C SER A 54 -19.71 10.18 -37.30
N ARG A 55 -20.77 10.75 -36.74
CA ARG A 55 -21.18 12.12 -36.99
C ARG A 55 -21.42 12.84 -35.69
N VAL A 56 -21.32 14.16 -35.72
CA VAL A 56 -21.45 14.98 -34.53
C VAL A 56 -22.93 15.09 -34.19
N GLY A 57 -23.26 14.80 -32.93
CA GLY A 57 -24.59 14.99 -32.40
C GLY A 57 -24.67 16.26 -31.57
N THR A 58 -25.72 16.33 -30.75
CA THR A 58 -25.90 17.48 -29.89
C THR A 58 -24.82 17.53 -28.82
N THR A 59 -24.37 18.73 -28.51
CA THR A 59 -23.30 18.95 -27.55
C THR A 59 -23.88 19.33 -26.20
N LYS A 60 -23.35 18.70 -25.15
CA LYS A 60 -23.71 19.02 -23.77
C LYS A 60 -22.44 19.31 -23.00
N GLY A 61 -22.55 20.22 -22.04
CA GLY A 61 -21.45 20.58 -21.15
C GLY A 61 -21.69 20.00 -19.77
N SER A 62 -20.62 19.51 -19.16
CA SER A 62 -20.63 19.01 -17.79
C SER A 62 -19.41 19.53 -17.06
N PHE A 63 -19.60 20.02 -15.85
CA PHE A 63 -18.52 20.52 -15.01
C PHE A 63 -18.60 19.90 -13.63
N SER A 64 -17.45 19.80 -12.98
CA SER A 64 -17.37 19.52 -11.55
C SER A 64 -16.38 20.48 -10.94
N LEU A 65 -16.57 20.73 -9.64
CA LEU A 65 -15.92 21.85 -8.97
C LEU A 65 -15.81 21.52 -7.50
N ASN A 66 -14.62 21.10 -7.08
CA ASN A 66 -14.36 20.67 -5.71
C ASN A 66 -13.55 21.74 -4.98
N GLY A 67 -13.88 21.97 -3.72
CA GLY A 67 -13.21 22.99 -2.97
C GLY A 67 -13.43 22.84 -1.48
N TYR A 68 -13.07 23.90 -0.77
CA TYR A 68 -13.18 23.97 0.68
C TYR A 68 -14.29 24.94 1.06
N LYS A 69 -15.12 24.53 2.01
CA LYS A 69 -16.28 25.31 2.38
C LYS A 69 -15.87 26.47 3.28
N THR A 70 -16.28 27.68 2.87
CA THR A 70 -16.11 28.88 3.66
C THR A 70 -17.38 29.70 3.78
N ASP A 71 -18.44 29.35 3.06
CA ASP A 71 -19.70 30.06 3.11
C ASP A 71 -20.77 29.14 2.53
N SER A 72 -22.02 29.60 2.58
CA SER A 72 -23.16 28.90 2.00
C SER A 72 -23.48 29.42 0.62
N LYS A 73 -22.45 29.76 -0.15
CA LYS A 73 -22.65 30.38 -1.46
C LYS A 73 -23.47 29.49 -2.39
N PHE A 74 -23.12 28.20 -2.44
CA PHE A 74 -23.81 27.31 -3.37
C PHE A 74 -25.21 26.95 -2.88
N ALA A 75 -25.42 26.92 -1.57
CA ALA A 75 -26.76 26.66 -1.05
C ALA A 75 -27.70 27.82 -1.36
N LYS A 76 -27.24 29.06 -1.16
CA LYS A 76 -28.03 30.21 -1.61
C LYS A 76 -28.19 30.21 -3.12
N LEU A 77 -27.14 29.86 -3.84
CA LEU A 77 -27.18 29.89 -5.30
C LEU A 77 -28.26 28.98 -5.85
N GLY A 78 -28.55 27.89 -5.15
CA GLY A 78 -29.63 27.01 -5.55
C GLY A 78 -29.38 26.44 -6.93
N PHE A 79 -30.44 26.35 -7.71
CA PHE A 79 -30.38 25.84 -9.07
C PHE A 79 -30.47 26.96 -10.11
N ARG A 80 -30.22 28.20 -9.71
CA ARG A 80 -30.17 29.29 -10.66
C ARG A 80 -29.01 29.12 -11.62
N SER A 81 -29.16 29.68 -12.82
CA SER A 81 -28.10 29.67 -13.80
C SER A 81 -27.02 30.68 -13.44
N PHE A 82 -25.77 30.29 -13.63
CA PHE A 82 -24.62 31.15 -13.38
C PHE A 82 -23.56 30.88 -14.44
N GLU A 83 -22.50 31.66 -14.39
CA GLU A 83 -21.37 31.53 -15.30
C GLU A 83 -20.09 31.26 -14.53
N ILE A 84 -19.17 30.57 -15.19
CA ILE A 84 -17.85 30.28 -14.65
C ILE A 84 -16.83 30.79 -15.67
N ILE A 85 -15.97 31.70 -15.23
CA ILE A 85 -14.84 32.16 -16.01
C ILE A 85 -13.59 31.55 -15.40
N TYR A 86 -12.86 30.79 -16.21
CA TYR A 86 -11.67 30.07 -15.78
C TYR A 86 -10.46 30.61 -16.53
N ASN A 87 -9.50 31.15 -15.79
CA ASN A 87 -8.28 31.68 -16.35
C ASN A 87 -7.09 30.85 -15.87
N LEU A 88 -6.30 30.36 -16.81
CA LEU A 88 -5.07 29.63 -16.55
C LEU A 88 -3.94 30.41 -17.20
N SER A 89 -3.06 30.96 -16.38
CA SER A 89 -1.99 31.83 -16.84
C SER A 89 -0.65 31.11 -16.80
N ASN A 90 0.25 31.55 -17.67
CA ASN A 90 1.66 31.19 -17.61
C ASN A 90 2.43 32.29 -16.91
N SER A 91 3.46 31.89 -16.17
CA SER A 91 4.32 32.82 -15.45
C SER A 91 5.64 33.07 -16.19
N GLU A 92 6.33 32.01 -16.61
CA GLU A 92 7.57 32.18 -17.35
C GLU A 92 7.32 32.85 -18.69
N THR A 93 6.23 32.49 -19.34
CA THR A 93 5.67 33.23 -20.46
C THR A 93 4.52 34.08 -19.95
N LEU A 94 4.14 35.10 -20.72
CA LEU A 94 3.06 35.99 -20.34
C LEU A 94 1.71 35.56 -20.92
N GLY A 95 1.65 34.46 -21.65
CA GLY A 95 0.40 34.03 -22.23
C GLY A 95 -0.55 33.45 -21.20
N TYR A 96 -1.82 33.43 -21.56
CA TYR A 96 -2.83 32.89 -20.67
C TYR A 96 -4.05 32.46 -21.48
N GLU A 97 -4.79 31.52 -20.90
CA GLU A 97 -6.04 31.01 -21.45
C GLU A 97 -7.18 31.48 -20.56
N SER A 98 -8.31 31.82 -21.18
CA SER A 98 -9.51 32.19 -20.44
C SER A 98 -10.71 31.53 -21.11
N ILE A 99 -11.50 30.82 -20.31
CA ILE A 99 -12.66 30.06 -20.78
C ILE A 99 -13.85 30.49 -19.95
N ARG A 100 -14.95 30.81 -20.61
CA ARG A 100 -16.19 31.23 -19.98
C ARG A 100 -17.24 30.16 -20.25
N LEU A 101 -17.67 29.49 -19.19
CA LEU A 101 -18.77 28.54 -19.26
C LEU A 101 -20.08 29.27 -18.98
N LYS A 102 -21.05 29.11 -19.88
CA LYS A 102 -22.29 29.86 -19.85
C LYS A 102 -23.46 28.96 -19.46
N ASN A 103 -24.44 29.57 -18.79
CA ASN A 103 -25.65 28.88 -18.37
C ASN A 103 -25.33 27.67 -17.50
N CYS A 104 -24.33 27.82 -16.64
CA CYS A 104 -23.97 26.75 -15.72
C CYS A 104 -25.05 26.60 -14.66
N ARG A 105 -25.36 25.34 -14.32
CA ARG A 105 -26.43 25.05 -13.39
C ARG A 105 -26.07 23.80 -12.61
N LEU A 106 -26.29 23.86 -11.30
CA LEU A 106 -25.90 22.75 -10.42
C LEU A 106 -26.87 21.59 -10.55
N LYS A 107 -26.31 20.38 -10.59
CA LYS A 107 -27.13 19.17 -10.57
C LYS A 107 -27.64 18.88 -9.17
N LYS A 108 -26.83 19.15 -8.16
CA LYS A 108 -27.23 18.94 -6.77
C LYS A 108 -26.58 19.98 -5.89
N LEU A 109 -27.24 20.26 -4.77
CA LEU A 109 -26.79 21.26 -3.81
C LEU A 109 -25.95 20.59 -2.73
N PRO A 110 -24.70 21.04 -2.47
CA PRO A 110 -23.95 20.42 -1.36
C PRO A 110 -24.34 21.02 -0.02
N LEU A 111 -25.49 20.58 0.50
CA LEU A 111 -25.99 21.16 1.74
C LEU A 111 -25.09 20.85 2.91
N ILE A 112 -24.74 19.58 3.09
CA ILE A 112 -23.95 19.11 4.22
C ILE A 112 -22.91 18.13 3.72
N ASN A 113 -21.66 18.34 4.13
CA ASN A 113 -20.60 17.36 3.88
C ASN A 113 -19.51 17.63 4.91
N SER A 114 -19.47 16.83 5.96
CA SER A 114 -18.48 16.98 7.00
C SER A 114 -18.11 15.62 7.56
N LYS A 115 -16.84 15.48 7.94
CA LYS A 115 -16.30 14.27 8.53
C LYS A 115 -15.69 14.63 9.88
N ALA A 116 -15.33 13.61 10.64
CA ALA A 116 -15.07 13.76 12.07
C ALA A 116 -13.96 14.75 12.37
N GLY A 117 -12.81 14.60 11.71
CA GLY A 117 -11.64 15.39 12.01
C GLY A 117 -10.97 16.00 10.80
N GLU A 118 -11.70 16.11 9.70
CA GLU A 118 -11.19 16.67 8.45
C GLU A 118 -11.78 18.04 8.21
N ILE A 119 -11.11 18.78 7.32
CA ILE A 119 -11.58 20.09 6.92
C ILE A 119 -12.81 19.95 6.05
N VAL A 120 -13.81 20.79 6.31
CA VAL A 120 -15.07 20.71 5.60
C VAL A 120 -14.83 21.07 4.14
N LYS A 121 -15.12 20.14 3.24
CA LYS A 121 -14.97 20.32 1.81
C LYS A 121 -16.34 20.40 1.15
N ILE A 122 -16.37 21.05 0.00
CA ILE A 122 -17.58 21.20 -0.80
C ILE A 122 -17.26 20.74 -2.23
N GLU A 123 -18.13 19.89 -2.77
CA GLU A 123 -18.00 19.38 -4.12
C GLU A 123 -19.34 19.52 -4.83
N VAL A 124 -19.31 20.11 -6.02
CA VAL A 124 -20.51 20.31 -6.83
C VAL A 124 -20.24 19.83 -8.24
N GLU A 125 -21.33 19.51 -8.93
CA GLU A 125 -21.31 19.12 -10.32
C GLU A 125 -22.53 19.74 -11.00
N GLY A 126 -22.45 19.85 -12.32
CA GLY A 126 -23.54 20.47 -13.05
C GLY A 126 -23.30 20.42 -14.53
N SER A 127 -24.11 21.19 -15.25
CA SER A 127 -24.09 21.22 -16.70
C SER A 127 -24.08 22.66 -17.18
N PHE A 128 -23.49 22.87 -18.36
CA PHE A 128 -23.47 24.17 -19.00
C PHE A 128 -23.80 24.01 -20.48
N ARG A 129 -24.34 25.08 -21.06
CA ARG A 129 -24.84 25.02 -22.44
C ARG A 129 -23.68 25.10 -23.44
N GLY A 130 -22.90 26.17 -23.35
CA GLY A 130 -21.82 26.41 -24.28
C GLY A 130 -20.67 27.11 -23.59
N TYR A 131 -19.63 27.38 -24.38
CA TYR A 131 -18.40 27.96 -23.86
C TYR A 131 -17.89 29.02 -24.83
N ASP A 132 -17.21 30.01 -24.28
CA ASP A 132 -16.49 31.02 -25.06
C ASP A 132 -15.02 30.95 -24.69
N LEU A 133 -14.17 30.74 -25.70
CA LEU A 133 -12.72 30.73 -25.50
C LEU A 133 -12.24 32.17 -25.64
N LEU A 134 -12.27 32.88 -24.51
CA LEU A 134 -11.99 34.32 -24.53
C LEU A 134 -10.54 34.60 -24.92
N ASN A 135 -9.60 33.84 -24.37
CA ASN A 135 -8.18 34.03 -24.60
C ASN A 135 -7.51 32.67 -24.62
N GLU A 136 -6.23 32.65 -24.95
CA GLU A 136 -5.54 31.41 -25.27
C GLU A 136 -4.03 31.57 -25.36
N GLU B 13 -76.51 -2.87 30.90
CA GLU B 13 -77.52 -3.41 29.93
C GLU B 13 -77.23 -4.87 29.61
N ILE B 14 -78.05 -5.44 28.73
CA ILE B 14 -78.01 -6.86 28.39
C ILE B 14 -77.67 -6.96 26.92
N PRO B 15 -76.98 -8.00 26.45
CA PRO B 15 -76.73 -8.11 24.99
C PRO B 15 -78.01 -8.17 24.18
N GLY B 16 -78.00 -7.49 23.04
CA GLY B 16 -79.05 -7.61 22.04
C GLY B 16 -79.32 -6.31 21.32
N PHE B 17 -80.08 -6.41 20.22
CA PHE B 17 -80.61 -5.23 19.55
C PHE B 17 -81.60 -4.49 20.42
N TYR B 18 -81.56 -3.17 20.33
CA TYR B 18 -82.49 -2.27 21.00
C TYR B 18 -82.83 -1.17 20.00
N ASN B 19 -83.81 -1.45 19.14
CA ASN B 19 -84.26 -0.49 18.15
C ASN B 19 -85.19 0.51 18.81
N ARG B 20 -84.82 1.78 18.77
CA ARG B 20 -85.59 2.84 19.43
C ARG B 20 -85.65 4.04 18.51
N PHE B 21 -86.81 4.23 17.88
CA PHE B 21 -87.07 5.40 17.05
C PHE B 21 -86.91 6.66 17.88
N LYS B 22 -86.23 7.65 17.29
CA LYS B 22 -86.13 9.00 17.85
C LYS B 22 -86.79 9.99 16.91
N THR B 23 -87.55 10.92 17.47
CA THR B 23 -88.27 11.90 16.66
C THR B 23 -87.30 12.80 15.91
N GLN B 24 -87.69 13.18 14.69
CA GLN B 24 -86.83 14.00 13.85
C GLN B 24 -86.63 15.41 14.41
N ALA B 25 -87.50 15.87 15.30
CA ALA B 25 -87.35 17.20 15.86
C ALA B 25 -86.06 17.34 16.68
N GLU B 26 -85.51 16.23 17.17
CA GLU B 26 -84.35 16.26 18.06
C GLU B 26 -83.04 16.19 17.26
N LYS B 27 -82.83 17.18 16.41
CA LYS B 27 -81.61 17.26 15.61
C LYS B 27 -80.52 17.97 16.40
N SER B 28 -79.30 17.44 16.29
CA SER B 28 -78.15 18.09 16.88
C SER B 28 -77.73 19.28 16.03
N THR B 29 -76.98 20.19 16.64
CA THR B 29 -76.53 21.39 15.96
C THR B 29 -75.50 21.04 14.89
N ASN B 30 -75.04 22.06 14.18
CA ASN B 30 -74.09 21.87 13.08
C ASN B 30 -72.74 21.40 13.62
N THR B 31 -71.80 21.18 12.70
CA THR B 31 -70.45 20.73 13.02
C THR B 31 -69.38 21.76 12.70
N GLY B 32 -69.63 22.67 11.76
CA GLY B 32 -68.64 23.67 11.40
C GLY B 32 -68.61 24.84 12.37
N LEU B 33 -68.08 24.59 13.57
CA LEU B 33 -68.02 25.58 14.64
C LEU B 33 -66.60 25.67 15.18
N LYS B 34 -66.25 26.86 15.67
CA LYS B 34 -64.91 27.13 16.16
C LYS B 34 -64.97 28.24 17.18
N GLY B 35 -63.93 28.33 18.00
CA GLY B 35 -63.71 29.48 18.85
C GLY B 35 -64.44 29.40 20.18
N ARG B 36 -64.05 30.31 21.08
CA ARG B 36 -64.57 30.39 22.44
C ARG B 36 -65.05 31.80 22.74
N LEU B 37 -66.21 31.89 23.44
CA LEU B 37 -66.85 33.16 23.73
C LEU B 37 -67.28 33.21 25.18
N ALA B 38 -67.21 34.41 25.76
CA ALA B 38 -67.69 34.69 27.11
C ALA B 38 -69.05 35.36 27.06
N MET B 39 -69.81 35.17 28.13
CA MET B 39 -71.20 35.61 28.19
C MET B 39 -71.67 35.83 29.62
N PRO B 40 -71.63 37.07 30.16
CA PRO B 40 -72.21 37.32 31.49
C PRO B 40 -73.73 37.39 31.45
N ILE B 41 -74.35 36.22 31.32
CA ILE B 41 -75.79 36.16 31.06
C ILE B 41 -76.57 36.61 32.29
N ARG B 42 -77.56 37.49 32.06
CA ARG B 42 -78.54 37.88 33.09
C ARG B 42 -79.68 36.88 33.04
N ALA B 43 -79.50 35.76 33.73
CA ALA B 43 -80.46 34.67 33.72
C ALA B 43 -81.38 34.77 34.93
N ASN B 44 -82.69 34.72 34.68
CA ASN B 44 -83.64 34.56 35.77
C ASN B 44 -83.33 33.28 36.56
N TRP B 45 -82.96 32.22 35.86
CA TRP B 45 -82.60 30.95 36.47
C TRP B 45 -81.30 30.46 35.86
N GLY B 46 -80.49 29.78 36.68
CA GLY B 46 -79.25 29.22 36.21
C GLY B 46 -78.21 29.18 37.31
N ASP B 47 -76.98 28.89 36.90
CA ASP B 47 -75.87 28.61 37.81
C ASP B 47 -75.21 29.91 38.23
N VAL B 48 -75.30 30.25 39.52
CA VAL B 48 -74.80 31.51 40.05
C VAL B 48 -73.45 31.26 40.71
N GLY B 49 -72.49 32.15 40.45
CA GLY B 49 -71.18 32.08 41.05
C GLY B 49 -70.18 31.18 40.34
N LYS B 50 -70.52 30.68 39.15
CA LYS B 50 -69.63 29.79 38.42
C LYS B 50 -69.90 29.93 36.93
N VAL B 51 -68.86 29.67 36.13
CA VAL B 51 -68.92 29.74 34.68
C VAL B 51 -69.13 28.32 34.15
N VAL B 52 -70.06 28.17 33.21
CA VAL B 52 -70.40 26.88 32.63
C VAL B 52 -70.00 26.94 31.16
N THR B 53 -69.39 25.86 30.68
CA THR B 53 -68.89 25.77 29.30
C THR B 53 -69.89 24.97 28.49
N ILE B 54 -70.81 25.69 27.83
CA ILE B 54 -71.80 25.06 26.98
C ILE B 54 -71.17 24.71 25.64
N LYS B 55 -71.50 23.53 25.12
CA LYS B 55 -70.98 23.05 23.84
C LYS B 55 -71.82 23.64 22.71
N ASN B 56 -71.61 23.12 21.50
CA ASN B 56 -72.42 23.50 20.34
C ASN B 56 -73.91 23.32 20.60
N ASP B 57 -74.29 22.29 21.34
CA ASP B 57 -75.69 21.95 21.51
C ASP B 57 -76.43 23.06 22.26
N LEU B 58 -77.61 23.42 21.73
CA LEU B 58 -78.51 24.35 22.42
C LEU B 58 -79.21 23.72 23.62
N ARG B 59 -79.08 22.41 23.81
CA ARG B 59 -79.95 21.74 24.77
C ARG B 59 -79.50 22.05 26.20
N GLN B 60 -78.18 22.05 26.42
CA GLN B 60 -77.67 22.40 27.74
C GLN B 60 -78.03 23.83 28.10
N LEU B 61 -78.04 24.73 27.10
CA LEU B 61 -78.39 26.13 27.36
C LEU B 61 -79.81 26.25 27.90
N LYS B 62 -80.79 25.63 27.24
CA LYS B 62 -82.16 25.82 27.71
C LYS B 62 -82.41 25.03 28.98
N ASN B 63 -81.78 23.85 29.10
CA ASN B 63 -81.94 23.05 30.31
C ASN B 63 -81.37 23.77 31.53
N LEU B 64 -80.29 24.52 31.34
CA LEU B 64 -79.62 25.19 32.45
C LEU B 64 -80.02 26.64 32.65
N PHE B 65 -80.54 27.30 31.63
CA PHE B 65 -80.81 28.74 31.67
C PHE B 65 -82.17 29.07 31.07
N GLY B 66 -83.18 28.27 31.39
CA GLY B 66 -84.54 28.57 31.02
C GLY B 66 -84.82 28.51 29.53
N ASP B 67 -86.10 28.51 29.18
CA ASP B 67 -86.54 28.45 27.79
C ASP B 67 -87.20 29.77 27.38
N ASP B 68 -87.28 30.74 28.28
CA ASP B 68 -88.09 31.93 28.05
C ASP B 68 -87.31 32.96 27.23
N MET B 69 -88.01 33.58 26.28
CA MET B 69 -87.37 34.53 25.38
C MET B 69 -86.97 35.81 26.09
N ASN B 70 -87.81 36.29 27.03
CA ASN B 70 -87.50 37.54 27.72
C ASN B 70 -86.23 37.41 28.55
N TYR B 71 -85.87 36.19 28.97
CA TYR B 71 -84.61 35.98 29.68
C TYR B 71 -83.46 36.38 28.77
N SER B 72 -82.64 37.32 29.23
CA SER B 72 -81.47 37.70 28.45
C SER B 72 -80.54 36.51 28.22
N ALA B 73 -80.47 35.60 29.19
CA ALA B 73 -79.60 34.43 29.07
C ALA B 73 -79.97 33.59 27.86
N PHE B 74 -81.22 33.12 27.80
CA PHE B 74 -81.63 32.27 26.69
C PHE B 74 -81.57 33.00 25.36
N LYS B 75 -82.05 34.24 25.33
CA LYS B 75 -82.11 35.00 24.08
C LYS B 75 -80.71 35.20 23.49
N LEU B 76 -79.80 35.71 24.31
CA LEU B 76 -78.46 36.01 23.82
C LEU B 76 -77.61 34.75 23.64
N GLY B 77 -77.82 33.70 24.44
CA GLY B 77 -77.15 32.45 24.18
C GLY B 77 -77.59 31.83 22.86
N LYS B 78 -78.89 31.94 22.56
CA LYS B 78 -79.38 31.49 21.27
C LYS B 78 -78.73 32.29 20.15
N LEU B 79 -78.60 33.61 20.31
CA LEU B 79 -77.88 34.40 19.32
C LEU B 79 -76.45 33.91 19.15
N ALA B 80 -75.74 33.68 20.26
CA ALA B 80 -74.35 33.29 20.18
C ALA B 80 -74.18 31.94 19.50
N LEU B 81 -75.07 31.00 19.80
CA LEU B 81 -74.95 29.66 19.27
C LEU B 81 -75.42 29.56 17.82
N LEU B 82 -76.39 30.40 17.42
CA LEU B 82 -76.60 30.63 15.98
C LEU B 82 -75.44 31.38 15.34
N GLY B 83 -74.63 32.08 16.13
CA GLY B 83 -73.35 32.57 15.65
C GLY B 83 -72.29 31.50 15.48
N ASN B 84 -72.61 30.25 15.85
CA ASN B 84 -71.79 29.07 15.55
C ASN B 84 -70.45 29.12 16.30
N VAL B 85 -70.49 29.55 17.55
CA VAL B 85 -69.33 29.44 18.44
C VAL B 85 -69.24 28.00 18.95
N LYS B 86 -68.03 27.45 18.93
CA LYS B 86 -67.84 26.06 19.35
C LYS B 86 -68.13 25.89 20.83
N GLU B 87 -67.53 26.72 21.68
CA GLU B 87 -67.72 26.69 23.12
C GLU B 87 -68.18 28.06 23.59
N LEU B 88 -69.32 28.11 24.28
CA LEU B 88 -69.90 29.34 24.79
C LEU B 88 -69.87 29.27 26.31
N LEU B 89 -69.12 30.18 26.92
CA LEU B 89 -68.89 30.17 28.36
C LEU B 89 -69.86 31.13 29.02
N LEU B 90 -70.85 30.58 29.72
CA LEU B 90 -71.91 31.34 30.35
C LEU B 90 -71.65 31.50 31.84
N TYR B 91 -71.81 32.73 32.33
CA TYR B 91 -71.80 33.05 33.75
C TYR B 91 -73.11 33.76 34.08
N ARG B 92 -73.89 33.18 34.97
CA ARG B 92 -75.11 33.84 35.39
C ARG B 92 -74.80 35.11 36.17
N LEU B 93 -75.62 36.14 35.96
CA LEU B 93 -75.46 37.42 36.60
C LEU B 93 -76.73 37.71 37.39
N VAL B 94 -76.59 37.85 38.70
CA VAL B 94 -77.71 38.21 39.57
C VAL B 94 -77.24 39.27 40.56
N ASP B 95 -78.20 40.05 41.06
CA ASP B 95 -77.90 41.04 42.07
C ASP B 95 -77.57 40.36 43.40
N GLY B 96 -76.90 41.10 44.28
CA GLY B 96 -76.61 40.58 45.60
C GLY B 96 -77.87 40.26 46.39
N ASN B 97 -78.89 41.12 46.27
CA ASN B 97 -80.16 40.87 46.96
C ASN B 97 -80.87 39.64 46.39
N GLN B 98 -80.63 39.33 45.13
CA GLN B 98 -81.24 38.15 44.51
C GLN B 98 -80.77 36.89 45.23
N LYS B 99 -81.72 35.99 45.53
CA LYS B 99 -81.45 34.83 46.36
C LYS B 99 -82.32 33.66 45.90
N LYS B 100 -82.20 32.54 46.60
CA LYS B 100 -82.98 31.35 46.29
C LYS B 100 -84.40 31.45 46.81
N GLY B 101 -85.36 31.07 45.98
CA GLY B 101 -86.69 30.80 46.49
C GLY B 101 -86.65 29.68 47.51
N THR B 102 -87.44 29.82 48.58
CA THR B 102 -87.41 28.89 49.69
C THR B 102 -88.81 28.71 50.26
N LEU B 103 -89.11 27.47 50.62
CA LEU B 103 -90.35 27.14 51.31
C LEU B 103 -90.08 26.00 52.28
N THR B 104 -90.96 25.87 53.27
CA THR B 104 -90.88 24.84 54.29
C THR B 104 -92.18 24.06 54.31
N LEU B 105 -92.07 22.74 54.28
CA LEU B 105 -93.23 21.87 54.47
C LEU B 105 -93.43 21.59 55.96
N LYS B 106 -94.64 21.18 56.30
CA LYS B 106 -94.97 20.90 57.70
C LYS B 106 -95.92 19.72 57.74
N ASP B 107 -95.97 19.08 58.90
CA ASP B 107 -96.83 17.93 59.15
C ASP B 107 -98.12 18.37 59.85
N THR B 108 -99.11 17.46 59.83
CA THR B 108 -100.41 17.68 60.45
C THR B 108 -100.78 16.58 61.44
N THR B 109 -99.85 15.68 61.77
CA THR B 109 -100.14 14.64 62.74
C THR B 109 -100.44 15.24 64.11
N GLU B 110 -99.65 16.21 64.53
CA GLU B 110 -99.85 16.89 65.80
C GLU B 110 -100.85 18.03 65.65
N ASN B 111 -101.32 18.53 66.80
CA ASN B 111 -102.23 19.67 66.77
C ASN B 111 -101.56 20.91 66.19
N SER B 112 -100.30 21.13 66.55
CA SER B 112 -99.51 22.25 66.04
C SER B 112 -98.52 21.71 65.01
N ALA B 113 -98.55 22.29 63.81
CA ALA B 113 -97.67 21.85 62.74
C ALA B 113 -96.24 22.31 63.00
N LYS B 114 -95.29 21.53 62.50
CA LYS B 114 -93.87 21.82 62.67
C LYS B 114 -93.13 21.51 61.37
N ASP B 115 -92.00 22.20 61.19
CA ASP B 115 -91.23 22.08 59.95
C ASP B 115 -90.44 20.78 59.95
N VAL B 116 -90.49 20.06 58.82
CA VAL B 116 -89.69 18.86 58.62
C VAL B 116 -88.90 18.87 57.32
N ILE B 117 -89.28 19.68 56.33
CA ILE B 117 -88.57 19.76 55.05
C ILE B 117 -88.49 21.23 54.63
N LYS B 118 -87.33 21.61 54.09
CA LYS B 118 -87.16 22.88 53.38
C LYS B 118 -86.87 22.59 51.92
N LEU B 119 -87.69 23.17 51.04
CA LEU B 119 -87.46 23.13 49.60
C LEU B 119 -86.90 24.47 49.18
N GLU B 120 -85.65 24.47 48.74
CA GLU B 120 -84.97 25.66 48.24
C GLU B 120 -84.63 25.43 46.78
N THR B 121 -84.72 26.49 45.98
CA THR B 121 -84.32 26.40 44.59
C THR B 121 -82.86 25.98 44.52
N LYS B 122 -82.55 25.09 43.58
CA LYS B 122 -81.19 24.55 43.47
C LYS B 122 -80.16 25.66 43.32
N TYR B 123 -80.50 26.71 42.59
CA TYR B 123 -79.69 27.89 42.42
C TYR B 123 -80.57 29.11 42.65
N PRO B 124 -79.99 30.28 42.90
CA PRO B 124 -80.81 31.47 43.19
C PRO B 124 -81.80 31.76 42.07
N THR B 125 -83.04 32.06 42.44
CA THR B 125 -84.08 32.43 41.48
C THR B 125 -85.34 32.81 42.24
N ALA B 126 -86.24 33.50 41.55
CA ALA B 126 -87.55 33.85 42.08
C ALA B 126 -88.63 33.65 41.03
N ARG B 127 -88.42 32.71 40.10
CA ARG B 127 -89.39 32.42 39.07
C ARG B 127 -90.65 31.82 39.68
N ASN B 128 -91.65 31.56 38.83
CA ASN B 128 -92.92 30.99 39.28
C ASN B 128 -92.80 29.47 39.46
N PHE B 129 -91.93 29.09 40.39
CA PHE B 129 -91.67 27.69 40.70
C PHE B 129 -92.56 27.28 41.87
N ASN B 130 -93.60 26.53 41.58
CA ASN B 130 -94.63 26.17 42.54
C ASN B 130 -94.49 24.71 42.95
N VAL B 131 -95.08 24.38 44.10
CA VAL B 131 -95.04 23.03 44.66
C VAL B 131 -96.46 22.62 45.01
N THR B 132 -96.73 21.32 44.90
CA THR B 132 -98.00 20.76 45.35
C THR B 132 -97.75 19.38 45.93
N ILE B 133 -98.34 19.12 47.10
CA ILE B 133 -98.16 17.87 47.82
C ILE B 133 -99.54 17.39 48.27
N LYS B 134 -99.79 16.09 48.09
CA LYS B 134 -101.08 15.49 48.43
C LYS B 134 -100.85 14.05 48.83
N SER B 135 -101.91 13.40 49.29
CA SER B 135 -101.84 12.00 49.70
C SER B 135 -101.82 11.08 48.48
N ASN B 136 -101.15 9.94 48.64
CA ASN B 136 -101.08 8.93 47.58
C ASN B 136 -102.25 7.97 47.72
N LEU B 137 -102.95 7.74 46.62
CA LEU B 137 -104.13 6.88 46.64
C LEU B 137 -103.74 5.40 46.73
N VAL B 138 -102.64 5.02 46.08
CA VAL B 138 -102.24 3.62 46.05
C VAL B 138 -101.85 3.15 47.44
N ASP B 139 -101.04 3.95 48.15
CA ASP B 139 -100.56 3.61 49.49
C ASP B 139 -100.85 4.79 50.41
N SER B 140 -101.40 4.50 51.59
CA SER B 140 -101.73 5.55 52.54
C SER B 140 -100.48 6.28 53.02
N ASP B 141 -99.41 5.53 53.31
CA ASP B 141 -98.19 6.14 53.81
C ASP B 141 -97.49 6.99 52.76
N LYS B 142 -97.69 6.70 51.48
CA LYS B 142 -97.04 7.46 50.42
C LYS B 142 -97.75 8.80 50.20
N LYS B 143 -97.01 9.74 49.63
CA LYS B 143 -97.54 11.03 49.23
C LYS B 143 -97.05 11.38 47.84
N ASP B 144 -97.90 12.08 47.09
CA ASP B 144 -97.57 12.56 45.76
C ASP B 144 -96.98 13.96 45.86
N PHE B 145 -95.78 14.15 45.33
CA PHE B 145 -95.10 15.44 45.30
C PHE B 145 -94.95 15.87 43.84
N ILE B 146 -95.40 17.08 43.55
CA ILE B 146 -95.43 17.61 42.19
C ILE B 146 -94.85 19.02 42.21
N PHE B 147 -94.12 19.36 41.15
CA PHE B 147 -93.53 20.68 40.97
C PHE B 147 -94.01 21.29 39.65
N PHE B 148 -94.35 22.57 39.69
CA PHE B 148 -94.86 23.32 38.54
C PHE B 148 -93.94 24.47 38.19
N GLU B 149 -93.86 24.77 36.89
CA GLU B 149 -93.08 25.88 36.34
C GLU B 149 -93.98 26.67 35.39
N ASN B 150 -94.42 27.85 35.82
CA ASN B 150 -95.32 28.69 35.04
C ASN B 150 -96.55 27.90 34.60
N THR B 151 -97.11 27.14 35.55
CA THR B 151 -98.26 26.26 35.31
C THR B 151 -97.91 25.10 34.39
N LYS B 152 -96.65 24.68 34.38
CA LYS B 152 -96.18 23.52 33.62
C LYS B 152 -95.50 22.55 34.56
N GLN B 153 -95.94 21.29 34.55
CA GLN B 153 -95.38 20.29 35.45
C GLN B 153 -93.92 20.00 35.12
N LEU B 154 -93.11 19.87 36.16
CA LEU B 154 -91.70 19.52 36.05
C LEU B 154 -91.39 18.14 36.60
N PHE B 155 -91.84 17.85 37.83
CA PHE B 155 -91.54 16.60 38.50
C PHE B 155 -92.82 16.04 39.09
N SER B 156 -92.93 14.72 39.14
CA SER B 156 -94.08 14.07 39.74
C SER B 156 -93.69 12.66 40.15
N SER B 157 -93.90 12.34 41.43
CA SER B 157 -93.58 11.02 41.95
C SER B 157 -94.36 10.78 43.23
N SER B 158 -94.51 9.50 43.56
CA SER B 158 -95.12 9.06 44.82
C SER B 158 -94.04 8.37 45.65
N ILE B 159 -93.84 8.86 46.87
CA ILE B 159 -92.78 8.38 47.76
C ILE B 159 -93.38 8.21 49.15
N LYS B 160 -92.81 7.27 49.92
CA LYS B 160 -93.26 7.01 51.28
C LYS B 160 -93.25 8.28 52.11
N GLY B 161 -94.15 8.33 53.10
CA GLY B 161 -94.30 9.52 53.93
C GLY B 161 -93.09 9.85 54.78
N THR B 162 -92.14 8.93 54.92
CA THR B 162 -90.92 9.21 55.68
C THR B 162 -90.16 10.37 55.05
N ILE B 163 -89.73 11.31 55.89
CA ILE B 163 -89.04 12.49 55.39
C ILE B 163 -87.73 12.13 54.72
N ASP B 164 -87.07 11.07 55.20
CA ASP B 164 -85.80 10.66 54.61
C ASP B 164 -85.96 10.25 53.16
N GLU B 165 -86.95 9.38 52.87
CA GLU B 165 -87.18 8.96 51.50
C GLU B 165 -87.64 10.12 50.62
N ILE B 166 -88.45 11.02 51.17
CA ILE B 166 -88.94 12.16 50.41
C ILE B 166 -87.77 13.05 49.99
N VAL B 167 -86.89 13.37 50.94
CA VAL B 167 -85.73 14.20 50.63
C VAL B 167 -84.81 13.47 49.66
N LEU B 168 -84.64 12.15 49.83
CA LEU B 168 -83.76 11.39 48.96
C LEU B 168 -84.26 11.43 47.52
N GLU B 169 -85.54 11.15 47.30
CA GLU B 169 -86.08 11.17 45.95
C GLU B 169 -86.06 12.59 45.37
N ILE B 170 -86.34 13.60 46.18
CA ILE B 170 -86.36 14.97 45.67
C ILE B 170 -84.95 15.37 45.22
N ASN B 171 -83.94 15.06 46.02
CA ASN B 171 -82.58 15.41 45.64
C ASN B 171 -81.97 14.44 44.61
N SER B 172 -82.61 13.30 44.36
CA SER B 172 -82.06 12.30 43.45
C SER B 172 -82.60 12.45 42.02
N ASN B 173 -83.92 12.54 41.86
CA ASN B 173 -84.50 12.58 40.54
C ASN B 173 -84.06 13.82 39.78
N LEU B 174 -83.72 13.63 38.50
CA LEU B 174 -83.16 14.72 37.71
C LEU B 174 -84.18 15.78 37.35
N ASP B 175 -85.49 15.46 37.40
CA ASP B 175 -86.51 16.47 37.16
C ASP B 175 -86.63 17.47 38.31
N ASN B 176 -85.96 17.21 39.43
CA ASN B 176 -85.89 18.15 40.54
C ASN B 176 -84.70 19.11 40.42
N GLU B 177 -84.25 19.38 39.19
CA GLU B 177 -83.10 20.26 38.98
C GLU B 177 -83.33 21.67 39.52
N TYR B 178 -84.58 22.07 39.74
CA TYR B 178 -84.91 23.41 40.17
C TYR B 178 -85.15 23.50 41.68
N VAL B 179 -84.81 22.46 42.44
CA VAL B 179 -85.11 22.45 43.87
C VAL B 179 -84.19 21.46 44.56
N ILE B 180 -83.85 21.77 45.82
CA ILE B 180 -83.19 20.84 46.74
C ILE B 180 -84.07 20.72 47.97
N ALA B 181 -84.29 19.49 48.43
CA ALA B 181 -84.97 19.21 49.69
C ALA B 181 -83.94 18.83 50.74
N THR B 182 -84.02 19.46 51.91
CA THR B 182 -83.15 19.16 53.05
C THR B 182 -84.02 18.89 54.26
N LYS B 183 -83.71 17.83 54.98
CA LYS B 183 -84.49 17.41 56.14
C LYS B 183 -84.24 18.36 57.31
N VAL B 184 -85.28 19.09 57.72
CA VAL B 184 -85.14 20.01 58.85
C VAL B 184 -84.83 19.23 60.11
N ALA B 185 -85.60 18.18 60.37
CA ALA B 185 -85.46 17.37 61.57
C ALA B 185 -85.94 15.97 61.25
N ASP B 186 -85.46 15.01 62.04
CA ASP B 186 -85.85 13.63 61.83
C ASP B 186 -87.31 13.43 62.18
N SER B 187 -88.08 12.87 61.26
CA SER B 187 -89.50 12.65 61.48
C SER B 187 -90.04 11.76 60.38
N ASP B 188 -91.10 11.03 60.72
CA ASP B 188 -91.86 10.22 59.76
C ASP B 188 -93.31 10.67 59.69
N THR B 189 -93.61 11.88 60.16
CA THR B 189 -94.99 12.36 60.21
C THR B 189 -95.53 12.63 58.81
N ILE B 190 -96.84 12.56 58.70
CA ILE B 190 -97.51 12.82 57.42
C ILE B 190 -97.50 14.32 57.16
N LEU B 191 -97.06 14.69 55.96
CA LEU B 191 -96.90 16.10 55.61
C LEU B 191 -98.26 16.77 55.45
N ALA B 192 -98.23 18.11 55.42
CA ALA B 192 -99.43 18.88 55.15
C ALA B 192 -99.70 18.94 53.65
N ASN B 193 -100.98 19.02 53.30
CA ASN B 193 -101.41 19.11 51.91
C ASN B 193 -101.45 20.58 51.51
N VAL B 194 -100.56 20.99 50.62
CA VAL B 194 -100.45 22.36 50.13
C VAL B 194 -100.53 22.32 48.62
N VAL B 195 -101.22 23.30 48.04
CA VAL B 195 -101.50 23.34 46.60
C VAL B 195 -100.94 24.63 46.03
N ASN B 196 -100.01 24.51 45.09
CA ASN B 196 -99.51 25.62 44.29
C ASN B 196 -98.89 26.70 45.18
N GLN B 197 -97.90 26.30 45.96
CA GLN B 197 -97.15 27.21 46.82
C GLN B 197 -95.86 27.63 46.10
N ALA B 198 -95.72 28.93 45.88
CA ALA B 198 -94.59 29.47 45.12
C ALA B 198 -93.37 29.62 46.02
N LEU B 199 -92.22 29.21 45.51
CA LEU B 199 -90.97 29.40 46.25
C LEU B 199 -90.60 30.88 46.22
N GLU B 200 -90.34 31.44 47.40
CA GLU B 200 -90.06 32.86 47.57
C GLU B 200 -88.84 33.03 48.47
N GLY B 201 -88.29 34.24 48.45
CA GLY B 201 -87.07 34.56 49.17
C GLY B 201 -85.94 34.96 48.25
N GLY B 202 -86.25 35.57 47.12
CA GLY B 202 -85.25 35.97 46.17
C GLY B 202 -85.78 37.02 45.22
N ASN B 203 -85.01 37.25 44.15
CA ASN B 203 -85.34 38.23 43.13
C ASN B 203 -85.34 37.56 41.76
N ASP B 204 -85.75 38.34 40.76
CA ASP B 204 -85.90 37.85 39.40
C ASP B 204 -84.58 37.30 38.86
N GLY B 205 -83.58 38.16 38.70
CA GLY B 205 -82.29 37.79 38.16
C GLY B 205 -81.90 38.69 37.02
N CYS B 206 -82.87 39.08 36.20
CA CYS B 206 -82.70 40.11 35.19
C CYS B 206 -82.93 41.51 35.75
N THR B 207 -83.32 41.64 37.02
CA THR B 207 -83.65 42.91 37.65
C THR B 207 -82.54 43.28 38.62
N SER B 208 -82.28 44.58 38.75
CA SER B 208 -81.24 45.11 39.63
C SER B 208 -79.87 44.61 39.17
N ILE B 209 -79.65 44.70 37.86
CA ILE B 209 -78.39 44.35 37.23
C ILE B 209 -77.43 45.54 37.40
N THR B 210 -76.39 45.35 38.21
CA THR B 210 -75.59 46.44 38.74
C THR B 210 -74.12 46.30 38.34
N ASN B 211 -73.41 47.42 38.41
CA ASN B 211 -72.02 47.48 37.98
C ASN B 211 -71.12 46.55 38.80
N GLU B 212 -71.30 46.56 40.13
CA GLU B 212 -70.49 45.70 40.98
C GLU B 212 -70.72 44.22 40.65
N SER B 213 -71.94 43.88 40.26
CA SER B 213 -72.25 42.48 39.94
C SER B 213 -71.53 42.04 38.67
N TYR B 214 -71.55 42.89 37.63
CA TYR B 214 -70.67 42.66 36.48
C TYR B 214 -69.21 42.57 36.86
N LEU B 215 -68.74 43.44 37.76
CA LEU B 215 -67.32 43.42 38.05
C LEU B 215 -66.94 42.10 38.72
N LYS B 216 -67.83 41.59 39.59
CA LYS B 216 -67.63 40.24 40.11
C LYS B 216 -67.58 39.23 38.98
N ALA B 217 -68.55 39.32 38.05
CA ALA B 217 -68.62 38.35 36.97
C ALA B 217 -67.38 38.38 36.10
N LEU B 218 -66.88 39.58 35.82
CA LEU B 218 -65.65 39.74 35.05
C LEU B 218 -64.48 39.09 35.77
N GLU B 219 -64.41 39.26 37.09
CA GLU B 219 -63.38 38.55 37.85
C GLU B 219 -63.58 37.04 37.76
N GLU B 220 -64.84 36.58 37.74
CA GLU B 220 -65.10 35.16 37.53
C GLU B 220 -64.79 34.75 36.10
N PHE B 221 -64.90 35.68 35.14
CA PHE B 221 -64.53 35.34 33.77
C PHE B 221 -63.02 35.37 33.56
N GLU B 222 -62.24 35.87 34.51
CA GLU B 222 -60.79 35.77 34.43
C GLU B 222 -60.28 34.35 34.61
N ARG B 223 -61.16 33.40 34.97
CA ARG B 223 -60.77 31.99 35.04
C ARG B 223 -60.14 31.52 33.73
N TYR B 224 -60.78 31.83 32.60
CA TYR B 224 -60.43 31.24 31.32
C TYR B 224 -60.09 32.34 30.31
N SER B 225 -59.65 31.90 29.13
CA SER B 225 -59.28 32.78 28.03
C SER B 225 -60.37 32.74 26.97
N PHE B 226 -60.61 33.89 26.33
CA PHE B 226 -61.70 34.05 25.38
C PHE B 226 -61.19 34.65 24.08
N ASP B 227 -61.76 34.19 22.97
CA ASP B 227 -61.52 34.87 21.70
C ASP B 227 -62.15 36.26 21.71
N SER B 228 -63.30 36.42 22.38
CA SER B 228 -63.97 37.70 22.44
C SER B 228 -64.88 37.74 23.66
N PHE B 229 -65.18 38.96 24.12
CA PHE B 229 -66.13 39.22 25.20
C PHE B 229 -67.23 40.11 24.67
N VAL B 230 -68.45 39.89 25.17
CA VAL B 230 -69.65 40.44 24.54
C VAL B 230 -70.49 41.32 25.45
N LEU B 231 -70.26 41.30 26.77
CA LEU B 231 -70.97 42.08 27.79
C LEU B 231 -72.43 41.64 27.97
N ASP B 232 -72.87 40.60 27.28
CA ASP B 232 -74.24 40.09 27.38
C ASP B 232 -75.24 41.15 26.89
N GLY B 233 -74.83 41.96 25.92
CA GLY B 233 -75.77 42.85 25.25
C GLY B 233 -76.44 43.88 26.13
N VAL B 234 -75.68 44.55 27.00
CA VAL B 234 -76.19 45.62 27.84
C VAL B 234 -75.45 46.91 27.44
N ALA B 235 -76.21 47.93 27.04
CA ALA B 235 -75.68 49.14 26.45
C ALA B 235 -75.41 50.25 27.46
N ASP B 236 -75.34 49.92 28.75
CA ASP B 236 -75.04 50.94 29.75
C ASP B 236 -73.63 51.48 29.54
N GLU B 237 -73.50 52.81 29.59
CA GLU B 237 -72.20 53.43 29.33
C GLU B 237 -71.20 53.09 30.43
N ALA B 238 -71.64 53.08 31.69
CA ALA B 238 -70.73 52.74 32.78
C ALA B 238 -70.22 51.32 32.63
N LEU B 239 -71.09 50.39 32.25
CA LEU B 239 -70.69 49.00 32.07
C LEU B 239 -69.71 48.87 30.92
N GLN B 240 -69.95 49.59 29.82
CA GLN B 240 -69.02 49.59 28.70
C GLN B 240 -67.66 50.09 29.13
N GLU B 241 -67.64 51.17 29.92
CA GLU B 241 -66.37 51.73 30.38
C GLU B 241 -65.64 50.76 31.31
N THR B 242 -66.37 50.10 32.21
CA THR B 242 -65.75 49.16 33.14
C THR B 242 -65.16 47.97 32.39
N THR B 243 -65.92 47.41 31.44
CA THR B 243 -65.40 46.29 30.66
C THR B 243 -64.24 46.74 29.77
N LYS B 244 -64.27 47.99 29.29
CA LYS B 244 -63.17 48.52 28.50
C LYS B 244 -61.89 48.57 29.32
N ALA B 245 -61.97 49.10 30.54
CA ALA B 245 -60.81 49.11 31.41
C ALA B 245 -60.35 47.70 31.75
N TRP B 246 -61.32 46.78 31.93
CA TRP B 246 -60.98 45.39 32.21
C TRP B 246 -60.16 44.77 31.08
N VAL B 247 -60.63 44.93 29.84
CA VAL B 247 -59.92 44.30 28.72
C VAL B 247 -58.59 45.01 28.49
N ALA B 248 -58.52 46.32 28.74
CA ALA B 248 -57.24 47.01 28.64
C ALA B 248 -56.24 46.49 29.66
N LYS B 249 -56.70 46.26 30.89
CA LYS B 249 -55.84 45.67 31.91
C LYS B 249 -55.38 44.28 31.49
N ASN B 250 -56.30 43.49 30.93
CA ASN B 250 -55.93 42.13 30.50
C ASN B 250 -54.90 42.18 29.38
N LYS B 251 -55.07 43.08 28.41
CA LYS B 251 -54.12 43.20 27.31
C LYS B 251 -52.75 43.64 27.83
N GLU B 252 -52.74 44.58 28.79
CA GLU B 252 -51.47 44.96 29.40
C GLU B 252 -50.84 43.77 30.13
N LEU B 253 -51.67 42.94 30.76
CA LEU B 253 -51.17 41.72 31.38
C LEU B 253 -50.73 40.70 30.33
N GLY B 254 -51.30 40.75 29.14
CA GLY B 254 -51.00 39.83 28.05
C GLY B 254 -52.17 39.01 27.58
N LYS B 255 -53.24 38.95 28.35
CA LYS B 255 -54.45 38.24 27.94
C LYS B 255 -55.22 39.10 26.94
N ASP B 256 -55.36 38.61 25.72
CA ASP B 256 -56.02 39.35 24.65
C ASP B 256 -57.49 38.98 24.61
N ILE B 257 -58.36 39.97 24.86
CA ILE B 257 -59.81 39.82 24.80
C ILE B 257 -60.34 40.85 23.82
N LEU B 258 -61.17 40.40 22.88
CA LEU B 258 -61.79 41.27 21.90
C LEU B 258 -63.19 41.62 22.38
N LEU B 259 -63.39 42.88 22.75
CA LEU B 259 -64.65 43.32 23.33
C LEU B 259 -65.60 43.78 22.23
N PHE B 260 -66.87 43.36 22.36
CA PHE B 260 -67.94 43.71 21.44
C PHE B 260 -69.04 44.43 22.20
N LEU B 261 -69.59 45.49 21.61
CA LEU B 261 -70.56 46.33 22.28
C LEU B 261 -71.59 46.79 21.25
N GLY B 262 -72.52 47.63 21.69
CA GLY B 262 -73.48 48.23 20.77
C GLY B 262 -74.11 49.46 21.35
N GLY B 263 -74.46 50.40 20.47
CA GLY B 263 -75.13 51.61 20.88
C GLY B 263 -76.59 51.38 21.18
N LYS B 264 -77.19 52.39 21.80
CA LYS B 264 -78.61 52.34 22.15
C LYS B 264 -79.45 52.70 20.92
N THR B 265 -80.77 52.62 21.09
CA THR B 265 -81.69 53.00 20.03
C THR B 265 -81.89 54.51 19.94
N GLU B 266 -81.65 55.24 21.02
CA GLU B 266 -81.88 56.69 21.02
C GLU B 266 -80.86 57.41 20.16
N ASP B 267 -79.65 56.88 20.04
CA ASP B 267 -78.58 57.59 19.35
C ASP B 267 -78.90 57.77 17.88
N ASN B 268 -78.72 59.01 17.40
CA ASN B 268 -78.84 59.30 15.99
C ASN B 268 -77.53 58.95 15.28
N ILE B 269 -77.48 59.21 13.98
CA ILE B 269 -76.33 58.80 13.17
C ILE B 269 -75.07 59.54 13.63
N LYS B 270 -75.18 60.85 13.85
CA LYS B 270 -74.04 61.62 14.31
C LYS B 270 -73.60 61.17 15.70
N GLN B 271 -74.56 60.89 16.59
CA GLN B 271 -74.22 60.48 17.94
C GLN B 271 -73.49 59.14 17.95
N ILE B 272 -73.96 58.17 17.15
CA ILE B 272 -73.28 56.88 17.14
C ILE B 272 -71.91 57.00 16.49
N ASN B 273 -71.78 57.86 15.47
CA ASN B 273 -70.47 58.09 14.87
C ASN B 273 -69.50 58.67 15.89
N ASP B 274 -69.96 59.65 16.68
CA ASP B 274 -69.12 60.24 17.72
C ASP B 274 -68.78 59.21 18.80
N LYS B 275 -69.74 58.35 19.15
CA LYS B 275 -69.48 57.31 20.13
C LYS B 275 -68.39 56.36 19.64
N SER B 276 -68.44 55.99 18.36
CA SER B 276 -67.40 55.11 17.82
C SER B 276 -66.05 55.80 17.80
N LYS B 277 -66.00 57.07 17.38
CA LYS B 277 -64.74 57.79 17.40
C LYS B 277 -64.22 57.97 18.83
N SER B 278 -65.11 57.99 19.81
CA SER B 278 -64.66 58.04 21.20
C SER B 278 -63.83 56.82 21.56
N PHE B 279 -64.29 55.64 21.14
CA PHE B 279 -63.49 54.43 21.29
C PHE B 279 -62.38 54.43 20.25
N ASN B 280 -61.13 54.42 20.72
CA ASN B 280 -59.95 54.32 19.87
C ASN B 280 -59.07 53.19 20.35
N ASP B 281 -59.68 52.03 20.59
CA ASP B 281 -59.00 50.83 21.05
C ASP B 281 -59.00 49.78 19.95
N GLU B 282 -57.89 49.04 19.86
CA GLU B 282 -57.77 48.02 18.82
C GLU B 282 -58.78 46.90 19.02
N ASN B 283 -59.03 46.52 20.27
CA ASN B 283 -59.82 45.33 20.60
C ASN B 283 -61.15 45.70 21.25
N ILE B 284 -61.81 46.73 20.71
CA ILE B 284 -63.17 47.11 21.09
C ILE B 284 -63.98 47.29 19.82
N VAL B 285 -65.20 46.77 19.81
CA VAL B 285 -66.09 46.82 18.66
C VAL B 285 -67.47 47.25 19.13
N ASN B 286 -68.14 48.09 18.33
CA ASN B 286 -69.49 48.56 18.61
C ASN B 286 -70.38 48.36 17.39
N VAL B 287 -71.61 47.95 17.65
CA VAL B 287 -72.65 47.81 16.62
C VAL B 287 -73.62 48.97 16.77
N GLY B 288 -73.82 49.71 15.68
CA GLY B 288 -74.66 50.90 15.69
C GLY B 288 -75.99 50.73 15.00
N SER B 289 -76.50 49.50 14.91
CA SER B 289 -77.74 49.24 14.19
C SER B 289 -78.45 48.04 14.82
N SER B 290 -79.72 48.23 15.15
CA SER B 290 -80.55 47.15 15.67
C SER B 290 -81.04 46.26 14.54
N ALA B 291 -81.51 45.06 14.92
CA ALA B 291 -81.94 44.06 13.95
C ALA B 291 -83.19 43.35 14.44
N TYR B 292 -83.84 42.65 13.51
CA TYR B 292 -85.04 41.87 13.77
C TYR B 292 -84.84 40.49 13.18
N TYR B 293 -85.19 39.45 13.95
CA TYR B 293 -85.03 38.08 13.47
C TYR B 293 -86.10 37.22 14.11
N GLU B 294 -86.79 36.41 13.30
CA GLU B 294 -88.01 35.71 13.71
C GLU B 294 -89.03 36.68 14.28
N ASN B 295 -89.11 37.87 13.67
CA ASN B 295 -90.02 38.95 14.03
C ASN B 295 -89.75 39.53 15.41
N ILE B 296 -88.67 39.13 16.09
CA ILE B 296 -88.32 39.63 17.42
C ILE B 296 -87.19 40.62 17.27
N LYS B 297 -87.28 41.74 17.99
CA LYS B 297 -86.28 42.78 17.86
C LYS B 297 -85.07 42.48 18.73
N TYR B 298 -83.91 42.91 18.25
CA TYR B 298 -82.64 42.88 18.98
C TYR B 298 -81.98 44.24 18.87
N THR B 299 -81.73 44.88 20.01
CA THR B 299 -81.05 46.17 20.03
C THR B 299 -79.61 45.97 19.57
N PRO B 300 -78.93 47.04 19.16
CA PRO B 300 -77.56 46.86 18.61
C PRO B 300 -76.61 46.20 19.58
N SER B 301 -76.80 46.41 20.88
CA SER B 301 -75.97 45.74 21.86
C SER B 301 -76.29 44.25 21.93
N GLU B 302 -77.58 43.89 21.86
CA GLU B 302 -77.94 42.48 21.79
C GLU B 302 -77.44 41.84 20.51
N VAL B 303 -77.55 42.56 19.38
CA VAL B 303 -77.05 42.03 18.11
C VAL B 303 -75.53 41.87 18.16
N ALA B 304 -74.85 42.67 18.98
CA ALA B 304 -73.41 42.53 19.12
C ALA B 304 -73.02 41.16 19.65
N VAL B 305 -73.93 40.49 20.38
CA VAL B 305 -73.66 39.12 20.83
C VAL B 305 -73.47 38.21 19.63
N TYR B 306 -74.42 38.24 18.68
CA TYR B 306 -74.28 37.41 17.48
C TYR B 306 -73.09 37.85 16.65
N ILE B 307 -72.84 39.15 16.57
CA ILE B 307 -71.70 39.63 15.77
C ILE B 307 -70.39 39.09 16.34
N ALA B 308 -70.23 39.18 17.66
CA ALA B 308 -69.05 38.62 18.32
C ALA B 308 -68.97 37.13 18.11
N ALA B 309 -70.11 36.44 18.21
CA ALA B 309 -70.12 35.00 18.05
C ALA B 309 -69.67 34.59 16.65
N LEU B 310 -70.15 35.29 15.62
CA LEU B 310 -69.74 34.98 14.26
C LEU B 310 -68.27 35.35 14.05
N SER B 311 -67.80 36.45 14.65
CA SER B 311 -66.40 36.81 14.53
C SER B 311 -65.51 35.73 15.13
N VAL B 312 -65.90 35.19 16.28
CA VAL B 312 -65.13 34.15 16.93
C VAL B 312 -65.22 32.85 16.14
N SER B 313 -66.40 32.55 15.59
CA SER B 313 -66.58 31.33 14.81
C SER B 313 -65.70 31.35 13.57
N LYS B 314 -65.68 32.47 12.85
CA LYS B 314 -64.73 32.61 11.75
C LYS B 314 -63.30 32.55 12.27
N GLY B 315 -63.03 33.25 13.37
CA GLY B 315 -61.70 33.28 13.95
C GLY B 315 -60.65 33.71 12.95
N ILE B 316 -59.84 32.75 12.53
CA ILE B 316 -58.87 32.93 11.46
C ILE B 316 -59.35 32.13 10.26
N THR B 317 -58.84 32.50 9.08
CA THR B 317 -59.32 31.97 7.79
C THR B 317 -60.74 32.44 7.50
N GLY B 318 -61.14 33.57 8.06
CA GLY B 318 -62.48 34.07 7.83
C GLY B 318 -62.60 35.51 8.28
N SER B 319 -63.70 36.12 7.85
CA SER B 319 -64.00 37.50 8.20
C SER B 319 -65.50 37.69 8.08
N ILE B 320 -65.99 38.80 8.67
CA ILE B 320 -67.42 39.07 8.73
C ILE B 320 -67.71 40.39 8.03
N CYS B 321 -66.92 40.71 7.00
CA CYS B 321 -67.11 41.97 6.28
C CYS B 321 -68.48 42.02 5.60
N ASN B 322 -68.84 40.94 4.89
CA ASN B 322 -70.14 40.82 4.23
C ASN B 322 -70.70 39.43 4.44
N ALA B 323 -70.61 38.92 5.65
CA ALA B 323 -71.13 37.59 5.95
C ALA B 323 -72.65 37.59 5.95
N LYS B 324 -73.22 36.47 5.55
CA LYS B 324 -74.68 36.29 5.46
C LYS B 324 -75.22 36.08 6.86
N THR B 325 -75.62 37.17 7.51
CA THR B 325 -76.17 37.08 8.85
C THR B 325 -77.61 36.56 8.80
N ILE B 326 -78.02 35.88 9.88
CA ILE B 326 -79.34 35.28 9.92
C ILE B 326 -80.45 36.32 10.02
N PHE B 327 -80.13 37.55 10.39
CA PHE B 327 -81.16 38.56 10.62
C PHE B 327 -81.85 38.90 9.30
N GLU B 328 -83.16 39.16 9.39
CA GLU B 328 -83.99 39.42 8.22
C GLU B 328 -84.39 40.88 8.06
N GLU B 329 -84.00 41.77 8.98
CA GLU B 329 -84.26 43.19 8.82
C GLU B 329 -83.37 43.95 9.79
N VAL B 330 -82.97 45.15 9.39
CA VAL B 330 -82.11 46.03 10.20
C VAL B 330 -82.59 47.47 10.10
N GLU B 331 -81.97 48.32 10.92
CA GLU B 331 -82.27 49.74 10.99
C GLU B 331 -81.17 50.41 11.81
N PRO B 332 -80.83 51.68 11.54
CA PRO B 332 -81.28 52.58 10.47
C PRO B 332 -80.45 52.38 9.20
N ARG B 333 -80.72 53.15 8.13
CA ARG B 333 -80.04 52.97 6.85
C ARG B 333 -79.46 54.29 6.39
N LEU B 334 -78.50 54.20 5.46
CA LEU B 334 -77.65 55.32 5.10
C LEU B 334 -77.27 55.23 3.63
N SER B 335 -76.88 56.36 3.06
CA SER B 335 -76.38 56.41 1.69
C SER B 335 -74.90 56.03 1.65
N GLN B 336 -74.38 55.81 0.44
CA GLN B 336 -73.00 55.35 0.31
C GLN B 336 -72.01 56.36 0.88
N SER B 337 -72.21 57.65 0.62
CA SER B 337 -71.35 58.66 1.22
C SER B 337 -71.51 58.67 2.74
N GLU B 338 -72.74 58.49 3.22
CA GLU B 338 -72.96 58.49 4.65
C GLU B 338 -72.41 57.21 5.29
N VAL B 339 -72.52 56.07 4.58
CA VAL B 339 -71.87 54.85 5.06
C VAL B 339 -70.36 55.03 5.10
N LYS B 340 -69.79 55.72 4.11
CA LYS B 340 -68.37 56.00 4.13
C LYS B 340 -67.99 56.84 5.35
N GLU B 341 -68.77 57.88 5.63
CA GLU B 341 -68.49 58.72 6.80
C GLU B 341 -68.58 57.91 8.08
N CYS B 342 -69.62 57.07 8.18
CA CYS B 342 -69.81 56.25 9.37
C CYS B 342 -68.68 55.24 9.55
N LEU B 343 -68.24 54.62 8.47
CA LEU B 343 -67.14 53.66 8.56
C LEU B 343 -65.84 54.36 8.93
N LYS B 344 -65.59 55.55 8.37
CA LYS B 344 -64.43 56.32 8.76
C LYS B 344 -64.47 56.66 10.25
N SER B 345 -65.67 56.97 10.76
CA SER B 345 -65.81 57.16 12.20
C SER B 345 -65.55 55.88 12.97
N GLY B 346 -65.78 54.73 12.33
CA GLY B 346 -65.48 53.44 12.92
C GLY B 346 -66.67 52.73 13.53
N THR B 347 -67.80 52.75 12.83
CA THR B 347 -69.03 52.09 13.26
C THR B 347 -69.27 50.86 12.40
N LEU B 348 -69.58 49.75 13.06
CA LEU B 348 -70.07 48.58 12.35
C LEU B 348 -71.57 48.73 12.14
N VAL B 349 -72.01 48.59 10.89
CA VAL B 349 -73.39 48.80 10.49
C VAL B 349 -73.85 47.63 9.65
N LEU B 350 -74.94 46.98 10.07
CA LEU B 350 -75.56 45.95 9.26
C LEU B 350 -76.40 46.60 8.16
N ASP B 351 -76.54 45.88 7.06
CA ASP B 351 -77.32 46.34 5.92
C ASP B 351 -78.16 45.19 5.38
N PHE B 352 -79.32 45.53 4.83
CA PHE B 352 -80.25 44.55 4.29
C PHE B 352 -80.03 44.53 2.78
N ASP B 353 -78.94 43.90 2.37
CA ASP B 353 -78.53 43.96 0.97
C ASP B 353 -79.41 43.10 0.07
N ASP B 354 -79.91 41.99 0.58
CA ASP B 354 -80.87 41.14 -0.12
C ASP B 354 -81.88 40.69 0.93
N GLY B 355 -82.64 39.64 0.62
CA GLY B 355 -83.63 39.13 1.55
C GLY B 355 -83.10 38.81 2.95
N ASP B 356 -81.81 38.53 3.05
CA ASP B 356 -81.13 38.34 4.33
C ASP B 356 -80.12 39.47 4.57
N VAL B 357 -79.88 39.76 5.85
CA VAL B 357 -79.02 40.86 6.23
C VAL B 357 -77.56 40.51 5.95
N ILE B 358 -76.77 41.53 5.61
CA ILE B 358 -75.34 41.39 5.33
C ILE B 358 -74.58 42.54 5.98
N ILE B 359 -73.44 42.21 6.59
CA ILE B 359 -72.58 43.22 7.21
C ILE B 359 -71.96 44.10 6.12
N VAL B 360 -71.65 45.34 6.49
CA VAL B 360 -71.07 46.28 5.52
C VAL B 360 -69.57 46.08 5.38
N ASP B 361 -68.85 45.90 6.49
CA ASP B 361 -67.40 45.81 6.46
C ASP B 361 -66.93 45.34 7.83
N ASP B 362 -65.74 44.73 7.86
CA ASP B 362 -65.19 44.14 9.08
C ASP B 362 -64.26 45.16 9.73
N VAL B 363 -64.86 46.10 10.45
CA VAL B 363 -64.16 47.26 10.99
C VAL B 363 -64.31 47.27 12.51
N ASN B 364 -63.29 47.78 13.18
CA ASN B 364 -63.25 47.94 14.63
C ASN B 364 -63.25 49.43 14.96
N THR B 365 -63.27 49.74 16.26
CA THR B 365 -63.26 51.12 16.70
C THR B 365 -61.95 51.84 16.43
N PHE B 366 -60.89 51.12 16.05
CA PHE B 366 -59.57 51.71 15.79
C PHE B 366 -59.39 52.08 14.33
N LYS B 367 -60.46 52.43 13.62
CA LYS B 367 -60.30 52.92 12.26
C LYS B 367 -59.49 54.21 12.27
N LYS B 368 -59.74 55.07 13.26
CA LYS B 368 -58.95 56.30 13.38
C LYS B 368 -57.51 55.90 13.71
N TYR B 369 -56.68 55.84 12.66
CA TYR B 369 -55.26 55.51 12.74
C TYR B 369 -54.44 56.79 12.66
N VAL B 370 -53.12 56.62 12.79
CA VAL B 370 -52.17 57.72 12.69
C VAL B 370 -50.95 57.24 11.91
N ASP B 371 -50.11 58.19 11.52
CA ASP B 371 -49.05 57.90 10.55
C ASP B 371 -48.05 56.89 11.09
N ASP B 372 -47.77 56.93 12.39
CA ASP B 372 -46.77 56.04 12.97
C ASP B 372 -47.21 54.57 12.95
N LYS B 373 -48.50 54.31 12.78
CA LYS B 373 -49.04 52.96 12.65
C LYS B 373 -49.64 52.78 11.26
N ASN B 374 -49.87 51.52 10.90
CA ASN B 374 -50.39 51.17 9.59
C ASN B 374 -51.91 51.10 9.60
N GLU B 375 -52.48 51.03 8.40
CA GLU B 375 -53.93 51.00 8.24
C GLU B 375 -54.52 49.61 8.40
N ALA B 376 -53.73 48.56 8.20
CA ALA B 376 -54.26 47.20 8.18
C ALA B 376 -54.78 46.76 9.54
N MET B 377 -54.34 47.38 10.63
CA MET B 377 -54.69 46.91 11.96
C MET B 377 -56.03 47.47 12.44
N GLY B 378 -56.71 48.28 11.63
CA GLY B 378 -58.01 48.81 11.99
C GLY B 378 -59.18 47.93 11.61
N TYR B 379 -58.93 46.63 11.41
CA TYR B 379 -59.95 45.67 11.02
C TYR B 379 -59.98 44.52 12.02
N ILE B 380 -61.19 44.00 12.28
CA ILE B 380 -61.36 42.95 13.28
C ILE B 380 -60.54 41.72 12.91
N SER B 381 -60.51 41.38 11.62
CA SER B 381 -59.79 40.17 11.20
C SER B 381 -58.31 40.27 11.55
N ASN B 382 -57.70 41.44 11.32
CA ASN B 382 -56.29 41.61 11.64
C ASN B 382 -56.04 41.63 13.14
N ILE B 383 -56.97 42.18 13.93
CA ILE B 383 -56.83 42.12 15.37
C ILE B 383 -56.87 40.68 15.86
N MET B 384 -57.83 39.91 15.36
CA MET B 384 -57.92 38.50 15.77
C MET B 384 -56.69 37.73 15.33
N PHE B 385 -56.15 38.06 14.15
CA PHE B 385 -55.01 37.36 13.60
C PHE B 385 -53.73 37.67 14.39
N ILE B 386 -53.52 38.94 14.72
CA ILE B 386 -52.37 39.32 15.53
C ILE B 386 -52.52 38.77 16.94
N ASN B 387 -53.73 38.79 17.49
CA ASN B 387 -53.94 38.24 18.84
C ASN B 387 -53.68 36.75 18.86
N THR B 388 -54.13 36.04 17.82
CA THR B 388 -53.90 34.61 17.74
C THR B 388 -52.43 34.29 17.63
N ILE B 389 -51.67 35.07 16.85
CA ILE B 389 -50.22 34.85 16.78
C ILE B 389 -49.58 35.11 18.13
N ASN B 390 -49.92 36.22 18.77
CA ASN B 390 -49.28 36.57 20.03
C ASN B 390 -49.58 35.53 21.10
N LYS B 391 -50.81 35.00 21.10
CA LYS B 391 -51.14 33.93 22.02
C LYS B 391 -50.39 32.65 21.67
N ASP B 392 -50.43 32.23 20.40
CA ASP B 392 -49.86 30.94 20.02
C ASP B 392 -48.36 30.90 20.26
N THR B 393 -47.65 31.97 19.90
CA THR B 393 -46.25 32.07 20.30
C THR B 393 -46.13 32.15 21.81
N SER B 394 -47.06 32.85 22.47
CA SER B 394 -47.04 32.94 23.92
C SER B 394 -47.46 31.65 24.60
N LEU B 395 -48.12 30.73 23.89
CA LEU B 395 -48.38 29.40 24.44
C LEU B 395 -47.12 28.55 24.53
N LYS B 396 -46.03 28.94 23.88
CA LYS B 396 -44.80 28.16 23.91
C LYS B 396 -43.96 28.48 25.15
N ARG B 397 -44.56 28.41 26.34
CA ARG B 397 -43.79 28.52 27.59
C ARG B 397 -43.90 27.29 28.47
N LYS B 398 -44.79 26.36 28.18
CA LYS B 398 -45.05 25.28 29.12
C LYS B 398 -43.94 24.24 29.11
N GLU B 399 -43.01 24.31 28.14
CA GLU B 399 -41.88 23.40 28.01
C GLU B 399 -40.61 24.13 27.62
N PHE B 400 -40.60 25.47 27.72
CA PHE B 400 -39.75 26.27 26.86
C PHE B 400 -39.00 27.35 27.64
N VAL B 401 -39.63 27.94 28.65
CA VAL B 401 -39.04 28.99 29.48
C VAL B 401 -38.67 28.40 30.82
N GLY B 402 -37.42 28.59 31.24
CA GLY B 402 -36.90 27.95 32.42
C GLY B 402 -36.53 26.50 32.24
N LYS B 403 -36.72 25.95 31.04
CA LYS B 403 -36.49 24.55 30.74
C LYS B 403 -35.58 24.36 29.53
N ILE B 404 -35.04 25.45 28.96
CA ILE B 404 -34.15 25.43 27.80
C ILE B 404 -32.92 26.27 28.12
N PHE B 405 -31.81 25.95 27.49
CA PHE B 405 -30.57 26.69 27.63
C PHE B 405 -30.57 27.89 26.69
N ASN B 406 -29.64 28.82 26.92
CA ASN B 406 -29.53 30.05 26.14
C ASN B 406 -28.26 30.07 25.30
N ASP B 407 -27.96 28.95 24.67
CA ASP B 407 -26.85 28.79 23.73
C ASP B 407 -27.39 28.69 22.31
N ALA B 408 -26.48 28.52 21.36
CA ALA B 408 -26.87 28.45 19.95
C ALA B 408 -27.80 27.27 19.69
N THR B 409 -27.59 26.14 20.36
CA THR B 409 -28.47 25.00 20.18
C THR B 409 -29.88 25.32 20.64
N GLY B 410 -30.01 25.91 21.84
CA GLY B 410 -31.33 26.23 22.34
C GLY B 410 -32.03 27.27 21.49
N GLN B 411 -31.31 28.32 21.10
CA GLN B 411 -31.90 29.35 20.24
C GLN B 411 -32.34 28.78 18.90
N THR B 412 -31.55 27.87 18.33
CA THR B 412 -31.94 27.26 17.07
C THR B 412 -33.16 26.36 17.24
N THR B 413 -33.28 25.66 18.36
CA THR B 413 -34.50 24.90 18.62
C THR B 413 -35.70 25.84 18.76
N VAL B 414 -35.49 27.01 19.37
CA VAL B 414 -36.55 27.99 19.51
C VAL B 414 -37.03 28.43 18.13
N ILE B 415 -36.09 28.81 17.28
CA ILE B 415 -36.45 29.29 15.94
C ILE B 415 -37.08 28.18 15.14
N CYS B 416 -36.63 26.93 15.33
CA CYS B 416 -37.25 25.80 14.64
C CYS B 416 -38.70 25.64 15.07
N ALA B 417 -38.98 25.74 16.37
CA ALA B 417 -40.36 25.60 16.84
C ALA B 417 -41.25 26.72 16.31
N LEU B 418 -40.76 27.96 16.36
CA LEU B 418 -41.55 29.08 15.89
C LEU B 418 -41.79 28.98 14.38
N LYS B 419 -40.75 28.58 13.63
CA LYS B 419 -40.90 28.35 12.21
C LYS B 419 -41.89 27.23 11.94
N LYS B 420 -41.88 26.19 12.77
CA LYS B 420 -42.85 25.11 12.61
C LYS B 420 -44.27 25.63 12.78
N TYR B 421 -44.49 26.48 13.78
CA TYR B 421 -45.83 27.03 13.98
C TYR B 421 -46.24 27.90 12.79
N PHE B 422 -45.32 28.71 12.28
CA PHE B 422 -45.65 29.55 11.12
C PHE B 422 -45.90 28.70 9.88
N GLU B 423 -45.13 27.63 9.69
CA GLU B 423 -45.31 26.78 8.52
C GLU B 423 -46.64 26.04 8.57
N GLU B 424 -47.01 25.52 9.74
CA GLU B 424 -48.34 24.94 9.86
C GLU B 424 -49.41 25.98 9.68
N LEU B 425 -49.17 27.21 10.12
CA LEU B 425 -50.11 28.30 9.88
C LEU B 425 -50.21 28.62 8.40
N MET B 426 -49.07 28.61 7.70
CA MET B 426 -49.07 28.81 6.26
C MET B 426 -49.81 27.68 5.54
N SER B 427 -49.89 26.50 6.15
CA SER B 427 -50.53 25.37 5.50
C SER B 427 -52.02 25.62 5.27
N GLN B 428 -52.67 26.40 6.13
CA GLN B 428 -54.07 26.73 5.91
C GLN B 428 -54.26 27.86 4.91
N GLY B 429 -53.18 28.37 4.30
CA GLY B 429 -53.29 29.47 3.37
C GLY B 429 -53.47 30.83 3.99
N ILE B 430 -53.31 30.95 5.31
CA ILE B 430 -53.51 32.22 5.98
C ILE B 430 -52.44 33.23 5.59
N ILE B 431 -51.24 32.74 5.25
CA ILE B 431 -50.08 33.57 4.97
C ILE B 431 -49.50 33.17 3.62
N SER B 432 -48.99 34.15 2.89
CA SER B 432 -48.32 33.91 1.61
C SER B 432 -46.83 33.67 1.79
N GLU B 433 -46.19 34.41 2.69
CA GLU B 433 -44.77 34.23 2.97
C GLU B 433 -44.50 34.69 4.39
N PHE B 434 -43.43 34.16 4.98
CA PHE B 434 -43.06 34.50 6.34
C PHE B 434 -41.56 34.38 6.50
N ASN B 435 -41.07 34.97 7.61
CA ASN B 435 -39.67 34.90 7.98
C ASN B 435 -39.61 34.87 9.50
N VAL B 436 -38.72 34.04 10.04
CA VAL B 436 -38.47 34.00 11.48
C VAL B 436 -36.97 33.74 11.68
N ASP B 437 -36.31 34.67 12.36
CA ASP B 437 -34.86 34.67 12.51
C ASP B 437 -34.52 35.35 13.84
N ILE B 438 -33.23 35.36 14.17
CA ILE B 438 -32.72 36.01 15.37
C ILE B 438 -32.69 37.51 15.14
N ASP B 439 -33.01 38.27 16.18
CA ASP B 439 -32.94 39.74 16.11
C ASP B 439 -31.53 40.16 16.51
N THR B 440 -30.64 40.14 15.52
CA THR B 440 -29.21 40.31 15.78
C THR B 440 -28.90 41.69 16.36
N GLU B 441 -29.56 42.73 15.86
CA GLU B 441 -29.30 44.10 16.31
C GLU B 441 -29.49 44.22 17.81
N LEU B 442 -30.62 43.75 18.32
CA LEU B 442 -30.86 43.80 19.74
C LEU B 442 -30.09 42.71 20.47
N GLN B 443 -29.95 41.53 19.87
CA GLN B 443 -29.32 40.40 20.55
C GLN B 443 -27.86 40.68 20.86
N ALA B 444 -27.21 41.53 20.07
CA ALA B 444 -25.83 41.90 20.39
C ALA B 444 -25.74 42.59 21.74
N THR B 445 -26.69 43.47 22.05
CA THR B 445 -26.74 44.17 23.32
C THR B 445 -27.51 43.41 24.40
N ALA B 446 -27.94 42.17 24.13
CA ALA B 446 -28.76 41.44 25.07
C ALA B 446 -27.99 41.08 26.33
N LYS B 447 -28.74 40.95 27.42
CA LYS B 447 -28.23 40.31 28.62
C LYS B 447 -28.21 38.79 28.41
N ALA B 448 -27.46 38.10 29.27
CA ALA B 448 -27.24 36.66 29.11
C ALA B 448 -28.55 35.88 29.09
N ASP B 449 -29.50 36.26 29.94
CA ASP B 449 -30.77 35.53 30.02
C ASP B 449 -31.69 35.87 28.85
N GLU B 450 -31.63 37.10 28.36
CA GLU B 450 -32.57 37.54 27.33
C GLU B 450 -32.29 36.84 26.01
N PHE B 451 -33.37 36.49 25.30
CA PHE B 451 -33.31 36.02 23.93
C PHE B 451 -34.24 36.89 23.08
N TYR B 452 -33.75 37.35 21.94
CA TYR B 452 -34.47 38.31 21.12
C TYR B 452 -34.66 37.70 19.74
N TRP B 453 -35.88 37.76 19.22
CA TRP B 453 -36.15 37.30 17.86
C TRP B 453 -37.13 38.24 17.18
N LYS B 454 -37.26 38.06 15.86
CA LYS B 454 -38.14 38.87 15.04
C LYS B 454 -38.82 37.98 14.01
N TRP B 455 -39.97 38.42 13.52
CA TRP B 455 -40.70 37.69 12.50
C TRP B 455 -41.41 38.65 11.55
N ASP B 456 -41.59 38.17 10.31
CA ASP B 456 -42.31 38.88 9.28
C ASP B 456 -43.41 37.95 8.76
N ALA B 457 -44.46 38.55 8.22
CA ALA B 457 -45.49 37.76 7.54
C ALA B 457 -46.21 38.64 6.54
N VAL B 458 -46.87 37.99 5.60
CA VAL B 458 -47.68 38.68 4.59
C VAL B 458 -49.01 37.94 4.48
N LYS B 459 -50.06 38.52 5.04
CA LYS B 459 -51.38 37.92 4.96
C LYS B 459 -51.84 37.83 3.51
N VAL B 460 -52.53 36.73 3.18
CA VAL B 460 -53.06 36.56 1.84
C VAL B 460 -54.17 37.56 1.59
N ASP B 461 -54.18 38.13 0.40
CA ASP B 461 -55.18 39.12 0.05
C ASP B 461 -56.54 38.46 -0.18
N VAL B 462 -57.60 39.15 0.21
CA VAL B 462 -58.97 38.72 0.03
C VAL B 462 -59.70 39.78 -0.76
N MET B 463 -60.38 39.37 -1.83
CA MET B 463 -61.14 40.31 -2.64
C MET B 463 -62.22 40.97 -1.81
N LYS B 464 -62.25 42.30 -1.85
CA LYS B 464 -63.32 43.10 -1.27
C LYS B 464 -63.98 44.01 -2.28
N LYS B 465 -63.19 44.67 -3.13
CA LYS B 465 -63.69 45.61 -4.13
C LYS B 465 -63.45 45.05 -5.51
N ILE B 466 -64.49 45.06 -6.34
CA ILE B 466 -64.47 44.49 -7.68
C ILE B 466 -65.16 45.49 -8.60
N TYR B 467 -64.48 45.90 -9.68
CA TYR B 467 -65.04 46.90 -10.59
C TYR B 467 -65.12 46.27 -11.98
N GLY B 468 -66.28 46.37 -12.61
CA GLY B 468 -66.49 45.87 -13.96
C GLY B 468 -66.82 46.97 -14.95
N THR B 469 -66.05 47.05 -16.03
CA THR B 469 -66.22 48.07 -17.06
C THR B 469 -66.99 47.46 -18.22
N GLY B 470 -68.22 47.92 -18.43
CA GLY B 470 -69.07 47.37 -19.47
C GLY B 470 -68.93 48.08 -20.79
N TYR B 471 -69.30 47.36 -21.86
CA TYR B 471 -69.32 47.89 -23.21
C TYR B 471 -70.43 47.18 -23.98
N LEU B 472 -70.85 47.78 -25.08
CA LEU B 472 -71.95 47.22 -25.88
C LEU B 472 -71.82 47.54 -27.36
N ILE C 7 14.81 -13.08 -26.47
CA ILE C 7 16.29 -13.12 -26.52
C ILE C 7 16.84 -11.73 -26.83
N GLU C 8 16.52 -11.23 -28.02
CA GLU C 8 17.18 -10.03 -28.54
C GLU C 8 16.71 -8.81 -27.77
N GLU C 9 17.64 -8.17 -27.07
CA GLU C 9 17.36 -6.93 -26.35
C GLU C 9 16.90 -5.82 -27.29
N ALA C 10 17.42 -5.80 -28.51
CA ALA C 10 17.20 -4.65 -29.39
C ALA C 10 15.78 -4.59 -29.94
N SER C 11 15.03 -5.70 -29.91
CA SER C 11 13.71 -5.70 -30.51
C SER C 11 12.72 -4.87 -29.71
N PHE C 12 12.93 -4.74 -28.40
CA PHE C 12 12.01 -3.98 -27.58
C PHE C 12 12.04 -2.50 -27.93
N LEU C 13 10.87 -1.87 -27.85
CA LEU C 13 10.67 -0.49 -28.23
C LEU C 13 10.18 0.29 -27.02
N ASN C 14 10.86 1.37 -26.70
CA ASN C 14 10.51 2.20 -25.55
C ASN C 14 9.55 3.29 -25.97
N GLY C 15 8.84 3.82 -24.98
CA GLY C 15 7.96 4.94 -25.25
C GLY C 15 8.69 6.19 -25.66
N SER C 16 9.97 6.31 -25.33
CA SER C 16 10.77 7.48 -25.65
C SER C 16 11.05 7.63 -27.15
N ASP C 17 10.85 6.58 -27.94
CA ASP C 17 11.10 6.60 -29.37
C ASP C 17 9.84 6.96 -30.17
N VAL C 18 9.01 7.83 -29.60
CA VAL C 18 7.67 8.11 -30.10
C VAL C 18 7.59 9.57 -30.52
N VAL C 19 7.02 9.82 -31.69
CA VAL C 19 6.70 11.16 -32.15
C VAL C 19 5.29 11.15 -32.72
N ILE C 20 4.48 12.12 -32.30
CA ILE C 20 3.06 12.19 -32.64
C ILE C 20 2.81 13.47 -33.42
N LEU C 21 2.06 13.34 -34.51
CA LEU C 21 1.67 14.47 -35.35
C LEU C 21 0.16 14.58 -35.34
N ILE C 22 -0.35 15.72 -34.86
CA ILE C 22 -1.79 16.01 -34.85
C ILE C 22 -2.03 17.00 -35.98
N ASP C 23 -2.71 16.57 -37.04
CA ASP C 23 -3.01 17.40 -38.19
C ASP C 23 -1.71 17.95 -38.81
N GLY C 24 -0.67 17.12 -38.83
CA GLY C 24 0.56 17.44 -39.52
C GLY C 24 1.60 18.20 -38.71
N VAL C 25 1.26 18.65 -37.51
CA VAL C 25 2.18 19.38 -36.65
C VAL C 25 2.51 18.51 -35.44
N GLU C 26 3.79 18.44 -35.10
CA GLU C 26 4.25 17.52 -34.07
C GLU C 26 3.72 17.94 -32.70
N GLU C 27 3.33 16.94 -31.91
CA GLU C 27 2.87 17.13 -30.55
C GLU C 27 3.94 16.58 -29.60
N LEU C 28 4.46 17.46 -28.74
CA LEU C 28 5.63 17.14 -27.93
C LEU C 28 5.31 16.82 -26.48
N TYR C 29 4.19 17.31 -25.95
CA TYR C 29 3.87 17.25 -24.53
C TYR C 29 2.84 16.18 -24.21
N MET C 30 2.93 15.03 -24.87
CA MET C 30 2.01 13.92 -24.67
C MET C 30 2.62 12.88 -23.74
N GLU C 31 1.76 12.28 -22.91
CA GLU C 31 2.15 11.29 -21.92
C GLU C 31 1.86 9.87 -22.37
N GLU C 32 0.71 9.64 -23.00
CA GLU C 32 0.40 8.32 -23.53
C GLU C 32 -0.64 8.45 -24.64
N ILE C 33 -0.71 7.41 -25.46
CA ILE C 33 -1.63 7.34 -26.59
C ILE C 33 -2.11 5.91 -26.76
N LYS C 34 -3.36 5.78 -27.19
CA LYS C 34 -3.99 4.49 -27.41
C LYS C 34 -4.81 4.57 -28.70
N ALA C 35 -4.89 3.46 -29.42
CA ALA C 35 -5.76 3.39 -30.59
C ALA C 35 -6.09 1.93 -30.85
N ASP C 36 -7.38 1.65 -31.00
CA ASP C 36 -7.88 0.31 -31.26
C ASP C 36 -8.88 0.35 -32.40
N PHE C 37 -8.91 -0.73 -33.18
CA PHE C 37 -9.81 -0.90 -34.32
C PHE C 37 -10.66 -2.13 -34.02
N GLU C 38 -11.90 -1.91 -33.58
CA GLU C 38 -12.70 -2.92 -32.92
C GLU C 38 -13.77 -3.48 -33.84
N GLN C 39 -13.98 -4.79 -33.75
CA GLN C 39 -15.07 -5.46 -34.46
C GLN C 39 -16.41 -5.22 -33.77
N ASP C 40 -17.47 -5.25 -34.57
CA ASP C 40 -18.80 -5.56 -34.07
C ASP C 40 -19.11 -7.02 -34.39
N GLU C 41 -18.38 -7.90 -33.70
CA GLU C 41 -18.36 -9.32 -34.05
C GLU C 41 -19.75 -9.93 -33.97
N GLN C 42 -20.10 -10.67 -35.02
CA GLN C 42 -21.42 -11.26 -35.16
C GLN C 42 -21.37 -12.73 -34.74
N SER C 43 -22.18 -13.09 -33.76
CA SER C 43 -22.26 -14.45 -33.26
C SER C 43 -23.37 -15.20 -33.99
N ILE C 44 -23.06 -16.41 -34.43
CA ILE C 44 -23.98 -17.25 -35.19
C ILE C 44 -24.09 -18.59 -34.49
N LYS C 45 -25.34 -19.02 -34.27
CA LYS C 45 -25.64 -20.35 -33.75
C LYS C 45 -26.45 -21.09 -34.80
N LEU C 46 -26.04 -22.33 -35.08
CA LEU C 46 -26.68 -23.16 -36.09
C LEU C 46 -27.34 -24.37 -35.43
N LEU C 47 -28.35 -24.90 -36.13
CA LEU C 47 -29.15 -25.97 -35.56
C LEU C 47 -28.37 -27.27 -35.50
N GLY C 48 -27.60 -27.59 -36.53
CA GLY C 48 -26.86 -28.83 -36.54
C GLY C 48 -25.53 -28.82 -35.82
N CYS C 49 -25.09 -27.66 -35.35
CA CYS C 49 -23.74 -27.48 -34.84
C CYS C 49 -23.80 -26.95 -33.42
N GLN C 50 -22.83 -27.37 -32.60
CA GLN C 50 -22.85 -27.14 -31.16
C GLN C 50 -21.78 -26.15 -30.70
N ASN C 51 -21.27 -25.31 -31.59
CA ASN C 51 -20.39 -24.22 -31.20
C ASN C 51 -20.77 -22.97 -31.98
N GLU C 52 -20.53 -21.81 -31.38
CA GLU C 52 -20.86 -20.56 -32.03
C GLU C 52 -19.89 -20.26 -33.15
N ILE C 53 -20.41 -19.69 -34.24
CA ILE C 53 -19.62 -19.22 -35.36
C ILE C 53 -19.56 -17.70 -35.28
N SER C 54 -18.34 -17.17 -35.36
CA SER C 54 -18.08 -15.74 -35.25
C SER C 54 -17.67 -15.20 -36.61
N ARG C 55 -18.23 -14.05 -36.98
CA ARG C 55 -17.96 -13.39 -38.24
C ARG C 55 -17.63 -11.92 -37.99
N VAL C 56 -16.91 -11.34 -38.94
CA VAL C 56 -16.46 -9.95 -38.82
C VAL C 56 -17.64 -9.03 -39.11
N GLY C 57 -17.87 -8.09 -38.21
CA GLY C 57 -18.85 -7.05 -38.39
C GLY C 57 -18.19 -5.74 -38.80
N THR C 58 -18.94 -4.66 -38.65
CA THR C 58 -18.42 -3.34 -38.98
C THR C 58 -17.30 -2.96 -38.02
N THR C 59 -16.29 -2.29 -38.56
CA THR C 59 -15.12 -1.89 -37.81
C THR C 59 -15.24 -0.43 -37.38
N LYS C 60 -14.93 -0.16 -36.12
CA LYS C 60 -14.89 1.18 -35.58
C LYS C 60 -13.53 1.40 -34.93
N GLY C 61 -13.05 2.64 -35.01
CA GLY C 61 -11.80 3.04 -34.39
C GLY C 61 -12.08 3.90 -33.17
N SER C 62 -11.30 3.68 -32.12
CA SER C 62 -11.35 4.48 -30.89
C SER C 62 -9.93 4.79 -30.46
N PHE C 63 -9.68 6.04 -30.10
CA PHE C 63 -8.38 6.49 -29.62
C PHE C 63 -8.55 7.25 -28.32
N SER C 64 -7.51 7.23 -27.50
CA SER C 64 -7.36 8.14 -26.37
C SER C 64 -5.95 8.69 -26.39
N LEU C 65 -5.81 9.88 -25.81
CA LEU C 65 -4.60 10.68 -25.99
C LEU C 65 -4.45 11.60 -24.80
N ASN C 66 -3.56 11.23 -23.88
CA ASN C 66 -3.34 11.94 -22.64
C ASN C 66 -2.02 12.69 -22.70
N GLY C 67 -2.01 13.91 -22.17
CA GLY C 67 -0.83 14.72 -22.23
C GLY C 67 -0.88 15.86 -21.25
N TYR C 68 0.05 16.80 -21.46
CA TYR C 68 0.21 17.98 -20.63
C TYR C 68 -0.24 19.21 -21.41
N LYS C 69 -1.01 20.06 -20.75
CA LYS C 69 -1.59 21.22 -21.42
C LYS C 69 -0.54 22.31 -21.57
N THR C 70 -0.37 22.78 -22.81
CA THR C 70 0.47 23.92 -23.12
C THR C 70 -0.22 24.94 -24.01
N ASP C 71 -1.41 24.64 -24.51
CA ASP C 71 -2.15 25.56 -25.37
C ASP C 71 -3.61 25.09 -25.38
N SER C 72 -4.45 25.87 -26.05
CA SER C 72 -5.86 25.55 -26.23
C SER C 72 -6.09 24.89 -27.58
N LYS C 73 -5.16 24.04 -28.01
CA LYS C 73 -5.22 23.45 -29.34
C LYS C 73 -6.50 22.63 -29.52
N PHE C 74 -6.83 21.80 -28.53
CA PHE C 74 -7.98 20.93 -28.67
C PHE C 74 -9.29 21.68 -28.51
N ALA C 75 -9.30 22.76 -27.73
CA ALA C 75 -10.50 23.58 -27.61
C ALA C 75 -10.81 24.31 -28.91
N LYS C 76 -9.79 24.89 -29.54
CA LYS C 76 -9.98 25.45 -30.88
C LYS C 76 -10.34 24.37 -31.88
N LEU C 77 -9.71 23.20 -31.77
CA LEU C 77 -9.94 22.13 -32.74
C LEU C 77 -11.39 21.70 -32.74
N GLY C 78 -12.07 21.81 -31.60
CA GLY C 78 -13.48 21.50 -31.54
C GLY C 78 -13.74 20.06 -31.91
N PHE C 79 -14.82 19.86 -32.67
CA PHE C 79 -15.21 18.54 -33.14
C PHE C 79 -14.91 18.35 -34.61
N ARG C 80 -14.03 19.18 -35.18
CA ARG C 80 -13.61 18.98 -36.56
C ARG C 80 -12.83 17.68 -36.70
N SER C 81 -12.86 17.13 -37.91
CA SER C 81 -12.10 15.93 -38.21
C SER C 81 -10.63 16.28 -38.39
N PHE C 82 -9.76 15.42 -37.87
CA PHE C 82 -8.32 15.58 -38.00
C PHE C 82 -7.69 14.21 -38.16
N GLU C 83 -6.38 14.19 -38.38
CA GLU C 83 -5.61 12.97 -38.55
C GLU C 83 -4.52 12.91 -37.48
N ILE C 84 -4.15 11.68 -37.14
CA ILE C 84 -3.06 11.39 -36.21
C ILE C 84 -2.10 10.47 -36.91
N ILE C 85 -0.85 10.91 -37.04
CA ILE C 85 0.24 10.07 -37.55
C ILE C 85 1.12 9.72 -36.36
N TYR C 86 1.27 8.43 -36.10
CA TYR C 86 2.01 7.90 -34.97
C TYR C 86 3.20 7.11 -35.48
N ASN C 87 4.40 7.55 -35.12
CA ASN C 87 5.63 6.89 -35.50
C ASN C 87 6.33 6.36 -34.25
N LEU C 88 6.64 5.07 -34.27
CA LEU C 88 7.39 4.40 -33.21
C LEU C 88 8.64 3.83 -33.86
N SER C 89 9.79 4.38 -33.48
CA SER C 89 11.06 4.03 -34.08
C SER C 89 11.89 3.14 -33.15
N ASN C 90 12.75 2.33 -33.75
CA ASN C 90 13.80 1.62 -33.05
C ASN C 90 15.10 2.39 -33.18
N SER C 91 15.91 2.34 -32.12
CA SER C 91 17.21 2.99 -32.08
C SER C 91 18.35 2.02 -32.35
N GLU C 92 18.38 0.89 -31.65
CA GLU C 92 19.44 -0.10 -31.88
C GLU C 92 19.34 -0.67 -33.28
N THR C 93 18.12 -0.91 -33.74
CA THR C 93 17.83 -1.16 -35.15
C THR C 93 17.32 0.13 -35.77
N LEU C 94 17.37 0.21 -37.10
CA LEU C 94 16.91 1.39 -37.81
C LEU C 94 15.46 1.29 -38.27
N GLY C 95 14.77 0.20 -37.95
CA GLY C 95 13.40 0.05 -38.37
C GLY C 95 12.45 0.93 -37.59
N TYR C 96 11.29 1.17 -38.16
CA TYR C 96 10.28 1.99 -37.51
C TYR C 96 8.90 1.66 -38.07
N GLU C 97 7.90 1.92 -37.24
CA GLU C 97 6.50 1.76 -37.59
C GLU C 97 5.87 3.14 -37.70
N SER C 98 4.96 3.30 -38.65
CA SER C 98 4.21 4.53 -38.81
C SER C 98 2.75 4.19 -39.10
N ILE C 99 1.85 4.77 -38.32
CA ILE C 99 0.42 4.50 -38.42
C ILE C 99 -0.29 5.84 -38.54
N ARG C 100 -1.18 5.94 -39.52
CA ARG C 100 -1.96 7.14 -39.78
C ARG C 100 -3.42 6.82 -39.48
N LEU C 101 -3.96 7.47 -38.45
CA LEU C 101 -5.38 7.39 -38.13
C LEU C 101 -6.12 8.51 -38.85
N LYS C 102 -7.16 8.14 -39.60
CA LYS C 102 -7.88 9.04 -40.48
C LYS C 102 -9.26 9.37 -39.92
N ASN C 103 -9.72 10.59 -40.22
CA ASN C 103 -11.04 11.06 -39.81
C ASN C 103 -11.21 10.97 -38.30
N CYS C 104 -10.15 11.30 -37.58
CA CYS C 104 -10.21 11.31 -36.12
C CYS C 104 -11.06 12.48 -35.66
N ARG C 105 -11.88 12.24 -34.64
CA ARG C 105 -12.82 13.24 -34.15
C ARG C 105 -12.98 13.06 -32.65
N LEU C 106 -12.96 14.16 -31.92
CA LEU C 106 -13.02 14.12 -30.47
C LEU C 106 -14.43 13.82 -30.00
N LYS C 107 -14.54 12.96 -28.98
CA LYS C 107 -15.82 12.70 -28.34
C LYS C 107 -16.20 13.83 -27.39
N LYS C 108 -15.22 14.41 -26.71
CA LYS C 108 -15.47 15.53 -25.80
C LYS C 108 -14.27 16.46 -25.80
N LEU C 109 -14.54 17.72 -25.50
CA LEU C 109 -13.53 18.77 -25.48
C LEU C 109 -12.96 18.91 -24.07
N PRO C 110 -11.63 18.83 -23.86
CA PRO C 110 -11.11 19.04 -22.50
C PRO C 110 -10.97 20.53 -22.20
N LEU C 111 -12.09 21.17 -21.88
CA LEU C 111 -12.07 22.61 -21.67
C LEU C 111 -11.26 22.98 -20.44
N ILE C 112 -11.55 22.33 -19.31
CA ILE C 112 -10.92 22.64 -18.03
C ILE C 112 -10.56 21.34 -17.35
N ASN C 113 -9.32 21.24 -16.87
CA ASN C 113 -8.91 20.12 -16.02
C ASN C 113 -7.68 20.59 -15.25
N SER C 114 -7.89 20.97 -13.99
CA SER C 114 -6.80 21.44 -13.15
C SER C 114 -7.05 21.03 -11.71
N LYS C 115 -5.97 20.73 -11.01
CA LYS C 115 -5.99 20.34 -9.61
C LYS C 115 -5.09 21.31 -8.84
N ALA C 116 -5.16 21.22 -7.51
CA ALA C 116 -4.65 22.29 -6.65
C ALA C 116 -3.17 22.55 -6.84
N GLY C 117 -2.35 21.50 -6.81
CA GLY C 117 -0.91 21.65 -6.86
C GLY C 117 -0.21 20.76 -7.87
N GLU C 118 -0.95 20.28 -8.86
CA GLU C 118 -0.43 19.40 -9.89
C GLU C 118 -0.31 20.14 -11.21
N ILE C 119 0.48 19.56 -12.10
CA ILE C 119 0.66 20.13 -13.44
C ILE C 119 -0.61 19.89 -14.24
N VAL C 120 -1.03 20.92 -14.97
CA VAL C 120 -2.26 20.85 -15.73
C VAL C 120 -2.10 19.83 -16.84
N LYS C 121 -2.93 18.80 -16.82
CA LYS C 121 -2.93 17.73 -17.81
C LYS C 121 -4.18 17.84 -18.68
N ILE C 122 -4.06 17.29 -19.89
CA ILE C 122 -5.14 17.25 -20.86
C ILE C 122 -5.31 15.82 -21.33
N GLU C 123 -6.54 15.33 -21.32
CA GLU C 123 -6.87 13.99 -21.76
C GLU C 123 -8.07 14.06 -22.70
N VAL C 124 -7.94 13.44 -23.86
CA VAL C 124 -9.00 13.42 -24.87
C VAL C 124 -9.21 11.99 -25.35
N GLU C 125 -10.40 11.76 -25.87
CA GLU C 125 -10.78 10.49 -26.47
C GLU C 125 -11.63 10.78 -27.69
N GLY C 126 -11.71 9.81 -28.58
CA GLY C 126 -12.46 10.01 -29.80
C GLY C 126 -12.50 8.75 -30.62
N SER C 127 -12.93 8.92 -31.87
CA SER C 127 -13.11 7.83 -32.81
C SER C 127 -12.48 8.19 -34.14
N PHE C 128 -12.04 7.16 -34.86
CA PHE C 128 -11.50 7.32 -36.20
C PHE C 128 -12.08 6.24 -37.10
N ARG C 129 -12.13 6.56 -38.41
CA ARG C 129 -12.78 5.68 -39.38
C ARG C 129 -11.90 4.50 -39.73
N GLY C 130 -10.69 4.77 -40.22
CA GLY C 130 -9.77 3.74 -40.66
C GLY C 130 -8.35 4.15 -40.39
N TYR C 131 -7.43 3.26 -40.78
CA TYR C 131 -6.01 3.44 -40.52
C TYR C 131 -5.21 3.03 -41.74
N ASP C 132 -4.06 3.67 -41.91
CA ASP C 132 -3.07 3.30 -42.92
C ASP C 132 -1.78 2.93 -42.20
N LEU C 133 -1.29 1.72 -42.44
CA LEU C 133 -0.01 1.27 -41.89
C LEU C 133 1.07 1.69 -42.86
N LEU C 134 1.55 2.93 -42.68
CA LEU C 134 2.48 3.51 -43.64
C LEU C 134 3.81 2.76 -43.67
N ASN C 135 4.34 2.41 -42.50
CA ASN C 135 5.63 1.76 -42.37
C ASN C 135 5.54 0.78 -41.20
N GLU C 136 6.61 0.01 -41.04
CA GLU C 136 6.56 -1.15 -40.14
C GLU C 136 7.92 -1.75 -39.87
N GLU D 13 -62.99 53.37 -0.68
CA GLU D 13 -64.26 52.78 -1.19
C GLU D 13 -64.76 51.69 -0.26
N ILE D 14 -65.87 51.06 -0.65
CA ILE D 14 -66.57 50.08 0.18
C ILE D 14 -66.54 48.76 -0.59
N PRO D 15 -66.51 47.60 0.06
CA PRO D 15 -66.56 46.34 -0.70
C PRO D 15 -67.82 46.20 -1.55
N GLY D 16 -67.66 45.69 -2.75
CA GLY D 16 -68.77 45.29 -3.61
C GLY D 16 -68.48 45.50 -5.08
N PHE D 17 -69.35 44.93 -5.91
CA PHE D 17 -69.34 45.23 -7.34
C PHE D 17 -69.71 46.67 -7.61
N TYR D 18 -69.05 47.24 -8.61
CA TYR D 18 -69.33 48.59 -9.10
C TYR D 18 -69.24 48.53 -10.63
N ASN D 19 -70.35 48.13 -11.25
CA ASN D 19 -70.43 48.04 -12.69
C ASN D 19 -70.66 49.43 -13.26
N ARG D 20 -69.73 49.90 -14.10
CA ARG D 20 -69.79 51.24 -14.67
C ARG D 20 -69.39 51.16 -16.13
N PHE D 21 -70.41 51.25 -17.00
CA PHE D 21 -70.19 51.32 -18.43
C PHE D 21 -69.32 52.53 -18.78
N LYS D 22 -68.35 52.30 -19.67
CA LYS D 22 -67.53 53.36 -20.24
C LYS D 22 -67.77 53.41 -21.74
N THR D 23 -67.90 54.62 -22.28
CA THR D 23 -68.17 54.79 -23.70
C THR D 23 -67.01 54.27 -24.54
N GLN D 24 -67.34 53.71 -25.70
CA GLN D 24 -66.33 53.13 -26.57
C GLN D 24 -65.41 54.17 -27.17
N ALA D 25 -65.80 55.44 -27.19
CA ALA D 25 -64.94 56.48 -27.75
C ALA D 25 -63.64 56.63 -26.96
N GLU D 26 -63.63 56.23 -25.69
CA GLU D 26 -62.48 56.44 -24.81
C GLU D 26 -61.50 55.26 -24.88
N LYS D 27 -60.97 55.04 -26.08
CA LYS D 27 -60.00 53.96 -26.28
C LYS D 27 -58.59 54.46 -25.97
N SER D 28 -57.81 53.63 -25.31
CA SER D 28 -56.41 53.93 -25.07
C SER D 28 -55.60 53.71 -26.34
N THR D 29 -54.43 54.34 -26.39
CA THR D 29 -53.57 54.24 -27.56
C THR D 29 -53.00 52.82 -27.67
N ASN D 30 -52.21 52.60 -28.72
CA ASN D 30 -51.65 51.28 -29.00
C ASN D 30 -50.63 50.91 -27.94
N THR D 31 -50.06 49.71 -28.09
CA THR D 31 -49.06 49.18 -27.17
C THR D 31 -47.68 49.02 -27.79
N GLY D 32 -47.60 48.85 -29.11
CA GLY D 32 -46.32 48.68 -29.78
C GLY D 32 -45.59 49.99 -29.99
N LEU D 33 -45.08 50.56 -28.90
CA LEU D 33 -44.39 51.85 -28.92
C LEU D 33 -43.04 51.72 -28.23
N LYS D 34 -42.09 52.55 -28.67
CA LYS D 34 -40.73 52.51 -28.16
C LYS D 34 -40.10 53.89 -28.34
N GLY D 35 -39.03 54.12 -27.58
CA GLY D 35 -38.17 55.26 -27.80
C GLY D 35 -38.64 56.53 -27.12
N ARG D 36 -37.74 57.52 -27.10
CA ARG D 36 -37.95 58.80 -26.44
C ARG D 36 -37.65 59.94 -27.40
N LEU D 37 -38.49 60.98 -27.36
CA LEU D 37 -38.39 62.11 -28.28
C LEU D 37 -38.53 63.42 -27.52
N ALA D 38 -37.82 64.43 -28.00
CA ALA D 38 -37.89 65.78 -27.48
C ALA D 38 -38.75 66.65 -28.39
N MET D 39 -39.35 67.68 -27.80
CA MET D 39 -40.33 68.51 -28.49
C MET D 39 -40.42 69.91 -27.88
N PRO D 40 -39.70 70.92 -28.42
CA PRO D 40 -39.89 72.30 -27.92
C PRO D 40 -41.18 72.93 -28.45
N ILE D 41 -42.30 72.50 -27.86
CA ILE D 41 -43.61 72.86 -28.41
C ILE D 41 -43.89 74.34 -28.18
N ARG D 42 -44.36 75.01 -29.24
CA ARG D 42 -44.86 76.39 -29.16
C ARG D 42 -46.34 76.31 -28.81
N ALA D 43 -46.61 76.20 -27.51
CA ALA D 43 -47.97 76.03 -27.01
C ALA D 43 -48.53 77.39 -26.60
N ASN D 44 -49.74 77.70 -27.09
CA ASN D 44 -50.47 78.85 -26.57
C ASN D 44 -50.70 78.68 -25.07
N TRP D 45 -50.98 77.45 -24.63
CA TRP D 45 -51.20 77.14 -23.23
C TRP D 45 -50.40 75.90 -22.88
N GLY D 46 -49.91 75.84 -21.64
CA GLY D 46 -49.16 74.70 -21.17
C GLY D 46 -48.14 75.08 -20.14
N ASP D 47 -47.26 74.13 -19.84
CA ASP D 47 -46.31 74.23 -18.74
C ASP D 47 -45.04 74.94 -19.22
N VAL D 48 -44.78 76.11 -18.67
CA VAL D 48 -43.66 76.96 -19.09
C VAL D 48 -42.51 76.77 -18.11
N GLY D 49 -41.29 76.63 -18.63
CA GLY D 49 -40.11 76.52 -17.81
C GLY D 49 -39.78 75.12 -17.34
N LYS D 50 -40.49 74.09 -17.82
CA LYS D 50 -40.25 72.73 -17.39
C LYS D 50 -40.64 71.77 -18.51
N VAL D 51 -39.98 70.62 -18.52
CA VAL D 51 -40.21 69.56 -19.51
C VAL D 51 -41.15 68.53 -18.89
N VAL D 52 -42.16 68.13 -19.64
CA VAL D 52 -43.17 67.16 -19.19
C VAL D 52 -43.01 65.92 -20.04
N THR D 53 -43.07 64.75 -19.39
CA THR D 53 -42.89 63.46 -20.04
C THR D 53 -44.25 62.85 -20.28
N ILE D 54 -44.81 63.09 -21.47
CA ILE D 54 -46.09 62.53 -21.85
C ILE D 54 -45.90 61.08 -22.26
N LYS D 55 -46.84 60.22 -21.83
CA LYS D 55 -46.80 58.79 -22.15
C LYS D 55 -47.41 58.57 -23.54
N ASN D 56 -47.66 57.30 -23.87
CA ASN D 56 -48.35 56.95 -25.11
C ASN D 56 -49.68 57.66 -25.25
N ASP D 57 -50.40 57.86 -24.14
CA ASP D 57 -51.75 58.39 -24.20
C ASP D 57 -51.75 59.82 -24.73
N LEU D 58 -52.68 60.09 -25.67
CA LEU D 58 -52.90 61.44 -26.17
C LEU D 58 -53.63 62.33 -25.17
N ARG D 59 -54.13 61.76 -24.06
CA ARG D 59 -55.05 62.51 -23.23
C ARG D 59 -54.31 63.56 -22.41
N GLN D 60 -53.13 63.21 -21.89
CA GLN D 60 -52.33 64.17 -21.17
C GLN D 60 -51.89 65.32 -22.08
N LEU D 61 -51.62 65.01 -23.35
CA LEU D 61 -51.22 66.04 -24.29
C LEU D 61 -52.31 67.11 -24.44
N LYS D 62 -53.55 66.70 -24.71
CA LYS D 62 -54.58 67.69 -24.95
C LYS D 62 -54.98 68.37 -23.64
N ASN D 63 -54.99 67.62 -22.54
CA ASN D 63 -55.33 68.20 -21.24
C ASN D 63 -54.31 69.26 -20.83
N LEU D 64 -53.04 69.06 -21.17
CA LEU D 64 -51.98 69.95 -20.75
C LEU D 64 -51.60 71.01 -21.79
N PHE D 65 -51.88 70.77 -23.07
CA PHE D 65 -51.42 71.64 -24.15
C PHE D 65 -52.53 71.91 -25.16
N GLY D 66 -53.73 72.15 -24.67
CA GLY D 66 -54.82 72.59 -25.53
C GLY D 66 -55.31 71.54 -26.50
N ASP D 67 -56.48 71.78 -27.10
CA ASP D 67 -57.09 70.88 -28.06
C ASP D 67 -57.08 71.51 -29.46
N ASP D 68 -56.56 72.71 -29.61
CA ASP D 68 -56.71 73.46 -30.85
C ASP D 68 -55.67 73.05 -31.88
N MET D 69 -56.12 72.92 -33.13
CA MET D 69 -55.24 72.45 -34.20
C MET D 69 -54.18 73.48 -34.54
N ASN D 70 -54.53 74.77 -34.54
CA ASN D 70 -53.56 75.80 -34.91
C ASN D 70 -52.41 75.85 -33.93
N TYR D 71 -52.62 75.40 -32.68
CA TYR D 71 -51.53 75.32 -31.72
C TYR D 71 -50.48 74.36 -32.24
N SER D 72 -49.25 74.85 -32.38
CA SER D 72 -48.16 73.97 -32.82
C SER D 72 -47.97 72.81 -31.83
N ALA D 73 -48.20 73.06 -30.55
CA ALA D 73 -48.03 72.03 -29.53
C ALA D 73 -48.92 70.84 -29.80
N PHE D 74 -50.24 71.07 -29.87
CA PHE D 74 -51.17 69.96 -30.07
C PHE D 74 -50.96 69.30 -31.42
N LYS D 75 -50.79 70.09 -32.47
CA LYS D 75 -50.66 69.55 -33.83
C LYS D 75 -49.45 68.63 -33.93
N LEU D 76 -48.29 69.13 -33.52
CA LEU D 76 -47.06 68.36 -33.64
C LEU D 76 -46.95 67.25 -32.61
N GLY D 77 -47.52 67.42 -31.42
CA GLY D 77 -47.58 66.30 -30.48
C GLY D 77 -48.46 65.18 -31.00
N LYS D 78 -49.57 65.53 -31.64
CA LYS D 78 -50.40 64.53 -32.28
C LYS D 78 -49.62 63.81 -33.37
N LEU D 79 -48.85 64.55 -34.18
CA LEU D 79 -47.98 63.90 -35.17
C LEU D 79 -47.02 62.93 -34.50
N ALA D 80 -46.35 63.37 -33.44
CA ALA D 80 -45.34 62.53 -32.80
C ALA D 80 -45.95 61.27 -32.21
N LEU D 81 -47.12 61.40 -31.60
CA LEU D 81 -47.74 60.26 -30.94
C LEU D 81 -48.41 59.31 -31.93
N LEU D 82 -48.90 59.82 -33.06
CA LEU D 82 -49.19 58.93 -34.19
C LEU D 82 -47.93 58.34 -34.80
N GLY D 83 -46.77 58.97 -34.56
CA GLY D 83 -45.49 58.33 -34.85
C GLY D 83 -45.13 57.22 -33.88
N ASN D 84 -45.94 57.00 -32.84
CA ASN D 84 -45.84 55.85 -31.94
C ASN D 84 -44.55 55.89 -31.12
N VAL D 85 -44.19 57.08 -30.65
CA VAL D 85 -43.12 57.23 -29.67
C VAL D 85 -43.65 56.86 -28.30
N LYS D 86 -42.87 56.07 -27.55
CA LYS D 86 -43.31 55.60 -26.24
C LYS D 86 -43.43 56.76 -25.26
N GLU D 87 -42.38 57.57 -25.15
CA GLU D 87 -42.35 58.74 -24.27
C GLU D 87 -42.02 59.98 -25.08
N LEU D 88 -42.88 60.99 -25.02
CA LEU D 88 -42.71 62.23 -25.76
C LEU D 88 -42.49 63.34 -24.73
N LEU D 89 -41.32 63.96 -24.78
CA LEU D 89 -40.91 64.96 -23.80
C LEU D 89 -41.19 66.35 -24.36
N LEU D 90 -42.21 67.00 -23.80
CA LEU D 90 -42.67 68.30 -24.27
C LEU D 90 -42.15 69.42 -23.37
N TYR D 91 -41.62 70.46 -23.99
CA TYR D 91 -41.25 71.70 -23.32
C TYR D 91 -41.99 72.84 -24.00
N ARG D 92 -42.82 73.56 -23.25
CA ARG D 92 -43.49 74.71 -23.82
C ARG D 92 -42.51 75.81 -24.13
N LEU D 93 -42.75 76.50 -25.24
CA LEU D 93 -41.90 77.57 -25.72
C LEU D 93 -42.75 78.84 -25.79
N VAL D 94 -42.36 79.86 -25.02
CA VAL D 94 -43.03 81.16 -25.06
C VAL D 94 -41.97 82.24 -25.07
N ASP D 95 -42.35 83.41 -25.58
CA ASP D 95 -41.46 84.56 -25.57
C ASP D 95 -41.32 85.10 -24.14
N GLY D 96 -40.25 85.85 -23.92
CA GLY D 96 -40.06 86.49 -22.63
C GLY D 96 -41.18 87.44 -22.27
N ASN D 97 -41.67 88.20 -23.26
CA ASN D 97 -42.78 89.11 -23.01
C ASN D 97 -44.07 88.35 -22.70
N GLN D 98 -44.20 87.13 -23.20
CA GLN D 98 -45.38 86.33 -22.92
C GLN D 98 -45.48 86.04 -21.42
N LYS D 99 -46.68 86.20 -20.87
CA LYS D 99 -46.89 86.15 -19.42
C LYS D 99 -48.27 85.55 -19.14
N LYS D 100 -48.60 85.47 -17.85
CA LYS D 100 -49.89 84.96 -17.42
C LYS D 100 -50.99 86.00 -17.58
N GLY D 101 -52.13 85.56 -18.10
CA GLY D 101 -53.33 86.37 -17.98
C GLY D 101 -53.69 86.55 -16.52
N THR D 102 -54.13 87.76 -16.18
CA THR D 102 -54.39 88.14 -14.80
C THR D 102 -55.61 89.03 -14.71
N LEU D 103 -56.42 88.81 -13.68
CA LEU D 103 -57.54 89.68 -13.37
C LEU D 103 -57.71 89.74 -11.86
N THR D 104 -58.39 90.79 -11.40
CA THR D 104 -58.66 91.00 -9.99
C THR D 104 -60.16 91.16 -9.80
N LEU D 105 -60.71 90.43 -8.83
CA LEU D 105 -62.09 90.61 -8.42
C LEU D 105 -62.18 91.69 -7.35
N LYS D 106 -63.37 92.24 -7.18
CA LYS D 106 -63.58 93.29 -6.20
C LYS D 106 -64.97 93.13 -5.60
N ASP D 107 -65.15 93.71 -4.41
CA ASP D 107 -66.41 93.67 -3.68
C ASP D 107 -67.21 94.94 -3.93
N THR D 108 -68.50 94.87 -3.59
CA THR D 108 -69.43 96.00 -3.73
C THR D 108 -70.13 96.35 -2.42
N THR D 109 -69.71 95.76 -1.30
CA THR D 109 -70.32 96.09 -0.01
C THR D 109 -70.09 97.55 0.34
N GLU D 110 -68.88 98.05 0.13
CA GLU D 110 -68.53 99.43 0.39
C GLU D 110 -68.88 100.30 -0.82
N ASN D 111 -68.87 101.62 -0.59
CA ASN D 111 -69.12 102.56 -1.69
C ASN D 111 -68.03 102.46 -2.75
N SER D 112 -66.78 102.33 -2.32
CA SER D 112 -65.64 102.18 -3.20
C SER D 112 -65.19 100.72 -3.19
N ALA D 113 -65.12 100.11 -4.37
CA ALA D 113 -64.72 98.72 -4.47
C ALA D 113 -63.23 98.55 -4.23
N LYS D 114 -62.85 97.38 -3.71
CA LYS D 114 -61.46 97.09 -3.39
C LYS D 114 -61.16 95.64 -3.78
N ASP D 115 -59.88 95.39 -4.06
CA ASP D 115 -59.46 94.08 -4.52
C ASP D 115 -59.40 93.09 -3.36
N VAL D 116 -59.95 91.90 -3.58
CA VAL D 116 -59.87 90.81 -2.61
C VAL D 116 -59.37 89.51 -3.21
N ILE D 117 -59.45 89.30 -4.54
CA ILE D 117 -58.99 88.08 -5.18
C ILE D 117 -58.28 88.46 -6.47
N LYS D 118 -57.17 87.77 -6.76
CA LYS D 118 -56.52 87.81 -8.07
C LYS D 118 -56.62 86.44 -8.71
N LEU D 119 -57.18 86.39 -9.91
CA LEU D 119 -57.22 85.18 -10.72
C LEU D 119 -56.15 85.31 -11.80
N GLU D 120 -55.13 84.46 -11.71
CA GLU D 120 -54.05 84.40 -12.67
C GLU D 120 -54.08 83.03 -13.34
N THR D 121 -53.77 83.00 -14.63
CA THR D 121 -53.67 81.73 -15.33
C THR D 121 -52.62 80.87 -14.65
N LYS D 122 -52.91 79.57 -14.52
CA LYS D 122 -52.02 78.66 -13.80
C LYS D 122 -50.62 78.69 -14.39
N TYR D 123 -50.52 78.81 -15.70
CA TYR D 123 -49.27 78.93 -16.42
C TYR D 123 -49.42 80.07 -17.41
N PRO D 124 -48.31 80.62 -17.92
CA PRO D 124 -48.42 81.78 -18.83
C PRO D 124 -49.28 81.48 -20.04
N THR D 125 -50.17 82.41 -20.38
CA THR D 125 -51.03 82.29 -21.55
C THR D 125 -51.83 83.59 -21.70
N ALA D 126 -52.37 83.78 -22.91
CA ALA D 126 -53.26 84.89 -23.20
C ALA D 126 -54.45 84.43 -24.04
N ARG D 127 -54.85 83.17 -23.89
CA ARG D 127 -55.99 82.63 -24.62
C ARG D 127 -57.28 83.31 -24.16
N ASN D 128 -58.39 82.93 -24.80
CA ASN D 128 -59.69 83.51 -24.48
C ASN D 128 -60.29 82.84 -23.24
N PHE D 129 -59.58 83.00 -22.13
CA PHE D 129 -59.99 82.42 -20.85
C PHE D 129 -60.78 83.47 -20.08
N ASN D 130 -62.08 83.30 -20.02
CA ASN D 130 -63.00 84.27 -19.46
C ASN D 130 -63.52 83.80 -18.11
N VAL D 131 -64.02 84.74 -17.32
CA VAL D 131 -64.55 84.47 -15.98
C VAL D 131 -65.93 85.11 -15.88
N THR D 132 -66.80 84.49 -15.09
CA THR D 132 -68.10 85.07 -14.77
C THR D 132 -68.45 84.71 -13.35
N ILE D 133 -68.92 85.71 -12.59
CA ILE D 133 -69.27 85.56 -11.18
C ILE D 133 -70.62 86.22 -10.96
N LYS D 134 -71.48 85.54 -10.21
CA LYS D 134 -72.83 86.02 -9.95
C LYS D 134 -73.27 85.51 -8.58
N SER D 135 -74.44 85.96 -8.13
CA SER D 135 -74.98 85.53 -6.85
C SER D 135 -75.59 84.14 -6.96
N ASN D 136 -75.53 83.41 -5.84
CA ASN D 136 -76.11 82.07 -5.76
C ASN D 136 -77.56 82.17 -5.32
N LEU D 137 -78.44 81.50 -6.07
CA LEU D 137 -79.87 81.57 -5.77
C LEU D 137 -80.22 80.74 -4.54
N VAL D 138 -79.55 79.59 -4.36
CA VAL D 138 -79.89 78.71 -3.25
C VAL D 138 -79.57 79.37 -1.91
N ASP D 139 -78.38 79.97 -1.81
CA ASP D 139 -77.93 80.63 -0.59
C ASP D 139 -77.48 82.04 -0.93
N SER D 140 -77.93 83.02 -0.14
CA SER D 140 -77.56 84.41 -0.38
C SER D 140 -76.06 84.62 -0.24
N ASP D 141 -75.45 84.03 0.78
CA ASP D 141 -74.03 84.22 1.02
C ASP D 141 -73.17 83.57 -0.06
N LYS D 142 -73.67 82.53 -0.71
CA LYS D 142 -72.90 81.84 -1.74
C LYS D 142 -72.91 82.62 -3.04
N LYS D 143 -71.90 82.37 -3.87
CA LYS D 143 -71.79 82.94 -5.21
C LYS D 143 -71.41 81.85 -6.19
N ASP D 144 -71.91 81.99 -7.42
CA ASP D 144 -71.60 81.06 -8.50
C ASP D 144 -70.40 81.62 -9.27
N PHE D 145 -69.35 80.81 -9.39
CA PHE D 145 -68.15 81.15 -10.14
C PHE D 145 -68.02 80.21 -11.33
N ILE D 146 -67.88 80.78 -12.51
CA ILE D 146 -67.85 80.02 -13.76
C ILE D 146 -66.68 80.51 -14.60
N PHE D 147 -66.03 79.58 -15.30
CA PHE D 147 -64.92 79.86 -16.19
C PHE D 147 -65.23 79.35 -17.59
N PHE D 148 -64.91 80.17 -18.59
CA PHE D 148 -65.16 79.90 -20.00
C PHE D 148 -63.86 79.82 -20.79
N GLU D 149 -63.85 78.94 -21.79
CA GLU D 149 -62.72 78.77 -22.71
C GLU D 149 -63.25 78.81 -24.15
N ASN D 150 -63.01 79.92 -24.85
CA ASN D 150 -63.50 80.11 -26.21
C ASN D 150 -65.01 79.89 -26.27
N THR D 151 -65.71 80.46 -25.29
CA THR D 151 -67.16 80.30 -25.15
C THR D 151 -67.55 78.86 -24.79
N LYS D 152 -66.66 78.13 -24.13
CA LYS D 152 -66.93 76.78 -23.64
C LYS D 152 -66.66 76.73 -22.15
N GLN D 153 -67.65 76.27 -21.38
CA GLN D 153 -67.52 76.23 -19.93
C GLN D 153 -66.44 75.23 -19.51
N LEU D 154 -65.65 75.62 -18.51
CA LEU D 154 -64.61 74.78 -17.93
C LEU D 154 -64.93 74.38 -16.50
N PHE D 155 -65.28 75.34 -15.64
CA PHE D 155 -65.52 75.11 -14.23
C PHE D 155 -66.80 75.81 -13.84
N SER D 156 -67.53 75.22 -12.88
CA SER D 156 -68.75 75.82 -12.37
C SER D 156 -69.03 75.27 -10.99
N SER D 157 -69.17 76.17 -10.01
CA SER D 157 -69.45 75.76 -8.63
C SER D 157 -70.05 76.94 -7.88
N SER D 158 -70.75 76.61 -6.80
CA SER D 158 -71.30 77.59 -5.86
C SER D 158 -70.58 77.44 -4.53
N ILE D 159 -69.98 78.53 -4.06
CA ILE D 159 -69.17 78.53 -2.84
C ILE D 159 -69.56 79.75 -2.01
N LYS D 160 -69.41 79.63 -0.69
CA LYS D 160 -69.73 80.71 0.23
C LYS D 160 -68.99 81.99 -0.16
N GLY D 161 -69.59 83.13 0.17
CA GLY D 161 -69.02 84.42 -0.20
C GLY D 161 -67.70 84.74 0.45
N THR D 162 -67.29 83.99 1.47
CA THR D 162 -66.00 84.21 2.11
C THR D 162 -64.88 84.00 1.10
N ILE D 163 -63.93 84.94 1.08
CA ILE D 163 -62.84 84.89 0.11
C ILE D 163 -61.97 83.64 0.33
N ASP D 164 -61.85 83.20 1.60
CA ASP D 164 -61.03 82.04 1.88
C ASP D 164 -61.58 80.79 1.21
N GLU D 165 -62.89 80.54 1.37
CA GLU D 165 -63.50 79.37 0.73
C GLU D 165 -63.46 79.48 -0.79
N ILE D 166 -63.65 80.68 -1.32
CA ILE D 166 -63.63 80.87 -2.77
C ILE D 166 -62.27 80.52 -3.33
N VAL D 167 -61.21 81.05 -2.70
CA VAL D 167 -59.86 80.75 -3.15
C VAL D 167 -59.55 79.27 -2.98
N LEU D 168 -60.01 78.68 -1.88
CA LEU D 168 -59.75 77.26 -1.62
C LEU D 168 -60.37 76.39 -2.70
N GLU D 169 -61.65 76.62 -3.01
CA GLU D 169 -62.30 75.81 -4.04
C GLU D 169 -61.69 76.07 -5.42
N ILE D 170 -61.33 77.32 -5.72
CA ILE D 170 -60.76 77.63 -7.03
C ILE D 170 -59.42 76.92 -7.19
N ASN D 171 -58.58 76.95 -6.16
CA ASN D 171 -57.29 76.27 -6.25
C ASN D 171 -57.38 74.77 -6.04
N SER D 172 -58.51 74.26 -5.56
CA SER D 172 -58.66 72.84 -5.25
C SER D 172 -59.26 72.04 -6.41
N ASN D 173 -60.38 72.51 -6.97
CA ASN D 173 -61.07 71.76 -8.00
C ASN D 173 -60.20 71.62 -9.26
N LEU D 174 -60.18 70.42 -9.83
CA LEU D 174 -59.28 70.14 -10.95
C LEU D 174 -59.72 70.82 -12.24
N ASP D 175 -60.99 71.22 -12.35
CA ASP D 175 -61.43 71.97 -13.53
C ASP D 175 -60.89 73.39 -13.55
N ASN D 176 -60.26 73.85 -12.47
CA ASN D 176 -59.58 75.14 -12.42
C ASN D 176 -58.12 75.03 -12.83
N GLU D 177 -57.78 74.06 -13.68
CA GLU D 177 -56.39 73.87 -14.10
C GLU D 177 -55.84 75.08 -14.84
N TYR D 178 -56.69 75.96 -15.36
CA TYR D 178 -56.27 77.11 -16.15
C TYR D 178 -56.21 78.39 -15.33
N VAL D 179 -56.31 78.31 -14.00
CA VAL D 179 -56.36 79.51 -13.17
C VAL D 179 -55.94 79.17 -11.76
N ILE D 180 -55.31 80.15 -11.09
CA ILE D 180 -55.05 80.10 -9.65
C ILE D 180 -55.68 81.34 -9.04
N ALA D 181 -56.40 81.15 -7.92
CA ALA D 181 -56.93 82.25 -7.14
C ALA D 181 -56.06 82.43 -5.90
N THR D 182 -55.66 83.68 -5.63
CA THR D 182 -54.89 84.04 -4.45
C THR D 182 -55.59 85.19 -3.74
N LYS D 183 -55.72 85.07 -2.43
CA LYS D 183 -56.43 86.07 -1.62
C LYS D 183 -55.58 87.32 -1.50
N VAL D 184 -56.07 88.43 -2.06
CA VAL D 184 -55.34 89.69 -1.97
C VAL D 184 -55.26 90.14 -0.52
N ALA D 185 -56.40 90.12 0.18
CA ALA D 185 -56.48 90.57 1.55
C ALA D 185 -57.62 89.82 2.22
N ASP D 186 -57.55 89.74 3.55
CA ASP D 186 -58.58 89.03 4.30
C ASP D 186 -59.88 89.81 4.24
N SER D 187 -60.95 89.14 3.82
CA SER D 187 -62.26 89.78 3.71
C SER D 187 -63.31 88.71 3.50
N ASP D 188 -64.53 89.03 3.94
CA ASP D 188 -65.72 88.22 3.69
C ASP D 188 -66.77 88.98 2.90
N THR D 189 -66.38 90.07 2.25
CA THR D 189 -67.33 90.92 1.53
C THR D 189 -67.88 90.20 0.29
N ILE D 190 -69.06 90.62 -0.12
CA ILE D 190 -69.70 90.05 -1.30
C ILE D 190 -69.01 90.61 -2.54
N LEU D 191 -68.63 89.70 -3.44
CA LEU D 191 -67.87 90.08 -4.62
C LEU D 191 -68.75 90.85 -5.61
N ALA D 192 -68.08 91.48 -6.58
CA ALA D 192 -68.79 92.16 -7.66
C ALA D 192 -69.21 91.16 -8.72
N ASN D 193 -70.34 91.45 -9.37
CA ASN D 193 -70.86 90.61 -10.44
C ASN D 193 -70.26 91.08 -11.75
N VAL D 194 -69.42 90.23 -12.35
CA VAL D 194 -68.75 90.52 -13.61
C VAL D 194 -69.05 89.37 -14.57
N VAL D 195 -69.26 89.71 -15.84
CA VAL D 195 -69.71 88.75 -16.86
C VAL D 195 -68.68 88.74 -17.98
N ASN D 196 -68.08 87.58 -18.21
CA ASN D 196 -67.22 87.32 -19.38
C ASN D 196 -66.04 88.29 -19.42
N GLN D 197 -65.26 88.28 -18.34
CA GLN D 197 -64.05 89.08 -18.23
C GLN D 197 -62.84 88.23 -18.61
N ALA D 198 -62.12 88.65 -19.65
CA ALA D 198 -61.00 87.88 -20.19
C ALA D 198 -59.74 88.14 -19.38
N LEU D 199 -59.02 87.07 -19.05
CA LEU D 199 -57.74 87.22 -18.37
C LEU D 199 -56.71 87.79 -19.34
N GLU D 200 -56.05 88.86 -18.92
CA GLU D 200 -55.10 89.60 -19.76
C GLU D 200 -53.83 89.86 -18.95
N GLY D 201 -52.77 90.23 -19.68
CA GLY D 201 -51.45 90.45 -19.10
C GLY D 201 -50.42 89.49 -19.63
N GLY D 202 -50.57 89.07 -20.88
CA GLY D 202 -49.65 88.12 -21.47
C GLY D 202 -49.74 88.14 -22.99
N ASN D 203 -49.12 87.14 -23.60
CA ASN D 203 -49.09 86.98 -25.05
C ASN D 203 -49.62 85.61 -25.43
N ASP D 204 -49.74 85.41 -26.75
CA ASP D 204 -50.32 84.19 -27.29
C ASP D 204 -49.51 82.96 -26.85
N GLY D 205 -48.26 82.87 -27.28
CA GLY D 205 -47.40 81.74 -26.98
C GLY D 205 -46.80 81.16 -28.24
N CYS D 206 -47.57 81.13 -29.32
CA CYS D 206 -47.07 80.82 -30.65
C CYS D 206 -46.52 82.03 -31.37
N THR D 207 -46.61 83.23 -30.77
CA THR D 207 -46.19 84.48 -31.38
C THR D 207 -44.91 84.96 -30.71
N SER D 208 -44.04 85.61 -31.49
CA SER D 208 -42.76 86.11 -31.00
C SER D 208 -41.88 84.95 -30.54
N ILE D 209 -41.84 83.91 -31.38
CA ILE D 209 -41.01 82.74 -31.15
C ILE D 209 -39.59 83.07 -31.61
N THR D 210 -38.66 83.18 -30.67
CA THR D 210 -37.36 83.79 -30.88
C THR D 210 -36.23 82.82 -30.61
N ASN D 211 -35.06 83.14 -31.17
CA ASN D 211 -33.89 82.27 -31.07
C ASN D 211 -33.44 82.07 -29.62
N GLU D 212 -33.40 83.15 -28.85
CA GLU D 212 -32.98 83.03 -27.45
C GLU D 212 -33.94 82.14 -26.67
N SER D 213 -35.22 82.16 -27.02
CA SER D 213 -36.20 81.35 -26.31
C SER D 213 -35.98 79.86 -26.59
N TYR D 214 -35.74 79.51 -27.86
CA TYR D 214 -35.27 78.16 -28.16
C TYR D 214 -33.99 77.81 -27.43
N LEU D 215 -33.03 78.74 -27.36
CA LEU D 215 -31.77 78.36 -26.75
C LEU D 215 -31.98 78.06 -25.26
N LYS D 216 -32.85 78.82 -24.61
CA LYS D 216 -33.25 78.46 -23.25
C LYS D 216 -33.87 77.08 -23.22
N ALA D 217 -34.80 76.81 -24.15
CA ALA D 217 -35.48 75.52 -24.16
C ALA D 217 -34.53 74.36 -24.38
N LEU D 218 -33.55 74.55 -25.27
CA LEU D 218 -32.53 73.54 -25.51
C LEU D 218 -31.73 73.29 -24.24
N GLU D 219 -31.39 74.35 -23.51
CA GLU D 219 -30.73 74.14 -22.22
C GLU D 219 -31.64 73.40 -21.25
N GLU D 220 -32.95 73.67 -21.30
CA GLU D 220 -33.89 72.90 -20.49
C GLU D 220 -34.02 71.47 -21.01
N PHE D 221 -33.82 71.27 -22.31
CA PHE D 221 -33.86 69.90 -22.84
C PHE D 221 -32.58 69.13 -22.55
N GLU D 222 -31.52 69.79 -22.08
CA GLU D 222 -30.33 69.08 -21.64
C GLU D 222 -30.54 68.30 -20.35
N ARG D 223 -31.70 68.45 -19.69
CA ARG D 223 -32.03 67.64 -18.52
C ARG D 223 -31.90 66.15 -18.83
N TYR D 224 -32.48 65.70 -19.94
CA TYR D 224 -32.65 64.29 -20.24
C TYR D 224 -31.98 63.94 -21.56
N SER D 225 -31.98 62.64 -21.87
CA SER D 225 -31.40 62.08 -23.09
C SER D 225 -32.51 61.72 -24.06
N PHE D 226 -32.27 61.91 -25.35
CA PHE D 226 -33.28 61.70 -26.38
C PHE D 226 -32.74 60.82 -27.49
N ASP D 227 -33.61 59.96 -28.02
CA ASP D 227 -33.26 59.24 -29.24
C ASP D 227 -33.14 60.21 -30.42
N SER D 228 -33.96 61.26 -30.44
CA SER D 228 -33.92 62.24 -31.52
C SER D 228 -34.51 63.55 -31.04
N PHE D 229 -34.12 64.63 -31.71
CA PHE D 229 -34.64 65.98 -31.50
C PHE D 229 -35.25 66.49 -32.79
N VAL D 230 -36.34 67.25 -32.68
CA VAL D 230 -37.21 67.53 -33.81
C VAL D 230 -37.38 69.02 -34.11
N LEU D 231 -36.99 69.92 -33.20
CA LEU D 231 -37.08 71.38 -33.32
C LEU D 231 -38.52 71.88 -33.33
N ASP D 232 -39.51 71.01 -33.13
CA ASP D 232 -40.92 71.39 -33.10
C ASP D 232 -41.35 71.97 -34.47
N GLY D 233 -40.75 71.47 -35.55
CA GLY D 233 -41.24 71.79 -36.88
C GLY D 233 -41.20 73.26 -37.25
N VAL D 234 -40.09 73.94 -36.98
CA VAL D 234 -39.88 75.33 -37.36
C VAL D 234 -38.69 75.36 -38.32
N ALA D 235 -38.92 75.90 -39.52
CA ALA D 235 -37.97 75.83 -40.61
C ALA D 235 -37.06 77.05 -40.69
N ASP D 236 -36.95 77.84 -39.63
CA ASP D 236 -36.06 78.99 -39.64
C ASP D 236 -34.61 78.53 -39.75
N GLU D 237 -33.86 79.17 -40.63
CA GLU D 237 -32.47 78.77 -40.86
C GLU D 237 -31.60 79.02 -39.64
N ALA D 238 -31.80 80.15 -38.96
CA ALA D 238 -31.02 80.45 -37.76
C ALA D 238 -31.29 79.40 -36.68
N LEU D 239 -32.54 79.01 -36.52
CA LEU D 239 -32.88 78.00 -35.52
C LEU D 239 -32.27 76.66 -35.85
N GLN D 240 -32.30 76.28 -37.14
CA GLN D 240 -31.66 75.05 -37.57
C GLN D 240 -30.17 75.07 -37.27
N GLU D 241 -29.52 76.21 -37.55
CA GLU D 241 -28.09 76.32 -37.28
C GLU D 241 -27.78 76.23 -35.79
N THR D 242 -28.60 76.90 -34.96
CA THR D 242 -28.38 76.88 -33.52
C THR D 242 -28.55 75.47 -32.97
N THR D 243 -29.62 74.77 -33.37
CA THR D 243 -29.82 73.40 -32.92
C THR D 243 -28.73 72.47 -33.46
N LYS D 244 -28.23 72.75 -34.67
CA LYS D 244 -27.14 71.95 -35.23
C LYS D 244 -25.88 72.08 -34.38
N ALA D 245 -25.53 73.31 -34.01
CA ALA D 245 -24.39 73.51 -33.13
C ALA D 245 -24.61 72.87 -31.77
N TRP D 246 -25.86 72.94 -31.29
CA TRP D 246 -26.21 72.32 -30.00
C TRP D 246 -25.96 70.81 -30.04
N VAL D 247 -26.47 70.14 -31.07
CA VAL D 247 -26.32 68.68 -31.12
C VAL D 247 -24.86 68.32 -31.38
N ALA D 248 -24.14 69.13 -32.15
CA ALA D 248 -22.72 68.88 -32.34
C ALA D 248 -21.96 68.98 -31.02
N LYS D 249 -22.27 70.00 -30.21
CA LYS D 249 -21.66 70.13 -28.90
C LYS D 249 -21.99 68.91 -28.03
N ASN D 250 -23.26 68.47 -28.08
CA ASN D 250 -23.65 67.31 -27.28
C ASN D 250 -22.90 66.05 -27.71
N LYS D 251 -22.76 65.85 -29.03
CA LYS D 251 -22.04 64.68 -29.53
C LYS D 251 -20.58 64.74 -29.11
N GLU D 252 -19.97 65.93 -29.19
CA GLU D 252 -18.60 66.07 -28.70
C GLU D 252 -18.52 65.77 -27.20
N LEU D 253 -19.54 66.16 -26.45
CA LEU D 253 -19.60 65.81 -25.03
C LEU D 253 -19.86 64.33 -24.84
N GLY D 254 -20.51 63.68 -25.80
CA GLY D 254 -20.84 62.27 -25.74
C GLY D 254 -22.33 61.97 -25.79
N LYS D 255 -23.17 62.97 -25.56
CA LYS D 255 -24.61 62.80 -25.66
C LYS D 255 -25.02 62.78 -27.14
N ASP D 256 -25.56 61.67 -27.60
CA ASP D 256 -25.93 61.50 -29.00
C ASP D 256 -27.38 61.88 -29.19
N ILE D 257 -27.62 62.92 -29.99
CA ILE D 257 -28.96 63.39 -30.34
C ILE D 257 -29.06 63.39 -31.86
N LEU D 258 -30.14 62.78 -32.37
CA LEU D 258 -30.40 62.72 -33.80
C LEU D 258 -31.37 63.84 -34.15
N LEU D 259 -30.89 64.84 -34.88
CA LEU D 259 -31.68 66.02 -35.19
C LEU D 259 -32.45 65.81 -36.49
N PHE D 260 -33.72 66.21 -36.48
CA PHE D 260 -34.61 66.12 -37.63
C PHE D 260 -35.11 67.52 -37.98
N LEU D 261 -35.16 67.82 -39.28
CA LEU D 261 -35.50 69.16 -39.74
C LEU D 261 -36.32 69.02 -41.02
N GLY D 262 -36.66 70.15 -41.62
CA GLY D 262 -37.34 70.15 -42.91
C GLY D 262 -37.21 71.47 -43.61
N GLY D 263 -37.19 71.41 -44.94
CA GLY D 263 -37.12 72.61 -45.75
C GLY D 263 -38.45 73.33 -45.81
N LYS D 264 -38.40 74.56 -46.33
CA LYS D 264 -39.59 75.36 -46.49
C LYS D 264 -40.33 74.97 -47.76
N THR D 265 -41.49 75.60 -47.98
CA THR D 265 -42.26 75.35 -49.19
C THR D 265 -41.72 76.12 -50.39
N GLU D 266 -41.00 77.22 -50.16
CA GLU D 266 -40.51 78.04 -51.27
C GLU D 266 -39.40 77.33 -52.04
N ASP D 267 -38.63 76.47 -51.38
CA ASP D 267 -37.47 75.87 -52.01
C ASP D 267 -37.87 74.98 -53.17
N ASN D 268 -37.19 75.16 -54.30
CA ASN D 268 -37.36 74.28 -55.45
C ASN D 268 -36.50 73.03 -55.26
N ILE D 269 -36.52 72.15 -56.25
CA ILE D 269 -35.85 70.86 -56.14
C ILE D 269 -34.34 71.06 -56.01
N LYS D 270 -33.77 71.94 -56.84
CA LYS D 270 -32.34 72.21 -56.77
C LYS D 270 -31.98 72.86 -55.44
N GLN D 271 -32.81 73.79 -54.96
CA GLN D 271 -32.51 74.47 -53.71
C GLN D 271 -32.52 73.51 -52.53
N ILE D 272 -33.51 72.60 -52.47
CA ILE D 272 -33.55 71.66 -51.36
C ILE D 272 -32.40 70.67 -51.46
N ASN D 273 -32.02 70.27 -52.68
CA ASN D 273 -30.87 69.40 -52.84
C ASN D 273 -29.60 70.08 -52.33
N ASP D 274 -29.42 71.35 -52.67
CA ASP D 274 -28.26 72.10 -52.19
C ASP D 274 -28.29 72.25 -50.68
N LYS D 275 -29.48 72.48 -50.12
CA LYS D 275 -29.61 72.59 -48.67
C LYS D 275 -29.20 71.30 -47.98
N SER D 276 -29.61 70.16 -48.53
CA SER D 276 -29.21 68.89 -47.94
C SER D 276 -27.72 68.67 -48.06
N LYS D 277 -27.13 68.97 -49.22
CA LYS D 277 -25.69 68.83 -49.36
C LYS D 277 -24.94 69.78 -48.44
N SER D 278 -25.55 70.92 -48.09
CA SER D 278 -24.93 71.82 -47.12
C SER D 278 -24.75 71.13 -45.77
N PHE D 279 -25.78 70.40 -45.33
CA PHE D 279 -25.65 69.58 -44.13
C PHE D 279 -24.83 68.34 -44.47
N ASN D 280 -23.70 68.18 -43.79
CA ASN D 280 -22.84 67.01 -43.92
C ASN D 280 -22.55 66.43 -42.54
N ASP D 281 -23.60 66.28 -41.74
CA ASP D 281 -23.52 65.76 -40.39
C ASP D 281 -24.19 64.38 -40.33
N GLU D 282 -23.59 63.49 -39.53
CA GLU D 282 -24.14 62.14 -39.42
C GLU D 282 -25.52 62.14 -38.78
N ASN D 283 -25.74 63.00 -37.79
CA ASN D 283 -26.94 62.98 -36.96
C ASN D 283 -27.81 64.20 -37.20
N ILE D 284 -27.97 64.59 -38.47
CA ILE D 284 -28.91 65.62 -38.90
C ILE D 284 -29.71 65.06 -40.07
N VAL D 285 -31.02 65.31 -40.05
CA VAL D 285 -31.93 64.81 -41.09
C VAL D 285 -32.85 65.96 -41.50
N ASN D 286 -33.14 66.04 -42.79
CA ASN D 286 -34.04 67.05 -43.34
C ASN D 286 -35.09 66.38 -44.23
N VAL D 287 -36.31 66.88 -44.14
CA VAL D 287 -37.43 66.44 -44.98
C VAL D 287 -37.69 67.54 -46.00
N GLY D 288 -37.67 67.16 -47.29
CA GLY D 288 -37.83 68.12 -48.37
C GLY D 288 -39.16 68.06 -49.07
N SER D 289 -40.20 67.56 -48.40
CA SER D 289 -41.51 67.40 -49.02
C SER D 289 -42.60 67.57 -47.97
N SER D 290 -43.57 68.42 -48.28
CA SER D 290 -44.71 68.63 -47.41
C SER D 290 -45.74 67.51 -47.63
N ALA D 291 -46.66 67.39 -46.67
CA ALA D 291 -47.65 66.32 -46.68
C ALA D 291 -49.01 66.86 -46.23
N TYR D 292 -50.05 66.06 -46.50
CA TYR D 292 -51.42 66.36 -46.13
C TYR D 292 -52.00 65.13 -45.44
N TYR D 293 -52.68 65.33 -44.32
CA TYR D 293 -53.27 64.21 -43.58
C TYR D 293 -54.52 64.71 -42.87
N GLU D 294 -55.62 63.96 -43.01
CA GLU D 294 -56.95 64.42 -42.60
C GLU D 294 -57.28 65.76 -43.23
N ASN D 295 -56.87 65.93 -44.49
CA ASN D 295 -57.09 67.12 -45.31
C ASN D 295 -56.38 68.36 -44.78
N ILE D 296 -55.53 68.24 -43.74
CA ILE D 296 -54.79 69.34 -43.16
C ILE D 296 -53.36 69.27 -43.65
N LYS D 297 -52.79 70.41 -44.02
CA LYS D 297 -51.45 70.43 -44.56
C LYS D 297 -50.41 70.45 -43.44
N TYR D 298 -49.28 69.82 -43.71
CA TYR D 298 -48.09 69.85 -42.86
C TYR D 298 -46.88 70.18 -43.73
N THR D 299 -46.20 71.26 -43.38
CA THR D 299 -44.99 71.66 -44.09
C THR D 299 -43.90 70.61 -43.82
N PRO D 300 -42.85 70.56 -44.66
CA PRO D 300 -41.84 69.50 -44.48
C PRO D 300 -41.19 69.51 -43.11
N SER D 301 -41.07 70.68 -42.49
CA SER D 301 -40.52 70.76 -41.15
C SER D 301 -41.50 70.19 -40.13
N GLU D 302 -42.80 70.48 -40.29
CA GLU D 302 -43.80 69.86 -39.42
C GLU D 302 -43.87 68.35 -39.63
N VAL D 303 -43.79 67.90 -40.89
CA VAL D 303 -43.79 66.47 -41.18
C VAL D 303 -42.55 65.81 -40.58
N ALA D 304 -41.45 66.56 -40.45
CA ALA D 304 -40.26 66.01 -39.84
C ALA D 304 -40.50 65.56 -38.40
N VAL D 305 -41.49 66.15 -37.72
CA VAL D 305 -41.85 65.68 -36.38
C VAL D 305 -42.31 64.24 -36.42
N TYR D 306 -43.25 63.92 -37.33
CA TYR D 306 -43.71 62.54 -37.45
C TYR D 306 -42.59 61.63 -37.94
N ILE D 307 -41.76 62.12 -38.85
CA ILE D 307 -40.67 61.30 -39.36
C ILE D 307 -39.70 60.92 -38.25
N ALA D 308 -39.33 61.90 -37.42
CA ALA D 308 -38.47 61.64 -36.27
C ALA D 308 -39.15 60.69 -35.30
N ALA D 309 -40.46 60.89 -35.07
CA ALA D 309 -41.18 60.04 -34.14
C ALA D 309 -41.19 58.59 -34.60
N LEU D 310 -41.42 58.37 -35.90
CA LEU D 310 -41.41 57.01 -36.42
C LEU D 310 -40.01 56.42 -36.38
N SER D 311 -38.99 57.23 -36.65
CA SER D 311 -37.61 56.76 -36.58
C SER D 311 -37.27 56.31 -35.18
N VAL D 312 -37.70 57.08 -34.17
CA VAL D 312 -37.43 56.72 -32.79
C VAL D 312 -38.25 55.51 -32.38
N SER D 313 -39.50 55.43 -32.86
CA SER D 313 -40.35 54.29 -32.52
C SER D 313 -39.77 52.99 -33.07
N LYS D 314 -39.33 53.01 -34.32
CA LYS D 314 -38.60 51.86 -34.84
C LYS D 314 -37.32 51.63 -34.05
N GLY D 315 -36.57 52.71 -33.78
CA GLY D 315 -35.33 52.62 -33.05
C GLY D 315 -34.37 51.64 -33.68
N ILE D 316 -34.18 50.50 -33.02
CA ILE D 316 -33.41 49.39 -33.55
C ILE D 316 -34.39 48.28 -33.87
N THR D 317 -33.95 47.35 -34.73
CA THR D 317 -34.80 46.31 -35.31
C THR D 317 -35.86 46.90 -36.24
N GLY D 318 -35.58 48.05 -36.82
CA GLY D 318 -36.53 48.68 -37.70
C GLY D 318 -35.87 49.80 -38.49
N SER D 319 -36.60 50.23 -39.52
CA SER D 319 -36.14 51.32 -40.38
C SER D 319 -37.36 51.93 -41.04
N ILE D 320 -37.17 53.13 -41.59
CA ILE D 320 -38.27 53.90 -42.17
C ILE D 320 -37.99 54.15 -43.65
N CYS D 321 -37.30 53.21 -44.30
CA CYS D 321 -36.98 53.38 -45.71
C CYS D 321 -38.23 53.44 -46.57
N ASN D 322 -39.17 52.50 -46.35
CA ASN D 322 -40.44 52.46 -47.06
C ASN D 322 -41.56 52.15 -46.10
N ALA D 323 -41.55 52.80 -44.93
CA ALA D 323 -42.59 52.56 -43.95
C ALA D 323 -43.91 53.18 -44.39
N LYS D 324 -45.01 52.54 -43.99
CA LYS D 324 -46.36 52.98 -44.36
C LYS D 324 -46.72 54.17 -43.47
N THR D 325 -46.45 55.37 -43.96
CA THR D 325 -46.77 56.57 -43.21
C THR D 325 -48.27 56.86 -43.29
N ILE D 326 -48.79 57.50 -42.24
CA ILE D 326 -50.23 57.77 -42.16
C ILE D 326 -50.67 58.83 -43.17
N PHE D 327 -49.74 59.60 -43.73
CA PHE D 327 -50.11 60.69 -44.61
C PHE D 327 -50.74 60.16 -45.89
N GLU D 328 -51.74 60.89 -46.39
CA GLU D 328 -52.51 60.47 -47.55
C GLU D 328 -52.17 61.25 -48.83
N GLU D 329 -51.27 62.23 -48.77
CA GLU D 329 -50.84 62.92 -49.98
C GLU D 329 -49.57 63.69 -49.64
N VAL D 330 -48.70 63.83 -50.64
CA VAL D 330 -47.42 64.54 -50.51
C VAL D 330 -47.15 65.37 -51.76
N GLU D 331 -46.09 66.18 -51.67
CA GLU D 331 -45.65 67.07 -52.73
C GLU D 331 -44.27 67.59 -52.37
N PRO D 332 -43.40 67.88 -53.36
CA PRO D 332 -43.51 67.70 -54.81
C PRO D 332 -43.08 66.30 -55.23
N ARG D 333 -43.10 65.97 -56.53
CA ARG D 333 -42.79 64.63 -57.01
C ARG D 333 -41.72 64.71 -58.09
N LEU D 334 -41.07 63.57 -58.33
CA LEU D 334 -39.85 63.51 -59.12
C LEU D 334 -39.79 62.18 -59.86
N SER D 335 -38.99 62.16 -60.93
CA SER D 335 -38.73 60.94 -61.68
C SER D 335 -37.64 60.12 -61.01
N GLN D 336 -37.48 58.87 -61.47
CA GLN D 336 -36.52 57.98 -60.81
C GLN D 336 -35.10 58.51 -60.89
N SER D 337 -34.69 59.04 -62.04
CA SER D 337 -33.37 59.66 -62.13
C SER D 337 -33.28 60.88 -61.23
N GLU D 338 -34.36 61.66 -61.16
CA GLU D 338 -34.34 62.84 -60.31
C GLU D 338 -34.38 62.46 -58.83
N VAL D 339 -35.13 61.40 -58.50
CA VAL D 339 -35.08 60.88 -57.12
C VAL D 339 -33.69 60.38 -56.78
N LYS D 340 -33.01 59.75 -57.74
CA LYS D 340 -31.64 59.31 -57.52
C LYS D 340 -30.73 60.50 -57.24
N GLU D 341 -30.86 61.57 -58.04
CA GLU D 341 -30.05 62.75 -57.82
C GLU D 341 -30.33 63.36 -56.46
N CYS D 342 -31.61 63.45 -56.09
CA CYS D 342 -31.99 64.02 -54.80
C CYS D 342 -31.48 63.19 -53.64
N LEU D 343 -31.55 61.86 -53.74
CA LEU D 343 -31.05 61.00 -52.68
C LEU D 343 -29.53 61.11 -52.57
N LYS D 344 -28.83 61.18 -53.70
CA LYS D 344 -27.39 61.39 -53.67
C LYS D 344 -27.05 62.71 -52.99
N SER D 345 -27.86 63.75 -53.24
CA SER D 345 -27.68 65.00 -52.51
C SER D 345 -27.96 64.82 -51.02
N GLY D 346 -28.81 63.85 -50.67
CA GLY D 346 -29.07 63.52 -49.28
C GLY D 346 -30.36 64.12 -48.74
N THR D 347 -31.43 64.07 -49.52
CA THR D 347 -32.74 64.56 -49.13
C THR D 347 -33.67 63.40 -48.86
N LEU D 348 -34.37 63.46 -47.74
CA LEU D 348 -35.46 62.53 -47.49
C LEU D 348 -36.72 63.05 -48.17
N VAL D 349 -37.35 62.21 -48.99
CA VAL D 349 -38.50 62.58 -49.79
C VAL D 349 -39.59 61.54 -49.61
N LEU D 350 -40.77 61.98 -49.20
CA LEU D 350 -41.92 61.10 -49.15
C LEU D 350 -42.50 60.93 -50.55
N ASP D 351 -43.13 59.78 -50.78
CA ASP D 351 -43.75 59.47 -52.05
C ASP D 351 -45.11 58.82 -51.81
N PHE D 352 -46.04 59.05 -52.74
CA PHE D 352 -47.40 58.53 -52.64
C PHE D 352 -47.43 57.28 -53.53
N ASP D 353 -46.85 56.20 -53.01
CA ASP D 353 -46.67 55.00 -53.82
C ASP D 353 -47.98 54.25 -54.03
N ASP D 354 -48.87 54.28 -53.05
CA ASP D 354 -50.21 53.71 -53.16
C ASP D 354 -51.14 54.70 -52.47
N GLY D 355 -52.36 54.24 -52.13
CA GLY D 355 -53.32 55.10 -51.46
C GLY D 355 -52.81 55.79 -50.20
N ASP D 356 -51.80 55.20 -49.56
CA ASP D 356 -51.12 55.80 -48.42
C ASP D 356 -49.67 56.13 -48.78
N VAL D 357 -49.14 57.16 -48.11
CA VAL D 357 -47.80 57.65 -48.41
C VAL D 357 -46.75 56.66 -47.91
N ILE D 358 -45.62 56.59 -48.63
CA ILE D 358 -44.50 55.72 -48.29
C ILE D 358 -43.20 56.49 -48.48
N ILE D 359 -42.28 56.32 -47.52
CA ILE D 359 -40.95 56.94 -47.61
C ILE D 359 -40.16 56.31 -48.75
N VAL D 360 -39.25 57.08 -49.33
CA VAL D 360 -38.44 56.60 -50.44
C VAL D 360 -37.26 55.77 -49.95
N ASP D 361 -36.56 56.22 -48.91
CA ASP D 361 -35.35 55.56 -48.44
C ASP D 361 -34.97 56.18 -47.11
N ASP D 362 -34.23 55.40 -46.30
CA ASP D 362 -33.86 55.81 -44.94
C ASP D 362 -32.47 56.43 -44.99
N VAL D 363 -32.43 57.70 -45.39
CA VAL D 363 -31.19 58.42 -45.67
C VAL D 363 -31.09 59.63 -44.77
N ASN D 364 -29.86 59.98 -44.41
CA ASN D 364 -29.53 61.15 -43.61
C ASN D 364 -28.76 62.16 -44.47
N THR D 365 -28.45 63.30 -43.87
CA THR D 365 -27.71 64.33 -44.58
C THR D 365 -26.27 63.94 -44.90
N PHE D 366 -25.76 62.86 -44.30
CA PHE D 366 -24.37 62.43 -44.51
C PHE D 366 -24.25 61.42 -45.64
N LYS D 367 -25.12 61.50 -46.65
CA LYS D 367 -24.94 60.65 -47.82
C LYS D 367 -23.62 60.98 -48.51
N LYS D 368 -23.27 62.26 -48.57
CA LYS D 368 -21.98 62.65 -49.15
C LYS D 368 -20.89 62.11 -48.24
N TYR D 369 -20.35 60.94 -48.61
CA TYR D 369 -19.28 60.26 -47.91
C TYR D 369 -17.96 60.50 -48.64
N VAL D 370 -16.87 59.98 -48.06
CA VAL D 370 -15.54 60.06 -48.63
C VAL D 370 -14.84 58.73 -48.42
N ASP D 371 -13.70 58.55 -49.11
CA ASP D 371 -13.07 57.24 -49.21
C ASP D 371 -12.62 56.74 -47.85
N ASP D 372 -12.17 57.64 -46.97
CA ASP D 372 -11.64 57.21 -45.67
C ASP D 372 -12.73 56.65 -44.76
N LYS D 373 -13.99 56.91 -45.05
CA LYS D 373 -15.13 56.36 -44.32
C LYS D 373 -15.94 55.46 -45.25
N ASN D 374 -16.80 54.64 -44.64
CA ASN D 374 -17.60 53.68 -45.37
C ASN D 374 -18.96 54.27 -45.74
N GLU D 375 -19.66 53.55 -46.62
CA GLU D 375 -20.94 54.01 -47.13
C GLU D 375 -22.10 53.68 -46.20
N ALA D 376 -21.95 52.67 -45.34
CA ALA D 376 -23.06 52.19 -44.54
C ALA D 376 -23.53 53.21 -43.50
N MET D 377 -22.69 54.17 -43.13
CA MET D 377 -23.02 55.10 -42.06
C MET D 377 -23.83 56.29 -42.55
N GLY D 378 -24.16 56.36 -43.84
CA GLY D 378 -24.97 57.44 -44.37
C GLY D 378 -26.46 57.18 -44.32
N TYR D 379 -26.90 56.28 -43.44
CA TYR D 379 -28.30 55.91 -43.29
C TYR D 379 -28.73 56.10 -41.84
N ILE D 380 -29.99 56.53 -41.66
CA ILE D 380 -30.49 56.83 -40.32
C ILE D 380 -30.43 55.60 -39.43
N SER D 381 -30.76 54.43 -39.98
CA SER D 381 -30.77 53.21 -39.18
C SER D 381 -29.39 52.93 -38.60
N ASN D 382 -28.34 53.09 -39.41
CA ASN D 382 -26.99 52.83 -38.92
C ASN D 382 -26.55 53.89 -37.91
N ILE D 383 -26.97 55.14 -38.08
CA ILE D 383 -26.66 56.17 -37.09
C ILE D 383 -27.32 55.81 -35.76
N MET D 384 -28.60 55.44 -35.79
CA MET D 384 -29.28 55.09 -34.55
C MET D 384 -28.66 53.85 -33.91
N PHE D 385 -28.21 52.91 -34.75
CA PHE D 385 -27.63 51.66 -34.26
C PHE D 385 -26.27 51.91 -33.60
N ILE D 386 -25.42 52.71 -34.24
CA ILE D 386 -24.12 53.05 -33.68
C ILE D 386 -24.31 53.90 -32.42
N ASN D 387 -25.27 54.83 -32.45
CA ASN D 387 -25.52 55.66 -31.27
C ASN D 387 -26.00 54.82 -30.11
N THR D 388 -26.89 53.85 -30.39
CA THR D 388 -27.39 52.98 -29.34
C THR D 388 -26.28 52.13 -28.75
N ILE D 389 -25.37 51.62 -29.58
CA ILE D 389 -24.23 50.87 -29.05
C ILE D 389 -23.35 51.76 -28.19
N ASN D 390 -23.02 52.95 -28.69
CA ASN D 390 -22.11 53.82 -27.96
C ASN D 390 -22.72 54.23 -26.62
N LYS D 391 -24.03 54.47 -26.60
CA LYS D 391 -24.70 54.77 -25.34
C LYS D 391 -24.71 53.55 -24.42
N ASP D 392 -25.13 52.39 -24.94
CA ASP D 392 -25.31 51.21 -24.09
C ASP D 392 -24.00 50.76 -23.47
N THR D 393 -22.93 50.73 -24.26
CA THR D 393 -21.61 50.51 -23.68
C THR D 393 -21.24 51.65 -22.74
N SER D 394 -21.61 52.90 -23.10
CA SER D 394 -21.34 54.04 -22.24
C SER D 394 -22.23 54.08 -21.01
N LEU D 395 -23.34 53.34 -20.98
CA LEU D 395 -24.12 53.20 -19.76
C LEU D 395 -23.43 52.32 -18.72
N LYS D 396 -22.39 51.58 -19.09
CA LYS D 396 -21.70 50.70 -18.17
C LYS D 396 -20.63 51.47 -17.37
N ARG D 397 -21.02 52.59 -16.74
CA ARG D 397 -20.11 53.27 -15.80
C ARG D 397 -20.66 53.37 -14.39
N LYS D 398 -21.92 53.04 -14.17
CA LYS D 398 -22.53 53.32 -12.88
C LYS D 398 -22.07 52.33 -11.81
N GLU D 399 -21.38 51.25 -12.20
CA GLU D 399 -20.86 50.23 -11.30
C GLU D 399 -19.46 49.78 -11.71
N PHE D 400 -18.80 50.52 -12.59
CA PHE D 400 -17.80 49.94 -13.48
C PHE D 400 -16.52 50.75 -13.54
N VAL D 401 -16.64 52.09 -13.50
CA VAL D 401 -15.50 53.00 -13.56
C VAL D 401 -15.28 53.57 -12.17
N GLY D 402 -14.03 53.46 -11.69
CA GLY D 402 -13.72 53.84 -10.33
C GLY D 402 -14.12 52.82 -9.29
N LYS D 403 -14.72 51.70 -9.72
CA LYS D 403 -15.23 50.69 -8.83
C LYS D 403 -14.71 49.29 -9.20
N ILE D 404 -13.81 49.19 -10.18
CA ILE D 404 -13.23 47.94 -10.64
C ILE D 404 -11.71 48.10 -10.69
N PHE D 405 -11.00 46.99 -10.53
CA PHE D 405 -9.55 46.98 -10.62
C PHE D 405 -9.11 46.86 -12.08
N ASN D 406 -7.82 47.11 -12.33
CA ASN D 406 -7.25 47.11 -13.67
C ASN D 406 -6.27 45.95 -13.84
N ASP D 407 -6.65 44.79 -13.34
CA ASP D 407 -5.90 43.55 -13.50
C ASP D 407 -6.63 42.63 -14.48
N ALA D 408 -6.06 41.44 -14.70
CA ALA D 408 -6.64 40.50 -15.64
C ALA D 408 -8.05 40.10 -15.24
N THR D 409 -8.31 39.95 -13.95
CA THR D 409 -9.65 39.59 -13.49
C THR D 409 -10.64 40.69 -13.85
N GLY D 410 -10.30 41.94 -13.55
CA GLY D 410 -11.21 43.03 -13.84
C GLY D 410 -11.44 43.19 -15.34
N GLN D 411 -10.37 43.12 -16.13
CA GLN D 411 -10.52 43.23 -17.57
C GLN D 411 -11.37 42.10 -18.14
N THR D 412 -11.21 40.89 -17.61
CA THR D 412 -12.02 39.79 -18.09
C THR D 412 -13.48 39.96 -17.70
N THR D 413 -13.75 40.51 -16.51
CA THR D 413 -15.14 40.82 -16.17
C THR D 413 -15.70 41.89 -17.10
N VAL D 414 -14.87 42.86 -17.48
CA VAL D 414 -15.30 43.89 -18.42
C VAL D 414 -15.71 43.26 -19.74
N ILE D 415 -14.83 42.42 -20.28
CA ILE D 415 -15.11 41.80 -21.58
C ILE D 415 -16.31 40.88 -21.47
N CYS D 416 -16.49 40.22 -20.32
CA CYS D 416 -17.66 39.38 -20.13
C CYS D 416 -18.94 40.21 -20.16
N ALA D 417 -18.94 41.37 -19.50
CA ALA D 417 -20.13 42.21 -19.49
C ALA D 417 -20.45 42.74 -20.89
N LEU D 418 -19.42 43.20 -21.61
CA LEU D 418 -19.64 43.73 -22.94
C LEU D 418 -20.11 42.63 -23.89
N LYS D 419 -19.51 41.44 -23.77
CA LYS D 419 -19.96 40.30 -24.56
C LYS D 419 -21.40 39.93 -24.21
N LYS D 420 -21.77 40.04 -22.93
CA LYS D 420 -23.15 39.78 -22.54
C LYS D 420 -24.09 40.74 -23.23
N TYR D 421 -23.73 42.03 -23.26
CA TYR D 421 -24.60 43.00 -23.92
C TYR D 421 -24.71 42.70 -25.42
N PHE D 422 -23.60 42.34 -26.06
CA PHE D 422 -23.66 42.02 -27.49
C PHE D 422 -24.46 40.75 -27.74
N GLU D 423 -24.34 39.75 -26.86
CA GLU D 423 -25.07 38.50 -27.04
C GLU D 423 -26.57 38.71 -26.86
N GLU D 424 -26.97 39.50 -25.86
CA GLU D 424 -28.38 39.84 -25.75
C GLU D 424 -28.84 40.67 -26.93
N LEU D 425 -27.96 41.52 -27.47
CA LEU D 425 -28.30 42.27 -28.67
C LEU D 425 -28.45 41.34 -29.86
N MET D 426 -27.57 40.34 -29.96
CA MET D 426 -27.69 39.35 -31.02
C MET D 426 -28.97 38.53 -30.89
N SER D 427 -29.52 38.44 -29.67
CA SER D 427 -30.71 37.64 -29.46
C SER D 427 -31.92 38.19 -30.21
N GLN D 428 -31.98 39.51 -30.42
CA GLN D 428 -33.06 40.08 -31.21
C GLN D 428 -32.83 39.96 -32.70
N GLY D 429 -31.75 39.33 -33.13
CA GLY D 429 -31.45 39.20 -34.54
C GLY D 429 -30.86 40.44 -35.19
N ILE D 430 -30.47 41.44 -34.39
CA ILE D 430 -29.93 42.67 -34.94
C ILE D 430 -28.58 42.43 -35.59
N ILE D 431 -27.83 41.44 -35.11
CA ILE D 431 -26.47 41.17 -35.55
C ILE D 431 -26.36 39.71 -35.94
N SER D 432 -25.54 39.44 -36.97
CA SER D 432 -25.28 38.07 -37.39
C SER D 432 -24.07 37.47 -36.68
N GLU D 433 -23.03 38.27 -36.46
CA GLU D 433 -21.85 37.82 -35.75
C GLU D 433 -21.18 39.01 -35.09
N PHE D 434 -20.43 38.75 -34.02
CA PHE D 434 -19.75 39.81 -33.30
C PHE D 434 -18.48 39.27 -32.69
N ASN D 435 -17.61 40.20 -32.27
CA ASN D 435 -16.38 39.88 -31.57
C ASN D 435 -16.12 41.00 -30.58
N VAL D 436 -15.67 40.62 -29.37
CA VAL D 436 -15.26 41.58 -28.36
C VAL D 436 -14.05 41.01 -27.62
N ASP D 437 -12.94 41.72 -27.66
CA ASP D 437 -11.66 41.24 -27.15
C ASP D 437 -10.84 42.45 -26.69
N ILE D 438 -9.68 42.18 -26.11
CA ILE D 438 -8.76 43.22 -25.67
C ILE D 438 -8.04 43.78 -26.89
N ASP D 439 -7.79 45.09 -26.88
CA ASP D 439 -7.04 45.75 -27.96
C ASP D 439 -5.56 45.69 -27.60
N THR D 440 -4.94 44.56 -27.95
CA THR D 440 -3.58 44.25 -27.49
C THR D 440 -2.57 45.27 -28.02
N GLU D 441 -2.71 45.68 -29.29
CA GLU D 441 -1.77 46.60 -29.90
C GLU D 441 -1.65 47.88 -29.10
N LEU D 442 -2.78 48.50 -28.77
CA LEU D 442 -2.76 49.70 -27.98
C LEU D 442 -2.51 49.40 -26.51
N GLN D 443 -3.04 48.27 -26.00
CA GLN D 443 -2.93 47.97 -24.57
C GLN D 443 -1.49 47.76 -24.15
N ALA D 444 -0.64 47.32 -25.08
CA ALA D 444 0.78 47.18 -24.75
C ALA D 444 1.39 48.52 -24.35
N THR D 445 1.03 49.59 -25.06
CA THR D 445 1.51 50.93 -24.77
C THR D 445 0.64 51.68 -23.78
N ALA D 446 -0.36 51.02 -23.20
CA ALA D 446 -1.29 51.70 -22.31
C ALA D 446 -0.60 52.16 -21.02
N LYS D 447 -1.16 53.24 -20.46
CA LYS D 447 -0.84 53.63 -19.09
C LYS D 447 -1.59 52.69 -18.13
N ALA D 448 -1.14 52.69 -16.87
CA ALA D 448 -1.66 51.75 -15.88
C ALA D 448 -3.18 51.88 -15.71
N ASP D 449 -3.69 53.11 -15.73
CA ASP D 449 -5.13 53.32 -15.52
C ASP D 449 -5.94 52.98 -16.76
N GLU D 450 -5.37 53.20 -17.94
CA GLU D 450 -6.12 53.03 -19.18
C GLU D 450 -6.41 51.56 -19.43
N PHE D 451 -7.61 51.28 -19.94
CA PHE D 451 -8.00 49.97 -20.45
C PHE D 451 -8.50 50.14 -21.87
N TYR D 452 -8.02 49.30 -22.79
CA TYR D 452 -8.31 49.47 -24.21
C TYR D 452 -8.97 48.19 -24.70
N TRP D 453 -10.08 48.31 -25.43
CA TRP D 453 -10.73 47.16 -26.03
C TRP D 453 -11.22 47.51 -27.43
N LYS D 454 -11.62 46.48 -28.16
CA LYS D 454 -12.11 46.62 -29.52
C LYS D 454 -13.27 45.66 -29.73
N TRP D 455 -14.13 45.98 -30.69
CA TRP D 455 -15.27 45.14 -31.02
C TRP D 455 -15.56 45.18 -32.51
N ASP D 456 -16.13 44.09 -33.01
CA ASP D 456 -16.57 43.95 -34.38
C ASP D 456 -18.03 43.53 -34.36
N ALA D 457 -18.74 43.85 -35.44
CA ALA D 457 -20.11 43.37 -35.60
C ALA D 457 -20.45 43.35 -37.07
N VAL D 458 -21.48 42.56 -37.40
CA VAL D 458 -22.00 42.47 -38.76
C VAL D 458 -23.51 42.56 -38.69
N LYS D 459 -24.06 43.72 -39.06
CA LYS D 459 -25.51 43.88 -39.05
C LYS D 459 -26.16 42.93 -40.04
N VAL D 460 -27.32 42.41 -39.67
CA VAL D 460 -28.07 41.51 -40.54
C VAL D 460 -28.59 42.29 -41.73
N ASP D 461 -28.50 41.67 -42.91
CA ASP D 461 -28.94 42.32 -44.13
C ASP D 461 -30.46 42.35 -44.20
N VAL D 462 -30.99 43.44 -44.76
CA VAL D 462 -32.42 43.65 -44.95
C VAL D 462 -32.65 43.87 -46.43
N MET D 463 -33.59 43.13 -47.00
CA MET D 463 -33.92 43.30 -48.41
C MET D 463 -34.41 44.72 -48.69
N LYS D 464 -33.81 45.37 -49.67
CA LYS D 464 -34.26 46.64 -50.19
C LYS D 464 -34.55 46.61 -51.68
N LYS D 465 -33.68 45.96 -52.46
CA LYS D 465 -33.80 45.89 -53.91
C LYS D 465 -34.06 44.44 -54.32
N ILE D 466 -35.08 44.25 -55.14
CA ILE D 466 -35.54 42.93 -55.58
C ILE D 466 -35.79 43.02 -57.07
N TYR D 467 -35.17 42.13 -57.85
CA TYR D 467 -35.31 42.16 -59.31
C TYR D 467 -35.87 40.82 -59.76
N GLY D 468 -36.93 40.87 -60.57
CA GLY D 468 -37.55 39.68 -61.12
C GLY D 468 -37.45 39.61 -62.63
N THR D 469 -36.90 38.51 -63.15
CA THR D 469 -36.72 38.31 -64.58
C THR D 469 -37.85 37.43 -65.10
N GLY D 470 -38.72 38.01 -65.92
CA GLY D 470 -39.87 37.30 -66.43
C GLY D 470 -39.60 36.59 -67.74
N TYR D 471 -40.43 35.57 -67.99
CA TYR D 471 -40.39 34.81 -69.24
C TYR D 471 -41.80 34.33 -69.54
N LEU D 472 -42.05 33.95 -70.79
CA LEU D 472 -43.38 33.52 -71.21
C LEU D 472 -43.33 32.50 -72.34
N ILE E 7 2.62 -32.79 -3.02
CA ILE E 7 3.88 -33.44 -2.58
C ILE E 7 4.97 -33.21 -3.62
N GLU E 8 4.76 -33.75 -4.82
CA GLU E 8 5.82 -33.81 -5.82
C GLU E 8 6.12 -32.40 -6.35
N GLU E 9 7.35 -31.94 -6.10
CA GLU E 9 7.80 -30.65 -6.61
C GLU E 9 7.79 -30.62 -8.15
N ALA E 10 8.07 -31.76 -8.78
CA ALA E 10 8.30 -31.75 -10.22
C ALA E 10 7.03 -31.56 -11.03
N SER E 11 5.86 -31.78 -10.43
CA SER E 11 4.62 -31.70 -11.18
C SER E 11 4.28 -30.26 -11.57
N PHE E 12 4.71 -29.29 -10.78
CA PHE E 12 4.40 -27.91 -11.07
C PHE E 12 5.09 -27.43 -12.35
N LEU E 13 4.39 -26.59 -13.09
CA LEU E 13 4.83 -26.09 -14.39
C LEU E 13 4.95 -24.58 -14.32
N ASN E 14 6.11 -24.07 -14.69
CA ASN E 14 6.38 -22.64 -14.66
C ASN E 14 6.00 -22.02 -15.99
N GLY E 15 5.79 -20.70 -15.96
CA GLY E 15 5.53 -19.98 -17.18
C GLY E 15 6.70 -19.97 -18.14
N SER E 16 7.91 -20.18 -17.63
CA SER E 16 9.12 -20.17 -18.45
C SER E 16 9.21 -21.34 -19.41
N ASP E 17 8.41 -22.40 -19.22
CA ASP E 17 8.43 -23.57 -20.07
C ASP E 17 7.40 -23.48 -21.19
N VAL E 18 7.18 -22.27 -21.71
CA VAL E 18 6.08 -21.96 -22.61
C VAL E 18 6.65 -21.51 -23.94
N VAL E 19 6.10 -22.04 -25.03
CA VAL E 19 6.41 -21.59 -26.38
C VAL E 19 5.10 -21.45 -27.14
N ILE E 20 4.92 -20.31 -27.80
CA ILE E 20 3.68 -19.96 -28.48
C ILE E 20 3.96 -19.80 -29.97
N LEU E 21 3.09 -20.38 -30.79
CA LEU E 21 3.18 -20.30 -32.25
C LEU E 21 1.92 -19.61 -32.76
N ILE E 22 2.09 -18.47 -33.41
CA ILE E 22 1.00 -17.74 -34.05
C ILE E 22 1.10 -17.99 -35.54
N ASP E 23 0.14 -18.74 -36.08
CA ASP E 23 0.12 -19.07 -37.51
C ASP E 23 1.40 -19.79 -37.91
N GLY E 24 1.90 -20.65 -37.03
CA GLY E 24 3.02 -21.52 -37.33
C GLY E 24 4.40 -20.96 -37.06
N VAL E 25 4.51 -19.67 -36.73
CA VAL E 25 5.79 -19.02 -36.45
C VAL E 25 5.82 -18.68 -34.96
N GLU E 26 6.95 -18.98 -34.32
CA GLU E 26 7.05 -18.85 -32.88
C GLU E 26 7.00 -17.37 -32.46
N GLU E 27 6.30 -17.12 -31.36
CA GLU E 27 6.19 -15.79 -30.77
C GLU E 27 7.00 -15.79 -29.48
N LEU E 28 7.98 -14.91 -29.39
CA LEU E 28 8.97 -14.93 -28.33
C LEU E 28 8.76 -13.86 -27.27
N TYR E 29 8.10 -12.75 -27.61
CA TYR E 29 8.00 -11.57 -26.76
C TYR E 29 6.65 -11.45 -26.09
N MET E 30 6.07 -12.57 -25.66
CA MET E 30 4.78 -12.60 -25.00
C MET E 30 4.94 -12.65 -23.48
N GLU E 31 4.03 -11.98 -22.78
CA GLU E 31 4.04 -11.88 -21.34
C GLU E 31 3.04 -12.81 -20.68
N GLU E 32 1.85 -12.94 -21.25
CA GLU E 32 0.87 -13.88 -20.73
C GLU E 32 -0.13 -14.23 -21.82
N ILE E 33 -0.82 -15.35 -21.61
CA ILE E 33 -1.80 -15.87 -22.55
C ILE E 33 -2.94 -16.52 -21.76
N LYS E 34 -4.15 -16.41 -22.31
CA LYS E 34 -5.34 -16.97 -21.71
C LYS E 34 -6.20 -17.57 -22.82
N ALA E 35 -6.91 -18.64 -22.50
CA ALA E 35 -7.87 -19.22 -23.43
C ALA E 35 -8.90 -20.01 -22.65
N ASP E 36 -10.17 -19.75 -22.91
CA ASP E 36 -11.28 -20.41 -22.26
C ASP E 36 -12.29 -20.85 -23.31
N PHE E 37 -12.95 -21.97 -23.03
CA PHE E 37 -13.98 -22.55 -23.89
C PHE E 37 -15.26 -22.60 -23.06
N GLU E 38 -16.16 -21.65 -23.31
CA GLU E 38 -17.25 -21.32 -22.39
C GLU E 38 -18.57 -21.87 -22.88
N GLN E 39 -19.37 -22.38 -21.94
CA GLN E 39 -20.74 -22.80 -22.23
C GLN E 39 -21.67 -21.61 -22.36
N ASP E 40 -22.73 -21.80 -23.15
CA ASP E 40 -23.96 -21.04 -23.00
C ASP E 40 -24.98 -21.89 -22.23
N GLU E 41 -24.66 -22.10 -20.95
CA GLU E 41 -25.38 -23.09 -20.15
C GLU E 41 -26.86 -22.77 -20.07
N GLN E 42 -27.68 -23.79 -20.30
CA GLN E 42 -29.12 -23.66 -20.35
C GLN E 42 -29.72 -24.10 -19.02
N SER E 43 -30.45 -23.20 -18.38
CA SER E 43 -31.09 -23.48 -17.10
C SER E 43 -32.52 -23.95 -17.36
N ILE E 44 -32.90 -25.02 -16.67
CA ILE E 44 -34.21 -25.65 -16.81
C ILE E 44 -34.85 -25.74 -15.44
N LYS E 45 -36.10 -25.29 -15.35
CA LYS E 45 -36.92 -25.44 -14.16
C LYS E 45 -38.13 -26.28 -14.53
N LEU E 46 -38.42 -27.28 -13.70
CA LEU E 46 -39.52 -28.20 -13.92
C LEU E 46 -40.57 -28.05 -12.83
N LEU E 47 -41.80 -28.42 -13.18
CA LEU E 47 -42.92 -28.21 -12.28
C LEU E 47 -42.86 -29.14 -11.08
N GLY E 48 -42.50 -30.40 -11.29
CA GLY E 48 -42.47 -31.33 -10.18
C GLY E 48 -41.20 -31.32 -9.35
N CYS E 49 -40.19 -30.56 -9.76
CA CYS E 49 -38.86 -30.63 -9.18
C CYS E 49 -38.45 -29.25 -8.66
N GLN E 50 -37.69 -29.25 -7.57
CA GLN E 50 -37.39 -28.03 -6.83
C GLN E 50 -35.92 -27.61 -6.94
N ASN E 51 -35.20 -28.08 -7.96
CA ASN E 51 -33.86 -27.59 -8.25
C ASN E 51 -33.71 -27.41 -9.74
N GLU E 52 -32.86 -26.46 -10.12
CA GLU E 52 -32.63 -26.18 -11.53
C GLU E 52 -31.81 -27.29 -12.18
N ILE E 53 -32.16 -27.62 -13.42
CA ILE E 53 -31.41 -28.55 -14.24
C ILE E 53 -30.62 -27.76 -15.26
N SER E 54 -29.32 -28.04 -15.34
CA SER E 54 -28.39 -27.36 -16.22
C SER E 54 -27.97 -28.28 -17.35
N ARG E 55 -27.96 -27.75 -18.57
CA ARG E 55 -27.60 -28.49 -19.77
C ARG E 55 -26.57 -27.71 -20.57
N VAL E 56 -25.81 -28.42 -21.38
CA VAL E 56 -24.74 -27.82 -22.16
C VAL E 56 -25.36 -27.10 -23.36
N GLY E 57 -24.98 -25.84 -23.52
CA GLY E 57 -25.35 -25.05 -24.68
C GLY E 57 -24.22 -24.98 -25.67
N THR E 58 -24.32 -24.01 -26.57
CA THR E 58 -23.29 -23.81 -27.58
C THR E 58 -21.99 -23.34 -26.93
N THR E 59 -20.88 -23.83 -27.45
CA THR E 59 -19.57 -23.53 -26.93
C THR E 59 -18.90 -22.43 -27.74
N LYS E 60 -18.33 -21.46 -27.04
CA LYS E 60 -17.56 -20.39 -27.66
C LYS E 60 -16.19 -20.34 -27.00
N GLY E 61 -15.19 -19.98 -27.81
CA GLY E 61 -13.82 -19.81 -27.34
C GLY E 61 -13.47 -18.33 -27.27
N SER E 62 -12.75 -17.97 -26.21
CA SER E 62 -12.22 -16.61 -26.04
C SER E 62 -10.78 -16.71 -25.57
N PHE E 63 -9.92 -15.90 -26.17
CA PHE E 63 -8.50 -15.84 -25.81
C PHE E 63 -8.09 -14.40 -25.59
N SER E 64 -7.08 -14.22 -24.76
CA SER E 64 -6.35 -12.97 -24.65
C SER E 64 -4.87 -13.27 -24.65
N LEU E 65 -4.09 -12.29 -25.09
CA LEU E 65 -2.69 -12.52 -25.44
C LEU E 65 -1.94 -11.21 -25.29
N ASN E 66 -1.22 -11.07 -24.18
CA ASN E 66 -0.50 -9.84 -23.85
C ASN E 66 0.99 -10.07 -24.05
N GLY E 67 1.66 -9.05 -24.58
CA GLY E 67 3.07 -9.16 -24.87
C GLY E 67 3.73 -7.83 -25.08
N TYR E 68 4.94 -7.89 -25.61
CA TYR E 68 5.77 -6.73 -25.89
C TYR E 68 5.86 -6.52 -27.40
N LYS E 69 5.70 -5.28 -27.82
CA LYS E 69 5.65 -4.96 -29.23
C LYS E 69 7.06 -4.96 -29.81
N THR E 70 7.24 -5.73 -30.88
CA THR E 70 8.47 -5.74 -31.66
C THR E 70 8.23 -5.62 -33.16
N ASP E 71 6.99 -5.68 -33.61
CA ASP E 71 6.66 -5.56 -35.01
C ASP E 71 5.18 -5.20 -35.11
N SER E 72 4.72 -4.97 -36.33
CA SER E 72 3.32 -4.70 -36.64
C SER E 72 2.61 -5.96 -37.08
N LYS E 73 2.95 -7.10 -36.47
CA LYS E 73 2.41 -8.39 -36.90
C LYS E 73 0.88 -8.41 -36.80
N PHE E 74 0.35 -7.94 -35.68
CA PHE E 74 -1.09 -8.02 -35.46
C PHE E 74 -1.84 -6.99 -36.30
N ALA E 75 -1.21 -5.84 -36.58
CA ALA E 75 -1.84 -4.85 -37.44
C ALA E 75 -1.95 -5.34 -38.87
N LYS E 76 -0.87 -5.94 -39.40
CA LYS E 76 -0.97 -6.60 -40.70
C LYS E 76 -1.95 -7.76 -40.66
N LEU E 77 -1.95 -8.53 -39.57
CA LEU E 77 -2.81 -9.70 -39.47
C LEU E 77 -4.27 -9.33 -39.59
N GLY E 78 -4.63 -8.13 -39.14
CA GLY E 78 -5.99 -7.66 -39.29
C GLY E 78 -6.96 -8.57 -38.58
N PHE E 79 -8.11 -8.80 -39.21
CA PHE E 79 -9.15 -9.65 -38.68
C PHE E 79 -9.20 -11.01 -39.38
N ARG E 80 -8.13 -11.37 -40.08
CA ARG E 80 -8.06 -12.70 -40.69
C ARG E 80 -8.02 -13.78 -39.62
N SER E 81 -8.50 -14.96 -40.00
CA SER E 81 -8.46 -16.11 -39.10
C SER E 81 -7.05 -16.67 -39.04
N PHE E 82 -6.63 -17.07 -37.84
CA PHE E 82 -5.32 -17.67 -37.62
C PHE E 82 -5.46 -18.74 -36.55
N GLU E 83 -4.37 -19.45 -36.30
CA GLU E 83 -4.31 -20.51 -35.31
C GLU E 83 -3.24 -20.17 -34.27
N ILE E 84 -3.46 -20.68 -33.06
CA ILE E 84 -2.53 -20.56 -31.95
C ILE E 84 -2.24 -21.96 -31.45
N ILE E 85 -0.96 -22.35 -31.48
CA ILE E 85 -0.50 -23.59 -30.88
C ILE E 85 0.27 -23.23 -29.63
N TYR E 86 -0.19 -23.74 -28.49
CA TYR E 86 0.37 -23.46 -27.19
C TYR E 86 0.94 -24.73 -26.59
N ASN E 87 2.25 -24.72 -26.33
CA ASN E 87 2.94 -25.85 -25.74
C ASN E 87 3.47 -25.46 -24.37
N LEU E 88 3.11 -26.24 -23.36
CA LEU E 88 3.60 -26.08 -21.99
C LEU E 88 4.32 -27.37 -21.63
N SER E 89 5.63 -27.29 -21.44
CA SER E 89 6.47 -28.44 -21.20
C SER E 89 6.90 -28.51 -19.74
N ASN E 90 7.17 -29.73 -19.29
CA ASN E 90 7.84 -29.98 -18.03
C ASN E 90 9.32 -30.22 -18.29
N SER E 91 10.15 -29.78 -17.35
CA SER E 91 11.58 -29.95 -17.41
C SER E 91 12.07 -31.12 -16.55
N GLU E 92 11.65 -31.16 -15.29
CA GLU E 92 12.05 -32.25 -14.41
C GLU E 92 11.49 -33.58 -14.91
N THR E 93 10.25 -33.56 -15.39
CA THR E 93 9.67 -34.63 -16.18
C THR E 93 9.76 -34.24 -17.66
N LEU E 94 9.64 -35.24 -18.53
CA LEU E 94 9.71 -35.00 -19.97
C LEU E 94 8.34 -34.80 -20.60
N GLY E 95 7.27 -34.83 -19.83
CA GLY E 95 5.95 -34.66 -20.38
C GLY E 95 5.66 -33.22 -20.78
N TYR E 96 4.70 -33.07 -21.67
CA TYR E 96 4.31 -31.75 -22.14
C TYR E 96 2.87 -31.79 -22.65
N GLU E 97 2.26 -30.61 -22.61
CA GLU E 97 0.91 -30.38 -23.12
C GLU E 97 1.01 -29.50 -24.36
N SER E 98 0.17 -29.79 -25.34
CA SER E 98 0.09 -28.98 -26.55
C SER E 98 -1.38 -28.78 -26.90
N ILE E 99 -1.77 -27.52 -27.10
CA ILE E 99 -3.15 -27.15 -27.38
C ILE E 99 -3.14 -26.27 -28.62
N ARG E 100 -4.00 -26.59 -29.58
CA ARG E 100 -4.14 -25.87 -30.83
C ARG E 100 -5.51 -25.21 -30.84
N LEU E 101 -5.51 -23.88 -30.81
CA LEU E 101 -6.74 -23.10 -30.97
C LEU E 101 -6.95 -22.78 -32.44
N LYS E 102 -8.13 -23.11 -32.95
CA LYS E 102 -8.45 -23.03 -34.37
C LYS E 102 -9.40 -21.87 -34.65
N ASN E 103 -9.26 -21.30 -35.85
CA ASN E 103 -10.11 -20.21 -36.32
C ASN E 103 -10.08 -19.04 -35.34
N CYS E 104 -8.90 -18.75 -34.81
CA CYS E 104 -8.74 -17.62 -33.92
C CYS E 104 -8.84 -16.32 -34.71
N ARG E 105 -9.51 -15.33 -34.13
CA ARG E 105 -9.77 -14.09 -34.81
C ARG E 105 -9.78 -12.96 -33.78
N LEU E 106 -9.12 -11.86 -34.11
CA LEU E 106 -8.98 -10.75 -33.18
C LEU E 106 -10.27 -9.96 -33.08
N LYS E 107 -10.62 -9.58 -31.86
CA LYS E 107 -11.76 -8.70 -31.64
C LYS E 107 -11.41 -7.26 -31.96
N LYS E 108 -10.19 -6.84 -31.66
CA LYS E 108 -9.73 -5.49 -31.95
C LYS E 108 -8.25 -5.52 -32.28
N LEU E 109 -7.83 -4.53 -33.07
CA LEU E 109 -6.45 -4.40 -33.51
C LEU E 109 -5.68 -3.50 -32.56
N PRO E 110 -4.54 -3.92 -31.99
CA PRO E 110 -3.79 -2.99 -31.13
C PRO E 110 -2.91 -2.06 -31.96
N LEU E 111 -3.52 -1.05 -32.56
CA LEU E 111 -2.78 -0.17 -33.45
C LEU E 111 -1.73 0.62 -32.70
N ILE E 112 -2.12 1.26 -31.60
CA ILE E 112 -1.24 2.15 -30.83
C ILE E 112 -1.46 1.86 -29.36
N ASN E 113 -0.35 1.66 -28.63
CA ASN E 113 -0.42 1.58 -27.17
C ASN E 113 0.99 1.91 -26.66
N SER E 114 1.18 3.14 -26.20
CA SER E 114 2.47 3.57 -25.69
C SER E 114 2.27 4.56 -24.56
N LYS E 115 3.16 4.50 -23.58
CA LYS E 115 3.17 5.38 -22.43
C LYS E 115 4.52 6.08 -22.37
N ALA E 116 4.62 7.07 -21.49
CA ALA E 116 5.69 8.06 -21.57
C ALA E 116 7.08 7.43 -21.45
N GLY E 117 7.29 6.60 -20.44
CA GLY E 117 8.59 6.05 -20.15
C GLY E 117 8.62 4.56 -19.95
N GLU E 118 7.60 3.86 -20.44
CA GLU E 118 7.48 2.42 -20.31
C GLU E 118 7.74 1.74 -21.64
N ILE E 119 8.02 0.44 -21.56
CA ILE E 119 8.24 -0.36 -22.76
C ILE E 119 6.92 -0.57 -23.47
N VAL E 120 6.94 -0.44 -24.78
CA VAL E 120 5.73 -0.54 -25.57
C VAL E 120 5.21 -1.97 -25.50
N LYS E 121 4.00 -2.14 -24.98
CA LYS E 121 3.35 -3.42 -24.85
C LYS E 121 2.19 -3.53 -25.84
N ILE E 122 1.85 -4.77 -26.16
CA ILE E 122 0.75 -5.08 -27.07
C ILE E 122 -0.15 -6.10 -26.38
N GLU E 123 -1.45 -5.83 -26.38
CA GLU E 123 -2.44 -6.71 -25.79
C GLU E 123 -3.58 -6.89 -26.79
N VAL E 124 -3.94 -8.15 -27.05
CA VAL E 124 -5.01 -8.49 -27.97
C VAL E 124 -5.95 -9.49 -27.31
N GLU E 125 -7.17 -9.51 -27.82
CA GLU E 125 -8.19 -10.44 -27.39
C GLU E 125 -8.96 -10.88 -28.63
N GLY E 126 -9.64 -12.01 -28.51
CA GLY E 126 -10.36 -12.55 -29.65
C GLY E 126 -11.13 -13.78 -29.27
N SER E 127 -11.61 -14.47 -30.31
CA SER E 127 -12.42 -15.66 -30.16
C SER E 127 -11.90 -16.75 -31.08
N PHE E 128 -12.12 -18.00 -30.67
CA PHE E 128 -11.78 -19.16 -31.47
C PHE E 128 -12.92 -20.15 -31.45
N ARG E 129 -13.01 -20.96 -32.50
CA ARG E 129 -14.14 -21.88 -32.68
C ARG E 129 -13.99 -23.10 -31.79
N GLY E 130 -12.89 -23.83 -31.95
CA GLY E 130 -12.65 -25.06 -31.22
C GLY E 130 -11.19 -25.24 -30.93
N TYR E 131 -10.88 -26.35 -30.26
CA TYR E 131 -9.53 -26.64 -29.82
C TYR E 131 -9.21 -28.11 -30.07
N ASP E 132 -7.94 -28.39 -30.29
CA ASP E 132 -7.41 -29.74 -30.37
C ASP E 132 -6.35 -29.91 -29.29
N LEU E 133 -6.56 -30.90 -28.43
CA LEU E 133 -5.58 -31.23 -27.38
C LEU E 133 -4.59 -32.21 -27.98
N LEU E 134 -3.55 -31.65 -28.62
CA LEU E 134 -2.61 -32.46 -29.37
C LEU E 134 -1.82 -33.40 -28.46
N ASN E 135 -1.36 -32.89 -27.32
CA ASN E 135 -0.55 -33.66 -26.39
C ASN E 135 -0.91 -33.24 -24.98
N GLU E 136 -0.34 -33.92 -24.00
CA GLU E 136 -0.81 -33.80 -22.63
C GLU E 136 0.13 -34.47 -21.62
N GLU F 13 -28.96 52.13 -57.10
CA GLU F 13 -30.41 51.97 -57.38
C GLU F 13 -31.24 52.32 -56.14
N ILE F 14 -32.56 52.18 -56.26
CA ILE F 14 -33.51 52.59 -55.24
C ILE F 14 -34.23 51.32 -54.77
N PRO F 15 -34.67 51.22 -53.51
CA PRO F 15 -35.43 50.03 -53.10
C PRO F 15 -36.71 49.84 -53.90
N GLY F 16 -36.99 48.59 -54.25
CA GLY F 16 -38.27 48.20 -54.83
C GLY F 16 -38.13 47.06 -55.82
N PHE F 17 -39.29 46.50 -56.19
CA PHE F 17 -39.34 45.55 -57.30
C PHE F 17 -39.01 46.23 -58.62
N TYR F 18 -38.31 45.48 -59.47
CA TYR F 18 -37.98 45.91 -60.83
C TYR F 18 -38.16 44.68 -61.73
N ASN F 19 -39.40 44.46 -62.16
CA ASN F 19 -39.73 43.34 -63.02
C ASN F 19 -39.34 43.70 -64.45
N ARG F 20 -38.44 42.93 -65.04
CA ARG F 20 -37.93 43.20 -66.39
C ARG F 20 -37.84 41.88 -67.14
N PHE F 21 -38.80 41.67 -68.04
CA PHE F 21 -38.79 40.52 -68.94
C PHE F 21 -37.51 40.52 -69.76
N LYS F 22 -36.91 39.33 -69.89
CA LYS F 22 -35.78 39.09 -70.77
C LYS F 22 -36.19 38.07 -71.83
N THR F 23 -35.79 38.32 -73.07
CA THR F 23 -36.16 37.45 -74.17
C THR F 23 -35.53 36.07 -73.98
N GLN F 24 -36.26 35.04 -74.41
CA GLN F 24 -35.79 33.67 -74.25
C GLN F 24 -34.58 33.35 -75.11
N ALA F 25 -34.31 34.15 -76.15
CA ALA F 25 -33.15 33.88 -77.00
C ALA F 25 -31.84 34.04 -76.24
N GLU F 26 -31.83 34.79 -75.14
CA GLU F 26 -30.61 35.10 -74.40
C GLU F 26 -30.33 34.05 -73.32
N LYS F 27 -30.16 32.81 -73.76
CA LYS F 27 -29.86 31.72 -72.83
C LYS F 27 -28.37 31.63 -72.58
N SER F 28 -27.99 31.40 -71.33
CA SER F 28 -26.60 31.15 -71.00
C SER F 28 -26.20 29.75 -71.41
N THR F 29 -24.89 29.54 -71.54
CA THR F 29 -24.36 28.25 -71.96
C THR F 29 -24.57 27.22 -70.85
N ASN F 30 -24.15 25.98 -71.13
CA ASN F 30 -24.33 24.88 -70.20
C ASN F 30 -23.47 25.08 -68.95
N THR F 31 -23.58 24.14 -68.02
CA THR F 31 -22.84 24.16 -66.77
C THR F 31 -21.81 23.03 -66.65
N GLY F 32 -22.02 21.92 -67.34
CA GLY F 32 -21.09 20.80 -67.26
C GLY F 32 -19.86 21.00 -68.13
N LEU F 33 -18.98 21.91 -67.70
CA LEU F 33 -17.78 22.26 -68.44
C LEU F 33 -16.57 22.17 -67.51
N LYS F 34 -15.41 21.87 -68.11
CA LYS F 34 -14.18 21.67 -67.37
C LYS F 34 -13.00 21.96 -68.28
N GLY F 35 -11.85 22.23 -67.67
CA GLY F 35 -10.59 22.28 -68.38
C GLY F 35 -10.29 23.64 -69.00
N ARG F 36 -9.03 23.78 -69.42
CA ARG F 36 -8.50 25.01 -69.99
C ARG F 36 -7.83 24.72 -71.33
N LEU F 37 -8.06 25.62 -72.30
CA LEU F 37 -7.57 25.45 -73.66
C LEU F 37 -6.95 26.75 -74.16
N ALA F 38 -5.92 26.60 -74.98
CA ALA F 38 -5.25 27.72 -75.66
C ALA F 38 -5.72 27.81 -77.10
N MET F 39 -5.65 29.02 -77.64
CA MET F 39 -6.20 29.31 -78.96
C MET F 39 -5.52 30.52 -79.61
N PRO F 40 -4.49 30.32 -80.46
CA PRO F 40 -3.92 31.48 -81.19
C PRO F 40 -4.81 31.92 -82.36
N ILE F 41 -5.90 32.59 -82.00
CA ILE F 41 -6.94 32.90 -82.99
C ILE F 41 -6.44 33.93 -83.98
N ARG F 42 -6.68 33.66 -85.27
CA ARG F 42 -6.44 34.62 -86.36
C ARG F 42 -7.70 35.46 -86.51
N ALA F 43 -7.80 36.50 -85.69
CA ALA F 43 -8.99 37.35 -85.65
C ALA F 43 -8.76 38.58 -86.52
N ASN F 44 -9.72 38.85 -87.42
CA ASN F 44 -9.73 40.13 -88.12
C ASN F 44 -9.78 41.28 -87.12
N TRP F 45 -10.55 41.12 -86.05
CA TRP F 45 -10.69 42.11 -84.99
C TRP F 45 -10.54 41.42 -83.65
N GLY F 46 -9.95 42.13 -82.69
CA GLY F 46 -9.79 41.61 -81.35
C GLY F 46 -8.57 42.17 -80.68
N ASP F 47 -8.23 41.55 -79.54
CA ASP F 47 -7.19 42.05 -78.65
C ASP F 47 -5.83 41.53 -79.09
N VAL F 48 -4.95 42.43 -79.51
CA VAL F 48 -3.64 42.08 -80.05
C VAL F 48 -2.59 42.26 -78.97
N GLY F 49 -1.68 41.30 -78.85
CA GLY F 49 -0.60 41.37 -77.89
C GLY F 49 -0.91 40.90 -76.50
N LYS F 50 -2.08 40.31 -76.28
CA LYS F 50 -2.47 39.85 -74.96
C LYS F 50 -3.43 38.67 -75.08
N VAL F 51 -3.42 37.81 -74.07
CA VAL F 51 -4.27 36.63 -74.00
C VAL F 51 -5.48 36.97 -73.15
N VAL F 52 -6.67 36.61 -73.63
CA VAL F 52 -7.93 36.88 -72.93
C VAL F 52 -8.52 35.53 -72.54
N THR F 53 -9.03 35.47 -71.30
CA THR F 53 -9.59 34.24 -70.74
C THR F 53 -11.10 34.32 -70.85
N ILE F 54 -11.64 33.76 -71.93
CA ILE F 54 -13.08 33.71 -72.14
C ILE F 54 -13.67 32.59 -71.30
N LYS F 55 -14.82 32.87 -70.69
CA LYS F 55 -15.53 31.90 -69.85
C LYS F 55 -16.37 30.98 -70.74
N ASN F 56 -17.24 30.19 -70.12
CA ASN F 56 -18.19 29.35 -70.83
C ASN F 56 -19.01 30.15 -71.83
N ASP F 57 -19.38 31.38 -71.49
CA ASP F 57 -20.30 32.15 -72.30
C ASP F 57 -19.70 32.47 -73.66
N LEU F 58 -20.50 32.27 -74.72
CA LEU F 58 -20.13 32.67 -76.07
C LEU F 58 -20.18 34.17 -76.28
N ARG F 59 -20.72 34.92 -75.32
CA ARG F 59 -21.04 36.32 -75.60
C ARG F 59 -19.77 37.16 -75.62
N GLN F 60 -18.85 36.90 -74.70
CA GLN F 60 -17.58 37.61 -74.70
C GLN F 60 -16.79 37.31 -75.97
N LEU F 61 -16.89 36.08 -76.48
CA LEU F 61 -16.18 35.72 -77.69
C LEU F 61 -16.64 36.59 -78.87
N LYS F 62 -17.95 36.69 -79.10
CA LYS F 62 -18.39 37.44 -80.28
C LYS F 62 -18.22 38.93 -80.06
N ASN F 63 -18.43 39.39 -78.81
CA ASN F 63 -18.25 40.81 -78.52
C ASN F 63 -16.80 41.24 -78.72
N LEU F 64 -15.86 40.36 -78.42
CA LEU F 64 -14.44 40.69 -78.50
C LEU F 64 -13.76 40.28 -79.79
N PHE F 65 -14.31 39.31 -80.52
CA PHE F 65 -13.65 38.73 -81.69
C PHE F 65 -14.63 38.54 -82.84
N GLY F 66 -15.48 39.54 -83.06
CA GLY F 66 -16.34 39.56 -84.23
C GLY F 66 -17.42 38.48 -84.23
N ASP F 67 -18.39 38.62 -85.13
CA ASP F 67 -19.49 37.70 -85.27
C ASP F 67 -19.39 36.94 -86.59
N ASP F 68 -18.39 37.21 -87.40
CA ASP F 68 -18.35 36.71 -88.77
C ASP F 68 -17.79 35.30 -88.82
N MET F 69 -18.43 34.46 -89.65
CA MET F 69 -18.05 33.05 -89.73
C MET F 69 -16.69 32.87 -90.39
N ASN F 70 -16.37 33.67 -91.41
CA ASN F 70 -15.10 33.51 -92.10
C ASN F 70 -13.93 33.81 -91.17
N TYR F 71 -14.14 34.63 -90.13
CA TYR F 71 -13.09 34.87 -89.15
C TYR F 71 -12.72 33.56 -88.48
N SER F 72 -11.45 33.18 -88.56
CA SER F 72 -11.00 31.97 -87.88
C SER F 72 -11.24 32.06 -86.39
N ALA F 73 -11.12 33.26 -85.81
CA ALA F 73 -11.32 33.44 -84.39
C ALA F 73 -12.71 33.01 -83.96
N PHE F 74 -13.75 33.61 -84.54
CA PHE F 74 -15.11 33.28 -84.15
C PHE F 74 -15.45 31.82 -84.47
N LYS F 75 -15.08 31.35 -85.65
CA LYS F 75 -15.43 30.00 -86.08
C LYS F 75 -14.83 28.96 -85.13
N LEU F 76 -13.53 29.06 -84.89
CA LEU F 76 -12.85 28.07 -84.07
C LEU F 76 -13.15 28.25 -82.58
N GLY F 77 -13.38 29.48 -82.11
CA GLY F 77 -13.82 29.65 -80.74
C GLY F 77 -15.20 29.05 -80.51
N LYS F 78 -16.09 29.19 -81.49
CA LYS F 78 -17.38 28.54 -81.42
C LYS F 78 -17.21 27.03 -81.36
N LEU F 79 -16.31 26.48 -82.18
CA LEU F 79 -16.02 25.05 -82.08
C LEU F 79 -15.55 24.66 -80.69
N ALA F 80 -14.61 25.43 -80.14
CA ALA F 80 -14.04 25.07 -78.85
C ALA F 80 -15.08 25.13 -77.74
N LEU F 81 -15.95 26.14 -77.79
CA LEU F 81 -16.93 26.33 -76.73
C LEU F 81 -18.11 25.37 -76.87
N LEU F 82 -18.46 24.96 -78.09
CA LEU F 82 -19.31 23.77 -78.25
C LEU F 82 -18.58 22.50 -77.85
N GLY F 83 -17.25 22.52 -77.81
CA GLY F 83 -16.49 21.46 -77.16
C GLY F 83 -16.56 21.49 -75.64
N ASN F 84 -17.22 22.50 -75.07
CA ASN F 84 -17.55 22.56 -73.64
C ASN F 84 -16.30 22.68 -72.78
N VAL F 85 -15.34 23.49 -73.22
CA VAL F 85 -14.20 23.87 -72.41
C VAL F 85 -14.64 24.96 -71.42
N LYS F 86 -14.23 24.79 -70.16
CA LYS F 86 -14.64 25.75 -69.13
C LYS F 86 -14.04 27.12 -69.37
N GLU F 87 -12.73 27.19 -69.58
CA GLU F 87 -12.01 28.44 -69.86
C GLU F 87 -11.25 28.30 -71.17
N LEU F 88 -11.51 29.21 -72.10
CA LEU F 88 -10.87 29.21 -73.42
C LEU F 88 -10.00 30.45 -73.51
N LEU F 89 -8.69 30.24 -73.63
CA LEU F 89 -7.72 31.33 -73.62
C LEU F 89 -7.38 31.72 -75.04
N LEU F 90 -7.86 32.89 -75.46
CA LEU F 90 -7.70 33.38 -76.82
C LEU F 90 -6.58 34.41 -76.90
N TYR F 91 -5.71 34.25 -77.89
CA TYR F 91 -4.71 35.24 -78.25
C TYR F 91 -4.90 35.58 -79.72
N ARG F 92 -5.16 36.86 -79.99
CA ARG F 92 -5.28 37.29 -81.37
C ARG F 92 -3.94 37.19 -82.08
N LEU F 93 -3.98 36.79 -83.35
CA LEU F 93 -2.80 36.63 -84.18
C LEU F 93 -2.94 37.54 -85.38
N VAL F 94 -2.00 38.49 -85.51
CA VAL F 94 -1.96 39.39 -86.66
C VAL F 94 -0.52 39.50 -87.14
N ASP F 95 -0.37 39.85 -88.41
CA ASP F 95 0.95 40.08 -88.96
C ASP F 95 1.54 41.37 -88.41
N GLY F 96 2.87 41.49 -88.51
CA GLY F 96 3.53 42.71 -88.09
C GLY F 96 3.06 43.92 -88.87
N ASN F 97 2.86 43.75 -90.18
CA ASN F 97 2.38 44.85 -91.02
C ASN F 97 0.95 45.24 -90.65
N GLN F 98 0.17 44.29 -90.12
CA GLN F 98 -1.20 44.58 -89.70
C GLN F 98 -1.20 45.62 -88.59
N LYS F 99 -2.08 46.62 -88.71
CA LYS F 99 -2.07 47.77 -87.81
C LYS F 99 -3.50 48.25 -87.61
N LYS F 100 -3.64 49.33 -86.83
CA LYS F 100 -4.94 49.94 -86.56
C LYS F 100 -5.42 50.78 -87.73
N GLY F 101 -6.69 50.63 -88.08
CA GLY F 101 -7.32 51.62 -88.92
C GLY F 101 -7.33 52.97 -88.24
N THR F 102 -7.09 54.02 -89.02
CA THR F 102 -6.92 55.36 -88.50
C THR F 102 -7.54 56.38 -89.44
N LEU F 103 -8.19 57.39 -88.87
CA LEU F 103 -8.70 58.53 -89.62
C LEU F 103 -8.59 59.77 -88.75
N THR F 104 -8.60 60.92 -89.42
CA THR F 104 -8.53 62.22 -88.76
C THR F 104 -9.72 63.06 -89.19
N LEU F 105 -10.41 63.65 -88.21
CA LEU F 105 -11.46 64.61 -88.49
C LEU F 105 -10.85 66.00 -88.60
N LYS F 106 -11.60 66.91 -89.25
CA LYS F 106 -11.13 68.27 -89.44
C LYS F 106 -12.32 69.21 -89.35
N ASP F 107 -12.02 70.48 -89.07
CA ASP F 107 -13.02 71.53 -88.95
C ASP F 107 -13.14 72.31 -90.26
N THR F 108 -14.24 73.06 -90.37
CA THR F 108 -14.52 73.89 -91.53
C THR F 108 -14.77 75.36 -91.16
N THR F 109 -14.52 75.75 -89.89
CA THR F 109 -14.70 77.15 -89.51
C THR F 109 -13.75 78.04 -90.27
N GLU F 110 -12.50 77.64 -90.40
CA GLU F 110 -11.49 78.40 -91.13
C GLU F 110 -11.55 78.07 -92.62
N ASN F 111 -10.88 78.89 -93.42
CA ASN F 111 -10.81 78.62 -94.86
C ASN F 111 -10.07 77.33 -95.15
N SER F 112 -8.98 77.08 -94.41
CA SER F 112 -8.20 75.86 -94.53
C SER F 112 -8.51 74.95 -93.35
N ALA F 113 -8.92 73.72 -93.63
CA ALA F 113 -9.26 72.78 -92.58
C ALA F 113 -8.00 72.27 -91.88
N LYS F 114 -8.17 71.93 -90.60
CA LYS F 114 -7.06 71.45 -89.78
C LYS F 114 -7.55 70.30 -88.90
N ASP F 115 -6.61 69.43 -88.52
CA ASP F 115 -6.94 68.24 -87.75
C ASP F 115 -7.19 68.61 -86.30
N VAL F 116 -8.27 68.07 -85.73
CA VAL F 116 -8.58 68.23 -84.31
C VAL F 116 -8.86 66.91 -83.61
N ILE F 117 -9.23 65.84 -84.32
CA ILE F 117 -9.51 64.53 -83.73
C ILE F 117 -8.90 63.46 -84.61
N LYS F 118 -8.31 62.44 -83.98
CA LYS F 118 -7.93 61.19 -84.63
C LYS F 118 -8.77 60.06 -84.08
N LEU F 119 -9.46 59.35 -84.97
CA LEU F 119 -10.19 58.14 -84.62
C LEU F 119 -9.37 56.94 -85.08
N GLU F 120 -8.88 56.17 -84.11
CA GLU F 120 -8.11 54.96 -84.37
C GLU F 120 -8.89 53.79 -83.82
N THR F 121 -8.83 52.65 -84.53
CA THR F 121 -9.46 51.44 -84.02
C THR F 121 -8.86 51.10 -82.66
N LYS F 122 -9.72 50.66 -81.73
CA LYS F 122 -9.27 50.39 -80.37
C LYS F 122 -8.14 49.38 -80.35
N TYR F 123 -8.19 48.39 -81.24
CA TYR F 123 -7.15 47.40 -81.42
C TYR F 123 -6.88 47.28 -82.91
N PRO F 124 -5.73 46.73 -83.30
CA PRO F 124 -5.40 46.65 -84.73
C PRO F 124 -6.47 45.93 -85.54
N THR F 125 -6.84 46.51 -86.68
CA THR F 125 -7.82 45.90 -87.59
C THR F 125 -7.91 46.77 -88.84
N ALA F 126 -8.46 46.17 -89.91
CA ALA F 126 -8.75 46.87 -91.14
C ALA F 126 -10.11 46.49 -91.69
N ARG F 127 -11.05 46.14 -90.81
CA ARG F 127 -12.40 45.77 -91.21
C ARG F 127 -13.12 46.99 -91.79
N ASN F 128 -14.36 46.77 -92.24
CA ASN F 128 -15.15 47.84 -92.84
C ASN F 128 -15.81 48.69 -91.74
N PHE F 129 -14.96 49.33 -90.95
CA PHE F 129 -15.40 50.17 -89.84
C PHE F 129 -15.46 51.61 -90.34
N ASN F 130 -16.67 52.11 -90.56
CA ASN F 130 -16.91 53.40 -91.17
C ASN F 130 -17.39 54.39 -90.13
N VAL F 131 -17.25 55.68 -90.45
CA VAL F 131 -17.65 56.77 -89.57
C VAL F 131 -18.51 57.74 -90.36
N THR F 132 -19.45 58.39 -89.67
CA THR F 132 -20.25 59.44 -90.27
C THR F 132 -20.52 60.51 -89.20
N ILE F 133 -20.33 61.77 -89.59
CA ILE F 133 -20.49 62.91 -88.69
C ILE F 133 -21.31 63.96 -89.41
N LYS F 134 -22.28 64.55 -88.70
CA LYS F 134 -23.17 65.55 -89.28
C LYS F 134 -23.59 66.50 -88.17
N SER F 135 -24.32 67.54 -88.55
CA SER F 135 -24.80 68.53 -87.60
C SER F 135 -26.01 68.00 -86.84
N ASN F 136 -26.15 68.45 -85.59
CA ASN F 136 -27.28 68.07 -84.75
C ASN F 136 -28.43 69.05 -84.96
N LEU F 137 -29.62 68.51 -85.21
CA LEU F 137 -30.77 69.36 -85.49
C LEU F 137 -31.30 70.02 -84.22
N VAL F 138 -31.24 69.31 -83.08
CA VAL F 138 -31.79 69.83 -81.84
C VAL F 138 -31.00 71.06 -81.39
N ASP F 139 -29.67 70.96 -81.40
CA ASP F 139 -28.78 72.03 -80.97
C ASP F 139 -27.77 72.29 -82.08
N SER F 140 -27.57 73.58 -82.41
CA SER F 140 -26.62 73.94 -83.46
C SER F 140 -25.20 73.54 -83.08
N ASP F 141 -24.81 73.78 -81.83
CA ASP F 141 -23.45 73.47 -81.41
C ASP F 141 -23.18 71.97 -81.37
N LYS F 142 -24.21 71.15 -81.18
CA LYS F 142 -24.03 69.71 -81.11
C LYS F 142 -23.85 69.12 -82.50
N LYS F 143 -23.22 67.94 -82.54
CA LYS F 143 -23.05 67.17 -83.76
C LYS F 143 -23.39 65.71 -83.50
N ASP F 144 -23.94 65.06 -84.51
CA ASP F 144 -24.27 63.64 -84.45
C ASP F 144 -23.09 62.84 -84.98
N PHE F 145 -22.58 61.92 -84.17
CA PHE F 145 -21.49 61.02 -84.54
C PHE F 145 -22.01 59.60 -84.57
N ILE F 146 -21.78 58.92 -85.69
CA ILE F 146 -22.31 57.59 -85.93
C ILE F 146 -21.18 56.71 -86.46
N PHE F 147 -21.17 55.44 -86.05
CA PHE F 147 -20.20 54.46 -86.50
C PHE F 147 -20.93 53.26 -87.10
N PHE F 148 -20.40 52.77 -88.24
CA PHE F 148 -20.96 51.66 -88.99
C PHE F 148 -19.99 50.50 -89.06
N GLU F 149 -20.55 49.29 -89.06
CA GLU F 149 -19.79 48.03 -89.19
C GLU F 149 -20.44 47.19 -90.28
N ASN F 150 -19.80 47.11 -91.45
CA ASN F 150 -20.33 46.37 -92.60
C ASN F 150 -21.76 46.82 -92.91
N THR F 151 -21.95 48.15 -92.90
CA THR F 151 -23.25 48.77 -93.13
C THR F 151 -24.23 48.48 -91.98
N LYS F 152 -23.72 48.26 -90.77
CA LYS F 152 -24.52 48.05 -89.57
C LYS F 152 -24.10 49.06 -88.51
N GLN F 153 -25.06 49.81 -87.99
CA GLN F 153 -24.75 50.84 -87.00
C GLN F 153 -24.23 50.22 -85.71
N LEU F 154 -23.22 50.84 -85.12
CA LEU F 154 -22.63 50.45 -83.85
C LEU F 154 -22.89 51.46 -82.75
N PHE F 155 -22.60 52.74 -83.01
CA PHE F 155 -22.72 53.79 -82.01
C PHE F 155 -23.43 54.97 -82.64
N SER F 156 -24.20 55.69 -81.83
CA SER F 156 -24.90 56.89 -82.29
C SER F 156 -25.19 57.78 -81.10
N SER F 157 -24.74 59.03 -81.18
CA SER F 157 -24.97 59.98 -80.09
C SER F 157 -24.82 61.39 -80.64
N SER F 158 -25.42 62.35 -79.92
CA SER F 158 -25.29 63.77 -80.19
C SER F 158 -24.54 64.42 -79.04
N ILE F 159 -23.43 65.08 -79.35
CA ILE F 159 -22.55 65.68 -78.34
C ILE F 159 -22.18 67.08 -78.81
N LYS F 160 -21.92 67.96 -77.84
CA LYS F 160 -21.53 69.34 -78.14
C LYS F 160 -20.34 69.38 -79.08
N GLY F 161 -20.26 70.45 -79.87
CA GLY F 161 -19.21 70.60 -80.85
C GLY F 161 -17.81 70.71 -80.30
N THR F 162 -17.67 70.95 -78.99
CA THR F 162 -16.35 71.00 -78.37
C THR F 162 -15.63 69.68 -78.54
N ILE F 163 -14.36 69.74 -78.94
CA ILE F 163 -13.59 68.53 -79.20
C ILE F 163 -13.40 67.72 -77.92
N ASP F 164 -13.32 68.41 -76.77
CA ASP F 164 -13.13 67.70 -75.51
C ASP F 164 -14.30 66.79 -75.20
N GLU F 165 -15.53 67.31 -75.30
CA GLU F 165 -16.71 66.50 -75.04
C GLU F 165 -16.85 65.38 -76.06
N ILE F 166 -16.52 65.66 -77.32
CA ILE F 166 -16.62 64.65 -78.37
C ILE F 166 -15.70 63.49 -78.07
N VAL F 167 -14.43 63.79 -77.75
CA VAL F 167 -13.47 62.76 -77.43
C VAL F 167 -13.89 62.02 -76.16
N LEU F 168 -14.42 62.74 -75.17
CA LEU F 168 -14.83 62.12 -73.92
C LEU F 168 -15.95 61.11 -74.16
N GLU F 169 -16.99 61.51 -74.89
CA GLU F 169 -18.08 60.58 -75.15
C GLU F 169 -17.65 59.42 -76.03
N ILE F 170 -16.77 59.68 -77.01
CA ILE F 170 -16.33 58.59 -77.89
C ILE F 170 -15.54 57.57 -77.09
N ASN F 171 -14.64 58.02 -76.23
CA ASN F 171 -13.86 57.09 -75.42
C ASN F 171 -14.63 56.52 -74.23
N SER F 172 -15.79 57.09 -73.89
CA SER F 172 -16.55 56.67 -72.72
C SER F 172 -17.62 55.64 -73.06
N ASN F 173 -18.45 55.90 -74.07
CA ASN F 173 -19.56 55.02 -74.38
C ASN F 173 -19.05 53.65 -74.82
N LEU F 174 -19.70 52.60 -74.32
CA LEU F 174 -19.22 51.24 -74.56
C LEU F 174 -19.47 50.78 -75.99
N ASP F 175 -20.39 51.41 -76.72
CA ASP F 175 -20.59 51.08 -78.12
C ASP F 175 -19.43 51.55 -79.01
N ASN F 176 -18.51 52.36 -78.47
CA ASN F 176 -17.30 52.76 -79.17
C ASN F 176 -16.14 51.79 -78.93
N GLU F 177 -16.44 50.52 -78.66
CA GLU F 177 -15.40 49.53 -78.39
C GLU F 177 -14.45 49.35 -79.56
N TYR F 178 -14.84 49.75 -80.77
CA TYR F 178 -14.04 49.55 -81.97
C TYR F 178 -13.25 50.81 -82.36
N VAL F 179 -13.18 51.81 -81.49
CA VAL F 179 -12.53 53.07 -81.85
C VAL F 179 -12.12 53.80 -80.58
N ILE F 180 -11.01 54.55 -80.68
CA ILE F 180 -10.59 55.51 -79.66
C ILE F 180 -10.45 56.86 -80.36
N ALA F 181 -10.99 57.90 -79.72
CA ALA F 181 -10.81 59.28 -80.16
C ALA F 181 -9.79 59.95 -79.26
N THR F 182 -8.81 60.61 -79.88
CA THR F 182 -7.79 61.38 -79.16
C THR F 182 -7.74 62.78 -79.75
N LYS F 183 -7.72 63.78 -78.87
CA LYS F 183 -7.74 65.18 -79.28
C LYS F 183 -6.38 65.56 -79.86
N VAL F 184 -6.35 65.89 -81.15
CA VAL F 184 -5.11 66.31 -81.79
C VAL F 184 -4.61 67.60 -81.17
N ALA F 185 -5.50 68.58 -81.04
CA ALA F 185 -5.15 69.88 -80.53
C ALA F 185 -6.39 70.49 -79.90
N ASP F 186 -6.18 71.43 -78.98
CA ASP F 186 -7.30 72.06 -78.30
C ASP F 186 -8.06 72.95 -79.28
N SER F 187 -9.37 72.73 -79.36
CA SER F 187 -10.20 73.50 -80.28
C SER F 187 -11.66 73.24 -79.95
N ASP F 188 -12.50 74.23 -80.26
CA ASP F 188 -13.95 74.10 -80.17
C ASP F 188 -14.61 74.32 -81.53
N THR F 189 -13.85 74.22 -82.61
CA THR F 189 -14.37 74.49 -83.94
C THR F 189 -15.36 73.41 -84.37
N ILE F 190 -16.25 73.80 -85.28
CA ILE F 190 -17.25 72.87 -85.80
C ILE F 190 -16.58 71.92 -86.77
N LEU F 191 -16.81 70.63 -86.59
CA LEU F 191 -16.15 69.61 -87.39
C LEU F 191 -16.68 69.60 -88.82
N ALA F 192 -15.95 68.91 -89.69
CA ALA F 192 -16.39 68.72 -91.07
C ALA F 192 -17.39 67.58 -91.14
N ASN F 193 -18.32 67.69 -92.09
CA ASN F 193 -19.34 66.67 -92.32
C ASN F 193 -18.78 65.66 -93.31
N VAL F 194 -18.55 64.43 -92.83
CA VAL F 194 -18.02 63.34 -93.64
C VAL F 194 -18.98 62.15 -93.51
N VAL F 195 -19.18 61.45 -94.61
CA VAL F 195 -20.18 60.38 -94.70
C VAL F 195 -19.46 59.09 -95.10
N ASN F 196 -19.53 58.08 -94.23
CA ASN F 196 -19.09 56.72 -94.54
C ASN F 196 -17.61 56.69 -94.92
N GLN F 197 -16.78 57.19 -94.00
CA GLN F 197 -15.33 57.18 -94.15
C GLN F 197 -14.75 55.97 -93.43
N ALA F 198 -14.08 55.10 -94.18
CA ALA F 198 -13.56 53.85 -93.64
C ALA F 198 -12.22 54.08 -92.95
N LEU F 199 -12.07 53.48 -91.77
CA LEU F 199 -10.78 53.56 -91.08
C LEU F 199 -9.76 52.69 -91.80
N GLU F 200 -8.61 53.27 -92.11
CA GLU F 200 -7.57 52.62 -92.88
C GLU F 200 -6.22 52.84 -92.20
N GLY F 201 -5.24 52.04 -92.62
CA GLY F 201 -3.91 52.06 -92.02
C GLY F 201 -3.56 50.74 -91.36
N GLY F 202 -4.07 49.64 -91.89
CA GLY F 202 -3.82 48.33 -91.33
C GLY F 202 -4.11 47.24 -92.32
N ASN F 203 -4.15 46.01 -91.81
CA ASN F 203 -4.40 44.82 -92.61
C ASN F 203 -5.58 44.05 -92.01
N ASP F 204 -5.98 42.99 -92.73
CA ASP F 204 -7.14 42.20 -92.37
C ASP F 204 -6.97 41.59 -90.97
N GLY F 205 -5.99 40.71 -90.82
CA GLY F 205 -5.75 40.01 -89.56
C GLY F 205 -5.69 38.52 -89.77
N CYS F 206 -6.53 38.01 -90.65
CA CYS F 206 -6.45 36.63 -91.12
C CYS F 206 -5.49 36.46 -92.30
N THR F 207 -4.91 37.56 -92.80
CA THR F 207 -4.03 37.55 -93.96
C THR F 207 -2.59 37.78 -93.51
N SER F 208 -1.66 37.15 -94.21
CA SER F 208 -0.23 37.25 -93.89
C SER F 208 0.04 36.66 -92.51
N ILE F 209 -0.54 35.50 -92.29
CA ILE F 209 -0.36 34.73 -91.05
C ILE F 209 0.96 33.97 -91.17
N THR F 210 1.96 34.36 -90.38
CA THR F 210 3.35 33.96 -90.58
C THR F 210 3.90 33.22 -89.38
N ASN F 211 4.99 32.49 -89.63
CA ASN F 211 5.59 31.64 -88.60
C ASN F 211 6.09 32.45 -87.41
N GLU F 212 6.77 33.58 -87.68
CA GLU F 212 7.27 34.40 -86.59
C GLU F 212 6.13 34.95 -85.73
N SER F 213 4.99 35.21 -86.35
CA SER F 213 3.85 35.75 -85.60
C SER F 213 3.29 34.69 -84.65
N TYR F 214 3.13 33.46 -85.12
CA TYR F 214 2.85 32.34 -84.20
C TYR F 214 3.91 32.20 -83.13
N LEU F 215 5.18 32.34 -83.46
CA LEU F 215 6.19 32.09 -82.44
C LEU F 215 6.08 33.15 -81.34
N LYS F 216 5.78 34.40 -81.74
CA LYS F 216 5.47 35.42 -80.73
C LYS F 216 4.27 34.99 -79.90
N ALA F 217 3.21 34.52 -80.56
CA ALA F 217 1.99 34.16 -79.84
C ALA F 217 2.23 33.02 -78.87
N LEU F 218 3.03 32.03 -79.29
CA LEU F 218 3.40 30.93 -78.41
C LEU F 218 4.15 31.42 -77.20
N GLU F 219 5.06 32.38 -77.40
CA GLU F 219 5.73 32.99 -76.26
C GLU F 219 4.73 33.74 -75.37
N GLU F 220 3.72 34.36 -75.98
CA GLU F 220 2.66 34.97 -75.19
C GLU F 220 1.78 33.92 -74.52
N PHE F 221 1.66 32.74 -75.13
CA PHE F 221 0.89 31.67 -74.50
C PHE F 221 1.67 30.98 -73.39
N GLU F 222 2.98 31.23 -73.27
CA GLU F 222 3.74 30.72 -72.13
C GLU F 222 3.36 31.39 -70.81
N ARG F 223 2.53 32.45 -70.85
CA ARG F 223 2.03 33.05 -69.62
C ARG F 223 1.38 32.02 -68.71
N TYR F 224 0.50 31.19 -69.26
CA TYR F 224 -0.37 30.32 -68.47
C TYR F 224 -0.15 28.86 -68.86
N SER F 225 -0.82 27.98 -68.13
CA SER F 225 -0.76 26.53 -68.33
C SER F 225 -2.05 26.07 -68.99
N PHE F 226 -1.94 25.07 -69.88
CA PHE F 226 -3.06 24.61 -70.69
C PHE F 226 -3.18 23.09 -70.59
N ASP F 227 -4.43 22.61 -70.56
CA ASP F 227 -4.65 21.19 -70.72
C ASP F 227 -4.26 20.73 -72.12
N SER F 228 -4.46 21.58 -73.12
CA SER F 228 -4.11 21.22 -74.50
C SER F 228 -3.92 22.49 -75.31
N PHE F 229 -3.17 22.36 -76.40
CA PHE F 229 -2.95 23.42 -77.38
C PHE F 229 -3.42 22.93 -78.74
N VAL F 230 -3.98 23.86 -79.54
CA VAL F 230 -4.76 23.49 -80.71
C VAL F 230 -4.23 24.08 -82.01
N LEU F 231 -3.33 25.07 -81.97
CA LEU F 231 -2.73 25.74 -83.13
C LEU F 231 -3.73 26.59 -83.91
N ASP F 232 -4.98 26.71 -83.46
CA ASP F 232 -6.01 27.50 -84.12
C ASP F 232 -6.31 26.92 -85.51
N GLY F 233 -6.19 25.61 -85.67
CA GLY F 233 -6.65 24.95 -86.88
C GLY F 233 -5.97 25.38 -88.15
N VAL F 234 -4.64 25.49 -88.14
CA VAL F 234 -3.85 25.81 -89.33
C VAL F 234 -2.95 24.62 -89.61
N ALA F 235 -3.07 24.07 -90.82
CA ALA F 235 -2.43 22.81 -91.19
C ALA F 235 -1.07 22.99 -91.85
N ASP F 236 -0.45 24.15 -91.71
CA ASP F 236 0.88 24.36 -92.29
C ASP F 236 1.89 23.45 -91.60
N GLU F 237 2.73 22.79 -92.40
CA GLU F 237 3.69 21.85 -91.85
C GLU F 237 4.74 22.55 -91.01
N ALA F 238 5.21 23.72 -91.46
CA ALA F 238 6.21 24.46 -90.68
C ALA F 238 5.64 24.87 -89.33
N LEU F 239 4.39 25.30 -89.30
CA LEU F 239 3.75 25.70 -88.04
C LEU F 239 3.59 24.51 -87.12
N GLN F 240 3.19 23.36 -87.67
CA GLN F 240 3.09 22.15 -86.87
C GLN F 240 4.44 21.78 -86.26
N GLU F 241 5.50 21.87 -87.06
CA GLU F 241 6.84 21.55 -86.56
C GLU F 241 7.28 22.52 -85.46
N THR F 242 7.01 23.82 -85.66
CA THR F 242 7.40 24.81 -84.66
C THR F 242 6.66 24.58 -83.35
N THR F 243 5.34 24.35 -83.42
CA THR F 243 4.58 24.09 -82.21
C THR F 243 5.00 22.77 -81.57
N LYS F 244 5.38 21.79 -82.39
CA LYS F 244 5.86 20.52 -81.85
C LYS F 244 7.13 20.73 -81.04
N ALA F 245 8.09 21.47 -81.59
CA ALA F 245 9.30 21.78 -80.85
C ALA F 245 9.00 22.58 -79.59
N TRP F 246 8.02 23.49 -79.69
CA TRP F 246 7.62 24.30 -78.54
C TRP F 246 7.10 23.42 -77.40
N VAL F 247 6.18 22.50 -77.72
CA VAL F 247 5.61 21.66 -76.66
C VAL F 247 6.65 20.68 -76.14
N ALA F 248 7.56 20.22 -77.00
CA ALA F 248 8.64 19.36 -76.53
C ALA F 248 9.54 20.10 -75.55
N LYS F 249 9.87 21.36 -75.86
CA LYS F 249 10.66 22.18 -74.94
C LYS F 249 9.92 22.36 -73.63
N ASN F 250 8.61 22.62 -73.70
CA ASN F 250 7.83 22.81 -72.48
C ASN F 250 7.81 21.53 -71.63
N LYS F 251 7.64 20.37 -72.27
CA LYS F 251 7.62 19.11 -71.54
C LYS F 251 8.98 18.85 -70.89
N GLU F 252 10.07 19.15 -71.62
CA GLU F 252 11.39 19.04 -71.01
C GLU F 252 11.53 19.98 -69.82
N LEU F 253 10.95 21.18 -69.93
CA LEU F 253 10.95 22.11 -68.80
C LEU F 253 10.03 21.62 -67.69
N GLY F 254 9.01 20.82 -68.01
CA GLY F 254 8.06 20.29 -67.06
C GLY F 254 6.63 20.71 -67.32
N LYS F 255 6.41 21.73 -68.14
CA LYS F 255 5.06 22.16 -68.50
C LYS F 255 4.49 21.19 -69.53
N ASP F 256 3.42 20.50 -69.17
CA ASP F 256 2.81 19.50 -70.04
C ASP F 256 1.71 20.14 -70.86
N ILE F 257 1.88 20.15 -72.19
CA ILE F 257 0.90 20.67 -73.14
C ILE F 257 0.59 19.56 -74.13
N LEU F 258 -0.71 19.31 -74.33
CA LEU F 258 -1.17 18.29 -75.26
C LEU F 258 -1.53 18.99 -76.57
N LEU F 259 -0.74 18.74 -77.61
CA LEU F 259 -0.91 19.42 -78.89
C LEU F 259 -1.86 18.64 -79.78
N PHE F 260 -2.77 19.37 -80.43
CA PHE F 260 -3.76 18.81 -81.35
C PHE F 260 -3.57 19.46 -82.71
N LEU F 261 -3.66 18.65 -83.77
CA LEU F 261 -3.38 19.10 -85.12
C LEU F 261 -4.34 18.39 -86.07
N GLY F 262 -4.17 18.65 -87.37
CA GLY F 262 -4.95 17.94 -88.37
C GLY F 262 -4.31 18.02 -89.73
N GLY F 263 -4.52 16.96 -90.52
CA GLY F 263 -4.01 16.94 -91.87
C GLY F 263 -4.82 17.78 -92.81
N LYS F 264 -4.26 17.99 -94.01
CA LYS F 264 -4.93 18.77 -95.04
C LYS F 264 -5.95 17.90 -95.76
N THR F 265 -6.68 18.52 -96.69
CA THR F 265 -7.64 17.79 -97.51
C THR F 265 -6.98 17.04 -98.66
N GLU F 266 -5.80 17.48 -99.10
CA GLU F 266 -5.15 16.84 -100.24
C GLU F 266 -4.64 15.45 -99.90
N ASP F 267 -4.29 15.21 -98.64
CA ASP F 267 -3.66 13.95 -98.27
C ASP F 267 -4.61 12.77 -98.48
N ASN F 268 -4.11 11.74 -99.12
CA ASN F 268 -4.85 10.49 -99.27
C ASN F 268 -4.67 9.65 -98.00
N ILE F 269 -5.26 8.46 -98.00
CA ILE F 269 -5.28 7.62 -96.81
C ILE F 269 -3.86 7.20 -96.43
N LYS F 270 -3.07 6.78 -97.42
CA LYS F 270 -1.69 6.39 -97.16
C LYS F 270 -0.87 7.58 -96.67
N GLN F 271 -1.07 8.75 -97.29
CA GLN F 271 -0.30 9.92 -96.90
C GLN F 271 -0.60 10.34 -95.46
N ILE F 272 -1.88 10.34 -95.07
CA ILE F 272 -2.20 10.73 -93.69
C ILE F 272 -1.70 9.68 -92.71
N ASN F 273 -1.74 8.39 -93.09
CA ASN F 273 -1.19 7.36 -92.23
C ASN F 273 0.31 7.56 -92.02
N ASP F 274 1.03 7.88 -93.10
CA ASP F 274 2.46 8.14 -92.99
C ASP F 274 2.73 9.39 -92.16
N LYS F 275 1.89 10.42 -92.32
CA LYS F 275 2.05 11.63 -91.52
C LYS F 275 1.89 11.33 -90.04
N SER F 276 0.90 10.51 -89.69
CA SER F 276 0.73 10.14 -88.28
C SER F 276 1.89 9.34 -87.76
N LYS F 277 2.37 8.36 -88.54
CA LYS F 277 3.53 7.59 -88.11
C LYS F 277 4.78 8.47 -88.00
N SER F 278 4.84 9.56 -88.76
CA SER F 278 5.95 10.50 -88.63
C SER F 278 5.97 11.10 -87.22
N PHE F 279 4.81 11.50 -86.72
CA PHE F 279 4.70 11.94 -85.33
C PHE F 279 4.76 10.72 -84.41
N ASN F 280 5.77 10.69 -83.55
CA ASN F 280 5.92 9.66 -82.53
C ASN F 280 6.10 10.30 -81.17
N ASP F 281 5.24 11.26 -80.86
CA ASP F 281 5.26 12.00 -79.60
C ASP F 281 4.03 11.62 -78.78
N GLU F 282 4.23 11.53 -77.45
CA GLU F 282 3.13 11.17 -76.57
C GLU F 282 2.03 12.21 -76.58
N ASN F 283 2.40 13.49 -76.63
CA ASN F 283 1.47 14.61 -76.43
C ASN F 283 1.27 15.40 -77.72
N ILE F 284 1.14 14.68 -78.85
CA ILE F 284 0.75 15.27 -80.13
C ILE F 284 -0.38 14.42 -80.70
N VAL F 285 -1.39 15.09 -81.26
CA VAL F 285 -2.57 14.44 -81.81
C VAL F 285 -2.88 15.07 -83.16
N ASN F 286 -3.28 14.24 -84.13
CA ASN F 286 -3.66 14.69 -85.46
C ASN F 286 -5.02 14.11 -85.84
N VAL F 287 -5.83 14.94 -86.50
CA VAL F 287 -7.12 14.54 -87.05
C VAL F 287 -6.97 14.42 -88.55
N GLY F 288 -7.32 13.24 -89.09
CA GLY F 288 -7.16 12.96 -90.51
C GLY F 288 -8.45 12.94 -91.30
N SER F 289 -9.48 13.63 -90.82
CA SER F 289 -10.78 13.61 -91.47
C SER F 289 -11.49 14.93 -91.25
N SER F 290 -11.96 15.54 -92.34
CA SER F 290 -12.73 16.77 -92.27
C SER F 290 -14.18 16.46 -91.90
N ALA F 291 -14.90 17.51 -91.48
CA ALA F 291 -16.27 17.36 -91.01
C ALA F 291 -17.12 18.53 -91.50
N TYR F 292 -18.44 18.35 -91.40
CA TYR F 292 -19.43 19.34 -91.79
C TYR F 292 -20.41 19.49 -90.64
N TYR F 293 -20.75 20.73 -90.26
CA TYR F 293 -21.68 20.96 -89.17
C TYR F 293 -22.42 22.26 -89.44
N GLU F 294 -23.75 22.22 -89.31
CA GLU F 294 -24.62 23.32 -89.77
C GLU F 294 -24.36 23.65 -91.23
N ASN F 295 -24.11 22.61 -92.03
CA ASN F 295 -23.85 22.67 -93.46
C ASN F 295 -22.55 23.41 -93.81
N ILE F 296 -21.73 23.78 -92.81
CA ILE F 296 -20.48 24.49 -93.03
C ILE F 296 -19.35 23.49 -92.86
N LYS F 297 -18.36 23.55 -93.76
CA LYS F 297 -17.27 22.60 -93.72
C LYS F 297 -16.20 23.04 -92.73
N TYR F 298 -15.56 22.05 -92.12
CA TYR F 298 -14.39 22.23 -91.26
C TYR F 298 -13.31 21.25 -91.69
N THR F 299 -12.15 21.77 -92.06
CA THR F 299 -11.03 20.92 -92.42
C THR F 299 -10.55 20.17 -91.19
N PRO F 300 -9.79 19.07 -91.38
CA PRO F 300 -9.40 18.26 -90.21
C PRO F 300 -8.63 19.04 -89.16
N SER F 301 -7.86 20.05 -89.58
CA SER F 301 -7.16 20.88 -88.62
C SER F 301 -8.13 21.78 -87.86
N GLU F 302 -9.14 22.34 -88.55
CA GLU F 302 -10.17 23.09 -87.85
C GLU F 302 -10.98 22.20 -86.92
N VAL F 303 -11.31 20.98 -87.36
CA VAL F 303 -12.05 20.04 -86.51
C VAL F 303 -11.20 19.66 -85.30
N ALA F 304 -9.87 19.70 -85.44
CA ALA F 304 -9.01 19.39 -84.30
C ALA F 304 -9.23 20.36 -83.15
N VAL F 305 -9.70 21.58 -83.43
CA VAL F 305 -10.04 22.51 -82.36
C VAL F 305 -11.14 21.93 -81.47
N TYR F 306 -12.23 21.47 -82.09
CA TYR F 306 -13.31 20.88 -81.31
C TYR F 306 -12.85 19.58 -80.64
N ILE F 307 -12.03 18.80 -81.33
CA ILE F 307 -11.56 17.54 -80.75
C ILE F 307 -10.74 17.82 -79.48
N ALA F 308 -9.83 18.78 -79.56
CA ALA F 308 -9.04 19.17 -78.40
C ALA F 308 -9.94 19.72 -77.30
N ALA F 309 -10.94 20.52 -77.67
CA ALA F 309 -11.84 21.10 -76.69
C ALA F 309 -12.61 20.02 -75.94
N LEU F 310 -13.11 19.02 -76.66
CA LEU F 310 -13.83 17.93 -76.01
C LEU F 310 -12.89 17.09 -75.16
N SER F 311 -11.66 16.88 -75.63
CA SER F 311 -10.68 16.12 -74.84
C SER F 311 -10.40 16.83 -73.52
N VAL F 312 -10.25 18.15 -73.57
CA VAL F 312 -9.99 18.92 -72.36
C VAL F 312 -11.22 18.96 -71.47
N SER F 313 -12.41 19.07 -72.07
CA SER F 313 -13.64 19.10 -71.30
C SER F 313 -13.85 17.79 -70.53
N LYS F 314 -13.64 16.66 -71.20
CA LYS F 314 -13.64 15.38 -70.49
C LYS F 314 -12.52 15.35 -69.46
N GLY F 315 -11.32 15.79 -69.85
CA GLY F 315 -10.18 15.80 -68.97
C GLY F 315 -9.91 14.42 -68.38
N ILE F 316 -10.20 14.29 -67.09
CA ILE F 316 -10.14 13.01 -66.40
C ILE F 316 -11.57 12.60 -66.10
N THR F 317 -11.77 11.31 -65.84
CA THR F 317 -13.09 10.68 -65.70
C THR F 317 -13.85 10.71 -67.02
N GLY F 318 -13.14 10.73 -68.14
CA GLY F 318 -13.79 10.75 -69.43
C GLY F 318 -12.81 10.45 -70.53
N SER F 319 -13.37 10.19 -71.71
CA SER F 319 -12.58 9.89 -72.90
C SER F 319 -13.44 10.21 -74.11
N ILE F 320 -12.79 10.31 -75.26
CA ILE F 320 -13.45 10.70 -76.50
C ILE F 320 -13.30 9.59 -77.53
N CYS F 321 -13.27 8.34 -77.07
CA CYS F 321 -13.11 7.21 -77.98
C CYS F 321 -14.29 7.11 -78.93
N ASN F 322 -15.51 7.18 -78.40
CA ASN F 322 -16.74 7.15 -79.19
C ASN F 322 -17.72 8.19 -78.69
N ALA F 323 -17.23 9.39 -78.41
CA ALA F 323 -18.10 10.45 -77.92
C ALA F 323 -19.00 10.96 -79.03
N LYS F 324 -20.20 11.39 -78.64
CA LYS F 324 -21.21 11.89 -79.58
C LYS F 324 -20.82 13.31 -79.98
N THR F 325 -20.08 13.42 -81.07
CA THR F 325 -19.67 14.74 -81.56
C THR F 325 -20.85 15.43 -82.25
N ILE F 326 -20.83 16.77 -82.19
CA ILE F 326 -21.93 17.55 -82.76
C ILE F 326 -21.96 17.50 -84.28
N PHE F 327 -20.87 17.09 -84.92
CA PHE F 327 -20.79 17.12 -86.37
C PHE F 327 -21.78 16.13 -86.98
N GLU F 328 -22.37 16.52 -88.11
CA GLU F 328 -23.41 15.74 -88.77
C GLU F 328 -22.93 15.02 -90.03
N GLU F 329 -21.67 15.20 -90.44
CA GLU F 329 -21.14 14.45 -91.57
C GLU F 329 -19.62 14.57 -91.55
N VAL F 330 -18.95 13.52 -92.02
CA VAL F 330 -17.49 13.46 -92.07
C VAL F 330 -17.04 12.82 -93.38
N GLU F 331 -15.72 12.86 -93.60
CA GLU F 331 -15.07 12.32 -94.78
C GLU F 331 -13.58 12.28 -94.52
N PRO F 332 -12.83 11.33 -95.11
CA PRO F 332 -13.23 10.18 -95.92
C PRO F 332 -13.59 8.98 -95.06
N ARG F 333 -13.95 7.83 -95.65
CA ARG F 333 -14.41 6.66 -94.90
C ARG F 333 -13.60 5.44 -95.33
N LEU F 334 -13.62 4.42 -94.47
CA LEU F 334 -12.71 3.29 -94.58
C LEU F 334 -13.40 2.02 -94.08
N SER F 335 -12.87 0.88 -94.49
CA SER F 335 -13.35 -0.42 -94.03
C SER F 335 -12.70 -0.76 -92.69
N GLN F 336 -13.23 -1.80 -92.03
CA GLN F 336 -12.74 -2.15 -90.69
C GLN F 336 -11.26 -2.52 -90.72
N SER F 337 -10.82 -3.30 -91.70
CA SER F 337 -9.40 -3.59 -91.82
C SER F 337 -8.60 -2.33 -92.10
N GLU F 338 -9.15 -1.44 -92.94
CA GLU F 338 -8.44 -0.20 -93.25
C GLU F 338 -8.45 0.74 -92.04
N VAL F 339 -9.55 0.78 -91.29
CA VAL F 339 -9.55 1.53 -90.04
C VAL F 339 -8.54 0.97 -89.06
N LYS F 340 -8.39 -0.35 -89.01
CA LYS F 340 -7.38 -0.96 -88.16
C LYS F 340 -5.98 -0.52 -88.57
N GLU F 341 -5.71 -0.54 -89.88
CA GLU F 341 -4.40 -0.11 -90.36
C GLU F 341 -4.15 1.35 -90.02
N CYS F 342 -5.17 2.19 -90.21
CA CYS F 342 -5.03 3.61 -89.93
C CYS F 342 -4.81 3.87 -88.45
N LEU F 343 -5.53 3.16 -87.57
CA LEU F 343 -5.35 3.33 -86.14
C LEU F 343 -3.97 2.84 -85.71
N LYS F 344 -3.50 1.73 -86.27
CA LYS F 344 -2.15 1.27 -85.99
C LYS F 344 -1.12 2.31 -86.40
N SER F 345 -1.36 2.98 -87.53
CA SER F 345 -0.50 4.09 -87.93
C SER F 345 -0.61 5.25 -86.94
N GLY F 346 -1.75 5.37 -86.27
CA GLY F 346 -1.93 6.38 -85.23
C GLY F 346 -2.67 7.61 -85.69
N THR F 347 -3.73 7.43 -86.47
CA THR F 347 -4.58 8.51 -86.95
C THR F 347 -5.90 8.50 -86.21
N LEU F 348 -6.31 9.68 -85.75
CA LEU F 348 -7.66 9.86 -85.25
C LEU F 348 -8.60 10.11 -86.42
N VAL F 349 -9.67 9.33 -86.51
CA VAL F 349 -10.60 9.38 -87.62
C VAL F 349 -12.03 9.43 -87.07
N LEU F 350 -12.77 10.45 -87.48
CA LEU F 350 -14.18 10.51 -87.15
C LEU F 350 -14.98 9.60 -88.08
N ASP F 351 -16.10 9.11 -87.58
CA ASP F 351 -16.98 8.23 -88.34
C ASP F 351 -18.43 8.65 -88.12
N PHE F 352 -19.26 8.43 -89.14
CA PHE F 352 -20.66 8.80 -89.10
C PHE F 352 -21.43 7.52 -88.78
N ASP F 353 -21.37 7.13 -87.50
CA ASP F 353 -21.91 5.83 -87.09
C ASP F 353 -23.43 5.82 -87.07
N ASP F 354 -24.04 6.96 -86.73
CA ASP F 354 -25.49 7.13 -86.78
C ASP F 354 -25.72 8.53 -87.32
N GLY F 355 -26.94 9.06 -87.13
CA GLY F 355 -27.26 10.40 -87.61
C GLY F 355 -26.30 11.49 -87.16
N ASP F 356 -25.62 11.28 -86.04
CA ASP F 356 -24.57 12.16 -85.55
C ASP F 356 -23.21 11.46 -85.60
N VAL F 357 -22.17 12.27 -85.75
CA VAL F 357 -20.82 11.74 -85.91
C VAL F 357 -20.31 11.19 -84.58
N ILE F 358 -19.47 10.16 -84.66
CA ILE F 358 -18.87 9.52 -83.49
C ILE F 358 -17.40 9.23 -83.78
N ILE F 359 -16.55 9.49 -82.79
CA ILE F 359 -15.12 9.20 -82.91
C ILE F 359 -14.90 7.68 -82.94
N VAL F 360 -13.83 7.26 -83.59
CA VAL F 360 -13.52 5.83 -83.71
C VAL F 360 -12.83 5.30 -82.47
N ASP F 361 -11.85 6.04 -81.93
CA ASP F 361 -11.05 5.57 -80.80
C ASP F 361 -10.23 6.74 -80.29
N ASP F 362 -9.85 6.66 -79.01
CA ASP F 362 -9.13 7.75 -78.34
C ASP F 362 -7.64 7.45 -78.41
N VAL F 363 -7.05 7.78 -79.57
CA VAL F 363 -5.68 7.41 -79.89
C VAL F 363 -4.87 8.67 -80.17
N ASN F 364 -3.59 8.62 -79.85
CA ASN F 364 -2.63 9.68 -80.07
C ASN F 364 -1.61 9.22 -81.11
N THR F 365 -0.70 10.13 -81.47
CA THR F 365 0.33 9.80 -82.46
C THR F 365 1.34 8.78 -81.94
N PHE F 366 1.36 8.47 -80.65
CA PHE F 366 2.31 7.53 -80.06
C PHE F 366 1.77 6.11 -80.02
N LYS F 367 0.91 5.74 -80.96
CA LYS F 367 0.49 4.34 -81.05
C LYS F 367 1.68 3.45 -81.33
N LYS F 368 2.58 3.90 -82.19
CA LYS F 368 3.80 3.13 -82.45
C LYS F 368 4.62 3.10 -81.17
N TYR F 369 4.48 2.02 -80.42
CA TYR F 369 5.18 1.76 -79.17
C TYR F 369 6.33 0.79 -79.42
N VAL F 370 7.10 0.53 -78.37
CA VAL F 370 8.21 -0.41 -78.40
C VAL F 370 8.20 -1.21 -77.10
N ASP F 371 9.00 -2.28 -77.09
CA ASP F 371 8.90 -3.28 -76.01
C ASP F 371 9.26 -2.68 -74.67
N ASP F 372 10.22 -1.75 -74.63
CA ASP F 372 10.65 -1.19 -73.35
C ASP F 372 9.57 -0.34 -72.68
N LYS F 373 8.56 0.10 -73.43
CA LYS F 373 7.42 0.83 -72.90
C LYS F 373 6.15 0.00 -73.07
N ASN F 374 5.11 0.41 -72.35
CA ASN F 374 3.84 -0.30 -72.34
C ASN F 374 2.90 0.27 -73.41
N GLU F 375 1.82 -0.47 -73.65
CA GLU F 375 0.85 -0.10 -74.67
C GLU F 375 -0.17 0.91 -74.18
N ALA F 376 -0.40 0.99 -72.87
CA ALA F 376 -1.47 1.82 -72.34
C ALA F 376 -1.23 3.31 -72.56
N MET F 377 0.01 3.73 -72.77
CA MET F 377 0.33 5.15 -72.85
C MET F 377 0.13 5.71 -74.26
N GLY F 378 -0.31 4.89 -75.22
CA GLY F 378 -0.58 5.37 -76.56
C GLY F 378 -1.98 5.89 -76.78
N TYR F 379 -2.67 6.29 -75.70
CA TYR F 379 -4.03 6.78 -75.76
C TYR F 379 -4.10 8.16 -75.11
N ILE F 380 -4.95 9.02 -75.66
CA ILE F 380 -5.05 10.40 -75.18
C ILE F 380 -5.45 10.45 -73.71
N SER F 381 -6.38 9.56 -73.32
CA SER F 381 -6.85 9.57 -71.94
C SER F 381 -5.72 9.30 -70.96
N ASN F 382 -4.84 8.34 -71.29
CA ASN F 382 -3.73 8.03 -70.41
C ASN F 382 -2.70 9.15 -70.39
N ILE F 383 -2.48 9.82 -71.53
CA ILE F 383 -1.57 10.96 -71.54
C ILE F 383 -2.11 12.06 -70.64
N MET F 384 -3.41 12.38 -70.77
CA MET F 384 -3.99 13.42 -69.93
C MET F 384 -3.94 13.03 -68.45
N PHE F 385 -4.13 11.74 -68.17
CA PHE F 385 -4.16 11.25 -66.80
C PHE F 385 -2.77 11.32 -66.17
N ILE F 386 -1.75 10.88 -66.90
CA ILE F 386 -0.37 10.95 -66.41
C ILE F 386 0.06 12.41 -66.29
N ASN F 387 -0.33 13.25 -67.24
CA ASN F 387 0.03 14.67 -67.17
C ASN F 387 -0.63 15.32 -65.97
N THR F 388 -1.89 14.99 -65.71
CA THR F 388 -2.59 15.55 -64.57
C THR F 388 -1.95 15.12 -63.27
N ILE F 389 -1.53 13.86 -63.16
CA ILE F 389 -0.83 13.41 -61.95
C ILE F 389 0.49 14.16 -61.79
N ASN F 390 1.27 14.24 -62.87
CA ASN F 390 2.58 14.87 -62.76
C ASN F 390 2.45 16.33 -62.38
N LYS F 391 1.44 17.01 -62.93
CA LYS F 391 1.18 18.39 -62.54
C LYS F 391 0.73 18.49 -61.09
N ASP F 392 -0.27 17.68 -60.71
CA ASP F 392 -0.87 17.81 -59.38
C ASP F 392 0.14 17.51 -58.28
N THR F 393 0.94 16.46 -58.45
CA THR F 393 2.06 16.25 -57.54
C THR F 393 3.07 17.39 -57.66
N SER F 394 3.28 17.89 -58.88
CA SER F 394 4.20 19.01 -59.09
C SER F 394 3.63 20.33 -58.59
N LEU F 395 2.32 20.43 -58.36
CA LEU F 395 1.76 21.62 -57.72
C LEU F 395 2.09 21.68 -56.24
N LYS F 396 2.57 20.60 -55.64
CA LYS F 396 2.89 20.58 -54.22
C LYS F 396 4.29 21.14 -53.95
N ARG F 397 4.59 22.34 -54.47
CA ARG F 397 5.84 23.03 -54.10
C ARG F 397 5.62 24.37 -53.45
N LYS F 398 4.40 24.89 -53.44
CA LYS F 398 4.20 26.27 -53.00
C LYS F 398 4.29 26.39 -51.48
N GLU F 399 4.31 25.26 -50.76
CA GLU F 399 4.40 25.22 -49.30
C GLU F 399 5.34 24.11 -48.83
N PHE F 400 6.13 23.54 -49.73
CA PHE F 400 6.58 22.17 -49.58
C PHE F 400 8.08 22.00 -49.83
N VAL F 401 8.62 22.75 -50.79
CA VAL F 401 10.03 22.71 -51.15
C VAL F 401 10.71 23.95 -50.63
N GLY F 402 11.80 23.77 -49.89
CA GLY F 402 12.45 24.85 -49.20
C GLY F 402 11.77 25.29 -47.93
N LYS F 403 10.65 24.65 -47.57
CA LYS F 403 9.85 25.03 -46.43
C LYS F 403 9.57 23.85 -45.51
N ILE F 404 10.16 22.67 -45.79
CA ILE F 404 9.99 21.45 -45.01
C ILE F 404 11.38 20.87 -44.72
N PHE F 405 11.49 20.14 -43.61
CA PHE F 405 12.72 19.48 -43.24
C PHE F 405 12.83 18.13 -43.95
N ASN F 406 14.02 17.55 -43.91
CA ASN F 406 14.32 16.28 -44.59
C ASN F 406 14.58 15.16 -43.59
N ASP F 407 13.77 15.11 -42.54
CA ASP F 407 13.80 14.06 -41.54
C ASP F 407 12.58 13.16 -41.70
N ALA F 408 12.48 12.16 -40.83
CA ALA F 408 11.39 11.20 -40.92
C ALA F 408 10.03 11.88 -40.78
N THR F 409 9.93 12.89 -39.93
CA THR F 409 8.66 13.62 -39.78
C THR F 409 8.28 14.30 -41.08
N GLY F 410 9.22 15.02 -41.69
CA GLY F 410 8.91 15.71 -42.93
C GLY F 410 8.57 14.76 -44.05
N GLN F 411 9.34 13.67 -44.19
CA GLN F 411 9.06 12.68 -45.23
C GLN F 411 7.69 12.04 -45.02
N THR F 412 7.33 11.76 -43.77
CA THR F 412 6.03 11.18 -43.51
C THR F 412 4.91 12.16 -43.81
N THR F 413 5.11 13.45 -43.54
CA THR F 413 4.12 14.44 -43.95
C THR F 413 4.00 14.50 -45.47
N VAL F 414 5.13 14.35 -46.17
CA VAL F 414 5.12 14.34 -47.63
C VAL F 414 4.26 13.18 -48.12
N ILE F 415 4.54 11.99 -47.61
CA ILE F 415 3.81 10.81 -48.05
C ILE F 415 2.34 10.92 -47.68
N CYS F 416 2.04 11.52 -46.54
CA CYS F 416 0.65 11.73 -46.15
C CYS F 416 -0.06 12.66 -47.13
N ALA F 417 0.60 13.74 -47.55
CA ALA F 417 -0.03 14.65 -48.50
C ALA F 417 -0.25 13.99 -49.86
N LEU F 418 0.75 13.25 -50.34
CA LEU F 418 0.62 12.60 -51.63
C LEU F 418 -0.45 11.50 -51.57
N LYS F 419 -0.50 10.75 -50.47
CA LYS F 419 -1.55 9.77 -50.28
C LYS F 419 -2.92 10.44 -50.21
N LYS F 420 -2.99 11.61 -49.59
CA LYS F 420 -4.26 12.34 -49.55
C LYS F 420 -4.71 12.70 -50.96
N TYR F 421 -3.78 13.16 -51.80
CA TYR F 421 -4.17 13.50 -53.16
C TYR F 421 -4.63 12.27 -53.92
N PHE F 422 -3.94 11.15 -53.75
CA PHE F 422 -4.35 9.92 -54.44
C PHE F 422 -5.69 9.42 -53.92
N GLU F 423 -5.94 9.53 -52.61
CA GLU F 423 -7.20 9.06 -52.04
C GLU F 423 -8.36 9.92 -52.51
N GLU F 424 -8.19 11.24 -52.55
CA GLU F 424 -9.23 12.08 -53.14
C GLU F 424 -9.40 11.78 -54.62
N LEU F 425 -8.31 11.44 -55.32
CA LEU F 425 -8.42 11.04 -56.72
C LEU F 425 -9.17 9.72 -56.85
N MET F 426 -8.90 8.79 -55.94
CA MET F 426 -9.64 7.53 -55.92
C MET F 426 -11.12 7.75 -55.62
N SER F 427 -11.46 8.85 -54.95
CA SER F 427 -12.85 9.10 -54.59
C SER F 427 -13.74 9.30 -55.81
N GLN F 428 -13.19 9.83 -56.90
CA GLN F 428 -13.96 9.96 -58.13
C GLN F 428 -14.04 8.67 -58.92
N GLY F 429 -13.47 7.57 -58.43
CA GLY F 429 -13.48 6.31 -59.14
C GLY F 429 -12.47 6.21 -60.26
N ILE F 430 -11.54 7.16 -60.36
CA ILE F 430 -10.56 7.14 -61.44
C ILE F 430 -9.60 5.97 -61.29
N ILE F 431 -9.36 5.53 -60.05
CA ILE F 431 -8.38 4.50 -59.75
C ILE F 431 -9.04 3.42 -58.91
N SER F 432 -8.62 2.18 -59.12
CA SER F 432 -9.11 1.06 -58.34
C SER F 432 -8.25 0.80 -57.10
N GLU F 433 -6.93 0.94 -57.23
CA GLU F 433 -6.02 0.77 -56.11
C GLU F 433 -4.77 1.60 -56.37
N PHE F 434 -4.09 1.97 -55.28
CA PHE F 434 -2.89 2.78 -55.39
C PHE F 434 -1.96 2.46 -54.24
N ASN F 435 -0.70 2.88 -54.39
CA ASN F 435 0.31 2.75 -53.37
C ASN F 435 1.22 3.97 -53.46
N VAL F 436 1.61 4.52 -52.30
CA VAL F 436 2.58 5.60 -52.24
C VAL F 436 3.45 5.38 -51.00
N ASP F 437 4.75 5.24 -51.22
CA ASP F 437 5.70 4.88 -50.17
C ASP F 437 7.06 5.49 -50.52
N ILE F 438 8.02 5.32 -49.62
CA ILE F 438 9.38 5.80 -49.82
C ILE F 438 10.09 4.86 -50.79
N ASP F 439 10.94 5.43 -51.65
CA ASP F 439 11.73 4.64 -52.57
C ASP F 439 13.04 4.27 -51.87
N THR F 440 12.99 3.17 -51.11
CA THR F 440 14.08 2.82 -50.21
C THR F 440 15.37 2.51 -50.97
N GLU F 441 15.25 1.82 -52.11
CA GLU F 441 16.42 1.43 -52.88
C GLU F 441 17.26 2.64 -53.27
N LEU F 442 16.62 3.66 -53.83
CA LEU F 442 17.34 4.86 -54.19
C LEU F 442 17.62 5.72 -52.96
N GLN F 443 16.70 5.76 -52.00
CA GLN F 443 16.86 6.65 -50.85
C GLN F 443 18.06 6.27 -50.01
N ALA F 444 18.46 5.00 -50.03
CA ALA F 444 19.67 4.60 -49.31
C ALA F 444 20.89 5.32 -49.84
N THR F 445 20.99 5.47 -51.16
CA THR F 445 22.10 6.17 -51.81
C THR F 445 21.84 7.66 -51.96
N ALA F 446 20.75 8.18 -51.41
CA ALA F 446 20.41 9.59 -51.62
C ALA F 446 21.41 10.52 -50.94
N LYS F 447 21.53 11.71 -51.51
CA LYS F 447 22.19 12.81 -50.83
C LYS F 447 21.24 13.38 -49.77
N ALA F 448 21.82 14.15 -48.85
CA ALA F 448 21.05 14.65 -47.70
C ALA F 448 19.84 15.46 -48.13
N ASP F 449 19.97 16.28 -49.16
CA ASP F 449 18.87 17.13 -49.60
C ASP F 449 17.82 16.35 -50.38
N GLU F 450 18.24 15.33 -51.12
CA GLU F 450 17.33 14.60 -51.99
C GLU F 450 16.34 13.79 -51.19
N PHE F 451 15.09 13.76 -51.66
CA PHE F 451 14.05 12.87 -51.16
C PHE F 451 13.49 12.07 -52.32
N TYR F 452 13.36 10.76 -52.16
CA TYR F 452 12.98 9.88 -53.25
C TYR F 452 11.72 9.13 -52.83
N TRP F 453 10.72 9.09 -53.71
CA TRP F 453 9.51 8.32 -53.45
C TRP F 453 9.05 7.64 -54.73
N LYS F 454 8.10 6.72 -54.56
CA LYS F 454 7.54 5.96 -55.67
C LYS F 454 6.05 5.79 -55.45
N TRP F 455 5.32 5.57 -56.54
CA TRP F 455 3.88 5.36 -56.47
C TRP F 455 3.43 4.38 -57.53
N ASP F 456 2.34 3.68 -57.22
CA ASP F 456 1.69 2.74 -58.12
C ASP F 456 0.23 3.14 -58.24
N ALA F 457 -0.40 2.78 -59.34
CA ALA F 457 -1.83 2.97 -59.50
C ALA F 457 -2.35 1.98 -60.52
N VAL F 458 -3.67 1.76 -60.46
CA VAL F 458 -4.36 0.89 -61.40
C VAL F 458 -5.62 1.61 -61.86
N LYS F 459 -5.59 2.13 -63.08
CA LYS F 459 -6.76 2.81 -63.62
C LYS F 459 -7.93 1.85 -63.75
N VAL F 460 -9.13 2.35 -63.48
CA VAL F 460 -10.33 1.54 -63.61
C VAL F 460 -10.58 1.23 -65.07
N ASP F 461 -10.98 -0.01 -65.34
CA ASP F 461 -11.23 -0.43 -66.70
C ASP F 461 -12.54 0.16 -67.21
N VAL F 462 -12.56 0.49 -68.50
CA VAL F 462 -13.72 1.03 -69.19
C VAL F 462 -14.03 0.11 -70.35
N MET F 463 -15.28 -0.31 -70.46
CA MET F 463 -15.70 -1.16 -71.57
C MET F 463 -15.48 -0.45 -72.89
N LYS F 464 -14.80 -1.13 -73.81
CA LYS F 464 -14.65 -0.69 -75.19
C LYS F 464 -15.14 -1.72 -76.18
N LYS F 465 -14.81 -3.00 -75.97
CA LYS F 465 -15.17 -4.09 -76.86
C LYS F 465 -16.15 -5.02 -76.15
N ILE F 466 -17.24 -5.34 -76.84
CA ILE F 466 -18.33 -6.13 -76.30
C ILE F 466 -18.73 -7.13 -77.38
N TYR F 467 -18.73 -8.43 -77.05
CA TYR F 467 -19.05 -9.46 -78.03
C TYR F 467 -20.26 -10.24 -77.51
N GLY F 468 -21.26 -10.41 -78.37
CA GLY F 468 -22.45 -11.17 -78.04
C GLY F 468 -22.62 -12.39 -78.92
N THR F 469 -22.75 -13.56 -78.31
CA THR F 469 -22.89 -14.83 -79.01
C THR F 469 -24.38 -15.21 -79.03
N GLY F 470 -24.98 -15.18 -80.22
CA GLY F 470 -26.39 -15.47 -80.36
C GLY F 470 -26.68 -16.93 -80.61
N TYR F 471 -27.92 -17.29 -80.28
CA TYR F 471 -28.44 -18.64 -80.50
C TYR F 471 -29.94 -18.53 -80.76
N LEU F 472 -30.51 -19.57 -81.35
CA LEU F 472 -31.93 -19.56 -81.69
C LEU F 472 -32.55 -20.96 -81.66
N ILE G 7 -13.91 -19.87 22.42
CA ILE G 7 -13.08 -20.39 23.53
C ILE G 7 -12.17 -21.51 23.02
N GLU G 8 -12.79 -22.61 22.58
CA GLU G 8 -12.05 -23.82 22.30
C GLU G 8 -11.19 -23.65 21.06
N GLU G 9 -9.88 -23.72 21.24
CA GLU G 9 -8.94 -23.66 20.11
C GLU G 9 -9.16 -24.79 19.12
N ALA G 10 -9.55 -25.97 19.62
CA ALA G 10 -9.57 -27.16 18.77
C ALA G 10 -10.70 -27.15 17.75
N SER G 11 -11.72 -26.33 17.95
CA SER G 11 -12.87 -26.35 17.05
C SER G 11 -12.53 -25.79 15.68
N PHE G 12 -11.57 -24.88 15.61
CA PHE G 12 -11.22 -24.27 14.33
C PHE G 12 -10.59 -25.29 13.39
N LEU G 13 -10.90 -25.14 12.11
CA LEU G 13 -10.47 -26.06 11.06
C LEU G 13 -9.62 -25.29 10.06
N ASN G 14 -8.43 -25.80 9.79
CA ASN G 14 -7.51 -25.16 8.86
C ASN G 14 -7.73 -25.71 7.46
N GLY G 15 -7.29 -24.93 6.48
CA GLY G 15 -7.34 -25.40 5.11
C GLY G 15 -6.46 -26.59 4.83
N SER G 16 -5.44 -26.81 5.67
CA SER G 16 -4.51 -27.93 5.49
C SER G 16 -5.14 -29.28 5.75
N ASP G 17 -6.30 -29.34 6.39
CA ASP G 17 -6.98 -30.59 6.71
C ASP G 17 -7.99 -30.97 5.63
N VAL G 18 -7.68 -30.66 4.38
CA VAL G 18 -8.62 -30.75 3.26
C VAL G 18 -8.11 -31.77 2.26
N VAL G 19 -8.99 -32.64 1.80
CA VAL G 19 -8.71 -33.57 0.71
C VAL G 19 -9.89 -33.54 -0.25
N ILE G 20 -9.60 -33.40 -1.54
CA ILE G 20 -10.60 -33.23 -2.58
C ILE G 20 -10.50 -34.40 -3.55
N LEU G 21 -11.65 -34.96 -3.91
CA LEU G 21 -11.76 -36.05 -4.86
C LEU G 21 -12.59 -35.60 -6.04
N ILE G 22 -11.99 -35.58 -7.22
CA ILE G 22 -12.67 -35.24 -8.47
C ILE G 22 -12.93 -36.55 -9.20
N ASP G 23 -14.19 -36.95 -9.29
CA ASP G 23 -14.59 -38.20 -9.95
C ASP G 23 -13.88 -39.39 -9.32
N GLY G 24 -13.73 -39.36 -8.00
CA GLY G 24 -13.22 -40.48 -7.24
C GLY G 24 -11.72 -40.55 -7.08
N VAL G 25 -10.96 -39.70 -7.76
CA VAL G 25 -9.51 -39.68 -7.67
C VAL G 25 -9.09 -38.39 -6.97
N GLU G 26 -8.16 -38.52 -6.02
CA GLU G 26 -7.79 -37.39 -5.18
C GLU G 26 -7.08 -36.32 -5.98
N GLU G 27 -7.39 -35.07 -5.68
CA GLU G 27 -6.77 -33.90 -6.28
C GLU G 27 -5.88 -33.24 -5.24
N LEU G 28 -4.59 -33.14 -5.54
CA LEU G 28 -3.58 -32.74 -4.56
C LEU G 28 -3.10 -31.31 -4.72
N TYR G 29 -3.19 -30.75 -5.93
CA TYR G 29 -2.58 -29.47 -6.27
C TYR G 29 -3.59 -28.34 -6.32
N MET G 30 -4.56 -28.34 -5.41
CA MET G 30 -5.60 -27.33 -5.35
C MET G 30 -5.26 -26.27 -4.31
N GLU G 31 -5.62 -25.02 -4.61
CA GLU G 31 -5.35 -23.87 -3.77
C GLU G 31 -6.57 -23.43 -2.97
N GLU G 32 -7.75 -23.44 -3.59
CA GLU G 32 -8.97 -23.11 -2.87
C GLU G 32 -10.16 -23.72 -3.60
N ILE G 33 -11.26 -23.85 -2.86
CA ILE G 33 -12.51 -24.41 -3.36
C ILE G 33 -13.68 -23.68 -2.73
N LYS G 34 -14.75 -23.54 -3.51
CA LYS G 34 -15.97 -22.87 -3.08
C LYS G 34 -17.16 -23.68 -3.59
N ALA G 35 -18.24 -23.68 -2.83
CA ALA G 35 -19.49 -24.29 -3.29
C ALA G 35 -20.64 -23.67 -2.51
N ASP G 36 -21.65 -23.21 -3.25
CA ASP G 36 -22.84 -22.60 -2.68
C ASP G 36 -24.08 -23.21 -3.32
N PHE G 37 -25.14 -23.29 -2.53
CA PHE G 37 -26.44 -23.81 -2.95
C PHE G 37 -27.45 -22.68 -2.77
N GLU G 38 -27.81 -22.03 -3.87
CA GLU G 38 -28.45 -20.72 -3.84
C GLU G 38 -29.94 -20.83 -4.14
N GLN G 39 -30.73 -20.04 -3.42
CA GLN G 39 -32.16 -19.91 -3.69
C GLN G 39 -32.42 -19.03 -4.90
N ASP G 40 -33.53 -19.29 -5.58
CA ASP G 40 -34.21 -18.29 -6.38
C ASP G 40 -35.39 -17.73 -5.59
N GLU G 41 -35.03 -16.98 -4.53
CA GLU G 41 -36.00 -16.57 -3.53
C GLU G 41 -37.12 -15.75 -4.13
N GLN G 42 -38.35 -16.10 -3.79
CA GLN G 42 -39.55 -15.48 -4.33
C GLN G 42 -40.07 -14.45 -3.34
N SER G 43 -40.18 -13.21 -3.80
CA SER G 43 -40.68 -12.11 -2.98
C SER G 43 -42.18 -11.96 -3.22
N ILE G 44 -42.92 -11.81 -2.12
CA ILE G 44 -44.37 -11.72 -2.14
C ILE G 44 -44.77 -10.45 -1.40
N LYS G 45 -45.63 -9.64 -2.03
CA LYS G 45 -46.23 -8.47 -1.41
C LYS G 45 -47.73 -8.68 -1.39
N LEU G 46 -48.34 -8.43 -0.23
CA LEU G 46 -49.76 -8.62 -0.03
C LEU G 46 -50.44 -7.29 0.24
N LEU G 47 -51.73 -7.25 -0.06
CA LEU G 47 -52.47 -5.98 0.02
C LEU G 47 -52.68 -5.56 1.46
N GLY G 48 -53.01 -6.50 2.34
CA GLY G 48 -53.26 -6.14 3.73
C GLY G 48 -52.04 -6.02 4.61
N CYS G 49 -50.86 -6.37 4.10
CA CYS G 49 -49.66 -6.51 4.90
C CYS G 49 -48.57 -5.59 4.36
N GLN G 50 -47.75 -5.06 5.27
CA GLN G 50 -46.79 -4.01 4.94
C GLN G 50 -45.34 -4.49 5.00
N ASN G 51 -45.09 -5.79 4.90
CA ASN G 51 -43.74 -6.30 4.76
C ASN G 51 -43.74 -7.42 3.72
N GLU G 52 -42.60 -7.57 3.05
CA GLU G 52 -42.49 -8.61 2.03
C GLU G 52 -42.40 -9.98 2.66
N ILE G 53 -43.04 -10.95 2.00
CA ILE G 53 -42.97 -12.35 2.38
C ILE G 53 -42.05 -13.06 1.39
N SER G 54 -41.08 -13.79 1.93
CA SER G 54 -40.07 -14.50 1.15
C SER G 54 -40.33 -16.00 1.22
N ARG G 55 -40.24 -16.66 0.08
CA ARG G 55 -40.46 -18.09 -0.05
C ARG G 55 -39.31 -18.73 -0.82
N VAL G 56 -39.11 -20.02 -0.59
CA VAL G 56 -38.02 -20.74 -1.21
C VAL G 56 -38.38 -21.03 -2.67
N GLY G 57 -37.47 -20.68 -3.57
CA GLY G 57 -37.58 -21.02 -4.96
C GLY G 57 -36.72 -22.21 -5.32
N THR G 58 -36.47 -22.36 -6.61
CA THR G 58 -35.64 -23.44 -7.09
C THR G 58 -34.19 -23.24 -6.65
N THR G 59 -33.54 -24.34 -6.30
CA THR G 59 -32.19 -24.33 -5.79
C THR G 59 -31.21 -24.67 -6.90
N LYS G 60 -30.14 -23.88 -7.00
CA LYS G 60 -29.05 -24.13 -7.93
C LYS G 60 -27.74 -24.16 -7.16
N GLY G 61 -26.83 -25.00 -7.63
CA GLY G 61 -25.50 -25.13 -7.06
C GLY G 61 -24.47 -24.47 -7.97
N SER G 62 -23.51 -23.78 -7.36
CA SER G 62 -22.39 -23.18 -8.07
C SER G 62 -21.12 -23.46 -7.29
N PHE G 63 -20.07 -23.86 -8.00
CA PHE G 63 -18.77 -24.13 -7.39
C PHE G 63 -17.69 -23.41 -8.17
N SER G 64 -16.60 -23.10 -7.48
CA SER G 64 -15.35 -22.69 -8.11
C SER G 64 -14.22 -23.45 -7.46
N LEU G 65 -13.14 -23.61 -8.21
CA LEU G 65 -12.09 -24.56 -7.86
C LEU G 65 -10.80 -24.09 -8.49
N ASN G 66 -9.93 -23.47 -7.68
CA ASN G 66 -8.68 -22.90 -8.13
C ASN G 66 -7.52 -23.78 -7.68
N GLY G 67 -6.53 -23.94 -8.55
CA GLY G 67 -5.42 -24.79 -8.23
C GLY G 67 -4.24 -24.56 -9.14
N TYR G 68 -3.30 -25.48 -9.07
CA TYR G 68 -2.06 -25.45 -9.84
C TYR G 68 -2.11 -26.52 -10.91
N LYS G 69 -1.71 -26.16 -12.12
CA LYS G 69 -1.81 -27.06 -13.27
C LYS G 69 -0.67 -28.08 -13.22
N THR G 70 -1.04 -29.35 -13.29
CA THR G 70 -0.10 -30.45 -13.41
C THR G 70 -0.47 -31.43 -14.51
N ASP G 71 -1.64 -31.29 -15.12
CA ASP G 71 -2.07 -32.17 -16.19
C ASP G 71 -3.20 -31.45 -16.94
N SER G 72 -3.66 -32.10 -18.01
CA SER G 72 -4.79 -31.61 -18.80
C SER G 72 -6.08 -32.28 -18.38
N LYS G 73 -6.24 -32.54 -17.08
CA LYS G 73 -7.39 -33.29 -16.59
C LYS G 73 -8.70 -32.60 -16.95
N PHE G 74 -8.77 -31.29 -16.73
CA PHE G 74 -10.02 -30.58 -16.96
C PHE G 74 -10.30 -30.39 -18.45
N ALA G 75 -9.24 -30.27 -19.26
CA ALA G 75 -9.44 -30.17 -20.70
C ALA G 75 -9.98 -31.47 -21.29
N LYS G 76 -9.42 -32.61 -20.87
CA LYS G 76 -10.02 -33.89 -21.25
C LYS G 76 -11.41 -34.04 -20.68
N LEU G 77 -11.61 -33.61 -19.44
CA LEU G 77 -12.91 -33.78 -18.78
C LEU G 77 -14.01 -33.08 -19.55
N GLY G 78 -13.69 -31.98 -20.23
CA GLY G 78 -14.66 -31.30 -21.06
C GLY G 78 -15.83 -30.82 -20.25
N PHE G 79 -17.02 -30.95 -20.81
CA PHE G 79 -18.26 -30.55 -20.16
C PHE G 79 -19.04 -31.75 -19.65
N ARG G 80 -18.41 -32.91 -19.51
CA ARG G 80 -19.07 -34.06 -18.92
C ARG G 80 -19.40 -33.81 -17.46
N SER G 81 -20.43 -34.49 -16.99
CA SER G 81 -20.82 -34.41 -15.59
C SER G 81 -19.85 -35.22 -14.74
N PHE G 82 -19.51 -34.68 -13.57
CA PHE G 82 -18.63 -35.35 -12.62
C PHE G 82 -19.12 -35.01 -11.21
N GLU G 83 -18.47 -35.63 -10.23
CA GLU G 83 -18.78 -35.42 -8.82
C GLU G 83 -17.54 -34.90 -8.10
N ILE G 84 -17.80 -34.16 -7.03
CA ILE G 84 -16.76 -33.63 -6.15
C ILE G 84 -17.11 -34.07 -4.74
N ILE G 85 -16.21 -34.81 -4.10
CA ILE G 85 -16.31 -35.18 -2.70
C ILE G 85 -15.29 -34.35 -1.95
N TYR G 86 -15.76 -33.56 -0.99
CA TYR G 86 -14.95 -32.65 -0.22
C TYR G 86 -14.97 -33.08 1.24
N ASN G 87 -13.80 -33.40 1.78
CA ASN G 87 -13.66 -33.81 3.17
C ASN G 87 -12.81 -32.78 3.91
N LEU G 88 -13.35 -32.26 5.01
CA LEU G 88 -12.65 -31.34 5.89
C LEU G 88 -12.59 -32.01 7.26
N SER G 89 -11.40 -32.36 7.70
CA SER G 89 -11.18 -33.11 8.92
C SER G 89 -10.63 -32.20 10.02
N ASN G 90 -10.92 -32.58 11.26
CA ASN G 90 -10.27 -32.02 12.43
C ASN G 90 -9.15 -32.94 12.87
N SER G 91 -8.08 -32.34 13.39
CA SER G 91 -6.93 -33.07 13.89
C SER G 91 -6.94 -33.19 15.41
N GLU G 92 -7.13 -32.08 16.12
CA GLU G 92 -7.18 -32.15 17.58
C GLU G 92 -8.38 -32.96 18.05
N THR G 93 -9.51 -32.80 17.37
CA THR G 93 -10.65 -33.71 17.48
C THR G 93 -10.60 -34.66 16.29
N LEU G 94 -11.30 -35.79 16.41
CA LEU G 94 -11.34 -36.79 15.35
C LEU G 94 -12.53 -36.61 14.41
N GLY G 95 -13.36 -35.58 14.61
CA GLY G 95 -14.50 -35.39 13.75
C GLY G 95 -14.11 -34.86 12.39
N TYR G 96 -15.01 -35.05 11.44
CA TYR G 96 -14.78 -34.60 10.08
C TYR G 96 -16.11 -34.41 9.36
N GLU G 97 -16.07 -33.54 8.37
CA GLU G 97 -17.20 -33.26 7.49
C GLU G 97 -16.88 -33.81 6.11
N SER G 98 -17.89 -34.36 5.44
CA SER G 98 -17.75 -34.83 4.07
C SER G 98 -18.97 -34.40 3.27
N ILE G 99 -18.74 -33.75 2.14
CA ILE G 99 -19.79 -33.21 1.28
C ILE G 99 -19.55 -33.72 -0.12
N ARG G 100 -20.59 -34.25 -0.74
CA ARG G 100 -20.54 -34.80 -2.09
C ARG G 100 -21.41 -33.90 -2.97
N LEU G 101 -20.77 -33.21 -3.91
CA LEU G 101 -21.48 -32.44 -4.93
C LEU G 101 -21.73 -33.32 -6.15
N LYS G 102 -22.98 -33.38 -6.58
CA LYS G 102 -23.43 -34.29 -7.62
C LYS G 102 -23.75 -33.54 -8.90
N ASN G 103 -23.52 -34.22 -10.03
CA ASN G 103 -23.80 -33.67 -11.36
C ASN G 103 -23.07 -32.36 -11.58
N CYS G 104 -21.83 -32.29 -11.10
CA CYS G 104 -21.01 -31.11 -11.31
C CYS G 104 -20.60 -31.02 -12.77
N ARG G 105 -20.62 -29.80 -13.31
CA ARG G 105 -20.35 -29.58 -14.71
C ARG G 105 -19.67 -28.23 -14.88
N LEU G 106 -18.61 -28.21 -15.68
CA LEU G 106 -17.82 -26.99 -15.85
C LEU G 106 -18.54 -25.98 -16.74
N LYS G 107 -18.49 -24.72 -16.33
CA LYS G 107 -19.02 -23.64 -17.16
C LYS G 107 -18.06 -23.30 -18.30
N LYS G 108 -16.77 -23.37 -18.04
CA LYS G 108 -15.77 -23.10 -19.07
C LYS G 108 -14.54 -23.95 -18.83
N LEU G 109 -13.83 -24.24 -19.91
CA LEU G 109 -12.64 -25.09 -19.89
C LEU G 109 -11.40 -24.22 -19.71
N PRO G 110 -10.53 -24.45 -18.71
CA PRO G 110 -9.30 -23.64 -18.62
C PRO G 110 -8.22 -24.17 -19.55
N LEU G 111 -8.36 -23.85 -20.84
CA LEU G 111 -7.43 -24.40 -21.82
C LEU G 111 -6.02 -23.86 -21.61
N ILE G 112 -5.89 -22.55 -21.49
CA ILE G 112 -4.60 -21.88 -21.38
C ILE G 112 -4.70 -20.81 -20.31
N ASN G 113 -3.73 -20.80 -19.38
CA ASN G 113 -3.61 -19.71 -18.43
C ASN G 113 -2.16 -19.73 -17.93
N SER G 114 -1.34 -18.84 -18.46
CA SER G 114 0.06 -18.76 -18.07
C SER G 114 0.53 -17.32 -18.14
N LYS G 115 1.41 -16.97 -17.20
CA LYS G 115 2.01 -15.65 -17.11
C LYS G 115 3.53 -15.81 -17.19
N ALA G 116 4.22 -14.68 -17.32
CA ALA G 116 5.61 -14.67 -17.76
C ALA G 116 6.52 -15.47 -16.84
N GLY G 117 6.45 -15.21 -15.54
CA GLY G 117 7.36 -15.80 -14.58
C GLY G 117 6.70 -16.43 -13.37
N GLU G 118 5.41 -16.72 -13.48
CA GLU G 118 4.63 -17.30 -12.40
C GLU G 118 4.34 -18.76 -12.67
N ILE G 119 3.97 -19.47 -11.61
CA ILE G 119 3.60 -20.88 -11.72
C ILE G 119 2.25 -20.98 -12.40
N VAL G 120 2.13 -21.92 -13.32
CA VAL G 120 0.92 -22.08 -14.10
C VAL G 120 -0.20 -22.53 -13.17
N LYS G 121 -1.25 -21.72 -13.08
CA LYS G 121 -2.42 -22.00 -12.26
C LYS G 121 -3.61 -22.33 -13.15
N ILE G 122 -4.55 -23.07 -12.56
CA ILE G 122 -5.78 -23.46 -13.23
C ILE G 122 -6.94 -23.08 -12.33
N GLU G 123 -7.94 -22.42 -12.90
CA GLU G 123 -9.14 -22.01 -12.18
C GLU G 123 -10.36 -22.39 -13.01
N VAL G 124 -11.31 -23.07 -12.38
CA VAL G 124 -12.54 -23.51 -13.03
C VAL G 124 -13.72 -23.12 -12.16
N GLU G 125 -14.87 -23.03 -12.83
CA GLU G 125 -16.14 -22.75 -12.18
C GLU G 125 -17.20 -23.59 -12.87
N GLY G 126 -18.31 -23.80 -12.18
CA GLY G 126 -19.36 -24.63 -12.73
C GLY G 126 -20.56 -24.66 -11.83
N SER G 127 -21.45 -25.60 -12.13
CA SER G 127 -22.71 -25.76 -11.42
C SER G 127 -22.92 -27.22 -11.06
N PHE G 128 -23.65 -27.44 -9.98
CA PHE G 128 -24.03 -28.78 -9.54
C PHE G 128 -25.49 -28.78 -9.14
N ARG G 129 -26.11 -29.97 -9.25
CA ARG G 129 -27.55 -30.10 -9.04
C ARG G 129 -27.87 -30.10 -7.56
N GLY G 130 -27.30 -31.04 -6.81
CA GLY G 130 -27.58 -31.20 -5.40
C GLY G 130 -26.35 -31.67 -4.66
N TYR G 131 -26.52 -31.85 -3.35
CA TYR G 131 -25.43 -32.21 -2.47
C TYR G 131 -25.90 -33.26 -1.48
N ASP G 132 -24.96 -34.10 -1.05
CA ASP G 132 -25.16 -35.06 0.03
C ASP G 132 -24.17 -34.74 1.13
N LEU G 133 -24.69 -34.51 2.34
CA LEU G 133 -23.86 -34.28 3.52
C LEU G 133 -23.56 -35.64 4.13
N LEU G 134 -22.48 -36.25 3.63
CA LEU G 134 -22.17 -37.63 4.01
C LEU G 134 -21.80 -37.73 5.48
N ASN G 135 -21.00 -36.80 5.98
CA ASN G 135 -20.52 -36.81 7.36
C ASN G 135 -20.43 -35.37 7.84
N GLU G 136 -20.12 -35.21 9.12
CA GLU G 136 -20.26 -33.90 9.76
C GLU G 136 -19.62 -33.86 11.14
N GLU H 13 -8.45 -5.35 -81.96
CA GLU H 13 -9.83 -5.05 -82.43
C GLU H 13 -10.19 -3.60 -82.15
N ILE H 14 -11.42 -3.23 -82.50
CA ILE H 14 -11.90 -1.84 -82.43
C ILE H 14 -13.05 -1.83 -81.43
N PRO H 15 -13.29 -0.75 -80.70
CA PRO H 15 -14.46 -0.72 -79.80
C PRO H 15 -15.78 -0.91 -80.55
N GLY H 16 -16.67 -1.68 -79.95
CA GLY H 16 -18.05 -1.79 -80.40
C GLY H 16 -18.63 -3.18 -80.18
N PHE H 17 -19.95 -3.28 -80.33
CA PHE H 17 -20.62 -4.58 -80.38
C PHE H 17 -20.20 -5.37 -81.60
N TYR H 18 -20.08 -6.68 -81.40
CA TYR H 18 -19.79 -7.64 -82.46
C TYR H 18 -20.66 -8.86 -82.20
N ASN H 19 -21.91 -8.80 -82.67
CA ASN H 19 -22.86 -9.89 -82.52
C ASN H 19 -22.56 -10.95 -83.57
N ARG H 20 -22.24 -12.15 -83.11
CA ARG H 20 -21.87 -13.25 -84.01
C ARG H 20 -22.53 -14.53 -83.52
N PHE H 21 -23.59 -14.92 -84.22
CA PHE H 21 -24.27 -16.18 -83.96
C PHE H 21 -23.29 -17.34 -84.10
N LYS H 22 -23.36 -18.28 -83.15
CA LYS H 22 -22.63 -19.54 -83.21
C LYS H 22 -23.62 -20.69 -83.26
N THR H 23 -23.34 -21.67 -84.11
CA THR H 23 -24.25 -22.80 -84.28
C THR H 23 -24.33 -23.61 -83.00
N GLN H 24 -25.52 -24.15 -82.74
CA GLN H 24 -25.75 -24.91 -81.51
C GLN H 24 -24.98 -26.22 -81.48
N ALA H 25 -24.52 -26.72 -82.62
CA ALA H 25 -23.77 -27.96 -82.64
C ALA H 25 -22.45 -27.85 -81.88
N GLU H 26 -21.92 -26.64 -81.73
CA GLU H 26 -20.60 -26.43 -81.13
C GLU H 26 -20.71 -26.24 -79.61
N LYS H 27 -21.23 -27.26 -78.94
CA LYS H 27 -21.35 -27.24 -77.49
C LYS H 27 -20.06 -27.71 -76.84
N SER H 28 -19.67 -27.02 -75.77
CA SER H 28 -18.53 -27.46 -74.98
C SER H 28 -18.92 -28.64 -74.11
N THR H 29 -17.90 -29.39 -73.67
CA THR H 29 -18.13 -30.57 -72.85
C THR H 29 -18.64 -30.16 -71.46
N ASN H 30 -18.91 -31.17 -70.63
CA ASN H 30 -19.46 -30.93 -69.31
C ASN H 30 -18.43 -30.24 -68.42
N THR H 31 -18.85 -29.96 -67.17
CA THR H 31 -18.01 -29.31 -66.18
C THR H 31 -17.65 -30.19 -65.00
N GLY H 32 -18.46 -31.20 -64.69
CA GLY H 32 -18.18 -32.09 -63.58
C GLY H 32 -17.15 -33.14 -63.92
N LEU H 33 -15.89 -32.73 -64.03
CA LEU H 33 -14.79 -33.60 -64.40
C LEU H 33 -13.65 -33.44 -63.40
N LYS H 34 -12.89 -34.52 -63.23
CA LYS H 34 -11.81 -34.56 -62.25
C LYS H 34 -10.78 -35.58 -62.71
N GLY H 35 -9.57 -35.45 -62.17
CA GLY H 35 -8.56 -36.48 -62.28
C GLY H 35 -7.74 -36.41 -63.56
N ARG H 36 -6.64 -37.16 -63.57
CA ARG H 36 -5.68 -37.19 -64.66
C ARG H 36 -5.43 -38.62 -65.11
N LEU H 37 -5.34 -38.82 -66.43
CA LEU H 37 -5.20 -40.14 -67.03
C LEU H 37 -4.11 -40.13 -68.09
N ALA H 38 -3.41 -41.25 -68.20
CA ALA H 38 -2.41 -41.47 -69.24
C ALA H 38 -2.98 -42.33 -70.35
N MET H 39 -2.41 -42.17 -71.55
CA MET H 39 -2.95 -42.79 -72.75
C MET H 39 -1.87 -42.95 -73.82
N PRO H 40 -1.21 -44.13 -73.92
CA PRO H 40 -0.26 -44.34 -75.05
C PRO H 40 -0.99 -44.63 -76.36
N ILE H 41 -1.56 -43.58 -76.94
CA ILE H 41 -2.45 -43.74 -78.09
C ILE H 41 -1.67 -44.20 -79.31
N ARG H 42 -2.20 -45.22 -80.00
CA ARG H 42 -1.69 -45.65 -81.31
C ARG H 42 -2.40 -44.84 -82.37
N ALA H 43 -1.87 -43.64 -82.63
CA ALA H 43 -2.48 -42.70 -83.56
C ALA H 43 -1.83 -42.83 -84.93
N ASN H 44 -2.66 -42.99 -85.97
CA ASN H 44 -2.16 -42.87 -87.33
C ASN H 44 -1.50 -41.51 -87.54
N TRP H 45 -2.09 -40.46 -86.97
CA TRP H 45 -1.57 -39.11 -87.06
C TRP H 45 -1.58 -38.49 -85.67
N GLY H 46 -0.59 -37.64 -85.40
CA GLY H 46 -0.51 -36.95 -84.14
C GLY H 46 0.92 -36.66 -83.76
N ASP H 47 1.09 -36.25 -82.50
CA ASP H 47 2.36 -35.73 -81.99
C ASP H 47 3.22 -36.90 -81.50
N VAL H 48 4.35 -37.12 -82.15
CA VAL H 48 5.23 -38.24 -81.87
C VAL H 48 6.39 -37.76 -81.00
N GLY H 49 6.73 -38.53 -79.97
CA GLY H 49 7.85 -38.21 -79.11
C GLY H 49 7.56 -37.25 -77.98
N LYS H 50 6.29 -36.90 -77.76
CA LYS H 50 5.93 -35.97 -76.70
C LYS H 50 4.51 -36.26 -76.22
N VAL H 51 4.26 -35.93 -74.95
CA VAL H 51 2.97 -36.13 -74.31
C VAL H 51 2.21 -34.81 -74.37
N VAL H 52 0.94 -34.87 -74.76
CA VAL H 52 0.08 -33.70 -74.88
C VAL H 52 -1.02 -33.82 -73.84
N THR H 53 -1.31 -32.71 -73.16
CA THR H 53 -2.30 -32.67 -72.08
C THR H 53 -3.59 -32.09 -72.64
N ILE H 54 -4.48 -32.98 -73.08
CA ILE H 54 -5.77 -32.57 -73.60
C ILE H 54 -6.70 -32.25 -72.44
N LYS H 55 -7.48 -31.18 -72.59
CA LYS H 55 -8.42 -30.75 -71.57
C LYS H 55 -9.73 -31.54 -71.71
N ASN H 56 -10.77 -31.10 -71.00
CA ASN H 56 -12.10 -31.69 -71.13
C ASN H 56 -12.58 -31.70 -72.57
N ASP H 57 -12.25 -30.68 -73.34
CA ASP H 57 -12.79 -30.52 -74.69
C ASP H 57 -12.32 -31.66 -75.60
N LEU H 58 -13.27 -32.22 -76.36
CA LEU H 58 -12.96 -33.21 -77.38
C LEU H 58 -12.31 -32.59 -78.62
N ARG H 59 -12.27 -31.26 -78.71
CA ARG H 59 -11.92 -30.64 -79.98
C ARG H 59 -10.42 -30.76 -80.23
N GLN H 60 -9.61 -30.56 -79.19
CA GLN H 60 -8.18 -30.72 -79.33
C GLN H 60 -7.82 -32.15 -79.69
N LEU H 61 -8.58 -33.12 -79.15
CA LEU H 61 -8.32 -34.53 -79.46
C LEU H 61 -8.47 -34.79 -80.96
N LYS H 62 -9.59 -34.38 -81.56
CA LYS H 62 -9.79 -34.73 -82.96
C LYS H 62 -8.89 -33.87 -83.85
N ASN H 63 -8.66 -32.61 -83.46
CA ASN H 63 -7.79 -31.74 -84.23
C ASN H 63 -6.36 -32.27 -84.25
N LEU H 64 -5.92 -32.88 -83.15
CA LEU H 64 -4.54 -33.33 -83.03
C LEU H 64 -4.34 -34.81 -83.36
N PHE H 65 -5.39 -35.63 -83.28
CA PHE H 65 -5.28 -37.08 -83.40
C PHE H 65 -6.38 -37.65 -84.28
N GLY H 66 -6.67 -36.97 -85.39
CA GLY H 66 -7.58 -37.50 -86.39
C GLY H 66 -9.02 -37.60 -85.93
N ASP H 67 -9.93 -37.81 -86.89
CA ASP H 67 -11.35 -37.94 -86.62
C ASP H 67 -11.82 -39.36 -86.89
N ASP H 68 -10.94 -40.26 -87.30
CA ASP H 68 -11.35 -41.56 -87.80
C ASP H 68 -11.56 -42.54 -86.64
N MET H 69 -12.63 -43.34 -86.76
CA MET H 69 -12.99 -44.26 -85.69
C MET H 69 -12.00 -45.40 -85.57
N ASN H 70 -11.49 -45.91 -86.70
CA ASN H 70 -10.56 -47.04 -86.65
C ASN H 70 -9.27 -46.66 -85.94
N TYR H 71 -8.91 -45.37 -85.93
CA TYR H 71 -7.74 -44.93 -85.18
C TYR H 71 -7.96 -45.23 -83.71
N SER H 72 -7.04 -46.01 -83.12
CA SER H 72 -7.13 -46.28 -81.70
C SER H 72 -7.08 -45.00 -80.87
N ALA H 73 -6.32 -44.01 -81.35
CA ALA H 73 -6.19 -42.75 -80.63
C ALA H 73 -7.54 -42.07 -80.45
N PHE H 74 -8.24 -41.79 -81.56
CA PHE H 74 -9.52 -41.10 -81.47
C PHE H 74 -10.55 -41.93 -80.72
N LYS H 75 -10.63 -43.22 -81.02
CA LYS H 75 -11.64 -44.09 -80.42
C LYS H 75 -11.49 -44.14 -78.90
N LEU H 76 -10.28 -44.44 -78.45
CA LEU H 76 -10.05 -44.58 -77.02
C LEU H 76 -10.00 -43.24 -76.29
N GLY H 77 -9.54 -42.18 -76.95
CA GLY H 77 -9.64 -40.86 -76.33
C GLY H 77 -11.08 -40.43 -76.16
N LYS H 78 -11.93 -40.74 -77.14
CA LYS H 78 -13.35 -40.48 -77.00
C LYS H 78 -13.92 -41.27 -75.82
N LEU H 79 -13.53 -42.53 -75.69
CA LEU H 79 -13.95 -43.30 -74.51
C LEU H 79 -13.52 -42.63 -73.21
N ALA H 80 -12.26 -42.21 -73.15
CA ALA H 80 -11.74 -41.64 -71.92
C ALA H 80 -12.46 -40.33 -71.56
N LEU H 81 -12.73 -39.51 -72.56
CA LEU H 81 -13.33 -38.21 -72.31
C LEU H 81 -14.84 -38.31 -72.05
N LEU H 82 -15.51 -39.30 -72.64
CA LEU H 82 -16.83 -39.67 -72.14
C LEU H 82 -16.76 -40.31 -70.75
N GLY H 83 -15.59 -40.82 -70.35
CA GLY H 83 -15.35 -41.16 -68.97
C GLY H 83 -15.17 -39.97 -68.05
N ASN H 84 -15.17 -38.75 -68.60
CA ASN H 84 -15.22 -37.50 -67.84
C ASN H 84 -13.95 -37.30 -67.01
N VAL H 85 -12.80 -37.62 -67.61
CA VAL H 85 -11.51 -37.26 -67.03
C VAL H 85 -11.22 -35.81 -67.31
N LYS H 86 -10.76 -35.08 -66.28
CA LYS H 86 -10.51 -33.65 -66.43
C LYS H 86 -9.36 -33.40 -67.40
N GLU H 87 -8.22 -34.06 -67.20
CA GLU H 87 -7.06 -33.93 -68.06
C GLU H 87 -6.65 -35.31 -68.57
N LEU H 88 -6.57 -35.46 -69.88
CA LEU H 88 -6.21 -36.72 -70.53
C LEU H 88 -4.88 -36.51 -71.22
N LEU H 89 -3.87 -37.25 -70.78
CA LEU H 89 -2.50 -37.09 -71.27
C LEU H 89 -2.23 -38.12 -72.35
N LEU H 90 -2.15 -37.66 -73.59
CA LEU H 90 -1.97 -38.51 -74.76
C LEU H 90 -0.53 -38.50 -75.22
N TYR H 91 0.00 -39.70 -75.48
CA TYR H 91 1.29 -39.89 -76.12
C TYR H 91 1.08 -40.74 -77.36
N ARG H 92 1.42 -40.21 -78.52
CA ARG H 92 1.33 -40.99 -79.73
C ARG H 92 2.33 -42.13 -79.72
N LEU H 93 1.92 -43.27 -80.25
CA LEU H 93 2.73 -44.47 -80.31
C LEU H 93 2.88 -44.87 -81.77
N VAL H 94 4.12 -44.87 -82.26
CA VAL H 94 4.42 -45.31 -83.62
C VAL H 94 5.65 -46.21 -83.59
N ASP H 95 5.76 -47.07 -84.59
CA ASP H 95 6.93 -47.92 -84.72
C ASP H 95 8.15 -47.08 -85.13
N GLY H 96 9.33 -47.65 -84.89
CA GLY H 96 10.55 -46.97 -85.31
C GLY H 96 10.61 -46.77 -86.81
N ASN H 97 10.16 -47.78 -87.58
CA ASN H 97 10.15 -47.66 -89.03
C ASN H 97 9.15 -46.60 -89.49
N GLN H 98 8.11 -46.35 -88.72
CA GLN H 98 7.13 -45.32 -89.06
C GLN H 98 7.79 -43.95 -89.09
N LYS H 99 7.48 -43.18 -90.13
CA LYS H 99 8.18 -41.92 -90.40
C LYS H 99 7.20 -40.94 -91.04
N LYS H 100 7.72 -39.75 -91.36
CA LYS H 100 6.92 -38.71 -92.00
C LYS H 100 6.74 -38.98 -93.48
N GLY H 101 5.51 -38.80 -93.97
CA GLY H 101 5.32 -38.69 -95.39
C GLY H 101 6.06 -37.49 -95.94
N THR H 102 6.66 -37.65 -97.12
CA THR H 102 7.52 -36.63 -97.70
C THR H 102 7.35 -36.60 -99.21
N LEU H 103 7.35 -35.38 -99.76
CA LEU H 103 7.34 -35.17 -101.20
C LEU H 103 8.16 -33.93 -101.51
N THR H 104 8.60 -33.85 -102.76
CA THR H 104 9.38 -32.74 -103.26
C THR H 104 8.69 -32.15 -104.48
N LEU H 105 8.53 -30.83 -104.49
CA LEU H 105 8.04 -30.13 -105.66
C LEU H 105 9.22 -29.75 -106.56
N LYS H 106 8.91 -29.49 -107.82
CA LYS H 106 9.94 -29.14 -108.79
C LYS H 106 9.38 -28.10 -109.76
N ASP H 107 10.28 -27.38 -110.40
CA ASP H 107 9.94 -26.35 -111.37
C ASP H 107 10.02 -26.91 -112.79
N THR H 108 9.42 -26.16 -113.73
CA THR H 108 9.40 -26.51 -115.14
C THR H 108 9.94 -25.38 -116.02
N THR H 109 10.53 -24.34 -115.44
CA THR H 109 11.10 -23.26 -116.25
C THR H 109 12.25 -23.78 -117.11
N GLU H 110 13.12 -24.60 -116.53
CA GLU H 110 14.24 -25.18 -117.25
C GLU H 110 13.81 -26.46 -117.96
N ASN H 111 14.67 -26.93 -118.87
CA ASN H 111 14.38 -28.18 -119.56
C ASN H 111 14.36 -29.35 -118.60
N SER H 112 15.29 -29.37 -117.64
CA SER H 112 15.36 -30.40 -116.61
C SER H 112 14.84 -29.82 -115.30
N ALA H 113 13.85 -30.50 -114.71
CA ALA H 113 13.26 -30.02 -113.47
C ALA H 113 14.20 -30.26 -112.30
N LYS H 114 14.09 -29.40 -111.29
CA LYS H 114 14.94 -29.47 -110.10
C LYS H 114 14.10 -29.17 -108.87
N ASP H 115 14.54 -29.71 -107.73
CA ASP H 115 13.80 -29.57 -106.49
C ASP H 115 13.97 -28.19 -105.90
N VAL H 116 12.86 -27.58 -105.48
CA VAL H 116 12.88 -26.30 -104.78
C VAL H 116 12.11 -26.32 -103.47
N ILE H 117 11.17 -27.25 -103.26
CA ILE H 117 10.39 -27.33 -102.03
C ILE H 117 10.28 -28.80 -101.64
N LYS H 118 10.38 -29.07 -100.33
CA LYS H 118 10.02 -30.35 -99.73
C LYS H 118 8.83 -30.16 -98.82
N LEU H 119 7.77 -30.91 -99.07
CA LEU H 119 6.61 -30.96 -98.20
C LEU H 119 6.67 -32.24 -97.39
N GLU H 120 6.87 -32.10 -96.08
CA GLU H 120 6.91 -33.22 -95.16
C GLU H 120 5.75 -33.08 -94.18
N THR H 121 5.16 -34.20 -93.80
CA THR H 121 4.11 -34.17 -92.79
C THR H 121 4.66 -33.56 -91.51
N LYS H 122 3.85 -32.72 -90.87
CA LYS H 122 4.31 -32.00 -89.68
C LYS H 122 4.80 -32.96 -88.61
N TYR H 123 4.16 -34.10 -88.48
CA TYR H 123 4.55 -35.17 -87.57
C TYR H 123 4.51 -36.48 -88.35
N PRO H 124 5.17 -37.53 -87.86
CA PRO H 124 5.21 -38.79 -88.62
C PRO H 124 3.82 -39.32 -88.93
N THR H 125 3.62 -39.75 -90.17
CA THR H 125 2.35 -40.35 -90.59
C THR H 125 2.50 -40.83 -92.03
N ALA H 126 1.57 -41.71 -92.43
CA ALA H 126 1.48 -42.19 -93.81
C ALA H 126 0.03 -42.24 -94.27
N ARG H 127 -0.81 -41.35 -93.74
CA ARG H 127 -2.21 -41.30 -94.12
C ARG H 127 -2.33 -40.82 -95.57
N ASN H 128 -3.58 -40.78 -96.06
CA ASN H 128 -3.85 -40.36 -97.43
C ASN H 128 -3.85 -38.83 -97.54
N PHE H 129 -2.68 -38.26 -97.25
CA PHE H 129 -2.50 -36.81 -97.29
C PHE H 129 -1.93 -36.44 -98.66
N ASN H 130 -2.77 -35.87 -99.50
CA ASN H 130 -2.46 -35.58 -100.88
C ASN H 130 -2.24 -34.09 -101.08
N VAL H 131 -1.55 -33.74 -102.17
CA VAL H 131 -1.23 -32.36 -102.51
C VAL H 131 -1.63 -32.13 -103.96
N THR H 132 -2.03 -30.89 -104.25
CA THR H 132 -2.30 -30.48 -105.63
C THR H 132 -1.87 -29.03 -105.80
N ILE H 133 -1.16 -28.76 -106.90
CA ILE H 133 -0.61 -27.43 -107.19
C ILE H 133 -0.93 -27.12 -108.65
N LYS H 134 -1.38 -25.90 -108.89
CA LYS H 134 -1.76 -25.46 -110.23
C LYS H 134 -1.50 -23.96 -110.35
N SER H 135 -1.68 -23.43 -111.55
CA SER H 135 -1.49 -22.01 -111.80
C SER H 135 -2.68 -21.21 -111.28
N ASN H 136 -2.40 -19.97 -110.86
CA ASN H 136 -3.43 -19.06 -110.39
C ASN H 136 -3.98 -18.26 -111.56
N LEU H 137 -5.31 -18.23 -111.67
CA LEU H 137 -5.95 -17.54 -112.79
C LEU H 137 -5.89 -16.03 -112.62
N VAL H 138 -6.02 -15.55 -111.37
CA VAL H 138 -6.06 -14.11 -111.13
C VAL H 138 -4.72 -13.47 -111.50
N ASP H 139 -3.62 -14.08 -111.05
CA ASP H 139 -2.27 -13.58 -111.29
C ASP H 139 -1.43 -14.70 -111.88
N SER H 140 -0.69 -14.39 -112.95
CA SER H 140 0.14 -15.40 -113.59
C SER H 140 1.24 -15.89 -112.66
N ASP H 141 1.88 -14.98 -111.92
CA ASP H 141 2.96 -15.37 -111.04
C ASP H 141 2.48 -16.20 -109.85
N LYS H 142 1.23 -16.05 -109.45
CA LYS H 142 0.70 -16.80 -108.31
C LYS H 142 0.37 -18.23 -108.72
N LYS H 143 0.35 -19.11 -107.72
CA LYS H 143 -0.06 -20.50 -107.89
C LYS H 143 -1.01 -20.89 -106.77
N ASP H 144 -1.95 -21.77 -107.10
CA ASP H 144 -2.91 -22.29 -106.13
C ASP H 144 -2.35 -23.59 -105.55
N PHE H 145 -2.23 -23.64 -104.23
CA PHE H 145 -1.77 -24.82 -103.51
C PHE H 145 -2.91 -25.35 -102.65
N ILE H 146 -3.21 -26.63 -102.81
CA ILE H 146 -4.34 -27.28 -102.15
C ILE H 146 -3.86 -28.58 -101.53
N PHE H 147 -4.40 -28.91 -100.35
CA PHE H 147 -4.10 -30.14 -99.65
C PHE H 147 -5.39 -30.92 -99.38
N PHE H 148 -5.33 -32.23 -99.60
CA PHE H 148 -6.47 -33.14 -99.44
C PHE H 148 -6.19 -34.18 -98.36
N GLU H 149 -7.26 -34.56 -97.65
CA GLU H 149 -7.22 -35.59 -96.61
C GLU H 149 -8.36 -36.58 -96.88
N ASN H 150 -8.01 -37.77 -97.38
CA ASN H 150 -9.00 -38.80 -97.72
C ASN H 150 -10.05 -38.23 -98.67
N THR H 151 -9.58 -37.48 -99.67
CA THR H 151 -10.45 -36.80 -100.64
C THR H 151 -11.26 -35.67 -99.99
N LYS H 152 -10.74 -35.08 -98.92
CA LYS H 152 -11.37 -33.94 -98.25
C LYS H 152 -10.35 -32.80 -98.18
N GLN H 153 -10.75 -31.63 -98.67
CA GLN H 153 -9.84 -30.49 -98.69
C GLN H 153 -9.50 -30.03 -97.28
N LEU H 154 -8.24 -29.69 -97.06
CA LEU H 154 -7.74 -29.16 -95.80
C LEU H 154 -7.31 -27.70 -95.91
N PHE H 155 -6.48 -27.37 -96.91
CA PHE H 155 -5.93 -26.04 -97.07
C PHE H 155 -6.08 -25.63 -98.52
N SER H 156 -6.28 -24.33 -98.76
CA SER H 156 -6.37 -23.80 -100.11
C SER H 156 -6.02 -22.32 -100.09
N SER H 157 -5.04 -21.93 -100.90
CA SER H 157 -4.63 -20.54 -100.97
C SER H 157 -3.90 -20.30 -102.28
N SER H 158 -3.86 -19.03 -102.68
CA SER H 158 -3.10 -18.58 -103.84
C SER H 158 -1.97 -17.68 -103.35
N ILE H 159 -0.74 -18.03 -103.71
CA ILE H 159 0.46 -17.32 -103.24
C ILE H 159 1.38 -17.12 -104.44
N LYS H 160 2.18 -16.05 -104.38
CA LYS H 160 3.12 -15.74 -105.44
C LYS H 160 4.04 -16.92 -105.72
N GLY H 161 4.51 -17.02 -106.97
CA GLY H 161 5.34 -18.13 -107.40
C GLY H 161 6.68 -18.22 -106.72
N THR H 162 7.11 -17.17 -106.02
CA THR H 162 8.37 -17.21 -105.28
C THR H 162 8.33 -18.30 -104.22
N ILE H 163 9.40 -19.09 -104.16
CA ILE H 163 9.45 -20.21 -103.22
C ILE H 163 9.41 -19.71 -101.78
N ASP H 164 9.98 -18.54 -101.52
CA ASP H 164 9.99 -18.00 -100.16
C ASP H 164 8.59 -17.75 -99.65
N GLU H 165 7.76 -17.07 -100.46
CA GLU H 165 6.39 -16.78 -100.05
C GLU H 165 5.58 -18.07 -99.93
N ILE H 166 5.82 -19.03 -100.84
CA ILE H 166 5.09 -20.28 -100.80
C ILE H 166 5.37 -21.03 -99.50
N VAL H 167 6.66 -21.15 -99.15
CA VAL H 167 7.04 -21.82 -97.92
C VAL H 167 6.51 -21.06 -96.71
N LEU H 168 6.55 -19.72 -96.77
CA LEU H 168 6.08 -18.92 -95.64
C LEU H 168 4.59 -19.15 -95.39
N GLU H 169 3.78 -19.08 -96.44
CA GLU H 169 2.35 -19.29 -96.27
C GLU H 169 2.04 -20.73 -95.86
N ILE H 170 2.77 -21.69 -96.41
CA ILE H 170 2.50 -23.09 -96.05
C ILE H 170 2.82 -23.34 -94.58
N ASN H 171 3.94 -22.81 -94.10
CA ASN H 171 4.28 -22.99 -92.69
C ASN H 171 3.53 -22.05 -91.77
N SER H 172 2.84 -21.03 -92.29
CA SER H 172 2.16 -20.04 -91.47
C SER H 172 0.68 -20.38 -91.26
N ASN H 173 -0.05 -20.67 -92.33
CA ASN H 173 -1.48 -20.90 -92.21
C ASN H 173 -1.77 -22.13 -91.36
N LEU H 174 -2.76 -22.01 -90.47
CA LEU H 174 -3.04 -23.07 -89.51
C LEU H 174 -3.68 -24.29 -90.15
N ASP H 175 -4.28 -24.15 -91.34
CA ASP H 175 -4.82 -25.32 -92.04
C ASP H 175 -3.73 -26.22 -92.61
N ASN H 176 -2.46 -25.79 -92.58
CA ASN H 176 -1.33 -26.60 -92.95
C ASN H 176 -0.76 -27.39 -91.77
N GLU H 177 -1.58 -27.70 -90.77
CA GLU H 177 -1.11 -28.42 -89.59
C GLU H 177 -0.55 -29.79 -89.93
N TYR H 178 -0.88 -30.35 -91.09
CA TYR H 178 -0.45 -31.69 -91.48
C TYR H 178 0.77 -31.68 -92.39
N VAL H 179 1.44 -30.54 -92.54
CA VAL H 179 2.56 -30.45 -93.48
C VAL H 179 3.45 -29.27 -93.09
N ILE H 180 4.75 -29.43 -93.36
CA ILE H 180 5.73 -28.35 -93.29
C ILE H 180 6.39 -28.24 -94.66
N ALA H 181 6.52 -27.02 -95.16
CA ALA H 181 7.27 -26.74 -96.38
C ALA H 181 8.61 -26.13 -96.00
N THR H 182 9.68 -26.67 -96.58
CA THR H 182 11.04 -26.15 -96.38
C THR H 182 11.67 -25.91 -97.75
N LYS H 183 12.30 -24.74 -97.90
CA LYS H 183 12.89 -24.35 -99.17
C LYS H 183 14.16 -25.15 -99.42
N VAL H 184 14.15 -25.98 -100.46
CA VAL H 184 15.34 -26.77 -100.80
C VAL H 184 16.48 -25.85 -101.19
N ALA H 185 16.20 -24.90 -102.07
CA ALA H 185 17.21 -23.99 -102.59
C ALA H 185 16.51 -22.70 -102.98
N ASP H 186 17.28 -21.61 -103.01
CA ASP H 186 16.72 -20.32 -103.36
C ASP H 186 16.34 -20.30 -104.84
N SER H 187 15.09 -19.95 -105.12
CA SER H 187 14.60 -19.91 -106.49
C SER H 187 13.26 -19.20 -106.52
N ASP H 188 12.97 -18.60 -107.67
CA ASP H 188 11.67 -17.99 -107.95
C ASP H 188 11.00 -18.64 -109.16
N THR H 189 11.45 -19.84 -109.54
CA THR H 189 10.93 -20.51 -110.73
C THR H 189 9.49 -20.96 -110.52
N ILE H 190 8.77 -21.10 -111.62
CA ILE H 190 7.39 -21.55 -111.58
C ILE H 190 7.37 -23.05 -111.32
N LEU H 191 6.58 -23.46 -110.34
CA LEU H 191 6.55 -24.86 -109.92
C LEU H 191 5.87 -25.72 -110.97
N ALA H 192 6.05 -27.03 -110.82
CA ALA H 192 5.37 -28.00 -111.68
C ALA H 192 3.94 -28.22 -111.20
N ASN H 193 3.05 -28.50 -112.15
CA ASN H 193 1.65 -28.77 -111.85
C ASN H 193 1.50 -30.27 -111.59
N VAL H 194 1.18 -30.61 -110.34
CA VAL H 194 0.99 -31.99 -109.91
C VAL H 194 -0.37 -32.10 -109.26
N VAL H 195 -1.06 -33.22 -109.50
CA VAL H 195 -2.45 -33.42 -109.07
C VAL H 195 -2.50 -34.66 -108.20
N ASN H 196 -2.92 -34.48 -106.95
CA ASN H 196 -3.24 -35.58 -106.03
C ASN H 196 -2.02 -36.48 -105.82
N GLN H 197 -0.94 -35.88 -105.35
CA GLN H 197 0.29 -36.60 -105.02
C GLN H 197 0.31 -36.89 -103.52
N ALA H 198 0.37 -38.17 -103.18
CA ALA H 198 0.30 -38.61 -101.79
C ALA H 198 1.66 -38.51 -101.13
N LEU H 199 1.69 -37.97 -99.92
CA LEU H 199 2.93 -37.93 -99.15
C LEU H 199 3.30 -39.34 -98.69
N GLU H 200 4.53 -39.75 -98.98
CA GLU H 200 5.00 -41.09 -98.69
C GLU H 200 6.38 -41.02 -98.03
N GLY H 201 6.78 -42.14 -97.43
CA GLY H 201 8.02 -42.22 -96.68
C GLY H 201 7.79 -42.53 -95.22
N GLY H 202 6.75 -43.27 -94.91
CA GLY H 202 6.42 -43.60 -93.54
C GLY H 202 5.50 -44.79 -93.46
N ASN H 203 4.95 -45.00 -92.26
CA ASN H 203 4.03 -46.10 -91.98
C ASN H 203 2.74 -45.56 -91.40
N ASP H 204 1.78 -46.48 -91.22
CA ASP H 204 0.45 -46.12 -90.76
C ASP H 204 0.51 -45.44 -89.39
N GLY H 205 0.95 -46.16 -88.37
CA GLY H 205 1.02 -45.66 -87.00
C GLY H 205 0.32 -46.60 -86.04
N CYS H 206 -0.79 -47.19 -86.48
CA CYS H 206 -1.44 -48.26 -85.76
C CYS H 206 -0.87 -49.63 -86.10
N THR H 207 0.08 -49.70 -87.03
CA THR H 207 0.67 -50.95 -87.51
C THR H 207 2.09 -51.07 -86.98
N SER H 208 2.50 -52.31 -86.70
CA SER H 208 3.83 -52.61 -86.15
C SER H 208 3.98 -51.97 -84.77
N ILE H 209 2.95 -52.14 -83.96
CA ILE H 209 2.92 -51.66 -82.58
C ILE H 209 3.68 -52.68 -81.73
N THR H 210 4.85 -52.28 -81.22
CA THR H 210 5.83 -53.20 -80.66
C THR H 210 6.12 -52.89 -79.20
N ASN H 211 6.68 -53.89 -78.51
CA ASN H 211 6.94 -53.79 -77.08
C ASN H 211 7.94 -52.67 -76.77
N GLU H 212 9.03 -52.59 -77.55
CA GLU H 212 10.03 -51.55 -77.31
C GLU H 212 9.42 -50.16 -77.49
N SER H 213 8.47 -50.03 -78.40
CA SER H 213 7.85 -48.72 -78.64
C SER H 213 7.00 -48.30 -77.44
N TYR H 214 6.20 -49.22 -76.90
CA TYR H 214 5.57 -48.96 -75.61
C TYR H 214 6.57 -48.65 -74.52
N LEU H 215 7.68 -49.35 -74.45
CA LEU H 215 8.58 -49.11 -73.34
C LEU H 215 9.16 -47.70 -73.44
N LYS H 216 9.45 -47.24 -74.67
CA LYS H 216 9.81 -45.84 -74.86
C LYS H 216 8.70 -44.94 -74.37
N ALA H 217 7.45 -45.24 -74.77
CA ALA H 217 6.33 -44.38 -74.41
C ALA H 217 6.13 -44.31 -72.90
N LEU H 218 6.30 -45.45 -72.23
CA LEU H 218 6.21 -45.50 -70.77
C LEU H 218 7.28 -44.64 -70.14
N GLU H 219 8.49 -44.67 -70.69
CA GLU H 219 9.54 -43.77 -70.22
C GLU H 219 9.15 -42.31 -70.47
N GLU H 220 8.49 -42.03 -71.61
CA GLU H 220 7.99 -40.70 -71.85
C GLU H 220 6.82 -40.37 -70.93
N PHE H 221 6.06 -41.37 -70.51
CA PHE H 221 4.98 -41.12 -69.57
C PHE H 221 5.48 -40.94 -68.13
N GLU H 222 6.75 -41.25 -67.86
CA GLU H 222 7.33 -40.95 -66.55
C GLU H 222 7.52 -39.46 -66.31
N ARG H 223 7.30 -38.62 -67.33
CA ARG H 223 7.34 -37.17 -67.14
C ARG H 223 6.42 -36.73 -66.01
N TYR H 224 5.18 -37.21 -66.02
CA TYR H 224 4.13 -36.69 -65.15
C TYR H 224 3.56 -37.82 -64.28
N SER H 225 2.66 -37.42 -63.38
CA SER H 225 1.99 -38.33 -62.45
C SER H 225 0.56 -38.54 -62.92
N PHE H 226 0.05 -39.76 -62.73
CA PHE H 226 -1.27 -40.15 -63.23
C PHE H 226 -2.08 -40.79 -62.11
N ASP H 227 -3.39 -40.50 -62.11
CA ASP H 227 -4.29 -41.25 -61.25
C ASP H 227 -4.38 -42.70 -61.69
N SER H 228 -4.29 -42.97 -63.00
CA SER H 228 -4.37 -44.33 -63.51
C SER H 228 -3.71 -44.38 -64.89
N PHE H 229 -3.28 -45.59 -65.25
CA PHE H 229 -2.73 -45.89 -66.57
C PHE H 229 -3.57 -46.97 -67.22
N VAL H 230 -3.73 -46.89 -68.54
CA VAL H 230 -4.75 -47.64 -69.25
C VAL H 230 -4.20 -48.56 -70.35
N LEU H 231 -2.95 -48.40 -70.76
CA LEU H 231 -2.27 -49.17 -71.80
C LEU H 231 -2.85 -48.95 -73.20
N ASP H 232 -3.80 -48.03 -73.36
CA ASP H 232 -4.42 -47.71 -74.64
C ASP H 232 -5.16 -48.94 -75.21
N GLY H 233 -5.70 -49.77 -74.32
CA GLY H 233 -6.60 -50.83 -74.74
C GLY H 233 -5.99 -51.86 -75.67
N VAL H 234 -4.79 -52.34 -75.35
CA VAL H 234 -4.13 -53.41 -76.10
C VAL H 234 -3.96 -54.60 -75.16
N ALA H 235 -4.51 -55.74 -75.56
CA ALA H 235 -4.62 -56.92 -74.70
C ALA H 235 -3.45 -57.88 -74.85
N ASP H 236 -2.33 -57.45 -75.42
CA ASP H 236 -1.17 -58.33 -75.55
C ASP H 236 -0.63 -58.68 -74.17
N GLU H 237 -0.34 -59.96 -73.96
CA GLU H 237 0.13 -60.42 -72.66
C GLU H 237 1.49 -59.84 -72.32
N ALA H 238 2.39 -59.79 -73.30
CA ALA H 238 3.73 -59.23 -73.05
C ALA H 238 3.63 -57.76 -72.66
N LEU H 239 2.75 -57.02 -73.31
CA LEU H 239 2.59 -55.60 -72.99
C LEU H 239 2.02 -55.43 -71.60
N GLN H 240 1.03 -56.26 -71.23
CA GLN H 240 0.48 -56.22 -69.89
C GLN H 240 1.56 -56.50 -68.86
N GLU H 241 2.41 -57.49 -69.12
CA GLU H 241 3.48 -57.82 -68.17
C GLU H 241 4.49 -56.68 -68.05
N THR H 242 4.85 -56.06 -69.18
CA THR H 242 5.81 -54.97 -69.15
C THR H 242 5.26 -53.78 -68.38
N THR H 243 4.00 -53.41 -68.65
CA THR H 243 3.40 -52.31 -67.92
C THR H 243 3.21 -52.65 -66.44
N LYS H 244 2.96 -53.93 -66.14
CA LYS H 244 2.84 -54.36 -64.75
C LYS H 244 4.16 -54.16 -64.01
N ALA H 245 5.27 -54.59 -64.62
CA ALA H 245 6.56 -54.37 -64.01
C ALA H 245 6.88 -52.88 -63.90
N TRP H 246 6.46 -52.10 -64.90
CA TRP H 246 6.66 -50.66 -64.86
C TRP H 246 5.96 -50.03 -63.66
N VAL H 247 4.68 -50.35 -63.46
CA VAL H 247 3.94 -49.74 -62.37
C VAL H 247 4.44 -50.25 -61.03
N ALA H 248 4.88 -51.52 -60.98
CA ALA H 248 5.47 -52.03 -59.75
C ALA H 248 6.75 -51.28 -59.40
N LYS H 249 7.59 -51.02 -60.40
CA LYS H 249 8.80 -50.23 -60.18
C LYS H 249 8.44 -48.83 -59.69
N ASN H 250 7.42 -48.22 -60.31
CA ASN H 250 7.02 -46.87 -59.89
C ASN H 250 6.52 -46.86 -58.46
N LYS H 251 5.71 -47.87 -58.07
CA LYS H 251 5.21 -47.94 -56.71
C LYS H 251 6.35 -48.13 -55.72
N GLU H 252 7.33 -48.98 -56.08
CA GLU H 252 8.51 -49.13 -55.23
C GLU H 252 9.26 -47.80 -55.11
N LEU H 253 9.31 -47.04 -56.21
CA LEU H 253 9.92 -45.71 -56.17
C LEU H 253 9.06 -44.73 -55.37
N GLY H 254 7.75 -44.97 -55.30
CA GLY H 254 6.81 -44.11 -54.60
C GLY H 254 5.74 -43.51 -55.48
N LYS H 255 5.92 -43.53 -56.79
CA LYS H 255 4.91 -43.04 -57.72
C LYS H 255 3.79 -44.09 -57.84
N ASP H 256 2.59 -43.72 -57.43
CA ASP H 256 1.45 -44.64 -57.44
C ASP H 256 0.69 -44.49 -58.74
N ILE H 257 0.65 -45.56 -59.54
CA ILE H 257 -0.09 -45.62 -60.80
C ILE H 257 -1.04 -46.80 -60.71
N LEU H 258 -2.32 -46.55 -61.03
CA LEU H 258 -3.34 -47.58 -61.03
C LEU H 258 -3.51 -48.08 -62.46
N LEU H 259 -3.10 -49.32 -62.71
CA LEU H 259 -3.11 -49.88 -64.05
C LEU H 259 -4.44 -50.56 -64.33
N PHE H 260 -4.97 -50.32 -65.53
CA PHE H 260 -6.22 -50.90 -66.00
C PHE H 260 -5.96 -51.69 -67.27
N LEU H 261 -6.57 -52.86 -67.38
CA LEU H 261 -6.32 -53.78 -68.48
C LEU H 261 -7.63 -54.47 -68.86
N GLY H 262 -7.55 -55.39 -69.81
CA GLY H 262 -8.71 -56.19 -70.17
C GLY H 262 -8.32 -57.44 -70.89
N GLY H 263 -9.12 -58.49 -70.69
CA GLY H 263 -8.90 -59.75 -71.37
C GLY H 263 -9.33 -59.70 -72.81
N LYS H 264 -8.93 -60.74 -73.55
CA LYS H 264 -9.28 -60.86 -74.96
C LYS H 264 -10.69 -61.43 -75.09
N THR H 265 -11.16 -61.53 -76.33
CA THR H 265 -12.46 -62.12 -76.61
C THR H 265 -12.42 -63.65 -76.61
N GLU H 266 -11.25 -64.24 -76.86
CA GLU H 266 -11.16 -65.70 -76.94
C GLU H 266 -11.34 -66.35 -75.56
N ASP H 267 -10.97 -65.66 -74.49
CA ASP H 267 -10.97 -66.26 -73.17
C ASP H 267 -12.38 -66.62 -72.74
N ASN H 268 -12.55 -67.85 -72.25
CA ASN H 268 -13.81 -68.28 -71.66
C ASN H 268 -13.87 -67.81 -70.21
N ILE H 269 -14.95 -68.17 -69.52
CA ILE H 269 -15.19 -67.67 -68.17
C ILE H 269 -14.11 -68.18 -67.22
N LYS H 270 -13.78 -69.47 -67.31
CA LYS H 270 -12.74 -70.02 -66.46
C LYS H 270 -11.38 -69.39 -66.78
N GLN H 271 -11.08 -69.20 -68.06
CA GLN H 271 -9.80 -68.62 -68.44
C GLN H 271 -9.65 -67.19 -67.91
N ILE H 272 -10.69 -66.38 -68.03
CA ILE H 272 -10.59 -65.00 -67.54
C ILE H 272 -10.51 -64.99 -66.01
N ASN H 273 -11.22 -65.90 -65.34
CA ASN H 273 -11.11 -65.99 -63.90
C ASN H 273 -9.69 -66.34 -63.48
N ASP H 274 -9.07 -67.30 -64.17
CA ASP H 274 -7.69 -67.68 -63.88
C ASP H 274 -6.73 -66.52 -64.18
N LYS H 275 -6.99 -65.79 -65.26
CA LYS H 275 -6.15 -64.63 -65.58
C LYS H 275 -6.22 -63.59 -64.48
N SER H 276 -7.41 -63.34 -63.94
CA SER H 276 -7.53 -62.37 -62.85
C SER H 276 -6.83 -62.86 -61.60
N LYS H 277 -7.00 -64.15 -61.25
CA LYS H 277 -6.30 -64.67 -60.10
C LYS H 277 -4.79 -64.65 -60.30
N SER H 278 -4.32 -64.71 -61.54
CA SER H 278 -2.89 -64.60 -61.80
C SER H 278 -2.37 -63.23 -61.34
N PHE H 279 -3.12 -62.17 -61.66
CA PHE H 279 -2.80 -60.85 -61.12
C PHE H 279 -3.19 -60.78 -59.66
N ASN H 280 -2.22 -60.55 -58.78
CA ASN H 280 -2.43 -60.36 -57.36
C ASN H 280 -1.76 -59.08 -56.90
N ASP H 281 -1.99 -58.00 -57.66
CA ASP H 281 -1.45 -56.69 -57.38
C ASP H 281 -2.56 -55.74 -56.95
N GLU H 282 -2.23 -54.86 -55.99
CA GLU H 282 -3.24 -53.93 -55.48
C GLU H 282 -3.68 -52.96 -56.56
N ASN H 283 -2.76 -52.50 -57.41
CA ASN H 283 -3.00 -51.42 -58.35
C ASN H 283 -2.99 -51.92 -59.79
N ILE H 284 -3.61 -53.07 -60.03
CA ILE H 284 -3.85 -53.60 -61.37
C ILE H 284 -5.32 -54.00 -61.46
N VAL H 285 -5.96 -53.67 -62.57
CA VAL H 285 -7.37 -53.94 -62.80
C VAL H 285 -7.53 -54.51 -64.20
N ASN H 286 -8.42 -55.51 -64.34
CA ASN H 286 -8.72 -56.14 -65.61
C ASN H 286 -10.23 -56.17 -65.83
N VAL H 287 -10.63 -55.92 -67.07
CA VAL H 287 -12.02 -56.01 -67.51
C VAL H 287 -12.18 -57.28 -68.33
N GLY H 288 -13.12 -58.13 -67.93
CA GLY H 288 -13.33 -59.42 -68.57
C GLY H 288 -14.57 -59.50 -69.42
N SER H 289 -15.06 -58.37 -69.93
CA SER H 289 -16.29 -58.34 -70.71
C SER H 289 -16.24 -57.22 -71.72
N SER H 290 -16.51 -57.55 -72.98
CA SER H 290 -16.58 -56.56 -74.04
C SER H 290 -17.93 -55.84 -74.02
N ALA H 291 -17.99 -54.70 -74.71
CA ALA H 291 -19.17 -53.86 -74.71
C ALA H 291 -19.42 -53.29 -76.10
N TYR H 292 -20.63 -52.77 -76.29
CA TYR H 292 -21.07 -52.16 -77.53
C TYR H 292 -21.68 -50.81 -77.20
N TYR H 293 -21.32 -49.77 -77.95
CA TYR H 293 -21.85 -48.43 -77.70
C TYR H 293 -21.90 -47.68 -79.02
N GLU H 294 -23.05 -47.06 -79.30
CA GLU H 294 -23.35 -46.49 -80.63
C GLU H 294 -23.18 -47.55 -81.71
N ASN H 295 -23.58 -48.79 -81.39
CA ASN H 295 -23.54 -49.95 -82.27
C ASN H 295 -22.11 -50.38 -82.64
N ILE H 296 -21.08 -49.77 -82.04
CA ILE H 296 -19.68 -50.09 -82.33
C ILE H 296 -19.16 -50.93 -81.18
N LYS H 297 -18.41 -51.98 -81.50
CA LYS H 297 -17.92 -52.87 -80.47
C LYS H 297 -16.63 -52.33 -79.85
N TYR H 298 -16.47 -52.64 -78.56
CA TYR H 298 -15.25 -52.37 -77.81
C TYR H 298 -14.85 -53.63 -77.06
N THR H 299 -13.64 -54.11 -77.33
CA THR H 299 -13.13 -55.29 -76.63
C THR H 299 -12.90 -54.92 -75.17
N PRO H 300 -12.80 -55.93 -74.28
CA PRO H 300 -12.67 -55.61 -72.84
C PRO H 300 -11.48 -54.74 -72.52
N SER H 301 -10.40 -54.86 -73.28
CA SER H 301 -9.25 -53.99 -73.07
C SER H 301 -9.54 -52.57 -73.52
N GLU H 302 -10.25 -52.40 -74.64
CA GLU H 302 -10.68 -51.06 -75.05
C GLU H 302 -11.67 -50.47 -74.06
N VAL H 303 -12.60 -51.29 -73.56
CA VAL H 303 -13.56 -50.81 -72.57
C VAL H 303 -12.84 -50.43 -71.28
N ALA H 304 -11.69 -51.06 -71.00
CA ALA H 304 -10.93 -50.70 -69.81
C ALA H 304 -10.48 -49.24 -69.84
N VAL H 305 -10.35 -48.66 -71.03
CA VAL H 305 -10.04 -47.23 -71.12
C VAL H 305 -11.13 -46.40 -70.47
N TYR H 306 -12.39 -46.65 -70.84
CA TYR H 306 -13.49 -45.91 -70.24
C TYR H 306 -13.61 -46.24 -68.76
N ILE H 307 -13.39 -47.50 -68.39
CA ILE H 307 -13.49 -47.88 -66.98
C ILE H 307 -12.47 -47.12 -66.14
N ALA H 308 -11.22 -47.06 -66.62
CA ALA H 308 -10.19 -46.30 -65.93
C ALA H 308 -10.55 -44.83 -65.89
N ALA H 309 -11.08 -44.31 -66.99
CA ALA H 309 -11.43 -42.90 -67.05
C ALA H 309 -12.51 -42.55 -66.03
N LEU H 310 -13.53 -43.40 -65.91
CA LEU H 310 -14.58 -43.15 -64.93
C LEU H 310 -14.04 -43.32 -63.51
N SER H 311 -13.14 -44.29 -63.29
CA SER H 311 -12.55 -44.46 -61.97
C SER H 311 -11.77 -43.22 -61.56
N VAL H 312 -11.01 -42.65 -62.51
CA VAL H 312 -10.23 -41.45 -62.22
C VAL H 312 -11.15 -40.25 -62.04
N SER H 313 -12.22 -40.16 -62.84
CA SER H 313 -13.16 -39.06 -62.72
C SER H 313 -13.84 -39.05 -61.37
N LYS H 314 -14.30 -40.22 -60.92
CA LYS H 314 -14.81 -40.31 -59.56
C LYS H 314 -13.71 -40.00 -58.56
N GLY H 315 -12.52 -40.57 -58.77
CA GLY H 315 -11.40 -40.37 -57.88
C GLY H 315 -11.74 -40.72 -56.45
N ILE H 316 -11.87 -39.70 -55.62
CA ILE H 316 -12.33 -39.83 -54.24
C ILE H 316 -13.71 -39.22 -54.18
N THR H 317 -14.47 -39.60 -53.14
CA THR H 317 -15.89 -39.26 -52.98
C THR H 317 -16.73 -39.94 -54.06
N GLY H 318 -16.27 -41.07 -54.58
CA GLY H 318 -17.01 -41.77 -55.60
C GLY H 318 -16.47 -43.17 -55.79
N SER H 319 -17.26 -43.97 -56.51
CA SER H 319 -16.90 -45.34 -56.82
C SER H 319 -17.66 -45.76 -58.07
N ILE H 320 -17.21 -46.85 -58.68
CA ILE H 320 -17.78 -47.33 -59.93
C ILE H 320 -18.35 -48.73 -59.74
N CYS H 321 -18.84 -49.03 -58.54
CA CYS H 321 -19.38 -50.34 -58.26
C CYS H 321 -20.60 -50.64 -59.14
N ASN H 322 -21.54 -49.70 -59.20
CA ASN H 322 -22.73 -49.82 -60.04
C ASN H 322 -23.01 -48.51 -60.75
N ALA H 323 -21.97 -47.89 -61.29
CA ALA H 323 -22.13 -46.64 -62.00
C ALA H 323 -22.84 -46.84 -63.33
N LYS H 324 -23.61 -45.84 -63.74
CA LYS H 324 -24.38 -45.89 -64.98
C LYS H 324 -23.43 -45.64 -66.14
N THR H 325 -22.89 -46.72 -66.71
CA THR H 325 -21.98 -46.59 -67.84
C THR H 325 -22.76 -46.28 -69.12
N ILE H 326 -22.10 -45.58 -70.04
CA ILE H 326 -22.76 -45.17 -71.27
C ILE H 326 -23.03 -46.34 -72.21
N PHE H 327 -22.38 -47.48 -71.99
CA PHE H 327 -22.51 -48.60 -72.91
C PHE H 327 -23.93 -49.15 -72.88
N GLU H 328 -24.42 -49.58 -74.04
CA GLU H 328 -25.79 -50.05 -74.19
C GLU H 328 -25.90 -51.57 -74.35
N GLU H 329 -24.79 -52.30 -74.36
CA GLU H 329 -24.86 -53.76 -74.39
C GLU H 329 -23.49 -54.30 -74.02
N VAL H 330 -23.48 -55.47 -73.37
CA VAL H 330 -22.25 -56.13 -72.93
C VAL H 330 -22.36 -57.64 -73.16
N GLU H 331 -21.24 -58.32 -72.94
CA GLU H 331 -21.11 -59.76 -73.11
C GLU H 331 -19.79 -60.19 -72.50
N PRO H 332 -19.69 -61.42 -71.95
CA PRO H 332 -20.71 -62.46 -71.76
C PRO H 332 -21.47 -62.26 -70.45
N ARG H 333 -22.42 -63.14 -70.11
CA ARG H 333 -23.26 -62.97 -68.94
C ARG H 333 -23.21 -64.24 -68.09
N LEU H 334 -23.59 -64.09 -66.82
CA LEU H 334 -23.37 -65.11 -65.80
C LEU H 334 -24.50 -65.08 -64.79
N SER H 335 -24.66 -66.20 -64.07
CA SER H 335 -25.62 -66.29 -62.99
C SER H 335 -25.03 -65.72 -61.70
N GLN H 336 -25.88 -65.53 -60.70
CA GLN H 336 -25.43 -64.89 -59.46
C GLN H 336 -24.33 -65.70 -58.78
N SER H 337 -24.47 -67.02 -58.72
CA SER H 337 -23.41 -67.84 -58.16
C SER H 337 -22.15 -67.74 -59.02
N GLU H 338 -22.32 -67.70 -60.34
CA GLU H 338 -21.15 -67.60 -61.22
C GLU H 338 -20.53 -66.22 -61.14
N VAL H 339 -21.36 -65.17 -61.00
CA VAL H 339 -20.81 -63.83 -60.76
C VAL H 339 -20.06 -63.79 -59.44
N LYS H 340 -20.56 -64.48 -58.42
CA LYS H 340 -19.86 -64.55 -57.15
C LYS H 340 -18.50 -65.22 -57.32
N GLU H 341 -18.46 -66.33 -58.05
CA GLU H 341 -17.19 -67.02 -58.29
C GLU H 341 -16.22 -66.12 -59.05
N CYS H 342 -16.73 -65.44 -60.07
CA CYS H 342 -15.88 -64.56 -60.88
C CYS H 342 -15.35 -63.39 -60.06
N LEU H 343 -16.19 -62.80 -59.20
CA LEU H 343 -15.73 -61.70 -58.37
C LEU H 343 -14.71 -62.17 -57.34
N LYS H 344 -14.93 -63.35 -56.76
CA LYS H 344 -13.94 -63.91 -55.86
C LYS H 344 -12.61 -64.13 -56.58
N SER H 345 -12.66 -64.56 -57.84
CA SER H 345 -11.44 -64.65 -58.63
C SER H 345 -10.83 -63.28 -58.87
N GLY H 346 -11.66 -62.23 -58.87
CA GLY H 346 -11.18 -60.86 -58.99
C GLY H 346 -11.30 -60.28 -60.38
N THR H 347 -12.43 -60.53 -61.05
CA THR H 347 -12.71 -60.01 -62.38
C THR H 347 -13.74 -58.91 -62.29
N LEU H 348 -13.47 -57.80 -62.97
CA LEU H 348 -14.48 -56.78 -63.16
C LEU H 348 -15.34 -57.15 -64.36
N VAL H 349 -16.66 -57.18 -64.17
CA VAL H 349 -17.60 -57.62 -65.17
C VAL H 349 -18.72 -56.59 -65.29
N LEU H 350 -18.94 -56.08 -66.49
CA LEU H 350 -20.08 -55.22 -66.74
C LEU H 350 -21.34 -56.07 -66.90
N ASP H 351 -22.48 -55.48 -66.56
CA ASP H 351 -23.77 -56.13 -66.67
C ASP H 351 -24.79 -55.16 -67.24
N PHE H 352 -25.76 -55.71 -67.98
CA PHE H 352 -26.80 -54.92 -68.62
C PHE H 352 -28.03 -55.00 -67.71
N ASP H 353 -27.97 -54.26 -66.62
CA ASP H 353 -29.00 -54.38 -65.59
C ASP H 353 -30.32 -53.74 -66.01
N ASP H 354 -30.25 -52.66 -66.78
CA ASP H 354 -31.43 -52.03 -67.37
C ASP H 354 -31.03 -51.63 -68.79
N GLY H 355 -31.80 -50.72 -69.40
CA GLY H 355 -31.51 -50.28 -70.76
C GLY H 355 -30.10 -49.78 -70.97
N ASP H 356 -29.45 -49.31 -69.91
CA ASP H 356 -28.04 -48.92 -69.93
C ASP H 356 -27.21 -49.87 -69.07
N VAL H 357 -25.94 -50.01 -69.44
CA VAL H 357 -25.05 -50.95 -68.77
C VAL H 357 -24.67 -50.42 -67.39
N ILE H 358 -24.46 -51.34 -66.44
CA ILE H 358 -24.07 -51.02 -65.07
C ILE H 358 -22.99 -51.99 -64.62
N ILE H 359 -21.98 -51.45 -63.93
CA ILE H 359 -20.89 -52.28 -63.38
C ILE H 359 -21.44 -53.15 -62.25
N VAL H 360 -20.81 -54.30 -62.05
CA VAL H 360 -21.25 -55.23 -61.01
C VAL H 360 -20.71 -54.84 -59.65
N ASP H 361 -19.44 -54.46 -59.55
CA ASP H 361 -18.81 -54.16 -58.27
C ASP H 361 -17.47 -53.52 -58.54
N ASP H 362 -16.98 -52.74 -57.57
CA ASP H 362 -15.74 -51.98 -57.72
C ASP H 362 -14.60 -52.80 -57.12
N VAL H 363 -14.10 -53.75 -57.91
CA VAL H 363 -13.14 -54.75 -57.46
C VAL H 363 -11.88 -54.65 -58.30
N ASN H 364 -10.76 -54.95 -57.67
CA ASN H 364 -9.44 -54.98 -58.31
C ASN H 364 -8.94 -56.42 -58.34
N THR H 365 -7.77 -56.62 -58.95
CA THR H 365 -7.18 -57.94 -59.04
C THR H 365 -6.72 -58.50 -57.69
N PHE H 366 -6.66 -57.66 -56.64
CA PHE H 366 -6.20 -58.07 -55.32
C PHE H 366 -7.35 -58.55 -54.43
N LYS H 367 -8.41 -59.10 -55.00
CA LYS H 367 -9.46 -59.68 -54.18
C LYS H 367 -8.89 -60.84 -53.37
N LYS H 368 -8.02 -61.64 -53.98
CA LYS H 368 -7.38 -62.72 -53.24
C LYS H 368 -6.49 -62.10 -52.17
N TYR H 369 -7.03 -62.01 -50.95
CA TYR H 369 -6.36 -61.48 -49.77
C TYR H 369 -5.87 -62.63 -48.90
N VAL H 370 -5.17 -62.27 -47.82
CA VAL H 370 -4.67 -63.23 -46.85
C VAL H 370 -4.86 -62.64 -45.45
N ASP H 371 -4.69 -63.50 -44.44
CA ASP H 371 -5.09 -63.14 -43.08
C ASP H 371 -4.30 -61.96 -42.55
N ASP H 372 -3.02 -61.85 -42.92
CA ASP H 372 -2.18 -60.78 -42.38
C ASP H 372 -2.61 -59.40 -42.89
N LYS H 373 -3.38 -59.33 -43.97
CA LYS H 373 -3.93 -58.10 -44.50
C LYS H 373 -5.46 -58.11 -44.37
N ASN H 374 -6.06 -56.94 -44.51
CA ASN H 374 -7.50 -56.78 -44.37
C ASN H 374 -8.19 -56.91 -45.72
N GLU H 375 -9.52 -57.03 -45.66
CA GLU H 375 -10.33 -57.22 -46.85
C GLU H 375 -10.66 -55.92 -47.57
N ALA H 376 -10.62 -54.79 -46.87
CA ALA H 376 -11.07 -53.53 -47.44
C ALA H 376 -10.18 -53.05 -48.57
N MET H 377 -8.94 -53.51 -48.65
CA MET H 377 -8.00 -52.98 -49.63
C MET H 377 -8.11 -53.69 -50.98
N GLY H 378 -9.02 -54.65 -51.13
CA GLY H 378 -9.22 -55.33 -52.39
C GLY H 378 -10.22 -54.66 -53.31
N TYR H 379 -10.46 -53.36 -53.13
CA TYR H 379 -11.41 -52.58 -53.91
C TYR H 379 -10.71 -51.37 -54.51
N ILE H 380 -11.12 -51.00 -55.72
CA ILE H 380 -10.46 -49.90 -56.44
C ILE H 380 -10.58 -48.61 -55.65
N SER H 381 -11.74 -48.37 -55.05
CA SER H 381 -11.95 -47.12 -54.31
C SER H 381 -10.95 -46.99 -53.17
N ASN H 382 -10.71 -48.06 -52.43
CA ASN H 382 -9.76 -48.01 -51.33
C ASN H 382 -8.33 -47.86 -51.83
N ILE H 383 -7.99 -48.48 -52.96
CA ILE H 383 -6.66 -48.28 -53.53
C ILE H 383 -6.46 -46.82 -53.92
N MET H 384 -7.45 -46.23 -54.59
CA MET H 384 -7.33 -44.83 -54.98
C MET H 384 -7.26 -43.92 -53.75
N PHE H 385 -8.00 -44.28 -52.70
CA PHE H 385 -8.05 -43.47 -51.49
C PHE H 385 -6.73 -43.52 -50.73
N ILE H 386 -6.16 -44.72 -50.58
CA ILE H 386 -4.87 -44.87 -49.92
C ILE H 386 -3.78 -44.21 -50.78
N ASN H 387 -3.85 -44.38 -52.10
CA ASN H 387 -2.85 -43.75 -52.97
C ASN H 387 -2.92 -42.23 -52.87
N THR H 388 -4.14 -41.69 -52.84
CA THR H 388 -4.30 -40.25 -52.72
C THR H 388 -3.76 -39.73 -51.41
N ILE H 389 -3.99 -40.46 -50.30
CA ILE H 389 -3.42 -40.05 -49.02
C ILE H 389 -1.90 -40.10 -49.07
N ASN H 390 -1.35 -41.19 -49.58
CA ASN H 390 0.11 -41.33 -49.58
C ASN H 390 0.75 -40.26 -50.44
N LYS H 391 0.12 -39.91 -51.56
CA LYS H 391 0.63 -38.82 -52.39
C LYS H 391 0.49 -37.48 -51.67
N ASP H 392 -0.71 -37.18 -51.13
CA ASP H 392 -0.97 -35.86 -50.56
C ASP H 392 -0.08 -35.60 -49.36
N THR H 393 0.09 -36.58 -48.48
CA THR H 393 1.09 -36.45 -47.43
C THR H 393 2.49 -36.38 -48.03
N SER H 394 2.74 -37.15 -49.10
CA SER H 394 4.03 -37.11 -49.76
C SER H 394 4.25 -35.83 -50.56
N LEU H 395 3.20 -35.08 -50.88
CA LEU H 395 3.37 -33.76 -51.49
C LEU H 395 3.91 -32.73 -50.50
N LYS H 396 3.90 -33.02 -49.20
CA LYS H 396 4.37 -32.08 -48.20
C LYS H 396 5.89 -32.17 -48.02
N ARG H 397 6.65 -32.09 -49.12
CA ARG H 397 8.11 -31.97 -49.02
C ARG H 397 8.67 -30.71 -49.64
N LYS H 398 7.87 -29.94 -50.36
CA LYS H 398 8.42 -28.83 -51.13
C LYS H 398 8.78 -27.64 -50.24
N GLU H 399 8.36 -27.68 -48.96
CA GLU H 399 8.64 -26.62 -47.99
C GLU H 399 8.98 -27.20 -46.62
N PHE H 400 9.26 -28.50 -46.55
CA PHE H 400 9.01 -29.25 -45.33
C PHE H 400 10.19 -30.15 -44.94
N VAL H 401 10.87 -30.72 -45.93
CA VAL H 401 12.03 -31.60 -45.72
C VAL H 401 13.29 -30.85 -46.09
N GLY H 402 14.25 -30.83 -45.16
CA GLY H 402 15.44 -30.03 -45.32
C GLY H 402 15.24 -28.56 -45.03
N LYS H 403 14.02 -28.15 -44.67
CA LYS H 403 13.68 -26.76 -44.46
C LYS H 403 13.00 -26.55 -43.09
N ILE H 404 12.91 -27.59 -42.26
CA ILE H 404 12.29 -27.55 -40.93
C ILE H 404 13.25 -28.18 -39.93
N PHE H 405 13.16 -27.75 -38.68
CA PHE H 405 13.96 -28.30 -37.61
C PHE H 405 13.31 -29.56 -37.06
N ASN H 406 14.07 -30.32 -36.27
CA ASN H 406 13.62 -31.60 -35.70
C ASN H 406 13.46 -31.51 -34.19
N ASP H 407 12.89 -30.40 -33.73
CA ASP H 407 12.55 -30.18 -32.33
C ASP H 407 11.04 -30.26 -32.14
N ALA H 408 10.60 -30.06 -30.89
CA ALA H 408 9.19 -30.16 -30.59
C ALA H 408 8.36 -29.16 -31.38
N THR H 409 8.88 -27.96 -31.61
CA THR H 409 8.16 -26.96 -32.40
C THR H 409 7.96 -27.44 -33.82
N GLY H 410 9.03 -27.94 -34.44
CA GLY H 410 8.91 -28.40 -35.81
C GLY H 410 7.99 -29.60 -35.94
N GLN H 411 8.12 -30.57 -35.03
CA GLN H 411 7.25 -31.73 -35.06
C GLN H 411 5.79 -31.35 -34.86
N THR H 412 5.53 -30.39 -33.98
CA THR H 412 4.16 -29.95 -33.76
C THR H 412 3.62 -29.23 -34.99
N THR H 413 4.45 -28.45 -35.69
CA THR H 413 4.00 -27.86 -36.95
C THR H 413 3.71 -28.94 -37.98
N VAL H 414 4.51 -30.00 -37.99
CA VAL H 414 4.28 -31.13 -38.90
C VAL H 414 2.91 -31.73 -38.64
N ILE H 415 2.65 -32.05 -37.37
CA ILE H 415 1.39 -32.69 -37.01
C ILE H 415 0.23 -31.75 -37.28
N CYS H 416 0.43 -30.44 -37.08
CA CYS H 416 -0.61 -29.48 -37.40
C CYS H 416 -0.94 -29.48 -38.88
N ALA H 417 0.09 -29.51 -39.73
CA ALA H 417 -0.15 -29.52 -41.18
C ALA H 417 -0.86 -30.80 -41.62
N LEU H 418 -0.42 -31.94 -41.11
CA LEU H 418 -1.04 -33.20 -41.48
C LEU H 418 -2.48 -33.27 -40.98
N LYS H 419 -2.71 -32.78 -39.76
CA LYS H 419 -4.07 -32.71 -39.23
C LYS H 419 -4.92 -31.76 -40.06
N LYS H 420 -4.33 -30.67 -40.54
CA LYS H 420 -5.07 -29.75 -41.41
C LYS H 420 -5.50 -30.46 -42.68
N TYR H 421 -4.60 -31.23 -43.29
CA TYR H 421 -4.97 -31.95 -44.50
C TYR H 421 -6.08 -32.96 -44.23
N PHE H 422 -5.99 -33.69 -43.11
CA PHE H 422 -7.03 -34.65 -42.79
C PHE H 422 -8.36 -33.95 -42.49
N GLU H 423 -8.33 -32.81 -41.81
CA GLU H 423 -9.55 -32.09 -41.49
C GLU H 423 -10.22 -31.55 -42.73
N GLU H 424 -9.44 -30.98 -43.67
CA GLU H 424 -10.02 -30.59 -44.94
C GLU H 424 -10.53 -31.79 -45.71
N LEU H 425 -9.86 -32.93 -45.59
CA LEU H 425 -10.35 -34.16 -46.21
C LEU H 425 -11.65 -34.61 -45.57
N MET H 426 -11.74 -34.50 -44.24
CA MET H 426 -12.98 -34.82 -43.54
C MET H 426 -14.11 -33.88 -43.94
N SER H 427 -13.77 -32.67 -44.40
CA SER H 427 -14.80 -31.70 -44.76
C SER H 427 -15.65 -32.17 -45.94
N GLN H 428 -15.08 -32.96 -46.85
CA GLN H 428 -15.87 -33.51 -47.95
C GLN H 428 -16.68 -34.73 -47.53
N GLY H 429 -16.64 -35.14 -46.26
CA GLY H 429 -17.35 -36.31 -45.82
C GLY H 429 -16.70 -37.63 -46.16
N ILE H 430 -15.45 -37.60 -46.64
CA ILE H 430 -14.77 -38.84 -47.02
C ILE H 430 -14.48 -39.71 -45.80
N ILE H 431 -14.30 -39.09 -44.63
CA ILE H 431 -13.90 -39.77 -43.42
C ILE H 431 -14.87 -39.41 -42.30
N SER H 432 -15.13 -40.37 -41.42
CA SER H 432 -15.98 -40.14 -40.26
C SER H 432 -15.17 -39.67 -39.05
N GLU H 433 -13.99 -40.24 -38.85
CA GLU H 433 -13.12 -39.84 -37.75
C GLU H 433 -11.68 -40.14 -38.15
N PHE H 434 -10.75 -39.40 -37.54
CA PHE H 434 -9.34 -39.57 -37.83
C PHE H 434 -8.52 -39.24 -36.60
N ASN H 435 -7.25 -39.65 -36.64
CA ASN H 435 -6.29 -39.35 -35.60
C ASN H 435 -4.93 -39.19 -36.27
N VAL H 436 -4.16 -38.19 -35.81
CA VAL H 436 -2.79 -37.99 -36.28
C VAL H 436 -1.97 -37.52 -35.08
N ASP H 437 -0.93 -38.29 -34.74
CA ASP H 437 -0.13 -38.06 -33.54
C ASP H 437 1.29 -38.57 -33.81
N ILE H 438 2.17 -38.37 -32.83
CA ILE H 438 3.54 -38.83 -32.91
C ILE H 438 3.56 -40.33 -32.64
N ASP H 439 4.44 -41.05 -33.35
CA ASP H 439 4.61 -42.48 -33.13
C ASP H 439 5.68 -42.67 -32.04
N THR H 440 5.21 -42.61 -30.79
CA THR H 440 6.13 -42.55 -29.65
C THR H 440 6.97 -43.81 -29.54
N GLU H 441 6.37 -44.98 -29.79
CA GLU H 441 7.09 -46.25 -29.66
C GLU H 441 8.33 -46.27 -30.52
N LEU H 442 8.19 -45.93 -31.80
CA LEU H 442 9.34 -45.89 -32.68
C LEU H 442 10.17 -44.64 -32.44
N GLN H 443 9.53 -43.50 -32.13
CA GLN H 443 10.27 -42.25 -32.00
C GLN H 443 11.25 -42.29 -30.84
N ALA H 444 10.98 -43.10 -29.82
CA ALA H 444 11.94 -43.25 -28.73
C ALA H 444 13.27 -43.80 -29.24
N THR H 445 13.23 -44.77 -30.14
CA THR H 445 14.43 -45.36 -30.74
C THR H 445 14.90 -44.62 -31.98
N ALA H 446 14.29 -43.50 -32.33
CA ALA H 446 14.63 -42.81 -33.56
C ALA H 446 16.05 -42.24 -33.51
N LYS H 447 16.64 -42.12 -34.69
CA LYS H 447 17.84 -41.32 -34.86
C LYS H 447 17.45 -39.84 -34.88
N ALA H 448 18.45 -38.98 -34.68
CA ALA H 448 18.20 -37.54 -34.54
C ALA H 448 17.47 -36.96 -35.74
N ASP H 449 17.83 -37.39 -36.95
CA ASP H 449 17.22 -36.85 -38.16
C ASP H 449 15.82 -37.40 -38.39
N GLU H 450 15.59 -38.65 -38.00
CA GLU H 450 14.32 -39.30 -38.30
C GLU H 450 13.19 -38.69 -37.48
N PHE H 451 12.02 -38.56 -38.12
CA PHE H 451 10.78 -38.20 -37.47
C PHE H 451 9.74 -39.26 -37.81
N TYR H 452 9.02 -39.74 -36.79
CA TYR H 452 8.11 -40.87 -36.97
C TYR H 452 6.72 -40.41 -36.53
N TRP H 453 5.71 -40.68 -37.34
CA TRP H 453 4.33 -40.38 -36.98
C TRP H 453 3.42 -41.50 -37.43
N LYS H 454 2.18 -41.46 -36.95
CA LYS H 454 1.17 -42.45 -37.26
C LYS H 454 -0.17 -41.75 -37.44
N TRP H 455 -1.07 -42.40 -38.18
CA TRP H 455 -2.40 -41.86 -38.40
C TRP H 455 -3.42 -42.98 -38.50
N ASP H 456 -4.66 -42.64 -38.11
CA ASP H 456 -5.79 -43.54 -38.20
C ASP H 456 -6.89 -42.83 -38.98
N ALA H 457 -7.76 -43.61 -39.60
CA ALA H 457 -8.94 -43.04 -40.25
C ALA H 457 -10.02 -44.10 -40.33
N VAL H 458 -11.25 -43.62 -40.52
CA VAL H 458 -12.40 -44.50 -40.70
C VAL H 458 -13.21 -43.96 -41.87
N LYS H 459 -13.12 -44.65 -43.01
CA LYS H 459 -13.89 -44.24 -44.18
C LYS H 459 -15.39 -44.34 -43.90
N VAL H 460 -16.13 -43.38 -44.45
CA VAL H 460 -17.59 -43.40 -44.29
C VAL H 460 -18.17 -44.56 -45.07
N ASP H 461 -19.14 -45.24 -44.46
CA ASP H 461 -19.77 -46.38 -45.09
C ASP H 461 -20.69 -45.94 -46.22
N VAL H 462 -20.74 -46.74 -47.28
CA VAL H 462 -21.58 -46.52 -48.45
C VAL H 462 -22.46 -47.74 -48.61
N MET H 463 -23.76 -47.52 -48.74
CA MET H 463 -24.69 -48.62 -48.95
C MET H 463 -24.36 -49.37 -50.23
N LYS H 464 -24.23 -50.68 -50.12
CA LYS H 464 -24.09 -51.57 -51.28
C LYS H 464 -25.16 -52.65 -51.29
N LYS H 465 -25.46 -53.26 -50.14
CA LYS H 465 -26.42 -54.35 -50.03
C LYS H 465 -27.61 -53.88 -49.21
N ILE H 466 -28.81 -54.10 -49.73
CA ILE H 466 -30.05 -53.64 -49.13
C ILE H 466 -31.04 -54.81 -49.21
N TYR H 467 -31.62 -55.21 -48.07
CA TYR H 467 -32.53 -56.35 -48.04
C TYR H 467 -33.87 -55.86 -47.50
N GLY H 468 -34.94 -56.18 -48.22
CA GLY H 468 -36.29 -55.83 -47.81
C GLY H 468 -37.16 -57.04 -47.53
N THR H 469 -37.74 -57.11 -46.34
CA THR H 469 -38.58 -58.23 -45.92
C THR H 469 -40.04 -57.83 -46.10
N GLY H 470 -40.72 -58.47 -47.05
CA GLY H 470 -42.09 -58.14 -47.34
C GLY H 470 -43.09 -58.94 -46.52
N TYR H 471 -44.30 -58.37 -46.41
CA TYR H 471 -45.42 -59.01 -45.74
C TYR H 471 -46.70 -58.53 -46.42
N LEU H 472 -47.78 -59.28 -46.21
CA LEU H 472 -49.06 -58.95 -46.84
C LEU H 472 -50.26 -59.37 -46.01
N ILE I 7 -18.26 12.74 24.39
CA ILE I 7 -17.62 12.99 25.71
C ILE I 7 -17.45 11.67 26.45
N GLU I 8 -18.58 11.03 26.79
CA GLU I 8 -18.56 9.91 27.71
C GLU I 8 -17.92 8.70 27.03
N GLU I 9 -16.79 8.25 27.58
CA GLU I 9 -16.12 7.05 27.10
C GLU I 9 -17.00 5.81 27.23
N ALA I 10 -17.83 5.76 28.27
CA ALA I 10 -18.54 4.52 28.59
C ALA I 10 -19.66 4.21 27.61
N SER I 11 -20.13 5.20 26.85
CA SER I 11 -21.27 4.97 25.97
C SER I 11 -20.90 4.08 24.79
N PHE I 12 -19.65 4.09 24.37
CA PHE I 12 -19.23 3.27 23.23
C PHE I 12 -19.32 1.80 23.55
N LEU I 13 -19.70 1.02 22.55
CA LEU I 13 -19.93 -0.41 22.67
C LEU I 13 -18.98 -1.14 21.73
N ASN I 14 -18.23 -2.09 22.27
CA ASN I 14 -17.27 -2.85 21.49
C ASN I 14 -17.92 -4.10 20.94
N GLY I 15 -17.31 -4.64 19.89
CA GLY I 15 -17.78 -5.90 19.34
C GLY I 15 -17.64 -7.06 20.28
N SER I 16 -16.74 -6.96 21.26
CA SER I 16 -16.50 -8.03 22.21
C SER I 16 -17.65 -8.26 23.18
N ASP I 17 -18.59 -7.32 23.28
CA ASP I 17 -19.73 -7.44 24.19
C ASP I 17 -20.95 -8.03 23.48
N VAL I 18 -20.72 -8.97 22.57
CA VAL I 18 -21.73 -9.47 21.65
C VAL I 18 -21.92 -10.95 21.90
N VAL I 19 -23.18 -11.38 21.98
CA VAL I 19 -23.54 -12.79 22.03
C VAL I 19 -24.69 -13.03 21.06
N ILE I 20 -24.56 -14.06 20.24
CA ILE I 20 -25.49 -14.36 19.16
C ILE I 20 -26.12 -15.73 19.42
N LEU I 21 -27.43 -15.80 19.26
CA LEU I 21 -28.19 -17.04 19.42
C LEU I 21 -28.86 -17.36 18.10
N ILE I 22 -28.51 -18.51 17.52
CA ILE I 22 -29.12 -19.01 16.28
C ILE I 22 -30.08 -20.11 16.69
N ASP I 23 -31.38 -19.87 16.55
CA ASP I 23 -32.41 -20.83 16.91
C ASP I 23 -32.28 -21.25 18.37
N GLY I 24 -31.94 -20.28 19.23
CA GLY I 24 -31.93 -20.47 20.66
C GLY I 24 -30.64 -21.00 21.25
N VAL I 25 -29.67 -21.42 20.43
CA VAL I 25 -28.40 -21.92 20.90
C VAL I 25 -27.32 -20.91 20.54
N GLU I 26 -26.43 -20.63 21.50
CA GLU I 26 -25.45 -19.58 21.33
C GLU I 26 -24.43 -19.94 20.25
N GLU I 27 -24.06 -18.95 19.45
CA GLU I 27 -23.05 -19.09 18.42
C GLU I 27 -21.81 -18.32 18.86
N LEU I 28 -20.69 -19.02 18.98
CA LEU I 28 -19.49 -18.48 19.61
C LEU I 28 -18.40 -18.09 18.62
N TYR I 29 -18.39 -18.69 17.42
CA TYR I 29 -17.30 -18.55 16.46
C TYR I 29 -17.64 -17.61 15.32
N MET I 30 -18.34 -16.52 15.61
CA MET I 30 -18.74 -15.54 14.62
C MET I 30 -17.80 -14.35 14.62
N GLU I 31 -17.55 -13.81 13.43
CA GLU I 31 -16.64 -12.69 13.21
C GLU I 31 -17.37 -11.37 13.04
N GLU I 32 -18.49 -11.36 12.33
CA GLU I 32 -19.28 -10.14 12.19
C GLU I 32 -20.70 -10.52 11.81
N ILE I 33 -21.61 -9.57 12.05
CA ILE I 33 -23.03 -9.73 11.77
C ILE I 33 -23.60 -8.41 11.30
N LYS I 34 -24.57 -8.48 10.40
CA LYS I 34 -25.24 -7.32 9.85
C LYS I 34 -26.73 -7.63 9.75
N ALA I 35 -27.56 -6.61 9.92
CA ALA I 35 -28.99 -6.75 9.70
C ALA I 35 -29.58 -5.38 9.41
N ASP I 36 -30.34 -5.30 8.33
CA ASP I 36 -30.99 -4.08 7.91
C ASP I 36 -32.45 -4.36 7.57
N PHE I 37 -33.29 -3.36 7.82
CA PHE I 37 -34.73 -3.41 7.55
C PHE I 37 -35.03 -2.29 6.57
N GLU I 38 -35.19 -2.66 5.29
CA GLU I 38 -35.12 -1.71 4.18
C GLU I 38 -36.49 -1.39 3.63
N GLN I 39 -36.70 -0.12 3.30
CA GLN I 39 -37.91 0.32 2.62
C GLN I 39 -37.89 -0.04 1.14
N ASP I 40 -39.08 -0.23 0.59
CA ASP I 40 -39.30 -0.07 -0.85
C ASP I 40 -39.93 1.30 -1.09
N GLU I 41 -39.11 2.34 -0.85
CA GLU I 41 -39.60 3.70 -0.80
C GLU I 41 -40.27 4.12 -2.10
N GLN I 42 -41.45 4.71 -1.98
CA GLN I 42 -42.27 5.10 -3.12
C GLN I 42 -42.08 6.58 -3.39
N SER I 43 -41.65 6.90 -4.60
CA SER I 43 -41.43 8.28 -5.01
C SER I 43 -42.69 8.80 -5.71
N ILE I 44 -43.11 10.00 -5.34
CA ILE I 44 -44.31 10.63 -5.85
C ILE I 44 -43.94 12.00 -6.40
N LYS I 45 -44.38 12.27 -7.63
CA LYS I 45 -44.25 13.58 -8.25
C LYS I 45 -45.65 14.11 -8.52
N LEU I 46 -45.88 15.37 -8.15
CA LEU I 46 -47.17 16.01 -8.30
C LEU I 46 -47.08 17.16 -9.29
N LEU I 47 -48.23 17.48 -9.89
CA LEU I 47 -48.25 18.47 -10.94
C LEU I 47 -48.02 19.87 -10.40
N GLY I 48 -48.62 20.21 -9.27
CA GLY I 48 -48.46 21.53 -8.72
C GLY I 48 -47.22 21.77 -7.90
N CYS I 49 -46.44 20.73 -7.64
CA CYS I 49 -45.35 20.78 -6.67
C CYS I 49 -44.04 20.37 -7.36
N GLN I 50 -42.95 20.99 -6.93
CA GLN I 50 -41.66 20.89 -7.61
C GLN I 50 -40.63 20.11 -6.80
N ASN I 51 -41.05 19.26 -5.86
CA ASN I 51 -40.16 18.35 -5.18
C ASN I 51 -40.84 17.00 -5.04
N GLU I 52 -40.03 15.94 -5.02
CA GLU I 52 -40.57 14.60 -4.90
C GLU I 52 -41.07 14.35 -3.48
N ILE I 53 -42.18 13.63 -3.39
CA ILE I 53 -42.74 13.17 -2.12
C ILE I 53 -42.42 11.70 -1.97
N SER I 54 -41.86 11.33 -0.82
CA SER I 54 -41.45 9.97 -0.51
C SER I 54 -42.37 9.38 0.53
N ARG I 55 -42.78 8.14 0.31
CA ARG I 55 -43.68 7.41 1.20
C ARG I 55 -43.11 6.04 1.50
N VAL I 56 -43.52 5.48 2.63
CA VAL I 56 -43.01 4.19 3.08
C VAL I 56 -43.68 3.09 2.26
N GLY I 57 -42.86 2.21 1.70
CA GLY I 57 -43.33 1.03 1.04
C GLY I 57 -43.20 -0.20 1.91
N THR I 58 -43.25 -1.37 1.28
CA THR I 58 -43.12 -2.62 2.00
C THR I 58 -41.71 -2.76 2.56
N THR I 59 -41.62 -3.33 3.75
CA THR I 59 -40.37 -3.49 4.46
C THR I 59 -39.85 -4.90 4.29
N LYS I 60 -38.56 -5.02 3.98
CA LYS I 60 -37.87 -6.29 3.87
C LYS I 60 -36.65 -6.27 4.77
N GLY I 61 -36.33 -7.42 5.34
CA GLY I 61 -35.15 -7.59 6.17
C GLY I 61 -34.08 -8.37 5.43
N SER I 62 -32.84 -7.95 5.60
CA SER I 62 -31.67 -8.65 5.04
C SER I 62 -30.60 -8.72 6.11
N PHE I 63 -29.99 -9.88 6.26
CA PHE I 63 -28.91 -10.10 7.22
C PHE I 63 -27.74 -10.77 6.52
N SER I 64 -26.55 -10.53 7.04
CA SER I 64 -25.36 -11.31 6.71
C SER I 64 -24.65 -11.66 8.00
N LEU I 65 -23.91 -12.76 7.96
CA LEU I 65 -23.40 -13.40 9.17
C LEU I 65 -22.15 -14.17 8.80
N ASN I 66 -20.99 -13.60 9.13
CA ASN I 66 -19.69 -14.17 8.79
C ASN I 66 -19.05 -14.73 10.05
N GLY I 67 -18.41 -15.88 9.91
CA GLY I 67 -17.80 -16.52 11.04
C GLY I 67 -16.79 -17.58 10.63
N TYR I 68 -16.42 -18.38 11.62
CA TYR I 68 -15.45 -19.46 11.47
C TYR I 68 -16.17 -20.80 11.55
N LYS I 69 -15.82 -21.70 10.63
CA LYS I 69 -16.51 -22.97 10.55
C LYS I 69 -16.01 -23.91 11.63
N THR I 70 -16.95 -24.46 12.40
CA THR I 70 -16.68 -25.49 13.38
C THR I 70 -17.63 -26.67 13.27
N ASP I 71 -18.67 -26.59 12.45
CA ASP I 71 -19.62 -27.67 12.29
C ASP I 71 -20.37 -27.42 10.98
N SER I 72 -21.23 -28.36 10.62
CA SER I 72 -22.09 -28.25 9.43
C SER I 72 -23.46 -27.75 9.82
N LYS I 73 -23.53 -26.83 10.77
CA LYS I 73 -24.81 -26.36 11.29
C LYS I 73 -25.67 -25.75 10.19
N PHE I 74 -25.07 -24.89 9.36
CA PHE I 74 -25.85 -24.20 8.34
C PHE I 74 -26.21 -25.12 7.18
N ALA I 75 -25.37 -26.11 6.90
CA ALA I 75 -25.70 -27.08 5.85
C ALA I 75 -26.88 -27.97 6.26
N LYS I 76 -26.88 -28.44 7.51
CA LYS I 76 -28.07 -29.13 8.02
C LYS I 76 -29.26 -28.20 8.08
N LEU I 77 -29.04 -26.95 8.49
CA LEU I 77 -30.15 -26.01 8.65
C LEU I 77 -30.88 -25.79 7.34
N GLY I 78 -30.17 -25.90 6.22
CA GLY I 78 -30.81 -25.79 4.93
C GLY I 78 -31.46 -24.44 4.75
N PHE I 79 -32.64 -24.45 4.14
CA PHE I 79 -33.42 -23.25 3.90
C PHE I 79 -34.61 -23.15 4.86
N ARG I 80 -34.59 -23.89 5.96
CA ARG I 80 -35.63 -23.75 6.97
C ARG I 80 -35.58 -22.37 7.61
N SER I 81 -36.73 -21.93 8.10
CA SER I 81 -36.81 -20.68 8.82
C SER I 81 -36.25 -20.82 10.22
N PHE I 82 -35.52 -19.80 10.67
CA PHE I 82 -34.94 -19.77 12.00
C PHE I 82 -34.99 -18.34 12.51
N GLU I 83 -34.59 -18.16 13.76
CA GLU I 83 -34.55 -16.86 14.42
C GLU I 83 -33.12 -16.55 14.86
N ILE I 84 -32.83 -15.26 14.93
CA ILE I 84 -31.55 -14.75 15.41
C ILE I 84 -31.85 -13.76 16.51
N ILE I 85 -31.33 -14.02 17.70
CA ILE I 85 -31.39 -13.09 18.82
C ILE I 85 -30.00 -12.52 19.01
N TYR I 86 -29.89 -11.20 18.90
CA TYR I 86 -28.63 -10.48 18.97
C TYR I 86 -28.64 -9.58 20.20
N ASN I 87 -27.70 -9.81 21.10
CA ASN I 87 -27.57 -9.01 22.32
C ASN I 87 -26.24 -8.29 22.29
N LEU I 88 -26.29 -6.97 22.46
CA LEU I 88 -25.11 -6.12 22.57
C LEU I 88 -25.18 -5.43 23.92
N SER I 89 -24.25 -5.77 24.79
CA SER I 89 -24.24 -5.30 26.17
C SER I 89 -23.17 -4.23 26.37
N ASN I 90 -23.42 -3.37 27.35
CA ASN I 90 -22.42 -2.45 27.87
C ASN I 90 -21.82 -3.05 29.14
N SER I 91 -20.53 -2.79 29.35
CA SER I 91 -19.81 -3.25 30.52
C SER I 91 -19.66 -2.15 31.57
N GLU I 92 -19.19 -0.96 31.17
CA GLU I 92 -19.04 0.14 32.11
C GLU I 92 -20.40 0.57 32.64
N THR I 93 -21.40 0.59 31.78
CA THR I 93 -22.81 0.68 32.17
C THR I 93 -23.40 -0.72 32.12
N LEU I 94 -24.53 -0.90 32.80
CA LEU I 94 -25.20 -2.19 32.84
C LEU I 94 -26.28 -2.34 31.77
N GLY I 95 -26.47 -1.33 30.92
CA GLY I 95 -27.50 -1.41 29.90
C GLY I 95 -27.11 -2.34 28.77
N TYR I 96 -28.12 -2.80 28.05
CA TYR I 96 -27.90 -3.70 26.93
C TYR I 96 -29.06 -3.61 25.95
N GLU I 97 -28.76 -3.95 24.71
CA GLU I 97 -29.73 -4.01 23.63
C GLU I 97 -29.92 -5.46 23.24
N SER I 98 -31.15 -5.84 22.91
CA SER I 98 -31.46 -7.17 22.43
C SER I 98 -32.43 -7.06 21.27
N ILE I 99 -32.08 -7.69 20.14
CA ILE I 99 -32.86 -7.64 18.92
C ILE I 99 -33.11 -9.07 18.47
N ARG I 100 -34.36 -9.38 18.16
CA ARG I 100 -34.77 -10.70 17.70
C ARG I 100 -35.22 -10.57 16.25
N LEU I 101 -34.48 -11.20 15.35
CA LEU I 101 -34.87 -11.29 13.95
C LEU I 101 -35.68 -12.56 13.73
N LYS I 102 -36.86 -12.41 13.14
CA LYS I 102 -37.84 -13.47 13.01
C LYS I 102 -37.94 -13.94 11.56
N ASN I 103 -38.24 -15.23 11.41
CA ASN I 103 -38.42 -15.85 10.09
C ASN I 103 -37.19 -15.66 9.22
N CYS I 104 -36.02 -15.77 9.84
CA CYS I 104 -34.77 -15.67 9.09
C CYS I 104 -34.59 -16.91 8.22
N ARG I 105 -34.10 -16.69 7.00
CA ARG I 105 -33.96 -17.77 6.04
C ARG I 105 -32.76 -17.49 5.17
N LEU I 106 -31.94 -18.51 4.94
CA LEU I 106 -30.70 -18.35 4.19
C LEU I 106 -30.98 -18.23 2.70
N LYS I 107 -30.26 -17.30 2.06
CA LYS I 107 -30.33 -17.17 0.61
C LYS I 107 -29.51 -18.26 -0.07
N LYS I 108 -28.38 -18.64 0.51
CA LYS I 108 -27.54 -19.69 -0.04
C LYS I 108 -26.86 -20.44 1.09
N LEU I 109 -26.54 -21.70 0.82
CA LEU I 109 -25.90 -22.58 1.78
C LEU I 109 -24.39 -22.53 1.63
N PRO I 110 -23.60 -22.24 2.69
CA PRO I 110 -22.14 -22.26 2.52
C PRO I 110 -21.60 -23.69 2.62
N LEU I 111 -21.75 -24.45 1.54
CA LEU I 111 -21.35 -25.85 1.59
C LEU I 111 -19.85 -25.99 1.75
N ILE I 112 -19.09 -25.29 0.91
CA ILE I 112 -17.63 -25.41 0.88
C ILE I 112 -17.04 -24.01 0.75
N ASN I 113 -16.07 -23.70 1.61
CA ASN I 113 -15.30 -22.47 1.47
C ASN I 113 -13.98 -22.69 2.22
N SER I 114 -12.92 -22.99 1.48
CA SER I 114 -11.63 -23.23 2.09
C SER I 114 -10.54 -22.74 1.15
N LYS I 115 -9.46 -22.22 1.73
CA LYS I 115 -8.30 -21.73 1.02
C LYS I 115 -7.08 -22.49 1.53
N ALA I 116 -5.95 -22.29 0.83
CA ALA I 116 -4.82 -23.21 0.96
C ALA I 116 -4.27 -23.27 2.38
N GLY I 117 -4.01 -22.12 2.99
CA GLY I 117 -3.37 -22.06 4.29
C GLY I 117 -4.06 -21.18 5.30
N GLU I 118 -5.34 -20.89 5.08
CA GLU I 118 -6.13 -20.03 5.94
C GLU I 118 -7.13 -20.86 6.75
N ILE I 119 -7.63 -20.25 7.81
CA ILE I 119 -8.64 -20.89 8.64
C ILE I 119 -9.95 -20.92 7.89
N VAL I 120 -10.64 -22.05 7.96
CA VAL I 120 -11.89 -22.22 7.23
C VAL I 120 -12.93 -21.28 7.81
N LYS I 121 -13.44 -20.38 6.99
CA LYS I 121 -14.46 -19.42 7.36
C LYS I 121 -15.78 -19.77 6.69
N ILE I 122 -16.85 -19.31 7.31
CA ILE I 122 -18.21 -19.52 6.82
C ILE I 122 -18.91 -18.16 6.78
N GLU I 123 -19.53 -17.85 5.65
CA GLU I 123 -20.26 -16.61 5.46
C GLU I 123 -21.62 -16.94 4.85
N VAL I 124 -22.68 -16.40 5.47
CA VAL I 124 -24.05 -16.62 5.02
C VAL I 124 -24.76 -15.28 4.94
N GLU I 125 -25.80 -15.27 4.11
CA GLU I 125 -26.68 -14.12 3.96
C GLU I 125 -28.10 -14.63 3.82
N GLY I 126 -29.06 -13.76 4.08
CA GLY I 126 -30.44 -14.17 4.02
C GLY I 126 -31.36 -13.00 4.27
N SER I 127 -32.63 -13.34 4.49
CA SER I 127 -33.69 -12.37 4.69
C SER I 127 -34.52 -12.74 5.90
N PHE I 128 -35.09 -11.73 6.54
CA PHE I 128 -35.99 -11.91 7.66
C PHE I 128 -37.21 -11.02 7.49
N ARG I 129 -38.32 -11.45 8.09
CA ARG I 129 -39.60 -10.76 7.90
C ARG I 129 -39.67 -9.49 8.74
N GLY I 130 -39.50 -9.64 10.05
CA GLY I 130 -39.62 -8.53 10.98
C GLY I 130 -38.67 -8.71 12.14
N TYR I 131 -38.71 -7.73 13.04
CA TYR I 131 -37.81 -7.69 14.19
C TYR I 131 -38.58 -7.27 15.43
N ASP I 132 -38.10 -7.75 16.57
CA ASP I 132 -38.58 -7.33 17.88
C ASP I 132 -37.41 -6.74 18.65
N LEU I 133 -37.58 -5.49 19.09
CA LEU I 133 -36.56 -4.81 19.91
C LEU I 133 -36.86 -5.16 21.36
N LEU I 134 -36.30 -6.29 21.80
CA LEU I 134 -36.64 -6.82 23.12
C LEU I 134 -36.16 -5.90 24.23
N ASN I 135 -34.94 -5.38 24.11
CA ASN I 135 -34.33 -4.54 25.12
C ASN I 135 -33.48 -3.49 24.42
N GLU I 136 -32.95 -2.55 25.20
CA GLU I 136 -32.36 -1.35 24.64
C GLU I 136 -31.57 -0.54 25.66
N GLU J 13 -21.97 -61.61 -50.39
CA GLU J 13 -23.09 -61.25 -51.30
C GLU J 13 -22.66 -60.16 -52.27
N ILE J 14 -23.60 -59.74 -53.12
CA ILE J 14 -23.34 -58.79 -54.21
C ILE J 14 -24.18 -57.55 -53.92
N PRO J 15 -23.76 -56.34 -54.31
CA PRO J 15 -24.64 -55.17 -54.10
C PRO J 15 -25.97 -55.29 -54.81
N GLY J 16 -27.03 -54.86 -54.15
CA GLY J 16 -28.34 -54.71 -54.75
C GLY J 16 -29.47 -54.99 -53.78
N PHE J 17 -30.68 -54.62 -54.20
CA PHE J 17 -31.89 -55.04 -53.49
C PHE J 17 -32.10 -56.53 -53.56
N TYR J 18 -32.58 -57.09 -52.47
CA TYR J 18 -32.95 -58.50 -52.37
C TYR J 18 -34.25 -58.56 -51.57
N ASN J 19 -35.37 -58.37 -52.28
CA ASN J 19 -36.69 -58.42 -51.68
C ASN J 19 -37.09 -59.87 -51.49
N ARG J 20 -37.34 -60.27 -50.24
CA ARG J 20 -37.67 -61.65 -49.92
C ARG J 20 -38.78 -61.65 -48.88
N PHE J 21 -39.99 -61.94 -49.35
CA PHE J 21 -41.15 -62.11 -48.47
C PHE J 21 -40.88 -63.20 -47.44
N LYS J 22 -41.24 -62.92 -46.19
CA LYS J 22 -41.22 -63.90 -45.12
C LYS J 22 -42.64 -64.11 -44.61
N THR J 23 -43.00 -65.36 -44.36
CA THR J 23 -44.34 -65.69 -43.92
C THR J 23 -44.62 -65.08 -42.55
N GLN J 24 -45.87 -64.67 -42.35
CA GLN J 24 -46.25 -64.04 -41.09
C GLN J 24 -46.21 -64.98 -39.90
N ALA J 25 -46.22 -66.29 -40.13
CA ALA J 25 -46.17 -67.24 -39.03
C ALA J 25 -44.86 -67.15 -38.25
N GLU J 26 -43.80 -66.64 -38.87
CA GLU J 26 -42.47 -66.61 -38.26
C GLU J 26 -42.25 -65.31 -37.47
N LYS J 27 -43.09 -65.11 -36.46
CA LYS J 27 -42.97 -63.94 -35.60
C LYS J 27 -41.99 -64.21 -34.47
N SER J 28 -41.16 -63.22 -34.17
CA SER J 28 -40.27 -63.30 -33.03
C SER J 28 -41.04 -63.07 -31.74
N THR J 29 -40.46 -63.53 -30.63
CA THR J 29 -41.10 -63.41 -29.33
C THR J 29 -41.14 -61.94 -28.90
N ASN J 30 -41.73 -61.70 -27.73
CA ASN J 30 -41.91 -60.35 -27.22
C ASN J 30 -40.55 -59.74 -26.86
N THR J 31 -40.59 -58.49 -26.39
CA THR J 31 -39.40 -57.75 -25.99
C THR J 31 -39.34 -57.45 -24.50
N GLY J 32 -40.49 -57.38 -23.82
CA GLY J 32 -40.50 -57.09 -22.40
C GLY J 32 -40.17 -58.30 -21.55
N LEU J 33 -38.90 -58.70 -21.56
CA LEU J 33 -38.42 -59.87 -20.84
C LEU J 33 -37.21 -59.50 -20.00
N LYS J 34 -37.04 -60.22 -18.89
CA LYS J 34 -35.98 -59.94 -17.94
C LYS J 34 -35.65 -61.22 -17.19
N GLY J 35 -34.47 -61.24 -16.58
CA GLY J 35 -34.10 -62.26 -15.62
C GLY J 35 -33.54 -63.52 -16.25
N ARG J 36 -32.96 -64.37 -15.39
CA ARG J 36 -32.30 -65.60 -15.78
C ARG J 36 -32.84 -66.77 -14.96
N LEU J 37 -33.06 -67.91 -15.63
CA LEU J 37 -33.65 -69.09 -15.01
C LEU J 37 -32.86 -70.34 -15.39
N ALA J 38 -32.81 -71.27 -14.44
CA ALA J 38 -32.21 -72.58 -14.64
C ALA J 38 -33.28 -73.63 -14.89
N MET J 39 -32.89 -74.68 -15.60
CA MET J 39 -33.82 -75.70 -16.07
C MET J 39 -33.13 -77.03 -16.32
N PRO J 40 -33.13 -77.98 -15.35
CA PRO J 40 -32.58 -79.32 -15.63
C PRO J 40 -33.55 -80.17 -16.46
N ILE J 41 -33.61 -79.86 -17.75
CA ILE J 41 -34.64 -80.44 -18.61
C ILE J 41 -34.36 -81.92 -18.84
N ARG J 42 -35.41 -82.74 -18.69
CA ARG J 42 -35.37 -84.16 -19.06
C ARG J 42 -35.75 -84.27 -20.52
N ALA J 43 -34.76 -84.09 -21.39
CA ALA J 43 -34.97 -84.07 -22.83
C ALA J 43 -34.67 -85.45 -23.40
N ASN J 44 -35.62 -85.97 -24.20
CA ASN J 44 -35.33 -87.15 -25.00
C ASN J 44 -34.14 -86.90 -25.91
N TRP J 45 -34.06 -85.70 -26.48
CA TRP J 45 -32.98 -85.30 -27.36
C TRP J 45 -32.48 -83.93 -26.93
N GLY J 46 -31.17 -83.70 -27.09
CA GLY J 46 -30.58 -82.42 -26.76
C GLY J 46 -29.16 -82.57 -26.30
N ASP J 47 -28.63 -81.48 -25.76
CA ASP J 47 -27.21 -81.35 -25.44
C ASP J 47 -26.95 -81.91 -24.04
N VAL J 48 -26.18 -82.99 -23.97
CA VAL J 48 -25.91 -83.69 -22.72
C VAL J 48 -24.55 -83.27 -22.19
N GLY J 49 -24.47 -83.00 -20.88
CA GLY J 49 -23.22 -82.65 -20.24
C GLY J 49 -22.85 -81.19 -20.30
N LYS J 50 -23.75 -80.32 -20.78
CA LYS J 50 -23.46 -78.90 -20.89
C LYS J 50 -24.75 -78.10 -20.78
N VAL J 51 -24.62 -76.87 -20.30
CA VAL J 51 -25.74 -75.95 -20.12
C VAL J 51 -25.77 -75.02 -21.33
N VAL J 52 -26.95 -74.83 -21.91
CA VAL J 52 -27.15 -73.97 -23.07
C VAL J 52 -28.01 -72.80 -22.64
N THR J 53 -27.63 -71.60 -23.10
CA THR J 53 -28.30 -70.36 -22.74
C THR J 53 -29.23 -69.96 -23.87
N ILE J 54 -30.49 -70.38 -23.77
CA ILE J 54 -31.49 -70.05 -24.77
C ILE J 54 -31.96 -68.62 -24.54
N LYS J 55 -32.14 -67.87 -25.63
CA LYS J 55 -32.61 -66.49 -25.57
C LYS J 55 -34.13 -66.47 -25.47
N ASN J 56 -34.72 -65.28 -25.64
CA ASN J 56 -36.17 -65.13 -25.69
C ASN J 56 -36.80 -66.04 -26.72
N ASP J 57 -36.14 -66.25 -27.86
CA ASP J 57 -36.73 -66.97 -28.97
C ASP J 57 -37.00 -68.42 -28.60
N LEU J 58 -38.21 -68.90 -28.95
CA LEU J 58 -38.56 -70.31 -28.80
C LEU J 58 -37.89 -71.19 -29.84
N ARG J 59 -37.23 -70.61 -30.84
CA ARG J 59 -36.81 -71.41 -31.98
C ARG J 59 -35.61 -72.27 -31.62
N GLN J 60 -34.66 -71.72 -30.87
CA GLN J 60 -33.52 -72.49 -30.42
C GLN J 60 -33.95 -73.63 -29.52
N LEU J 61 -34.99 -73.40 -28.70
CA LEU J 61 -35.48 -74.45 -27.82
C LEU J 61 -35.97 -75.66 -28.61
N LYS J 62 -36.83 -75.45 -29.61
CA LYS J 62 -37.37 -76.61 -30.31
C LYS J 62 -36.32 -77.21 -31.22
N ASN J 63 -35.46 -76.38 -31.82
CA ASN J 63 -34.40 -76.90 -32.68
C ASN J 63 -33.41 -77.75 -31.90
N LEU J 64 -33.17 -77.41 -30.63
CA LEU J 64 -32.18 -78.11 -29.82
C LEU J 64 -32.76 -79.19 -28.91
N PHE J 65 -34.05 -79.11 -28.58
CA PHE J 65 -34.67 -79.98 -27.58
C PHE J 65 -36.02 -80.49 -28.05
N GLY J 66 -36.12 -80.86 -29.32
CA GLY J 66 -37.30 -81.51 -29.83
C GLY J 66 -38.53 -80.63 -29.89
N ASP J 67 -39.55 -81.09 -30.61
CA ASP J 67 -40.80 -80.37 -30.77
C ASP J 67 -41.94 -81.10 -30.05
N ASP J 68 -41.66 -82.23 -29.41
CA ASP J 68 -42.71 -83.10 -28.91
C ASP J 68 -43.20 -82.63 -27.53
N MET J 69 -44.52 -82.67 -27.35
CA MET J 69 -45.11 -82.17 -26.11
C MET J 69 -44.79 -83.07 -24.93
N ASN J 70 -44.76 -84.39 -25.13
CA ASN J 70 -44.50 -85.30 -24.02
C ASN J 70 -43.09 -85.10 -23.47
N TYR J 71 -42.17 -84.59 -24.28
CA TYR J 71 -40.83 -84.27 -23.78
C TYR J 71 -40.94 -83.22 -22.70
N SER J 72 -40.43 -83.53 -21.51
CA SER J 72 -40.43 -82.55 -20.44
C SER J 72 -39.65 -81.30 -20.82
N ALA J 73 -38.59 -81.47 -21.61
CA ALA J 73 -37.77 -80.35 -22.03
C ALA J 73 -38.59 -79.32 -22.79
N PHE J 74 -39.22 -79.74 -23.89
CA PHE J 74 -39.98 -78.80 -24.71
C PHE J 74 -41.16 -78.22 -23.94
N LYS J 75 -41.89 -79.07 -23.23
CA LYS J 75 -43.10 -78.63 -22.52
C LYS J 75 -42.76 -77.57 -21.48
N LEU J 76 -41.79 -77.86 -20.63
CA LEU J 76 -41.45 -76.94 -19.55
C LEU J 76 -40.65 -75.73 -20.04
N GLY J 77 -39.84 -75.88 -21.09
CA GLY J 77 -39.21 -74.71 -21.67
C GLY J 77 -40.23 -73.77 -22.29
N LYS J 78 -41.25 -74.33 -22.94
CA LYS J 78 -42.34 -73.51 -23.44
C LYS J 78 -43.03 -72.78 -22.30
N LEU J 79 -43.28 -73.48 -21.19
CA LEU J 79 -43.84 -72.79 -20.02
C LEU J 79 -42.95 -71.64 -19.56
N ALA J 80 -41.65 -71.89 -19.45
CA ALA J 80 -40.75 -70.87 -18.93
C ALA J 80 -40.69 -69.66 -19.85
N LEU J 81 -40.68 -69.91 -21.16
CA LEU J 81 -40.54 -68.81 -22.11
C LEU J 81 -41.85 -68.05 -22.31
N LEU J 82 -43.00 -68.72 -22.16
CA LEU J 82 -44.24 -67.98 -21.96
C LEU J 82 -44.28 -67.28 -20.61
N GLY J 83 -43.45 -67.71 -19.65
CA GLY J 83 -43.21 -66.93 -18.46
C GLY J 83 -42.35 -65.69 -18.69
N ASN J 84 -41.84 -65.51 -19.91
CA ASN J 84 -41.17 -64.28 -20.34
C ASN J 84 -39.85 -64.07 -19.59
N VAL J 85 -39.10 -65.15 -19.40
CA VAL J 85 -37.73 -65.06 -18.91
C VAL J 85 -36.82 -64.65 -20.06
N LYS J 86 -35.92 -63.70 -19.80
CA LYS J 86 -35.04 -63.19 -20.84
C LYS J 86 -34.07 -64.27 -21.31
N GLU J 87 -33.37 -64.92 -20.38
CA GLU J 87 -32.43 -65.99 -20.67
C GLU J 87 -32.81 -67.23 -19.88
N LEU J 88 -33.01 -68.34 -20.58
CA LEU J 88 -33.40 -69.61 -19.98
C LEU J 88 -32.25 -70.59 -20.19
N LEU J 89 -31.67 -71.03 -19.07
CA LEU J 89 -30.48 -71.87 -19.10
C LEU J 89 -30.90 -73.33 -18.96
N LEU J 90 -30.79 -74.07 -20.07
CA LEU J 90 -31.22 -75.47 -20.14
C LEU J 90 -30.03 -76.41 -20.02
N TYR J 91 -30.19 -77.42 -19.16
CA TYR J 91 -29.25 -78.54 -19.05
C TYR J 91 -30.04 -79.82 -19.28
N ARG J 92 -29.65 -80.57 -20.31
CA ARG J 92 -30.30 -81.86 -20.53
C ARG J 92 -29.97 -82.84 -19.42
N LEU J 93 -30.95 -83.64 -19.05
CA LEU J 93 -30.83 -84.62 -17.98
C LEU J 93 -31.11 -85.99 -18.59
N VAL J 94 -30.11 -86.88 -18.53
CA VAL J 94 -30.26 -88.26 -18.99
C VAL J 94 -29.63 -89.18 -17.96
N ASP J 95 -30.09 -90.43 -17.95
CA ASP J 95 -29.51 -91.43 -17.08
C ASP J 95 -28.12 -91.82 -17.58
N GLY J 96 -27.33 -92.40 -16.68
CA GLY J 96 -26.01 -92.89 -17.07
C GLY J 96 -26.08 -93.96 -18.15
N ASN J 97 -27.06 -94.86 -18.04
CA ASN J 97 -27.23 -95.89 -19.06
C ASN J 97 -27.65 -95.30 -20.40
N GLN J 98 -28.32 -94.16 -20.38
CA GLN J 98 -28.73 -93.51 -21.62
C GLN J 98 -27.51 -93.11 -22.44
N LYS J 99 -27.55 -93.39 -23.74
CA LYS J 99 -26.39 -93.25 -24.61
C LYS J 99 -26.86 -92.83 -26.00
N LYS J 100 -25.89 -92.69 -26.91
CA LYS J 100 -26.17 -92.33 -28.29
C LYS J 100 -26.67 -93.53 -29.09
N GLY J 101 -27.72 -93.29 -29.88
CA GLY J 101 -28.04 -94.25 -30.93
C GLY J 101 -26.90 -94.35 -31.91
N THR J 102 -26.64 -95.59 -32.36
CA THR J 102 -25.49 -95.87 -33.21
C THR J 102 -25.85 -96.92 -34.24
N LEU J 103 -25.35 -96.74 -35.46
CA LEU J 103 -25.47 -97.73 -36.52
C LEU J 103 -24.21 -97.67 -37.37
N THR J 104 -23.98 -98.77 -38.09
CA THR J 104 -22.83 -98.90 -38.99
C THR J 104 -23.33 -99.25 -40.38
N LEU J 105 -22.84 -98.53 -41.38
CA LEU J 105 -23.09 -98.87 -42.77
C LEU J 105 -22.03 -99.85 -43.26
N LYS J 106 -22.36 -100.55 -44.34
CA LYS J 106 -21.45 -101.53 -44.90
C LYS J 106 -21.58 -101.51 -46.41
N ASP J 107 -20.54 -102.01 -47.09
CA ASP J 107 -20.49 -102.08 -48.53
C ASP J 107 -20.89 -103.47 -49.01
N THR J 108 -21.19 -103.56 -50.31
CA THR J 108 -21.58 -104.81 -50.96
C THR J 108 -20.70 -105.14 -52.17
N THR J 109 -19.61 -104.40 -52.38
CA THR J 109 -18.72 -104.72 -53.50
C THR J 109 -18.10 -106.10 -53.33
N GLU J 110 -17.66 -106.43 -52.13
CA GLU J 110 -17.08 -107.73 -51.83
C GLU J 110 -18.17 -108.73 -51.49
N ASN J 111 -17.78 -110.02 -51.48
CA ASN J 111 -18.72 -111.06 -51.11
C ASN J 111 -19.17 -110.91 -49.65
N SER J 112 -18.23 -110.56 -48.77
CA SER J 112 -18.51 -110.33 -47.36
C SER J 112 -18.49 -108.83 -47.10
N ALA J 113 -19.58 -108.32 -46.53
CA ALA J 113 -19.69 -106.89 -46.26
C ALA J 113 -18.81 -106.50 -45.07
N LYS J 114 -18.35 -105.26 -45.09
CA LYS J 114 -17.47 -104.73 -44.04
C LYS J 114 -17.88 -103.30 -43.72
N ASP J 115 -17.58 -102.89 -42.49
CA ASP J 115 -17.97 -101.58 -42.00
C ASP J 115 -17.07 -100.50 -42.59
N VAL J 116 -17.67 -99.42 -43.08
CA VAL J 116 -16.94 -98.25 -43.55
C VAL J 116 -17.43 -96.95 -42.93
N ILE J 117 -18.65 -96.86 -42.41
CA ILE J 117 -19.18 -95.66 -41.80
C ILE J 117 -19.93 -96.04 -40.53
N LYS J 118 -19.78 -95.23 -39.48
CA LYS J 118 -20.62 -95.28 -38.28
C LYS J 118 -21.42 -93.99 -38.20
N LEU J 119 -22.74 -94.13 -38.12
CA LEU J 119 -23.64 -93.02 -37.87
C LEU J 119 -24.07 -93.07 -36.42
N GLU J 120 -23.64 -92.09 -35.63
CA GLU J 120 -24.01 -91.96 -34.24
C GLU J 120 -24.80 -90.67 -34.06
N THR J 121 -25.79 -90.71 -33.19
CA THR J 121 -26.54 -89.50 -32.87
C THR J 121 -25.57 -88.44 -32.35
N LYS J 122 -25.78 -87.19 -32.78
CA LYS J 122 -24.87 -86.11 -32.40
C LYS J 122 -24.74 -85.99 -30.90
N TYR J 123 -25.83 -86.20 -30.18
CA TYR J 123 -25.87 -86.21 -28.73
C TYR J 123 -26.64 -87.44 -28.30
N PRO J 124 -26.50 -87.87 -27.04
CA PRO J 124 -27.18 -89.10 -26.60
C PRO J 124 -28.69 -89.03 -26.82
N THR J 125 -29.26 -90.12 -27.36
CA THR J 125 -30.70 -90.21 -27.56
C THR J 125 -31.02 -91.61 -28.08
N ALA J 126 -32.30 -91.98 -27.97
CA ALA J 126 -32.81 -93.23 -28.52
C ALA J 126 -34.15 -93.01 -29.20
N ARG J 127 -34.38 -91.82 -29.74
CA ARG J 127 -35.62 -91.51 -30.43
C ARG J 127 -35.71 -92.32 -31.72
N ASN J 128 -36.84 -92.16 -32.42
CA ASN J 128 -37.08 -92.89 -33.67
C ASN J 128 -36.36 -92.20 -34.84
N PHE J 129 -35.03 -92.17 -34.74
CA PHE J 129 -34.18 -91.54 -35.74
C PHE J 129 -33.72 -92.63 -36.71
N ASN J 130 -34.29 -92.64 -37.90
CA ASN J 130 -34.08 -93.69 -38.89
C ASN J 130 -33.21 -93.16 -40.02
N VAL J 131 -32.61 -94.10 -40.75
CA VAL J 131 -31.72 -93.79 -41.87
C VAL J 131 -32.17 -94.62 -43.07
N THR J 132 -31.96 -94.05 -44.26
CA THR J 132 -32.20 -94.79 -45.50
C THR J 132 -31.17 -94.36 -46.52
N ILE J 133 -30.57 -95.35 -47.21
CA ILE J 133 -29.52 -95.13 -48.18
C ILE J 133 -29.85 -95.96 -49.42
N LYS J 134 -29.69 -95.34 -50.59
CA LYS J 134 -30.01 -95.98 -51.86
C LYS J 134 -29.08 -95.42 -52.93
N SER J 135 -29.16 -95.99 -54.12
CA SER J 135 -28.35 -95.55 -55.24
C SER J 135 -28.92 -94.27 -55.84
N ASN J 136 -28.02 -93.44 -56.39
CA ASN J 136 -28.40 -92.20 -57.04
C ASN J 136 -28.67 -92.46 -58.52
N LEU J 137 -29.82 -91.99 -59.00
CA LEU J 137 -30.21 -92.23 -60.38
C LEU J 137 -29.41 -91.36 -61.34
N VAL J 138 -29.10 -90.12 -60.94
CA VAL J 138 -28.41 -89.20 -61.83
C VAL J 138 -27.00 -89.70 -62.13
N ASP J 139 -26.28 -90.11 -61.09
CA ASP J 139 -24.90 -90.59 -61.21
C ASP J 139 -24.80 -91.95 -60.53
N SER J 140 -24.17 -92.91 -61.22
CA SER J 140 -24.02 -94.25 -60.66
C SER J 140 -23.18 -94.24 -59.40
N ASP J 141 -22.08 -93.48 -59.40
CA ASP J 141 -21.20 -93.45 -58.24
C ASP J 141 -21.84 -92.77 -57.03
N LYS J 142 -22.79 -91.87 -57.25
CA LYS J 142 -23.44 -91.18 -56.15
C LYS J 142 -24.47 -92.06 -55.48
N LYS J 143 -24.76 -91.74 -54.22
CA LYS J 143 -25.81 -92.40 -53.45
C LYS J 143 -26.65 -91.35 -52.74
N ASP J 144 -27.94 -91.66 -52.59
CA ASP J 144 -28.88 -90.80 -51.87
C ASP J 144 -28.93 -91.24 -50.42
N PHE J 145 -28.66 -90.31 -49.52
CA PHE J 145 -28.72 -90.54 -48.07
C PHE J 145 -29.83 -89.68 -47.48
N ILE J 146 -30.73 -90.33 -46.75
CA ILE J 146 -31.92 -89.68 -46.20
C ILE J 146 -32.04 -90.07 -44.72
N PHE J 147 -32.49 -89.12 -43.91
CA PHE J 147 -32.72 -89.33 -42.49
C PHE J 147 -34.16 -88.99 -42.14
N PHE J 148 -34.78 -89.83 -41.31
CA PHE J 148 -36.17 -89.71 -40.89
C PHE J 148 -36.28 -89.52 -39.38
N GLU J 149 -37.28 -88.74 -38.97
CA GLU J 149 -37.58 -88.48 -37.57
C GLU J 149 -39.08 -88.72 -37.35
N ASN J 150 -39.43 -89.84 -36.72
CA ASN J 150 -40.82 -90.22 -36.48
C ASN J 150 -41.60 -90.22 -37.79
N THR J 151 -40.98 -90.80 -38.82
CA THR J 151 -41.55 -90.83 -40.18
C THR J 151 -41.62 -89.44 -40.81
N LYS J 152 -40.73 -88.55 -40.41
CA LYS J 152 -40.61 -87.21 -40.99
C LYS J 152 -39.19 -86.99 -41.47
N GLN J 153 -39.04 -86.61 -42.73
CA GLN J 153 -37.71 -86.42 -43.31
C GLN J 153 -36.99 -85.25 -42.65
N LEU J 154 -35.69 -85.44 -42.39
CA LEU J 154 -34.82 -84.41 -41.82
C LEU J 154 -33.77 -83.94 -42.81
N PHE J 155 -33.05 -84.87 -43.44
CA PHE J 155 -31.95 -84.55 -44.35
C PHE J 155 -32.10 -85.38 -45.60
N SER J 156 -31.68 -84.83 -46.73
CA SER J 156 -31.71 -85.56 -47.99
C SER J 156 -30.69 -84.93 -48.94
N SER J 157 -29.78 -85.76 -49.45
CA SER J 157 -28.75 -85.28 -50.38
C SER J 157 -28.20 -86.46 -51.17
N SER J 158 -27.62 -86.14 -52.32
CA SER J 158 -26.92 -87.10 -53.16
C SER J 158 -25.44 -86.74 -53.17
N ILE J 159 -24.60 -87.70 -52.78
CA ILE J 159 -23.15 -87.48 -52.64
C ILE J 159 -22.44 -88.67 -53.27
N LYS J 160 -21.22 -88.41 -53.78
CA LYS J 160 -20.41 -89.45 -54.40
C LYS J 160 -20.23 -90.63 -53.45
N GLY J 161 -20.06 -91.81 -54.04
CA GLY J 161 -19.93 -93.03 -53.27
C GLY J 161 -18.71 -93.12 -52.38
N THR J 162 -17.74 -92.23 -52.57
CA THR J 162 -16.55 -92.22 -51.72
C THR J 162 -16.96 -91.93 -50.28
N ILE J 163 -16.40 -92.72 -49.36
CA ILE J 163 -16.76 -92.60 -47.95
C ILE J 163 -16.34 -91.24 -47.40
N ASP J 164 -15.24 -90.67 -47.92
CA ASP J 164 -14.78 -89.38 -47.43
C ASP J 164 -15.80 -88.29 -47.70
N GLU J 165 -16.30 -88.21 -48.95
CA GLU J 165 -17.29 -87.21 -49.29
C GLU J 165 -18.60 -87.43 -48.52
N ILE J 166 -18.98 -88.70 -48.35
CA ILE J 166 -20.21 -89.01 -47.63
C ILE J 166 -20.13 -88.51 -46.19
N VAL J 167 -19.02 -88.83 -45.51
CA VAL J 167 -18.83 -88.38 -44.14
C VAL J 167 -18.75 -86.86 -44.07
N LEU J 168 -18.08 -86.25 -45.06
CA LEU J 168 -17.94 -84.79 -45.06
C LEU J 168 -19.29 -84.12 -45.17
N GLU J 169 -20.12 -84.54 -46.12
CA GLU J 169 -21.43 -83.93 -46.28
C GLU J 169 -22.33 -84.21 -45.07
N ILE J 170 -22.25 -85.42 -44.51
CA ILE J 170 -23.09 -85.75 -43.36
C ILE J 170 -22.72 -84.88 -42.17
N ASN J 171 -21.43 -84.70 -41.91
CA ASN J 171 -21.01 -83.86 -40.80
C ASN J 171 -21.07 -82.37 -41.11
N SER J 172 -21.25 -81.99 -42.37
CA SER J 172 -21.25 -80.58 -42.76
C SER J 172 -22.66 -79.98 -42.81
N ASN J 173 -23.59 -80.65 -43.49
CA ASN J 173 -24.92 -80.09 -43.67
C ASN J 173 -25.63 -79.95 -42.33
N LEU J 174 -26.30 -78.80 -42.14
CA LEU J 174 -26.91 -78.50 -40.85
C LEU J 174 -28.15 -79.33 -40.56
N ASP J 175 -28.77 -79.91 -41.60
CA ASP J 175 -29.90 -80.81 -41.37
C ASP J 175 -29.47 -82.14 -40.75
N ASN J 176 -28.16 -82.43 -40.68
CA ASN J 176 -27.63 -83.59 -39.99
C ASN J 176 -27.34 -83.31 -38.52
N GLU J 177 -28.06 -82.38 -37.90
CA GLU J 177 -27.82 -82.02 -36.51
C GLU J 177 -28.05 -83.21 -35.57
N TYR J 178 -28.77 -84.24 -35.99
CA TYR J 178 -29.10 -85.38 -35.15
C TYR J 178 -28.17 -86.57 -35.38
N VAL J 179 -27.06 -86.39 -36.10
CA VAL J 179 -26.19 -87.51 -36.44
C VAL J 179 -24.81 -86.99 -36.76
N ILE J 180 -23.79 -87.81 -36.45
CA ILE J 180 -22.42 -87.61 -36.90
C ILE J 180 -22.00 -88.87 -37.65
N ALA J 181 -21.37 -88.69 -38.81
CA ALA J 181 -20.77 -89.78 -39.56
C ALA J 181 -19.26 -89.74 -39.38
N THR J 182 -18.67 -90.88 -39.04
CA THR J 182 -17.23 -91.03 -38.88
C THR J 182 -16.76 -92.20 -39.74
N LYS J 183 -15.69 -91.99 -40.49
CA LYS J 183 -15.17 -93.00 -41.41
C LYS J 183 -14.50 -94.11 -40.61
N VAL J 184 -15.06 -95.32 -40.68
CA VAL J 184 -14.46 -96.46 -39.98
C VAL J 184 -13.09 -96.77 -40.56
N ALA J 185 -13.00 -96.85 -41.88
CA ALA J 185 -11.77 -97.19 -42.57
C ALA J 185 -11.81 -96.55 -43.95
N ASP J 186 -10.63 -96.34 -44.52
CA ASP J 186 -10.55 -95.73 -45.84
C ASP J 186 -11.09 -96.69 -46.89
N SER J 187 -12.03 -96.21 -47.68
CA SER J 187 -12.64 -97.04 -48.72
C SER J 187 -13.46 -96.15 -49.64
N ASP J 188 -13.60 -96.60 -50.89
CA ASP J 188 -14.47 -95.99 -51.88
C ASP J 188 -15.54 -96.95 -52.36
N THR J 189 -15.78 -98.03 -51.62
CA THR J 189 -16.73 -99.06 -52.04
C THR J 189 -18.16 -98.54 -52.00
N ILE J 190 -19.01 -99.15 -52.80
CA ILE J 190 -20.42 -98.79 -52.85
C ILE J 190 -21.11 -99.33 -51.62
N LEU J 191 -21.85 -98.47 -50.93
CA LEU J 191 -22.49 -98.84 -49.68
C LEU J 191 -23.65 -99.80 -49.91
N ALA J 192 -24.10 -100.42 -48.83
CA ALA J 192 -25.28 -101.27 -48.87
C ALA J 192 -26.54 -100.44 -48.83
N ASN J 193 -27.59 -100.94 -49.48
CA ASN J 193 -28.89 -100.28 -49.50
C ASN J 193 -29.70 -100.77 -48.32
N VAL J 194 -29.96 -99.86 -47.37
CA VAL J 194 -30.72 -100.16 -46.16
C VAL J 194 -31.86 -99.14 -46.07
N VAL J 195 -33.02 -99.62 -45.62
CA VAL J 195 -34.25 -98.82 -45.61
C VAL J 195 -34.77 -98.77 -44.18
N ASN J 196 -34.86 -97.55 -43.64
CA ASN J 196 -35.52 -97.28 -42.36
C ASN J 196 -34.87 -98.07 -41.23
N GLN J 197 -33.57 -97.85 -41.05
CA GLN J 197 -32.81 -98.47 -39.97
C GLN J 197 -32.71 -97.48 -38.81
N ALA J 198 -33.23 -97.89 -37.65
CA ALA J 198 -33.29 -97.02 -36.48
C ALA J 198 -31.97 -97.03 -35.74
N LEU J 199 -31.51 -95.85 -35.35
CA LEU J 199 -30.30 -95.75 -34.53
C LEU J 199 -30.59 -96.25 -33.12
N GLU J 200 -29.77 -97.18 -32.65
CA GLU J 200 -29.96 -97.84 -31.37
C GLU J 200 -28.64 -97.85 -30.60
N GLY J 201 -28.74 -98.12 -29.30
CA GLY J 201 -27.59 -98.12 -28.40
C GLY J 201 -27.72 -97.05 -27.33
N GLY J 202 -28.94 -96.77 -26.91
CA GLY J 202 -29.18 -95.76 -25.90
C GLY J 202 -30.54 -95.93 -25.26
N ASN J 203 -30.94 -94.89 -24.51
CA ASN J 203 -32.21 -94.86 -23.82
C ASN J 203 -32.99 -93.61 -24.21
N ASP J 204 -34.23 -93.54 -23.71
CA ASP J 204 -35.14 -92.47 -24.06
C ASP J 204 -34.56 -91.11 -23.67
N GLY J 205 -34.38 -90.88 -22.37
CA GLY J 205 -33.87 -89.61 -21.86
C GLY J 205 -34.78 -89.06 -20.78
N CYS J 206 -36.09 -89.25 -20.96
CA CYS J 206 -37.07 -88.97 -19.91
C CYS J 206 -37.28 -90.16 -18.99
N THR J 207 -36.63 -91.29 -19.25
CA THR J 207 -36.79 -92.52 -18.49
C THR J 207 -35.54 -92.75 -17.64
N SER J 208 -35.74 -93.34 -16.45
CA SER J 208 -34.65 -93.61 -15.52
C SER J 208 -34.01 -92.30 -15.06
N ILE J 209 -34.87 -91.34 -14.72
CA ILE J 209 -34.45 -90.04 -14.21
C ILE J 209 -34.16 -90.22 -12.71
N THR J 210 -32.89 -90.11 -12.34
CA THR J 210 -32.40 -90.55 -11.04
C THR J 210 -31.77 -89.40 -10.25
N ASN J 211 -31.68 -89.61 -8.93
CA ASN J 211 -31.18 -88.58 -8.03
C ASN J 211 -29.74 -88.19 -8.34
N GLU J 212 -28.88 -89.19 -8.58
CA GLU J 212 -27.48 -88.89 -8.89
C GLU J 212 -27.36 -88.08 -10.17
N SER J 213 -28.25 -88.31 -11.12
CA SER J 213 -28.19 -87.58 -12.39
C SER J 213 -28.55 -86.11 -12.18
N TYR J 214 -29.60 -85.83 -11.41
CA TYR J 214 -29.85 -84.47 -10.96
C TYR J 214 -28.66 -83.88 -10.21
N LEU J 215 -28.03 -84.65 -9.34
CA LEU J 215 -26.97 -84.05 -8.55
C LEU J 215 -25.81 -83.66 -9.46
N LYS J 216 -25.52 -84.48 -10.48
CA LYS J 216 -24.56 -84.06 -11.50
C LYS J 216 -25.02 -82.78 -12.17
N ALA J 217 -26.30 -82.72 -12.56
CA ALA J 217 -26.80 -81.55 -13.28
C ALA J 217 -26.72 -80.30 -12.43
N LEU J 218 -27.03 -80.42 -11.14
CA LEU J 218 -26.91 -79.31 -10.21
C LEU J 218 -25.47 -78.83 -10.13
N GLU J 219 -24.53 -79.76 -10.09
CA GLU J 219 -23.12 -79.36 -10.14
C GLU J 219 -22.79 -78.68 -11.46
N GLU J 220 -23.39 -79.13 -12.56
CA GLU J 220 -23.23 -78.44 -13.83
C GLU J 220 -23.95 -77.09 -13.82
N PHE J 221 -25.02 -76.97 -13.05
CA PHE J 221 -25.70 -75.67 -12.95
C PHE J 221 -24.96 -74.71 -12.03
N GLU J 222 -23.97 -75.17 -11.27
CA GLU J 222 -23.13 -74.26 -10.49
C GLU J 222 -22.22 -73.41 -11.36
N ARG J 223 -22.15 -73.67 -12.67
CA ARG J 223 -21.39 -72.81 -13.58
C ARG J 223 -21.82 -71.36 -13.44
N TYR J 224 -23.12 -71.09 -13.46
CA TYR J 224 -23.65 -69.74 -13.59
C TYR J 224 -24.56 -69.41 -12.41
N SER J 225 -25.01 -68.16 -12.38
CA SER J 225 -25.89 -67.63 -11.34
C SER J 225 -27.30 -67.51 -11.89
N PHE J 226 -28.30 -67.77 -11.05
CA PHE J 226 -29.70 -67.80 -11.46
C PHE J 226 -30.54 -66.94 -10.54
N ASP J 227 -31.53 -66.27 -11.13
CA ASP J 227 -32.54 -65.63 -10.31
C ASP J 227 -33.38 -66.65 -9.56
N SER J 228 -33.63 -67.82 -10.18
CA SER J 228 -34.42 -68.86 -9.55
C SER J 228 -34.08 -70.20 -10.19
N PHE J 229 -34.34 -71.27 -9.43
CA PHE J 229 -34.20 -72.64 -9.88
C PHE J 229 -35.54 -73.34 -9.76
N VAL J 230 -35.84 -74.24 -10.69
CA VAL J 230 -37.19 -74.74 -10.90
C VAL J 230 -37.32 -76.26 -10.78
N LEU J 231 -36.22 -77.01 -10.79
CA LEU J 231 -36.16 -78.47 -10.69
C LEU J 231 -36.75 -79.18 -11.91
N ASP J 232 -37.16 -78.44 -12.95
CA ASP J 232 -37.73 -79.01 -14.16
C ASP J 232 -39.05 -79.76 -13.84
N GLY J 233 -39.78 -79.28 -12.85
CA GLY J 233 -41.13 -79.77 -12.62
C GLY J 233 -41.23 -81.25 -12.28
N VAL J 234 -40.38 -81.73 -11.39
CA VAL J 234 -40.43 -83.11 -10.90
C VAL J 234 -40.71 -83.07 -9.41
N ALA J 235 -41.80 -83.72 -8.99
CA ALA J 235 -42.33 -83.61 -7.64
C ALA J 235 -41.81 -84.69 -6.70
N ASP J 236 -40.71 -85.36 -7.05
CA ASP J 236 -40.16 -86.38 -6.16
C ASP J 236 -39.65 -85.72 -4.88
N GLU J 237 -39.98 -86.33 -3.74
CA GLU J 237 -39.61 -85.75 -2.45
C GLU J 237 -38.10 -85.77 -2.26
N ALA J 238 -37.44 -86.86 -2.65
CA ALA J 238 -35.98 -86.94 -2.51
C ALA J 238 -35.31 -85.86 -3.34
N LEU J 239 -35.80 -85.62 -4.55
CA LEU J 239 -35.22 -84.60 -5.41
C LEU J 239 -35.42 -83.22 -4.82
N GLN J 240 -36.62 -82.96 -4.28
CA GLN J 240 -36.88 -81.69 -3.62
C GLN J 240 -35.92 -81.48 -2.46
N GLU J 241 -35.71 -82.53 -1.65
CA GLU J 241 -34.80 -82.42 -0.51
C GLU J 241 -33.36 -82.16 -0.97
N THR J 242 -32.92 -82.86 -2.01
CA THR J 242 -31.55 -82.68 -2.50
C THR J 242 -31.35 -81.26 -3.03
N THR J 243 -32.30 -80.77 -3.83
CA THR J 243 -32.19 -79.41 -4.34
C THR J 243 -32.30 -78.38 -3.21
N LYS J 244 -33.09 -78.69 -2.17
CA LYS J 244 -33.19 -77.80 -1.02
C LYS J 244 -31.85 -77.67 -0.31
N ALA J 245 -31.18 -78.81 -0.07
CA ALA J 245 -29.86 -78.77 0.53
C ALA J 245 -28.86 -78.06 -0.37
N TRP J 246 -28.99 -78.25 -1.69
CA TRP J 246 -28.12 -77.58 -2.64
C TRP J 246 -28.25 -76.06 -2.54
N VAL J 247 -29.48 -75.55 -2.56
CA VAL J 247 -29.67 -74.11 -2.52
C VAL J 247 -29.28 -73.56 -1.15
N ALA J 248 -29.50 -74.34 -0.09
CA ALA J 248 -29.05 -73.90 1.23
C ALA J 248 -27.54 -73.78 1.28
N LYS J 249 -26.83 -74.75 0.71
CA LYS J 249 -25.38 -74.68 0.63
C LYS J 249 -24.94 -73.47 -0.18
N ASN J 250 -25.63 -73.20 -1.29
CA ASN J 250 -25.27 -72.05 -2.11
C ASN J 250 -25.48 -70.74 -1.36
N LYS J 251 -26.60 -70.63 -0.64
CA LYS J 251 -26.87 -69.42 0.13
C LYS J 251 -25.83 -69.24 1.23
N GLU J 252 -25.45 -70.33 1.90
CA GLU J 252 -24.37 -70.24 2.88
C GLU J 252 -23.07 -69.79 2.22
N LEU J 253 -22.82 -70.27 1.00
CA LEU J 253 -21.65 -69.81 0.25
C LEU J 253 -21.81 -68.36 -0.21
N GLY J 254 -23.04 -67.90 -0.37
CA GLY J 254 -23.34 -66.54 -0.82
C GLY J 254 -24.11 -66.47 -2.12
N LYS J 255 -24.16 -67.56 -2.87
CA LYS J 255 -24.93 -67.60 -4.11
C LYS J 255 -26.41 -67.77 -3.77
N ASP J 256 -27.22 -66.78 -4.12
CA ASP J 256 -28.64 -66.78 -3.79
C ASP J 256 -29.42 -67.38 -4.95
N ILE J 257 -30.09 -68.51 -4.69
CA ILE J 257 -30.94 -69.20 -5.66
C ILE J 257 -32.32 -69.33 -5.03
N LEU J 258 -33.35 -68.93 -5.78
CA LEU J 258 -34.73 -69.03 -5.34
C LEU J 258 -35.33 -70.30 -5.94
N LEU J 259 -35.60 -71.29 -5.08
CA LEU J 259 -36.08 -72.58 -5.52
C LEU J 259 -37.60 -72.59 -5.60
N PHE J 260 -38.12 -73.16 -6.69
CA PHE J 260 -39.55 -73.31 -6.94
C PHE J 260 -39.88 -74.78 -7.10
N LEU J 261 -41.00 -75.19 -6.50
CA LEU J 261 -41.38 -76.60 -6.46
C LEU J 261 -42.90 -76.70 -6.59
N GLY J 262 -43.42 -77.91 -6.50
CA GLY J 262 -44.85 -78.11 -6.49
C GLY J 262 -45.22 -79.46 -5.93
N GLY J 263 -46.39 -79.51 -5.29
CA GLY J 263 -46.90 -80.75 -4.75
C GLY J 263 -47.47 -81.66 -5.82
N LYS J 264 -47.72 -82.90 -5.43
CA LYS J 264 -48.29 -83.89 -6.33
C LYS J 264 -49.81 -83.70 -6.41
N THR J 265 -50.44 -84.50 -7.26
CA THR J 265 -51.90 -84.48 -7.39
C THR J 265 -52.59 -85.25 -6.28
N GLU J 266 -51.90 -86.22 -5.67
CA GLU J 266 -52.53 -87.05 -4.64
C GLU J 266 -52.80 -86.27 -3.37
N ASP J 267 -51.99 -85.25 -3.08
CA ASP J 267 -52.09 -84.55 -1.81
C ASP J 267 -53.42 -83.82 -1.69
N ASN J 268 -54.07 -84.01 -0.54
CA ASN J 268 -55.29 -83.25 -0.23
C ASN J 268 -54.90 -81.89 0.33
N ILE J 269 -55.90 -81.10 0.71
CA ILE J 269 -55.68 -79.73 1.14
C ILE J 269 -54.84 -79.70 2.42
N LYS J 270 -55.19 -80.56 3.38
CA LYS J 270 -54.43 -80.62 4.62
C LYS J 270 -53.00 -81.10 4.37
N GLN J 271 -52.84 -82.09 3.50
CA GLN J 271 -51.51 -82.61 3.22
C GLN J 271 -50.61 -81.56 2.58
N ILE J 272 -51.14 -80.80 1.60
CA ILE J 272 -50.32 -79.79 0.96
C ILE J 272 -50.01 -78.65 1.93
N ASN J 273 -50.97 -78.32 2.80
CA ASN J 273 -50.71 -77.30 3.82
C ASN J 273 -49.58 -77.75 4.75
N ASP J 274 -49.61 -79.01 5.18
CA ASP J 274 -48.55 -79.54 6.03
C ASP J 274 -47.22 -79.58 5.30
N LYS J 275 -47.25 -79.92 4.01
CA LYS J 275 -46.02 -79.92 3.22
C LYS J 275 -45.41 -78.53 3.15
N SER J 276 -46.24 -77.51 2.95
CA SER J 276 -45.72 -76.15 2.92
C SER J 276 -45.17 -75.73 4.26
N LYS J 277 -45.87 -76.04 5.35
CA LYS J 277 -45.35 -75.71 6.67
C LYS J 277 -44.07 -76.47 6.97
N SER J 278 -43.88 -77.64 6.37
CA SER J 278 -42.62 -78.37 6.53
C SER J 278 -41.45 -77.54 5.99
N PHE J 279 -41.64 -76.93 4.81
CA PHE J 279 -40.64 -76.00 4.29
C PHE J 279 -40.74 -74.69 5.06
N ASN J 280 -39.65 -74.32 5.72
CA ASN J 280 -39.53 -73.04 6.43
C ASN J 280 -38.27 -72.33 5.99
N ASP J 281 -38.07 -72.26 4.68
CA ASP J 281 -36.92 -71.61 4.06
C ASP J 281 -37.37 -70.35 3.34
N GLU J 282 -36.53 -69.31 3.40
CA GLU J 282 -36.87 -68.04 2.75
C GLU J 282 -36.94 -68.19 1.24
N ASN J 283 -36.05 -68.99 0.65
CA ASN J 283 -35.88 -69.07 -0.79
C ASN J 283 -36.32 -70.42 -1.34
N ILE J 284 -37.45 -70.93 -0.84
CA ILE J 284 -38.11 -72.11 -1.38
C ILE J 284 -39.59 -71.77 -1.57
N VAL J 285 -40.14 -72.20 -2.71
CA VAL J 285 -41.53 -71.93 -3.07
C VAL J 285 -42.15 -73.22 -3.57
N ASN J 286 -43.41 -73.46 -3.21
CA ASN J 286 -44.17 -74.62 -3.66
C ASN J 286 -45.52 -74.19 -4.21
N VAL J 287 -45.93 -74.84 -5.29
CA VAL J 287 -47.24 -74.65 -5.91
C VAL J 287 -48.10 -75.85 -5.56
N GLY J 288 -49.27 -75.59 -4.96
CA GLY J 288 -50.16 -76.64 -4.51
C GLY J 288 -51.40 -76.83 -5.35
N SER J 289 -51.36 -76.43 -6.62
CA SER J 289 -52.52 -76.51 -7.49
C SER J 289 -52.08 -76.74 -8.92
N SER J 290 -52.67 -77.75 -9.56
CA SER J 290 -52.41 -78.04 -10.96
C SER J 290 -53.23 -77.10 -11.85
N ALA J 291 -52.84 -77.03 -13.12
CA ALA J 291 -53.45 -76.12 -14.08
C ALA J 291 -53.60 -76.80 -15.43
N TYR J 292 -54.43 -76.19 -16.28
CA TYR J 292 -54.69 -76.64 -17.64
C TYR J 292 -54.52 -75.45 -18.57
N TYR J 293 -53.82 -75.65 -19.68
CA TYR J 293 -53.61 -74.57 -20.65
C TYR J 293 -53.49 -75.18 -22.03
N GLU J 294 -54.22 -74.60 -23.00
CA GLU J 294 -54.41 -75.21 -24.32
C GLU J 294 -54.93 -76.64 -24.20
N ASN J 295 -55.82 -76.85 -23.23
CA ASN J 295 -56.47 -78.13 -22.93
C ASN J 295 -55.49 -79.20 -22.45
N ILE J 296 -54.22 -78.87 -22.21
CA ILE J 296 -53.21 -79.81 -21.74
C ILE J 296 -52.99 -79.57 -20.27
N LYS J 297 -52.89 -80.65 -19.50
CA LYS J 297 -52.75 -80.53 -18.06
C LYS J 297 -51.29 -80.32 -17.68
N TYR J 298 -51.09 -79.55 -16.60
CA TYR J 298 -49.80 -79.33 -15.96
C TYR J 298 -49.95 -79.57 -14.47
N THR J 299 -49.18 -80.51 -13.94
CA THR J 299 -49.20 -80.78 -12.51
C THR J 299 -48.61 -79.58 -11.77
N PRO J 300 -48.87 -79.44 -10.46
CA PRO J 300 -48.40 -78.24 -9.75
C PRO J 300 -46.90 -78.04 -9.82
N SER J 301 -46.13 -79.13 -9.91
CA SER J 301 -44.69 -79.01 -10.06
C SER J 301 -44.33 -78.51 -11.45
N GLU J 302 -45.03 -78.99 -12.49
CA GLU J 302 -44.81 -78.45 -13.83
C GLU J 302 -45.24 -76.99 -13.92
N VAL J 303 -46.37 -76.64 -13.29
CA VAL J 303 -46.83 -75.25 -13.27
C VAL J 303 -45.83 -74.38 -12.53
N ALA J 304 -45.10 -74.95 -11.56
CA ALA J 304 -44.09 -74.18 -10.86
C ALA J 304 -43.01 -73.65 -11.78
N VAL J 305 -42.78 -74.31 -12.93
CA VAL J 305 -41.84 -73.79 -13.91
C VAL J 305 -42.29 -72.43 -14.42
N TYR J 306 -43.56 -72.33 -14.84
CA TYR J 306 -44.07 -71.04 -15.30
C TYR J 306 -44.11 -70.03 -14.17
N ILE J 307 -44.47 -70.48 -12.96
CA ILE J 307 -44.53 -69.56 -11.83
C ILE J 307 -43.15 -68.95 -11.56
N ALA J 308 -42.13 -69.80 -11.53
CA ALA J 308 -40.76 -69.31 -11.34
C ALA J 308 -40.36 -68.39 -12.48
N ALA J 309 -40.73 -68.75 -13.72
CA ALA J 309 -40.36 -67.94 -14.87
C ALA J 309 -40.98 -66.56 -14.78
N LEU J 310 -42.25 -66.47 -14.39
CA LEU J 310 -42.90 -65.17 -14.25
C LEU J 310 -42.31 -64.40 -13.08
N SER J 311 -41.96 -65.08 -11.99
CA SER J 311 -41.33 -64.41 -10.86
C SER J 311 -40.00 -63.79 -11.27
N VAL J 312 -39.22 -64.53 -12.05
CA VAL J 312 -37.93 -64.03 -12.50
C VAL J 312 -38.11 -62.91 -13.52
N SER J 313 -39.12 -63.04 -14.40
CA SER J 313 -39.38 -62.01 -15.39
C SER J 313 -39.77 -60.70 -14.74
N LYS J 314 -40.66 -60.76 -13.75
CA LYS J 314 -40.94 -59.56 -12.97
C LYS J 314 -39.70 -59.09 -12.24
N GLY J 315 -38.97 -60.03 -11.61
CA GLY J 315 -37.77 -59.71 -10.88
C GLY J 315 -38.02 -58.66 -9.82
N ILE J 316 -37.52 -57.46 -10.07
CA ILE J 316 -37.78 -56.29 -9.24
C ILE J 316 -38.68 -55.36 -10.04
N THR J 317 -39.35 -54.45 -9.33
CA THR J 317 -40.40 -53.59 -9.89
C THR J 317 -41.62 -54.40 -10.33
N GLY J 318 -41.83 -55.55 -9.70
CA GLY J 318 -42.96 -56.39 -10.07
C GLY J 318 -43.19 -57.46 -9.02
N SER J 319 -44.37 -58.08 -9.13
CA SER J 319 -44.76 -59.15 -8.23
C SER J 319 -45.80 -59.99 -8.95
N ILE J 320 -46.03 -61.20 -8.41
CA ILE J 320 -46.93 -62.16 -9.03
C ILE J 320 -48.07 -62.49 -8.06
N CYS J 321 -48.46 -61.52 -7.24
CA CYS J 321 -49.52 -61.76 -6.27
C CYS J 321 -50.84 -62.06 -6.97
N ASN J 322 -51.21 -61.26 -7.96
CA ASN J 322 -52.43 -61.46 -8.75
C ASN J 322 -52.14 -61.24 -10.22
N ALA J 323 -51.02 -61.77 -10.71
CA ALA J 323 -50.67 -61.59 -12.10
C ALA J 323 -51.57 -62.44 -13.00
N LYS J 324 -51.82 -61.93 -14.20
CA LYS J 324 -52.70 -62.58 -15.17
C LYS J 324 -51.92 -63.72 -15.81
N THR J 325 -52.06 -64.91 -15.24
CA THR J 325 -51.37 -66.08 -15.78
C THR J 325 -52.09 -66.58 -17.03
N ILE J 326 -51.32 -67.20 -17.93
CA ILE J 326 -51.87 -67.66 -19.19
C ILE J 326 -52.81 -68.86 -19.02
N PHE J 327 -52.77 -69.54 -17.87
CA PHE J 327 -53.55 -70.75 -17.70
C PHE J 327 -55.04 -70.41 -17.68
N GLU J 328 -55.84 -71.31 -18.26
CA GLU J 328 -57.27 -71.11 -18.42
C GLU J 328 -58.12 -71.94 -17.45
N GLU J 329 -57.52 -72.77 -16.61
CA GLU J 329 -58.28 -73.50 -15.60
C GLU J 329 -57.30 -74.04 -14.58
N VAL J 330 -57.75 -74.14 -13.33
CA VAL J 330 -56.95 -74.65 -12.21
C VAL J 330 -57.80 -75.54 -11.31
N GLU J 331 -57.12 -76.18 -10.35
CA GLU J 331 -57.73 -77.09 -9.39
C GLU J 331 -56.70 -77.37 -8.31
N PRO J 332 -57.13 -77.62 -7.05
CA PRO J 332 -58.48 -77.58 -6.49
C PRO J 332 -58.84 -76.17 -6.03
N ARG J 333 -60.04 -75.97 -5.45
CA ARG J 333 -60.52 -74.64 -5.07
C ARG J 333 -60.96 -74.66 -3.61
N LEU J 334 -61.02 -73.46 -3.03
CA LEU J 334 -61.17 -73.30 -1.59
C LEU J 334 -61.98 -72.04 -1.29
N SER J 335 -62.55 -72.00 -0.09
CA SER J 335 -63.26 -70.83 0.39
C SER J 335 -62.29 -69.81 0.96
N GLN J 336 -62.79 -68.59 1.21
CA GLN J 336 -61.91 -67.51 1.67
C GLN J 336 -61.24 -67.84 2.99
N SER J 337 -61.99 -68.40 3.94
CA SER J 337 -61.38 -68.83 5.19
C SER J 337 -60.37 -69.95 4.94
N GLU J 338 -60.70 -70.87 4.04
CA GLU J 338 -59.77 -71.96 3.75
C GLU J 338 -58.55 -71.46 2.98
N VAL J 339 -58.75 -70.49 2.07
CA VAL J 339 -57.60 -69.86 1.42
C VAL J 339 -56.74 -69.14 2.44
N LYS J 340 -57.35 -68.50 3.44
CA LYS J 340 -56.59 -67.86 4.50
C LYS J 340 -55.75 -68.88 5.27
N GLU J 341 -56.37 -70.02 5.62
CA GLU J 341 -55.63 -71.06 6.33
C GLU J 341 -54.48 -71.57 5.49
N CYS J 342 -54.74 -71.81 4.20
CA CYS J 342 -53.70 -72.33 3.31
C CYS J 342 -52.56 -71.33 3.13
N LEU J 343 -52.88 -70.04 3.01
CA LEU J 343 -51.83 -69.04 2.87
C LEU J 343 -51.02 -68.91 4.16
N LYS J 344 -51.69 -68.98 5.32
CA LYS J 344 -50.97 -68.98 6.58
C LYS J 344 -50.03 -70.17 6.66
N SER J 345 -50.47 -71.34 6.17
CA SER J 345 -49.57 -72.48 6.08
C SER J 345 -48.42 -72.22 5.12
N GLY J 346 -48.64 -71.35 4.13
CA GLY J 346 -47.58 -70.96 3.21
C GLY J 346 -47.62 -71.68 1.88
N THR J 347 -48.80 -71.84 1.31
CA THR J 347 -48.99 -72.49 0.01
C THR J 347 -49.35 -71.44 -1.03
N LEU J 348 -48.68 -71.50 -2.17
CA LEU J 348 -49.09 -70.73 -3.33
C LEU J 348 -50.19 -71.48 -4.06
N VAL J 349 -51.32 -70.80 -4.30
CA VAL J 349 -52.50 -71.40 -4.89
C VAL J 349 -52.99 -70.51 -6.03
N LEU J 350 -53.11 -71.08 -7.22
CA LEU J 350 -53.72 -70.37 -8.32
C LEU J 350 -55.24 -70.40 -8.19
N ASP J 351 -55.89 -69.38 -8.73
CA ASP J 351 -57.33 -69.26 -8.70
C ASP J 351 -57.84 -68.80 -10.05
N PHE J 352 -59.05 -69.23 -10.41
CA PHE J 352 -59.65 -68.90 -11.69
C PHE J 352 -60.63 -67.75 -11.41
N ASP J 353 -60.06 -66.56 -11.24
CA ASP J 353 -60.86 -65.42 -10.80
C ASP J 353 -61.75 -64.89 -11.91
N ASP J 354 -61.29 -64.96 -13.16
CA ASP J 354 -62.09 -64.59 -14.32
C ASP J 354 -61.77 -65.64 -15.38
N GLY J 355 -62.09 -65.33 -16.65
CA GLY J 355 -61.83 -66.26 -17.73
C GLY J 355 -60.39 -66.75 -17.82
N ASP J 356 -59.45 -65.97 -17.30
CA ASP J 356 -58.05 -66.37 -17.19
C ASP J 356 -57.66 -66.53 -15.71
N VAL J 357 -56.68 -67.41 -15.48
CA VAL J 357 -56.26 -67.73 -14.12
C VAL J 357 -55.48 -66.56 -13.52
N ILE J 358 -55.60 -66.40 -12.20
CA ILE J 358 -54.91 -65.35 -11.45
C ILE J 358 -54.37 -65.94 -10.16
N ILE J 359 -53.13 -65.56 -9.82
CA ILE J 359 -52.51 -66.00 -8.56
C ILE J 359 -53.24 -65.35 -7.38
N VAL J 360 -53.21 -66.04 -6.23
CA VAL J 360 -53.88 -65.54 -5.05
C VAL J 360 -53.03 -64.52 -4.31
N ASP J 361 -51.73 -64.78 -4.15
CA ASP J 361 -50.86 -63.91 -3.36
C ASP J 361 -49.43 -64.35 -3.61
N ASP J 362 -48.49 -63.42 -3.41
CA ASP J 362 -47.07 -63.65 -3.69
C ASP J 362 -46.39 -64.07 -2.40
N VAL J 363 -46.54 -65.36 -2.07
CA VAL J 363 -46.12 -65.91 -0.78
C VAL J 363 -45.11 -67.01 -1.02
N ASN J 364 -44.18 -67.15 -0.08
CA ASN J 364 -43.16 -68.19 -0.08
C ASN J 364 -43.41 -69.14 1.08
N THR J 365 -42.59 -70.19 1.18
CA THR J 365 -42.73 -71.16 2.25
C THR J 365 -42.39 -70.60 3.63
N PHE J 366 -41.79 -69.41 3.71
CA PHE J 366 -41.39 -68.80 4.97
C PHE J 366 -42.48 -67.89 5.54
N LYS J 367 -43.75 -68.17 5.26
CA LYS J 367 -44.82 -67.41 5.90
C LYS J 367 -44.76 -67.60 7.40
N LYS J 368 -44.49 -68.82 7.86
CA LYS J 368 -44.34 -69.07 9.28
C LYS J 368 -43.11 -68.31 9.78
N TYR J 369 -43.36 -67.12 10.32
CA TYR J 369 -42.35 -66.23 10.88
C TYR J 369 -42.35 -66.34 12.40
N VAL J 370 -41.42 -65.62 13.03
CA VAL J 370 -41.30 -65.57 14.48
C VAL J 370 -40.98 -64.14 14.88
N ASP J 371 -41.09 -63.86 16.19
CA ASP J 371 -41.06 -62.48 16.67
C ASP J 371 -39.73 -61.81 16.39
N ASP J 372 -38.63 -62.57 16.45
CA ASP J 372 -37.31 -61.95 16.26
C ASP J 372 -37.09 -61.47 14.83
N LYS J 373 -37.89 -61.94 13.88
CA LYS J 373 -37.85 -61.49 12.49
C LYS J 373 -39.16 -60.80 12.14
N ASN J 374 -39.14 -60.06 11.02
CA ASN J 374 -40.28 -59.28 10.58
C ASN J 374 -41.15 -60.09 9.63
N GLU J 375 -42.34 -59.56 9.36
CA GLU J 375 -43.31 -60.24 8.51
C GLU J 375 -43.08 -59.99 7.03
N ALA J 376 -42.40 -58.90 6.68
CA ALA J 376 -42.26 -58.52 5.27
C ALA J 376 -41.43 -59.50 4.47
N MET J 377 -40.59 -60.30 5.11
CA MET J 377 -39.67 -61.17 4.40
C MET J 377 -40.30 -62.50 4.01
N GLY J 378 -41.57 -62.72 4.34
CA GLY J 378 -42.26 -63.95 3.97
C GLY J 378 -42.94 -63.90 2.61
N TYR J 379 -42.49 -63.00 1.74
CA TYR J 379 -43.06 -62.83 0.41
C TYR J 379 -41.96 -62.95 -0.64
N ILE J 380 -42.31 -63.54 -1.79
CA ILE J 380 -41.33 -63.80 -2.84
C ILE J 380 -40.69 -62.50 -3.32
N SER J 381 -41.49 -61.43 -3.44
CA SER J 381 -40.97 -60.16 -3.93
C SER J 381 -39.87 -59.64 -3.02
N ASN J 382 -40.06 -59.71 -1.71
CA ASN J 382 -39.06 -59.23 -0.77
C ASN J 382 -37.82 -60.13 -0.78
N ILE J 383 -37.99 -61.44 -0.95
CA ILE J 383 -36.82 -62.31 -1.07
C ILE J 383 -36.01 -61.95 -2.30
N MET J 384 -36.68 -61.76 -3.44
CA MET J 384 -35.96 -61.41 -4.66
C MET J 384 -35.29 -60.05 -4.51
N PHE J 385 -35.95 -59.13 -3.80
CA PHE J 385 -35.43 -57.78 -3.64
C PHE J 385 -34.19 -57.76 -2.73
N ILE J 386 -34.26 -58.49 -1.62
CA ILE J 386 -33.11 -58.59 -0.72
C ILE J 386 -31.98 -59.35 -1.40
N ASN J 387 -32.31 -60.41 -2.15
CA ASN J 387 -31.28 -61.16 -2.85
C ASN J 387 -30.60 -60.31 -3.90
N THR J 388 -31.39 -59.50 -4.63
CA THR J 388 -30.82 -58.62 -5.64
C THR J 388 -29.91 -57.58 -5.02
N ILE J 389 -30.29 -57.01 -3.87
CA ILE J 389 -29.41 -56.07 -3.19
C ILE J 389 -28.13 -56.75 -2.74
N ASN J 390 -28.25 -57.92 -2.11
CA ASN J 390 -27.06 -58.59 -1.59
C ASN J 390 -26.11 -58.95 -2.72
N LYS J 391 -26.66 -59.39 -3.86
CA LYS J 391 -25.82 -59.66 -5.02
C LYS J 391 -25.19 -58.39 -5.57
N ASP J 392 -26.00 -57.34 -5.79
CA ASP J 392 -25.52 -56.14 -6.45
C ASP J 392 -24.43 -55.45 -5.63
N THR J 393 -24.64 -55.34 -4.32
CA THR J 393 -23.55 -54.89 -3.46
C THR J 393 -22.39 -55.88 -3.48
N SER J 394 -22.70 -57.18 -3.54
CA SER J 394 -21.66 -58.20 -3.60
C SER J 394 -20.98 -58.26 -4.96
N LEU J 395 -21.58 -57.69 -6.01
CA LEU J 395 -20.88 -57.56 -7.28
C LEU J 395 -19.78 -56.51 -7.25
N LYS J 396 -19.74 -55.66 -6.22
CA LYS J 396 -18.73 -54.62 -6.12
C LYS J 396 -17.43 -55.16 -5.51
N ARG J 397 -16.89 -56.26 -6.05
CA ARG J 397 -15.56 -56.72 -5.64
C ARG J 397 -14.57 -56.78 -6.78
N LYS J 398 -15.00 -56.62 -8.02
CA LYS J 398 -14.10 -56.86 -9.14
C LYS J 398 -13.09 -55.74 -9.32
N GLU J 399 -13.28 -54.61 -8.61
CA GLU J 399 -12.39 -53.46 -8.68
C GLU J 399 -12.17 -52.84 -7.30
N PHE J 400 -12.54 -53.56 -6.23
CA PHE J 400 -12.93 -52.92 -4.99
C PHE J 400 -12.29 -53.54 -3.77
N VAL J 401 -12.12 -54.87 -3.77
CA VAL J 401 -11.52 -55.62 -2.67
C VAL J 401 -10.12 -56.03 -3.08
N GLY J 402 -9.13 -55.72 -2.24
CA GLY J 402 -7.75 -55.92 -2.56
C GLY J 402 -7.17 -54.88 -3.50
N LYS J 403 -7.97 -53.90 -3.91
CA LYS J 403 -7.57 -52.89 -4.88
C LYS J 403 -7.85 -51.48 -4.37
N ILE J 404 -8.31 -51.33 -3.12
CA ILE J 404 -8.63 -50.05 -2.49
C ILE J 404 -7.96 -50.00 -1.12
N PHE J 405 -7.64 -48.80 -0.67
CA PHE J 405 -7.05 -48.58 0.63
C PHE J 405 -8.15 -48.53 1.71
N ASN J 406 -7.74 -48.62 2.96
CA ASN J 406 -8.66 -48.65 4.11
C ASN J 406 -8.53 -47.38 4.95
N ASP J 407 -8.42 -46.24 4.28
CA ASP J 407 -8.40 -44.93 4.91
C ASP J 407 -9.72 -44.21 4.66
N ALA J 408 -9.82 -42.98 5.16
CA ALA J 408 -11.04 -42.22 5.02
C ALA J 408 -11.40 -41.98 3.56
N THR J 409 -10.40 -41.76 2.70
CA THR J 409 -10.66 -41.56 1.28
C THR J 409 -11.28 -42.80 0.67
N GLY J 410 -10.68 -43.97 0.94
CA GLY J 410 -11.21 -45.20 0.38
C GLY J 410 -12.60 -45.52 0.89
N GLN J 411 -12.81 -45.36 2.20
CA GLN J 411 -14.13 -45.62 2.76
C GLN J 411 -15.18 -44.68 2.19
N THR J 412 -14.81 -43.41 1.98
CA THR J 412 -15.76 -42.48 1.39
C THR J 412 -16.06 -42.82 -0.05
N THR J 413 -15.07 -43.30 -0.81
CA THR J 413 -15.36 -43.78 -2.16
C THR J 413 -16.28 -44.99 -2.12
N VAL J 414 -16.11 -45.86 -1.13
CA VAL J 414 -16.98 -47.02 -0.97
C VAL J 414 -18.41 -46.57 -0.76
N ILE J 415 -18.61 -45.66 0.19
CA ILE J 415 -19.95 -45.19 0.50
C ILE J 415 -20.54 -44.45 -0.68
N CYS J 416 -19.71 -43.72 -1.43
CA CYS J 416 -20.20 -43.05 -2.62
C CYS J 416 -20.69 -44.05 -3.67
N ALA J 417 -19.95 -45.13 -3.87
CA ALA J 417 -20.38 -46.13 -4.85
C ALA J 417 -21.67 -46.82 -4.42
N LEU J 418 -21.75 -47.19 -3.14
CA LEU J 418 -22.96 -47.86 -2.65
C LEU J 418 -24.16 -46.92 -2.71
N LYS J 419 -23.95 -45.66 -2.35
CA LYS J 419 -25.01 -44.65 -2.46
C LYS J 419 -25.41 -44.47 -3.92
N LYS J 420 -24.45 -44.52 -4.84
CA LYS J 420 -24.78 -44.42 -6.26
C LYS J 420 -25.68 -45.56 -6.68
N TYR J 421 -25.35 -46.78 -6.24
CA TYR J 421 -26.20 -47.92 -6.60
C TYR J 421 -27.60 -47.76 -6.03
N PHE J 422 -27.70 -47.31 -4.78
CA PHE J 422 -29.03 -47.12 -4.18
C PHE J 422 -29.80 -46.01 -4.87
N GLU J 423 -29.12 -44.93 -5.26
CA GLU J 423 -29.79 -43.82 -5.92
C GLU J 423 -30.29 -44.22 -7.30
N GLU J 424 -29.48 -44.96 -8.06
CA GLU J 424 -29.98 -45.50 -9.32
C GLU J 424 -31.11 -46.47 -9.10
N LEU J 425 -31.06 -47.23 -8.01
CA LEU J 425 -32.16 -48.12 -7.66
C LEU J 425 -33.41 -47.33 -7.31
N MET J 426 -33.24 -46.23 -6.58
CA MET J 426 -34.36 -45.36 -6.26
C MET J 426 -34.94 -44.73 -7.53
N SER J 427 -34.14 -44.61 -8.58
CA SER J 427 -34.62 -43.96 -9.81
C SER J 427 -35.75 -44.75 -10.46
N GLN J 428 -35.78 -46.07 -10.30
CA GLN J 428 -36.88 -46.86 -10.83
C GLN J 428 -38.11 -46.84 -9.92
N GLY J 429 -38.08 -46.09 -8.83
CA GLY J 429 -39.20 -46.05 -7.91
C GLY J 429 -39.31 -47.24 -6.98
N ILE J 430 -38.29 -48.10 -6.94
CA ILE J 430 -38.36 -49.29 -6.09
C ILE J 430 -38.34 -48.92 -4.62
N ILE J 431 -37.71 -47.79 -4.27
CA ILE J 431 -37.52 -47.37 -2.89
C ILE J 431 -38.02 -45.95 -2.74
N SER J 432 -38.57 -45.65 -1.57
CA SER J 432 -39.02 -44.30 -1.25
C SER J 432 -37.93 -43.48 -0.58
N GLU J 433 -37.14 -44.10 0.30
CA GLU J 433 -36.04 -43.43 0.96
C GLU J 433 -34.99 -44.46 1.34
N PHE J 434 -33.74 -44.00 1.47
CA PHE J 434 -32.65 -44.89 1.82
C PHE J 434 -31.60 -44.12 2.59
N ASN J 435 -30.71 -44.88 3.24
CA ASN J 435 -29.57 -44.33 3.95
C ASN J 435 -28.42 -45.31 3.81
N VAL J 436 -27.21 -44.78 3.60
CA VAL J 436 -26.00 -45.58 3.56
C VAL J 436 -24.88 -44.78 4.22
N ASP J 437 -24.31 -45.33 5.28
CA ASP J 437 -23.33 -44.63 6.12
C ASP J 437 -22.39 -45.67 6.72
N ILE J 438 -21.38 -45.19 7.45
CA ILE J 438 -20.43 -46.04 8.14
C ILE J 438 -21.09 -46.60 9.39
N ASP J 439 -20.78 -47.86 9.72
CA ASP J 439 -21.29 -48.49 10.94
C ASP J 439 -20.30 -48.19 12.06
N THR J 440 -20.48 -47.02 12.68
CA THR J 440 -19.50 -46.50 13.62
C THR J 440 -19.35 -47.39 14.85
N GLU J 441 -20.47 -47.92 15.35
CA GLU J 441 -20.44 -48.75 16.55
C GLU J 441 -19.50 -49.93 16.38
N LEU J 442 -19.65 -50.67 15.29
CA LEU J 442 -18.77 -51.79 15.04
C LEU J 442 -17.42 -51.33 14.54
N GLN J 443 -17.37 -50.26 13.73
CA GLN J 443 -16.12 -49.82 13.13
C GLN J 443 -15.12 -49.37 14.17
N ALA J 444 -15.60 -48.90 15.32
CA ALA J 444 -14.67 -48.52 16.40
C ALA J 444 -13.86 -49.73 16.86
N THR J 445 -14.50 -50.90 16.97
CA THR J 445 -13.83 -52.13 17.37
C THR J 445 -13.25 -52.90 16.20
N ALA J 446 -13.29 -52.34 14.99
CA ALA J 446 -12.84 -53.07 13.81
C ALA J 446 -11.34 -53.32 13.85
N LYS J 447 -10.94 -54.41 13.19
CA LYS J 447 -9.55 -54.63 12.85
C LYS J 447 -9.18 -53.74 11.66
N ALA J 448 -7.87 -53.56 11.46
CA ALA J 448 -7.37 -52.63 10.45
C ALA J 448 -7.90 -52.95 9.06
N ASP J 449 -7.98 -54.24 8.71
CA ASP J 449 -8.43 -54.63 7.38
C ASP J 449 -9.93 -54.52 7.22
N GLU J 450 -10.68 -54.76 8.30
CA GLU J 450 -12.13 -54.80 8.21
C GLU J 450 -12.70 -53.41 7.95
N PHE J 451 -13.73 -53.35 7.11
CA PHE J 451 -14.54 -52.15 6.91
C PHE J 451 -16.00 -52.52 7.15
N TYR J 452 -16.70 -51.70 7.93
CA TYR J 452 -18.05 -52.03 8.37
C TYR J 452 -18.97 -50.89 7.91
N TRP J 453 -20.10 -51.24 7.30
CA TRP J 453 -21.09 -50.24 6.92
C TRP J 453 -22.48 -50.78 7.16
N LYS J 454 -23.46 -49.88 7.08
CA LYS J 454 -24.86 -50.20 7.30
C LYS J 454 -25.71 -49.43 6.30
N TRP J 455 -26.91 -49.96 6.03
CA TRP J 455 -27.84 -49.31 5.12
C TRP J 455 -29.27 -49.53 5.57
N ASP J 456 -30.12 -48.57 5.22
CA ASP J 456 -31.54 -48.61 5.47
C ASP J 456 -32.27 -48.40 4.14
N ALA J 457 -33.49 -48.91 4.05
CA ALA J 457 -34.32 -48.64 2.89
C ALA J 457 -35.78 -48.79 3.28
N VAL J 458 -36.65 -48.19 2.47
CA VAL J 458 -38.09 -48.29 2.65
C VAL J 458 -38.70 -48.59 1.29
N LYS J 459 -39.12 -49.84 1.09
CA LYS J 459 -39.76 -50.21 -0.16
C LYS J 459 -41.06 -49.44 -0.36
N VAL J 460 -41.33 -49.07 -1.61
CA VAL J 460 -42.57 -48.35 -1.92
C VAL J 460 -43.75 -49.29 -1.73
N ASP J 461 -44.83 -48.77 -1.16
CA ASP J 461 -46.01 -49.58 -0.91
C ASP J 461 -46.76 -49.84 -2.21
N VAL J 462 -47.34 -51.03 -2.31
CA VAL J 462 -48.14 -51.45 -3.46
C VAL J 462 -49.51 -51.83 -2.94
N MET J 463 -50.55 -51.29 -3.56
CA MET J 463 -51.91 -51.62 -3.17
C MET J 463 -52.17 -53.11 -3.36
N LYS J 464 -52.67 -53.74 -2.30
CA LYS J 464 -53.16 -55.12 -2.34
C LYS J 464 -54.60 -55.24 -1.89
N LYS J 465 -54.97 -54.56 -0.82
CA LYS J 465 -56.31 -54.61 -0.25
C LYS J 465 -57.00 -53.27 -0.40
N ILE J 466 -58.21 -53.29 -0.93
CA ILE J 466 -58.99 -52.10 -1.23
C ILE J 466 -60.41 -52.34 -0.74
N TYR J 467 -60.93 -51.44 0.10
CA TYR J 467 -62.26 -51.62 0.67
C TYR J 467 -63.11 -50.41 0.27
N GLY J 468 -64.30 -50.68 -0.26
CA GLY J 468 -65.23 -49.64 -0.65
C GLY J 468 -66.52 -49.69 0.14
N THR J 469 -66.88 -48.57 0.78
CA THR J 469 -68.08 -48.47 1.60
C THR J 469 -69.18 -47.81 0.77
N GLY J 470 -70.22 -48.57 0.45
CA GLY J 470 -71.30 -48.07 -0.38
C GLY J 470 -72.42 -47.44 0.42
N TYR J 471 -73.17 -46.57 -0.27
CA TYR J 471 -74.35 -45.93 0.29
C TYR J 471 -75.33 -45.68 -0.85
N LEU J 472 -76.59 -45.45 -0.51
CA LEU J 472 -77.63 -45.24 -1.51
C LEU J 472 -78.75 -44.33 -1.02
N ILE K 7 -6.08 32.46 0.94
CA ILE K 7 -5.22 33.32 1.78
C ILE K 7 -5.59 33.16 3.25
N GLU K 8 -6.82 33.55 3.59
CA GLU K 8 -7.21 33.67 4.99
C GLU K 8 -7.34 32.29 5.62
N GLU K 9 -6.50 32.02 6.62
CA GLU K 9 -6.55 30.77 7.36
C GLU K 9 -7.89 30.61 8.08
N ALA K 10 -8.48 31.71 8.53
CA ALA K 10 -9.64 31.62 9.41
C ALA K 10 -10.91 31.18 8.70
N SER K 11 -10.95 31.29 7.37
CA SER K 11 -12.17 30.97 6.65
C SER K 11 -12.46 29.47 6.65
N PHE K 12 -11.43 28.65 6.74
CA PHE K 12 -11.63 27.20 6.72
C PHE K 12 -12.37 26.74 7.97
N LEU K 13 -13.23 25.73 7.79
CA LEU K 13 -14.09 25.19 8.82
C LEU K 13 -13.75 23.73 9.02
N ASN K 14 -13.48 23.35 10.27
CA ASN K 14 -13.13 21.99 10.60
C ASN K 14 -14.38 21.21 10.96
N GLY K 15 -14.26 19.88 10.86
CA GLY K 15 -15.36 19.03 11.28
C GLY K 15 -15.66 19.10 12.76
N SER K 16 -14.68 19.52 13.57
CA SER K 16 -14.84 19.62 15.01
C SER K 16 -15.81 20.70 15.45
N ASP K 17 -16.16 21.65 14.57
CA ASP K 17 -17.06 22.73 14.89
C ASP K 17 -18.51 22.40 14.52
N VAL K 18 -18.89 21.14 14.67
CA VAL K 18 -20.14 20.60 14.16
C VAL K 18 -20.99 20.12 15.33
N VAL K 19 -22.27 20.48 15.32
CA VAL K 19 -23.24 19.96 16.26
C VAL K 19 -24.49 19.57 15.48
N ILE K 20 -25.00 18.37 15.74
CA ILE K 20 -26.11 17.78 15.00
C ILE K 20 -27.27 17.54 15.97
N LEU K 21 -28.46 17.92 15.54
CA LEU K 21 -29.69 17.73 16.31
C LEU K 21 -30.62 16.84 15.51
N ILE K 22 -30.95 15.67 16.07
CA ILE K 22 -31.91 14.75 15.47
C ILE K 22 -33.21 14.88 16.25
N ASP K 23 -34.23 15.44 15.60
CA ASP K 23 -35.54 15.64 16.22
C ASP K 23 -35.40 16.50 17.48
N GLY K 24 -34.52 17.49 17.43
CA GLY K 24 -34.39 18.48 18.48
C GLY K 24 -33.44 18.14 19.60
N VAL K 25 -32.92 16.92 19.66
CA VAL K 25 -31.99 16.49 20.69
C VAL K 25 -30.63 16.28 20.06
N GLU K 26 -29.59 16.79 20.72
CA GLU K 26 -28.26 16.79 20.14
C GLU K 26 -27.71 15.37 20.02
N GLU K 27 -27.03 15.11 18.91
CA GLU K 27 -26.37 13.84 18.64
C GLU K 27 -24.87 14.06 18.74
N LEU K 28 -24.22 13.33 19.64
CA LEU K 28 -22.83 13.58 20.00
C LEU K 28 -21.85 12.59 19.41
N TYR K 29 -22.30 11.38 19.08
CA TYR K 29 -21.43 10.27 18.70
C TYR K 29 -21.45 10.02 17.20
N MET K 30 -21.49 11.07 16.40
CA MET K 30 -21.51 10.98 14.95
C MET K 30 -20.12 11.18 14.37
N GLU K 31 -19.82 10.45 13.30
CA GLU K 31 -18.53 10.48 12.63
C GLU K 31 -18.55 11.31 11.36
N GLU K 32 -19.62 11.23 10.57
CA GLU K 32 -19.74 12.06 9.38
C GLU K 32 -21.21 12.17 9.00
N ILE K 33 -21.50 13.19 8.21
CA ILE K 33 -22.85 13.49 7.73
C ILE K 33 -22.77 14.03 6.31
N LYS K 34 -23.79 13.70 5.52
CA LYS K 34 -23.89 14.14 4.15
C LYS K 34 -25.34 14.52 3.86
N ALA K 35 -25.54 15.51 2.99
CA ALA K 35 -26.88 15.86 2.55
C ALA K 35 -26.78 16.55 1.21
N ASP K 36 -27.56 16.08 0.24
CA ASP K 36 -27.59 16.64 -1.10
C ASP K 36 -29.03 16.85 -1.53
N PHE K 37 -29.25 17.89 -2.33
CA PHE K 37 -30.56 18.24 -2.88
C PHE K 37 -30.43 18.18 -4.39
N GLU K 38 -30.93 17.09 -4.99
CA GLU K 38 -30.58 16.69 -6.34
C GLU K 38 -31.69 17.00 -7.32
N GLN K 39 -31.31 17.47 -8.51
CA GLN K 39 -32.24 17.67 -9.61
C GLN K 39 -32.62 16.35 -10.27
N ASP K 40 -33.82 16.33 -10.84
CA ASP K 40 -34.14 15.40 -11.92
C ASP K 40 -34.07 16.17 -13.25
N GLU K 41 -32.83 16.53 -13.59
CA GLU K 41 -32.59 17.47 -14.68
C GLU K 41 -33.16 16.95 -15.99
N GLN K 42 -33.88 17.83 -16.69
CA GLN K 42 -34.57 17.49 -17.92
C GLN K 42 -33.74 17.96 -19.11
N SER K 43 -33.38 17.02 -19.98
CA SER K 43 -32.60 17.31 -21.17
C SER K 43 -33.54 17.54 -22.35
N ILE K 44 -33.27 18.61 -23.10
CA ILE K 44 -34.08 19.03 -24.22
C ILE K 44 -33.19 19.15 -25.44
N LYS K 45 -33.62 18.53 -26.55
CA LYS K 45 -32.97 18.67 -27.84
C LYS K 45 -33.97 19.30 -28.80
N LEU K 46 -33.51 20.31 -29.53
CA LEU K 46 -34.34 21.05 -30.47
C LEU K 46 -33.85 20.84 -31.89
N LEU K 47 -34.78 21.01 -32.83
CA LEU K 47 -34.47 20.71 -34.22
C LEU K 47 -33.52 21.74 -34.82
N GLY K 48 -33.72 23.01 -34.51
CA GLY K 48 -32.86 24.03 -35.09
C GLY K 48 -31.55 24.27 -34.37
N CYS K 49 -31.34 23.63 -33.22
CA CYS K 49 -30.23 23.93 -32.34
C CYS K 49 -29.39 22.68 -32.10
N GLN K 50 -28.09 22.87 -31.96
CA GLN K 50 -27.13 21.78 -31.94
C GLN K 50 -26.49 21.57 -30.56
N ASN K 51 -27.12 22.03 -29.49
CA ASN K 51 -26.68 21.73 -28.14
C ASN K 51 -27.90 21.44 -27.28
N GLU K 52 -27.71 20.59 -26.27
CA GLU K 52 -28.80 20.23 -25.39
C GLU K 52 -29.14 21.39 -24.46
N ILE K 53 -30.44 21.54 -24.21
CA ILE K 53 -30.95 22.51 -23.24
C ILE K 53 -31.37 21.75 -21.99
N SER K 54 -30.89 22.21 -20.84
CA SER K 54 -31.13 21.59 -19.55
C SER K 54 -32.07 22.47 -18.72
N ARG K 55 -33.05 21.84 -18.10
CA ARG K 55 -34.04 22.52 -17.28
C ARG K 55 -34.16 21.81 -15.93
N VAL K 56 -34.62 22.57 -14.94
CA VAL K 56 -34.73 22.06 -13.58
C VAL K 56 -35.95 21.15 -13.50
N GLY K 57 -35.76 19.95 -12.98
CA GLY K 57 -36.83 19.03 -12.68
C GLY K 57 -37.17 19.03 -11.21
N THR K 58 -37.87 17.98 -10.79
CA THR K 58 -38.25 17.84 -9.40
C THR K 58 -37.01 17.62 -8.54
N THR K 59 -37.04 18.22 -7.35
CA THR K 59 -35.93 18.15 -6.42
C THR K 59 -36.18 17.10 -5.36
N LYS K 60 -35.17 16.28 -5.10
CA LYS K 60 -35.20 15.28 -4.05
C LYS K 60 -33.99 15.47 -3.15
N GLY K 61 -34.19 15.19 -1.86
CA GLY K 61 -33.13 15.26 -0.87
C GLY K 61 -32.69 13.86 -0.47
N SER K 62 -31.39 13.69 -0.30
CA SER K 62 -30.80 12.45 0.18
C SER K 62 -29.74 12.78 1.22
N PHE K 63 -29.76 12.05 2.33
CA PHE K 63 -28.78 12.23 3.41
C PHE K 63 -28.20 10.88 3.78
N SER K 64 -26.97 10.93 4.30
CA SER K 64 -26.37 9.80 4.99
C SER K 64 -25.73 10.30 6.26
N LEU K 65 -25.62 9.41 7.24
CA LEU K 65 -25.32 9.81 8.61
C LEU K 65 -24.66 8.63 9.31
N ASN K 66 -23.33 8.69 9.43
CA ASN K 66 -22.54 7.61 10.01
C ASN K 66 -22.06 8.02 11.39
N GLY K 67 -22.08 7.07 12.31
CA GLY K 67 -21.69 7.37 13.67
C GLY K 67 -21.39 6.11 14.46
N TYR K 68 -21.31 6.31 15.78
CA TYR K 68 -21.01 5.26 16.73
C TYR K 68 -22.26 4.93 17.54
N LYS K 69 -22.53 3.65 17.70
CA LYS K 69 -23.75 3.21 18.36
C LYS K 69 -23.60 3.36 19.88
N THR K 70 -24.57 4.05 20.47
CA THR K 70 -24.69 4.17 21.92
C THR K 70 -26.09 3.90 22.42
N ASP K 71 -27.07 3.73 21.54
CA ASP K 71 -28.43 3.45 21.93
C ASP K 71 -29.15 2.88 20.70
N SER K 72 -30.40 2.49 20.91
CA SER K 72 -31.27 1.99 19.84
C SER K 72 -32.17 3.10 19.32
N LYS K 73 -31.64 4.32 19.23
CA LYS K 73 -32.44 5.47 18.85
C LYS K 73 -33.06 5.29 17.46
N PHE K 74 -32.25 4.86 16.50
CA PHE K 74 -32.74 4.74 15.14
C PHE K 74 -33.67 3.55 14.96
N ALA K 75 -33.46 2.48 15.75
CA ALA K 75 -34.36 1.33 15.68
C ALA K 75 -35.74 1.69 16.22
N LYS K 76 -35.79 2.39 17.37
CA LYS K 76 -37.07 2.92 17.83
C LYS K 76 -37.65 3.93 16.86
N LEU K 77 -36.80 4.77 16.29
CA LEU K 77 -37.28 5.82 15.39
C LEU K 77 -38.00 5.23 14.19
N GLY K 78 -37.60 4.03 13.76
CA GLY K 78 -38.30 3.37 12.68
C GLY K 78 -38.24 4.19 11.41
N PHE K 79 -39.35 4.20 10.69
CA PHE K 79 -39.49 4.94 9.45
C PHE K 79 -40.32 6.21 9.63
N ARG K 80 -40.50 6.66 10.87
CA ARG K 80 -41.18 7.93 11.10
C ARG K 80 -40.38 9.09 10.54
N SER K 81 -41.09 10.15 10.19
CA SER K 81 -40.46 11.37 9.71
C SER K 81 -39.83 12.13 10.87
N PHE K 82 -38.65 12.68 10.64
CA PHE K 82 -37.94 13.48 11.62
C PHE K 82 -37.22 14.61 10.90
N GLU K 83 -36.60 15.48 11.68
CA GLU K 83 -35.84 16.61 11.17
C GLU K 83 -34.40 16.53 11.65
N ILE K 84 -33.51 17.11 10.84
CA ILE K 84 -32.09 17.20 11.15
C ILE K 84 -31.71 18.68 11.04
N ILE K 85 -31.21 19.23 12.14
CA ILE K 85 -30.65 20.58 12.16
C ILE K 85 -29.15 20.43 12.28
N TYR K 86 -28.43 20.97 11.29
CA TYR K 86 -26.99 20.88 11.19
C TYR K 86 -26.39 22.26 11.31
N ASN K 87 -25.55 22.46 12.32
CA ASN K 87 -24.88 23.72 12.56
C ASN K 87 -23.38 23.53 12.41
N LEU K 88 -22.76 24.34 11.55
CA LEU K 88 -21.32 24.37 11.34
C LEU K 88 -20.86 25.77 11.69
N SER K 89 -20.08 25.89 12.76
CA SER K 89 -19.65 27.17 13.29
C SER K 89 -18.18 27.42 12.96
N ASN K 90 -17.83 28.70 12.89
CA ASN K 90 -16.45 29.14 12.86
C ASN K 90 -16.03 29.57 14.25
N SER K 91 -14.76 29.34 14.57
CA SER K 91 -14.18 29.70 15.85
C SER K 91 -13.37 30.99 15.77
N GLU K 92 -12.46 31.08 14.80
CA GLU K 92 -11.67 32.29 14.65
C GLU K 92 -12.55 33.48 14.28
N THR K 93 -13.54 33.24 13.42
CA THR K 93 -14.65 34.15 13.20
C THR K 93 -15.84 33.66 14.00
N LEU K 94 -16.81 34.54 14.23
CA LEU K 94 -18.00 34.20 14.99
C LEU K 94 -19.16 33.75 14.11
N GLY K 95 -18.97 33.69 12.78
CA GLY K 95 -20.04 33.30 11.91
C GLY K 95 -20.33 31.80 11.98
N TYR K 96 -21.52 31.44 11.55
CA TYR K 96 -21.92 30.04 11.55
C TYR K 96 -23.03 29.83 10.53
N GLU K 97 -23.12 28.59 10.07
CA GLU K 97 -24.15 28.12 9.16
C GLU K 97 -25.07 27.17 9.91
N SER K 98 -26.36 27.25 9.61
CA SER K 98 -27.34 26.34 10.18
C SER K 98 -28.30 25.90 9.07
N ILE K 99 -28.47 24.59 8.93
CA ILE K 99 -29.29 24.00 7.88
C ILE K 99 -30.26 23.03 8.55
N ARG K 100 -31.53 23.16 8.22
CA ARG K 100 -32.60 22.31 8.76
C ARG K 100 -33.14 21.46 7.61
N LEU K 101 -32.93 20.15 7.71
CA LEU K 101 -33.52 19.20 6.78
C LEU K 101 -34.86 18.73 7.32
N LYS K 102 -35.89 18.84 6.48
CA LYS K 102 -37.28 18.60 6.89
C LYS K 102 -37.80 17.31 6.28
N ASN K 103 -38.70 16.66 7.03
CA ASN K 103 -39.35 15.42 6.60
C ASN K 103 -38.32 14.35 6.26
N CYS K 104 -37.27 14.28 7.07
CA CYS K 104 -36.25 13.26 6.88
C CYS K 104 -36.81 11.90 7.28
N ARG K 105 -36.47 10.88 6.50
CA ARG K 105 -37.01 9.55 6.70
C ARG K 105 -35.95 8.53 6.30
N LEU K 106 -35.78 7.51 7.13
CA LEU K 106 -34.74 6.51 6.91
C LEU K 106 -35.14 5.56 5.79
N LYS K 107 -34.17 5.24 4.93
CA LYS K 107 -34.38 4.23 3.90
C LYS K 107 -34.29 2.83 4.50
N LYS K 108 -33.41 2.62 5.46
CA LYS K 108 -33.27 1.33 6.11
C LYS K 108 -32.87 1.52 7.56
N LEU K 109 -33.24 0.56 8.39
CA LEU K 109 -32.98 0.58 9.82
C LEU K 109 -31.66 -0.13 10.12
N PRO K 110 -30.69 0.51 10.81
CA PRO K 110 -29.46 -0.23 11.15
C PRO K 110 -29.66 -1.09 12.39
N LEU K 111 -30.32 -2.23 12.21
CA LEU K 111 -30.64 -3.07 13.37
C LEU K 111 -29.38 -3.64 14.00
N ILE K 112 -28.51 -4.23 13.20
CA ILE K 112 -27.31 -4.91 13.68
C ILE K 112 -26.15 -4.54 12.77
N ASN K 113 -25.03 -4.13 13.37
CA ASN K 113 -23.80 -3.93 12.62
C ASN K 113 -22.66 -4.00 13.64
N SER K 114 -21.99 -5.15 13.70
CA SER K 114 -20.89 -5.36 14.62
C SER K 114 -19.85 -6.26 13.99
N LYS K 115 -18.59 -6.00 14.31
CA LYS K 115 -17.46 -6.77 13.85
C LYS K 115 -16.69 -7.26 15.06
N ALA K 116 -15.72 -8.15 14.81
CA ALA K 116 -15.16 -8.98 15.88
C ALA K 116 -14.51 -8.16 16.98
N GLY K 117 -13.64 -7.21 16.61
CA GLY K 117 -12.87 -6.46 17.58
C GLY K 117 -12.89 -4.97 17.38
N GLU K 118 -13.89 -4.47 16.67
CA GLU K 118 -14.04 -3.06 16.37
C GLU K 118 -15.18 -2.46 17.17
N ILE K 119 -15.17 -1.13 17.27
CA ILE K 119 -16.22 -0.41 17.96
C ILE K 119 -17.48 -0.45 17.12
N VAL K 120 -18.61 -0.69 17.77
CA VAL K 120 -19.88 -0.83 17.08
C VAL K 120 -20.25 0.52 16.46
N LYS K 121 -20.37 0.55 15.15
CA LYS K 121 -20.74 1.74 14.40
C LYS K 121 -22.15 1.60 13.84
N ILE K 122 -22.77 2.74 13.60
CA ILE K 122 -24.11 2.82 13.03
C ILE K 122 -24.06 3.76 11.83
N GLU K 123 -24.63 3.30 10.71
CA GLU K 123 -24.69 4.08 9.49
C GLU K 123 -26.12 4.01 8.95
N VAL K 124 -26.68 5.18 8.65
CA VAL K 124 -28.03 5.29 8.12
C VAL K 124 -28.02 6.19 6.90
N GLU K 125 -29.03 6.00 6.06
CA GLU K 125 -29.26 6.82 4.89
C GLU K 125 -30.76 7.04 4.76
N GLY K 126 -31.13 8.07 4.01
CA GLY K 126 -32.54 8.39 3.87
C GLY K 126 -32.73 9.54 2.92
N SER K 127 -33.96 10.05 2.93
CA SER K 127 -34.37 11.13 2.04
C SER K 127 -35.10 12.19 2.84
N PHE K 128 -35.01 13.43 2.35
CA PHE K 128 -35.72 14.56 2.93
C PHE K 128 -36.37 15.38 1.83
N ARG K 129 -37.44 16.07 2.18
CA ARG K 129 -38.25 16.80 1.20
C ARG K 129 -37.57 18.11 0.80
N GLY K 130 -37.31 18.96 1.78
CA GLY K 130 -36.74 20.28 1.54
C GLY K 130 -35.83 20.68 2.67
N TYR K 131 -35.26 21.88 2.53
CA TYR K 131 -34.30 22.40 3.49
C TYR K 131 -34.57 23.87 3.75
N ASP K 132 -34.23 24.30 4.95
CA ASP K 132 -34.25 25.71 5.34
C ASP K 132 -32.84 26.11 5.74
N LEU K 133 -32.31 27.13 5.07
CA LEU K 133 -30.99 27.70 5.39
C LEU K 133 -31.20 28.74 6.47
N LEU K 134 -31.20 28.29 7.73
CA LEU K 134 -31.55 29.15 8.85
C LEU K 134 -30.52 30.27 9.02
N ASN K 135 -29.24 29.94 8.93
CA ASN K 135 -28.16 30.88 9.14
C ASN K 135 -27.02 30.53 8.19
N GLU K 136 -26.00 31.38 8.17
CA GLU K 136 -24.99 31.31 7.12
C GLU K 136 -23.77 32.18 7.41
N GLU L 13 -56.00 -60.37 6.04
CA GLU L 13 -56.94 -60.42 4.88
C GLU L 13 -56.18 -60.80 3.60
N ILE L 14 -56.91 -60.85 2.49
CA ILE L 14 -56.40 -61.30 1.20
C ILE L 14 -56.49 -60.11 0.25
N PRO L 15 -55.61 -59.97 -0.74
CA PRO L 15 -55.77 -58.86 -1.70
C PRO L 15 -57.09 -58.93 -2.46
N GLY L 16 -57.69 -57.76 -2.66
CA GLY L 16 -58.84 -57.61 -3.53
C GLY L 16 -59.81 -56.56 -3.04
N PHE L 17 -60.74 -56.19 -3.92
CA PHE L 17 -61.88 -55.36 -3.53
C PHE L 17 -62.79 -56.08 -2.56
N TYR L 18 -63.32 -55.34 -1.61
CA TYR L 18 -64.30 -55.82 -0.64
C TYR L 18 -65.33 -54.71 -0.48
N ASN L 19 -66.32 -54.70 -1.37
CA ASN L 19 -67.39 -53.72 -1.35
C ASN L 19 -68.41 -54.14 -0.30
N ARG L 20 -68.63 -53.30 0.70
CA ARG L 20 -69.53 -53.61 1.81
C ARG L 20 -70.34 -52.36 2.13
N PHE L 21 -71.60 -52.37 1.70
CA PHE L 21 -72.54 -51.32 2.03
C PHE L 21 -72.68 -51.20 3.54
N LYS L 22 -72.68 -49.95 4.02
CA LYS L 22 -72.97 -49.63 5.41
C LYS L 22 -74.23 -48.77 5.47
N THR L 23 -75.10 -49.07 6.43
CA THR L 23 -76.36 -48.35 6.55
C THR L 23 -76.10 -46.89 6.90
N GLN L 24 -76.96 -46.01 6.37
CA GLN L 24 -76.79 -44.58 6.59
C GLN L 24 -77.03 -44.17 8.04
N ALA L 25 -77.71 -45.00 8.83
CA ALA L 25 -77.96 -44.66 10.22
C ALA L 25 -76.67 -44.55 11.03
N GLU L 26 -75.60 -45.20 10.58
CA GLU L 26 -74.34 -45.27 11.33
C GLU L 26 -73.42 -44.11 10.97
N LYS L 27 -73.90 -42.88 11.22
CA LYS L 27 -73.10 -41.70 10.95
C LYS L 27 -72.21 -41.37 12.14
N SER L 28 -70.98 -40.99 11.86
CA SER L 28 -70.08 -40.53 12.90
C SER L 28 -70.45 -39.10 13.32
N THR L 29 -70.00 -38.73 14.52
CA THR L 29 -70.30 -37.42 15.07
C THR L 29 -69.57 -36.34 14.28
N ASN L 30 -69.80 -35.09 14.67
CA ASN L 30 -69.22 -33.95 13.97
C ASN L 30 -67.71 -33.92 14.16
N THR L 31 -67.07 -32.92 13.54
CA THR L 31 -65.63 -32.73 13.61
C THR L 31 -65.21 -31.47 14.35
N GLY L 32 -66.07 -30.45 14.40
CA GLY L 32 -65.74 -29.21 15.09
C GLY L 32 -65.90 -29.31 16.59
N LEU L 33 -64.99 -30.05 17.24
CA LEU L 33 -65.03 -30.29 18.67
C LEU L 33 -63.68 -29.95 19.29
N LYS L 34 -63.72 -29.53 20.56
CA LYS L 34 -62.53 -29.10 21.27
C LYS L 34 -62.75 -29.30 22.76
N GLY L 35 -61.64 -29.35 23.50
CA GLY L 35 -61.68 -29.27 24.94
C GLY L 35 -61.89 -30.62 25.62
N ARG L 36 -61.67 -30.63 26.94
CA ARG L 36 -61.75 -31.82 27.78
C ARG L 36 -62.66 -31.55 28.97
N LEU L 37 -63.49 -32.55 29.30
CA LEU L 37 -64.48 -32.43 30.36
C LEU L 37 -64.45 -33.66 31.25
N ALA L 38 -64.71 -33.44 32.54
CA ALA L 38 -64.84 -34.50 33.52
C ALA L 38 -66.31 -34.78 33.81
N MET L 39 -66.58 -36.02 34.24
CA MET L 39 -67.95 -36.49 34.40
C MET L 39 -68.03 -37.64 35.41
N PRO L 40 -68.34 -37.38 36.69
CA PRO L 40 -68.55 -38.50 37.64
C PRO L 40 -69.92 -39.16 37.45
N ILE L 41 -70.01 -39.95 36.38
CA ILE L 41 -71.31 -40.48 35.96
C ILE L 41 -71.81 -41.51 36.96
N ARG L 42 -73.09 -41.39 37.34
CA ARG L 42 -73.79 -42.40 38.14
C ARG L 42 -74.39 -43.41 37.18
N ALA L 43 -73.57 -44.39 36.79
CA ALA L 43 -73.96 -45.39 35.81
C ALA L 43 -74.44 -46.64 36.52
N ASN L 44 -75.63 -47.12 36.12
CA ASN L 44 -76.07 -48.44 36.55
C ASN L 44 -75.06 -49.49 36.13
N TRP L 45 -74.49 -49.36 34.94
CA TRP L 45 -73.49 -50.27 34.41
C TRP L 45 -72.34 -49.45 33.84
N GLY L 46 -71.13 -49.99 33.96
CA GLY L 46 -69.95 -49.33 33.42
C GLY L 46 -68.72 -49.66 34.23
N ASP L 47 -67.66 -48.91 33.94
CA ASP L 47 -66.33 -49.17 34.47
C ASP L 47 -66.17 -48.50 35.83
N VAL L 48 -66.00 -49.31 36.87
CA VAL L 48 -65.93 -48.82 38.25
C VAL L 48 -64.47 -48.75 38.67
N GLY L 49 -64.08 -47.67 39.33
CA GLY L 49 -62.74 -47.51 39.84
C GLY L 49 -61.72 -46.97 38.85
N LYS L 50 -62.16 -46.53 37.68
CA LYS L 50 -61.23 -46.02 36.67
C LYS L 50 -61.95 -45.01 35.79
N VAL L 51 -61.18 -44.07 35.25
CA VAL L 51 -61.68 -43.02 34.37
C VAL L 51 -61.44 -43.45 32.93
N VAL L 52 -62.46 -43.31 32.09
CA VAL L 52 -62.39 -43.69 30.68
C VAL L 52 -62.50 -42.42 29.85
N THR L 53 -61.67 -42.32 28.82
CA THR L 53 -61.60 -41.14 27.95
C THR L 53 -62.38 -41.43 26.68
N ILE L 54 -63.65 -41.05 26.68
CA ILE L 54 -64.50 -41.23 25.52
C ILE L 54 -64.20 -40.14 24.50
N LYS L 55 -64.15 -40.52 23.22
CA LYS L 55 -63.88 -39.59 22.14
C LYS L 55 -65.18 -38.88 21.74
N ASN L 56 -65.14 -38.17 20.60
CA ASN L 56 -66.33 -37.54 20.05
C ASN L 56 -67.47 -38.53 19.87
N ASP L 57 -67.16 -39.76 19.49
CA ASP L 57 -68.18 -40.73 19.13
C ASP L 57 -69.06 -41.07 20.33
N LEU L 58 -70.38 -41.08 20.10
CA LEU L 58 -71.34 -41.53 21.10
C LEU L 58 -71.34 -43.04 21.28
N ARG L 59 -70.63 -43.78 20.42
CA ARG L 59 -70.83 -45.22 20.40
C ARG L 59 -70.15 -45.88 21.59
N GLN L 60 -68.95 -45.41 21.94
CA GLN L 60 -68.27 -45.93 23.11
C GLN L 60 -69.06 -45.63 24.38
N LEU L 61 -69.73 -44.47 24.42
CA LEU L 61 -70.52 -44.12 25.59
C LEU L 61 -71.64 -45.14 25.83
N LYS L 62 -72.43 -45.44 24.79
CA LYS L 62 -73.56 -46.34 25.02
C LYS L 62 -73.08 -47.77 25.19
N ASN L 63 -72.01 -48.15 24.46
CA ASN L 63 -71.47 -49.50 24.60
C ASN L 63 -70.92 -49.74 26.00
N LEU L 64 -70.35 -48.71 26.62
CA LEU L 64 -69.72 -48.86 27.92
C LEU L 64 -70.60 -48.46 29.09
N PHE L 65 -71.63 -47.64 28.88
CA PHE L 65 -72.44 -47.07 29.96
C PHE L 65 -73.92 -47.12 29.62
N GLY L 66 -74.37 -48.24 29.07
CA GLY L 66 -75.78 -48.48 28.87
C GLY L 66 -76.43 -47.58 27.84
N ASP L 67 -77.64 -47.94 27.42
CA ASP L 67 -78.40 -47.18 26.44
C ASP L 67 -79.62 -46.53 27.08
N ASP L 68 -79.83 -46.73 28.38
CA ASP L 68 -81.09 -46.34 29.02
C ASP L 68 -81.07 -44.88 29.40
N MET L 69 -82.21 -44.21 29.17
CA MET L 69 -82.30 -42.77 29.42
C MET L 69 -82.28 -42.46 30.90
N ASN L 70 -82.92 -43.29 31.73
CA ASN L 70 -82.97 -43.01 33.17
C ASN L 70 -81.57 -43.07 33.78
N TYR L 71 -80.65 -43.81 33.18
CA TYR L 71 -79.27 -43.82 33.65
C TYR L 71 -78.70 -42.41 33.55
N SER L 72 -78.23 -41.87 34.67
CA SER L 72 -77.60 -40.56 34.64
C SER L 72 -76.39 -40.55 33.72
N ALA L 73 -75.67 -41.67 33.66
CA ALA L 73 -74.48 -41.76 32.83
C ALA L 73 -74.79 -41.48 31.36
N PHE L 74 -75.71 -42.27 30.79
CA PHE L 74 -76.04 -42.11 29.38
C PHE L 74 -76.66 -40.75 29.10
N LYS L 75 -77.60 -40.34 29.95
CA LYS L 75 -78.33 -39.09 29.73
C LYS L 75 -77.37 -37.89 29.72
N LEU L 76 -76.55 -37.79 30.75
CA LEU L 76 -75.66 -36.64 30.87
C LEU L 76 -74.46 -36.74 29.93
N GLY L 77 -73.99 -37.95 29.61
CA GLY L 77 -72.96 -38.06 28.59
C GLY L 77 -73.48 -37.64 27.21
N LYS L 78 -74.73 -38.00 26.91
CA LYS L 78 -75.35 -37.53 25.69
C LYS L 78 -75.44 -36.00 25.68
N LEU L 79 -75.82 -35.40 26.81
CA LEU L 79 -75.81 -33.94 26.90
C LEU L 79 -74.42 -33.38 26.63
N ALA L 80 -73.39 -33.95 27.25
CA ALA L 80 -72.05 -33.42 27.11
C ALA L 80 -71.55 -33.53 25.68
N LEU L 81 -71.85 -34.65 25.03
CA LEU L 81 -71.34 -34.89 23.68
C LEU L 81 -72.14 -34.11 22.63
N LEU L 82 -73.43 -33.87 22.87
CA LEU L 82 -74.12 -32.83 22.09
C LEU L 82 -73.62 -31.44 22.44
N GLY L 83 -72.97 -31.26 23.59
CA GLY L 83 -72.21 -30.05 23.85
C GLY L 83 -70.91 -29.96 23.08
N ASN L 84 -70.56 -31.01 22.32
CA ASN L 84 -69.46 -30.99 21.36
C ASN L 84 -68.10 -30.86 22.06
N VAL L 85 -67.94 -31.56 23.17
CA VAL L 85 -66.65 -31.70 23.82
C VAL L 85 -65.83 -32.75 23.06
N LYS L 86 -64.56 -32.43 22.81
CA LYS L 86 -63.71 -33.33 22.04
C LYS L 86 -63.46 -34.63 22.81
N GLU L 87 -63.02 -34.53 24.06
CA GLU L 87 -62.76 -35.68 24.92
C GLU L 87 -63.58 -35.55 26.20
N LEU L 88 -64.38 -36.56 26.49
CA LEU L 88 -65.24 -36.59 27.67
C LEU L 88 -64.74 -37.70 28.58
N LEU L 89 -64.29 -37.32 29.77
CA LEU L 89 -63.68 -38.25 30.71
C LEU L 89 -64.72 -38.71 31.72
N LEU L 90 -65.14 -39.97 31.59
CA LEU L 90 -66.19 -40.54 32.42
C LEU L 90 -65.60 -41.40 33.52
N TYR L 91 -66.09 -41.21 34.74
CA TYR L 91 -65.80 -42.07 35.88
C TYR L 91 -67.13 -42.56 36.43
N ARG L 92 -67.31 -43.88 36.44
CA ARG L 92 -68.51 -44.44 37.03
C ARG L 92 -68.53 -44.22 38.53
N LEU L 93 -69.72 -43.94 39.06
CA LEU L 93 -69.93 -43.67 40.47
C LEU L 93 -70.92 -44.70 40.99
N VAL L 94 -70.47 -45.51 41.96
CA VAL L 94 -71.33 -46.49 42.61
C VAL L 94 -71.07 -46.45 44.11
N ASP L 95 -72.07 -46.87 44.88
CA ASP L 95 -71.92 -46.96 46.32
C ASP L 95 -70.98 -48.10 46.69
N GLY L 96 -70.44 -48.03 47.90
CA GLY L 96 -69.59 -49.11 48.39
C GLY L 96 -70.33 -50.43 48.45
N ASN L 97 -71.59 -50.41 48.88
CA ASN L 97 -72.38 -51.63 48.94
C ASN L 97 -72.67 -52.19 47.55
N GLN L 98 -72.69 -51.33 46.54
CA GLN L 98 -72.91 -51.77 45.16
C GLN L 98 -71.78 -52.69 44.72
N LYS L 99 -72.16 -53.81 44.10
CA LYS L 99 -71.21 -54.87 43.78
C LYS L 99 -71.62 -55.53 42.47
N LYS L 100 -70.85 -56.56 42.07
CA LYS L 100 -71.12 -57.31 40.85
C LYS L 100 -72.25 -58.30 41.06
N GLY L 101 -73.16 -58.36 40.09
CA GLY L 101 -74.05 -59.51 40.02
C GLY L 101 -73.26 -60.78 39.81
N THR L 102 -73.69 -61.84 40.48
CA THR L 102 -72.96 -63.10 40.48
C THR L 102 -73.92 -64.27 40.49
N LEU L 103 -73.58 -65.31 39.73
CA LEU L 103 -74.31 -66.57 39.73
C LEU L 103 -73.33 -67.70 39.52
N THR L 104 -73.76 -68.90 39.93
CA THR L 104 -72.96 -70.12 39.79
C THR L 104 -73.77 -71.14 39.01
N LEU L 105 -73.14 -71.74 38.00
CA LEU L 105 -73.73 -72.86 37.30
C LEU L 105 -73.35 -74.17 38.00
N LYS L 106 -74.13 -75.21 37.73
CA LYS L 106 -73.90 -76.51 38.35
C LYS L 106 -74.23 -77.60 37.34
N ASP L 107 -73.67 -78.78 37.57
CA ASP L 107 -73.87 -79.95 36.74
C ASP L 107 -74.96 -80.84 37.30
N THR L 108 -75.45 -81.76 36.46
CA THR L 108 -76.49 -82.72 36.83
C THR L 108 -76.06 -84.16 36.56
N THR L 109 -74.80 -84.40 36.22
CA THR L 109 -74.34 -85.77 35.99
C THR L 109 -74.44 -86.60 37.27
N GLU L 110 -74.04 -86.02 38.40
CA GLU L 110 -74.12 -86.69 39.69
C GLU L 110 -75.49 -86.50 40.31
N ASN L 111 -75.77 -87.29 41.35
CA ASN L 111 -77.04 -87.14 42.07
C ASN L 111 -77.13 -85.77 42.75
N SER L 112 -76.03 -85.32 43.33
CA SER L 112 -75.94 -84.00 43.96
C SER L 112 -75.17 -83.06 43.06
N ALA L 113 -75.79 -81.93 42.73
CA ALA L 113 -75.16 -80.96 41.86
C ALA L 113 -74.03 -80.21 42.58
N LYS L 114 -73.04 -79.79 41.80
CA LYS L 114 -71.87 -79.09 42.35
C LYS L 114 -71.49 -77.96 41.40
N ASP L 115 -70.85 -76.94 41.98
CA ASP L 115 -70.49 -75.75 41.22
C ASP L 115 -69.28 -76.02 40.34
N VAL L 116 -69.36 -75.60 39.08
CA VAL L 116 -68.24 -75.67 38.16
C VAL L 116 -67.93 -74.35 37.45
N ILE L 117 -68.88 -73.41 37.38
CA ILE L 117 -68.67 -72.12 36.74
C ILE L 117 -69.32 -71.03 37.61
N LYS L 118 -68.63 -69.89 37.73
CA LYS L 118 -69.21 -68.67 38.28
C LYS L 118 -69.27 -67.62 37.18
N LEU L 119 -70.47 -67.09 36.94
CA LEU L 119 -70.67 -65.98 36.03
C LEU L 119 -70.86 -64.72 36.86
N GLU L 120 -69.90 -63.81 36.77
CA GLU L 120 -69.95 -62.52 37.47
C GLU L 120 -69.98 -61.42 36.41
N THR L 121 -70.74 -60.36 36.71
CA THR L 121 -70.76 -59.21 35.82
C THR L 121 -69.34 -58.67 35.67
N LYS L 122 -68.98 -58.29 34.44
CA LYS L 122 -67.61 -57.83 34.16
C LYS L 122 -67.23 -56.68 35.07
N TYR L 123 -68.16 -55.80 35.35
CA TYR L 123 -67.99 -54.68 36.27
C TYR L 123 -69.18 -54.65 37.20
N PRO L 124 -69.08 -53.97 38.34
CA PRO L 124 -70.20 -53.97 39.30
C PRO L 124 -71.50 -53.49 38.68
N THR L 125 -72.58 -54.21 38.95
CA THR L 125 -73.92 -53.82 38.48
C THR L 125 -74.93 -54.80 39.06
N ALA L 126 -76.20 -54.37 39.02
CA ALA L 126 -77.32 -55.21 39.42
C ALA L 126 -78.48 -55.07 38.44
N ARG L 127 -78.19 -54.79 37.18
CA ARG L 127 -79.21 -54.65 36.16
C ARG L 127 -79.87 -56.00 35.90
N ASN L 128 -80.87 -56.00 35.01
CA ASN L 128 -81.61 -57.21 34.68
C ASN L 128 -80.83 -58.06 33.66
N PHE L 129 -79.66 -58.50 34.09
CA PHE L 129 -78.77 -59.30 33.25
C PHE L 129 -79.03 -60.77 33.56
N ASN L 130 -79.71 -61.44 32.64
CA ASN L 130 -80.18 -62.80 32.83
C ASN L 130 -79.34 -63.76 31.99
N VAL L 131 -79.38 -65.05 32.38
CA VAL L 131 -78.63 -66.10 31.71
C VAL L 131 -79.59 -67.24 31.41
N THR L 132 -79.32 -67.96 30.32
CA THR L 132 -80.05 -69.17 29.99
C THR L 132 -79.10 -70.16 29.34
N ILE L 133 -79.17 -71.41 29.79
CA ILE L 133 -78.29 -72.48 29.33
C ILE L 133 -79.16 -73.70 29.03
N LYS L 134 -78.90 -74.35 27.90
CA LYS L 134 -79.67 -75.51 27.48
C LYS L 134 -78.75 -76.42 26.66
N SER L 135 -79.28 -77.58 26.29
CA SER L 135 -78.52 -78.54 25.50
C SER L 135 -78.49 -78.12 24.04
N ASN L 136 -77.40 -78.49 23.37
CA ASN L 136 -77.23 -78.20 21.95
C ASN L 136 -77.80 -79.35 21.13
N LEU L 137 -78.64 -79.00 20.15
CA LEU L 137 -79.30 -80.02 19.33
C LEU L 137 -78.33 -80.64 18.34
N VAL L 138 -77.41 -79.84 17.79
CA VAL L 138 -76.50 -80.33 16.76
C VAL L 138 -75.57 -81.39 17.34
N ASP L 139 -74.98 -81.10 18.51
CA ASP L 139 -74.05 -82.00 19.18
C ASP L 139 -74.51 -82.21 20.61
N SER L 140 -74.52 -83.47 21.05
CA SER L 140 -74.96 -83.78 22.41
C SER L 140 -74.04 -83.16 23.44
N ASP L 141 -72.72 -83.22 23.21
CA ASP L 141 -71.78 -82.69 24.18
C ASP L 141 -71.83 -81.18 24.27
N LYS L 142 -72.25 -80.50 23.21
CA LYS L 142 -72.31 -79.04 23.22
C LYS L 142 -73.53 -78.55 23.98
N LYS L 143 -73.44 -77.31 24.45
CA LYS L 143 -74.55 -76.63 25.11
C LYS L 143 -74.67 -75.21 24.56
N ASP L 144 -75.91 -74.73 24.50
CA ASP L 144 -76.20 -73.38 24.07
C ASP L 144 -76.24 -72.46 25.29
N PHE L 145 -75.43 -71.42 25.27
CA PHE L 145 -75.38 -70.41 26.33
C PHE L 145 -75.85 -69.08 25.77
N ILE L 146 -76.83 -68.47 26.44
CA ILE L 146 -77.46 -67.25 25.97
C ILE L 146 -77.54 -66.27 27.14
N PHE L 147 -77.35 -64.99 26.85
CA PHE L 147 -77.43 -63.91 27.82
C PHE L 147 -78.47 -62.89 27.37
N PHE L 148 -79.28 -62.43 28.32
CA PHE L 148 -80.37 -61.48 28.10
C PHE L 148 -80.15 -60.20 28.89
N GLU L 149 -80.57 -59.08 28.29
CA GLU L 149 -80.51 -57.75 28.91
C GLU L 149 -81.89 -57.10 28.78
N ASN L 150 -82.63 -57.04 29.89
CA ASN L 150 -83.98 -56.47 29.90
C ASN L 150 -84.85 -57.15 28.84
N THR L 151 -84.75 -58.48 28.79
CA THR L 151 -85.45 -59.30 27.80
C THR L 151 -84.94 -59.06 26.38
N LYS L 152 -83.68 -58.66 26.24
CA LYS L 152 -83.02 -58.47 24.94
C LYS L 152 -81.76 -59.32 24.90
N GLN L 153 -81.63 -60.15 23.87
CA GLN L 153 -80.47 -61.03 23.76
C GLN L 153 -79.19 -60.23 23.55
N LEU L 154 -78.13 -60.66 24.22
CA LEU L 154 -76.80 -60.08 24.10
C LEU L 154 -75.81 -61.02 23.44
N PHE L 155 -75.72 -62.26 23.93
CA PHE L 155 -74.75 -63.23 23.44
C PHE L 155 -75.47 -64.55 23.21
N SER L 156 -75.00 -65.31 22.21
CA SER L 156 -75.56 -66.62 21.93
C SER L 156 -74.53 -67.44 21.18
N SER L 157 -74.21 -68.62 21.71
CA SER L 157 -73.23 -69.50 21.08
C SER L 157 -73.43 -70.92 21.59
N SER L 158 -72.95 -71.88 20.80
CA SER L 158 -72.93 -73.29 21.17
C SER L 158 -71.47 -73.72 21.33
N ILE L 159 -71.15 -74.24 22.51
CA ILE L 159 -69.77 -74.63 22.86
C ILE L 159 -69.82 -76.00 23.52
N LYS L 160 -68.72 -76.75 23.37
CA LYS L 160 -68.60 -78.07 23.96
C LYS L 160 -68.88 -78.03 25.46
N GLY L 161 -69.38 -79.15 25.99
CA GLY L 161 -69.75 -79.22 27.40
C GLY L 161 -68.60 -79.08 28.37
N THR L 162 -67.36 -79.18 27.89
CA THR L 162 -66.20 -79.00 28.77
C THR L 162 -66.21 -77.61 29.36
N ILE L 163 -65.97 -77.52 30.67
CA ILE L 163 -66.01 -76.24 31.37
C ILE L 163 -64.91 -75.32 30.85
N ASP L 164 -63.77 -75.88 30.45
CA ASP L 164 -62.67 -75.05 29.95
C ASP L 164 -63.08 -74.28 28.71
N GLU L 165 -63.65 -74.99 27.71
CA GLU L 165 -64.08 -74.34 26.49
C GLU L 165 -65.20 -73.33 26.75
N ILE L 166 -66.11 -73.67 27.66
CA ILE L 166 -67.22 -72.78 27.97
C ILE L 166 -66.70 -71.47 28.56
N VAL L 167 -65.79 -71.57 29.54
CA VAL L 167 -65.22 -70.38 30.14
C VAL L 167 -64.40 -69.60 29.10
N LEU L 168 -63.67 -70.31 28.24
CA LEU L 168 -62.85 -69.65 27.24
C LEU L 168 -63.72 -68.83 26.28
N GLU L 169 -64.78 -69.43 25.75
CA GLU L 169 -65.64 -68.69 24.83
C GLU L 169 -66.38 -67.57 25.54
N ILE L 170 -66.80 -67.77 26.79
CA ILE L 170 -67.52 -66.72 27.50
C ILE L 170 -66.61 -65.52 27.73
N ASN L 171 -65.37 -65.77 28.14
CA ASN L 171 -64.44 -64.67 28.37
C ASN L 171 -63.82 -64.13 27.08
N SER L 172 -63.98 -64.82 25.95
CA SER L 172 -63.36 -64.41 24.70
C SER L 172 -64.30 -63.57 23.83
N ASN L 173 -65.52 -64.04 23.61
CA ASN L 173 -66.43 -63.35 22.71
C ASN L 173 -66.78 -61.97 23.24
N LEU L 174 -66.79 -60.98 22.35
CA LEU L 174 -66.97 -59.59 22.76
C LEU L 174 -68.40 -59.29 23.18
N ASP L 175 -69.37 -60.11 22.77
CA ASP L 175 -70.75 -59.93 23.24
C ASP L 175 -70.93 -60.31 24.71
N ASN L 176 -69.92 -60.93 25.33
CA ASN L 176 -69.92 -61.21 26.76
C ASN L 176 -69.31 -60.07 27.58
N GLU L 177 -69.39 -58.84 27.08
CA GLU L 177 -68.81 -57.69 27.78
C GLU L 177 -69.44 -57.48 29.15
N TYR L 178 -70.62 -58.02 29.41
CA TYR L 178 -71.33 -57.83 30.66
C TYR L 178 -71.13 -58.98 31.65
N VAL L 179 -70.19 -59.89 31.39
CA VAL L 179 -70.02 -61.07 32.23
C VAL L 179 -68.62 -61.63 32.06
N ILE L 180 -68.09 -62.20 33.14
CA ILE L 180 -66.88 -63.01 33.11
C ILE L 180 -67.23 -64.38 33.67
N ALA L 181 -66.78 -65.43 32.99
CA ALA L 181 -66.89 -66.80 33.47
C ALA L 181 -65.53 -67.25 34.00
N THR L 182 -65.53 -67.81 35.21
CA THR L 182 -64.32 -68.37 35.82
C THR L 182 -64.61 -69.79 36.27
N LYS L 183 -63.69 -70.70 35.95
CA LYS L 183 -63.86 -72.12 36.25
C LYS L 183 -63.70 -72.35 37.75
N VAL L 184 -64.77 -72.79 38.41
CA VAL L 184 -64.70 -73.07 39.84
C VAL L 184 -63.75 -74.22 40.09
N ALA L 185 -63.90 -75.30 39.34
CA ALA L 185 -63.10 -76.51 39.51
C ALA L 185 -63.04 -77.21 38.17
N ASP L 186 -62.00 -78.03 38.00
CA ASP L 186 -61.83 -78.75 36.76
C ASP L 186 -62.91 -79.82 36.62
N SER L 187 -63.62 -79.81 35.50
CA SER L 187 -64.70 -80.75 35.27
C SER L 187 -65.11 -80.68 33.81
N ASP L 188 -65.63 -81.80 33.31
CA ASP L 188 -66.24 -81.87 31.98
C ASP L 188 -67.70 -82.30 32.06
N THR L 189 -68.31 -82.18 33.24
CA THR L 189 -69.68 -82.63 33.43
C THR L 189 -70.67 -81.74 32.66
N ILE L 190 -71.81 -82.32 32.35
CA ILE L 190 -72.87 -81.60 31.64
C ILE L 190 -73.54 -80.65 32.62
N LEU L 191 -73.67 -79.39 32.22
CA LEU L 191 -74.21 -78.36 33.09
C LEU L 191 -75.71 -78.55 33.30
N ALA L 192 -76.24 -77.85 34.30
CA ALA L 192 -77.68 -77.83 34.54
C ALA L 192 -78.36 -76.86 33.60
N ASN L 193 -79.61 -77.18 33.24
CA ASN L 193 -80.42 -76.33 32.37
C ASN L 193 -81.18 -75.34 33.24
N VAL L 194 -80.83 -74.06 33.11
CA VAL L 194 -81.44 -72.97 33.86
C VAL L 194 -81.94 -71.93 32.87
N VAL L 195 -83.10 -71.36 33.15
CA VAL L 195 -83.78 -70.45 32.22
C VAL L 195 -83.98 -69.11 32.93
N ASN L 196 -83.40 -68.06 32.38
CA ASN L 196 -83.66 -66.68 32.80
C ASN L 196 -83.31 -66.47 34.27
N GLN L 197 -82.06 -66.76 34.61
CA GLN L 197 -81.53 -66.56 35.95
C GLN L 197 -80.80 -65.22 36.01
N ALA L 198 -81.27 -64.33 36.87
CA ALA L 198 -80.73 -62.98 36.98
C ALA L 198 -79.49 -62.96 37.84
N LEU L 199 -78.46 -62.25 37.36
CA LEU L 199 -77.25 -62.09 38.17
C LEU L 199 -77.54 -61.14 39.33
N GLU L 200 -77.20 -61.59 40.54
CA GLU L 200 -77.49 -60.87 41.77
C GLU L 200 -76.25 -60.83 42.64
N GLY L 201 -76.27 -59.94 43.64
CA GLY L 201 -75.14 -59.72 44.52
C GLY L 201 -74.59 -58.31 44.40
N GLY L 202 -75.44 -57.34 44.11
CA GLY L 202 -75.01 -55.98 43.95
C GLY L 202 -76.17 -55.02 44.08
N ASN L 203 -75.91 -53.77 43.70
CA ASN L 203 -76.90 -52.69 43.74
C ASN L 203 -77.03 -52.05 42.37
N ASP L 204 -77.99 -51.13 42.27
CA ASP L 204 -78.31 -50.48 41.01
C ASP L 204 -77.10 -49.74 40.45
N GLY L 205 -76.64 -48.71 41.15
CA GLY L 205 -75.53 -47.89 40.72
C GLY L 205 -75.89 -46.42 40.75
N CYS L 206 -77.13 -46.11 40.38
CA CYS L 206 -77.69 -44.78 40.55
C CYS L 206 -78.31 -44.58 41.94
N THR L 207 -78.33 -45.62 42.78
CA THR L 207 -78.95 -45.59 44.10
C THR L 207 -77.85 -45.57 45.16
N SER L 208 -78.13 -44.89 46.26
CA SER L 208 -77.18 -44.75 47.38
C SER L 208 -75.93 -44.01 46.91
N ILE L 209 -76.16 -42.92 46.18
CA ILE L 209 -75.10 -42.05 45.70
C ILE L 209 -74.71 -41.12 46.85
N THR L 210 -73.51 -41.30 47.38
CA THR L 210 -73.10 -40.72 48.66
C THR L 210 -71.89 -39.81 48.51
N ASN L 211 -71.72 -38.95 49.53
CA ASN L 211 -70.67 -37.94 49.50
C ASN L 211 -69.27 -38.57 49.45
N GLU L 212 -69.04 -39.61 50.26
CA GLU L 212 -67.74 -40.26 50.26
C GLU L 212 -67.43 -40.89 48.90
N SER L 213 -68.46 -41.36 48.21
CA SER L 213 -68.25 -41.99 46.91
C SER L 213 -67.82 -40.94 45.87
N TYR L 214 -68.48 -39.78 45.85
CA TYR L 214 -67.96 -38.65 45.08
C TYR L 214 -66.55 -38.28 45.48
N LEU L 215 -66.25 -38.26 46.77
CA LEU L 215 -64.92 -37.79 47.14
C LEU L 215 -63.86 -38.75 46.62
N LYS L 216 -64.16 -40.06 46.66
CA LYS L 216 -63.28 -41.02 45.99
C LYS L 216 -63.16 -40.69 44.51
N ALA L 217 -64.30 -40.44 43.85
CA ALA L 217 -64.28 -40.20 42.41
C ALA L 217 -63.48 -38.95 42.07
N LEU L 218 -63.61 -37.90 42.88
CA LEU L 218 -62.84 -36.69 42.70
C LEU L 218 -61.35 -36.96 42.83
N GLU L 219 -60.98 -37.80 43.80
CA GLU L 219 -59.58 -38.21 43.90
C GLU L 219 -59.16 -39.00 42.66
N GLU L 220 -60.06 -39.83 42.11
CA GLU L 220 -59.77 -40.51 40.86
C GLU L 220 -59.75 -39.53 39.69
N PHE L 221 -60.50 -38.44 39.77
CA PHE L 221 -60.45 -37.44 38.71
C PHE L 221 -59.21 -36.55 38.81
N GLU L 222 -58.47 -36.60 39.92
CA GLU L 222 -57.19 -35.90 40.00
C GLU L 222 -56.12 -36.50 39.11
N ARG L 223 -56.38 -37.67 38.49
CA ARG L 223 -55.45 -38.23 37.52
C ARG L 223 -55.10 -37.23 36.43
N TYR L 224 -56.10 -36.57 35.85
CA TYR L 224 -55.93 -35.78 34.64
C TYR L 224 -56.38 -34.34 34.89
N SER L 225 -56.17 -33.49 33.87
CA SER L 225 -56.52 -32.08 33.90
C SER L 225 -57.76 -31.86 33.05
N PHE L 226 -58.63 -30.95 33.48
CA PHE L 226 -59.91 -30.70 32.84
C PHE L 226 -60.10 -29.23 32.56
N ASP L 227 -60.72 -28.92 31.42
CA ASP L 227 -61.16 -27.56 31.17
C ASP L 227 -62.27 -27.17 32.14
N SER L 228 -63.13 -28.13 32.51
CA SER L 228 -64.22 -27.85 33.43
C SER L 228 -64.67 -29.14 34.09
N PHE L 229 -65.29 -28.99 35.26
CA PHE L 229 -65.90 -30.09 36.00
C PHE L 229 -67.38 -29.79 36.19
N VAL L 230 -68.20 -30.85 36.15
CA VAL L 230 -69.64 -30.70 36.00
C VAL L 230 -70.46 -31.31 37.12
N LEU L 231 -69.87 -32.16 37.98
CA LEU L 231 -70.51 -32.83 39.11
C LEU L 231 -71.54 -33.88 38.68
N ASP L 232 -71.70 -34.13 37.37
CA ASP L 232 -72.65 -35.12 36.85
C ASP L 232 -74.09 -34.71 37.20
N GLY L 233 -74.35 -33.41 37.27
CA GLY L 233 -75.71 -32.93 37.37
C GLY L 233 -76.46 -33.37 38.62
N VAL L 234 -75.83 -33.28 39.79
CA VAL L 234 -76.46 -33.59 41.07
C VAL L 234 -76.46 -32.31 41.89
N ALA L 235 -77.65 -31.88 42.31
CA ALA L 235 -77.86 -30.58 42.93
C ALA L 235 -77.79 -30.63 44.46
N ASP L 236 -77.22 -31.68 45.04
CA ASP L 236 -77.09 -31.75 46.49
C ASP L 236 -76.15 -30.64 46.97
N GLU L 237 -76.57 -29.94 48.03
CA GLU L 237 -75.77 -28.83 48.54
C GLU L 237 -74.44 -29.30 49.11
N ALA L 238 -74.46 -30.43 49.85
CA ALA L 238 -73.21 -30.95 50.41
C ALA L 238 -72.24 -31.32 49.31
N LEU L 239 -72.72 -31.92 48.23
CA LEU L 239 -71.85 -32.29 47.12
C LEU L 239 -71.28 -31.06 46.43
N GLN L 240 -72.11 -30.04 46.25
CA GLN L 240 -71.63 -28.78 45.67
C GLN L 240 -70.54 -28.18 46.54
N GLU L 241 -70.73 -28.19 47.86
CA GLU L 241 -69.73 -27.64 48.77
C GLU L 241 -68.42 -28.44 48.71
N THR L 242 -68.54 -29.78 48.69
CA THR L 242 -67.33 -30.61 48.64
C THR L 242 -66.56 -30.39 47.35
N THR L 243 -67.26 -30.35 46.21
CA THR L 243 -66.58 -30.10 44.95
C THR L 243 -66.02 -28.69 44.90
N LYS L 244 -66.70 -27.73 45.54
CA LYS L 244 -66.19 -26.37 45.60
C LYS L 244 -64.86 -26.32 46.35
N ALA L 245 -64.79 -26.97 47.51
CA ALA L 245 -63.55 -27.03 48.25
C ALA L 245 -62.47 -27.77 47.46
N TRP L 246 -62.88 -28.82 46.72
CA TRP L 246 -61.94 -29.56 45.89
C TRP L 246 -61.31 -28.67 44.83
N VAL L 247 -62.13 -27.92 44.09
CA VAL L 247 -61.59 -27.09 43.02
C VAL L 247 -60.79 -25.93 43.60
N ALA L 248 -61.20 -25.42 44.77
CA ALA L 248 -60.41 -24.38 45.42
C ALA L 248 -59.03 -24.89 45.81
N LYS L 249 -58.97 -26.11 46.35
CA LYS L 249 -57.69 -26.73 46.68
C LYS L 249 -56.85 -26.91 45.41
N ASN L 250 -57.48 -27.35 44.32
CA ASN L 250 -56.74 -27.54 43.08
C ASN L 250 -56.19 -26.22 42.56
N LYS L 251 -57.00 -25.16 42.61
CA LYS L 251 -56.54 -23.85 42.15
C LYS L 251 -55.38 -23.35 43.01
N GLU L 252 -55.48 -23.55 44.33
CA GLU L 252 -54.36 -23.20 45.19
C GLU L 252 -53.12 -24.01 44.84
N LEU L 253 -53.30 -25.28 44.48
CA LEU L 253 -52.19 -26.10 44.02
C LEU L 253 -51.70 -25.65 42.64
N GLY L 254 -52.56 -25.04 41.84
CA GLY L 254 -52.24 -24.58 40.51
C GLY L 254 -53.07 -25.21 39.41
N LYS L 255 -53.74 -26.32 39.70
CA LYS L 255 -54.61 -26.95 38.72
C LYS L 255 -55.92 -26.17 38.63
N ASP L 256 -56.20 -25.62 37.46
CA ASP L 256 -57.38 -24.79 37.25
C ASP L 256 -58.52 -25.65 36.73
N ILE L 257 -59.60 -25.75 37.51
CA ILE L 257 -60.80 -26.48 37.14
C ILE L 257 -61.97 -25.51 37.23
N LEU L 258 -62.78 -25.46 36.18
CA LEU L 258 -63.95 -24.60 36.12
C LEU L 258 -65.17 -25.45 36.49
N LEU L 259 -65.75 -25.18 37.65
CA LEU L 259 -66.85 -25.98 38.17
C LEU L 259 -68.18 -25.42 37.68
N PHE L 260 -69.07 -26.33 37.25
CA PHE L 260 -70.41 -26.00 36.78
C PHE L 260 -71.43 -26.72 37.64
N LEU L 261 -72.51 -26.03 38.00
CA LEU L 261 -73.50 -26.55 38.92
C LEU L 261 -74.88 -26.07 38.47
N GLY L 262 -75.90 -26.41 39.25
CA GLY L 262 -77.24 -25.91 38.97
C GLY L 262 -78.12 -26.01 40.19
N GLY L 263 -79.06 -25.06 40.29
CA GLY L 263 -80.01 -25.08 41.38
C GLY L 263 -81.10 -26.11 41.18
N LYS L 264 -81.86 -26.34 42.25
CA LYS L 264 -82.96 -27.29 42.23
C LYS L 264 -84.19 -26.63 41.60
N THR L 265 -85.25 -27.43 41.45
CA THR L 265 -86.51 -26.91 40.93
C THR L 265 -87.32 -26.18 41.99
N GLU L 266 -87.10 -26.48 43.27
CA GLU L 266 -87.89 -25.86 44.33
C GLU L 266 -87.56 -24.39 44.49
N ASP L 267 -86.33 -23.99 44.19
CA ASP L 267 -85.89 -22.63 44.45
C ASP L 267 -86.67 -21.63 43.62
N ASN L 268 -87.16 -20.58 44.28
CA ASN L 268 -87.80 -19.47 43.59
C ASN L 268 -86.73 -18.51 43.08
N ILE L 269 -87.17 -17.41 42.46
CA ILE L 269 -86.24 -16.49 41.81
C ILE L 269 -85.33 -15.84 42.84
N LYS L 270 -85.89 -15.40 43.97
CA LYS L 270 -85.08 -14.80 45.01
C LYS L 270 -84.11 -15.81 45.61
N GLN L 271 -84.57 -17.05 45.82
CA GLN L 271 -83.72 -18.07 46.41
C GLN L 271 -82.53 -18.39 45.50
N ILE L 272 -82.77 -18.54 44.20
CA ILE L 272 -81.66 -18.85 43.29
C ILE L 272 -80.71 -17.66 43.18
N ASN L 273 -81.25 -16.43 43.21
CA ASN L 273 -80.38 -15.26 43.20
C ASN L 273 -79.49 -15.24 44.43
N ASP L 274 -80.06 -15.53 45.60
CA ASP L 274 -79.27 -15.58 46.83
C ASP L 274 -78.25 -16.71 46.79
N LYS L 275 -78.62 -17.86 46.21
CA LYS L 275 -77.68 -18.96 46.07
C LYS L 275 -76.50 -18.56 45.21
N SER L 276 -76.76 -17.86 44.11
CA SER L 276 -75.66 -17.41 43.25
C SER L 276 -74.78 -16.40 43.97
N LYS L 277 -75.38 -15.43 44.67
CA LYS L 277 -74.57 -14.48 45.41
C LYS L 277 -73.78 -15.16 46.53
N SER L 278 -74.27 -16.29 47.04
CA SER L 278 -73.50 -17.05 48.03
C SER L 278 -72.18 -17.52 47.44
N PHE L 279 -72.22 -18.04 46.21
CA PHE L 279 -70.99 -18.36 45.50
C PHE L 279 -70.33 -17.08 45.01
N ASN L 280 -69.12 -16.83 45.48
CA ASN L 280 -68.29 -15.70 45.04
C ASN L 280 -66.92 -16.19 44.62
N ASP L 281 -66.92 -17.24 43.80
CA ASP L 281 -65.70 -17.86 43.28
C ASP L 281 -65.59 -17.59 41.79
N GLU L 282 -64.35 -17.36 41.33
CA GLU L 282 -64.14 -17.07 39.90
C GLU L 282 -64.49 -18.27 39.04
N ASN L 283 -64.20 -19.48 39.50
CA ASN L 283 -64.29 -20.69 38.68
C ASN L 283 -65.40 -21.61 39.18
N ILE L 284 -66.55 -21.01 39.53
CA ILE L 284 -67.77 -21.76 39.85
C ILE L 284 -68.91 -21.14 39.06
N VAL L 285 -69.76 -21.98 38.49
CA VAL L 285 -70.89 -21.56 37.67
C VAL L 285 -72.12 -22.34 38.09
N ASN L 286 -73.27 -21.66 38.12
CA ASN L 286 -74.55 -22.27 38.46
C ASN L 286 -75.59 -21.92 37.40
N VAL L 287 -76.42 -22.91 37.07
CA VAL L 287 -77.55 -22.74 36.16
C VAL L 287 -78.83 -22.73 37.00
N GLY L 288 -79.62 -21.67 36.85
CA GLY L 288 -80.83 -21.49 37.63
C GLY L 288 -82.12 -21.71 36.87
N SER L 289 -82.08 -22.50 35.80
CA SER L 289 -83.25 -22.72 34.96
C SER L 289 -83.19 -24.11 34.35
N SER L 290 -84.28 -24.86 34.51
CA SER L 290 -84.39 -26.17 33.90
C SER L 290 -84.79 -26.05 32.43
N ALA L 291 -84.60 -27.15 31.69
CA ALA L 291 -84.83 -27.16 30.25
C ALA L 291 -85.49 -28.47 29.84
N TYR L 292 -86.03 -28.47 28.62
CA TYR L 292 -86.68 -29.62 28.01
C TYR L 292 -86.10 -29.80 26.62
N TYR L 293 -85.76 -31.05 26.26
CA TYR L 293 -85.20 -31.32 24.94
C TYR L 293 -85.59 -32.73 24.54
N GLU L 294 -86.08 -32.87 23.30
CA GLU L 294 -86.73 -34.10 22.84
C GLU L 294 -87.85 -34.52 23.80
N ASN L 295 -88.58 -33.52 24.31
CA ASN L 295 -89.71 -33.67 25.22
C ASN L 295 -89.32 -34.25 26.59
N ILE L 296 -88.02 -34.41 26.86
CA ILE L 296 -87.53 -34.96 28.12
C ILE L 296 -87.00 -33.80 28.95
N LYS L 297 -87.32 -33.80 30.24
CA LYS L 297 -86.93 -32.70 31.10
C LYS L 297 -85.51 -32.90 31.61
N TYR L 298 -84.81 -31.78 31.80
CA TYR L 298 -83.50 -31.71 32.43
C TYR L 298 -83.52 -30.62 33.49
N THR L 299 -83.23 -31.01 34.73
CA THR L 299 -83.16 -30.05 35.82
C THR L 299 -81.97 -29.13 35.60
N PRO L 300 -81.93 -27.96 36.25
CA PRO L 300 -80.84 -27.01 35.97
C PRO L 300 -79.46 -27.58 36.22
N SER L 301 -79.34 -28.50 37.18
CA SER L 301 -78.06 -29.14 37.41
C SER L 301 -77.70 -30.09 36.27
N GLU L 302 -78.69 -30.85 35.77
CA GLU L 302 -78.45 -31.68 34.60
C GLU L 302 -78.13 -30.83 33.37
N VAL L 303 -78.85 -29.72 33.19
CA VAL L 303 -78.57 -28.82 32.06
C VAL L 303 -77.17 -28.22 32.19
N ALA L 304 -76.68 -28.08 33.43
CA ALA L 304 -75.33 -27.56 33.62
C ALA L 304 -74.28 -28.45 32.96
N VAL L 305 -74.57 -29.74 32.78
CA VAL L 305 -73.66 -30.62 32.06
C VAL L 305 -73.46 -30.13 30.63
N TYR L 306 -74.57 -29.88 29.92
CA TYR L 306 -74.47 -29.37 28.55
C TYR L 306 -73.85 -27.99 28.53
N ILE L 307 -74.19 -27.15 29.52
CA ILE L 307 -73.64 -25.80 29.55
C ILE L 307 -72.12 -25.85 29.69
N ALA L 308 -71.63 -26.68 30.60
CA ALA L 308 -70.19 -26.84 30.77
C ALA L 308 -69.57 -27.41 29.51
N ALA L 309 -70.24 -28.39 28.89
CA ALA L 309 -69.71 -29.00 27.68
C ALA L 309 -69.57 -27.98 26.56
N LEU L 310 -70.57 -27.13 26.38
CA LEU L 310 -70.48 -26.10 25.35
C LEU L 310 -69.42 -25.06 25.70
N SER L 311 -69.29 -24.72 26.98
CA SER L 311 -68.26 -23.77 27.40
C SER L 311 -66.87 -24.32 27.08
N VAL L 312 -66.66 -25.61 27.35
CA VAL L 312 -65.37 -26.22 27.08
C VAL L 312 -65.15 -26.36 25.57
N SER L 313 -66.21 -26.69 24.83
CA SER L 313 -66.09 -26.82 23.37
C SER L 313 -65.70 -25.50 22.73
N LYS L 314 -66.35 -24.41 23.13
CA LYS L 314 -65.91 -23.09 22.69
C LYS L 314 -64.50 -22.82 23.18
N GLY L 315 -64.23 -23.11 24.45
CA GLY L 315 -62.93 -22.88 25.03
C GLY L 315 -62.48 -21.45 24.88
N ILE L 316 -61.50 -21.23 24.00
CA ILE L 316 -61.05 -19.90 23.62
C ILE L 316 -61.50 -19.68 22.19
N THR L 317 -61.54 -18.41 21.78
CA THR L 317 -62.12 -17.98 20.50
C THR L 317 -63.62 -18.21 20.46
N GLY L 318 -64.27 -18.23 21.61
CA GLY L 318 -65.70 -18.46 21.66
C GLY L 318 -66.26 -18.12 23.01
N SER L 319 -67.59 -18.03 23.05
CA SER L 319 -68.31 -17.72 24.28
C SER L 319 -69.72 -18.27 24.13
N ILE L 320 -70.42 -18.37 25.26
CA ILE L 320 -71.75 -18.95 25.30
C ILE L 320 -72.75 -17.93 25.82
N CYS L 321 -72.50 -16.65 25.53
CA CYS L 321 -73.39 -15.59 26.00
C CYS L 321 -74.79 -15.74 25.40
N ASN L 322 -74.86 -15.94 24.09
CA ASN L 322 -76.13 -16.15 23.39
C ASN L 322 -75.98 -17.26 22.37
N ALA L 323 -75.35 -18.36 22.77
CA ALA L 323 -75.17 -19.49 21.87
C ALA L 323 -76.48 -20.21 21.65
N LYS L 324 -76.64 -20.77 20.45
CA LYS L 324 -77.85 -21.49 20.05
C LYS L 324 -77.82 -22.86 20.69
N THR L 325 -78.42 -22.97 21.87
CA THR L 325 -78.47 -24.26 22.57
C THR L 325 -79.52 -25.16 21.93
N ILE L 326 -79.28 -26.47 22.03
CA ILE L 326 -80.17 -27.45 21.40
C ILE L 326 -81.52 -27.52 22.09
N PHE L 327 -81.64 -27.02 23.32
CA PHE L 327 -82.87 -27.17 24.07
C PHE L 327 -84.00 -26.38 23.41
N GLU L 328 -85.21 -26.94 23.46
CA GLU L 328 -86.37 -26.37 22.79
C GLU L 328 -87.36 -25.71 23.75
N GLU L 329 -87.12 -25.73 25.06
CA GLU L 329 -87.98 -25.03 26.00
C GLU L 329 -87.24 -24.92 27.32
N VAL L 330 -87.50 -23.84 28.05
CA VAL L 330 -86.88 -23.57 29.35
C VAL L 330 -87.91 -22.99 30.32
N GLU L 331 -87.49 -22.86 31.58
CA GLU L 331 -88.30 -22.34 32.66
C GLU L 331 -87.39 -22.07 33.84
N PRO L 332 -87.70 -21.07 34.70
CA PRO L 332 -88.76 -20.06 34.63
C PRO L 332 -88.34 -18.85 33.81
N ARG L 333 -89.19 -17.83 33.67
CA ARG L 333 -88.90 -16.67 32.82
C ARG L 333 -89.08 -15.39 33.62
N LEU L 334 -88.48 -14.32 33.11
CA LEU L 334 -88.31 -13.08 33.86
C LEU L 334 -88.37 -11.89 32.91
N SER L 335 -88.66 -10.72 33.48
CA SER L 335 -88.64 -9.47 32.73
C SER L 335 -87.23 -8.92 32.64
N GLN L 336 -87.04 -7.91 31.77
CA GLN L 336 -85.69 -7.39 31.54
C GLN L 336 -85.08 -6.82 32.82
N SER L 337 -85.86 -6.08 33.60
CA SER L 337 -85.35 -5.59 34.88
C SER L 337 -85.05 -6.75 35.82
N GLU L 338 -85.91 -7.77 35.81
CA GLU L 338 -85.68 -8.91 36.68
C GLU L 338 -84.49 -9.75 36.19
N VAL L 339 -84.33 -9.87 34.87
CA VAL L 339 -83.13 -10.52 34.34
C VAL L 339 -81.89 -9.73 34.71
N LYS L 340 -81.96 -8.40 34.70
CA LYS L 340 -80.84 -7.58 35.14
C LYS L 340 -80.50 -7.85 36.60
N GLU L 341 -81.52 -7.91 37.46
CA GLU L 341 -81.28 -8.19 38.87
C GLU L 341 -80.66 -9.57 39.05
N CYS L 342 -81.18 -10.56 38.33
CA CYS L 342 -80.67 -11.91 38.43
C CYS L 342 -79.23 -12.01 37.95
N LEU L 343 -78.90 -11.34 36.84
CA LEU L 343 -77.53 -11.36 36.34
C LEU L 343 -76.59 -10.64 37.30
N LYS L 344 -77.02 -9.53 37.88
CA LYS L 344 -76.22 -8.86 38.89
C LYS L 344 -75.96 -9.78 40.08
N SER L 345 -76.97 -10.57 40.46
CA SER L 345 -76.76 -11.57 41.50
C SER L 345 -75.78 -12.65 41.03
N GLY L 346 -75.69 -12.88 39.72
CA GLY L 346 -74.73 -13.81 39.16
C GLY L 346 -75.30 -15.17 38.84
N THR L 347 -76.49 -15.20 38.25
CA THR L 347 -77.16 -16.43 37.84
C THR L 347 -77.11 -16.55 36.32
N LEU L 348 -76.73 -17.73 35.84
CA LEU L 348 -76.88 -18.04 34.43
C LEU L 348 -78.31 -18.54 34.19
N VAL L 349 -78.99 -17.91 33.22
CA VAL L 349 -80.39 -18.19 32.94
C VAL L 349 -80.55 -18.40 31.44
N LEU L 350 -81.11 -19.55 31.06
CA LEU L 350 -81.46 -19.78 29.68
C LEU L 350 -82.76 -19.07 29.34
N ASP L 351 -82.92 -18.71 28.07
CA ASP L 351 -84.11 -18.03 27.60
C ASP L 351 -84.52 -18.62 26.25
N PHE L 352 -85.83 -18.61 25.99
CA PHE L 352 -86.38 -19.17 24.76
C PHE L 352 -86.63 -17.98 23.83
N ASP L 353 -85.54 -17.49 23.25
CA ASP L 353 -85.62 -16.25 22.48
C ASP L 353 -86.30 -16.47 21.13
N ASP L 354 -86.12 -17.63 20.53
CA ASP L 354 -86.81 -18.02 19.30
C ASP L 354 -87.19 -19.47 19.47
N GLY L 355 -87.51 -20.15 18.35
CA GLY L 355 -87.89 -21.55 18.42
C GLY L 355 -86.89 -22.45 19.13
N ASP L 356 -85.63 -22.05 19.18
CA ASP L 356 -84.60 -22.73 19.95
C ASP L 356 -84.11 -21.86 21.10
N VAL L 357 -83.65 -22.52 22.16
CA VAL L 357 -83.24 -21.82 23.38
C VAL L 357 -81.92 -21.10 23.14
N ILE L 358 -81.75 -19.96 23.82
CA ILE L 358 -80.54 -19.15 23.75
C ILE L 358 -80.16 -18.67 25.14
N ILE L 359 -78.86 -18.74 25.45
CA ILE L 359 -78.35 -18.25 26.73
C ILE L 359 -78.49 -16.73 26.81
N VAL L 360 -78.63 -16.22 28.03
CA VAL L 360 -78.80 -14.78 28.23
C VAL L 360 -77.46 -14.05 28.21
N ASP L 361 -76.44 -14.59 28.87
CA ASP L 361 -75.15 -13.92 29.00
C ASP L 361 -74.16 -14.92 29.58
N ASP L 362 -72.87 -14.68 29.30
CA ASP L 362 -71.80 -15.59 29.71
C ASP L 362 -71.22 -15.09 31.02
N VAL L 363 -71.92 -15.43 32.12
CA VAL L 363 -71.63 -14.90 33.44
C VAL L 363 -71.32 -16.06 34.38
N ASN L 364 -70.45 -15.79 35.34
CA ASN L 364 -70.06 -16.73 36.39
C ASN L 364 -70.57 -16.22 37.73
N THR L 365 -70.34 -17.01 38.79
CA THR L 365 -70.77 -16.62 40.13
C THR L 365 -70.01 -15.43 40.68
N PHE L 366 -68.91 -15.02 40.06
CA PHE L 366 -68.08 -13.91 40.53
C PHE L 366 -68.50 -12.58 39.92
N LYS L 367 -69.77 -12.41 39.57
CA LYS L 367 -70.24 -11.10 39.12
C LYS L 367 -70.07 -10.08 40.23
N LYS L 368 -70.34 -10.47 41.47
CA LYS L 368 -70.12 -9.56 42.59
C LYS L 368 -68.62 -9.30 42.71
N TYR L 369 -68.19 -8.19 42.14
CA TYR L 369 -66.80 -7.73 42.14
C TYR L 369 -66.64 -6.64 43.18
N VAL L 370 -65.39 -6.17 43.33
CA VAL L 370 -65.05 -5.10 44.24
C VAL L 370 -64.02 -4.20 43.55
N ASP L 371 -63.79 -3.02 44.15
CA ASP L 371 -63.04 -1.97 43.48
C ASP L 371 -61.61 -2.38 43.20
N ASP L 372 -61.01 -3.17 44.11
CA ASP L 372 -59.60 -3.55 43.93
C ASP L 372 -59.39 -4.49 42.74
N LYS L 373 -60.45 -5.12 42.24
CA LYS L 373 -60.40 -5.97 41.06
C LYS L 373 -61.25 -5.35 39.95
N ASN L 374 -61.04 -5.83 38.73
CA ASN L 374 -61.72 -5.31 37.56
C ASN L 374 -63.01 -6.09 37.29
N GLU L 375 -63.82 -5.54 36.39
CA GLU L 375 -65.11 -6.13 36.06
C GLU L 375 -65.00 -7.22 35.01
N ALA L 376 -63.94 -7.23 34.20
CA ALA L 376 -63.86 -8.15 33.08
C ALA L 376 -63.73 -9.60 33.52
N MET L 377 -63.29 -9.86 34.75
CA MET L 377 -63.01 -11.22 35.18
C MET L 377 -64.26 -11.93 35.72
N GLY L 378 -65.42 -11.26 35.72
CA GLY L 378 -66.65 -11.88 36.16
C GLY L 378 -67.41 -12.61 35.07
N TYR L 379 -66.73 -13.01 34.00
CA TYR L 379 -67.33 -13.70 32.87
C TYR L 379 -66.60 -15.01 32.62
N ILE L 380 -67.35 -16.03 32.21
CA ILE L 380 -66.78 -17.36 32.02
C ILE L 380 -65.67 -17.34 30.97
N SER L 381 -65.88 -16.56 29.90
CA SER L 381 -64.88 -16.51 28.83
C SER L 381 -63.54 -16.01 29.34
N ASN L 382 -63.56 -14.96 30.17
CA ASN L 382 -62.32 -14.42 30.71
C ASN L 382 -61.68 -15.39 31.71
N ILE L 383 -62.48 -16.11 32.49
CA ILE L 383 -61.91 -17.11 33.39
C ILE L 383 -61.22 -18.20 32.59
N MET L 384 -61.87 -18.70 31.53
CA MET L 384 -61.26 -19.75 30.72
C MET L 384 -60.00 -19.22 30.03
N PHE L 385 -60.03 -17.95 29.62
CA PHE L 385 -58.90 -17.36 28.90
C PHE L 385 -57.69 -17.17 29.83
N ILE L 386 -57.93 -16.66 31.04
CA ILE L 386 -56.86 -16.50 32.01
C ILE L 386 -56.35 -17.86 32.45
N ASN L 387 -57.25 -18.83 32.65
CA ASN L 387 -56.82 -20.17 33.05
C ASN L 387 -55.98 -20.81 31.96
N THR L 388 -56.38 -20.64 30.70
CA THR L 388 -55.62 -21.19 29.59
C THR L 388 -54.24 -20.57 29.49
N ILE L 389 -54.13 -19.25 29.71
CA ILE L 389 -52.81 -18.62 29.71
C ILE L 389 -51.96 -19.15 30.86
N ASN L 390 -52.54 -19.21 32.06
CA ASN L 390 -51.75 -19.63 33.21
C ASN L 390 -51.28 -21.06 33.04
N LYS L 391 -52.12 -21.93 32.47
CA LYS L 391 -51.70 -23.29 32.18
C LYS L 391 -50.63 -23.33 31.11
N ASP L 392 -50.86 -22.63 29.97
CA ASP L 392 -49.96 -22.73 28.83
C ASP L 392 -48.57 -22.20 29.18
N THR L 393 -48.50 -21.07 29.87
CA THR L 393 -47.22 -20.63 30.41
C THR L 393 -46.70 -21.62 31.44
N SER L 394 -47.60 -22.18 32.25
CA SER L 394 -47.20 -23.18 33.24
C SER L 394 -46.84 -24.52 32.63
N LEU L 395 -47.23 -24.78 31.37
CA LEU L 395 -46.76 -25.98 30.68
C LEU L 395 -45.30 -25.87 30.27
N LYS L 396 -44.70 -24.68 30.32
CA LYS L 396 -43.31 -24.50 29.93
C LYS L 396 -42.36 -24.83 31.08
N ARG L 397 -42.50 -26.01 31.69
CA ARG L 397 -41.51 -26.48 32.66
C ARG L 397 -40.85 -27.78 32.28
N LYS L 398 -41.33 -28.47 31.25
CA LYS L 398 -40.83 -29.82 30.99
C LYS L 398 -39.45 -29.80 30.35
N GLU L 399 -38.96 -28.61 29.93
CA GLU L 399 -37.65 -28.44 29.32
C GLU L 399 -36.96 -27.18 29.82
N PHE L 400 -37.47 -26.58 30.90
CA PHE L 400 -37.32 -25.15 31.11
C PHE L 400 -36.88 -24.80 32.52
N VAL L 401 -37.37 -25.53 33.51
CA VAL L 401 -37.05 -25.32 34.92
C VAL L 401 -36.10 -26.41 35.38
N GLY L 402 -34.97 -26.01 35.96
CA GLY L 402 -33.92 -26.93 36.31
C GLY L 402 -33.06 -27.36 35.14
N LYS L 403 -33.34 -26.85 33.93
CA LYS L 403 -32.66 -27.24 32.72
C LYS L 403 -32.14 -26.03 31.95
N ILE L 404 -32.29 -24.81 32.50
CA ILE L 404 -31.85 -23.57 31.88
C ILE L 404 -31.05 -22.78 32.91
N PHE L 405 -30.13 -21.95 32.41
CA PHE L 405 -29.33 -21.09 33.26
C PHE L 405 -30.09 -19.80 33.57
N ASN L 406 -29.59 -19.05 34.56
CA ASN L 406 -30.23 -17.82 35.04
C ASN L 406 -29.38 -16.60 34.70
N ASP L 407 -28.85 -16.57 33.49
CA ASP L 407 -28.10 -15.45 32.94
C ASP L 407 -28.93 -14.74 31.88
N ALA L 408 -28.35 -13.69 31.28
CA ALA L 408 -29.07 -12.91 30.29
C ALA L 408 -29.48 -13.77 29.10
N THR L 409 -28.64 -14.71 28.69
CA THR L 409 -28.98 -15.59 27.57
C THR L 409 -30.20 -16.42 27.90
N GLY L 410 -30.20 -17.05 29.08
CA GLY L 410 -31.33 -17.88 29.46
C GLY L 410 -32.61 -17.08 29.61
N GLN L 411 -32.52 -15.92 30.25
CA GLN L 411 -33.71 -15.08 30.41
C GLN L 411 -34.25 -14.61 29.07
N THR L 412 -33.36 -14.29 28.14
CA THR L 412 -33.81 -13.87 26.82
C THR L 412 -34.45 -15.03 26.06
N THR L 413 -33.93 -16.24 26.22
CA THR L 413 -34.62 -17.39 25.63
C THR L 413 -35.99 -17.60 26.25
N VAL L 414 -36.11 -17.35 27.56
CA VAL L 414 -37.39 -17.46 28.23
C VAL L 414 -38.38 -16.49 27.62
N ILE L 415 -37.97 -15.23 27.51
CA ILE L 415 -38.87 -14.20 26.99
C ILE L 415 -39.20 -14.49 25.53
N CYS L 416 -38.24 -15.04 24.78
CA CYS L 416 -38.51 -15.41 23.40
C CYS L 416 -39.58 -16.50 23.32
N ALA L 417 -39.48 -17.51 24.18
CA ALA L 417 -40.48 -18.58 24.15
C ALA L 417 -41.86 -18.06 24.55
N LEU L 418 -41.93 -17.24 25.60
CA LEU L 418 -43.21 -16.72 26.03
C LEU L 418 -43.81 -15.79 24.97
N LYS L 419 -42.97 -14.97 24.35
CA LYS L 419 -43.42 -14.12 23.26
C LYS L 419 -43.90 -14.97 22.08
N LYS L 420 -43.22 -16.09 21.82
CA LYS L 420 -43.67 -16.99 20.76
C LYS L 420 -45.06 -17.52 21.05
N TYR L 421 -45.30 -17.93 22.30
CA TYR L 421 -46.63 -18.42 22.64
C TYR L 421 -47.68 -17.34 22.49
N PHE L 422 -47.37 -16.12 22.92
CA PHE L 422 -48.34 -15.03 22.77
C PHE L 422 -48.57 -14.67 21.31
N GLU L 423 -47.52 -14.70 20.49
CA GLU L 423 -47.66 -14.38 19.07
C GLU L 423 -48.49 -15.43 18.35
N GLU L 424 -48.26 -16.71 18.63
CA GLU L 424 -49.14 -17.73 18.07
C GLU L 424 -50.55 -17.59 18.59
N LEU L 425 -50.72 -17.16 19.85
CA LEU L 425 -52.05 -16.90 20.39
C LEU L 425 -52.69 -15.72 19.67
N MET L 426 -51.90 -14.68 19.39
CA MET L 426 -52.41 -13.55 18.64
C MET L 426 -52.80 -13.94 17.22
N SER L 427 -52.20 -15.02 16.70
CA SER L 427 -52.48 -15.42 15.32
C SER L 427 -53.94 -15.85 15.14
N GLN L 428 -54.57 -16.39 16.19
CA GLN L 428 -55.98 -16.74 16.09
C GLN L 428 -56.90 -15.54 16.30
N GLY L 429 -56.35 -14.33 16.46
CA GLY L 429 -57.17 -13.16 16.69
C GLY L 429 -57.70 -13.01 18.10
N ILE L 430 -57.23 -13.82 19.04
CA ILE L 430 -57.73 -13.76 20.41
C ILE L 430 -57.32 -12.45 21.07
N ILE L 431 -56.18 -11.88 20.67
CA ILE L 431 -55.61 -10.70 21.30
C ILE L 431 -55.33 -9.66 20.22
N SER L 432 -55.50 -8.39 20.58
CA SER L 432 -55.19 -7.28 19.69
C SER L 432 -53.75 -6.81 19.84
N GLU L 433 -53.24 -6.77 21.07
CA GLU L 433 -51.87 -6.38 21.33
C GLU L 433 -51.40 -7.04 22.61
N PHE L 434 -50.08 -7.22 22.73
CA PHE L 434 -49.51 -7.86 23.91
C PHE L 434 -48.12 -7.31 24.15
N ASN L 435 -47.62 -7.56 25.36
CA ASN L 435 -46.27 -7.21 25.75
C ASN L 435 -45.76 -8.28 26.69
N VAL L 436 -44.49 -8.67 26.54
CA VAL L 436 -43.84 -9.60 27.44
C VAL L 436 -42.39 -9.15 27.61
N ASP L 437 -42.00 -8.85 28.84
CA ASP L 437 -40.70 -8.27 29.15
C ASP L 437 -40.29 -8.71 30.55
N ILE L 438 -39.08 -8.33 30.95
CA ILE L 438 -38.56 -8.63 32.28
C ILE L 438 -39.22 -7.68 33.28
N ASP L 439 -39.50 -8.19 34.48
CA ASP L 439 -40.06 -7.38 35.55
C ASP L 439 -38.90 -6.78 36.34
N THR L 440 -38.41 -5.65 35.83
CA THR L 440 -37.17 -5.06 36.34
C THR L 440 -37.29 -4.64 37.80
N GLU L 441 -38.44 -4.07 38.18
CA GLU L 441 -38.64 -3.58 39.54
C GLU L 441 -38.41 -4.69 40.56
N LEU L 442 -39.06 -5.82 40.35
CA LEU L 442 -38.87 -6.95 41.25
C LEU L 442 -37.55 -7.65 40.99
N GLN L 443 -37.12 -7.74 39.72
CA GLN L 443 -35.91 -8.49 39.40
C GLN L 443 -34.67 -7.88 40.03
N ALA L 444 -34.69 -6.57 40.28
CA ALA L 444 -33.56 -5.95 40.96
C ALA L 444 -33.37 -6.53 42.35
N THR L 445 -34.46 -6.77 43.08
CA THR L 445 -34.42 -7.36 44.41
C THR L 445 -34.46 -8.88 44.39
N ALA L 446 -34.41 -9.50 43.21
CA ALA L 446 -34.54 -10.95 43.12
C ALA L 446 -33.35 -11.67 43.76
N LYS L 447 -33.63 -12.87 44.24
CA LYS L 447 -32.58 -13.82 44.59
C LYS L 447 -32.01 -14.42 43.31
N ALA L 448 -30.82 -15.03 43.43
CA ALA L 448 -30.10 -15.53 42.27
C ALA L 448 -30.91 -16.53 41.47
N ASP L 449 -31.64 -17.41 42.15
CA ASP L 449 -32.42 -18.44 41.46
C ASP L 449 -33.69 -17.89 40.84
N GLU L 450 -34.28 -16.88 41.47
CA GLU L 450 -35.58 -16.37 41.03
C GLU L 450 -35.43 -15.64 39.70
N PHE L 451 -36.43 -15.83 38.83
CA PHE L 451 -36.59 -15.04 37.61
C PHE L 451 -37.99 -14.45 37.60
N TYR L 452 -38.08 -13.16 37.30
CA TYR L 452 -39.35 -12.43 37.41
C TYR L 452 -39.66 -11.84 36.05
N TRP L 453 -40.89 -12.01 35.58
CA TRP L 453 -41.33 -11.41 34.33
C TRP L 453 -42.76 -10.91 34.48
N LYS L 454 -43.18 -10.12 33.49
CA LYS L 454 -44.52 -9.54 33.46
C LYS L 454 -45.03 -9.58 32.02
N TRP L 455 -46.36 -9.55 31.88
CA TRP L 455 -46.99 -9.54 30.57
C TRP L 455 -48.26 -8.72 30.59
N ASP L 456 -48.59 -8.16 29.43
CA ASP L 456 -49.81 -7.40 29.21
C ASP L 456 -50.53 -8.01 28.01
N ALA L 457 -51.83 -7.84 27.96
CA ALA L 457 -52.60 -8.24 26.79
C ALA L 457 -53.87 -7.42 26.72
N VAL L 458 -54.46 -7.39 25.53
CA VAL L 458 -55.72 -6.71 25.29
C VAL L 458 -56.61 -7.64 24.47
N LYS L 459 -57.59 -8.25 25.12
CA LYS L 459 -58.50 -9.13 24.40
C LYS L 459 -59.29 -8.36 23.35
N VAL L 460 -59.53 -9.00 22.22
CA VAL L 460 -60.31 -8.38 21.15
C VAL L 460 -61.75 -8.24 21.60
N ASP L 461 -62.35 -7.10 21.27
CA ASP L 461 -63.72 -6.83 21.66
C ASP L 461 -64.68 -7.64 20.81
N VAL L 462 -65.77 -8.08 21.43
CA VAL L 462 -66.84 -8.84 20.78
C VAL L 462 -68.13 -8.07 20.98
N MET L 463 -68.86 -7.85 19.90
CA MET L 463 -70.14 -7.15 19.99
C MET L 463 -71.10 -7.94 20.86
N LYS L 464 -71.68 -7.25 21.84
CA LYS L 464 -72.77 -7.78 22.65
C LYS L 464 -74.01 -6.91 22.61
N LYS L 465 -73.85 -5.59 22.69
CA LYS L 465 -74.95 -4.64 22.71
C LYS L 465 -74.91 -3.81 21.43
N ILE L 466 -76.06 -3.71 20.77
CA ILE L 466 -76.20 -3.02 19.49
C ILE L 466 -77.47 -2.19 19.56
N TYR L 467 -77.37 -0.89 19.30
CA TYR L 467 -78.52 0.01 19.40
C TYR L 467 -78.73 0.65 18.03
N GLY L 468 -79.97 0.60 17.54
CA GLY L 468 -80.33 1.21 16.28
C GLY L 468 -81.35 2.32 16.44
N THR L 469 -81.04 3.51 15.93
CA THR L 469 -81.90 4.68 16.03
C THR L 469 -82.66 4.83 14.71
N GLY L 470 -83.97 4.62 14.75
CA GLY L 470 -84.78 4.69 13.55
C GLY L 470 -85.34 6.07 13.28
N TYR L 471 -85.67 6.29 12.01
CA TYR L 471 -86.30 7.52 11.55
C TYR L 471 -87.19 7.18 10.36
N LEU L 472 -88.12 8.08 10.06
CA LEU L 472 -89.07 7.84 8.97
C LEU L 472 -89.53 9.13 8.30
N ILE M 7 39.06 30.28 1.96
CA ILE M 7 40.23 31.14 2.31
C ILE M 7 39.90 31.97 3.54
N GLU M 8 38.91 32.85 3.41
CA GLU M 8 38.66 33.87 4.42
C GLU M 8 38.09 33.23 5.68
N GLU M 9 38.83 33.32 6.78
CA GLU M 9 38.36 32.82 8.07
C GLU M 9 37.11 33.53 8.53
N ALA M 10 36.97 34.81 8.21
CA ALA M 10 35.90 35.61 8.79
C ALA M 10 34.52 35.28 8.24
N SER M 11 34.45 34.60 7.08
CA SER M 11 33.16 34.35 6.47
C SER M 11 32.36 33.31 7.24
N PHE M 12 33.04 32.40 7.94
CA PHE M 12 32.33 31.36 8.68
C PHE M 12 31.55 31.95 9.85
N LEU M 13 30.39 31.36 10.10
CA LEU M 13 29.45 31.82 11.11
C LEU M 13 29.25 30.73 12.13
N ASN M 14 29.44 31.06 13.41
CA ASN M 14 29.30 30.10 14.49
C ASN M 14 27.88 30.10 15.01
N GLY M 15 27.50 29.02 15.67
CA GLY M 15 26.21 28.96 16.30
C GLY M 15 26.04 29.95 17.43
N SER M 16 27.14 30.42 18.02
CA SER M 16 27.09 31.36 19.13
C SER M 16 26.60 32.74 18.73
N ASP M 17 26.56 33.06 17.44
CA ASP M 17 26.12 34.36 16.96
C ASP M 17 24.63 34.36 16.61
N VAL M 18 23.84 33.61 17.36
CA VAL M 18 22.45 33.31 17.04
C VAL M 18 21.55 33.88 18.12
N VAL M 19 20.48 34.56 17.71
CA VAL M 19 19.44 35.01 18.61
C VAL M 19 18.09 34.68 17.99
N ILE M 20 17.21 34.08 18.77
CA ILE M 20 15.92 33.56 18.31
C ILE M 20 14.81 34.30 19.04
N LEU M 21 13.79 34.73 18.29
CA LEU M 21 12.63 35.41 18.83
C LEU M 21 11.39 34.57 18.52
N ILE M 22 10.72 34.11 19.56
CA ILE M 22 9.46 33.37 19.43
C ILE M 22 8.34 34.33 19.78
N ASP M 23 7.54 34.72 18.78
CA ASP M 23 6.43 35.64 18.97
C ASP M 23 6.92 36.96 19.55
N GLY M 24 8.09 37.41 19.11
CA GLY M 24 8.61 38.71 19.44
C GLY M 24 9.45 38.79 20.71
N VAL M 25 9.50 37.72 21.51
CA VAL M 25 10.27 37.69 22.74
C VAL M 25 11.44 36.74 22.55
N GLU M 26 12.62 37.17 22.97
CA GLU M 26 13.84 36.42 22.72
C GLU M 26 13.84 35.10 23.49
N GLU M 27 14.32 34.05 22.83
CA GLU M 27 14.48 32.73 23.42
C GLU M 27 15.96 32.47 23.61
N LEU M 28 16.36 32.23 24.87
CA LEU M 28 17.77 32.18 25.24
C LEU M 28 18.29 30.77 25.45
N TYR M 29 17.43 29.82 25.79
CA TYR M 29 17.83 28.48 26.22
C TYR M 29 17.65 27.44 25.13
N MET M 30 17.94 27.80 23.88
CA MET M 30 17.81 26.91 22.75
C MET M 30 19.16 26.30 22.38
N GLU M 31 19.11 25.03 21.96
CA GLU M 31 20.29 24.26 21.60
C GLU M 31 20.50 24.18 20.09
N GLU M 32 19.43 24.00 19.32
CA GLU M 32 19.55 23.99 17.87
C GLU M 32 18.20 24.32 17.26
N ILE M 33 18.24 24.74 15.99
CA ILE M 33 17.07 25.12 15.23
C ILE M 33 17.26 24.71 13.78
N LYS M 34 16.15 24.32 13.15
CA LYS M 34 16.13 23.90 11.76
C LYS M 34 14.90 24.50 11.09
N ALA M 35 15.02 24.80 9.81
CA ALA M 35 13.86 25.25 9.03
C ALA M 35 14.14 24.99 7.57
N ASP M 36 13.19 24.32 6.90
CA ASP M 36 13.29 24.00 5.49
C ASP M 36 11.99 24.37 4.80
N PHE M 37 12.11 24.77 3.54
CA PHE M 37 10.99 25.14 2.68
C PHE M 37 11.00 24.18 1.49
N GLU M 38 10.13 23.19 1.52
CA GLU M 38 10.24 22.00 0.68
C GLU M 38 9.26 22.03 -0.47
N GLN M 39 9.71 21.60 -1.65
CA GLN M 39 8.85 21.42 -2.80
C GLN M 39 8.00 20.16 -2.68
N ASP M 40 6.84 20.20 -3.32
CA ASP M 40 6.15 18.98 -3.76
C ASP M 40 6.43 18.79 -5.26
N GLU M 41 7.69 18.47 -5.55
CA GLU M 41 8.19 18.48 -6.91
C GLU M 41 7.41 17.52 -7.80
N GLN M 42 7.00 18.02 -8.97
CA GLN M 42 6.17 17.28 -9.90
C GLN M 42 7.06 16.69 -10.99
N SER M 43 7.02 15.37 -11.14
CA SER M 43 7.78 14.67 -12.16
C SER M 43 6.93 14.48 -13.40
N ILE M 44 7.52 14.77 -14.55
CA ILE M 44 6.85 14.72 -15.84
C ILE M 44 7.65 13.81 -16.76
N LYS M 45 6.98 12.86 -17.39
CA LYS M 45 7.57 12.01 -18.42
C LYS M 45 6.81 12.26 -19.72
N LEU M 46 7.55 12.46 -20.80
CA LEU M 46 6.99 12.76 -22.10
C LEU M 46 7.30 11.63 -23.08
N LEU M 47 6.44 11.52 -24.09
CA LEU M 47 6.55 10.41 -25.02
C LEU M 47 7.77 10.54 -25.92
N GLY M 48 8.05 11.74 -26.40
CA GLY M 48 9.18 11.92 -27.29
C GLY M 48 10.52 12.09 -26.62
N CYS M 49 10.56 12.19 -25.30
CA CYS M 49 11.75 12.57 -24.56
C CYS M 49 12.09 11.49 -23.55
N GLN M 50 13.40 11.31 -23.32
CA GLN M 50 13.91 10.18 -22.55
C GLN M 50 14.50 10.60 -21.20
N ASN M 51 14.12 11.77 -20.69
CA ASN M 51 14.50 12.15 -19.33
C ASN M 51 13.31 12.82 -18.66
N GLU M 52 13.24 12.69 -17.34
CA GLU M 52 12.14 13.26 -16.59
C GLU M 52 12.28 14.77 -16.52
N ILE M 53 11.14 15.46 -16.61
CA ILE M 53 11.05 16.90 -16.43
C ILE M 53 10.46 17.17 -15.05
N SER M 54 11.13 18.03 -14.29
CA SER M 54 10.75 18.37 -12.93
C SER M 54 10.24 19.79 -12.88
N ARG M 55 9.13 19.99 -12.18
CA ARG M 55 8.49 21.29 -12.05
C ARG M 55 8.20 21.57 -10.58
N VAL M 56 8.08 22.85 -10.25
CA VAL M 56 7.86 23.26 -8.87
C VAL M 56 6.41 23.02 -8.50
N GLY M 57 6.21 22.34 -7.39
CA GLY M 57 4.89 22.15 -6.81
C GLY M 57 4.65 23.10 -5.65
N THR M 58 3.65 22.76 -4.85
CA THR M 58 3.32 23.57 -3.70
C THR M 58 4.43 23.51 -2.67
N THR M 59 4.69 24.64 -2.02
CA THR M 59 5.76 24.77 -1.05
C THR M 59 5.19 24.65 0.36
N LYS M 60 5.87 23.86 1.19
CA LYS M 60 5.54 23.71 2.60
C LYS M 60 6.79 23.99 3.42
N GLY M 61 6.57 24.57 4.60
CA GLY M 61 7.64 24.85 5.54
C GLY M 61 7.57 23.88 6.71
N SER M 62 8.74 23.43 7.15
CA SER M 62 8.88 22.58 8.33
C SER M 62 10.04 23.08 9.17
N PHE M 63 9.83 23.17 10.47
CA PHE M 63 10.85 23.60 11.41
C PHE M 63 10.94 22.61 12.56
N SER M 64 12.13 22.54 13.16
CA SER M 64 12.33 21.89 14.44
C SER M 64 13.17 22.80 15.31
N LEU M 65 13.01 22.65 16.62
CA LEU M 65 13.51 23.63 17.57
C LEU M 65 13.75 22.92 18.90
N ASN M 66 15.01 22.62 19.18
CA ASN M 66 15.41 21.87 20.37
C ASN M 66 16.07 22.82 21.36
N GLY M 67 15.76 22.63 22.64
CA GLY M 67 16.30 23.51 23.65
C GLY M 67 16.18 22.91 25.03
N TYR M 68 16.39 23.78 26.02
CA TYR M 68 16.35 23.43 27.43
C TYR M 68 15.12 24.05 28.07
N LYS M 69 14.41 23.25 28.86
CA LYS M 69 13.16 23.69 29.45
C LYS M 69 13.42 24.61 30.63
N THR M 70 12.80 25.78 30.58
CA THR M 70 12.81 26.74 31.68
C THR M 70 11.43 27.26 32.02
N ASP M 71 10.42 26.94 31.23
CA ASP M 71 9.05 27.39 31.48
C ASP M 71 8.12 26.49 30.68
N SER M 72 6.82 26.71 30.86
CA SER M 72 5.79 26.00 30.11
C SER M 72 5.30 26.82 28.93
N LYS M 73 6.23 27.53 28.29
CA LYS M 73 5.86 28.45 27.20
C LYS M 73 5.15 27.72 26.07
N PHE M 74 5.70 26.58 25.65
CA PHE M 74 5.13 25.88 24.51
C PHE M 74 3.84 25.16 24.88
N ALA M 75 3.70 24.73 26.13
CA ALA M 75 2.44 24.12 26.56
C ALA M 75 1.30 25.14 26.60
N LYS M 76 1.56 26.33 27.13
CA LYS M 76 0.58 27.41 27.03
C LYS M 76 0.34 27.80 25.58
N LEU M 77 1.40 27.84 24.77
CA LEU M 77 1.29 28.27 23.40
C LEU M 77 0.34 27.38 22.62
N GLY M 78 0.27 26.10 22.99
CA GLY M 78 -0.68 25.21 22.35
C GLY M 78 -0.40 25.08 20.87
N PHE M 79 -1.47 25.03 20.09
CA PHE M 79 -1.40 24.94 18.65
C PHE M 79 -1.72 26.26 17.97
N ARG M 80 -1.66 27.37 18.70
CA ARG M 80 -1.84 28.68 18.10
C ARG M 80 -0.72 28.98 17.11
N SER M 81 -1.02 29.82 16.14
CA SER M 81 -0.02 30.26 15.18
C SER M 81 0.89 31.30 15.82
N PHE M 82 2.17 31.20 15.50
CA PHE M 82 3.17 32.15 15.99
C PHE M 82 4.21 32.36 14.89
N GLU M 83 5.14 33.27 15.16
CA GLU M 83 6.22 33.60 14.24
C GLU M 83 7.56 33.34 14.90
N ILE M 84 8.55 33.04 14.08
CA ILE M 84 9.93 32.84 14.50
C ILE M 84 10.80 33.77 13.68
N ILE M 85 11.53 34.66 14.35
CA ILE M 85 12.52 35.51 13.72
C ILE M 85 13.88 34.98 14.13
N TYR M 86 14.68 34.61 13.14
CA TYR M 86 16.00 34.01 13.34
C TYR M 86 17.05 34.93 12.78
N ASN M 87 17.96 35.40 13.63
CA ASN M 87 19.04 36.28 13.24
C ASN M 87 20.37 35.56 13.47
N LEU M 88 21.18 35.50 12.41
CA LEU M 88 22.52 34.94 12.46
C LEU M 88 23.48 36.05 12.05
N SER M 89 24.30 36.50 13.00
CA SER M 89 25.19 37.63 12.80
C SER M 89 26.62 37.17 12.63
N ASN M 90 27.40 37.99 11.92
CA ASN M 90 28.84 37.87 11.87
C ASN M 90 29.46 38.85 12.85
N SER M 91 30.58 38.45 13.45
CA SER M 91 31.32 39.27 14.39
C SER M 91 32.53 39.94 13.75
N GLU M 92 33.36 39.16 13.05
CA GLU M 92 34.53 39.75 12.38
C GLU M 92 34.09 40.72 11.29
N THR M 93 33.04 40.36 10.56
CA THR M 93 32.32 41.28 9.69
C THR M 93 31.07 41.74 10.43
N LEU M 94 30.50 42.85 9.98
CA LEU M 94 29.30 43.40 10.60
C LEU M 94 28.01 42.93 9.94
N GLY M 95 28.10 42.07 8.91
CA GLY M 95 26.91 41.61 8.24
C GLY M 95 26.12 40.62 9.07
N TYR M 96 24.84 40.48 8.72
CA TYR M 96 23.97 39.56 9.42
C TYR M 96 22.82 39.16 8.53
N GLU M 97 22.27 37.98 8.81
CA GLU M 97 21.10 37.44 8.15
C GLU M 97 19.95 37.44 9.14
N SER M 98 18.75 37.74 8.65
CA SER M 98 17.54 37.68 9.46
C SER M 98 16.43 37.04 8.64
N ILE M 99 15.81 36.01 9.21
CA ILE M 99 14.77 35.23 8.55
C ILE M 99 13.56 35.19 9.47
N ARG M 100 12.39 35.50 8.93
CA ARG M 100 11.14 35.50 9.65
C ARG M 100 10.27 34.38 9.10
N LEU M 101 10.01 33.38 9.93
CA LEU M 101 9.07 32.31 9.60
C LEU M 101 7.68 32.69 10.08
N LYS M 102 6.71 32.63 9.17
CA LYS M 102 5.36 33.12 9.41
C LYS M 102 4.38 31.96 9.54
N ASN M 103 3.35 32.18 10.36
CA ASN M 103 2.28 31.20 10.58
C ASN M 103 2.84 29.87 11.06
N CYS M 104 3.85 29.94 11.93
CA CYS M 104 4.42 28.75 12.50
C CYS M 104 3.44 28.12 13.48
N ARG M 105 3.36 26.79 13.46
CA ARG M 105 2.39 26.07 14.26
C ARG M 105 2.99 24.73 14.66
N LEU M 106 2.84 24.38 15.94
CA LEU M 106 3.44 23.16 16.46
C LEU M 106 2.69 21.94 16.01
N LYS M 107 3.43 20.89 15.63
CA LYS M 107 2.83 19.61 15.31
C LYS M 107 2.43 18.85 16.58
N LYS M 108 3.24 18.97 17.63
CA LYS M 108 2.94 18.31 18.89
C LYS M 108 3.47 19.16 20.05
N LEU M 109 2.83 19.02 21.19
CA LEU M 109 3.16 19.77 22.40
C LEU M 109 4.15 18.99 23.24
N PRO M 110 5.31 19.55 23.61
CA PRO M 110 6.22 18.79 24.49
C PRO M 110 5.81 18.91 25.96
N LEU M 111 4.77 18.15 26.33
CA LEU M 111 4.24 18.28 27.68
C LEU M 111 5.25 17.81 28.72
N ILE M 112 5.80 16.62 28.53
CA ILE M 112 6.71 16.00 29.48
C ILE M 112 7.88 15.39 28.72
N ASN M 113 9.09 15.69 29.17
CA ASN M 113 10.29 15.02 28.65
C ASN M 113 11.37 15.17 29.71
N SER M 114 11.60 14.13 30.50
CA SER M 114 12.60 14.15 31.54
C SER M 114 13.22 12.78 31.69
N LYS M 115 14.51 12.76 32.01
CA LYS M 115 15.28 11.55 32.23
C LYS M 115 15.88 11.62 33.62
N ALA M 116 16.46 10.50 34.06
CA ALA M 116 16.74 10.29 35.48
C ALA M 116 17.69 11.34 36.04
N GLY M 117 18.81 11.57 35.37
CA GLY M 117 19.86 12.44 35.87
C GLY M 117 20.36 13.47 34.88
N GLU M 118 19.56 13.75 33.86
CA GLU M 118 19.91 14.70 32.82
C GLU M 118 19.10 15.98 32.97
N ILE M 119 19.58 17.03 32.32
CA ILE M 119 18.89 18.31 32.32
C ILE M 119 17.65 18.20 31.45
N VAL M 120 16.54 18.76 31.94
CA VAL M 120 15.27 18.66 31.22
C VAL M 120 15.38 19.45 29.93
N LYS M 121 15.19 18.76 28.81
CA LYS M 121 15.24 19.35 27.49
C LYS M 121 13.85 19.37 26.88
N ILE M 122 13.66 20.30 25.95
CA ILE M 122 12.40 20.46 25.23
C ILE M 122 12.71 20.48 23.74
N GLU M 123 11.97 19.68 22.98
CA GLU M 123 12.11 19.59 21.53
C GLU M 123 10.74 19.69 20.90
N VAL M 124 10.61 20.57 19.92
CA VAL M 124 9.35 20.79 19.21
C VAL M 124 9.61 20.77 17.71
N GLU M 125 8.55 20.47 16.97
CA GLU M 125 8.56 20.50 15.52
C GLU M 125 7.23 21.06 15.05
N GLY M 126 7.22 21.55 13.82
CA GLY M 126 6.02 22.15 13.30
C GLY M 126 6.18 22.54 11.85
N SER M 127 5.23 23.33 11.38
CA SER M 127 5.16 23.77 10.00
C SER M 127 4.91 25.26 9.95
N PHE M 128 5.39 25.89 8.88
CA PHE M 128 5.17 27.30 8.63
C PHE M 128 4.79 27.50 7.16
N ARG M 129 4.06 28.58 6.91
CA ARG M 129 3.51 28.83 5.58
C ARG M 129 4.57 29.37 4.64
N GLY M 130 5.18 30.50 5.02
CA GLY M 130 6.16 31.17 4.18
C GLY M 130 7.22 31.83 5.04
N TYR M 131 8.16 32.48 4.37
CA TYR M 131 9.30 33.11 5.02
C TYR M 131 9.58 34.46 4.38
N ASP M 132 10.12 35.37 5.18
CA ASP M 132 10.62 36.66 4.73
C ASP M 132 12.09 36.74 5.06
N LEU M 133 12.91 36.97 4.03
CA LEU M 133 14.35 37.16 4.20
C LEU M 133 14.59 38.63 4.48
N LEU M 134 14.50 38.99 5.76
CA LEU M 134 14.54 40.40 6.15
C LEU M 134 15.89 41.02 5.84
N ASN M 135 16.98 40.31 6.16
CA ASN M 135 18.33 40.80 5.99
C ASN M 135 19.22 39.63 5.58
N GLU M 136 20.46 39.94 5.27
CA GLU M 136 21.32 38.97 4.60
C GLU M 136 22.79 39.39 4.56
N GLU N 13 -40.09 -21.22 49.03
CA GLU N 13 -41.03 -21.63 47.96
C GLU N 13 -40.53 -22.87 47.24
N ILE N 14 -41.29 -23.31 46.23
CA ILE N 14 -41.04 -24.55 45.51
C ILE N 14 -40.75 -24.17 44.06
N PRO N 15 -39.93 -24.91 43.31
CA PRO N 15 -39.74 -24.57 41.90
C PRO N 15 -41.04 -24.63 41.09
N GLY N 16 -41.20 -23.66 40.20
CA GLY N 16 -42.26 -23.68 39.21
C GLY N 16 -42.77 -22.29 38.88
N PHE N 17 -43.56 -22.22 37.80
CA PHE N 17 -44.31 -21.00 37.49
C PHE N 17 -45.36 -20.71 38.54
N TYR N 18 -45.55 -19.43 38.81
CA TYR N 18 -46.58 -18.93 39.73
C TYR N 18 -47.14 -17.67 39.08
N ASN N 19 -48.11 -17.87 38.18
CA ASN N 19 -48.76 -16.76 37.49
C ASN N 19 -49.81 -16.16 38.41
N ARG N 20 -49.66 -14.89 38.74
CA ARG N 20 -50.55 -14.20 39.67
C ARG N 20 -50.85 -12.81 39.11
N PHE N 21 -52.05 -12.67 38.57
CA PHE N 21 -52.55 -11.38 38.10
C PHE N 21 -52.56 -10.37 39.26
N LYS N 22 -52.09 -9.16 38.97
CA LYS N 22 -52.17 -8.03 39.89
C LYS N 22 -53.05 -6.95 39.26
N THR N 23 -53.91 -6.35 40.07
CA THR N 23 -54.82 -5.33 39.57
C THR N 23 -54.05 -4.10 39.09
N GLN N 24 -54.56 -3.47 38.04
CA GLN N 24 -53.89 -2.31 37.47
C GLN N 24 -53.90 -1.10 38.39
N ALA N 25 -54.78 -1.06 39.39
CA ALA N 25 -54.82 0.07 40.30
C ALA N 25 -53.53 0.19 41.12
N GLU N 26 -52.78 -0.89 41.27
CA GLU N 26 -51.60 -0.92 42.13
C GLU N 26 -50.34 -0.54 41.35
N LYS N 27 -50.35 0.68 40.80
CA LYS N 27 -49.19 1.18 40.05
C LYS N 27 -48.19 1.82 41.00
N SER N 28 -46.91 1.56 40.75
CA SER N 28 -45.85 2.21 41.50
C SER N 28 -45.68 3.64 41.02
N THR N 29 -45.07 4.46 41.87
CA THR N 29 -44.85 5.86 41.54
C THR N 29 -43.83 6.00 40.42
N ASN N 30 -43.58 7.24 40.02
CA ASN N 30 -42.67 7.52 38.91
C ASN N 30 -41.24 7.17 39.29
N THR N 31 -40.32 7.38 38.34
CA THR N 31 -38.91 7.10 38.52
C THR N 31 -38.03 8.34 38.50
N GLY N 32 -38.47 9.42 37.85
CA GLY N 32 -37.69 10.64 37.79
C GLY N 32 -37.80 11.47 39.05
N LEU N 33 -37.17 11.00 40.13
CA LEU N 33 -37.22 11.64 41.43
C LEU N 33 -35.81 11.82 41.97
N LYS N 34 -35.63 12.87 42.78
CA LYS N 34 -34.32 13.22 43.31
C LYS N 34 -34.53 13.98 44.62
N GLY N 35 -33.47 14.02 45.42
CA GLY N 35 -33.40 14.91 46.57
C GLY N 35 -34.04 14.34 47.82
N ARG N 36 -33.76 15.02 48.94
CA ARG N 36 -34.21 14.62 50.26
C ARG N 36 -34.91 15.79 50.95
N LEU N 37 -36.02 15.49 51.64
CA LEU N 37 -36.84 16.50 52.29
C LEU N 37 -37.21 16.07 53.70
N ALA N 38 -37.31 17.05 54.58
CA ALA N 38 -37.75 16.85 55.96
C ALA N 38 -39.20 17.27 56.12
N MET N 39 -39.87 16.66 57.09
CA MET N 39 -41.31 16.83 57.27
C MET N 39 -41.75 16.56 58.71
N PRO N 40 -41.86 17.59 59.57
CA PRO N 40 -42.41 17.35 60.92
C PRO N 40 -43.92 17.17 60.91
N ILE N 41 -44.35 16.00 60.46
CA ILE N 41 -45.77 15.77 60.19
C ILE N 41 -46.56 15.71 61.50
N ARG N 42 -47.68 16.43 61.53
CA ARG N 42 -48.65 16.35 62.64
C ARG N 42 -49.62 15.23 62.30
N ALA N 43 -49.22 14.01 62.65
CA ALA N 43 -49.99 12.81 62.33
C ALA N 43 -50.85 12.42 63.52
N ASN N 44 -52.15 12.21 63.27
CA ASN N 44 -52.99 11.59 64.28
C ASN N 44 -52.45 10.23 64.68
N TRP N 45 -51.93 9.47 63.71
CA TRP N 45 -51.35 8.17 63.94
C TRP N 45 -50.01 8.10 63.21
N GLY N 46 -49.08 7.37 63.79
CA GLY N 46 -47.78 7.18 63.18
C GLY N 46 -46.69 7.01 64.23
N ASP N 47 -45.45 7.07 63.74
CA ASP N 47 -44.28 6.74 64.54
C ASP N 47 -43.81 7.97 65.31
N VAL N 48 -43.89 7.91 66.64
CA VAL N 48 -43.57 9.04 67.51
C VAL N 48 -42.16 8.86 68.06
N GLY N 49 -41.39 9.94 68.06
CA GLY N 49 -40.04 9.92 68.61
C GLY N 49 -38.96 9.44 67.67
N LYS N 50 -39.27 9.24 66.40
CA LYS N 50 -38.28 8.76 65.43
C LYS N 50 -38.64 9.26 64.04
N VAL N 51 -37.62 9.42 63.22
CA VAL N 51 -37.76 9.87 61.83
C VAL N 51 -37.76 8.65 60.93
N VAL N 52 -38.71 8.60 60.00
CA VAL N 52 -38.86 7.49 59.06
C VAL N 52 -38.55 8.01 57.66
N THR N 53 -37.79 7.23 56.90
CA THR N 53 -37.36 7.61 55.55
C THR N 53 -38.26 6.91 54.54
N ILE N 54 -39.31 7.61 54.13
CA ILE N 54 -40.24 7.08 53.13
C ILE N 54 -39.61 7.24 51.75
N LYS N 55 -39.77 6.20 50.92
CA LYS N 55 -39.25 6.20 49.56
C LYS N 55 -40.22 6.93 48.63
N ASN N 56 -40.00 6.80 47.33
CA ASN N 56 -40.93 7.35 46.32
C ASN N 56 -42.35 6.85 46.53
N ASP N 57 -42.51 5.60 46.96
CA ASP N 57 -43.83 5.00 47.02
C ASP N 57 -44.71 5.70 48.05
N LEU N 58 -45.95 5.99 47.66
CA LEU N 58 -46.95 6.52 48.58
C LEU N 58 -47.48 5.48 49.55
N ARG N 59 -47.12 4.21 49.37
CA ARG N 59 -47.81 3.16 50.10
C ARG N 59 -47.36 3.13 51.56
N GLN N 60 -46.05 3.30 51.77
CA GLN N 60 -45.54 3.36 53.13
C GLN N 60 -46.10 4.55 53.89
N LEU N 61 -46.31 5.67 53.18
CA LEU N 61 -46.87 6.85 53.82
C LEU N 61 -48.26 6.57 54.38
N LYS N 62 -49.16 6.01 53.58
CA LYS N 62 -50.52 5.82 54.07
C LYS N 62 -50.57 4.68 55.08
N ASN N 63 -49.75 3.63 54.85
CA ASN N 63 -49.72 2.51 55.79
C ASN N 63 -49.22 2.96 57.16
N LEU N 64 -48.28 3.90 57.20
CA LEU N 64 -47.66 4.34 58.44
C LEU N 64 -48.29 5.59 59.05
N PHE N 65 -48.98 6.42 58.25
CA PHE N 65 -49.47 7.72 58.70
C PHE N 65 -50.89 7.96 58.22
N GLY N 66 -51.73 6.94 58.30
CA GLY N 66 -53.15 7.09 58.04
C GLY N 66 -53.49 7.40 56.59
N ASP N 67 -54.76 7.27 56.25
CA ASP N 67 -55.27 7.53 54.91
C ASP N 67 -56.15 8.78 54.89
N ASP N 68 -56.34 9.43 56.03
CA ASP N 68 -57.34 10.48 56.14
C ASP N 68 -56.79 11.83 55.65
N MET N 69 -57.63 12.55 54.91
CA MET N 69 -57.21 13.81 54.31
C MET N 69 -56.98 14.89 55.36
N ASN N 70 -57.83 14.93 56.40
CA ASN N 70 -57.70 15.98 57.41
C ASN N 70 -56.38 15.85 58.17
N TYR N 71 -55.82 14.64 58.23
CA TYR N 71 -54.51 14.46 58.84
C TYR N 71 -53.49 15.28 58.07
N SER N 72 -52.80 16.18 58.79
CA SER N 72 -51.74 16.96 58.14
C SER N 72 -50.66 16.07 57.58
N ALA N 73 -50.38 14.94 58.26
CA ALA N 73 -49.34 14.02 57.81
C ALA N 73 -49.62 13.51 56.41
N PHE N 74 -50.78 12.87 56.22
CA PHE N 74 -51.11 12.29 54.92
C PHE N 74 -51.23 13.36 53.85
N LYS N 75 -51.92 14.46 54.17
CA LYS N 75 -52.17 15.52 53.19
C LYS N 75 -50.86 16.10 52.67
N LEU N 76 -49.99 16.51 53.60
CA LEU N 76 -48.75 17.17 53.21
C LEU N 76 -47.71 16.17 52.68
N GLY N 77 -47.71 14.93 53.15
CA GLY N 77 -46.86 13.93 52.54
C GLY N 77 -47.26 13.63 51.11
N LYS N 78 -48.56 13.59 50.86
CA LYS N 78 -49.05 13.45 49.49
C LYS N 78 -48.59 14.62 48.64
N LEU N 79 -48.68 15.85 49.18
CA LEU N 79 -48.14 16.99 48.44
C LEU N 79 -46.66 16.82 48.14
N ALA N 80 -45.87 16.42 49.13
CA ALA N 80 -44.43 16.32 48.94
C ALA N 80 -44.09 15.26 47.91
N LEU N 81 -44.80 14.14 47.93
CA LEU N 81 -44.47 13.02 47.04
C LEU N 81 -45.00 13.26 45.62
N LEU N 82 -46.11 14.00 45.48
CA LEU N 82 -46.43 14.57 44.17
C LEU N 82 -45.45 15.65 43.76
N GLY N 83 -44.72 16.24 44.72
CA GLY N 83 -43.56 17.06 44.39
C GLY N 83 -42.36 16.27 43.90
N ASN N 84 -42.45 14.93 43.93
CA ASN N 84 -41.47 14.04 43.30
C ASN N 84 -40.11 14.12 44.02
N VAL N 85 -40.16 14.16 45.35
CA VAL N 85 -38.95 14.02 46.17
C VAL N 85 -38.60 12.53 46.25
N LYS N 86 -37.32 12.22 46.07
CA LYS N 86 -36.89 10.83 46.07
C LYS N 86 -37.06 10.20 47.46
N GLU N 87 -36.56 10.86 48.50
CA GLU N 87 -36.68 10.39 49.88
C GLU N 87 -37.33 11.49 50.71
N LEU N 88 -38.43 11.14 51.39
CA LEU N 88 -39.17 12.07 52.23
C LEU N 88 -39.05 11.58 53.67
N LEU N 89 -38.43 12.40 54.52
CA LEU N 89 -38.13 12.04 55.89
C LEU N 89 -39.22 12.59 56.79
N LEU N 90 -40.06 11.70 57.32
CA LEU N 90 -41.19 12.07 58.14
C LEU N 90 -40.89 11.86 59.62
N TYR N 91 -41.23 12.86 60.43
CA TYR N 91 -41.19 12.77 61.88
C TYR N 91 -42.58 13.13 62.40
N ARG N 92 -43.21 12.19 63.09
CA ARG N 92 -44.50 12.49 63.69
C ARG N 92 -44.36 13.52 64.80
N LEU N 93 -45.35 14.41 64.88
CA LEU N 93 -45.37 15.48 65.86
C LEU N 93 -46.63 15.31 66.70
N VAL N 94 -46.46 15.10 68.01
CA VAL N 94 -47.56 15.00 68.94
C VAL N 94 -47.23 15.82 70.18
N ASP N 95 -48.27 16.26 70.89
CA ASP N 95 -48.08 16.96 72.15
C ASP N 95 -47.58 16.00 73.22
N GLY N 96 -46.99 16.57 74.27
CA GLY N 96 -46.56 15.76 75.40
C GLY N 96 -47.71 15.03 76.07
N ASN N 97 -48.86 15.70 76.19
CA ASN N 97 -50.03 15.06 76.78
C ASN N 97 -50.56 13.93 75.91
N GLN N 98 -50.33 14.02 74.60
CA GLN N 98 -50.77 12.97 73.68
C GLN N 98 -50.07 11.66 74.00
N LYS N 99 -50.84 10.57 74.04
CA LYS N 99 -50.34 9.28 74.52
C LYS N 99 -51.03 8.16 73.73
N LYS N 100 -50.70 6.92 74.09
CA LYS N 100 -51.29 5.75 73.47
C LYS N 100 -52.67 5.47 74.00
N GLY N 101 -53.60 5.16 73.09
CA GLY N 101 -54.84 4.54 73.51
C GLY N 101 -54.57 3.20 74.17
N THR N 102 -55.30 2.92 75.24
CA THR N 102 -55.07 1.73 76.06
C THR N 102 -56.39 1.16 76.54
N LEU N 103 -56.47 -0.18 76.55
CA LEU N 103 -57.59 -0.89 77.12
C LEU N 103 -57.10 -2.18 77.72
N THR N 104 -57.89 -2.72 78.64
CA THR N 104 -57.58 -3.97 79.32
C THR N 104 -58.74 -4.94 79.13
N LEU N 105 -58.41 -6.17 78.73
CA LEU N 105 -59.40 -7.23 78.67
C LEU N 105 -59.48 -7.94 80.03
N LYS N 106 -60.58 -8.64 80.25
CA LYS N 106 -60.80 -9.35 81.50
C LYS N 106 -61.55 -10.64 81.22
N ASP N 107 -61.42 -11.57 82.15
CA ASP N 107 -62.07 -12.88 82.06
C ASP N 107 -63.38 -12.88 82.85
N THR N 108 -64.20 -13.89 82.59
CA THR N 108 -65.48 -14.08 83.25
C THR N 108 -65.61 -15.46 83.89
N THR N 109 -64.53 -16.24 83.95
CA THR N 109 -64.60 -17.56 84.59
C THR N 109 -64.92 -17.43 86.08
N GLU N 110 -64.28 -16.47 86.75
CA GLU N 110 -64.52 -16.23 88.16
C GLU N 110 -65.71 -15.28 88.34
N ASN N 111 -66.20 -15.20 89.58
CA ASN N 111 -67.29 -14.28 89.88
C ASN N 111 -66.85 -12.83 89.68
N SER N 112 -65.63 -12.50 90.08
CA SER N 112 -65.05 -11.17 89.90
C SER N 112 -64.05 -11.21 88.76
N ALA N 113 -64.24 -10.34 87.77
CA ALA N 113 -63.36 -10.32 86.62
C ALA N 113 -62.01 -9.70 86.98
N LYS N 114 -60.97 -10.13 86.29
CA LYS N 114 -59.61 -9.66 86.53
C LYS N 114 -58.89 -9.47 85.20
N ASP N 115 -57.91 -8.57 85.21
CA ASP N 115 -57.19 -8.22 83.99
C ASP N 115 -56.20 -9.31 83.62
N VAL N 116 -56.19 -9.68 82.34
CA VAL N 116 -55.22 -10.62 81.79
C VAL N 116 -54.51 -10.11 80.56
N ILE N 117 -55.06 -9.14 79.82
CA ILE N 117 -54.45 -8.60 78.62
C ILE N 117 -54.62 -7.08 78.63
N LYS N 118 -53.57 -6.36 78.22
CA LYS N 118 -53.64 -4.94 77.90
C LYS N 118 -53.39 -4.75 76.42
N LEU N 119 -54.33 -4.10 75.74
CA LEU N 119 -54.18 -3.71 74.34
C LEU N 119 -53.87 -2.22 74.31
N GLU N 120 -52.65 -1.89 73.89
CA GLU N 120 -52.21 -0.52 73.74
C GLU N 120 -51.92 -0.25 72.27
N THR N 121 -52.23 0.95 71.80
CA THR N 121 -51.88 1.32 70.45
C THR N 121 -50.37 1.19 70.26
N LYS N 122 -49.96 0.67 69.10
CA LYS N 122 -48.55 0.42 68.85
C LYS N 122 -47.73 1.69 69.01
N TYR N 123 -48.28 2.82 68.60
CA TYR N 123 -47.67 4.13 68.76
C TYR N 123 -48.73 5.06 69.32
N PRO N 124 -48.34 6.20 69.90
CA PRO N 124 -49.33 7.10 70.51
C PRO N 124 -50.40 7.52 69.53
N THR N 125 -51.66 7.48 69.98
CA THR N 125 -52.79 7.93 69.16
C THR N 125 -54.05 7.85 70.00
N ALA N 126 -55.09 8.54 69.54
CA ALA N 126 -56.41 8.50 70.14
C ALA N 126 -57.49 8.42 69.08
N ARG N 127 -57.18 7.82 67.94
CA ARG N 127 -58.15 7.66 66.86
C ARG N 127 -59.25 6.70 67.28
N ASN N 128 -60.24 6.53 66.39
CA ASN N 128 -61.38 5.65 66.66
C ASN N 128 -60.99 4.18 66.41
N PHE N 129 -60.03 3.71 67.20
CA PHE N 129 -59.53 2.35 67.10
C PHE N 129 -60.28 1.49 68.11
N ASN N 130 -61.20 0.67 67.61
CA ASN N 130 -62.11 -0.10 68.45
C ASN N 130 -61.71 -1.57 68.43
N VAL N 131 -62.18 -2.31 69.43
CA VAL N 131 -61.88 -3.72 69.59
C VAL N 131 -63.20 -4.46 69.82
N THR N 132 -63.26 -5.71 69.36
CA THR N 132 -64.39 -6.57 69.63
C THR N 132 -63.88 -8.00 69.80
N ILE N 133 -64.36 -8.67 70.84
CA ILE N 133 -63.96 -10.03 71.18
C ILE N 133 -65.20 -10.83 71.48
N LYS N 134 -65.26 -12.06 70.94
CA LYS N 134 -66.41 -12.93 71.11
C LYS N 134 -65.92 -14.37 71.09
N SER N 135 -66.83 -15.31 71.34
CA SER N 135 -66.51 -16.72 71.34
C SER N 135 -66.40 -17.25 69.91
N ASN N 136 -65.55 -18.26 69.73
CA ASN N 136 -65.37 -18.91 68.44
C ASN N 136 -66.36 -20.06 68.30
N LEU N 137 -67.07 -20.09 67.18
CA LEU N 137 -68.08 -21.11 66.97
C LEU N 137 -67.45 -22.46 66.64
N VAL N 138 -66.34 -22.45 65.90
CA VAL N 138 -65.71 -23.70 65.48
C VAL N 138 -65.18 -24.47 66.68
N ASP N 139 -64.48 -23.78 67.58
CA ASP N 139 -63.88 -24.37 68.77
C ASP N 139 -64.32 -23.57 69.99
N SER N 140 -64.75 -24.27 71.04
CA SER N 140 -65.20 -23.59 72.25
C SER N 140 -64.06 -22.83 72.91
N ASP N 141 -62.87 -23.42 72.97
CA ASP N 141 -61.74 -22.77 73.62
C ASP N 141 -61.25 -21.55 72.85
N LYS N 142 -61.46 -21.51 71.54
CA LYS N 142 -61.00 -20.39 70.74
C LYS N 142 -61.93 -19.19 70.90
N LYS N 143 -61.39 -18.01 70.62
CA LYS N 143 -62.14 -16.76 70.61
C LYS N 143 -61.79 -15.97 69.36
N ASP N 144 -62.78 -15.23 68.85
CA ASP N 144 -62.59 -14.36 67.70
C ASP N 144 -62.24 -12.97 68.20
N PHE N 145 -61.11 -12.45 67.73
CA PHE N 145 -60.66 -11.10 68.06
C PHE N 145 -60.66 -10.25 66.79
N ILE N 146 -61.32 -9.10 66.85
CA ILE N 146 -61.51 -8.24 65.70
C ILE N 146 -61.17 -6.81 66.10
N PHE N 147 -60.56 -6.06 65.18
CA PHE N 147 -60.20 -4.67 65.38
C PHE N 147 -60.84 -3.82 64.28
N PHE N 148 -61.38 -2.66 64.70
CA PHE N 148 -62.07 -1.73 63.80
C PHE N 148 -61.37 -0.38 63.79
N GLU N 149 -61.40 0.26 62.62
CA GLU N 149 -60.85 1.60 62.40
C GLU N 149 -61.90 2.46 61.72
N ASN N 150 -62.51 3.38 62.47
CA ASN N 150 -63.58 4.24 61.96
C ASN N 150 -64.69 3.40 61.32
N THR N 151 -65.07 2.33 62.02
CA THR N 151 -66.06 1.37 61.54
C THR N 151 -65.57 0.58 60.33
N LYS N 152 -64.26 0.40 60.20
CA LYS N 152 -63.65 -0.40 59.15
C LYS N 152 -62.77 -1.47 59.77
N GLN N 153 -63.00 -2.73 59.41
CA GLN N 153 -62.24 -3.83 59.99
C GLN N 153 -60.78 -3.76 59.58
N LEU N 154 -59.89 -4.03 60.54
CA LEU N 154 -58.45 -4.09 60.33
C LEU N 154 -57.89 -5.49 60.47
N PHE N 155 -58.22 -6.19 61.57
CA PHE N 155 -57.69 -7.50 61.86
C PHE N 155 -58.84 -8.41 62.26
N SER N 156 -58.72 -9.70 61.95
CA SER N 156 -59.72 -10.67 62.34
C SER N 156 -59.08 -12.05 62.34
N SER N 157 -59.17 -12.75 63.48
CA SER N 157 -58.61 -14.08 63.60
C SER N 157 -59.27 -14.80 64.77
N SER N 158 -59.19 -16.13 64.72
CA SER N 158 -59.66 -17.00 65.81
C SER N 158 -58.44 -17.69 66.41
N ILE N 159 -58.26 -17.53 67.72
CA ILE N 159 -57.10 -18.05 68.43
C ILE N 159 -57.59 -18.70 69.72
N LYS N 160 -56.84 -19.70 70.18
CA LYS N 160 -57.16 -20.41 71.42
C LYS N 160 -57.32 -19.43 72.58
N GLY N 161 -58.16 -19.81 73.55
CA GLY N 161 -58.45 -18.96 74.68
C GLY N 161 -57.28 -18.66 75.59
N THR N 162 -56.18 -19.41 75.45
CA THR N 162 -54.99 -19.14 76.25
C THR N 162 -54.47 -17.74 75.98
N ILE N 163 -54.15 -17.02 77.04
CA ILE N 163 -53.70 -15.63 76.91
C ILE N 163 -52.37 -15.57 76.15
N ASP N 164 -51.53 -16.59 76.31
CA ASP N 164 -50.23 -16.59 75.62
C ASP N 164 -50.41 -16.61 74.11
N GLU N 165 -51.25 -17.51 73.60
CA GLU N 165 -51.48 -17.57 72.16
C GLU N 165 -52.16 -16.31 71.66
N ILE N 166 -53.08 -15.76 72.44
CA ILE N 166 -53.80 -14.55 72.03
C ILE N 166 -52.81 -13.40 71.87
N VAL N 167 -51.95 -13.20 72.87
CA VAL N 167 -50.95 -12.14 72.80
C VAL N 167 -49.98 -12.40 71.66
N LEU N 168 -49.59 -13.66 71.46
CA LEU N 168 -48.65 -13.99 70.40
C LEU N 168 -49.20 -13.64 69.03
N GLU N 169 -50.44 -14.06 68.76
CA GLU N 169 -51.04 -13.75 67.46
C GLU N 169 -51.28 -12.26 67.29
N ILE N 170 -51.69 -11.57 68.38
CA ILE N 170 -51.96 -10.14 68.26
C ILE N 170 -50.66 -9.39 67.94
N ASN N 171 -49.57 -9.74 68.62
CA ASN N 171 -48.30 -9.07 68.35
C ASN N 171 -47.60 -9.59 67.10
N SER N 172 -48.05 -10.70 66.52
CA SER N 172 -47.40 -11.32 65.37
C SER N 172 -48.02 -10.87 64.04
N ASN N 173 -49.34 -10.96 63.92
CA ASN N 173 -50.00 -10.67 62.65
C ASN N 173 -49.81 -9.20 62.28
N LEU N 174 -49.51 -8.96 61.01
CA LEU N 174 -49.17 -7.62 60.55
C LEU N 174 -50.38 -6.69 60.50
N ASP N 175 -51.59 -7.23 60.46
CA ASP N 175 -52.79 -6.39 60.52
C ASP N 175 -53.01 -5.79 61.91
N ASN N 176 -52.25 -6.22 62.91
CA ASN N 176 -52.28 -5.63 64.25
C ASN N 176 -51.27 -4.49 64.39
N GLU N 177 -50.94 -3.80 63.29
CA GLU N 177 -49.96 -2.73 63.33
C GLU N 177 -50.39 -1.59 64.24
N TYR N 178 -51.68 -1.48 64.56
CA TYR N 178 -52.21 -0.38 65.36
C TYR N 178 -52.37 -0.76 66.84
N VAL N 179 -51.83 -1.90 67.28
CA VAL N 179 -52.04 -2.36 68.64
C VAL N 179 -50.94 -3.33 69.04
N ILE N 180 -50.59 -3.32 70.32
CA ILE N 180 -49.74 -4.34 70.94
C ILE N 180 -50.53 -4.95 72.09
N ALA N 181 -50.51 -6.28 72.18
CA ALA N 181 -51.07 -7.00 73.31
C ALA N 181 -49.94 -7.47 74.21
N THR N 182 -50.07 -7.21 75.51
CA THR N 182 -49.11 -7.66 76.51
C THR N 182 -49.86 -8.41 77.61
N LYS N 183 -49.34 -9.56 77.99
CA LYS N 183 -49.98 -10.42 79.00
C LYS N 183 -49.83 -9.79 80.38
N VAL N 184 -50.95 -9.39 80.99
CA VAL N 184 -50.90 -8.82 82.32
C VAL N 184 -50.41 -9.85 83.33
N ALA N 185 -50.98 -11.05 83.27
CA ALA N 185 -50.65 -12.12 84.20
C ALA N 185 -50.90 -13.44 83.50
N ASP N 186 -50.24 -14.48 83.98
CA ASP N 186 -50.40 -15.80 83.38
C ASP N 186 -51.79 -16.34 83.68
N SER N 187 -52.50 -16.74 82.64
CA SER N 187 -53.86 -17.25 82.79
C SER N 187 -54.30 -17.88 81.48
N ASP N 188 -55.21 -18.86 81.60
CA ASP N 188 -55.87 -19.48 80.47
C ASP N 188 -57.39 -19.28 80.52
N THR N 189 -57.86 -18.33 81.32
CA THR N 189 -59.28 -18.12 81.51
C THR N 189 -59.92 -17.57 80.23
N ILE N 190 -61.22 -17.82 80.11
CA ILE N 190 -61.99 -17.35 78.97
C ILE N 190 -62.23 -15.85 79.14
N LEU N 191 -61.93 -15.09 78.09
CA LEU N 191 -62.02 -13.63 78.16
C LEU N 191 -63.48 -13.19 78.20
N ALA N 192 -63.68 -11.92 78.54
CA ALA N 192 -64.99 -11.31 78.50
C ALA N 192 -65.34 -10.89 77.08
N ASN N 193 -66.63 -10.94 76.77
CA ASN N 193 -67.13 -10.53 75.46
C ASN N 193 -67.44 -9.05 75.50
N VAL N 194 -66.67 -8.26 74.75
CA VAL N 194 -66.83 -6.82 74.67
C VAL N 194 -66.97 -6.44 73.20
N VAL N 195 -67.85 -5.47 72.92
CA VAL N 195 -68.20 -5.09 71.56
C VAL N 195 -67.89 -3.60 71.38
N ASN N 196 -67.00 -3.30 70.44
CA ASN N 196 -66.73 -1.94 69.98
C ASN N 196 -66.25 -1.05 71.13
N GLN N 197 -65.17 -1.48 71.78
CA GLN N 197 -64.53 -0.74 72.85
C GLN N 197 -63.38 0.07 72.27
N ALA N 198 -63.45 1.40 72.42
CA ALA N 198 -62.48 2.31 71.85
C ALA N 198 -61.25 2.41 72.75
N LEU N 199 -60.07 2.35 72.14
CA LEU N 199 -58.84 2.55 72.90
C LEU N 199 -58.72 4.02 73.29
N GLU N 200 -58.49 4.27 74.58
CA GLU N 200 -58.44 5.60 75.15
C GLU N 200 -57.22 5.73 76.04
N GLY N 201 -56.88 6.98 76.37
CA GLY N 201 -55.70 7.29 77.14
C GLY N 201 -54.68 8.11 76.38
N GLY N 202 -55.16 8.95 75.47
CA GLY N 202 -54.28 9.77 74.66
C GLY N 202 -55.02 10.93 74.04
N ASN N 203 -54.36 11.58 73.09
CA ASN N 203 -54.89 12.73 72.38
C ASN N 203 -54.86 12.48 70.87
N ASP N 204 -55.44 13.42 70.14
CA ASP N 204 -55.58 13.30 68.70
C ASP N 204 -54.22 13.16 68.01
N GLY N 205 -53.39 14.20 68.11
CA GLY N 205 -52.08 14.21 67.48
C GLY N 205 -51.90 15.46 66.64
N CYS N 206 -52.96 15.87 65.97
CA CYS N 206 -53.01 17.17 65.29
C CYS N 206 -53.44 18.30 66.22
N THR N 207 -53.78 17.99 67.48
CA THR N 207 -54.28 18.96 68.44
C THR N 207 -53.20 19.24 69.48
N SER N 208 -53.15 20.48 69.96
CA SER N 208 -52.16 20.90 70.95
C SER N 208 -50.75 20.80 70.36
N ILE N 209 -50.63 21.29 69.14
CA ILE N 209 -49.35 21.35 68.43
C ILE N 209 -48.61 22.58 68.92
N THR N 210 -47.50 22.36 69.65
CA THR N 210 -46.86 23.39 70.46
C THR N 210 -45.42 23.61 70.03
N ASN N 211 -44.90 24.78 70.42
CA ASN N 211 -43.56 25.19 70.01
C ASN N 211 -42.48 24.24 70.54
N GLU N 212 -42.59 23.84 71.81
CA GLU N 212 -41.60 22.94 72.38
C GLU N 212 -41.61 21.60 71.65
N SER N 213 -42.78 21.16 71.17
CA SER N 213 -42.86 19.89 70.49
C SER N 213 -42.15 19.95 69.14
N TYR N 214 -42.36 21.03 68.38
CA TYR N 214 -41.52 21.28 67.21
C TYR N 214 -40.05 21.34 67.55
N LEU N 215 -39.69 22.00 68.65
CA LEU N 215 -38.26 22.14 68.91
C LEU N 215 -37.64 20.77 69.19
N LYS N 216 -38.38 19.91 69.88
CA LYS N 216 -37.93 18.51 70.01
C LYS N 216 -37.80 17.88 68.64
N ALA N 217 -38.79 18.05 67.77
CA ALA N 217 -38.76 17.42 66.46
C ALA N 217 -37.59 17.91 65.62
N LEU N 218 -37.30 19.21 65.69
CA LEU N 218 -36.16 19.79 65.00
C LEU N 218 -34.87 19.17 65.50
N GLU N 219 -34.76 18.97 66.82
CA GLU N 219 -33.59 18.27 67.34
C GLU N 219 -33.55 16.83 66.84
N GLU N 220 -34.71 16.19 66.69
CA GLU N 220 -34.74 14.86 66.08
C GLU N 220 -34.44 14.93 64.59
N PHE N 221 -34.75 16.04 63.94
CA PHE N 221 -34.41 16.18 62.53
C PHE N 221 -32.93 16.52 62.32
N GLU N 222 -32.20 16.87 63.38
CA GLU N 222 -30.76 17.04 63.27
C GLU N 222 -30.02 15.73 63.03
N ARG N 223 -30.70 14.58 63.13
CA ARG N 223 -30.08 13.30 62.79
C ARG N 223 -29.45 13.33 61.40
N TYR N 224 -30.19 13.82 60.41
CA TYR N 224 -29.82 13.68 59.00
C TYR N 224 -29.72 15.06 58.35
N SER N 225 -29.27 15.05 57.09
CA SER N 225 -29.10 16.25 56.28
C SER N 225 -30.23 16.32 55.27
N PHE N 226 -30.69 17.54 54.97
CA PHE N 226 -31.84 17.76 54.11
C PHE N 226 -31.51 18.78 53.03
N ASP N 227 -32.03 18.56 51.82
CA ASP N 227 -31.98 19.60 50.81
C ASP N 227 -32.84 20.79 51.21
N SER N 228 -33.95 20.56 51.90
CA SER N 228 -34.82 21.64 52.33
C SER N 228 -35.66 21.18 53.51
N PHE N 229 -36.14 22.15 54.28
CA PHE N 229 -37.05 21.94 55.40
C PHE N 229 -38.32 22.73 55.15
N VAL N 230 -39.46 22.19 55.57
CA VAL N 230 -40.76 22.66 55.11
C VAL N 230 -41.68 23.10 56.26
N LEU N 231 -41.38 22.76 57.51
CA LEU N 231 -42.16 23.10 58.71
C LEU N 231 -43.52 22.39 58.76
N ASP N 232 -43.81 21.51 57.81
CA ASP N 232 -45.08 20.77 57.76
C ASP N 232 -46.26 21.73 57.59
N GLY N 233 -46.04 22.84 56.90
CA GLY N 233 -47.14 23.70 56.50
C GLY N 233 -47.93 24.31 57.64
N VAL N 234 -47.24 24.84 58.65
CA VAL N 234 -47.88 25.53 59.77
C VAL N 234 -47.39 26.98 59.74
N ALA N 235 -48.34 27.92 59.66
CA ALA N 235 -48.03 29.32 59.42
C ALA N 235 -47.89 30.13 60.71
N ASP N 236 -47.70 29.49 61.85
CA ASP N 236 -47.54 30.23 63.10
C ASP N 236 -46.24 31.03 63.05
N GLU N 237 -46.32 32.30 63.46
CA GLU N 237 -45.16 33.18 63.39
C GLU N 237 -44.05 32.73 64.34
N ALA N 238 -44.42 32.29 65.55
CA ALA N 238 -43.42 31.83 66.50
C ALA N 238 -42.69 30.61 65.96
N LEU N 239 -43.42 29.70 65.32
CA LEU N 239 -42.81 28.50 64.76
C LEU N 239 -41.87 28.86 63.62
N GLN N 240 -42.29 29.80 62.77
CA GLN N 240 -41.43 30.27 61.69
C GLN N 240 -40.14 30.86 62.25
N GLU N 241 -40.26 31.67 63.30
CA GLU N 241 -39.07 32.29 63.90
C GLU N 241 -38.15 31.23 64.51
N THR N 242 -38.72 30.24 65.20
CA THR N 242 -37.90 29.20 65.82
C THR N 242 -37.18 28.39 64.76
N THR N 243 -37.87 27.98 63.70
CA THR N 243 -37.21 27.24 62.63
C THR N 243 -36.20 28.11 61.90
N LYS N 244 -36.46 29.41 61.80
CA LYS N 244 -35.49 30.32 61.18
C LYS N 244 -34.20 30.36 61.98
N ALA N 245 -34.31 30.51 63.30
CA ALA N 245 -33.12 30.48 64.14
C ALA N 245 -32.43 29.13 64.06
N TRP N 246 -33.21 28.05 63.97
CA TRP N 246 -32.64 26.71 63.85
C TRP N 246 -31.79 26.58 62.60
N VAL N 247 -32.34 26.99 61.45
CA VAL N 247 -31.59 26.84 60.20
C VAL N 247 -30.40 27.80 60.17
N ALA N 248 -30.54 28.98 60.78
CA ALA N 248 -29.41 29.88 60.87
C ALA N 248 -28.28 29.27 61.70
N LYS N 249 -28.63 28.64 62.82
CA LYS N 249 -27.63 27.95 63.63
C LYS N 249 -26.98 26.83 62.83
N ASN N 250 -27.78 26.07 62.08
CA ASN N 250 -27.22 24.98 61.28
C ASN N 250 -26.27 25.51 60.21
N LYS N 251 -26.64 26.60 59.54
CA LYS N 251 -25.77 27.18 58.52
C LYS N 251 -24.47 27.68 59.14
N GLU N 252 -24.56 28.31 60.31
CA GLU N 252 -23.34 28.71 61.02
C GLU N 252 -22.50 27.50 61.36
N LEU N 253 -23.14 26.39 61.74
CA LEU N 253 -22.41 25.16 61.99
C LEU N 253 -21.86 24.56 60.70
N GLY N 254 -22.50 24.84 59.57
CA GLY N 254 -22.10 24.33 58.27
C GLY N 254 -23.15 23.49 57.58
N LYS N 255 -24.16 23.03 58.31
CA LYS N 255 -25.25 22.26 57.72
C LYS N 255 -26.20 23.22 57.01
N ASP N 256 -26.32 23.06 55.69
CA ASP N 256 -27.15 23.95 54.89
C ASP N 256 -28.55 23.36 54.74
N ILE N 257 -29.54 24.08 55.27
CA ILE N 257 -30.94 23.70 55.17
C ILE N 257 -31.69 24.86 54.52
N LEU N 258 -32.48 24.55 53.50
CA LEU N 258 -33.29 25.54 52.79
C LEU N 258 -34.70 25.49 53.37
N LEU N 259 -35.09 26.55 54.08
CA LEU N 259 -36.36 26.59 54.76
C LEU N 259 -37.45 27.16 53.84
N PHE N 260 -38.61 26.52 53.85
CA PHE N 260 -39.77 26.92 53.06
C PHE N 260 -40.93 27.19 54.00
N LEU N 261 -41.67 28.26 53.74
CA LEU N 261 -42.74 28.71 54.62
C LEU N 261 -43.88 29.26 53.76
N GLY N 262 -44.92 29.76 54.42
CA GLY N 262 -46.00 30.41 53.71
C GLY N 262 -46.79 31.31 54.62
N GLY N 263 -47.33 32.39 54.03
CA GLY N 263 -48.17 33.30 54.77
C GLY N 263 -49.57 32.75 55.00
N LYS N 264 -50.29 33.44 55.89
CA LYS N 264 -51.65 33.05 56.21
C LYS N 264 -52.61 33.58 55.14
N THR N 265 -53.89 33.23 55.28
CA THR N 265 -54.91 33.72 54.37
C THR N 265 -55.36 35.14 54.71
N GLU N 266 -55.19 35.58 55.96
CA GLU N 266 -55.65 36.89 56.36
C GLU N 266 -54.81 38.00 55.74
N ASP N 267 -53.53 37.73 55.47
CA ASP N 267 -52.63 38.78 55.01
C ASP N 267 -53.06 39.32 53.65
N ASN N 268 -53.11 40.64 53.53
CA ASN N 268 -53.34 41.29 52.26
C ASN N 268 -52.03 41.39 51.48
N ILE N 269 -52.08 42.00 50.30
CA ILE N 269 -50.94 42.04 49.42
C ILE N 269 -49.79 42.82 50.06
N LYS N 270 -50.11 43.97 50.64
CA LYS N 270 -49.08 44.77 51.30
C LYS N 270 -48.51 44.03 52.50
N GLN N 271 -49.37 43.36 53.27
CA GLN N 271 -48.89 42.65 54.46
C GLN N 271 -47.94 41.52 54.09
N ILE N 272 -48.29 40.73 53.05
CA ILE N 272 -47.41 39.64 52.67
C ILE N 272 -46.11 40.16 52.07
N ASN N 273 -46.19 41.29 51.34
CA ASN N 273 -44.95 41.89 50.82
C ASN N 273 -44.05 42.33 51.97
N ASP N 274 -44.62 42.95 53.00
CA ASP N 274 -43.83 43.36 54.16
C ASP N 274 -43.28 42.16 54.91
N LYS N 275 -44.07 41.08 54.99
CA LYS N 275 -43.59 39.87 55.64
C LYS N 275 -42.38 39.29 54.90
N SER N 276 -42.43 39.29 53.58
CA SER N 276 -41.30 38.79 52.80
C SER N 276 -40.08 39.68 52.98
N LYS N 277 -40.26 41.00 52.94
CA LYS N 277 -39.13 41.89 53.16
C LYS N 277 -38.57 41.75 54.57
N SER N 278 -39.41 41.34 55.53
CA SER N 278 -38.90 41.09 56.88
C SER N 278 -37.86 39.98 56.86
N PHE N 279 -38.15 38.91 56.13
CA PHE N 279 -37.15 37.86 55.93
C PHE N 279 -36.11 38.34 54.93
N ASN N 280 -34.86 38.40 55.37
CA ASN N 280 -33.72 38.75 54.53
C ASN N 280 -32.63 37.70 54.67
N ASP N 281 -33.04 36.44 54.58
CA ASP N 281 -32.15 35.29 54.68
C ASP N 281 -32.03 34.61 53.33
N GLU N 282 -30.83 34.13 53.02
CA GLU N 282 -30.59 33.46 51.74
C GLU N 282 -31.39 32.18 51.62
N ASN N 283 -31.52 31.43 52.71
CA ASN N 283 -32.08 30.08 52.70
C ASN N 283 -33.43 30.02 53.42
N ILE N 284 -34.26 31.03 53.21
CA ILE N 284 -35.64 31.04 53.68
C ILE N 284 -36.53 31.43 52.50
N VAL N 285 -37.66 30.73 52.37
CA VAL N 285 -38.60 30.95 51.27
C VAL N 285 -40.01 30.98 51.85
N ASN N 286 -40.84 31.88 51.32
CA ASN N 286 -42.23 32.03 51.72
C ASN N 286 -43.13 32.01 50.50
N VAL N 287 -44.28 31.34 50.64
CA VAL N 287 -45.32 31.31 49.61
C VAL N 287 -46.46 32.20 50.08
N GLY N 288 -46.84 33.17 49.25
CA GLY N 288 -47.86 34.14 49.60
C GLY N 288 -49.18 33.95 48.90
N SER N 289 -49.48 32.72 48.45
CA SER N 289 -50.70 32.46 47.70
C SER N 289 -51.17 31.04 47.97
N SER N 290 -52.45 30.91 48.33
CA SER N 290 -53.06 29.60 48.54
C SER N 290 -53.44 28.98 47.20
N ALA N 291 -53.69 27.67 47.23
CA ALA N 291 -54.01 26.91 46.01
C ALA N 291 -55.09 25.90 46.29
N TYR N 292 -55.67 25.39 45.21
CA TYR N 292 -56.71 24.37 45.24
C TYR N 292 -56.31 23.25 44.28
N TYR N 293 -56.44 22.00 44.73
CA TYR N 293 -56.08 20.86 43.89
C TYR N 293 -56.97 19.69 44.26
N GLU N 294 -57.55 19.03 43.25
CA GLU N 294 -58.62 18.04 43.45
C GLU N 294 -59.76 18.63 44.28
N ASN N 295 -60.06 19.91 44.03
CA ASN N 295 -61.12 20.67 44.68
C ASN N 295 -60.88 20.89 46.17
N ILE N 296 -59.71 20.51 46.71
CA ILE N 296 -59.38 20.66 48.12
C ILE N 296 -58.44 21.84 48.25
N LYS N 297 -58.68 22.68 49.25
CA LYS N 297 -57.87 23.88 49.42
C LYS N 297 -56.58 23.56 50.18
N TYR N 298 -55.53 24.30 49.82
CA TYR N 298 -54.24 24.29 50.51
C TYR N 298 -53.82 25.72 50.79
N THR N 299 -53.62 26.04 52.06
CA THR N 299 -53.17 27.37 52.44
C THR N 299 -51.73 27.56 51.95
N PRO N 300 -51.26 28.81 51.85
CA PRO N 300 -49.92 29.03 51.26
C PRO N 300 -48.82 28.30 52.01
N SER N 301 -48.97 28.10 53.32
CA SER N 301 -47.99 27.33 54.07
C SER N 301 -48.07 25.85 53.72
N GLU N 302 -49.27 25.31 53.55
CA GLU N 302 -49.40 23.93 53.09
C GLU N 302 -48.87 23.78 51.67
N VAL N 303 -49.16 24.74 50.79
CA VAL N 303 -48.64 24.69 49.42
C VAL N 303 -47.12 24.78 49.43
N ALA N 304 -46.53 25.43 50.44
CA ALA N 304 -45.09 25.51 50.53
C ALA N 304 -44.46 24.12 50.65
N VAL N 305 -45.19 23.14 51.17
CA VAL N 305 -44.68 21.77 51.20
C VAL N 305 -44.41 21.26 49.79
N TYR N 306 -45.39 21.41 48.89
CA TYR N 306 -45.19 20.97 47.51
C TYR N 306 -44.12 21.81 46.83
N ILE N 307 -44.09 23.11 47.12
CA ILE N 307 -43.10 23.98 46.49
C ILE N 307 -41.70 23.54 46.88
N ALA N 308 -41.47 23.28 48.17
CA ALA N 308 -40.18 22.78 48.64
C ALA N 308 -39.87 21.44 48.02
N ALA N 309 -40.87 20.56 47.92
CA ALA N 309 -40.65 19.24 47.36
C ALA N 309 -40.22 19.32 45.90
N LEU N 310 -40.86 20.19 45.12
CA LEU N 310 -40.48 20.35 43.73
C LEU N 310 -39.10 21.00 43.61
N SER N 311 -38.79 21.95 44.50
CA SER N 311 -37.47 22.57 44.49
C SER N 311 -36.38 21.54 44.76
N VAL N 312 -36.63 20.65 45.72
CA VAL N 312 -35.66 19.62 46.04
C VAL N 312 -35.58 18.59 44.92
N SER N 313 -36.72 18.25 44.31
CA SER N 313 -36.73 17.29 43.22
C SER N 313 -35.94 17.79 42.02
N LYS N 314 -36.15 19.06 41.64
CA LYS N 314 -35.29 19.66 40.64
C LYS N 314 -33.84 19.70 41.11
N GLY N 315 -33.63 20.11 42.36
CA GLY N 315 -32.30 20.21 42.93
C GLY N 315 -31.39 21.07 42.07
N ILE N 316 -30.44 20.42 41.40
CA ILE N 316 -29.57 21.06 40.43
C ILE N 316 -29.98 20.54 39.06
N THR N 317 -29.60 21.30 38.02
CA THR N 317 -30.05 21.08 36.64
C THR N 317 -31.54 21.36 36.50
N GLY N 318 -32.09 22.21 37.35
CA GLY N 318 -33.51 22.51 37.28
C GLY N 318 -33.84 23.72 38.11
N SER N 319 -35.05 24.24 37.88
CA SER N 319 -35.54 25.40 38.60
C SER N 319 -37.07 25.35 38.55
N ILE N 320 -37.70 26.14 39.42
CA ILE N 320 -39.15 26.14 39.56
C ILE N 320 -39.68 27.54 39.26
N CYS N 321 -39.02 28.26 38.36
CA CYS N 321 -39.46 29.61 38.02
C CYS N 321 -40.83 29.61 37.40
N ASN N 322 -41.05 28.73 36.41
CA ASN N 322 -42.34 28.58 35.74
C ASN N 322 -42.66 27.11 35.55
N ALA N 323 -42.42 26.30 36.58
CA ALA N 323 -42.70 24.88 36.49
C ALA N 323 -44.20 24.62 36.50
N LYS N 324 -44.60 23.56 35.79
CA LYS N 324 -46.01 23.19 35.66
C LYS N 324 -46.43 22.49 36.95
N THR N 325 -46.98 23.28 37.88
CA THR N 325 -47.44 22.72 39.14
C THR N 325 -48.77 22.00 38.95
N ILE N 326 -49.00 20.99 39.80
CA ILE N 326 -50.21 20.18 39.67
C ILE N 326 -51.46 20.94 40.06
N PHE N 327 -51.33 22.07 40.76
CA PHE N 327 -52.51 22.77 41.27
C PHE N 327 -53.31 23.35 40.11
N GLU N 328 -54.63 23.33 40.26
CA GLU N 328 -55.55 23.76 39.22
C GLU N 328 -56.19 25.12 39.48
N GLU N 329 -55.90 25.77 40.61
CA GLU N 329 -56.41 27.12 40.85
C GLU N 329 -55.61 27.71 42.00
N VAL N 330 -55.43 29.04 41.96
CA VAL N 330 -54.69 29.78 42.98
C VAL N 330 -55.39 31.10 43.28
N GLU N 331 -54.89 31.78 44.32
CA GLU N 331 -55.41 33.05 44.79
C GLU N 331 -54.40 33.65 45.76
N PRO N 332 -54.29 34.98 45.86
CA PRO N 332 -54.93 36.05 45.08
C PRO N 332 -54.15 36.36 43.81
N ARG N 333 -54.58 37.33 42.99
CA ARG N 333 -53.96 37.62 41.71
C ARG N 333 -53.63 39.11 41.65
N LEU N 334 -52.71 39.45 40.73
CA LEU N 334 -52.08 40.75 40.70
C LEU N 334 -51.76 41.13 39.25
N SER N 335 -51.60 42.43 39.02
CA SER N 335 -51.18 42.95 37.72
C SER N 335 -49.66 42.85 37.58
N GLN N 336 -49.18 43.07 36.35
CA GLN N 336 -47.74 42.91 36.09
C GLN N 336 -46.91 43.87 36.92
N SER N 337 -47.33 45.13 37.03
CA SER N 337 -46.61 46.07 37.89
C SER N 337 -46.69 45.62 39.34
N GLU N 338 -47.86 45.12 39.76
CA GLU N 338 -48.00 44.68 41.15
C GLU N 338 -47.22 43.39 41.38
N VAL N 339 -47.18 42.49 40.40
CA VAL N 339 -46.31 41.32 40.51
C VAL N 339 -44.85 41.72 40.59
N LYS N 340 -44.46 42.75 39.83
CA LYS N 340 -43.09 43.27 39.93
C LYS N 340 -42.80 43.78 41.33
N GLU N 341 -43.72 44.56 41.89
CA GLU N 341 -43.52 45.07 43.25
C GLU N 341 -43.42 43.92 44.25
N CYS N 342 -44.29 42.93 44.12
CA CYS N 342 -44.29 41.80 45.03
C CYS N 342 -43.00 40.99 44.92
N LEU N 343 -42.51 40.77 43.69
CA LEU N 343 -41.27 40.03 43.52
C LEU N 343 -40.09 40.81 44.07
N LYS N 344 -40.07 42.14 43.85
CA LYS N 344 -39.03 42.95 44.45
C LYS N 344 -39.05 42.86 45.97
N SER N 345 -40.25 42.80 46.56
CA SER N 345 -40.36 42.56 47.99
C SER N 345 -39.85 41.18 48.35
N GLY N 346 -39.92 40.22 47.42
CA GLY N 346 -39.37 38.89 47.63
C GLY N 346 -40.41 37.86 48.02
N THR N 347 -41.57 37.87 47.35
CA THR N 347 -42.64 36.92 47.60
C THR N 347 -42.72 35.95 46.42
N LEU N 348 -42.80 34.66 46.73
CA LEU N 348 -43.13 33.67 45.72
C LEU N 348 -44.65 33.62 45.57
N VAL N 349 -45.12 33.76 44.32
CA VAL N 349 -46.54 33.83 44.01
C VAL N 349 -46.84 32.87 42.87
N LEU N 350 -47.78 31.96 43.11
CA LEU N 350 -48.26 31.10 42.04
C LEU N 350 -49.25 31.87 41.16
N ASP N 351 -49.33 31.48 39.90
CA ASP N 351 -50.24 32.09 38.93
C ASP N 351 -50.90 31.01 38.11
N PHE N 352 -52.13 31.29 37.67
CA PHE N 352 -52.91 30.34 36.88
C PHE N 352 -52.77 30.79 35.43
N ASP N 353 -51.61 30.48 34.85
CA ASP N 353 -51.29 31.01 33.53
C ASP N 353 -52.07 30.29 32.42
N ASP N 354 -52.34 29.01 32.60
CA ASP N 354 -53.19 28.24 31.70
C ASP N 354 -54.05 27.35 32.58
N GLY N 355 -54.64 26.30 31.98
CA GLY N 355 -55.50 25.40 32.75
C GLY N 355 -54.85 24.81 33.99
N ASP N 356 -53.52 24.73 34.01
CA ASP N 356 -52.75 24.32 35.17
C ASP N 356 -51.94 25.49 35.72
N VAL N 357 -51.68 25.46 37.03
CA VAL N 357 -50.99 26.54 37.70
C VAL N 357 -49.51 26.53 37.33
N ILE N 358 -48.91 27.73 37.29
CA ILE N 358 -47.51 27.92 36.97
C ILE N 358 -46.91 28.95 37.93
N ILE N 359 -45.70 28.67 38.41
CA ILE N 359 -44.99 29.60 39.28
C ILE N 359 -44.58 30.84 38.49
N VAL N 360 -44.46 31.96 39.19
CA VAL N 360 -44.10 33.22 38.53
C VAL N 360 -42.59 33.33 38.34
N ASP N 361 -41.79 32.98 39.35
CA ASP N 361 -40.36 33.15 39.28
C ASP N 361 -39.74 32.41 40.46
N ASP N 362 -38.47 32.03 40.32
CA ASP N 362 -37.76 31.22 41.32
C ASP N 362 -36.98 32.17 42.22
N VAL N 363 -37.70 32.75 43.19
CA VAL N 363 -37.16 33.82 44.03
C VAL N 363 -37.24 33.38 45.49
N ASN N 364 -36.28 33.84 46.28
CA ASN N 364 -36.19 33.61 47.71
C ASN N 364 -36.41 34.92 48.45
N THR N 365 -36.42 34.85 49.78
CA THR N 365 -36.62 36.04 50.60
C THR N 365 -35.46 37.03 50.53
N PHE N 366 -34.31 36.63 49.96
CA PHE N 366 -33.13 37.48 49.88
C PHE N 366 -33.08 38.26 48.58
N LYS N 367 -34.23 38.61 48.00
CA LYS N 367 -34.22 39.49 46.84
C LYS N 367 -33.64 40.84 47.21
N LYS N 368 -33.97 41.34 48.39
CA LYS N 368 -33.38 42.60 48.85
C LYS N 368 -31.89 42.38 49.06
N TYR N 369 -31.12 42.75 48.04
CA TYR N 369 -29.66 42.65 48.01
C TYR N 369 -29.06 44.03 48.29
N VAL N 370 -27.73 44.07 48.37
CA VAL N 370 -26.98 45.29 48.58
C VAL N 370 -25.74 45.26 47.69
N ASP N 371 -25.08 46.42 47.57
CA ASP N 371 -24.05 46.59 46.55
C ASP N 371 -22.86 45.66 46.79
N ASP N 372 -22.53 45.39 48.06
CA ASP N 372 -21.36 44.56 48.35
C ASP N 372 -21.57 43.10 47.93
N LYS N 373 -22.80 42.67 47.70
CA LYS N 373 -23.12 41.35 47.19
C LYS N 373 -23.75 41.46 45.80
N ASN N 374 -23.79 40.33 45.10
CA ASN N 374 -24.31 40.27 43.74
C ASN N 374 -25.80 39.94 43.74
N GLU N 375 -26.42 40.10 42.57
CA GLU N 375 -27.84 39.87 42.41
C GLU N 375 -28.19 38.41 42.17
N ALA N 376 -27.23 37.61 41.68
CA ALA N 376 -27.54 36.24 41.29
C ALA N 376 -27.91 35.36 42.46
N MET N 377 -27.53 35.72 43.69
CA MET N 377 -27.73 34.86 44.84
C MET N 377 -29.11 35.01 45.46
N GLY N 378 -29.96 35.88 44.91
CA GLY N 378 -31.30 36.06 45.41
C GLY N 378 -32.34 35.14 44.79
N TYR N 379 -31.89 34.01 44.25
CA TYR N 379 -32.76 33.03 43.60
C TYR N 379 -32.55 31.66 44.24
N ILE N 380 -33.63 30.89 44.34
CA ILE N 380 -33.58 29.59 45.00
C ILE N 380 -32.60 28.66 44.30
N SER N 381 -32.56 28.70 42.97
CA SER N 381 -31.68 27.81 42.22
C SER N 381 -30.22 28.07 42.58
N ASN N 382 -29.83 29.33 42.68
CA ASN N 382 -28.45 29.65 43.04
C ASN N 382 -28.13 29.28 44.48
N ILE N 383 -29.09 29.44 45.39
CA ILE N 383 -28.88 29.01 46.78
C ILE N 383 -28.66 27.50 46.83
N MET N 384 -29.49 26.74 46.13
CA MET N 384 -29.33 25.29 46.13
C MET N 384 -28.03 24.89 45.48
N PHE N 385 -27.60 25.63 44.45
CA PHE N 385 -26.38 25.32 43.71
C PHE N 385 -25.15 25.59 44.57
N ILE N 386 -25.12 26.75 45.23
CA ILE N 386 -24.01 27.08 46.12
C ILE N 386 -23.99 26.14 47.32
N ASN N 387 -25.17 25.80 47.86
CA ASN N 387 -25.22 24.89 48.98
C ASN N 387 -24.72 23.51 48.58
N THR N 388 -25.09 23.05 47.39
CA THR N 388 -24.64 21.75 46.91
C THR N 388 -23.13 21.73 46.71
N ILE N 389 -22.56 22.81 46.18
CA ILE N 389 -21.10 22.88 46.05
C ILE N 389 -20.43 22.86 47.41
N ASN N 390 -20.93 23.68 48.35
CA ASN N 390 -20.28 23.76 49.65
C ASN N 390 -20.36 22.43 50.38
N LYS N 391 -21.48 21.73 50.24
CA LYS N 391 -21.58 20.39 50.82
C LYS N 391 -20.65 19.41 50.12
N ASP N 392 -20.69 19.37 48.79
CA ASP N 392 -19.93 18.35 48.05
C ASP N 392 -18.44 18.50 48.26
N THR N 393 -17.93 19.73 48.22
CA THR N 393 -16.55 19.96 48.62
C THR N 393 -16.36 19.63 50.10
N SER N 394 -17.36 19.95 50.93
CA SER N 394 -17.29 19.64 52.34
C SER N 394 -17.45 18.16 52.64
N LEU N 395 -17.98 17.37 51.70
CA LEU N 395 -18.00 15.93 51.86
C LEU N 395 -16.61 15.30 51.70
N LYS N 396 -15.64 16.05 51.18
CA LYS N 396 -14.29 15.52 50.98
C LYS N 396 -13.47 15.62 52.26
N ARG N 397 -13.98 15.12 53.39
CA ARG N 397 -13.17 15.00 54.60
C ARG N 397 -13.03 13.58 55.11
N LYS N 398 -13.77 12.63 54.57
CA LYS N 398 -13.80 11.30 55.17
C LYS N 398 -12.53 10.51 54.87
N GLU N 399 -11.68 11.01 53.95
CA GLU N 399 -10.43 10.37 53.56
C GLU N 399 -9.31 11.39 53.39
N PHE N 400 -9.53 12.63 53.87
CA PHE N 400 -8.86 13.78 53.28
C PHE N 400 -8.26 14.71 54.32
N VAL N 401 -8.92 14.88 55.46
CA VAL N 401 -8.48 15.74 56.54
C VAL N 401 -7.94 14.86 57.67
N GLY N 402 -6.72 15.15 58.10
CA GLY N 402 -6.04 14.31 59.07
C GLY N 402 -5.45 13.05 58.48
N LYS N 403 -5.60 12.83 57.18
CA LYS N 403 -5.16 11.63 56.50
C LYS N 403 -4.29 11.95 55.28
N ILE N 404 -3.97 13.22 55.04
CA ILE N 404 -3.15 13.67 53.92
C ILE N 404 -2.07 14.61 54.45
N PHE N 405 -0.95 14.65 53.74
CA PHE N 405 0.15 15.53 54.10
C PHE N 405 -0.10 16.93 53.53
N ASN N 406 0.68 17.91 54.00
CA ASN N 406 0.55 19.30 53.61
C ASN N 406 1.75 19.78 52.80
N ASP N 407 2.21 18.93 51.88
CA ASP N 407 3.27 19.24 50.95
C ASP N 407 2.69 19.44 49.55
N ALA N 408 3.57 19.71 48.58
CA ALA N 408 3.12 19.96 47.22
C ALA N 408 2.37 18.76 46.63
N THR N 409 2.81 17.54 46.96
CA THR N 409 2.12 16.36 46.47
C THR N 409 0.70 16.30 47.01
N GLY N 410 0.54 16.49 48.32
CA GLY N 410 -0.79 16.44 48.90
C GLY N 410 -1.69 17.53 48.38
N GLN N 411 -1.18 18.76 48.28
CA GLN N 411 -1.97 19.86 47.76
C GLN N 411 -2.38 19.62 46.32
N THR N 412 -1.48 19.05 45.52
CA THR N 412 -1.83 18.77 44.13
C THR N 412 -2.87 17.67 44.04
N THR N 413 -2.81 16.67 44.92
CA THR N 413 -3.88 15.67 44.96
C THR N 413 -5.21 16.32 45.36
N VAL N 414 -5.16 17.28 46.29
CA VAL N 414 -6.37 18.00 46.69
C VAL N 414 -6.98 18.69 45.50
N ILE N 415 -6.17 19.46 44.78
CA ILE N 415 -6.66 20.23 43.64
C ILE N 415 -7.14 19.29 42.55
N CYS N 416 -6.48 18.14 42.38
CA CYS N 416 -6.94 17.16 41.41
C CYS N 416 -8.32 16.62 41.77
N ALA N 417 -8.56 16.32 43.05
CA ALA N 417 -9.86 15.81 43.45
C ALA N 417 -10.95 16.86 43.28
N LEU N 418 -10.66 18.10 43.67
CA LEU N 418 -11.66 19.16 43.53
C LEU N 418 -11.95 19.44 42.06
N LYS N 419 -10.90 19.44 41.23
CA LYS N 419 -11.09 19.61 39.79
C LYS N 419 -11.89 18.45 39.22
N LYS N 420 -11.67 17.24 39.73
CA LYS N 420 -12.45 16.10 39.28
C LYS N 420 -13.93 16.31 39.59
N TYR N 421 -14.24 16.79 40.79
CA TYR N 421 -15.63 17.02 41.14
C TYR N 421 -16.24 18.09 40.25
N PHE N 422 -15.49 19.17 39.98
CA PHE N 422 -16.02 20.21 39.11
C PHE N 422 -16.20 19.73 37.67
N GLU N 423 -15.26 18.90 37.18
CA GLU N 423 -15.35 18.39 35.83
C GLU N 423 -16.54 17.45 35.68
N GLU N 424 -16.76 16.56 36.65
CA GLU N 424 -17.97 15.74 36.61
C GLU N 424 -19.21 16.60 36.73
N LEU N 425 -19.15 17.69 37.50
CA LEU N 425 -20.27 18.62 37.58
C LEU N 425 -20.50 19.31 36.25
N MET N 426 -19.41 19.70 35.56
CA MET N 426 -19.52 20.28 34.23
C MET N 426 -20.09 19.29 33.24
N SER N 427 -19.94 17.99 33.49
CA SER N 427 -20.42 16.99 32.55
C SER N 427 -21.94 17.03 32.40
N GLN N 428 -22.67 17.42 33.45
CA GLN N 428 -24.12 17.56 33.33
C GLN N 428 -24.54 18.87 32.69
N GLY N 429 -23.59 19.71 32.26
CA GLY N 429 -23.93 20.98 31.67
C GLY N 429 -24.30 22.06 32.65
N ILE N 430 -24.09 21.83 33.95
CA ILE N 430 -24.47 22.82 34.95
C ILE N 430 -23.59 24.06 34.86
N ILE N 431 -22.35 23.90 34.39
CA ILE N 431 -21.36 24.97 34.35
C ILE N 431 -20.80 25.06 32.94
N SER N 432 -20.48 26.29 32.52
CA SER N 432 -19.85 26.52 31.23
C SER N 432 -18.33 26.50 31.32
N GLU N 433 -17.77 27.06 32.39
CA GLU N 433 -16.33 27.06 32.61
C GLU N 433 -16.07 27.15 34.10
N PHE N 434 -14.89 26.66 34.50
CA PHE N 434 -14.52 26.67 35.91
C PHE N 434 -13.01 26.78 36.04
N ASN N 435 -12.58 27.11 37.24
CA ASN N 435 -11.17 27.17 37.59
C ASN N 435 -11.02 26.74 39.03
N VAL N 436 -9.98 25.96 39.32
CA VAL N 436 -9.65 25.55 40.68
C VAL N 436 -8.14 25.53 40.80
N ASP N 437 -7.59 26.33 41.72
CA ASP N 437 -6.15 26.53 41.86
C ASP N 437 -5.87 26.86 43.32
N ILE N 438 -4.58 27.00 43.63
CA ILE N 438 -4.13 27.37 44.97
C ILE N 438 -4.35 28.86 45.16
N ASP N 439 -4.74 29.24 46.38
CA ASP N 439 -4.91 30.65 46.73
C ASP N 439 -3.57 31.18 47.23
N THR N 440 -2.74 31.60 46.27
CA THR N 440 -1.34 31.93 46.56
C THR N 440 -1.24 33.12 47.52
N GLU N 441 -2.09 34.13 47.32
CA GLU N 441 -2.03 35.34 48.14
C GLU N 441 -2.16 35.02 49.62
N LEU N 442 -3.17 34.23 49.97
CA LEU N 442 -3.35 33.85 51.36
C LEU N 442 -2.37 32.74 51.75
N GLN N 443 -2.07 31.82 50.83
CA GLN N 443 -1.23 30.67 51.17
C GLN N 443 0.18 31.10 51.54
N ALA N 444 0.64 32.24 51.03
CA ALA N 444 1.95 32.75 51.43
C ALA N 444 2.00 33.02 52.92
N THR N 445 0.93 33.61 53.46
CA THR N 445 0.84 33.91 54.89
C THR N 445 0.25 32.76 55.70
N ALA N 446 0.03 31.59 55.09
CA ALA N 446 -0.62 30.50 55.79
C ALA N 446 0.27 29.95 56.90
N LYS N 447 -0.38 29.38 57.90
CA LYS N 447 0.28 28.54 58.88
C LYS N 447 0.54 27.16 58.25
N ALA N 448 1.43 26.40 58.88
CA ALA N 448 1.88 25.12 58.32
C ALA N 448 0.72 24.17 58.08
N ASP N 449 -0.24 24.13 59.01
CA ASP N 449 -1.36 23.20 58.88
C ASP N 449 -2.39 23.68 57.86
N GLU N 450 -2.57 24.99 57.73
CA GLU N 450 -3.61 25.52 56.88
C GLU N 450 -3.30 25.28 55.41
N PHE N 451 -4.33 24.96 54.64
CA PHE N 451 -4.27 24.90 53.18
C PHE N 451 -5.36 25.80 52.62
N TYR N 452 -5.01 26.64 51.64
CA TYR N 452 -5.93 27.65 51.14
C TYR N 452 -6.08 27.43 49.65
N TRP N 453 -7.32 27.42 49.16
CA TRP N 453 -7.58 27.31 47.73
C TRP N 453 -8.74 28.22 47.35
N LYS N 454 -8.90 28.39 46.04
CA LYS N 454 -9.95 29.24 45.48
C LYS N 454 -10.52 28.57 44.24
N TRP N 455 -11.75 28.93 43.89
CA TRP N 455 -12.40 28.38 42.71
C TRP N 455 -13.31 29.43 42.07
N ASP N 456 -13.47 29.29 40.76
CA ASP N 456 -14.36 30.12 39.96
C ASP N 456 -15.31 29.21 39.20
N ALA N 457 -16.47 29.73 38.85
CA ALA N 457 -17.39 29.01 37.99
C ALA N 457 -18.29 29.99 37.29
N VAL N 458 -18.89 29.52 36.19
CA VAL N 458 -19.85 30.31 35.42
C VAL N 458 -21.04 29.41 35.12
N LYS N 459 -22.15 29.63 35.82
CA LYS N 459 -23.36 28.86 35.57
C LYS N 459 -23.86 29.10 34.16
N VAL N 460 -24.38 28.03 33.54
CA VAL N 460 -24.94 28.15 32.20
C VAL N 460 -26.21 28.97 32.26
N ASP N 461 -26.38 29.84 31.26
CA ASP N 461 -27.54 30.70 31.21
C ASP N 461 -28.78 29.91 30.81
N VAL N 462 -29.92 30.28 31.38
CA VAL N 462 -31.21 29.67 31.09
C VAL N 462 -32.14 30.78 30.63
N MET N 463 -32.80 30.55 29.49
CA MET N 463 -33.74 31.55 28.98
C MET N 463 -34.89 31.76 29.98
N LYS N 464 -35.13 33.02 30.31
CA LYS N 464 -36.28 33.43 31.09
C LYS N 464 -37.14 34.46 30.38
N LYS N 465 -36.51 35.45 29.75
CA LYS N 465 -37.21 36.53 29.06
C LYS N 465 -36.95 36.43 27.57
N ILE N 466 -38.02 36.49 26.78
CA ILE N 466 -37.97 36.33 25.34
C ILE N 466 -38.86 37.40 24.73
N TYR N 467 -38.32 38.20 23.82
CA TYR N 467 -39.07 39.30 23.22
C TYR N 467 -39.12 39.09 21.72
N GLY N 468 -40.32 39.16 21.15
CA GLY N 468 -40.51 39.02 19.72
C GLY N 468 -41.06 40.28 19.07
N THR N 469 -40.37 40.79 18.05
CA THR N 469 -40.76 42.01 17.35
C THR N 469 -41.48 41.62 16.06
N GLY N 470 -42.78 41.90 16.00
CA GLY N 470 -43.58 41.52 14.85
C GLY N 470 -43.63 42.59 13.77
N TYR N 471 -43.92 42.14 12.56
CA TYR N 471 -44.10 43.01 11.41
C TYR N 471 -45.12 42.36 10.48
N LEU N 472 -45.69 43.16 9.59
CA LEU N 472 -46.71 42.66 8.67
C LEU N 472 -46.72 43.40 7.34
N ILE O 7 48.61 0.74 -9.16
CA ILE O 7 50.08 0.97 -9.21
C ILE O 7 50.37 2.46 -9.12
N GLU O 8 49.92 3.21 -10.13
CA GLU O 8 50.34 4.60 -10.29
C GLU O 8 49.72 5.46 -9.20
N GLU O 9 50.57 6.04 -8.35
CA GLU O 9 50.12 6.95 -7.32
C GLU O 9 49.44 8.19 -7.91
N ALA O 10 49.89 8.64 -9.08
CA ALA O 10 49.43 9.92 -9.60
C ALA O 10 48.00 9.90 -10.10
N SER O 11 47.45 8.71 -10.37
CA SER O 11 46.12 8.64 -10.94
C SER O 11 45.04 9.04 -9.94
N PHE O 12 45.29 8.84 -8.65
CA PHE O 12 44.29 9.17 -7.64
C PHE O 12 44.07 10.67 -7.56
N LEU O 13 42.82 11.04 -7.31
CA LEU O 13 42.38 12.42 -7.28
C LEU O 13 41.83 12.73 -5.90
N ASN O 14 42.34 13.79 -5.28
CA ASN O 14 41.93 14.19 -3.95
C ASN O 14 40.77 15.17 -4.04
N GLY O 15 40.02 15.28 -2.95
CA GLY O 15 38.96 16.26 -2.88
C GLY O 15 39.46 17.69 -2.93
N SER O 16 40.73 17.92 -2.58
CA SER O 16 41.30 19.25 -2.57
C SER O 16 41.48 19.86 -3.95
N ASP O 17 41.41 19.05 -5.01
CA ASP O 17 41.58 19.51 -6.37
C ASP O 17 40.24 19.85 -7.03
N VAL O 18 39.31 20.37 -6.24
CA VAL O 18 37.92 20.55 -6.64
C VAL O 18 37.58 22.03 -6.63
N VAL O 19 36.91 22.49 -7.68
CA VAL O 19 36.36 23.84 -7.74
C VAL O 19 34.94 23.74 -8.29
N ILE O 20 34.01 24.40 -7.61
CA ILE O 20 32.58 24.31 -7.92
C ILE O 20 32.08 25.69 -8.31
N LEU O 21 31.30 25.76 -9.38
CA LEU O 21 30.69 26.99 -9.86
C LEU O 21 29.18 26.83 -9.83
N ILE O 22 28.53 27.67 -9.03
CA ILE O 22 27.07 27.72 -8.95
C ILE O 22 26.61 28.93 -9.74
N ASP O 23 25.96 28.68 -10.88
CA ASP O 23 25.46 29.74 -11.75
C ASP O 23 26.61 30.65 -12.20
N GLY O 24 27.78 30.05 -12.46
CA GLY O 24 28.89 30.75 -13.02
C GLY O 24 29.84 31.42 -12.04
N VAL O 25 29.49 31.47 -10.75
CA VAL O 25 30.33 32.08 -9.73
C VAL O 25 30.85 30.97 -8.82
N GLU O 26 32.14 31.03 -8.52
CA GLU O 26 32.80 29.96 -7.79
C GLU O 26 32.29 29.88 -6.36
N GLU O 27 32.10 28.65 -5.88
CA GLU O 27 31.68 28.37 -4.50
C GLU O 27 32.86 27.78 -3.77
N LEU O 28 33.29 28.45 -2.69
CA LEU O 28 34.54 28.14 -2.01
C LEU O 28 34.34 27.38 -0.71
N TYR O 29 33.19 27.51 -0.06
CA TYR O 29 32.96 27.00 1.29
C TYR O 29 32.14 25.71 1.30
N MET O 30 32.38 24.83 0.33
CA MET O 30 31.68 23.56 0.22
C MET O 30 32.49 22.43 0.82
N GLU O 31 31.78 21.49 1.45
CA GLU O 31 32.38 20.35 2.12
C GLU O 31 32.30 19.07 1.29
N GLU O 32 31.17 18.83 0.61
CA GLU O 32 31.06 17.67 -0.26
C GLU O 32 29.96 17.93 -1.28
N ILE O 33 30.01 17.16 -2.37
CA ILE O 33 29.07 17.25 -3.46
C ILE O 33 28.81 15.87 -4.02
N LYS O 34 27.58 15.65 -4.47
CA LYS O 34 27.15 14.38 -5.06
C LYS O 34 26.28 14.68 -6.26
N ALA O 35 26.34 13.80 -7.26
CA ALA O 35 25.44 13.91 -8.41
C ALA O 35 25.34 12.55 -9.06
N ASP O 36 24.10 12.10 -9.29
CA ASP O 36 23.82 10.82 -9.90
C ASP O 36 22.77 11.01 -10.99
N PHE O 37 22.88 10.20 -12.04
CA PHE O 37 21.96 10.19 -13.18
C PHE O 37 21.34 8.80 -13.23
N GLU O 38 20.11 8.68 -12.76
CA GLU O 38 19.52 7.40 -12.40
C GLU O 38 18.51 6.95 -13.44
N GLN O 39 18.52 5.64 -13.73
CA GLN O 39 17.52 5.03 -14.58
C GLN O 39 16.20 4.83 -13.85
N ASP O 40 15.12 4.84 -14.62
CA ASP O 40 13.87 4.17 -14.23
C ASP O 40 13.80 2.83 -14.95
N GLU O 41 14.69 1.93 -14.54
CA GLU O 41 14.93 0.69 -15.26
C GLU O 41 13.67 -0.15 -15.36
N GLN O 42 13.38 -0.62 -16.58
CA GLN O 42 12.17 -1.36 -16.88
C GLN O 42 12.49 -2.85 -16.89
N SER O 43 11.80 -3.61 -16.04
CA SER O 43 11.97 -5.05 -15.96
C SER O 43 10.96 -5.74 -16.85
N ILE O 44 11.44 -6.72 -17.61
CA ILE O 44 10.65 -7.45 -18.58
C ILE O 44 10.78 -8.93 -18.29
N LYS O 45 9.64 -9.62 -18.20
CA LYS O 45 9.59 -11.07 -18.07
C LYS O 45 8.86 -11.62 -19.28
N LEU O 46 9.44 -12.64 -19.91
CA LEU O 46 8.91 -13.26 -21.10
C LEU O 46 8.49 -14.69 -20.82
N LEU O 47 7.54 -15.17 -21.62
CA LEU O 47 6.96 -16.48 -21.37
C LEU O 47 7.95 -17.59 -21.69
N GLY O 48 8.70 -17.47 -22.77
CA GLY O 48 9.63 -18.53 -23.13
C GLY O 48 10.97 -18.48 -22.45
N CYS O 49 11.24 -17.44 -21.67
CA CYS O 49 12.57 -17.17 -21.13
C CYS O 49 12.49 -17.08 -19.61
N GLN O 50 13.57 -17.54 -18.95
CA GLN O 50 13.58 -17.72 -17.51
C GLN O 50 14.50 -16.74 -16.79
N ASN O 51 14.81 -15.59 -17.41
CA ASN O 51 15.52 -14.53 -16.73
C ASN O 51 14.90 -13.19 -17.12
N GLU O 52 14.98 -12.23 -16.22
CA GLU O 52 14.42 -10.92 -16.49
C GLU O 52 15.27 -10.16 -17.48
N ILE O 53 14.60 -9.41 -18.36
CA ILE O 53 15.24 -8.51 -19.30
C ILE O 53 15.07 -7.09 -18.81
N SER O 54 16.17 -6.36 -18.74
CA SER O 54 16.21 -5.00 -18.23
C SER O 54 16.45 -4.03 -19.38
N ARG O 55 15.69 -2.94 -19.40
CA ARG O 55 15.78 -1.92 -20.44
C ARG O 55 15.88 -0.55 -19.79
N VAL O 56 16.44 0.39 -20.54
CA VAL O 56 16.66 1.75 -20.03
C VAL O 56 15.34 2.49 -20.04
N GLY O 57 15.00 3.09 -18.91
CA GLY O 57 13.86 3.96 -18.80
C GLY O 57 14.27 5.43 -18.82
N THR O 58 13.36 6.27 -18.36
CA THR O 58 13.64 7.70 -18.31
C THR O 58 14.72 8.00 -17.29
N THR O 59 15.58 8.94 -17.61
CA THR O 59 16.71 9.31 -16.79
C THR O 59 16.37 10.56 -15.97
N LYS O 60 16.70 10.51 -14.68
CA LYS O 60 16.56 11.65 -13.79
C LYS O 60 17.88 11.90 -13.10
N GLY O 61 18.15 13.18 -12.83
CA GLY O 61 19.35 13.59 -12.13
C GLY O 61 19.00 14.02 -10.71
N SER O 62 19.86 13.66 -9.77
CA SER O 62 19.74 14.07 -8.38
C SER O 62 21.11 14.49 -7.87
N PHE O 63 21.16 15.61 -7.17
CA PHE O 63 22.39 16.13 -6.59
C PHE O 63 22.17 16.46 -5.12
N SER O 64 23.25 16.39 -4.36
CA SER O 64 23.30 16.96 -3.01
C SER O 64 24.59 17.74 -2.88
N LEU O 65 24.58 18.72 -1.99
CA LEU O 65 25.62 19.74 -1.95
C LEU O 65 25.67 20.30 -0.53
N ASN O 66 26.66 19.84 0.24
CA ASN O 66 26.83 20.21 1.64
C ASN O 66 28.00 21.17 1.77
N GLY O 67 27.83 22.17 2.63
CA GLY O 67 28.86 23.16 2.80
C GLY O 67 28.68 23.96 4.06
N TYR O 68 29.43 25.06 4.12
CA TYR O 68 29.43 25.98 5.25
C TYR O 68 28.75 27.27 4.86
N LYS O 69 27.88 27.76 5.72
CA LYS O 69 27.09 28.95 5.42
C LYS O 69 27.94 30.21 5.58
N THR O 70 27.96 31.01 4.52
CA THR O 70 28.58 32.32 4.53
C THR O 70 27.69 33.42 3.98
N ASP O 71 26.54 33.07 3.41
CA ASP O 71 25.62 34.04 2.84
C ASP O 71 24.26 33.36 2.71
N SER O 72 23.27 34.14 2.29
CA SER O 72 21.92 33.64 2.03
C SER O 72 21.72 33.35 0.55
N LYS O 73 22.78 32.83 -0.10
CA LYS O 73 22.73 32.62 -1.55
C LYS O 73 21.60 31.68 -1.94
N PHE O 74 21.47 30.56 -1.24
CA PHE O 74 20.47 29.58 -1.61
C PHE O 74 19.06 30.03 -1.24
N ALA O 75 18.92 30.82 -0.19
CA ALA O 75 17.61 31.36 0.16
C ALA O 75 17.12 32.36 -0.88
N LYS O 76 17.99 33.26 -1.32
CA LYS O 76 17.65 34.12 -2.45
C LYS O 76 17.41 33.31 -3.72
N LEU O 77 18.23 32.29 -3.95
CA LEU O 77 18.13 31.51 -5.16
C LEU O 77 16.77 30.85 -5.28
N GLY O 78 16.15 30.52 -4.16
CA GLY O 78 14.81 29.97 -4.19
C GLY O 78 14.77 28.66 -4.95
N PHE O 79 13.71 28.50 -5.72
CA PHE O 79 13.51 27.32 -6.55
C PHE O 79 13.77 27.60 -8.02
N ARG O 80 14.46 28.69 -8.33
CA ARG O 80 14.84 28.96 -9.71
C ARG O 80 15.81 27.90 -10.22
N SER O 81 15.81 27.70 -11.53
CA SER O 81 16.75 26.80 -12.16
C SER O 81 18.12 27.42 -12.24
N PHE O 82 19.14 26.62 -12.00
CA PHE O 82 20.53 27.05 -12.07
C PHE O 82 21.37 25.90 -12.61
N GLU O 83 22.65 26.18 -12.84
CA GLU O 83 23.61 25.20 -13.33
C GLU O 83 24.74 25.04 -12.34
N ILE O 84 25.33 23.84 -12.36
CA ILE O 84 26.49 23.50 -11.54
C ILE O 84 27.56 22.98 -12.48
N ILE O 85 28.72 23.64 -12.48
CA ILE O 85 29.90 23.19 -13.21
C ILE O 85 30.88 22.69 -12.17
N TYR O 86 31.24 21.41 -12.29
CA TYR O 86 32.13 20.73 -11.36
C TYR O 86 33.40 20.33 -12.07
N ASN O 87 34.53 20.85 -11.59
CA ASN O 87 35.83 20.54 -12.16
C ASN O 87 36.67 19.82 -11.12
N LEU O 88 37.19 18.65 -11.50
CA LEU O 88 38.08 17.86 -10.68
C LEU O 88 39.38 17.72 -11.45
N SER O 89 40.45 18.32 -10.94
CA SER O 89 41.73 18.38 -11.63
C SER O 89 42.73 17.42 -10.99
N ASN O 90 43.69 16.98 -11.80
CA ASN O 90 44.87 16.29 -11.31
C ASN O 90 46.02 17.28 -11.23
N SER O 91 46.88 17.07 -10.23
CA SER O 91 48.06 17.90 -10.02
C SER O 91 49.33 17.25 -10.55
N GLU O 92 49.58 16.00 -10.19
CA GLU O 92 50.76 15.31 -10.69
C GLU O 92 50.69 15.14 -12.20
N THR O 93 49.51 14.83 -12.71
CA THR O 93 49.19 14.93 -14.13
C THR O 93 48.44 16.24 -14.36
N LEU O 94 48.41 16.68 -15.61
CA LEU O 94 47.73 17.92 -15.97
C LEU O 94 46.29 17.71 -16.42
N GLY O 95 45.81 16.46 -16.42
CA GLY O 95 44.46 16.21 -16.86
C GLY O 95 43.42 16.66 -15.86
N TYR O 96 42.20 16.85 -16.35
CA TYR O 96 41.11 17.27 -15.50
C TYR O 96 39.78 16.86 -16.11
N GLU O 97 38.79 16.72 -15.24
CA GLU O 97 37.42 16.42 -15.61
C GLU O 97 36.57 17.64 -15.33
N SER O 98 35.60 17.91 -16.20
CA SER O 98 34.65 18.99 -15.99
C SER O 98 33.26 18.50 -16.37
N ILE O 99 32.31 18.67 -15.45
CA ILE O 99 30.94 18.20 -15.62
C ILE O 99 30.01 19.37 -15.35
N ARG O 100 29.07 19.59 -16.26
CA ARG O 100 28.09 20.67 -16.16
C ARG O 100 26.72 20.03 -15.97
N LEU O 101 26.14 20.26 -14.80
CA LEU O 101 24.77 19.85 -14.52
C LEU O 101 23.82 20.98 -14.89
N LYS O 102 22.81 20.66 -15.70
CA LYS O 102 21.92 21.64 -16.29
C LYS O 102 20.53 21.55 -15.67
N ASN O 103 19.87 22.71 -15.60
CA ASN O 103 18.51 22.82 -15.08
C ASN O 103 18.43 22.29 -13.65
N CYS O 104 19.46 22.57 -12.86
CA CYS O 104 19.46 22.17 -11.47
C CYS O 104 18.46 23.01 -10.69
N ARG O 105 17.75 22.35 -9.77
CA ARG O 105 16.68 23.00 -9.02
C ARG O 105 16.62 22.38 -7.64
N LEU O 106 16.51 23.24 -6.62
CA LEU O 106 16.52 22.78 -5.24
C LEU O 106 15.21 22.12 -4.86
N LYS O 107 15.30 21.01 -4.14
CA LYS O 107 14.11 20.38 -3.59
C LYS O 107 13.60 21.11 -2.37
N LYS O 108 14.50 21.64 -1.54
CA LYS O 108 14.13 22.39 -0.37
C LYS O 108 15.16 23.48 -0.10
N LEU O 109 14.70 24.55 0.55
CA LEU O 109 15.52 25.70 0.86
C LEU O 109 16.13 25.54 2.25
N PRO O 110 17.46 25.64 2.42
CA PRO O 110 18.00 25.55 3.79
C PRO O 110 17.93 26.89 4.50
N LEU O 111 16.73 27.22 4.98
CA LEU O 111 16.53 28.53 5.59
C LEU O 111 17.32 28.67 6.87
N ILE O 112 17.21 27.70 7.77
CA ILE O 112 17.83 27.75 9.08
C ILE O 112 18.44 26.37 9.38
N ASN O 113 19.70 26.37 9.80
CA ASN O 113 20.33 25.15 10.30
C ASN O 113 21.50 25.59 11.17
N SER O 114 21.31 25.57 12.49
CA SER O 114 22.35 25.97 13.42
C SER O 114 22.24 25.14 14.69
N LYS O 115 23.39 24.84 15.27
CA LYS O 115 23.51 24.09 16.51
C LYS O 115 24.27 24.94 17.52
N ALA O 116 24.29 24.48 18.76
CA ALA O 116 24.65 25.34 19.89
C ALA O 116 26.06 25.89 19.77
N GLY O 117 27.04 25.03 19.50
CA GLY O 117 28.44 25.43 19.50
C GLY O 117 29.21 25.00 18.28
N GLU O 118 28.52 24.68 17.20
CA GLU O 118 29.12 24.23 15.96
C GLU O 118 29.05 25.31 14.90
N ILE O 119 29.88 25.15 13.88
CA ILE O 119 29.89 26.09 12.76
C ILE O 119 28.64 25.87 11.92
N VAL O 120 28.02 26.98 11.52
CA VAL O 120 26.77 26.90 10.77
C VAL O 120 27.05 26.27 9.41
N LYS O 121 26.39 25.15 9.14
CA LYS O 121 26.52 24.42 7.90
C LYS O 121 25.23 24.54 7.10
N ILE O 122 25.38 24.38 5.78
CA ILE O 122 24.27 24.42 4.85
C ILE O 122 24.32 23.17 3.98
N GLU O 123 23.18 22.50 3.86
CA GLU O 123 23.05 21.29 3.05
C GLU O 123 21.82 21.42 2.18
N VAL O 124 21.98 21.18 0.89
CA VAL O 124 20.90 21.26 -0.08
C VAL O 124 20.89 20.00 -0.94
N GLU O 125 19.72 19.72 -1.50
CA GLU O 125 19.53 18.63 -2.43
C GLU O 125 18.58 19.09 -3.52
N GLY O 126 18.62 18.41 -4.64
CA GLY O 126 17.80 18.81 -5.77
C GLY O 126 17.91 17.83 -6.91
N SER O 127 17.39 18.27 -8.05
CA SER O 127 17.34 17.47 -9.26
C SER O 127 17.84 18.28 -10.43
N PHE O 128 18.40 17.58 -11.43
CA PHE O 128 18.85 18.20 -12.67
C PHE O 128 18.40 17.33 -13.84
N ARG O 129 18.25 17.98 -14.99
CA ARG O 129 17.70 17.31 -16.17
C ARG O 129 18.74 16.44 -16.84
N GLY O 130 19.86 17.05 -17.23
CA GLY O 130 20.90 16.36 -17.96
C GLY O 130 22.27 16.91 -17.59
N TYR O 131 23.29 16.33 -18.21
CA TYR O 131 24.67 16.68 -17.91
C TYR O 131 25.46 16.76 -19.21
N ASP O 132 26.48 17.61 -19.19
CA ASP O 132 27.47 17.71 -20.26
C ASP O 132 28.84 17.39 -19.68
N LEU O 133 29.50 16.40 -20.26
CA LEU O 133 30.86 16.03 -19.86
C LEU O 133 31.82 16.89 -20.68
N LEU O 134 32.10 18.08 -20.16
CA LEU O 134 32.87 19.07 -20.91
C LEU O 134 34.29 18.59 -21.16
N ASN O 135 34.93 18.03 -20.13
CA ASN O 135 36.32 17.59 -20.20
C ASN O 135 36.46 16.34 -19.36
N GLU O 136 37.64 15.74 -19.41
CA GLU O 136 37.82 14.39 -18.89
C GLU O 136 39.29 13.98 -18.80
N GLU P 13 -37.62 43.03 34.56
CA GLU P 13 -38.79 42.40 33.91
C GLU P 13 -39.06 41.02 34.49
N ILE P 14 -40.07 40.35 33.95
CA ILE P 14 -40.56 39.07 34.46
C ILE P 14 -40.34 38.04 33.35
N PRO P 15 -40.09 36.76 33.65
CA PRO P 15 -39.98 35.77 32.56
C PRO P 15 -41.25 35.66 31.71
N GLY P 16 -41.05 35.53 30.41
CA GLY P 16 -42.13 35.21 29.49
C GLY P 16 -41.95 35.87 28.14
N PHE P 17 -42.75 35.40 27.17
CA PHE P 17 -42.87 36.09 25.88
C PHE P 17 -43.50 37.46 26.03
N TYR P 18 -42.99 38.40 25.23
CA TYR P 18 -43.51 39.76 25.15
C TYR P 18 -43.48 40.14 23.67
N ASN P 19 -44.54 39.74 22.95
CA ASN P 19 -44.68 40.04 21.54
C ASN P 19 -45.16 41.48 21.39
N ARG P 20 -44.37 42.31 20.72
CA ARG P 20 -44.68 43.72 20.56
C ARG P 20 -44.36 44.13 19.12
N PHE P 21 -45.40 44.28 18.32
CA PHE P 21 -45.28 44.77 16.95
C PHE P 21 -44.64 46.16 16.96
N LYS P 22 -43.69 46.36 16.05
CA LYS P 22 -43.09 47.66 15.79
C LYS P 22 -43.42 48.08 14.37
N THR P 23 -43.76 49.36 14.20
CA THR P 23 -44.13 49.86 12.89
C THR P 23 -42.95 49.80 11.92
N GLN P 24 -43.23 49.53 10.65
CA GLN P 24 -42.19 49.40 9.66
C GLN P 24 -41.48 50.72 9.37
N ALA P 25 -42.08 51.86 9.71
CA ALA P 25 -41.43 53.13 9.46
C ALA P 25 -40.13 53.29 10.27
N GLU P 26 -39.99 52.56 11.36
CA GLU P 26 -38.85 52.72 12.27
C GLU P 26 -37.70 51.79 11.87
N LYS P 27 -37.19 51.99 10.65
CA LYS P 27 -36.07 51.20 10.15
C LYS P 27 -34.75 51.83 10.58
N SER P 28 -33.81 50.99 10.98
CA SER P 28 -32.47 51.45 11.29
C SER P 28 -31.70 51.74 10.00
N THR P 29 -30.65 52.55 10.13
CA THR P 29 -29.85 52.92 8.99
C THR P 29 -29.06 51.71 8.47
N ASN P 30 -28.31 51.93 7.40
CA ASN P 30 -27.55 50.86 6.76
C ASN P 30 -26.42 50.39 7.67
N THR P 31 -25.67 49.39 7.19
CA THR P 31 -24.56 48.80 7.92
C THR P 31 -23.21 49.06 7.27
N GLY P 32 -23.17 49.29 5.96
CA GLY P 32 -21.91 49.53 5.27
C GLY P 32 -21.42 50.96 5.43
N LEU P 33 -20.95 51.28 6.64
CA LEU P 33 -20.48 52.62 6.97
C LEU P 33 -19.10 52.54 7.60
N LYS P 34 -18.32 53.61 7.41
CA LYS P 34 -16.95 53.66 7.87
C LYS P 34 -16.56 55.12 8.09
N GLY P 35 -15.51 55.32 8.88
CA GLY P 35 -14.86 56.61 8.99
C GLY P 35 -15.50 57.54 10.00
N ARG P 36 -14.77 58.62 10.31
CA ARG P 36 -15.15 59.61 11.30
C ARG P 36 -15.10 61.00 10.69
N LEU P 37 -16.09 61.83 11.02
CA LEU P 37 -16.23 63.17 10.46
C LEU P 37 -16.55 64.17 11.56
N ALA P 38 -16.04 65.39 11.38
CA ALA P 38 -16.30 66.51 12.26
C ALA P 38 -17.33 67.44 11.64
N MET P 39 -18.06 68.14 12.49
CA MET P 39 -19.19 68.95 12.07
C MET P 39 -19.49 70.09 13.05
N PRO P 40 -18.97 71.31 12.82
CA PRO P 40 -19.36 72.44 13.69
C PRO P 40 -20.76 72.96 13.36
N ILE P 41 -21.75 72.21 13.80
CA ILE P 41 -23.13 72.48 13.38
C ILE P 41 -23.65 73.76 14.02
N ARG P 42 -24.27 74.61 13.20
CA ARG P 42 -24.98 75.80 13.67
C ARG P 42 -26.41 75.39 13.99
N ALA P 43 -26.60 74.86 15.20
CA ALA P 43 -27.88 74.34 15.63
C ALA P 43 -28.64 75.41 16.41
N ASN P 44 -29.90 75.64 16.03
CA ASN P 44 -30.79 76.44 16.87
C ASN P 44 -30.90 75.83 18.25
N TRP P 45 -30.97 74.50 18.34
CA TRP P 45 -31.05 73.78 19.58
C TRP P 45 -30.04 72.65 19.57
N GLY P 46 -29.49 72.33 20.73
CA GLY P 46 -28.55 71.25 20.86
C GLY P 46 -27.54 71.50 21.96
N ASP P 47 -26.50 70.67 21.97
CA ASP P 47 -25.53 70.62 23.05
C ASP P 47 -24.42 71.64 22.79
N VAL P 48 -24.32 72.65 23.65
CA VAL P 48 -23.38 73.75 23.48
C VAL P 48 -22.17 73.51 24.37
N GLY P 49 -20.98 73.73 23.82
CA GLY P 49 -19.75 73.60 24.57
C GLY P 49 -19.18 72.19 24.63
N LYS P 50 -19.72 71.25 23.88
CA LYS P 50 -19.24 69.88 23.91
C LYS P 50 -19.52 69.20 22.57
N VAL P 51 -18.68 68.23 22.22
CA VAL P 51 -18.79 67.47 20.99
C VAL P 51 -19.51 66.16 21.29
N VAL P 52 -20.49 65.82 20.47
CA VAL P 52 -21.29 64.62 20.63
C VAL P 52 -20.98 63.69 19.46
N THR P 53 -20.81 62.41 19.75
CA THR P 53 -20.46 61.39 18.76
C THR P 53 -21.72 60.64 18.36
N ILE P 54 -22.36 61.11 17.29
CA ILE P 54 -23.56 60.46 16.77
C ILE P 54 -23.15 59.23 15.98
N LYS P 55 -23.91 58.15 16.15
CA LYS P 55 -23.65 56.90 15.43
C LYS P 55 -24.29 56.96 14.05
N ASN P 56 -24.34 55.80 13.37
CA ASN P 56 -25.03 55.70 12.08
C ASN P 56 -26.47 56.19 12.15
N ASP P 57 -27.14 55.95 13.27
CA ASP P 57 -28.56 56.23 13.37
C ASP P 57 -28.84 57.73 13.26
N LEU P 58 -29.83 58.09 12.44
CA LEU P 58 -30.31 59.46 12.34
C LEU P 58 -31.12 59.90 13.55
N ARG P 59 -31.45 58.97 14.45
CA ARG P 59 -32.44 59.29 15.48
C ARG P 59 -31.85 60.19 16.55
N GLN P 60 -30.60 59.90 16.95
CA GLN P 60 -29.93 60.75 17.92
C GLN P 60 -29.73 62.15 17.36
N LEU P 61 -29.49 62.27 16.05
CA LEU P 61 -29.30 63.59 15.44
C LEU P 61 -30.56 64.43 15.60
N LYS P 62 -31.73 63.91 15.23
CA LYS P 62 -32.92 64.75 15.28
C LYS P 62 -33.36 64.95 16.73
N ASN P 63 -33.19 63.93 17.57
CA ASN P 63 -33.56 64.07 18.97
C ASN P 63 -32.71 65.12 19.67
N LEU P 64 -31.44 65.25 19.28
CA LEU P 64 -30.51 66.17 19.94
C LEU P 64 -30.36 67.51 19.24
N PHE P 65 -30.68 67.60 17.94
CA PHE P 65 -30.42 68.79 17.15
C PHE P 65 -31.60 69.13 16.26
N GLY P 66 -32.80 69.03 16.80
CA GLY P 66 -34.00 69.49 16.11
C GLY P 66 -34.35 68.68 14.88
N ASP P 67 -35.57 68.88 14.38
CA ASP P 67 -36.08 68.19 13.20
C ASP P 67 -36.25 69.17 12.03
N ASP P 68 -35.93 70.44 12.23
CA ASP P 68 -36.27 71.46 11.25
C ASP P 68 -35.23 71.54 10.14
N MET P 69 -35.72 71.69 8.91
CA MET P 69 -34.83 71.69 7.75
C MET P 69 -33.97 72.94 7.71
N ASN P 70 -34.53 74.10 8.08
CA ASN P 70 -33.76 75.34 8.01
C ASN P 70 -32.57 75.31 8.96
N TYR P 71 -32.66 74.52 10.03
CA TYR P 71 -31.52 74.36 10.93
C TYR P 71 -30.35 73.77 10.15
N SER P 72 -29.22 74.48 10.15
CA SER P 72 -28.03 73.96 9.49
C SER P 72 -27.60 72.63 10.10
N ALA P 73 -27.80 72.47 11.41
CA ALA P 73 -27.41 71.24 12.09
C ALA P 73 -28.11 70.03 11.50
N PHE P 74 -29.45 70.04 11.50
CA PHE P 74 -30.19 68.90 11.00
C PHE P 74 -29.95 68.67 9.51
N LYS P 75 -29.97 69.75 8.73
CA LYS P 75 -29.82 69.63 7.27
C LYS P 75 -28.49 69.00 6.91
N LEU P 76 -27.40 69.56 7.45
CA LEU P 76 -26.07 69.08 7.10
C LEU P 76 -25.72 67.75 7.78
N GLY P 77 -26.25 67.49 8.98
CA GLY P 77 -26.09 66.16 9.56
C GLY P 77 -26.79 65.10 8.75
N LYS P 78 -27.97 65.41 8.24
CA LYS P 78 -28.66 64.50 7.33
C LYS P 78 -27.83 64.26 6.08
N LEU P 79 -27.23 65.31 5.52
CA LEU P 79 -26.33 65.12 4.39
C LEU P 79 -25.17 64.19 4.75
N ALA P 80 -24.54 64.43 5.90
CA ALA P 80 -23.37 63.64 6.27
C ALA P 80 -23.73 62.17 6.48
N LEU P 81 -24.89 61.92 7.09
CA LEU P 81 -25.27 60.55 7.42
C LEU P 81 -25.82 59.81 6.20
N LEU P 82 -26.45 60.52 5.26
CA LEU P 82 -26.65 59.94 3.93
C LEU P 82 -25.33 59.78 3.17
N GLY P 83 -24.28 60.50 3.57
CA GLY P 83 -22.94 60.20 3.12
C GLY P 83 -22.35 58.94 3.72
N ASN P 84 -23.06 58.31 4.67
CA ASN P 84 -22.73 56.98 5.20
C ASN P 84 -21.42 57.02 6.00
N VAL P 85 -21.24 58.08 6.79
CA VAL P 85 -20.15 58.12 7.77
C VAL P 85 -20.54 57.31 8.99
N LYS P 86 -19.61 56.49 9.47
CA LYS P 86 -19.91 55.61 10.60
C LYS P 86 -20.16 56.42 11.87
N GLU P 87 -19.25 57.34 12.20
CA GLU P 87 -19.37 58.19 13.38
C GLU P 87 -19.29 59.65 12.93
N LEU P 88 -20.30 60.44 13.29
CA LEU P 88 -20.38 61.85 12.93
C LEU P 88 -20.29 62.65 14.22
N LEU P 89 -19.24 63.45 14.35
CA LEU P 89 -18.95 64.19 15.57
C LEU P 89 -19.49 65.61 15.42
N LEU P 90 -20.56 65.90 16.15
CA LEU P 90 -21.25 67.18 16.08
C LEU P 90 -20.87 68.07 17.25
N TYR P 91 -20.56 69.33 16.94
CA TYR P 91 -20.37 70.37 17.94
C TYR P 91 -21.31 71.51 17.60
N ARG P 92 -22.21 71.84 18.54
CA ARG P 92 -23.09 72.96 18.32
C ARG P 92 -22.31 74.27 18.31
N LEU P 93 -22.73 75.18 17.44
CA LEU P 93 -22.09 76.48 17.29
C LEU P 93 -23.13 77.55 17.57
N VAL P 94 -22.89 78.36 18.60
CA VAL P 94 -23.76 79.49 18.94
C VAL P 94 -22.89 80.70 19.24
N ASP P 95 -23.48 81.87 19.07
CA ASP P 95 -22.80 83.11 19.41
C ASP P 95 -22.67 83.25 20.92
N GLY P 96 -21.73 84.09 21.34
CA GLY P 96 -21.58 84.37 22.77
C GLY P 96 -22.82 84.97 23.37
N ASN P 97 -23.48 85.88 22.64
CA ASN P 97 -24.71 86.49 23.14
C ASN P 97 -25.84 85.47 23.24
N GLN P 98 -25.79 84.42 22.41
CA GLN P 98 -26.81 83.38 22.46
C GLN P 98 -26.78 82.67 23.81
N LYS P 99 -27.97 82.47 24.39
CA LYS P 99 -28.09 81.99 25.76
C LYS P 99 -29.33 81.10 25.87
N LYS P 100 -29.59 80.61 27.08
CA LYS P 100 -30.75 79.78 27.36
C LYS P 100 -32.01 80.63 27.50
N GLY P 101 -33.09 80.15 26.88
CA GLY P 101 -34.40 80.68 27.22
C GLY P 101 -34.71 80.38 28.68
N THR P 102 -35.32 81.36 29.35
CA THR P 102 -35.57 81.28 30.79
C THR P 102 -36.92 81.90 31.11
N LEU P 103 -37.62 81.27 32.05
CA LEU P 103 -38.86 81.81 32.61
C LEU P 103 -38.95 81.41 34.06
N THR P 104 -39.77 82.16 34.80
CA THR P 104 -40.00 81.93 36.22
C THR P 104 -41.49 81.76 36.46
N LEU P 105 -41.86 80.71 37.17
CA LEU P 105 -43.23 80.53 37.62
C LEU P 105 -43.44 81.24 38.96
N LYS P 106 -44.70 81.51 39.28
CA LYS P 106 -45.04 82.19 40.51
C LYS P 106 -46.35 81.63 41.04
N ASP P 107 -46.55 81.82 42.35
CA ASP P 107 -47.75 81.37 43.04
C ASP P 107 -48.76 82.51 43.15
N THR P 108 -50.00 82.12 43.48
CA THR P 108 -51.10 83.06 43.67
C THR P 108 -51.78 82.90 45.02
N THR P 109 -51.22 82.11 45.93
CA THR P 109 -51.81 81.97 47.26
C THR P 109 -51.81 83.29 48.01
N GLU P 110 -50.70 84.03 47.94
CA GLU P 110 -50.58 85.33 48.58
C GLU P 110 -51.12 86.42 47.67
N ASN P 111 -51.32 87.60 48.25
CA ASN P 111 -51.78 88.75 47.46
C ASN P 111 -50.74 89.14 46.42
N SER P 112 -49.46 89.11 46.79
CA SER P 112 -48.35 89.40 45.90
C SER P 112 -47.67 88.11 45.50
N ALA P 113 -47.57 87.87 44.20
CA ALA P 113 -46.97 86.65 43.70
C ALA P 113 -45.45 86.69 43.88
N LYS P 114 -44.85 85.51 44.05
CA LYS P 114 -43.42 85.37 44.26
C LYS P 114 -42.90 84.17 43.49
N ASP P 115 -41.62 84.22 43.15
CA ASP P 115 -41.00 83.18 42.32
C ASP P 115 -40.73 81.93 43.17
N VAL P 116 -41.09 80.77 42.63
CA VAL P 116 -40.79 79.49 43.24
C VAL P 116 -40.10 78.52 42.30
N ILE P 117 -40.23 78.67 40.98
CA ILE P 117 -39.61 77.77 40.00
C ILE P 117 -39.03 78.63 38.88
N LYS P 118 -37.84 78.25 38.40
CA LYS P 118 -37.26 78.75 37.15
C LYS P 118 -37.18 77.60 36.16
N LEU P 119 -37.78 77.80 34.99
CA LEU P 119 -37.67 76.88 33.87
C LEU P 119 -36.69 77.47 32.87
N GLU P 120 -35.54 76.82 32.72
CA GLU P 120 -34.52 77.22 31.77
C GLU P 120 -34.36 76.11 30.74
N THR P 121 -34.12 76.49 29.49
CA THR P 121 -33.84 75.50 28.47
C THR P 121 -32.62 74.67 28.88
N LYS P 122 -32.69 73.36 28.64
CA LYS P 122 -31.62 72.46 29.07
C LYS P 122 -30.28 72.89 28.50
N TYR P 123 -30.28 73.38 27.27
CA TYR P 123 -29.10 73.91 26.61
C TYR P 123 -29.49 75.24 25.99
N PRO P 124 -28.51 76.10 25.65
CA PRO P 124 -28.85 77.42 25.10
C PRO P 124 -29.71 77.32 23.86
N THR P 125 -30.76 78.15 23.81
CA THR P 125 -31.64 78.22 22.64
C THR P 125 -32.65 79.34 22.86
N ALA P 126 -33.28 79.77 21.76
CA ALA P 126 -34.35 80.74 21.80
C ALA P 126 -35.49 80.34 20.87
N ARG P 127 -35.68 79.04 20.67
CA ARG P 127 -36.74 78.53 19.81
C ARG P 127 -38.10 78.82 20.45
N ASN P 128 -39.17 78.46 19.73
CA ASN P 128 -40.54 78.69 20.20
C ASN P 128 -40.94 77.61 21.21
N PHE P 129 -40.22 77.57 22.32
CA PHE P 129 -40.45 76.60 23.38
C PHE P 129 -41.37 77.25 24.42
N ASN P 130 -42.63 76.83 24.43
CA ASN P 130 -43.66 77.45 25.25
C ASN P 130 -44.02 76.54 26.41
N VAL P 131 -44.64 77.12 27.43
CA VAL P 131 -45.04 76.40 28.64
C VAL P 131 -46.49 76.74 28.93
N THR P 132 -47.21 75.79 29.51
CA THR P 132 -48.57 76.02 29.98
C THR P 132 -48.79 75.23 31.26
N ILE P 133 -49.37 75.88 32.26
CA ILE P 133 -49.62 75.30 33.57
C ILE P 133 -51.04 75.62 33.98
N LYS P 134 -51.76 74.62 34.50
CA LYS P 134 -53.14 74.77 34.89
C LYS P 134 -53.41 73.83 36.06
N SER P 135 -54.62 73.94 36.63
CA SER P 135 -55.01 73.09 37.73
C SER P 135 -55.39 71.69 37.24
N ASN P 136 -55.16 70.70 38.11
CA ASN P 136 -55.51 69.32 37.80
C ASN P 136 -56.94 69.04 38.26
N LEU P 137 -57.74 68.46 37.36
CA LEU P 137 -59.13 68.19 37.68
C LEU P 137 -59.28 67.01 38.62
N VAL P 138 -58.43 65.99 38.46
CA VAL P 138 -58.54 64.79 39.28
C VAL P 138 -58.27 65.10 40.74
N ASP P 139 -57.20 65.84 41.02
CA ASP P 139 -56.79 66.20 42.37
C ASP P 139 -56.60 67.72 42.44
N SER P 140 -57.16 68.34 43.48
CA SER P 140 -57.05 69.78 43.62
C SER P 140 -55.59 70.21 43.82
N ASP P 141 -54.85 69.46 44.64
CA ASP P 141 -53.46 69.82 44.91
C ASP P 141 -52.56 69.65 43.70
N LYS P 142 -52.91 68.76 42.77
CA LYS P 142 -52.10 68.53 41.59
C LYS P 142 -52.31 69.64 40.56
N LYS P 143 -51.31 69.80 39.70
CA LYS P 143 -51.37 70.72 38.57
C LYS P 143 -50.87 70.03 37.32
N ASP P 144 -51.45 70.41 36.19
CA ASP P 144 -51.04 69.90 34.88
C ASP P 144 -49.99 70.84 34.30
N PHE P 145 -48.83 70.29 33.96
CA PHE P 145 -47.74 71.03 33.32
C PHE P 145 -47.52 70.49 31.92
N ILE P 146 -47.54 71.38 30.94
CA ILE P 146 -47.45 71.02 29.53
C ILE P 146 -46.42 71.90 28.86
N PHE P 147 -45.67 71.33 27.92
CA PHE P 147 -44.65 72.04 27.15
C PHE P 147 -44.96 71.90 25.66
N PHE P 148 -44.82 73.00 24.93
CA PHE P 148 -45.09 73.08 23.49
C PHE P 148 -43.84 73.46 22.72
N GLU P 149 -43.74 72.92 21.51
CA GLU P 149 -42.65 73.19 20.57
C GLU P 149 -43.25 73.54 19.22
N ASN P 150 -43.22 74.82 18.85
CA ASN P 150 -43.81 75.30 17.60
C ASN P 150 -45.26 74.85 17.48
N THR P 151 -46.00 74.99 18.58
CA THR P 151 -47.39 74.56 18.68
C THR P 151 -47.53 73.03 18.62
N LYS P 152 -46.50 72.31 19.05
CA LYS P 152 -46.51 70.85 19.14
C LYS P 152 -46.17 70.44 20.56
N GLN P 153 -47.02 69.61 21.16
CA GLN P 153 -46.81 69.20 22.54
C GLN P 153 -45.57 68.32 22.66
N LEU P 154 -44.80 68.56 23.72
CA LEU P 154 -43.61 67.77 24.05
C LEU P 154 -43.78 66.95 25.31
N PHE P 155 -44.24 67.56 26.40
CA PHE P 155 -44.36 66.90 27.68
C PHE P 155 -45.74 67.23 28.27
N SER P 156 -46.30 66.28 29.02
CA SER P 156 -47.57 66.50 29.68
C SER P 156 -47.68 65.55 30.86
N SER P 157 -47.92 66.11 32.04
CA SER P 157 -48.06 65.29 33.24
C SER P 157 -48.80 66.09 34.31
N SER P 158 -49.38 65.36 35.26
CA SER P 158 -50.04 65.93 36.43
C SER P 158 -49.23 65.55 37.67
N ILE P 159 -48.80 66.55 38.42
CA ILE P 159 -47.95 66.35 39.59
C ILE P 159 -48.49 67.21 40.73
N LYS P 160 -48.25 66.75 41.96
CA LYS P 160 -48.69 67.47 43.15
C LYS P 160 -48.19 68.91 43.14
N GLY P 161 -48.95 69.79 43.78
CA GLY P 161 -48.63 71.21 43.79
C GLY P 161 -47.34 71.56 44.50
N THR P 162 -46.77 70.64 45.27
CA THR P 162 -45.49 70.90 45.94
C THR P 162 -44.41 71.17 44.90
N ILE P 163 -43.63 72.22 45.15
CA ILE P 163 -42.59 72.62 44.19
C ILE P 163 -41.53 71.54 44.06
N ASP P 164 -41.27 70.80 45.13
CA ASP P 164 -40.25 69.76 45.09
C ASP P 164 -40.63 68.67 44.09
N GLU P 165 -41.86 68.17 44.17
CA GLU P 165 -42.31 67.13 43.25
C GLU P 165 -42.37 67.66 41.82
N ILE P 166 -42.79 68.92 41.65
CA ILE P 166 -42.88 69.49 40.31
C ILE P 166 -41.49 69.56 39.67
N VAL P 167 -40.51 70.06 40.41
CA VAL P 167 -39.14 70.14 39.90
C VAL P 167 -38.60 68.74 39.64
N LEU P 168 -38.89 67.80 40.53
CA LEU P 168 -38.40 66.43 40.38
C LEU P 168 -38.91 65.80 39.10
N GLU P 169 -40.22 65.89 38.87
CA GLU P 169 -40.79 65.30 37.65
C GLU P 169 -40.30 66.03 36.41
N ILE P 170 -40.17 67.36 36.47
CA ILE P 170 -39.73 68.10 35.29
C ILE P 170 -38.29 67.72 34.93
N ASN P 171 -37.42 67.60 35.93
CA ASN P 171 -36.03 67.21 35.64
C ASN P 171 -35.87 65.71 35.43
N SER P 172 -36.88 64.90 35.74
CA SER P 172 -36.78 63.45 35.64
C SER P 172 -37.30 62.92 34.30
N ASN P 173 -38.50 63.32 33.90
CA ASN P 173 -39.12 62.77 32.70
C ASN P 173 -38.30 63.15 31.47
N LEU P 174 -38.11 62.17 30.58
CA LEU P 174 -37.24 62.36 29.41
C LEU P 174 -37.85 63.28 28.37
N ASP P 175 -39.17 63.48 28.38
CA ASP P 175 -39.79 64.44 27.47
C ASP P 175 -39.48 65.89 27.84
N ASN P 176 -38.89 66.13 29.02
CA ASN P 176 -38.43 67.45 29.42
C ASN P 176 -36.99 67.72 28.98
N GLU P 177 -36.54 67.09 27.89
CA GLU P 177 -35.17 67.27 27.43
C GLU P 177 -34.86 68.71 27.07
N TYR P 178 -35.87 69.54 26.81
CA TYR P 178 -35.69 70.91 26.38
C TYR P 178 -35.79 71.91 27.54
N VAL P 179 -35.80 71.44 28.78
CA VAL P 179 -36.01 72.35 29.92
C VAL P 179 -35.47 71.70 31.19
N ILE P 180 -34.97 72.54 32.09
CA ILE P 180 -34.63 72.15 33.46
C ILE P 180 -35.43 73.04 34.40
N ALA P 181 -36.04 72.44 35.41
CA ALA P 181 -36.71 73.16 36.49
C ALA P 181 -35.82 73.14 37.72
N THR P 182 -35.62 74.32 38.32
CA THR P 182 -34.87 74.46 39.56
C THR P 182 -35.70 75.23 40.56
N LYS P 183 -35.75 74.73 41.79
CA LYS P 183 -36.56 75.32 42.85
C LYS P 183 -35.93 76.63 43.32
N VAL P 184 -36.61 77.75 43.09
CA VAL P 184 -36.11 79.04 43.54
C VAL P 184 -36.03 79.07 45.05
N ALA P 185 -37.10 78.67 45.71
CA ALA P 185 -37.19 78.70 47.16
C ALA P 185 -38.15 77.60 47.60
N ASP P 186 -38.00 77.18 48.84
CA ASP P 186 -38.86 76.12 49.37
C ASP P 186 -40.28 76.65 49.53
N SER P 187 -41.24 75.95 48.96
CA SER P 187 -42.64 76.36 49.03
C SER P 187 -43.52 75.23 48.53
N ASP P 188 -44.76 75.20 49.04
CA ASP P 188 -45.80 74.29 48.58
C ASP P 188 -47.00 75.05 48.03
N THR P 189 -46.83 76.33 47.71
CA THR P 189 -47.94 77.16 47.27
C THR P 189 -48.42 76.74 45.89
N ILE P 190 -49.68 77.05 45.61
CA ILE P 190 -50.28 76.72 44.31
C ILE P 190 -49.75 77.70 43.28
N LEU P 191 -49.28 77.17 42.16
CA LEU P 191 -48.65 77.99 41.14
C LEU P 191 -49.69 78.84 40.41
N ALA P 192 -49.20 79.81 39.66
CA ALA P 192 -50.05 80.64 38.81
C ALA P 192 -50.35 79.92 37.51
N ASN P 193 -51.55 80.17 36.98
CA ASN P 193 -51.98 79.59 35.71
C ASN P 193 -51.53 80.51 34.58
N VAL P 194 -50.59 80.00 33.77
CA VAL P 194 -50.05 80.74 32.63
C VAL P 194 -50.21 79.87 31.39
N VAL P 195 -50.54 80.50 30.26
CA VAL P 195 -50.86 79.80 29.02
C VAL P 195 -49.91 80.29 27.94
N ASN P 196 -49.13 79.35 27.39
CA ASN P 196 -48.31 79.58 26.20
C ASN P 196 -47.31 80.71 26.43
N GLN P 197 -46.48 80.54 27.46
CA GLN P 197 -45.41 81.47 27.78
C GLN P 197 -44.11 80.97 27.17
N ALA P 198 -43.51 81.79 26.30
CA ALA P 198 -42.32 81.40 25.56
C ALA P 198 -41.08 81.64 26.41
N LEU P 199 -40.18 80.67 26.41
CA LEU P 199 -38.90 80.84 27.11
C LEU P 199 -38.04 81.82 26.33
N GLU P 200 -37.53 82.83 27.04
CA GLU P 200 -36.76 83.93 26.44
C GLU P 200 -35.51 84.17 27.28
N GLY P 201 -34.57 84.90 26.68
CA GLY P 201 -33.29 85.17 27.29
C GLY P 201 -32.13 84.58 26.51
N GLY P 202 -32.27 84.51 25.20
CA GLY P 202 -31.24 83.94 24.36
C GLY P 202 -31.41 84.36 22.92
N ASN P 203 -30.67 83.69 22.04
CA ASN P 203 -30.68 83.95 20.60
C ASN P 203 -31.00 82.66 19.86
N ASP P 204 -31.15 82.82 18.53
CA ASP P 204 -31.54 81.72 17.67
C ASP P 204 -30.54 80.58 17.74
N GLY P 205 -29.31 80.82 17.30
CA GLY P 205 -28.26 79.82 17.27
C GLY P 205 -27.63 79.73 15.90
N CYS P 206 -28.45 79.87 14.87
CA CYS P 206 -27.97 80.02 13.49
C CYS P 206 -27.67 81.47 13.14
N THR P 207 -27.92 82.41 14.05
CA THR P 207 -27.74 83.84 13.82
C THR P 207 -26.52 84.33 14.60
N SER P 208 -25.82 85.30 14.03
CA SER P 208 -24.61 85.86 14.63
C SER P 208 -23.53 84.79 14.74
N ILE P 209 -23.37 84.05 13.66
CA ILE P 209 -22.34 83.01 13.54
C ILE P 209 -21.03 83.71 13.18
N THR P 210 -20.07 83.70 14.12
CA THR P 210 -18.91 84.57 14.08
C THR P 210 -17.61 83.77 14.06
N ASN P 211 -16.54 84.43 13.62
CA ASN P 211 -15.25 83.78 13.46
C ASN P 211 -14.70 83.26 14.78
N GLU P 212 -14.79 84.08 15.84
CA GLU P 212 -14.29 83.64 17.14
C GLU P 212 -15.04 82.42 17.64
N SER P 213 -16.34 82.33 17.32
CA SER P 213 -17.12 81.20 17.77
C SER P 213 -16.68 79.90 17.09
N TYR P 214 -16.45 79.95 15.76
CA TYR P 214 -15.78 78.84 15.09
C TYR P 214 -14.43 78.54 15.69
N LEU P 215 -13.64 79.56 16.02
CA LEU P 215 -12.29 79.25 16.50
C LEU P 215 -12.37 78.52 17.83
N LYS P 216 -13.33 78.90 18.68
CA LYS P 216 -13.59 78.11 19.89
C LYS P 216 -13.98 76.69 19.52
N ALA P 217 -14.88 76.54 18.55
CA ALA P 217 -15.36 75.21 18.20
C ALA P 217 -14.23 74.34 17.65
N LEU P 218 -13.35 74.93 16.85
CA LEU P 218 -12.19 74.22 16.33
C LEU P 218 -11.29 73.77 17.46
N GLU P 219 -11.10 74.62 18.47
CA GLU P 219 -10.35 74.19 19.64
C GLU P 219 -11.07 73.06 20.37
N GLU P 220 -12.40 73.10 20.40
CA GLU P 220 -13.17 71.99 20.97
C GLU P 220 -13.09 70.77 20.07
N PHE P 221 -12.92 70.95 18.76
CA PHE P 221 -12.76 69.80 17.87
C PHE P 221 -11.36 69.22 17.93
N GLU P 222 -10.40 69.90 18.56
CA GLU P 222 -9.08 69.31 18.78
C GLU P 222 -9.11 68.17 19.79
N ARG P 223 -10.24 67.94 20.47
CA ARG P 223 -10.37 66.79 21.36
C ARG P 223 -10.01 65.49 20.65
N TYR P 224 -10.57 65.28 19.46
CA TYR P 224 -10.52 63.99 18.78
C TYR P 224 -9.86 64.14 17.40
N SER P 225 -9.67 63.00 16.74
CA SER P 225 -9.07 62.92 15.42
C SER P 225 -10.15 62.64 14.39
N PHE P 226 -10.01 63.22 13.20
CA PHE P 226 -11.03 63.15 12.15
C PHE P 226 -10.40 62.70 10.84
N ASP P 227 -11.15 61.90 10.09
CA ASP P 227 -10.76 61.62 8.72
C ASP P 227 -10.86 62.87 7.86
N SER P 228 -11.84 63.73 8.15
CA SER P 228 -12.01 64.96 7.38
C SER P 228 -12.78 65.97 8.21
N PHE P 229 -12.61 67.25 7.86
CA PHE P 229 -13.34 68.36 8.46
C PHE P 229 -14.09 69.09 7.35
N VAL P 230 -15.28 69.60 7.69
CA VAL P 230 -16.24 70.03 6.68
C VAL P 230 -16.65 71.49 6.81
N LEU P 231 -16.38 72.15 7.94
CA LEU P 231 -16.71 73.55 8.23
C LEU P 231 -18.22 73.80 8.38
N ASP P 232 -19.04 72.74 8.32
CA ASP P 232 -20.50 72.85 8.46
C ASP P 232 -21.08 73.70 7.32
N GLY P 233 -20.46 73.64 6.14
CA GLY P 233 -21.05 74.22 4.95
C GLY P 233 -21.28 75.72 5.00
N VAL P 234 -20.28 76.47 5.46
CA VAL P 234 -20.33 77.93 5.48
C VAL P 234 -19.22 78.44 4.57
N ALA P 235 -19.60 79.23 3.57
CA ALA P 235 -18.69 79.64 2.50
C ALA P 235 -18.00 80.97 2.76
N ASP P 236 -17.97 81.44 4.01
CA ASP P 236 -17.29 82.68 4.32
C ASP P 236 -15.79 82.52 4.08
N GLU P 237 -15.19 83.51 3.41
CA GLU P 237 -13.77 83.43 3.07
C GLU P 237 -12.90 83.47 4.32
N ALA P 238 -13.25 84.32 5.29
CA ALA P 238 -12.46 84.40 6.52
C ALA P 238 -12.50 83.08 7.26
N LEU P 239 -13.66 82.43 7.30
CA LEU P 239 -13.79 81.15 7.99
C LEU P 239 -12.96 80.08 7.28
N GLN P 240 -13.01 80.07 5.94
CA GLN P 240 -12.20 79.13 5.18
C GLN P 240 -10.72 79.33 5.48
N GLU P 241 -10.28 80.59 5.53
CA GLU P 241 -8.87 80.87 5.81
C GLU P 241 -8.49 80.43 7.22
N THR P 242 -9.35 80.69 8.20
CA THR P 242 -9.05 80.30 9.57
C THR P 242 -8.97 78.79 9.70
N THR P 243 -9.92 78.06 9.12
CA THR P 243 -9.87 76.60 9.17
C THR P 243 -8.68 76.06 8.38
N LYS P 244 -8.29 76.75 7.30
CA LYS P 244 -7.11 76.35 6.54
C LYS P 244 -5.86 76.44 7.39
N ALA P 245 -5.69 77.56 8.09
CA ALA P 245 -4.55 77.71 8.98
C ALA P 245 -4.61 76.68 10.11
N TRP P 246 -5.81 76.39 10.60
CA TRP P 246 -5.99 75.40 11.65
C TRP P 246 -5.50 74.02 11.20
N VAL P 247 -5.94 73.59 10.02
CA VAL P 247 -5.56 72.25 9.56
C VAL P 247 -4.08 72.22 9.20
N ALA P 248 -3.54 73.33 8.69
CA ALA P 248 -2.11 73.39 8.43
C ALA P 248 -1.31 73.26 9.72
N LYS P 249 -1.74 73.94 10.78
CA LYS P 249 -1.09 73.80 12.08
C LYS P 249 -1.19 72.36 12.57
N ASN P 250 -2.35 71.73 12.40
CA ASN P 250 -2.51 70.35 12.84
C ASN P 250 -1.59 69.41 12.06
N LYS P 251 -1.49 69.60 10.76
CA LYS P 251 -0.61 68.76 9.94
C LYS P 251 0.85 68.96 10.35
N GLU P 252 1.25 70.20 10.61
CA GLU P 252 2.60 70.44 11.13
C GLU P 252 2.80 69.75 12.46
N LEU P 253 1.77 69.74 13.30
CA LEU P 253 1.84 69.00 14.56
C LEU P 253 1.84 67.50 14.34
N GLY P 254 1.26 67.05 13.23
CA GLY P 254 1.17 65.63 12.90
C GLY P 254 -0.25 65.11 12.77
N LYS P 255 -1.23 65.85 13.27
CA LYS P 255 -2.63 65.46 13.12
C LYS P 255 -3.10 65.79 11.71
N ASP P 256 -3.47 64.77 10.95
CA ASP P 256 -3.88 64.94 9.57
C ASP P 256 -5.40 65.11 9.49
N ILE P 257 -5.84 66.26 9.02
CA ILE P 257 -7.25 66.58 8.82
C ILE P 257 -7.43 66.97 7.36
N LEU P 258 -8.41 66.36 6.71
CA LEU P 258 -8.74 66.66 5.31
C LEU P 258 -9.90 67.64 5.30
N LEU P 259 -9.62 68.87 4.88
CA LEU P 259 -10.61 69.94 4.91
C LEU P 259 -11.41 69.97 3.61
N PHE P 260 -12.72 70.13 3.73
CA PHE P 260 -13.64 70.21 2.61
C PHE P 260 -14.38 71.53 2.67
N LEU P 261 -14.55 72.17 1.52
CA LEU P 261 -15.12 73.51 1.44
C LEU P 261 -15.97 73.59 0.18
N GLY P 262 -16.53 74.78 -0.08
CA GLY P 262 -17.26 75.01 -1.30
C GLY P 262 -17.38 76.48 -1.61
N GLY P 263 -17.42 76.79 -2.90
CA GLY P 263 -17.59 78.16 -3.34
C GLY P 263 -19.03 78.63 -3.19
N LYS P 264 -19.20 79.94 -3.34
CA LYS P 264 -20.52 80.55 -3.26
C LYS P 264 -21.24 80.39 -4.59
N THR P 265 -22.50 80.85 -4.63
CA THR P 265 -23.28 80.83 -5.86
C THR P 265 -22.93 81.98 -6.79
N GLU P 266 -22.40 83.07 -6.26
CA GLU P 266 -22.11 84.24 -7.09
C GLU P 266 -20.94 83.98 -8.04
N ASP P 267 -20.00 83.12 -7.65
CA ASP P 267 -18.79 82.92 -8.42
C ASP P 267 -19.11 82.33 -9.79
N ASN P 268 -18.53 82.93 -10.83
CA ASN P 268 -18.61 82.38 -12.17
C ASN P 268 -17.54 81.30 -12.35
N ILE P 269 -17.47 80.74 -13.55
CA ILE P 269 -16.58 79.61 -13.81
C ILE P 269 -15.12 80.03 -13.63
N LYS P 270 -14.75 81.18 -14.18
CA LYS P 270 -13.39 81.66 -14.04
C LYS P 270 -13.08 81.96 -12.58
N GLN P 271 -14.02 82.58 -11.86
CA GLN P 271 -13.77 82.92 -10.46
C GLN P 271 -13.56 81.68 -9.61
N ILE P 272 -14.38 80.65 -9.80
CA ILE P 272 -14.21 79.43 -9.00
C ILE P 272 -12.92 78.72 -9.38
N ASN P 273 -12.55 78.75 -10.67
CA ASN P 273 -11.27 78.16 -11.07
C ASN P 273 -10.11 78.88 -10.39
N ASP P 274 -10.15 80.21 -10.36
CA ASP P 274 -9.11 80.98 -9.69
C ASP P 274 -9.09 80.71 -8.19
N LYS P 275 -10.28 80.56 -7.59
CA LYS P 275 -10.36 80.25 -6.17
C LYS P 275 -9.69 78.90 -5.87
N SER P 276 -9.94 77.91 -6.73
CA SER P 276 -9.31 76.61 -6.53
C SER P 276 -7.80 76.69 -6.70
N LYS P 277 -7.33 77.40 -7.73
CA LYS P 277 -5.89 77.55 -7.90
C LYS P 277 -5.27 78.33 -6.75
N SER P 278 -6.04 79.20 -6.09
CA SER P 278 -5.53 79.88 -4.91
C SER P 278 -5.17 78.89 -3.81
N PHE P 279 -6.04 77.91 -3.59
CA PHE P 279 -5.71 76.82 -2.67
C PHE P 279 -4.72 75.88 -3.34
N ASN P 280 -3.55 75.74 -2.75
CA ASN P 280 -2.52 74.81 -3.20
C ASN P 280 -2.07 73.94 -2.04
N ASP P 281 -3.04 73.40 -1.31
CA ASP P 281 -2.80 72.53 -0.16
C ASP P 281 -3.22 71.11 -0.50
N GLU P 282 -2.46 70.14 0.01
CA GLU P 282 -2.76 68.74 -0.26
C GLU P 282 -4.09 68.32 0.36
N ASN P 283 -4.40 68.83 1.55
CA ASN P 283 -5.53 68.37 2.35
C ASN P 283 -6.62 69.45 2.46
N ILE P 284 -6.89 70.13 1.35
CA ILE P 284 -8.01 71.06 1.24
C ILE P 284 -8.76 70.72 -0.04
N VAL P 285 -10.09 70.73 0.04
CA VAL P 285 -10.97 70.38 -1.07
C VAL P 285 -12.08 71.42 -1.14
N ASN P 286 -12.45 71.81 -2.37
CA ASN P 286 -13.52 72.76 -2.61
C ASN P 286 -14.49 72.19 -3.65
N VAL P 287 -15.77 72.43 -3.42
CA VAL P 287 -16.85 72.06 -4.34
C VAL P 287 -17.34 73.34 -5.01
N GLY P 288 -17.32 73.35 -6.35
CA GLY P 288 -17.69 74.52 -7.11
C GLY P 288 -19.03 74.43 -7.81
N SER P 289 -19.93 73.60 -7.30
CA SER P 289 -21.23 73.39 -7.94
C SER P 289 -22.28 73.07 -6.88
N SER P 290 -23.40 73.80 -6.93
CA SER P 290 -24.51 73.55 -6.04
C SER P 290 -25.35 72.38 -6.55
N ALA P 291 -26.18 71.84 -5.67
CA ALA P 291 -27.00 70.66 -5.98
C ALA P 291 -28.39 70.81 -5.39
N TYR P 292 -29.29 69.96 -5.87
CA TYR P 292 -30.67 69.90 -5.43
C TYR P 292 -31.01 68.45 -5.11
N TYR P 293 -31.66 68.21 -3.97
CA TYR P 293 -32.01 66.85 -3.59
C TYR P 293 -33.29 66.90 -2.76
N GLU P 294 -34.25 66.05 -3.10
CA GLU P 294 -35.62 66.14 -2.56
C GLU P 294 -36.20 67.52 -2.80
N ASN P 295 -35.89 68.11 -3.96
CA ASN P 295 -36.34 69.42 -4.41
C ASN P 295 -35.82 70.57 -3.55
N ILE P 296 -34.90 70.30 -2.60
CA ILE P 296 -34.34 71.32 -1.73
C ILE P 296 -32.94 71.62 -2.21
N LYS P 297 -32.59 72.91 -2.26
CA LYS P 297 -31.29 73.31 -2.77
C LYS P 297 -30.22 73.20 -1.69
N TYR P 298 -29.01 72.87 -2.14
CA TYR P 298 -27.80 72.86 -1.32
C TYR P 298 -26.71 73.62 -2.05
N THR P 299 -26.19 74.68 -1.42
CA THR P 299 -25.11 75.44 -2.01
C THR P 299 -23.85 74.58 -2.03
N PRO P 300 -22.85 74.93 -2.86
CA PRO P 300 -21.68 74.06 -2.99
C PRO P 300 -20.97 73.80 -1.67
N SER P 301 -21.00 74.75 -0.75
CA SER P 301 -20.40 74.55 0.56
C SER P 301 -21.24 73.56 1.38
N GLU P 302 -22.56 73.66 1.31
CA GLU P 302 -23.40 72.66 1.97
C GLU P 302 -23.23 71.29 1.34
N VAL P 303 -23.14 71.23 0.00
CA VAL P 303 -22.92 69.94 -0.66
C VAL P 303 -21.56 69.36 -0.28
N ALA P 304 -20.60 70.23 0.06
CA ALA P 304 -19.30 69.74 0.49
C ALA P 304 -19.40 68.87 1.73
N VAL P 305 -20.43 69.07 2.56
CA VAL P 305 -20.64 68.21 3.71
C VAL P 305 -20.85 66.76 3.26
N TYR P 306 -21.77 66.56 2.30
CA TYR P 306 -22.00 65.20 1.80
C TYR P 306 -20.78 64.67 1.08
N ILE P 307 -20.09 65.54 0.34
CA ILE P 307 -18.90 65.09 -0.40
C ILE P 307 -17.84 64.58 0.57
N ALA P 308 -17.58 65.35 1.64
CA ALA P 308 -16.64 64.92 2.67
C ALA P 308 -17.10 63.64 3.33
N ALA P 309 -18.41 63.55 3.61
CA ALA P 309 -18.94 62.37 4.27
C ALA P 309 -18.73 61.12 3.41
N LEU P 310 -18.99 61.22 2.11
CA LEU P 310 -18.78 60.08 1.22
C LEU P 310 -17.30 59.77 1.09
N SER P 311 -16.44 60.79 1.05
CA SER P 311 -15.01 60.56 0.99
C SER P 311 -14.53 59.79 2.22
N VAL P 312 -15.02 60.17 3.39
CA VAL P 312 -14.63 59.50 4.62
C VAL P 312 -15.22 58.09 4.68
N SER P 313 -16.46 57.93 4.20
CA SER P 313 -17.10 56.61 4.20
C SER P 313 -16.34 55.64 3.31
N LYS P 314 -15.97 56.08 2.10
CA LYS P 314 -15.08 55.25 1.28
C LYS P 314 -13.75 55.05 1.98
N GLY P 315 -13.18 56.12 2.52
CA GLY P 315 -11.90 56.05 3.20
C GLY P 315 -10.83 55.47 2.31
N ILE P 316 -10.42 54.24 2.63
CA ILE P 316 -9.51 53.46 1.82
C ILE P 316 -10.30 52.33 1.18
N THR P 317 -9.76 51.77 0.10
CA THR P 317 -10.46 50.79 -0.74
C THR P 317 -11.64 51.43 -1.47
N GLY P 318 -11.58 52.73 -1.70
CA GLY P 318 -12.67 53.42 -2.37
C GLY P 318 -12.26 54.80 -2.82
N SER P 319 -13.08 55.38 -3.68
CA SER P 319 -12.85 56.71 -4.20
C SER P 319 -14.20 57.26 -4.64
N ILE P 320 -14.24 58.59 -4.84
CA ILE P 320 -15.47 59.28 -5.18
C ILE P 320 -15.31 59.98 -6.53
N CYS P 321 -14.53 59.39 -7.42
CA CYS P 321 -14.30 59.98 -8.73
C CYS P 321 -15.58 60.07 -9.53
N ASN P 322 -16.34 58.97 -9.58
CA ASN P 322 -17.63 58.92 -10.27
C ASN P 322 -18.63 58.16 -9.43
N ALA P 323 -18.67 58.45 -8.13
CA ALA P 323 -19.60 57.77 -7.24
C ALA P 323 -21.03 58.25 -7.49
N LYS P 324 -21.98 57.35 -7.29
CA LYS P 324 -23.40 57.63 -7.51
C LYS P 324 -23.91 58.45 -6.32
N THR P 325 -23.87 59.77 -6.46
CA THR P 325 -24.35 60.63 -5.40
C THR P 325 -25.87 60.67 -5.39
N ILE P 326 -26.43 60.90 -4.20
CA ILE P 326 -27.88 60.88 -4.04
C ILE P 326 -28.54 62.08 -4.71
N PHE P 327 -27.79 63.13 -5.03
CA PHE P 327 -28.38 64.34 -5.56
C PHE P 327 -28.98 64.09 -6.94
N GLU P 328 -30.10 64.75 -7.22
CA GLU P 328 -30.85 64.54 -8.45
C GLU P 328 -30.72 65.69 -9.45
N GLU P 329 -29.99 66.75 -9.12
CA GLU P 329 -29.75 67.82 -10.08
C GLU P 329 -28.59 68.67 -9.55
N VAL P 330 -27.81 69.23 -10.48
CA VAL P 330 -26.66 70.08 -10.15
C VAL P 330 -26.59 71.26 -11.11
N GLU P 331 -25.68 72.18 -10.80
CA GLU P 331 -25.45 73.39 -11.57
C GLU P 331 -24.15 74.02 -11.08
N PRO P 332 -23.39 74.72 -11.96
CA PRO P 332 -23.55 74.93 -13.39
C PRO P 332 -22.91 73.79 -14.20
N ARG P 333 -22.94 73.84 -15.54
CA ARG P 333 -22.46 72.76 -16.38
C ARG P 333 -21.46 73.33 -17.39
N LEU P 334 -20.65 72.42 -17.94
CA LEU P 334 -19.48 72.80 -18.72
C LEU P 334 -19.23 71.76 -19.82
N SER P 335 -18.50 72.17 -20.85
CA SER P 335 -18.09 71.27 -21.91
C SER P 335 -16.84 70.49 -21.50
N GLN P 336 -16.50 69.47 -22.29
CA GLN P 336 -15.37 68.61 -21.92
C GLN P 336 -14.06 69.38 -21.85
N SER P 337 -13.80 70.27 -22.80
CA SER P 337 -12.61 71.10 -22.72
C SER P 337 -12.68 72.02 -21.51
N GLU P 338 -13.87 72.55 -21.22
CA GLU P 338 -14.00 73.44 -20.07
C GLU P 338 -13.91 72.66 -18.77
N VAL P 339 -14.45 71.44 -18.73
CA VAL P 339 -14.24 70.58 -17.56
C VAL P 339 -12.77 70.25 -17.38
N LYS P 340 -12.05 70.02 -18.49
CA LYS P 340 -10.62 69.80 -18.39
C LYS P 340 -9.90 71.00 -17.80
N GLU P 341 -10.25 72.20 -18.26
CA GLU P 341 -9.63 73.41 -17.72
C GLU P 341 -9.94 73.55 -16.24
N CYS P 342 -11.19 73.31 -15.85
CA CYS P 342 -11.59 73.44 -14.47
C CYS P 342 -10.89 72.41 -13.58
N LEU P 343 -10.76 71.17 -14.06
CA LEU P 343 -10.06 70.16 -13.28
C LEU P 343 -8.58 70.48 -13.15
N LYS P 344 -7.96 70.98 -14.23
CA LYS P 344 -6.57 71.42 -14.14
C LYS P 344 -6.43 72.54 -13.10
N SER P 345 -7.40 73.45 -13.05
CA SER P 345 -7.40 74.45 -12.00
C SER P 345 -7.57 73.83 -10.63
N GLY P 346 -8.22 72.67 -10.55
CA GLY P 346 -8.36 71.93 -9.31
C GLY P 346 -9.69 72.13 -8.62
N THR P 347 -10.78 72.11 -9.39
CA THR P 347 -12.13 72.24 -8.86
C THR P 347 -12.83 70.90 -8.94
N LEU P 348 -13.48 70.53 -7.84
CA LEU P 348 -14.39 69.40 -7.85
C LEU P 348 -15.75 69.87 -8.35
N VAL P 349 -16.28 69.19 -9.38
CA VAL P 349 -17.52 69.57 -10.04
C VAL P 349 -18.41 68.34 -10.16
N LEU P 350 -19.62 68.44 -9.63
CA LEU P 350 -20.61 67.40 -9.83
C LEU P 350 -21.23 67.52 -11.22
N ASP P 351 -21.67 66.40 -11.76
CA ASP P 351 -22.30 66.34 -13.07
C ASP P 351 -23.51 65.43 -13.02
N PHE P 352 -24.51 65.74 -13.85
CA PHE P 352 -25.76 65.00 -13.89
C PHE P 352 -25.64 64.05 -15.09
N ASP P 353 -24.86 62.99 -14.90
CA ASP P 353 -24.52 62.11 -16.02
C ASP P 353 -25.70 61.24 -16.43
N ASP P 354 -26.53 60.83 -15.47
CA ASP P 354 -27.77 60.10 -15.74
C ASP P 354 -28.81 60.68 -14.79
N GLY P 355 -29.91 59.94 -14.59
CA GLY P 355 -30.97 60.41 -13.71
C GLY P 355 -30.51 60.79 -12.32
N ASP P 356 -29.40 60.23 -11.85
CA ASP P 356 -28.76 60.60 -10.60
C ASP P 356 -27.41 61.27 -10.86
N VAL P 357 -27.01 62.14 -9.93
CA VAL P 357 -25.79 62.92 -10.08
C VAL P 357 -24.58 62.02 -9.88
N ILE P 358 -23.49 62.36 -10.59
CA ILE P 358 -22.23 61.63 -10.52
C ILE P 358 -21.08 62.63 -10.48
N ILE P 359 -20.09 62.36 -9.62
CA ILE P 359 -18.90 63.21 -9.54
C ILE P 359 -18.08 63.05 -10.81
N VAL P 360 -17.33 64.11 -11.14
CA VAL P 360 -16.51 64.09 -12.36
C VAL P 360 -15.18 63.38 -12.12
N ASP P 361 -14.51 63.64 -10.99
CA ASP P 361 -13.20 63.09 -10.74
C ASP P 361 -12.84 63.37 -9.28
N ASP P 362 -11.95 62.54 -8.73
CA ASP P 362 -11.58 62.62 -7.31
C ASP P 362 -10.32 63.45 -7.19
N VAL P 363 -10.51 64.78 -7.22
CA VAL P 363 -9.41 65.74 -7.29
C VAL P 363 -9.47 66.66 -6.07
N ASN P 364 -8.30 67.09 -5.64
CA ASN P 364 -8.13 68.03 -4.54
C ASN P 364 -7.58 69.36 -5.08
N THR P 365 -7.43 70.33 -4.18
CA THR P 365 -6.90 71.64 -4.58
C THR P 365 -5.44 71.59 -4.99
N PHE P 366 -4.72 70.50 -4.74
CA PHE P 366 -3.31 70.38 -5.05
C PHE P 366 -3.08 69.77 -6.42
N LYS P 367 -3.99 69.96 -7.37
CA LYS P 367 -3.74 69.52 -8.74
C LYS P 367 -2.53 70.25 -9.30
N LYS P 368 -2.40 71.54 -9.01
CA LYS P 368 -1.22 72.28 -9.45
C LYS P 368 0.00 71.71 -8.73
N TYR P 369 0.70 70.81 -9.42
CA TYR P 369 1.90 70.15 -8.95
C TYR P 369 3.12 70.81 -9.59
N VAL P 370 4.30 70.34 -9.17
CA VAL P 370 5.57 70.81 -9.71
C VAL P 370 6.50 69.61 -9.89
N ASP P 371 7.61 69.84 -10.60
CA ASP P 371 8.43 68.73 -11.06
C ASP P 371 9.04 67.95 -9.90
N ASP P 372 9.39 68.64 -8.81
CA ASP P 372 10.04 67.96 -7.68
C ASP P 372 9.11 66.99 -6.97
N LYS P 373 7.80 67.11 -7.16
CA LYS P 373 6.81 66.18 -6.62
C LYS P 373 6.12 65.44 -7.76
N ASN P 374 5.43 64.36 -7.40
CA ASN P 374 4.76 63.51 -8.37
C ASN P 374 3.31 63.94 -8.57
N GLU P 375 2.69 63.38 -9.61
CA GLU P 375 1.31 63.74 -9.95
C GLU P 375 0.28 62.96 -9.16
N ALA P 376 0.65 61.80 -8.61
CA ALA P 376 -0.33 60.93 -7.97
C ALA P 376 -0.91 61.54 -6.70
N MET P 377 -0.22 62.48 -6.07
CA MET P 377 -0.64 63.01 -4.78
C MET P 377 -1.66 64.13 -4.91
N GLY P 378 -2.07 64.49 -6.13
CA GLY P 378 -3.06 65.52 -6.33
C GLY P 378 -4.50 65.01 -6.35
N TYR P 379 -4.73 63.84 -5.75
CA TYR P 379 -6.04 63.21 -5.71
C TYR P 379 -6.42 62.92 -4.27
N ILE P 380 -7.72 63.06 -3.97
CA ILE P 380 -8.20 62.88 -2.60
C ILE P 380 -7.90 61.48 -2.09
N SER P 381 -8.05 60.47 -2.95
CA SER P 381 -7.81 59.09 -2.53
C SER P 381 -6.38 58.90 -2.06
N ASN P 382 -5.42 59.46 -2.78
CA ASN P 382 -4.02 59.32 -2.39
C ASN P 382 -3.71 60.11 -1.12
N ILE P 383 -4.33 61.27 -0.94
CA ILE P 383 -4.15 62.01 0.31
C ILE P 383 -4.67 61.20 1.49
N MET P 384 -5.87 60.63 1.35
CA MET P 384 -6.43 59.84 2.44
C MET P 384 -5.58 58.60 2.70
N PHE P 385 -5.02 58.03 1.64
CA PHE P 385 -4.22 56.80 1.75
C PHE P 385 -2.89 57.08 2.45
N ILE P 386 -2.21 58.16 2.05
CA ILE P 386 -0.96 58.56 2.69
C ILE P 386 -1.22 58.99 4.13
N ASN P 387 -2.32 59.71 4.37
CA ASN P 387 -2.65 60.12 5.73
C ASN P 387 -2.93 58.92 6.62
N THR P 388 -3.65 57.93 6.07
CA THR P 388 -3.95 56.72 6.84
C THR P 388 -2.69 55.96 7.17
N ILE P 389 -1.75 55.86 6.21
CA ILE P 389 -0.47 55.20 6.52
C ILE P 389 0.29 55.95 7.59
N ASN P 390 0.39 57.27 7.44
CA ASN P 390 1.19 58.05 8.39
C ASN P 390 0.60 57.95 9.79
N LYS P 391 -0.74 57.96 9.88
CA LYS P 391 -1.38 57.77 11.18
C LYS P 391 -1.15 56.36 11.71
N ASP P 392 -1.40 55.34 10.90
CA ASP P 392 -1.34 53.96 11.37
C ASP P 392 0.05 53.58 11.84
N THR P 393 1.08 53.97 11.07
CA THR P 393 2.44 53.83 11.56
C THR P 393 2.67 54.70 12.78
N SER P 394 2.08 55.90 12.78
CA SER P 394 2.20 56.80 13.92
C SER P 394 1.39 56.34 15.13
N LEU P 395 0.42 55.44 14.95
CA LEU P 395 -0.27 54.84 16.08
C LEU P 395 0.61 53.85 16.83
N LYS P 396 1.72 53.42 16.26
CA LYS P 396 2.61 52.46 16.90
C LYS P 396 3.56 53.13 17.88
N ARG P 397 3.04 53.96 18.81
CA ARG P 397 3.86 54.49 19.89
C ARG P 397 3.38 54.10 21.27
N LYS P 398 2.20 53.52 21.40
CA LYS P 398 1.63 53.32 22.72
C LYS P 398 2.30 52.17 23.46
N GLU P 399 3.14 51.38 22.78
CA GLU P 399 3.86 50.26 23.36
C GLU P 399 5.30 50.18 22.83
N PHE P 400 5.77 51.24 22.19
CA PHE P 400 6.81 51.10 21.18
C PHE P 400 7.94 52.11 21.34
N VAL P 401 7.61 53.33 21.75
CA VAL P 401 8.57 54.42 21.95
C VAL P 401 8.77 54.62 23.44
N GLY P 402 10.03 54.60 23.87
CA GLY P 402 10.36 54.62 25.28
C GLY P 402 10.18 53.30 25.98
N LYS P 403 9.75 52.26 25.27
CA LYS P 403 9.45 50.96 25.84
C LYS P 403 10.18 49.84 25.09
N ILE P 404 11.03 50.17 24.12
CA ILE P 404 11.79 49.20 23.32
C ILE P 404 13.26 49.64 23.31
N PHE P 405 14.14 48.66 23.14
CA PHE P 405 15.57 48.92 23.06
C PHE P 405 15.94 49.30 21.63
N ASN P 406 17.15 49.83 21.45
CA ASN P 406 17.65 50.29 20.16
C ASN P 406 18.80 49.42 19.66
N ASP P 407 18.65 48.11 19.82
CA ASP P 407 19.58 47.11 19.32
C ASP P 407 18.96 46.39 18.12
N ALA P 408 19.71 45.43 17.57
CA ALA P 408 19.25 44.71 16.40
C ALA P 408 17.94 43.96 16.67
N THR P 409 17.78 43.42 17.88
CA THR P 409 16.54 42.73 18.22
C THR P 409 15.36 43.69 18.20
N GLY P 410 15.51 44.85 18.83
CA GLY P 410 14.42 45.81 18.85
C GLY P 410 14.09 46.33 17.47
N GLN P 411 15.10 46.66 16.68
CA GLN P 411 14.88 47.15 15.33
C GLN P 411 14.20 46.10 14.47
N THR P 412 14.58 44.84 14.63
CA THR P 412 13.94 43.78 13.86
C THR P 412 12.49 43.58 14.30
N THR P 413 12.20 43.73 15.59
CA THR P 413 10.80 43.69 16.01
C THR P 413 10.02 44.86 15.42
N VAL P 414 10.65 46.03 15.33
CA VAL P 414 10.02 47.20 14.72
C VAL P 414 9.65 46.89 13.28
N ILE P 415 10.61 46.39 12.51
CA ILE P 415 10.39 46.11 11.10
C ILE P 415 9.35 45.01 10.95
N CYS P 416 9.35 44.04 11.86
CA CYS P 416 8.34 42.99 11.82
C CYS P 416 6.94 43.56 12.03
N ALA P 417 6.78 44.48 12.99
CA ALA P 417 5.47 45.06 13.23
C ALA P 417 5.01 45.90 12.04
N LEU P 418 5.91 46.71 11.48
CA LEU P 418 5.53 47.54 10.34
C LEU P 418 5.21 46.69 9.13
N LYS P 419 5.99 45.63 8.91
CA LYS P 419 5.69 44.69 7.83
C LYS P 419 4.36 44.00 8.06
N LYS P 420 4.05 43.69 9.33
CA LYS P 420 2.75 43.09 9.63
C LYS P 420 1.62 44.03 9.25
N TYR P 421 1.76 45.32 9.57
CA TYR P 421 0.72 46.28 9.22
C TYR P 421 0.58 46.37 7.70
N PHE P 422 1.70 46.42 6.98
CA PHE P 422 1.62 46.50 5.53
C PHE P 422 1.02 45.23 4.92
N GLU P 423 1.36 44.06 5.47
CA GLU P 423 0.83 42.80 4.96
C GLU P 423 -0.67 42.69 5.19
N GLU P 424 -1.14 43.09 6.38
CA GLU P 424 -2.58 43.14 6.59
C GLU P 424 -3.23 44.18 5.69
N LEU P 425 -2.54 45.28 5.41
CA LEU P 425 -3.05 46.27 4.47
C LEU P 425 -3.10 45.68 3.06
N MET P 426 -2.09 44.92 2.67
CA MET P 426 -2.10 44.26 1.38
C MET P 426 -3.21 43.22 1.29
N SER P 427 -3.67 42.71 2.43
CA SER P 427 -4.71 41.68 2.41
C SER P 427 -6.02 42.21 1.85
N GLN P 428 -6.31 43.50 2.03
CA GLN P 428 -7.52 44.07 1.43
C GLN P 428 -7.35 44.42 -0.04
N GLY P 429 -6.19 44.13 -0.64
CA GLY P 429 -5.95 44.45 -2.03
C GLY P 429 -5.61 45.90 -2.29
N ILE P 430 -5.35 46.69 -1.24
CA ILE P 430 -5.05 48.10 -1.44
C ILE P 430 -3.70 48.29 -2.13
N ILE P 431 -2.79 47.34 -1.95
CA ILE P 431 -1.42 47.46 -2.45
C ILE P 431 -1.10 46.19 -3.24
N SER P 432 -0.30 46.35 -4.30
CA SER P 432 0.17 45.24 -5.10
C SER P 432 1.49 44.68 -4.58
N GLU P 433 2.40 45.54 -4.15
CA GLU P 433 3.68 45.12 -3.59
C GLU P 433 4.16 46.19 -2.63
N PHE P 434 5.01 45.78 -1.69
CA PHE P 434 5.54 46.69 -0.69
C PHE P 434 6.91 46.22 -0.26
N ASN P 435 7.63 47.14 0.39
CA ASN P 435 8.94 46.85 0.97
C ASN P 435 9.06 47.68 2.24
N VAL P 436 9.63 47.07 3.29
CA VAL P 436 9.92 47.77 4.54
C VAL P 436 11.24 47.23 5.07
N ASP P 437 12.23 48.10 5.23
CA ASP P 437 13.59 47.73 5.60
C ASP P 437 14.21 48.89 6.36
N ILE P 438 15.43 48.67 6.83
CA ILE P 438 16.20 49.69 7.55
C ILE P 438 16.75 50.68 6.53
N ASP P 439 16.78 51.96 6.91
CA ASP P 439 17.36 53.01 6.07
C ASP P 439 18.85 53.11 6.39
N THR P 440 19.62 52.24 5.73
CA THR P 440 21.03 52.07 6.09
C THR P 440 21.84 53.34 5.86
N GLU P 441 21.56 54.05 4.76
CA GLU P 441 22.32 55.26 4.43
C GLU P 441 22.26 56.27 5.56
N LEU P 442 21.06 56.55 6.05
CA LEU P 442 20.93 57.49 7.15
C LEU P 442 21.30 56.83 8.48
N GLN P 443 20.98 55.54 8.65
CA GLN P 443 21.21 54.88 9.93
C GLN P 443 22.69 54.81 10.27
N ALA P 444 23.56 54.79 9.25
CA ALA P 444 24.99 54.82 9.53
C ALA P 444 25.39 56.08 10.28
N THR P 445 24.82 57.22 9.90
CA THR P 445 25.09 58.50 10.56
C THR P 445 24.15 58.78 11.73
N ALA P 446 23.32 57.82 12.11
CA ALA P 446 22.34 58.06 13.16
C ALA P 446 23.00 58.26 14.52
N LYS P 447 22.31 59.01 15.36
CA LYS P 447 22.63 59.06 16.77
C LYS P 447 22.09 57.79 17.44
N ALA P 448 22.59 57.51 18.64
CA ALA P 448 22.29 56.26 19.33
C ALA P 448 20.79 56.07 19.53
N ASP P 449 20.07 57.15 19.88
CA ASP P 449 18.64 57.04 20.13
C ASP P 449 17.83 56.93 18.85
N GLU P 450 18.28 57.56 17.78
CA GLU P 450 17.52 57.62 16.54
C GLU P 450 17.46 56.24 15.88
N PHE P 451 16.30 55.92 15.32
CA PHE P 451 16.11 54.75 14.46
C PHE P 451 15.51 55.22 13.15
N TYR P 452 16.08 54.76 12.03
CA TYR P 452 15.69 55.26 10.72
C TYR P 452 15.23 54.08 9.89
N TRP P 453 14.08 54.21 9.23
CA TRP P 453 13.60 53.17 8.32
C TRP P 453 12.97 53.81 7.09
N LYS P 454 12.72 52.97 6.10
CA LYS P 454 12.14 53.39 4.83
C LYS P 454 11.14 52.34 4.36
N TRP P 455 10.19 52.77 3.54
CA TRP P 455 9.20 51.87 2.98
C TRP P 455 8.83 52.28 1.56
N ASP P 456 8.42 51.27 0.78
CA ASP P 456 7.93 51.45 -0.57
C ASP P 456 6.57 50.80 -0.67
N ALA P 457 5.76 51.28 -1.61
CA ALA P 457 4.49 50.63 -1.90
C ALA P 457 4.08 50.95 -3.32
N VAL P 458 3.18 50.14 -3.85
CA VAL P 458 2.61 50.34 -5.17
C VAL P 458 1.11 50.14 -5.08
N LYS P 459 0.35 51.23 -5.11
CA LYS P 459 -1.10 51.15 -5.05
C LYS P 459 -1.64 50.41 -6.26
N VAL P 460 -2.68 49.61 -6.04
CA VAL P 460 -3.31 48.87 -7.13
C VAL P 460 -4.00 49.85 -8.06
N ASP P 461 -3.88 49.61 -9.36
CA ASP P 461 -4.48 50.48 -10.35
C ASP P 461 -5.99 50.27 -10.40
N VAL P 462 -6.71 51.36 -10.64
CA VAL P 462 -8.17 51.37 -10.75
C VAL P 462 -8.51 51.95 -12.11
N MET P 463 -9.35 51.25 -12.87
CA MET P 463 -9.77 51.75 -14.17
C MET P 463 -10.51 53.07 -14.02
N LYS P 464 -10.06 54.06 -14.80
CA LYS P 464 -10.75 55.34 -14.93
C LYS P 464 -11.10 55.67 -16.37
N LYS P 465 -10.17 55.42 -17.30
CA LYS P 465 -10.36 55.73 -18.71
C LYS P 465 -10.40 54.44 -19.51
N ILE P 466 -11.41 54.30 -20.35
CA ILE P 466 -11.67 53.10 -21.14
C ILE P 466 -12.01 53.55 -22.55
N TYR P 467 -11.29 53.03 -23.55
CA TYR P 467 -11.50 53.45 -24.94
C TYR P 467 -11.87 52.21 -25.75
N GLY P 468 -12.95 52.30 -26.51
CA GLY P 468 -13.39 51.22 -27.37
C GLY P 468 -13.37 51.59 -28.83
N THR P 469 -12.67 50.79 -29.65
CA THR P 469 -12.53 51.04 -31.07
C THR P 469 -13.53 50.15 -31.81
N GLY P 470 -14.53 50.78 -32.44
CA GLY P 470 -15.57 50.04 -33.13
C GLY P 470 -15.26 49.78 -34.59
N TYR P 471 -15.91 48.75 -35.12
CA TYR P 471 -15.81 48.38 -36.53
C TYR P 471 -17.14 47.77 -36.94
N LEU P 472 -17.38 47.72 -38.25
CA LEU P 472 -18.64 47.19 -38.77
C LEU P 472 -18.50 46.56 -40.14
N ILE Q 7 41.04 -26.49 7.82
CA ILE Q 7 42.41 -27.02 8.06
C ILE Q 7 43.40 -26.32 7.13
N GLU Q 8 43.22 -26.53 5.82
CA GLU Q 8 44.22 -26.12 4.84
C GLU Q 8 44.26 -24.60 4.73
N GLU Q 9 45.40 -24.02 5.10
CA GLU Q 9 45.60 -22.58 4.96
C GLU Q 9 45.51 -22.12 3.51
N ALA Q 10 45.95 -22.97 2.58
CA ALA Q 10 46.10 -22.53 1.18
C ALA Q 10 44.77 -22.34 0.47
N SER Q 11 43.69 -22.92 0.99
CA SER Q 11 42.41 -22.85 0.30
C SER Q 11 41.82 -21.45 0.33
N PHE Q 12 42.13 -20.67 1.36
CA PHE Q 12 41.58 -19.32 1.47
C PHE Q 12 42.12 -18.42 0.38
N LEU Q 13 41.25 -17.52 -0.09
CA LEU Q 13 41.54 -16.63 -1.20
C LEU Q 13 41.41 -15.20 -0.70
N ASN Q 14 42.46 -14.41 -0.92
CA ASN Q 14 42.48 -13.02 -0.49
C ASN Q 14 41.95 -12.12 -1.60
N GLY Q 15 41.51 -10.93 -1.20
CA GLY Q 15 41.07 -9.96 -2.17
C GLY Q 15 42.18 -9.47 -3.08
N SER Q 16 43.44 -9.61 -2.65
CA SER Q 16 44.58 -9.16 -3.44
C SER Q 16 44.82 -9.99 -4.70
N ASP Q 17 44.21 -11.17 -4.80
CA ASP Q 17 44.38 -12.05 -5.95
C ASP Q 17 43.29 -11.82 -7.00
N VAL Q 18 42.85 -10.58 -7.15
CA VAL Q 18 41.67 -10.23 -7.93
C VAL Q 18 42.09 -9.33 -9.08
N VAL Q 19 41.58 -9.63 -10.27
CA VAL Q 19 41.74 -8.77 -11.44
C VAL Q 19 40.39 -8.66 -12.13
N ILE Q 20 39.99 -7.43 -12.44
CA ILE Q 20 38.68 -7.12 -12.99
C ILE Q 20 38.85 -6.52 -14.37
N LEU Q 21 38.04 -6.98 -15.33
CA LEU Q 21 38.05 -6.48 -16.70
C LEU Q 21 36.66 -5.91 -17.00
N ILE Q 22 36.62 -4.62 -17.29
CA ILE Q 22 35.39 -3.94 -17.69
C ILE Q 22 35.45 -3.74 -19.19
N ASP Q 23 34.61 -4.47 -19.93
CA ASP Q 23 34.56 -4.40 -21.39
C ASP Q 23 35.92 -4.73 -21.98
N GLY Q 24 36.60 -5.71 -21.38
CA GLY Q 24 37.83 -6.26 -21.92
C GLY Q 24 39.11 -5.56 -21.51
N VAL Q 25 39.02 -4.41 -20.83
CA VAL Q 25 40.19 -3.66 -20.37
C VAL Q 25 40.25 -3.74 -18.85
N GLU Q 26 41.43 -4.01 -18.33
CA GLU Q 26 41.59 -4.26 -16.90
C GLU Q 26 41.33 -3.00 -16.10
N GLU Q 27 40.64 -3.19 -14.96
CA GLU Q 27 40.35 -2.12 -14.01
C GLU Q 27 41.20 -2.33 -12.77
N LEU Q 28 42.04 -1.35 -12.45
CA LEU Q 28 43.07 -1.50 -11.44
C LEU Q 28 42.73 -0.81 -10.12
N TYR Q 29 41.89 0.21 -10.14
CA TYR Q 29 41.65 1.08 -8.99
C TYR Q 29 40.33 0.77 -8.30
N MET Q 30 39.97 -0.50 -8.20
CA MET Q 30 38.73 -0.93 -7.58
C MET Q 30 38.98 -1.37 -6.14
N GLU Q 31 38.01 -1.09 -5.27
CA GLU Q 31 38.08 -1.40 -3.86
C GLU Q 31 37.27 -2.63 -3.49
N GLU Q 32 36.08 -2.81 -4.07
CA GLU Q 32 35.30 -4.01 -3.83
C GLU Q 32 34.32 -4.21 -4.97
N ILE Q 33 33.84 -5.44 -5.09
CA ILE Q 33 32.91 -5.84 -6.13
C ILE Q 33 31.94 -6.87 -5.56
N LYS Q 34 30.70 -6.82 -6.04
CA LYS Q 34 29.64 -7.72 -5.63
C LYS Q 34 28.84 -8.13 -6.85
N ALA Q 35 28.34 -9.35 -6.84
CA ALA Q 35 27.44 -9.80 -7.90
C ALA Q 35 26.60 -10.95 -7.37
N ASP Q 36 25.28 -10.83 -7.55
CA ASP Q 36 24.33 -11.84 -7.10
C ASP Q 36 23.35 -12.14 -8.23
N PHE Q 37 22.91 -13.39 -8.28
CA PHE Q 37 21.94 -13.88 -9.26
C PHE Q 37 20.72 -14.37 -8.48
N GLU Q 38 19.68 -13.56 -8.45
CA GLU Q 38 18.60 -13.69 -7.47
C GLU Q 38 17.36 -14.31 -8.09
N GLN Q 39 16.70 -15.19 -7.34
CA GLN Q 39 15.41 -15.73 -7.72
C GLN Q 39 14.29 -14.74 -7.51
N ASP Q 40 13.24 -14.87 -8.32
CA ASP Q 40 11.90 -14.41 -7.95
C ASP Q 40 11.08 -15.60 -7.46
N GLU Q 41 11.49 -16.10 -6.29
CA GLU Q 41 10.99 -17.38 -5.79
C GLU Q 41 9.48 -17.35 -5.62
N GLN Q 42 8.83 -18.40 -6.14
CA GLN Q 42 7.38 -18.51 -6.14
C GLN Q 42 6.94 -19.40 -4.98
N SER Q 43 6.11 -18.85 -4.11
CA SER Q 43 5.58 -19.58 -2.97
C SER Q 43 4.24 -20.20 -3.33
N ILE Q 44 4.08 -21.46 -2.97
CA ILE Q 44 2.89 -22.25 -3.29
C ILE Q 44 2.33 -22.82 -2.00
N LYS Q 45 1.04 -22.64 -1.78
CA LYS Q 45 0.31 -23.25 -0.67
C LYS Q 45 -0.76 -24.15 -1.26
N LEU Q 46 -0.84 -25.37 -0.74
CA LEU Q 46 -1.78 -26.37 -1.21
C LEU Q 46 -2.78 -26.72 -0.12
N LEU Q 47 -3.95 -27.18 -0.56
CA LEU Q 47 -5.05 -27.42 0.37
C LEU Q 47 -4.77 -28.62 1.26
N GLY Q 48 -4.22 -29.69 0.70
CA GLY Q 48 -3.97 -30.88 1.50
C GLY Q 48 -2.69 -30.87 2.29
N CYS Q 49 -1.84 -29.87 2.11
CA CYS Q 49 -0.49 -29.87 2.65
C CYS Q 49 -0.29 -28.64 3.52
N GLN Q 50 0.52 -28.81 4.58
CA GLN Q 50 0.66 -27.81 5.62
C GLN Q 50 2.03 -27.13 5.64
N ASN Q 51 2.75 -27.16 4.52
CA ASN Q 51 3.98 -26.39 4.38
C ASN Q 51 4.03 -25.78 2.99
N GLU Q 52 4.70 -24.63 2.90
CA GLU Q 52 4.80 -23.94 1.62
C GLU Q 52 5.75 -24.67 0.69
N ILE Q 53 5.40 -24.70 -0.58
CA ILE Q 53 6.25 -25.22 -1.65
C ILE Q 53 6.85 -24.04 -2.40
N SER Q 54 8.17 -24.08 -2.57
CA SER Q 54 8.93 -23.02 -3.22
C SER Q 54 9.43 -23.51 -4.56
N ARG Q 55 9.30 -22.67 -5.58
CA ARG Q 55 9.71 -22.98 -6.94
C ARG Q 55 10.55 -21.84 -7.49
N VAL Q 56 11.38 -22.16 -8.48
CA VAL Q 56 12.29 -21.18 -9.07
C VAL Q 56 11.50 -20.28 -9.99
N GLY Q 57 11.66 -18.97 -9.80
CA GLY Q 57 11.11 -17.98 -10.69
C GLY Q 57 12.17 -17.43 -11.63
N THR Q 58 11.85 -16.28 -12.21
CA THR Q 58 12.79 -15.64 -13.13
C THR Q 58 14.01 -15.16 -12.38
N THR Q 59 15.17 -15.28 -13.02
CA THR Q 59 16.44 -14.92 -12.43
C THR Q 59 16.87 -13.54 -12.92
N LYS Q 60 17.32 -12.71 -11.97
CA LYS Q 60 17.87 -11.41 -12.26
C LYS Q 60 19.25 -11.30 -11.63
N GLY Q 61 20.13 -10.57 -12.29
CA GLY Q 61 21.47 -10.30 -11.80
C GLY Q 61 21.58 -8.86 -11.31
N SER Q 62 22.29 -8.68 -10.21
CA SER Q 62 22.59 -7.36 -9.66
C SER Q 62 24.05 -7.34 -9.24
N PHE Q 63 24.73 -6.26 -9.59
CA PHE Q 63 26.13 -6.06 -9.24
C PHE Q 63 26.31 -4.69 -8.61
N SER Q 64 27.33 -4.57 -7.77
CA SER Q 64 27.84 -3.30 -7.31
C SER Q 64 29.35 -3.32 -7.40
N LEU Q 65 29.94 -2.15 -7.55
CA LEU Q 65 31.34 -2.02 -7.96
C LEU Q 65 31.87 -0.70 -7.45
N ASN Q 66 32.61 -0.74 -6.35
CA ASN Q 66 33.14 0.44 -5.68
C ASN Q 66 34.63 0.54 -5.94
N GLY Q 67 35.10 1.77 -6.17
CA GLY Q 67 36.49 1.97 -6.47
C GLY Q 67 36.90 3.42 -6.31
N TYR Q 68 38.08 3.71 -6.83
CA TYR Q 68 38.70 5.03 -6.78
C TYR Q 68 38.67 5.66 -8.16
N LYS Q 69 38.28 6.92 -8.23
CA LYS Q 69 38.12 7.60 -9.49
C LYS Q 69 39.48 8.02 -10.05
N THR Q 70 39.73 7.60 -11.29
CA THR Q 70 40.90 8.02 -12.04
C THR Q 70 40.57 8.51 -13.44
N ASP Q 71 39.33 8.38 -13.89
CA ASP Q 71 38.91 8.82 -15.21
C ASP Q 71 37.39 8.93 -15.20
N SER Q 72 36.85 9.40 -16.31
CA SER Q 72 35.40 9.50 -16.51
C SER Q 72 34.87 8.32 -17.29
N LYS Q 73 35.44 7.13 -17.03
CA LYS Q 73 35.09 5.94 -17.81
C LYS Q 73 33.60 5.62 -17.71
N PHE Q 74 33.06 5.66 -16.49
CA PHE Q 74 31.66 5.29 -16.31
C PHE Q 74 30.71 6.37 -16.81
N ALA Q 75 31.13 7.63 -16.76
CA ALA Q 75 30.30 8.70 -17.30
C ALA Q 75 30.20 8.62 -18.82
N LYS Q 76 31.32 8.38 -19.50
CA LYS Q 76 31.27 8.09 -20.93
C LYS Q 76 30.50 6.82 -21.22
N LEU Q 77 30.68 5.79 -20.39
CA LEU Q 77 30.04 4.51 -20.63
C LEU Q 77 28.53 4.65 -20.63
N GLY Q 78 28.00 5.59 -19.85
CA GLY Q 78 26.57 5.84 -19.87
C GLY Q 78 25.80 4.62 -19.43
N PHE Q 79 24.69 4.38 -20.11
CA PHE Q 79 23.82 3.24 -19.83
C PHE Q 79 23.97 2.15 -20.88
N ARG Q 80 25.05 2.18 -21.67
CA ARG Q 80 25.30 1.12 -22.62
C ARG Q 80 25.55 -0.20 -21.90
N SER Q 81 25.27 -1.29 -22.59
CA SER Q 81 25.55 -2.61 -22.06
C SER Q 81 27.03 -2.92 -22.16
N PHE Q 82 27.56 -3.56 -21.13
CA PHE Q 82 28.96 -3.97 -21.09
C PHE Q 82 29.05 -5.31 -20.36
N GLU Q 83 30.26 -5.86 -20.32
CA GLU Q 83 30.55 -7.12 -19.66
C GLU Q 83 31.59 -6.91 -18.58
N ILE Q 84 31.53 -7.77 -17.57
CA ILE Q 84 32.48 -7.80 -16.47
C ILE Q 84 33.03 -9.21 -16.38
N ILE Q 85 34.34 -9.35 -16.52
CA ILE Q 85 35.04 -10.61 -16.31
C ILE Q 85 35.80 -10.47 -15.00
N TYR Q 86 35.48 -11.36 -14.06
CA TYR Q 86 36.06 -11.35 -12.72
C TYR Q 86 36.86 -12.63 -12.51
N ASN Q 87 38.16 -12.47 -12.26
CA ASN Q 87 39.06 -13.57 -12.02
C ASN Q 87 39.59 -13.50 -10.60
N LEU Q 88 39.42 -14.58 -9.84
CA LEU Q 88 39.93 -14.73 -8.50
C LEU Q 88 40.87 -15.92 -8.51
N SER Q 89 42.16 -15.66 -8.31
CA SER Q 89 43.19 -16.67 -8.41
C SER Q 89 43.69 -17.08 -7.03
N ASN Q 90 44.19 -18.30 -6.94
CA ASN Q 90 44.96 -18.77 -5.80
C ASN Q 90 46.44 -18.68 -6.12
N SER Q 91 47.23 -18.37 -5.09
CA SER Q 91 48.67 -18.28 -5.21
C SER Q 91 49.38 -19.52 -4.71
N GLU Q 92 49.04 -19.99 -3.51
CA GLU Q 92 49.67 -21.21 -2.98
C GLU Q 92 49.30 -22.41 -3.83
N THR Q 93 48.05 -22.47 -4.28
CA THR Q 93 47.62 -23.37 -5.34
C THR Q 93 47.56 -22.57 -6.65
N LEU Q 94 47.57 -23.29 -7.77
CA LEU Q 94 47.52 -22.66 -9.08
C LEU Q 94 46.11 -22.53 -9.63
N GLY Q 95 45.09 -22.96 -8.88
CA GLY Q 95 43.74 -22.87 -9.37
C GLY Q 95 43.21 -21.45 -9.36
N TYR Q 96 42.17 -21.23 -10.16
CA TYR Q 96 41.55 -19.91 -10.23
C TYR Q 96 40.12 -20.05 -10.73
N GLU Q 97 39.32 -19.06 -10.36
CA GLU Q 97 37.94 -18.93 -10.78
C GLU Q 97 37.83 -17.74 -11.72
N SER Q 98 37.00 -17.88 -12.75
CA SER Q 98 36.72 -16.79 -13.67
C SER Q 98 35.22 -16.76 -13.95
N ILE Q 99 34.62 -15.59 -13.77
CA ILE Q 99 33.19 -15.39 -13.94
C ILE Q 99 32.99 -14.21 -14.89
N ARG Q 100 32.14 -14.41 -15.88
CA ARG Q 100 31.83 -13.40 -16.89
C ARG Q 100 30.36 -13.00 -16.70
N LEU Q 101 30.14 -11.75 -16.30
CA LEU Q 101 28.81 -11.19 -16.23
C LEU Q 101 28.47 -10.51 -17.56
N LYS Q 102 27.33 -10.88 -18.13
CA LYS Q 102 26.93 -10.47 -19.46
C LYS Q 102 25.79 -9.47 -19.41
N ASN Q 103 25.78 -8.58 -20.39
CA ASN Q 103 24.73 -7.55 -20.54
C ASN Q 103 24.62 -6.70 -19.27
N CYS Q 104 25.77 -6.39 -18.68
CA CYS Q 104 25.77 -5.53 -17.51
C CYS Q 104 25.43 -4.11 -17.91
N ARG Q 105 24.64 -3.45 -17.06
CA ARG Q 105 24.13 -2.12 -17.37
C ARG Q 105 23.99 -1.35 -16.07
N LEU Q 106 24.45 -0.10 -16.07
CA LEU Q 106 24.45 0.72 -14.87
C LEU Q 106 23.05 1.21 -14.54
N LYS Q 107 22.71 1.17 -13.25
CA LYS Q 107 21.45 1.74 -12.80
C LYS Q 107 21.54 3.26 -12.71
N LYS Q 108 22.70 3.78 -12.30
CA LYS Q 108 22.90 5.21 -12.21
C LYS Q 108 24.36 5.54 -12.52
N LEU Q 109 24.57 6.76 -13.01
CA LEU Q 109 25.89 7.24 -13.41
C LEU Q 109 26.54 7.97 -12.23
N PRO Q 110 27.76 7.60 -11.81
CA PRO Q 110 28.39 8.37 -10.72
C PRO Q 110 29.07 9.63 -11.26
N LEU Q 111 28.27 10.65 -11.55
CA LEU Q 111 28.81 11.85 -12.16
C LEU Q 111 29.75 12.58 -11.22
N ILE Q 112 29.32 12.81 -9.98
CA ILE Q 112 30.07 13.59 -9.01
C ILE Q 112 29.99 12.87 -7.66
N ASN Q 113 31.13 12.67 -7.02
CA ASN Q 113 31.18 12.18 -5.65
C ASN Q 113 32.53 12.59 -5.08
N SER Q 114 32.54 13.66 -4.28
CA SER Q 114 33.77 14.14 -3.67
C SER Q 114 33.46 14.73 -2.31
N LYS Q 115 34.41 14.55 -1.39
CA LYS Q 115 34.33 15.07 -0.04
C LYS Q 115 35.54 15.95 0.21
N ALA Q 116 35.52 16.66 1.34
CA ALA Q 116 36.42 17.80 1.54
C ALA Q 116 37.88 17.41 1.46
N GLY Q 117 38.27 16.37 2.20
CA GLY Q 117 39.68 16.01 2.32
C GLY Q 117 39.96 14.54 2.09
N GLU Q 118 39.04 13.84 1.43
CA GLU Q 118 39.16 12.42 1.15
C GLU Q 118 39.47 12.19 -0.32
N ILE Q 119 39.96 11.00 -0.61
CA ILE Q 119 40.25 10.60 -1.99
C ILE Q 119 38.94 10.37 -2.72
N VAL Q 120 38.88 10.88 -3.95
CA VAL Q 120 37.65 10.78 -4.74
C VAL Q 120 37.39 9.32 -5.06
N LYS Q 121 36.24 8.82 -4.61
CA LYS Q 121 35.82 7.44 -4.84
C LYS Q 121 34.65 7.43 -5.81
N ILE Q 122 34.50 6.29 -6.47
CA ILE Q 122 33.42 6.05 -7.43
C ILE Q 122 32.74 4.75 -7.05
N GLU Q 123 31.42 4.77 -6.98
CA GLU Q 123 30.60 3.61 -6.67
C GLU Q 123 29.47 3.52 -7.67
N VAL Q 124 29.31 2.33 -8.26
CA VAL Q 124 28.26 2.09 -9.24
C VAL Q 124 27.53 0.80 -8.88
N GLU Q 125 26.30 0.71 -9.37
CA GLU Q 125 25.47 -0.47 -9.24
C GLU Q 125 24.72 -0.68 -10.54
N GLY Q 126 24.25 -1.90 -10.74
CA GLY Q 126 23.57 -2.20 -11.98
C GLY Q 126 23.03 -3.61 -11.97
N SER Q 127 22.62 -4.06 -13.15
CA SER Q 127 22.01 -5.36 -13.35
C SER Q 127 22.67 -6.04 -14.54
N PHE Q 128 22.66 -7.37 -14.50
CA PHE Q 128 23.17 -8.19 -15.59
C PHE Q 128 22.19 -9.34 -15.84
N ARG Q 129 22.19 -9.82 -17.08
CA ARG Q 129 21.23 -10.83 -17.51
C ARG Q 129 21.61 -12.21 -17.00
N GLY Q 130 22.81 -12.66 -17.36
CA GLY Q 130 23.28 -13.99 -17.02
C GLY Q 130 24.77 -13.99 -16.78
N TYR Q 131 25.29 -15.17 -16.46
CA TYR Q 131 26.69 -15.34 -16.12
C TYR Q 131 27.23 -16.60 -16.77
N ASP Q 132 28.52 -16.58 -17.07
CA ASP Q 132 29.27 -17.75 -17.54
C ASP Q 132 30.38 -18.03 -16.54
N LEU Q 133 30.39 -19.23 -15.99
CA LEU Q 133 31.45 -19.68 -15.09
C LEU Q 133 32.57 -20.25 -15.94
N LEU Q 134 33.47 -19.37 -16.39
CA LEU Q 134 34.49 -19.77 -17.35
C LEU Q 134 35.45 -20.77 -16.75
N ASN Q 135 35.89 -20.54 -15.51
CA ASN Q 135 36.87 -21.37 -14.84
C ASN Q 135 36.52 -21.43 -13.36
N GLU Q 136 37.24 -22.26 -12.62
CA GLU Q 136 36.82 -22.61 -11.26
C GLU Q 136 37.91 -23.34 -10.49
N GLU R 13 -6.78 63.36 -20.03
CA GLU R 13 -8.20 63.01 -20.33
C GLU R 13 -9.00 62.88 -19.04
N ILE R 14 -10.28 62.54 -19.20
CA ILE R 14 -11.24 62.48 -18.10
C ILE R 14 -11.71 61.04 -18.00
N PRO R 15 -12.08 60.51 -16.82
CA PRO R 15 -12.60 59.14 -16.76
C PRO R 15 -13.88 58.97 -17.59
N GLY R 16 -13.96 57.83 -18.26
CA GLY R 16 -15.18 57.41 -18.92
C GLY R 16 -14.91 56.63 -20.20
N PHE R 17 -15.97 56.00 -20.72
CA PHE R 17 -15.94 55.41 -22.04
C PHE R 17 -15.80 56.46 -23.12
N TYR R 18 -15.03 56.12 -24.15
CA TYR R 18 -14.83 56.95 -25.34
C TYR R 18 -14.85 56.01 -26.53
N ASN R 19 -16.06 55.70 -27.01
CA ASN R 19 -16.24 54.83 -28.16
C ASN R 19 -16.00 55.65 -29.42
N ARG R 20 -15.01 55.23 -30.21
CA ARG R 20 -14.62 55.94 -31.43
C ARG R 20 -14.36 54.91 -32.53
N PHE R 21 -15.31 54.81 -33.45
CA PHE R 21 -15.17 53.98 -34.63
C PHE R 21 -13.95 54.41 -35.44
N LYS R 22 -13.17 53.43 -35.88
CA LYS R 22 -12.06 53.64 -36.80
C LYS R 22 -12.35 52.90 -38.10
N THR R 23 -12.06 53.55 -39.22
CA THR R 23 -12.33 52.96 -40.53
C THR R 23 -11.48 51.72 -40.74
N GLN R 24 -12.05 50.74 -41.44
CA GLN R 24 -11.35 49.48 -41.66
C GLN R 24 -10.15 49.63 -42.59
N ALA R 25 -10.07 50.71 -43.36
CA ALA R 25 -8.93 50.90 -44.25
C ALA R 25 -7.62 51.06 -43.48
N GLU R 26 -7.68 51.47 -42.21
CA GLU R 26 -6.49 51.77 -41.42
C GLU R 26 -5.99 50.52 -40.68
N LYS R 27 -5.64 49.49 -41.45
CA LYS R 27 -5.12 48.26 -40.87
C LYS R 27 -3.62 48.37 -40.67
N SER R 28 -3.15 47.87 -39.53
CA SER R 28 -1.72 47.78 -39.28
C SER R 28 -1.11 46.63 -40.08
N THR R 29 0.20 46.70 -40.27
CA THR R 29 0.91 45.69 -41.03
C THR R 29 0.94 44.37 -40.25
N ASN R 30 1.53 43.36 -40.87
CA ASN R 30 1.58 42.02 -40.29
C ASN R 30 2.46 42.01 -39.04
N THR R 31 2.56 40.84 -38.42
CA THR R 31 3.35 40.64 -37.21
C THR R 31 4.55 39.73 -37.41
N GLY R 32 4.50 38.82 -38.39
CA GLY R 32 5.60 37.92 -38.64
C GLY R 32 6.73 38.56 -39.41
N LEU R 33 7.48 39.44 -38.75
CA LEU R 33 8.57 40.18 -39.36
C LEU R 33 9.82 40.05 -38.50
N LYS R 34 10.98 40.12 -39.17
CA LYS R 34 12.26 39.95 -38.51
C LYS R 34 13.32 40.68 -39.30
N GLY R 35 14.45 40.95 -38.65
CA GLY R 35 15.64 41.41 -39.31
C GLY R 35 15.69 42.92 -39.54
N ARG R 36 16.88 43.39 -39.90
CA ARG R 36 17.17 44.80 -40.10
C ARG R 36 17.80 45.02 -41.47
N LEU R 37 17.38 46.10 -42.15
CA LEU R 37 17.82 46.40 -43.49
C LEU R 37 18.19 47.87 -43.62
N ALA R 38 19.19 48.14 -44.45
CA ALA R 38 19.64 49.49 -44.78
C ALA R 38 19.09 49.90 -46.14
N MET R 39 18.93 51.20 -46.32
CA MET R 39 18.28 51.75 -47.50
C MET R 39 18.71 53.18 -47.79
N PRO R 40 19.71 53.42 -48.66
CA PRO R 40 20.05 54.81 -49.04
C PRO R 40 19.04 55.40 -50.03
N ILE R 41 17.88 55.76 -49.49
CA ILE R 41 16.75 56.14 -50.35
C ILE R 41 17.01 57.47 -51.02
N ARG R 42 16.77 57.53 -52.34
CA ARG R 42 16.79 58.78 -53.09
C ARG R 42 15.40 59.40 -53.01
N ALA R 43 15.17 60.14 -51.93
CA ALA R 43 13.87 60.73 -51.65
C ALA R 43 13.83 62.17 -52.13
N ASN R 44 12.81 62.51 -52.92
CA ASN R 44 12.55 63.91 -53.22
C ASN R 44 12.36 64.71 -51.95
N TRP R 45 11.68 64.13 -50.95
CA TRP R 45 11.44 64.76 -49.67
C TRP R 45 11.77 63.76 -48.57
N GLY R 46 12.27 64.26 -47.45
CA GLY R 46 12.58 63.43 -46.32
C GLY R 46 13.74 63.98 -45.51
N ASP R 47 14.24 63.14 -44.60
CA ASP R 47 15.21 63.54 -43.61
C ASP R 47 16.63 63.39 -44.18
N VAL R 48 17.32 64.52 -44.33
CA VAL R 48 18.64 64.56 -44.96
C VAL R 48 19.70 64.62 -43.86
N GLY R 49 20.76 63.83 -44.04
CA GLY R 49 21.87 63.82 -43.10
C GLY R 49 21.70 62.94 -41.89
N LYS R 50 20.66 62.11 -41.85
CA LYS R 50 20.42 61.24 -40.70
C LYS R 50 19.66 60.00 -41.15
N VAL R 51 19.87 58.91 -40.41
CA VAL R 51 19.23 57.62 -40.69
C VAL R 51 18.02 57.50 -39.77
N VAL R 52 16.89 57.09 -40.32
CA VAL R 52 15.64 56.94 -39.59
C VAL R 52 15.29 55.46 -39.57
N THR R 53 14.87 54.96 -38.41
CA THR R 53 14.54 53.56 -38.21
C THR R 53 13.03 53.39 -38.30
N ILE R 54 12.54 53.07 -39.48
CA ILE R 54 11.12 52.84 -39.70
C ILE R 54 10.76 51.44 -39.20
N LYS R 55 9.61 51.34 -38.54
CA LYS R 55 9.13 50.07 -38.01
C LYS R 55 8.40 49.30 -39.12
N ASN R 56 7.70 48.23 -38.73
CA ASN R 56 6.86 47.48 -39.67
C ASN R 56 5.87 48.37 -40.40
N ASP R 57 5.34 49.37 -39.71
CA ASP R 57 4.26 50.17 -40.27
C ASP R 57 4.72 50.95 -41.49
N LEU R 58 3.91 50.91 -42.55
CA LEU R 58 4.14 51.73 -43.74
C LEU R 58 3.83 53.20 -43.52
N ARG R 59 3.24 53.56 -42.39
CA ARG R 59 2.68 54.90 -42.26
C ARG R 59 3.78 55.92 -42.06
N GLN R 60 4.78 55.58 -41.24
CA GLN R 60 5.92 56.46 -41.05
C GLN R 60 6.68 56.67 -42.34
N LEU R 61 6.75 55.63 -43.18
CA LEU R 61 7.45 55.75 -44.45
C LEU R 61 6.80 56.80 -45.34
N LYS R 62 5.48 56.74 -45.53
CA LYS R 62 4.86 57.70 -46.45
C LYS R 62 4.79 59.07 -45.81
N ASN R 63 4.57 59.13 -44.49
CA ASN R 63 4.53 60.43 -43.81
C ASN R 63 5.87 61.14 -43.88
N LEU R 64 6.98 60.38 -43.85
CA LEU R 64 8.31 60.97 -43.82
C LEU R 64 8.98 61.05 -45.19
N PHE R 65 8.56 60.24 -46.16
CA PHE R 65 9.24 60.13 -47.44
C PHE R 65 8.25 60.11 -48.60
N GLY R 66 7.24 60.96 -48.52
CA GLY R 66 6.32 61.15 -49.64
C GLY R 66 5.45 59.95 -49.94
N ASP R 67 4.42 60.17 -50.75
CA ASP R 67 3.47 59.14 -51.15
C ASP R 67 3.62 58.81 -52.64
N ASP R 68 4.54 59.47 -53.34
CA ASP R 68 4.59 59.38 -54.79
C ASP R 68 5.36 58.15 -55.24
N MET R 69 4.83 57.48 -56.28
CA MET R 69 5.43 56.24 -56.75
C MET R 69 6.77 56.48 -57.43
N ASN R 70 6.90 57.58 -58.18
CA ASN R 70 8.14 57.84 -58.89
C ASN R 70 9.29 58.06 -57.92
N TYR R 71 9.00 58.51 -56.71
CA TYR R 71 10.04 58.65 -55.69
C TYR R 71 10.65 57.28 -55.43
N SER R 72 11.97 57.18 -55.60
CA SER R 72 12.65 55.92 -55.30
C SER R 72 12.48 55.55 -53.84
N ALA R 73 12.42 56.54 -52.95
CA ALA R 73 12.27 56.28 -51.53
C ALA R 73 11.00 55.51 -51.23
N PHE R 74 9.85 56.06 -51.62
CA PHE R 74 8.57 55.41 -51.33
C PHE R 74 8.46 54.07 -52.04
N LYS R 75 8.85 54.01 -53.32
CA LYS R 75 8.70 52.79 -54.11
C LYS R 75 9.50 51.65 -53.50
N LEU R 76 10.79 51.90 -53.24
CA LEU R 76 11.66 50.85 -52.73
C LEU R 76 11.42 50.56 -51.25
N GLY R 77 11.01 51.55 -50.46
CA GLY R 77 10.61 51.26 -49.10
C GLY R 77 9.37 50.39 -49.04
N LYS R 78 8.42 50.64 -49.93
CA LYS R 78 7.25 49.78 -50.05
C LYS R 78 7.67 48.36 -50.42
N LEU R 79 8.61 48.23 -51.36
CA LEU R 79 9.13 46.89 -51.67
C LEU R 79 9.74 46.23 -50.45
N ALA R 80 10.56 46.96 -49.70
CA ALA R 80 11.25 46.37 -48.57
C ALA R 80 10.27 45.94 -47.48
N LEU R 81 9.24 46.75 -47.24
CA LEU R 81 8.30 46.47 -46.17
C LEU R 81 7.29 45.40 -46.57
N LEU R 82 6.95 45.29 -47.86
CA LEU R 82 6.30 44.08 -48.34
C LEU R 82 7.25 42.88 -48.31
N GLY R 83 8.56 43.11 -48.28
CA GLY R 83 9.51 42.07 -47.96
C GLY R 83 9.51 41.66 -46.50
N ASN R 84 8.73 42.35 -45.66
CA ASN R 84 8.46 41.95 -44.27
C ASN R 84 9.73 42.04 -43.41
N VAL R 85 10.51 43.09 -43.62
CA VAL R 85 11.62 43.42 -42.72
C VAL R 85 11.06 44.09 -41.47
N LYS R 86 11.55 43.67 -40.31
CA LYS R 86 11.04 44.21 -39.05
C LYS R 86 11.40 45.68 -38.90
N GLU R 87 12.67 46.02 -39.08
CA GLU R 87 13.15 47.40 -39.00
C GLU R 87 13.85 47.76 -40.30
N LEU R 88 13.41 48.84 -40.94
CA LEU R 88 13.97 49.31 -42.20
C LEU R 88 14.61 50.67 -41.94
N LEU R 89 15.93 50.73 -42.12
CA LEU R 89 16.71 51.92 -41.80
C LEU R 89 16.91 52.75 -43.07
N LEU R 90 16.22 53.88 -43.13
CA LEU R 90 16.23 54.75 -44.30
C LEU R 90 17.16 55.94 -44.09
N TYR R 91 17.99 56.20 -45.09
CA TYR R 91 18.81 57.42 -45.16
C TYR R 91 18.48 58.13 -46.46
N ARG R 92 18.00 59.36 -46.37
CA ARG R 92 17.75 60.12 -47.57
C ARG R 92 19.05 60.45 -48.28
N LEU R 93 19.00 60.42 -49.61
CA LEU R 93 20.15 60.70 -50.45
C LEU R 93 19.80 61.88 -51.35
N VAL R 94 20.55 62.97 -51.21
CA VAL R 94 20.39 64.14 -52.05
C VAL R 94 21.77 64.63 -52.49
N ASP R 95 21.80 65.34 -53.61
CA ASP R 95 23.04 65.93 -54.09
C ASP R 95 23.44 67.11 -53.19
N GLY R 96 24.72 67.47 -53.26
CA GLY R 96 25.19 68.62 -52.51
C GLY R 96 24.49 69.90 -52.92
N ASN R 97 24.25 70.07 -54.23
CA ASN R 97 23.55 71.26 -54.70
C ASN R 97 22.10 71.28 -54.25
N GLN R 98 21.51 70.11 -54.00
CA GLN R 98 20.14 70.03 -53.52
C GLN R 98 20.03 70.70 -52.15
N LYS R 99 18.99 71.52 -51.98
CA LYS R 99 18.85 72.37 -50.79
C LYS R 99 17.37 72.52 -50.46
N LYS R 100 17.09 73.30 -49.42
CA LYS R 100 15.73 73.57 -48.98
C LYS R 100 15.07 74.61 -49.87
N GLY R 101 13.82 74.35 -50.23
CA GLY R 101 12.99 75.40 -50.77
C GLY R 101 12.79 76.50 -49.74
N THR R 102 12.83 77.75 -50.19
CA THR R 102 12.79 78.90 -49.30
C THR R 102 11.97 80.01 -49.93
N LEU R 103 11.20 80.70 -49.08
CA LEU R 103 10.47 81.90 -49.49
C LEU R 103 10.41 82.84 -48.31
N THR R 104 10.18 84.11 -48.62
CA THR R 104 10.07 85.17 -47.62
C THR R 104 8.74 85.88 -47.79
N LEU R 105 8.02 86.05 -46.68
CA LEU R 105 6.81 86.86 -46.67
C LEU R 105 7.17 88.32 -46.40
N LYS R 106 6.26 89.22 -46.76
CA LYS R 106 6.47 90.64 -46.56
C LYS R 106 5.15 91.30 -46.20
N ASP R 107 5.26 92.47 -45.58
CA ASP R 107 4.10 93.26 -45.16
C ASP R 107 3.79 94.34 -46.20
N THR R 108 2.59 94.89 -46.08
CA THR R 108 2.11 95.96 -46.96
C THR R 108 1.64 97.18 -46.19
N THR R 109 1.89 97.25 -44.88
CA THR R 109 1.51 98.43 -44.11
C THR R 109 2.26 99.67 -44.59
N GLU R 110 3.55 99.53 -44.83
CA GLU R 110 4.38 100.63 -45.33
C GLU R 110 4.30 100.71 -46.84
N ASN R 111 4.78 101.82 -47.40
CA ASN R 111 4.81 101.98 -48.84
C ASN R 111 5.75 100.97 -49.48
N SER R 112 6.90 100.71 -48.86
CA SER R 112 7.87 99.72 -49.32
C SER R 112 7.77 98.49 -48.43
N ALA R 113 7.56 97.34 -49.06
CA ALA R 113 7.42 96.09 -48.31
C ALA R 113 8.78 95.63 -47.79
N LYS R 114 8.75 94.92 -46.66
CA LYS R 114 9.95 94.43 -46.01
C LYS R 114 9.71 93.03 -45.48
N ASP R 115 10.79 92.27 -45.36
CA ASP R 115 10.70 90.86 -44.95
C ASP R 115 10.47 90.77 -43.45
N VAL R 116 9.52 89.92 -43.06
CA VAL R 116 9.26 89.61 -41.66
C VAL R 116 9.24 88.12 -41.35
N ILE R 117 9.01 87.25 -42.33
CA ILE R 117 8.97 85.80 -42.13
C ILE R 117 9.72 85.13 -43.28
N LYS R 118 10.49 84.09 -42.96
CA LYS R 118 11.05 83.15 -43.95
C LYS R 118 10.43 81.79 -43.73
N LEU R 119 9.83 81.25 -44.79
CA LEU R 119 9.32 79.89 -44.79
C LEU R 119 10.30 79.03 -45.57
N GLU R 120 10.96 78.11 -44.87
CA GLU R 120 11.90 77.17 -45.46
C GLU R 120 11.35 75.77 -45.27
N THR R 121 11.56 74.91 -46.26
CA THR R 121 11.17 73.52 -46.11
C THR R 121 11.89 72.91 -44.90
N LYS R 122 11.16 72.11 -44.13
CA LYS R 122 11.72 71.54 -42.90
C LYS R 122 13.00 70.78 -43.18
N TYR R 123 13.06 70.09 -44.31
CA TYR R 123 14.23 69.37 -44.76
C TYR R 123 14.44 69.73 -46.23
N PRO R 124 15.65 69.49 -46.77
CA PRO R 124 15.91 69.88 -48.16
C PRO R 124 14.93 69.24 -49.13
N THR R 125 14.42 70.04 -50.06
CA THR R 125 13.51 69.56 -51.10
C THR R 125 13.22 70.70 -52.06
N ALA R 126 12.71 70.34 -53.24
CA ALA R 126 12.26 71.29 -54.23
C ALA R 126 10.94 70.84 -54.86
N ARG R 127 10.13 70.11 -54.10
CA ARG R 127 8.84 69.65 -54.59
C ARG R 127 7.90 70.83 -54.81
N ASN R 128 6.69 70.53 -55.30
CA ASN R 128 5.69 71.57 -55.57
C ASN R 128 4.97 71.96 -54.28
N PHE R 129 5.74 72.49 -53.33
CA PHE R 129 5.23 72.91 -52.03
C PHE R 129 4.91 74.39 -52.11
N ASN R 130 3.61 74.72 -52.17
CA ASN R 130 3.14 76.07 -52.40
C ASN R 130 2.56 76.64 -51.11
N VAL R 131 2.46 77.97 -51.07
CA VAL R 131 1.95 78.69 -49.90
C VAL R 131 0.89 79.67 -50.39
N THR R 132 -0.10 79.93 -49.54
CA THR R 132 -1.09 80.96 -49.81
C THR R 132 -1.48 81.61 -48.50
N ILE R 133 -1.52 82.95 -48.50
CA ILE R 133 -1.82 83.75 -47.33
C ILE R 133 -2.84 84.81 -47.72
N LYS R 134 -3.86 84.99 -46.87
CA LYS R 134 -4.93 85.95 -47.14
C LYS R 134 -5.44 86.47 -45.80
N SER R 135 -6.35 87.44 -45.87
CA SER R 135 -6.93 88.02 -44.68
C SER R 135 -8.00 87.10 -44.10
N ASN R 136 -8.15 87.16 -42.77
CA ASN R 136 -9.16 86.38 -42.06
C ASN R 136 -10.46 87.16 -42.00
N LEU R 137 -11.56 86.51 -42.38
CA LEU R 137 -12.85 87.19 -42.40
C LEU R 137 -13.41 87.37 -40.99
N VAL R 138 -13.18 86.40 -40.12
CA VAL R 138 -13.74 86.46 -38.76
C VAL R 138 -13.14 87.62 -37.99
N ASP R 139 -11.82 87.77 -38.03
CA ASP R 139 -11.09 88.81 -37.33
C ASP R 139 -10.19 89.54 -38.31
N SER R 140 -10.22 90.88 -38.26
CA SER R 140 -9.41 91.68 -39.18
C SER R 140 -7.92 91.44 -38.94
N ASP R 141 -7.51 91.38 -37.66
CA ASP R 141 -6.10 91.21 -37.35
C ASP R 141 -5.58 89.82 -37.73
N LYS R 142 -6.45 88.82 -37.78
CA LYS R 142 -6.03 87.47 -38.12
C LYS R 142 -5.83 87.33 -39.62
N LYS R 143 -5.02 86.34 -40.00
CA LYS R 143 -4.79 85.97 -41.39
C LYS R 143 -4.88 84.46 -41.54
N ASP R 144 -5.36 84.03 -42.70
CA ASP R 144 -5.44 82.62 -43.04
C ASP R 144 -4.18 82.22 -43.77
N PHE R 145 -3.48 81.20 -43.26
CA PHE R 145 -2.28 80.65 -43.87
C PHE R 145 -2.56 79.22 -44.30
N ILE R 146 -2.29 78.93 -45.57
CA ILE R 146 -2.60 77.64 -46.17
C ILE R 146 -1.37 77.15 -46.94
N PHE R 147 -1.14 75.85 -46.89
CA PHE R 147 -0.03 75.20 -47.60
C PHE R 147 -0.59 74.12 -48.53
N PHE R 148 -0.05 74.06 -49.74
CA PHE R 148 -0.46 73.13 -50.79
C PHE R 148 0.69 72.21 -51.18
N GLU R 149 0.34 70.97 -51.52
CA GLU R 149 1.28 69.95 -52.00
C GLU R 149 0.73 69.34 -53.28
N ASN R 150 1.31 69.70 -54.42
CA ASN R 150 0.85 69.23 -55.73
C ASN R 150 -0.64 69.50 -55.90
N THR R 151 -1.05 70.71 -55.53
CA THR R 151 -2.45 71.14 -55.55
C THR R 151 -3.30 70.39 -54.54
N LYS R 152 -2.70 69.93 -53.44
CA LYS R 152 -3.40 69.26 -52.35
C LYS R 152 -3.09 69.99 -51.05
N GLN R 153 -4.13 70.39 -50.33
CA GLN R 153 -3.94 71.14 -49.09
C GLN R 153 -3.28 70.28 -48.04
N LEU R 154 -2.34 70.89 -47.30
CA LEU R 154 -1.63 70.26 -46.19
C LEU R 154 -1.99 70.87 -44.85
N PHE R 155 -1.94 72.20 -44.74
CA PHE R 155 -2.18 72.90 -43.47
C PHE R 155 -3.11 74.06 -43.76
N SER R 156 -3.94 74.40 -42.76
CA SER R 156 -4.84 75.53 -42.87
C SER R 156 -5.22 75.99 -41.48
N SER R 157 -4.99 77.28 -41.19
CA SER R 157 -5.32 77.83 -39.89
C SER R 157 -5.42 79.35 -40.01
N SER R 158 -6.14 79.94 -39.05
CA SER R 158 -6.25 81.39 -38.91
C SER R 158 -5.56 81.81 -37.62
N ILE R 159 -4.60 82.71 -37.73
CA ILE R 159 -3.78 83.15 -36.61
C ILE R 159 -3.67 84.66 -36.67
N LYS R 160 -3.50 85.28 -35.49
CA LYS R 160 -3.36 86.72 -35.38
C LYS R 160 -2.24 87.23 -36.27
N GLY R 161 -2.38 88.48 -36.73
CA GLY R 161 -1.42 89.07 -37.64
C GLY R 161 -0.03 89.26 -37.08
N THR R 162 0.14 89.15 -35.76
CA THR R 162 1.46 89.26 -35.15
C THR R 162 2.38 88.17 -35.69
N ILE R 163 3.59 88.57 -36.06
CA ILE R 163 4.54 87.62 -36.65
C ILE R 163 4.92 86.54 -35.65
N ASP R 164 4.95 86.88 -34.36
CA ASP R 164 5.32 85.90 -33.34
C ASP R 164 4.33 84.74 -33.31
N GLU R 165 3.03 85.06 -33.25
CA GLU R 165 2.01 84.01 -33.23
C GLU R 165 2.00 83.21 -34.52
N ILE R 166 2.22 83.89 -35.65
CA ILE R 166 2.22 83.20 -36.94
C ILE R 166 3.35 82.19 -36.99
N VAL R 167 4.55 82.60 -36.60
CA VAL R 167 5.70 81.69 -36.58
C VAL R 167 5.46 80.56 -35.58
N LEU R 168 4.88 80.89 -34.42
CA LEU R 168 4.64 79.88 -33.40
C LEU R 168 3.70 78.80 -33.90
N GLU R 169 2.57 79.21 -34.49
CA GLU R 169 1.62 78.22 -35.00
C GLU R 169 2.21 77.44 -36.17
N ILE R 170 2.97 78.10 -37.04
CA ILE R 170 3.53 77.39 -38.19
C ILE R 170 4.54 76.34 -37.72
N ASN R 171 5.39 76.68 -36.76
CA ASN R 171 6.35 75.70 -36.25
C ASN R 171 5.74 74.72 -35.26
N SER R 172 4.53 74.96 -34.78
CA SER R 172 3.90 74.10 -33.77
C SER R 172 3.00 73.04 -34.38
N ASN R 173 2.10 73.43 -35.28
CA ASN R 173 1.12 72.49 -35.82
C ASN R 173 1.83 71.40 -36.63
N LEU R 174 1.39 70.16 -36.44
CA LEU R 174 2.06 69.02 -37.06
C LEU R 174 1.82 68.94 -38.56
N ASP R 175 0.78 69.59 -39.08
CA ASP R 175 0.57 69.63 -40.52
C ASP R 175 1.58 70.51 -41.24
N ASN R 176 2.38 71.29 -40.49
CA ASN R 176 3.48 72.06 -41.06
C ASN R 176 4.79 71.28 -41.10
N GLU R 177 4.71 69.95 -41.21
CA GLU R 177 5.91 69.13 -41.23
C GLU R 177 6.83 69.45 -42.41
N TYR R 178 6.31 70.09 -43.46
CA TYR R 178 7.06 70.38 -44.67
C TYR R 178 7.62 71.80 -44.68
N VAL R 179 7.57 72.53 -43.56
CA VAL R 179 7.99 73.93 -43.55
C VAL R 179 8.34 74.34 -42.14
N ILE R 180 9.31 75.26 -42.02
CA ILE R 180 9.62 75.96 -40.78
C ILE R 180 9.49 77.45 -41.06
N ALA R 181 8.82 78.17 -40.16
CA ALA R 181 8.75 79.62 -40.20
C ALA R 181 9.69 80.19 -39.14
N THR R 182 10.52 81.15 -39.55
CA THR R 182 11.42 81.85 -38.65
C THR R 182 11.22 83.35 -38.81
N LYS R 183 11.11 84.05 -37.69
CA LYS R 183 10.85 85.49 -37.69
C LYS R 183 12.09 86.24 -38.14
N VAL R 184 12.00 86.92 -39.29
CA VAL R 184 13.13 87.70 -39.79
C VAL R 184 13.44 88.84 -38.83
N ALA R 185 12.42 89.57 -38.44
CA ALA R 185 12.56 90.73 -37.56
C ALA R 185 11.27 90.90 -36.79
N ASP R 186 11.38 91.57 -35.65
CA ASP R 186 10.21 91.79 -34.81
C ASP R 186 9.26 92.77 -35.49
N SER R 187 8.00 92.36 -35.63
CA SER R 187 7.01 93.20 -36.30
C SER R 187 5.63 92.61 -36.05
N ASP R 188 4.62 93.49 -36.07
CA ASP R 188 3.22 93.10 -36.01
C ASP R 188 2.46 93.57 -37.25
N THR R 189 3.17 93.90 -38.32
CA THR R 189 2.55 94.43 -39.52
C THR R 189 1.73 93.36 -40.23
N ILE R 190 0.74 93.82 -40.99
CA ILE R 190 -0.12 92.92 -41.76
C ILE R 190 0.66 92.41 -42.96
N LEU R 191 0.64 91.10 -43.14
CA LEU R 191 1.43 90.47 -44.20
C LEU R 191 0.83 90.77 -45.57
N ALA R 192 1.61 90.49 -46.61
CA ALA R 192 1.15 90.61 -47.98
C ALA R 192 0.34 89.38 -48.37
N ASN R 193 -0.65 89.60 -49.24
CA ASN R 193 -1.49 88.51 -49.74
C ASN R 193 -0.83 87.92 -50.99
N VAL R 194 -0.37 86.68 -50.88
CA VAL R 194 0.28 85.96 -51.96
C VAL R 194 -0.46 84.64 -52.16
N VAL R 195 -0.61 84.24 -53.42
CA VAL R 195 -1.40 83.08 -53.80
C VAL R 195 -0.51 82.10 -54.55
N ASN R 196 -0.37 80.90 -54.01
CA ASN R 196 0.28 79.76 -54.68
C ASN R 196 1.72 80.10 -55.06
N GLN R 197 2.51 80.46 -54.04
CA GLN R 197 3.93 80.74 -54.20
C GLN R 197 4.72 79.48 -53.85
N ALA R 198 5.50 78.98 -54.81
CA ALA R 198 6.24 77.75 -54.65
C ALA R 198 7.55 78.01 -53.92
N LEU R 199 7.86 77.15 -52.96
CA LEU R 199 9.16 77.24 -52.28
C LEU R 199 10.26 76.80 -53.22
N GLU R 200 11.29 77.64 -53.35
CA GLU R 200 12.38 77.41 -54.29
C GLU R 200 13.71 77.66 -53.57
N GLY R 201 14.79 77.19 -54.20
CA GLY R 201 16.12 77.27 -53.64
C GLY R 201 16.72 75.91 -53.37
N GLY R 202 16.37 74.92 -54.18
CA GLY R 202 16.86 73.58 -54.01
C GLY R 202 16.70 72.76 -55.27
N ASN R 203 16.89 71.45 -55.12
CA ASN R 203 16.79 70.51 -56.22
C ASN R 203 15.80 69.41 -55.88
N ASP R 204 15.54 68.55 -56.86
CA ASP R 204 14.55 67.49 -56.73
C ASP R 204 14.88 66.56 -55.57
N GLY R 205 16.00 65.85 -55.66
CA GLY R 205 16.41 64.89 -54.66
C GLY R 205 16.71 63.54 -55.28
N CYS R 206 15.92 63.15 -56.27
CA CYS R 206 16.21 61.99 -57.11
C CYS R 206 17.12 62.34 -58.29
N THR R 207 17.48 63.61 -58.46
CA THR R 207 18.29 64.08 -59.58
C THR R 207 19.68 64.41 -59.08
N SER R 208 20.68 64.18 -59.93
CA SER R 208 22.09 64.43 -59.61
C SER R 208 22.52 63.53 -58.45
N ILE R 209 22.14 62.26 -58.56
CA ILE R 209 22.52 61.24 -57.59
C ILE R 209 23.93 60.77 -57.93
N THR R 210 24.89 61.10 -57.06
CA THR R 210 26.32 61.01 -57.37
C THR R 210 27.04 60.08 -56.42
N ASN R 211 28.22 59.64 -56.87
CA ASN R 211 29.01 58.66 -56.13
C ASN R 211 29.43 59.18 -54.76
N GLU R 212 29.90 60.43 -54.71
CA GLU R 212 30.32 61.00 -53.43
C GLU R 212 29.15 61.07 -52.45
N SER R 213 27.94 61.30 -52.96
CA SER R 213 26.78 61.40 -52.09
C SER R 213 26.45 60.05 -51.47
N TYR R 214 26.47 58.98 -52.27
CA TYR R 214 26.42 57.63 -51.70
C TYR R 214 27.53 57.37 -50.72
N LEU R 215 28.75 57.82 -51.01
CA LEU R 215 29.83 57.48 -50.09
C LEU R 215 29.61 58.15 -48.74
N LYS R 216 29.10 59.40 -48.76
CA LYS R 216 28.67 60.02 -47.52
C LYS R 216 27.60 59.18 -46.84
N ALA R 217 26.60 58.75 -47.60
CA ALA R 217 25.50 57.99 -47.01
C ALA R 217 25.97 56.68 -46.40
N LEU R 218 26.90 56.00 -47.08
CA LEU R 218 27.49 54.77 -46.55
C LEU R 218 28.22 55.05 -45.25
N GLU R 219 28.94 56.17 -45.18
CA GLU R 219 29.56 56.53 -43.91
C GLU R 219 28.49 56.81 -42.84
N GLU R 220 27.37 57.40 -43.24
CA GLU R 220 26.26 57.58 -42.31
C GLU R 220 25.60 56.25 -41.97
N PHE R 221 25.65 55.28 -42.88
CA PHE R 221 25.10 53.97 -42.58
C PHE R 221 26.04 53.13 -41.71
N GLU R 222 27.29 53.57 -41.52
CA GLU R 222 28.18 52.90 -40.58
C GLU R 222 27.75 53.11 -39.12
N ARG R 223 26.78 53.97 -38.86
CA ARG R 223 26.24 54.12 -37.50
C ARG R 223 25.82 52.78 -36.92
N TYR R 224 25.06 51.99 -37.68
CA TYR R 224 24.38 50.80 -37.17
C TYR R 224 24.82 49.57 -37.96
N SER R 225 24.34 48.41 -37.50
CA SER R 225 24.63 47.12 -38.10
C SER R 225 23.40 46.64 -38.87
N PHE R 226 23.63 45.97 -39.99
CA PHE R 226 22.56 45.55 -40.90
C PHE R 226 22.69 44.07 -41.23
N ASP R 227 21.55 43.40 -41.34
CA ASP R 227 21.56 42.06 -41.89
C ASP R 227 21.94 42.08 -43.37
N SER R 228 21.56 43.13 -44.09
CA SER R 228 21.88 43.23 -45.50
C SER R 228 21.82 44.69 -45.93
N PHE R 229 22.52 44.99 -47.02
CA PHE R 229 22.52 46.31 -47.65
C PHE R 229 22.06 46.14 -49.09
N VAL R 230 21.33 47.14 -49.60
CA VAL R 230 20.55 46.98 -50.82
C VAL R 230 20.91 47.99 -51.91
N LEU R 231 21.63 49.07 -51.59
CA LEU R 231 22.06 50.13 -52.51
C LEU R 231 20.89 50.98 -53.02
N ASP R 232 19.67 50.75 -52.55
CA ASP R 232 18.48 51.50 -52.97
C ASP R 232 18.22 51.29 -54.47
N GLY R 233 18.55 50.12 -54.98
CA GLY R 233 18.14 49.75 -56.33
C GLY R 233 18.67 50.63 -57.43
N VAL R 234 19.97 50.95 -57.39
CA VAL R 234 20.63 51.73 -58.45
C VAL R 234 21.69 50.83 -59.06
N ALA R 235 21.60 50.62 -60.37
CA ALA R 235 22.42 49.64 -61.08
C ALA R 235 23.70 50.24 -61.66
N ASP R 236 24.13 51.40 -61.21
CA ASP R 236 25.36 51.99 -61.71
C ASP R 236 26.55 51.11 -61.31
N GLU R 237 27.44 50.86 -62.26
CA GLU R 237 28.58 49.98 -62.00
C GLU R 237 29.54 50.59 -60.99
N ALA R 238 29.79 51.89 -61.10
CA ALA R 238 30.69 52.54 -60.14
C ALA R 238 30.13 52.46 -58.73
N LEU R 239 28.82 52.64 -58.59
CA LEU R 239 28.20 52.57 -57.27
C LEU R 239 28.29 51.15 -56.70
N GLN R 240 28.05 50.16 -57.56
CA GLN R 240 28.19 48.77 -57.14
C GLN R 240 29.61 48.49 -56.66
N GLU R 241 30.60 48.98 -57.40
CA GLU R 241 32.00 48.76 -57.02
C GLU R 241 32.32 49.45 -55.70
N THR R 242 31.85 50.68 -55.52
CA THR R 242 32.12 51.41 -54.28
C THR R 242 31.49 50.71 -53.09
N THR R 243 30.23 50.29 -53.21
CA THR R 243 29.58 49.58 -52.12
C THR R 243 30.23 48.21 -51.89
N LYS R 244 30.74 47.58 -52.94
CA LYS R 244 31.45 46.32 -52.79
C LYS R 244 32.71 46.50 -51.96
N ALA R 245 33.49 47.53 -52.28
CA ALA R 245 34.69 47.82 -51.48
C ALA R 245 34.31 48.18 -50.06
N TRP R 246 33.20 48.90 -49.88
CA TRP R 246 32.73 49.27 -48.55
C TRP R 246 32.42 48.04 -47.71
N VAL R 247 31.65 47.10 -48.26
CA VAL R 247 31.28 45.92 -47.49
C VAL R 247 32.49 45.03 -47.26
N ALA R 248 33.42 44.98 -48.23
CA ALA R 248 34.64 44.22 -48.03
C ALA R 248 35.46 44.81 -46.87
N LYS R 249 35.57 46.14 -46.82
CA LYS R 249 36.25 46.79 -45.70
C LYS R 249 35.55 46.48 -44.39
N ASN R 250 34.22 46.51 -44.39
CA ASN R 250 33.48 46.22 -43.16
C ASN R 250 33.71 44.78 -42.70
N LYS R 251 33.70 43.83 -43.65
CA LYS R 251 33.94 42.43 -43.30
C LYS R 251 35.36 42.24 -42.76
N GLU R 252 36.34 42.91 -43.37
CA GLU R 252 37.69 42.86 -42.83
C GLU R 252 37.73 43.45 -41.43
N LEU R 253 36.95 44.51 -41.18
CA LEU R 253 36.86 45.07 -39.85
C LEU R 253 36.10 44.14 -38.91
N GLY R 254 35.21 43.31 -39.44
CA GLY R 254 34.40 42.38 -38.66
C GLY R 254 32.91 42.60 -38.79
N LYS R 255 32.49 43.75 -39.29
CA LYS R 255 31.08 44.02 -39.51
C LYS R 255 30.62 43.30 -40.78
N ASP R 256 29.69 42.37 -40.62
CA ASP R 256 29.22 41.56 -41.74
C ASP R 256 27.97 42.20 -42.34
N ILE R 257 28.09 42.61 -43.62
CA ILE R 257 26.99 43.19 -44.37
C ILE R 257 26.80 42.36 -45.63
N LEU R 258 25.56 41.96 -45.89
CA LEU R 258 25.21 41.18 -47.07
C LEU R 258 24.69 42.14 -48.13
N LEU R 259 25.45 42.32 -49.20
CA LEU R 259 25.11 43.29 -50.23
C LEU R 259 24.24 42.63 -51.31
N PHE R 260 23.20 43.35 -51.72
CA PHE R 260 22.28 42.92 -52.76
C PHE R 260 22.29 43.93 -53.89
N LEU R 261 22.28 43.44 -55.13
CA LEU R 261 22.41 44.29 -56.30
C LEU R 261 21.53 43.72 -57.41
N GLY R 262 21.58 44.35 -58.58
CA GLY R 262 20.88 43.83 -59.74
C GLY R 262 21.43 44.39 -61.02
N GLY R 263 21.36 43.58 -62.08
CA GLY R 263 21.80 44.01 -63.38
C GLY R 263 20.81 44.94 -64.05
N LYS R 264 21.27 45.55 -65.13
CA LYS R 264 20.43 46.46 -65.90
C LYS R 264 19.53 45.67 -66.84
N THR R 265 18.66 46.38 -67.55
CA THR R 265 17.79 45.76 -68.54
C THR R 265 18.50 45.48 -69.86
N GLU R 266 19.57 46.22 -70.16
CA GLU R 266 20.26 46.05 -71.44
C GLU R 266 21.01 44.73 -71.51
N ASP R 267 21.46 44.21 -70.36
CA ASP R 267 22.30 43.02 -70.36
C ASP R 267 21.54 41.81 -70.90
N ASN R 268 22.18 41.09 -71.81
CA ASN R 268 21.65 39.83 -72.30
C ASN R 268 22.02 38.71 -71.31
N ILE R 269 21.65 37.48 -71.65
CA ILE R 269 21.82 36.36 -70.74
C ILE R 269 23.32 36.11 -70.51
N LYS R 270 24.11 36.11 -71.57
CA LYS R 270 25.54 35.91 -71.44
C LYS R 270 26.17 37.04 -70.64
N GLN R 271 25.75 38.29 -70.90
CA GLN R 271 26.34 39.41 -70.19
C GLN R 271 26.06 39.35 -68.70
N ILE R 272 24.82 39.02 -68.31
CA ILE R 272 24.50 38.96 -66.89
C ILE R 272 25.22 37.78 -66.24
N ASN R 273 25.36 36.66 -66.98
CA ASN R 273 26.13 35.54 -66.44
C ASN R 273 27.58 35.94 -66.18
N ASP R 274 28.19 36.66 -67.13
CA ASP R 274 29.56 37.12 -66.96
C ASP R 274 29.67 38.12 -65.82
N LYS R 275 28.65 38.98 -65.67
CA LYS R 275 28.64 39.94 -64.57
C LYS R 275 28.62 39.22 -63.23
N SER R 276 27.81 38.17 -63.12
CA SER R 276 27.75 37.41 -61.88
C SER R 276 29.07 36.71 -61.60
N LYS R 277 29.67 36.08 -62.63
CA LYS R 277 30.96 35.44 -62.43
C LYS R 277 32.04 36.45 -62.07
N SER R 278 31.89 37.71 -62.51
CA SER R 278 32.83 38.74 -62.11
C SER R 278 32.83 38.93 -60.60
N PHE R 279 31.64 38.96 -60.01
CA PHE R 279 31.53 38.98 -58.55
C PHE R 279 31.83 37.58 -58.00
N ASN R 280 32.88 37.48 -57.19
CA ASN R 280 33.25 36.25 -56.50
C ASN R 280 33.39 36.51 -55.01
N ASP R 281 32.41 37.19 -54.45
CA ASP R 281 32.36 37.53 -53.03
C ASP R 281 31.26 36.75 -52.34
N GLU R 282 31.53 36.32 -51.10
CA GLU R 282 30.56 35.54 -50.35
C GLU R 282 29.31 36.34 -50.05
N ASN R 283 29.46 37.63 -49.75
CA ASN R 283 28.37 38.47 -49.25
C ASN R 283 27.97 39.54 -50.27
N ILE R 284 27.90 39.16 -51.54
CA ILE R 284 27.36 39.99 -52.60
C ILE R 284 26.36 39.16 -53.39
N VAL R 285 25.23 39.77 -53.73
CA VAL R 285 24.14 39.11 -54.44
C VAL R 285 23.66 40.03 -55.55
N ASN R 286 23.35 39.44 -56.72
CA ASN R 286 22.84 40.18 -57.87
C ASN R 286 21.58 39.50 -58.39
N VAL R 287 20.61 40.32 -58.79
CA VAL R 287 19.37 39.87 -59.41
C VAL R 287 19.46 40.20 -60.90
N GLY R 288 19.29 39.18 -61.75
CA GLY R 288 19.42 39.33 -63.19
C GLY R 288 18.11 39.31 -63.94
N SER R 289 17.01 39.66 -63.29
CA SER R 289 15.69 39.60 -63.92
C SER R 289 14.79 40.67 -63.33
N SER R 290 14.17 41.45 -64.21
CA SER R 290 13.21 42.47 -63.79
C SER R 290 11.85 41.82 -63.51
N ALA R 291 11.00 42.57 -62.82
CA ALA R 291 9.68 42.07 -62.41
C ALA R 291 8.64 43.16 -62.54
N TYR R 292 7.38 42.73 -62.49
CA TYR R 292 6.22 43.61 -62.57
C TYR R 292 5.28 43.26 -61.43
N TYR R 293 4.77 44.27 -60.72
CA TYR R 293 3.87 44.02 -59.61
C TYR R 293 2.91 45.20 -59.50
N GLU R 294 1.62 44.91 -59.38
CA GLU R 294 0.55 45.91 -59.50
C GLU R 294 0.68 46.68 -60.82
N ASN R 295 1.06 45.97 -61.88
CA ASN R 295 1.24 46.46 -63.24
C ASN R 295 2.37 47.48 -63.36
N ILE R 296 3.17 47.70 -62.31
CA ILE R 296 4.28 48.65 -62.32
C ILE R 296 5.56 47.85 -62.44
N LYS R 297 6.47 48.32 -63.29
CA LYS R 297 7.71 47.61 -63.52
C LYS R 297 8.75 47.93 -62.45
N TYR R 298 9.57 46.93 -62.14
CA TYR R 298 10.73 47.05 -61.27
C TYR R 298 11.94 46.43 -61.97
N THR R 299 12.98 47.23 -62.17
CA THR R 299 14.19 46.73 -62.77
C THR R 299 14.86 45.76 -61.80
N PRO R 300 15.78 44.91 -62.29
CA PRO R 300 16.35 43.87 -61.40
C PRO R 300 17.04 44.46 -60.18
N SER R 301 17.61 45.65 -60.30
CA SER R 301 18.21 46.30 -59.15
C SER R 301 17.14 46.77 -58.16
N GLU R 302 16.03 47.31 -58.66
CA GLU R 302 14.93 47.66 -57.77
C GLU R 302 14.32 46.41 -57.13
N VAL R 303 14.17 45.34 -57.90
CA VAL R 303 13.64 44.09 -57.34
C VAL R 303 14.60 43.52 -56.29
N ALA R 304 15.90 43.82 -56.42
CA ALA R 304 16.85 43.37 -55.42
C ALA R 304 16.53 43.93 -54.03
N VAL R 305 15.86 45.08 -53.96
CA VAL R 305 15.43 45.60 -52.67
C VAL R 305 14.49 44.63 -51.97
N TYR R 306 13.46 44.17 -52.70
CA TYR R 306 12.53 43.21 -52.11
C TYR R 306 13.23 41.89 -51.83
N ILE R 307 14.13 41.47 -52.72
CA ILE R 307 14.83 40.21 -52.51
C ILE R 307 15.65 40.25 -51.24
N ALA R 308 16.40 41.34 -51.04
CA ALA R 308 17.16 41.52 -49.80
C ALA R 308 16.24 41.58 -48.59
N ALA R 309 15.11 42.26 -48.73
CA ALA R 309 14.18 42.39 -47.62
C ALA R 309 13.63 41.04 -47.21
N LEU R 310 13.27 40.20 -48.18
CA LEU R 310 12.77 38.87 -47.85
C LEU R 310 13.88 37.99 -47.28
N SER R 311 15.11 38.13 -47.79
CA SER R 311 16.23 37.38 -47.25
C SER R 311 16.46 37.73 -45.78
N VAL R 312 16.39 39.01 -45.47
CA VAL R 312 16.58 39.45 -44.09
C VAL R 312 15.41 39.03 -43.21
N SER R 313 14.18 39.09 -43.76
CA SER R 313 13.01 38.69 -43.00
C SER R 313 13.06 37.21 -42.64
N LYS R 314 13.41 36.36 -43.61
CA LYS R 314 13.67 34.96 -43.28
C LYS R 314 14.82 34.83 -42.31
N GLY R 315 15.90 35.57 -42.57
CA GLY R 315 17.08 35.53 -41.71
C GLY R 315 17.60 34.11 -41.54
N ILE R 316 17.41 33.57 -40.35
CA ILE R 316 17.71 32.19 -40.04
C ILE R 316 16.38 31.46 -39.85
N THR R 317 16.42 30.13 -39.97
CA THR R 317 15.22 29.28 -40.01
C THR R 317 14.40 29.54 -41.27
N GLY R 318 15.04 30.00 -42.33
CA GLY R 318 14.33 30.27 -43.57
C GLY R 318 15.28 30.46 -44.72
N SER R 319 14.72 30.43 -45.92
CA SER R 319 15.48 30.61 -47.13
C SER R 319 14.52 31.11 -48.21
N ILE R 320 15.08 31.63 -49.29
CA ILE R 320 14.30 32.23 -50.37
C ILE R 320 14.58 31.50 -51.67
N CYS R 321 14.84 30.19 -51.58
CA CYS R 321 15.13 29.40 -52.78
C CYS R 321 13.94 29.36 -53.71
N ASN R 322 12.76 29.09 -53.17
CA ASN R 322 11.52 29.05 -53.95
C ASN R 322 10.40 29.73 -53.16
N ALA R 323 10.71 30.87 -52.56
CA ALA R 323 9.70 31.59 -51.78
C ALA R 323 8.67 32.22 -52.70
N LYS R 324 7.44 32.32 -52.20
CA LYS R 324 6.31 32.88 -52.96
C LYS R 324 6.44 34.39 -52.94
N THR R 325 7.08 34.94 -53.97
CA THR R 325 7.25 36.38 -54.06
C THR R 325 5.95 37.03 -54.52
N ILE R 326 5.75 38.27 -54.10
CA ILE R 326 4.51 38.98 -54.41
C ILE R 326 4.42 39.35 -55.89
N PHE R 327 5.52 39.33 -56.62
CA PHE R 327 5.52 39.77 -58.01
C PHE R 327 4.67 38.84 -58.86
N GLU R 328 3.97 39.42 -59.84
CA GLU R 328 3.04 38.68 -60.69
C GLU R 328 3.57 38.45 -62.10
N GLU R 329 4.76 38.93 -62.45
CA GLU R 329 5.33 38.64 -63.75
C GLU R 329 6.82 39.00 -63.69
N VAL R 330 7.63 38.26 -64.45
CA VAL R 330 9.08 38.46 -64.52
C VAL R 330 9.56 38.29 -65.96
N GLU R 331 10.84 38.62 -66.15
CA GLU R 331 11.51 38.55 -67.44
C GLU R 331 13.00 38.71 -67.21
N PRO R 332 13.87 38.09 -68.04
CA PRO R 332 13.61 37.16 -69.15
C PRO R 332 13.51 35.72 -68.66
N ARG R 333 13.30 34.74 -69.55
CA ARG R 333 13.08 33.35 -69.16
C ARG R 333 14.06 32.46 -69.91
N LEU R 334 14.26 31.25 -69.38
CA LEU R 334 15.33 30.37 -69.80
C LEU R 334 14.88 28.92 -69.67
N SER R 335 15.56 28.03 -70.41
CA SER R 335 15.33 26.60 -70.32
C SER R 335 16.10 26.01 -69.13
N GLN R 336 15.79 24.76 -68.79
CA GLN R 336 16.40 24.14 -67.61
C GLN R 336 17.91 24.05 -67.73
N SER R 337 18.42 23.67 -68.91
CA SER R 337 19.86 23.67 -69.10
C SER R 337 20.42 25.08 -69.02
N GLU R 338 19.70 26.05 -69.57
CA GLU R 338 20.18 27.43 -69.52
C GLU R 338 20.08 27.99 -68.10
N VAL R 339 19.03 27.61 -67.36
CA VAL R 339 18.96 27.99 -65.95
C VAL R 339 20.10 27.36 -65.17
N LYS R 340 20.46 26.12 -65.51
CA LYS R 340 21.60 25.48 -64.86
C LYS R 340 22.88 26.25 -65.14
N GLU R 341 23.09 26.64 -66.39
CA GLU R 341 24.29 27.41 -66.74
C GLU R 341 24.30 28.74 -66.00
N CYS R 342 23.17 29.42 -65.95
CA CYS R 342 23.08 30.71 -65.27
C CYS R 342 23.33 30.58 -63.77
N LEU R 343 22.78 29.54 -63.14
CA LEU R 343 23.01 29.33 -61.72
C LEU R 343 24.47 28.98 -61.44
N LYS R 344 25.08 28.16 -62.30
CA LYS R 344 26.50 27.89 -62.15
C LYS R 344 27.33 29.17 -62.27
N SER R 345 26.92 30.07 -63.17
CA SER R 345 27.56 31.37 -63.23
C SER R 345 27.31 32.18 -61.96
N GLY R 346 26.21 31.92 -61.27
CA GLY R 346 25.92 32.55 -59.99
C GLY R 346 24.96 33.72 -60.09
N THR R 347 23.90 33.56 -60.88
CA THR R 347 22.88 34.58 -61.04
C THR R 347 21.61 34.15 -60.32
N LEU R 348 21.03 35.06 -59.55
CA LEU R 348 19.70 34.84 -59.01
C LEU R 348 18.68 35.26 -60.06
N VAL R 349 17.74 34.35 -60.37
CA VAL R 349 16.75 34.55 -61.42
C VAL R 349 15.38 34.20 -60.87
N LEU R 350 14.46 35.15 -60.97
CA LEU R 350 13.07 34.88 -60.63
C LEU R 350 12.40 34.14 -61.79
N ASP R 351 11.39 33.34 -61.44
CA ASP R 351 10.62 32.58 -62.42
C ASP R 351 9.15 32.65 -62.08
N PHE R 352 8.31 32.59 -63.11
CA PHE R 352 6.87 32.69 -62.97
C PHE R 352 6.35 31.26 -63.02
N ASP R 353 6.53 30.54 -61.90
CA ASP R 353 6.24 29.11 -61.89
C ASP R 353 4.73 28.85 -61.85
N ASP R 354 3.97 29.71 -61.20
CA ASP R 354 2.51 29.64 -61.20
C ASP R 354 2.02 31.08 -61.33
N GLY R 355 0.74 31.32 -60.99
CA GLY R 355 0.19 32.66 -61.08
C GLY R 355 0.97 33.72 -60.33
N ASP R 356 1.73 33.32 -59.32
CA ASP R 356 2.65 34.21 -58.61
C ASP R 356 4.09 33.79 -58.86
N VAL R 357 4.99 34.78 -58.78
CA VAL R 357 6.40 34.56 -59.08
C VAL R 357 7.05 33.76 -57.96
N ILE R 358 8.05 32.94 -58.33
CA ILE R 358 8.80 32.12 -57.40
C ILE R 358 10.28 32.18 -57.75
N ILE R 359 11.13 32.29 -56.73
CA ILE R 359 12.58 32.30 -56.94
C ILE R 359 13.03 30.92 -57.40
N VAL R 360 14.14 30.88 -58.14
CA VAL R 360 14.66 29.62 -58.66
C VAL R 360 15.50 28.90 -57.61
N ASP R 361 16.37 29.60 -56.89
CA ASP R 361 17.28 28.98 -55.95
C ASP R 361 17.93 30.09 -55.13
N ASP R 362 18.39 29.73 -53.93
CA ASP R 362 18.96 30.69 -52.98
C ASP R 362 20.47 30.69 -53.14
N VAL R 363 20.93 31.42 -54.16
CA VAL R 363 22.33 31.40 -54.58
C VAL R 363 22.90 32.81 -54.48
N ASN R 364 24.19 32.88 -54.19
CA ASN R 364 24.95 34.12 -54.11
C ASN R 364 25.98 34.15 -55.24
N THR R 365 26.71 35.26 -55.33
CA THR R 365 27.73 35.40 -56.37
C THR R 365 28.92 34.47 -56.18
N PHE R 366 29.05 33.82 -55.02
CA PHE R 366 30.17 32.94 -54.72
C PHE R 366 29.88 31.48 -55.08
N LYS R 367 29.04 31.25 -56.09
CA LYS R 367 28.84 29.88 -56.56
C LYS R 367 30.16 29.32 -57.09
N LYS R 368 30.93 30.14 -57.79
CA LYS R 368 32.24 29.70 -58.26
C LYS R 368 33.13 29.45 -57.05
N TYR R 369 33.19 28.20 -56.62
CA TYR R 369 33.99 27.73 -55.50
C TYR R 369 35.27 27.08 -56.02
N VAL R 370 36.13 26.67 -55.09
CA VAL R 370 37.37 25.98 -55.39
C VAL R 370 37.57 24.86 -54.36
N ASP R 371 38.53 23.98 -54.66
CA ASP R 371 38.64 22.73 -53.92
C ASP R 371 38.97 22.98 -52.45
N ASP R 372 39.76 24.01 -52.16
CA ASP R 372 40.17 24.26 -50.77
C ASP R 372 39.00 24.69 -49.88
N LYS R 373 37.89 25.14 -50.47
CA LYS R 373 36.68 25.49 -49.75
C LYS R 373 35.55 24.54 -50.14
N ASN R 374 34.49 24.54 -49.33
CA ASN R 374 33.37 23.65 -49.54
C ASN R 374 32.28 24.32 -50.39
N GLU R 375 31.33 23.51 -50.83
CA GLU R 375 30.26 23.97 -51.70
C GLU R 375 29.10 24.61 -50.94
N ALA R 376 28.95 24.30 -49.66
CA ALA R 376 27.78 24.75 -48.91
C ALA R 376 27.76 26.25 -48.71
N MET R 377 28.90 26.93 -48.80
CA MET R 377 28.98 28.34 -48.47
C MET R 377 28.61 29.23 -49.66
N GLY R 378 28.26 28.65 -50.81
CA GLY R 378 27.86 29.42 -51.97
C GLY R 378 26.37 29.73 -52.03
N TYR R 379 25.70 29.69 -50.88
CA TYR R 379 24.27 29.94 -50.79
C TYR R 379 24.01 31.05 -49.77
N ILE R 380 23.00 31.88 -50.06
CA ILE R 380 22.71 33.04 -49.21
C ILE R 380 22.37 32.59 -47.80
N SER R 381 21.63 31.48 -47.65
CA SER R 381 21.23 31.02 -46.33
C SER R 381 22.44 30.70 -45.47
N ASN R 382 23.43 30.03 -46.06
CA ASN R 382 24.64 29.68 -45.30
C ASN R 382 25.47 30.93 -44.97
N ILE R 383 25.52 31.90 -45.87
CA ILE R 383 26.22 33.15 -45.57
C ILE R 383 25.55 33.85 -44.39
N MET R 384 24.22 33.96 -44.42
CA MET R 384 23.52 34.61 -43.32
C MET R 384 23.70 33.84 -42.02
N PHE R 385 23.75 32.51 -42.12
CA PHE R 385 23.87 31.66 -40.93
C PHE R 385 25.26 31.78 -40.31
N ILE R 386 26.30 31.75 -41.14
CA ILE R 386 27.67 31.92 -40.65
C ILE R 386 27.86 33.34 -40.12
N ASN R 387 27.29 34.33 -40.81
CA ASN R 387 27.41 35.71 -40.35
C ASN R 387 26.72 35.89 -39.00
N THR R 388 25.54 35.28 -38.84
CA THR R 388 24.81 35.38 -37.59
C THR R 388 25.59 34.72 -36.46
N ILE R 389 26.21 33.57 -36.72
CA ILE R 389 27.04 32.94 -35.68
C ILE R 389 28.23 33.82 -35.32
N ASN R 390 28.93 34.33 -36.33
CA ASN R 390 30.12 35.12 -36.06
C ASN R 390 29.77 36.38 -35.28
N LYS R 391 28.63 37.00 -35.62
CA LYS R 391 28.18 38.15 -34.85
C LYS R 391 27.78 37.76 -33.43
N ASP R 392 26.96 36.72 -33.29
CA ASP R 392 26.41 36.36 -31.97
C ASP R 392 27.51 35.96 -31.01
N THR R 393 28.46 35.15 -31.47
CA THR R 393 29.65 34.89 -30.66
C THR R 393 30.45 36.17 -30.45
N SER R 394 30.52 37.02 -31.48
CA SER R 394 31.22 38.29 -31.37
C SER R 394 30.47 39.30 -30.52
N LEU R 395 29.17 39.12 -30.27
CA LEU R 395 28.46 39.96 -29.32
C LEU R 395 28.85 39.67 -27.87
N LYS R 396 29.53 38.56 -27.61
CA LYS R 396 29.92 38.20 -26.25
C LYS R 396 31.22 38.90 -25.85
N ARG R 397 31.30 40.23 -26.00
CA ARG R 397 32.43 40.99 -25.47
C ARG R 397 32.03 42.04 -24.45
N LYS R 398 30.75 42.32 -24.29
CA LYS R 398 30.35 43.46 -23.48
C LYS R 398 30.49 43.18 -21.99
N GLU R 399 30.74 41.92 -21.61
CA GLU R 399 30.91 41.49 -20.23
C GLU R 399 32.03 40.47 -20.09
N PHE R 400 32.86 40.32 -21.12
CA PHE R 400 33.54 39.06 -21.36
C PHE R 400 35.02 39.23 -21.65
N VAL R 401 35.38 40.29 -22.36
CA VAL R 401 36.76 40.59 -22.74
C VAL R 401 37.25 41.75 -21.87
N GLY R 402 38.39 41.55 -21.23
CA GLY R 402 38.91 42.50 -20.26
C GLY R 402 38.22 42.44 -18.92
N LYS R 403 37.24 41.55 -18.75
CA LYS R 403 36.45 41.45 -17.54
C LYS R 403 36.42 40.02 -17.00
N ILE R 404 37.18 39.09 -17.59
CA ILE R 404 37.26 37.69 -17.19
C ILE R 404 38.72 37.31 -17.08
N PHE R 405 39.00 36.33 -16.23
CA PHE R 405 40.35 35.81 -16.05
C PHE R 405 40.64 34.75 -17.12
N ASN R 406 41.91 34.39 -17.26
CA ASN R 406 42.38 33.44 -18.27
C ASN R 406 42.87 32.14 -17.62
N ASP R 407 42.14 31.67 -16.62
CA ASP R 407 42.39 30.40 -15.95
C ASP R 407 41.34 29.38 -16.37
N ALA R 408 41.44 28.17 -15.81
CA ALA R 408 40.51 27.11 -16.15
C ALA R 408 39.07 27.48 -15.84
N THR R 409 38.85 28.19 -14.73
CA THR R 409 37.50 28.61 -14.37
C THR R 409 36.94 29.55 -15.43
N GLY R 410 37.72 30.56 -15.81
CA GLY R 410 37.24 31.50 -16.80
C GLY R 410 37.00 30.85 -18.15
N GLN R 411 37.92 30.01 -18.60
CA GLN R 411 37.76 29.31 -19.87
C GLN R 411 36.53 28.41 -19.85
N THR R 412 36.28 27.74 -18.72
CA THR R 412 35.11 26.89 -18.64
C THR R 412 33.83 27.70 -18.65
N THR R 413 33.83 28.88 -18.02
CA THR R 413 32.67 29.77 -18.13
C THR R 413 32.47 30.22 -19.57
N VAL R 414 33.57 30.48 -20.29
CA VAL R 414 33.49 30.86 -21.70
C VAL R 414 32.80 29.76 -22.49
N ILE R 415 33.29 28.53 -22.34
CA ILE R 415 32.75 27.41 -23.10
C ILE R 415 31.31 27.16 -22.70
N CYS R 416 30.97 27.36 -21.43
CA CYS R 416 29.59 27.22 -20.99
C CYS R 416 28.68 28.24 -21.68
N ALA R 417 29.12 29.49 -21.77
CA ALA R 417 28.31 30.51 -22.43
C ALA R 417 28.14 30.23 -23.92
N LEU R 418 29.22 29.84 -24.59
CA LEU R 418 29.13 29.54 -26.02
C LEU R 418 28.26 28.32 -26.26
N LYS R 419 28.39 27.29 -25.41
CA LYS R 419 27.52 26.12 -25.51
C LYS R 419 26.08 26.50 -25.25
N LYS R 420 25.84 27.43 -24.32
CA LYS R 420 24.48 27.89 -24.08
C LYS R 420 23.90 28.53 -25.32
N TYR R 421 24.68 29.37 -26.00
CA TYR R 421 24.19 30.01 -27.22
C TYR R 421 23.89 28.97 -28.28
N PHE R 422 24.77 27.98 -28.44
CA PHE R 422 24.53 26.94 -29.45
C PHE R 422 23.31 26.10 -29.09
N GLU R 423 23.13 25.79 -27.80
CA GLU R 423 21.99 24.99 -27.38
C GLU R 423 20.68 25.72 -27.59
N GLU R 424 20.63 27.01 -27.26
CA GLU R 424 19.45 27.79 -27.59
C GLU R 424 19.25 27.89 -29.09
N LEU R 425 20.33 27.95 -29.85
CA LEU R 425 20.22 27.93 -31.30
C LEU R 425 19.69 26.60 -31.80
N MET R 426 20.15 25.50 -31.20
CA MET R 426 19.63 24.18 -31.54
C MET R 426 18.16 24.06 -31.18
N SER R 427 17.68 24.85 -30.21
CA SER R 427 16.29 24.75 -29.79
C SER R 427 15.32 25.13 -30.91
N GLN R 428 15.72 26.02 -31.81
CA GLN R 428 14.86 26.35 -32.95
C GLN R 428 14.96 25.33 -34.08
N GLY R 429 15.73 24.26 -33.91
CA GLY R 429 15.89 23.27 -34.95
C GLY R 429 16.83 23.66 -36.05
N ILE R 430 17.60 24.74 -35.89
CA ILE R 430 18.50 25.19 -36.93
C ILE R 430 19.65 24.21 -37.11
N ILE R 431 20.03 23.49 -36.06
CA ILE R 431 21.19 22.60 -36.06
C ILE R 431 20.74 21.24 -35.56
N SER R 432 21.35 20.19 -36.10
CA SER R 432 21.10 18.82 -35.67
C SER R 432 22.05 18.39 -34.56
N GLU R 433 23.32 18.78 -34.65
CA GLU R 433 24.30 18.47 -33.62
C GLU R 433 25.38 19.54 -33.64
N PHE R 434 26.05 19.71 -32.50
CA PHE R 434 27.10 20.71 -32.38
C PHE R 434 28.12 20.24 -31.36
N ASN R 435 29.28 20.91 -31.40
CA ASN R 435 30.35 20.67 -30.45
C ASN R 435 31.05 21.99 -30.20
N VAL R 436 31.40 22.26 -28.94
CA VAL R 436 32.18 23.43 -28.57
C VAL R 436 33.13 23.04 -27.46
N ASP R 437 34.43 23.20 -27.70
CA ASP R 437 35.48 22.72 -26.80
C ASP R 437 36.69 23.63 -26.97
N ILE R 438 37.71 23.38 -26.16
CA ILE R 438 38.97 24.12 -26.21
C ILE R 438 39.77 23.63 -27.41
N ASP R 439 40.46 24.55 -28.08
CA ASP R 439 41.34 24.20 -29.20
C ASP R 439 42.73 23.88 -28.63
N THR R 440 42.89 22.63 -28.20
CA THR R 440 44.07 22.23 -27.44
C THR R 440 45.35 22.37 -28.27
N GLU R 441 45.28 22.01 -29.56
CA GLU R 441 46.47 22.06 -30.41
C GLU R 441 47.08 23.45 -30.44
N LEU R 442 46.25 24.46 -30.69
CA LEU R 442 46.75 25.83 -30.70
C LEU R 442 46.94 26.34 -29.28
N GLN R 443 46.07 25.96 -28.34
CA GLN R 443 46.15 26.51 -26.98
C GLN R 443 47.44 26.12 -26.29
N ALA R 444 48.03 24.99 -26.66
CA ALA R 444 49.33 24.62 -26.09
C ALA R 444 50.39 25.67 -26.41
N THR R 445 50.39 26.18 -27.64
CA THR R 445 51.34 27.21 -28.06
C THR R 445 50.83 28.62 -27.79
N ALA R 446 49.70 28.78 -27.10
CA ALA R 446 49.12 30.10 -26.91
C ALA R 446 49.99 30.96 -26.00
N LYS R 447 49.89 32.27 -26.21
CA LYS R 447 50.39 33.24 -25.25
C LYS R 447 49.41 33.32 -24.07
N ALA R 448 49.89 33.89 -22.97
CA ALA R 448 49.13 33.92 -21.72
C ALA R 448 47.77 34.59 -21.90
N ASP R 449 47.72 35.68 -22.66
CA ASP R 449 46.47 36.41 -22.85
C ASP R 449 45.52 35.70 -23.81
N GLU R 450 46.06 35.01 -24.81
CA GLU R 450 45.24 34.42 -25.84
C GLU R 450 44.43 33.25 -25.30
N PHE R 451 43.19 33.13 -25.75
CA PHE R 451 42.35 31.98 -25.52
C PHE R 451 41.86 31.46 -26.86
N TYR R 452 41.96 30.14 -27.07
CA TYR R 452 41.67 29.56 -28.37
C TYR R 452 40.58 28.51 -28.18
N TRP R 453 39.55 28.54 -29.03
CA TRP R 453 38.50 27.54 -28.99
C TRP R 453 38.09 27.18 -30.41
N LYS R 454 37.32 26.10 -30.51
CA LYS R 454 36.84 25.59 -31.78
C LYS R 454 35.40 25.11 -31.61
N TRP R 455 34.66 25.08 -32.72
CA TRP R 455 33.28 24.62 -32.70
C TRP R 455 32.95 23.89 -34.00
N ASP R 456 32.00 22.96 -33.89
CA ASP R 456 31.46 22.22 -35.02
C ASP R 456 29.96 22.37 -35.01
N ALA R 457 29.35 22.24 -36.18
CA ALA R 457 27.90 22.21 -36.27
C ALA R 457 27.49 21.46 -37.52
N VAL R 458 26.24 21.01 -37.53
CA VAL R 458 25.65 20.33 -38.67
C VAL R 458 24.27 20.92 -38.91
N LYS R 459 24.14 21.76 -39.94
CA LYS R 459 22.85 22.35 -40.26
C LYS R 459 21.85 21.27 -40.65
N VAL R 460 20.60 21.48 -40.24
CA VAL R 460 19.54 20.53 -40.58
C VAL R 460 19.28 20.60 -42.08
N ASP R 461 19.07 19.44 -42.69
CA ASP R 461 18.82 19.37 -44.11
C ASP R 461 17.41 19.84 -44.43
N VAL R 462 17.28 20.51 -45.58
CA VAL R 462 16.01 21.02 -46.08
C VAL R 462 15.79 20.42 -47.45
N MET R 463 14.61 19.84 -47.67
CA MET R 463 14.30 19.27 -48.97
C MET R 463 14.31 20.34 -50.05
N LYS R 464 15.06 20.07 -51.12
CA LYS R 464 15.06 20.90 -52.31
C LYS R 464 14.70 20.11 -53.56
N LYS R 465 15.25 18.90 -53.71
CA LYS R 465 15.03 18.06 -54.88
C LYS R 465 14.25 16.81 -54.46
N ILE R 466 13.19 16.52 -55.21
CA ILE R 466 12.28 15.43 -54.91
C ILE R 466 11.99 14.71 -56.21
N TYR R 467 12.22 13.40 -56.27
CA TYR R 467 12.02 12.64 -57.50
C TYR R 467 10.99 11.55 -57.22
N GLY R 468 9.99 11.46 -58.09
CA GLY R 468 8.96 10.44 -57.99
C GLY R 468 8.94 9.50 -59.18
N THR R 469 9.04 8.20 -58.91
CA THR R 469 9.07 7.17 -59.95
C THR R 469 7.67 6.57 -60.07
N GLY R 470 7.01 6.82 -61.20
CA GLY R 470 5.66 6.35 -61.40
C GLY R 470 5.59 4.98 -62.05
N TYR R 471 4.46 4.32 -61.84
CA TYR R 471 4.15 3.03 -62.44
C TYR R 471 2.64 2.94 -62.64
N LEU R 472 2.23 2.03 -63.51
CA LEU R 472 0.80 1.88 -63.82
C LEU R 472 0.42 0.45 -64.19
N ILE S 7 23.94 -24.17 35.91
CA ILE S 7 24.90 -24.83 36.84
C ILE S 7 25.95 -25.59 36.04
N GLU S 8 25.51 -26.61 35.30
CA GLU S 8 26.42 -27.56 34.69
C GLU S 8 27.17 -26.90 33.54
N GLU S 9 28.49 -26.79 33.69
CA GLU S 9 29.33 -26.26 32.62
C GLU S 9 29.26 -27.10 31.36
N ALA S 10 29.09 -28.41 31.50
CA ALA S 10 29.22 -29.30 30.35
C ALA S 10 28.07 -29.21 29.38
N SER S 11 26.93 -28.66 29.80
CA SER S 11 25.76 -28.64 28.94
C SER S 11 25.92 -27.67 27.79
N PHE S 12 26.72 -26.61 27.97
CA PHE S 12 26.89 -25.62 26.92
C PHE S 12 27.64 -26.22 25.73
N LEU S 13 27.25 -25.78 24.53
CA LEU S 13 27.76 -26.28 23.28
C LEU S 13 28.42 -25.14 22.53
N ASN S 14 29.67 -25.34 22.12
CA ASN S 14 30.42 -24.32 21.40
C ASN S 14 30.22 -24.48 19.90
N GLY S 15 30.47 -23.40 19.18
CA GLY S 15 30.43 -23.48 17.73
C GLY S 15 31.48 -24.38 17.14
N SER S 16 32.56 -24.63 17.87
CA SER S 16 33.65 -25.47 17.38
C SER S 16 33.28 -26.94 17.25
N ASP S 17 32.17 -27.37 17.86
CA ASP S 17 31.72 -28.76 17.80
C ASP S 17 30.73 -28.99 16.67
N VAL S 18 30.92 -28.30 15.56
CA VAL S 18 29.96 -28.23 14.46
C VAL S 18 30.59 -28.84 13.21
N VAL S 19 29.82 -29.68 12.53
CA VAL S 19 30.20 -30.21 11.22
C VAL S 19 28.99 -30.11 10.31
N ILE S 20 29.19 -29.58 9.11
CA ILE S 20 28.12 -29.30 8.15
C ILE S 20 28.35 -30.12 6.90
N LEU S 21 27.29 -30.75 6.40
CA LEU S 21 27.32 -31.54 5.18
C LEU S 21 26.36 -30.91 4.18
N ILE S 22 26.90 -30.47 3.04
CA ILE S 22 26.10 -29.92 1.94
C ILE S 22 26.03 -31.00 0.88
N ASP S 23 24.84 -31.58 0.68
CA ASP S 23 24.62 -32.63 -0.30
C ASP S 23 25.55 -33.82 -0.03
N GLY S 24 25.76 -34.13 1.24
CA GLY S 24 26.47 -35.31 1.65
C GLY S 24 27.98 -35.17 1.78
N VAL S 25 28.56 -34.04 1.37
CA VAL S 25 29.99 -33.80 1.45
C VAL S 25 30.22 -32.70 2.49
N GLU S 26 31.20 -32.92 3.36
CA GLU S 26 31.43 -32.03 4.49
C GLU S 26 31.92 -30.67 4.01
N GLU S 27 31.41 -29.62 4.65
CA GLU S 27 31.81 -28.24 4.40
C GLU S 27 32.62 -27.76 5.59
N LEU S 28 33.88 -27.36 5.33
CA LEU S 28 34.84 -27.08 6.38
C LEU S 28 35.08 -25.61 6.62
N TYR S 29 34.84 -24.75 5.63
CA TYR S 29 35.21 -23.35 5.66
C TYR S 29 34.02 -22.43 5.93
N MET S 30 33.12 -22.85 6.80
CA MET S 30 31.93 -22.09 7.15
C MET S 30 32.15 -21.32 8.45
N GLU S 31 31.57 -20.12 8.51
CA GLU S 31 31.69 -19.22 9.64
C GLU S 31 30.45 -19.24 10.54
N GLU S 32 29.25 -19.28 9.95
CA GLU S 32 28.04 -19.38 10.73
C GLU S 32 26.93 -19.95 9.87
N ILE S 33 25.90 -20.46 10.54
CA ILE S 33 24.75 -21.07 9.90
C ILE S 33 23.50 -20.76 10.72
N LYS S 34 22.39 -20.59 10.02
CA LYS S 34 21.09 -20.29 10.62
C LYS S 34 20.03 -21.12 9.91
N ALA S 35 19.01 -21.52 10.64
CA ALA S 35 17.86 -22.18 10.04
C ALA S 35 16.66 -22.01 10.95
N ASP S 36 15.55 -21.55 10.36
CA ASP S 36 14.31 -21.33 11.10
C ASP S 36 13.15 -21.93 10.32
N PHE S 37 12.16 -22.42 11.05
CA PHE S 37 10.95 -23.02 10.51
C PHE S 37 9.77 -22.17 11.00
N GLU S 38 9.26 -21.31 10.14
CA GLU S 38 8.41 -20.20 10.53
C GLU S 38 6.95 -20.47 10.21
N GLN S 39 6.07 -20.07 11.13
CA GLN S 39 4.64 -20.11 10.91
C GLN S 39 4.17 -18.98 10.00
N ASP S 40 3.08 -19.23 9.28
CA ASP S 40 2.20 -18.17 8.79
C ASP S 40 1.00 -18.07 9.72
N GLU S 41 1.28 -17.60 10.94
CA GLU S 41 0.31 -17.65 12.03
C GLU S 41 -0.96 -16.90 11.68
N GLN S 42 -2.10 -17.54 11.91
CA GLN S 42 -3.41 -17.01 11.57
C GLN S 42 -4.04 -16.40 12.81
N SER S 43 -4.37 -15.11 12.73
CA SER S 43 -5.01 -14.39 13.81
C SER S 43 -6.52 -14.44 13.65
N ILE S 44 -7.22 -14.74 14.73
CA ILE S 44 -8.66 -14.89 14.74
C ILE S 44 -9.23 -13.97 15.81
N LYS S 45 -10.23 -13.18 15.44
CA LYS S 45 -10.98 -12.35 16.37
C LYS S 45 -12.43 -12.80 16.34
N LEU S 46 -13.02 -12.99 17.52
CA LEU S 46 -14.37 -13.48 17.67
C LEU S 46 -15.24 -12.41 18.30
N LEU S 47 -16.54 -12.50 18.03
CA LEU S 47 -17.47 -11.46 18.46
C LEU S 47 -17.68 -11.50 19.97
N GLY S 48 -17.80 -12.69 20.55
CA GLY S 48 -18.03 -12.78 21.97
C GLY S 48 -16.81 -12.70 22.85
N CYS S 49 -15.62 -12.68 22.26
CA CYS S 49 -14.37 -12.83 22.99
C CYS S 49 -13.48 -11.62 22.72
N GLN S 50 -12.70 -11.24 23.74
CA GLN S 50 -11.95 -9.99 23.73
C GLN S 50 -10.44 -10.21 23.65
N ASN S 51 -10.00 -11.37 23.18
CA ASN S 51 -8.58 -11.58 22.90
C ASN S 51 -8.44 -12.34 21.59
N GLU S 52 -7.33 -12.11 20.89
CA GLU S 52 -7.10 -12.78 19.63
C GLU S 52 -6.76 -14.24 19.84
N ILE S 53 -7.27 -15.08 18.94
CA ILE S 53 -6.94 -16.50 18.90
C ILE S 53 -5.97 -16.74 17.76
N SER S 54 -4.87 -17.42 18.06
CA SER S 54 -3.81 -17.69 17.11
C SER S 54 -3.80 -19.17 16.75
N ARG S 55 -3.66 -19.47 15.46
CA ARG S 55 -3.66 -20.82 14.95
C ARG S 55 -2.46 -21.01 14.03
N VAL S 56 -2.05 -22.27 13.88
CA VAL S 56 -0.88 -22.59 13.07
C VAL S 56 -1.26 -22.52 11.61
N GLY S 57 -0.47 -21.78 10.84
CA GLY S 57 -0.59 -21.73 9.40
C GLY S 57 0.44 -22.61 8.72
N THR S 58 0.64 -22.34 7.43
CA THR S 58 1.61 -23.10 6.66
C THR S 58 3.01 -22.78 7.15
N THR S 59 3.87 -23.81 7.16
CA THR S 59 5.22 -23.70 7.65
C THR S 59 6.18 -23.55 6.48
N LYS S 60 7.11 -22.60 6.61
CA LYS S 60 8.17 -22.38 5.65
C LYS S 60 9.51 -22.41 6.37
N GLY S 61 10.52 -22.91 5.68
CA GLY S 61 11.88 -22.96 6.19
C GLY S 61 12.74 -21.91 5.50
N SER S 62 13.60 -21.26 6.28
CA SER S 62 14.57 -20.31 5.77
C SER S 62 15.91 -20.57 6.43
N PHE S 63 16.97 -20.57 5.64
CA PHE S 63 18.32 -20.78 6.13
C PHE S 63 19.24 -19.68 5.58
N SER S 64 20.29 -19.40 6.33
CA SER S 64 21.42 -18.62 5.85
C SER S 64 22.70 -19.32 6.25
N LEU S 65 23.75 -19.08 5.48
CA LEU S 65 24.95 -19.90 5.55
C LEU S 65 26.12 -19.05 5.07
N ASN S 66 26.91 -18.55 6.01
CA ASN S 66 28.03 -17.67 5.74
C ASN S 66 29.34 -18.42 5.93
N GLY S 67 30.29 -18.16 5.04
CA GLY S 67 31.55 -18.87 5.11
C GLY S 67 32.63 -18.18 4.30
N TYR S 68 33.71 -18.92 4.09
CA TYR S 68 34.88 -18.46 3.36
C TYR S 68 34.95 -19.19 2.03
N LYS S 69 35.21 -18.44 0.97
CA LYS S 69 35.22 -19.00 -0.37
C LYS S 69 36.51 -19.77 -0.62
N THR S 70 36.34 -21.03 -1.04
CA THR S 70 37.44 -21.87 -1.47
C THR S 70 37.18 -22.55 -2.80
N ASP S 71 35.98 -22.45 -3.34
CA ASP S 71 35.64 -23.06 -4.62
C ASP S 71 34.38 -22.37 -5.13
N SER S 72 33.97 -22.75 -6.34
CA SER S 72 32.73 -22.26 -6.95
C SER S 72 31.60 -23.25 -6.75
N LYS S 73 31.56 -23.87 -5.57
CA LYS S 73 30.56 -24.92 -5.31
C LYS S 73 29.14 -24.40 -5.45
N PHE S 74 28.87 -23.23 -4.87
CA PHE S 74 27.51 -22.71 -4.89
C PHE S 74 27.13 -22.16 -6.26
N ALA S 75 28.11 -21.66 -7.02
CA ALA S 75 27.82 -21.19 -8.37
C ALA S 75 27.48 -22.35 -9.30
N LYS S 76 28.23 -23.44 -9.22
CA LYS S 76 27.84 -24.66 -9.94
C LYS S 76 26.51 -25.19 -9.44
N LEU S 77 26.30 -25.16 -8.12
CA LEU S 77 25.10 -25.72 -7.53
C LEU S 77 23.86 -25.04 -8.07
N GLY S 78 23.97 -23.75 -8.42
CA GLY S 78 22.85 -23.06 -9.02
C GLY S 78 21.67 -23.02 -8.09
N PHE S 79 20.48 -23.19 -8.66
CA PHE S 79 19.23 -23.21 -7.93
C PHE S 79 18.68 -24.61 -7.77
N ARG S 80 19.50 -25.64 -7.97
CA ARG S 80 19.08 -27.01 -7.74
C ARG S 80 18.77 -27.23 -6.26
N SER S 81 17.90 -28.19 -5.99
CA SER S 81 17.58 -28.56 -4.62
C SER S 81 18.70 -29.41 -4.04
N PHE S 82 19.00 -29.15 -2.77
CA PHE S 82 20.02 -29.90 -2.04
C PHE S 82 19.57 -30.06 -0.60
N GLU S 83 20.36 -30.80 0.17
CA GLU S 83 20.10 -31.05 1.58
C GLU S 83 21.26 -30.55 2.42
N ILE S 84 20.95 -30.18 3.65
CA ILE S 84 21.92 -29.75 4.64
C ILE S 84 21.73 -30.62 5.87
N ILE S 85 22.77 -31.33 6.27
CA ILE S 85 22.80 -32.09 7.52
C ILE S 85 23.72 -31.34 8.46
N TYR S 86 23.16 -30.94 9.60
CA TYR S 86 23.86 -30.15 10.61
C TYR S 86 23.98 -30.96 11.89
N ASN S 87 25.21 -31.22 12.31
CA ASN S 87 25.49 -31.97 13.52
C ASN S 87 26.20 -31.05 14.52
N LEU S 88 25.63 -30.96 15.72
CA LEU S 88 26.21 -30.22 16.83
C LEU S 88 26.46 -31.21 17.95
N SER S 89 27.72 -31.46 18.27
CA SER S 89 28.11 -32.47 19.24
C SER S 89 28.55 -31.83 20.54
N ASN S 90 28.41 -32.58 21.63
CA ASN S 90 29.01 -32.26 22.90
C ASN S 90 30.29 -33.06 23.07
N SER S 91 31.27 -32.45 23.73
CA SER S 91 32.55 -33.08 24.00
C SER S 91 32.64 -33.63 25.42
N GLU S 92 32.30 -32.80 26.42
CA GLU S 92 32.34 -33.27 27.80
C GLU S 92 31.32 -34.38 28.02
N THR S 93 30.15 -34.24 27.41
CA THR S 93 29.18 -35.32 27.27
C THR S 93 29.32 -35.89 25.86
N LEU S 94 28.82 -37.11 25.66
CA LEU S 94 28.88 -37.76 24.37
C LEU S 94 27.65 -37.54 23.51
N GLY S 95 26.67 -36.77 24.01
CA GLY S 95 25.47 -36.54 23.24
C GLY S 95 25.69 -35.60 22.07
N TYR S 96 24.78 -35.67 21.11
CA TYR S 96 24.86 -34.82 19.94
C TYR S 96 23.49 -34.67 19.31
N GLU S 97 23.33 -33.57 18.59
CA GLU S 97 22.13 -33.25 17.84
C GLU S 97 22.47 -33.33 16.35
N SER S 98 21.53 -33.84 15.56
CA SER S 98 21.68 -33.88 14.11
C SER S 98 20.36 -33.47 13.48
N ILE S 99 20.42 -32.50 12.57
CA ILE S 99 19.26 -31.93 11.90
C ILE S 99 19.51 -31.98 10.40
N ARG S 100 18.54 -32.50 9.67
CA ARG S 100 18.61 -32.62 8.21
C ARG S 100 17.56 -31.69 7.63
N LEU S 101 18.02 -30.66 6.92
CA LEU S 101 17.15 -29.77 6.16
C LEU S 101 16.99 -30.30 4.75
N LYS S 102 15.74 -30.46 4.32
CA LYS S 102 15.39 -31.11 3.07
C LYS S 102 14.89 -30.09 2.05
N ASN S 103 15.17 -30.39 0.78
CA ASN S 103 14.73 -29.56 -0.35
C ASN S 103 15.23 -28.12 -0.19
N CYS S 104 16.46 -27.98 0.28
CA CYS S 104 17.05 -26.67 0.41
C CYS S 104 17.38 -26.10 -0.97
N ARG S 105 17.14 -24.81 -1.14
CA ARG S 105 17.28 -24.16 -2.43
C ARG S 105 17.73 -22.72 -2.21
N LEU S 106 18.73 -22.29 -2.97
CA LEU S 106 19.29 -20.96 -2.79
C LEU S 106 18.37 -19.90 -3.35
N LYS S 107 18.24 -18.80 -2.61
CA LYS S 107 17.50 -17.65 -3.10
C LYS S 107 18.32 -16.84 -4.10
N LYS S 108 19.63 -16.75 -3.88
CA LYS S 108 20.51 -16.04 -4.80
C LYS S 108 21.88 -16.71 -4.81
N LEU S 109 22.57 -16.56 -5.92
CA LEU S 109 23.88 -17.15 -6.14
C LEU S 109 24.97 -16.17 -5.73
N PRO S 110 25.91 -16.52 -4.84
CA PRO S 110 26.99 -15.57 -4.53
C PRO S 110 28.10 -15.62 -5.57
N LEU S 111 27.85 -14.99 -6.72
CA LEU S 111 28.81 -15.08 -7.82
C LEU S 111 30.11 -14.38 -7.46
N ILE S 112 30.03 -13.14 -6.99
CA ILE S 112 31.19 -12.32 -6.70
C ILE S 112 30.98 -11.63 -5.37
N ASN S 113 31.97 -11.71 -4.48
CA ASN S 113 31.97 -10.92 -3.25
C ASN S 113 33.42 -10.84 -2.79
N SER S 114 34.06 -9.70 -3.05
CA SER S 114 35.45 -9.50 -2.66
C SER S 114 35.67 -8.04 -2.31
N LYS S 115 36.53 -7.81 -1.33
CA LYS S 115 36.91 -6.49 -0.86
C LYS S 115 38.42 -6.35 -0.98
N ALA S 116 38.91 -5.14 -0.79
CA ALA S 116 40.26 -4.77 -1.22
C ALA S 116 41.33 -5.62 -0.57
N GLY S 117 41.29 -5.74 0.76
CA GLY S 117 42.34 -6.41 1.51
C GLY S 117 41.84 -7.45 2.50
N GLU S 118 40.62 -7.92 2.31
CA GLU S 118 40.00 -8.89 3.19
C GLU S 118 39.94 -10.26 2.52
N ILE S 119 39.74 -11.28 3.34
CA ILE S 119 39.60 -12.64 2.84
C ILE S 119 38.26 -12.78 2.16
N VAL S 120 38.26 -13.44 1.00
CA VAL S 120 37.03 -13.58 0.21
C VAL S 120 36.06 -14.46 0.99
N LYS S 121 34.89 -13.90 1.30
CA LYS S 121 33.84 -14.60 2.01
C LYS S 121 32.67 -14.86 1.08
N ILE S 122 31.90 -15.88 1.43
CA ILE S 122 30.71 -16.28 0.68
C ILE S 122 29.55 -16.38 1.66
N GLU S 123 28.43 -15.76 1.30
CA GLU S 123 27.21 -15.78 2.10
C GLU S 123 26.04 -16.12 1.21
N VAL S 124 25.25 -17.10 1.63
CA VAL S 124 24.08 -17.55 0.88
C VAL S 124 22.88 -17.62 1.82
N GLU S 125 21.70 -17.54 1.21
CA GLU S 125 20.44 -17.69 1.91
C GLU S 125 19.50 -18.47 1.02
N GLY S 126 18.48 -19.05 1.63
CA GLY S 126 17.55 -19.86 0.87
C GLY S 126 16.42 -20.35 1.74
N SER S 127 15.68 -21.30 1.19
CA SER S 127 14.50 -21.86 1.82
C SER S 127 14.56 -23.38 1.75
N PHE S 128 13.92 -24.01 2.73
CA PHE S 128 13.80 -25.47 2.78
C PHE S 128 12.37 -25.84 3.16
N ARG S 129 11.96 -27.02 2.72
CA ARG S 129 10.58 -27.46 2.89
C ARG S 129 10.32 -27.93 4.32
N GLY S 130 11.09 -28.92 4.77
CA GLY S 130 10.90 -29.51 6.08
C GLY S 130 12.24 -29.95 6.65
N TYR S 131 12.17 -30.51 7.85
CA TYR S 131 13.35 -30.91 8.60
C TYR S 131 13.11 -32.26 9.26
N ASP S 132 14.19 -33.01 9.43
CA ASP S 132 14.21 -34.26 10.19
C ASP S 132 15.18 -34.10 11.34
N LEU S 133 14.69 -34.30 12.56
CA LEU S 133 15.53 -34.26 13.76
C LEU S 133 16.09 -35.66 13.96
N LEU S 134 17.22 -35.92 13.30
CA LEU S 134 17.78 -37.27 13.28
C LEU S 134 18.22 -37.71 14.66
N ASN S 135 18.89 -36.83 15.40
CA ASN S 135 19.44 -37.14 16.71
C ASN S 135 19.32 -35.90 17.58
N GLU S 136 19.66 -36.05 18.85
CA GLU S 136 19.34 -35.02 19.83
C GLU S 136 20.03 -35.24 21.18
N GLU T 13 21.59 19.43 -60.15
CA GLU T 13 20.15 19.61 -60.50
C GLU T 13 19.58 20.84 -59.82
N ILE T 14 18.29 21.08 -60.05
CA ILE T 14 17.59 22.28 -59.60
C ILE T 14 16.51 21.82 -58.63
N PRO T 15 16.12 22.60 -57.61
CA PRO T 15 15.02 22.17 -56.75
C PRO T 15 13.71 21.97 -57.52
N GLY T 16 12.99 20.93 -57.15
CA GLY T 16 11.63 20.71 -57.62
C GLY T 16 11.30 19.24 -57.79
N PHE T 17 10.00 18.97 -57.97
CA PHE T 17 9.56 17.63 -58.37
C PHE T 17 10.02 17.29 -59.77
N TYR T 18 10.37 16.02 -59.95
CA TYR T 18 10.77 15.46 -61.24
C TYR T 18 10.12 14.08 -61.33
N ASN T 19 8.86 14.06 -61.76
CA ASN T 19 8.11 12.82 -61.91
C ASN T 19 8.53 12.16 -63.22
N ARG T 20 9.06 10.95 -63.13
CA ARG T 20 9.56 10.23 -64.30
C ARG T 20 9.13 8.77 -64.19
N PHE T 21 8.13 8.40 -64.96
CA PHE T 21 7.67 7.03 -65.07
C PHE T 21 8.82 6.13 -65.54
N LYS T 22 8.96 4.98 -64.89
CA LYS T 22 9.88 3.93 -65.30
C LYS T 22 9.08 2.69 -65.68
N THR T 23 9.49 2.05 -66.76
CA THR T 23 8.77 0.87 -67.24
C THR T 23 8.88 -0.27 -66.24
N GLN T 24 7.81 -1.06 -66.13
CA GLN T 24 7.78 -2.16 -65.17
C GLN T 24 8.76 -3.27 -65.52
N ALA T 25 9.23 -3.35 -66.76
CA ALA T 25 10.17 -4.39 -67.13
C ALA T 25 11.50 -4.26 -66.37
N GLU T 26 11.83 -3.07 -65.88
CA GLU T 26 13.13 -2.81 -65.26
C GLU T 26 13.06 -3.07 -63.75
N LYS T 27 12.76 -4.32 -63.39
CA LYS T 27 12.70 -4.71 -61.98
C LYS T 27 14.08 -5.12 -61.49
N SER T 28 14.42 -4.70 -60.29
CA SER T 28 15.65 -5.13 -59.65
C SER T 28 15.50 -6.57 -59.14
N THR T 29 16.65 -7.21 -58.94
CA THR T 29 16.66 -8.59 -58.48
C THR T 29 16.16 -8.68 -57.04
N ASN T 30 16.11 -9.91 -56.53
CA ASN T 30 15.59 -10.15 -55.18
C ASN T 30 16.53 -9.57 -54.14
N THR T 31 16.15 -9.72 -52.87
CA THR T 31 16.91 -9.23 -51.73
C THR T 31 17.47 -10.33 -50.85
N GLY T 32 16.86 -11.51 -50.84
CA GLY T 32 17.33 -12.61 -50.01
C GLY T 32 18.51 -13.33 -50.64
N LEU T 33 19.67 -12.69 -50.64
CA LEU T 33 20.89 -13.23 -51.25
C LEU T 33 22.03 -13.16 -50.24
N LYS T 34 22.97 -14.10 -50.38
CA LYS T 34 24.09 -14.21 -49.46
C LYS T 34 25.25 -14.88 -50.19
N GLY T 35 26.44 -14.70 -49.64
CA GLY T 35 27.61 -15.47 -50.05
C GLY T 35 28.33 -14.89 -51.25
N ARG T 36 29.54 -15.43 -51.48
CA ARG T 36 30.43 -14.99 -52.53
C ARG T 36 30.88 -16.18 -53.37
N LEU T 37 30.94 -15.98 -54.69
CA LEU T 37 31.27 -17.04 -55.64
C LEU T 37 32.27 -16.54 -56.66
N ALA T 38 33.14 -17.45 -57.08
CA ALA T 38 34.12 -17.20 -58.13
C ALA T 38 33.65 -17.81 -59.45
N MET T 39 34.11 -17.22 -60.55
CA MET T 39 33.63 -17.58 -61.88
C MET T 39 34.65 -17.25 -62.97
N PRO T 40 35.50 -18.20 -63.38
CA PRO T 40 36.41 -17.93 -64.53
C PRO T 40 35.67 -17.97 -65.86
N ILE T 41 34.92 -16.91 -66.13
CA ILE T 41 34.00 -16.91 -67.27
C ILE T 41 34.77 -16.85 -68.58
N ARG T 42 34.39 -17.72 -69.52
CA ARG T 42 34.90 -17.68 -70.90
C ARG T 42 34.00 -16.74 -71.69
N ALA T 43 34.32 -15.45 -71.60
CA ALA T 43 33.52 -14.41 -72.23
C ALA T 43 34.11 -14.04 -73.58
N ASN T 44 33.26 -14.04 -74.61
CA ASN T 44 33.67 -13.47 -75.89
C ASN T 44 34.08 -12.01 -75.71
N TRP T 45 33.36 -11.27 -74.87
CA TRP T 45 33.65 -9.88 -74.58
C TRP T 45 33.61 -9.69 -73.07
N GLY T 46 34.45 -8.79 -72.58
CA GLY T 46 34.48 -8.47 -71.17
C GLY T 46 35.87 -8.06 -70.72
N ASP T 47 36.03 -7.98 -69.40
CA ASP T 47 37.22 -7.42 -68.78
C ASP T 47 38.28 -8.50 -68.63
N VAL T 48 39.41 -8.35 -69.33
CA VAL T 48 40.47 -9.33 -69.37
C VAL T 48 41.57 -8.92 -68.41
N GLY T 49 42.08 -9.87 -67.64
CA GLY T 49 43.18 -9.62 -66.72
C GLY T 49 42.79 -9.07 -65.37
N LYS T 50 41.50 -9.02 -65.05
CA LYS T 50 41.05 -8.50 -63.77
C LYS T 50 39.73 -9.15 -63.38
N VAL T 51 39.49 -9.23 -62.08
CA VAL T 51 38.28 -9.82 -61.51
C VAL T 51 37.31 -8.69 -61.19
N VAL T 52 36.05 -8.86 -61.59
CA VAL T 52 35.01 -7.86 -61.37
C VAL T 52 34.00 -8.46 -60.40
N THR T 53 33.57 -7.64 -59.44
CA THR T 53 32.64 -8.07 -58.39
C THR T 53 31.24 -7.59 -58.76
N ILE T 54 30.49 -8.46 -59.42
CA ILE T 54 29.11 -8.16 -59.81
C ILE T 54 28.21 -8.34 -58.60
N LYS T 55 27.27 -7.41 -58.44
CA LYS T 55 26.31 -7.46 -57.33
C LYS T 55 25.15 -8.39 -57.68
N ASN T 56 24.09 -8.34 -56.88
CA ASN T 56 22.87 -9.10 -57.17
C ASN T 56 22.32 -8.79 -58.56
N ASP T 57 22.45 -7.55 -59.01
CA ASP T 57 21.82 -7.13 -60.25
C ASP T 57 22.41 -7.86 -61.45
N LEU T 58 21.54 -8.35 -62.33
CA LEU T 58 21.96 -8.94 -63.59
C LEU T 58 22.42 -7.91 -64.61
N ARG T 59 22.24 -6.62 -64.31
CA ARG T 59 22.42 -5.62 -65.36
C ARG T 59 23.90 -5.40 -65.65
N GLN T 60 24.72 -5.36 -64.58
CA GLN T 60 26.16 -5.23 -64.77
C GLN T 60 26.73 -6.43 -65.53
N LEU T 61 26.17 -7.62 -65.28
CA LEU T 61 26.64 -8.81 -65.97
C LEU T 61 26.46 -8.69 -67.48
N LYS T 62 25.26 -8.33 -67.94
CA LYS T 62 25.04 -8.29 -69.38
C LYS T 62 25.74 -7.08 -69.99
N ASN T 63 25.76 -5.96 -69.26
CA ASN T 63 26.45 -4.77 -69.77
C ASN T 63 27.94 -5.02 -69.94
N LEU T 64 28.54 -5.82 -69.06
CA LEU T 64 29.98 -6.06 -69.07
C LEU T 64 30.40 -7.33 -69.80
N PHE T 65 29.50 -8.30 -69.96
CA PHE T 65 29.85 -9.62 -70.49
C PHE T 65 28.81 -10.10 -71.48
N GLY T 66 28.35 -9.20 -72.35
CA GLY T 66 27.49 -9.58 -73.46
C GLY T 66 26.11 -10.05 -73.04
N ASP T 67 25.21 -10.15 -74.01
CA ASP T 67 23.83 -10.58 -73.80
C ASP T 67 23.59 -11.94 -74.45
N ASP T 68 24.59 -12.51 -75.10
CA ASP T 68 24.38 -13.68 -75.95
C ASP T 68 24.40 -14.96 -75.12
N MET T 69 23.46 -15.87 -75.45
CA MET T 69 23.31 -17.10 -74.68
C MET T 69 24.49 -18.03 -74.89
N ASN T 70 25.01 -18.11 -76.12
CA ASN T 70 26.11 -19.04 -76.40
C ASN T 70 27.35 -18.66 -75.61
N TYR T 71 27.49 -17.38 -75.25
CA TYR T 71 28.61 -16.96 -74.40
C TYR T 71 28.52 -17.70 -73.07
N SER T 72 29.59 -18.43 -72.73
CA SER T 72 29.62 -19.11 -71.43
C SER T 72 29.50 -18.12 -70.29
N ALA T 73 30.07 -16.92 -70.47
CA ALA T 73 30.02 -15.91 -69.42
C ALA T 73 28.59 -15.54 -69.05
N PHE T 74 27.80 -15.09 -70.03
CA PHE T 74 26.43 -14.68 -69.75
C PHE T 74 25.59 -15.85 -69.26
N LYS T 75 25.71 -17.00 -69.92
CA LYS T 75 24.88 -18.16 -69.58
C LYS T 75 25.11 -18.60 -68.14
N LEU T 76 26.38 -18.80 -67.79
CA LEU T 76 26.70 -19.30 -66.45
C LEU T 76 26.58 -18.22 -65.39
N GLY T 77 26.81 -16.95 -65.71
CA GLY T 77 26.52 -15.89 -64.76
C GLY T 77 25.04 -15.78 -64.45
N LYS T 78 24.22 -15.95 -65.48
CA LYS T 78 22.77 -15.99 -65.27
C LYS T 78 22.40 -17.16 -64.37
N LEU T 79 23.01 -18.34 -64.60
CA LEU T 79 22.78 -19.46 -63.68
C LEU T 79 23.16 -19.10 -62.25
N ALA T 80 24.34 -18.51 -62.07
CA ALA T 80 24.82 -18.22 -60.72
C ALA T 80 23.92 -17.22 -60.02
N LEU T 81 23.45 -16.20 -60.75
CA LEU T 81 22.67 -15.13 -60.14
C LEU T 81 21.22 -15.57 -59.91
N LEU T 82 20.69 -16.46 -60.76
CA LEU T 82 19.47 -17.18 -60.37
C LEU T 82 19.72 -18.16 -59.22
N GLY T 83 20.97 -18.54 -58.99
CA GLY T 83 21.34 -19.21 -57.75
C GLY T 83 21.35 -18.31 -56.54
N ASN T 84 21.14 -17.00 -56.73
CA ASN T 84 20.91 -16.03 -55.65
C ASN T 84 22.18 -15.86 -54.79
N VAL T 85 23.33 -15.80 -55.46
CA VAL T 85 24.58 -15.41 -54.80
C VAL T 85 24.61 -13.89 -54.67
N LYS T 86 24.99 -13.41 -53.47
CA LYS T 86 24.99 -11.98 -53.22
C LYS T 86 26.04 -11.27 -54.08
N GLU T 87 27.28 -11.76 -54.07
CA GLU T 87 28.37 -11.20 -54.87
C GLU T 87 28.95 -12.30 -55.74
N LEU T 88 28.99 -12.05 -57.06
CA LEU T 88 29.52 -13.01 -58.03
C LEU T 88 30.77 -12.39 -58.65
N LEU T 89 31.91 -13.03 -58.43
CA LEU T 89 33.20 -12.51 -58.84
C LEU T 89 33.58 -13.14 -60.19
N LEU T 90 33.53 -12.33 -61.24
CA LEU T 90 33.78 -12.79 -62.60
C LEU T 90 35.18 -12.41 -63.05
N TYR T 91 35.88 -13.38 -63.64
CA TYR T 91 37.16 -13.15 -64.31
C TYR T 91 37.02 -13.66 -65.73
N ARG T 92 37.21 -12.77 -66.70
CA ARG T 92 37.18 -13.20 -68.09
C ARG T 92 38.36 -14.10 -68.40
N LEU T 93 38.10 -15.11 -69.23
CA LEU T 93 39.11 -16.09 -69.62
C LEU T 93 39.25 -16.03 -71.14
N VAL T 94 40.44 -15.68 -71.62
CA VAL T 94 40.74 -15.66 -73.04
C VAL T 94 42.10 -16.31 -73.26
N ASP T 95 42.30 -16.83 -74.47
CA ASP T 95 43.58 -17.39 -74.84
C ASP T 95 44.63 -16.29 -75.00
N GLY T 96 45.89 -16.68 -74.93
CA GLY T 96 46.97 -15.72 -75.15
C GLY T 96 46.92 -15.10 -76.54
N ASN T 97 46.60 -15.92 -77.55
CA ASN T 97 46.49 -15.40 -78.91
C ASN T 97 45.32 -14.44 -79.06
N GLN T 98 44.28 -14.60 -78.23
CA GLN T 98 43.13 -13.72 -78.27
C GLN T 98 43.55 -12.29 -77.91
N LYS T 99 43.08 -11.32 -78.70
CA LYS T 99 43.54 -9.94 -78.60
C LYS T 99 42.38 -9.00 -78.93
N LYS T 100 42.67 -7.71 -78.92
CA LYS T 100 41.68 -6.68 -79.23
C LYS T 100 41.48 -6.56 -80.73
N GLY T 101 40.22 -6.45 -81.13
CA GLY T 101 39.92 -5.99 -82.47
C GLY T 101 40.44 -4.57 -82.66
N THR T 102 41.00 -4.30 -83.83
CA THR T 102 41.65 -3.03 -84.11
C THR T 102 41.39 -2.61 -85.55
N LEU T 103 41.17 -1.30 -85.73
CA LEU T 103 41.05 -0.72 -87.05
C LEU T 103 41.63 0.68 -87.01
N THR T 104 42.00 1.18 -88.19
CA THR T 104 42.56 2.52 -88.35
C THR T 104 41.72 3.29 -89.36
N LEU T 105 41.34 4.51 -88.98
CA LEU T 105 40.69 5.42 -89.91
C LEU T 105 41.74 6.22 -90.68
N LYS T 106 41.33 6.77 -91.81
CA LYS T 106 42.23 7.55 -92.66
C LYS T 106 41.46 8.69 -93.29
N ASP T 107 42.20 9.71 -93.70
CA ASP T 107 41.64 10.89 -94.35
C ASP T 107 41.73 10.79 -95.86
N THR T 108 40.98 11.64 -96.54
CA THR T 108 40.95 11.70 -98.00
C THR T 108 41.25 13.10 -98.52
N THR T 109 41.69 14.03 -97.67
CA THR T 109 42.03 15.36 -98.15
C THR T 109 43.20 15.32 -99.12
N GLU T 110 44.22 14.53 -98.80
CA GLU T 110 45.39 14.37 -99.66
C GLU T 110 45.13 13.29 -100.70
N ASN T 111 46.00 13.24 -101.71
CA ASN T 111 45.90 12.20 -102.73
C ASN T 111 46.13 10.82 -102.13
N SER T 112 47.09 10.70 -101.22
CA SER T 112 47.38 9.46 -100.51
C SER T 112 46.84 9.55 -99.10
N ALA T 113 46.01 8.58 -98.73
CA ALA T 113 45.40 8.58 -97.40
C ALA T 113 46.43 8.19 -96.35
N LYS T 114 46.24 8.70 -95.13
CA LYS T 114 47.14 8.46 -94.02
C LYS T 114 46.33 8.25 -92.74
N ASP T 115 46.92 7.51 -91.81
CA ASP T 115 46.23 7.16 -90.57
C ASP T 115 46.20 8.34 -89.62
N VAL T 116 45.03 8.60 -89.04
CA VAL T 116 44.86 9.62 -88.01
C VAL T 116 44.18 9.11 -86.76
N ILE T 117 43.42 8.02 -86.81
CA ILE T 117 42.72 7.46 -85.66
C ILE T 117 42.87 5.94 -85.69
N LYS T 118 43.09 5.34 -84.51
CA LYS T 118 42.98 3.90 -84.30
C LYS T 118 41.82 3.63 -83.36
N LEU T 119 40.89 2.80 -83.82
CA LEU T 119 39.79 2.32 -82.98
C LEU T 119 40.11 0.89 -82.57
N GLU T 120 40.35 0.69 -81.28
CA GLU T 120 40.62 -0.61 -80.71
C GLU T 120 39.50 -0.94 -79.74
N THR T 121 39.12 -2.22 -79.68
CA THR T 121 38.14 -2.65 -78.70
C THR T 121 38.65 -2.33 -77.30
N LYS T 122 37.74 -1.85 -76.44
CA LYS T 122 38.14 -1.43 -75.10
C LYS T 122 38.84 -2.55 -74.35
N TYR T 123 38.38 -3.77 -74.54
CA TYR T 123 38.99 -4.97 -73.98
C TYR T 123 39.13 -5.99 -75.09
N PRO T 124 39.98 -7.01 -74.92
CA PRO T 124 40.19 -7.98 -76.01
C PRO T 124 38.90 -8.64 -76.44
N THR T 125 38.70 -8.73 -77.76
CA THR T 125 37.53 -9.40 -78.33
C THR T 125 37.68 -9.44 -79.84
N ALA T 126 36.89 -10.31 -80.47
CA ALA T 126 36.81 -10.40 -81.92
C ALA T 126 35.37 -10.56 -82.38
N ARG T 127 34.42 -10.02 -81.61
CA ARG T 127 33.01 -10.10 -81.96
C ARG T 127 32.74 -9.27 -83.21
N ASN T 128 31.48 -9.31 -83.67
CA ASN T 128 31.07 -8.59 -84.87
C ASN T 128 30.82 -7.12 -84.55
N PHE T 129 31.89 -6.45 -84.11
CA PHE T 129 31.84 -5.03 -83.74
C PHE T 129 32.26 -4.20 -84.95
N ASN T 130 31.29 -3.58 -85.59
CA ASN T 130 31.49 -2.87 -86.84
C ASN T 130 31.45 -1.36 -86.61
N VAL T 131 32.00 -0.62 -87.56
CA VAL T 131 32.08 0.84 -87.49
C VAL T 131 31.57 1.40 -88.82
N THR T 132 30.96 2.58 -88.76
CA THR T 132 30.56 3.30 -89.96
C THR T 132 30.74 4.79 -89.71
N ILE T 133 31.34 5.47 -90.68
CA ILE T 133 31.63 6.90 -90.60
C ILE T 133 31.20 7.54 -91.91
N LYS T 134 30.54 8.70 -91.80
CA LYS T 134 30.03 9.41 -92.96
C LYS T 134 30.04 10.90 -92.65
N SER T 135 29.71 11.71 -93.65
CA SER T 135 29.65 13.15 -93.49
C SER T 135 28.37 13.56 -92.76
N ASN T 136 28.47 14.66 -92.01
CA ASN T 136 27.32 15.22 -91.31
C ASN T 136 26.59 16.20 -92.20
N LEU T 137 25.27 16.04 -92.30
CA LEU T 137 24.48 16.88 -93.17
C LEU T 137 24.29 18.28 -92.58
N VAL T 138 24.15 18.36 -91.25
CA VAL T 138 23.89 19.65 -90.61
C VAL T 138 25.08 20.58 -90.78
N ASP T 139 26.29 20.08 -90.53
CA ASP T 139 27.53 20.85 -90.62
C ASP T 139 28.51 20.09 -91.51
N SER T 140 29.13 20.82 -92.44
CA SER T 140 30.08 20.18 -93.35
C SER T 140 31.29 19.65 -92.60
N ASP T 141 31.81 20.41 -91.63
CA ASP T 141 32.98 19.98 -90.90
C ASP T 141 32.71 18.79 -90.00
N LYS T 142 31.47 18.61 -89.55
CA LYS T 142 31.14 17.49 -88.69
C LYS T 142 31.02 16.19 -89.47
N LYS T 143 31.20 15.08 -88.76
CA LYS T 143 31.01 13.75 -89.32
C LYS T 143 30.19 12.90 -88.35
N ASP T 144 29.39 12.00 -88.91
CA ASP T 144 28.59 11.07 -88.13
C ASP T 144 29.39 9.79 -87.94
N PHE T 145 29.58 9.38 -86.69
CA PHE T 145 30.26 8.15 -86.32
C PHE T 145 29.27 7.21 -85.65
N ILE T 146 29.18 5.99 -86.16
CA ILE T 146 28.21 5.01 -85.71
C ILE T 146 28.91 3.69 -85.49
N PHE T 147 28.49 2.95 -84.45
CA PHE T 147 29.03 1.65 -84.11
C PHE T 147 27.90 0.62 -84.08
N PHE T 148 28.17 -0.55 -84.65
CA PHE T 148 27.20 -1.66 -84.76
C PHE T 148 27.71 -2.88 -84.01
N GLU T 149 26.76 -3.62 -83.44
CA GLU T 149 27.00 -4.88 -82.73
C GLU T 149 26.04 -5.94 -83.27
N ASN T 150 26.55 -6.86 -84.08
CA ASN T 150 25.74 -7.91 -84.70
C ASN T 150 24.55 -7.28 -85.44
N THR T 151 24.83 -6.23 -86.19
CA THR T 151 23.82 -5.46 -86.92
C THR T 151 22.87 -4.72 -85.98
N LYS T 152 23.34 -4.36 -84.79
CA LYS T 152 22.58 -3.58 -83.83
C LYS T 152 23.39 -2.35 -83.44
N GLN T 153 22.78 -1.17 -83.58
CA GLN T 153 23.49 0.07 -83.28
C GLN T 153 23.80 0.17 -81.79
N LEU T 154 25.02 0.65 -81.50
CA LEU T 154 25.49 0.89 -80.14
C LEU T 154 25.67 2.37 -79.83
N PHE T 155 26.38 3.10 -80.70
CA PHE T 155 26.69 4.50 -80.48
C PHE T 155 26.39 5.27 -81.76
N SER T 156 25.98 6.53 -81.62
CA SER T 156 25.74 7.38 -82.77
C SER T 156 25.83 8.83 -82.32
N SER T 157 26.69 9.60 -83.00
CA SER T 157 26.87 11.00 -82.67
C SER T 157 27.49 11.71 -83.86
N SER T 158 27.30 13.03 -83.89
CA SER T 158 27.91 13.92 -84.88
C SER T 158 28.90 14.83 -84.16
N ILE T 159 30.15 14.80 -84.61
CA ILE T 159 31.23 15.54 -83.97
C ILE T 159 32.05 16.23 -85.07
N LYS T 160 32.66 17.36 -84.71
CA LYS T 160 33.49 18.11 -85.63
C LYS T 160 34.58 17.23 -86.24
N GLY T 161 34.99 17.57 -87.47
CA GLY T 161 35.97 16.78 -88.19
C GLY T 161 37.34 16.73 -87.57
N THR T 162 37.62 17.61 -86.60
CA THR T 162 38.91 17.59 -85.91
C THR T 162 39.11 16.25 -85.21
N ILE T 163 40.29 15.67 -85.37
CA ILE T 163 40.57 14.36 -84.79
C ILE T 163 40.53 14.42 -83.27
N ASP T 164 40.90 15.56 -82.69
CA ASP T 164 40.91 15.69 -81.24
C ASP T 164 39.50 15.54 -80.68
N GLU T 165 38.54 16.27 -81.24
CA GLU T 165 37.16 16.19 -80.77
C GLU T 165 36.58 14.80 -81.02
N ILE T 166 36.92 14.19 -82.16
CA ILE T 166 36.40 12.87 -82.48
C ILE T 166 36.88 11.85 -81.44
N VAL T 167 38.18 11.87 -81.15
CA VAL T 167 38.73 10.96 -80.14
C VAL T 167 38.14 11.25 -78.78
N LEU T 168 37.96 12.53 -78.44
CA LEU T 168 37.42 12.90 -77.14
C LEU T 168 36.01 12.36 -76.96
N GLU T 169 35.14 12.58 -77.94
CA GLU T 169 33.77 12.08 -77.83
C GLU T 169 33.73 10.56 -77.84
N ILE T 170 34.59 9.91 -78.65
CA ILE T 170 34.56 8.45 -78.71
C ILE T 170 34.99 7.87 -77.36
N ASN T 171 36.03 8.42 -76.75
CA ASN T 171 36.47 7.93 -75.45
C ASN T 171 35.62 8.43 -74.29
N SER T 172 34.76 9.41 -74.51
CA SER T 172 33.96 10.01 -73.45
C SER T 172 32.57 9.37 -73.32
N ASN T 173 31.85 9.27 -74.44
CA ASN T 173 30.47 8.77 -74.39
C ASN T 173 30.44 7.33 -73.91
N LEU T 174 29.50 7.02 -73.03
CA LEU T 174 29.44 5.71 -72.40
C LEU T 174 28.97 4.62 -73.36
N ASP T 175 28.30 4.98 -74.45
CA ASP T 175 27.93 3.98 -75.46
C ASP T 175 29.12 3.47 -76.26
N ASN T 176 30.30 4.09 -76.11
CA ASN T 176 31.54 3.62 -76.71
C ASN T 176 32.29 2.65 -75.80
N GLU T 177 31.56 1.93 -74.93
CA GLU T 177 32.20 1.01 -73.99
C GLU T 177 32.98 -0.11 -74.71
N TYR T 178 32.67 -0.36 -75.98
CA TYR T 178 33.29 -1.45 -76.73
C TYR T 178 34.46 -0.98 -77.60
N VAL T 179 34.93 0.26 -77.43
CA VAL T 179 35.96 0.80 -78.30
C VAL T 179 36.67 1.95 -77.61
N ILE T 180 37.97 2.10 -77.91
CA ILE T 180 38.75 3.27 -77.54
C ILE T 180 39.32 3.87 -78.82
N ALA T 181 39.21 5.18 -78.96
CA ALA T 181 39.84 5.92 -80.05
C ALA T 181 41.08 6.61 -79.52
N THR T 182 42.20 6.45 -80.23
CA THR T 182 43.46 7.12 -79.91
C THR T 182 43.98 7.84 -81.14
N LYS T 183 44.38 9.08 -80.97
CA LYS T 183 44.85 9.91 -82.08
C LYS T 183 46.22 9.44 -82.54
N VAL T 184 46.30 8.94 -83.78
CA VAL T 184 47.57 8.50 -84.32
C VAL T 184 48.53 9.67 -84.45
N ALA T 185 48.05 10.76 -85.03
CA ALA T 185 48.87 11.95 -85.27
C ALA T 185 47.94 13.15 -85.27
N ASP T 186 48.53 14.31 -85.01
CA ASP T 186 47.74 15.54 -84.97
C ASP T 186 47.29 15.90 -86.38
N SER T 187 45.99 16.11 -86.55
CA SER T 187 45.43 16.43 -87.85
C SER T 187 43.99 16.89 -87.67
N ASP T 188 43.54 17.73 -88.61
CA ASP T 188 42.15 18.15 -88.71
C ASP T 188 41.53 17.75 -90.05
N THR T 189 42.15 16.81 -90.75
CA THR T 189 41.70 16.42 -92.08
C THR T 189 40.36 15.67 -91.99
N ILE T 190 39.62 15.73 -93.09
CA ILE T 190 38.33 15.05 -93.19
C ILE T 190 38.58 13.56 -93.35
N LEU T 191 37.91 12.76 -92.52
CA LEU T 191 38.13 11.32 -92.51
C LEU T 191 37.56 10.68 -93.77
N ALA T 192 37.94 9.43 -94.00
CA ALA T 192 37.40 8.63 -95.08
C ALA T 192 36.05 8.05 -94.68
N ASN T 193 35.18 7.89 -95.67
CA ASN T 193 33.85 7.31 -95.46
C ASN T 193 33.96 5.80 -95.62
N VAL T 194 33.77 5.08 -94.53
CA VAL T 194 33.82 3.62 -94.50
C VAL T 194 32.53 3.10 -93.90
N VAL T 195 32.02 2.00 -94.45
CA VAL T 195 30.72 1.46 -94.09
C VAL T 195 30.91 0.02 -93.60
N ASN T 196 30.53 -0.23 -92.34
CA ASN T 196 30.45 -1.57 -91.78
C ASN T 196 31.81 -2.28 -91.84
N GLN T 197 32.81 -1.65 -91.22
CA GLN T 197 34.15 -2.21 -91.11
C GLN T 197 34.28 -2.89 -89.76
N ALA T 198 34.58 -4.20 -89.78
CA ALA T 198 34.64 -5.00 -88.57
C ALA T 198 36.01 -4.85 -87.91
N LEU T 199 36.01 -4.68 -86.60
CA LEU T 199 37.27 -4.64 -85.86
C LEU T 199 37.87 -6.04 -85.82
N GLU T 200 39.15 -6.14 -86.20
CA GLU T 200 39.85 -7.40 -86.32
C GLU T 200 41.22 -7.29 -85.66
N GLY T 201 41.84 -8.44 -85.40
CA GLY T 201 43.11 -8.52 -84.71
C GLY T 201 43.01 -9.24 -83.39
N GLY T 202 42.12 -10.21 -83.30
CA GLY T 202 41.93 -10.96 -82.08
C GLY T 202 41.21 -12.27 -82.34
N ASN T 203 40.77 -12.89 -81.25
CA ASN T 203 40.06 -14.17 -81.29
C ASN T 203 38.73 -14.05 -80.57
N ASP T 204 37.95 -15.12 -80.65
CA ASP T 204 36.60 -15.14 -80.10
C ASP T 204 36.60 -14.86 -78.60
N GLY T 205 37.22 -15.76 -77.82
CA GLY T 205 37.27 -15.65 -76.38
C GLY T 205 36.79 -16.92 -75.71
N CYS T 206 35.77 -17.54 -76.29
CA CYS T 206 35.34 -18.88 -75.91
C CYS T 206 36.12 -19.98 -76.63
N THR T 207 37.02 -19.62 -77.55
CA THR T 207 37.77 -20.56 -78.36
C THR T 207 39.22 -20.59 -77.87
N SER T 208 39.84 -21.77 -77.96
CA SER T 208 41.22 -21.96 -77.52
C SER T 208 41.34 -21.71 -76.02
N ILE T 209 40.39 -22.29 -75.29
CA ILE T 209 40.36 -22.22 -73.83
C ILE T 209 41.31 -23.29 -73.31
N THR T 210 42.43 -22.85 -72.70
CA THR T 210 43.58 -23.70 -72.43
C THR T 210 43.89 -23.76 -70.94
N ASN T 211 44.64 -24.81 -70.57
CA ASN T 211 44.95 -25.05 -69.16
C ASN T 211 45.78 -23.92 -68.56
N GLU T 212 46.79 -23.44 -69.29
CA GLU T 212 47.61 -22.36 -68.76
C GLU T 212 46.78 -21.10 -68.54
N SER T 213 45.76 -20.87 -69.38
CA SER T 213 44.94 -19.68 -69.23
C SER T 213 44.09 -19.76 -67.97
N TYR T 214 43.48 -20.92 -67.70
CA TYR T 214 42.88 -21.15 -66.39
C TYR T 214 43.86 -20.97 -65.26
N LEU T 215 45.09 -21.48 -65.40
CA LEU T 215 45.99 -21.39 -64.26
C LEU T 215 46.33 -19.93 -63.96
N LYS T 216 46.47 -19.12 -65.01
CA LYS T 216 46.59 -17.67 -64.80
C LYS T 216 45.36 -17.14 -64.09
N ALA T 217 44.17 -17.54 -64.54
CA ALA T 217 42.94 -17.01 -63.94
C ALA T 217 42.82 -17.41 -62.48
N LEU T 218 43.19 -18.64 -62.15
CA LEU T 218 43.19 -19.10 -60.77
C LEU T 218 44.14 -18.27 -59.92
N GLU T 219 45.32 -17.94 -60.48
CA GLU T 219 46.21 -17.04 -59.75
C GLU T 219 45.59 -15.66 -59.60
N GLU T 220 44.83 -15.21 -60.60
CA GLU T 220 44.10 -13.95 -60.46
C GLU T 220 42.94 -14.11 -59.48
N PHE T 221 42.38 -15.30 -59.35
CA PHE T 221 41.32 -15.51 -58.37
C PHE T 221 41.86 -15.65 -56.95
N GLU T 222 43.18 -15.80 -56.78
CA GLU T 222 43.77 -15.78 -55.45
C GLU T 222 43.72 -14.40 -54.80
N ARG T 223 43.32 -13.36 -55.54
CA ARG T 223 43.13 -12.03 -54.95
C ARG T 223 42.21 -12.10 -53.73
N TYR T 224 41.06 -12.76 -53.87
CA TYR T 224 39.98 -12.69 -52.89
C TYR T 224 39.65 -14.09 -52.38
N SER T 225 38.75 -14.13 -51.39
CA SER T 225 38.29 -15.35 -50.76
C SER T 225 36.89 -15.68 -51.26
N PHE T 226 36.59 -16.97 -51.41
CA PHE T 226 35.34 -17.43 -52.00
C PHE T 226 34.70 -18.47 -51.11
N ASP T 227 33.36 -18.43 -51.03
CA ASP T 227 32.64 -19.53 -50.41
C ASP T 227 32.76 -20.80 -51.25
N SER T 228 32.83 -20.67 -52.57
CA SER T 228 32.95 -21.82 -53.44
C SER T 228 33.54 -21.38 -54.78
N PHE T 229 34.14 -22.35 -55.48
CA PHE T 229 34.67 -22.17 -56.83
C PHE T 229 33.98 -23.16 -57.76
N VAL T 230 33.75 -22.74 -59.00
CA VAL T 230 32.82 -23.43 -59.89
C VAL T 230 33.46 -23.89 -61.19
N LEU T 231 34.65 -23.41 -61.55
CA LEU T 231 35.39 -23.75 -62.78
C LEU T 231 34.71 -23.24 -64.05
N ASP T 232 33.61 -22.49 -63.93
CA ASP T 232 32.88 -21.95 -65.08
C ASP T 232 32.34 -23.07 -65.97
N GLY T 233 31.98 -24.20 -65.34
CA GLY T 233 31.25 -25.24 -66.05
C GLY T 233 31.97 -25.86 -67.23
N VAL T 234 33.25 -26.20 -67.06
CA VAL T 234 34.04 -26.87 -68.08
C VAL T 234 34.44 -28.24 -67.52
N ALA T 235 34.07 -29.30 -68.23
CA ALA T 235 34.20 -30.66 -67.73
C ALA T 235 35.51 -31.34 -68.15
N ASP T 236 36.51 -30.57 -68.58
CA ASP T 236 37.78 -31.17 -68.96
C ASP T 236 38.44 -31.79 -67.73
N GLU T 237 38.95 -33.01 -67.89
CA GLU T 237 39.55 -33.73 -66.76
C GLU T 237 40.82 -33.04 -66.28
N ALA T 238 41.65 -32.56 -67.22
CA ALA T 238 42.89 -31.88 -66.83
C ALA T 238 42.57 -30.62 -66.04
N LEU T 239 41.54 -29.88 -66.45
CA LEU T 239 41.16 -28.66 -65.75
C LEU T 239 40.65 -28.98 -64.35
N GLN T 240 39.84 -30.04 -64.24
CA GLN T 240 39.36 -30.47 -62.93
C GLN T 240 40.52 -30.82 -62.02
N GLU T 241 41.50 -31.55 -62.56
CA GLU T 241 42.66 -31.94 -61.74
C GLU T 241 43.47 -30.72 -61.32
N THR T 242 43.67 -29.76 -62.22
CA THR T 242 44.44 -28.56 -61.89
C THR T 242 43.73 -27.76 -60.81
N THR T 243 42.43 -27.54 -60.96
CA THR T 243 41.69 -26.81 -59.95
C THR T 243 41.63 -27.58 -58.63
N LYS T 244 41.61 -28.91 -58.69
CA LYS T 244 41.64 -29.73 -57.48
C LYS T 244 42.94 -29.51 -56.72
N ALA T 245 44.06 -29.56 -57.43
CA ALA T 245 45.35 -29.29 -56.79
C ALA T 245 45.41 -27.87 -56.26
N TRP T 246 44.82 -26.92 -56.99
CA TRP T 246 44.78 -25.53 -56.55
C TRP T 246 44.05 -25.39 -55.22
N VAL T 247 42.86 -25.97 -55.13
CA VAL T 247 42.08 -25.82 -53.89
C VAL T 247 42.73 -26.60 -52.76
N ALA T 248 43.37 -27.73 -53.06
CA ALA T 248 44.10 -28.46 -52.04
C ALA T 248 45.26 -27.62 -51.49
N LYS T 249 46.00 -26.96 -52.38
CA LYS T 249 47.06 -26.06 -51.94
C LYS T 249 46.50 -24.93 -51.09
N ASN T 250 45.37 -24.36 -51.50
CA ASN T 250 44.77 -23.28 -50.73
C ASN T 250 44.34 -23.76 -49.35
N LYS T 251 43.74 -24.95 -49.26
CA LYS T 251 43.33 -25.48 -47.97
C LYS T 251 44.54 -25.74 -47.07
N GLU T 252 45.62 -26.27 -47.65
CA GLU T 252 46.85 -26.43 -46.89
C GLU T 252 47.37 -25.09 -46.41
N LEU T 253 47.25 -24.06 -47.25
CA LEU T 253 47.62 -22.71 -46.83
C LEU T 253 46.66 -22.16 -45.79
N GLY T 254 45.42 -22.62 -45.79
CA GLY T 254 44.39 -22.17 -44.87
C GLY T 254 43.19 -21.55 -45.54
N LYS T 255 43.30 -21.17 -46.80
CA LYS T 255 42.17 -20.62 -47.54
C LYS T 255 41.25 -21.77 -47.96
N ASP T 256 40.02 -21.74 -47.46
CA ASP T 256 39.05 -22.80 -47.73
C ASP T 256 38.20 -22.43 -48.94
N ILE T 257 38.30 -23.23 -50.00
CA ILE T 257 37.52 -23.07 -51.22
C ILE T 257 36.77 -24.37 -51.46
N LEU T 258 35.47 -24.26 -51.70
CA LEU T 258 34.62 -25.42 -51.99
C LEU T 258 34.47 -25.51 -53.50
N LEU T 259 35.07 -26.55 -54.09
CA LEU T 259 35.08 -26.71 -55.53
C LEU T 259 33.86 -27.51 -55.99
N PHE T 260 33.24 -27.03 -57.07
CA PHE T 260 32.08 -27.66 -57.68
C PHE T 260 32.40 -28.02 -59.12
N LEU T 261 31.98 -29.20 -59.56
CA LEU T 261 32.33 -29.72 -60.87
C LEU T 261 31.13 -30.49 -61.42
N GLY T 262 31.30 -31.08 -62.60
CA GLY T 262 30.28 -31.94 -63.15
C GLY T 262 30.83 -32.86 -64.20
N GLY T 263 30.23 -34.04 -64.31
CA GLY T 263 30.62 -35.00 -65.32
C GLY T 263 30.11 -34.64 -66.69
N LYS T 264 30.64 -35.34 -67.69
CA LYS T 264 30.24 -35.12 -69.07
C LYS T 264 28.94 -35.87 -69.36
N THR T 265 28.43 -35.69 -70.58
CA THR T 265 27.24 -36.41 -71.01
C THR T 265 27.52 -37.84 -71.43
N GLU T 266 28.76 -38.14 -71.84
CA GLU T 266 29.08 -39.48 -72.32
C GLU T 266 29.08 -40.50 -71.20
N ASP T 267 29.39 -40.08 -69.98
CA ASP T 267 29.55 -41.02 -68.87
C ASP T 267 28.24 -41.72 -68.56
N ASN T 268 28.30 -43.05 -68.44
CA ASN T 268 27.17 -43.83 -67.99
C ASN T 268 27.11 -43.80 -66.47
N ILE T 269 26.13 -44.51 -65.90
CA ILE T 269 25.89 -44.46 -64.47
C ILE T 269 27.08 -45.02 -63.70
N LYS T 270 27.62 -46.15 -64.15
CA LYS T 270 28.78 -46.74 -63.50
C LYS T 270 29.99 -45.82 -63.63
N GLN T 271 30.18 -45.22 -64.80
CA GLN T 271 31.34 -44.35 -65.00
C GLN T 271 31.28 -43.13 -64.09
N ILE T 272 30.11 -42.50 -63.98
CA ILE T 272 30.02 -41.32 -63.12
C ILE T 272 30.17 -41.72 -61.66
N ASN T 273 29.65 -42.89 -61.27
CA ASN T 273 29.85 -43.36 -59.90
C ASN T 273 31.33 -43.56 -59.61
N ASP T 274 32.06 -44.16 -60.55
CA ASP T 274 33.49 -44.37 -60.37
C ASP T 274 34.24 -43.03 -60.34
N LYS T 275 33.80 -42.08 -61.16
CA LYS T 275 34.41 -40.75 -61.15
C LYS T 275 34.24 -40.08 -59.79
N SER T 276 33.05 -40.20 -59.21
CA SER T 276 32.82 -39.61 -57.89
C SER T 276 33.67 -40.31 -56.83
N LYS T 277 33.73 -41.63 -56.86
CA LYS T 277 34.57 -42.33 -55.90
C LYS T 277 36.04 -42.00 -56.08
N SER T 278 36.45 -41.64 -57.31
CA SER T 278 37.82 -41.20 -57.52
C SER T 278 38.13 -39.95 -56.70
N PHE T 279 37.21 -39.00 -56.69
CA PHE T 279 37.34 -37.84 -55.81
C PHE T 279 37.01 -38.25 -54.38
N ASN T 280 37.98 -38.11 -53.50
CA ASN T 280 37.81 -38.36 -52.06
C ASN T 280 38.28 -37.15 -51.27
N ASP T 281 37.84 -35.97 -51.69
CA ASP T 281 38.18 -34.71 -51.06
C ASP T 281 36.95 -34.13 -50.37
N GLU T 282 37.16 -33.51 -49.21
CA GLU T 282 36.05 -32.93 -48.45
C GLU T 282 35.40 -31.79 -49.21
N ASN T 283 36.19 -30.98 -49.90
CA ASN T 283 35.73 -29.72 -50.50
C ASN T 283 35.74 -29.80 -52.03
N ILE T 284 35.32 -30.93 -52.57
CA ILE T 284 35.09 -31.09 -54.01
C ILE T 284 33.71 -31.70 -54.19
N VAL T 285 32.97 -31.18 -55.18
CA VAL T 285 31.61 -31.62 -55.47
C VAL T 285 31.48 -31.81 -56.97
N ASN T 286 30.76 -32.86 -57.38
CA ASN T 286 30.49 -33.16 -58.77
C ASN T 286 29.00 -33.38 -58.99
N VAL T 287 28.50 -32.87 -60.11
CA VAL T 287 27.13 -33.07 -60.55
C VAL T 287 27.13 -34.07 -61.69
N GLY T 288 26.37 -35.16 -61.55
CA GLY T 288 26.35 -36.22 -62.53
C GLY T 288 25.09 -36.28 -63.37
N SER T 289 24.40 -35.16 -63.53
CA SER T 289 23.14 -35.13 -64.26
C SER T 289 22.96 -33.77 -64.92
N SER T 290 22.67 -33.79 -66.22
CA SER T 290 22.39 -32.57 -66.97
C SER T 290 20.95 -32.13 -66.73
N ALA T 291 20.67 -30.88 -67.07
CA ALA T 291 19.36 -30.28 -66.84
C ALA T 291 18.96 -29.40 -68.01
N TYR T 292 17.67 -29.07 -68.04
CA TYR T 292 17.07 -28.21 -69.05
C TYR T 292 16.26 -27.14 -68.35
N TYR T 293 16.41 -25.88 -68.78
CA TYR T 293 15.68 -24.78 -68.16
C TYR T 293 15.44 -23.72 -69.22
N GLU T 294 14.19 -23.24 -69.31
CA GLU T 294 13.74 -22.40 -70.42
C GLU T 294 14.02 -23.07 -71.76
N ASN T 295 13.85 -24.38 -71.80
CA ASN T 295 14.04 -25.24 -72.98
C ASN T 295 15.49 -25.29 -73.45
N ILE T 296 16.44 -24.70 -72.71
CA ILE T 296 17.85 -24.69 -73.07
C ILE T 296 18.56 -25.71 -72.21
N LYS T 297 19.45 -26.48 -72.82
CA LYS T 297 20.14 -27.54 -72.09
C LYS T 297 21.35 -26.98 -71.34
N TYR T 298 21.63 -27.59 -70.19
CA TYR T 298 22.82 -27.33 -69.39
C TYR T 298 23.46 -28.67 -69.03
N THR T 299 24.72 -28.85 -69.44
CA THR T 299 25.44 -30.06 -69.10
C THR T 299 25.69 -30.08 -67.59
N PRO T 300 26.00 -31.26 -67.02
CA PRO T 300 26.14 -31.33 -65.56
C PRO T 300 27.19 -30.39 -65.00
N SER T 301 28.24 -30.11 -65.77
CA SER T 301 29.24 -29.15 -65.33
C SER T 301 28.69 -27.73 -65.36
N GLU T 302 27.91 -27.38 -66.39
CA GLU T 302 27.25 -26.07 -66.39
C GLU T 302 26.23 -25.97 -65.27
N VAL T 303 25.46 -27.04 -65.03
CA VAL T 303 24.49 -27.03 -63.93
C VAL T 303 25.21 -26.90 -62.59
N ALA T 304 26.46 -27.38 -62.50
CA ALA T 304 27.21 -27.24 -61.27
C ALA T 304 27.41 -25.77 -60.89
N VAL T 305 27.39 -24.86 -61.86
CA VAL T 305 27.46 -23.44 -61.55
C VAL T 305 26.28 -23.02 -60.69
N TYR T 306 25.06 -23.37 -61.11
CA TYR T 306 23.88 -23.03 -60.31
C TYR T 306 23.89 -23.78 -58.99
N ILE T 307 24.34 -25.03 -58.99
CA ILE T 307 24.37 -25.79 -57.74
C ILE T 307 25.29 -25.13 -56.74
N ALA T 308 26.49 -24.73 -57.17
CA ALA T 308 27.42 -24.02 -56.30
C ALA T 308 26.83 -22.70 -55.85
N ALA T 309 26.16 -21.99 -56.76
CA ALA T 309 25.58 -20.70 -56.41
C ALA T 309 24.52 -20.85 -55.34
N LEU T 310 23.66 -21.86 -55.46
CA LEU T 310 22.64 -22.08 -54.45
C LEU T 310 23.26 -22.54 -53.13
N SER T 311 24.31 -23.35 -53.19
CA SER T 311 25.00 -23.78 -51.98
C SER T 311 25.58 -22.58 -51.24
N VAL T 312 26.19 -21.66 -51.99
CA VAL T 312 26.77 -20.48 -51.37
C VAL T 312 25.68 -19.55 -50.86
N SER T 313 24.57 -19.43 -51.61
CA SER T 313 23.47 -18.57 -51.18
C SER T 313 22.86 -19.06 -49.88
N LYS T 314 22.61 -20.37 -49.77
CA LYS T 314 22.21 -20.92 -48.49
C LYS T 314 23.30 -20.72 -47.45
N GLY T 315 24.54 -21.00 -47.82
CA GLY T 315 25.67 -20.85 -46.91
C GLY T 315 25.46 -21.64 -45.63
N ILE T 316 25.22 -20.92 -44.55
CA ILE T 316 24.85 -21.51 -43.26
C ILE T 316 23.39 -21.19 -43.02
N THR T 317 22.76 -21.96 -42.13
CA THR T 317 21.32 -21.94 -41.89
C THR T 317 20.54 -22.42 -43.11
N GLY T 318 21.15 -23.27 -43.92
CA GLY T 318 20.49 -23.77 -45.10
C GLY T 318 21.23 -24.95 -45.69
N SER T 319 20.55 -25.64 -46.59
CA SER T 319 21.12 -26.79 -47.26
C SER T 319 20.37 -26.97 -48.58
N ILE T 320 20.95 -27.76 -49.48
CA ILE T 320 20.41 -27.96 -50.82
C ILE T 320 20.10 -29.44 -51.03
N CYS T 321 19.71 -30.13 -49.96
CA CYS T 321 19.41 -31.55 -50.07
C CYS T 321 18.23 -31.80 -50.98
N ASN T 322 17.14 -31.05 -50.78
CA ASN T 322 15.94 -31.14 -51.61
C ASN T 322 15.42 -29.75 -51.91
N ALA T 323 16.32 -28.83 -52.27
CA ALA T 323 15.91 -27.47 -52.58
C ALA T 323 15.19 -27.43 -53.93
N LYS T 324 14.24 -26.51 -54.03
CA LYS T 324 13.42 -26.34 -55.24
C LYS T 324 14.26 -25.61 -56.29
N THR T 325 14.93 -26.38 -57.14
CA THR T 325 15.75 -25.79 -58.18
C THR T 325 14.87 -25.29 -59.32
N ILE T 326 15.36 -24.25 -60.01
CA ILE T 326 14.58 -23.63 -61.07
C ILE T 326 14.46 -24.53 -62.30
N PHE T 327 15.30 -25.56 -62.42
CA PHE T 327 15.29 -26.38 -63.62
C PHE T 327 14.00 -27.16 -63.74
N GLU T 328 13.52 -27.32 -64.97
CA GLU T 328 12.24 -27.96 -65.24
C GLU T 328 12.37 -29.37 -65.82
N GLU T 329 13.58 -29.87 -66.04
CA GLU T 329 13.75 -31.25 -66.49
C GLU T 329 15.22 -31.63 -66.27
N VAL T 330 15.45 -32.91 -65.98
CA VAL T 330 16.79 -33.45 -65.75
C VAL T 330 16.91 -34.83 -66.40
N GLU T 331 18.15 -35.33 -66.39
CA GLU T 331 18.50 -36.63 -66.96
C GLU T 331 19.90 -36.98 -66.49
N PRO T 332 20.23 -38.28 -66.32
CA PRO T 332 19.40 -39.49 -66.42
C PRO T 332 18.69 -39.79 -65.11
N ARG T 333 17.92 -40.89 -65.03
CA ARG T 333 17.11 -41.19 -63.85
C ARG T 333 17.42 -42.62 -63.40
N LEU T 334 17.09 -42.90 -62.13
CA LEU T 334 17.53 -44.10 -61.45
C LEU T 334 16.46 -44.55 -60.46
N SER T 335 16.52 -45.83 -60.10
CA SER T 335 15.64 -46.39 -59.07
C SER T 335 16.21 -46.09 -57.68
N GLN T 336 15.38 -46.35 -56.66
CA GLN T 336 15.79 -46.01 -55.28
C GLN T 336 17.04 -46.77 -54.87
N SER T 337 17.12 -48.06 -55.18
CA SER T 337 18.33 -48.81 -54.88
C SER T 337 19.51 -48.27 -55.68
N GLU T 338 19.27 -47.89 -56.94
CA GLU T 338 20.35 -47.35 -57.76
C GLU T 338 20.74 -45.95 -57.29
N VAL T 339 19.77 -45.14 -56.86
CA VAL T 339 20.10 -43.86 -56.26
C VAL T 339 20.90 -44.05 -54.99
N LYS T 340 20.56 -45.07 -54.19
CA LYS T 340 21.34 -45.37 -53.00
C LYS T 340 22.77 -45.72 -53.36
N GLU T 341 22.96 -46.57 -54.37
CA GLU T 341 24.32 -46.93 -54.79
C GLU T 341 25.07 -45.71 -55.28
N CYS T 342 24.42 -44.86 -56.06
CA CYS T 342 25.06 -43.66 -56.58
C CYS T 342 25.44 -42.69 -55.47
N LEU T 343 24.56 -42.51 -54.48
CA LEU T 343 24.87 -41.62 -53.37
C LEU T 343 26.01 -42.18 -52.53
N LYS T 344 26.01 -43.50 -52.30
CA LYS T 344 27.13 -44.11 -51.59
C LYS T 344 28.44 -43.88 -52.34
N SER T 345 28.39 -43.95 -53.68
CA SER T 345 29.56 -43.60 -54.47
C SER T 345 29.92 -42.14 -54.32
N GLY T 346 28.94 -41.29 -54.01
CA GLY T 346 29.19 -39.89 -53.75
C GLY T 346 28.90 -38.97 -54.92
N THR T 347 27.79 -39.21 -55.63
CA THR T 347 27.38 -38.40 -56.76
C THR T 347 26.17 -37.55 -56.36
N LEU T 348 26.23 -36.28 -56.69
CA LEU T 348 25.06 -35.42 -56.59
C LEU T 348 24.21 -35.60 -57.85
N VAL T 349 22.92 -35.91 -57.66
CA VAL T 349 22.01 -36.21 -58.75
C VAL T 349 20.73 -35.40 -58.56
N LEU T 350 20.38 -34.62 -59.57
CA LEU T 350 19.10 -33.93 -59.56
C LEU T 350 17.99 -34.90 -59.96
N ASP T 351 16.79 -34.63 -59.46
CA ASP T 351 15.61 -35.45 -59.75
C ASP T 351 14.42 -34.54 -60.02
N PHE T 352 13.52 -35.03 -60.87
CA PHE T 352 12.33 -34.27 -61.27
C PHE T 352 11.19 -34.82 -60.42
N ASP T 353 11.17 -34.41 -59.15
CA ASP T 353 10.23 -34.98 -58.20
C ASP T 353 8.81 -34.49 -58.42
N ASP T 354 8.66 -33.24 -58.86
CA ASP T 354 7.36 -32.68 -59.23
C ASP T 354 7.61 -31.85 -60.48
N GLY T 355 6.67 -30.95 -60.81
CA GLY T 355 6.82 -30.11 -62.00
C GLY T 355 8.12 -29.33 -62.06
N ASP T 356 8.74 -29.07 -60.91
CA ASP T 356 10.06 -28.46 -60.83
C ASP T 356 11.07 -29.45 -60.27
N VAL T 357 12.33 -29.27 -60.67
CA VAL T 357 13.40 -30.18 -60.29
C VAL T 357 13.75 -30.00 -58.82
N ILE T 358 14.16 -31.10 -58.18
CA ILE T 358 14.55 -31.11 -56.77
C ILE T 358 15.81 -31.96 -56.61
N ILE T 359 16.75 -31.47 -55.80
CA ILE T 359 17.97 -32.22 -55.51
C ILE T 359 17.64 -33.45 -54.68
N VAL T 360 18.47 -34.49 -54.81
CA VAL T 360 18.23 -35.73 -54.07
C VAL T 360 18.77 -35.64 -52.65
N ASP T 361 19.97 -35.09 -52.45
CA ASP T 361 20.60 -35.06 -51.15
C ASP T 361 21.81 -34.15 -51.23
N ASP T 362 22.22 -33.60 -50.08
CA ASP T 362 23.31 -32.62 -50.00
C ASP T 362 24.59 -33.37 -49.67
N VAL T 363 25.19 -33.96 -50.70
CA VAL T 363 26.33 -34.86 -50.55
C VAL T 363 27.51 -34.32 -51.33
N ASN T 364 28.71 -34.59 -50.83
CA ASN T 364 29.97 -34.21 -51.44
C ASN T 364 30.71 -35.48 -51.88
N THR T 365 31.86 -35.29 -52.52
CA THR T 365 32.65 -36.43 -52.98
C THR T 365 33.26 -37.24 -51.84
N PHE T 366 33.24 -36.73 -50.61
CA PHE T 366 33.83 -37.41 -49.46
C PHE T 366 32.82 -38.29 -48.73
N LYS T 367 31.83 -38.84 -49.43
CA LYS T 367 30.94 -39.81 -48.80
C LYS T 367 31.72 -41.03 -48.36
N LYS T 368 32.69 -41.47 -49.17
CA LYS T 368 33.53 -42.58 -48.76
C LYS T 368 34.37 -42.14 -47.57
N TYR T 369 33.88 -42.48 -46.38
CA TYR T 369 34.51 -42.19 -45.10
C TYR T 369 35.23 -43.43 -44.58
N VAL T 370 35.91 -43.28 -43.45
CA VAL T 370 36.61 -44.36 -42.79
C VAL T 370 36.40 -44.23 -41.28
N ASP T 371 36.76 -45.29 -40.55
CA ASP T 371 36.37 -45.40 -39.15
C ASP T 371 36.99 -44.29 -38.30
N ASP T 372 38.21 -43.87 -38.63
CA ASP T 372 38.89 -42.86 -37.81
C ASP T 372 38.22 -41.49 -37.91
N LYS T 373 37.39 -41.26 -38.93
CA LYS T 373 36.61 -40.04 -39.08
C LYS T 373 35.12 -40.36 -38.97
N ASN T 374 34.33 -39.31 -38.77
CA ASN T 374 32.89 -39.44 -38.58
C ASN T 374 32.15 -39.32 -39.92
N GLU T 375 30.87 -39.67 -39.89
CA GLU T 375 30.05 -39.66 -41.09
C GLU T 375 29.46 -38.29 -41.40
N ALA T 376 29.37 -37.40 -40.40
CA ALA T 376 28.68 -36.13 -40.60
C ALA T 376 29.42 -35.20 -41.56
N MET T 377 30.72 -35.41 -41.77
CA MET T 377 31.51 -34.49 -42.55
C MET T 377 31.45 -34.79 -44.05
N GLY T 378 30.69 -35.81 -44.46
CA GLY T 378 30.55 -36.14 -45.87
C GLY T 378 29.40 -35.42 -46.56
N TYR T 379 28.97 -34.29 -46.00
CA TYR T 379 27.87 -33.50 -46.54
C TYR T 379 28.32 -32.07 -46.77
N ILE T 380 27.80 -31.45 -47.84
CA ILE T 380 28.23 -30.11 -48.21
C ILE T 380 27.93 -29.12 -47.11
N SER T 381 26.78 -29.26 -46.44
CA SER T 381 26.41 -28.32 -45.38
C SER T 381 27.43 -28.34 -44.26
N ASN T 382 27.88 -29.52 -43.86
CA ASN T 382 28.87 -29.61 -42.78
C ASN T 382 30.23 -29.08 -43.22
N ILE T 383 30.61 -29.30 -44.48
CA ILE T 383 31.86 -28.72 -44.98
C ILE T 383 31.79 -27.20 -44.94
N MET T 384 30.69 -26.63 -45.41
CA MET T 384 30.56 -25.17 -45.39
C MET T 384 30.53 -24.65 -43.97
N PHE T 385 29.92 -25.40 -43.05
CA PHE T 385 29.80 -24.98 -41.66
C PHE T 385 31.16 -25.01 -40.95
N ILE T 386 31.91 -26.09 -41.15
CA ILE T 386 33.25 -26.19 -40.56
C ILE T 386 34.17 -25.15 -41.20
N ASN T 387 34.06 -24.94 -42.51
CA ASN T 387 34.89 -23.95 -43.17
C ASN T 387 34.57 -22.55 -42.66
N THR T 388 33.29 -22.26 -42.46
CA THR T 388 32.89 -20.95 -41.95
C THR T 388 33.41 -20.73 -40.53
N ILE T 389 33.36 -21.77 -39.69
CA ILE T 389 33.93 -21.64 -38.34
C ILE T 389 35.43 -21.41 -38.40
N ASN T 390 36.13 -22.21 -39.21
CA ASN T 390 37.58 -22.08 -39.24
C ASN T 390 38.00 -20.72 -39.77
N LYS T 391 37.26 -20.20 -40.75
CA LYS T 391 37.53 -18.85 -41.22
C LYS T 391 37.21 -17.80 -40.16
N ASP T 392 36.02 -17.88 -39.57
CA ASP T 392 35.58 -16.84 -38.64
C ASP T 392 36.47 -16.75 -37.42
N THR T 393 36.84 -17.90 -36.86
CA THR T 393 37.86 -17.90 -35.81
C THR T 393 39.20 -17.42 -36.37
N SER T 394 39.51 -17.81 -37.61
CA SER T 394 40.74 -17.37 -38.25
C SER T 394 40.72 -15.90 -38.66
N LEU T 395 39.54 -15.29 -38.74
CA LEU T 395 39.47 -13.84 -38.95
C LEU T 395 39.87 -13.05 -37.71
N LYS T 396 39.97 -13.69 -36.56
CA LYS T 396 40.34 -12.99 -35.32
C LYS T 396 41.85 -12.86 -35.20
N ARG T 397 42.54 -12.35 -36.22
CA ARG T 397 43.96 -12.01 -36.10
C ARG T 397 44.27 -10.56 -36.34
N LYS T 398 43.32 -9.76 -36.81
CA LYS T 398 43.64 -8.41 -37.24
C LYS T 398 43.84 -7.48 -36.04
N GLU T 399 43.51 -7.92 -34.83
CA GLU T 399 43.65 -7.15 -33.59
C GLU T 399 44.16 -8.01 -32.45
N PHE T 400 44.65 -9.22 -32.76
CA PHE T 400 44.60 -10.32 -31.80
C PHE T 400 45.92 -11.06 -31.68
N VAL T 401 46.64 -11.22 -32.79
CA VAL T 401 47.92 -11.91 -32.84
C VAL T 401 49.02 -10.88 -32.97
N GLY T 402 50.01 -10.95 -32.08
CA GLY T 402 51.05 -9.95 -32.02
C GLY T 402 50.63 -8.67 -31.33
N LYS T 403 49.38 -8.59 -30.86
CA LYS T 403 48.82 -7.39 -30.26
C LYS T 403 48.19 -7.69 -28.89
N ILE T 404 48.31 -8.93 -28.38
CA ILE T 404 47.77 -9.35 -27.10
C ILE T 404 48.87 -10.07 -26.32
N PHE T 405 48.76 -10.02 -25.00
CA PHE T 405 49.71 -10.70 -24.13
C PHE T 405 49.29 -12.16 -23.96
N ASN T 406 50.20 -12.98 -23.42
CA ASN T 406 50.00 -14.40 -23.23
C ASN T 406 49.90 -14.77 -21.75
N ASP T 407 49.19 -13.95 -20.99
CA ASP T 407 48.90 -14.18 -19.59
C ASP T 407 47.43 -14.58 -19.42
N ALA T 408 47.03 -14.80 -18.17
CA ALA T 408 45.67 -15.23 -17.90
C ALA T 408 44.64 -14.20 -18.38
N THR T 409 44.95 -12.91 -18.26
CA THR T 409 44.04 -11.88 -18.73
C THR T 409 43.85 -11.98 -20.23
N GLY T 410 44.95 -12.08 -20.98
CA GLY T 410 44.84 -12.17 -22.42
C GLY T 410 44.13 -13.42 -22.87
N GLN T 411 44.45 -14.56 -22.27
CA GLN T 411 43.79 -15.81 -22.63
C GLN T 411 42.30 -15.76 -22.32
N THR T 412 41.93 -15.13 -21.20
CA THR T 412 40.52 -15.02 -20.88
C THR T 412 39.80 -14.09 -21.84
N THR T 413 40.46 -13.02 -22.29
CA THR T 413 39.86 -12.18 -23.34
C THR T 413 39.69 -12.97 -24.63
N VAL T 414 40.66 -13.84 -24.95
CA VAL T 414 40.57 -14.68 -26.14
C VAL T 414 39.33 -15.56 -26.05
N ILE T 415 39.19 -16.26 -24.93
CA ILE T 415 38.07 -17.18 -24.75
C ILE T 415 36.76 -16.42 -24.75
N CYS T 416 36.75 -15.21 -24.18
CA CYS T 416 35.55 -14.39 -24.21
C CYS T 416 35.16 -14.02 -25.64
N ALA T 417 36.13 -13.64 -26.48
CA ALA T 417 35.81 -13.29 -27.86
C ALA T 417 35.31 -14.50 -28.64
N LEU T 418 35.96 -15.65 -28.47
CA LEU T 418 35.53 -16.85 -29.19
C LEU T 418 34.15 -17.29 -28.71
N LYS T 419 33.91 -17.22 -27.41
CA LYS T 419 32.58 -17.53 -26.88
C LYS T 419 31.55 -16.55 -27.41
N LYS T 420 31.92 -15.28 -27.56
CA LYS T 420 31.00 -14.30 -28.13
C LYS T 420 30.63 -14.69 -29.55
N TYR T 421 31.61 -15.10 -30.35
CA TYR T 421 31.31 -15.50 -31.71
C TYR T 421 30.39 -16.72 -31.73
N PHE T 422 30.66 -17.70 -30.87
CA PHE T 422 29.80 -18.88 -30.83
C PHE T 422 28.39 -18.54 -30.35
N GLU T 423 28.28 -17.64 -29.36
CA GLU T 423 26.97 -17.26 -28.84
C GLU T 423 26.15 -16.51 -29.89
N GLU T 424 26.79 -15.59 -30.62
CA GLU T 424 26.08 -14.96 -31.73
C GLU T 424 25.74 -15.97 -32.81
N LEU T 425 26.59 -16.97 -33.02
CA LEU T 425 26.28 -18.03 -33.96
C LEU T 425 25.10 -18.86 -33.47
N MET T 426 25.06 -19.15 -32.16
CA MET T 426 23.93 -19.86 -31.59
C MET T 426 22.65 -19.04 -31.70
N SER T 427 22.76 -17.72 -31.80
CA SER T 427 21.57 -16.88 -31.86
C SER T 427 20.74 -17.14 -33.12
N GLN T 428 21.39 -17.54 -34.22
CA GLN T 428 20.63 -17.89 -35.43
C GLN T 428 20.06 -19.31 -35.38
N GLY T 429 20.24 -20.03 -34.27
CA GLY T 429 19.75 -21.38 -34.18
C GLY T 429 20.59 -22.42 -34.88
N ILE T 430 21.80 -22.06 -35.33
CA ILE T 430 22.64 -23.00 -36.05
C ILE T 430 23.14 -24.10 -35.12
N ILE T 431 23.27 -23.81 -33.83
CA ILE T 431 23.84 -24.73 -32.85
C ILE T 431 22.88 -24.85 -31.68
N SER T 432 22.83 -26.06 -31.10
CA SER T 432 22.02 -26.31 -29.92
C SER T 432 22.80 -26.06 -28.63
N GLU T 433 24.07 -26.45 -28.60
CA GLU T 433 24.92 -26.24 -27.44
C GLU T 433 26.37 -26.15 -27.91
N PHE T 434 27.19 -25.47 -27.11
CA PHE T 434 28.60 -25.30 -27.45
C PHE T 434 29.41 -25.19 -26.18
N ASN T 435 30.72 -25.35 -26.34
CA ASN T 435 31.68 -25.18 -25.26
C ASN T 435 32.95 -24.62 -25.85
N VAL T 436 33.57 -23.67 -25.14
CA VAL T 436 34.86 -23.11 -25.52
C VAL T 436 35.65 -22.86 -24.26
N ASP T 437 36.82 -23.49 -24.15
CA ASP T 437 37.63 -23.48 -22.94
C ASP T 437 39.09 -23.64 -23.35
N ILE T 438 39.98 -23.57 -22.36
CA ILE T 438 41.41 -23.75 -22.56
C ILE T 438 41.69 -25.24 -22.72
N ASP T 439 42.63 -25.57 -23.61
CA ASP T 439 43.06 -26.96 -23.80
C ASP T 439 44.19 -27.25 -22.82
N THR T 440 43.79 -27.62 -21.60
CA THR T 440 44.73 -27.73 -20.48
C THR T 440 45.79 -28.81 -20.74
N GLU T 441 45.36 -29.94 -21.31
CA GLU T 441 46.29 -31.06 -21.54
C GLU T 441 47.47 -30.62 -22.38
N LEU T 442 47.21 -29.97 -23.50
CA LEU T 442 48.29 -29.49 -24.35
C LEU T 442 48.92 -28.23 -23.77
N GLN T 443 48.12 -27.36 -23.15
CA GLN T 443 48.65 -26.08 -22.67
C GLN T 443 49.68 -26.27 -21.57
N ALA T 444 49.60 -27.37 -20.83
CA ALA T 444 50.63 -27.65 -19.82
C ALA T 444 52.00 -27.79 -20.46
N THR T 445 52.06 -28.47 -21.61
CA THR T 445 53.31 -28.66 -22.34
C THR T 445 53.59 -27.54 -23.34
N ALA T 446 52.79 -26.48 -23.35
CA ALA T 446 52.96 -25.42 -24.33
C ALA T 446 54.26 -24.66 -24.13
N LYS T 447 54.76 -24.11 -25.22
CA LYS T 447 55.80 -23.10 -25.17
C LYS T 447 55.17 -21.76 -24.77
N ALA T 448 56.02 -20.84 -24.35
CA ALA T 448 55.56 -19.57 -23.80
C ALA T 448 54.68 -18.80 -24.79
N ASP T 449 55.04 -18.82 -26.07
CA ASP T 449 54.28 -18.07 -27.07
C ASP T 449 52.99 -18.78 -27.45
N GLU T 450 52.98 -20.10 -27.43
CA GLU T 450 51.84 -20.86 -27.90
C GLU T 450 50.65 -20.69 -26.95
N PHE T 451 49.46 -20.58 -27.51
CA PHE T 451 48.20 -20.64 -26.78
C PHE T 451 47.33 -21.73 -27.39
N TYR T 452 46.76 -22.60 -26.55
CA TYR T 452 46.04 -23.77 -27.04
C TYR T 452 44.62 -23.69 -26.48
N TRP T 453 43.62 -23.90 -27.34
CA TRP T 453 42.24 -23.95 -26.89
C TRP T 453 41.50 -25.05 -27.66
N LYS T 454 40.30 -25.35 -27.17
CA LYS T 454 39.45 -26.38 -27.74
C LYS T 454 38.00 -25.90 -27.72
N TRP T 455 37.19 -26.46 -28.61
CA TRP T 455 35.77 -26.12 -28.66
C TRP T 455 34.95 -27.33 -29.06
N ASP T 456 33.69 -27.33 -28.60
CA ASP T 456 32.71 -28.34 -28.93
C ASP T 456 31.48 -27.64 -29.48
N ALA T 457 30.71 -28.35 -30.29
CA ALA T 457 29.43 -27.84 -30.75
C ALA T 457 28.54 -29.00 -31.12
N VAL T 458 27.24 -28.71 -31.17
CA VAL T 458 26.23 -29.69 -31.58
C VAL T 458 25.29 -29.00 -32.56
N LYS T 459 25.43 -29.31 -33.85
CA LYS T 459 24.55 -28.74 -34.85
C LYS T 459 23.11 -29.17 -34.61
N VAL T 460 22.18 -28.24 -34.86
CA VAL T 460 20.76 -28.55 -34.70
C VAL T 460 20.35 -29.54 -35.78
N ASP T 461 19.53 -30.50 -35.39
CA ASP T 461 19.06 -31.52 -36.31
C ASP T 461 18.03 -30.95 -37.26
N VAL T 462 18.06 -31.43 -38.51
CA VAL T 462 17.13 -31.04 -39.55
C VAL T 462 16.45 -32.30 -40.06
N MET T 463 15.12 -32.27 -40.12
CA MET T 463 14.38 -33.42 -40.61
C MET T 463 14.76 -33.71 -42.07
N LYS T 464 15.12 -34.96 -42.33
CA LYS T 464 15.33 -35.46 -43.68
C LYS T 464 14.46 -36.66 -44.01
N LYS T 465 14.33 -37.60 -43.08
CA LYS T 465 13.56 -38.82 -43.27
C LYS T 465 12.36 -38.81 -42.34
N ILE T 466 11.19 -39.09 -42.90
CA ILE T 466 9.92 -39.04 -42.20
C ILE T 466 9.13 -40.29 -42.60
N TYR T 467 8.69 -41.07 -41.62
CA TYR T 467 7.98 -42.32 -41.91
C TYR T 467 6.61 -42.24 -41.26
N GLY T 468 5.57 -42.52 -42.03
CA GLY T 468 4.20 -42.54 -41.53
C GLY T 468 3.56 -43.91 -41.60
N THR T 469 3.06 -44.40 -40.47
CA THR T 469 2.44 -45.72 -40.39
C THR T 469 0.92 -45.55 -40.43
N GLY T 470 0.31 -46.01 -41.52
CA GLY T 470 -1.12 -45.85 -41.71
C GLY T 470 -1.94 -47.01 -41.15
N TYR T 471 -3.20 -46.71 -40.88
CA TYR T 471 -4.17 -47.69 -40.41
C TYR T 471 -5.54 -47.27 -40.92
N LEU T 472 -6.47 -48.22 -40.93
CA LEU T 472 -7.82 -47.95 -41.44
C LEU T 472 -8.89 -48.79 -40.75
N ILE U 7 14.39 5.37 47.02
CA ILE U 7 15.06 5.34 48.36
C ILE U 7 15.48 3.92 48.70
N GLU U 8 14.50 3.03 48.85
CA GLU U 8 14.74 1.71 49.41
C GLU U 8 15.54 0.86 48.42
N GLU U 9 16.75 0.49 48.82
CA GLU U 9 17.58 -0.39 48.01
C GLU U 9 16.93 -1.76 47.80
N ALA U 10 16.17 -2.24 48.78
CA ALA U 10 15.68 -3.61 48.74
C ALA U 10 14.59 -3.83 47.71
N SER U 11 13.93 -2.76 47.26
CA SER U 11 12.80 -2.93 46.36
C SER U 11 13.24 -3.39 44.98
N PHE U 12 14.46 -3.05 44.57
CA PHE U 12 14.93 -3.43 43.24
C PHE U 12 15.12 -4.93 43.14
N LEU U 13 14.81 -5.45 41.95
CA LEU U 13 14.83 -6.88 41.67
C LEU U 13 15.84 -7.15 40.56
N ASN U 14 16.76 -8.06 40.81
CA ASN U 14 17.79 -8.40 39.84
C ASN U 14 17.32 -9.54 38.96
N GLY U 15 17.95 -9.66 37.80
CA GLY U 15 17.66 -10.78 36.92
C GLY U 15 18.05 -12.12 37.50
N SER U 16 18.97 -12.14 38.46
CA SER U 16 19.44 -13.37 39.08
C SER U 16 18.40 -14.05 39.93
N ASP U 17 17.32 -13.36 40.31
CA ASP U 17 16.26 -13.91 41.14
C ASP U 17 15.12 -14.49 40.31
N VAL U 18 15.46 -15.06 39.16
CA VAL U 18 14.49 -15.47 38.14
C VAL U 18 14.56 -16.98 37.97
N VAL U 19 13.39 -17.61 37.92
CA VAL U 19 13.28 -19.03 37.58
C VAL U 19 12.13 -19.17 36.58
N ILE U 20 12.39 -19.90 35.50
CA ILE U 20 11.46 -20.05 34.38
C ILE U 20 11.09 -21.52 34.25
N LEU U 21 9.78 -21.78 34.08
CA LEU U 21 9.26 -23.12 33.88
C LEU U 21 8.57 -23.17 32.52
N ILE U 22 9.09 -24.03 31.64
CA ILE U 22 8.50 -24.27 30.33
C ILE U 22 7.76 -25.60 30.40
N ASP U 23 6.43 -25.54 30.35
CA ASP U 23 5.59 -26.74 30.42
C ASP U 23 5.86 -27.51 31.71
N GLY U 24 6.09 -26.77 32.79
CA GLY U 24 6.19 -27.35 34.11
C GLY U 24 7.59 -27.80 34.54
N VAL U 25 8.56 -27.79 33.63
CA VAL U 25 9.93 -28.18 33.93
C VAL U 25 10.81 -26.94 33.86
N GLU U 26 11.68 -26.79 34.85
CA GLU U 26 12.47 -25.57 35.00
C GLU U 26 13.48 -25.45 33.86
N GLU U 27 13.63 -24.22 33.37
CA GLU U 27 14.61 -23.88 32.33
C GLU U 27 15.72 -23.07 32.97
N LEU U 28 16.95 -23.58 32.89
CA LEU U 28 18.08 -23.04 33.63
C LEU U 28 19.02 -22.21 32.78
N TYR U 29 19.08 -22.44 31.48
CA TYR U 29 20.08 -21.86 30.59
C TYR U 29 19.53 -20.70 29.76
N MET U 30 18.68 -19.88 30.35
CA MET U 30 18.07 -18.75 29.68
C MET U 30 18.81 -17.45 30.01
N GLU U 31 18.90 -16.58 29.01
CA GLU U 31 19.60 -15.31 29.13
C GLU U 31 18.66 -14.13 29.33
N GLU U 32 17.51 -14.11 28.65
CA GLU U 32 16.53 -13.06 28.86
C GLU U 32 15.17 -13.56 28.41
N ILE U 33 14.13 -12.88 28.90
CA ILE U 33 12.75 -13.20 28.60
C ILE U 33 11.94 -11.92 28.52
N LYS U 34 10.95 -11.91 27.64
CA LYS U 34 10.07 -10.77 27.43
C LYS U 34 8.65 -11.29 27.26
N ALA U 35 7.68 -10.50 27.71
CA ALA U 35 6.28 -10.84 27.47
C ALA U 35 5.46 -9.56 27.57
N ASP U 36 4.63 -9.32 26.56
CA ASP U 36 3.78 -8.15 26.50
C ASP U 36 2.37 -8.58 26.11
N PHE U 37 1.39 -7.85 26.63
CA PHE U 37 -0.03 -8.07 26.36
C PHE U 37 -0.57 -6.79 25.72
N GLU U 38 -0.72 -6.81 24.41
CA GLU U 38 -0.86 -5.60 23.61
C GLU U 38 -2.30 -5.38 23.18
N GLN U 39 -2.74 -4.11 23.22
CA GLN U 39 -4.03 -3.72 22.69
C GLN U 39 -4.02 -3.65 21.17
N ASP U 40 -5.19 -3.88 20.58
CA ASP U 40 -5.52 -3.36 19.25
C ASP U 40 -6.37 -2.11 19.42
N GLU U 41 -5.73 -1.06 19.93
CA GLU U 41 -6.43 0.13 20.38
C GLU U 41 -7.21 0.77 19.24
N GLN U 42 -8.48 1.08 19.52
CA GLN U 42 -9.40 1.64 18.54
C GLN U 42 -9.47 3.14 18.70
N SER U 43 -9.16 3.86 17.63
CA SER U 43 -9.21 5.31 17.62
C SER U 43 -10.56 5.78 17.10
N ILE U 44 -11.14 6.75 17.80
CA ILE U 44 -12.46 7.28 17.49
C ILE U 44 -12.35 8.78 17.34
N LYS U 45 -12.89 9.30 16.25
CA LYS U 45 -13.01 10.73 16.01
C LYS U 45 -14.48 11.07 15.90
N LEU U 46 -14.90 12.11 16.61
CA LEU U 46 -16.29 12.54 16.66
C LEU U 46 -16.44 13.92 16.04
N LEU U 47 -17.64 14.19 15.55
CA LEU U 47 -17.88 15.42 14.82
C LEU U 47 -17.86 16.63 15.74
N GLY U 48 -18.45 16.53 16.92
CA GLY U 48 -18.49 17.67 17.82
C GLY U 48 -17.26 17.87 18.67
N CYS U 49 -16.30 16.94 18.63
CA CYS U 49 -15.19 16.92 19.56
C CYS U 49 -13.88 16.95 18.78
N GLN U 50 -12.87 17.60 19.38
CA GLN U 50 -11.62 17.91 18.69
C GLN U 50 -10.44 17.13 19.24
N ASN U 51 -10.68 16.00 19.90
CA ASN U 51 -9.60 15.11 20.29
C ASN U 51 -10.04 13.66 20.05
N GLU U 52 -9.08 12.80 19.77
CA GLU U 52 -9.38 11.41 19.51
C GLU U 52 -9.76 10.69 20.80
N ILE U 53 -10.73 9.79 20.69
CA ILE U 53 -11.13 8.91 21.78
C ILE U 53 -10.58 7.53 21.50
N SER U 54 -9.91 6.96 22.51
CA SER U 54 -9.26 5.67 22.41
C SER U 54 -10.01 4.65 23.25
N ARG U 55 -10.23 3.47 22.69
CA ARG U 55 -10.95 2.39 23.34
C ARG U 55 -10.14 1.10 23.24
N VAL U 56 -10.41 0.19 24.16
CA VAL U 56 -9.67 -1.07 24.23
C VAL U 56 -10.18 -1.99 23.15
N GLY U 57 -9.26 -2.53 22.37
CA GLY U 57 -9.56 -3.55 21.38
C GLY U 57 -9.19 -4.93 21.88
N THR U 58 -9.08 -5.86 20.94
CA THR U 58 -8.71 -7.22 21.28
C THR U 58 -7.27 -7.27 21.77
N THR U 59 -7.03 -8.11 22.76
CA THR U 59 -5.73 -8.25 23.39
C THR U 59 -5.00 -9.46 22.81
N LYS U 60 -3.72 -9.26 22.48
CA LYS U 60 -2.84 -10.32 22.03
C LYS U 60 -1.59 -10.32 22.89
N GLY U 61 -1.06 -11.52 23.11
CA GLY U 61 0.17 -11.70 23.86
C GLY U 61 1.32 -12.06 22.91
N SER U 62 2.48 -11.50 23.20
CA SER U 62 3.71 -11.80 22.48
C SER U 62 4.84 -11.97 23.47
N PHE U 63 5.64 -13.01 23.28
CA PHE U 63 6.78 -13.30 24.13
C PHE U 63 8.01 -13.53 23.27
N SER U 64 9.17 -13.26 23.84
CA SER U 64 10.45 -13.69 23.30
C SER U 64 11.28 -14.26 24.44
N LEU U 65 12.19 -15.16 24.08
CA LEU U 65 12.85 -16.01 25.06
C LEU U 65 14.19 -16.43 24.49
N ASN U 66 15.26 -15.78 24.96
CA ASN U 66 16.61 -16.00 24.47
C ASN U 66 17.40 -16.77 25.52
N GLY U 67 18.22 -17.70 25.05
CA GLY U 67 18.98 -18.52 25.96
C GLY U 67 20.12 -19.24 25.27
N TYR U 68 20.67 -20.21 25.99
CA TYR U 68 21.80 -21.01 25.54
C TYR U 68 21.32 -22.42 25.24
N LYS U 69 21.74 -22.95 24.11
CA LYS U 69 21.29 -24.26 23.66
C LYS U 69 21.99 -25.37 24.43
N THR U 70 21.19 -26.25 25.02
CA THR U 70 21.67 -27.45 25.67
C THR U 70 20.93 -28.70 25.24
N ASP U 71 19.85 -28.57 24.48
CA ASP U 71 19.07 -29.71 24.01
C ASP U 71 18.24 -29.24 22.83
N SER U 72 17.52 -30.18 22.23
CA SER U 72 16.60 -29.90 21.12
C SER U 72 15.17 -29.77 21.63
N LYS U 73 15.01 -29.17 22.82
CA LYS U 73 13.69 -29.09 23.44
C LYS U 73 12.69 -28.35 22.56
N PHE U 74 13.10 -27.21 22.02
CA PHE U 74 12.17 -26.42 21.23
C PHE U 74 11.91 -27.03 19.86
N ALA U 75 12.89 -27.75 19.30
CA ALA U 75 12.66 -28.42 18.03
C ALA U 75 11.67 -29.57 18.18
N LYS U 76 11.80 -30.37 19.23
CA LYS U 76 10.78 -31.37 19.53
C LYS U 76 9.44 -30.71 19.86
N LEU U 77 9.47 -29.61 20.60
CA LEU U 77 8.25 -28.95 21.03
C LEU U 77 7.43 -28.50 19.83
N GLY U 78 8.08 -28.17 18.73
CA GLY U 78 7.36 -27.82 17.52
C GLY U 78 6.50 -26.61 17.73
N PHE U 79 5.30 -26.66 17.15
CA PHE U 79 4.32 -25.59 17.27
C PHE U 79 3.19 -25.95 18.22
N ARG U 80 3.39 -26.96 19.06
CA ARG U 80 2.40 -27.29 20.07
C ARG U 80 2.24 -26.15 21.07
N SER U 81 1.06 -26.07 21.68
CA SER U 81 0.81 -25.10 22.72
C SER U 81 1.47 -25.53 24.02
N PHE U 82 2.03 -24.56 24.73
CA PHE U 82 2.67 -24.80 26.01
C PHE U 82 2.41 -23.60 26.91
N GLU U 83 2.85 -23.71 28.17
CA GLU U 83 2.71 -22.65 29.16
C GLU U 83 4.08 -22.24 29.66
N ILE U 84 4.17 -20.99 30.09
CA ILE U 84 5.37 -20.41 30.69
C ILE U 84 4.96 -19.83 32.03
N ILE U 85 5.58 -20.32 33.10
CA ILE U 85 5.43 -19.77 34.44
C ILE U 85 6.72 -19.04 34.76
N TYR U 86 6.60 -17.75 35.03
CA TYR U 86 7.73 -16.87 35.31
C TYR U 86 7.63 -16.36 36.73
N ASN U 87 8.64 -16.67 37.54
CA ASN U 87 8.70 -16.23 38.92
C ASN U 87 9.89 -15.31 39.10
N LEU U 88 9.62 -14.12 39.64
CA LEU U 88 10.65 -13.14 39.97
C LEU U 88 10.55 -12.88 41.46
N SER U 89 11.57 -13.28 42.21
CA SER U 89 11.56 -13.21 43.66
C SER U 89 12.45 -12.07 44.15
N ASN U 90 12.12 -11.57 45.34
CA ASN U 90 12.99 -10.68 46.09
C ASN U 90 13.73 -11.49 47.14
N SER U 91 14.98 -11.08 47.40
CA SER U 91 15.82 -11.72 48.40
C SER U 91 15.84 -10.93 49.72
N GLU U 92 16.09 -9.63 49.66
CA GLU U 92 16.10 -8.83 50.88
C GLU U 92 14.72 -8.80 51.51
N THR U 93 13.68 -8.70 50.69
CA THR U 93 12.31 -8.97 51.09
C THR U 93 11.95 -10.38 50.65
N LEU U 94 10.90 -10.94 51.26
CA LEU U 94 10.45 -12.29 50.94
C LEU U 94 9.36 -12.31 49.87
N GLY U 95 8.96 -11.15 49.34
CA GLY U 95 7.92 -11.13 48.34
C GLY U 95 8.39 -11.64 47.00
N TYR U 96 7.43 -12.05 46.17
CA TYR U 96 7.74 -12.54 44.84
C TYR U 96 6.53 -12.38 43.94
N GLU U 97 6.81 -12.30 42.65
CA GLU U 97 5.82 -12.23 41.59
C GLU U 97 5.85 -13.53 40.82
N SER U 98 4.67 -14.01 40.41
CA SER U 98 4.57 -15.19 39.57
C SER U 98 3.53 -14.93 38.48
N ILE U 99 3.92 -15.15 37.23
CA ILE U 99 3.09 -14.90 36.07
C ILE U 99 3.06 -16.16 35.23
N ARG U 100 1.86 -16.59 34.86
CA ARG U 100 1.65 -17.78 34.04
C ARG U 100 1.10 -17.34 32.69
N LEU U 101 1.89 -17.55 31.64
CA LEU U 101 1.45 -17.31 30.28
C LEU U 101 0.85 -18.59 29.71
N LYS U 102 -0.37 -18.48 29.19
CA LYS U 102 -1.16 -19.63 28.77
C LYS U 102 -1.27 -19.69 27.25
N ASN U 103 -1.35 -20.92 26.74
CA ASN U 103 -1.50 -21.17 25.30
C ASN U 103 -0.36 -20.53 24.52
N CYS U 104 0.85 -20.60 25.07
CA CYS U 104 2.01 -20.09 24.38
C CYS U 104 2.36 -20.98 23.20
N ARG U 105 2.74 -20.36 22.10
CA ARG U 105 3.00 -21.09 20.85
C ARG U 105 4.10 -20.37 20.09
N LEU U 106 5.06 -21.15 19.59
CA LEU U 106 6.21 -20.57 18.91
C LEU U 106 5.85 -20.08 17.52
N LYS U 107 6.37 -18.91 17.17
CA LYS U 107 6.21 -18.40 15.81
C LYS U 107 7.15 -19.10 14.84
N LYS U 108 8.37 -19.42 15.29
CA LYS U 108 9.33 -20.11 14.47
C LYS U 108 10.19 -21.02 15.34
N LEU U 109 10.70 -22.08 14.72
CA LEU U 109 11.51 -23.08 15.40
C LEU U 109 12.99 -22.72 15.26
N PRO U 110 13.76 -22.61 16.35
CA PRO U 110 15.20 -22.33 16.17
C PRO U 110 15.98 -23.61 15.88
N LEU U 111 15.90 -24.06 14.63
CA LEU U 111 16.53 -25.33 14.28
C LEU U 111 18.04 -25.25 14.38
N ILE U 112 18.63 -24.22 13.77
CA ILE U 112 20.07 -24.07 13.70
C ILE U 112 20.43 -22.62 13.97
N ASN U 113 21.37 -22.39 14.88
CA ASN U 113 21.93 -21.06 15.10
C ASN U 113 23.29 -21.25 15.75
N SER U 114 24.35 -21.15 14.96
CA SER U 114 25.71 -21.31 15.46
C SER U 114 26.65 -20.40 14.70
N LYS U 115 27.65 -19.89 15.41
CA LYS U 115 28.68 -19.02 14.85
C LYS U 115 30.04 -19.68 15.12
N ALA U 116 31.07 -19.11 14.51
CA ALA U 116 32.35 -19.81 14.36
C ALA U 116 32.96 -20.17 15.70
N GLY U 117 33.06 -19.21 16.62
CA GLY U 117 33.76 -19.40 17.88
C GLY U 117 32.98 -18.97 19.10
N GLU U 118 31.66 -18.85 18.98
CA GLU U 118 30.79 -18.42 20.05
C GLU U 118 29.99 -19.60 20.58
N ILE U 119 29.45 -19.40 21.78
CA ILE U 119 28.60 -20.42 22.40
C ILE U 119 27.27 -20.45 21.68
N VAL U 120 26.78 -21.67 21.42
CA VAL U 120 25.54 -21.83 20.67
C VAL U 120 24.39 -21.29 21.51
N LYS U 121 23.69 -20.29 20.96
CA LYS U 121 22.56 -19.66 21.60
C LYS U 121 21.28 -20.03 20.86
N ILE U 122 20.18 -19.97 21.60
CA ILE U 122 18.85 -20.25 21.07
C ILE U 122 17.94 -19.08 21.41
N GLU U 123 17.21 -18.58 20.42
CA GLU U 123 16.27 -17.49 20.58
C GLU U 123 14.96 -17.86 19.93
N VAL U 124 13.87 -17.70 20.66
CA VAL U 124 12.53 -18.02 20.17
C VAL U 124 11.60 -16.85 20.47
N GLU U 125 10.53 -16.79 19.68
CA GLU U 125 9.47 -15.81 19.86
C GLU U 125 8.15 -16.50 19.59
N GLY U 126 7.08 -15.91 20.10
CA GLY U 126 5.77 -16.52 19.94
C GLY U 126 4.69 -15.64 20.50
N SER U 127 3.51 -16.24 20.62
CA SER U 127 2.31 -15.56 21.08
C SER U 127 1.63 -16.39 22.14
N PHE U 128 0.92 -15.71 23.03
CA PHE U 128 0.12 -16.36 24.07
C PHE U 128 -1.24 -15.67 24.16
N ARG U 129 -2.23 -16.43 24.62
CA ARG U 129 -3.61 -15.95 24.64
C ARG U 129 -3.84 -14.99 25.80
N GLY U 130 -3.59 -15.47 27.02
CA GLY U 130 -3.84 -14.70 28.22
C GLY U 130 -2.81 -15.03 29.29
N TYR U 131 -2.97 -14.36 30.43
CA TYR U 131 -2.02 -14.48 31.53
C TYR U 131 -2.78 -14.56 32.84
N ASP U 132 -2.18 -15.25 33.80
CA ASP U 132 -2.65 -15.31 35.18
C ASP U 132 -1.56 -14.75 36.08
N LEU U 133 -1.90 -13.73 36.85
CA LEU U 133 -0.98 -13.14 37.82
C LEU U 133 -1.14 -13.92 39.12
N LEU U 134 -0.38 -15.02 39.22
CA LEU U 134 -0.55 -15.93 40.34
C LEU U 134 -0.18 -15.29 41.66
N ASN U 135 0.94 -14.55 41.69
CA ASN U 135 1.45 -13.93 42.90
C ASN U 135 2.08 -12.60 42.52
N GLU U 136 2.49 -11.85 43.53
CA GLU U 136 2.84 -10.45 43.32
C GLU U 136 3.53 -9.83 44.54
N GLU V 13 19.12 -44.83 -45.68
CA GLU V 13 17.91 -44.43 -46.45
C GLU V 13 18.11 -43.05 -47.08
N ILE V 14 17.07 -42.58 -47.76
CA ILE V 14 17.12 -41.34 -48.54
C ILE V 14 16.10 -40.39 -47.92
N PRO V 15 16.29 -39.06 -47.95
CA PRO V 15 15.25 -38.17 -47.42
C PRO V 15 13.91 -38.31 -48.14
N GLY V 16 12.84 -38.27 -47.36
CA GLY V 16 11.49 -38.18 -47.90
C GLY V 16 10.48 -38.92 -47.05
N PHE V 17 9.20 -38.66 -47.34
CA PHE V 17 8.11 -39.45 -46.77
C PHE V 17 8.15 -40.88 -47.27
N TYR V 18 7.81 -41.80 -46.37
CA TYR V 18 7.69 -43.23 -46.66
C TYR V 18 6.46 -43.73 -45.92
N ASN V 19 5.29 -43.54 -46.53
CA ASN V 19 4.03 -43.98 -45.97
C ASN V 19 3.89 -45.47 -46.20
N ARG V 20 3.78 -46.24 -45.12
CA ARG V 20 3.69 -47.69 -45.19
C ARG V 20 2.63 -48.17 -44.19
N PHE V 21 1.47 -48.54 -44.71
CA PHE V 21 0.40 -49.12 -43.92
C PHE V 21 0.90 -50.40 -43.25
N LYS V 22 0.57 -50.54 -41.96
CA LYS V 22 0.80 -51.76 -41.21
C LYS V 22 -0.54 -52.34 -40.78
N THR V 23 -0.66 -53.66 -40.89
CA THR V 23 -1.92 -54.32 -40.55
C THR V 23 -2.23 -54.18 -39.07
N GLN V 24 -3.51 -54.06 -38.75
CA GLN V 24 -3.92 -53.87 -37.36
C GLN V 24 -3.66 -55.09 -36.49
N ALA V 25 -3.47 -56.27 -37.08
CA ALA V 25 -3.22 -57.46 -36.29
C ALA V 25 -1.90 -57.36 -35.52
N GLU V 26 -0.97 -56.53 -35.97
CA GLU V 26 0.37 -56.45 -35.39
C GLU V 26 0.41 -55.40 -34.27
N LYS V 27 -0.39 -55.63 -33.23
CA LYS V 27 -0.42 -54.74 -32.08
C LYS V 27 0.65 -55.14 -31.07
N SER V 28 1.31 -54.15 -30.51
CA SER V 28 2.26 -54.38 -29.44
C SER V 28 1.53 -54.66 -28.13
N THR V 29 2.24 -55.30 -27.20
CA THR V 29 1.66 -55.65 -25.93
C THR V 29 1.40 -54.39 -25.09
N ASN V 30 0.83 -54.59 -23.91
CA ASN V 30 0.47 -53.48 -23.03
C ASN V 30 1.72 -52.78 -22.52
N THR V 31 1.49 -51.73 -21.71
CA THR V 31 2.56 -50.93 -21.13
C THR V 31 2.65 -51.05 -19.62
N GLY V 32 1.55 -51.38 -18.94
CA GLY V 32 1.56 -51.51 -17.50
C GLY V 32 2.13 -52.82 -17.02
N LEU V 33 3.45 -52.98 -17.15
CA LEU V 33 4.15 -54.20 -16.79
C LEU V 33 5.32 -53.88 -15.87
N LYS V 34 5.66 -54.83 -15.01
CA LYS V 34 6.71 -54.65 -14.03
C LYS V 34 7.28 -56.02 -13.67
N GLY V 35 8.49 -56.00 -13.10
CA GLY V 35 9.06 -57.17 -12.47
C GLY V 35 9.79 -58.09 -13.43
N ARG V 36 10.54 -59.03 -12.84
CA ARG V 36 11.37 -59.98 -13.56
C ARG V 36 11.06 -61.39 -13.11
N LEU V 37 11.02 -62.32 -14.07
CA LEU V 37 10.65 -63.71 -13.81
C LEU V 37 11.61 -64.65 -14.53
N ALA V 38 11.86 -65.79 -13.89
CA ALA V 38 12.67 -66.86 -14.44
C ALA V 38 11.78 -67.98 -14.97
N MET V 39 12.30 -68.71 -15.96
CA MET V 39 11.52 -69.70 -16.68
C MET V 39 12.40 -70.77 -17.31
N PRO V 40 12.61 -71.93 -16.63
CA PRO V 40 13.36 -73.03 -17.29
C PRO V 40 12.50 -73.76 -18.32
N ILE V 41 12.32 -73.12 -19.47
CA ILE V 41 11.36 -73.62 -20.46
C ILE V 41 11.86 -74.90 -21.10
N ARG V 42 10.98 -75.90 -21.18
CA ARG V 42 11.23 -77.14 -21.93
C ARG V 42 10.79 -76.90 -23.37
N ALA V 43 11.70 -76.31 -24.15
CA ALA V 43 11.41 -75.93 -25.52
C ALA V 43 11.90 -77.03 -26.47
N ASN V 44 11.02 -77.47 -27.37
CA ASN V 44 11.46 -78.31 -28.48
C ASN V 44 12.53 -77.61 -29.29
N TRP V 45 12.39 -76.30 -29.49
CA TRP V 45 13.35 -75.49 -30.22
C TRP V 45 13.64 -74.23 -29.43
N GLY V 46 14.86 -73.75 -29.52
CA GLY V 46 15.25 -72.54 -28.85
C GLY V 46 16.72 -72.55 -28.46
N ASP V 47 17.09 -71.58 -27.63
CA ASP V 47 18.47 -71.31 -27.29
C ASP V 47 18.90 -72.17 -26.11
N VAL V 48 19.84 -73.08 -26.34
CA VAL V 48 20.28 -74.05 -25.34
C VAL V 48 21.58 -73.56 -24.72
N GLY V 49 21.68 -73.66 -23.40
CA GLY V 49 22.88 -73.29 -22.68
C GLY V 49 23.00 -71.82 -22.33
N LYS V 50 21.96 -71.03 -22.53
CA LYS V 50 22.01 -69.61 -22.24
C LYS V 50 20.61 -69.10 -21.91
N VAL V 51 20.56 -68.05 -21.09
CA VAL V 51 19.32 -67.42 -20.67
C VAL V 51 19.07 -66.22 -21.56
N VAL V 52 17.84 -66.08 -22.06
CA VAL V 52 17.45 -64.99 -22.94
C VAL V 52 16.43 -64.13 -22.19
N THR V 53 16.59 -62.82 -22.29
CA THR V 53 15.74 -61.85 -21.59
C THR V 53 14.70 -61.32 -22.57
N ILE V 54 13.54 -61.96 -22.59
CA ILE V 54 12.43 -61.54 -23.45
C ILE V 54 11.75 -60.34 -22.82
N LYS V 55 11.40 -59.36 -23.66
CA LYS V 55 10.72 -58.15 -23.20
C LYS V 55 9.22 -58.42 -23.10
N ASN V 56 8.44 -57.34 -22.93
CA ASN V 56 6.97 -57.45 -22.93
C ASN V 56 6.44 -58.13 -24.18
N ASP V 57 7.08 -57.89 -25.32
CA ASP V 57 6.55 -58.37 -26.59
C ASP V 57 6.54 -59.89 -26.65
N LEU V 58 5.42 -60.45 -27.11
CA LEU V 58 5.31 -61.89 -27.36
C LEU V 58 6.06 -62.32 -28.61
N ARG V 59 6.57 -61.38 -29.40
CA ARG V 59 7.05 -61.75 -30.73
C ARG V 59 8.39 -62.46 -30.64
N GLN V 60 9.28 -61.97 -29.76
CA GLN V 60 10.55 -62.63 -29.56
C GLN V 60 10.36 -64.04 -29.01
N LEU V 61 9.34 -64.22 -28.16
CA LEU V 61 9.07 -65.54 -27.60
C LEU V 61 8.75 -66.55 -28.69
N LYS V 62 7.82 -66.23 -29.59
CA LYS V 62 7.44 -67.22 -30.59
C LYS V 62 8.53 -67.36 -31.65
N ASN V 63 9.20 -66.25 -31.98
CA ASN V 63 10.28 -66.32 -32.95
C ASN V 63 11.43 -67.18 -32.45
N LEU V 64 11.70 -67.16 -31.14
CA LEU V 64 12.83 -67.88 -30.56
C LEU V 64 12.47 -69.25 -29.99
N PHE V 65 11.20 -69.49 -29.65
CA PHE V 65 10.80 -70.70 -28.94
C PHE V 65 9.52 -71.27 -29.52
N GLY V 66 9.43 -71.30 -30.85
CA GLY V 66 8.34 -71.98 -31.53
C GLY V 66 6.98 -71.33 -31.33
N ASP V 67 6.01 -71.75 -32.14
CA ASP V 67 4.64 -71.24 -32.09
C ASP V 67 3.68 -72.32 -31.60
N ASP V 68 4.18 -73.52 -31.30
CA ASP V 68 3.31 -74.66 -31.05
C ASP V 68 2.84 -74.68 -29.61
N MET V 69 1.55 -75.00 -29.44
CA MET V 69 0.93 -74.98 -28.11
C MET V 69 1.47 -76.09 -27.23
N ASN V 70 1.70 -77.28 -27.80
CA ASN V 70 2.17 -78.40 -26.99
C ASN V 70 3.55 -78.12 -26.40
N TYR V 71 4.33 -77.26 -27.05
CA TYR V 71 5.62 -76.87 -26.49
C TYR V 71 5.39 -76.20 -25.15
N SER V 72 6.01 -76.73 -24.09
CA SER V 72 5.91 -76.11 -22.79
C SER V 72 6.45 -74.68 -22.81
N ALA V 73 7.48 -74.44 -23.62
CA ALA V 73 8.08 -73.12 -23.70
C ALA V 73 7.07 -72.07 -24.13
N PHE V 74 6.47 -72.27 -25.31
CA PHE V 74 5.52 -71.29 -25.82
C PHE V 74 4.30 -71.15 -24.92
N LYS V 75 3.75 -72.29 -24.48
CA LYS V 75 2.53 -72.27 -23.67
C LYS V 75 2.74 -71.50 -22.38
N LEU V 76 3.79 -71.85 -21.64
CA LEU V 76 4.03 -71.22 -20.35
C LEU V 76 4.59 -69.81 -20.48
N GLY V 77 5.36 -69.51 -21.54
CA GLY V 77 5.75 -68.13 -21.77
C GLY V 77 4.58 -67.25 -22.10
N LYS V 78 3.63 -67.77 -22.87
CA LYS V 78 2.38 -67.05 -23.12
C LYS V 78 1.64 -66.80 -21.83
N LEU V 79 1.57 -67.80 -20.94
CA LEU V 79 0.97 -67.58 -19.63
C LEU V 79 1.68 -66.46 -18.86
N ALA V 80 3.01 -66.51 -18.84
CA ALA V 80 3.76 -65.54 -18.05
C ALA V 80 3.57 -64.13 -18.59
N LEU V 81 3.55 -63.99 -19.92
CA LEU V 81 3.47 -62.66 -20.52
C LEU V 81 2.04 -62.12 -20.49
N LEU V 82 1.02 -62.99 -20.53
CA LEU V 82 -0.32 -62.55 -20.13
C LEU V 82 -0.40 -62.28 -18.63
N GLY V 83 0.53 -62.80 -17.84
CA GLY V 83 0.71 -62.35 -16.47
C GLY V 83 1.33 -60.98 -16.35
N ASN V 84 1.75 -60.38 -17.47
CA ASN V 84 2.18 -58.97 -17.55
C ASN V 84 3.49 -58.76 -16.77
N VAL V 85 4.41 -59.71 -16.90
CA VAL V 85 5.78 -59.52 -16.41
C VAL V 85 6.55 -58.67 -17.39
N LYS V 86 7.29 -57.68 -16.88
CA LYS V 86 8.01 -56.76 -17.74
C LYS V 86 9.13 -57.49 -18.49
N GLU V 87 9.97 -58.23 -17.78
CA GLU V 87 11.06 -59.00 -18.37
C GLU V 87 10.91 -60.47 -17.96
N LEU V 88 10.87 -61.35 -18.95
CA LEU V 88 10.72 -62.79 -18.73
C LEU V 88 12.00 -63.45 -19.20
N LEU V 89 12.72 -64.08 -18.26
CA LEU V 89 14.03 -64.67 -18.52
C LEU V 89 13.85 -66.15 -18.81
N LEU V 90 14.03 -66.53 -20.07
CA LEU V 90 13.84 -67.90 -20.53
C LEU V 90 15.16 -68.62 -20.67
N TYR V 91 15.21 -69.85 -20.15
CA TYR V 91 16.33 -70.76 -20.36
C TYR V 91 15.76 -72.04 -20.94
N ARG V 92 16.21 -72.42 -22.14
CA ARG V 92 15.78 -73.68 -22.71
C ARG V 92 16.31 -74.85 -21.92
N LEU V 93 15.48 -75.89 -21.79
CA LEU V 93 15.83 -77.08 -21.05
C LEU V 93 15.75 -78.26 -22.01
N VAL V 94 16.88 -78.94 -22.21
CA VAL V 94 16.94 -80.14 -23.04
C VAL V 94 17.76 -81.19 -22.31
N ASP V 95 17.51 -82.45 -22.65
CA ASP V 95 18.30 -83.54 -22.10
C ASP V 95 19.71 -83.54 -22.69
N GLY V 96 20.63 -84.20 -22.00
CA GLY V 96 21.98 -84.33 -22.52
C GLY V 96 22.03 -85.05 -23.84
N ASN V 97 21.22 -86.10 -23.99
CA ASN V 97 21.17 -86.83 -25.26
C ASN V 97 20.59 -85.98 -26.39
N GLN V 98 19.74 -85.00 -26.04
CA GLN V 98 19.17 -84.12 -27.05
C GLN V 98 20.27 -83.30 -27.72
N LYS V 99 20.21 -83.22 -29.05
CA LYS V 99 21.28 -82.64 -29.84
C LYS V 99 20.68 -81.94 -31.07
N LYS V 100 21.56 -81.40 -31.91
CA LYS V 100 21.15 -80.71 -33.13
C LYS V 100 20.82 -81.71 -34.23
N GLY V 101 19.71 -81.45 -34.92
CA GLY V 101 19.48 -82.12 -36.19
C GLY V 101 20.58 -81.76 -37.18
N THR V 102 21.02 -82.74 -37.94
CA THR V 102 22.15 -82.58 -38.84
C THR V 102 21.91 -83.35 -40.13
N LEU V 103 22.32 -82.75 -41.24
CA LEU V 103 22.32 -83.41 -42.54
C LEU V 103 23.49 -82.91 -43.35
N THR V 104 23.87 -83.70 -44.35
CA THR V 104 24.98 -83.39 -45.24
C THR V 104 24.47 -83.41 -46.68
N LEU V 105 24.79 -82.37 -47.43
CA LEU V 105 24.52 -82.35 -48.86
C LEU V 105 25.70 -82.96 -49.61
N LYS V 106 25.44 -83.37 -50.85
CA LYS V 106 26.46 -83.99 -51.67
C LYS V 106 26.25 -83.58 -53.12
N ASP V 107 27.33 -83.69 -53.90
CA ASP V 107 27.32 -83.35 -55.32
C ASP V 107 27.12 -84.60 -56.17
N THR V 108 26.78 -84.37 -57.43
CA THR V 108 26.57 -85.43 -58.41
C THR V 108 27.42 -85.26 -59.66
N THR V 109 28.37 -84.33 -59.66
CA THR V 109 29.24 -84.16 -60.82
C THR V 109 30.09 -85.40 -61.06
N GLU V 110 30.64 -85.97 -59.99
CA GLU V 110 31.44 -87.18 -60.08
C GLU V 110 30.55 -88.41 -60.03
N ASN V 111 31.13 -89.56 -60.38
CA ASN V 111 30.39 -90.82 -60.31
C ASN V 111 30.01 -91.15 -58.87
N SER V 112 30.92 -90.92 -57.93
CA SER V 112 30.69 -91.12 -56.52
C SER V 112 30.46 -89.78 -55.84
N ALA V 113 29.34 -89.64 -55.15
CA ALA V 113 29.01 -88.39 -54.49
C ALA V 113 29.86 -88.20 -53.24
N LYS V 114 30.12 -86.93 -52.90
CA LYS V 114 30.95 -86.58 -51.76
C LYS V 114 30.34 -85.38 -51.04
N ASP V 115 30.63 -85.28 -49.75
CA ASP V 115 30.05 -84.25 -48.91
C ASP V 115 30.74 -82.91 -49.18
N VAL V 116 29.93 -81.86 -49.33
CA VAL V 116 30.43 -80.50 -49.46
C VAL V 116 29.78 -79.52 -48.50
N ILE V 117 28.59 -79.80 -47.97
CA ILE V 117 27.89 -78.92 -47.04
C ILE V 117 27.29 -79.76 -45.93
N LYS V 118 27.36 -79.26 -44.69
CA LYS V 118 26.60 -79.78 -43.55
C LYS V 118 25.61 -78.72 -43.11
N LEU V 119 24.33 -79.10 -43.07
CA LEU V 119 23.28 -78.27 -42.52
C LEU V 119 22.93 -78.80 -41.13
N GLU V 120 23.23 -78.02 -40.11
CA GLU V 120 22.93 -78.35 -38.73
C GLU V 120 21.94 -77.31 -38.20
N THR V 121 21.01 -77.76 -37.36
CA THR V 121 20.10 -76.84 -36.72
C THR V 121 20.90 -75.81 -35.92
N LYS V 122 20.47 -74.54 -35.97
CA LYS V 122 21.21 -73.47 -35.32
C LYS V 122 21.39 -73.76 -33.84
N TYR V 123 20.38 -74.33 -33.21
CA TYR V 123 20.42 -74.75 -31.82
C TYR V 123 19.88 -76.17 -31.76
N PRO V 124 20.16 -76.91 -30.67
CA PRO V 124 19.71 -78.30 -30.59
C PRO V 124 18.21 -78.44 -30.77
N THR V 125 17.80 -79.40 -31.59
CA THR V 125 16.38 -79.70 -31.81
C THR V 125 16.27 -80.93 -32.70
N ALA V 126 15.08 -81.53 -32.70
CA ALA V 126 14.75 -82.64 -33.57
C ALA V 126 13.36 -82.48 -34.16
N ARG V 127 12.92 -81.24 -34.34
CA ARG V 127 11.60 -80.96 -34.91
C ARG V 127 11.58 -81.39 -36.38
N ASN V 128 10.41 -81.24 -37.01
CA ASN V 128 10.22 -81.63 -38.41
C ASN V 128 10.77 -80.54 -39.33
N PHE V 129 12.07 -80.30 -39.23
CA PHE V 129 12.76 -79.29 -40.02
C PHE V 129 13.34 -79.96 -41.26
N ASN V 130 12.71 -79.74 -42.41
CA ASN V 130 13.04 -80.41 -43.64
C ASN V 130 13.76 -79.47 -44.59
N VAL V 131 14.46 -80.04 -45.56
CA VAL V 131 15.24 -79.29 -46.55
C VAL V 131 14.87 -79.80 -47.93
N THR V 132 14.91 -78.92 -48.91
CA THR V 132 14.74 -79.30 -50.31
C THR V 132 15.64 -78.44 -51.17
N ILE V 133 16.35 -79.09 -52.10
CA ILE V 133 17.29 -78.43 -52.99
C ILE V 133 17.04 -78.91 -54.41
N LYS V 134 17.04 -77.99 -55.36
CA LYS V 134 16.77 -78.30 -56.76
C LYS V 134 17.53 -77.31 -57.62
N SER V 135 17.49 -77.53 -58.94
CA SER V 135 18.16 -76.66 -59.88
C SER V 135 17.36 -75.38 -60.09
N ASN V 136 18.08 -74.29 -60.38
CA ASN V 136 17.46 -73.01 -60.67
C ASN V 136 17.16 -72.89 -62.16
N LEU V 137 15.93 -72.51 -62.48
CA LEU V 137 15.53 -72.42 -63.87
C LEU V 137 16.12 -71.19 -64.55
N VAL V 138 16.23 -70.08 -63.81
CA VAL V 138 16.72 -68.84 -64.41
C VAL V 138 18.17 -68.99 -64.84
N ASP V 139 19.01 -69.54 -63.96
CA ASP V 139 20.44 -69.73 -64.22
C ASP V 139 20.79 -71.19 -63.95
N SER V 140 21.54 -71.79 -64.89
CA SER V 140 21.92 -73.19 -64.73
C SER V 140 22.82 -73.38 -63.51
N ASP V 141 23.78 -72.47 -63.31
CA ASP V 141 24.71 -72.61 -62.19
C ASP V 141 24.03 -72.42 -60.84
N LYS V 142 22.93 -71.66 -60.79
CA LYS V 142 22.23 -71.43 -59.53
C LYS V 142 21.40 -72.64 -59.13
N LYS V 143 21.12 -72.72 -57.84
CA LYS V 143 20.24 -73.73 -57.28
C LYS V 143 19.26 -73.09 -56.31
N ASP V 144 18.06 -73.65 -56.25
CA ASP V 144 17.04 -73.19 -55.31
C ASP V 144 17.13 -74.02 -54.04
N PHE V 145 17.29 -73.35 -52.91
CA PHE V 145 17.34 -73.98 -51.59
C PHE V 145 16.14 -73.53 -50.78
N ILE V 146 15.40 -74.50 -50.25
CA ILE V 146 14.15 -74.25 -49.54
C ILE V 146 14.16 -75.04 -48.24
N PHE V 147 13.60 -74.44 -47.19
CA PHE V 147 13.49 -75.06 -45.88
C PHE V 147 12.02 -75.09 -45.45
N PHE V 148 11.60 -76.22 -44.89
CA PHE V 148 10.23 -76.47 -44.45
C PHE V 148 10.18 -76.73 -42.95
N GLU V 149 9.09 -76.27 -42.33
CA GLU V 149 8.80 -76.47 -40.90
C GLU V 149 7.39 -77.01 -40.76
N ASN V 150 7.26 -78.30 -40.46
CA ASN V 150 5.96 -78.97 -40.34
C ASN V 150 5.13 -78.74 -41.60
N THR V 151 5.77 -78.89 -42.76
CA THR V 151 5.16 -78.65 -44.06
C THR V 151 4.83 -77.17 -44.28
N LYS V 152 5.58 -76.28 -43.64
CA LYS V 152 5.44 -74.83 -43.82
C LYS V 152 6.79 -74.25 -44.22
N GLN V 153 6.80 -73.52 -45.33
CA GLN V 153 8.06 -72.96 -45.82
C GLN V 153 8.60 -71.90 -44.88
N LEU V 154 9.92 -71.93 -44.67
CA LEU V 154 10.65 -70.97 -43.85
C LEU V 154 11.56 -70.06 -44.67
N PHE V 155 12.39 -70.65 -45.53
CA PHE V 155 13.36 -69.90 -46.31
C PHE V 155 13.29 -70.37 -47.76
N SER V 156 13.56 -69.46 -48.69
CA SER V 156 13.58 -69.80 -50.10
C SER V 156 14.43 -68.78 -50.83
N SER V 157 15.44 -69.26 -51.56
CA SER V 157 16.31 -68.37 -52.32
C SER V 157 17.02 -69.17 -53.40
N SER V 158 17.48 -68.45 -54.42
CA SER V 158 18.29 -69.00 -55.51
C SER V 158 19.69 -68.41 -55.42
N ILE V 159 20.69 -69.27 -55.31
CA ILE V 159 22.08 -68.86 -55.13
C ILE V 159 22.95 -69.69 -56.07
N LYS V 160 24.07 -69.09 -56.49
CA LYS V 160 25.03 -69.76 -57.38
C LYS V 160 25.44 -71.11 -56.80
N GLY V 161 25.78 -72.03 -57.70
CA GLY V 161 26.14 -73.38 -57.30
C GLY V 161 27.40 -73.49 -56.48
N THR V 162 28.21 -72.43 -56.42
CA THR V 162 29.41 -72.46 -55.60
C THR V 162 29.05 -72.66 -54.13
N ILE V 163 29.77 -73.56 -53.47
CA ILE V 163 29.47 -73.90 -52.08
C ILE V 163 29.69 -72.69 -51.18
N ASP V 164 30.64 -71.83 -51.52
CA ASP V 164 30.92 -70.66 -50.69
C ASP V 164 29.71 -69.73 -50.64
N GLU V 165 29.15 -69.40 -51.81
CA GLU V 165 27.99 -68.52 -51.85
C GLU V 165 26.78 -69.17 -51.18
N ILE V 166 26.62 -70.48 -51.36
CA ILE V 166 25.48 -71.19 -50.76
C ILE V 166 25.56 -71.10 -49.23
N VAL V 167 26.74 -71.40 -48.69
CA VAL V 167 26.93 -71.33 -47.24
C VAL V 167 26.75 -69.89 -46.75
N LEU V 168 27.27 -68.92 -47.51
CA LEU V 168 27.17 -67.52 -47.12
C LEU V 168 25.72 -67.07 -47.02
N GLU V 169 24.93 -67.37 -48.05
CA GLU V 169 23.52 -66.97 -48.03
C GLU V 169 22.75 -67.73 -46.95
N ILE V 170 23.06 -69.01 -46.75
CA ILE V 170 22.33 -69.78 -45.74
C ILE V 170 22.62 -69.23 -44.35
N ASN V 171 23.88 -68.91 -44.06
CA ASN V 171 24.22 -68.36 -42.75
C ASN V 171 23.89 -66.87 -42.63
N SER V 172 23.59 -66.19 -43.73
CA SER V 172 23.33 -64.75 -43.72
C SER V 172 21.85 -64.41 -43.58
N ASN V 173 21.00 -65.01 -44.42
CA ASN V 173 19.58 -64.66 -44.43
C ASN V 173 18.94 -65.02 -43.10
N LEU V 174 18.10 -64.11 -42.60
CA LEU V 174 17.51 -64.28 -41.27
C LEU V 174 16.44 -65.36 -41.23
N ASP V 175 15.88 -65.74 -42.38
CA ASP V 175 14.93 -66.85 -42.41
C ASP V 175 15.60 -68.20 -42.19
N ASN V 176 16.94 -68.26 -42.21
CA ASN V 176 17.69 -69.46 -41.88
C ASN V 176 18.00 -69.56 -40.39
N GLU V 177 17.16 -68.97 -39.53
CA GLU V 177 17.42 -68.99 -38.10
C GLU V 177 17.44 -70.40 -37.53
N TYR V 178 16.87 -71.38 -38.23
CA TYR V 178 16.77 -72.74 -37.74
C TYR V 178 17.88 -73.65 -38.29
N VAL V 179 18.90 -73.09 -38.94
CA VAL V 179 19.93 -73.90 -39.58
C VAL V 179 21.20 -73.08 -39.76
N ILE V 180 22.34 -73.77 -39.68
CA ILE V 180 23.64 -73.22 -40.06
C ILE V 180 24.22 -74.13 -41.13
N ALA V 181 24.75 -73.53 -42.20
CA ALA V 181 25.48 -74.25 -43.23
C ALA V 181 26.97 -74.00 -43.04
N THR V 182 27.75 -75.08 -43.04
CA THR V 182 29.21 -75.01 -42.95
C THR V 182 29.81 -75.80 -44.09
N LYS V 183 30.79 -75.21 -44.77
CA LYS V 183 31.44 -75.83 -45.93
C LYS V 183 32.32 -76.98 -45.49
N VAL V 184 31.96 -78.20 -45.88
CA VAL V 184 32.77 -79.36 -45.54
C VAL V 184 34.15 -79.26 -46.19
N ALA V 185 34.17 -78.95 -47.47
CA ALA V 185 35.41 -78.87 -48.23
C ALA V 185 35.19 -77.89 -49.37
N ASP V 186 36.29 -77.34 -49.87
CA ASP V 186 36.21 -76.38 -50.96
C ASP V 186 35.78 -77.08 -52.24
N SER V 187 34.73 -76.58 -52.87
CA SER V 187 34.21 -77.17 -54.09
C SER V 187 33.21 -76.22 -54.73
N ASP V 188 33.08 -76.33 -56.05
CA ASP V 188 32.07 -75.62 -56.82
C ASP V 188 31.15 -76.59 -57.56
N THR V 189 31.13 -77.85 -57.15
CA THR V 189 30.35 -78.87 -57.84
C THR V 189 28.85 -78.63 -57.64
N ILE V 190 28.08 -79.14 -58.59
CA ILE V 190 26.62 -79.02 -58.53
C ILE V 190 26.10 -79.99 -57.49
N LEU V 191 25.25 -79.50 -56.60
CA LEU V 191 24.76 -80.30 -55.49
C LEU V 191 23.77 -81.35 -55.98
N ALA V 192 23.47 -82.31 -55.12
CA ALA V 192 22.45 -83.31 -55.39
C ALA V 192 21.07 -82.75 -55.10
N ASN V 193 20.09 -83.22 -55.88
CA ASN V 193 18.70 -82.82 -55.71
C ASN V 193 18.04 -83.74 -54.71
N VAL V 194 17.69 -83.19 -53.54
CA VAL V 194 17.04 -83.93 -52.46
C VAL V 194 15.76 -83.21 -52.08
N VAL V 195 14.71 -83.97 -51.79
CA VAL V 195 13.38 -83.44 -51.55
C VAL V 195 12.93 -83.87 -50.15
N ASN V 196 12.67 -82.88 -49.30
CA ASN V 196 12.04 -83.10 -47.99
C ASN V 196 12.86 -84.05 -47.13
N GLN V 197 14.12 -83.67 -46.90
CA GLN V 197 15.03 -84.42 -46.03
C GLN V 197 15.01 -83.79 -44.65
N ALA V 198 14.64 -84.58 -43.64
CA ALA V 198 14.49 -84.10 -42.28
C ALA V 198 15.84 -84.08 -41.57
N LEU V 199 16.12 -83.00 -40.87
CA LEU V 199 17.34 -82.93 -40.06
C LEU V 199 17.19 -83.84 -38.86
N GLU V 200 18.19 -84.71 -38.66
CA GLU V 200 18.17 -85.73 -37.61
C GLU V 200 19.52 -85.72 -36.89
N GLY V 201 19.53 -86.36 -35.72
CA GLY V 201 20.69 -86.39 -34.86
C GLY V 201 20.46 -85.71 -33.53
N GLY V 202 19.23 -85.77 -33.03
CA GLY V 202 18.88 -85.13 -31.78
C GLY V 202 17.60 -85.70 -31.22
N ASN V 203 17.08 -85.01 -30.21
CA ASN V 203 15.85 -85.38 -29.52
C ASN V 203 14.86 -84.23 -29.55
N ASP V 204 13.66 -84.52 -29.05
CA ASP V 204 12.56 -83.55 -29.07
C ASP V 204 12.92 -82.28 -28.32
N GLY V 205 13.14 -82.39 -27.02
CA GLY V 205 13.45 -81.25 -26.17
C GLY V 205 12.53 -81.19 -24.98
N CYS V 206 11.26 -81.53 -25.19
CA CYS V 206 10.30 -81.73 -24.11
C CYS V 206 10.34 -83.15 -23.55
N THR V 207 11.15 -84.04 -24.12
CA THR V 207 11.23 -85.44 -23.74
C THR V 207 12.54 -85.68 -22.99
N SER V 208 12.51 -86.59 -22.02
CA SER V 208 13.67 -86.92 -21.20
C SER V 208 14.11 -85.70 -20.40
N ILE V 209 13.13 -85.04 -19.80
CA ILE V 209 13.35 -83.88 -18.94
C ILE V 209 13.73 -84.41 -17.56
N THR V 210 15.00 -84.19 -17.17
CA THR V 210 15.62 -84.88 -16.05
C THR V 210 16.09 -83.91 -14.97
N ASN V 211 16.28 -84.46 -13.77
CA ASN V 211 16.64 -83.64 -12.61
C ASN V 211 17.99 -82.94 -12.80
N GLU V 212 18.99 -83.67 -13.31
CA GLU V 212 20.30 -83.07 -13.53
C GLU V 212 20.22 -81.92 -14.53
N SER V 213 19.32 -82.04 -15.52
CA SER V 213 19.21 -80.99 -16.53
C SER V 213 18.62 -79.71 -15.91
N TYR V 214 17.57 -79.84 -15.08
CA TYR V 214 17.14 -78.71 -14.27
C TYR V 214 18.23 -78.17 -13.40
N LEU V 215 19.03 -79.03 -12.77
CA LEU V 215 20.03 -78.50 -11.84
C LEU V 215 21.06 -77.67 -12.61
N LYS V 216 21.42 -78.13 -13.82
CA LYS V 216 22.25 -77.28 -14.69
C LYS V 216 21.54 -75.96 -14.97
N ALA V 217 20.26 -76.02 -15.32
CA ALA V 217 19.54 -74.80 -15.68
C ALA V 217 19.45 -73.83 -14.51
N LEU V 218 19.24 -74.36 -13.30
CA LEU V 218 19.22 -73.54 -12.10
C LEU V 218 20.56 -72.87 -11.89
N GLU V 219 21.65 -73.60 -12.12
CA GLU V 219 22.97 -72.97 -12.06
C GLU V 219 23.11 -71.90 -13.13
N GLU V 220 22.53 -72.12 -14.31
CA GLU V 220 22.52 -71.08 -15.34
C GLU V 220 21.59 -69.93 -14.96
N PHE V 221 20.55 -70.21 -14.17
CA PHE V 221 19.68 -69.13 -13.71
C PHE V 221 20.29 -68.35 -12.56
N GLU V 222 21.38 -68.84 -11.95
CA GLU V 222 22.10 -68.05 -10.96
C GLU V 222 22.81 -66.84 -11.55
N ARG V 223 22.86 -66.72 -12.88
CA ARG V 223 23.41 -65.52 -13.51
C ARG V 223 22.77 -64.25 -12.98
N TYR V 224 21.44 -64.22 -12.92
CA TYR V 224 20.68 -63.00 -12.67
C TYR V 224 19.80 -63.18 -11.43
N SER V 225 19.15 -62.08 -11.04
CA SER V 225 18.25 -62.02 -9.90
C SER V 225 16.81 -62.00 -10.38
N PHE V 226 15.92 -62.65 -9.65
CA PHE V 226 14.52 -62.81 -10.05
C PHE V 226 13.59 -62.39 -8.92
N ASP V 227 12.48 -61.77 -9.29
CA ASP V 227 11.42 -61.55 -8.32
C ASP V 227 10.79 -62.88 -7.90
N SER V 228 10.72 -63.84 -8.81
CA SER V 228 10.14 -65.14 -8.50
C SER V 228 10.66 -66.18 -9.48
N PHE V 229 10.61 -67.43 -9.06
CA PHE V 229 10.96 -68.59 -9.88
C PHE V 229 9.74 -69.51 -9.96
N VAL V 230 9.57 -70.16 -11.12
CA VAL V 230 8.30 -70.80 -11.45
C VAL V 230 8.44 -72.30 -11.75
N LEU V 231 9.64 -72.81 -11.99
CA LEU V 231 9.94 -74.21 -12.30
C LEU V 231 9.42 -74.64 -13.67
N ASP V 232 8.84 -73.73 -14.46
CA ASP V 232 8.30 -74.03 -15.79
C ASP V 232 7.16 -75.05 -15.69
N GLY V 233 6.40 -75.00 -14.59
CA GLY V 233 5.17 -75.76 -14.50
C GLY V 233 5.32 -77.26 -14.59
N VAL V 234 6.29 -77.83 -13.87
CA VAL V 234 6.49 -79.27 -13.79
C VAL V 234 6.27 -79.69 -12.35
N ALA V 235 5.33 -80.61 -12.14
CA ALA V 235 4.87 -80.98 -10.80
C ALA V 235 5.61 -82.17 -10.21
N ASP V 236 6.78 -82.52 -10.73
CA ASP V 236 7.53 -83.63 -10.18
C ASP V 236 7.99 -83.28 -8.76
N GLU V 237 7.82 -84.22 -7.84
CA GLU V 237 8.17 -83.97 -6.44
C GLU V 237 9.67 -83.78 -6.26
N ALA V 238 10.47 -84.59 -6.95
CA ALA V 238 11.93 -84.45 -6.84
C ALA V 238 12.37 -83.09 -7.33
N LEU V 239 11.78 -82.61 -8.43
CA LEU V 239 12.14 -81.30 -8.97
C LEU V 239 11.75 -80.19 -8.00
N GLN V 240 10.56 -80.31 -7.41
CA GLN V 240 10.13 -79.34 -6.42
C GLN V 240 11.09 -79.30 -5.25
N GLU V 241 11.52 -80.47 -4.78
CA GLU V 241 12.46 -80.53 -3.66
C GLU V 241 13.80 -79.91 -4.02
N THR V 242 14.30 -80.21 -5.22
CA THR V 242 15.59 -79.67 -5.64
C THR V 242 15.53 -78.15 -5.76
N THR V 243 14.48 -77.62 -6.38
CA THR V 243 14.34 -76.16 -6.48
C THR V 243 14.11 -75.53 -5.11
N LYS V 244 13.44 -76.25 -4.19
CA LYS V 244 13.26 -75.75 -2.84
C LYS V 244 14.60 -75.59 -2.13
N ALA V 245 15.44 -76.62 -2.22
CA ALA V 245 16.77 -76.52 -1.63
C ALA V 245 17.59 -75.42 -2.31
N TRP V 246 17.43 -75.27 -3.62
CA TRP V 246 18.13 -74.22 -4.35
C TRP V 246 17.76 -72.83 -3.83
N VAL V 247 16.46 -72.57 -3.69
CA VAL V 247 16.04 -71.23 -3.25
C VAL V 247 16.41 -71.02 -1.78
N ALA V 248 16.36 -72.09 -0.98
CA ALA V 248 16.80 -71.97 0.40
C ALA V 248 18.28 -71.61 0.49
N LYS V 249 19.11 -72.25 -0.34
CA LYS V 249 20.53 -71.91 -0.40
C LYS V 249 20.71 -70.47 -0.83
N ASN V 250 19.94 -70.02 -1.83
CA ASN V 250 20.05 -68.65 -2.30
C ASN V 250 19.66 -67.66 -1.20
N LYS V 251 18.59 -67.95 -0.48
CA LYS V 251 18.16 -67.06 0.61
C LYS V 251 19.22 -67.01 1.71
N GLU V 252 19.81 -68.16 2.04
CA GLU V 252 20.91 -68.16 3.00
C GLU V 252 22.07 -67.34 2.49
N LEU V 253 22.33 -67.40 1.19
CA LEU V 253 23.37 -66.56 0.59
C LEU V 253 22.96 -65.10 0.57
N GLY V 254 21.67 -64.82 0.54
CA GLY V 254 21.13 -63.48 0.50
C GLY V 254 20.29 -63.18 -0.73
N LYS V 255 20.38 -64.00 -1.76
CA LYS V 255 19.56 -63.82 -2.95
C LYS V 255 18.15 -64.33 -2.66
N ASP V 256 17.17 -63.44 -2.72
CA ASP V 256 15.79 -63.78 -2.42
C ASP V 256 15.05 -64.17 -3.69
N ILE V 257 14.60 -65.42 -3.75
CA ILE V 257 13.82 -65.94 -4.87
C ILE V 257 12.52 -66.49 -4.31
N LEU V 258 11.40 -66.07 -4.91
CA LEU V 258 10.07 -66.53 -4.51
C LEU V 258 9.67 -67.66 -5.43
N LEU V 259 9.60 -68.88 -4.89
CA LEU V 259 9.32 -70.06 -5.68
C LEU V 259 7.82 -70.31 -5.76
N PHE V 260 7.35 -70.65 -6.96
CA PHE V 260 5.95 -70.95 -7.23
C PHE V 260 5.85 -72.36 -7.79
N LEU V 261 4.86 -73.11 -7.34
CA LEU V 261 4.71 -74.52 -7.69
C LEU V 261 3.23 -74.83 -7.84
N GLY V 262 2.91 -76.10 -8.10
CA GLY V 262 1.54 -76.54 -8.14
C GLY V 262 1.42 -78.02 -7.98
N GLY V 263 0.31 -78.45 -7.38
CA GLY V 263 0.05 -79.86 -7.21
C GLY V 263 -0.42 -80.51 -8.49
N LYS V 264 -0.45 -81.84 -8.46
CA LYS V 264 -0.89 -82.62 -9.60
C LYS V 264 -2.42 -82.68 -9.62
N THR V 265 -2.96 -83.31 -10.67
CA THR V 265 -4.40 -83.51 -10.77
C THR V 265 -4.90 -84.67 -9.93
N GLU V 266 -4.03 -85.63 -9.62
CA GLU V 266 -4.46 -86.81 -8.87
C GLU V 266 -4.79 -86.47 -7.42
N ASP V 267 -4.14 -85.45 -6.87
CA ASP V 267 -4.29 -85.15 -5.45
C ASP V 267 -5.72 -84.74 -5.13
N ASN V 268 -6.28 -85.33 -4.07
CA ASN V 268 -7.57 -84.92 -3.56
C ASN V 268 -7.39 -83.72 -2.63
N ILE V 269 -8.49 -83.26 -2.05
CA ILE V 269 -8.47 -82.03 -1.25
C ILE V 269 -7.59 -82.23 -0.01
N LYS V 270 -7.74 -83.36 0.67
CA LYS V 270 -6.91 -83.63 1.84
C LYS V 270 -5.45 -83.76 1.45
N GLN V 271 -5.17 -84.44 0.34
CA GLN V 271 -3.78 -84.62 -0.08
C GLN V 271 -3.10 -83.29 -0.40
N ILE V 272 -3.80 -82.41 -1.12
CA ILE V 272 -3.18 -81.12 -1.45
C ILE V 272 -3.03 -80.26 -0.20
N ASN V 273 -3.99 -80.35 0.73
CA ASN V 273 -3.83 -79.63 1.99
C ASN V 273 -2.60 -80.11 2.75
N ASP V 274 -2.41 -81.43 2.81
CA ASP V 274 -1.23 -81.98 3.48
C ASP V 274 0.05 -81.59 2.77
N LYS V 275 0.01 -81.56 1.42
CA LYS V 275 1.18 -81.14 0.66
C LYS V 275 1.56 -79.70 0.98
N SER V 276 0.55 -78.82 1.09
CA SER V 276 0.83 -77.43 1.43
C SER V 276 1.39 -77.31 2.85
N LYS V 277 0.80 -78.03 3.81
CA LYS V 277 1.33 -77.99 5.16
C LYS V 277 2.73 -78.58 5.23
N SER V 278 3.08 -79.48 4.32
CA SER V 278 4.45 -79.99 4.27
C SER V 278 5.44 -78.86 3.98
N PHE V 279 5.10 -78.00 3.02
CA PHE V 279 5.89 -76.80 2.79
C PHE V 279 5.63 -75.79 3.89
N ASN V 280 6.67 -75.44 4.63
CA ASN V 280 6.61 -74.41 5.67
C ASN V 280 7.72 -73.39 5.44
N ASP V 281 7.83 -72.93 4.20
CA ASP V 281 8.83 -71.95 3.79
C ASP V 281 8.14 -70.63 3.46
N GLU V 282 8.79 -69.52 3.80
CA GLU V 282 8.22 -68.21 3.55
C GLU V 282 8.10 -67.94 2.05
N ASN V 283 9.07 -68.38 1.26
CA ASN V 283 9.19 -68.01 -0.16
C ASN V 283 8.94 -69.22 -1.07
N ILE V 284 7.94 -70.03 -0.72
CA ILE V 284 7.46 -71.11 -1.57
C ILE V 284 5.94 -70.99 -1.66
N VAL V 285 5.40 -71.18 -2.85
CA VAL V 285 3.97 -71.06 -3.12
C VAL V 285 3.55 -72.25 -3.98
N ASN V 286 2.36 -72.79 -3.69
CA ASN V 286 1.79 -73.90 -4.44
C ASN V 286 0.36 -73.56 -4.84
N VAL V 287 0.00 -73.97 -6.06
CA VAL V 287 -1.35 -73.83 -6.59
C VAL V 287 -1.99 -75.21 -6.60
N GLY V 288 -3.15 -75.33 -5.95
CA GLY V 288 -3.83 -76.61 -5.81
C GLY V 288 -5.06 -76.76 -6.67
N SER V 289 -5.15 -76.03 -7.77
CA SER V 289 -6.33 -76.06 -8.62
C SER V 289 -5.93 -75.80 -10.07
N SER V 290 -6.39 -76.68 -10.97
CA SER V 290 -6.16 -76.52 -12.39
C SER V 290 -7.15 -75.52 -12.98
N ALA V 291 -6.84 -75.04 -14.18
CA ALA V 291 -7.65 -74.03 -14.84
C ALA V 291 -7.75 -74.31 -16.33
N TYR V 292 -8.71 -73.64 -16.96
CA TYR V 292 -8.97 -73.74 -18.39
C TYR V 292 -9.04 -72.33 -18.96
N TYR V 293 -8.38 -72.09 -20.08
CA TYR V 293 -8.40 -70.76 -20.69
C TYR V 293 -8.24 -70.93 -22.20
N GLU V 294 -9.11 -70.25 -22.96
CA GLU V 294 -9.26 -70.49 -24.41
C GLU V 294 -9.53 -71.96 -24.69
N ASN V 295 -10.33 -72.59 -23.81
CA ASN V 295 -10.74 -73.99 -23.89
C ASN V 295 -9.58 -74.97 -23.73
N ILE V 296 -8.37 -74.50 -23.41
CA ILE V 296 -7.20 -75.34 -23.23
C ILE V 296 -6.94 -75.48 -21.75
N LYS V 297 -6.64 -76.71 -21.31
CA LYS V 297 -6.43 -76.97 -19.90
C LYS V 297 -5.01 -76.61 -19.48
N TYR V 298 -4.89 -76.16 -18.23
CA TYR V 298 -3.62 -75.91 -17.56
C TYR V 298 -3.65 -76.56 -16.19
N THR V 299 -2.72 -77.48 -15.95
CA THR V 299 -2.62 -78.13 -14.65
C THR V 299 -2.19 -77.10 -13.62
N PRO V 300 -2.40 -77.37 -12.32
CA PRO V 300 -2.11 -76.36 -11.30
C PRO V 300 -0.66 -75.90 -11.32
N SER V 301 0.27 -76.77 -11.71
CA SER V 301 1.66 -76.36 -11.82
C SER V 301 1.86 -75.44 -13.02
N GLU V 302 1.20 -75.73 -14.14
CA GLU V 302 1.26 -74.80 -15.28
C GLU V 302 0.59 -73.48 -14.94
N VAL V 303 -0.55 -73.52 -14.25
CA VAL V 303 -1.22 -72.28 -13.84
C VAL V 303 -0.34 -71.49 -12.88
N ALA V 304 0.52 -72.17 -12.12
CA ALA V 304 1.42 -71.47 -11.22
C ALA V 304 2.35 -70.53 -11.98
N VAL V 305 2.63 -70.80 -13.26
CA VAL V 305 3.42 -69.88 -14.06
C VAL V 305 2.72 -68.52 -14.15
N TYR V 306 1.44 -68.52 -14.53
CA TYR V 306 0.70 -67.27 -14.61
C TYR V 306 0.55 -66.63 -13.23
N ILE V 307 0.34 -67.46 -12.20
CA ILE V 307 0.17 -66.91 -10.85
C ILE V 307 1.44 -66.18 -10.43
N ALA V 308 2.60 -66.81 -10.64
CA ALA V 308 3.87 -66.16 -10.33
C ALA V 308 4.06 -64.91 -11.16
N ALA V 309 3.70 -64.97 -12.45
CA ALA V 309 3.86 -63.83 -13.32
C ALA V 309 3.03 -62.64 -12.84
N LEU V 310 1.78 -62.89 -12.44
CA LEU V 310 0.95 -61.81 -11.95
C LEU V 310 1.46 -61.30 -10.61
N SER V 311 1.97 -62.19 -9.76
CA SER V 311 2.53 -61.76 -8.48
C SER V 311 3.73 -60.83 -8.70
N VAL V 312 4.58 -61.18 -9.66
CA VAL V 312 5.74 -60.36 -9.96
C VAL V 312 5.32 -59.05 -10.62
N SER V 313 4.31 -59.11 -11.50
CA SER V 313 3.83 -57.90 -12.16
C SER V 313 3.26 -56.91 -11.16
N LYS V 314 2.44 -57.39 -10.23
CA LYS V 314 2.01 -56.52 -9.14
C LYS V 314 3.20 -56.07 -8.31
N GLY V 315 4.09 -57.00 -7.98
CA GLY V 315 5.26 -56.70 -7.18
C GLY V 315 4.90 -56.04 -5.87
N ILE V 316 5.19 -54.75 -5.77
CA ILE V 316 4.79 -53.92 -4.65
C ILE V 316 3.70 -52.97 -5.15
N THR V 317 2.93 -52.44 -4.21
CA THR V 317 1.73 -51.64 -4.50
C THR V 317 0.64 -52.50 -5.14
N GLY V 318 0.65 -53.80 -4.87
CA GLY V 318 -0.35 -54.68 -5.45
C GLY V 318 -0.35 -56.02 -4.76
N SER V 319 -1.41 -56.78 -5.03
CA SER V 319 -1.57 -58.11 -4.46
C SER V 319 -2.49 -58.88 -5.39
N ILE V 320 -2.51 -60.21 -5.21
CA ILE V 320 -3.27 -61.10 -6.08
C ILE V 320 -4.27 -61.88 -5.24
N CYS V 321 -4.78 -61.26 -4.18
CA CYS V 321 -5.74 -61.93 -3.31
C CYS V 321 -7.02 -62.26 -4.05
N ASN V 322 -7.57 -61.29 -4.78
CA ASN V 322 -8.77 -61.47 -5.59
C ASN V 322 -8.60 -60.80 -6.94
N ALA V 323 -7.44 -60.97 -7.56
CA ALA V 323 -7.19 -60.36 -8.85
C ALA V 323 -7.99 -61.06 -9.95
N LYS V 324 -8.38 -60.29 -10.95
CA LYS V 324 -9.19 -60.79 -12.07
C LYS V 324 -8.26 -61.56 -13.01
N THR V 325 -8.18 -62.87 -12.80
CA THR V 325 -7.34 -63.70 -13.65
C THR V 325 -8.03 -63.95 -14.98
N ILE V 326 -7.21 -64.16 -16.01
CA ILE V 326 -7.74 -64.33 -17.36
C ILE V 326 -8.46 -65.67 -17.53
N PHE V 327 -8.25 -66.63 -16.62
CA PHE V 327 -8.82 -67.96 -16.80
C PHE V 327 -10.34 -67.89 -16.68
N GLU V 328 -11.00 -68.72 -17.49
CA GLU V 328 -12.46 -68.73 -17.57
C GLU V 328 -13.11 -69.93 -16.89
N GLU V 329 -12.33 -70.85 -16.31
CA GLU V 329 -12.92 -71.95 -15.55
C GLU V 329 -11.80 -72.58 -14.72
N VAL V 330 -12.17 -73.10 -13.55
CA VAL V 330 -11.24 -73.75 -12.62
C VAL V 330 -11.88 -74.99 -12.00
N GLU V 331 -11.06 -75.74 -11.28
CA GLU V 331 -11.46 -76.96 -10.60
C GLU V 331 -10.35 -77.36 -9.64
N PRO V 332 -10.66 -78.02 -8.51
CA PRO V 332 -11.97 -78.37 -7.95
C PRO V 332 -12.54 -77.23 -7.10
N ARG V 333 -13.72 -77.40 -6.50
CA ARG V 333 -14.39 -76.33 -5.76
C ARG V 333 -14.74 -76.83 -4.36
N LEU V 334 -14.98 -75.87 -3.46
CA LEU V 334 -15.07 -76.14 -2.04
C LEU V 334 -16.07 -75.18 -1.39
N SER V 335 -16.58 -75.56 -0.23
CA SER V 335 -17.45 -74.72 0.56
C SER V 335 -16.62 -73.73 1.40
N GLN V 336 -17.30 -72.74 1.98
CA GLN V 336 -16.58 -71.70 2.72
C GLN V 336 -15.81 -72.27 3.90
N SER V 337 -16.40 -73.19 4.65
CA SER V 337 -15.66 -73.84 5.73
C SER V 337 -14.50 -74.66 5.18
N GLU V 338 -14.72 -75.33 4.04
CA GLU V 338 -13.65 -76.12 3.46
C GLU V 338 -12.57 -75.22 2.86
N VAL V 339 -12.96 -74.09 2.26
CA VAL V 339 -11.97 -73.12 1.82
C VAL V 339 -11.18 -72.57 2.99
N LYS V 340 -11.85 -72.35 4.12
CA LYS V 340 -11.14 -71.90 5.32
C LYS V 340 -10.12 -72.94 5.77
N GLU V 341 -10.52 -74.21 5.79
CA GLU V 341 -9.58 -75.27 6.18
C GLU V 341 -8.41 -75.33 5.22
N CYS V 342 -8.68 -75.23 3.92
CA CYS V 342 -7.63 -75.30 2.92
C CYS V 342 -6.67 -74.12 3.03
N LEU V 343 -7.20 -72.91 3.27
CA LEU V 343 -6.35 -71.75 3.42
C LEU V 343 -5.51 -71.85 4.69
N LYS V 344 -6.10 -72.34 5.78
CA LYS V 344 -5.32 -72.58 7.00
C LYS V 344 -4.19 -73.57 6.73
N SER V 345 -4.46 -74.60 5.93
CA SER V 345 -3.40 -75.51 5.51
C SER V 345 -2.36 -74.79 4.66
N GLY V 346 -2.75 -73.73 3.96
CA GLY V 346 -1.83 -72.92 3.19
C GLY V 346 -1.81 -73.25 1.71
N THR V 347 -2.99 -73.45 1.11
CA THR V 347 -3.13 -73.72 -0.31
C THR V 347 -3.71 -72.51 -1.00
N LEU V 348 -3.09 -72.14 -2.12
CA LEU V 348 -3.68 -71.15 -3.01
C LEU V 348 -4.68 -71.85 -3.93
N VAL V 349 -5.92 -71.34 -3.95
CA VAL V 349 -7.02 -71.94 -4.70
C VAL V 349 -7.70 -70.87 -5.53
N LEU V 350 -7.78 -71.10 -6.84
CA LEU V 350 -8.55 -70.23 -7.70
C LEU V 350 -10.04 -70.56 -7.57
N ASP V 351 -10.88 -69.55 -7.80
CA ASP V 351 -12.33 -69.70 -7.74
C ASP V 351 -12.96 -68.97 -8.90
N PHE V 352 -14.10 -69.49 -9.36
CA PHE V 352 -14.82 -68.93 -10.49
C PHE V 352 -15.95 -68.08 -9.90
N ASP V 353 -15.58 -66.91 -9.40
CA ASP V 353 -16.53 -66.09 -8.65
C ASP V 353 -17.56 -65.43 -9.56
N ASP V 354 -17.15 -65.07 -10.78
CA ASP V 354 -18.06 -64.54 -11.80
C ASP V 354 -17.62 -65.18 -13.12
N GLY V 355 -18.06 -64.59 -14.24
CA GLY V 355 -17.70 -65.13 -15.54
C GLY V 355 -16.22 -65.32 -15.76
N ASP V 356 -15.38 -64.57 -15.05
CA ASP V 356 -13.94 -64.74 -15.06
C ASP V 356 -13.45 -65.22 -13.70
N VAL V 357 -12.33 -65.96 -13.71
CA VAL V 357 -11.79 -66.56 -12.50
C VAL V 357 -11.19 -65.49 -11.60
N ILE V 358 -11.26 -65.73 -10.29
CA ILE V 358 -10.72 -64.82 -9.28
C ILE V 358 -10.02 -65.65 -8.20
N ILE V 359 -8.85 -65.16 -7.77
CA ILE V 359 -8.11 -65.82 -6.69
C ILE V 359 -8.87 -65.67 -5.38
N VAL V 360 -8.66 -66.63 -4.47
CA VAL V 360 -9.36 -66.60 -3.18
C VAL V 360 -8.64 -65.69 -2.19
N ASP V 361 -7.31 -65.75 -2.12
CA ASP V 361 -6.56 -65.00 -1.13
C ASP V 361 -5.08 -65.11 -1.48
N ASP V 362 -4.30 -64.11 -1.04
CA ASP V 362 -2.88 -64.02 -1.37
C ASP V 362 -2.07 -64.65 -0.25
N VAL V 363 -2.00 -65.99 -0.30
CA VAL V 363 -1.42 -66.79 0.78
C VAL V 363 -0.25 -67.60 0.23
N ASN V 364 0.73 -67.84 1.09
CA ASN V 364 1.91 -68.64 0.80
C ASN V 364 1.87 -69.91 1.65
N THR V 365 2.86 -70.77 1.44
CA THR V 365 2.94 -72.02 2.20
C THR V 365 3.25 -71.81 3.68
N PHE V 366 3.65 -70.61 4.09
CA PHE V 366 4.00 -70.31 5.47
C PHE V 366 2.82 -69.79 6.27
N LYS V 367 1.60 -70.20 5.93
CA LYS V 367 0.45 -69.84 6.77
C LYS V 367 0.61 -70.44 8.16
N LYS V 368 1.11 -71.66 8.24
CA LYS V 368 1.37 -72.27 9.54
C LYS V 368 2.48 -71.47 10.22
N TYR V 369 2.07 -70.54 11.09
CA TYR V 369 2.94 -69.67 11.86
C TYR V 369 3.04 -70.21 13.29
N VAL V 370 3.88 -69.55 14.09
CA VAL V 370 4.06 -69.87 15.50
C VAL V 370 4.16 -68.57 16.29
N ASP V 371 4.08 -68.70 17.61
CA ASP V 371 3.88 -67.53 18.47
C ASP V 371 5.08 -66.58 18.39
N ASP V 372 6.29 -67.12 18.23
CA ASP V 372 7.48 -66.26 18.22
C ASP V 372 7.54 -65.38 16.98
N LYS V 373 6.79 -65.69 15.93
CA LYS V 373 6.68 -64.87 14.73
C LYS V 373 5.26 -64.34 14.60
N ASN V 374 5.10 -63.34 13.74
CA ASN V 374 3.83 -62.68 13.53
C ASN V 374 3.04 -63.33 12.39
N GLU V 375 1.77 -62.96 12.28
CA GLU V 375 0.89 -63.53 11.28
C GLU V 375 1.00 -62.84 9.93
N ALA V 376 1.48 -61.59 9.89
CA ALA V 376 1.47 -60.82 8.66
C ALA V 376 2.41 -61.39 7.60
N MET V 377 3.41 -62.17 8.00
CA MET V 377 4.42 -62.64 7.06
C MET V 377 4.00 -63.91 6.32
N GLY V 378 2.80 -64.42 6.57
CA GLY V 378 2.31 -65.59 5.88
C GLY V 378 1.55 -65.30 4.59
N TYR V 379 1.81 -64.13 4.00
CA TYR V 379 1.15 -63.69 2.78
C TYR V 379 2.20 -63.33 1.74
N ILE V 380 1.89 -63.62 0.47
CA ILE V 380 2.85 -63.40 -0.62
C ILE V 380 3.23 -61.93 -0.71
N SER V 381 2.27 -61.03 -0.52
CA SER V 381 2.55 -59.61 -0.63
C SER V 381 3.60 -59.18 0.38
N ASN V 382 3.47 -59.65 1.61
CA ASN V 382 4.45 -59.28 2.65
C ASN V 382 5.81 -59.90 2.39
N ILE V 383 5.85 -61.13 1.85
CA ILE V 383 7.13 -61.72 1.49
C ILE V 383 7.81 -60.89 0.41
N MET V 384 7.06 -60.52 -0.63
CA MET V 384 7.65 -59.72 -1.70
C MET V 384 8.09 -58.36 -1.18
N PHE V 385 7.33 -57.80 -0.24
CA PHE V 385 7.63 -56.48 0.30
C PHE V 385 8.90 -56.50 1.16
N ILE V 386 9.01 -57.50 2.03
CA ILE V 386 10.20 -57.66 2.86
C ILE V 386 11.40 -58.00 1.99
N ASN V 387 11.22 -58.84 0.97
CA ASN V 387 12.31 -59.18 0.08
C ASN V 387 12.78 -57.96 -0.69
N THR V 388 11.84 -57.14 -1.14
CA THR V 388 12.20 -55.93 -1.88
C THR V 388 12.97 -54.96 -0.99
N ILE V 389 12.54 -54.81 0.28
CA ILE V 389 13.30 -53.96 1.20
C ILE V 389 14.70 -54.49 1.43
N ASN V 390 14.81 -55.80 1.70
CA ASN V 390 16.11 -56.36 2.01
C ASN V 390 17.05 -56.24 0.82
N LYS V 391 16.52 -56.43 -0.39
CA LYS V 391 17.34 -56.23 -1.59
C LYS V 391 17.71 -54.76 -1.75
N ASP V 392 16.74 -53.85 -1.68
CA ASP V 392 16.99 -52.44 -1.97
C ASP V 392 17.98 -51.83 -0.99
N THR V 393 17.83 -52.13 0.30
CA THR V 393 18.87 -51.76 1.25
C THR V 393 20.17 -52.50 0.94
N SER V 394 20.07 -53.76 0.53
CA SER V 394 21.25 -54.52 0.17
C SER V 394 21.87 -54.08 -1.14
N LEU V 395 21.14 -53.35 -1.99
CA LEU V 395 21.74 -52.76 -3.18
C LEU V 395 22.66 -51.59 -2.85
N LYS V 396 22.60 -51.06 -1.63
CA LYS V 396 23.44 -49.93 -1.25
C LYS V 396 24.83 -50.39 -0.82
N ARG V 397 25.52 -51.19 -1.64
CA ARG V 397 26.92 -51.51 -1.39
C ARG V 397 27.86 -51.08 -2.49
N LYS V 398 27.35 -50.66 -3.64
CA LYS V 398 28.21 -50.43 -4.78
C LYS V 398 29.01 -49.13 -4.64
N GLU V 399 28.68 -48.30 -3.65
CA GLU V 399 29.36 -47.04 -3.39
C GLU V 399 29.55 -46.80 -1.89
N PHE V 400 29.35 -47.84 -1.08
CA PHE V 400 28.93 -47.64 0.30
C PHE V 400 29.73 -48.46 1.30
N VAL V 401 30.11 -49.68 0.92
CA VAL V 401 30.88 -50.60 1.75
C VAL V 401 32.31 -50.64 1.25
N GLY V 402 33.26 -50.40 2.14
CA GLY V 402 34.65 -50.26 1.77
C GLY V 402 35.00 -48.93 1.17
N LYS V 403 34.03 -48.02 1.04
CA LYS V 403 34.21 -46.73 0.40
C LYS V 403 33.72 -45.58 1.30
N ILE V 404 33.31 -45.87 2.54
CA ILE V 404 32.83 -44.88 3.49
C ILE V 404 33.55 -45.11 4.82
N PHE V 405 33.67 -44.04 5.59
CA PHE V 405 34.30 -44.10 6.90
C PHE V 405 33.25 -44.53 7.94
N ASN V 406 33.74 -44.90 9.13
CA ASN V 406 32.89 -45.39 10.23
C ASN V 406 32.86 -44.42 11.39
N ASP V 407 32.75 -43.13 11.08
CA ASP V 407 32.59 -42.06 12.04
C ASP V 407 31.16 -41.53 12.00
N ALA V 408 30.88 -40.53 12.84
CA ALA V 408 29.54 -39.98 12.92
C ALA V 408 29.07 -39.41 11.59
N THR V 409 29.98 -38.79 10.83
CA THR V 409 29.62 -38.25 9.52
C THR V 409 29.19 -39.37 8.58
N GLY V 410 29.98 -40.45 8.51
CA GLY V 410 29.63 -41.53 7.62
C GLY V 410 28.34 -42.22 8.03
N GLN V 411 28.16 -42.47 9.32
CA GLN V 411 26.94 -43.10 9.81
C GLN V 411 25.72 -42.23 9.53
N THR V 412 25.87 -40.92 9.68
CA THR V 412 24.75 -40.03 9.39
C THR V 412 24.44 -40.00 7.90
N THR V 413 25.45 -40.08 7.04
CA THR V 413 25.18 -40.21 5.61
C THR V 413 24.47 -41.52 5.31
N VAL V 414 24.84 -42.59 6.01
CA VAL V 414 24.18 -43.88 5.83
C VAL V 414 22.70 -43.75 6.17
N ILE V 415 22.41 -43.19 7.33
CA ILE V 415 21.03 -43.06 7.78
C ILE V 415 20.26 -42.14 6.85
N CYS V 416 20.92 -41.10 6.33
CA CYS V 416 20.27 -40.22 5.38
C CYS V 416 19.89 -40.96 4.10
N ALA V 417 20.79 -41.80 3.58
CA ALA V 417 20.48 -42.55 2.37
C ALA V 417 19.35 -43.54 2.60
N LEU V 418 19.39 -44.26 3.72
CA LEU V 418 18.33 -45.23 4.00
C LEU V 418 17.00 -44.53 4.22
N LYS V 419 17.02 -43.40 4.92
CA LYS V 419 15.80 -42.61 5.09
C LYS V 419 15.30 -42.10 3.76
N LYS V 420 16.21 -41.72 2.85
CA LYS V 420 15.80 -41.30 1.53
C LYS V 420 15.08 -42.41 0.80
N TYR V 421 15.61 -43.63 0.87
CA TYR V 421 14.96 -44.76 0.21
C TYR V 421 13.58 -45.00 0.81
N PHE V 422 13.46 -44.95 2.14
CA PHE V 422 12.16 -45.16 2.76
C PHE V 422 11.18 -44.04 2.41
N GLU V 423 11.65 -42.80 2.35
CA GLU V 423 10.78 -41.67 2.02
C GLU V 423 10.28 -41.76 0.59
N GLU V 424 11.16 -42.12 -0.35
CA GLU V 424 10.69 -42.36 -1.71
C GLU V 424 9.75 -43.54 -1.76
N LEU V 425 9.98 -44.55 -0.94
CA LEU V 425 9.06 -45.68 -0.86
C LEU V 425 7.72 -45.25 -0.29
N MET V 426 7.74 -44.37 0.73
CA MET V 426 6.50 -43.83 1.27
C MET V 426 5.77 -42.97 0.25
N SER V 427 6.48 -42.43 -0.73
CA SER V 427 5.85 -41.57 -1.72
C SER V 427 4.83 -42.33 -2.57
N GLN V 428 5.03 -43.63 -2.79
CA GLN V 428 4.03 -44.42 -3.53
C GLN V 428 2.87 -44.85 -2.65
N GLY V 429 2.84 -44.45 -1.37
CA GLY V 429 1.77 -44.86 -0.48
C GLY V 429 1.90 -46.25 0.06
N ILE V 430 3.05 -46.91 -0.13
CA ILE V 430 3.22 -48.28 0.33
C ILE V 430 3.25 -48.33 1.87
N ILE V 431 3.70 -47.26 2.51
CA ILE V 431 3.91 -47.21 3.95
C ILE V 431 3.18 -45.98 4.50
N SER V 432 2.65 -46.13 5.71
CA SER V 432 2.00 -45.03 6.40
C SER V 432 2.98 -44.24 7.27
N GLU V 433 3.90 -44.93 7.94
CA GLU V 433 4.91 -44.29 8.76
C GLU V 433 6.13 -45.19 8.83
N PHE V 434 7.29 -44.59 9.08
CA PHE V 434 8.53 -45.33 9.16
C PHE V 434 9.48 -44.63 10.12
N ASN V 435 10.51 -45.38 10.51
CA ASN V 435 11.58 -44.86 11.36
C ASN V 435 12.87 -45.55 10.94
N VAL V 436 13.96 -44.79 10.89
CA VAL V 436 15.29 -45.33 10.62
C VAL V 436 16.28 -44.57 11.47
N ASP V 437 17.00 -45.27 12.34
CA ASP V 437 17.89 -44.68 13.33
C ASP V 437 19.01 -45.67 13.61
N ILE V 438 19.96 -45.24 14.44
CA ILE V 438 21.09 -46.08 14.87
C ILE V 438 20.59 -47.06 15.91
N ASP V 439 21.11 -48.29 15.87
CA ASP V 439 20.79 -49.31 16.86
C ASP V 439 21.77 -49.17 18.02
N THR V 440 21.42 -48.26 18.94
CA THR V 440 22.36 -47.86 19.99
C THR V 440 22.71 -49.02 20.92
N GLU V 441 21.71 -49.86 21.25
CA GLU V 441 21.95 -50.97 22.17
C GLU V 441 23.06 -51.88 21.68
N LEU V 442 22.97 -52.29 20.42
CA LEU V 442 24.01 -53.13 19.86
C LEU V 442 25.25 -52.32 19.50
N GLN V 443 25.07 -51.07 19.03
CA GLN V 443 26.21 -50.29 18.57
C GLN V 443 27.17 -49.98 19.70
N ALA V 444 26.68 -49.93 20.94
CA ALA V 444 27.59 -49.72 22.07
C ALA V 444 28.61 -50.84 22.17
N THR V 445 28.17 -52.09 21.95
CA THR V 445 29.06 -53.25 21.99
C THR V 445 29.69 -53.56 20.63
N ALA V 446 29.50 -52.70 19.64
CA ALA V 446 30.00 -52.99 18.30
C ALA V 446 31.53 -52.98 18.26
N LYS V 447 32.06 -53.74 17.32
CA LYS V 447 33.45 -53.62 16.93
C LYS V 447 33.61 -52.39 16.04
N ALA V 448 34.85 -51.94 15.89
CA ALA V 448 35.14 -50.69 15.18
C ALA V 448 34.61 -50.70 13.76
N ASP V 449 34.73 -51.84 13.06
CA ASP V 449 34.28 -51.92 11.68
C ASP V 449 32.76 -52.03 11.57
N GLU V 450 32.12 -52.68 12.52
CA GLU V 450 30.70 -52.94 12.44
C GLU V 450 29.89 -51.65 12.58
N PHE V 451 28.83 -51.55 11.80
CA PHE V 451 27.82 -50.50 11.94
C PHE V 451 26.46 -51.16 12.08
N TYR V 452 25.67 -50.72 13.06
CA TYR V 452 24.42 -51.38 13.39
C TYR V 452 23.31 -50.35 13.27
N TRP V 453 22.22 -50.69 12.59
CA TRP V 453 21.06 -49.81 12.50
C TRP V 453 19.79 -50.64 12.60
N LYS V 454 18.68 -49.93 12.78
CA LYS V 454 17.36 -50.53 12.90
C LYS V 454 16.34 -49.68 12.16
N TRP V 455 15.24 -50.30 11.75
CA TRP V 455 14.17 -49.60 11.07
C TRP V 455 12.81 -50.18 11.45
N ASP V 456 11.80 -49.31 11.37
CA ASP V 456 10.41 -49.67 11.60
C ASP V 456 9.61 -49.23 10.40
N ALA V 457 8.49 -49.89 10.17
CA ALA V 457 7.55 -49.46 9.14
C ALA V 457 6.17 -49.97 9.47
N VAL V 458 5.17 -49.33 8.87
CA VAL V 458 3.78 -49.72 9.02
C VAL V 458 3.14 -49.72 7.63
N LYS V 459 2.93 -50.91 7.08
CA LYS V 459 2.29 -51.03 5.77
C LYS V 459 0.88 -50.48 5.81
N VAL V 460 0.49 -49.82 4.73
CA VAL V 460 -0.87 -49.28 4.63
C VAL V 460 -1.86 -50.42 4.54
N ASP V 461 -2.97 -50.27 5.24
CA ASP V 461 -4.00 -51.30 5.26
C ASP V 461 -4.76 -51.31 3.94
N VAL V 462 -5.15 -52.51 3.51
CA VAL V 462 -5.91 -52.74 2.29
C VAL V 462 -7.18 -53.48 2.68
N MET V 463 -8.33 -52.96 2.24
CA MET V 463 -9.59 -53.62 2.54
C MET V 463 -9.62 -55.02 1.93
N LYS V 464 -9.95 -56.00 2.78
CA LYS V 464 -10.20 -57.37 2.34
C LYS V 464 -11.58 -57.86 2.74
N LYS V 465 -12.01 -57.57 3.97
CA LYS V 465 -13.29 -58.02 4.50
C LYS V 465 -14.19 -56.82 4.74
N ILE V 466 -15.41 -56.90 4.24
CA ILE V 466 -16.39 -55.83 4.28
C ILE V 466 -17.72 -56.44 4.69
N TYR V 467 -18.34 -55.90 5.75
CA TYR V 467 -19.60 -56.46 6.25
C TYR V 467 -20.65 -55.36 6.21
N GLY V 468 -21.80 -55.66 5.63
CA GLY V 468 -22.91 -54.73 5.55
C GLY V 468 -24.13 -55.23 6.30
N THR V 469 -24.64 -54.41 7.23
CA THR V 469 -25.79 -54.75 8.05
C THR V 469 -27.03 -54.08 7.44
N GLY V 470 -27.94 -54.89 6.92
CA GLY V 470 -29.13 -54.37 6.27
C GLY V 470 -30.31 -54.19 7.21
N TYR V 471 -31.21 -53.32 6.81
CA TYR V 471 -32.46 -53.06 7.53
C TYR V 471 -33.52 -52.67 6.50
N LEU V 472 -34.78 -52.77 6.90
CA LEU V 472 -35.89 -52.48 6.00
C LEU V 472 -37.12 -51.94 6.72
N ILE W 7 21.96 32.59 30.05
CA ILE W 7 22.72 33.32 31.09
C ILE W 7 22.46 32.70 32.46
N GLU W 8 21.20 32.77 32.90
CA GLU W 8 20.86 32.43 34.28
C GLU W 8 21.00 30.92 34.49
N GLU W 9 21.92 30.54 35.36
CA GLU W 9 22.10 29.14 35.73
C GLU W 9 20.85 28.56 36.38
N ALA W 10 20.11 29.37 37.13
CA ALA W 10 19.02 28.84 37.95
C ALA W 10 17.82 28.41 37.15
N SER W 11 17.69 28.87 35.90
CA SER W 11 16.51 28.56 35.12
C SER W 11 16.46 27.09 34.70
N PHE W 12 17.62 26.46 34.55
CA PHE W 12 17.65 25.07 34.12
C PHE W 12 17.07 24.16 35.19
N LEU W 13 16.38 23.11 34.74
CA LEU W 13 15.67 22.17 35.58
C LEU W 13 16.26 20.78 35.36
N ASN W 14 16.65 20.14 36.45
CA ASN W 14 17.24 18.82 36.38
C ASN W 14 16.15 17.75 36.51
N GLY W 15 16.47 16.55 36.04
CA GLY W 15 15.55 15.44 36.20
C GLY W 15 15.33 15.05 37.65
N SER W 16 16.26 15.39 38.53
CA SER W 16 16.16 15.05 39.95
C SER W 16 15.05 15.79 40.68
N ASP W 17 14.51 16.86 40.10
CA ASP W 17 13.46 17.65 40.72
C ASP W 17 12.07 17.19 40.27
N VAL W 18 11.91 15.89 40.06
CA VAL W 18 10.74 15.31 39.43
C VAL W 18 10.04 14.38 40.42
N VAL W 19 8.72 14.51 40.51
CA VAL W 19 7.90 13.58 41.27
C VAL W 19 6.69 13.22 40.42
N ILE W 20 6.40 11.93 40.33
CA ILE W 20 5.36 11.39 39.46
C ILE W 20 4.31 10.70 40.32
N LEU W 21 3.04 10.96 40.02
CA LEU W 21 1.91 10.36 40.72
C LEU W 21 1.09 9.57 39.69
N ILE W 22 1.00 8.26 39.90
CA ILE W 22 0.18 7.38 39.07
C ILE W 22 -1.08 7.07 39.85
N ASP W 23 -2.22 7.60 39.40
CA ASP W 23 -3.50 7.40 40.05
C ASP W 23 -3.45 7.88 41.50
N GLY W 24 -2.75 8.99 41.73
CA GLY W 24 -2.74 9.65 43.01
C GLY W 24 -1.68 9.18 44.00
N VAL W 25 -0.97 8.10 43.70
CA VAL W 25 0.07 7.57 44.57
C VAL W 25 1.42 7.78 43.90
N GLU W 26 2.38 8.26 44.67
CA GLU W 26 3.67 8.65 44.11
C GLU W 26 4.44 7.44 43.60
N GLU W 27 5.09 7.62 42.45
CA GLU W 27 5.94 6.60 41.84
C GLU W 27 7.38 7.04 41.98
N LEU W 28 8.19 6.22 42.65
CA LEU W 28 9.54 6.59 43.06
C LEU W 28 10.63 5.98 42.20
N TYR W 29 10.38 4.85 41.55
CA TYR W 29 11.39 4.06 40.87
C TYR W 29 11.35 4.24 39.36
N MET W 30 11.09 5.45 38.89
CA MET W 30 11.01 5.75 37.47
C MET W 30 12.32 6.34 36.98
N GLU W 31 12.67 6.00 35.74
CA GLU W 31 13.90 6.43 35.10
C GLU W 31 13.68 7.57 34.12
N GLU W 32 12.60 7.53 33.34
CA GLU W 32 12.29 8.62 32.43
C GLU W 32 10.81 8.58 32.10
N ILE W 33 10.30 9.72 31.62
CA ILE W 33 8.91 9.89 31.26
C ILE W 33 8.82 10.81 30.05
N LYS W 34 7.83 10.55 29.21
CA LYS W 34 7.59 11.33 28.00
C LYS W 34 6.09 11.51 27.85
N ALA W 35 5.69 12.65 27.29
CA ALA W 35 4.28 12.88 26.97
C ALA W 35 4.20 13.93 25.88
N ASP W 36 3.45 13.62 24.82
CA ASP W 36 3.27 14.52 23.70
C ASP W 36 1.79 14.58 23.35
N PHE W 37 1.36 15.75 22.87
CA PHE W 37 -0.01 16.01 22.44
C PHE W 37 0.05 16.39 20.97
N GLU W 38 -0.29 15.44 20.10
CA GLU W 38 0.05 15.50 18.69
C GLU W 38 -1.15 15.87 17.83
N GLN W 39 -0.92 16.72 16.83
CA GLN W 39 -1.92 17.05 15.83
C GLN W 39 -2.11 15.92 14.83
N ASP W 40 -3.32 15.84 14.28
CA ASP W 40 -3.55 15.22 12.97
C ASP W 40 -3.66 16.32 11.93
N GLU W 41 -2.52 16.97 11.68
CA GLU W 41 -2.49 18.20 10.91
C GLU W 41 -3.03 17.98 9.50
N GLN W 42 -3.93 18.88 9.09
CA GLN W 42 -4.61 18.78 7.80
C GLN W 42 -3.92 19.69 6.80
N SER W 43 -3.46 19.11 5.70
CA SER W 43 -2.81 19.85 4.63
C SER W 43 -3.83 20.24 3.58
N ILE W 44 -3.77 21.49 3.16
CA ILE W 44 -4.71 22.07 2.21
C ILE W 44 -3.91 22.67 1.06
N LYS W 45 -4.29 22.32 -0.17
CA LYS W 45 -3.73 22.92 -1.38
C LYS W 45 -4.87 23.61 -2.12
N LEU W 46 -4.63 24.84 -2.54
CA LEU W 46 -5.61 25.66 -3.22
C LEU W 46 -5.17 25.95 -4.65
N LEU W 47 -6.15 26.20 -5.50
CA LEU W 47 -5.88 26.36 -6.93
C LEU W 47 -5.14 27.66 -7.21
N GLY W 48 -5.52 28.75 -6.55
CA GLY W 48 -4.88 30.02 -6.82
C GLY W 48 -3.60 30.27 -6.06
N CYS W 49 -3.22 29.38 -5.15
CA CYS W 49 -2.13 29.62 -4.22
C CYS W 49 -1.10 28.50 -4.35
N GLN W 50 0.18 28.87 -4.15
CA GLN W 50 1.30 27.99 -4.45
C GLN W 50 2.04 27.53 -3.19
N ASN W 51 1.38 27.56 -2.03
CA ASN W 51 1.94 26.97 -0.82
C ASN W 51 0.83 26.24 -0.07
N GLU W 52 1.21 25.20 0.66
CA GLU W 52 0.24 24.43 1.40
C GLU W 52 -0.24 25.21 2.62
N ILE W 53 -1.52 25.06 2.91
CA ILE W 53 -2.14 25.62 4.12
C ILE W 53 -2.36 24.48 5.11
N SER W 54 -1.91 24.69 6.34
CA SER W 54 -1.98 23.70 7.40
C SER W 54 -3.00 24.13 8.44
N ARG W 55 -3.83 23.20 8.87
CA ARG W 55 -4.88 23.44 9.85
C ARG W 55 -4.81 22.39 10.94
N VAL W 56 -5.35 22.75 12.11
CA VAL W 56 -5.30 21.86 13.27
C VAL W 56 -6.35 20.77 13.09
N GLY W 57 -5.93 19.53 13.26
CA GLY W 57 -6.81 18.40 13.28
C GLY W 57 -7.08 17.92 14.69
N THR W 58 -7.57 16.70 14.79
CA THR W 58 -7.85 16.12 16.10
C THR W 58 -6.57 15.88 16.86
N THR W 59 -6.62 16.11 18.17
CA THR W 59 -5.46 15.99 19.04
C THR W 59 -5.50 14.64 19.75
N LYS W 60 -4.34 13.97 19.78
CA LYS W 60 -4.16 12.74 20.50
C LYS W 60 -2.96 12.88 21.42
N GLY W 61 -3.03 12.22 22.57
CA GLY W 61 -1.95 12.20 23.53
C GLY W 61 -1.27 10.83 23.52
N SER W 62 0.05 10.85 23.64
CA SER W 62 0.86 9.64 23.76
C SER W 62 1.90 9.85 24.84
N PHE W 63 2.06 8.85 25.70
CA PHE W 63 3.05 8.89 26.77
C PHE W 63 3.87 7.61 26.76
N SER W 64 5.09 7.71 27.26
CA SER W 64 5.91 6.57 27.60
C SER W 64 6.52 6.80 28.97
N LEU W 65 6.82 5.71 29.65
CA LEU W 65 7.13 5.75 31.08
C LEU W 65 8.00 4.56 31.41
N ASN W 66 9.30 4.80 31.54
CA ASN W 66 10.30 3.77 31.79
C ASN W 66 10.77 3.85 33.23
N GLY W 67 10.96 2.69 33.85
CA GLY W 67 11.36 2.66 35.23
C GLY W 67 11.90 1.31 35.64
N TYR W 68 12.02 1.15 36.95
CA TYR W 68 12.53 -0.07 37.57
C TYR W 68 11.40 -0.80 38.26
N LYS W 69 11.35 -2.12 38.05
CA LYS W 69 10.26 -2.92 38.57
C LYS W 69 10.45 -3.18 40.06
N THR W 70 9.42 -2.84 40.83
CA THR W 70 9.36 -3.15 42.24
C THR W 70 8.05 -3.79 42.66
N ASP W 71 7.06 -3.88 41.78
CA ASP W 71 5.78 -4.49 42.07
C ASP W 71 5.11 -4.81 40.74
N SER W 72 3.94 -5.45 40.83
CA SER W 72 3.12 -5.77 39.67
C SER W 72 2.02 -4.74 39.47
N LYS W 73 2.35 -3.46 39.74
CA LYS W 73 1.33 -2.41 39.70
C LYS W 73 0.70 -2.31 38.32
N PHE W 74 1.52 -2.31 37.27
CA PHE W 74 0.98 -2.12 35.93
C PHE W 74 0.26 -3.37 35.43
N ALA W 75 0.68 -4.55 35.88
CA ALA W 75 -0.03 -5.77 35.50
C ALA W 75 -1.42 -5.83 36.12
N LYS W 76 -1.53 -5.49 37.40
CA LYS W 76 -2.85 -5.34 38.02
C LYS W 76 -3.64 -4.22 37.36
N LEU W 77 -2.97 -3.11 37.04
CA LEU W 77 -3.65 -1.96 36.49
C LEU W 77 -4.33 -2.30 35.18
N GLY W 78 -3.76 -3.24 34.42
CA GLY W 78 -4.40 -3.69 33.20
C GLY W 78 -4.54 -2.56 32.21
N PHE W 79 -5.67 -2.55 31.53
CA PHE W 79 -5.99 -1.51 30.55
C PHE W 79 -7.01 -0.51 31.08
N ARG W 80 -7.19 -0.46 32.40
CA ARG W 80 -8.07 0.55 32.98
C ARG W 80 -7.50 1.95 32.76
N SER W 81 -8.39 2.93 32.74
CA SER W 81 -7.99 4.32 32.62
C SER W 81 -7.44 4.82 33.94
N PHE W 82 -6.38 5.61 33.86
CA PHE W 82 -5.76 6.22 35.04
C PHE W 82 -5.27 7.61 34.65
N GLU W 83 -4.76 8.33 35.65
CA GLU W 83 -4.22 9.67 35.49
C GLU W 83 -2.77 9.71 35.91
N ILE W 84 -2.03 10.63 35.30
CA ILE W 84 -0.63 10.88 35.62
C ILE W 84 -0.50 12.35 35.93
N ILE W 85 -0.04 12.67 37.14
CA ILE W 85 0.29 14.04 37.54
C ILE W 85 1.80 14.12 37.60
N TYR W 86 2.36 15.02 36.80
CA TYR W 86 3.80 15.21 36.68
C TYR W 86 4.17 16.59 37.17
N ASN W 87 5.01 16.65 38.20
CA ASN W 87 5.48 17.89 38.78
C ASN W 87 6.98 18.00 38.58
N LEU W 88 7.40 19.11 37.98
CA LEU W 88 8.81 19.44 37.78
C LEU W 88 9.06 20.76 38.52
N SER W 89 9.86 20.70 39.57
CA SER W 89 10.10 21.84 40.44
C SER W 89 11.48 22.42 40.20
N ASN W 90 11.62 23.71 40.48
CA ASN W 90 12.90 24.38 40.58
C ASN W 90 13.32 24.47 42.03
N SER W 91 14.63 24.37 42.27
CA SER W 91 15.20 24.47 43.60
C SER W 91 15.79 25.84 43.88
N GLU W 92 16.62 26.35 42.98
CA GLU W 92 17.20 27.68 43.17
C GLU W 92 16.11 28.75 43.15
N THR W 93 15.13 28.59 42.26
CA THR W 93 13.88 29.33 42.31
C THR W 93 12.82 28.42 42.94
N LEU W 94 11.74 29.04 43.42
CA LEU W 94 10.66 28.30 44.05
C LEU W 94 9.54 27.92 43.08
N GLY W 95 9.67 28.27 41.80
CA GLY W 95 8.64 27.94 40.85
C GLY W 95 8.60 26.47 40.50
N TYR W 96 7.45 26.04 39.98
CA TYR W 96 7.29 24.65 39.59
C TYR W 96 6.18 24.53 38.56
N GLU W 97 6.27 23.48 37.76
CA GLU W 97 5.29 23.12 36.76
C GLU W 97 4.59 21.85 37.21
N SER W 98 3.28 21.78 36.95
CA SER W 98 2.50 20.59 37.25
C SER W 98 1.57 20.32 36.07
N ILE W 99 1.61 19.10 35.55
CA ILE W 99 0.84 18.68 34.39
C ILE W 99 0.08 17.42 34.76
N ARG W 100 -1.21 17.41 34.48
CA ARG W 100 -2.09 16.28 34.77
C ARG W 100 -2.54 15.70 33.43
N LEU W 101 -2.12 14.47 33.15
CA LEU W 101 -2.59 13.72 31.99
C LEU W 101 -3.81 12.90 32.38
N LYS W 102 -4.89 13.06 31.62
CA LYS W 102 -6.18 12.48 31.94
C LYS W 102 -6.52 11.34 31.00
N ASN W 103 -7.26 10.37 31.52
CA ASN W 103 -7.72 9.20 30.76
C ASN W 103 -6.55 8.46 30.14
N CYS W 104 -5.46 8.36 30.89
CA CYS W 104 -4.30 7.62 30.42
C CYS W 104 -4.61 6.12 30.42
N ARG W 105 -4.14 5.44 29.39
CA ARG W 105 -4.45 4.02 29.20
C ARG W 105 -3.27 3.35 28.53
N LEU W 106 -2.88 2.19 29.04
CA LEU W 106 -1.71 1.49 28.54
C LEU W 106 -1.99 0.83 27.20
N LYS W 107 -1.03 0.93 26.28
CA LYS W 107 -1.13 0.23 25.02
C LYS W 107 -0.79 -1.25 25.18
N LYS W 108 0.17 -1.57 26.05
CA LYS W 108 0.55 -2.94 26.30
C LYS W 108 0.99 -3.08 27.76
N LEU W 109 0.83 -4.29 28.28
CA LEU W 109 1.15 -4.62 29.66
C LEU W 109 2.59 -5.15 29.74
N PRO W 110 3.46 -4.58 30.58
CA PRO W 110 4.82 -5.15 30.68
C PRO W 110 4.83 -6.34 31.64
N LEU W 111 4.36 -7.49 31.16
CA LEU W 111 4.24 -8.65 32.03
C LEU W 111 5.60 -9.15 32.47
N ILE W 112 6.52 -9.34 31.52
CA ILE W 112 7.83 -9.91 31.79
C ILE W 112 8.87 -9.10 31.02
N ASN W 113 9.93 -8.69 31.71
CA ASN W 113 11.09 -8.08 31.05
C ASN W 113 12.26 -8.25 32.00
N SER W 114 13.12 -9.23 31.73
CA SER W 114 14.28 -9.48 32.56
C SER W 114 15.42 -9.99 31.70
N LYS W 115 16.64 -9.61 32.07
CA LYS W 115 17.86 -10.01 31.40
C LYS W 115 18.76 -10.69 32.43
N ALA W 116 19.84 -11.29 31.94
CA ALA W 116 20.59 -12.28 32.72
C ALA W 116 21.14 -11.69 34.01
N GLY W 117 21.83 -10.56 33.91
CA GLY W 117 22.52 -9.98 35.06
C GLY W 117 22.24 -8.51 35.29
N GLU W 118 21.14 -8.01 34.74
CA GLU W 118 20.75 -6.62 34.86
C GLU W 118 19.57 -6.48 35.80
N ILE W 119 19.37 -5.25 36.27
CA ILE W 119 18.24 -4.94 37.14
C ILE W 119 16.97 -4.96 36.32
N VAL W 120 15.92 -5.57 36.89
CA VAL W 120 14.66 -5.71 36.18
C VAL W 120 14.05 -4.34 35.98
N LYS W 121 13.84 -3.97 34.72
CA LYS W 121 13.26 -2.69 34.34
C LYS W 121 11.86 -2.92 33.77
N ILE W 122 11.06 -1.87 33.85
CA ILE W 122 9.69 -1.87 33.34
C ILE W 122 9.52 -0.65 32.45
N GLU W 123 8.98 -0.87 31.26
CA GLU W 123 8.72 0.20 30.30
C GLU W 123 7.31 0.05 29.77
N VAL W 124 6.55 1.14 29.81
CA VAL W 124 5.17 1.15 29.34
C VAL W 124 4.96 2.35 28.41
N GLU W 125 3.95 2.22 27.56
CA GLU W 125 3.53 3.28 26.67
C GLU W 125 2.02 3.26 26.60
N GLY W 126 1.45 4.39 26.19
CA GLY W 126 0.01 4.48 26.15
C GLY W 126 -0.43 5.80 25.55
N SER W 127 -1.72 6.08 25.72
CA SER W 127 -2.36 7.26 25.17
C SER W 127 -3.19 7.93 26.24
N PHE W 128 -3.35 9.25 26.11
CA PHE W 128 -4.19 10.03 27.00
C PHE W 128 -5.03 11.00 26.16
N ARG W 129 -6.17 11.38 26.71
CA ARG W 129 -7.14 12.20 25.98
C ARG W 129 -6.72 13.65 25.96
N GLY W 130 -6.54 14.24 27.15
CA GLY W 130 -6.21 15.64 27.27
C GLY W 130 -5.32 15.88 28.48
N TYR W 131 -4.97 17.14 28.68
CA TYR W 131 -4.05 17.54 29.73
C TYR W 131 -4.55 18.80 30.41
N ASP W 132 -4.22 18.94 31.68
CA ASP W 132 -4.45 20.15 32.45
C ASP W 132 -3.10 20.67 32.94
N LEU W 133 -2.79 21.91 32.59
CA LEU W 133 -1.57 22.57 33.04
C LEU W 133 -1.89 23.23 34.38
N LEU W 134 -1.75 22.45 35.46
CA LEU W 134 -2.17 22.90 36.77
C LEU W 134 -1.34 24.08 37.25
N ASN W 135 -0.02 24.02 37.07
CA ASN W 135 0.90 25.03 37.54
C ASN W 135 2.02 25.17 36.53
N GLU W 136 2.89 26.15 36.74
CA GLU W 136 3.83 26.55 35.70
C GLU W 136 4.91 27.49 36.23
N GLU X 13 -11.72 -65.15 8.91
CA GLU X 13 -12.68 -65.03 7.79
C GLU X 13 -11.95 -64.91 6.46
N ILE X 14 -12.72 -64.77 5.38
CA ILE X 14 -12.20 -64.75 4.01
C ILE X 14 -12.54 -63.39 3.43
N PRO X 15 -11.73 -62.82 2.51
CA PRO X 15 -12.13 -61.54 1.91
C PRO X 15 -13.46 -61.61 1.16
N GLY X 16 -14.25 -60.56 1.32
CA GLY X 16 -15.45 -60.37 0.51
C GLY X 16 -16.56 -59.68 1.29
N PHE X 17 -17.59 -59.25 0.55
CA PHE X 17 -18.82 -58.77 1.16
C PHE X 17 -19.54 -59.89 1.89
N TYR X 18 -20.15 -59.53 3.02
CA TYR X 18 -20.98 -60.42 3.82
C TYR X 18 -22.17 -59.59 4.29
N ASN X 19 -23.19 -59.50 3.43
CA ASN X 19 -24.40 -58.77 3.73
C ASN X 19 -25.28 -59.64 4.62
N ARG X 20 -25.58 -59.16 5.82
CA ARG X 20 -26.37 -59.91 6.80
C ARG X 20 -27.36 -58.95 7.46
N PHE X 21 -28.62 -59.06 7.05
CA PHE X 21 -29.71 -58.32 7.66
C PHE X 21 -29.79 -58.65 9.15
N LYS X 22 -29.96 -57.61 9.97
CA LYS X 22 -30.23 -57.74 11.39
C LYS X 22 -31.61 -57.16 11.68
N THR X 23 -32.36 -57.85 12.53
CA THR X 23 -33.72 -57.42 12.86
C THR X 23 -33.69 -56.10 13.60
N GLN X 24 -34.69 -55.26 13.34
CA GLN X 24 -34.76 -53.94 13.96
C GLN X 24 -34.99 -54.01 15.46
N ALA X 25 -35.48 -55.12 15.99
CA ALA X 25 -35.71 -55.23 17.43
C ALA X 25 -34.41 -55.14 18.22
N GLU X 26 -33.27 -55.44 17.61
CA GLU X 26 -31.99 -55.49 18.31
C GLU X 26 -31.29 -54.14 18.28
N LYS X 27 -31.94 -53.14 18.86
CA LYS X 27 -31.37 -51.80 18.94
C LYS X 27 -30.49 -51.68 20.18
N SER X 28 -29.35 -51.01 20.00
CA SER X 28 -28.49 -50.71 21.13
C SER X 28 -29.06 -49.56 21.94
N THR X 29 -28.62 -49.46 23.19
CA THR X 29 -29.10 -48.43 24.09
C THR X 29 -28.60 -47.05 23.63
N ASN X 30 -29.01 -46.02 24.36
CA ASN X 30 -28.66 -44.65 24.01
C ASN X 30 -27.17 -44.40 24.19
N THR X 31 -26.74 -43.18 23.89
CA THR X 31 -25.35 -42.77 24.00
C THR X 31 -25.10 -41.72 25.06
N GLY X 32 -26.11 -40.92 25.41
CA GLY X 32 -25.95 -39.89 26.41
C GLY X 32 -26.02 -40.43 27.82
N LEU X 33 -24.97 -41.14 28.24
CA LEU X 33 -24.90 -41.76 29.55
C LEU X 33 -23.59 -41.38 30.23
N LYS X 34 -23.64 -41.35 31.56
CA LYS X 34 -22.50 -40.94 32.36
C LYS X 34 -22.60 -41.58 33.73
N GLY X 35 -21.47 -41.64 34.43
CA GLY X 35 -21.44 -41.97 35.83
C GLY X 35 -21.39 -43.47 36.10
N ARG X 36 -21.11 -43.80 37.37
CA ARG X 36 -20.95 -45.17 37.83
C ARG X 36 -21.83 -45.42 39.05
N LEU X 37 -22.46 -46.59 39.10
CA LEU X 37 -23.40 -46.94 40.15
C LEU X 37 -23.13 -48.35 40.66
N ALA X 38 -23.36 -48.54 41.95
CA ALA X 38 -23.26 -49.84 42.61
C ALA X 38 -24.64 -50.43 42.80
N MET X 39 -24.69 -51.76 42.86
CA MET X 39 -25.95 -52.49 42.90
C MET X 39 -25.80 -53.87 43.53
N PRO X 40 -26.07 -54.03 44.84
CA PRO X 40 -26.05 -55.40 45.43
C PRO X 40 -27.30 -56.20 45.07
N ILE X 41 -27.31 -56.67 43.82
CA ILE X 41 -28.52 -57.28 43.27
C ILE X 41 -28.80 -58.62 43.94
N ARG X 42 -30.06 -58.82 44.34
CA ARG X 42 -30.54 -60.11 44.83
C ARG X 42 -31.02 -60.92 43.62
N ALA X 43 -30.07 -61.58 42.98
CA ALA X 43 -30.34 -62.32 41.76
C ALA X 43 -30.58 -63.79 42.08
N ASN X 44 -31.69 -64.34 41.57
CA ASN X 44 -31.87 -65.78 41.61
C ASN X 44 -30.73 -66.50 40.91
N TRP X 45 -30.26 -65.93 39.80
CA TRP X 45 -29.15 -66.47 39.03
C TRP X 45 -28.18 -65.35 38.72
N GLY X 46 -26.90 -65.67 38.67
CA GLY X 46 -25.88 -64.71 38.33
C GLY X 46 -24.56 -65.03 39.01
N ASP X 47 -23.65 -64.05 38.95
CA ASP X 47 -22.27 -64.22 39.37
C ASP X 47 -22.14 -63.94 40.86
N VAL X 48 -21.80 -64.96 41.64
CA VAL X 48 -21.74 -64.86 43.10
C VAL X 48 -20.28 -64.67 43.51
N GLY X 49 -20.06 -63.77 44.45
CA GLY X 49 -18.73 -63.52 44.99
C GLY X 49 -17.87 -62.57 44.19
N LYS X 50 -18.42 -61.89 43.18
CA LYS X 50 -17.66 -60.97 42.36
C LYS X 50 -18.57 -59.90 41.81
N VAL X 51 -17.99 -58.73 41.55
CA VAL X 51 -18.70 -57.57 41.01
C VAL X 51 -18.47 -57.54 39.50
N VAL X 52 -19.54 -57.35 38.73
CA VAL X 52 -19.49 -57.31 37.28
C VAL X 52 -19.84 -55.90 36.84
N THR X 53 -19.09 -55.37 35.87
CA THR X 53 -19.26 -54.01 35.38
C THR X 53 -20.05 -54.07 34.08
N ILE X 54 -21.36 -53.92 34.18
CA ILE X 54 -22.24 -53.92 33.02
C ILE X 54 -22.16 -52.55 32.35
N LYS X 55 -22.12 -52.55 31.02
CA LYS X 55 -22.06 -51.33 30.24
C LYS X 55 -23.48 -50.76 30.06
N ASN X 56 -23.61 -49.77 29.18
CA ASN X 56 -24.93 -49.22 28.82
C ASN X 56 -25.90 -50.31 28.37
N ASP X 57 -25.40 -51.32 27.66
CA ASP X 57 -26.27 -52.30 27.05
C ASP X 57 -27.02 -53.11 28.10
N LEU X 58 -28.32 -53.28 27.88
CA LEU X 58 -29.14 -54.15 28.72
C LEU X 58 -28.89 -55.63 28.47
N ARG X 59 -28.11 -55.97 27.44
CA ARG X 59 -28.07 -57.36 27.00
C ARG X 59 -27.24 -58.19 27.96
N GLN X 60 -26.11 -57.64 28.42
CA GLN X 60 -25.30 -58.34 29.40
C GLN X 60 -26.05 -58.55 30.70
N LEU X 61 -26.90 -57.58 31.07
CA LEU X 61 -27.68 -57.71 32.30
C LEU X 61 -28.60 -58.92 32.23
N LYS X 62 -29.39 -59.06 31.16
CA LYS X 62 -30.34 -60.17 31.14
C LYS X 62 -29.61 -61.49 30.88
N ASN X 63 -28.56 -61.46 30.07
CA ASN X 63 -27.80 -62.68 29.83
C ASN X 63 -27.14 -63.20 31.10
N LEU X 64 -26.71 -62.29 31.99
CA LEU X 64 -25.99 -62.68 33.20
C LEU X 64 -26.87 -62.79 34.44
N PHE X 65 -28.04 -62.13 34.46
CA PHE X 65 -28.86 -62.03 35.65
C PHE X 65 -30.33 -62.25 35.33
N GLY X 66 -30.61 -63.23 34.48
CA GLY X 66 -31.99 -63.64 34.22
C GLY X 66 -32.82 -62.61 33.50
N ASP X 67 -33.98 -63.03 32.99
CA ASP X 67 -34.91 -62.18 32.26
C ASP X 67 -36.19 -61.96 33.07
N ASP X 68 -36.29 -62.55 34.27
CA ASP X 68 -37.55 -62.58 34.98
C ASP X 68 -37.76 -61.29 35.78
N MET X 69 -39.00 -60.79 35.74
CA MET X 69 -39.32 -59.52 36.38
C MET X 69 -39.26 -59.63 37.89
N ASN X 70 -39.72 -60.76 38.46
CA ASN X 70 -39.73 -60.90 39.91
C ASN X 70 -38.32 -60.88 40.48
N TYR X 71 -37.32 -61.25 39.68
CA TYR X 71 -35.94 -61.16 40.13
C TYR X 71 -35.62 -59.70 40.43
N SER X 72 -35.18 -59.43 41.66
CA SER X 72 -34.78 -58.06 42.00
C SER X 72 -33.63 -57.60 41.13
N ALA X 73 -32.74 -58.51 40.74
CA ALA X 73 -31.60 -58.15 39.92
C ALA X 73 -32.03 -57.55 38.60
N PHE X 74 -32.83 -58.29 37.82
CA PHE X 74 -33.25 -57.80 36.51
C PHE X 74 -34.11 -56.55 36.63
N LYS X 75 -35.06 -56.55 37.57
CA LYS X 75 -35.99 -55.43 37.71
C LYS X 75 -35.25 -54.15 38.02
N LEU X 76 -34.40 -54.19 39.05
CA LEU X 76 -33.70 -52.99 39.49
C LEU X 76 -32.56 -52.61 38.55
N GLY X 77 -31.91 -53.58 37.90
CA GLY X 77 -30.94 -53.23 36.88
C GLY X 77 -31.58 -52.55 35.69
N LYS X 78 -32.76 -53.00 35.30
CA LYS X 78 -33.53 -52.32 34.26
C LYS X 78 -33.86 -50.90 34.68
N LEU X 79 -34.27 -50.71 35.94
CA LEU X 79 -34.49 -49.35 36.44
C LEU X 79 -33.23 -48.51 36.33
N ALA X 80 -32.09 -49.05 36.76
CA ALA X 80 -30.87 -48.27 36.78
C ALA X 80 -30.43 -47.89 35.37
N LEU X 81 -30.58 -48.82 34.42
CA LEU X 81 -30.11 -48.58 33.07
C LEU X 81 -31.07 -47.70 32.28
N LEU X 82 -32.37 -47.76 32.58
CA LEU X 82 -33.26 -46.68 32.13
C LEU X 82 -32.98 -45.37 32.85
N GLY X 83 -32.31 -45.41 34.01
CA GLY X 83 -31.74 -44.22 34.60
C GLY X 83 -30.52 -43.69 33.87
N ASN X 84 -30.04 -44.41 32.86
CA ASN X 84 -29.01 -43.94 31.93
C ASN X 84 -27.66 -43.77 32.64
N VAL X 85 -27.34 -44.72 33.51
CA VAL X 85 -25.99 -44.82 34.09
C VAL X 85 -25.06 -45.45 33.07
N LYS X 86 -23.87 -44.86 32.91
CA LYS X 86 -22.93 -45.36 31.91
C LYS X 86 -22.42 -46.75 32.27
N GLU X 87 -21.95 -46.92 33.51
CA GLU X 87 -21.46 -48.21 34.01
C GLU X 87 -22.23 -48.57 35.27
N LEU X 88 -22.84 -49.76 35.27
CA LEU X 88 -23.62 -50.25 36.40
C LEU X 88 -22.90 -51.47 36.95
N LEU X 89 -22.45 -51.36 38.21
CA LEU X 89 -21.64 -52.39 38.84
C LEU X 89 -22.55 -53.29 39.68
N LEU X 90 -22.75 -54.51 39.21
CA LEU X 90 -23.65 -55.46 39.84
C LEU X 90 -22.87 -56.49 40.66
N TYR X 91 -23.34 -56.72 41.88
CA TYR X 91 -22.85 -57.81 42.73
C TYR X 91 -24.04 -58.66 43.13
N ARG X 92 -24.00 -59.94 42.76
CA ARG X 92 -25.07 -60.84 43.18
C ARG X 92 -25.05 -61.04 44.68
N LEU X 93 -26.24 -61.13 45.26
CA LEU X 93 -26.41 -61.30 46.70
C LEU X 93 -27.19 -62.59 46.92
N VAL X 94 -26.57 -63.55 47.60
CA VAL X 94 -27.22 -64.80 47.96
C VAL X 94 -26.90 -65.13 49.41
N ASP X 95 -27.77 -65.91 50.03
CA ASP X 95 -27.53 -66.37 51.39
C ASP X 95 -26.40 -67.39 51.42
N GLY X 96 -25.82 -67.58 52.61
CA GLY X 96 -24.78 -68.58 52.76
C GLY X 96 -25.28 -69.98 52.45
N ASN X 97 -26.51 -70.29 52.88
CA ASN X 97 -27.09 -71.60 52.58
C ASN X 97 -27.35 -71.79 51.10
N GLN X 98 -27.57 -70.69 50.37
CA GLN X 98 -27.78 -70.78 48.93
C GLN X 98 -26.54 -71.33 48.24
N LYS X 99 -26.75 -72.27 47.32
CA LYS X 99 -25.66 -73.03 46.71
C LYS X 99 -26.02 -73.36 45.27
N LYS X 100 -25.13 -74.08 44.59
CA LYS X 100 -25.33 -74.50 43.22
C LYS X 100 -26.27 -75.70 43.15
N GLY X 101 -27.20 -75.64 42.20
CA GLY X 101 -27.90 -76.85 41.81
C GLY X 101 -26.92 -77.87 41.24
N THR X 102 -27.13 -79.13 41.59
CA THR X 102 -26.21 -80.20 41.24
C THR X 102 -26.97 -81.48 40.91
N LEU X 103 -26.49 -82.18 39.89
CA LEU X 103 -27.01 -83.50 39.55
C LEU X 103 -25.87 -84.35 39.01
N THR X 104 -26.07 -85.66 39.06
CA THR X 104 -25.09 -86.63 38.59
C THR X 104 -25.76 -87.53 37.57
N LEU X 105 -25.09 -87.71 36.43
CA LEU X 105 -25.52 -88.67 35.43
C LEU X 105 -24.91 -90.04 35.74
N LYS X 106 -25.51 -91.08 35.18
CA LYS X 106 -25.05 -92.44 35.40
C LYS X 106 -25.24 -93.25 34.13
N ASP X 107 -24.48 -94.33 34.03
CA ASP X 107 -24.54 -95.24 32.89
C ASP X 107 -25.44 -96.43 33.19
N THR X 108 -25.81 -97.14 32.13
CA THR X 108 -26.65 -98.33 32.22
C THR X 108 -26.01 -99.54 31.55
N THR X 109 -24.74 -99.46 31.15
CA THR X 109 -24.08 -100.61 30.55
C THR X 109 -23.98 -101.77 31.54
N GLU X 110 -23.61 -101.47 32.78
CA GLU X 110 -23.51 -102.48 33.83
C GLU X 110 -24.87 -102.70 34.49
N ASN X 111 -24.97 -103.79 35.26
CA ASN X 111 -26.21 -104.06 35.99
C ASN X 111 -26.48 -102.98 37.03
N SER X 112 -25.44 -102.51 37.72
CA SER X 112 -25.53 -101.43 38.70
C SER X 112 -24.98 -100.15 38.09
N ALA X 113 -25.79 -99.10 38.10
CA ALA X 113 -25.38 -97.83 37.52
C ALA X 113 -24.36 -97.13 38.42
N LYS X 114 -23.47 -96.36 37.80
CA LYS X 114 -22.42 -95.64 38.51
C LYS X 114 -22.27 -94.25 37.93
N ASP X 115 -21.78 -93.33 38.76
CA ASP X 115 -21.66 -91.92 38.37
C ASP X 115 -20.46 -91.73 37.44
N VAL X 116 -20.68 -91.00 36.35
CA VAL X 116 -19.61 -90.61 35.44
C VAL X 116 -19.56 -89.12 35.15
N ILE X 117 -20.65 -88.38 35.34
CA ILE X 117 -20.70 -86.93 35.09
C ILE X 117 -21.46 -86.27 36.23
N LYS X 118 -20.97 -85.11 36.67
CA LYS X 118 -21.71 -84.19 37.54
C LYS X 118 -22.00 -82.91 36.78
N LEU X 119 -23.27 -82.56 36.71
CA LEU X 119 -23.71 -81.28 36.15
C LEU X 119 -24.06 -80.36 37.31
N GLU X 120 -23.27 -79.30 37.48
CA GLU X 120 -23.49 -78.29 38.50
C GLU X 120 -23.77 -76.97 37.80
N THR X 121 -24.67 -76.18 38.38
CA THR X 121 -24.91 -74.85 37.85
C THR X 121 -23.61 -74.05 37.86
N LYS X 122 -23.38 -73.29 36.79
CA LYS X 122 -22.13 -72.55 36.65
C LYS X 122 -21.89 -71.64 37.84
N TYR X 123 -22.95 -71.04 38.36
CA TYR X 123 -22.91 -70.21 39.55
C TYR X 123 -24.05 -70.65 40.45
N PRO X 124 -24.00 -70.30 41.75
CA PRO X 124 -25.05 -70.77 42.67
C PRO X 124 -26.44 -70.36 42.22
N THR X 125 -27.38 -71.30 42.28
CA THR X 125 -28.77 -71.04 41.93
C THR X 125 -29.59 -72.29 42.23
N ALA X 126 -30.91 -72.09 42.30
CA ALA X 126 -31.86 -73.19 42.46
C ALA X 126 -33.07 -72.99 41.56
N ARG X 127 -32.89 -72.32 40.43
CA ARG X 127 -33.97 -72.08 39.49
C ARG X 127 -34.41 -73.40 38.86
N ASN X 128 -35.45 -73.33 38.02
CA ASN X 128 -36.00 -74.51 37.35
C ASN X 128 -35.14 -74.89 36.14
N PHE X 129 -33.88 -75.21 36.42
CA PHE X 129 -32.92 -75.59 35.39
C PHE X 129 -32.93 -77.11 35.27
N ASN X 130 -33.53 -77.61 34.20
CA ASN X 130 -33.76 -79.03 34.00
C ASN X 130 -32.81 -79.57 32.93
N VAL X 131 -32.63 -80.89 32.93
CA VAL X 131 -31.75 -81.58 32.00
C VAL X 131 -32.52 -82.73 31.39
N THR X 132 -32.19 -83.06 30.14
CA THR X 132 -32.74 -84.24 29.48
C THR X 132 -31.67 -84.83 28.58
N ILE X 133 -31.51 -86.15 28.66
CA ILE X 133 -30.50 -86.88 27.90
C ILE X 133 -31.16 -88.11 27.29
N LYS X 134 -30.86 -88.36 26.01
CA LYS X 134 -31.45 -89.47 25.28
C LYS X 134 -30.44 -89.95 24.24
N SER X 135 -30.78 -91.04 23.56
CA SER X 135 -29.92 -91.59 22.54
C SER X 135 -30.03 -90.78 21.24
N ASN X 136 -28.93 -90.76 20.49
CA ASN X 136 -28.89 -90.07 19.20
C ASN X 136 -29.31 -91.01 18.10
N LEU X 137 -30.25 -90.56 17.26
CA LEU X 137 -30.76 -91.41 16.20
C LEU X 137 -29.75 -91.56 15.06
N VAL X 138 -29.01 -90.49 14.76
CA VAL X 138 -28.08 -90.51 13.63
C VAL X 138 -26.96 -91.51 13.89
N ASP X 139 -26.37 -91.47 15.09
CA ASP X 139 -25.27 -92.34 15.48
C ASP X 139 -25.62 -93.01 16.79
N SER X 140 -25.40 -94.34 16.85
CA SER X 140 -25.72 -95.08 18.07
C SER X 140 -24.85 -94.62 19.23
N ASP X 141 -23.56 -94.39 19.00
CA ASP X 141 -22.66 -93.99 20.07
C ASP X 141 -22.95 -92.59 20.58
N LYS X 142 -23.53 -91.72 19.76
CA LYS X 142 -23.83 -90.37 20.17
C LYS X 142 -25.08 -90.32 21.05
N LYS X 143 -25.17 -89.27 21.86
CA LYS X 143 -26.34 -89.00 22.68
C LYS X 143 -26.73 -87.52 22.55
N ASP X 144 -28.03 -87.26 22.64
CA ASP X 144 -28.56 -85.91 22.60
C ASP X 144 -28.68 -85.40 24.03
N PHE X 145 -28.06 -84.26 24.31
CA PHE X 145 -28.12 -83.60 25.60
C PHE X 145 -28.83 -82.26 25.44
N ILE X 146 -29.85 -82.04 26.26
CA ILE X 146 -30.70 -80.86 26.16
C ILE X 146 -30.89 -80.28 27.55
N PHE X 147 -30.93 -78.95 27.63
CA PHE X 147 -31.13 -78.22 28.88
C PHE X 147 -32.35 -77.31 28.73
N PHE X 148 -33.17 -77.28 29.78
CA PHE X 148 -34.41 -76.50 29.84
C PHE X 148 -34.35 -75.47 30.95
N GLU X 149 -34.99 -74.33 30.70
CA GLU X 149 -35.13 -73.23 31.66
C GLU X 149 -36.59 -72.82 31.73
N ASN X 150 -37.27 -73.18 32.81
CA ASN X 150 -38.70 -72.89 32.99
C ASN X 150 -39.49 -73.40 31.78
N THR X 151 -39.18 -74.61 31.35
CA THR X 151 -39.79 -75.23 30.17
C THR X 151 -39.39 -74.53 28.88
N LYS X 152 -38.22 -73.89 28.86
CA LYS X 152 -37.68 -73.24 27.67
C LYS X 152 -36.29 -73.81 27.39
N GLN X 153 -36.08 -74.29 26.16
CA GLN X 153 -34.80 -74.90 25.80
C GLN X 153 -33.70 -73.87 25.82
N LEU X 154 -32.53 -74.27 26.35
CA LEU X 154 -31.32 -73.45 26.39
C LEU X 154 -30.23 -74.00 25.48
N PHE X 155 -29.91 -75.29 25.60
CA PHE X 155 -28.82 -75.91 24.85
C PHE X 155 -29.33 -77.21 24.26
N SER X 156 -28.79 -77.57 23.09
CA SER X 156 -29.14 -78.83 22.45
C SER X 156 -28.03 -79.22 21.50
N SER X 157 -27.49 -80.42 21.67
CA SER X 157 -26.42 -80.92 20.81
C SER X 157 -26.36 -82.42 20.91
N SER X 158 -25.76 -83.04 19.88
CA SER X 158 -25.49 -84.46 19.84
C SER X 158 -23.98 -84.67 19.87
N ILE X 159 -23.51 -85.44 20.84
CA ILE X 159 -22.09 -85.66 21.07
C ILE X 159 -21.87 -87.14 21.31
N LYS X 160 -20.67 -87.62 20.96
CA LYS X 160 -20.30 -89.02 21.15
C LYS X 160 -20.51 -89.43 22.61
N GLY X 161 -20.79 -90.72 22.81
CA GLY X 161 -21.07 -91.25 24.13
C GLY X 161 -19.91 -91.19 25.10
N THR X 162 -18.70 -90.95 24.62
CA THR X 162 -17.54 -90.81 25.49
C THR X 162 -17.74 -89.66 26.46
N ILE X 163 -17.45 -89.91 27.73
CA ILE X 163 -17.66 -88.90 28.76
C ILE X 163 -16.77 -87.68 28.53
N ASP X 164 -15.58 -87.91 27.98
CA ASP X 164 -14.65 -86.80 27.74
C ASP X 164 -15.25 -85.80 26.75
N GLU X 165 -15.74 -86.29 25.61
CA GLU X 165 -16.33 -85.41 24.62
C GLU X 165 -17.59 -84.73 25.15
N ILE X 166 -18.39 -85.45 25.94
CA ILE X 166 -19.62 -84.89 26.49
C ILE X 166 -19.28 -83.73 27.42
N VAL X 167 -18.33 -83.93 28.32
CA VAL X 167 -17.92 -82.87 29.24
C VAL X 167 -17.31 -81.71 28.47
N LEU X 168 -16.51 -82.02 27.44
CA LEU X 168 -15.87 -80.97 26.66
C LEU X 168 -16.89 -80.07 25.97
N GLU X 169 -17.86 -80.68 25.30
CA GLU X 169 -18.89 -79.89 24.62
C GLU X 169 -19.75 -79.13 25.62
N ILE X 170 -20.08 -79.75 26.76
CA ILE X 170 -20.93 -79.08 27.74
C ILE X 170 -20.21 -77.86 28.31
N ASN X 171 -18.92 -77.99 28.63
CA ASN X 171 -18.17 -76.85 29.15
C ASN X 171 -17.72 -75.88 28.07
N SER X 172 -17.82 -76.25 26.79
CA SER X 172 -17.35 -75.41 25.69
C SER X 172 -18.45 -74.53 25.10
N ASN X 173 -19.59 -75.12 24.76
CA ASN X 173 -20.65 -74.38 24.09
C ASN X 173 -21.19 -73.29 25.00
N LEU X 174 -21.40 -72.10 24.42
CA LEU X 174 -21.80 -70.94 25.20
C LEU X 174 -23.23 -71.01 25.70
N ASP X 175 -24.07 -71.84 25.09
CA ASP X 175 -25.43 -72.03 25.58
C ASP X 175 -25.47 -72.82 26.88
N ASN X 176 -24.34 -73.41 27.30
CA ASN X 176 -24.22 -74.08 28.59
C ASN X 176 -23.77 -73.12 29.70
N GLU X 177 -24.09 -71.83 29.57
CA GLU X 177 -23.67 -70.85 30.56
C GLU X 177 -24.24 -71.13 31.95
N TYR X 178 -25.31 -71.94 32.04
CA TYR X 178 -25.98 -72.21 33.30
C TYR X 178 -25.53 -73.54 33.92
N VAL X 179 -24.47 -74.16 33.41
CA VAL X 179 -24.07 -75.48 33.89
C VAL X 179 -22.61 -75.72 33.56
N ILE X 180 -21.94 -76.48 34.44
CA ILE X 180 -20.61 -77.02 34.18
C ILE X 180 -20.70 -78.54 34.32
N ALA X 181 -20.12 -79.26 33.37
CA ALA X 181 -19.98 -80.70 33.45
C ALA X 181 -18.54 -81.05 33.83
N THR X 182 -18.38 -81.91 34.83
CA THR X 182 -17.08 -82.40 35.25
C THR X 182 -17.10 -83.92 35.28
N LYS X 183 -16.07 -84.53 34.72
CA LYS X 183 -15.98 -85.99 34.61
C LYS X 183 -15.70 -86.59 35.98
N VAL X 184 -16.66 -87.37 36.50
CA VAL X 184 -16.47 -88.02 37.79
C VAL X 184 -15.32 -89.02 37.70
N ALA X 185 -15.34 -89.86 36.68
CA ALA X 185 -14.35 -90.90 36.50
C ALA X 185 -14.23 -91.18 35.01
N ASP X 186 -13.09 -91.74 34.63
CA ASP X 186 -12.86 -92.05 33.22
C ASP X 186 -13.76 -93.20 32.79
N SER X 187 -14.52 -92.99 31.72
CA SER X 187 -15.44 -94.01 31.24
C SER X 187 -15.94 -93.61 29.86
N ASP X 188 -16.29 -94.62 29.06
CA ASP X 188 -16.94 -94.43 27.77
C ASP X 188 -18.31 -95.10 27.73
N THR X 189 -18.88 -95.42 28.89
CA THR X 189 -20.14 -96.14 28.96
C THR X 189 -21.29 -95.25 28.48
N ILE X 190 -22.34 -95.91 28.02
CA ILE X 190 -23.54 -95.22 27.54
C ILE X 190 -24.31 -94.70 28.75
N LEU X 191 -24.66 -93.43 28.71
CA LEU X 191 -25.32 -92.79 29.85
C LEU X 191 -26.75 -93.28 30.00
N ALA X 192 -27.34 -92.98 31.15
CA ALA X 192 -28.74 -93.28 31.40
C ALA X 192 -29.63 -92.22 30.78
N ASN X 193 -30.81 -92.64 30.34
CA ASN X 193 -31.79 -91.74 29.75
C ASN X 193 -32.66 -91.17 30.86
N VAL X 194 -32.53 -89.86 31.10
CA VAL X 194 -33.29 -89.16 32.13
C VAL X 194 -33.99 -87.98 31.46
N VAL X 195 -35.22 -87.71 31.89
CA VAL X 195 -36.08 -86.71 31.28
C VAL X 195 -36.46 -85.69 32.33
N ASN X 196 -36.09 -84.43 32.10
CA ASN X 196 -36.55 -83.28 32.89
C ASN X 196 -36.17 -83.44 34.36
N GLN X 197 -34.87 -83.59 34.60
CA GLN X 197 -34.31 -83.69 35.94
C GLN X 197 -33.82 -82.30 36.37
N ALA X 198 -34.37 -81.79 37.45
CA ALA X 198 -34.07 -80.44 37.93
C ALA X 198 -32.79 -80.45 38.76
N LEU X 199 -31.92 -79.48 38.50
CA LEU X 199 -30.72 -79.33 39.32
C LEU X 199 -31.10 -78.82 40.69
N GLU X 200 -30.63 -79.51 41.73
CA GLU X 200 -30.97 -79.22 43.11
C GLU X 200 -29.71 -79.21 43.97
N GLY X 201 -29.83 -78.65 45.17
CA GLY X 201 -28.71 -78.49 46.07
C GLY X 201 -28.39 -77.04 46.36
N GLY X 202 -29.41 -76.18 46.35
CA GLY X 202 -29.22 -74.78 46.59
C GLY X 202 -30.51 -74.10 46.98
N ASN X 203 -30.48 -72.77 46.96
CA ASN X 203 -31.63 -71.94 47.31
C ASN X 203 -31.93 -70.97 46.17
N ASP X 204 -33.04 -70.24 46.34
CA ASP X 204 -33.52 -69.33 45.31
C ASP X 204 -32.49 -68.27 44.99
N GLY X 205 -32.16 -67.41 45.95
CA GLY X 205 -31.23 -66.32 45.76
C GLY X 205 -31.82 -65.01 46.21
N CYS X 206 -33.11 -64.82 45.94
CA CYS X 206 -33.88 -63.71 46.49
C CYS X 206 -34.44 -64.01 47.88
N THR X 207 -34.25 -65.23 48.39
CA THR X 207 -34.79 -65.67 49.66
C THR X 207 -33.66 -65.77 50.68
N SER X 208 -33.99 -65.47 51.94
CA SER X 208 -33.02 -65.49 53.03
C SER X 208 -31.93 -64.45 52.79
N ILE X 209 -32.38 -63.25 52.41
CA ILE X 209 -31.51 -62.11 52.19
C ILE X 209 -31.23 -61.48 53.55
N THR X 210 -29.97 -61.59 54.01
CA THR X 210 -29.60 -61.34 55.40
C THR X 210 -28.57 -60.22 55.51
N ASN X 211 -28.48 -59.66 56.72
CA ASN X 211 -27.61 -58.52 56.97
C ASN X 211 -26.14 -58.86 56.75
N GLU X 212 -25.70 -60.03 57.23
CA GLU X 212 -24.31 -60.41 57.04
C GLU X 212 -23.97 -60.58 55.56
N SER X 213 -24.95 -61.01 54.76
CA SER X 213 -24.70 -61.21 53.34
C SER X 213 -24.50 -59.86 52.64
N TYR X 214 -25.35 -58.87 52.95
CA TYR X 214 -25.06 -57.50 52.53
C TYR X 214 -23.73 -57.01 53.01
N LEU X 215 -23.36 -57.30 54.25
CA LEU X 215 -22.10 -56.73 54.74
C LEU X 215 -20.92 -57.32 53.96
N LYS X 216 -21.00 -58.61 53.63
CA LYS X 216 -20.02 -59.18 52.72
C LYS X 216 -20.04 -58.45 51.39
N ALA X 217 -21.22 -58.22 50.84
CA ALA X 217 -21.32 -57.58 49.53
C ALA X 217 -20.75 -56.17 49.54
N LEU X 218 -21.01 -55.43 50.62
CA LEU X 218 -20.46 -54.09 50.78
C LEU X 218 -18.94 -54.15 50.83
N GLU X 219 -18.38 -55.14 51.52
CA GLU X 219 -16.94 -55.32 51.49
C GLU X 219 -16.46 -55.64 50.08
N GLU X 220 -17.24 -56.42 49.33
CA GLU X 220 -16.90 -56.67 47.94
C GLU X 220 -17.10 -55.42 47.08
N PHE X 221 -18.01 -54.54 47.47
CA PHE X 221 -18.18 -53.30 46.74
C PHE X 221 -17.11 -52.27 47.08
N GLU X 222 -16.31 -52.50 48.13
CA GLU X 222 -15.17 -51.64 48.40
C GLU X 222 -14.06 -51.78 47.36
N ARG X 223 -14.15 -52.75 46.45
CA ARG X 223 -13.19 -52.85 45.35
C ARG X 223 -13.06 -51.54 44.59
N TYR X 224 -14.18 -50.93 44.22
CA TYR X 224 -14.22 -49.82 43.28
C TYR X 224 -14.88 -48.60 43.93
N SER X 225 -14.87 -47.49 43.20
CA SER X 225 -15.44 -46.22 43.62
C SER X 225 -16.75 -45.99 42.87
N PHE X 226 -17.72 -45.39 43.55
CA PHE X 226 -19.06 -45.21 43.00
C PHE X 226 -19.50 -43.76 43.15
N ASP X 227 -20.22 -43.28 42.14
CA ASP X 227 -20.89 -41.99 42.30
C ASP X 227 -22.01 -42.08 43.33
N SER X 228 -22.67 -43.23 43.43
CA SER X 228 -23.75 -43.41 44.39
C SER X 228 -23.94 -44.90 44.66
N PHE X 229 -24.53 -45.18 45.82
CA PHE X 229 -24.90 -46.54 46.22
C PHE X 229 -26.40 -46.56 46.49
N VAL X 230 -27.04 -47.69 46.17
CA VAL X 230 -28.49 -47.75 46.05
C VAL X 230 -29.13 -48.79 46.97
N LEU X 231 -28.37 -49.72 47.54
CA LEU X 231 -28.83 -50.79 48.44
C LEU X 231 -29.70 -51.83 47.73
N ASP X 232 -29.88 -51.74 46.42
CA ASP X 232 -30.68 -52.68 45.64
C ASP X 232 -32.14 -52.65 46.10
N GLY X 233 -32.61 -51.48 46.53
CA GLY X 233 -34.03 -51.29 46.78
C GLY X 233 -34.63 -52.18 47.84
N VAL X 234 -33.96 -52.31 48.99
CA VAL X 234 -34.47 -53.07 50.13
C VAL X 234 -34.65 -52.08 51.28
N ALA X 235 -35.87 -52.00 51.80
CA ALA X 235 -36.25 -50.98 52.78
C ALA X 235 -36.09 -51.43 54.22
N ASP X 236 -35.33 -52.49 54.48
CA ASP X 236 -35.12 -52.93 55.85
C ASP X 236 -34.35 -51.87 56.63
N GLU X 237 -34.81 -51.57 57.84
CA GLU X 237 -34.19 -50.52 58.64
C GLU X 237 -32.77 -50.90 59.05
N ALA X 238 -32.56 -52.16 59.44
CA ALA X 238 -31.22 -52.59 59.83
C ALA X 238 -30.25 -52.47 58.66
N LEU X 239 -30.70 -52.82 57.46
CA LEU X 239 -29.84 -52.72 56.28
C LEU X 239 -29.51 -51.27 55.98
N GLN X 240 -30.50 -50.39 56.09
CA GLN X 240 -30.27 -48.97 55.90
C GLN X 240 -29.24 -48.45 56.89
N GLU X 241 -29.36 -48.86 58.15
CA GLU X 241 -28.41 -48.42 59.17
C GLU X 241 -27.01 -48.94 58.89
N THR X 242 -26.90 -50.20 58.50
CA THR X 242 -25.58 -50.78 58.21
C THR X 242 -24.93 -50.08 57.03
N THR X 243 -25.67 -49.85 55.96
CA THR X 243 -25.11 -49.15 54.81
C THR X 243 -24.80 -47.69 55.15
N LYS X 244 -25.59 -47.08 56.04
CA LYS X 244 -25.30 -45.72 56.49
C LYS X 244 -23.97 -45.66 57.21
N ALA X 245 -23.74 -46.58 58.14
CA ALA X 245 -22.46 -46.63 58.83
C ALA X 245 -21.33 -46.93 57.86
N TRP X 246 -21.59 -47.78 56.87
CA TRP X 246 -20.58 -48.09 55.85
C TRP X 246 -20.16 -46.85 55.08
N VAL X 247 -21.13 -46.08 54.59
CA VAL X 247 -20.80 -44.90 53.79
C VAL X 247 -20.16 -43.83 54.67
N ALA X 248 -20.59 -43.73 55.94
CA ALA X 248 -19.95 -42.81 56.85
C ALA X 248 -18.49 -43.17 57.08
N LYS X 249 -18.20 -44.46 57.26
CA LYS X 249 -16.82 -44.91 57.39
C LYS X 249 -16.03 -44.58 56.13
N ASN X 250 -16.63 -44.81 54.96
CA ASN X 250 -15.94 -44.52 53.71
C ASN X 250 -15.64 -43.02 53.57
N LYS X 251 -16.60 -42.17 53.92
CA LYS X 251 -16.38 -40.73 53.85
C LYS X 251 -15.29 -40.29 54.82
N GLU X 252 -15.28 -40.86 56.03
CA GLU X 252 -14.19 -40.58 56.96
C GLU X 252 -12.86 -41.04 56.38
N LEU X 253 -12.85 -42.17 55.67
CA LEU X 253 -11.65 -42.62 55.00
C LEU X 253 -11.30 -41.74 53.82
N GLY X 254 -12.29 -41.09 53.22
CA GLY X 254 -12.12 -40.22 52.06
C GLY X 254 -12.88 -40.66 50.83
N LYS X 255 -13.35 -41.90 50.80
CA LYS X 255 -14.15 -42.38 49.68
C LYS X 255 -15.57 -41.85 49.82
N ASP X 256 -16.00 -41.04 48.86
CA ASP X 256 -17.31 -40.40 48.89
C ASP X 256 -18.32 -41.27 48.15
N ILE X 257 -19.32 -41.76 48.87
CA ILE X 257 -20.41 -42.55 48.32
C ILE X 257 -21.72 -41.86 48.69
N LEU X 258 -22.58 -41.67 47.69
CA LEU X 258 -23.88 -41.05 47.88
C LEU X 258 -24.91 -42.16 47.99
N LEU X 259 -25.47 -42.32 49.19
CA LEU X 259 -26.40 -43.41 49.46
C LEU X 259 -27.84 -42.98 49.15
N PHE X 260 -28.57 -43.86 48.50
CA PHE X 260 -29.97 -43.66 48.14
C PHE X 260 -30.82 -44.75 48.77
N LEU X 261 -31.97 -44.38 49.31
CA LEU X 261 -32.82 -45.30 50.05
C LEU X 261 -34.28 -44.96 49.75
N GLY X 262 -35.20 -45.67 50.40
CA GLY X 262 -36.60 -45.35 50.30
C GLY X 262 -37.39 -45.94 51.43
N GLY X 263 -38.47 -45.24 51.80
CA GLY X 263 -39.35 -45.71 52.84
C GLY X 263 -40.27 -46.83 52.36
N LYS X 264 -40.92 -47.45 53.33
CA LYS X 264 -41.84 -48.54 53.04
C LYS X 264 -43.20 -47.96 52.63
N THR X 265 -44.12 -48.85 52.26
CA THR X 265 -45.47 -48.44 51.91
C THR X 265 -46.34 -48.18 53.13
N GLU X 266 -46.01 -48.78 54.28
CA GLU X 266 -46.83 -48.63 55.48
C GLU X 266 -46.74 -47.22 56.05
N ASP X 267 -45.60 -46.55 55.86
CA ASP X 267 -45.38 -45.26 56.49
C ASP X 267 -46.37 -44.22 55.98
N ASN X 268 -46.99 -43.49 56.91
CA ASN X 268 -47.83 -42.36 56.57
C ASN X 268 -46.95 -41.13 56.34
N ILE X 269 -47.60 -39.99 56.06
CA ILE X 269 -46.87 -38.79 55.69
C ILE X 269 -46.02 -38.31 56.87
N LYS X 270 -46.59 -38.29 58.06
CA LYS X 270 -45.84 -37.87 59.24
C LYS X 270 -44.70 -38.83 59.52
N GLN X 271 -44.94 -40.14 59.37
CA GLN X 271 -43.89 -41.11 59.65
C GLN X 271 -42.72 -40.96 58.69
N ILE X 272 -43.00 -40.78 57.39
CA ILE X 272 -41.90 -40.64 56.44
C ILE X 272 -41.17 -39.32 56.66
N ASN X 273 -41.91 -38.26 57.04
CA ASN X 273 -41.23 -37.00 57.35
C ASN X 273 -40.29 -37.17 58.54
N ASP X 274 -40.74 -37.87 59.58
CA ASP X 274 -39.90 -38.12 60.75
C ASP X 274 -38.71 -39.00 60.38
N LYS X 275 -38.92 -39.98 59.50
CA LYS X 275 -37.82 -40.83 59.05
C LYS X 275 -36.76 -40.00 58.34
N SER X 276 -37.19 -39.08 57.49
CA SER X 276 -36.23 -38.23 56.78
C SER X 276 -35.48 -37.33 57.75
N LYS X 277 -36.20 -36.71 58.71
CA LYS X 277 -35.52 -35.88 59.69
C LYS X 277 -34.57 -36.70 60.55
N SER X 278 -34.85 -38.00 60.74
CA SER X 278 -33.91 -38.84 61.47
C SER X 278 -32.56 -38.89 60.76
N PHE X 279 -32.58 -39.05 59.43
CA PHE X 279 -31.35 -38.96 58.65
C PHE X 279 -30.93 -37.49 58.55
N ASN X 280 -29.76 -37.18 59.07
CA ASN X 280 -29.16 -35.85 58.97
C ASN X 280 -27.74 -35.96 58.41
N ASP X 281 -27.61 -36.73 57.33
CA ASP X 281 -26.34 -36.95 56.66
C ASP X 281 -26.35 -36.27 55.30
N GLU X 282 -25.20 -35.71 54.91
CA GLU X 282 -25.10 -35.01 53.64
C GLU X 282 -25.30 -35.96 52.46
N ASN X 283 -24.78 -37.17 52.56
CA ASN X 283 -24.72 -38.11 51.45
C ASN X 283 -25.65 -39.31 51.67
N ILE X 284 -26.85 -39.05 52.17
CA ILE X 284 -27.91 -40.04 52.27
C ILE X 284 -29.18 -39.44 51.70
N VAL X 285 -29.91 -40.22 50.92
CA VAL X 285 -31.13 -39.78 50.24
C VAL X 285 -32.19 -40.85 50.43
N ASN X 286 -33.44 -40.42 50.66
CA ASN X 286 -34.58 -41.31 50.81
C ASN X 286 -35.71 -40.87 49.90
N VAL X 287 -36.39 -41.85 49.31
CA VAL X 287 -37.57 -41.64 48.48
C VAL X 287 -38.79 -42.07 49.29
N GLY X 288 -39.76 -41.17 49.45
CA GLY X 288 -40.93 -41.42 50.26
C GLY X 288 -42.20 -41.64 49.47
N SER X 289 -42.09 -42.09 48.22
CA SER X 289 -43.25 -42.27 47.36
C SER X 289 -43.00 -43.40 46.38
N SER X 290 -43.95 -44.34 46.32
CA SER X 290 -43.87 -45.43 45.36
C SER X 290 -44.35 -44.97 43.99
N ALA X 291 -44.02 -45.77 42.98
CA ALA X 291 -44.33 -45.43 41.59
C ALA X 291 -44.78 -46.66 40.83
N TYR X 292 -45.37 -46.41 39.66
CA TYR X 292 -45.86 -47.45 38.76
C TYR X 292 -45.33 -47.14 37.37
N TYR X 293 -44.80 -48.15 36.67
CA TYR X 293 -44.27 -47.94 35.33
C TYR X 293 -44.45 -49.23 34.54
N GLU X 294 -44.98 -49.11 33.32
CA GLU X 294 -45.44 -50.26 32.53
C GLU X 294 -46.42 -51.11 33.33
N ASN X 295 -47.28 -50.44 34.11
CA ASN X 295 -48.32 -51.03 34.94
C ASN X 295 -47.76 -51.88 36.08
N ILE X 296 -46.45 -51.90 36.30
CA ILE X 296 -45.81 -52.67 37.36
C ILE X 296 -45.44 -51.71 38.48
N LYS X 297 -45.70 -52.12 39.72
CA LYS X 297 -45.44 -51.26 40.86
C LYS X 297 -43.98 -51.34 41.28
N TYR X 298 -43.47 -50.21 41.78
CA TYR X 298 -42.15 -50.10 42.39
C TYR X 298 -42.30 -49.37 43.72
N THR X 299 -41.89 -50.03 44.80
CA THR X 299 -41.93 -49.42 46.11
C THR X 299 -40.90 -48.28 46.15
N PRO X 300 -41.03 -47.35 47.12
CA PRO X 300 -40.13 -46.18 47.11
C PRO X 300 -38.67 -46.55 47.18
N SER X 301 -38.34 -47.66 47.85
CA SER X 301 -36.96 -48.12 47.88
C SER X 301 -36.52 -48.64 46.52
N GLU X 302 -37.39 -49.38 45.83
CA GLU X 302 -37.07 -49.80 44.46
C GLU X 302 -36.96 -48.61 43.52
N VAL X 303 -37.86 -47.63 43.66
CA VAL X 303 -37.79 -46.43 42.83
C VAL X 303 -36.50 -45.65 43.12
N ALA X 304 -35.98 -45.77 44.35
CA ALA X 304 -34.73 -45.10 44.68
C ALA X 304 -33.59 -45.58 43.79
N VAL X 305 -33.66 -46.80 43.26
CA VAL X 305 -32.65 -47.27 42.32
C VAL X 305 -32.62 -46.38 41.08
N TYR X 306 -33.79 -46.14 40.48
CA TYR X 306 -33.84 -45.27 39.31
C TYR X 306 -33.46 -43.84 39.68
N ILE X 307 -33.88 -43.38 40.85
CA ILE X 307 -33.56 -42.02 41.26
C ILE X 307 -32.06 -41.84 41.38
N ALA X 308 -31.38 -42.79 42.03
CA ALA X 308 -29.93 -42.76 42.14
C ALA X 308 -29.28 -42.84 40.76
N ALA X 309 -29.82 -43.69 39.89
CA ALA X 309 -29.25 -43.85 38.56
C ALA X 309 -29.34 -42.56 37.78
N LEU X 310 -30.48 -41.86 37.85
CA LEU X 310 -30.61 -40.59 37.14
C LEU X 310 -29.72 -39.53 37.76
N SER X 311 -29.58 -39.53 39.10
CA SER X 311 -28.70 -38.59 39.76
C SER X 311 -27.26 -38.77 39.29
N VAL X 312 -26.83 -40.03 39.19
CA VAL X 312 -25.47 -40.31 38.75
C VAL X 312 -25.30 -39.99 37.27
N SER X 313 -26.33 -40.27 36.46
CA SER X 313 -26.27 -39.98 35.03
C SER X 313 -26.14 -38.48 34.79
N LYS X 314 -26.95 -37.67 35.48
CA LYS X 314 -26.74 -36.23 35.43
C LYS X 314 -25.37 -35.86 35.97
N GLY X 315 -25.00 -36.45 37.11
CA GLY X 315 -23.71 -36.17 37.73
C GLY X 315 -23.53 -34.69 37.98
N ILE X 316 -22.64 -34.08 37.21
CA ILE X 316 -22.43 -32.64 37.21
C ILE X 316 -22.98 -32.10 35.88
N THR X 317 -23.25 -30.80 35.86
CA THR X 317 -23.95 -30.13 34.76
C THR X 317 -25.40 -30.60 34.65
N GLY X 318 -25.98 -31.06 35.76
CA GLY X 318 -27.35 -31.52 35.74
C GLY X 318 -27.89 -31.69 37.14
N SER X 319 -29.21 -31.84 37.21
CA SER X 319 -29.90 -32.01 38.47
C SER X 319 -31.22 -32.72 38.18
N ILE X 320 -31.83 -33.26 39.23
CA ILE X 320 -33.05 -34.05 39.11
C ILE X 320 -34.16 -33.39 39.91
N CYS X 321 -34.15 -32.06 39.98
CA CYS X 321 -35.18 -31.35 40.73
C CYS X 321 -36.55 -31.55 40.13
N ASN X 322 -36.66 -31.40 38.81
CA ASN X 322 -37.91 -31.61 38.08
C ASN X 322 -37.64 -32.37 36.80
N ALA X 323 -36.81 -33.41 36.87
CA ALA X 323 -36.49 -34.19 35.68
C ALA X 323 -37.68 -35.03 35.27
N LYS X 324 -37.80 -35.26 33.96
CA LYS X 324 -38.90 -36.03 33.38
C LYS X 324 -38.61 -37.51 33.61
N THR X 325 -39.14 -38.04 34.71
CA THR X 325 -38.94 -39.45 35.02
C THR X 325 -39.85 -40.32 34.16
N ILE X 326 -39.39 -41.53 33.88
CA ILE X 326 -40.14 -42.43 33.01
C ILE X 326 -41.42 -42.94 33.65
N PHE X 327 -41.56 -42.82 34.97
CA PHE X 327 -42.72 -43.38 35.65
C PHE X 327 -43.99 -42.65 35.24
N GLU X 328 -45.08 -43.41 35.13
CA GLU X 328 -46.36 -42.87 34.66
C GLU X 328 -47.39 -42.69 35.77
N GLU X 329 -47.08 -43.03 37.02
CA GLU X 329 -48.00 -42.77 38.12
C GLU X 329 -47.21 -42.91 39.42
N VAL X 330 -47.61 -42.13 40.43
CA VAL X 330 -46.98 -42.13 41.75
C VAL X 330 -48.04 -42.02 42.84
N GLU X 331 -47.58 -42.18 44.08
CA GLU X 331 -48.41 -42.13 45.27
C GLU X 331 -47.50 -42.05 46.48
N PRO X 332 -47.92 -41.38 47.58
CA PRO X 332 -49.14 -40.60 47.80
C PRO X 332 -48.96 -39.16 47.35
N ARG X 333 -49.97 -38.29 47.51
CA ARG X 333 -49.93 -36.92 47.02
C ARG X 333 -50.27 -35.96 48.16
N LEU X 334 -49.88 -34.70 47.97
CA LEU X 334 -49.88 -33.72 49.04
C LEU X 334 -50.18 -32.34 48.46
N SER X 335 -50.64 -31.43 49.33
CA SER X 335 -50.87 -30.05 48.96
C SER X 335 -49.55 -29.26 49.02
N GLN X 336 -49.58 -28.03 48.49
CA GLN X 336 -48.35 -27.23 48.41
C GLN X 336 -47.78 -26.95 49.79
N SER X 337 -48.63 -26.60 50.76
CA SER X 337 -48.14 -26.41 52.11
C SER X 337 -47.61 -27.71 52.69
N GLU X 338 -48.29 -28.82 52.40
CA GLU X 338 -47.82 -30.11 52.91
C GLU X 338 -46.55 -30.55 52.19
N VAL X 339 -46.43 -30.28 50.89
CA VAL X 339 -45.17 -30.53 50.20
C VAL X 339 -44.05 -29.68 50.78
N LYS X 340 -44.36 -28.44 51.14
CA LYS X 340 -43.36 -27.58 51.79
C LYS X 340 -42.91 -28.19 53.10
N GLU X 341 -43.86 -28.65 53.92
CA GLU X 341 -43.50 -29.27 55.20
C GLU X 341 -42.65 -30.52 54.97
N CYS X 342 -43.03 -31.34 54.00
CA CYS X 342 -42.30 -32.57 53.72
C CYS X 342 -40.89 -32.28 53.22
N LEU X 343 -40.74 -31.27 52.35
CA LEU X 343 -39.42 -30.92 51.87
C LEU X 343 -38.55 -30.35 52.98
N LYS X 344 -39.14 -29.52 53.85
CA LYS X 344 -38.40 -29.04 55.01
C LYS X 344 -37.94 -30.19 55.90
N SER X 345 -38.78 -31.21 56.04
CA SER X 345 -38.36 -32.42 56.75
C SER X 345 -37.24 -33.14 56.00
N GLY X 346 -37.18 -32.98 54.68
CA GLY X 346 -36.11 -33.54 53.88
C GLY X 346 -36.47 -34.83 53.18
N THR X 347 -37.67 -34.90 52.61
CA THR X 347 -38.13 -36.07 51.87
C THR X 347 -38.15 -35.75 50.38
N LEU X 348 -37.61 -36.66 49.59
CA LEU X 348 -37.78 -36.60 48.14
C LEU X 348 -39.11 -37.24 47.78
N VAL X 349 -39.94 -36.50 47.03
CA VAL X 349 -41.29 -36.93 46.68
C VAL X 349 -41.48 -36.74 45.18
N LEU X 350 -41.86 -37.81 44.50
CA LEU X 350 -42.24 -37.71 43.11
C LEU X 350 -43.66 -37.17 43.00
N ASP X 351 -43.94 -36.50 41.88
CA ASP X 351 -45.26 -35.93 41.61
C ASP X 351 -45.62 -36.19 40.16
N PHE X 352 -46.93 -36.33 39.91
CA PHE X 352 -47.45 -36.62 38.58
C PHE X 352 -47.93 -35.29 38.03
N ASP X 353 -46.97 -34.45 37.60
CA ASP X 353 -47.29 -33.08 37.21
C ASP X 353 -47.99 -33.04 35.86
N ASP X 354 -47.65 -33.94 34.95
CA ASP X 354 -48.33 -34.08 33.67
C ASP X 354 -48.46 -35.57 33.42
N GLY X 355 -48.72 -35.96 32.16
CA GLY X 355 -48.86 -37.37 31.82
C GLY X 355 -47.70 -38.24 32.25
N ASP X 356 -46.52 -37.66 32.41
CA ASP X 356 -45.34 -38.34 32.94
C ASP X 356 -44.96 -37.76 34.30
N VAL X 357 -44.34 -38.59 35.13
CA VAL X 357 -43.99 -38.20 36.49
C VAL X 357 -42.82 -37.22 36.47
N ILE X 358 -42.80 -36.31 37.45
CA ILE X 358 -41.76 -35.31 37.59
C ILE X 358 -41.38 -35.19 39.07
N ILE X 359 -40.08 -35.10 39.34
CA ILE X 359 -39.59 -34.91 40.71
C ILE X 359 -39.98 -33.53 41.21
N VAL X 360 -40.13 -33.39 42.52
CA VAL X 360 -40.53 -32.12 43.12
C VAL X 360 -39.32 -31.20 43.30
N ASP X 361 -38.19 -31.72 43.78
CA ASP X 361 -37.04 -30.90 44.09
C ASP X 361 -35.86 -31.83 44.36
N ASP X 362 -34.64 -31.31 44.16
CA ASP X 362 -33.42 -32.09 44.29
C ASP X 362 -32.86 -31.90 45.70
N VAL X 363 -33.44 -32.63 46.65
CA VAL X 363 -33.17 -32.45 48.07
C VAL X 363 -32.63 -33.75 48.64
N ASN X 364 -31.76 -33.62 49.64
CA ASN X 364 -31.17 -34.73 50.38
C ASN X 364 -31.69 -34.70 51.82
N THR X 365 -31.28 -35.70 52.59
CA THR X 365 -31.70 -35.78 53.99
C THR X 365 -31.11 -34.69 54.87
N PHE X 366 -30.13 -33.93 54.37
CA PHE X 366 -29.48 -32.87 55.14
C PHE X 366 -30.14 -31.51 54.93
N LYS X 367 -31.44 -31.48 54.66
CA LYS X 367 -32.13 -30.19 54.59
C LYS X 367 -32.07 -29.51 55.94
N LYS X 368 -32.21 -30.26 57.02
CA LYS X 368 -32.09 -29.68 58.35
C LYS X 368 -30.65 -29.22 58.53
N TYR X 369 -30.43 -27.93 58.29
CA TYR X 369 -29.14 -27.26 58.42
C TYR X 369 -29.10 -26.48 59.73
N VAL X 370 -27.94 -25.87 60.00
CA VAL X 370 -27.74 -25.05 61.18
C VAL X 370 -26.91 -23.82 60.77
N ASP X 371 -26.85 -22.85 61.68
CA ASP X 371 -26.33 -21.54 61.32
C ASP X 371 -24.85 -21.61 60.94
N ASP X 372 -24.08 -22.49 61.58
CA ASP X 372 -22.65 -22.56 61.31
C ASP X 372 -22.35 -23.07 59.89
N LYS X 373 -23.31 -23.72 59.24
CA LYS X 373 -23.18 -24.19 57.86
C LYS X 373 -24.18 -23.44 56.98
N ASN X 374 -23.96 -23.52 55.67
CA ASN X 374 -24.78 -22.82 54.70
C ASN X 374 -25.93 -23.71 54.21
N GLU X 375 -26.87 -23.07 53.51
CA GLU X 375 -28.06 -23.76 53.03
C GLU X 375 -27.83 -24.49 51.71
N ALA X 376 -26.82 -24.09 50.94
CA ALA X 376 -26.64 -24.64 49.60
C ALA X 376 -26.26 -26.10 49.61
N MET X 377 -25.71 -26.61 50.71
CA MET X 377 -25.20 -27.97 50.76
C MET X 377 -26.28 -29.00 51.07
N GLY X 378 -27.53 -28.57 51.26
CA GLY X 378 -28.62 -29.50 51.52
C GLY X 378 -29.31 -30.01 50.26
N TYR X 379 -28.62 -29.98 49.13
CA TYR X 379 -29.16 -30.42 47.85
C TYR X 379 -28.23 -31.46 47.24
N ILE X 380 -28.83 -32.45 46.56
CA ILE X 380 -28.06 -33.55 46.00
C ILE X 380 -27.03 -33.04 44.99
N SER X 381 -27.40 -32.05 44.18
CA SER X 381 -26.49 -31.53 43.17
C SER X 381 -25.23 -30.97 43.80
N ASN X 382 -25.38 -30.22 44.89
CA ASN X 382 -24.21 -29.65 45.55
C ASN X 382 -23.37 -30.72 46.24
N ILE X 383 -24.00 -31.75 46.79
CA ILE X 383 -23.23 -32.85 47.36
C ILE X 383 -22.41 -33.55 46.28
N MET X 384 -23.03 -33.84 45.14
CA MET X 384 -22.30 -34.49 44.06
C MET X 384 -21.19 -33.59 43.53
N PHE X 385 -21.43 -32.28 43.52
CA PHE X 385 -20.46 -31.33 42.99
C PHE X 385 -19.26 -31.20 43.93
N ILE X 386 -19.51 -31.09 45.22
CA ILE X 386 -18.43 -31.02 46.20
C ILE X 386 -17.68 -32.35 46.24
N ASN X 387 -18.40 -33.47 46.16
CA ASN X 387 -17.75 -34.77 46.16
C ASN X 387 -16.86 -34.94 44.93
N THR X 388 -17.35 -34.49 43.77
CA THR X 388 -16.57 -34.58 42.55
C THR X 388 -15.31 -33.72 42.64
N ILE X 389 -15.42 -32.52 43.21
CA ILE X 389 -14.21 -31.70 43.39
C ILE X 389 -13.23 -32.37 44.34
N ASN X 390 -13.73 -32.86 45.47
CA ASN X 390 -12.82 -33.44 46.46
C ASN X 390 -12.13 -34.67 45.89
N LYS X 391 -12.85 -35.47 45.10
CA LYS X 391 -12.23 -36.60 44.44
C LYS X 391 -11.22 -36.15 43.39
N ASP X 392 -11.62 -35.23 42.50
CA ASP X 392 -10.77 -34.85 41.38
C ASP X 392 -9.47 -34.21 41.84
N THR X 393 -9.56 -33.31 42.83
CA THR X 393 -8.33 -32.83 43.47
C THR X 393 -7.61 -33.96 44.18
N SER X 394 -8.36 -34.88 44.80
CA SER X 394 -7.77 -36.02 45.47
C SER X 394 -7.21 -37.06 44.50
N LEU X 395 -7.62 -37.03 43.23
CA LEU X 395 -6.99 -37.88 42.23
C LEU X 395 -5.59 -37.42 41.86
N LYS X 396 -5.20 -36.20 42.23
CA LYS X 396 -3.88 -35.68 41.91
C LYS X 396 -2.83 -36.14 42.91
N ARG X 397 -2.74 -37.46 43.17
CA ARG X 397 -1.65 -38.01 43.97
C ARG X 397 -0.79 -39.01 43.23
N LYS X 398 -1.20 -39.46 42.05
CA LYS X 398 -0.51 -40.57 41.42
C LYS X 398 0.82 -40.15 40.81
N GLU X 399 1.09 -38.83 40.74
CA GLU X 399 2.32 -38.28 40.20
C GLU X 399 2.82 -37.10 41.03
N PHE X 400 2.26 -36.91 42.23
CA PHE X 400 2.19 -35.59 42.84
C PHE X 400 2.64 -35.58 44.29
N VAL X 401 2.33 -36.64 45.03
CA VAL X 401 2.68 -36.77 46.44
C VAL X 401 3.83 -37.76 46.57
N GLY X 402 4.89 -37.35 47.24
CA GLY X 402 6.11 -38.14 47.32
C GLY X 402 6.96 -38.07 46.08
N LYS X 403 6.54 -37.31 45.06
CA LYS X 403 7.22 -37.22 43.78
C LYS X 403 7.48 -35.77 43.38
N ILE X 404 7.17 -34.79 44.25
CA ILE X 404 7.36 -33.36 44.01
C ILE X 404 8.08 -32.77 45.21
N PHE X 405 8.81 -31.69 44.97
CA PHE X 405 9.51 -30.98 46.02
C PHE X 405 8.56 -29.98 46.69
N ASN X 406 8.98 -29.46 47.84
CA ASN X 406 8.17 -28.54 48.65
C ASN X 406 8.78 -27.14 48.66
N ASP X 407 9.26 -26.69 47.51
CA ASP X 407 9.78 -25.35 47.31
C ASP X 407 8.78 -24.53 46.49
N ALA X 408 9.15 -23.27 46.22
CA ALA X 408 8.27 -22.38 45.48
C ALA X 408 7.94 -22.93 44.09
N THR X 409 8.91 -23.56 43.43
CA THR X 409 8.66 -24.13 42.12
C THR X 409 7.61 -25.23 42.20
N GLY X 410 7.77 -26.15 43.15
CA GLY X 410 6.82 -27.23 43.28
C GLY X 410 5.43 -26.74 43.66
N GLN X 411 5.35 -25.81 44.60
CA GLN X 411 4.06 -25.26 45.01
C GLN X 411 3.38 -24.54 43.85
N THR X 412 4.17 -23.82 43.03
CA THR X 412 3.58 -23.14 41.89
C THR X 412 3.10 -24.13 40.84
N THR X 413 3.82 -25.24 40.65
CA THR X 413 3.31 -26.28 39.76
C THR X 413 2.02 -26.87 40.30
N VAL X 414 1.93 -27.04 41.63
CA VAL X 414 0.71 -27.55 42.25
C VAL X 414 -0.45 -26.63 41.94
N ILE X 415 -0.27 -25.34 42.18
CA ILE X 415 -1.34 -24.37 41.98
C ILE X 415 -1.69 -24.29 40.51
N CYS X 416 -0.70 -24.44 39.62
CA CYS X 416 -0.97 -24.45 38.19
C CYS X 416 -1.85 -25.64 37.81
N ALA X 417 -1.55 -26.82 38.35
CA ALA X 417 -2.36 -28.00 38.03
C ALA X 417 -3.78 -27.87 38.56
N LEU X 418 -3.93 -27.38 39.80
CA LEU X 418 -5.26 -27.22 40.36
C LEU X 418 -6.05 -26.17 39.61
N LYS X 419 -5.39 -25.06 39.24
CA LYS X 419 -6.04 -24.04 38.42
C LYS X 419 -6.42 -24.60 37.07
N LYS X 420 -5.58 -25.46 36.50
CA LYS X 420 -5.93 -26.09 35.23
C LYS X 420 -7.20 -26.91 35.37
N TYR X 421 -7.31 -27.69 36.44
CA TYR X 421 -8.52 -28.49 36.64
C TYR X 421 -9.74 -27.60 36.80
N PHE X 422 -9.61 -26.51 37.56
CA PHE X 422 -10.75 -25.61 37.73
C PHE X 422 -11.12 -24.91 36.42
N GLU X 423 -10.12 -24.53 35.63
CA GLU X 423 -10.38 -23.86 34.36
C GLU X 423 -11.06 -24.79 33.37
N GLU X 424 -10.61 -26.04 33.28
CA GLU X 424 -11.33 -26.99 32.46
C GLU X 424 -12.72 -27.25 33.00
N LEU X 425 -12.89 -27.23 34.33
CA LEU X 425 -14.21 -27.36 34.91
C LEU X 425 -15.09 -26.15 34.58
N MET X 426 -14.50 -24.95 34.60
CA MET X 426 -15.22 -23.76 34.18
C MET X 426 -15.60 -23.81 32.72
N SER X 427 -14.87 -24.58 31.91
CA SER X 427 -15.15 -24.64 30.48
C SER X 427 -16.52 -25.24 30.19
N GLN X 428 -17.00 -26.15 31.04
CA GLN X 428 -18.35 -26.69 30.86
C GLN X 428 -19.44 -25.77 31.40
N GLY X 429 -19.08 -24.58 31.89
CA GLY X 429 -20.06 -23.67 32.44
C GLY X 429 -20.54 -24.02 33.83
N ILE X 430 -19.89 -24.96 34.51
CA ILE X 430 -20.33 -25.36 35.84
C ILE X 430 -20.10 -24.25 36.85
N ILE X 431 -19.11 -23.40 36.62
CA ILE X 431 -18.70 -22.36 37.56
C ILE X 431 -18.66 -21.04 36.81
N SER X 432 -19.00 -19.96 37.52
CA SER X 432 -18.93 -18.61 36.98
C SER X 432 -17.58 -17.96 37.25
N GLU X 433 -17.02 -18.17 38.44
CA GLU X 433 -15.71 -17.64 38.78
C GLU X 433 -15.08 -18.54 39.83
N PHE X 434 -13.75 -18.52 39.89
CA PHE X 434 -13.02 -19.34 40.84
C PHE X 434 -11.73 -18.65 41.22
N ASN X 435 -11.14 -19.15 42.31
CA ASN X 435 -9.84 -18.68 42.78
C ASN X 435 -9.11 -19.88 43.38
N VAL X 436 -7.81 -19.98 43.12
CA VAL X 436 -6.96 -21.00 43.72
C VAL X 436 -5.61 -20.37 44.00
N ASP X 437 -5.20 -20.37 45.27
CA ASP X 437 -4.00 -19.67 45.73
C ASP X 437 -3.46 -20.41 46.94
N ILE X 438 -2.32 -19.96 47.43
CA ILE X 438 -1.68 -20.51 48.63
C ILE X 438 -2.43 -20.01 49.85
N ASP X 439 -2.57 -20.88 50.85
CA ASP X 439 -3.20 -20.50 52.13
C ASP X 439 -2.11 -19.94 53.04
N THR X 440 -1.84 -18.65 52.88
CA THR X 440 -0.68 -18.02 53.52
C THR X 440 -0.80 -18.06 55.05
N GLU X 441 -2.01 -17.82 55.56
CA GLU X 441 -2.21 -17.77 57.01
C GLU X 441 -1.76 -19.06 57.68
N LEU X 442 -2.21 -20.19 57.16
CA LEU X 442 -1.80 -21.47 57.70
C LEU X 442 -0.40 -21.83 57.26
N GLN X 443 -0.02 -21.49 56.02
CA GLN X 443 1.27 -21.91 55.49
C GLN X 443 2.42 -21.28 56.26
N ALA X 444 2.21 -20.12 56.86
CA ALA X 444 3.25 -19.52 57.70
C ALA X 444 3.61 -20.43 58.86
N THR X 445 2.60 -21.05 59.49
CA THR X 445 2.82 -21.97 60.60
C THR X 445 3.02 -23.41 60.15
N ALA X 446 3.12 -23.66 58.85
CA ALA X 446 3.22 -25.03 58.37
C ALA X 446 4.54 -25.67 58.77
N LYS X 447 4.49 -27.00 58.89
CA LYS X 447 5.69 -27.80 58.96
C LYS X 447 6.29 -27.92 57.56
N ALA X 448 7.56 -28.32 57.50
CA ALA X 448 8.30 -28.35 56.24
C ALA X 448 7.63 -29.22 55.19
N ASP X 449 7.08 -30.37 55.60
CA ASP X 449 6.45 -31.27 54.65
C ASP X 449 5.07 -30.80 54.22
N GLU X 450 4.35 -30.13 55.10
CA GLU X 450 2.98 -29.74 54.83
C GLU X 450 2.92 -28.66 53.76
N PHE X 451 1.94 -28.77 52.87
CA PHE X 451 1.59 -27.72 51.92
C PHE X 451 0.11 -27.39 52.09
N TYR X 452 -0.21 -26.10 52.17
CA TYR X 452 -1.56 -25.67 52.48
C TYR X 452 -2.04 -24.79 51.34
N TRP X 453 -3.25 -25.03 50.84
CA TRP X 453 -3.85 -24.18 49.82
C TRP X 453 -5.33 -24.00 50.10
N LYS X 454 -5.93 -23.06 49.38
CA LYS X 454 -7.34 -22.73 49.51
C LYS X 454 -7.91 -22.45 48.13
N TRP X 455 -9.23 -22.62 48.00
CA TRP X 455 -9.92 -22.35 46.75
C TRP X 455 -11.31 -21.80 47.01
N ASP X 456 -11.78 -21.00 46.05
CA ASP X 456 -13.12 -20.44 46.05
C ASP X 456 -13.79 -20.81 44.74
N ALA X 457 -15.11 -20.86 44.75
CA ALA X 457 -15.86 -21.04 43.51
C ALA X 457 -17.25 -20.46 43.68
N VAL X 458 -17.89 -20.21 42.55
CA VAL X 458 -19.26 -19.72 42.51
C VAL X 458 -20.01 -20.52 41.46
N LYS X 459 -20.86 -21.44 41.91
CA LYS X 459 -21.66 -22.23 40.98
C LYS X 459 -22.61 -21.35 40.20
N VAL X 460 -22.79 -21.68 38.92
CA VAL X 460 -23.72 -20.93 38.08
C VAL X 460 -25.14 -21.17 38.56
N ASP X 461 -25.93 -20.10 38.57
CA ASP X 461 -27.30 -20.19 39.02
C ASP X 461 -28.16 -20.88 37.97
N VAL X 462 -29.14 -21.67 38.45
CA VAL X 462 -30.08 -22.38 37.61
C VAL X 462 -31.48 -21.94 38.03
N MET X 463 -32.30 -21.55 37.05
CA MET X 463 -33.66 -21.14 37.34
C MET X 463 -34.44 -22.29 37.95
N LYS X 464 -35.07 -22.01 39.09
CA LYS X 464 -36.01 -22.93 39.73
C LYS X 464 -37.38 -22.30 39.94
N LYS X 465 -37.43 -21.05 40.39
CA LYS X 465 -38.67 -20.35 40.67
C LYS X 465 -38.84 -19.20 39.69
N ILE X 466 -40.02 -19.12 39.08
CA ILE X 466 -40.33 -18.14 38.05
C ILE X 466 -41.72 -17.59 38.35
N TYR X 467 -41.84 -16.27 38.47
CA TYR X 467 -43.12 -15.65 38.82
C TYR X 467 -43.50 -14.70 37.69
N GLY X 468 -44.74 -14.83 37.20
CA GLY X 468 -45.27 -13.96 36.18
C GLY X 468 -46.45 -13.13 36.64
N THR X 469 -46.36 -11.81 36.49
CA THR X 469 -47.39 -10.88 36.92
C THR X 469 -48.23 -10.50 35.70
N GLY X 470 -49.49 -10.94 35.68
CA GLY X 470 -50.36 -10.68 34.55
C GLY X 470 -51.15 -9.39 34.67
N TYR X 471 -51.58 -8.89 33.53
CA TYR X 471 -52.42 -7.71 33.43
C TYR X 471 -53.30 -7.85 32.20
N LEU X 472 -54.38 -7.09 32.16
CA LEU X 472 -55.33 -7.17 31.05
C LEU X 472 -56.03 -5.85 30.77
N ILE Y 7 66.83 38.03 30.30
CA ILE Y 7 67.85 38.94 30.88
C ILE Y 7 67.45 39.33 32.30
N GLU Y 8 66.32 40.03 32.42
CA GLU Y 8 65.96 40.66 33.69
C GLU Y 8 65.56 39.60 34.71
N GLU Y 9 66.34 39.51 35.78
CA GLU Y 9 66.04 38.60 36.89
C GLU Y 9 64.69 38.93 37.54
N ALA Y 10 64.33 40.21 37.58
CA ALA Y 10 63.18 40.63 38.38
C ALA Y 10 61.85 40.21 37.75
N SER Y 11 61.82 39.90 36.46
CA SER Y 11 60.57 39.60 35.80
C SER Y 11 59.99 38.27 36.25
N PHE Y 12 60.84 37.33 36.66
CA PHE Y 12 60.37 36.02 37.08
C PHE Y 12 59.55 36.12 38.37
N LEU Y 13 58.51 35.29 38.45
CA LEU Y 13 57.56 35.28 39.55
C LEU Y 13 57.60 33.92 40.22
N ASN Y 14 57.80 33.92 41.53
CA ASN Y 14 57.88 32.69 42.29
C ASN Y 14 56.50 32.30 42.81
N GLY Y 15 56.35 31.02 43.14
CA GLY Y 15 55.12 30.57 43.73
C GLY Y 15 54.84 31.15 45.09
N SER Y 16 55.88 31.64 45.78
CA SER Y 16 55.74 32.20 47.11
C SER Y 16 55.00 33.53 47.12
N ASP Y 17 54.85 34.19 45.98
CA ASP Y 17 54.17 35.48 45.88
C ASP Y 17 52.69 35.32 45.55
N VAL Y 18 52.07 34.26 46.06
CA VAL Y 18 50.73 33.82 45.67
C VAL Y 18 49.81 33.92 46.88
N VAL Y 19 48.62 34.47 46.68
CA VAL Y 19 47.57 34.47 47.68
C VAL Y 19 46.27 34.11 46.98
N ILE Y 20 45.54 33.15 47.57
CA ILE Y 20 44.33 32.59 46.98
C ILE Y 20 43.15 32.89 47.89
N LEU Y 21 42.05 33.32 47.31
CA LEU Y 21 40.81 33.61 48.02
C LEU Y 21 39.72 32.70 47.49
N ILE Y 22 39.17 31.86 48.35
CA ILE Y 22 38.05 30.98 48.02
C ILE Y 22 36.81 31.59 48.63
N ASP Y 23 35.91 32.10 47.78
CA ASP Y 23 34.67 32.73 48.23
C ASP Y 23 34.96 33.90 49.16
N GLY Y 24 36.03 34.65 48.85
CA GLY Y 24 36.34 35.87 49.55
C GLY Y 24 37.21 35.74 50.78
N VAL Y 25 37.48 34.52 51.25
CA VAL Y 25 38.31 34.28 52.41
C VAL Y 25 39.61 33.62 51.96
N GLU Y 26 40.73 34.12 52.49
CA GLU Y 26 42.03 33.69 52.02
C GLU Y 26 42.29 32.24 52.39
N GLU Y 27 42.91 31.51 51.46
CA GLU Y 27 43.31 30.12 51.65
C GLU Y 27 44.82 30.08 51.76
N LEU Y 28 45.32 29.57 52.89
CA LEU Y 28 46.73 29.67 53.23
C LEU Y 28 47.50 28.37 53.04
N TYR Y 29 46.82 27.22 53.09
CA TYR Y 29 47.45 25.91 53.12
C TYR Y 29 47.39 25.20 51.79
N MET Y 30 47.56 25.93 50.69
CA MET Y 30 47.52 25.38 49.34
C MET Y 30 48.92 25.14 48.82
N GLU Y 31 49.06 24.05 48.05
CA GLU Y 31 50.33 23.63 47.49
C GLU Y 31 50.48 24.01 46.02
N GLU Y 32 49.42 23.87 45.23
CA GLU Y 32 49.45 24.29 43.85
C GLU Y 32 48.04 24.54 43.36
N ILE Y 33 47.95 25.30 42.27
CA ILE Y 33 46.69 25.66 41.64
C ILE Y 33 46.86 25.70 40.13
N LYS Y 34 45.81 25.34 39.41
CA LYS Y 34 45.79 25.32 37.97
C LYS Y 34 44.44 25.86 37.49
N ALA Y 35 44.44 26.53 36.36
CA ALA Y 35 43.19 26.96 35.74
C ALA Y 35 43.43 27.17 34.25
N ASP Y 36 42.57 26.56 33.44
CA ASP Y 36 42.65 26.66 31.99
C ASP Y 36 41.27 26.98 31.43
N PHE Y 37 41.26 27.73 30.33
CA PHE Y 37 40.05 28.12 29.61
C PHE Y 37 40.15 27.56 28.20
N GLU Y 38 39.46 26.46 27.95
CA GLU Y 38 39.72 25.58 26.83
C GLU Y 38 38.69 25.76 25.72
N GLN Y 39 39.15 25.76 24.47
CA GLN Y 39 38.28 25.76 23.32
C GLN Y 39 37.65 24.40 23.07
N ASP Y 40 36.47 24.41 22.48
CA ASP Y 40 35.97 23.26 21.71
C ASP Y 40 36.20 23.54 20.22
N GLU Y 41 37.48 23.54 19.86
CA GLU Y 41 37.90 24.02 18.54
C GLU Y 41 37.24 23.23 17.43
N GLN Y 42 36.69 23.95 16.46
CA GLN Y 42 35.95 23.37 15.34
C GLN Y 42 36.87 23.27 14.13
N SER Y 43 37.03 22.06 13.62
CA SER Y 43 37.84 21.80 12.45
C SER Y 43 36.98 21.82 11.19
N ILE Y 44 37.45 22.52 10.18
CA ILE Y 44 36.73 22.72 8.92
C ILE Y 44 37.64 22.26 7.79
N LYS Y 45 37.09 21.41 6.90
CA LYS Y 45 37.75 21.01 5.68
C LYS Y 45 36.90 21.47 4.51
N LEU Y 46 37.54 22.09 3.53
CA LEU Y 46 36.87 22.63 2.36
C LEU Y 46 37.31 21.89 1.11
N LEU Y 47 36.43 21.92 0.11
CA LEU Y 47 36.67 21.15 -1.10
C LEU Y 47 37.80 21.73 -1.93
N GLY Y 48 37.87 23.05 -2.05
CA GLY Y 48 38.90 23.66 -2.86
C GLY Y 48 40.23 23.87 -2.18
N CYS Y 49 40.31 23.60 -0.87
CA CYS Y 49 41.46 23.96 -0.06
C CYS Y 49 42.03 22.72 0.60
N GLN Y 50 43.36 22.70 0.77
CA GLN Y 50 44.09 21.51 1.19
C GLN Y 50 44.67 21.64 2.59
N ASN Y 51 44.15 22.53 3.42
CA ASN Y 51 44.51 22.59 4.83
C ASN Y 51 43.26 22.82 5.66
N GLU Y 52 43.29 22.31 6.89
CA GLU Y 52 42.15 22.47 7.77
C GLU Y 52 42.03 23.90 8.27
N ILE Y 53 40.80 24.37 8.38
CA ILE Y 53 40.49 25.67 8.96
C ILE Y 53 39.93 25.44 10.36
N SER Y 54 40.49 26.15 11.33
CA SER Y 54 40.13 26.02 12.73
C SER Y 54 39.39 27.28 13.18
N ARG Y 55 38.30 27.08 13.92
CA ARG Y 55 37.46 28.15 14.42
C ARG Y 55 37.20 27.96 15.91
N VAL Y 56 36.90 29.05 16.58
CA VAL Y 56 36.69 29.03 18.02
C VAL Y 56 35.31 28.44 18.31
N GLY Y 57 35.28 27.46 19.19
CA GLY Y 57 34.05 26.89 19.69
C GLY Y 57 33.71 27.42 21.07
N THR Y 58 32.82 26.71 21.75
CA THR Y 58 32.42 27.10 23.08
C THR Y 58 33.59 26.94 24.05
N THR Y 59 33.68 27.88 24.99
CA THR Y 59 34.76 27.91 25.96
C THR Y 59 34.30 27.31 27.27
N LYS Y 60 35.14 26.45 27.85
CA LYS Y 60 34.92 25.85 29.15
C LYS Y 60 36.14 26.11 30.02
N GLY Y 61 35.89 26.29 31.31
CA GLY Y 61 36.95 26.47 32.30
C GLY Y 61 37.10 25.22 33.14
N SER Y 62 38.35 24.88 33.43
CA SER Y 62 38.68 23.77 34.32
C SER Y 62 39.79 24.21 35.26
N PHE Y 63 39.63 23.89 36.55
CA PHE Y 63 40.62 24.22 37.56
C PHE Y 63 40.93 22.97 38.38
N SER Y 64 42.14 22.95 38.93
CA SER Y 64 42.52 22.01 39.97
C SER Y 64 43.24 22.78 41.06
N LEU Y 65 43.17 22.24 42.27
CA LEU Y 65 43.55 22.98 43.47
C LEU Y 65 43.97 21.99 44.54
N ASN Y 66 45.28 21.84 44.72
CA ASN Y 66 45.85 20.88 45.65
C ASN Y 66 46.40 21.61 46.87
N GLY Y 67 46.19 21.02 48.04
CA GLY Y 67 46.63 21.66 49.25
C GLY Y 67 46.69 20.69 50.41
N TYR Y 68 46.80 21.28 51.60
CA TYR Y 68 46.89 20.54 52.86
C TYR Y 68 45.60 20.74 53.64
N LYS Y 69 45.09 19.64 54.19
CA LYS Y 69 43.81 19.67 54.88
C LYS Y 69 43.98 20.27 56.27
N THR Y 70 43.17 21.28 56.56
CA THR Y 70 43.08 21.88 57.88
C THR Y 70 41.65 22.03 58.36
N ASP Y 71 40.66 21.78 57.52
CA ASP Y 71 39.26 21.90 57.89
C ASP Y 71 38.44 21.12 56.87
N SER Y 72 37.14 21.04 57.10
CA SER Y 72 36.20 20.40 56.19
C SER Y 72 35.53 21.43 55.30
N LYS Y 73 36.29 22.44 54.86
CA LYS Y 73 35.72 23.54 54.10
C LYS Y 73 35.09 23.04 52.79
N PHE Y 74 35.79 22.18 52.07
CA PHE Y 74 35.29 21.73 50.78
C PHE Y 74 34.14 20.73 50.94
N ALA Y 75 34.14 19.95 52.02
CA ALA Y 75 33.03 19.04 52.26
C ALA Y 75 31.75 19.79 52.59
N LYS Y 76 31.83 20.82 53.44
CA LYS Y 76 30.68 21.69 53.63
C LYS Y 76 30.31 22.43 52.36
N LEU Y 77 31.31 22.87 51.61
CA LEU Y 77 31.04 23.64 50.40
C LEU Y 77 30.22 22.85 49.40
N GLY Y 78 30.38 21.54 49.40
CA GLY Y 78 29.57 20.70 48.54
C GLY Y 78 29.78 21.05 47.08
N PHE Y 79 28.69 21.03 46.33
CA PHE Y 79 28.70 21.35 44.91
C PHE Y 79 28.13 22.74 44.64
N ARG Y 80 28.05 23.59 45.65
CA ARG Y 80 27.62 24.96 45.44
C ARG Y 80 28.64 25.71 44.59
N SER Y 81 28.14 26.72 43.88
CA SER Y 81 29.00 27.59 43.09
C SER Y 81 29.76 28.54 43.99
N PHE Y 82 31.04 28.77 43.67
CA PHE Y 82 31.89 29.69 44.40
C PHE Y 82 32.82 30.37 43.40
N GLU Y 83 33.60 31.32 43.91
CA GLU Y 83 34.56 32.08 43.12
C GLU Y 83 35.96 31.88 43.68
N ILE Y 84 36.94 31.99 42.79
CA ILE Y 84 38.35 31.92 43.14
C ILE Y 84 39.01 33.18 42.61
N ILE Y 85 39.61 33.96 43.51
CA ILE Y 85 40.42 35.12 43.14
C ILE Y 85 41.87 34.73 43.39
N TYR Y 86 42.67 34.79 42.33
CA TYR Y 86 44.07 34.41 42.35
C TYR Y 86 44.93 35.62 42.06
N ASN Y 87 45.79 35.98 43.01
CA ASN Y 87 46.70 37.09 42.88
C ASN Y 87 48.13 36.59 42.89
N LEU Y 88 48.89 36.97 41.86
CA LEU Y 88 50.31 36.65 41.75
C LEU Y 88 51.04 37.99 41.66
N SER Y 89 51.82 38.29 42.69
CA SER Y 89 52.50 39.56 42.82
C SER Y 89 53.99 39.43 42.53
N ASN Y 90 54.58 40.52 42.07
CA ASN Y 90 56.02 40.68 41.99
C ASN Y 90 56.51 41.44 43.20
N SER Y 91 57.71 41.08 43.66
CA SER Y 91 58.35 41.73 44.79
C SER Y 91 59.40 42.75 44.36
N GLU Y 92 60.31 42.36 43.47
CA GLU Y 92 61.32 43.29 43.00
C GLU Y 92 60.69 44.43 42.22
N THR Y 93 59.67 44.12 41.42
CA THR Y 93 58.76 45.11 40.85
C THR Y 93 57.49 45.12 41.69
N LEU Y 94 56.72 46.20 41.58
CA LEU Y 94 55.48 46.34 42.33
C LEU Y 94 54.26 45.85 41.56
N GLY Y 95 54.43 45.34 40.35
CA GLY Y 95 53.30 44.89 39.57
C GLY Y 95 52.73 43.59 40.09
N TYR Y 96 51.49 43.33 39.72
CA TYR Y 96 50.82 42.11 40.14
C TYR Y 96 49.69 41.78 39.16
N GLU Y 97 49.37 40.50 39.11
CA GLU Y 97 48.26 39.97 38.33
C GLU Y 97 47.18 39.50 39.27
N SER Y 98 45.93 39.71 38.89
CA SER Y 98 44.79 39.22 39.65
C SER Y 98 43.76 38.64 38.69
N ILE Y 99 43.34 37.40 38.95
CA ILE Y 99 42.41 36.68 38.09
C ILE Y 99 41.28 36.17 38.97
N ARG Y 100 40.05 36.41 38.54
CA ARG Y 100 38.85 36.00 39.25
C ARG Y 100 38.15 34.94 38.40
N LEU Y 101 38.10 33.72 38.91
CA LEU Y 101 37.34 32.65 38.29
C LEU Y 101 35.92 32.63 38.87
N LYS Y 102 34.93 32.66 37.98
CA LYS Y 102 33.54 32.82 38.35
C LYS Y 102 32.76 31.52 38.15
N ASN Y 103 31.76 31.32 38.99
CA ASN Y 103 30.88 30.15 38.93
C ASN Y 103 31.68 28.86 39.01
N CYS Y 104 32.70 28.86 39.87
CA CYS Y 104 33.50 27.66 40.08
C CYS Y 104 32.68 26.63 40.84
N ARG Y 105 32.82 25.37 40.45
CA ARG Y 105 32.03 24.30 41.02
C ARG Y 105 32.86 23.03 41.03
N LEU Y 106 32.84 22.31 42.14
CA LEU Y 106 33.66 21.13 42.30
C LEU Y 106 33.09 19.95 41.52
N LYS Y 107 33.98 19.20 40.86
CA LYS Y 107 33.57 17.97 40.19
C LYS Y 107 33.38 16.84 41.20
N LYS Y 108 34.21 16.80 42.23
CA LYS Y 108 34.09 15.77 43.27
C LYS Y 108 34.52 16.35 44.60
N LEU Y 109 33.97 15.78 45.67
CA LEU Y 109 34.24 16.22 47.03
C LEU Y 109 35.39 15.41 47.62
N PRO Y 110 36.47 16.04 48.14
CA PRO Y 110 37.53 15.22 48.76
C PRO Y 110 37.17 14.87 50.19
N LEU Y 111 36.30 13.87 50.34
CA LEU Y 111 35.83 13.52 51.67
C LEU Y 111 36.94 12.96 52.54
N ILE Y 112 37.68 11.99 52.01
CA ILE Y 112 38.73 11.29 52.76
C ILE Y 112 39.94 11.12 51.84
N ASN Y 113 41.12 11.50 52.36
CA ASN Y 113 42.37 11.21 51.66
C ASN Y 113 43.47 11.25 52.73
N SER Y 114 43.89 10.08 53.18
CA SER Y 114 44.94 9.99 54.18
C SER Y 114 45.78 8.75 53.94
N LYS Y 115 47.07 8.87 54.23
CA LYS Y 115 48.04 7.80 54.10
C LYS Y 115 48.69 7.58 55.46
N ALA Y 116 49.46 6.50 55.56
CA ALA Y 116 49.85 5.96 56.86
C ALA Y 116 50.65 6.96 57.69
N GLY Y 117 51.69 7.55 57.10
CA GLY Y 117 52.59 8.42 57.83
C GLY Y 117 52.86 9.75 57.18
N GLU Y 118 51.98 10.17 56.27
CA GLU Y 118 52.11 11.42 55.55
C GLU Y 118 51.11 12.44 56.06
N ILE Y 119 51.38 13.70 55.72
CA ILE Y 119 50.48 14.78 56.09
C ILE Y 119 49.24 14.71 55.23
N VAL Y 120 48.08 14.90 55.85
CA VAL Y 120 46.82 14.79 55.15
C VAL Y 120 46.72 15.91 54.13
N LYS Y 121 46.60 15.55 52.87
CA LYS Y 121 46.47 16.48 51.76
C LYS Y 121 45.06 16.43 51.19
N ILE Y 122 44.68 17.54 50.56
CA ILE Y 122 43.37 17.68 49.92
C ILE Y 122 43.60 18.15 48.50
N GLU Y 123 42.96 17.48 47.54
CA GLU Y 123 43.05 17.82 46.13
C GLU Y 123 41.64 17.85 45.56
N VAL Y 124 41.31 18.94 44.87
CA VAL Y 124 40.01 19.13 44.24
C VAL Y 124 40.19 19.57 42.81
N GLU Y 125 39.16 19.32 42.02
CA GLU Y 125 39.10 19.75 40.63
C GLU Y 125 37.67 20.18 40.35
N GLY Y 126 37.51 20.97 39.29
CA GLY Y 126 36.19 21.49 38.97
C GLY Y 126 36.22 22.29 37.69
N SER Y 127 35.12 23.00 37.47
CA SER Y 127 34.91 23.79 36.27
C SER Y 127 34.42 25.18 36.65
N PHE Y 128 34.74 26.14 35.80
CA PHE Y 128 34.27 27.51 35.96
C PHE Y 128 33.80 28.04 34.61
N ARG Y 129 32.88 29.01 34.67
CA ARG Y 129 32.23 29.51 33.46
C ARG Y 129 33.15 30.47 32.71
N GLY Y 130 33.57 31.54 33.39
CA GLY Y 130 34.39 32.57 32.78
C GLY Y 130 35.35 33.14 33.79
N TYR Y 131 36.14 34.11 33.32
CA TYR Y 131 37.19 34.71 34.12
C TYR Y 131 37.21 36.21 33.89
N ASP Y 132 37.64 36.93 34.92
CA ASP Y 132 37.89 38.37 34.84
C ASP Y 132 39.35 38.62 35.18
N LEU Y 133 40.06 39.26 34.26
CA LEU Y 133 41.47 39.63 34.48
C LEU Y 133 41.46 40.99 35.16
N LEU Y 134 41.38 40.96 36.49
CA LEU Y 134 41.21 42.19 37.26
C LEU Y 134 42.43 43.09 37.14
N ASN Y 135 43.63 42.52 37.23
CA ASN Y 135 44.87 43.27 37.21
C ASN Y 135 45.91 42.43 36.48
N GLU Y 136 47.08 43.02 36.26
CA GLU Y 136 48.06 42.43 35.35
C GLU Y 136 49.42 43.11 35.43
N GLU Z 13 -0.23 -37.40 61.11
CA GLU Z 13 -1.15 -37.65 59.96
C GLU Z 13 -0.48 -38.54 58.91
N ILE Z 14 -1.21 -38.80 57.83
CA ILE Z 14 -0.80 -39.73 56.79
C ILE Z 14 -0.66 -38.91 55.50
N PRO Z 15 0.24 -39.26 54.57
CA PRO Z 15 0.29 -38.52 53.31
C PRO Z 15 -1.01 -38.57 52.53
N GLY Z 16 -1.38 -37.43 51.94
CA GLY Z 16 -2.48 -37.36 50.99
C GLY Z 16 -3.22 -36.04 51.07
N PHE Z 17 -4.07 -35.82 50.06
CA PHE Z 17 -5.02 -34.71 50.10
C PHE Z 17 -6.05 -34.91 51.19
N TYR Z 18 -6.43 -33.81 51.83
CA TYR Z 18 -7.48 -33.76 52.84
C TYR Z 18 -8.28 -32.49 52.58
N ASN Z 19 -9.24 -32.58 51.66
CA ASN Z 19 -10.11 -31.47 51.32
C ASN Z 19 -11.19 -31.34 52.38
N ARG Z 20 -11.23 -30.19 53.05
CA ARG Z 20 -12.17 -29.96 54.15
C ARG Z 20 -12.73 -28.54 54.00
N PHE Z 21 -13.97 -28.47 53.52
CA PHE Z 21 -14.69 -27.21 53.45
C PHE Z 21 -14.80 -26.59 54.84
N LYS Z 22 -14.56 -25.27 54.91
CA LYS Z 22 -14.78 -24.48 56.10
C LYS Z 22 -15.84 -23.43 55.81
N THR Z 23 -16.76 -23.24 56.75
CA THR Z 23 -17.85 -22.30 56.57
C THR Z 23 -17.31 -20.87 56.46
N GLN Z 24 -17.98 -20.07 55.63
CA GLN Z 24 -17.54 -18.70 55.40
C GLN Z 24 -17.70 -17.81 56.63
N ALA Z 25 -18.53 -18.21 57.60
CA ALA Z 25 -18.69 -17.40 58.80
C ALA Z 25 -17.41 -17.28 59.61
N GLU Z 26 -16.48 -18.22 59.45
CA GLU Z 26 -15.27 -18.28 60.27
C GLU Z 26 -14.13 -17.49 59.61
N LYS Z 27 -14.36 -16.18 59.44
CA LYS Z 27 -13.35 -15.31 58.85
C LYS Z 27 -12.42 -14.80 59.95
N SER Z 28 -11.13 -14.76 59.63
CA SER Z 28 -10.16 -14.16 60.52
C SER Z 28 -10.25 -12.64 60.46
N THR Z 29 -9.73 -12.00 61.51
CA THR Z 29 -9.77 -10.55 61.60
C THR Z 29 -8.84 -9.93 60.55
N ASN Z 30 -8.82 -8.59 60.52
CA ASN Z 30 -8.04 -7.86 59.54
C ASN Z 30 -6.54 -8.06 59.80
N THR Z 31 -5.73 -7.44 58.94
CA THR Z 31 -4.28 -7.51 59.03
C THR Z 31 -3.62 -6.18 59.37
N GLY Z 32 -4.26 -5.06 59.04
CA GLY Z 32 -3.70 -3.76 59.33
C GLY Z 32 -3.88 -3.34 60.77
N LEU Z 33 -3.13 -3.97 61.67
CA LEU Z 33 -3.21 -3.73 63.10
C LEU Z 33 -1.82 -3.47 63.67
N LYS Z 34 -1.78 -2.67 64.74
CA LYS Z 34 -0.53 -2.26 65.35
C LYS Z 34 -0.78 -1.94 66.81
N GLY Z 35 0.30 -1.95 67.59
CA GLY Z 35 0.28 -1.41 68.94
C GLY Z 35 -0.20 -2.41 69.98
N ARG Z 36 0.03 -2.04 71.25
CA ARG Z 36 -0.29 -2.86 72.41
C ARG Z 36 -1.13 -2.08 73.40
N LEU Z 37 -2.13 -2.73 73.99
CA LEU Z 37 -3.08 -2.11 74.89
C LEU Z 37 -3.29 -2.98 76.12
N ALA Z 38 -3.51 -2.31 77.25
CA ALA Z 38 -3.83 -2.95 78.52
C ALA Z 38 -5.33 -2.85 78.79
N MET Z 39 -5.84 -3.81 79.55
CA MET Z 39 -7.28 -3.94 79.77
C MET Z 39 -7.58 -4.68 81.08
N PRO Z 40 -7.82 -3.97 82.20
CA PRO Z 40 -8.25 -4.67 83.43
C PRO Z 40 -9.72 -5.09 83.38
N ILE Z 41 -9.97 -6.15 82.60
CA ILE Z 41 -11.35 -6.54 82.29
C ILE Z 41 -12.04 -7.09 83.53
N ARG Z 42 -13.26 -6.61 83.77
CA ARG Z 42 -14.15 -7.16 84.80
C ARG Z 42 -14.94 -8.31 84.17
N ALA Z 43 -14.33 -9.48 84.16
CA ALA Z 43 -14.91 -10.66 83.52
C ALA Z 43 -15.63 -11.50 84.56
N ASN Z 44 -16.89 -11.85 84.26
CA ASN Z 44 -17.57 -12.87 85.05
C ASN Z 44 -16.78 -14.17 85.04
N TRP Z 45 -16.20 -14.53 83.90
CA TRP Z 45 -15.40 -15.72 83.75
C TRP Z 45 -14.11 -15.36 83.02
N GLY Z 46 -13.03 -16.05 83.38
CA GLY Z 46 -11.75 -15.83 82.74
C GLY Z 46 -10.59 -16.09 83.69
N ASP Z 47 -9.41 -15.69 83.24
CA ASP Z 47 -8.16 -16.02 83.91
C ASP Z 47 -7.86 -14.99 84.98
N VAL Z 48 -7.87 -15.43 86.25
CA VAL Z 48 -7.69 -14.55 87.40
C VAL Z 48 -6.25 -14.63 87.87
N GLY Z 49 -5.66 -13.48 88.18
CA GLY Z 49 -4.31 -13.42 88.70
C GLY Z 49 -3.21 -13.42 87.66
N LYS Z 50 -3.55 -13.30 86.37
CA LYS Z 50 -2.55 -13.32 85.32
C LYS Z 50 -3.05 -12.53 84.11
N VAL Z 51 -2.11 -11.98 83.36
CA VAL Z 51 -2.40 -11.18 82.17
C VAL Z 51 -2.24 -12.09 80.96
N VAL Z 52 -3.21 -12.04 80.04
CA VAL Z 52 -3.22 -12.85 78.84
C VAL Z 52 -3.09 -11.91 77.65
N THR Z 53 -2.25 -12.31 76.69
CA THR Z 53 -1.95 -11.49 75.51
C THR Z 53 -2.78 -12.03 74.35
N ILE Z 54 -3.95 -11.44 74.14
CA ILE Z 54 -4.82 -11.82 73.04
C ILE Z 54 -4.31 -11.19 71.76
N LYS Z 55 -4.34 -11.95 70.68
CA LYS Z 55 -3.90 -11.49 69.37
C LYS Z 55 -5.03 -10.71 68.69
N ASN Z 56 -4.85 -10.43 67.39
CA ASN Z 56 -5.90 -9.79 66.60
C ASN Z 56 -7.21 -10.56 66.66
N ASP Z 57 -7.14 -11.88 66.72
CA ASP Z 57 -8.34 -12.71 66.61
C ASP Z 57 -9.26 -12.49 67.80
N LEU Z 58 -10.55 -12.32 67.51
CA LEU Z 58 -11.59 -12.24 68.54
C LEU Z 58 -11.88 -13.58 69.18
N ARG Z 59 -11.34 -14.68 68.64
CA ARG Z 59 -11.81 -16.00 69.05
C ARG Z 59 -11.27 -16.35 70.44
N GLN Z 60 -10.00 -16.03 70.69
CA GLN Z 60 -9.44 -16.26 72.01
C GLN Z 60 -10.15 -15.43 73.06
N LEU Z 61 -10.58 -14.22 72.70
CA LEU Z 61 -11.29 -13.38 73.65
C LEU Z 61 -12.57 -14.04 74.12
N LYS Z 62 -13.42 -14.51 73.19
CA LYS Z 62 -14.69 -15.06 73.63
C LYS Z 62 -14.50 -16.42 74.25
N ASN Z 63 -13.54 -17.20 73.75
CA ASN Z 63 -13.27 -18.51 74.33
C ASN Z 63 -12.78 -18.40 75.77
N LEU Z 64 -12.02 -17.34 76.07
CA LEU Z 64 -11.41 -17.17 77.39
C LEU Z 64 -12.21 -16.27 78.32
N PHE Z 65 -13.06 -15.39 77.79
CA PHE Z 65 -13.74 -14.37 78.59
C PHE Z 65 -15.21 -14.25 78.20
N GLY Z 66 -15.86 -15.38 78.00
CA GLY Z 66 -17.29 -15.41 77.79
C GLY Z 66 -17.75 -14.77 76.50
N ASP Z 67 -19.01 -15.02 76.14
CA ASP Z 67 -19.61 -14.49 74.92
C ASP Z 67 -20.69 -13.45 75.26
N ASP Z 68 -20.93 -13.18 76.54
CA ASP Z 68 -22.08 -12.40 76.94
C ASP Z 68 -21.79 -10.90 76.85
N MET Z 69 -22.77 -10.15 76.35
CA MET Z 69 -22.59 -8.73 76.13
C MET Z 69 -22.49 -7.96 77.45
N ASN Z 70 -23.29 -8.35 78.45
CA ASN Z 70 -23.28 -7.62 79.72
C ASN Z 70 -21.91 -7.73 80.40
N TYR Z 71 -21.15 -8.79 80.11
CA TYR Z 71 -19.81 -8.91 80.65
C TYR Z 71 -18.97 -7.74 80.15
N SER Z 72 -18.41 -6.96 81.07
CA SER Z 72 -17.54 -5.87 80.68
C SER Z 72 -16.34 -6.37 79.88
N ALA Z 73 -15.86 -7.57 80.22
CA ALA Z 73 -14.70 -8.13 79.53
C ALA Z 73 -14.97 -8.28 78.03
N PHE Z 74 -16.00 -9.04 77.68
CA PHE Z 74 -16.30 -9.27 76.27
C PHE Z 74 -16.66 -7.99 75.54
N LYS Z 75 -17.50 -7.15 76.16
CA LYS Z 75 -17.97 -5.92 75.52
C LYS Z 75 -16.80 -5.00 75.19
N LEU Z 76 -15.97 -4.72 76.19
CA LEU Z 76 -14.87 -3.79 76.00
C LEU Z 76 -13.71 -4.40 75.21
N GLY Z 77 -13.48 -5.70 75.31
CA GLY Z 77 -12.50 -6.34 74.44
C GLY Z 77 -12.92 -6.28 72.99
N LYS Z 78 -14.22 -6.48 72.73
CA LYS Z 78 -14.74 -6.31 71.38
C LYS Z 78 -14.53 -4.89 70.90
N LEU Z 79 -14.78 -3.90 71.75
CA LEU Z 79 -14.49 -2.51 71.38
C LEU Z 79 -13.02 -2.34 71.03
N ALA Z 80 -12.13 -2.86 71.87
CA ALA Z 80 -10.70 -2.65 71.65
C ALA Z 80 -10.24 -3.31 70.35
N LEU Z 81 -10.74 -4.51 70.07
CA LEU Z 81 -10.29 -5.25 68.89
C LEU Z 81 -10.92 -4.72 67.61
N LEU Z 82 -12.15 -4.17 67.68
CA LEU Z 82 -12.63 -3.32 66.58
C LEU Z 82 -11.85 -2.02 66.50
N GLY Z 83 -11.19 -1.60 67.58
CA GLY Z 83 -10.21 -0.54 67.50
C GLY Z 83 -8.91 -0.94 66.81
N ASN Z 84 -8.78 -2.22 66.44
CA ASN Z 84 -7.69 -2.72 65.59
C ASN Z 84 -6.33 -2.61 66.30
N VAL Z 85 -6.32 -2.95 67.59
CA VAL Z 85 -5.07 -3.12 68.33
C VAL Z 85 -4.47 -4.48 67.99
N LYS Z 86 -3.17 -4.50 67.72
CA LYS Z 86 -2.51 -5.73 67.33
C LYS Z 86 -2.51 -6.74 68.48
N GLU Z 87 -2.07 -6.33 69.66
CA GLU Z 87 -2.03 -7.18 70.85
C GLU Z 87 -2.81 -6.49 71.97
N LEU Z 88 -3.80 -7.19 72.52
CA LEU Z 88 -4.64 -6.67 73.59
C LEU Z 88 -4.37 -7.51 74.83
N LEU Z 89 -3.85 -6.87 75.87
CA LEU Z 89 -3.43 -7.55 77.09
C LEU Z 89 -4.54 -7.46 78.12
N LEU Z 90 -5.20 -8.59 78.37
CA LEU Z 90 -6.34 -8.67 79.27
C LEU Z 90 -5.92 -9.23 80.62
N TYR Z 91 -6.37 -8.56 81.68
CA TYR Z 91 -6.26 -9.05 83.05
C TYR Z 91 -7.66 -9.10 83.65
N ARG Z 92 -8.09 -10.29 84.06
CA ARG Z 92 -9.38 -10.39 84.72
C ARG Z 92 -9.35 -9.70 86.06
N LEU Z 93 -10.46 -9.06 86.40
CA LEU Z 93 -10.61 -8.32 87.65
C LEU Z 93 -11.78 -8.93 88.42
N VAL Z 94 -11.50 -9.46 89.60
CA VAL Z 94 -12.54 -10.00 90.48
C VAL Z 94 -12.27 -9.52 91.90
N ASP Z 95 -13.33 -9.49 92.69
CA ASP Z 95 -13.19 -9.14 94.10
C ASP Z 95 -12.50 -10.25 94.86
N GLY Z 96 -11.96 -9.90 96.03
CA GLY Z 96 -11.34 -10.92 96.88
C GLY Z 96 -12.32 -11.98 97.31
N ASN Z 97 -13.55 -11.59 97.62
CA ASN Z 97 -14.56 -12.56 98.02
C ASN Z 97 -14.95 -13.47 96.86
N GLN Z 98 -14.81 -12.99 95.62
CA GLN Z 98 -15.12 -13.80 94.45
C GLN Z 98 -14.19 -15.00 94.39
N LYS Z 99 -14.77 -16.18 94.12
CA LYS Z 99 -14.05 -17.44 94.20
C LYS Z 99 -14.58 -18.40 93.14
N LYS Z 100 -14.03 -19.61 93.14
CA LYS Z 100 -14.44 -20.65 92.20
C LYS Z 100 -15.74 -21.30 92.64
N GLY Z 101 -16.64 -21.50 91.69
CA GLY Z 101 -17.74 -22.41 91.92
C GLY Z 101 -17.21 -23.81 92.17
N THR Z 102 -17.84 -24.52 93.12
CA THR Z 102 -17.37 -25.82 93.55
C THR Z 102 -18.55 -26.72 93.86
N LEU Z 103 -18.41 -28.00 93.50
CA LEU Z 103 -19.38 -29.03 93.84
C LEU Z 103 -18.63 -30.33 94.06
N THR Z 104 -19.29 -31.24 94.79
CA THR Z 104 -18.74 -32.55 95.08
C THR Z 104 -19.74 -33.61 94.64
N LEU Z 105 -19.24 -34.60 93.90
CA LEU Z 105 -20.03 -35.77 93.55
C LEU Z 105 -19.92 -36.82 94.64
N LYS Z 106 -20.89 -37.74 94.66
CA LYS Z 106 -20.91 -38.79 95.67
C LYS Z 106 -21.45 -40.06 95.03
N ASP Z 107 -21.13 -41.19 95.66
CA ASP Z 107 -21.56 -42.50 95.22
C ASP Z 107 -22.80 -42.95 95.98
N THR Z 108 -23.46 -43.98 95.43
CA THR Z 108 -24.65 -44.56 96.02
C THR Z 108 -24.53 -46.07 96.24
N THR Z 109 -23.33 -46.63 96.07
CA THR Z 109 -23.15 -48.06 96.31
C THR Z 109 -23.41 -48.41 97.77
N GLU Z 110 -22.89 -47.59 98.69
CA GLU Z 110 -23.11 -47.79 100.11
C GLU Z 110 -24.42 -47.14 100.55
N ASN Z 111 -24.85 -47.49 101.77
CA ASN Z 111 -26.06 -46.89 102.32
C ASN Z 111 -25.88 -45.41 102.54
N SER Z 112 -24.70 -44.99 103.01
CA SER Z 112 -24.37 -43.59 103.21
C SER Z 112 -23.43 -43.14 102.11
N ALA Z 113 -23.81 -42.07 101.41
CA ALA Z 113 -23.01 -41.57 100.30
C ALA Z 113 -21.76 -40.86 100.83
N LYS Z 114 -20.70 -40.89 100.02
CA LYS Z 114 -19.42 -40.29 100.39
C LYS Z 114 -18.83 -39.61 99.17
N ASP Z 115 -18.00 -38.59 99.42
CA ASP Z 115 -17.41 -37.80 98.37
C ASP Z 115 -16.28 -38.55 97.69
N VAL Z 116 -16.27 -38.55 96.35
CA VAL Z 116 -15.19 -39.12 95.56
C VAL Z 116 -14.64 -38.17 94.52
N ILE Z 117 -15.37 -37.14 94.09
CA ILE Z 117 -14.92 -36.18 93.09
C ILE Z 117 -15.34 -34.78 93.53
N LYS Z 118 -14.46 -33.80 93.34
CA LYS Z 118 -14.77 -32.38 93.44
C LYS Z 118 -14.64 -31.75 92.06
N LEU Z 119 -15.71 -31.12 91.60
CA LEU Z 119 -15.69 -30.33 90.37
C LEU Z 119 -15.63 -28.86 90.76
N GLU Z 120 -14.50 -28.22 90.45
CA GLU Z 120 -14.31 -26.80 90.69
C GLU Z 120 -14.13 -26.10 89.36
N THR Z 121 -14.66 -24.89 89.26
CA THR Z 121 -14.45 -24.09 88.05
C THR Z 121 -12.95 -23.90 87.83
N LYS Z 122 -12.53 -24.00 86.57
CA LYS Z 122 -11.11 -23.93 86.25
C LYS Z 122 -10.50 -22.63 86.76
N TYR Z 123 -11.24 -21.55 86.70
CA TYR Z 123 -10.86 -20.25 87.23
C TYR Z 123 -12.02 -19.71 88.03
N PRO Z 124 -11.80 -18.72 88.91
CA PRO Z 124 -12.89 -18.22 89.75
C PRO Z 124 -14.07 -17.72 88.93
N THR Z 125 -15.28 -18.11 89.35
CA THR Z 125 -16.50 -17.66 88.70
C THR Z 125 -17.69 -18.17 89.48
N ALA Z 126 -18.86 -17.56 89.24
CA ALA Z 126 -20.12 -18.01 89.81
C ALA Z 126 -21.23 -17.98 88.77
N ARG Z 127 -20.88 -18.17 87.49
CA ARG Z 127 -21.85 -18.18 86.43
C ARG Z 127 -22.77 -19.39 86.56
N ASN Z 128 -23.76 -19.50 85.66
CA ASN Z 128 -24.72 -20.60 85.68
C ASN Z 128 -24.11 -21.84 85.02
N PHE Z 129 -23.04 -22.33 85.64
CA PHE Z 129 -22.34 -23.51 85.15
C PHE Z 129 -22.87 -24.73 85.89
N ASN Z 130 -23.67 -25.53 85.19
CA ASN Z 130 -24.40 -26.65 85.76
C ASN Z 130 -23.76 -27.96 85.32
N VAL Z 131 -24.05 -29.02 86.09
CA VAL Z 131 -23.52 -30.35 85.83
C VAL Z 131 -24.68 -31.33 85.84
N THR Z 132 -24.56 -32.39 85.05
CA THR Z 132 -25.51 -33.49 85.07
C THR Z 132 -24.77 -34.79 84.82
N ILE Z 133 -25.08 -35.80 85.64
CA ILE Z 133 -24.44 -37.11 85.59
C ILE Z 133 -25.53 -38.17 85.64
N LYS Z 134 -25.40 -39.18 84.79
CA LYS Z 134 -26.38 -40.25 84.70
C LYS Z 134 -25.66 -41.53 84.27
N SER Z 135 -26.40 -42.63 84.25
CA SER Z 135 -25.85 -43.92 83.85
C SER Z 135 -25.73 -44.00 82.33
N ASN Z 136 -24.73 -44.75 81.87
CA ASN Z 136 -24.51 -44.97 80.45
C ASN Z 136 -25.30 -46.20 79.99
N LEU Z 137 -26.06 -46.03 78.91
CA LEU Z 137 -26.90 -47.12 78.42
C LEU Z 137 -26.07 -48.19 77.72
N VAL Z 138 -25.02 -47.79 77.01
CA VAL Z 138 -24.22 -48.74 76.24
C VAL Z 138 -23.51 -49.72 77.18
N ASP Z 139 -22.88 -49.18 78.23
CA ASP Z 139 -22.14 -49.97 79.21
C ASP Z 139 -22.62 -49.63 80.61
N SER Z 140 -22.89 -50.66 81.41
CA SER Z 140 -23.38 -50.43 82.77
C SER Z 140 -22.35 -49.69 83.61
N ASP Z 141 -21.08 -50.07 83.50
CA ASP Z 141 -20.03 -49.45 84.31
C ASP Z 141 -19.79 -47.99 83.91
N LYS Z 142 -20.07 -47.63 82.66
CA LYS Z 142 -19.84 -46.26 82.22
C LYS Z 142 -20.96 -45.34 82.72
N LYS Z 143 -20.62 -44.05 82.77
CA LYS Z 143 -21.58 -43.00 83.12
C LYS Z 143 -21.42 -41.84 82.15
N ASP Z 144 -22.55 -41.18 81.87
CA ASP Z 144 -22.57 -40.00 81.01
C ASP Z 144 -22.43 -38.76 81.88
N PHE Z 145 -21.42 -37.94 81.59
CA PHE Z 145 -21.18 -36.68 82.28
C PHE Z 145 -21.37 -35.54 81.31
N ILE Z 146 -22.22 -34.58 81.68
CA ILE Z 146 -22.61 -33.47 80.82
C ILE Z 146 -22.48 -32.17 81.62
N PHE Z 147 -22.06 -31.10 80.95
CA PHE Z 147 -21.93 -29.78 81.53
C PHE Z 147 -22.74 -28.78 80.72
N PHE Z 148 -23.46 -27.90 81.43
CA PHE Z 148 -24.33 -26.89 80.86
C PHE Z 148 -23.86 -25.49 81.22
N GLU Z 149 -24.06 -24.56 80.28
CA GLU Z 149 -23.74 -23.14 80.44
C GLU Z 149 -24.97 -22.32 80.04
N ASN Z 150 -25.68 -21.77 81.03
CA ASN Z 150 -26.90 -20.99 80.77
C ASN Z 150 -27.88 -21.80 79.92
N THR Z 151 -28.04 -23.08 80.30
CA THR Z 151 -28.89 -24.02 79.57
C THR Z 151 -28.34 -24.34 78.18
N LYS Z 152 -27.02 -24.25 78.01
CA LYS Z 152 -26.35 -24.61 76.76
C LYS Z 152 -25.27 -25.63 77.06
N GLN Z 153 -25.31 -26.76 76.35
CA GLN Z 153 -24.35 -27.83 76.60
C GLN Z 153 -22.94 -27.40 76.22
N LEU Z 154 -21.98 -27.78 77.07
CA LEU Z 154 -20.56 -27.52 76.84
C LEU Z 154 -19.77 -28.79 76.58
N PHE Z 155 -19.93 -29.81 77.43
CA PHE Z 155 -19.17 -31.05 77.34
C PHE Z 155 -20.13 -32.21 77.48
N SER Z 156 -19.81 -33.32 76.81
CA SER Z 156 -20.62 -34.53 76.91
C SER Z 156 -19.77 -35.72 76.52
N SER Z 157 -19.68 -36.71 77.41
CA SER Z 157 -18.89 -37.90 77.15
C SER Z 157 -19.37 -39.02 78.07
N SER Z 158 -19.08 -40.25 77.65
CA SER Z 158 -19.34 -41.45 78.44
C SER Z 158 -18.00 -42.06 78.82
N ILE Z 159 -17.77 -42.25 80.13
CA ILE Z 159 -16.50 -42.74 80.66
C ILE Z 159 -16.82 -43.79 81.71
N LYS Z 160 -15.88 -44.74 81.87
CA LYS Z 160 -16.02 -45.80 82.86
C LYS Z 160 -16.29 -45.23 84.24
N GLY Z 161 -16.99 -46.01 85.07
CA GLY Z 161 -17.37 -45.56 86.39
C GLY Z 161 -16.21 -45.34 87.35
N THR Z 162 -15.02 -45.81 87.00
CA THR Z 162 -13.85 -45.59 87.84
C THR Z 162 -13.58 -44.09 87.97
N ILE Z 163 -13.32 -43.65 89.20
CA ILE Z 163 -13.12 -42.23 89.45
C ILE Z 163 -11.86 -41.74 88.75
N ASP Z 164 -10.85 -42.59 88.61
CA ASP Z 164 -9.61 -42.18 87.96
C ASP Z 164 -9.87 -41.80 86.50
N GLU Z 165 -10.56 -42.66 85.75
CA GLU Z 165 -10.86 -42.36 84.35
C GLU Z 165 -11.77 -41.14 84.22
N ILE Z 166 -12.73 -41.00 85.13
CA ILE Z 166 -13.64 -39.86 85.08
C ILE Z 166 -12.87 -38.56 85.25
N VAL Z 167 -12.00 -38.50 86.27
CA VAL Z 167 -11.20 -37.31 86.50
C VAL Z 167 -10.26 -37.07 85.33
N LEU Z 168 -9.68 -38.14 84.78
CA LEU Z 168 -8.74 -37.99 83.67
C LEU Z 168 -9.43 -37.38 82.45
N GLU Z 169 -10.59 -37.90 82.08
CA GLU Z 169 -11.30 -37.36 80.93
C GLU Z 169 -11.78 -35.94 81.19
N ILE Z 170 -12.25 -35.66 82.42
CA ILE Z 170 -12.75 -34.33 82.71
C ILE Z 170 -11.62 -33.30 82.62
N ASN Z 171 -10.45 -33.64 83.16
CA ASN Z 171 -9.32 -32.71 83.10
C ASN Z 171 -8.62 -32.74 81.74
N SER Z 172 -8.91 -33.71 80.88
CA SER Z 172 -8.22 -33.84 79.60
C SER Z 172 -8.97 -33.16 78.46
N ASN Z 173 -10.27 -33.45 78.32
CA ASN Z 173 -11.03 -32.93 77.19
C ASN Z 173 -11.10 -31.41 77.24
N LEU Z 174 -10.91 -30.77 76.08
CA LEU Z 174 -10.82 -29.31 76.02
C LEU Z 174 -12.17 -28.63 76.25
N ASP Z 175 -13.28 -29.35 76.05
CA ASP Z 175 -14.59 -28.77 76.35
C ASP Z 175 -14.84 -28.63 77.85
N ASN Z 176 -13.97 -29.19 78.70
CA ASN Z 176 -14.02 -29.00 80.15
C ASN Z 176 -13.21 -27.79 80.60
N GLU Z 177 -13.05 -26.78 79.74
CA GLU Z 177 -12.26 -25.61 80.08
C GLU Z 177 -12.82 -24.85 81.28
N TYR Z 178 -14.09 -25.06 81.62
CA TYR Z 178 -14.75 -24.34 82.70
C TYR Z 178 -14.78 -25.13 84.01
N VAL Z 179 -14.03 -26.25 84.10
CA VAL Z 179 -14.10 -27.10 85.28
C VAL Z 179 -12.83 -27.92 85.38
N ILE Z 180 -12.43 -28.22 86.61
CA ILE Z 180 -11.39 -29.21 86.92
C ILE Z 180 -12.00 -30.24 87.85
N ALA Z 181 -11.77 -31.52 87.56
CA ALA Z 181 -12.14 -32.61 88.45
C ALA Z 181 -10.89 -33.12 89.17
N THR Z 182 -11.01 -33.25 90.49
CA THR Z 182 -9.93 -33.79 91.32
C THR Z 182 -10.50 -34.93 92.17
N LYS Z 183 -9.77 -36.04 92.21
CA LYS Z 183 -10.21 -37.23 92.93
C LYS Z 183 -10.08 -37.00 94.43
N VAL Z 184 -11.23 -36.99 95.13
CA VAL Z 184 -11.21 -36.81 96.58
C VAL Z 184 -10.50 -37.98 97.24
N ALA Z 185 -10.87 -39.19 96.85
CA ALA Z 185 -10.32 -40.41 97.44
C ALA Z 185 -10.39 -41.51 96.39
N ASP Z 186 -9.53 -42.51 96.56
CA ASP Z 186 -9.50 -43.61 95.61
C ASP Z 186 -10.77 -44.44 95.76
N SER Z 187 -11.47 -44.66 94.64
CA SER Z 187 -12.70 -45.42 94.65
C SER Z 187 -13.10 -45.73 93.22
N ASP Z 188 -13.83 -46.84 93.06
CA ASP Z 188 -14.45 -47.23 91.79
C ASP Z 188 -15.96 -47.31 91.90
N THR Z 189 -16.54 -46.71 92.95
CA THR Z 189 -17.97 -46.83 93.18
C THR Z 189 -18.76 -46.06 92.13
N ILE Z 190 -20.00 -46.48 91.93
CA ILE Z 190 -20.89 -45.85 90.97
C ILE Z 190 -21.37 -44.52 91.55
N LEU Z 191 -21.25 -43.46 90.77
CA LEU Z 191 -21.58 -42.13 91.25
C LEU Z 191 -23.09 -41.97 91.41
N ALA Z 192 -23.47 -40.89 92.10
CA ALA Z 192 -24.87 -40.53 92.25
C ALA Z 192 -25.36 -39.79 91.00
N ASN Z 193 -26.64 -39.99 90.69
CA ASN Z 193 -27.26 -39.33 89.55
C ASN Z 193 -27.81 -37.98 90.02
N VAL Z 194 -27.23 -36.90 89.51
CA VAL Z 194 -27.62 -35.54 89.85
C VAL Z 194 -27.90 -34.80 88.55
N VAL Z 195 -28.93 -33.96 88.55
CA VAL Z 195 -29.41 -33.27 87.36
C VAL Z 195 -29.36 -31.78 87.60
N ASN Z 196 -28.58 -31.07 86.78
CA ASN Z 196 -28.56 -29.62 86.73
C ASN Z 196 -28.18 -29.02 88.09
N GLN Z 197 -27.01 -29.41 88.58
CA GLN Z 197 -26.44 -28.89 89.82
C GLN Z 197 -25.48 -27.76 89.49
N ALA Z 198 -25.77 -26.58 90.01
CA ALA Z 198 -24.98 -25.38 89.71
C ALA Z 198 -23.75 -25.33 90.60
N LEU Z 199 -22.60 -25.01 90.00
CA LEU Z 199 -21.39 -24.81 90.78
C LEU Z 199 -21.48 -23.51 91.57
N GLU Z 200 -21.24 -23.61 92.87
CA GLU Z 200 -21.38 -22.49 93.80
C GLU Z 200 -20.15 -22.40 94.69
N GLY Z 201 -20.00 -21.26 95.34
CA GLY Z 201 -18.85 -20.98 96.19
C GLY Z 201 -18.03 -19.82 95.68
N GLY Z 202 -18.68 -18.85 95.03
CA GLY Z 202 -17.99 -17.71 94.49
C GLY Z 202 -18.95 -16.56 94.23
N ASN Z 203 -18.45 -15.57 93.50
CA ASN Z 203 -19.20 -14.37 93.15
C ASN Z 203 -19.21 -14.19 91.63
N ASP Z 204 -19.97 -13.19 91.20
CA ASP Z 204 -20.17 -12.92 89.78
C ASP Z 204 -18.84 -12.64 89.09
N GLY Z 205 -18.18 -11.55 89.46
CA GLY Z 205 -16.93 -11.12 88.86
C GLY Z 205 -16.99 -9.68 88.40
N CYS Z 206 -18.16 -9.28 87.88
CA CYS Z 206 -18.45 -7.88 87.60
C CYS Z 206 -19.01 -7.15 88.81
N THR Z 207 -19.23 -7.84 89.93
CA THR Z 207 -19.83 -7.29 91.13
C THR Z 207 -18.75 -7.12 92.19
N SER Z 208 -18.89 -6.09 93.02
CA SER Z 208 -17.93 -5.78 94.08
C SER Z 208 -16.56 -5.48 93.48
N ILE Z 209 -16.58 -4.65 92.45
CA ILE Z 209 -15.37 -4.18 91.78
C ILE Z 209 -14.81 -3.02 92.60
N THR Z 210 -13.66 -3.23 93.23
CA THR Z 210 -13.15 -2.38 94.29
C THR Z 210 -11.78 -1.79 93.95
N ASN Z 211 -11.44 -0.71 94.65
CA ASN Z 211 -10.21 0.02 94.37
C ASN Z 211 -8.97 -0.84 94.60
N GLU Z 212 -8.95 -1.59 95.71
CA GLU Z 212 -7.79 -2.43 95.99
C GLU Z 212 -7.61 -3.50 94.92
N SER Z 213 -8.72 -3.98 94.35
CA SER Z 213 -8.62 -5.01 93.33
C SER Z 213 -8.00 -4.45 92.04
N TYR Z 214 -8.44 -3.25 91.63
CA TYR Z 214 -7.71 -2.54 90.57
C TYR Z 214 -6.25 -2.33 90.91
N LEU Z 215 -5.94 -1.95 92.15
CA LEU Z 215 -4.55 -1.65 92.44
C LEU Z 215 -3.70 -2.91 92.31
N LYS Z 216 -4.24 -4.05 92.73
CA LYS Z 216 -3.57 -5.32 92.46
C LYS Z 216 -3.40 -5.52 90.97
N ALA Z 217 -4.46 -5.27 90.19
CA ALA Z 217 -4.40 -5.52 88.75
C ALA Z 217 -3.36 -4.61 88.08
N LEU Z 218 -3.29 -3.35 88.51
CA LEU Z 218 -2.29 -2.42 88.01
C LEU Z 218 -0.89 -2.91 88.32
N GLU Z 219 -0.69 -3.45 89.52
CA GLU Z 219 0.60 -4.06 89.82
C GLU Z 219 0.86 -5.27 88.93
N GLU Z 220 -0.19 -6.04 88.61
CA GLU Z 220 -0.03 -7.13 87.65
C GLU Z 220 0.19 -6.61 86.25
N PHE Z 221 -0.35 -5.42 85.93
CA PHE Z 221 -0.10 -4.84 84.62
C PHE Z 221 1.28 -4.21 84.51
N GLU Z 222 2.00 -4.04 85.62
CA GLU Z 222 3.39 -3.60 85.55
C GLU Z 222 4.33 -4.64 84.97
N ARG Z 223 3.85 -5.87 84.73
CA ARG Z 223 4.65 -6.88 84.03
C ARG Z 223 5.19 -6.35 82.71
N TYR Z 224 4.34 -5.75 81.90
CA TYR Z 224 4.65 -5.43 80.52
C TYR Z 224 4.49 -3.93 80.28
N SER Z 225 4.87 -3.51 79.07
CA SER Z 225 4.79 -2.11 78.63
C SER Z 225 3.61 -1.96 77.68
N PHE Z 226 2.95 -0.80 77.74
CA PHE Z 226 1.74 -0.56 76.98
C PHE Z 226 1.85 0.77 76.24
N ASP Z 227 1.30 0.80 75.02
CA ASP Z 227 1.12 2.07 74.33
C ASP Z 227 0.11 2.94 75.06
N SER Z 228 -0.91 2.34 75.66
CA SER Z 228 -1.94 3.09 76.37
C SER Z 228 -2.63 2.18 77.38
N PHE Z 229 -3.21 2.81 78.40
CA PHE Z 229 -4.02 2.13 79.41
C PHE Z 229 -5.41 2.74 79.41
N VAL Z 230 -6.43 1.91 79.66
CA VAL Z 230 -7.81 2.26 79.37
C VAL Z 230 -8.73 2.20 80.58
N LEU Z 231 -8.32 1.58 81.68
CA LEU Z 231 -9.07 1.42 82.93
C LEU Z 231 -10.29 0.50 82.79
N ASP Z 232 -10.49 -0.12 81.62
CA ASP Z 232 -11.61 -1.02 81.37
C ASP Z 232 -12.95 -0.27 81.49
N GLY Z 233 -12.94 1.01 81.14
CA GLY Z 233 -14.20 1.75 81.00
C GLY Z 233 -15.02 1.87 82.26
N VAL Z 234 -14.38 2.21 83.39
CA VAL Z 234 -15.06 2.45 84.65
C VAL Z 234 -14.81 3.90 85.04
N ALA Z 235 -15.89 4.65 85.22
CA ALA Z 235 -15.84 6.10 85.39
C ALA Z 235 -15.78 6.53 86.86
N ASP Z 236 -15.42 5.64 87.77
CA ASP Z 236 -15.31 6.01 89.18
C ASP Z 236 -14.18 7.01 89.36
N GLU Z 237 -14.44 8.08 90.11
CA GLU Z 237 -13.45 9.14 90.29
C GLU Z 237 -12.24 8.64 91.07
N ALA Z 238 -12.46 7.82 92.11
CA ALA Z 238 -11.35 7.29 92.88
C ALA Z 238 -10.46 6.41 92.02
N LEU Z 239 -11.06 5.60 91.15
CA LEU Z 239 -10.28 4.74 90.27
C LEU Z 239 -9.48 5.55 89.27
N GLN Z 240 -10.10 6.60 88.72
CA GLN Z 240 -9.38 7.50 87.82
C GLN Z 240 -8.18 8.13 88.52
N GLU Z 241 -8.37 8.58 89.76
CA GLU Z 241 -7.28 9.20 90.50
C GLU Z 241 -6.17 8.18 90.79
N THR Z 242 -6.53 6.97 91.17
CA THR Z 242 -5.53 5.95 91.47
C THR Z 242 -4.72 5.60 90.23
N THR Z 243 -5.40 5.40 89.09
CA THR Z 243 -4.68 5.11 87.85
C THR Z 243 -3.86 6.30 87.39
N LYS Z 244 -4.33 7.52 87.67
CA LYS Z 244 -3.57 8.72 87.33
C LYS Z 244 -2.26 8.75 88.10
N ALA Z 245 -2.32 8.50 89.41
CA ALA Z 245 -1.10 8.45 90.21
C ALA Z 245 -0.20 7.32 89.75
N TRP Z 246 -0.80 6.19 89.36
CA TRP Z 246 -0.02 5.05 88.86
C TRP Z 246 0.76 5.42 87.62
N VAL Z 247 0.10 6.04 86.64
CA VAL Z 247 0.79 6.37 85.39
C VAL Z 247 1.81 7.49 85.63
N ALA Z 248 1.50 8.41 86.55
CA ALA Z 248 2.49 9.44 86.89
C ALA Z 248 3.73 8.82 87.51
N LYS Z 249 3.55 7.86 88.40
CA LYS Z 249 4.69 7.15 88.98
C LYS Z 249 5.48 6.42 87.90
N ASN Z 250 4.79 5.78 86.96
CA ASN Z 250 5.47 5.07 85.89
C ASN Z 250 6.27 6.03 85.01
N LYS Z 251 5.68 7.19 84.68
CA LYS Z 251 6.39 8.16 83.86
C LYS Z 251 7.62 8.69 84.59
N GLU Z 252 7.49 8.95 85.89
CA GLU Z 252 8.65 9.34 86.68
C GLU Z 252 9.71 8.24 86.67
N LEU Z 253 9.28 6.99 86.72
CA LEU Z 253 10.21 5.87 86.61
C LEU Z 253 10.79 5.76 85.20
N GLY Z 254 10.05 6.23 84.19
CA GLY Z 254 10.47 6.17 82.80
C GLY Z 254 9.53 5.39 81.91
N LYS Z 255 8.65 4.57 82.49
CA LYS Z 255 7.67 3.83 81.70
C LYS Z 255 6.55 4.77 81.29
N ASP Z 256 6.38 4.97 79.99
CA ASP Z 256 5.37 5.89 79.46
C ASP Z 256 4.09 5.13 79.17
N ILE Z 257 3.02 5.49 79.87
CA ILE Z 257 1.70 4.92 79.68
C ILE Z 257 0.73 6.06 79.39
N LEU Z 258 -0.04 5.92 78.32
CA LEU Z 258 -1.04 6.92 77.93
C LEU Z 258 -2.39 6.46 78.46
N LEU Z 259 -2.91 7.20 79.44
CA LEU Z 259 -4.15 6.82 80.12
C LEU Z 259 -5.34 7.43 79.40
N PHE Z 260 -6.39 6.62 79.23
CA PHE Z 260 -7.64 7.02 78.60
C PHE Z 260 -8.78 6.82 79.57
N LEU Z 261 -9.70 7.77 79.62
CA LEU Z 261 -10.78 7.76 80.60
C LEU Z 261 -12.03 8.32 79.94
N GLY Z 262 -13.11 8.44 80.72
CA GLY Z 262 -14.32 9.07 80.22
C GLY Z 262 -15.21 9.52 81.35
N GLY Z 263 -15.94 10.60 81.10
CA GLY Z 263 -16.88 11.13 82.06
C GLY Z 263 -18.14 10.30 82.14
N LYS Z 264 -18.94 10.57 83.18
CA LYS Z 264 -20.19 9.88 83.37
C LYS Z 264 -21.28 10.51 82.50
N THR Z 265 -22.47 9.93 82.54
CA THR Z 265 -23.61 10.47 81.82
C THR Z 265 -24.26 11.64 82.54
N GLU Z 266 -24.11 11.72 83.86
CA GLU Z 266 -24.76 12.79 84.62
C GLU Z 266 -24.15 14.15 84.33
N ASP Z 267 -22.86 14.20 84.00
CA ASP Z 267 -22.16 15.46 83.85
C ASP Z 267 -22.74 16.27 82.70
N ASN Z 268 -23.01 17.55 82.96
CA ASN Z 268 -23.42 18.49 81.93
C ASN Z 268 -22.18 19.01 81.21
N ILE Z 269 -22.40 19.91 80.25
CA ILE Z 269 -21.31 20.39 79.40
C ILE Z 269 -20.29 21.15 80.23
N LYS Z 270 -20.76 22.03 81.13
CA LYS Z 270 -19.85 22.77 81.98
C LYS Z 270 -19.09 21.84 82.92
N GLN Z 271 -19.79 20.84 83.48
CA GLN Z 271 -19.14 19.93 84.42
C GLN Z 271 -18.05 19.12 83.73
N ILE Z 272 -18.30 18.61 82.52
CA ILE Z 272 -17.29 17.82 81.84
C ILE Z 272 -16.12 18.73 81.41
N ASN Z 273 -16.41 19.97 81.02
CA ASN Z 273 -15.33 20.90 80.70
C ASN Z 273 -14.45 21.15 81.92
N ASP Z 274 -15.07 21.34 83.08
CA ASP Z 274 -14.30 21.55 84.31
C ASP Z 274 -13.51 20.30 84.68
N LYS Z 275 -14.10 19.12 84.47
CA LYS Z 275 -13.40 17.87 84.74
C LYS Z 275 -12.16 17.74 83.87
N SER Z 276 -12.28 18.10 82.59
CA SER Z 276 -11.11 18.04 81.71
C SER Z 276 -10.05 19.04 82.12
N LYS Z 277 -10.45 20.28 82.45
CA LYS Z 277 -9.47 21.25 82.92
C LYS Z 277 -8.83 20.83 84.23
N SER Z 278 -9.53 20.04 85.05
CA SER Z 278 -8.92 19.51 86.27
C SER Z 278 -7.72 18.64 85.93
N PHE Z 279 -7.85 17.77 84.93
CA PHE Z 279 -6.72 17.00 84.43
C PHE Z 279 -5.83 17.92 83.61
N ASN Z 280 -4.57 18.08 84.05
CA ASN Z 280 -3.56 18.84 83.33
C ASN Z 280 -2.30 17.99 83.17
N ASP Z 281 -2.50 16.75 82.71
CA ASP Z 281 -1.42 15.80 82.49
C ASP Z 281 -1.27 15.55 81.00
N GLU Z 282 -0.02 15.39 80.57
CA GLU Z 282 0.25 15.15 79.15
C GLU Z 282 -0.33 13.83 78.68
N ASN Z 283 -0.27 12.80 79.50
CA ASN Z 283 -0.61 11.43 79.11
C ASN Z 283 -1.88 10.94 79.80
N ILE Z 284 -2.88 11.81 79.88
CA ILE Z 284 -4.23 11.46 80.34
C ILE Z 284 -5.22 11.99 79.33
N VAL Z 285 -6.22 11.18 78.99
CA VAL Z 285 -7.25 11.52 78.01
C VAL Z 285 -8.61 11.15 78.58
N ASN Z 286 -9.60 12.02 78.32
CA ASN Z 286 -10.98 11.79 78.76
C ASN Z 286 -11.93 11.96 77.59
N VAL Z 287 -12.94 11.10 77.53
CA VAL Z 287 -14.01 11.17 76.54
C VAL Z 287 -15.26 11.68 77.25
N GLY Z 288 -15.83 12.77 76.74
CA GLY Z 288 -16.97 13.42 77.35
C GLY Z 288 -18.29 13.20 76.61
N SER Z 289 -18.40 12.12 75.85
CA SER Z 289 -19.59 11.86 75.05
C SER Z 289 -19.81 10.37 74.91
N SER Z 290 -21.02 9.91 75.22
CA SER Z 290 -21.40 8.52 75.06
C SER Z 290 -21.75 8.24 73.59
N ALA Z 291 -21.79 6.95 73.25
CA ALA Z 291 -22.02 6.53 71.87
C ALA Z 291 -22.92 5.30 71.85
N TYR Z 292 -23.45 5.01 70.68
CA TYR Z 292 -24.32 3.86 70.42
C TYR Z 292 -23.78 3.14 69.18
N TYR Z 293 -23.68 1.81 69.25
CA TYR Z 293 -23.19 1.04 68.12
C TYR Z 293 -23.85 -0.33 68.16
N GLU Z 294 -24.36 -0.76 67.00
CA GLU Z 294 -25.23 -1.94 66.92
C GLU Z 294 -26.41 -1.81 67.89
N ASN Z 295 -26.94 -0.60 68.00
CA ASN Z 295 -28.07 -0.23 68.85
C ASN Z 295 -27.80 -0.41 70.34
N ILE Z 296 -26.56 -0.71 70.74
CA ILE Z 296 -26.18 -0.90 72.13
C ILE Z 296 -25.43 0.34 72.60
N LYS Z 297 -25.76 0.82 73.79
CA LYS Z 297 -25.15 2.04 74.30
C LYS Z 297 -23.79 1.75 74.92
N TYR Z 298 -22.90 2.72 74.79
CA TYR Z 298 -21.60 2.74 75.45
C TYR Z 298 -21.41 4.09 76.12
N THR Z 299 -21.20 4.08 77.43
CA THR Z 299 -20.94 5.31 78.17
C THR Z 299 -19.59 5.87 77.74
N PRO Z 300 -19.33 7.16 77.99
CA PRO Z 300 -18.07 7.76 77.50
C PRO Z 300 -16.83 7.05 78.00
N SER Z 301 -16.89 6.47 79.20
CA SER Z 301 -15.75 5.72 79.70
C SER Z 301 -15.60 4.40 78.94
N GLU Z 302 -16.71 3.73 78.63
CA GLU Z 302 -16.62 2.53 77.80
C GLU Z 302 -16.16 2.87 76.39
N VAL Z 303 -16.64 3.98 75.83
CA VAL Z 303 -16.20 4.40 74.49
C VAL Z 303 -14.71 4.73 74.52
N ALA Z 304 -14.20 5.17 75.67
CA ALA Z 304 -12.77 5.47 75.78
C ALA Z 304 -11.92 4.24 75.50
N VAL Z 305 -12.46 3.03 75.72
CA VAL Z 305 -11.72 1.82 75.36
C VAL Z 305 -11.45 1.79 73.87
N TYR Z 306 -12.48 2.00 73.05
CA TYR Z 306 -12.28 2.00 71.60
C TYR Z 306 -11.41 3.18 71.18
N ILE Z 307 -11.57 4.33 71.84
CA ILE Z 307 -10.78 5.49 71.47
C ILE Z 307 -9.29 5.21 71.72
N ALA Z 308 -8.98 4.65 72.88
CA ALA Z 308 -7.60 4.27 73.18
C ALA Z 308 -7.10 3.22 72.20
N ALA Z 309 -7.94 2.26 71.87
CA ALA Z 309 -7.54 1.20 70.94
C ALA Z 309 -7.21 1.76 69.58
N LEU Z 310 -8.01 2.68 69.08
CA LEU Z 310 -7.74 3.30 67.78
C LEU Z 310 -6.50 4.17 67.85
N SER Z 311 -6.30 4.88 68.97
CA SER Z 311 -5.11 5.70 69.14
C SER Z 311 -3.85 4.83 69.09
N VAL Z 312 -3.89 3.68 69.76
CA VAL Z 312 -2.74 2.78 69.78
C VAL Z 312 -2.56 2.14 68.41
N SER Z 313 -3.66 1.79 67.74
CA SER Z 313 -3.57 1.18 66.41
C SER Z 313 -2.93 2.13 65.41
N LYS Z 314 -3.36 3.39 65.41
CA LYS Z 314 -2.67 4.39 64.61
C LYS Z 314 -1.23 4.55 65.07
N GLY Z 315 -1.02 4.63 66.38
CA GLY Z 315 0.30 4.79 66.94
C GLY Z 315 1.02 5.99 66.38
N ILE Z 316 2.01 5.73 65.54
CA ILE Z 316 2.72 6.76 64.79
C ILE Z 316 2.32 6.59 63.33
N THR Z 317 2.52 7.65 62.55
CA THR Z 317 2.05 7.75 61.16
C THR Z 317 0.52 7.79 61.10
N GLY Z 318 -0.12 8.27 62.17
CA GLY Z 318 -1.56 8.33 62.19
C GLY Z 318 -2.04 9.19 63.34
N SER Z 319 -3.33 9.53 63.26
CA SER Z 319 -3.98 10.34 64.28
C SER Z 319 -5.47 10.04 64.23
N ILE Z 320 -6.17 10.44 65.28
CA ILE Z 320 -7.60 10.15 65.43
C ILE Z 320 -8.37 11.46 65.54
N CYS Z 321 -7.88 12.51 64.87
CA CYS Z 321 -8.54 13.80 64.93
C CYS Z 321 -9.94 13.73 64.33
N ASN Z 322 -10.06 13.15 63.14
CA ASN Z 322 -11.34 12.97 62.46
C ASN Z 322 -11.42 11.57 61.86
N ALA Z 323 -11.00 10.57 62.62
CA ALA Z 323 -11.04 9.20 62.12
C ALA Z 323 -12.48 8.70 62.06
N LYS Z 324 -12.74 7.82 61.09
CA LYS Z 324 -14.06 7.26 60.87
C LYS Z 324 -14.31 6.17 61.91
N THR Z 325 -14.92 6.56 63.02
CA THR Z 325 -15.22 5.61 64.08
C THR Z 325 -16.42 4.75 63.69
N ILE Z 326 -16.44 3.52 64.21
CA ILE Z 326 -17.50 2.57 63.86
C ILE Z 326 -18.85 2.98 64.46
N PHE Z 327 -18.87 3.86 65.46
CA PHE Z 327 -20.10 4.19 66.14
C PHE Z 327 -21.06 4.92 65.20
N GLU Z 328 -22.35 4.63 65.34
CA GLU Z 328 -23.38 5.17 64.46
C GLU Z 328 -24.22 6.27 65.11
N GLU Z 329 -23.99 6.62 66.37
CA GLU Z 329 -24.69 7.73 66.99
C GLU Z 329 -23.95 8.12 68.26
N VAL Z 330 -23.98 9.41 68.59
CA VAL Z 330 -23.33 9.96 69.78
C VAL Z 330 -24.22 10.99 70.44
N GLU Z 331 -23.78 11.43 71.62
CA GLU Z 331 -24.48 12.42 72.43
C GLU Z 331 -23.53 12.88 73.54
N PRO Z 332 -23.64 14.13 74.01
CA PRO Z 332 -24.49 15.25 73.56
C PRO Z 332 -23.83 16.03 72.43
N ARG Z 333 -24.46 17.10 71.93
CA ARG Z 333 -23.96 17.85 70.77
C ARG Z 333 -23.89 19.32 71.13
N LEU Z 334 -23.09 20.05 70.35
CA LEU Z 334 -22.68 21.41 70.68
C LEU Z 334 -22.51 22.23 69.40
N SER Z 335 -22.57 23.55 69.56
CA SER Z 335 -22.31 24.47 68.46
C SER Z 335 -20.81 24.67 68.28
N GLN Z 336 -20.42 25.31 67.17
CA GLN Z 336 -19.00 25.48 66.86
C GLN Z 336 -18.30 26.30 67.93
N SER Z 337 -18.92 27.39 68.39
CA SER Z 337 -18.32 28.15 69.48
C SER Z 337 -18.25 27.32 70.75
N GLU Z 338 -19.29 26.53 71.02
CA GLU Z 338 -19.29 25.69 72.22
C GLU Z 338 -18.29 24.55 72.08
N VAL Z 339 -18.15 23.98 70.88
CA VAL Z 339 -17.11 22.99 70.65
C VAL Z 339 -15.73 23.61 70.84
N LYS Z 340 -15.54 24.85 70.40
CA LYS Z 340 -14.29 25.55 70.63
C LYS Z 340 -14.00 25.70 72.12
N GLU Z 341 -15.01 26.10 72.89
CA GLU Z 341 -14.83 26.26 74.33
C GLU Z 341 -14.49 24.91 74.97
N CYS Z 342 -15.19 23.86 74.55
CA CYS Z 342 -14.96 22.53 75.12
C CYS Z 342 -13.57 22.02 74.77
N LEU Z 343 -13.11 22.24 73.54
CA LEU Z 343 -11.77 21.80 73.15
C LEU Z 343 -10.71 22.59 73.89
N LYS Z 344 -10.92 23.91 74.07
CA LYS Z 344 -9.99 24.70 74.87
C LYS Z 344 -9.93 24.17 76.30
N SER Z 345 -11.07 23.75 76.84
CA SER Z 345 -11.06 23.11 78.16
C SER Z 345 -10.31 21.78 78.11
N GLY Z 346 -10.27 21.14 76.95
CA GLY Z 346 -9.50 19.92 76.77
C GLY Z 346 -10.33 18.65 76.85
N THR Z 347 -11.50 18.66 76.23
CA THR Z 347 -12.40 17.50 76.18
C THR Z 347 -12.37 16.89 74.79
N LEU Z 348 -12.23 15.58 74.72
CA LEU Z 348 -12.45 14.86 73.48
C LEU Z 348 -13.94 14.59 73.31
N VAL Z 349 -14.48 14.98 72.17
CA VAL Z 349 -15.91 14.90 71.89
C VAL Z 349 -16.10 14.26 70.52
N LEU Z 350 -16.87 13.17 70.49
CA LEU Z 350 -17.27 12.58 69.23
C LEU Z 350 -18.42 13.37 68.61
N ASP Z 351 -18.49 13.33 67.28
CA ASP Z 351 -19.53 14.03 66.54
C ASP Z 351 -20.05 13.13 65.43
N PHE Z 352 -21.33 13.30 65.10
CA PHE Z 352 -21.99 12.48 64.08
C PHE Z 352 -22.00 13.34 62.82
N ASP Z 353 -20.84 13.42 62.17
CA ASP Z 353 -20.67 14.33 61.05
C ASP Z 353 -21.38 13.83 59.79
N ASP Z 354 -21.43 12.52 59.60
CA ASP Z 354 -22.18 11.90 58.51
C ASP Z 354 -22.84 10.67 59.11
N GLY Z 355 -23.28 9.74 58.25
CA GLY Z 355 -23.93 8.52 58.72
C GLY Z 355 -23.13 7.73 59.73
N ASP Z 356 -21.80 7.89 59.74
CA ASP Z 356 -20.93 7.30 60.74
C ASP Z 356 -20.28 8.40 61.59
N VAL Z 357 -19.96 8.04 62.83
CA VAL Z 357 -19.42 8.99 63.79
C VAL Z 357 -17.98 9.36 63.42
N ILE Z 358 -17.60 10.60 63.73
CA ILE Z 358 -16.25 11.11 63.46
C ILE Z 358 -15.79 11.92 64.67
N ILE Z 359 -14.52 11.73 65.05
CA ILE Z 359 -13.92 12.49 66.15
C ILE Z 359 -13.77 13.95 65.74
N VAL Z 360 -13.81 14.85 66.73
CA VAL Z 360 -13.69 16.27 66.46
C VAL Z 360 -12.23 16.69 66.30
N ASP Z 361 -11.34 16.21 67.16
CA ASP Z 361 -9.95 16.64 67.14
C ASP Z 361 -9.16 15.72 68.07
N ASP Z 362 -7.86 15.62 67.81
CA ASP Z 362 -6.99 14.70 68.55
C ASP Z 362 -6.31 15.48 69.68
N VAL Z 363 -7.07 15.64 70.77
CA VAL Z 363 -6.68 16.50 71.88
C VAL Z 363 -6.60 15.66 73.15
N ASN Z 364 -5.70 16.06 74.03
CA ASN Z 364 -5.50 15.45 75.34
C ASN Z 364 -5.90 16.45 76.43
N THR Z 365 -5.81 16.01 77.69
CA THR Z 365 -6.17 16.87 78.81
C THR Z 365 -5.19 18.02 79.01
N PHE Z 366 -4.02 18.00 78.36
CA PHE Z 366 -3.00 19.03 78.51
C PHE Z 366 -3.15 20.15 77.48
N LYS Z 367 -4.37 20.43 77.03
CA LYS Z 367 -4.57 21.58 76.16
C LYS Z 367 -4.20 22.86 76.90
N LYS Z 368 -4.55 22.95 78.18
CA LYS Z 368 -4.15 24.11 78.97
C LYS Z 368 -2.64 24.09 79.10
N TYR Z 369 -1.99 24.88 78.23
CA TYR Z 369 -0.54 25.04 78.17
C TYR Z 369 -0.16 26.37 78.83
N VAL Z 370 1.15 26.61 78.91
CA VAL Z 370 1.70 27.84 79.46
C VAL Z 370 2.88 28.27 78.59
N ASP Z 371 3.33 29.51 78.80
CA ASP Z 371 4.27 30.14 77.88
C ASP Z 371 5.59 29.39 77.84
N ASP Z 372 6.03 28.83 78.97
CA ASP Z 372 7.34 28.18 79.01
C ASP Z 372 7.36 26.88 78.19
N LYS Z 373 6.20 26.34 77.85
CA LYS Z 373 6.08 25.16 77.00
C LYS Z 373 5.37 25.54 75.70
N ASN Z 374 5.48 24.66 74.71
CA ASN Z 374 4.91 24.90 73.39
C ASN Z 374 3.50 24.32 73.30
N GLU Z 375 2.81 24.70 72.23
CA GLU Z 375 1.43 24.29 72.02
C GLU Z 375 1.32 22.91 71.37
N ALA Z 376 2.36 22.45 70.67
CA ALA Z 376 2.26 21.22 69.91
C ALA Z 376 2.10 19.99 70.79
N MET Z 377 2.48 20.06 72.05
CA MET Z 377 2.50 18.88 72.92
C MET Z 377 1.13 18.62 73.56
N GLY Z 378 0.13 19.46 73.28
CA GLY Z 378 -1.21 19.25 73.82
C GLY Z 378 -2.10 18.37 72.97
N TYR Z 379 -1.50 17.53 72.12
CA TYR Z 379 -2.23 16.63 71.23
C TYR Z 379 -1.77 15.20 71.45
N ILE Z 380 -2.70 14.26 71.33
CA ILE Z 380 -2.40 12.85 71.60
C ILE Z 380 -1.31 12.35 70.67
N SER Z 381 -1.36 12.75 69.40
CA SER Z 381 -0.38 12.28 68.42
C SER Z 381 1.03 12.67 68.84
N ASN Z 382 1.22 13.90 69.30
CA ASN Z 382 2.54 14.35 69.72
C ASN Z 382 2.99 13.66 71.00
N ILE Z 383 2.06 13.39 71.92
CA ILE Z 383 2.42 12.63 73.12
C ILE Z 383 2.89 11.23 72.74
N MET Z 384 2.15 10.56 71.86
CA MET Z 384 2.55 9.21 71.45
C MET Z 384 3.88 9.24 70.71
N PHE Z 385 4.11 10.30 69.93
CA PHE Z 385 5.32 10.42 69.13
C PHE Z 385 6.54 10.65 70.02
N ILE Z 386 6.41 11.57 70.99
CA ILE Z 386 7.49 11.82 71.94
C ILE Z 386 7.74 10.61 72.81
N ASN Z 387 6.66 9.93 73.25
CA ASN Z 387 6.82 8.74 74.06
C ASN Z 387 7.52 7.64 73.29
N THR Z 388 7.16 7.48 72.01
CA THR Z 388 7.80 6.46 71.19
C THR Z 388 9.27 6.76 70.98
N ILE Z 389 9.63 8.03 70.78
CA ILE Z 389 11.05 8.37 70.67
C ILE Z 389 11.78 8.09 71.97
N ASN Z 390 11.21 8.52 73.10
CA ASN Z 390 11.90 8.35 74.37
C ASN Z 390 12.08 6.88 74.68
N LYS Z 391 11.09 6.06 74.37
CA LYS Z 391 11.23 4.62 74.54
C LYS Z 391 12.28 4.04 73.59
N ASP Z 392 12.18 4.37 72.30
CA ASP Z 392 13.05 3.74 71.30
C ASP Z 392 14.51 4.09 71.54
N THR Z 393 14.80 5.35 71.85
CA THR Z 393 16.15 5.69 72.30
C THR Z 393 16.46 5.01 73.62
N SER Z 394 15.47 4.91 74.51
CA SER Z 394 15.67 4.23 75.78
C SER Z 394 15.76 2.71 75.64
N LEU Z 395 15.32 2.14 74.52
CA LEU Z 395 15.56 0.73 74.27
C LEU Z 395 17.01 0.42 73.94
N LYS Z 396 17.83 1.43 73.64
CA LYS Z 396 19.22 1.23 73.29
C LYS Z 396 20.10 1.11 74.55
N ARG Z 397 19.73 0.23 75.49
CA ARG Z 397 20.61 -0.08 76.62
C ARG Z 397 21.01 -1.54 76.71
N LYS Z 398 20.40 -2.42 75.92
CA LYS Z 398 20.62 -3.84 76.11
C LYS Z 398 21.98 -4.29 75.60
N GLU Z 399 22.69 -3.41 74.86
CA GLU Z 399 24.01 -3.69 74.31
C GLU Z 399 24.93 -2.48 74.43
N PHE Z 400 24.55 -1.48 75.23
CA PHE Z 400 24.98 -0.12 74.98
C PHE Z 400 25.48 0.58 76.25
N VAL Z 401 24.85 0.30 77.39
CA VAL Z 401 25.21 0.89 78.68
C VAL Z 401 25.93 -0.16 79.51
N GLY Z 402 27.12 0.20 80.00
CA GLY Z 402 27.97 -0.75 80.68
C GLY Z 402 28.73 -1.67 79.77
N LYS Z 403 28.55 -1.54 78.45
CA LYS Z 403 29.14 -2.41 77.46
C LYS Z 403 29.88 -1.63 76.38
N ILE Z 404 29.98 -0.29 76.51
CA ILE Z 404 30.65 0.59 75.56
C ILE Z 404 31.59 1.51 76.34
N PHE Z 405 32.65 1.95 75.67
CA PHE Z 405 33.62 2.87 76.25
C PHE Z 405 33.12 4.31 76.10
N ASN Z 406 33.74 5.22 76.83
CA ASN Z 406 33.36 6.63 76.86
C ASN Z 406 34.43 7.51 76.21
N ASP Z 407 34.96 7.05 75.08
CA ASP Z 407 35.91 7.78 74.26
C ASP Z 407 35.23 8.26 72.98
N ALA Z 408 36.00 8.93 72.13
CA ALA Z 408 35.45 9.47 70.90
C ALA Z 408 34.89 8.38 70.00
N THR Z 409 35.53 7.21 69.96
CA THR Z 409 35.03 6.10 69.16
C THR Z 409 33.66 5.65 69.66
N GLY Z 410 33.53 5.45 70.97
CA GLY Z 410 32.26 5.00 71.52
C GLY Z 410 31.17 6.03 71.33
N GLN Z 411 31.47 7.30 71.59
CA GLN Z 411 30.48 8.36 71.40
C GLN Z 411 30.04 8.46 69.95
N THR Z 412 30.99 8.30 69.03
CA THR Z 412 30.61 8.35 67.62
C THR Z 412 29.76 7.15 67.22
N THR Z 413 30.03 5.97 67.78
CA THR Z 413 29.14 4.85 67.53
C THR Z 413 27.75 5.10 68.11
N VAL Z 414 27.69 5.77 69.25
CA VAL Z 414 26.40 6.12 69.86
C VAL Z 414 25.62 7.02 68.92
N ILE Z 415 26.27 8.08 68.44
CA ILE Z 415 25.59 9.03 67.57
C ILE Z 415 25.21 8.37 66.25
N CYS Z 416 26.05 7.44 65.77
CA CYS Z 416 25.70 6.70 64.56
C CYS Z 416 24.45 5.86 64.75
N ALA Z 417 24.34 5.18 65.90
CA ALA Z 417 23.16 4.35 66.15
C ALA Z 417 21.90 5.21 66.27
N LEU Z 418 21.99 6.33 67.01
CA LEU Z 418 20.84 7.19 67.17
C LEU Z 418 20.43 7.82 65.85
N LYS Z 419 21.42 8.23 65.05
CA LYS Z 419 21.14 8.76 63.72
C LYS Z 419 20.50 7.68 62.85
N LYS Z 420 20.94 6.43 62.99
CA LYS Z 420 20.34 5.35 62.23
C LYS Z 420 18.87 5.20 62.59
N TYR Z 421 18.55 5.27 63.89
CA TYR Z 421 17.15 5.15 64.29
C TYR Z 421 16.33 6.31 63.73
N PHE Z 422 16.88 7.53 63.78
CA PHE Z 422 16.14 8.67 63.24
C PHE Z 422 15.98 8.58 61.73
N GLU Z 423 17.00 8.09 61.03
CA GLU Z 423 16.92 7.96 59.58
C GLU Z 423 15.90 6.92 59.17
N GLU Z 424 15.88 5.77 59.86
CA GLU Z 424 14.83 4.81 59.59
C GLU Z 424 13.46 5.37 59.95
N LEU Z 425 13.39 6.19 60.99
CA LEU Z 425 12.13 6.85 61.34
C LEU Z 425 11.73 7.85 60.25
N MET Z 426 12.70 8.58 59.72
CA MET Z 426 12.43 9.49 58.61
C MET Z 426 11.97 8.73 57.36
N SER Z 427 12.35 7.46 57.24
CA SER Z 427 11.99 6.68 56.05
C SER Z 427 10.48 6.50 55.93
N GLN Z 428 9.75 6.45 57.05
CA GLN Z 428 8.30 6.36 56.99
C GLN Z 428 7.64 7.71 56.74
N GLY Z 429 8.41 8.78 56.55
CA GLY Z 429 7.84 10.10 56.35
C GLY Z 429 7.35 10.78 57.60
N ILE Z 430 7.65 10.24 58.78
CA ILE Z 430 7.17 10.83 60.03
C ILE Z 430 7.83 12.18 60.28
N ILE Z 431 9.06 12.38 59.78
CA ILE Z 431 9.85 13.57 60.04
C ILE Z 431 10.32 14.13 58.71
N SER Z 432 10.41 15.47 58.65
CA SER Z 432 10.92 16.16 57.48
C SER Z 432 12.43 16.37 57.56
N GLU Z 433 12.94 16.71 58.74
CA GLU Z 433 14.36 16.90 58.95
C GLU Z 433 14.69 16.61 60.40
N PHE Z 434 15.95 16.23 60.65
CA PHE Z 434 16.38 15.91 62.00
C PHE Z 434 17.86 16.25 62.14
N ASN Z 435 18.30 16.30 63.40
CA ASN Z 435 19.69 16.51 63.74
C ASN Z 435 19.98 15.72 65.00
N VAL Z 436 21.15 15.08 65.06
CA VAL Z 436 21.61 14.38 66.25
C VAL Z 436 23.13 14.58 66.35
N ASP Z 437 23.56 15.18 67.45
CA ASP Z 437 24.96 15.58 67.64
C ASP Z 437 25.26 15.53 69.14
N ILE Z 438 26.53 15.79 69.47
CA ILE Z 438 26.98 15.85 70.85
C ILE Z 438 26.53 17.16 71.47
N ASP Z 439 26.14 17.12 72.75
CA ASP Z 439 25.75 18.33 73.48
C ASP Z 439 27.01 18.93 74.10
N THR Z 440 27.71 19.73 73.30
CA THR Z 440 29.04 20.19 73.67
C THR Z 440 29.01 21.08 74.91
N GLU Z 441 27.99 21.94 75.02
CA GLU Z 441 27.89 22.87 76.15
C GLU Z 441 27.90 22.12 77.47
N LEU Z 442 27.04 21.11 77.59
CA LEU Z 442 27.01 20.33 78.82
C LEU Z 442 28.17 19.34 78.87
N GLN Z 443 28.57 18.78 77.72
CA GLN Z 443 29.61 17.75 77.73
C GLN Z 443 30.94 18.29 78.20
N ALA Z 444 31.19 19.60 78.03
CA ALA Z 444 32.41 20.18 78.55
C ALA Z 444 32.49 20.04 80.06
N THR Z 445 31.37 20.26 80.76
CA THR Z 445 31.30 20.13 82.20
C THR Z 445 30.96 18.71 82.66
N ALA Z 446 30.89 17.75 81.74
CA ALA Z 446 30.48 16.40 82.11
C ALA Z 446 31.49 15.72 83.01
N LYS Z 447 31.00 14.80 83.82
CA LYS Z 447 31.84 13.85 84.52
C LYS Z 447 32.28 12.76 83.53
N ALA Z 448 33.33 12.02 83.91
CA ALA Z 448 33.94 11.06 83.00
C ALA Z 448 32.95 10.01 82.51
N ASP Z 449 32.06 9.55 83.39
CA ASP Z 449 31.11 8.52 83.01
C ASP Z 449 29.95 9.07 82.17
N GLU Z 450 29.57 10.31 82.42
CA GLU Z 450 28.40 10.88 81.76
C GLU Z 450 28.68 11.12 80.28
N PHE Z 451 27.67 10.85 79.45
CA PHE Z 451 27.66 11.21 78.04
C PHE Z 451 26.41 12.03 77.75
N TYR Z 452 26.57 13.15 77.05
CA TYR Z 452 25.47 14.09 76.86
C TYR Z 452 25.28 14.27 75.36
N TRP Z 453 24.03 14.19 74.89
CA TRP Z 453 23.73 14.43 73.49
C TRP Z 453 22.42 15.20 73.38
N LYS Z 454 22.16 15.70 72.18
CA LYS Z 454 20.96 16.47 71.88
C LYS Z 454 20.44 16.08 70.51
N TRP Z 455 19.15 16.30 70.28
CA TRP Z 455 18.54 16.01 69.00
C TRP Z 455 17.45 17.02 68.68
N ASP Z 456 17.23 17.23 67.38
CA ASP Z 456 16.19 18.08 66.86
C ASP Z 456 15.36 17.26 65.88
N ALA Z 457 14.11 17.65 65.69
CA ALA Z 457 13.29 17.05 64.67
C ALA Z 457 12.19 18.03 64.27
N VAL Z 458 11.62 17.79 63.09
CA VAL Z 458 10.51 18.57 62.57
C VAL Z 458 9.47 17.61 62.03
N LYS Z 459 8.38 17.43 62.77
CA LYS Z 459 7.31 16.55 62.32
C LYS Z 459 6.69 17.08 61.03
N VAL Z 460 6.33 16.16 60.14
CA VAL Z 460 5.70 16.54 58.89
C VAL Z 460 4.31 17.09 59.17
N ASP Z 461 3.94 18.16 58.47
CA ASP Z 461 2.65 18.79 58.67
C ASP Z 461 1.55 17.94 58.06
N VAL Z 462 0.40 17.93 58.73
CA VAL Z 462 -0.80 17.21 58.28
C VAL Z 462 -1.92 18.21 58.15
N MET Z 463 -2.59 18.22 57.00
CA MET Z 463 -3.71 19.13 56.79
C MET Z 463 -4.81 18.86 57.81
N LYS Z 464 -5.25 19.92 58.48
CA LYS Z 464 -6.41 19.88 59.36
C LYS Z 464 -7.46 20.91 58.96
N LYS Z 465 -7.04 22.13 58.63
CA LYS Z 465 -7.94 23.22 58.29
C LYS Z 465 -7.74 23.59 56.82
N ILE Z 466 -8.85 23.68 56.10
CA ILE Z 466 -8.85 23.94 54.66
C ILE Z 466 -9.94 24.97 54.39
N TYR Z 467 -9.58 26.07 53.73
CA TYR Z 467 -10.53 27.15 53.48
C TYR Z 467 -10.62 27.35 51.97
N GLY Z 468 -11.84 27.37 51.45
CA GLY Z 468 -12.08 27.60 50.03
C GLY Z 468 -12.87 28.88 49.77
N THR Z 469 -12.32 29.77 48.94
CA THR Z 469 -12.95 31.04 48.62
C THR Z 469 -13.65 30.91 47.28
N GLY Z 470 -14.99 30.97 47.30
CA GLY Z 470 -15.77 30.79 46.09
C GLY Z 470 -16.04 32.10 45.36
N TYR Z 471 -16.33 31.96 44.07
CA TYR Z 471 -16.71 33.07 43.21
C TYR Z 471 -17.64 32.54 42.15
N LEU Z 472 -18.39 33.45 41.50
CA LEU Z 472 -19.36 33.05 40.49
C LEU Z 472 -19.57 34.12 39.42
N ILE AA 7 80.51 14.86 11.25
CA ILE AA 7 81.92 15.35 11.27
C ILE AA 7 81.97 16.78 11.76
N GLU AA 8 81.35 17.69 11.02
CA GLU AA 8 81.53 19.11 11.26
C GLU AA 8 80.83 19.52 12.55
N GLU AA 9 81.62 19.98 13.51
CA GLU AA 9 81.08 20.48 14.76
C GLU AA 9 80.17 21.69 14.56
N ALA AA 10 80.47 22.52 13.57
CA ALA AA 10 79.79 23.80 13.43
C ALA AA 10 78.36 23.67 12.95
N SER AA 11 78.00 22.53 12.35
CA SER AA 11 76.66 22.39 11.79
C SER AA 11 75.60 22.30 12.86
N PHE AA 12 75.94 21.79 14.04
CA PHE AA 12 74.96 21.66 15.10
C PHE AA 12 74.50 23.01 15.60
N LEU AA 13 73.21 23.08 15.96
CA LEU AA 13 72.55 24.30 16.38
C LEU AA 13 72.03 24.11 17.79
N ASN AA 14 72.39 25.02 18.68
CA ASN AA 14 71.99 24.96 20.07
C ASN AA 14 70.68 25.71 20.26
N GLY AA 15 69.98 25.38 21.35
CA GLY AA 15 68.78 26.11 21.70
C GLY AA 15 69.03 27.55 22.05
N SER AA 16 70.26 27.90 22.45
CA SER AA 16 70.61 29.26 22.84
C SER AA 16 70.61 30.24 21.68
N ASP AA 17 70.62 29.75 20.43
CA ASP AA 17 70.64 30.60 19.25
C ASP AA 17 69.23 30.88 18.73
N VAL AA 18 68.27 30.99 19.63
CA VAL AA 18 66.85 31.03 19.30
C VAL AA 18 66.27 32.37 19.73
N VAL AA 19 65.49 32.98 18.86
CA VAL AA 19 64.72 34.18 19.18
C VAL AA 19 63.31 33.99 18.64
N ILE AA 20 62.31 34.26 19.47
CA ILE AA 20 60.91 34.02 19.16
C ILE AA 20 60.17 35.35 19.18
N LEU AA 21 59.33 35.57 18.18
CA LEU AA 21 58.51 36.77 18.05
C LEU AA 21 57.05 36.34 18.06
N ILE AA 22 56.30 36.81 19.05
CA ILE AA 22 54.86 36.57 19.15
C ILE AA 22 54.17 37.85 18.73
N ASP AA 23 53.51 37.83 17.57
CA ASP AA 23 52.80 38.99 17.04
C ASP AA 23 53.76 40.17 16.87
N GLY AA 24 54.99 39.87 16.45
CA GLY AA 24 55.96 40.89 16.10
C GLY AA 24 56.83 41.41 17.22
N VAL AA 25 56.54 41.04 18.48
CA VAL AA 25 57.31 41.47 19.64
C VAL AA 25 58.06 40.27 20.18
N GLU AA 26 59.33 40.46 20.49
CA GLU AA 26 60.20 39.35 20.89
C GLU AA 26 59.78 38.80 22.24
N GLU AA 27 59.83 37.47 22.35
CA GLU AA 27 59.53 36.75 23.58
C GLU AA 27 60.83 36.19 24.13
N LEU AA 28 61.19 36.59 25.35
CA LEU AA 28 62.51 36.32 25.91
C LEU AA 28 62.51 35.21 26.94
N TYR AA 29 61.39 34.95 27.60
CA TYR AA 29 61.31 34.05 28.74
C TYR AA 29 60.72 32.71 28.39
N MET AA 30 61.05 32.17 27.22
CA MET AA 30 60.56 30.89 26.76
C MET AA 30 61.58 29.79 27.01
N GLU AA 31 61.07 28.61 27.35
CA GLU AA 31 61.88 27.43 27.67
C GLU AA 31 61.97 26.46 26.51
N GLU AA 32 60.87 26.23 25.80
CA GLU AA 32 60.90 25.36 24.63
C GLU AA 32 59.72 25.69 23.73
N ILE AA 33 59.85 25.27 22.47
CA ILE AA 33 58.84 25.50 21.45
C ILE AA 33 58.79 24.30 20.52
N LYS AA 34 57.59 24.00 20.03
CA LYS AA 34 57.35 22.91 19.11
C LYS AA 34 56.37 23.36 18.04
N ALA AA 35 56.53 22.83 16.83
CA ALA AA 35 55.56 23.09 15.77
C ALA AA 35 55.65 21.97 14.76
N ASP AA 36 54.49 21.40 14.42
CA ASP AA 36 54.40 20.32 13.46
C ASP AA 36 53.28 20.61 12.47
N PHE AA 37 53.47 20.16 11.24
CA PHE AA 37 52.50 20.31 10.15
C PHE AA 37 52.11 18.91 9.70
N GLU AA 38 50.95 18.45 10.13
CA GLU AA 38 50.59 17.04 10.11
C GLU AA 38 49.62 16.72 9.00
N GLN AA 39 49.83 15.57 8.34
CA GLN AA 39 48.91 15.05 7.35
C GLN AA 39 47.68 14.44 8.00
N ASP AA 40 46.57 14.47 7.27
CA ASP AA 40 45.48 13.52 7.46
C ASP AA 40 45.59 12.43 6.39
N GLU AA 41 46.64 11.63 6.53
CA GLU AA 41 47.04 10.69 5.48
C GLU AA 41 45.93 9.72 5.15
N GLN AA 42 45.66 9.56 3.85
CA GLN AA 42 44.57 8.73 3.36
C GLN AA 42 45.14 7.38 2.93
N SER AA 43 44.62 6.31 3.52
CA SER AA 43 45.03 4.96 3.20
C SER AA 43 44.10 4.38 2.15
N ILE AA 44 44.70 3.75 1.14
CA ILE AA 44 43.98 3.19 0.01
C ILE AA 44 44.37 1.73 -0.13
N LYS AA 45 43.37 0.87 -0.24
CA LYS AA 45 43.57 -0.56 -0.52
C LYS AA 45 42.88 -0.86 -1.85
N LEU AA 46 43.58 -1.56 -2.73
CA LEU AA 46 43.10 -1.90 -4.05
C LEU AA 46 42.93 -3.40 -4.18
N LEU AA 47 42.05 -3.79 -5.09
CA LEU AA 47 41.70 -5.20 -5.22
C LEU AA 47 42.84 -6.00 -5.84
N GLY AA 48 43.51 -5.45 -6.84
CA GLY AA 48 44.58 -6.18 -7.49
C GLY AA 48 45.93 -6.10 -6.83
N CYS AA 49 46.06 -5.28 -5.78
CA CYS AA 49 47.35 -4.95 -5.19
C CYS AA 49 47.34 -5.31 -3.72
N GLN AA 50 48.51 -5.73 -3.22
CA GLN AA 50 48.63 -6.31 -1.89
C GLN AA 50 49.40 -5.41 -0.92
N ASN AA 51 49.50 -4.12 -1.19
CA ASN AA 51 50.05 -3.17 -0.23
C ASN AA 51 49.20 -1.90 -0.23
N GLU AA 52 49.16 -1.23 0.91
CA GLU AA 52 48.38 -0.02 1.02
C GLU AA 52 49.05 1.12 0.28
N ILE AA 53 48.22 1.95 -0.35
CA ILE AA 53 48.66 3.17 -1.00
C ILE AA 53 48.27 4.35 -0.12
N SER AA 54 49.24 5.22 0.14
CA SER AA 54 49.07 6.38 1.02
C SER AA 54 49.10 7.65 0.19
N ARG AA 55 48.17 8.55 0.48
CA ARG AA 55 48.04 9.82 -0.23
C ARG AA 55 47.94 10.95 0.78
N VAL AA 56 48.30 12.15 0.33
CA VAL AA 56 48.32 13.32 1.20
C VAL AA 56 46.90 13.80 1.40
N GLY AA 57 46.52 13.99 2.66
CA GLY AA 57 45.26 14.59 3.02
C GLY AA 57 45.42 16.04 3.41
N THR AA 58 44.41 16.56 4.09
CA THR AA 58 44.45 17.94 4.55
C THR AA 58 45.52 18.12 5.60
N THR AA 59 46.20 19.27 5.56
CA THR AA 59 47.29 19.58 6.45
C THR AA 59 46.80 20.47 7.58
N LYS AA 60 47.19 20.12 8.81
CA LYS AA 60 46.90 20.92 10.00
C LYS AA 60 48.21 21.20 10.73
N GLY AA 61 48.28 22.37 11.33
CA GLY AA 61 49.42 22.79 12.13
C GLY AA 61 49.08 22.73 13.61
N SER AA 62 50.03 22.27 14.41
CA SER AA 62 49.92 22.25 15.87
C SER AA 62 51.23 22.75 16.46
N PHE AA 63 51.13 23.62 17.45
CA PHE AA 63 52.29 24.16 18.15
C PHE AA 63 52.09 24.03 19.65
N SER AA 64 53.20 23.94 20.37
CA SER AA 64 53.23 24.10 21.81
C SER AA 64 54.39 25.02 22.15
N LEU AA 65 54.25 25.70 23.29
CA LEU AA 65 55.11 26.83 23.61
C LEU AA 65 55.15 26.97 25.13
N ASN AA 66 56.24 26.50 25.73
CA ASN AA 66 56.41 26.48 27.17
C ASN AA 66 57.41 27.56 27.58
N GLY AA 67 57.13 28.24 28.68
CA GLY AA 67 57.99 29.31 29.12
C GLY AA 67 57.74 29.68 30.56
N TYR AA 68 58.30 30.83 30.93
CA TYR AA 68 58.21 31.38 32.27
C TYR AA 68 57.31 32.60 32.26
N LYS AA 69 56.41 32.68 33.23
CA LYS AA 69 55.43 33.74 33.28
C LYS AA 69 56.06 35.03 33.78
N THR AA 70 55.89 36.09 33.00
CA THR AA 70 56.29 37.43 33.38
C THR AA 70 55.21 38.46 33.15
N ASP AA 71 54.10 38.10 32.51
CA ASP AA 71 53.00 39.01 32.26
C ASP AA 71 51.77 38.17 31.94
N SER AA 72 50.64 38.85 31.76
CA SER AA 72 49.39 38.22 31.36
C SER AA 72 49.16 38.34 29.87
N LYS AA 73 50.25 38.21 29.10
CA LYS AA 73 50.17 38.40 27.65
C LYS AA 73 49.19 37.42 27.01
N PHE AA 74 49.28 36.15 27.38
CA PHE AA 74 48.44 35.14 26.73
C PHE AA 74 46.99 35.23 27.22
N ALA AA 75 46.78 35.67 28.46
CA ALA AA 75 45.42 35.83 28.95
C ALA AA 75 44.71 36.99 28.24
N LYS AA 76 45.41 38.12 28.07
CA LYS AA 76 44.86 39.19 27.22
C LYS AA 76 44.69 38.73 25.78
N LEU AA 77 45.67 37.98 25.28
CA LEU AA 77 45.63 37.56 23.88
C LEU AA 77 44.40 36.74 23.58
N GLY AA 78 43.90 36.00 24.57
CA GLY AA 78 42.67 35.27 24.39
C GLY AA 78 42.80 34.24 23.29
N PHE AA 79 41.74 34.10 22.51
CA PHE AA 79 41.70 33.18 21.38
C PHE AA 79 41.83 33.90 20.05
N ARG AA 80 42.32 35.14 20.05
CA ARG AA 80 42.58 35.85 18.80
C ARG AA 80 43.69 35.16 18.02
N SER AA 81 43.64 35.34 16.71
CA SER AA 81 44.68 34.81 15.84
C SER AA 81 45.93 35.67 15.94
N PHE AA 82 47.09 35.01 15.95
CA PHE AA 82 48.37 35.68 15.98
C PHE AA 82 49.37 34.89 15.14
N GLU AA 83 50.57 35.44 15.00
CA GLU AA 83 51.64 34.82 14.24
C GLU AA 83 52.84 34.58 15.15
N ILE AA 84 53.62 33.56 14.79
CA ILE AA 84 54.85 33.21 15.47
C ILE AA 84 55.95 33.17 14.42
N ILE AA 85 56.97 34.00 14.61
CA ILE AA 85 58.18 33.96 13.78
C ILE AA 85 59.28 33.37 14.62
N TYR AA 86 59.84 32.26 14.15
CA TYR AA 86 60.87 31.51 14.85
C TYR AA 86 62.16 31.56 14.05
N ASN AA 87 63.21 32.11 14.65
CA ASN AA 87 64.51 32.20 14.02
C ASN AA 87 65.51 31.37 14.81
N LEU AA 88 66.19 30.46 14.11
CA LEU AA 88 67.25 29.64 14.67
C LEU AA 88 68.52 29.94 13.88
N SER AA 89 69.49 30.56 14.54
CA SER AA 89 70.71 31.03 13.90
C SER AA 89 71.88 30.12 14.24
N ASN AA 90 72.85 30.09 13.34
CA ASN AA 90 74.16 29.51 13.60
C ASN AA 90 75.13 30.62 13.96
N SER AA 91 76.07 30.29 14.85
CA SER AA 91 77.10 31.22 15.29
C SER AA 91 78.43 30.97 14.59
N GLU AA 92 78.90 29.72 14.58
CA GLU AA 92 80.16 29.42 13.90
C GLU AA 92 80.04 29.66 12.40
N THR AA 93 78.89 29.32 11.83
CA THR AA 93 78.49 29.76 10.50
C THR AA 93 77.53 30.92 10.65
N LEU AA 94 77.36 31.69 9.58
CA LEU AA 94 76.47 32.84 9.59
C LEU AA 94 75.06 32.51 9.10
N GLY AA 95 74.79 31.26 8.74
CA GLY AA 95 73.48 30.90 8.24
C GLY AA 95 72.44 30.87 9.34
N TYR AA 96 71.18 30.98 8.93
CA TYR AA 96 70.08 30.94 9.89
C TYR AA 96 68.80 30.51 9.18
N GLU AA 97 67.89 29.95 9.97
CA GLU AA 97 66.58 29.54 9.53
C GLU AA 97 65.55 30.47 10.16
N SER AA 98 64.51 30.80 9.40
CA SER AA 98 63.40 31.59 9.90
C SER AA 98 62.10 30.99 9.41
N ILE AA 99 61.18 30.74 10.33
CA ILE AA 99 59.90 30.09 10.05
C ILE AA 99 58.81 30.97 10.64
N ARG AA 100 57.80 31.28 9.84
CA ARG AA 100 56.66 32.10 10.23
C ARG AA 100 55.43 31.20 10.25
N LEU AA 101 54.88 30.99 11.43
CA LEU AA 101 53.61 30.29 11.59
C LEU AA 101 52.47 31.30 11.56
N LYS AA 102 51.49 31.05 10.69
CA LYS AA 102 50.41 31.99 10.41
C LYS AA 102 49.10 31.49 10.98
N ASN AA 103 48.25 32.45 11.37
CA ASN AA 103 46.92 32.17 11.91
C ASN AA 103 47.00 31.26 13.13
N CYS AA 104 48.02 31.49 13.96
CA CYS AA 104 48.15 30.72 15.19
C CYS AA 104 47.07 31.11 16.18
N ARG AA 105 46.53 30.13 16.87
CA ARG AA 105 45.41 30.34 17.77
C ARG AA 105 45.53 29.36 18.93
N LEU AA 106 45.33 29.86 20.14
CA LEU AA 106 45.49 29.06 21.34
C LEU AA 106 44.32 28.11 21.52
N LYS AA 107 44.63 26.86 21.90
CA LYS AA 107 43.59 25.91 22.25
C LYS AA 107 43.03 26.17 23.63
N LYS AA 108 43.88 26.60 24.56
CA LYS AA 108 43.44 26.91 25.92
C LYS AA 108 44.28 28.04 26.48
N LEU AA 109 43.69 28.79 27.40
CA LEU AA 109 44.33 29.94 28.02
C LEU AA 109 45.03 29.51 29.31
N PRO AA 110 46.34 29.78 29.50
CA PRO AA 110 46.95 29.41 30.78
C PRO AA 110 46.69 30.47 31.84
N LEU AA 111 45.47 30.44 32.41
CA LEU AA 111 45.10 31.48 33.35
C LEU AA 111 45.92 31.39 34.62
N ILE AA 112 46.01 30.20 35.21
CA ILE AA 112 46.70 29.99 36.49
C ILE AA 112 47.53 28.72 36.38
N ASN AA 113 48.80 28.81 36.78
CA ASN AA 113 49.64 27.62 36.91
C ASN AA 113 50.77 28.00 37.87
N SER AA 114 50.65 27.58 39.12
CA SER AA 114 51.66 27.87 40.13
C SER AA 114 51.75 26.72 41.10
N LYS AA 115 52.97 26.48 41.58
CA LYS AA 115 53.27 25.44 42.55
C LYS AA 115 53.93 26.10 43.75
N ALA AA 116 54.09 25.32 44.82
CA ALA AA 116 54.37 25.87 46.14
C ALA AA 116 55.65 26.68 46.19
N GLY AA 117 56.75 26.11 45.68
CA GLY AA 117 58.05 26.73 45.79
C GLY AA 117 58.83 26.79 44.49
N GLU AA 118 58.13 26.67 43.37
CA GLU AA 118 58.74 26.70 42.04
C GLU AA 118 58.44 28.01 41.34
N ILE AA 119 59.23 28.28 40.31
CA ILE AA 119 59.03 29.47 39.50
C ILE AA 119 57.80 29.29 38.64
N VAL AA 120 56.98 30.33 38.57
CA VAL AA 120 55.72 30.26 37.83
C VAL AA 120 56.03 30.09 36.35
N LYS AA 121 55.56 28.99 35.78
CA LYS AA 121 55.74 28.67 34.37
C LYS AA 121 54.41 28.79 33.64
N ILE AA 122 54.51 29.02 32.34
CA ILE AA 122 53.36 29.14 31.45
C ILE AA 122 53.57 28.20 30.28
N GLU AA 123 52.56 27.40 29.97
CA GLU AA 123 52.59 26.47 28.86
C GLU AA 123 51.30 26.62 28.06
N VAL AA 124 51.44 26.78 26.75
CA VAL AA 124 50.31 26.93 25.85
C VAL AA 124 50.47 25.99 24.67
N GLU AA 125 49.34 25.68 24.06
CA GLU AA 125 49.28 24.87 22.85
C GLU AA 125 48.21 25.45 21.95
N GLY AA 126 48.31 25.12 20.66
CA GLY AA 126 47.36 25.67 19.72
C GLY AA 126 47.57 25.08 18.34
N SER AA 127 46.94 25.72 17.37
CA SER AA 127 46.96 25.29 15.98
C SER AA 127 47.26 26.47 15.08
N PHE AA 128 47.88 26.19 13.94
CA PHE AA 128 48.15 27.18 12.92
C PHE AA 128 47.78 26.63 11.55
N ARG AA 129 47.46 27.53 10.63
CA ARG AA 129 46.97 27.14 9.31
C ARG AA 129 48.12 26.67 8.41
N GLY AA 130 49.10 27.55 8.20
CA GLY AA 130 50.21 27.27 7.31
C GLY AA 130 51.47 27.94 7.82
N TYR AA 131 52.54 27.74 7.06
CA TYR AA 131 53.86 28.22 7.43
C TYR AA 131 54.56 28.80 6.22
N ASP AA 132 55.43 29.77 6.47
CA ASP AA 132 56.33 30.34 5.46
C ASP AA 132 57.76 30.11 5.93
N LEU AA 133 58.54 29.45 5.09
CA LEU AA 133 59.96 29.22 5.37
C LEU AA 133 60.72 30.43 4.83
N LEU AA 134 60.83 31.47 5.66
CA LEU AA 134 61.39 32.73 5.21
C LEU AA 134 62.85 32.59 4.84
N ASN AA 135 63.63 31.89 5.66
CA ASN AA 135 65.06 31.74 5.47
C ASN AA 135 65.45 30.33 5.92
N GLU AA 136 66.71 29.99 5.69
CA GLU AA 136 67.14 28.60 5.81
C GLU AA 136 68.66 28.44 5.78
N GLU BA 13 -9.13 27.77 65.40
CA GLU BA 13 -10.22 27.15 64.59
C GLU BA 13 -10.22 25.64 64.76
N ILE BA 14 -11.14 24.97 64.06
CA ILE BA 14 -11.38 23.54 64.18
C ILE BA 14 -11.05 22.91 62.83
N PRO BA 15 -10.58 21.67 62.75
CA PRO BA 15 -10.36 21.05 61.43
C PRO BA 15 -11.63 20.97 60.60
N GLY BA 16 -11.49 21.25 59.31
CA GLY BA 16 -12.55 21.01 58.34
C GLY BA 16 -12.55 22.04 57.22
N PHE BA 17 -13.32 21.73 56.18
CA PHE BA 17 -13.61 22.72 55.13
C PHE BA 17 -14.44 23.86 55.67
N TYR BA 18 -14.13 25.05 55.17
CA TYR BA 18 -14.88 26.28 55.46
C TYR BA 18 -14.99 27.05 54.15
N ASN BA 19 -16.00 26.69 53.37
CA ASN BA 19 -16.27 27.34 52.09
C ASN BA 19 -16.99 28.66 52.36
N ARG BA 20 -16.38 29.76 51.94
CA ARG BA 20 -16.92 31.10 52.20
C ARG BA 20 -16.74 31.94 50.92
N PHE BA 21 -17.84 32.12 50.20
CA PHE BA 21 -17.87 32.99 49.04
C PHE BA 21 -17.46 34.40 49.44
N LYS BA 22 -16.62 35.02 48.61
CA LYS BA 22 -16.25 36.42 48.73
C LYS BA 22 -16.71 37.15 47.48
N THR BA 23 -17.27 38.35 47.68
CA THR BA 23 -17.79 39.13 46.57
C THR BA 23 -16.66 39.54 45.63
N GLN BA 24 -16.97 39.59 44.33
CA GLN BA 24 -15.97 39.93 43.33
C GLN BA 24 -15.50 41.37 43.43
N ALA BA 25 -16.26 42.24 44.08
CA ALA BA 25 -15.84 43.64 44.21
C ALA BA 25 -14.55 43.79 45.01
N GLU BA 26 -14.23 42.82 45.86
CA GLU BA 26 -13.09 42.91 46.77
C GLU BA 26 -11.82 42.34 46.11
N LYS BA 27 -11.41 42.97 45.00
CA LYS BA 27 -10.21 42.54 44.30
C LYS BA 27 -9.00 43.25 44.89
N SER BA 28 -7.91 42.50 45.04
CA SER BA 28 -6.65 43.09 45.45
C SER BA 28 -6.00 43.84 44.29
N THR BA 29 -5.10 44.75 44.64
CA THR BA 29 -4.42 45.57 43.65
C THR BA 29 -3.48 44.71 42.81
N ASN BA 30 -2.82 45.34 41.84
CA ASN BA 30 -1.94 44.64 40.92
C ASN BA 30 -0.70 44.13 41.66
N THR BA 31 0.17 43.45 40.92
CA THR BA 31 1.41 42.89 41.44
C THR BA 31 2.66 43.55 40.89
N GLY BA 32 2.60 44.13 39.70
CA GLY BA 32 3.76 44.77 39.11
C GLY BA 32 4.01 46.15 39.66
N LEU BA 33 4.49 46.21 40.91
CA LEU BA 33 4.74 47.46 41.61
C LEU BA 33 6.15 47.45 42.19
N LYS BA 34 6.73 48.65 42.30
CA LYS BA 34 8.10 48.80 42.76
C LYS BA 34 8.25 50.19 43.38
N GLY BA 35 9.29 50.33 44.19
CA GLY BA 35 9.74 51.64 44.65
C GLY BA 35 9.00 52.13 45.89
N ARG BA 36 9.56 53.19 46.49
CA ARG BA 36 9.06 53.78 47.71
C ARG BA 36 8.87 55.28 47.53
N LEU BA 37 7.76 55.79 48.08
CA LEU BA 37 7.37 57.19 47.93
C LEU BA 37 6.96 57.78 49.27
N ALA BA 38 7.26 59.07 49.44
CA ALA BA 38 6.85 59.83 50.60
C ALA BA 38 5.65 60.71 50.27
N MET BA 39 4.86 61.01 51.29
CA MET BA 39 3.58 61.69 51.12
C MET BA 39 3.16 62.45 52.38
N PRO BA 40 3.45 63.76 52.50
CA PRO BA 40 2.93 64.52 53.66
C PRO BA 40 1.45 64.86 53.50
N ILE BA 41 0.61 63.85 53.71
CA ILE BA 41 -0.81 63.98 53.38
C ILE BA 41 -1.49 64.93 54.36
N ARG BA 42 -2.28 65.86 53.81
CA ARG BA 42 -3.17 66.72 54.60
C ARG BA 42 -4.49 65.99 54.79
N ALA BA 43 -4.52 65.13 55.81
CA ALA BA 43 -5.68 64.30 56.08
C ALA BA 43 -6.56 64.95 57.14
N ASN BA 44 -7.86 65.06 56.83
CA ASN BA 44 -8.82 65.43 57.87
C ASN BA 44 -8.77 64.45 59.03
N TRP BA 45 -8.60 63.17 58.73
CA TRP BA 45 -8.50 62.12 59.73
C TRP BA 45 -7.32 61.23 59.38
N GLY BA 46 -6.66 60.71 60.41
CA GLY BA 46 -5.55 59.80 60.23
C GLY BA 46 -4.53 59.92 61.35
N ASP BA 47 -3.39 59.29 61.12
CA ASP BA 47 -2.36 59.13 62.14
C ASP BA 47 -1.45 60.35 62.17
N VAL BA 48 -1.48 61.08 63.28
CA VAL BA 48 -0.74 62.33 63.43
C VAL BA 48 0.54 62.06 64.21
N GLY BA 49 1.65 62.64 63.74
CA GLY BA 49 2.92 62.51 64.42
C GLY BA 49 3.72 61.27 64.09
N LYS BA 50 3.30 60.48 63.09
CA LYS BA 50 4.00 59.26 62.72
C LYS BA 50 3.76 58.95 61.26
N VAL BA 51 4.73 58.27 60.65
CA VAL BA 51 4.68 57.89 59.25
C VAL BA 51 4.21 56.44 59.18
N VAL BA 52 3.26 56.17 58.28
CA VAL BA 52 2.68 54.85 58.10
C VAL BA 52 3.07 54.36 56.71
N THR BA 53 3.47 53.09 56.64
CA THR BA 53 3.94 52.47 55.40
C THR BA 53 2.80 51.66 54.80
N ILE BA 54 2.04 52.28 53.91
CA ILE BA 54 0.93 51.61 53.24
C ILE BA 54 1.49 50.74 52.12
N LYS BA 55 0.94 49.54 51.98
CA LYS BA 55 1.35 48.60 50.94
C LYS BA 55 0.65 48.94 49.63
N ASN BA 56 0.74 48.02 48.66
CA ASN BA 56 0.03 48.16 47.39
C ASN BA 56 -1.47 48.36 47.61
N ASP BA 57 -2.03 47.70 48.61
CA ASP BA 57 -3.48 47.70 48.79
C ASP BA 57 -4.00 49.10 49.11
N LEU BA 58 -5.08 49.49 48.43
CA LEU BA 58 -5.78 50.73 48.72
C LEU BA 58 -6.59 50.67 50.01
N ARG BA 59 -6.72 49.48 50.61
CA ARG BA 59 -7.70 49.33 51.69
C ARG BA 59 -7.20 49.98 52.96
N GLN BA 60 -5.91 49.82 53.26
CA GLN BA 60 -5.34 50.47 54.43
C GLN BA 60 -5.40 51.99 54.29
N LEU BA 61 -5.25 52.50 53.07
CA LEU BA 61 -5.32 53.94 52.86
C LEU BA 61 -6.67 54.49 53.25
N LYS BA 62 -7.77 53.89 52.76
CA LYS BA 62 -9.06 54.46 53.05
C LYS BA 62 -9.47 54.18 54.50
N ASN BA 63 -9.08 53.00 55.01
CA ASN BA 63 -9.40 52.68 56.40
C ASN BA 63 -8.70 53.63 57.36
N LEU BA 64 -7.49 54.08 57.02
CA LEU BA 64 -6.70 54.92 57.91
C LEU BA 64 -6.81 56.41 57.62
N PHE BA 65 -7.20 56.80 56.40
CA PHE BA 65 -7.18 58.20 55.98
C PHE BA 65 -8.45 58.56 55.22
N GLY BA 66 -9.59 58.11 55.72
CA GLY BA 66 -10.87 58.52 55.19
C GLY BA 66 -11.16 58.03 53.78
N ASP BA 67 -12.41 58.16 53.35
CA ASP BA 67 -12.86 57.74 52.04
C ASP BA 67 -13.24 58.97 51.19
N ASP BA 68 -13.13 60.17 51.73
CA ASP BA 68 -13.69 61.35 51.09
C ASP BA 68 -12.73 61.91 50.05
N MET BA 69 -13.29 62.32 48.91
CA MET BA 69 -12.48 62.79 47.79
C MET BA 69 -11.84 64.14 48.10
N ASN BA 70 -12.57 65.02 48.78
CA ASN BA 70 -12.02 66.35 49.07
C ASN BA 70 -10.79 66.26 49.98
N TYR BA 71 -10.69 65.20 50.78
CA TYR BA 71 -9.50 64.99 51.59
C TYR BA 71 -8.29 64.86 50.67
N SER BA 72 -7.30 65.72 50.87
CA SER BA 72 -6.08 65.62 50.08
C SER BA 72 -5.41 64.27 50.29
N ALA BA 73 -5.51 63.72 51.50
CA ALA BA 73 -4.88 62.44 51.81
C ALA BA 73 -5.41 61.33 50.90
N PHE BA 74 -6.72 61.12 50.91
CA PHE BA 74 -7.30 60.04 50.10
C PHE BA 74 -7.09 60.29 48.62
N LYS BA 75 -7.33 61.51 48.16
CA LYS BA 75 -7.24 61.83 46.74
C LYS BA 75 -5.83 61.58 46.21
N LEU BA 76 -4.83 62.13 46.88
CA LEU BA 76 -3.46 62.01 46.41
C LEU BA 76 -2.87 60.63 46.68
N GLY BA 77 -3.29 59.95 47.75
CA GLY BA 77 -2.87 58.58 47.94
C GLY BA 77 -3.43 57.67 46.86
N LYS BA 78 -4.68 57.91 46.46
CA LYS BA 78 -5.24 57.17 45.34
C LYS BA 78 -4.45 57.44 44.07
N LEU BA 79 -4.07 58.69 43.84
CA LEU BA 79 -3.20 58.98 42.69
C LEU BA 79 -1.90 58.20 42.76
N ALA BA 80 -1.26 58.21 43.93
CA ALA BA 80 0.05 57.57 44.05
C ALA BA 80 -0.06 56.07 43.84
N LEU BA 81 -1.11 55.45 44.37
CA LEU BA 81 -1.26 54.01 44.30
C LEU BA 81 -1.74 53.55 42.92
N LEU BA 82 -2.52 54.37 42.22
CA LEU BA 82 -2.69 54.16 40.78
C LEU BA 82 -1.41 54.45 40.00
N GLY BA 83 -0.48 55.20 40.59
CA GLY BA 83 0.88 55.27 40.06
C GLY BA 83 1.70 54.02 40.29
N ASN BA 84 1.15 53.03 41.02
CA ASN BA 84 1.73 51.69 41.15
C ASN BA 84 3.05 51.73 41.93
N VAL BA 85 3.10 52.54 42.98
CA VAL BA 85 4.21 52.50 43.92
C VAL BA 85 4.02 51.32 44.86
N LYS BA 86 5.10 50.57 45.09
CA LYS BA 86 5.02 49.38 45.93
C LYS BA 86 4.69 49.74 47.38
N GLU BA 87 5.45 50.67 47.95
CA GLU BA 87 5.25 51.14 49.32
C GLU BA 87 5.08 52.65 49.31
N LEU BA 88 3.96 53.12 49.88
CA LEU BA 88 3.64 54.54 49.93
C LEU BA 88 3.65 54.95 51.40
N LEU BA 89 4.57 55.86 51.74
CA LEU BA 89 4.79 56.26 53.12
C LEU BA 89 4.02 57.55 53.39
N LEU BA 90 2.95 57.44 54.17
CA LEU BA 90 2.05 58.55 54.46
C LEU BA 90 2.34 59.13 55.84
N TYR BA 91 2.43 60.46 55.90
CA TYR BA 91 2.50 61.20 57.15
C TYR BA 91 1.36 62.21 57.16
N ARG BA 92 0.47 62.10 58.14
CA ARG BA 92 -0.60 63.07 58.26
C ARG BA 92 -0.04 64.44 58.62
N LEU BA 93 -0.64 65.48 58.04
CA LEU BA 93 -0.24 66.85 58.26
C LEU BA 93 -1.43 67.61 58.84
N VAL BA 94 -1.26 68.14 60.05
CA VAL BA 94 -2.29 68.95 60.70
C VAL BA 94 -1.62 70.16 61.33
N ASP BA 95 -2.40 71.22 61.49
CA ASP BA 95 -1.91 72.41 62.18
C ASP BA 95 -1.74 72.14 63.66
N GLY BA 96 -0.93 72.99 64.30
CA GLY BA 96 -0.75 72.87 65.74
C GLY BA 96 -2.05 73.06 66.51
N ASN BA 97 -2.88 74.01 66.06
CA ASN BA 97 -4.16 74.22 66.71
C ASN BA 97 -5.11 73.04 66.51
N GLN BA 98 -4.93 72.29 65.43
CA GLN BA 98 -5.76 71.12 65.18
C GLN BA 98 -5.55 70.08 66.28
N LYS BA 99 -6.65 69.52 66.78
CA LYS BA 99 -6.61 68.66 67.96
C LYS BA 99 -7.69 67.58 67.82
N LYS BA 100 -7.80 66.75 68.85
CA LYS BA 100 -8.79 65.69 68.88
C LYS BA 100 -10.16 66.22 69.25
N GLY BA 101 -11.18 65.77 68.53
CA GLY BA 101 -12.53 65.93 69.02
C GLY BA 101 -12.72 65.20 70.33
N THR BA 102 -13.46 65.82 71.25
CA THR BA 102 -13.61 65.31 72.60
C THR BA 102 -15.02 65.57 73.10
N LEU BA 103 -15.55 64.59 73.83
CA LEU BA 103 -16.84 64.74 74.50
C LEU BA 103 -16.79 63.94 75.80
N THR BA 104 -17.68 64.30 76.71
CA THR BA 104 -17.80 63.65 78.01
C THR BA 104 -19.23 63.17 78.19
N LEU BA 105 -19.39 61.90 78.59
CA LEU BA 105 -20.68 61.38 78.97
C LEU BA 105 -20.93 61.63 80.44
N LYS BA 106 -22.20 61.59 80.84
CA LYS BA 106 -22.58 61.83 82.22
C LYS BA 106 -23.75 60.93 82.58
N ASP BA 107 -23.92 60.71 83.88
CA ASP BA 107 -24.99 59.88 84.42
C ASP BA 107 -26.17 60.74 84.86
N THR BA 108 -27.31 60.08 85.06
CA THR BA 108 -28.54 60.72 85.50
C THR BA 108 -29.12 60.08 86.75
N THR BA 109 -28.38 59.18 87.41
CA THR BA 109 -28.87 58.57 88.64
C THR BA 109 -29.05 59.62 89.74
N GLU BA 110 -28.07 60.52 89.87
CA GLU BA 110 -28.14 61.59 90.86
C GLU BA 110 -28.91 62.79 90.30
N ASN BA 111 -29.27 63.70 91.20
CA ASN BA 111 -29.94 64.92 90.76
C ASN BA 111 -29.04 65.77 89.87
N SER BA 112 -27.75 65.86 90.22
CA SER BA 112 -26.76 66.58 89.43
C SER BA 112 -25.90 65.57 88.68
N ALA BA 113 -25.82 65.73 87.37
CA ALA BA 113 -25.05 64.82 86.55
C ALA BA 113 -23.55 65.07 86.73
N LYS BA 114 -22.77 64.00 86.55
CA LYS BA 114 -21.32 64.06 86.71
C LYS BA 114 -20.65 63.23 85.62
N ASP BA 115 -19.42 63.60 85.31
CA ASP BA 115 -18.68 62.95 84.23
C ASP BA 115 -18.16 61.59 84.68
N VAL BA 116 -18.36 60.59 83.83
CA VAL BA 116 -17.81 59.25 84.06
C VAL BA 116 -17.03 58.71 82.88
N ILE BA 117 -17.23 59.20 81.66
CA ILE BA 117 -16.53 58.74 80.46
C ILE BA 117 -16.16 59.95 79.61
N LYS BA 118 -14.95 59.93 79.05
CA LYS BA 118 -14.53 60.85 77.99
C LYS BA 118 -14.31 60.06 76.71
N LEU BA 119 -15.00 60.47 75.65
CA LEU BA 119 -14.79 59.93 74.32
C LEU BA 119 -13.98 60.93 73.53
N GLU BA 120 -12.74 60.56 73.20
CA GLU BA 120 -11.85 61.39 72.39
C GLU BA 120 -11.57 60.64 71.10
N THR BA 121 -11.45 61.40 70.01
CA THR BA 121 -11.06 60.79 68.74
C THR BA 121 -9.72 60.11 68.89
N LYS BA 122 -9.58 58.92 68.29
CA LYS BA 122 -8.36 58.13 68.45
C LYS BA 122 -7.14 58.93 68.02
N TYR BA 123 -7.27 59.74 66.98
CA TYR BA 123 -6.24 60.63 66.50
C TYR BA 123 -6.87 62.00 66.28
N PRO BA 124 -6.06 63.06 66.19
CA PRO BA 124 -6.64 64.40 66.04
C PRO BA 124 -7.55 64.51 64.83
N THR BA 125 -8.71 65.13 65.00
CA THR BA 125 -9.66 65.36 63.92
C THR BA 125 -10.82 66.18 64.45
N ALA BA 126 -11.57 66.78 63.51
CA ALA BA 126 -12.79 67.51 63.83
C ALA BA 126 -13.89 67.19 62.82
N ARG BA 127 -13.87 65.99 62.26
CA ARG BA 127 -14.87 65.56 61.30
C ARG BA 127 -16.23 65.43 62.00
N ASN BA 128 -17.26 65.10 61.21
CA ASN BA 128 -18.61 64.95 61.73
C ASN BA 128 -18.79 63.58 62.39
N PHE BA 129 -18.01 63.36 63.45
CA PHE BA 129 -18.03 62.10 64.19
C PHE BA 129 -18.97 62.27 65.38
N ASN BA 130 -20.15 61.66 65.27
CA ASN BA 130 -21.23 61.83 66.23
C ASN BA 130 -21.38 60.58 67.08
N VAL BA 131 -22.02 60.75 68.24
CA VAL BA 131 -22.24 59.66 69.19
C VAL BA 131 -23.72 59.66 69.56
N THR BA 132 -24.24 58.46 69.86
CA THR BA 132 -25.58 58.32 70.38
C THR BA 132 -25.60 57.18 71.38
N ILE BA 133 -26.23 57.42 72.53
CA ILE BA 133 -26.31 56.45 73.61
C ILE BA 133 -27.75 56.40 74.10
N LYS BA 134 -28.25 55.19 74.33
CA LYS BA 134 -29.63 54.98 74.76
C LYS BA 134 -29.69 53.71 75.61
N SER BA 135 -30.86 53.45 76.18
CA SER BA 135 -31.06 52.27 77.00
C SER BA 135 -31.21 51.03 76.14
N ASN BA 136 -30.78 49.89 76.68
CA ASN BA 136 -30.91 48.61 76.01
C ASN BA 136 -32.25 47.98 76.36
N LEU BA 137 -32.98 47.54 75.35
CA LEU BA 137 -34.31 46.96 75.57
C LEU BA 137 -34.21 45.55 76.14
N VAL BA 138 -33.20 44.78 75.71
CA VAL BA 138 -33.08 43.40 76.14
C VAL BA 138 -32.80 43.33 77.64
N ASP BA 139 -31.84 44.14 78.11
CA ASP BA 139 -31.43 44.18 79.50
C ASP BA 139 -31.49 45.62 80.00
N SER BA 140 -32.09 45.81 81.17
CA SER BA 140 -32.20 47.17 81.72
C SER BA 140 -30.84 47.76 82.03
N ASP BA 141 -29.94 46.96 82.60
CA ASP BA 141 -28.61 47.47 82.96
C ASP BA 141 -27.77 47.80 81.74
N LYS BA 142 -28.02 47.15 80.60
CA LYS BA 142 -27.23 47.40 79.41
C LYS BA 142 -27.67 48.70 78.73
N LYS BA 143 -26.76 49.26 77.94
CA LYS BA 143 -27.03 50.44 77.13
C LYS BA 143 -26.49 50.22 75.73
N ASP BA 144 -27.18 50.80 74.75
CA ASP BA 144 -26.76 50.74 73.36
C ASP BA 144 -25.91 51.98 73.05
N PHE BA 145 -24.69 51.76 72.57
CA PHE BA 145 -23.78 52.81 72.17
C PHE BA 145 -23.54 52.73 70.68
N ILE BA 146 -23.76 53.85 69.98
CA ILE BA 146 -23.69 53.91 68.53
C ILE BA 146 -22.84 55.12 68.13
N PHE BA 147 -22.06 54.96 67.07
CA PHE BA 147 -21.23 56.03 66.53
C PHE BA 147 -21.57 56.25 65.05
N PHE BA 148 -21.66 57.52 64.67
CA PHE BA 148 -22.02 57.95 63.32
C PHE BA 148 -20.88 58.74 62.68
N GLU BA 149 -20.74 58.58 61.36
CA GLU BA 149 -19.77 59.29 60.54
C GLU BA 149 -20.50 59.89 59.34
N ASN BA 150 -20.69 61.21 59.35
CA ASN BA 150 -21.42 61.91 58.28
C ASN BA 150 -22.78 61.26 58.05
N THR BA 151 -23.47 60.96 59.15
CA THR BA 151 -24.77 60.28 59.12
C THR BA 151 -24.66 58.84 58.63
N LYS BA 152 -23.50 58.21 58.84
CA LYS BA 152 -23.27 56.81 58.51
C LYS BA 152 -22.79 56.07 59.75
N GLN BA 153 -23.47 54.99 60.10
CA GLN BA 153 -23.11 54.24 61.31
C GLN BA 153 -21.74 53.60 61.17
N LEU BA 154 -20.97 53.66 62.25
CA LEU BA 154 -19.65 53.04 62.34
C LEU BA 154 -19.62 51.87 63.31
N PHE BA 155 -20.11 52.08 64.54
CA PHE BA 155 -20.06 51.06 65.58
C PHE BA 155 -21.43 50.99 66.24
N SER BA 156 -21.79 49.78 66.70
CA SER BA 156 -23.05 49.59 67.39
C SER BA 156 -22.95 48.33 68.25
N SER BA 157 -23.21 48.49 69.55
CA SER BA 157 -23.15 47.36 70.48
C SER BA 157 -23.96 47.69 71.72
N SER BA 158 -24.36 46.64 72.43
CA SER BA 158 -25.04 46.74 73.72
C SER BA 158 -24.12 46.17 74.78
N ILE BA 159 -23.81 46.98 75.80
CA ILE BA 159 -22.88 46.62 76.86
C ILE BA 159 -23.50 47.02 78.19
N LYS BA 160 -23.13 46.28 79.25
CA LYS BA 160 -23.61 46.55 80.59
C LYS BA 160 -23.36 48.00 80.98
N GLY BA 161 -24.22 48.53 81.85
CA GLY BA 161 -24.14 49.92 82.26
C GLY BA 161 -22.89 50.28 83.04
N THR BA 162 -22.14 49.29 83.51
CA THR BA 162 -20.89 49.57 84.22
C THR BA 162 -19.92 50.30 83.30
N ILE BA 163 -19.31 51.37 83.84
CA ILE BA 163 -18.41 52.18 83.04
C ILE BA 163 -17.19 51.39 82.60
N ASP BA 164 -16.75 50.43 83.42
CA ASP BA 164 -15.57 49.63 83.07
C ASP BA 164 -15.83 48.82 81.81
N GLU BA 165 -16.95 48.11 81.75
CA GLU BA 165 -17.27 47.31 80.56
C GLU BA 165 -17.49 48.20 79.35
N ILE BA 166 -18.12 49.36 79.54
CA ILE BA 166 -18.37 50.27 78.42
C ILE BA 166 -17.05 50.74 77.81
N VAL BA 167 -16.13 51.18 78.68
CA VAL BA 167 -14.83 51.63 78.20
C VAL BA 167 -14.06 50.47 77.55
N LEU BA 168 -14.16 49.28 78.15
CA LEU BA 168 -13.45 48.12 77.61
C LEU BA 168 -13.92 47.79 76.20
N GLU BA 169 -15.24 47.72 76.01
CA GLU BA 169 -15.76 47.40 74.68
C GLU BA 169 -15.46 48.51 73.69
N ILE BA 170 -15.55 49.78 74.12
CA ILE BA 170 -15.30 50.88 73.21
C ILE BA 170 -13.84 50.86 72.75
N ASN BA 171 -12.91 50.63 73.66
CA ASN BA 171 -11.50 50.57 73.29
C ASN BA 171 -11.10 49.25 72.65
N SER BA 172 -11.94 48.22 72.72
CA SER BA 172 -11.61 46.90 72.21
C SER BA 172 -12.09 46.68 70.78
N ASN BA 173 -13.38 46.96 70.52
CA ASN BA 173 -13.95 46.67 69.21
C ASN BA 173 -13.28 47.51 68.13
N LEU BA 174 -12.98 46.87 67.00
CA LEU BA 174 -12.20 47.53 65.94
C LEU BA 174 -13.01 48.58 65.20
N ASP BA 175 -14.35 48.54 65.27
CA ASP BA 175 -15.16 49.59 64.66
C ASP BA 175 -15.08 50.91 65.43
N ASN BA 176 -14.48 50.91 66.62
CA ASN BA 176 -14.21 52.13 67.39
C ASN BA 176 -12.87 52.76 67.04
N GLU BA 177 -12.37 52.54 65.82
CA GLU BA 177 -11.07 53.07 65.42
C GLU BA 177 -11.02 54.59 65.48
N TYR BA 178 -12.17 55.27 65.47
CA TYR BA 178 -12.24 56.72 65.45
C TYR BA 178 -12.45 57.33 66.83
N VAL BA 179 -12.32 56.53 67.90
CA VAL BA 179 -12.62 57.04 69.24
C VAL BA 179 -11.90 56.17 70.27
N ILE BA 180 -11.51 56.80 71.38
CA ILE BA 180 -11.05 56.11 72.58
C ILE BA 180 -11.93 56.55 73.75
N ALA BA 181 -12.38 55.58 74.54
CA ALA BA 181 -13.09 55.85 75.78
C ALA BA 181 -12.16 55.64 76.96
N THR BA 182 -12.12 56.63 77.86
CA THR BA 182 -11.33 56.55 79.08
C THR BA 182 -12.24 56.85 80.27
N LYS BA 183 -12.14 56.03 81.31
CA LYS BA 183 -12.99 56.16 82.48
C LYS BA 183 -12.55 57.36 83.30
N VAL BA 184 -13.43 58.36 83.41
CA VAL BA 184 -13.11 59.55 84.20
C VAL BA 184 -12.96 59.18 85.67
N ALA BA 185 -13.92 58.41 86.19
CA ALA BA 185 -13.94 58.03 87.58
C ALA BA 185 -14.68 56.71 87.70
N ASP BA 186 -14.39 55.99 88.76
CA ASP BA 186 -15.04 54.69 88.98
C ASP BA 186 -16.51 54.91 89.29
N SER BA 187 -17.39 54.23 88.54
CA SER BA 187 -18.81 54.36 88.73
C SER BA 187 -19.52 53.28 87.94
N ASP BA 188 -20.71 52.90 88.42
CA ASP BA 188 -21.61 51.99 87.73
C ASP BA 188 -22.95 52.65 87.41
N THR BA 189 -23.00 53.98 87.47
CA THR BA 189 -24.26 54.70 87.28
C THR BA 189 -24.73 54.59 85.84
N ILE BA 190 -26.05 54.75 85.66
CA ILE BA 190 -26.65 54.70 84.33
C ILE BA 190 -26.34 56.00 83.62
N LEU BA 191 -25.84 55.89 82.39
CA LEU BA 191 -25.42 57.06 81.63
C LEU BA 191 -26.62 57.88 81.18
N ALA BA 192 -26.33 59.10 80.74
CA ALA BA 192 -27.35 59.97 80.17
C ALA BA 192 -27.60 59.60 78.71
N ASN BA 193 -28.85 59.79 78.27
CA ASN BA 193 -29.24 59.51 76.90
C ASN BA 193 -29.00 60.76 76.07
N VAL BA 194 -28.05 60.68 75.14
CA VAL BA 194 -27.68 61.78 74.26
C VAL BA 194 -27.76 61.28 72.83
N VAL BA 195 -28.25 62.13 71.93
CA VAL BA 195 -28.51 61.77 70.54
C VAL BA 195 -27.71 62.68 69.63
N ASN BA 196 -26.83 62.09 68.83
CA ASN BA 196 -26.12 62.79 67.76
C ASN BA 196 -25.30 63.96 68.29
N GLN BA 197 -24.40 63.65 69.24
CA GLN BA 197 -23.49 64.63 69.80
C GLN BA 197 -22.15 64.55 69.07
N ALA BA 198 -21.75 65.67 68.46
CA ALA BA 198 -20.54 65.71 67.65
C ALA BA 198 -19.32 65.91 68.52
N LEU BA 199 -18.26 65.15 68.25
CA LEU BA 199 -17.01 65.33 68.96
C LEU BA 199 -16.35 66.64 68.49
N GLU BA 200 -15.99 67.48 69.45
CA GLU BA 200 -15.45 68.81 69.19
C GLU BA 200 -14.21 69.02 70.06
N GLY BA 201 -13.43 70.05 69.69
CA GLY BA 201 -12.18 70.35 70.35
C GLY BA 201 -10.98 70.21 69.44
N GLY BA 202 -11.18 70.48 68.15
CA GLY BA 202 -10.11 70.36 67.18
C GLY BA 202 -10.43 71.12 65.92
N ASN BA 203 -9.63 70.86 64.88
CA ASN BA 203 -9.76 71.50 63.59
C ASN BA 203 -9.90 70.45 62.49
N ASP BA 204 -10.14 70.94 61.28
CA ASP BA 204 -10.40 70.07 60.13
C ASP BA 204 -9.20 69.14 59.88
N GLY BA 205 -8.06 69.71 59.52
CA GLY BA 205 -6.87 68.95 59.21
C GLY BA 205 -6.30 69.35 57.86
N CYS BA 206 -7.19 69.63 56.91
CA CYS BA 206 -6.81 70.25 55.64
C CYS BA 206 -6.77 71.77 55.71
N THR BA 207 -7.12 72.35 56.85
CA THR BA 207 -7.20 73.79 57.03
C THR BA 207 -6.03 74.25 57.91
N SER BA 208 -5.53 75.45 57.64
CA SER BA 208 -4.40 76.03 58.37
C SER BA 208 -3.15 75.17 58.17
N ILE BA 209 -2.93 74.80 56.92
CA ILE BA 209 -1.75 74.03 56.51
C ILE BA 209 -0.59 75.01 56.36
N THR BA 210 0.39 74.91 57.26
CA THR BA 210 1.40 75.94 57.46
C THR BA 210 2.81 75.41 57.21
N ASN BA 211 3.73 76.35 56.97
CA ASN BA 211 5.11 76.00 56.63
C ASN BA 211 5.80 75.24 57.75
N GLU BA 212 5.63 75.70 59.00
CA GLU BA 212 6.25 75.02 60.13
C GLU BA 212 5.74 73.59 60.27
N SER BA 213 4.48 73.37 59.93
CA SER BA 213 3.91 72.03 60.05
C SER BA 213 4.53 71.08 59.02
N TYR BA 214 4.67 71.54 57.76
CA TYR BA 214 5.48 70.80 56.81
C TYR BA 214 6.90 70.56 57.29
N LEU BA 215 7.52 71.58 57.89
CA LEU BA 215 8.92 71.38 58.26
C LEU BA 215 9.03 70.30 59.33
N LYS BA 216 8.07 70.27 60.26
CA LYS BA 216 8.00 69.14 61.19
C LYS BA 216 7.84 67.84 60.44
N ALA BA 217 6.92 67.80 59.47
CA ALA BA 217 6.65 66.56 58.75
C ALA BA 217 7.88 66.09 57.97
N LEU BA 218 8.60 67.02 57.37
CA LEU BA 218 9.84 66.70 56.67
C LEU BA 218 10.86 66.10 57.63
N GLU BA 219 10.95 66.67 58.84
CA GLU BA 219 11.83 66.06 59.84
C GLU BA 219 11.34 64.67 60.22
N GLU BA 220 10.02 64.47 60.26
CA GLU BA 220 9.49 63.13 60.49
C GLU BA 220 9.71 62.23 59.28
N PHE BA 221 9.78 62.81 58.08
CA PHE BA 221 10.08 61.99 56.90
C PHE BA 221 11.56 61.67 56.78
N GLU BA 222 12.42 62.30 57.58
CA GLU BA 222 13.83 61.92 57.62
C GLU BA 222 14.05 60.55 58.27
N ARG BA 223 13.01 59.95 58.87
CA ARG BA 223 13.11 58.59 59.39
C ARG BA 223 13.64 57.62 58.33
N TYR BA 224 13.07 57.65 57.13
CA TYR BA 224 13.30 56.64 56.12
C TYR BA 224 13.85 57.27 54.84
N SER BA 225 14.20 56.41 53.89
CA SER BA 225 14.73 56.80 52.59
C SER BA 225 13.65 56.65 51.53
N PHE BA 226 13.63 57.55 50.55
CA PHE BA 226 12.60 57.59 49.53
C PHE BA 226 13.22 57.65 48.15
N ASP BA 227 12.58 56.96 47.20
CA ASP BA 227 12.93 57.15 45.80
C ASP BA 227 12.59 58.56 45.33
N SER BA 228 11.49 59.13 45.85
CA SER BA 228 11.08 60.47 45.47
C SER BA 228 10.19 61.06 46.55
N PHE BA 229 10.14 62.40 46.58
CA PHE BA 229 9.27 63.16 47.46
C PHE BA 229 8.35 64.03 46.62
N VAL BA 230 7.11 64.21 47.09
CA VAL BA 230 6.04 64.73 46.25
C VAL BA 230 5.39 65.99 46.79
N LEU BA 231 5.62 66.35 48.05
CA LEU BA 231 5.07 67.54 48.73
C LEU BA 231 3.56 67.46 48.95
N ASP BA 232 2.92 66.35 48.59
CA ASP BA 232 1.48 66.16 48.76
C ASP BA 232 0.70 67.17 47.91
N GLY BA 233 1.26 67.55 46.76
CA GLY BA 233 0.52 68.33 45.78
C GLY BA 233 0.05 69.70 46.26
N VAL BA 234 0.93 70.45 46.91
CA VAL BA 234 0.64 71.82 47.34
C VAL BA 234 1.62 72.74 46.61
N ALA BA 235 1.07 73.71 45.87
CA ALA BA 235 1.83 74.54 44.96
C ALA BA 235 2.31 75.85 45.59
N ASP BA 236 2.32 75.94 46.92
CA ASP BA 236 2.80 77.16 47.57
C ASP BA 236 4.29 77.33 47.28
N GLU BA 237 4.68 78.55 46.92
CA GLU BA 237 6.08 78.81 46.57
C GLU BA 237 7.00 78.66 47.77
N ALA BA 238 6.56 79.13 48.94
CA ALA BA 238 7.38 79.00 50.15
C ALA BA 238 7.61 77.54 50.48
N LEU BA 239 6.58 76.72 50.34
CA LEU BA 239 6.70 75.29 50.64
C LEU BA 239 7.64 74.61 49.65
N GLN BA 240 7.53 74.98 48.36
CA GLN BA 240 8.44 74.45 47.37
C GLN BA 240 9.88 74.81 47.70
N GLU BA 241 10.12 76.05 48.12
CA GLU BA 241 11.47 76.48 48.45
C GLU BA 241 11.99 75.74 49.68
N THR BA 242 11.14 75.57 50.70
CA THR BA 242 11.58 74.86 51.90
C THR BA 242 11.92 73.41 51.60
N THR BA 243 11.07 72.73 50.83
CA THR BA 243 11.36 71.35 50.47
C THR BA 243 12.59 71.26 49.55
N LYS BA 244 12.80 72.27 48.72
CA LYS BA 244 13.98 72.30 47.86
C LYS BA 244 15.25 72.38 48.71
N ALA BA 245 15.27 73.28 49.70
CA ALA BA 245 16.42 73.36 50.60
C ALA BA 245 16.58 72.07 51.39
N TRP BA 246 15.46 71.45 51.77
CA TRP BA 246 15.51 70.18 52.50
C TRP BA 246 16.20 69.09 51.67
N VAL BA 247 15.77 68.93 50.43
CA VAL BA 247 16.35 67.87 49.59
C VAL BA 247 17.79 68.19 49.25
N ALA BA 248 18.11 69.48 49.07
CA ALA BA 248 19.50 69.86 48.84
C ALA BA 248 20.38 69.50 50.02
N LYS BA 249 19.89 69.77 51.24
CA LYS BA 249 20.62 69.40 52.45
C LYS BA 249 20.80 67.88 52.51
N ASN BA 250 19.74 67.13 52.17
CA ASN BA 250 19.83 65.68 52.21
C ASN BA 250 20.85 65.16 51.20
N LYS BA 251 20.86 65.73 49.98
CA LYS BA 251 21.81 65.31 48.97
C LYS BA 251 23.24 65.64 49.41
N GLU BA 252 23.44 66.81 50.01
CA GLU BA 252 24.75 67.13 50.57
C GLU BA 252 25.14 66.14 51.66
N LEU BA 253 24.17 65.72 52.47
CA LEU BA 253 24.43 64.68 53.47
C LEU BA 253 24.66 63.32 52.82
N GLY BA 254 24.11 63.10 51.63
CA GLY BA 254 24.23 61.84 50.91
C GLY BA 254 22.91 61.14 50.65
N LYS BA 255 21.85 61.54 51.34
CA LYS BA 255 20.53 60.97 51.09
C LYS BA 255 19.94 61.59 49.83
N ASP BA 256 19.70 60.76 48.82
CA ASP BA 256 19.20 61.24 47.54
C ASP BA 256 17.68 61.16 47.52
N ILE BA 257 17.02 62.31 47.39
CA ILE BA 257 15.58 62.42 47.29
C ILE BA 257 15.26 63.17 46.01
N LEU BA 258 14.35 62.60 45.21
CA LEU BA 258 13.92 63.21 43.96
C LEU BA 258 12.61 63.95 44.23
N LEU BA 259 12.66 65.27 44.17
CA LEU BA 259 11.51 66.11 44.50
C LEU BA 259 10.66 66.36 43.27
N PHE BA 260 9.34 66.24 43.43
CA PHE BA 260 8.36 66.47 42.38
C PHE BA 260 7.41 67.58 42.82
N LEU BA 261 7.09 68.48 41.89
CA LEU BA 261 6.30 69.66 42.20
C LEU BA 261 5.38 69.95 41.01
N GLY BA 262 4.63 71.03 41.12
CA GLY BA 262 3.81 71.47 40.00
C GLY BA 262 3.42 72.93 40.13
N GLY BA 263 3.27 73.58 38.97
CA GLY BA 263 2.85 74.95 38.94
C GLY BA 263 1.37 75.12 39.21
N LYS BA 264 0.98 76.37 39.44
CA LYS BA 264 -0.42 76.69 39.70
C LYS BA 264 -1.18 76.79 38.37
N THR BA 265 -2.49 77.01 38.48
CA THR BA 265 -3.32 77.20 37.30
C THR BA 265 -3.22 78.60 36.72
N GLU BA 266 -2.85 79.59 37.54
CA GLU BA 266 -2.79 80.97 37.07
C GLU BA 266 -1.65 81.19 36.09
N ASP BA 267 -0.56 80.42 36.22
CA ASP BA 267 0.63 80.67 35.41
C ASP BA 267 0.35 80.44 33.94
N ASN BA 268 0.77 81.40 33.11
CA ASN BA 268 0.70 81.24 31.66
C ASN BA 268 1.92 80.44 31.19
N ILE BA 269 2.03 80.26 29.87
CA ILE BA 269 3.07 79.41 29.31
C ILE BA 269 4.45 80.01 29.58
N LYS BA 270 4.59 81.32 29.38
CA LYS BA 270 5.86 81.96 29.66
C LYS BA 270 6.21 81.91 31.14
N GLN BA 271 5.21 82.12 32.01
CA GLN BA 271 5.46 82.11 33.44
C GLN BA 271 5.92 80.73 33.92
N ILE BA 272 5.27 79.66 33.44
CA ILE BA 272 5.68 78.32 33.86
C ILE BA 272 7.05 77.98 33.29
N ASN BA 273 7.35 78.43 32.06
CA ASN BA 273 8.68 78.21 31.50
C ASN BA 273 9.74 78.89 32.35
N ASP BA 274 9.48 80.14 32.77
CA ASP BA 274 10.42 80.86 33.62
C ASP BA 274 10.55 80.19 34.98
N LYS BA 275 9.45 79.68 35.52
CA LYS BA 275 9.50 78.97 36.79
C LYS BA 275 10.38 77.73 36.70
N SER BA 276 10.26 76.99 35.60
CA SER BA 276 11.11 75.81 35.42
C SER BA 276 12.57 76.20 35.27
N LYS BA 277 12.86 77.23 34.48
CA LYS BA 277 14.24 77.67 34.36
C LYS BA 277 14.79 78.20 35.68
N SER BA 278 13.92 78.70 36.55
CA SER BA 278 14.37 79.12 37.88
C SER BA 278 14.94 77.93 38.66
N PHE BA 279 14.26 76.79 38.60
CA PHE BA 279 14.81 75.56 39.16
C PHE BA 279 15.91 75.03 38.24
N ASN BA 280 17.12 74.94 38.77
CA ASN BA 280 18.26 74.35 38.07
C ASN BA 280 18.91 73.29 38.94
N ASP BA 281 18.08 72.41 39.49
CA ASP BA 281 18.52 71.31 40.34
C ASP BA 281 18.31 69.98 39.63
N GLU BA 282 19.26 69.06 39.84
CA GLU BA 282 19.17 67.76 39.18
C GLU BA 282 17.96 66.97 39.66
N ASN BA 283 17.64 67.06 40.95
CA ASN BA 283 16.64 66.21 41.58
C ASN BA 283 15.41 67.01 42.00
N ILE BA 284 14.96 67.91 41.13
CA ILE BA 284 13.70 68.63 41.30
C ILE BA 284 12.94 68.54 39.98
N VAL BA 285 11.64 68.29 40.06
CA VAL BA 285 10.78 68.13 38.89
C VAL BA 285 9.51 68.94 39.12
N ASN BA 286 9.02 69.58 38.06
CA ASN BA 286 7.78 70.36 38.09
C ASN BA 286 6.88 69.95 36.95
N VAL BA 287 5.58 69.89 37.24
CA VAL BA 287 4.54 69.61 36.25
C VAL BA 287 3.81 70.91 35.97
N GLY BA 288 3.76 71.29 34.69
CA GLY BA 288 3.16 72.56 34.28
C GLY BA 288 1.83 72.43 33.59
N SER BA 289 1.09 71.35 33.86
CA SER BA 289 -0.18 71.10 33.19
C SER BA 289 -1.11 70.33 34.12
N SER BA 290 -2.32 70.84 34.28
CA SER BA 290 -3.34 70.16 35.07
C SER BA 290 -4.00 69.05 34.25
N ALA BA 291 -4.70 68.16 34.94
CA ALA BA 291 -5.31 67.00 34.31
C ALA BA 291 -6.68 66.73 34.92
N TYR BA 292 -7.45 65.90 34.22
CA TYR BA 292 -8.78 65.47 34.64
C TYR BA 292 -8.85 63.96 34.53
N TYR BA 293 -9.40 63.31 35.56
CA TYR BA 293 -9.50 61.85 35.54
C TYR BA 293 -10.72 61.46 36.35
N GLU BA 294 -11.55 60.57 35.79
CA GLU BA 294 -12.88 60.27 36.33
C GLU BA 294 -13.70 61.55 36.50
N ASN BA 295 -13.55 62.47 35.55
CA ASN BA 295 -14.24 63.76 35.49
C ASN BA 295 -13.86 64.69 36.64
N ILE BA 296 -12.87 64.34 37.47
CA ILE BA 296 -12.43 65.16 38.60
C ILE BA 296 -11.12 65.82 38.21
N LYS BA 297 -10.99 67.11 38.54
CA LYS BA 297 -9.80 67.85 38.15
C LYS BA 297 -8.67 67.64 39.16
N TYR BA 298 -7.46 67.66 38.63
CA TYR BA 298 -6.23 67.64 39.41
C TYR BA 298 -5.31 68.75 38.92
N THR BA 299 -4.95 69.65 39.82
CA THR BA 299 -4.03 70.73 39.48
C THR BA 299 -2.66 70.13 39.20
N PRO BA 300 -1.77 70.86 38.50
CA PRO BA 300 -0.47 70.28 38.12
C PRO BA 300 0.34 69.80 39.31
N SER BA 301 0.19 70.44 40.47
CA SER BA 301 0.88 69.98 41.66
C SER BA 301 0.27 68.67 42.17
N GLU BA 302 -1.06 68.55 42.14
CA GLU BA 302 -1.68 67.29 42.50
C GLU BA 302 -1.33 66.19 41.50
N VAL BA 303 -1.30 66.52 40.21
CA VAL BA 303 -0.91 65.54 39.19
C VAL BA 303 0.55 65.12 39.39
N ALA BA 304 1.37 66.00 39.96
CA ALA BA 304 2.76 65.64 40.22
C ALA BA 304 2.87 64.47 41.19
N VAL BA 305 1.86 64.25 42.02
CA VAL BA 305 1.86 63.06 42.90
C VAL BA 305 1.86 61.80 42.05
N TYR BA 306 0.94 61.71 41.08
CA TYR BA 306 0.90 60.52 40.22
C TYR BA 306 2.16 60.44 39.37
N ILE BA 307 2.66 61.58 38.89
CA ILE BA 307 3.86 61.57 38.07
C ILE BA 307 5.05 61.01 38.86
N ALA BA 308 5.22 61.47 40.09
CA ALA BA 308 6.28 60.95 40.94
C ALA BA 308 6.07 59.47 41.23
N ALA BA 309 4.81 59.08 41.47
CA ALA BA 309 4.52 57.69 41.76
C ALA BA 309 4.88 56.78 40.59
N LEU BA 310 4.54 57.21 39.38
CA LEU BA 310 4.89 56.41 38.20
C LEU BA 310 6.40 56.39 37.98
N SER BA 311 7.07 57.53 38.23
CA SER BA 311 8.52 57.57 38.09
C SER BA 311 9.18 56.59 39.06
N VAL BA 312 8.70 56.53 40.29
CA VAL BA 312 9.25 55.62 41.28
C VAL BA 312 8.91 54.18 40.93
N SER BA 313 7.69 53.95 40.43
CA SER BA 313 7.28 52.59 40.07
C SER BA 313 8.14 52.05 38.94
N LYS BA 314 8.37 52.86 37.91
CA LYS BA 314 9.34 52.47 36.88
C LYS BA 314 10.72 52.31 37.48
N GLY BA 315 11.14 53.27 38.31
CA GLY BA 315 12.44 53.23 38.94
C GLY BA 315 13.55 53.12 37.92
N ILE BA 316 14.17 51.94 37.87
CA ILE BA 316 15.15 51.59 36.86
C ILE BA 316 14.52 50.56 35.94
N THR BA 317 15.09 50.41 34.75
CA THR BA 317 14.52 49.62 33.66
C THR BA 317 13.21 50.21 33.15
N GLY BA 318 13.04 51.52 33.29
CA GLY BA 318 11.83 52.16 32.84
C GLY BA 318 11.99 53.66 32.81
N SER BA 319 11.03 54.30 32.15
CA SER BA 319 11.01 55.75 32.03
C SER BA 319 9.57 56.17 31.76
N ILE BA 320 9.31 57.46 31.95
CA ILE BA 320 7.96 58.01 31.83
C ILE BA 320 7.93 59.06 30.73
N CYS BA 321 8.76 58.88 29.70
CA CYS BA 321 8.82 59.87 28.62
C CYS BA 321 7.49 59.94 27.88
N ASN BA 322 6.93 58.78 27.52
CA ASN BA 322 5.63 58.70 26.84
C ASN BA 322 4.81 57.57 27.44
N ALA BA 323 4.79 57.48 28.76
CA ALA BA 323 4.03 56.43 29.42
C ALA BA 323 2.54 56.72 29.33
N LYS BA 324 1.75 55.64 29.27
CA LYS BA 324 0.30 55.73 29.15
C LYS BA 324 -0.28 56.08 30.51
N THR BA 325 -0.46 57.37 30.76
CA THR BA 325 -1.02 57.82 32.03
C THR BA 325 -2.53 57.58 32.05
N ILE BA 326 -3.06 57.36 33.25
CA ILE BA 326 -4.47 57.06 33.40
C ILE BA 326 -5.36 58.26 33.11
N PHE BA 327 -4.80 59.47 33.10
CA PHE BA 327 -5.62 60.67 32.93
C PHE BA 327 -6.23 60.71 31.53
N GLU BA 328 -7.46 61.21 31.46
CA GLU BA 328 -8.23 61.23 30.22
C GLU BA 328 -8.34 62.61 29.58
N GLU BA 329 -7.78 63.65 30.20
CA GLU BA 329 -7.75 64.97 29.58
C GLU BA 329 -6.74 65.82 30.33
N VAL BA 330 -6.10 66.75 29.59
CA VAL BA 330 -5.10 67.65 30.14
C VAL BA 330 -5.28 69.06 29.55
N GLU BA 331 -4.51 69.99 30.11
CA GLU BA 331 -4.52 71.39 29.71
C GLU BA 331 -3.32 72.07 30.36
N PRO BA 332 -2.74 73.11 29.72
CA PRO BA 332 -3.00 73.68 28.39
C PRO BA 332 -2.23 72.94 27.30
N ARG BA 333 -2.34 73.35 26.03
CA ARG BA 333 -1.72 72.65 24.92
C ARG BA 333 -0.89 73.63 24.10
N LEU BA 334 0.04 73.07 23.32
CA LEU BA 334 1.09 73.85 22.67
C LEU BA 334 1.44 73.22 21.33
N SER BA 335 2.05 74.02 20.46
CA SER BA 335 2.55 73.54 19.18
C SER BA 335 3.92 72.90 19.35
N GLN BA 336 4.39 72.21 18.30
CA GLN BA 336 5.66 71.48 18.41
C GLN BA 336 6.82 72.42 18.70
N SER BA 337 6.88 73.57 18.02
CA SER BA 337 7.92 74.54 18.34
C SER BA 337 7.76 75.06 19.76
N GLU BA 338 6.52 75.29 20.20
CA GLU BA 338 6.31 75.78 21.54
C GLU BA 338 6.60 74.69 22.58
N VAL BA 339 6.26 73.44 22.27
CA VAL BA 339 6.66 72.34 23.14
C VAL BA 339 8.18 72.23 23.21
N LYS BA 340 8.87 72.46 22.10
CA LYS BA 340 10.33 72.45 22.11
C LYS BA 340 10.87 73.55 23.02
N GLU BA 341 10.30 74.76 22.92
CA GLU BA 341 10.74 75.85 23.78
C GLU BA 341 10.49 75.52 25.24
N CYS BA 342 9.31 74.97 25.54
CA CYS BA 342 8.96 74.63 26.91
C CYS BA 342 9.87 73.54 27.47
N LEU BA 343 10.19 72.52 26.66
CA LEU BA 343 11.07 71.47 27.12
C LEU BA 343 12.49 71.99 27.33
N LYS BA 344 12.97 72.87 26.44
CA LYS BA 344 14.26 73.51 26.64
C LYS BA 344 14.28 74.29 27.94
N SER BA 345 13.16 74.97 28.26
CA SER BA 345 13.06 75.64 29.55
C SER BA 345 13.07 74.63 30.70
N GLY BA 346 12.61 73.40 30.44
CA GLY BA 346 12.67 72.34 31.42
C GLY BA 346 11.36 72.10 32.14
N THR BA 347 10.25 72.11 31.40
CA THR BA 347 8.92 71.86 31.95
C THR BA 347 8.44 70.48 31.50
N LEU BA 348 7.92 69.71 32.46
CA LEU BA 348 7.21 68.50 32.12
C LEU BA 348 5.77 68.85 31.77
N VAL BA 349 5.31 68.38 30.60
CA VAL BA 349 4.00 68.72 30.08
C VAL BA 349 3.31 67.44 29.63
N LEU BA 350 2.13 67.18 30.16
CA LEU BA 350 1.32 66.09 29.67
C LEU BA 350 0.62 66.48 28.38
N ASP BA 351 0.34 65.48 27.54
CA ASP BA 351 -0.34 65.70 26.28
C ASP BA 351 -1.38 64.61 26.07
N PHE BA 352 -2.46 64.96 25.37
CA PHE BA 352 -3.56 64.05 25.11
C PHE BA 352 -3.35 63.52 23.70
N ASP BA 353 -2.41 62.59 23.58
CA ASP BA 353 -1.99 62.13 22.25
C ASP BA 353 -3.03 61.21 21.62
N ASP BA 354 -3.73 60.43 22.42
CA ASP BA 354 -4.83 59.59 21.96
C ASP BA 354 -5.91 59.69 23.03
N GLY BA 355 -6.86 58.76 23.02
CA GLY BA 355 -7.94 58.77 24.01
C GLY BA 355 -7.47 58.82 25.45
N ASP BA 356 -6.25 58.36 25.73
CA ASP BA 356 -5.63 58.46 27.03
C ASP BA 356 -4.42 59.40 26.97
N VAL BA 357 -4.13 60.03 28.11
CA VAL BA 357 -3.07 61.02 28.18
C VAL BA 357 -1.71 60.34 28.11
N ILE BA 358 -0.73 61.04 27.53
CA ILE BA 358 0.64 60.54 27.39
C ILE BA 358 1.61 61.68 27.70
N ILE BA 359 2.67 61.36 28.44
CA ILE BA 359 3.71 62.34 28.77
C ILE BA 359 4.49 62.68 27.50
N VAL BA 360 5.03 63.90 27.47
CA VAL BA 360 5.78 64.37 26.31
C VAL BA 360 7.21 63.85 26.33
N ASP BA 361 7.88 63.91 27.48
CA ASP BA 361 9.29 63.54 27.57
C ASP BA 361 9.66 63.46 29.04
N ASP BA 362 10.70 62.68 29.33
CA ASP BA 362 11.13 62.42 30.71
C ASP BA 362 12.24 63.40 31.06
N VAL BA 363 11.84 64.62 31.42
CA VAL BA 363 12.75 65.74 31.61
C VAL BA 363 12.61 66.25 33.03
N ASN BA 364 13.71 66.76 33.57
CA ASN BA 364 13.78 67.36 34.89
C ASN BA 364 14.07 68.85 34.75
N THR BA 365 14.11 69.56 35.88
CA THR BA 365 14.39 70.98 35.87
C THR BA 365 15.82 71.32 35.46
N PHE BA 366 16.71 70.33 35.40
CA PHE BA 366 18.12 70.55 35.05
C PHE BA 366 18.37 70.40 33.56
N LYS BA 367 17.39 70.69 32.71
CA LYS BA 367 17.65 70.70 31.27
C LYS BA 367 18.68 71.75 30.94
N LYS BA 368 18.62 72.91 31.58
CA LYS BA 368 19.63 73.93 31.36
C LYS BA 368 20.96 73.40 31.89
N TYR BA 369 21.76 72.87 30.97
CA TYR BA 369 23.08 72.32 31.24
C TYR BA 369 24.14 73.33 30.81
N VAL BA 370 25.41 72.98 31.06
CA VAL BA 370 26.55 73.79 30.69
C VAL BA 370 27.65 72.86 30.17
N ASP BA 371 28.67 73.46 29.55
CA ASP BA 371 29.65 72.68 28.79
C ASP BA 371 30.43 71.74 29.68
N ASP BA 372 30.71 72.15 30.92
CA ASP BA 372 31.53 71.31 31.81
C ASP BA 372 30.80 70.03 32.22
N LYS BA 373 29.48 69.96 32.07
CA LYS BA 373 28.69 68.77 32.33
C LYS BA 373 28.07 68.27 31.03
N ASN BA 374 27.59 67.03 31.07
CA ASN BA 374 27.02 66.38 29.91
C ASN BA 374 25.51 66.60 29.85
N GLU BA 375 24.93 66.24 28.69
CA GLU BA 375 23.52 66.45 28.46
C GLU BA 375 22.67 65.31 29.01
N ALA BA 376 23.24 64.12 29.20
CA ALA BA 376 22.45 62.95 29.57
C ALA BA 376 21.86 63.07 30.97
N MET BA 377 22.41 63.91 31.83
CA MET BA 377 21.97 63.98 33.22
C MET BA 377 20.77 64.89 33.42
N GLY BA 378 20.26 65.51 32.36
CA GLY BA 378 19.09 66.36 32.45
C GLY BA 378 17.77 65.64 32.29
N TYR BA 379 17.75 64.32 32.53
CA TYR BA 379 16.57 63.49 32.40
C TYR BA 379 16.31 62.74 33.70
N ILE BA 380 15.03 62.57 34.03
CA ILE BA 380 14.66 61.95 35.30
C ILE BA 380 15.22 60.53 35.39
N SER BA 381 15.19 59.80 34.27
CA SER BA 381 15.66 58.41 34.29
C SER BA 381 17.13 58.34 34.69
N ASN BA 382 17.95 59.24 34.15
CA ASN BA 382 19.37 59.24 34.48
C ASN BA 382 19.61 59.68 35.91
N ILE BA 383 18.82 60.62 36.42
CA ILE BA 383 18.94 61.00 37.83
C ILE BA 383 18.62 59.82 38.73
N MET BA 384 17.53 59.13 38.44
CA MET BA 384 17.17 57.98 39.26
C MET BA 384 18.23 56.88 39.16
N PHE BA 385 18.81 56.73 37.97
CA PHE BA 385 19.80 55.68 37.74
C PHE BA 385 21.11 55.98 38.48
N ILE BA 386 21.57 57.23 38.40
CA ILE BA 386 22.77 57.63 39.13
C ILE BA 386 22.52 57.59 40.62
N ASN BA 387 21.34 58.01 41.07
CA ASN BA 387 21.02 57.97 42.49
C ASN BA 387 20.99 56.54 43.00
N THR BA 388 20.41 55.63 42.20
CA THR BA 388 20.35 54.23 42.60
C THR BA 388 21.73 53.63 42.69
N ILE BA 389 22.63 53.97 41.75
CA ILE BA 389 24.01 53.48 41.84
C ILE BA 389 24.69 54.02 43.08
N ASN BA 390 24.57 55.33 43.31
CA ASN BA 390 25.27 55.93 44.44
C ASN BA 390 24.77 55.35 45.76
N LYS BA 391 23.46 55.10 45.85
CA LYS BA 391 22.92 54.46 47.04
C LYS BA 391 23.42 53.01 47.16
N ASP BA 392 23.30 52.23 46.08
CA ASP BA 392 23.61 50.81 46.15
C ASP BA 392 25.06 50.56 46.49
N THR BA 393 25.97 51.31 45.85
CA THR BA 393 27.36 51.28 46.29
C THR BA 393 27.50 51.81 47.70
N SER BA 394 26.73 52.84 48.05
CA SER BA 394 26.76 53.39 49.40
C SER BA 394 26.10 52.49 50.42
N LEU BA 395 25.27 51.51 50.00
CA LEU BA 395 24.77 50.52 50.93
C LEU BA 395 25.82 49.51 51.35
N LYS BA 396 26.97 49.47 50.67
CA LYS BA 396 28.03 48.53 51.02
C LYS BA 396 28.91 49.07 52.15
N ARG BA 397 28.31 49.49 53.26
CA ARG BA 397 29.09 49.84 54.46
C ARG BA 397 28.76 49.00 55.67
N LYS BA 398 27.69 48.21 55.63
CA LYS BA 398 27.22 47.55 56.85
C LYS BA 398 28.11 46.37 57.23
N GLU BA 399 29.03 45.97 56.35
CA GLU BA 399 29.96 44.87 56.58
C GLU BA 399 31.36 45.19 56.05
N PHE BA 400 31.62 46.45 55.74
CA PHE BA 400 32.61 46.79 54.72
C PHE BA 400 33.57 47.89 55.17
N VAL BA 401 33.06 48.87 55.90
CA VAL BA 401 33.84 50.01 56.41
C VAL BA 401 34.08 49.82 57.88
N GLY BA 402 35.35 49.89 58.29
CA GLY BA 402 35.74 49.59 59.64
C GLY BA 402 35.82 48.11 59.94
N LYS BA 403 35.53 47.25 58.97
CA LYS BA 403 35.48 45.81 59.14
C LYS BA 403 36.33 45.08 58.11
N ILE BA 404 37.08 45.81 57.26
CA ILE BA 404 37.94 45.26 56.23
C ILE BA 404 39.31 45.93 56.33
N PHE BA 405 40.34 45.20 55.91
CA PHE BA 405 41.69 45.71 55.89
C PHE BA 405 41.93 46.53 54.62
N ASN BA 406 43.03 47.29 54.60
CA ASN BA 406 43.38 48.17 53.49
C ASN BA 406 44.62 47.69 52.76
N ASP BA 407 44.70 46.39 52.54
CA ASP BA 407 45.75 45.74 51.77
C ASP BA 407 45.20 45.29 50.42
N ALA BA 408 46.06 44.66 49.63
CA ALA BA 408 45.66 44.21 48.30
C ALA BA 408 44.52 43.21 48.35
N THR BA 409 44.51 42.34 49.35
CA THR BA 409 43.42 41.37 49.50
C THR BA 409 42.10 42.09 49.74
N GLY BA 410 42.09 43.03 50.68
CA GLY BA 410 40.86 43.74 50.97
C GLY BA 410 40.37 44.56 49.80
N GLN BA 411 41.29 45.28 49.13
CA GLN BA 411 40.90 46.07 47.97
C GLN BA 411 40.36 45.20 46.85
N THR BA 412 40.96 44.02 46.65
CA THR BA 412 40.46 43.13 45.62
C THR BA 412 39.09 42.58 45.98
N THR BA 413 38.84 42.30 47.26
CA THR BA 413 37.49 41.91 47.66
C THR BA 413 36.50 43.04 47.42
N VAL BA 414 36.93 44.28 47.66
CA VAL BA 414 36.08 45.45 47.41
C VAL BA 414 35.69 45.50 45.94
N ILE BA 415 36.69 45.40 45.07
CA ILE BA 415 36.44 45.49 43.63
C ILE BA 415 35.60 44.32 43.18
N CYS BA 416 35.80 43.14 43.78
CA CYS BA 416 34.97 41.99 43.44
C CYS BA 416 33.51 42.23 43.81
N ALA BA 417 33.26 42.80 44.99
CA ALA BA 417 31.88 43.06 45.39
C ALA BA 417 31.22 44.10 44.49
N LEU BA 418 31.95 45.18 44.18
CA LEU BA 418 31.38 46.22 43.34
C LEU BA 418 31.14 45.69 41.92
N LYS BA 419 32.07 44.89 41.41
CA LYS BA 419 31.88 44.25 40.12
C LYS BA 419 30.69 43.31 40.14
N LYS BA 420 30.50 42.60 41.26
CA LYS BA 420 29.33 41.73 41.39
C LYS BA 420 28.05 42.53 41.29
N TYR BA 421 28.00 43.68 41.97
CA TYR BA 421 26.79 44.50 41.90
C TYR BA 421 26.56 44.99 40.48
N PHE BA 422 27.62 45.43 39.79
CA PHE BA 422 27.45 45.89 38.42
C PHE BA 422 27.04 44.75 37.49
N GLU BA 423 27.59 43.56 37.68
CA GLU BA 423 27.25 42.42 36.84
C GLU BA 423 25.81 42.00 37.03
N GLU BA 424 25.34 41.95 38.29
CA GLU BA 424 23.92 41.70 38.50
C GLU BA 424 23.07 42.81 37.93
N LEU BA 425 23.55 44.06 37.98
CA LEU BA 425 22.83 45.16 37.36
C LEU BA 425 22.80 45.00 35.84
N MET BA 426 23.92 44.56 35.26
CA MET BA 426 23.95 44.29 33.82
C MET BA 426 23.01 43.15 33.45
N SER BA 427 22.70 42.26 34.40
CA SER BA 427 21.85 41.12 34.10
C SER BA 427 20.43 41.54 33.71
N GLN BA 428 19.95 42.67 34.24
CA GLN BA 428 18.64 43.17 33.84
C GLN BA 428 18.68 43.93 32.52
N GLY BA 429 19.83 44.02 31.86
CA GLY BA 429 19.94 44.75 30.63
C GLY BA 429 20.03 46.26 30.78
N ILE BA 430 20.21 46.75 32.00
CA ILE BA 430 20.26 48.19 32.23
C ILE BA 430 21.52 48.80 31.60
N ILE BA 431 22.59 48.01 31.51
CA ILE BA 431 23.89 48.49 31.05
C ILE BA 431 24.37 47.58 29.94
N SER BA 432 25.08 48.17 28.97
CA SER BA 432 25.68 47.41 27.88
C SER BA 432 27.10 46.96 28.21
N GLU BA 433 27.88 47.82 28.86
CA GLU BA 433 29.23 47.49 29.28
C GLU BA 433 29.59 48.32 30.50
N PHE BA 434 30.53 47.80 31.29
CA PHE BA 434 30.96 48.48 32.50
C PHE BA 434 32.41 48.16 32.78
N ASN BA 435 33.01 48.96 33.66
CA ASN BA 435 34.36 48.76 34.13
C ASN BA 435 34.42 49.21 35.59
N VAL BA 436 35.13 48.44 36.42
CA VAL BA 436 35.37 48.81 37.81
C VAL BA 436 36.78 48.38 38.17
N ASP BA 437 37.61 49.32 38.56
CA ASP BA 437 39.04 49.11 38.80
C ASP BA 437 39.51 50.10 39.87
N ILE BA 438 40.77 49.96 40.26
CA ILE BA 438 41.39 50.87 41.22
C ILE BA 438 41.72 52.18 40.53
N ASP BA 439 41.55 53.28 41.25
CA ASP BA 439 41.91 54.60 40.74
C ASP BA 439 43.38 54.87 41.07
N THR BA 440 44.25 54.37 40.19
CA THR BA 440 45.68 54.35 40.48
C THR BA 440 46.25 55.75 40.62
N GLU BA 441 45.81 56.68 39.77
CA GLU BA 441 46.33 58.05 39.79
C GLU BA 441 46.18 58.68 41.16
N LEU BA 442 44.97 58.61 41.72
CA LEU BA 442 44.74 59.16 43.04
C LEU BA 442 45.28 58.23 44.12
N GLN BA 443 45.19 56.91 43.92
CA GLN BA 443 45.59 55.97 44.96
C GLN BA 443 47.08 56.06 45.26
N ALA BA 444 47.88 56.48 44.28
CA ALA BA 444 49.31 56.68 44.55
C ALA BA 444 49.53 57.73 45.63
N THR BA 445 48.77 58.82 45.59
CA THR BA 445 48.85 59.88 46.58
C THR BA 445 47.95 59.66 47.79
N ALA BA 446 47.29 58.50 47.88
CA ALA BA 446 46.34 58.26 48.96
C ALA BA 446 47.03 58.20 50.31
N LYS BA 447 46.28 58.56 51.34
CA LYS BA 447 46.65 58.26 52.71
C LYS BA 447 46.37 56.78 52.99
N ALA BA 448 46.98 56.26 54.06
CA ALA BA 448 46.91 54.84 54.37
C ALA BA 448 45.47 54.35 54.52
N ASP BA 449 44.61 55.15 55.15
CA ASP BA 449 43.23 54.74 55.36
C ASP BA 449 42.38 54.84 54.11
N GLU BA 450 42.68 55.81 53.25
CA GLU BA 450 41.85 56.08 52.09
C GLU BA 450 41.98 54.95 51.07
N PHE BA 451 40.86 54.60 50.44
CA PHE BA 451 40.82 53.71 49.29
C PHE BA 451 40.09 54.41 48.16
N TYR BA 452 40.66 54.39 46.96
CA TYR BA 452 40.13 55.16 45.84
C TYR BA 452 39.83 54.19 44.72
N TRP BA 453 38.64 54.31 44.12
CA TRP BA 453 38.29 53.49 42.96
C TRP BA 453 37.51 54.32 41.96
N LYS BA 454 37.34 53.76 40.77
CA LYS BA 454 36.64 54.42 39.68
C LYS BA 454 35.80 53.39 38.94
N TRP BA 455 34.76 53.85 38.26
CA TRP BA 455 33.90 52.98 37.48
C TRP BA 455 33.39 53.70 36.24
N ASP BA 456 33.12 52.90 35.20
CA ASP BA 456 32.54 53.36 33.96
C ASP BA 456 31.29 52.53 33.68
N ALA BA 457 30.37 53.11 32.92
CA ALA BA 457 29.21 52.36 32.47
C ALA BA 457 28.68 53.00 31.20
N VAL BA 458 27.90 52.20 30.46
CA VAL BA 458 27.24 52.67 29.24
C VAL BA 458 25.79 52.19 29.29
N LYS BA 459 24.88 53.12 29.58
CA LYS BA 459 23.47 52.76 29.60
C LYS BA 459 22.99 52.31 28.23
N VAL BA 460 22.11 51.32 28.22
CA VAL BA 460 21.55 50.82 26.97
C VAL BA 460 20.66 51.88 26.36
N ASP BA 461 20.75 52.03 25.04
CA ASP BA 461 19.97 53.02 24.34
C ASP BA 461 18.51 52.58 24.24
N VAL BA 462 17.61 53.55 24.33
CA VAL BA 462 16.17 53.34 24.22
C VAL BA 462 15.66 54.21 23.08
N MET BA 463 14.91 53.61 22.16
CA MET BA 463 14.36 54.37 21.05
C MET BA 463 13.43 55.45 21.56
N LYS BA 464 13.65 56.69 21.11
CA LYS BA 464 12.75 57.80 21.35
C LYS BA 464 12.28 58.46 20.06
N LYS BA 465 13.19 58.65 19.09
CA LYS BA 465 12.88 59.30 17.83
C LYS BA 465 13.01 58.29 16.69
N ILE BA 466 11.99 58.23 15.85
CA ILE BA 466 11.90 57.27 14.76
C ILE BA 466 11.42 58.02 13.53
N TYR BA 467 12.16 57.94 12.42
CA TYR BA 467 11.81 58.67 11.21
C TYR BA 467 11.61 57.67 10.09
N GLY BA 468 10.49 57.78 9.38
CA GLY BA 468 10.18 56.91 8.26
C GLY BA 468 10.08 57.68 6.95
N THR BA 469 10.85 57.28 5.95
CA THR BA 469 10.87 57.93 4.64
C THR BA 469 10.00 57.12 3.68
N GLY BA 470 8.88 57.72 3.26
CA GLY BA 470 7.94 57.03 2.40
C GLY BA 470 8.22 57.24 0.93
N TYR BA 471 7.72 56.31 0.13
CA TYR BA 471 7.80 56.37 -1.33
C TYR BA 471 6.57 55.67 -1.89
N LEU BA 472 6.27 55.95 -3.16
CA LEU BA 472 5.09 55.38 -3.80
C LEU BA 472 5.27 55.19 -5.31
N ILE CA 7 78.42 -16.90 19.85
CA ILE CA 7 79.88 -17.22 19.92
C ILE CA 7 80.68 -16.14 19.23
N GLU CA 8 80.47 -16.00 17.92
CA GLU CA 8 81.34 -15.17 17.09
C GLU CA 8 81.12 -13.70 17.42
N GLU CA 9 82.17 -13.05 17.93
CA GLU CA 9 82.12 -11.62 18.20
C GLU CA 9 81.89 -10.81 16.94
N ALA CA 10 82.41 -11.27 15.80
CA ALA CA 10 82.41 -10.45 14.59
C ALA CA 10 81.03 -10.30 13.97
N SER CA 11 80.09 -11.17 14.30
CA SER CA 11 78.79 -11.13 13.66
C SER CA 11 77.98 -9.92 14.09
N PHE CA 12 78.21 -9.42 15.30
CA PHE CA 12 77.44 -8.28 15.79
C PHE CA 12 77.77 -7.02 15.00
N LEU CA 13 76.75 -6.19 14.79
CA LEU CA 13 76.82 -4.99 13.99
C LEU CA 13 76.49 -3.80 14.87
N ASN CA 14 77.38 -2.81 14.88
CA ASN CA 14 77.19 -1.62 15.69
C ASN CA 14 76.46 -0.55 14.89
N GLY CA 15 75.85 0.38 15.61
CA GLY CA 15 75.22 1.51 14.95
C GLY CA 15 76.18 2.41 14.21
N SER CA 16 77.46 2.38 14.58
CA SER CA 16 78.47 3.21 13.95
C SER CA 16 78.78 2.83 12.51
N ASP CA 17 78.37 1.64 12.07
CA ASP CA 17 78.62 1.15 10.72
C ASP CA 17 77.46 1.47 9.78
N VAL CA 18 76.81 2.61 9.99
CA VAL CA 18 75.55 2.97 9.35
C VAL CA 18 75.76 4.19 8.49
N VAL CA 19 75.25 4.16 7.26
CA VAL CA 19 75.20 5.32 6.39
C VAL CA 19 73.81 5.39 5.77
N ILE CA 20 73.21 6.57 5.81
CA ILE CA 20 71.83 6.79 5.38
C ILE CA 20 71.83 7.78 4.23
N LEU CA 21 71.06 7.46 3.17
CA LEU CA 21 70.91 8.31 2.01
C LEU CA 21 69.43 8.70 1.89
N ILE CA 22 69.17 9.99 1.97
CA ILE CA 22 67.82 10.53 1.78
C ILE CA 22 67.78 11.14 0.39
N ASP CA 23 67.02 10.52 -0.51
CA ASP CA 23 66.89 10.99 -1.89
C ASP CA 23 68.26 11.06 -2.56
N GLY CA 24 69.12 10.09 -2.26
CA GLY CA 24 70.39 9.94 -2.94
C GLY CA 24 71.56 10.70 -2.34
N VAL CA 25 71.32 11.59 -1.37
CA VAL CA 25 72.37 12.36 -0.72
C VAL CA 25 72.52 11.88 0.71
N GLU CA 26 73.75 11.68 1.13
CA GLU CA 26 74.03 11.08 2.43
C GLU CA 26 73.60 11.99 3.57
N GLU CA 27 73.01 11.40 4.60
CA GLU CA 27 72.60 12.09 5.81
C GLU CA 27 73.54 11.68 6.93
N LEU CA 28 74.22 12.67 7.52
CA LEU CA 28 75.31 12.42 8.45
C LEU CA 28 74.94 12.65 9.90
N TYR CA 29 73.94 13.48 10.18
CA TYR CA 29 73.61 13.93 11.53
C TYR CA 29 72.40 13.22 12.10
N MET CA 30 72.26 11.93 11.84
CA MET CA 30 71.14 11.14 12.32
C MET CA 30 71.53 10.35 13.57
N GLU CA 31 70.58 10.23 14.49
CA GLU CA 31 70.77 9.55 15.76
C GLU CA 31 70.20 8.13 15.77
N GLU CA 32 69.03 7.93 15.17
CA GLU CA 32 68.47 6.60 15.05
C GLU CA 32 67.48 6.55 13.91
N ILE CA 33 67.19 5.34 13.44
CA ILE CA 33 66.29 5.09 12.34
C ILE CA 33 65.53 3.79 12.60
N LYS CA 34 64.28 3.76 12.16
CA LYS CA 34 63.40 2.60 12.30
C LYS CA 34 62.63 2.42 11.01
N ALA CA 35 62.33 1.17 10.67
CA ALA CA 35 61.46 0.89 9.54
C ALA CA 35 60.85 -0.48 9.72
N ASP CA 36 59.52 -0.56 9.58
CA ASP CA 36 58.78 -1.79 9.73
C ASP CA 36 57.81 -1.93 8.57
N PHE CA 37 57.57 -3.18 8.17
CA PHE CA 37 56.65 -3.53 7.09
C PHE CA 37 55.57 -4.43 7.71
N GLU CA 38 54.41 -3.85 7.96
CA GLU CA 38 53.42 -4.43 8.87
C GLU CA 38 52.27 -5.05 8.11
N GLN CA 39 51.80 -6.20 8.58
CA GLN CA 39 50.61 -6.84 8.06
C GLN CA 39 49.34 -6.15 8.56
N ASP CA 40 48.29 -6.24 7.74
CA ASP CA 40 46.92 -6.12 8.23
C ASP CA 40 46.34 -7.52 8.36
N GLU CA 41 46.88 -8.26 9.33
CA GLU CA 41 46.62 -9.69 9.46
C GLU CA 41 45.14 -9.97 9.63
N GLN CA 42 44.64 -10.93 8.85
CA GLN CA 42 43.23 -11.28 8.81
C GLN CA 42 43.01 -12.52 9.68
N SER CA 43 42.14 -12.40 10.67
CA SER CA 43 41.80 -13.49 11.56
C SER CA 43 40.56 -14.21 11.04
N ILE CA 44 40.63 -15.53 11.03
CA ILE CA 44 39.57 -16.38 10.51
C ILE CA 44 39.19 -17.38 11.59
N LYS CA 45 37.89 -17.49 11.85
CA LYS CA 45 37.33 -18.50 12.74
C LYS CA 45 36.40 -19.38 11.93
N LEU CA 46 36.55 -20.69 12.08
CA LEU CA 46 35.77 -21.66 11.34
C LEU CA 46 34.88 -22.47 12.30
N LEU CA 47 33.79 -22.99 11.74
CA LEU CA 47 32.80 -23.66 12.57
C LEU CA 47 33.31 -24.99 13.08
N GLY CA 48 34.00 -25.76 12.25
CA GLY CA 48 34.48 -27.05 12.68
C GLY CA 48 35.78 -27.06 13.43
N CYS CA 49 36.45 -25.90 13.54
CA CYS CA 49 37.80 -25.82 14.05
C CYS CA 49 37.84 -24.87 15.24
N GLN CA 50 38.72 -25.18 16.20
CA GLN CA 50 38.75 -24.50 17.49
C GLN CA 50 39.99 -23.64 17.69
N ASN CA 51 40.65 -23.23 16.61
CA ASN CA 51 41.73 -22.25 16.69
C ASN CA 51 41.60 -21.27 15.53
N GLU CA 52 42.06 -20.05 15.76
CA GLU CA 52 41.98 -19.02 14.74
C GLU CA 52 43.00 -19.29 13.63
N ILE CA 53 42.58 -19.02 12.40
CA ILE CA 53 43.46 -19.08 11.23
C ILE CA 53 43.81 -17.65 10.84
N SER CA 54 45.11 -17.40 10.66
CA SER CA 54 45.65 -16.10 10.34
C SER CA 54 46.16 -16.10 8.91
N ARG CA 55 45.83 -15.04 8.17
CA ARG CA 55 46.22 -14.88 6.78
C ARG CA 55 46.83 -13.51 6.57
N VAL CA 56 47.65 -13.39 5.53
CA VAL CA 56 48.37 -12.15 5.24
C VAL CA 56 47.39 -11.17 4.61
N GLY CA 57 47.34 -9.96 5.16
CA GLY CA 57 46.59 -8.87 4.59
C GLY CA 57 47.49 -7.91 3.83
N THR CA 58 46.96 -6.72 3.60
CA THR CA 58 47.73 -5.69 2.91
C THR CA 58 48.89 -5.24 3.77
N THR CA 59 50.02 -4.97 3.11
CA THR CA 59 51.24 -4.58 3.77
C THR CA 59 51.41 -3.07 3.70
N LYS CA 60 51.77 -2.47 4.84
CA LYS CA 60 52.08 -1.06 4.93
C LYS CA 60 53.45 -0.89 5.57
N GLY CA 61 54.16 0.14 5.13
CA GLY CA 61 55.47 0.47 5.67
C GLY CA 61 55.36 1.71 6.54
N SER CA 62 56.09 1.70 7.66
CA SER CA 62 56.19 2.85 8.56
C SER CA 62 57.65 3.00 8.96
N PHE CA 63 58.13 4.25 8.93
CA PHE CA 63 59.49 4.57 9.32
C PHE CA 63 59.48 5.73 10.30
N SER CA 64 60.50 5.77 11.15
CA SER CA 64 60.82 6.95 11.94
C SER CA 64 62.31 7.20 11.83
N LEU CA 65 62.68 8.47 12.03
CA LEU CA 65 64.02 8.92 11.67
C LEU CA 65 64.35 10.14 12.54
N ASN CA 66 65.15 9.91 13.58
CA ASN CA 66 65.51 10.93 14.55
C ASN CA 66 66.95 11.37 14.32
N GLY CA 67 67.19 12.67 14.46
CA GLY CA 67 68.51 13.18 14.21
C GLY CA 67 68.69 14.57 14.78
N TYR CA 68 69.78 15.21 14.35
CA TYR CA 68 70.17 16.54 14.77
C TYR CA 68 69.96 17.51 13.63
N LYS CA 69 69.37 18.66 13.93
CA LYS CA 69 69.03 19.63 12.91
C LYS CA 69 70.28 20.40 12.49
N THR CA 70 70.53 20.41 11.18
CA THR CA 70 71.57 21.21 10.57
C THR CA 70 71.09 22.01 9.37
N ASP CA 71 69.87 21.79 8.90
CA ASP CA 71 69.32 22.50 7.77
C ASP CA 71 67.81 22.34 7.81
N SER CA 72 67.13 23.01 6.88
CA SER CA 72 65.68 22.90 6.72
C SER CA 72 65.32 21.91 5.63
N LYS CA 73 66.09 20.81 5.55
CA LYS CA 73 65.89 19.85 4.47
C LYS CA 73 64.49 19.26 4.48
N PHE CA 74 64.01 18.86 5.66
CA PHE CA 74 62.70 18.22 5.73
C PHE CA 74 61.56 19.22 5.55
N ALA CA 75 61.77 20.47 5.97
CA ALA CA 75 60.75 21.49 5.75
C ALA CA 75 60.59 21.82 4.27
N LYS CA 76 61.70 21.97 3.54
CA LYS CA 76 61.62 22.08 2.09
C LYS CA 76 61.05 20.83 1.46
N LEU CA 77 61.44 19.67 1.96
CA LEU CA 77 61.01 18.41 1.38
C LEU CA 77 59.50 18.28 1.42
N GLY CA 78 58.87 18.86 2.42
CA GLY CA 78 57.42 18.86 2.49
C GLY CA 78 56.88 17.44 2.57
N PHE CA 79 55.79 17.22 1.86
CA PHE CA 79 55.14 15.91 1.80
C PHE CA 79 55.41 15.21 0.47
N ARG CA 80 56.42 15.63 -0.27
CA ARG CA 80 56.80 14.93 -1.49
C ARG CA 80 57.31 13.54 -1.16
N SER CA 81 57.17 12.64 -2.14
CA SER CA 81 57.68 11.30 -2.00
C SER CA 81 59.19 11.29 -2.19
N PHE CA 82 59.87 10.49 -1.39
CA PHE CA 82 61.32 10.34 -1.47
C PHE CA 82 61.66 8.89 -1.15
N GLU CA 83 62.95 8.56 -1.27
CA GLU CA 83 63.48 7.24 -0.99
C GLU CA 83 64.52 7.32 0.10
N ILE CA 84 64.66 6.22 0.83
CA ILE CA 84 65.66 6.05 1.87
C ILE CA 84 66.43 4.78 1.56
N ILE CA 85 67.74 4.92 1.38
CA ILE CA 85 68.65 3.78 1.22
C ILE CA 85 69.44 3.67 2.51
N TYR CA 86 69.32 2.53 3.16
CA TYR CA 86 69.96 2.25 4.45
C TYR CA 86 70.97 1.14 4.29
N ASN CA 87 72.24 1.44 4.57
CA ASN CA 87 73.32 0.48 4.49
C ASN CA 87 73.90 0.25 5.87
N LEU CA 88 73.95 -1.01 6.28
CA LEU CA 88 74.55 -1.44 7.54
C LEU CA 88 75.67 -2.40 7.18
N SER CA 89 76.90 -1.99 7.45
CA SER CA 89 78.09 -2.74 7.06
C SER CA 89 78.71 -3.41 8.27
N ASN CA 90 79.41 -4.52 8.00
CA ASN CA 90 80.30 -5.15 8.97
C ASN CA 90 81.73 -4.71 8.68
N SER CA 91 82.51 -4.57 9.75
CA SER CA 91 83.91 -4.19 9.66
C SER CA 91 84.85 -5.40 9.78
N GLU CA 92 84.65 -6.23 10.80
CA GLU CA 92 85.49 -7.41 10.96
C GLU CA 92 85.29 -8.38 9.80
N THR CA 93 84.05 -8.52 9.36
CA THR CA 93 83.71 -9.15 8.09
C THR CA 93 83.46 -8.05 7.07
N LEU CA 94 83.53 -8.42 5.78
CA LEU CA 94 83.31 -7.46 4.71
C LEU CA 94 81.86 -7.42 4.23
N GLY CA 95 80.97 -8.21 4.82
CA GLY CA 95 79.60 -8.23 4.38
C GLY CA 95 78.84 -6.99 4.80
N TYR CA 96 77.74 -6.73 4.09
CA TYR CA 96 76.91 -5.58 4.40
C TYR CA 96 75.50 -5.81 3.89
N GLU CA 97 74.56 -5.11 4.52
CA GLU CA 97 73.16 -5.12 4.17
C GLU CA 97 72.81 -3.76 3.59
N SER CA 98 71.96 -3.75 2.58
CA SER CA 98 71.46 -2.50 2.00
C SER CA 98 69.96 -2.65 1.75
N ILE CA 99 69.18 -1.70 2.25
CA ILE CA 99 67.73 -1.71 2.15
C ILE CA 99 67.30 -0.37 1.57
N ARG CA 100 66.45 -0.42 0.56
CA ARG CA 100 65.92 0.75 -0.12
C ARG CA 100 64.42 0.83 0.18
N LEU CA 101 64.02 1.85 0.92
CA LEU CA 101 62.61 2.14 1.15
C LEU CA 101 62.10 3.09 0.07
N LYS CA 102 61.01 2.69 -0.58
CA LYS CA 102 60.48 3.39 -1.74
C LYS CA 102 59.19 4.13 -1.41
N ASN CA 103 58.98 5.25 -2.10
CA ASN CA 103 57.78 6.06 -1.94
C ASN CA 103 57.59 6.49 -0.49
N CYS CA 104 58.70 6.83 0.16
CA CYS CA 104 58.63 7.32 1.53
C CYS CA 104 58.03 8.71 1.56
N ARG CA 105 57.19 8.97 2.55
CA ARG CA 105 56.45 10.22 2.64
C ARG CA 105 56.25 10.56 4.10
N LEU CA 106 56.50 11.82 4.46
CA LEU CA 106 56.44 12.26 5.84
C LEU CA 106 54.99 12.39 6.30
N LYS CA 107 54.72 11.93 7.52
CA LYS CA 107 53.41 12.13 8.13
C LYS CA 107 53.26 13.55 8.64
N LYS CA 108 54.34 14.13 9.16
CA LYS CA 108 54.31 15.50 9.67
C LYS CA 108 55.66 16.14 9.46
N LEU CA 109 55.65 17.47 9.33
CA LEU CA 109 56.84 18.26 9.08
C LEU CA 109 57.43 18.74 10.41
N PRO CA 110 58.71 18.48 10.71
CA PRO CA 110 59.26 19.02 11.97
C PRO CA 110 59.70 20.47 11.81
N LEU CA 111 58.72 21.37 11.83
CA LEU CA 111 59.03 22.78 11.58
C LEU CA 111 59.89 23.36 12.68
N ILE CA 112 59.48 23.17 13.94
CA ILE CA 112 60.16 23.76 15.09
C ILE CA 112 60.25 22.69 16.17
N ASN CA 113 61.45 22.52 16.72
CA ASN CA 113 61.64 21.68 17.91
C ASN CA 113 62.94 22.14 18.58
N SER CA 114 62.81 22.93 19.63
CA SER CA 114 63.98 23.43 20.34
C SER CA 114 63.65 23.55 21.82
N LYS CA 115 64.65 23.30 22.65
CA LYS CA 115 64.55 23.40 24.10
C LYS CA 115 65.62 24.37 24.58
N ALA CA 116 65.55 24.71 25.86
CA ALA CA 116 66.24 25.89 26.38
C ALA CA 116 67.76 25.80 26.20
N GLY CA 117 68.34 24.69 26.61
CA GLY CA 117 69.80 24.54 26.61
C GLY CA 117 70.30 23.27 25.97
N GLU CA 118 69.48 22.64 25.14
CA GLU CA 118 69.82 21.40 24.47
C GLU CA 118 70.08 21.64 23.00
N ILE CA 119 70.75 20.67 22.38
CA ILE CA 119 71.02 20.74 20.95
C ILE CA 119 69.74 20.51 20.18
N VAL CA 120 69.53 21.30 19.14
CA VAL CA 120 68.29 21.22 18.37
C VAL CA 120 68.26 19.89 17.64
N LYS CA 121 67.25 19.09 17.94
CA LYS CA 121 67.04 17.78 17.32
C LYS CA 121 65.84 17.84 16.39
N ILE CA 122 65.85 16.91 15.44
CA ILE CA 122 64.77 16.77 14.46
C ILE CA 122 64.33 15.32 14.45
N GLU CA 123 63.03 15.10 14.54
CA GLU CA 123 62.44 13.77 14.51
C GLU CA 123 61.28 13.77 13.53
N VAL CA 124 61.28 12.79 12.63
CA VAL CA 124 60.25 12.64 11.61
C VAL CA 124 59.76 11.20 11.60
N GLU CA 125 58.53 11.04 11.10
CA GLU CA 125 57.92 9.74 10.90
C GLU CA 125 57.15 9.78 9.60
N GLY CA 126 56.88 8.60 9.06
CA GLY CA 126 56.19 8.54 7.78
C GLY CA 126 55.89 7.12 7.40
N SER CA 127 55.50 6.96 6.14
CA SER CA 127 55.11 5.68 5.59
C SER CA 127 55.80 5.47 4.25
N PHE CA 128 56.03 4.21 3.91
CA PHE CA 128 56.59 3.82 2.64
C PHE CA 128 55.80 2.64 2.07
N ARG CA 129 55.83 2.52 0.74
CA ARG CA 129 55.02 1.52 0.05
C ARG CA 129 55.65 0.15 0.14
N GLY CA 130 56.89 0.02 -0.33
CA GLY CA 130 57.59 -1.25 -0.37
C GLY CA 130 59.07 -1.05 -0.16
N TYR CA 131 59.79 -2.16 -0.19
CA TYR CA 131 61.22 -2.17 0.09
C TYR CA 131 61.92 -3.10 -0.89
N ASP CA 132 63.18 -2.77 -1.18
CA ASP CA 132 64.08 -3.62 -1.96
C ASP CA 132 65.27 -3.96 -1.09
N LEU CA 133 65.51 -5.26 -0.91
CA LEU CA 133 66.67 -5.74 -0.17
C LEU CA 133 67.83 -5.86 -1.15
N LEU CA 134 68.54 -4.74 -1.33
CA LEU CA 134 69.56 -4.68 -2.37
C LEU CA 134 70.71 -5.62 -2.08
N ASN CA 135 71.17 -5.68 -0.82
CA ASN CA 135 72.31 -6.49 -0.42
C ASN CA 135 72.04 -7.01 0.98
N GLU CA 136 72.92 -7.87 1.46
CA GLU CA 136 72.64 -8.64 2.65
C GLU CA 136 73.88 -9.38 3.19
N GLU DA 13 15.09 67.48 18.71
CA GLU DA 13 13.72 67.01 18.33
C GLU DA 13 13.02 66.37 19.52
N ILE DA 14 11.81 65.88 19.28
CA ILE DA 14 10.93 65.36 20.33
C ILE DA 14 10.71 63.87 20.01
N PRO DA 15 10.51 62.99 21.00
CA PRO DA 15 10.21 61.59 20.66
C PRO DA 15 8.95 61.44 19.83
N GLY DA 16 9.01 60.54 18.86
CA GLY DA 16 7.84 60.10 18.11
C GLY DA 16 8.16 59.78 16.67
N PHE DA 17 7.20 59.14 16.00
CA PHE DA 17 7.27 58.96 14.55
C PHE DA 17 7.18 60.28 13.82
N TYR DA 18 7.94 60.37 12.74
CA TYR DA 18 7.93 61.52 11.83
C TYR DA 18 8.00 60.96 10.41
N ASN DA 19 6.84 60.60 9.88
CA ASN DA 19 6.74 60.06 8.52
C ASN DA 19 6.79 61.22 7.54
N ARG DA 20 7.79 61.21 6.66
CA ARG DA 20 7.99 62.30 5.70
C ARG DA 20 8.36 61.68 4.35
N PHE DA 21 7.39 61.67 3.44
CA PHE DA 21 7.61 61.24 2.08
C PHE DA 21 8.70 62.09 1.43
N LYS DA 22 9.61 61.42 0.72
CA LYS DA 22 10.62 62.07 -0.11
C LYS DA 22 10.39 61.68 -1.57
N THR DA 23 10.51 62.65 -2.46
CA THR DA 23 10.27 62.41 -3.87
C THR DA 23 11.31 61.44 -4.43
N GLN DA 24 10.87 60.61 -5.38
CA GLN DA 24 11.75 59.61 -5.96
C GLN DA 24 12.86 60.22 -6.80
N ALA DA 25 12.72 61.47 -7.24
CA ALA DA 25 13.76 62.10 -8.04
C ALA DA 25 15.07 62.25 -7.26
N GLU DA 26 15.00 62.27 -5.93
CA GLU DA 26 16.18 62.55 -5.09
C GLU DA 26 16.90 61.24 -4.73
N LYS DA 27 17.38 60.54 -5.76
CA LYS DA 27 18.13 59.31 -5.56
C LYS DA 27 19.60 59.61 -5.34
N SER DA 28 20.21 58.91 -4.40
CA SER DA 28 21.63 59.01 -4.18
C SER DA 28 22.38 58.24 -5.26
N THR DA 29 23.66 58.59 -5.43
CA THR DA 29 24.48 57.96 -6.45
C THR DA 29 24.77 56.51 -6.08
N ASN DA 30 25.49 55.82 -6.97
CA ASN DA 30 25.79 54.41 -6.78
C ASN DA 30 26.72 54.21 -5.59
N THR DA 31 27.04 52.94 -5.32
CA THR DA 31 27.91 52.56 -4.22
C THR DA 31 29.23 51.95 -4.68
N GLY DA 32 29.28 51.36 -5.87
CA GLY DA 32 30.51 50.76 -6.37
C GLY DA 32 31.47 51.78 -6.94
N LEU DA 33 32.10 52.56 -6.05
CA LEU DA 33 33.01 53.62 -6.43
C LEU DA 33 34.32 53.47 -5.65
N LYS DA 34 35.41 53.93 -6.27
CA LYS DA 34 36.74 53.79 -5.70
C LYS DA 34 37.62 54.90 -6.25
N GLY DA 35 38.72 55.17 -5.55
CA GLY DA 35 39.79 55.99 -6.06
C GLY DA 35 39.57 57.48 -5.84
N ARG DA 36 40.65 58.24 -6.07
CA ARG DA 36 40.69 59.68 -5.86
C ARG DA 36 41.20 60.37 -7.12
N LEU DA 37 40.58 61.51 -7.46
CA LEU DA 37 40.90 62.24 -8.67
C LEU DA 37 41.01 63.73 -8.38
N ALA DA 38 41.92 64.39 -9.09
CA ALA DA 38 42.10 65.83 -9.03
C ALA DA 38 41.43 66.50 -10.22
N MET DA 39 41.05 67.76 -10.02
CA MET DA 39 40.25 68.49 -11.00
C MET DA 39 40.43 70.00 -10.86
N PRO DA 40 41.33 70.64 -11.64
CA PRO DA 40 41.42 72.12 -11.61
C PRO DA 40 40.27 72.77 -12.38
N ILE DA 41 39.10 72.76 -11.77
CA ILE DA 41 37.88 73.16 -12.48
C ILE DA 41 37.89 74.66 -12.74
N ARG DA 42 37.57 75.04 -13.99
CA ARG DA 42 37.34 76.44 -14.37
C ARG DA 42 35.88 76.76 -14.11
N ALA DA 43 35.58 77.11 -12.86
CA ALA DA 43 34.22 77.37 -12.42
C ALA DA 43 33.93 78.86 -12.48
N ASN DA 44 32.82 79.22 -13.13
CA ASN DA 44 32.32 80.59 -13.02
C ASN DA 44 32.06 80.95 -11.57
N TRP DA 45 31.54 80.01 -10.79
CA TRP DA 45 31.27 80.20 -9.37
C TRP DA 45 31.82 79.01 -8.61
N GLY DA 46 32.29 79.27 -7.39
CA GLY DA 46 32.78 78.21 -6.54
C GLY DA 46 33.88 78.71 -5.62
N ASP DA 47 34.55 77.75 -4.99
CA ASP DA 47 35.50 78.02 -3.92
C ASP DA 47 36.88 78.29 -4.51
N VAL DA 48 37.37 79.51 -4.33
CA VAL DA 48 38.64 79.96 -4.93
C VAL DA 48 39.73 79.88 -3.87
N GLY DA 49 40.89 79.36 -4.26
CA GLY DA 49 42.03 79.30 -3.37
C GLY DA 49 42.07 78.09 -2.46
N LYS DA 50 41.19 77.12 -2.64
CA LYS DA 50 41.15 75.93 -1.79
C LYS DA 50 40.59 74.76 -2.57
N VAL DA 51 41.01 73.56 -2.18
CA VAL DA 51 40.58 72.32 -2.80
C VAL DA 51 39.46 71.73 -1.95
N VAL DA 52 38.37 71.30 -2.59
CA VAL DA 52 37.21 70.73 -1.93
C VAL DA 52 37.12 69.27 -2.34
N THR DA 53 36.84 68.40 -1.36
CA THR DA 53 36.76 66.96 -1.57
C THR DA 53 35.29 66.57 -1.68
N ILE DA 54 34.81 66.51 -2.92
CA ILE DA 54 33.43 66.11 -3.19
C ILE DA 54 33.34 64.60 -3.10
N LYS DA 55 32.25 64.11 -2.49
CA LYS DA 55 32.01 62.68 -2.34
C LYS DA 55 31.37 62.14 -3.62
N ASN DA 56 30.87 60.90 -3.55
CA ASN DA 56 30.14 60.30 -4.66
C ASN DA 56 28.96 61.18 -5.10
N ASP DA 57 28.30 61.85 -4.16
CA ASP DA 57 27.08 62.56 -4.46
C ASP DA 57 27.35 63.72 -5.42
N LEU DA 58 26.50 63.85 -6.44
CA LEU DA 58 26.54 64.99 -7.36
C LEU DA 58 25.99 66.26 -6.73
N ARG DA 59 25.40 66.18 -5.53
CA ARG DA 59 24.64 67.31 -5.03
C ARG DA 59 25.57 68.41 -4.55
N GLN DA 60 26.66 68.04 -3.87
CA GLN DA 60 27.64 69.02 -3.44
C GLN DA 60 28.29 69.70 -4.62
N LEU DA 61 28.49 68.96 -5.71
CA LEU DA 61 29.09 69.55 -6.91
C LEU DA 61 28.23 70.69 -7.45
N LYS DA 62 26.93 70.45 -7.65
CA LYS DA 62 26.12 71.50 -8.26
C LYS DA 62 25.85 72.61 -7.26
N ASN DA 63 25.70 72.26 -5.97
CA ASN DA 63 25.48 73.29 -4.96
C ASN DA 63 26.67 74.21 -4.83
N LEU DA 64 27.89 73.67 -5.01
CA LEU DA 64 29.11 74.46 -4.83
C LEU DA 64 29.69 75.03 -6.11
N PHE DA 65 29.36 74.46 -7.28
CA PHE DA 65 29.98 74.84 -8.54
C PHE DA 65 28.95 74.96 -9.65
N GLY DA 66 27.81 75.58 -9.34
CA GLY DA 66 26.82 75.91 -10.35
C GLY DA 66 26.14 74.71 -10.98
N ASP DA 67 25.05 74.96 -11.69
CA ASP DA 67 24.26 73.93 -12.36
C ASP DA 67 24.39 74.05 -13.88
N ASP DA 68 25.15 75.04 -14.37
CA ASP DA 68 25.14 75.37 -15.79
C ASP DA 68 26.08 74.46 -16.57
N MET DA 69 25.62 74.02 -17.75
CA MET DA 69 26.39 73.09 -18.55
C MET DA 69 27.63 73.74 -19.14
N ASN DA 70 27.53 75.01 -19.56
CA ASN DA 70 28.68 75.66 -20.17
C ASN DA 70 29.83 75.81 -19.18
N TYR DA 71 29.54 75.84 -17.88
CA TYR DA 71 30.58 75.87 -16.88
C TYR DA 71 31.43 74.61 -17.01
N SER DA 72 32.74 74.79 -17.22
CA SER DA 72 33.62 73.63 -17.27
C SER DA 72 33.59 72.84 -15.98
N ALA DA 73 33.42 73.53 -14.85
CA ALA DA 73 33.39 72.85 -13.56
C ALA DA 73 32.27 71.83 -13.49
N PHE DA 74 31.03 72.26 -13.71
CA PHE DA 74 29.90 71.34 -13.61
C PHE DA 74 29.97 70.25 -14.67
N LYS DA 75 30.30 70.62 -15.91
CA LYS DA 75 30.31 69.67 -17.01
C LYS DA 75 31.32 68.55 -16.75
N LEU DA 76 32.56 68.93 -16.43
CA LEU DA 76 33.62 67.95 -16.25
C LEU DA 76 33.50 67.23 -14.91
N GLY DA 77 32.98 67.87 -13.87
CA GLY DA 77 32.70 67.14 -12.64
C GLY DA 77 31.63 66.09 -12.83
N LYS DA 78 30.60 66.43 -13.61
CA LYS DA 78 29.59 65.44 -13.97
C LYS DA 78 30.21 64.27 -14.72
N LEU DA 79 31.11 64.57 -15.67
CA LEU DA 79 31.83 63.49 -16.34
C LEU DA 79 32.60 62.62 -15.36
N ALA DA 80 33.34 63.25 -14.44
CA ALA DA 80 34.17 62.49 -13.52
C ALA DA 80 33.33 61.61 -12.60
N LEU DA 81 32.19 62.14 -12.14
CA LEU DA 81 31.37 61.41 -11.18
C LEU DA 81 30.53 60.33 -11.87
N LEU DA 82 30.15 60.54 -13.13
CA LEU DA 82 29.68 59.41 -13.94
C LEU DA 82 30.81 58.43 -14.26
N GLY DA 83 32.07 58.87 -14.16
CA GLY DA 83 33.20 57.96 -14.15
C GLY DA 83 33.33 57.16 -12.87
N ASN DA 84 32.50 57.45 -11.86
CA ASN DA 84 32.37 56.64 -10.64
C ASN DA 84 33.65 56.70 -9.80
N VAL DA 85 34.23 57.89 -9.70
CA VAL DA 85 35.32 58.14 -8.75
C VAL DA 85 34.72 58.33 -7.36
N LYS DA 86 35.33 57.69 -6.36
CA LYS DA 86 34.80 57.76 -5.01
C LYS DA 86 34.93 59.18 -4.45
N GLU DA 87 36.11 59.77 -4.53
CA GLU DA 87 36.36 61.13 -4.05
C GLU DA 87 36.93 61.96 -5.20
N LEU DA 88 36.28 63.07 -5.51
CA LEU DA 88 36.68 63.97 -6.58
C LEU DA 88 37.12 65.29 -5.95
N LEU DA 89 38.40 65.63 -6.12
CA LEU DA 89 38.98 66.79 -5.47
C LEU DA 89 38.97 67.96 -6.46
N LEU DA 90 38.11 68.94 -6.20
CA LEU DA 90 37.91 70.08 -7.07
C LEU DA 90 38.64 71.30 -6.53
N TYR DA 91 39.36 71.98 -7.42
CA TYR DA 91 39.97 73.28 -7.14
C TYR DA 91 39.46 74.25 -8.19
N ARG DA 92 38.79 75.32 -7.75
CA ARG DA 92 38.35 76.33 -8.69
C ARG DA 92 39.54 77.07 -9.28
N LEU DA 93 39.43 77.40 -10.57
CA LEU DA 93 40.48 78.10 -11.30
C LEU DA 93 39.89 79.40 -11.82
N VAL DA 94 40.46 80.52 -11.39
CA VAL DA 94 40.07 81.84 -11.87
C VAL DA 94 41.31 82.65 -12.14
N ASP DA 95 41.18 83.63 -13.02
CA ASP DA 95 42.27 84.55 -13.31
C ASP DA 95 42.52 85.48 -12.12
N GLY DA 96 43.71 86.06 -12.09
CA GLY DA 96 44.03 87.02 -11.04
C GLY DA 96 43.11 88.23 -11.07
N ASN DA 97 42.77 88.71 -12.27
CA ASN DA 97 41.86 89.84 -12.40
C ASN DA 97 40.46 89.48 -11.95
N GLN DA 98 40.08 88.21 -12.04
CA GLN DA 98 38.77 87.76 -11.60
C GLN DA 98 38.62 87.99 -10.09
N LYS DA 99 37.47 88.55 -9.69
CA LYS DA 99 37.26 88.99 -8.33
C LYS DA 99 35.79 88.78 -7.95
N LYS DA 100 35.44 89.19 -6.73
CA LYS DA 100 34.08 89.08 -6.24
C LYS DA 100 33.21 90.20 -6.79
N GLY DA 101 32.00 89.84 -7.21
CA GLY DA 101 30.98 90.84 -7.42
C GLY DA 101 30.66 91.55 -6.11
N THR DA 102 30.47 92.86 -6.20
CA THR DA 102 30.29 93.70 -5.02
C THR DA 102 29.26 94.79 -5.31
N LEU DA 103 28.43 95.07 -4.30
CA LEU DA 103 27.50 96.17 -4.35
C LEU DA 103 27.35 96.74 -2.94
N THR DA 104 26.89 97.99 -2.88
CA THR DA 104 26.66 98.69 -1.63
C THR DA 104 25.22 99.18 -1.59
N LEU DA 105 24.54 98.90 -0.47
CA LEU DA 105 23.22 99.46 -0.23
C LEU DA 105 23.35 100.81 0.45
N LYS DA 106 22.28 101.61 0.36
CA LYS DA 106 22.27 102.93 0.94
C LYS DA 106 20.88 103.23 1.48
N ASP DA 107 20.82 104.18 2.41
CA ASP DA 107 19.58 104.61 3.03
C ASP DA 107 19.05 105.87 2.35
N THR DA 108 17.76 106.15 2.63
CA THR DA 108 17.08 107.32 2.08
C THR DA 108 16.46 108.19 3.17
N THR DA 109 16.76 107.92 4.45
CA THR DA 109 16.22 108.76 5.51
C THR DA 109 16.73 110.19 5.41
N GLU DA 110 18.02 110.35 5.13
CA GLU DA 110 18.63 111.66 4.96
C GLU DA 110 18.45 112.15 3.53
N ASN DA 111 18.71 113.45 3.32
CA ASN DA 111 18.65 114.00 1.97
C ASN DA 111 19.71 113.38 1.07
N SER DA 112 20.91 113.16 1.60
CA SER DA 112 22.00 112.53 0.87
C SER DA 112 22.16 111.10 1.38
N ALA DA 113 22.11 110.14 0.45
CA ALA DA 113 22.22 108.75 0.81
C ALA DA 113 23.65 108.39 1.18
N LYS DA 114 23.80 107.41 2.06
CA LYS DA 114 25.10 106.97 2.55
C LYS DA 114 25.12 105.45 2.65
N ASP DA 115 26.32 104.88 2.54
CA ASP DA 115 26.49 103.43 2.54
C ASP DA 115 26.34 102.88 3.95
N VAL DA 116 25.57 101.80 4.09
CA VAL DA 116 25.44 101.08 5.34
C VAL DA 116 25.68 99.59 5.22
N ILE DA 117 25.55 98.99 4.03
CA ILE DA 117 25.77 97.57 3.82
C ILE DA 117 26.54 97.38 2.52
N LYS DA 118 27.49 96.44 2.53
CA LYS DA 118 28.14 95.93 1.32
C LYS DA 118 27.77 94.47 1.15
N LEU DA 119 27.21 94.16 -0.02
CA LEU DA 119 26.94 92.77 -0.41
C LEU DA 119 28.01 92.35 -1.40
N GLU DA 120 28.85 91.40 -0.99
CA GLU DA 120 29.89 90.84 -1.82
C GLU DA 120 29.59 89.37 -2.03
N THR DA 121 29.89 88.87 -3.22
CA THR DA 121 29.74 87.44 -3.48
C THR DA 121 30.61 86.66 -2.49
N LYS DA 122 30.07 85.56 -1.98
CA LYS DA 122 30.77 84.78 -0.96
C LYS DA 122 32.15 84.35 -1.45
N TYR DA 123 32.26 84.02 -2.73
CA TYR DA 123 33.51 83.67 -3.37
C TYR DA 123 33.58 84.46 -4.67
N PRO DA 124 34.79 84.60 -5.26
CA PRO DA 124 34.91 85.40 -6.48
C PRO DA 124 34.00 84.90 -7.60
N THR DA 125 33.31 85.83 -8.26
CA THR DA 125 32.44 85.49 -9.39
C THR DA 125 31.92 86.79 -9.99
N ALA DA 126 31.42 86.69 -11.22
CA ALA DA 126 30.76 87.80 -11.91
C ALA DA 126 29.51 87.32 -12.63
N ARG DA 127 28.86 86.27 -12.11
CA ARG DA 127 27.64 85.75 -12.70
C ARG DA 127 26.52 86.76 -12.57
N ASN DA 128 25.35 86.42 -13.12
CA ASN DA 128 24.18 87.29 -13.09
C ASN DA 128 23.47 87.18 -11.73
N PHE DA 129 24.19 87.54 -10.68
CA PHE DA 129 23.68 87.49 -9.32
C PHE DA 129 23.12 88.86 -8.96
N ASN DA 130 21.79 88.96 -8.94
CA ASN DA 130 21.09 90.22 -8.77
C ASN DA 130 20.48 90.29 -7.36
N VAL DA 131 20.18 91.52 -6.94
CA VAL DA 131 19.61 91.79 -5.63
C VAL DA 131 18.38 92.67 -5.81
N THR DA 132 17.41 92.51 -4.93
CA THR DA 132 16.24 93.39 -4.88
C THR DA 132 15.83 93.58 -3.44
N ILE DA 133 15.56 94.83 -3.07
CA ILE DA 133 15.19 95.21 -1.71
C ILE DA 133 14.00 96.14 -1.79
N LYS DA 134 13.01 95.91 -0.92
CA LYS DA 134 11.79 96.70 -0.90
C LYS DA 134 11.27 96.73 0.53
N SER DA 135 10.21 97.51 0.74
CA SER DA 135 9.59 97.63 2.06
C SER DA 135 8.72 96.41 2.35
N ASN DA 136 8.64 96.07 3.64
CA ASN DA 136 7.82 94.96 4.09
C ASN DA 136 6.41 95.46 4.39
N LEU DA 137 5.41 94.77 3.85
CA LEU DA 137 4.03 95.19 4.02
C LEU DA 137 3.52 94.87 5.42
N VAL DA 138 3.95 93.75 5.99
CA VAL DA 138 3.45 93.33 7.30
C VAL DA 138 3.89 94.31 8.37
N ASP DA 139 5.17 94.69 8.36
CA ASP DA 139 5.75 95.61 9.34
C ASP DA 139 6.46 96.73 8.60
N SER DA 140 6.21 97.97 9.02
CA SER DA 140 6.84 99.12 8.37
C SER DA 140 8.36 99.08 8.53
N ASP DA 141 8.83 98.75 9.74
CA ASP DA 141 10.27 98.73 9.98
C ASP DA 141 10.99 97.63 9.22
N LYS DA 142 10.29 96.55 8.89
CA LYS DA 142 10.91 95.44 8.18
C LYS DA 142 11.06 95.76 6.69
N LYS DA 143 12.00 95.06 6.05
CA LYS DA 143 12.21 95.15 4.62
C LYS DA 143 12.37 93.75 4.04
N ASP DA 144 11.90 93.57 2.81
CA ASP DA 144 12.03 92.32 2.10
C ASP DA 144 13.31 92.37 1.27
N PHE DA 145 14.19 91.38 1.47
CA PHE DA 145 15.43 91.24 0.73
C PHE DA 145 15.37 89.96 -0.09
N ILE DA 146 15.62 90.08 -1.39
CA ILE DA 146 15.50 88.98 -2.33
C ILE DA 146 16.74 88.95 -3.20
N PHE DA 147 17.19 87.74 -3.54
CA PHE DA 147 18.35 87.51 -4.41
C PHE DA 147 17.94 86.65 -5.59
N PHE DA 148 18.42 87.03 -6.77
CA PHE DA 148 18.12 86.37 -8.04
C PHE DA 148 19.38 85.81 -8.68
N GLU DA 149 19.22 84.67 -9.36
CA GLU DA 149 20.28 84.00 -10.11
C GLU DA 149 19.77 83.69 -11.50
N ASN DA 150 20.23 84.45 -12.51
CA ASN DA 150 19.79 84.28 -13.89
C ASN DA 150 18.27 84.34 -13.98
N THR DA 151 17.68 85.31 -13.27
CA THR DA 151 16.23 85.48 -13.17
C THR DA 151 15.57 84.34 -12.41
N LYS DA 152 16.30 83.70 -11.49
CA LYS DA 152 15.77 82.65 -10.63
C LYS DA 152 16.02 83.03 -9.18
N GLN DA 153 14.96 83.02 -8.37
CA GLN DA 153 15.09 83.42 -6.97
C GLN DA 153 15.94 82.43 -6.20
N LEU DA 154 16.81 82.96 -5.32
CA LEU DA 154 17.66 82.18 -4.44
C LEU DA 154 17.27 82.32 -2.98
N PHE DA 155 17.12 83.55 -2.50
CA PHE DA 155 16.84 83.82 -1.10
C PHE DA 155 15.70 84.84 -1.02
N SER DA 156 14.89 84.73 0.02
CA SER DA 156 13.81 85.68 0.24
C SER DA 156 13.43 85.67 1.71
N SER DA 157 13.46 86.84 2.35
CA SER DA 157 13.11 86.95 3.75
C SER DA 157 12.75 88.39 4.07
N SER DA 158 12.00 88.56 5.16
CA SER DA 158 11.65 89.87 5.70
C SER DA 158 12.33 90.02 7.06
N ILE DA 159 13.13 91.08 7.20
CA ILE DA 159 13.93 91.32 8.40
C ILE DA 159 13.78 92.79 8.78
N LYS DA 160 13.91 93.07 10.08
CA LYS DA 160 13.81 94.42 10.60
C LYS DA 160 14.78 95.35 9.87
N GLY DA 161 14.42 96.63 9.79
CA GLY DA 161 15.22 97.61 9.08
C GLY DA 161 16.58 97.87 9.67
N THR DA 162 16.83 97.42 10.90
CA THR DA 162 18.15 97.59 11.51
C THR DA 162 19.20 96.87 10.69
N ILE DA 163 20.32 97.56 10.44
CA ILE DA 163 21.38 97.00 9.61
C ILE DA 163 21.98 95.76 10.26
N ASP DA 164 22.03 95.73 11.59
CA ASP DA 164 22.60 94.58 12.28
C ASP DA 164 21.82 93.31 12.00
N GLU DA 165 20.48 93.36 12.14
CA GLU DA 165 19.66 92.20 11.88
C GLU DA 165 19.71 91.81 10.41
N ILE DA 166 19.76 92.79 9.51
CA ILE DA 166 19.81 92.50 8.08
C ILE DA 166 21.08 91.74 7.75
N VAL DA 167 22.23 92.23 8.24
CA VAL DA 167 23.49 91.57 7.99
C VAL DA 167 23.50 90.19 8.63
N LEU DA 168 22.93 90.07 9.84
CA LEU DA 168 22.92 88.79 10.53
C LEU DA 168 22.14 87.75 9.75
N GLU DA 169 20.93 88.10 9.31
CA GLU DA 169 20.14 87.15 8.54
C GLU DA 169 20.78 86.83 7.19
N ILE DA 170 21.38 87.83 6.54
CA ILE DA 170 22.00 87.59 5.24
C ILE DA 170 23.17 86.63 5.38
N ASN DA 171 24.01 86.83 6.40
CA ASN DA 171 25.14 85.94 6.61
C ASN DA 171 24.76 84.62 7.28
N SER DA 172 23.55 84.51 7.81
CA SER DA 172 23.13 83.32 8.55
C SER DA 172 22.38 82.32 7.66
N ASN DA 173 21.37 82.78 6.92
CA ASN DA 173 20.54 81.87 6.12
C ASN DA 173 21.38 81.20 5.04
N LEU DA 174 21.16 79.89 4.87
CA LEU DA 174 21.98 79.10 3.96
C LEU DA 174 21.68 79.40 2.49
N ASP DA 175 20.52 79.97 2.19
CA ASP DA 175 20.23 80.38 0.81
C ASP DA 175 21.04 81.59 0.37
N ASN DA 176 21.75 82.26 1.30
CA ASN DA 176 22.66 83.34 0.98
C ASN DA 176 24.08 82.84 0.71
N GLU DA 177 24.22 81.60 0.23
CA GLU DA 177 25.54 81.03 -0.03
C GLU DA 177 26.33 81.82 -1.07
N TYR DA 178 25.65 82.63 -1.89
CA TYR DA 178 26.30 83.37 -2.97
C TYR DA 178 26.60 84.81 -2.58
N VAL DA 179 26.49 85.18 -1.31
CA VAL DA 179 26.68 86.56 -0.91
C VAL DA 179 27.02 86.62 0.57
N ILE DA 180 27.83 87.62 0.94
CA ILE DA 180 28.08 88.00 2.33
C ILE DA 180 27.70 89.46 2.48
N ALA DA 181 26.97 89.77 3.55
CA ALA DA 181 26.66 91.14 3.93
C ALA DA 181 27.54 91.55 5.10
N THR DA 182 28.18 92.72 4.98
CA THR DA 182 29.01 93.28 6.03
C THR DA 182 28.55 94.71 6.30
N LYS DA 183 28.39 95.04 7.58
CA LYS DA 183 27.89 96.35 7.98
C LYS DA 183 28.97 97.41 7.76
N VAL DA 184 28.71 98.35 6.85
CA VAL DA 184 29.66 99.43 6.59
C VAL DA 184 29.83 100.29 7.82
N ALA DA 185 28.72 100.69 8.42
CA ALA DA 185 28.72 101.57 9.58
C ALA DA 185 27.46 101.29 10.38
N ASP DA 186 27.51 101.63 11.66
CA ASP DA 186 26.37 101.40 12.53
C ASP DA 186 25.24 102.35 12.16
N SER DA 187 24.06 101.79 11.91
CA SER DA 187 22.91 102.59 11.51
C SER DA 187 21.65 101.73 11.59
N ASP DA 188 20.52 102.39 11.83
CA ASP DA 188 19.20 101.77 11.77
C ASP DA 188 18.32 102.42 10.72
N THR DA 189 18.91 103.16 9.78
CA THR DA 189 18.15 103.89 8.78
C THR DA 189 17.47 102.93 7.80
N ILE DA 190 16.39 103.41 7.21
CA ILE DA 190 15.65 102.62 6.23
C ILE DA 190 16.44 102.61 4.92
N LEU DA 191 16.64 101.41 4.37
CA LEU DA 191 17.45 101.25 3.18
C LEU DA 191 16.74 101.81 1.95
N ALA DA 192 17.51 101.97 0.88
CA ALA DA 192 16.95 102.39 -0.41
C ALA DA 192 16.35 101.20 -1.13
N ASN DA 193 15.29 101.46 -1.90
CA ASN DA 193 14.61 100.44 -2.68
C ASN DA 193 15.30 100.34 -4.04
N VAL DA 194 15.96 99.21 -4.29
CA VAL DA 194 16.67 98.95 -5.53
C VAL DA 194 16.15 97.63 -6.11
N VAL DA 195 16.01 97.57 -7.42
CA VAL DA 195 15.39 96.44 -8.12
C VAL DA 195 16.39 95.89 -9.11
N ASN DA 196 16.75 94.63 -8.93
CA ASN DA 196 17.54 93.86 -9.91
C ASN DA 196 18.89 94.53 -10.17
N GLN DA 197 19.66 94.71 -9.10
CA GLN DA 197 21.00 95.27 -9.17
C GLN DA 197 22.01 94.13 -9.19
N ALA DA 198 22.81 94.05 -10.26
CA ALA DA 198 23.74 92.97 -10.46
C ALA DA 198 25.04 93.23 -9.69
N LEU DA 199 25.54 92.21 -9.01
CA LEU DA 199 26.83 92.33 -8.34
C LEU DA 199 27.94 92.36 -9.37
N GLU DA 200 28.80 93.37 -9.26
CA GLU DA 200 29.88 93.61 -10.23
C GLU DA 200 31.18 93.88 -9.47
N GLY DA 201 32.28 93.79 -10.21
CA GLY DA 201 33.61 93.94 -9.65
C GLY DA 201 34.44 92.68 -9.78
N GLY DA 202 34.21 91.91 -10.84
CA GLY DA 202 34.93 90.68 -11.06
C GLY DA 202 34.85 90.24 -12.50
N ASN DA 203 35.26 88.99 -12.73
CA ASN DA 203 35.26 88.38 -14.05
C ASN DA 203 34.47 87.08 -14.02
N ASP DA 204 34.31 86.49 -15.21
CA ASP DA 204 33.51 85.29 -15.38
C ASP DA 204 34.05 84.15 -14.53
N GLY DA 205 35.27 83.69 -14.83
CA GLY DA 205 35.88 82.58 -14.14
C GLY DA 205 36.37 81.52 -15.11
N CYS DA 206 35.60 81.30 -16.17
CA CYS DA 206 36.03 80.49 -17.30
C CYS DA 206 36.81 81.30 -18.33
N THR DA 207 36.95 82.60 -18.14
CA THR DA 207 37.61 83.50 -19.08
C THR DA 207 38.96 83.92 -18.52
N SER DA 208 39.93 84.11 -19.41
CA SER DA 208 41.29 84.50 -19.02
C SER DA 208 41.93 83.41 -18.17
N ILE DA 209 41.76 82.17 -18.64
CA ILE DA 209 42.35 80.99 -18.00
C ILE DA 209 43.80 80.90 -18.46
N THR DA 210 44.74 81.12 -17.54
CA THR DA 210 46.14 81.38 -17.86
C THR DA 210 47.06 80.36 -17.22
N ASN DA 211 48.27 80.27 -17.79
CA ASN DA 211 49.24 79.27 -17.35
C ASN DA 211 49.65 79.46 -15.89
N GLU DA 212 49.90 80.71 -15.47
CA GLU DA 212 50.29 80.96 -14.10
C GLU DA 212 49.18 80.56 -13.14
N SER DA 213 47.92 80.70 -13.56
CA SER DA 213 46.80 80.36 -12.68
C SER DA 213 46.73 78.85 -12.47
N TYR DA 214 46.89 78.07 -13.55
CA TYR DA 214 47.09 76.63 -13.38
C TYR DA 214 48.28 76.30 -12.51
N LEU DA 215 49.39 77.01 -12.67
CA LEU DA 215 50.57 76.62 -11.89
C LEU DA 215 50.30 76.85 -10.41
N LYS DA 216 49.59 77.93 -10.07
CA LYS DA 216 49.13 78.11 -8.70
C LYS DA 216 48.25 76.93 -8.28
N ALA DA 217 47.30 76.56 -9.13
CA ALA DA 217 46.37 75.50 -8.78
C ALA DA 217 47.08 74.16 -8.57
N LEU DA 218 48.08 73.88 -9.41
CA LEU DA 218 48.88 72.68 -9.26
C LEU DA 218 49.62 72.69 -7.94
N GLU DA 219 50.15 73.86 -7.54
CA GLU DA 219 50.76 73.96 -6.22
C GLU DA 219 49.73 73.74 -5.13
N GLU DA 220 48.50 74.22 -5.33
CA GLU DA 220 47.43 73.94 -4.39
C GLU DA 220 47.01 72.47 -4.44
N PHE DA 221 47.17 71.82 -5.59
CA PHE DA 221 46.86 70.39 -5.66
C PHE DA 221 47.97 69.53 -5.07
N GLU DA 222 49.14 70.10 -4.78
CA GLU DA 222 50.18 69.36 -4.06
C GLU DA 222 49.80 69.08 -2.61
N ARG DA 223 48.70 69.65 -2.10
CA ARG DA 223 48.23 69.32 -0.76
C ARG DA 223 48.06 67.82 -0.59
N TYR DA 224 47.41 67.16 -1.53
CA TYR DA 224 46.96 65.78 -1.38
C TYR DA 224 47.56 64.90 -2.48
N SER DA 225 47.30 63.60 -2.37
CA SER DA 225 47.76 62.59 -3.31
C SER DA 225 46.59 62.15 -4.17
N PHE DA 226 46.87 61.87 -5.45
CA PHE DA 226 45.84 61.54 -6.43
C PHE DA 226 46.19 60.25 -7.16
N ASP DA 227 45.17 59.45 -7.46
CA ASP DA 227 45.37 58.33 -8.37
C ASP DA 227 45.67 58.83 -9.78
N SER DA 228 45.08 59.96 -10.18
CA SER DA 228 45.31 60.51 -11.50
C SER DA 228 44.99 61.99 -11.49
N PHE DA 229 45.59 62.71 -12.45
CA PHE DA 229 45.33 64.13 -12.69
C PHE DA 229 44.82 64.29 -14.12
N VAL DA 230 43.91 65.24 -14.32
CA VAL DA 230 43.11 65.31 -15.54
C VAL DA 230 43.25 66.62 -16.30
N LEU DA 231 43.79 67.68 -15.69
CA LEU DA 231 43.99 69.01 -16.27
C LEU DA 231 42.68 69.76 -16.52
N ASP DA 232 41.54 69.19 -16.13
CA ASP DA 232 40.22 69.81 -16.31
C ASP DA 232 39.91 69.99 -17.80
N GLY DA 233 40.41 69.07 -18.63
CA GLY DA 233 40.00 69.02 -20.02
C GLY DA 233 40.32 70.26 -20.83
N VAL DA 234 41.54 70.79 -20.72
CA VAL DA 234 42.01 71.92 -21.50
C VAL DA 234 43.18 71.43 -22.35
N ALA DA 235 43.06 71.58 -23.68
CA ALA DA 235 43.99 70.99 -24.62
C ALA DA 235 45.12 71.94 -25.02
N ASP DA 236 45.37 72.99 -24.25
CA ASP DA 236 46.47 73.89 -24.58
C ASP DA 236 47.80 73.15 -24.44
N GLU DA 237 48.67 73.34 -25.44
CA GLU DA 237 49.95 72.63 -25.44
C GLU DA 237 50.85 73.09 -24.30
N ALA DA 238 50.87 74.40 -24.03
CA ALA DA 238 51.70 74.91 -22.93
C ALA DA 238 51.24 74.34 -21.60
N LEU DA 239 49.92 74.24 -21.41
CA LEU DA 239 49.39 73.69 -20.16
C LEU DA 239 49.74 72.22 -20.02
N GLN DA 240 49.63 71.47 -21.12
CA GLN DA 240 50.02 70.07 -21.11
C GLN DA 240 51.48 69.92 -20.73
N GLU DA 241 52.34 70.76 -21.31
CA GLU DA 241 53.77 70.68 -21.01
C GLU DA 241 54.05 71.03 -19.55
N THR DA 242 53.39 72.06 -19.03
CA THR DA 242 53.60 72.45 -17.64
C THR DA 242 53.15 71.34 -16.69
N THR DA 243 51.97 70.77 -16.92
CA THR DA 243 51.51 69.68 -16.07
C THR DA 243 52.39 68.44 -16.24
N LYS DA 244 52.94 68.23 -17.43
CA LYS DA 244 53.86 67.11 -17.65
C LYS DA 244 55.11 67.27 -16.80
N ALA DA 245 55.70 68.46 -16.82
CA ALA DA 245 56.86 68.71 -15.97
C ALA DA 245 56.50 68.60 -14.50
N TRP DA 246 55.30 69.04 -14.12
CA TRP DA 246 54.85 68.94 -12.75
C TRP DA 246 54.79 67.48 -12.29
N VAL DA 247 54.16 66.62 -13.09
CA VAL DA 247 54.02 65.22 -12.67
C VAL DA 247 55.38 64.53 -12.71
N ALA DA 248 56.24 64.91 -13.65
CA ALA DA 248 57.59 64.35 -13.68
C ALA DA 248 58.36 64.72 -12.41
N LYS DA 249 58.25 65.98 -11.98
CA LYS DA 249 58.87 66.40 -10.73
C LYS DA 249 58.31 65.63 -9.56
N ASN DA 250 56.99 65.42 -9.53
CA ASN DA 250 56.37 64.68 -8.44
C ASN DA 250 56.85 63.24 -8.41
N LYS DA 251 56.96 62.60 -9.59
CA LYS DA 251 57.44 61.22 -9.65
C LYS DA 251 58.89 61.13 -9.19
N GLU DA 252 59.72 62.10 -9.59
CA GLU DA 252 61.09 62.15 -9.09
C GLU DA 252 61.10 62.31 -7.57
N LEU DA 253 60.17 63.12 -7.04
CA LEU DA 253 60.05 63.25 -5.60
C LEU DA 253 59.51 61.99 -4.96
N GLY DA 254 58.75 61.20 -5.71
CA GLY DA 254 58.14 59.96 -5.22
C GLY DA 254 56.63 59.95 -5.28
N LYS DA 255 56.00 61.11 -5.42
CA LYS DA 255 54.55 61.17 -5.56
C LYS DA 255 54.16 60.76 -6.97
N ASP DA 256 53.40 59.68 -7.09
CA ASP DA 256 53.01 59.15 -8.39
C ASP DA 256 51.65 59.71 -8.79
N ILE DA 257 51.62 60.47 -9.88
CA ILE DA 257 50.41 61.04 -10.44
C ILE DA 257 50.30 60.57 -11.88
N LEU DA 258 49.13 60.05 -12.25
CA LEU DA 258 48.86 59.58 -13.60
C LEU DA 258 48.12 60.69 -14.34
N LEU DA 259 48.79 61.30 -15.31
CA LEU DA 259 48.25 62.44 -16.03
C LEU DA 259 47.44 61.96 -17.24
N PHE DA 260 46.28 62.58 -17.44
CA PHE DA 260 45.39 62.30 -18.56
C PHE DA 260 45.16 63.57 -19.35
N LEU DA 261 45.18 63.45 -20.67
CA LEU DA 261 45.11 64.61 -21.56
C LEU DA 261 44.27 64.23 -22.78
N GLY DA 262 44.15 65.15 -23.73
CA GLY DA 262 43.50 64.87 -24.98
C GLY DA 262 43.88 65.84 -26.05
N GLY DA 263 43.89 65.36 -27.29
CA GLY DA 263 44.18 66.20 -28.44
C GLY DA 263 43.01 67.10 -28.81
N LYS DA 264 43.31 68.06 -29.67
CA LYS DA 264 42.30 68.99 -30.15
C LYS DA 264 41.49 68.35 -31.27
N THR DA 265 40.48 69.07 -31.75
CA THR DA 265 39.68 68.60 -32.87
C THR DA 265 40.36 68.83 -34.22
N GLU DA 266 41.28 69.80 -34.30
CA GLU DA 266 41.92 70.11 -35.57
C GLU DA 266 42.87 69.01 -36.01
N ASP DA 267 43.45 68.28 -35.07
CA ASP DA 267 44.48 67.30 -35.40
C ASP DA 267 43.91 66.18 -36.26
N ASN DA 268 44.60 65.86 -37.34
CA ASN DA 268 44.27 64.70 -38.16
C ASN DA 268 44.87 63.45 -37.54
N ILE DA 269 44.68 62.31 -38.21
CA ILE DA 269 45.09 61.03 -37.65
C ILE DA 269 46.61 60.98 -37.50
N LYS DA 270 47.34 61.42 -38.53
CA LYS DA 270 48.79 61.43 -38.45
C LYS DA 270 49.26 62.40 -37.38
N GLN DA 271 48.63 63.57 -37.27
CA GLN DA 271 49.06 64.55 -36.28
C GLN DA 271 48.87 64.03 -34.86
N ILE DA 272 47.72 63.39 -34.58
CA ILE DA 272 47.50 62.87 -33.23
C ILE DA 272 48.44 61.71 -32.95
N ASN DA 273 48.72 60.88 -33.96
CA ASN DA 273 49.69 59.79 -33.76
C ASN DA 273 51.06 60.36 -33.41
N ASP DA 274 51.49 61.40 -34.13
CA ASP DA 274 52.77 62.03 -33.83
C ASP DA 274 52.77 62.67 -32.46
N LYS DA 275 51.64 63.28 -32.07
CA LYS DA 275 51.53 63.87 -30.74
C LYS DA 275 51.70 62.81 -29.65
N SER DA 276 51.07 61.65 -29.84
CA SER DA 276 51.21 60.58 -28.87
C SER DA 276 52.64 60.07 -28.81
N LYS DA 277 53.27 59.86 -29.97
CA LYS DA 277 54.66 59.42 -29.96
C LYS DA 277 55.58 60.47 -29.34
N SER DA 278 55.20 61.75 -29.40
CA SER DA 278 55.99 62.78 -28.73
C SER DA 278 56.03 62.53 -27.23
N PHE DA 279 54.88 62.19 -26.64
CA PHE DA 279 54.85 61.78 -25.24
C PHE DA 279 55.41 60.38 -25.12
N ASN DA 280 56.49 60.23 -24.37
CA ASN DA 280 57.10 58.94 -24.06
C ASN DA 280 57.27 58.80 -22.56
N ASP DA 281 56.21 59.10 -21.82
CA ASP DA 281 56.19 59.03 -20.36
C ASP DA 281 55.28 57.90 -19.93
N GLU DA 282 55.67 57.21 -18.86
CA GLU DA 282 54.88 56.09 -18.35
C GLU DA 282 53.53 56.55 -17.83
N ASN DA 283 53.48 57.71 -17.18
CA ASN DA 283 52.30 58.17 -16.46
C ASN DA 283 51.67 59.40 -17.13
N ILE DA 284 51.60 59.37 -18.46
CA ILE DA 284 50.88 60.37 -19.25
C ILE DA 284 49.99 59.63 -20.23
N VAL DA 285 48.75 60.11 -20.38
CA VAL DA 285 47.76 59.49 -21.25
C VAL DA 285 47.08 60.59 -22.05
N ASN DA 286 46.81 60.30 -23.33
CA ASN DA 286 46.12 61.23 -24.22
C ASN DA 286 44.97 60.51 -24.92
N VAL DA 287 43.86 61.24 -25.06
CA VAL DA 287 42.68 60.77 -25.79
C VAL DA 287 42.64 61.51 -27.12
N GLY DA 288 42.59 60.75 -28.22
CA GLY DA 288 42.62 61.33 -29.56
C GLY DA 288 41.29 61.29 -30.29
N SER DA 289 40.18 61.24 -29.56
CA SER DA 289 38.87 61.13 -30.17
C SER DA 289 37.83 61.82 -29.30
N SER DA 290 37.04 62.71 -29.92
CA SER DA 290 35.95 63.37 -29.24
C SER DA 290 34.73 62.46 -29.15
N ALA DA 291 33.81 62.82 -28.27
CA ALA DA 291 32.62 62.01 -28.01
C ALA DA 291 31.40 62.91 -27.82
N TYR DA 292 30.23 62.27 -27.89
CA TYR DA 292 28.94 62.91 -27.72
C TYR DA 292 28.14 62.10 -26.72
N TYR DA 293 27.50 62.77 -25.75
CA TYR DA 293 26.71 62.07 -24.75
C TYR DA 293 25.58 62.99 -24.31
N GLU DA 294 24.36 62.45 -24.27
CA GLU DA 294 23.14 63.26 -24.11
C GLU DA 294 23.08 64.38 -25.15
N ASN DA 295 23.52 64.05 -26.38
CA ASN DA 295 23.53 64.93 -27.53
C ASN DA 295 24.47 66.12 -27.37
N ILE DA 296 25.28 66.18 -26.30
CA ILE DA 296 26.22 67.26 -26.05
C ILE DA 296 27.61 66.77 -26.40
N LYS DA 297 28.38 67.61 -27.08
CA LYS DA 297 29.71 67.21 -27.51
C LYS DA 297 30.73 67.39 -26.39
N TYR DA 298 31.72 66.51 -26.38
CA TYR DA 298 32.89 66.59 -25.51
C TYR DA 298 34.14 66.40 -26.35
N THR DA 299 35.02 67.40 -26.33
CA THR DA 299 36.28 67.29 -27.05
C THR DA 299 37.15 66.22 -26.40
N PRO DA 300 38.16 65.71 -27.11
CA PRO DA 300 38.94 64.59 -26.55
C PRO DA 300 39.58 64.91 -25.22
N SER DA 301 39.94 66.18 -24.99
CA SER DA 301 40.49 66.57 -23.70
C SER DA 301 39.41 66.55 -22.63
N GLU DA 302 38.20 67.01 -22.94
CA GLU DA 302 37.10 66.90 -21.99
C GLU DA 302 36.74 65.44 -21.72
N VAL DA 303 36.73 64.60 -22.77
CA VAL DA 303 36.45 63.19 -22.59
C VAL DA 303 37.54 62.53 -21.75
N ALA DA 304 38.76 63.07 -21.78
CA ALA DA 304 39.83 62.53 -20.96
C ALA DA 304 39.49 62.62 -19.47
N VAL DA 305 38.64 63.56 -19.07
CA VAL DA 305 38.20 63.63 -17.68
C VAL DA 305 37.47 62.35 -17.29
N TYR DA 306 36.49 61.95 -18.11
CA TYR DA 306 35.76 60.71 -17.81
C TYR DA 306 36.69 59.50 -17.93
N ILE DA 307 37.60 59.51 -18.90
CA ILE DA 307 38.51 58.38 -19.06
C ILE DA 307 39.37 58.21 -17.82
N ALA DA 308 39.93 59.31 -17.32
CA ALA DA 308 40.72 59.28 -16.10
C ALA DA 308 39.88 58.83 -14.93
N ALA DA 309 38.64 59.33 -14.85
CA ALA DA 309 37.76 58.97 -13.75
C ALA DA 309 37.46 57.48 -13.73
N LEU DA 310 37.19 56.90 -14.91
CA LEU DA 310 36.94 55.47 -14.97
C LEU DA 310 38.20 54.67 -14.67
N SER DA 311 39.37 55.16 -15.12
CA SER DA 311 40.62 54.49 -14.82
C SER DA 311 40.86 54.45 -13.31
N VAL DA 312 40.60 55.57 -12.64
CA VAL DA 312 40.79 55.63 -11.20
C VAL DA 312 39.75 54.79 -10.48
N SER DA 313 38.50 54.79 -10.98
CA SER DA 313 37.45 53.99 -10.36
C SER DA 313 37.76 52.51 -10.43
N LYS DA 314 38.20 52.03 -11.60
CA LYS DA 314 38.70 50.66 -11.68
C LYS DA 314 39.91 50.48 -10.79
N GLY DA 315 40.84 51.42 -10.83
CA GLY DA 315 42.05 51.35 -10.03
C GLY DA 315 42.80 50.05 -10.27
N ILE DA 316 42.76 49.18 -9.27
CA ILE DA 316 43.31 47.83 -9.37
C ILE DA 316 42.13 46.86 -9.40
N THR DA 317 42.37 45.65 -9.89
CA THR DA 317 41.34 44.65 -10.16
C THR DA 317 40.41 45.10 -11.29
N GLY DA 318 40.92 45.94 -12.19
CA GLY DA 318 40.11 46.41 -13.29
C GLY DA 318 40.97 47.08 -14.34
N SER DA 319 40.34 47.30 -15.50
CA SER DA 319 41.00 47.94 -16.62
C SER DA 319 39.92 48.54 -17.51
N ILE DA 320 40.34 49.43 -18.41
CA ILE DA 320 39.41 50.17 -19.26
C ILE DA 320 39.74 49.88 -20.72
N CYS DA 321 40.22 48.66 -21.00
CA CYS DA 321 40.57 48.30 -22.37
C CYS DA 321 39.35 48.32 -23.27
N ASN DA 322 38.26 47.70 -22.83
CA ASN DA 322 37.01 47.67 -23.58
C ASN DA 322 35.84 47.90 -22.63
N ALA DA 323 35.98 48.86 -21.73
CA ALA DA 323 34.91 49.16 -20.78
C ALA DA 323 33.74 49.84 -21.48
N LYS DA 324 32.54 49.56 -20.98
CA LYS DA 324 31.30 50.11 -21.54
C LYS DA 324 31.18 51.56 -21.10
N THR DA 325 31.67 52.47 -21.93
CA THR DA 325 31.58 53.89 -21.60
C THR DA 325 30.18 54.41 -21.86
N ILE DA 326 29.80 55.43 -21.10
CA ILE DA 326 28.44 55.98 -21.20
C ILE DA 326 28.21 56.72 -22.51
N PHE DA 327 29.27 57.09 -23.22
CA PHE DA 327 29.12 57.90 -24.42
C PHE DA 327 28.40 57.11 -25.51
N GLU DA 328 27.56 57.80 -26.28
CA GLU DA 328 26.73 57.19 -27.30
C GLU DA 328 27.21 57.45 -28.73
N GLU DA 329 28.28 58.20 -28.92
CA GLU DA 329 28.83 58.39 -30.26
C GLU DA 329 30.24 58.98 -30.10
N VAL DA 330 31.12 58.62 -31.05
CA VAL DA 330 32.51 59.08 -31.06
C VAL DA 330 32.94 59.41 -32.48
N GLU DA 331 34.13 60.00 -32.58
CA GLU DA 331 34.74 60.41 -33.84
C GLU DA 331 36.19 60.74 -33.57
N PRO DA 332 37.10 60.55 -34.55
CA PRO DA 332 36.94 59.93 -35.88
C PRO DA 332 37.11 58.41 -35.81
N ARG DA 333 37.02 57.70 -36.94
CA ARG DA 333 37.05 56.24 -36.97
C ARG DA 333 38.13 55.78 -37.94
N LEU DA 334 38.54 54.51 -37.76
CA LEU DA 334 39.73 53.99 -38.42
C LEU DA 334 39.53 52.50 -38.72
N SER DA 335 40.31 51.99 -39.67
CA SER DA 335 40.32 50.57 -39.98
C SER DA 335 41.24 49.82 -39.02
N GLN DA 336 41.15 48.49 -39.05
CA GLN DA 336 41.92 47.68 -38.09
C GLN DA 336 43.42 47.89 -38.24
N SER DA 337 43.91 47.94 -39.48
CA SER DA 337 45.33 48.24 -39.67
C SER DA 337 45.66 49.65 -39.20
N GLU DA 338 44.76 50.60 -39.45
CA GLU DA 338 45.00 51.97 -39.00
C GLU DA 338 44.87 52.09 -37.49
N VAL DA 339 43.95 51.35 -36.88
CA VAL DA 339 43.89 51.29 -35.42
C VAL DA 339 45.16 50.68 -34.85
N LYS DA 340 45.70 49.66 -35.52
CA LYS DA 340 46.97 49.08 -35.09
C LYS DA 340 48.08 50.10 -35.14
N GLU DA 341 48.17 50.86 -36.24
CA GLU DA 341 49.20 51.88 -36.35
C GLU DA 341 49.03 52.94 -35.27
N CYS DA 342 47.80 53.36 -35.02
CA CYS DA 342 47.54 54.38 -34.01
C CYS DA 342 47.88 53.89 -32.61
N LEU DA 343 47.55 52.63 -32.30
CA LEU DA 343 47.88 52.09 -30.99
C LEU DA 343 49.39 51.93 -30.83
N LYS DA 344 50.08 51.50 -31.89
CA LYS DA 344 51.53 51.44 -31.83
C LYS DA 344 52.12 52.83 -31.57
N SER DA 345 51.54 53.86 -32.18
CA SER DA 345 51.95 55.22 -31.88
C SER DA 345 51.64 55.58 -30.43
N GLY DA 346 50.63 54.96 -29.83
CA GLY DA 346 50.31 55.15 -28.43
C GLY DA 346 49.17 56.11 -28.19
N THR DA 347 48.10 56.00 -28.99
CA THR DA 347 46.91 56.84 -28.85
C THR DA 347 45.78 56.01 -28.28
N LEU DA 348 45.10 56.55 -27.28
CA LEU DA 348 43.85 55.97 -26.82
C LEU DA 348 42.72 56.48 -27.72
N VAL DA 349 41.93 55.54 -28.26
CA VAL DA 349 40.87 55.85 -29.22
C VAL DA 349 39.60 55.14 -28.78
N LEU DA 350 38.53 55.89 -28.60
CA LEU DA 350 37.23 55.31 -28.35
C LEU DA 350 36.63 54.82 -29.66
N ASP DA 351 35.79 53.79 -29.55
CA ASP DA 351 35.11 53.20 -30.71
C ASP DA 351 33.66 52.93 -30.36
N PHE DA 352 32.80 53.01 -31.37
CA PHE DA 352 31.36 52.82 -31.19
C PHE DA 352 31.08 51.39 -31.64
N ASP DA 353 31.44 50.43 -30.78
CA ASP DA 353 31.38 49.03 -31.16
C ASP DA 353 29.95 48.51 -31.21
N ASP DA 354 29.09 49.01 -30.34
CA ASP DA 354 27.66 48.70 -30.35
C ASP DA 354 26.94 50.00 -30.05
N GLY DA 355 25.66 49.91 -29.67
CA GLY DA 355 24.88 51.11 -29.37
C GLY DA 355 25.52 52.04 -28.36
N ASP DA 356 26.39 51.51 -27.50
CA ASP DA 356 27.18 52.31 -26.57
C ASP DA 356 28.66 52.23 -26.93
N VAL DA 357 29.38 53.30 -26.57
CA VAL DA 357 30.79 53.42 -26.93
C VAL DA 357 31.63 52.46 -26.09
N ILE DA 358 32.72 51.98 -26.68
CA ILE DA 358 33.65 51.06 -26.02
C ILE DA 358 35.08 51.47 -26.35
N ILE DA 359 35.95 51.45 -25.33
CA ILE DA 359 37.36 51.76 -25.54
C ILE DA 359 38.01 50.65 -26.37
N VAL DA 360 39.07 51.02 -27.09
CA VAL DA 360 39.76 50.06 -27.95
C VAL DA 360 40.77 49.23 -27.15
N ASP DA 361 41.54 49.86 -26.27
CA ASP DA 361 42.59 49.16 -25.54
C ASP DA 361 43.10 50.09 -24.45
N ASP DA 362 43.66 49.50 -23.39
CA ASP DA 362 44.12 50.24 -22.21
C ASP DA 362 45.60 50.55 -22.37
N VAL DA 363 45.88 51.59 -23.14
CA VAL DA 363 47.24 51.94 -23.56
C VAL DA 363 47.57 53.34 -23.07
N ASN DA 364 48.85 53.55 -22.77
CA ASN DA 364 49.39 54.83 -22.34
C ASN DA 364 50.35 55.35 -23.43
N THR DA 365 50.88 56.54 -23.20
CA THR DA 365 51.80 57.14 -24.16
C THR DA 365 53.14 56.41 -24.25
N PHE DA 366 53.43 55.50 -23.31
CA PHE DA 366 54.70 54.78 -23.28
C PHE DA 366 54.63 53.46 -24.04
N LYS DA 367 53.79 53.37 -25.07
CA LYS DA 367 53.80 52.17 -25.90
C LYS DA 367 55.16 52.01 -26.58
N LYS DA 368 55.75 53.13 -27.02
CA LYS DA 368 57.08 53.06 -27.59
C LYS DA 368 58.06 52.65 -26.50
N TYR DA 369 58.36 51.35 -26.46
CA TYR DA 369 59.28 50.73 -25.51
C TYR DA 369 60.62 50.48 -26.20
N VAL DA 370 61.58 49.98 -25.42
CA VAL DA 370 62.90 49.64 -25.90
C VAL DA 370 63.33 48.33 -25.25
N ASP DA 371 64.41 47.74 -25.77
CA ASP DA 371 64.76 46.36 -25.42
C ASP DA 371 65.12 46.26 -23.94
N ASP DA 372 65.75 47.28 -23.37
CA ASP DA 372 66.18 47.21 -21.97
C ASP DA 372 65.00 47.17 -21.00
N LYS DA 373 63.81 47.56 -21.43
CA LYS DA 373 62.58 47.48 -20.65
C LYS DA 373 61.62 46.50 -21.28
N ASN DA 374 60.62 46.10 -20.50
CA ASN DA 374 59.64 45.12 -20.94
C ASN DA 374 58.42 45.80 -21.57
N GLU DA 375 57.59 44.98 -22.22
CA GLU DA 375 56.42 45.49 -22.92
C GLU DA 375 55.22 45.68 -22.01
N ALA DA 376 55.18 44.99 -20.87
CA ALA DA 376 53.99 45.01 -20.02
C ALA DA 376 53.73 46.37 -19.40
N MET DA 377 54.75 47.23 -19.29
CA MET DA 377 54.61 48.50 -18.59
C MET DA 377 54.04 49.60 -19.47
N GLY DA 378 53.73 49.31 -20.74
CA GLY DA 378 53.15 50.29 -21.63
C GLY DA 378 51.63 50.34 -21.60
N TYR DA 379 51.03 49.87 -20.51
CA TYR DA 379 49.58 49.84 -20.33
C TYR DA 379 49.20 50.56 -19.05
N ILE DA 380 48.05 51.24 -19.08
CA ILE DA 380 47.61 52.05 -17.94
C ILE DA 380 47.43 51.18 -16.71
N SER DA 381 46.89 49.97 -16.88
CA SER DA 381 46.64 49.09 -15.75
C SER DA 381 47.93 48.75 -15.02
N ASN DA 382 48.99 48.46 -15.77
CA ASN DA 382 50.27 48.13 -15.15
C ASN DA 382 50.90 49.35 -14.49
N ILE DA 383 50.74 50.54 -15.07
CA ILE DA 383 51.24 51.74 -14.43
C ILE DA 383 50.53 51.97 -13.11
N MET DA 384 49.20 51.84 -13.10
CA MET DA 384 48.46 52.04 -11.86
C MET DA 384 48.84 50.98 -10.83
N PHE DA 385 49.10 49.76 -11.29
CA PHE DA 385 49.42 48.64 -10.40
C PHE DA 385 50.80 48.83 -9.77
N ILE DA 386 51.79 49.20 -10.58
CA ILE DA 386 53.13 49.47 -10.06
C ILE DA 386 53.11 50.69 -9.16
N ASN DA 387 52.36 51.73 -9.53
CA ASN DA 387 52.27 52.92 -8.70
C ASN DA 387 51.62 52.60 -7.36
N THR DA 388 50.58 51.78 -7.38
CA THR DA 388 49.91 51.40 -6.14
C THR DA 388 50.84 50.59 -5.24
N ILE DA 389 51.62 49.68 -5.82
CA ILE DA 389 52.60 48.94 -5.01
C ILE DA 389 53.64 49.88 -4.41
N ASN DA 390 54.19 50.76 -5.25
CA ASN DA 390 55.25 51.64 -4.76
C ASN DA 390 54.74 52.56 -3.66
N LYS DA 391 53.50 53.03 -3.80
CA LYS DA 391 52.90 53.83 -2.74
C LYS DA 391 52.65 53.00 -1.49
N ASP DA 392 52.02 51.83 -1.64
CA ASP DA 392 51.61 51.04 -0.48
C ASP DA 392 52.80 50.57 0.33
N THR DA 393 53.85 50.10 -0.35
CA THR DA 393 55.11 49.84 0.35
C THR DA 393 55.69 51.13 0.91
N SER DA 394 55.56 52.23 0.16
CA SER DA 394 56.05 53.52 0.63
C SER DA 394 55.20 54.11 1.74
N LEU DA 395 53.96 53.64 1.93
CA LEU DA 395 53.17 54.05 3.07
C LEU DA 395 53.67 53.43 4.38
N LYS DA 396 54.54 52.44 4.31
CA LYS DA 396 55.06 51.78 5.52
C LYS DA 396 56.24 52.56 6.10
N ARG DA 397 56.09 53.87 6.32
CA ARG DA 397 57.11 54.64 7.06
C ARG DA 397 56.59 55.28 8.32
N LYS DA 398 55.29 55.28 8.56
CA LYS DA 398 54.75 56.06 9.66
C LYS DA 398 55.01 55.39 11.01
N GLU DA 399 55.48 54.14 11.01
CA GLU DA 399 55.79 53.39 12.22
C GLU DA 399 57.08 52.57 12.06
N PHE DA 400 57.86 52.87 11.03
CA PHE DA 400 58.73 51.86 10.44
C PHE DA 400 60.15 52.36 10.20
N VAL DA 401 60.29 53.63 9.82
CA VAL DA 401 61.58 54.25 9.54
C VAL DA 401 61.92 55.18 10.69
N GLY DA 402 63.11 55.01 11.26
CA GLY DA 402 63.50 55.72 12.45
C GLY DA 402 62.91 55.19 13.72
N LYS DA 403 62.10 54.13 13.64
CA LYS DA 403 61.40 53.55 14.77
C LYS DA 403 61.63 52.05 14.89
N ILE DA 404 62.50 51.47 14.05
CA ILE DA 404 62.83 50.05 14.04
C ILE DA 404 64.35 49.91 14.03
N PHE DA 405 64.83 48.79 14.58
CA PHE DA 405 66.25 48.48 14.59
C PHE DA 405 66.65 47.83 13.27
N ASN DA 406 67.97 47.76 13.03
CA ASN DA 406 68.53 47.21 11.80
C ASN DA 406 69.25 45.90 12.05
N ASP DA 407 68.67 45.04 12.87
CA ASP DA 407 69.15 43.70 13.15
C ASP DA 407 68.26 42.67 12.47
N ALA DA 408 68.60 41.39 12.66
CA ALA DA 408 67.84 40.32 12.03
C ALA DA 408 66.37 40.33 12.45
N THR DA 409 66.10 40.66 13.70
CA THR DA 409 64.71 40.72 14.17
C THR DA 409 63.95 41.81 13.43
N GLY DA 410 64.53 43.01 13.34
CA GLY DA 410 63.85 44.09 12.66
C GLY DA 410 63.65 43.81 11.18
N GLN DA 411 64.68 43.29 10.51
CA GLN DA 411 64.57 42.96 9.10
C GLN DA 411 63.51 41.89 8.87
N THR DA 412 63.43 40.90 9.76
CA THR DA 412 62.42 39.87 9.60
C THR DA 412 61.03 40.43 9.83
N THR DA 413 60.86 41.38 10.76
CA THR DA 413 59.56 42.03 10.91
C THR DA 413 59.22 42.83 9.65
N VAL DA 414 60.22 43.46 9.04
CA VAL DA 414 60.01 44.19 7.79
C VAL DA 414 59.48 43.27 6.72
N ILE DA 415 60.16 42.14 6.53
CA ILE DA 415 59.78 41.20 5.48
C ILE DA 415 58.42 40.61 5.80
N CYS DA 416 58.12 40.39 7.07
CA CYS DA 416 56.80 39.89 7.45
C CYS DA 416 55.71 40.88 7.08
N ALA DA 417 55.94 42.18 7.35
CA ALA DA 417 54.92 43.18 7.01
C ALA DA 417 54.73 43.29 5.50
N LEU DA 418 55.83 43.29 4.74
CA LEU DA 418 55.72 43.40 3.30
C LEU DA 418 55.04 42.16 2.71
N LYS DA 419 55.39 40.98 3.24
CA LYS DA 419 54.72 39.75 2.81
C LYS DA 419 53.25 39.78 3.18
N LYS DA 420 52.91 40.37 4.33
CA LYS DA 420 51.50 40.51 4.70
C LYS DA 420 50.76 41.36 3.69
N TYR DA 421 51.36 42.48 3.27
CA TYR DA 421 50.71 43.33 2.29
C TYR DA 421 50.53 42.59 0.97
N PHE DA 422 51.56 41.85 0.54
CA PHE DA 422 51.43 41.11 -0.71
C PHE DA 422 50.39 40.00 -0.61
N GLU DA 423 50.33 39.32 0.54
CA GLU DA 423 49.36 38.24 0.72
C GLU DA 423 47.94 38.77 0.72
N GLU DA 424 47.70 39.88 1.41
CA GLU DA 424 46.38 40.51 1.32
C GLU DA 424 46.09 40.99 -0.09
N LEU DA 425 47.11 41.45 -0.81
CA LEU DA 425 46.93 41.82 -2.21
C LEU DA 425 46.60 40.60 -3.06
N MET DA 426 47.27 39.47 -2.79
CA MET DA 426 46.95 38.24 -3.49
C MET DA 426 45.54 37.76 -3.17
N SER DA 427 44.99 38.16 -2.03
CA SER DA 427 43.66 37.70 -1.65
C SER DA 427 42.59 38.21 -2.61
N GLN DA 428 42.79 39.37 -3.23
CA GLN DA 428 41.83 39.86 -4.22
C GLN DA 428 42.03 39.23 -5.59
N GLY DA 429 42.98 38.29 -5.73
CA GLY DA 429 43.25 37.68 -7.01
C GLY DA 429 44.05 38.52 -7.97
N ILE DA 430 44.64 39.62 -7.50
CA ILE DA 430 45.40 40.50 -8.39
C ILE DA 430 46.69 39.81 -8.84
N ILE DA 431 47.23 38.91 -8.03
CA ILE DA 431 48.51 38.26 -8.27
C ILE DA 431 48.33 36.76 -8.18
N SER DA 432 49.08 36.03 -9.01
CA SER DA 432 49.07 34.58 -8.98
C SER DA 432 50.14 34.02 -8.04
N GLU DA 433 51.32 34.64 -8.01
CA GLU DA 433 52.39 34.23 -7.12
C GLU DA 433 53.28 35.43 -6.84
N PHE DA 434 53.96 35.39 -5.70
CA PHE DA 434 54.84 36.47 -5.30
C PHE DA 434 55.98 35.93 -4.47
N ASN DA 435 57.00 36.76 -4.32
CA ASN DA 435 58.15 36.46 -3.47
C ASN DA 435 58.63 37.77 -2.87
N VAL DA 436 59.00 37.73 -1.58
CA VAL DA 436 59.59 38.87 -0.89
C VAL DA 436 60.66 38.35 0.06
N ASP DA 437 61.89 38.79 -0.14
CA ASP DA 437 63.05 38.27 0.59
C ASP DA 437 64.09 39.40 0.68
N ILE DA 438 65.17 39.10 1.39
CA ILE DA 438 66.29 40.04 1.54
C ILE DA 438 67.10 40.04 0.25
N ASP DA 439 67.59 41.21 -0.14
CA ASP DA 439 68.46 41.35 -1.31
C ASP DA 439 69.91 41.13 -0.86
N THR DA 440 70.29 39.85 -0.81
CA THR DA 440 71.57 39.47 -0.19
C THR DA 440 72.76 40.05 -0.94
N GLU DA 441 72.68 40.06 -2.28
CA GLU DA 441 73.80 40.55 -3.09
C GLU DA 441 74.17 41.97 -2.72
N LEU DA 442 73.18 42.85 -2.68
CA LEU DA 442 73.43 44.23 -2.29
C LEU DA 442 73.62 44.36 -0.79
N GLN DA 443 72.88 43.58 0.00
CA GLN DA 443 72.93 43.73 1.45
C GLN DA 443 74.30 43.40 2.01
N ALA DA 444 75.05 42.54 1.33
CA ALA DA 444 76.42 42.26 1.77
C ALA DA 444 77.27 43.52 1.76
N THR DA 445 77.12 44.35 0.72
CA THR DA 445 77.86 45.60 0.61
C THR DA 445 77.15 46.77 1.27
N ALA DA 446 76.04 46.54 1.97
CA ALA DA 446 75.27 47.62 2.54
C ALA DA 446 76.03 48.34 3.65
N LYS DA 447 75.70 49.61 3.82
CA LYS DA 447 76.08 50.35 5.02
C LYS DA 447 75.17 49.93 6.16
N ALA DA 448 75.61 50.24 7.39
CA ALA DA 448 74.91 49.79 8.59
C ALA DA 448 73.46 50.25 8.62
N ASP DA 449 73.19 51.48 8.19
CA ASP DA 449 71.83 52.00 8.23
C ASP DA 449 70.96 51.44 7.10
N GLU DA 450 71.55 51.16 5.96
CA GLU DA 450 70.79 50.75 4.79
C GLU DA 450 70.21 49.35 4.99
N PHE DA 451 68.99 49.16 4.52
CA PHE DA 451 68.35 47.85 4.42
C PHE DA 451 67.89 47.64 2.99
N TYR DA 452 68.20 46.48 2.41
CA TYR DA 452 67.95 46.24 1.00
C TYR DA 452 67.05 45.01 0.90
N TRP DA 453 65.99 45.10 0.09
CA TRP DA 453 65.12 43.96 -0.15
C TRP DA 453 64.70 43.93 -1.61
N LYS DA 454 64.12 42.81 -2.01
CA LYS DA 454 63.66 42.60 -3.37
C LYS DA 454 62.33 41.85 -3.35
N TRP DA 455 61.56 42.01 -4.42
CA TRP DA 455 60.27 41.33 -4.53
C TRP DA 455 59.99 40.95 -5.97
N ASP DA 456 59.22 39.87 -6.13
CA ASP DA 456 58.76 39.39 -7.43
C ASP DA 456 57.24 39.28 -7.36
N ALA DA 457 56.61 39.36 -8.53
CA ALA DA 457 55.18 39.12 -8.61
C ALA DA 457 54.84 38.68 -10.03
N VAL DA 458 53.68 38.04 -10.15
CA VAL DA 458 53.15 37.63 -11.44
C VAL DA 458 51.68 38.02 -11.50
N LYS DA 459 51.36 39.07 -12.24
CA LYS DA 459 49.98 39.49 -12.39
C LYS DA 459 49.15 38.41 -13.06
N VAL DA 460 47.91 38.27 -12.61
CA VAL DA 460 47.00 37.29 -13.20
C VAL DA 460 46.65 37.72 -14.62
N ASP DA 461 46.62 36.75 -15.53
CA ASP DA 461 46.31 37.05 -16.92
C ASP DA 461 44.82 37.35 -17.08
N VAL DA 462 44.51 38.27 -17.99
CA VAL DA 462 43.16 38.67 -18.32
C VAL DA 462 42.97 38.45 -19.81
N MET DA 463 41.89 37.75 -20.18
CA MET DA 463 41.61 37.52 -21.59
C MET DA 463 41.40 38.84 -22.32
N LYS DA 464 42.12 39.01 -23.42
CA LYS DA 464 41.93 40.12 -24.34
C LYS DA 464 41.64 39.66 -25.75
N LYS DA 465 42.37 38.66 -26.24
CA LYS DA 465 42.23 38.14 -27.60
C LYS DA 465 41.69 36.73 -27.54
N ILE DA 466 40.65 36.47 -28.33
CA ILE DA 466 39.95 35.19 -28.36
C ILE DA 466 39.72 34.83 -29.82
N TYR DA 467 40.16 33.64 -30.25
CA TYR DA 467 40.03 33.24 -31.64
C TYR DA 467 39.21 31.96 -31.69
N GLY DA 468 38.18 31.94 -32.53
CA GLY DA 468 37.34 30.77 -32.72
C GLY DA 468 37.42 30.21 -34.12
N THR DA 469 37.75 28.92 -34.24
CA THR DA 469 37.89 28.24 -35.52
C THR DA 469 36.60 27.46 -35.81
N GLY DA 470 35.86 27.91 -36.83
CA GLY DA 470 34.60 27.29 -37.15
C GLY DA 470 34.71 26.16 -38.16
N TYR DA 471 33.72 25.28 -38.13
CA TYR DA 471 33.60 24.18 -39.07
C TYR DA 471 32.12 23.89 -39.29
N LEU DA 472 31.81 23.19 -40.37
CA LEU DA 472 30.42 22.90 -40.71
C LEU DA 472 30.26 21.59 -41.47
N ILE EA 7 62.65 -25.49 47.50
CA ILE EA 7 63.75 -26.19 48.20
C ILE EA 7 64.87 -26.51 47.21
N GLU EA 8 64.56 -27.35 46.22
CA GLU EA 8 65.59 -27.92 45.36
C GLU EA 8 66.15 -26.84 44.44
N GLU EA 9 67.44 -26.55 44.61
CA GLU EA 9 68.14 -25.60 43.74
C GLU EA 9 68.13 -26.06 42.29
N ALA EA 10 68.19 -27.37 42.05
CA ALA EA 10 68.42 -27.88 40.70
C ALA EA 10 67.20 -27.70 39.80
N SER EA 11 66.01 -27.52 40.36
CA SER EA 11 64.81 -27.44 39.54
C SER EA 11 64.75 -26.17 38.71
N PHE EA 12 65.38 -25.10 39.18
CA PHE EA 12 65.34 -23.84 38.46
C PHE EA 12 66.10 -23.94 37.14
N LEU EA 13 65.58 -23.26 36.12
CA LEU EA 13 66.11 -23.30 34.77
C LEU EA 13 66.53 -21.90 34.37
N ASN EA 14 67.77 -21.76 33.92
CA ASN EA 14 68.30 -20.46 33.53
C ASN EA 14 68.06 -20.24 32.04
N GLY EA 15 68.10 -18.96 31.66
CA GLY EA 15 67.98 -18.64 30.24
C GLY EA 15 69.13 -19.15 29.41
N SER EA 16 70.28 -19.40 30.04
CA SER EA 16 71.47 -19.88 29.33
C SER EA 16 71.33 -21.29 28.79
N ASP EA 17 70.35 -22.06 29.25
CA ASP EA 17 70.13 -23.43 28.82
C ASP EA 17 69.14 -23.51 27.66
N VAL EA 18 69.16 -22.52 26.78
CA VAL EA 18 68.14 -22.31 25.76
C VAL EA 18 68.79 -22.43 24.39
N VAL EA 19 68.14 -23.17 23.50
CA VAL EA 19 68.54 -23.23 22.09
C VAL EA 19 67.27 -23.11 21.25
N ILE EA 20 67.32 -22.22 20.25
CA ILE EA 20 66.17 -21.88 19.42
C ILE EA 20 66.48 -22.26 17.98
N LEU EA 21 65.51 -22.91 17.33
CA LEU EA 21 65.61 -23.30 15.92
C LEU EA 21 64.51 -22.60 15.15
N ILE EA 22 64.91 -21.78 14.18
CA ILE EA 22 63.97 -21.09 13.28
C ILE EA 22 64.02 -21.83 11.96
N ASP EA 23 62.94 -22.52 11.62
CA ASP EA 23 62.84 -23.27 10.37
C ASP EA 23 63.96 -24.31 10.29
N GLY EA 24 64.29 -24.93 11.43
CA GLY EA 24 65.22 -26.03 11.49
C GLY EA 24 66.68 -25.67 11.65
N VAL EA 25 67.04 -24.39 11.56
CA VAL EA 25 68.41 -23.94 11.71
C VAL EA 25 68.51 -23.15 13.01
N GLU EA 26 69.56 -23.44 13.78
CA GLU EA 26 69.70 -22.87 15.11
C GLU EA 26 69.93 -21.36 15.04
N GLU EA 27 69.30 -20.64 15.96
CA GLU EA 27 69.45 -19.20 16.10
C GLU EA 27 70.23 -18.94 17.38
N LEU EA 28 71.38 -18.27 17.24
CA LEU EA 28 72.34 -18.13 18.32
C LEU EA 28 72.34 -16.76 18.97
N TYR EA 29 71.92 -15.72 18.26
CA TYR EA 29 72.05 -14.34 18.68
C TYR EA 29 70.75 -13.75 19.20
N MET EA 30 69.97 -14.55 19.93
CA MET EA 30 68.69 -14.12 20.48
C MET EA 30 68.84 -13.73 21.95
N GLU EA 31 68.08 -12.71 22.34
CA GLU EA 31 68.11 -12.16 23.69
C GLU EA 31 66.94 -12.64 24.53
N GLU EA 32 65.74 -12.71 23.97
CA GLU EA 32 64.60 -13.24 24.70
C GLU EA 32 63.55 -13.73 23.71
N ILE EA 33 62.66 -14.58 24.21
CA ILE EA 33 61.59 -15.18 23.43
C ILE EA 33 60.35 -15.32 24.30
N LYS EA 34 59.19 -15.16 23.68
CA LYS EA 34 57.90 -15.28 24.34
C LYS EA 34 56.95 -16.02 23.43
N ALA EA 35 56.04 -16.79 24.04
CA ALA EA 35 54.99 -17.45 23.26
C ALA EA 35 53.83 -17.74 24.19
N ASP EA 36 52.63 -17.34 23.76
CA ASP EA 36 51.41 -17.55 24.53
C ASP EA 36 50.33 -18.10 23.61
N PHE EA 37 49.47 -18.94 24.19
CA PHE EA 37 48.34 -19.56 23.50
C PHE EA 37 47.08 -19.11 24.21
N GLU EA 38 46.38 -18.14 23.63
CA GLU EA 38 45.38 -17.34 24.33
C GLU EA 38 43.97 -17.76 23.95
N GLN EA 39 43.09 -17.79 24.95
CA GLN EA 39 41.67 -18.02 24.73
C GLN EA 39 40.98 -16.78 24.17
N ASP EA 40 39.91 -17.00 23.42
CA ASP EA 40 38.85 -16.02 23.25
C ASP EA 40 37.69 -16.39 24.17
N GLU EA 41 37.96 -16.23 25.48
CA GLU EA 41 37.07 -16.76 26.50
C GLU EA 41 35.67 -16.16 26.38
N GLN EA 42 34.67 -17.04 26.43
CA GLN EA 42 33.27 -16.66 26.26
C GLN EA 42 32.62 -16.54 27.62
N SER EA 43 32.07 -15.36 27.91
CA SER EA 43 31.38 -15.10 29.16
C SER EA 43 29.89 -15.35 28.98
N ILE EA 44 29.31 -16.05 29.95
CA ILE EA 44 27.91 -16.45 29.92
C ILE EA 44 27.26 -15.96 31.21
N LYS EA 45 26.12 -15.29 31.07
CA LYS EA 45 25.29 -14.90 32.20
C LYS EA 45 23.94 -15.58 32.04
N LEU EA 46 23.46 -16.18 33.13
CA LEU EA 46 22.21 -16.91 33.14
C LEU EA 46 21.20 -16.23 34.05
N LEU EA 47 19.92 -16.46 33.77
CA LEU EA 47 18.87 -15.76 34.48
C LEU EA 47 18.74 -16.26 35.91
N GLY EA 48 18.85 -17.56 36.13
CA GLY EA 48 18.70 -18.08 37.48
C GLY EA 48 19.95 -18.04 38.33
N CYS EA 49 21.08 -17.65 37.77
CA CYS EA 49 22.38 -17.77 38.43
C CYS EA 49 23.05 -16.41 38.51
N GLN EA 50 23.80 -16.19 39.59
CA GLN EA 50 24.33 -14.89 39.93
C GLN EA 50 25.85 -14.80 39.79
N ASN EA 51 26.46 -15.69 39.01
CA ASN EA 51 27.87 -15.58 38.67
C ASN EA 51 28.06 -15.91 37.20
N GLU EA 52 29.08 -15.31 36.60
CA GLU EA 52 29.35 -15.54 35.19
C GLU EA 52 29.94 -16.93 34.98
N ILE EA 53 29.53 -17.56 33.89
CA ILE EA 53 30.09 -18.83 33.44
C ILE EA 53 31.02 -18.57 32.27
N SER EA 54 32.23 -19.11 32.37
CA SER EA 54 33.28 -18.92 31.38
C SER EA 54 33.51 -20.22 30.62
N ARG EA 55 33.62 -20.11 29.30
CA ARG EA 55 33.83 -21.25 28.42
C ARG EA 55 34.99 -20.96 27.48
N VAL EA 56 35.60 -22.03 26.98
CA VAL EA 56 36.77 -21.91 26.11
C VAL EA 56 36.30 -21.51 24.73
N GLY EA 57 36.91 -20.46 24.20
CA GLY EA 57 36.71 -20.03 22.83
C GLY EA 57 37.84 -20.50 21.93
N THR EA 58 37.92 -19.85 20.77
CA THR EA 58 38.97 -20.18 19.81
C THR EA 58 40.33 -19.78 20.36
N THR EA 59 41.33 -20.60 20.09
CA THR EA 59 42.68 -20.40 20.58
C THR EA 59 43.53 -19.76 19.50
N LYS EA 60 44.30 -18.75 19.90
CA LYS EA 60 45.26 -18.09 19.02
C LYS EA 60 46.61 -18.08 19.71
N GLY EA 61 47.66 -18.20 18.90
CA GLY EA 61 49.03 -18.15 19.37
C GLY EA 61 49.67 -16.81 19.00
N SER EA 62 50.45 -16.27 19.93
CA SER EA 62 51.23 -15.06 19.71
C SER EA 62 52.62 -15.26 20.27
N PHE EA 63 53.63 -14.86 19.50
CA PHE EA 63 55.02 -14.95 19.91
C PHE EA 63 55.71 -13.62 19.70
N SER EA 64 56.74 -13.37 20.49
CA SER EA 64 57.70 -12.30 20.24
C SER EA 64 59.09 -12.86 20.43
N LEU EA 65 60.05 -12.24 19.75
CA LEU EA 65 61.38 -12.82 19.58
C LEU EA 65 62.36 -11.69 19.35
N ASN EA 66 63.10 -11.33 20.41
CA ASN EA 66 64.05 -10.23 20.39
C ASN EA 66 65.47 -10.77 20.35
N GLY EA 67 66.32 -10.12 19.58
CA GLY EA 67 67.68 -10.58 19.43
C GLY EA 67 68.58 -9.53 18.85
N TYR EA 68 69.76 -9.98 18.44
CA TYR EA 68 70.80 -9.14 17.86
C TYR EA 68 70.93 -9.45 16.38
N LYS EA 69 71.00 -8.39 15.58
CA LYS EA 69 71.03 -8.55 14.13
C LYS EA 69 72.41 -8.98 13.67
N THR EA 70 72.43 -10.08 12.92
CA THR EA 70 73.64 -10.56 12.26
C THR EA 70 73.43 -10.88 10.79
N ASP EA 71 72.20 -10.85 10.30
CA ASP EA 71 71.89 -11.13 8.91
C ASP EA 71 70.51 -10.55 8.61
N SER EA 72 70.11 -10.65 7.35
CA SER EA 72 68.79 -10.23 6.89
C SER EA 72 67.84 -11.42 6.81
N LYS EA 73 67.96 -12.34 7.77
CA LYS EA 73 67.18 -13.56 7.74
C LYS EA 73 65.68 -13.28 7.75
N PHE EA 74 65.24 -12.38 8.64
CA PHE EA 74 63.82 -12.13 8.77
C PHE EA 74 63.29 -11.29 7.60
N ALA EA 75 64.13 -10.43 7.03
CA ALA EA 75 63.70 -9.66 5.86
C ALA EA 75 63.50 -10.57 4.65
N LYS EA 76 64.42 -11.49 4.40
CA LYS EA 76 64.20 -12.50 3.38
C LYS EA 76 63.01 -13.39 3.71
N LEU EA 77 62.87 -13.75 4.98
CA LEU EA 77 61.80 -14.65 5.40
C LEU EA 77 60.44 -14.08 5.08
N GLY EA 78 60.32 -12.75 5.11
CA GLY EA 78 59.08 -12.11 4.73
C GLY EA 78 57.94 -12.54 5.63
N PHE EA 79 56.78 -12.74 5.03
CA PHE EA 79 55.59 -13.18 5.74
C PHE EA 79 55.28 -14.65 5.49
N ARG EA 80 56.26 -15.42 5.00
CA ARG EA 80 56.07 -16.85 4.85
C ARG EA 80 55.90 -17.52 6.20
N SER EA 81 55.19 -18.65 6.19
CA SER EA 81 55.01 -19.44 7.40
C SER EA 81 56.29 -20.21 7.72
N PHE EA 82 56.62 -20.27 9.01
CA PHE EA 82 57.77 -21.01 9.49
C PHE EA 82 57.44 -21.63 10.83
N GLU EA 83 58.37 -22.41 11.35
CA GLU EA 83 58.22 -23.08 12.63
C GLU EA 83 59.33 -22.64 13.59
N ILE EA 84 59.02 -22.70 14.87
CA ILE EA 84 59.96 -22.40 15.94
C ILE EA 84 59.98 -23.60 16.87
N ILE EA 85 61.15 -24.20 17.05
CA ILE EA 85 61.37 -25.26 18.02
C ILE EA 85 62.19 -24.66 19.15
N TYR EA 86 61.63 -24.69 20.35
CA TYR EA 86 62.24 -24.10 21.54
C TYR EA 86 62.56 -25.20 22.53
N ASN EA 87 63.84 -25.35 22.87
CA ASN EA 87 64.30 -26.34 23.82
C ASN EA 87 64.90 -25.64 25.02
N LEU EA 88 64.39 -25.98 26.21
CA LEU EA 88 64.90 -25.49 27.48
C LEU EA 88 65.35 -26.71 28.28
N SER EA 89 66.65 -26.80 28.50
CA SER EA 89 67.26 -27.96 29.14
C SER EA 89 67.66 -27.63 30.57
N ASN EA 90 67.69 -28.68 31.41
CA ASN EA 90 68.30 -28.63 32.72
C ASN EA 90 69.71 -29.21 32.64
N SER EA 91 70.61 -28.65 33.45
CA SER EA 91 71.98 -29.10 33.52
C SER EA 91 72.23 -30.00 34.74
N GLU EA 92 71.82 -29.56 35.92
CA GLU EA 92 72.00 -30.38 37.12
C GLU EA 92 71.18 -31.66 37.02
N THR EA 93 69.98 -31.56 36.48
CA THR EA 93 69.20 -32.71 36.04
C THR EA 93 69.35 -32.83 34.53
N LEU EA 94 69.05 -34.01 34.00
CA LEU EA 94 69.16 -34.26 32.57
C LEU EA 94 67.86 -34.02 31.82
N GLY EA 95 66.79 -33.60 32.50
CA GLY EA 95 65.53 -33.38 31.84
C GLY EA 95 65.54 -32.12 30.99
N TYR EA 96 64.61 -32.08 30.05
CA TYR EA 96 64.49 -30.93 29.16
C TYR EA 96 63.08 -30.86 28.60
N GLU EA 97 62.70 -29.64 28.22
CA GLU EA 97 61.43 -29.34 27.59
C GLU EA 97 61.70 -28.95 26.15
N SER EA 98 60.82 -29.37 25.25
CA SER EA 98 60.89 -28.98 23.85
C SER EA 98 59.50 -28.64 23.36
N ILE EA 99 59.35 -27.45 22.76
CA ILE EA 99 58.07 -26.94 22.29
C ILE EA 99 58.25 -26.53 20.84
N ARG EA 100 57.34 -26.98 19.98
CA ARG EA 100 57.35 -26.68 18.56
C ARG EA 100 56.14 -25.80 18.26
N LEU EA 101 56.39 -24.56 17.87
CA LEU EA 101 55.34 -23.67 17.40
C LEU EA 101 55.20 -23.80 15.89
N LYS EA 102 53.97 -24.04 15.44
CA LYS EA 102 53.68 -24.36 14.06
C LYS EA 102 52.96 -23.22 13.37
N ASN EA 103 53.21 -23.08 12.07
CA ASN EA 103 52.59 -22.06 11.22
C ASN EA 103 52.85 -20.67 11.78
N CYS EA 104 54.07 -20.45 12.27
CA CYS EA 104 54.44 -19.15 12.76
C CYS EA 104 54.60 -18.17 11.60
N ARG EA 105 54.13 -16.95 11.81
CA ARG EA 105 54.11 -15.94 10.74
C ARG EA 105 54.32 -14.57 11.37
N LEU EA 106 55.20 -13.78 10.76
CA LEU EA 106 55.55 -12.48 11.30
C LEU EA 106 54.43 -11.47 11.07
N LYS EA 107 54.16 -10.67 12.09
CA LYS EA 107 53.21 -9.57 11.95
C LYS EA 107 53.84 -8.40 11.22
N LYS EA 108 55.12 -8.14 11.45
CA LYS EA 108 55.83 -7.07 10.78
C LYS EA 108 57.28 -7.45 10.57
N LEU EA 109 57.89 -6.88 9.53
CA LEU EA 109 59.26 -7.15 9.15
C LEU EA 109 60.19 -6.15 9.83
N PRO EA 110 61.23 -6.58 10.57
CA PRO EA 110 62.14 -5.57 11.14
C PRO EA 110 63.19 -5.13 10.12
N LEU EA 111 62.79 -4.27 9.20
CA LEU EA 111 63.69 -3.88 8.12
C LEU EA 111 64.88 -3.09 8.64
N ILE EA 112 64.62 -2.07 9.46
CA ILE EA 112 65.65 -1.17 9.97
C ILE EA 112 65.39 -0.92 11.44
N ASN EA 113 66.42 -1.08 12.26
CA ASN EA 113 66.35 -0.68 13.67
C ASN EA 113 67.80 -0.47 14.13
N SER EA 114 68.22 0.78 14.20
CA SER EA 114 69.57 1.11 14.63
C SER EA 114 69.57 2.42 15.38
N LYS EA 115 70.43 2.52 16.38
CA LYS EA 115 70.61 3.70 17.19
C LYS EA 115 72.07 4.12 17.11
N ALA EA 116 72.36 5.31 17.64
CA ALA EA 116 73.61 6.01 17.33
C ALA EA 116 74.85 5.20 17.72
N GLY EA 117 74.88 4.71 18.95
CA GLY EA 117 76.07 4.05 19.48
C GLY EA 117 75.80 2.72 20.14
N GLU EA 118 74.66 2.11 19.83
CA GLU EA 118 74.26 0.83 20.39
C GLU EA 118 74.39 -0.29 19.36
N ILE EA 119 74.41 -1.51 19.86
CA ILE EA 119 74.47 -2.68 19.00
C ILE EA 119 73.13 -2.86 18.30
N VAL EA 120 73.18 -3.16 17.01
CA VAL EA 120 71.96 -3.28 16.22
C VAL EA 120 71.18 -4.49 16.71
N LYS EA 121 69.96 -4.25 17.18
CA LYS EA 121 69.07 -5.29 17.66
C LYS EA 121 67.92 -5.49 16.69
N ILE EA 122 67.34 -6.68 16.75
CA ILE EA 122 66.20 -7.06 15.92
C ILE EA 122 65.12 -7.61 16.84
N GLU EA 123 63.90 -7.13 16.67
CA GLU EA 123 62.75 -7.58 17.45
C GLU EA 123 61.60 -7.86 16.48
N VAL EA 124 61.00 -9.04 16.62
CA VAL EA 124 59.88 -9.45 15.78
C VAL EA 124 58.77 -9.98 16.66
N GLU EA 125 57.56 -9.94 16.11
CA GLU EA 125 56.38 -10.50 16.73
C GLU EA 125 55.54 -11.16 15.66
N GLY EA 126 54.66 -12.04 16.09
CA GLY EA 126 53.84 -12.76 15.13
C GLY EA 126 52.84 -13.66 15.82
N SER EA 127 52.25 -14.54 15.02
CA SER EA 127 51.20 -15.44 15.48
C SER EA 127 51.51 -16.84 14.99
N PHE EA 128 51.05 -17.84 15.75
CA PHE EA 128 51.16 -19.24 15.39
C PHE EA 128 49.83 -19.93 15.64
N ARG EA 129 49.60 -21.01 14.90
CA ARG EA 129 48.32 -21.71 14.94
C ARG EA 129 48.23 -22.59 16.18
N GLY EA 130 49.16 -23.52 16.33
CA GLY EA 130 49.15 -24.47 17.42
C GLY EA 130 50.56 -24.82 17.84
N TYR EA 131 50.64 -25.69 18.83
CA TYR EA 131 51.91 -26.08 19.43
C TYR EA 131 51.93 -27.58 19.68
N ASP EA 132 53.13 -28.14 19.62
CA ASP EA 132 53.39 -29.53 20.00
C ASP EA 132 54.39 -29.53 21.15
N LEU EA 133 54.00 -30.14 22.26
CA LEU EA 133 54.88 -30.30 23.42
C LEU EA 133 55.68 -31.58 23.21
N LEU EA 134 56.80 -31.44 22.50
CA LEU EA 134 57.57 -32.61 22.10
C LEU EA 134 58.15 -33.35 23.31
N ASN EA 135 58.71 -32.60 24.26
CA ASN EA 135 59.36 -33.17 25.43
C ASN EA 135 59.08 -32.26 26.61
N GLU EA 136 59.51 -32.69 27.79
CA GLU EA 136 59.07 -32.06 29.03
C GLU EA 136 59.86 -32.52 30.24
N GLU FA 13 48.19 42.04 -32.29
CA GLU FA 13 46.74 42.06 -32.58
C GLU FA 13 46.00 42.94 -31.57
N ILE FA 14 44.68 43.01 -31.72
CA ILE FA 14 43.81 43.90 -30.94
C ILE FA 14 42.87 43.01 -30.14
N PRO FA 15 42.41 43.39 -28.95
CA PRO FA 15 41.44 42.56 -28.23
C PRO FA 15 40.14 42.35 -29.02
N GLY FA 16 39.63 41.14 -28.96
CA GLY FA 16 38.30 40.83 -29.47
C GLY FA 16 38.21 39.44 -30.05
N PHE FA 17 36.97 39.00 -30.29
CA PHE FA 17 36.73 37.78 -31.05
C PHE FA 17 37.17 37.92 -32.50
N TYR FA 18 37.71 36.83 -33.03
CA TYR FA 18 38.13 36.73 -34.43
C TYR FA 18 37.72 35.34 -34.90
N ASN FA 19 36.45 35.23 -35.31
CA ASN FA 19 35.91 33.97 -35.81
C ASN FA 19 36.36 33.78 -37.25
N ARG FA 20 37.09 32.70 -37.51
CA ARG FA 20 37.65 32.43 -38.83
C ARG FA 20 37.47 30.95 -39.14
N PHE FA 21 36.50 30.64 -39.98
CA PHE FA 21 36.27 29.29 -40.48
C PHE FA 21 37.53 28.78 -41.18
N LYS FA 22 37.89 27.54 -40.88
CA LYS FA 22 38.95 26.82 -41.58
C LYS FA 22 38.35 25.60 -42.28
N THR FA 23 38.80 25.37 -43.52
CA THR FA 23 38.26 24.27 -44.31
C THR FA 23 38.60 22.93 -43.66
N GLN FA 24 37.69 21.97 -43.79
CA GLN FA 24 37.89 20.67 -43.18
C GLN FA 24 39.02 19.88 -43.82
N ALA FA 25 39.42 20.24 -45.04
CA ALA FA 25 40.52 19.52 -45.69
C ALA FA 25 41.84 19.65 -44.93
N GLU FA 26 41.99 20.70 -44.12
CA GLU FA 26 43.25 20.99 -43.45
C GLU FA 26 43.31 20.32 -42.08
N LYS FA 27 43.24 18.99 -42.09
CA LYS FA 27 43.32 18.21 -40.85
C LYS FA 27 44.78 17.93 -40.51
N SER FA 28 45.09 18.04 -39.22
CA SER FA 28 46.41 17.68 -38.74
C SER FA 28 46.53 16.15 -38.66
N THR FA 29 47.78 15.68 -38.65
CA THR FA 29 48.04 14.25 -38.61
C THR FA 29 47.64 13.68 -37.24
N ASN FA 30 47.81 12.38 -37.10
CA ASN FA 30 47.42 11.68 -35.88
C ASN FA 30 48.30 12.10 -34.71
N THR FA 31 48.01 11.54 -33.53
CA THR FA 31 48.74 11.82 -32.31
C THR FA 31 49.52 10.63 -31.78
N GLY FA 32 49.11 9.41 -32.10
CA GLY FA 32 49.80 8.22 -31.62
C GLY FA 32 51.05 7.90 -32.43
N LEU FA 33 52.09 8.72 -32.26
CA LEU FA 33 53.34 8.59 -32.98
C LEU FA 33 54.51 8.58 -32.01
N LYS FA 34 55.58 7.88 -32.41
CA LYS FA 34 56.75 7.72 -31.56
C LYS FA 34 57.96 7.48 -32.46
N GLY FA 35 59.14 7.71 -31.88
CA GLY FA 35 60.38 7.30 -32.49
C GLY FA 35 60.95 8.30 -33.48
N ARG FA 36 62.21 8.07 -33.85
CA ARG FA 36 62.96 8.94 -34.75
C ARG FA 36 63.56 8.12 -35.89
N LEU FA 37 63.51 8.69 -37.10
CA LEU FA 37 63.97 8.00 -38.30
C LEU FA 37 64.82 8.93 -39.15
N ALA FA 38 65.81 8.35 -39.82
CA ALA FA 38 66.68 9.04 -40.76
C ALA FA 38 66.24 8.74 -42.19
N MET FA 39 66.54 9.69 -43.07
CA MET FA 39 66.05 9.64 -44.45
C MET FA 39 66.96 10.43 -45.41
N PRO FA 40 67.93 9.78 -46.08
CA PRO FA 40 68.72 10.53 -47.10
C PRO FA 40 67.93 10.73 -48.39
N ILE FA 41 66.99 11.67 -48.35
CA ILE FA 41 66.03 11.84 -49.43
C ILE FA 41 66.72 12.39 -50.68
N ARG FA 42 66.44 11.76 -51.83
CA ARG FA 42 66.86 12.27 -53.14
C ARG FA 42 65.78 13.23 -53.62
N ALA FA 43 65.89 14.48 -53.18
CA ALA FA 43 64.89 15.49 -53.48
C ALA FA 43 65.35 16.32 -54.68
N ASN FA 44 64.46 16.46 -55.67
CA ASN FA 44 64.70 17.43 -56.73
C ASN FA 44 64.86 18.83 -56.15
N TRP FA 45 64.08 19.16 -55.14
CA TRP FA 45 64.15 20.44 -54.45
C TRP FA 45 64.17 20.21 -52.95
N GLY FA 46 64.87 21.06 -52.23
CA GLY FA 46 64.92 20.98 -50.79
C GLY FA 46 66.25 21.48 -50.25
N ASP FA 47 66.46 21.21 -48.96
CA ASP FA 47 67.57 21.77 -48.21
C ASP FA 47 68.80 20.89 -48.37
N VAL FA 48 69.84 21.43 -49.00
CA VAL FA 48 71.06 20.69 -49.33
C VAL FA 48 72.12 21.02 -48.29
N GLY FA 49 72.82 19.99 -47.82
CA GLY FA 49 73.91 20.16 -46.87
C GLY FA 49 73.50 20.23 -45.42
N LYS FA 50 72.24 19.96 -45.10
CA LYS FA 50 71.77 20.03 -43.72
C LYS FA 50 70.60 19.08 -43.53
N VAL FA 51 70.45 18.59 -42.30
CA VAL FA 51 69.38 17.66 -41.92
C VAL FA 51 68.26 18.48 -41.29
N VAL FA 52 67.02 18.22 -41.71
CA VAL FA 52 65.84 18.92 -41.21
C VAL FA 52 65.00 17.91 -40.45
N THR FA 53 64.49 18.33 -39.29
CA THR FA 53 63.70 17.48 -38.41
C THR FA 53 62.22 17.79 -38.63
N ILE FA 54 61.59 17.03 -39.51
CA ILE FA 54 60.17 17.18 -39.79
C ILE FA 54 59.37 16.52 -38.68
N LYS FA 55 58.29 17.19 -38.25
CA LYS FA 55 57.42 16.68 -37.20
C LYS FA 55 56.42 15.69 -37.81
N ASN FA 56 55.40 15.33 -37.02
CA ASN FA 56 54.30 14.48 -37.51
C ASN FA 56 53.65 15.07 -38.75
N ASP FA 57 53.54 16.39 -38.83
CA ASP FA 57 52.79 17.02 -39.90
C ASP FA 57 53.43 16.77 -41.26
N LEU FA 58 52.61 16.39 -42.24
CA LEU FA 58 53.05 16.26 -43.62
C LEU FA 58 53.28 17.60 -44.30
N ARG FA 59 52.91 18.71 -43.65
CA ARG FA 59 52.87 19.97 -44.37
C ARG FA 59 54.27 20.52 -44.59
N GLN FA 60 55.13 20.39 -43.57
CA GLN FA 60 56.52 20.83 -43.72
C GLN FA 60 57.23 20.00 -44.77
N LEU FA 61 56.89 18.71 -44.88
CA LEU FA 61 57.52 17.85 -45.87
C LEU FA 61 57.24 18.36 -47.29
N LYS FA 62 55.97 18.62 -47.62
CA LYS FA 62 55.69 19.02 -49.00
C LYS FA 62 56.14 20.46 -49.24
N ASN FA 63 56.02 21.32 -48.23
CA ASN FA 63 56.47 22.70 -48.38
C ASN FA 63 57.97 22.77 -48.62
N LEU FA 64 58.74 21.86 -47.99
CA LEU FA 64 60.19 21.90 -48.08
C LEU FA 64 60.77 20.97 -49.14
N PHE FA 65 60.05 19.94 -49.56
CA PHE FA 65 60.58 18.91 -50.44
C PHE FA 65 59.59 18.55 -51.54
N GLY FA 66 58.94 19.56 -52.12
CA GLY FA 66 58.10 19.36 -53.28
C GLY FA 66 56.84 18.57 -53.01
N ASP FA 67 55.91 18.59 -53.96
CA ASP FA 67 54.64 17.88 -53.88
C ASP FA 67 54.59 16.74 -54.88
N ASP FA 68 55.64 16.55 -55.68
CA ASP FA 68 55.59 15.64 -56.82
C ASP FA 68 55.85 14.20 -56.38
N MET FA 69 55.06 13.29 -56.95
CA MET FA 69 55.15 11.88 -56.56
C MET FA 69 56.46 11.25 -57.04
N ASN FA 70 56.92 11.61 -58.24
CA ASN FA 70 58.14 11.00 -58.76
C ASN FA 70 59.35 11.36 -57.91
N TYR FA 71 59.29 12.49 -57.20
CA TYR FA 71 60.37 12.83 -56.28
C TYR FA 71 60.48 11.76 -55.21
N SER FA 72 61.66 11.16 -55.08
CA SER FA 72 61.87 10.16 -54.04
C SER FA 72 61.64 10.76 -52.66
N ALA FA 73 61.99 12.04 -52.49
CA ALA FA 73 61.84 12.70 -51.20
C ALA FA 73 60.39 12.69 -50.74
N PHE FA 74 59.49 13.26 -51.55
CA PHE FA 74 58.09 13.32 -51.16
C PHE FA 74 57.47 11.94 -51.02
N LYS FA 75 57.74 11.05 -51.99
CA LYS FA 75 57.13 9.72 -51.99
C LYS FA 75 57.51 8.95 -50.73
N LEU FA 76 58.82 8.87 -50.45
CA LEU FA 76 59.29 8.10 -49.31
C LEU FA 76 59.03 8.79 -47.98
N GLY FA 77 59.05 10.12 -47.93
CA GLY FA 77 58.64 10.80 -46.72
C GLY FA 77 57.18 10.58 -46.40
N LYS FA 78 56.33 10.55 -47.42
CA LYS FA 78 54.93 10.21 -47.23
C LYS FA 78 54.80 8.79 -46.70
N LEU FA 79 55.58 7.85 -47.24
CA LEU FA 79 55.59 6.50 -46.68
C LEU FA 79 55.98 6.50 -45.21
N ALA FA 80 57.05 7.21 -44.87
CA ALA FA 80 57.55 7.19 -43.50
C ALA FA 80 56.53 7.79 -42.54
N LEU FA 81 55.87 8.87 -42.95
CA LEU FA 81 54.95 9.57 -42.06
C LEU FA 81 53.61 8.85 -41.97
N LEU FA 82 53.19 8.15 -43.03
CA LEU FA 82 52.13 7.15 -42.85
C LEU FA 82 52.59 5.96 -42.03
N GLY FA 83 53.90 5.74 -41.91
CA GLY FA 83 54.43 4.83 -40.92
C GLY FA 83 54.36 5.34 -39.51
N ASN FA 84 53.93 6.59 -39.32
CA ASN FA 84 53.60 7.17 -38.01
C ASN FA 84 54.87 7.32 -37.14
N VAL FA 85 55.95 7.75 -37.77
CA VAL FA 85 57.15 8.15 -37.03
C VAL FA 85 56.94 9.56 -36.47
N LYS FA 86 57.31 9.74 -35.20
CA LYS FA 86 57.08 11.03 -34.54
C LYS FA 86 57.94 12.12 -35.17
N GLU FA 87 59.24 11.87 -35.30
CA GLU FA 87 60.19 12.81 -35.91
C GLU FA 87 60.90 12.12 -37.07
N LEU FA 88 60.83 12.71 -38.25
CA LEU FA 88 61.45 12.18 -39.45
C LEU FA 88 62.55 13.15 -39.88
N LEU FA 89 63.80 12.67 -39.85
CA LEU FA 89 64.96 13.50 -40.11
C LEU FA 89 65.36 13.36 -41.57
N LEU FA 90 65.13 14.39 -42.36
CA LEU FA 90 65.38 14.38 -43.79
C LEU FA 90 66.68 15.11 -44.12
N TYR FA 91 67.49 14.49 -44.96
CA TYR FA 91 68.67 15.11 -45.54
C TYR FA 91 68.56 14.99 -47.05
N ARG FA 92 68.55 16.14 -47.73
CA ARG FA 92 68.51 16.11 -49.18
C ARG FA 92 69.81 15.55 -49.74
N LEU FA 93 69.68 14.79 -50.82
CA LEU FA 93 70.82 14.16 -51.47
C LEU FA 93 70.86 14.65 -52.91
N VAL FA 94 71.95 15.31 -53.28
CA VAL FA 94 72.17 15.77 -54.64
C VAL FA 94 73.60 15.46 -55.04
N ASP FA 95 73.83 15.35 -56.34
CA ASP FA 95 75.17 15.14 -56.86
C ASP FA 95 75.99 16.41 -56.71
N GLY FA 96 77.31 16.24 -56.76
CA GLY FA 96 78.21 17.39 -56.69
C GLY FA 96 77.98 18.35 -57.85
N ASN FA 97 77.76 17.81 -59.05
CA ASN FA 97 77.49 18.66 -60.21
C ASN FA 97 76.16 19.40 -60.07
N GLN FA 98 75.22 18.84 -59.32
CA GLN FA 98 73.94 19.50 -59.11
C GLN FA 98 74.14 20.81 -58.37
N LYS FA 99 73.47 21.86 -58.84
CA LYS FA 99 73.69 23.22 -58.36
C LYS FA 99 72.38 24.00 -58.41
N LYS FA 100 72.46 25.27 -58.02
CA LYS FA 100 71.30 26.15 -58.03
C LYS FA 100 71.01 26.66 -59.44
N GLY FA 101 69.72 26.65 -59.79
CA GLY FA 101 69.29 27.41 -60.95
C GLY FA 101 69.55 28.88 -60.73
N THR FA 102 69.99 29.56 -61.78
CA THR FA 102 70.42 30.96 -61.68
C THR FA 102 70.01 31.71 -62.94
N LEU FA 103 69.58 32.95 -62.75
CA LEU FA 103 69.30 33.86 -63.85
C LEU FA 103 69.63 35.28 -63.41
N THR FA 104 69.86 36.14 -64.41
CA THR FA 104 70.17 37.53 -64.19
C THR FA 104 69.17 38.41 -64.92
N LEU FA 105 68.61 39.39 -64.22
CA LEU FA 105 67.78 40.39 -64.85
C LEU FA 105 68.64 41.54 -65.36
N LYS FA 106 68.08 42.30 -66.30
CA LYS FA 106 68.80 43.43 -66.88
C LYS FA 106 67.82 44.55 -67.16
N ASP FA 107 68.36 45.76 -67.27
CA ASP FA 107 67.58 46.96 -67.55
C ASP FA 107 67.61 47.29 -69.04
N THR FA 108 66.69 48.17 -69.44
CA THR FA 108 66.58 48.63 -70.83
C THR FA 108 66.62 50.14 -70.94
N THR FA 109 66.94 50.86 -69.86
CA THR FA 109 67.04 52.31 -69.94
C THR FA 109 68.15 52.74 -70.89
N GLU FA 110 69.30 52.08 -70.81
CA GLU FA 110 70.43 52.37 -71.68
C GLU FA 110 70.30 51.59 -72.99
N ASN FA 111 71.12 51.98 -73.97
CA ASN FA 111 71.13 51.27 -75.24
C ASN FA 111 71.62 49.83 -75.05
N SER FA 112 72.63 49.63 -74.22
CA SER FA 112 73.16 48.31 -73.90
C SER FA 112 72.68 47.91 -72.51
N ALA FA 113 72.04 46.75 -72.42
CA ALA FA 113 71.51 46.28 -71.16
C ALA FA 113 72.65 45.79 -70.26
N LYS FA 114 72.43 45.90 -68.94
CA LYS FA 114 73.42 45.52 -67.95
C LYS FA 114 72.72 44.82 -66.79
N ASP FA 115 73.47 43.97 -66.10
CA ASP FA 115 72.92 43.17 -65.01
C ASP FA 115 72.74 44.02 -63.76
N VAL FA 116 71.57 43.90 -63.13
CA VAL FA 116 71.30 44.55 -61.85
C VAL FA 116 70.77 43.61 -60.78
N ILE FA 117 70.20 42.45 -61.15
CA ILE FA 117 69.67 41.48 -60.20
C ILE FA 117 70.07 40.08 -60.66
N LYS FA 118 70.43 39.23 -59.70
CA LYS FA 118 70.57 37.79 -59.90
C LYS FA 118 69.52 37.07 -59.07
N LEU FA 119 68.72 36.25 -59.74
CA LEU FA 119 67.76 35.37 -59.09
C LEU FA 119 68.34 33.97 -59.09
N GLU FA 120 68.67 33.47 -57.91
CA GLU FA 120 69.18 32.11 -57.72
C GLU FA 120 68.18 31.34 -56.89
N THR FA 121 68.02 30.06 -57.20
CA THR FA 121 67.17 29.21 -56.37
C THR FA 121 67.70 29.21 -54.94
N LYS FA 122 66.77 29.26 -53.97
CA LYS FA 122 67.16 29.36 -52.57
C LYS FA 122 68.07 28.21 -52.17
N TYR FA 123 67.82 27.03 -52.71
CA TYR FA 123 68.64 25.85 -52.50
C TYR FA 123 68.89 25.22 -53.86
N PRO FA 124 69.90 24.36 -53.99
CA PRO FA 124 70.21 23.77 -55.31
C PRO FA 124 69.01 23.05 -55.91
N THR FA 125 68.78 23.29 -57.20
CA THR FA 125 67.70 22.62 -57.92
C THR FA 125 67.78 23.03 -59.38
N ALA FA 126 67.11 22.24 -60.23
CA ALA FA 126 66.98 22.55 -61.66
C ALA FA 126 65.55 22.27 -62.13
N ARG FA 127 64.58 22.41 -61.24
CA ARG FA 127 63.19 22.19 -61.60
C ARG FA 127 62.71 23.27 -62.56
N ASN FA 128 61.46 23.14 -63.00
CA ASN FA 128 60.87 24.09 -63.96
C ASN FA 128 60.40 25.35 -63.22
N PHE FA 129 61.37 26.04 -62.62
CA PHE FA 129 61.09 27.26 -61.86
C PHE FA 129 61.32 28.45 -62.79
N ASN FA 130 60.22 29.07 -63.22
CA ASN FA 130 60.24 30.12 -64.23
C ASN FA 130 59.96 31.47 -63.58
N VAL FA 131 60.34 32.54 -64.28
CA VAL FA 131 60.17 33.91 -63.81
C VAL FA 131 59.52 34.71 -64.92
N THR FA 132 58.73 35.71 -64.52
CA THR FA 132 58.15 36.64 -65.46
C THR FA 132 58.09 38.02 -64.81
N ILE FA 133 58.52 39.03 -65.55
CA ILE FA 133 58.58 40.41 -65.07
C ILE FA 133 57.98 41.31 -66.14
N LYS FA 134 57.14 42.26 -65.71
CA LYS FA 134 56.46 43.17 -66.61
C LYS FA 134 56.24 44.49 -65.89
N SER FA 135 55.73 45.48 -66.63
CA SER FA 135 55.45 46.78 -66.06
C SER FA 135 54.16 46.75 -65.25
N ASN FA 136 54.11 47.60 -64.22
CA ASN FA 136 52.93 47.73 -63.38
C ASN FA 136 51.99 48.78 -63.95
N LEU FA 137 50.72 48.42 -64.09
CA LEU FA 137 49.75 49.33 -64.69
C LEU FA 137 49.37 50.45 -63.72
N VAL FA 138 49.28 50.14 -62.42
CA VAL FA 138 48.85 51.13 -61.44
C VAL FA 138 49.86 52.26 -61.34
N ASP FA 139 51.15 51.92 -61.25
CA ASP FA 139 52.23 52.89 -61.12
C ASP FA 139 53.28 52.60 -62.19
N SER FA 140 53.72 53.65 -62.88
CA SER FA 140 54.72 53.47 -63.94
C SER FA 140 56.04 52.96 -63.38
N ASP FA 141 56.47 53.51 -62.23
CA ASP FA 141 57.74 53.10 -61.65
C ASP FA 141 57.71 51.67 -61.13
N LYS FA 142 56.55 51.16 -60.75
CA LYS FA 142 56.44 49.81 -60.23
C LYS FA 142 56.49 48.78 -61.35
N LYS FA 143 56.90 47.56 -60.99
CA LYS FA 143 56.91 46.42 -61.89
C LYS FA 143 56.28 45.21 -61.20
N ASP FA 144 55.62 44.38 -62.00
CA ASP FA 144 55.02 43.15 -61.50
C ASP FA 144 56.02 42.01 -61.70
N PHE FA 145 56.35 41.32 -60.60
CA PHE FA 145 57.24 40.17 -60.61
C PHE FA 145 56.45 38.93 -60.22
N ILE FA 146 56.54 37.90 -61.06
CA ILE FA 146 55.76 36.68 -60.90
C ILE FA 146 56.70 35.49 -61.07
N PHE FA 147 56.45 34.44 -60.28
CA PHE FA 147 57.22 33.20 -60.32
C PHE FA 147 56.27 32.03 -60.58
N PHE FA 148 56.69 31.12 -61.46
CA PHE FA 148 55.93 29.95 -61.87
C PHE FA 148 56.66 28.66 -61.50
N GLU FA 149 55.88 27.64 -61.16
CA GLU FA 149 56.37 26.30 -60.85
C GLU FA 149 55.57 25.29 -61.65
N ASN FA 150 56.18 24.72 -62.69
CA ASN FA 150 55.51 23.77 -63.58
C ASN FA 150 54.20 24.36 -64.11
N THR FA 151 54.27 25.61 -64.53
CA THR FA 151 53.12 26.36 -65.02
C THR FA 151 52.11 26.64 -63.90
N LYS FA 152 52.56 26.73 -62.66
CA LYS FA 152 51.73 27.07 -61.50
C LYS FA 152 52.35 28.26 -60.79
N GLN FA 153 51.55 29.31 -60.58
CA GLN FA 153 52.05 30.52 -59.95
C GLN FA 153 52.43 30.25 -58.50
N LEU FA 154 53.56 30.84 -58.08
CA LEU FA 154 54.05 30.76 -56.72
C LEU FA 154 54.01 32.11 -56.01
N PHE FA 155 54.53 33.16 -56.63
CA PHE FA 155 54.63 34.48 -56.02
C PHE FA 155 54.14 35.51 -57.04
N SER FA 156 53.54 36.59 -56.54
CA SER FA 156 53.09 37.67 -57.40
C SER FA 156 52.98 38.94 -56.56
N SER FA 157 53.65 40.00 -57.00
CA SER FA 157 53.62 41.27 -56.29
C SER FA 157 54.05 42.38 -57.22
N SER FA 158 53.65 43.60 -56.89
CA SER FA 158 54.05 44.81 -57.58
C SER FA 158 54.90 45.65 -56.64
N ILE FA 159 56.13 45.96 -57.07
CA ILE FA 159 57.10 46.66 -56.26
C ILE FA 159 57.73 47.76 -57.12
N LYS FA 160 58.17 48.83 -56.46
CA LYS FA 160 58.82 49.95 -57.14
C LYS FA 160 60.00 49.47 -57.97
N GLY FA 161 60.29 50.20 -59.05
CA GLY FA 161 61.34 49.82 -59.97
C GLY FA 161 62.74 49.84 -59.39
N THR FA 162 62.92 50.46 -58.22
CA THR FA 162 64.23 50.46 -57.57
C THR FA 162 64.68 49.04 -57.26
N ILE FA 163 65.94 48.74 -57.60
CA ILE FA 163 66.46 47.39 -57.41
C ILE FA 163 66.48 47.02 -55.93
N ASP FA 164 66.69 48.00 -55.05
CA ASP FA 164 66.75 47.71 -53.62
C ASP FA 164 65.41 47.18 -53.12
N GLU FA 165 64.32 47.86 -53.46
CA GLU FA 165 63.00 47.41 -53.02
C GLU FA 165 62.64 46.07 -53.65
N ILE FA 166 63.02 45.87 -54.92
CA ILE FA 166 62.71 44.61 -55.60
C ILE FA 166 63.40 43.46 -54.89
N VAL FA 167 64.69 43.61 -54.60
CA VAL FA 167 65.44 42.56 -53.90
C VAL FA 167 64.88 42.35 -52.51
N LEU FA 168 64.52 43.44 -51.83
CA LEU FA 168 63.99 43.34 -50.48
C LEU FA 168 62.70 42.53 -50.45
N GLU FA 169 61.75 42.87 -51.34
CA GLU FA 169 60.49 42.13 -51.36
C GLU FA 169 60.70 40.69 -51.80
N ILE FA 170 61.61 40.45 -52.76
CA ILE FA 170 61.82 39.08 -53.23
C ILE FA 170 62.41 38.23 -52.10
N ASN FA 171 63.38 38.76 -51.36
CA ASN FA 171 63.96 38.00 -50.26
C ASN FA 171 63.10 38.01 -49.00
N SER FA 172 62.07 38.86 -48.93
CA SER FA 172 61.24 38.98 -47.74
C SER FA 172 59.99 38.11 -47.80
N ASN FA 173 59.23 38.19 -48.89
CA ASN FA 173 57.96 37.47 -48.98
C ASN FA 173 58.20 35.97 -48.94
N LEU FA 174 57.36 35.27 -48.17
CA LEU FA 174 57.55 33.85 -47.95
C LEU FA 174 57.22 33.00 -49.17
N ASP FA 175 56.45 33.53 -50.12
CA ASP FA 175 56.19 32.81 -51.36
C ASP FA 175 57.41 32.75 -52.27
N ASN FA 176 58.47 33.50 -51.96
CA ASN FA 176 59.74 33.43 -52.67
C ASN FA 176 60.68 32.39 -52.08
N GLU FA 177 60.14 31.34 -51.44
CA GLU FA 177 60.97 30.33 -50.81
C GLU FA 177 61.88 29.61 -51.81
N TYR FA 178 61.56 29.66 -53.10
CA TYR FA 178 62.31 28.95 -54.13
C TYR FA 178 63.33 29.84 -54.83
N VAL FA 179 63.60 31.04 -54.32
CA VAL FA 179 64.47 31.98 -55.02
C VAL FA 179 65.03 32.99 -54.02
N ILE FA 180 66.26 33.44 -54.27
CA ILE FA 180 66.87 34.58 -53.59
C ILE FA 180 67.26 35.59 -54.66
N ALA FA 181 66.93 36.86 -54.41
CA ALA FA 181 67.37 37.97 -55.25
C ALA FA 181 68.51 38.69 -54.55
N THR FA 182 69.60 38.93 -55.28
CA THR FA 182 70.74 39.69 -54.78
C THR FA 182 71.06 40.80 -55.77
N LYS FA 183 71.27 42.00 -55.24
CA LYS FA 183 71.53 43.17 -56.08
C LYS FA 183 72.95 43.09 -56.66
N VAL FA 184 73.04 42.97 -57.99
CA VAL FA 184 74.34 42.93 -58.65
C VAL FA 184 75.08 44.24 -58.43
N ALA FA 185 74.40 45.36 -58.67
CA ALA FA 185 75.00 46.67 -58.57
C ALA FA 185 73.89 47.66 -58.23
N ASP FA 186 74.29 48.79 -57.65
CA ASP FA 186 73.32 49.80 -57.27
C ASP FA 186 72.74 50.45 -58.52
N SER FA 187 71.41 50.47 -58.61
CA SER FA 187 70.75 51.04 -59.78
C SER FA 187 69.26 51.18 -59.47
N ASP FA 188 68.63 52.14 -60.13
CA ASP FA 188 67.18 52.33 -60.09
C ASP FA 188 66.57 52.22 -61.49
N THR FA 189 67.30 51.63 -62.44
CA THR FA 189 66.85 51.55 -63.81
C THR FA 189 65.66 50.60 -63.94
N ILE FA 190 64.86 50.83 -64.98
CA ILE FA 190 63.70 50.00 -65.26
C ILE FA 190 64.17 48.68 -65.84
N LEU FA 191 63.69 47.57 -65.26
CA LEU FA 191 64.15 46.25 -65.67
C LEU FA 191 63.62 45.89 -67.05
N ALA FA 192 64.20 44.84 -67.62
CA ALA FA 192 63.74 44.29 -68.89
C ALA FA 192 62.53 43.40 -68.66
N ASN FA 193 61.65 43.38 -69.66
CA ASN FA 193 60.45 42.54 -69.61
C ASN FA 193 60.79 41.18 -70.20
N VAL FA 194 60.78 40.15 -69.35
CA VAL FA 194 61.08 38.78 -69.74
C VAL FA 194 59.92 37.90 -69.31
N VAL FA 195 59.57 36.93 -70.15
CA VAL FA 195 58.40 36.09 -69.95
C VAL FA 195 58.85 34.63 -69.89
N ASN FA 196 58.57 33.98 -68.76
CA ASN FA 196 58.75 32.54 -68.59
C ASN FA 196 60.20 32.11 -68.85
N GLN FA 197 61.11 32.72 -68.09
CA GLN FA 197 62.54 32.39 -68.14
C GLN FA 197 62.85 31.38 -67.04
N ALA FA 198 63.35 30.21 -67.43
CA ALA FA 198 63.61 29.13 -66.50
C ALA FA 198 64.97 29.32 -65.83
N LEU FA 199 65.01 29.12 -64.52
CA LEU FA 199 66.27 29.17 -63.80
C LEU FA 199 67.10 27.94 -64.16
N GLU FA 200 68.36 28.17 -64.56
CA GLU FA 200 69.25 27.13 -65.03
C GLU FA 200 70.61 27.30 -64.37
N GLY FA 201 71.42 26.24 -64.45
CA GLY FA 201 72.72 26.20 -63.81
C GLY FA 201 72.82 25.12 -62.75
N GLY FA 202 72.10 24.02 -62.95
CA GLY FA 202 72.10 22.94 -61.98
C GLY FA 202 71.60 21.67 -62.59
N ASN FA 203 71.32 20.70 -61.73
CA ASN FA 203 70.84 19.37 -62.13
C ASN FA 203 69.53 19.06 -61.39
N ASP FA 204 68.94 17.93 -61.78
CA ASP FA 204 67.64 17.53 -61.25
C ASP FA 204 67.68 17.37 -59.73
N GLY FA 205 68.48 16.41 -59.24
CA GLY FA 205 68.58 16.13 -57.83
C GLY FA 205 68.35 14.66 -57.54
N CYS FA 206 67.41 14.06 -58.28
CA CYS FA 206 67.24 12.61 -58.28
C CYS FA 206 68.14 11.91 -59.29
N THR FA 207 68.93 12.66 -60.07
CA THR FA 207 69.78 12.12 -61.11
C THR FA 207 71.24 12.21 -60.66
N SER FA 208 72.04 11.23 -61.08
CA SER FA 208 73.46 11.16 -60.72
C SER FA 208 73.61 11.00 -59.21
N ILE FA 209 72.81 10.09 -58.67
CA ILE FA 209 72.84 9.74 -57.25
C ILE FA 209 73.97 8.75 -57.05
N THR FA 210 75.04 9.19 -56.35
CA THR FA 210 76.32 8.50 -56.34
C THR FA 210 76.72 8.09 -54.92
N ASN FA 211 77.65 7.13 -54.87
CA ASN FA 211 78.07 6.56 -53.59
C ASN FA 211 78.72 7.60 -52.69
N GLU FA 212 79.61 8.43 -53.25
CA GLU FA 212 80.26 9.45 -52.45
C GLU FA 212 79.25 10.44 -51.88
N SER FA 213 78.17 10.71 -52.62
CA SER FA 213 77.17 11.65 -52.13
C SER FA 213 76.41 11.07 -50.94
N TYR FA 214 76.02 9.80 -51.01
CA TYR FA 214 75.52 9.12 -49.81
C TYR FA 214 76.52 9.14 -48.68
N LEU FA 215 77.80 8.92 -48.96
CA LEU FA 215 78.75 8.83 -47.86
C LEU FA 215 78.84 10.19 -47.16
N LYS FA 216 78.80 11.27 -47.94
CA LYS FA 216 78.69 12.60 -47.33
C LYS FA 216 77.43 12.68 -46.48
N ALA FA 217 76.30 12.24 -47.02
CA ALA FA 217 75.03 12.35 -46.30
C ALA FA 217 75.05 11.56 -45.01
N LEU FA 218 75.64 10.36 -45.04
CA LEU FA 218 75.78 9.55 -43.85
C LEU FA 218 76.63 10.25 -42.81
N GLU FA 219 77.70 10.92 -43.24
CA GLU FA 219 78.48 11.72 -42.31
C GLU FA 219 77.64 12.88 -41.76
N GLU FA 220 76.77 13.46 -42.59
CA GLU FA 220 75.85 14.47 -42.09
C GLU FA 220 74.78 13.86 -41.19
N PHE FA 221 74.44 12.60 -41.41
CA PHE FA 221 73.48 11.95 -40.52
C PHE FA 221 74.11 11.51 -39.21
N GLU FA 222 75.44 11.55 -39.09
CA GLU FA 222 76.08 11.30 -37.80
C GLU FA 222 75.84 12.42 -36.79
N ARG FA 223 75.24 13.54 -37.21
CA ARG FA 223 74.86 14.59 -36.26
C ARG FA 223 74.03 14.04 -35.11
N TYR FA 224 73.01 13.25 -35.43
CA TYR FA 224 71.97 12.85 -34.47
C TYR FA 224 71.91 11.33 -34.36
N SER FA 225 71.08 10.86 -33.43
CA SER FA 225 70.86 9.45 -33.17
C SER FA 225 69.50 9.05 -33.74
N PHE FA 226 69.42 7.82 -34.25
CA PHE FA 226 68.22 7.33 -34.94
C PHE FA 226 67.81 5.98 -34.38
N ASP FA 227 66.50 5.77 -34.29
CA ASP FA 227 66.00 4.44 -34.00
C ASP FA 227 66.29 3.48 -35.16
N SER FA 228 66.27 3.99 -36.40
CA SER FA 228 66.53 3.17 -37.56
C SER FA 228 66.97 4.05 -38.72
N PHE FA 229 67.67 3.44 -39.67
CA PHE FA 229 68.10 4.07 -40.91
C PHE FA 229 67.54 3.28 -42.08
N VAL FA 230 67.18 3.98 -43.15
CA VAL FA 230 66.33 3.42 -44.20
C VAL FA 230 66.96 3.45 -45.59
N LEU FA 231 68.04 4.22 -45.80
CA LEU FA 231 68.76 4.36 -47.07
C LEU FA 231 67.95 5.08 -48.14
N ASP FA 232 66.75 5.56 -47.81
CA ASP FA 232 65.88 6.27 -48.77
C ASP FA 232 65.48 5.35 -49.92
N GLY FA 233 65.35 4.06 -49.65
CA GLY FA 233 64.76 3.15 -50.61
C GLY FA 233 65.52 3.02 -51.93
N VAL FA 234 66.83 2.87 -51.86
CA VAL FA 234 67.67 2.65 -53.04
C VAL FA 234 68.32 1.28 -52.88
N ALA FA 235 68.10 0.41 -53.86
CA ALA FA 235 68.48 -1.00 -53.77
C ALA FA 235 69.85 -1.29 -54.37
N ASP FA 236 70.69 -0.27 -54.56
CA ASP FA 236 72.02 -0.52 -55.10
C ASP FA 236 72.84 -1.33 -54.10
N GLU FA 237 73.54 -2.35 -54.60
CA GLU FA 237 74.30 -3.23 -53.72
C GLU FA 237 75.47 -2.50 -53.08
N ALA FA 238 76.15 -1.65 -53.83
CA ALA FA 238 77.27 -0.90 -53.28
C ALA FA 238 76.80 0.01 -52.15
N LEU FA 239 75.65 0.66 -52.34
CA LEU FA 239 75.11 1.54 -51.32
C LEU FA 239 74.73 0.77 -50.07
N GLN FA 240 74.11 -0.40 -50.26
CA GLN FA 240 73.77 -1.26 -49.12
C GLN FA 240 75.02 -1.65 -48.36
N GLU FA 241 76.09 -2.02 -49.08
CA GLU FA 241 77.33 -2.40 -48.42
C GLU FA 241 77.94 -1.24 -47.66
N THR FA 242 77.94 -0.04 -48.26
CA THR FA 242 78.51 1.13 -47.61
C THR FA 242 77.74 1.47 -46.34
N THR FA 243 76.41 1.48 -46.41
CA THR FA 243 75.62 1.76 -45.23
C THR FA 243 75.75 0.67 -44.19
N LYS FA 244 75.95 -0.58 -44.63
CA LYS FA 244 76.18 -1.69 -43.70
C LYS FA 244 77.46 -1.47 -42.91
N ALA FA 245 78.54 -1.12 -43.61
CA ALA FA 245 79.80 -0.82 -42.92
C ALA FA 245 79.65 0.39 -42.01
N TRP FA 246 78.88 1.38 -42.45
CA TRP FA 246 78.63 2.56 -41.63
C TRP FA 246 77.96 2.20 -40.31
N VAL FA 247 76.87 1.42 -40.37
CA VAL FA 247 76.15 1.08 -39.16
C VAL FA 247 76.97 0.15 -38.29
N ALA FA 248 77.78 -0.72 -38.90
CA ALA FA 248 78.67 -1.57 -38.12
C ALA FA 248 79.70 -0.74 -37.36
N LYS FA 249 80.28 0.26 -38.03
CA LYS FA 249 81.21 1.18 -37.37
C LYS FA 249 80.51 1.90 -36.23
N ASN FA 250 79.28 2.37 -36.46
CA ASN FA 250 78.54 3.07 -35.41
C ASN FA 250 78.28 2.16 -34.21
N LYS FA 251 77.88 0.91 -34.47
CA LYS FA 251 77.63 -0.03 -33.38
C LYS FA 251 78.92 -0.31 -32.60
N GLU FA 252 80.04 -0.47 -33.31
CA GLU FA 252 81.31 -0.62 -32.62
C GLU FA 252 81.63 0.61 -31.79
N LEU FA 253 81.29 1.80 -32.30
CA LEU FA 253 81.46 3.01 -31.51
C LEU FA 253 80.48 3.08 -30.35
N GLY FA 254 79.33 2.42 -30.48
CA GLY FA 254 78.29 2.42 -29.47
C GLY FA 254 76.97 2.99 -29.93
N LYS FA 255 76.95 3.72 -31.04
CA LYS FA 255 75.72 4.25 -31.59
C LYS FA 255 74.97 3.13 -32.31
N ASP FA 256 73.78 2.80 -31.82
CA ASP FA 256 72.99 1.70 -32.37
C ASP FA 256 72.03 2.24 -33.43
N ILE FA 257 72.21 1.80 -34.67
CA ILE FA 257 71.34 2.16 -35.79
C ILE FA 257 70.82 0.87 -36.39
N LEU FA 258 69.50 0.80 -36.58
CA LEU FA 258 68.83 -0.34 -37.19
C LEU FA 258 68.63 -0.05 -38.66
N LEU FA 259 69.35 -0.76 -39.52
CA LEU FA 259 69.32 -0.51 -40.95
C LEU FA 259 68.22 -1.34 -41.62
N PHE FA 260 67.48 -0.70 -42.51
CA PHE FA 260 66.41 -1.33 -43.28
C PHE FA 260 66.71 -1.20 -44.76
N LEU FA 261 66.47 -2.28 -45.51
CA LEU FA 261 66.83 -2.34 -46.92
C LEU FA 261 65.75 -3.12 -47.66
N GLY FA 262 65.95 -3.32 -48.96
CA GLY FA 262 65.06 -4.15 -49.74
C GLY FA 262 65.70 -4.64 -51.01
N GLY FA 263 65.29 -5.83 -51.44
CA GLY FA 263 65.78 -6.38 -52.68
C GLY FA 263 65.15 -5.75 -53.90
N LYS FA 264 65.74 -6.04 -55.04
CA LYS FA 264 65.24 -5.52 -56.32
C LYS FA 264 64.07 -6.37 -56.80
N THR FA 265 63.48 -5.95 -57.91
CA THR FA 265 62.38 -6.71 -58.52
C THR FA 265 62.89 -7.90 -59.33
N GLU FA 266 64.13 -7.85 -59.81
CA GLU FA 266 64.65 -8.92 -60.66
C GLU FA 266 64.88 -10.21 -59.87
N ASP FA 267 65.18 -10.09 -58.57
CA ASP FA 267 65.54 -11.26 -57.79
C ASP FA 267 64.38 -12.24 -57.68
N ASN FA 268 64.67 -13.51 -57.94
CA ASN FA 268 63.71 -14.58 -57.72
C ASN FA 268 63.71 -14.98 -56.25
N ILE FA 269 62.90 -15.99 -55.91
CA ILE FA 269 62.73 -16.38 -54.52
C ILE FA 269 64.04 -16.92 -53.95
N LYS FA 270 64.72 -17.76 -54.71
CA LYS FA 270 66.00 -18.30 -54.24
C LYS FA 270 67.04 -17.19 -54.12
N GLN FA 271 67.07 -16.27 -55.07
CA GLN FA 271 68.06 -15.18 -55.02
C GLN FA 271 67.84 -14.29 -53.80
N ILE FA 272 66.59 -13.93 -53.51
CA ILE FA 272 66.35 -13.07 -52.35
C ILE FA 272 66.64 -13.82 -51.06
N ASN FA 273 66.34 -15.14 -51.02
CA ASN FA 273 66.69 -15.92 -49.84
C ASN FA 273 68.20 -15.93 -49.62
N ASP FA 274 68.96 -16.13 -50.70
CA ASP FA 274 70.42 -16.11 -50.59
C ASP FA 274 70.92 -14.74 -50.18
N LYS FA 275 70.30 -13.68 -50.70
CA LYS FA 275 70.69 -12.32 -50.32
C LYS FA 275 70.48 -12.10 -48.82
N SER FA 276 69.35 -12.58 -48.29
CA SER FA 276 69.10 -12.43 -46.87
C SER FA 276 70.10 -13.23 -46.04
N LYS FA 277 70.37 -14.47 -46.45
CA LYS FA 277 71.37 -15.26 -45.72
C LYS FA 277 72.76 -14.63 -45.81
N SER FA 278 73.04 -13.88 -46.89
CA SER FA 278 74.31 -13.17 -46.97
C SER FA 278 74.44 -12.17 -45.84
N PHE FA 279 73.38 -11.42 -45.55
CA PHE FA 279 73.35 -10.56 -44.39
C PHE FA 279 73.18 -11.39 -43.13
N ASN FA 280 74.16 -11.33 -42.23
CA ASN FA 280 74.12 -12.00 -40.94
C ASN FA 280 74.42 -11.01 -39.83
N ASP FA 281 73.76 -9.85 -39.89
CA ASP FA 281 73.92 -8.77 -38.94
C ASP FA 281 72.65 -8.63 -38.11
N GLU FA 282 72.82 -8.32 -36.82
CA GLU FA 282 71.67 -8.19 -35.93
C GLU FA 282 70.79 -7.01 -36.33
N ASN FA 283 71.41 -5.91 -36.76
CA ASN FA 283 70.72 -4.64 -36.98
C ASN FA 283 70.66 -4.28 -38.46
N ILE FA 284 70.39 -5.27 -39.32
CA ILE FA 284 70.14 -5.07 -40.74
C ILE FA 284 68.86 -5.83 -41.08
N VAL FA 285 68.00 -5.20 -41.88
CA VAL FA 285 66.72 -5.76 -42.28
C VAL FA 285 66.54 -5.55 -43.77
N ASN FA 286 65.98 -6.55 -44.45
CA ASN FA 286 65.70 -6.48 -45.88
C ASN FA 286 64.26 -6.90 -46.14
N VAL FA 287 63.61 -6.19 -47.08
CA VAL FA 287 62.27 -6.50 -47.54
C VAL FA 287 62.39 -7.12 -48.93
N GLY FA 288 61.82 -8.31 -49.09
CA GLY FA 288 61.93 -9.05 -50.33
C GLY FA 288 60.66 -9.10 -51.16
N SER FA 289 59.78 -8.11 -50.98
CA SER FA 289 58.50 -8.09 -51.68
C SER FA 289 58.06 -6.66 -51.92
N SER FA 290 57.71 -6.36 -53.18
CA SER FA 290 57.19 -5.05 -53.54
C SER FA 290 55.72 -4.95 -53.19
N ALA FA 291 55.22 -3.72 -53.16
CA ALA FA 291 53.84 -3.45 -52.76
C ALA FA 291 53.24 -2.36 -53.64
N TYR FA 292 51.91 -2.25 -53.57
CA TYR FA 292 51.13 -1.26 -54.30
C TYR FA 292 50.19 -0.59 -53.31
N TYR FA 293 50.11 0.74 -53.37
CA TYR FA 293 49.24 1.49 -52.47
C TYR FA 293 48.77 2.74 -53.18
N GLU FA 294 47.46 3.01 -53.12
CA GLU FA 294 46.81 4.03 -53.95
C GLU FA 294 47.14 3.82 -55.43
N ASN FA 295 47.18 2.55 -55.84
CA ASN FA 295 47.45 2.11 -57.20
C ASN FA 295 48.86 2.45 -57.68
N ILE FA 296 49.74 2.95 -56.81
CA ILE FA 296 51.11 3.31 -57.16
C ILE FA 296 52.02 2.23 -56.62
N LYS FA 297 53.00 1.82 -57.43
CA LYS FA 297 53.89 0.74 -57.03
C LYS FA 297 55.03 1.28 -56.16
N TYR FA 298 55.46 0.43 -55.22
CA TYR FA 298 56.63 0.65 -54.39
C TYR FA 298 57.50 -0.60 -54.43
N THR FA 299 58.75 -0.44 -54.87
CA THR FA 299 59.68 -1.56 -54.89
C THR FA 299 60.01 -1.95 -53.45
N PRO FA 300 60.54 -3.16 -53.23
CA PRO FA 300 60.76 -3.62 -51.85
C PRO FA 300 61.66 -2.70 -51.06
N SER FA 301 62.62 -2.05 -51.72
CA SER FA 301 63.47 -1.09 -51.03
C SER FA 301 62.69 0.16 -50.65
N GLU FA 302 61.81 0.64 -51.53
CA GLU FA 302 60.95 1.76 -51.17
C GLU FA 302 59.97 1.38 -50.06
N VAL FA 303 59.41 0.17 -50.12
CA VAL FA 303 58.51 -0.29 -49.07
C VAL FA 303 59.27 -0.42 -47.75
N ALA FA 304 60.58 -0.68 -47.80
CA ALA FA 304 61.36 -0.77 -46.58
C ALA FA 304 61.33 0.55 -45.80
N VAL FA 305 61.10 1.67 -46.48
CA VAL FA 305 60.96 2.95 -45.78
C VAL FA 305 59.78 2.90 -44.83
N TYR FA 306 58.61 2.48 -45.33
CA TYR FA 306 57.44 2.37 -44.47
C TYR FA 306 57.63 1.30 -43.41
N ILE FA 307 58.29 0.20 -43.76
CA ILE FA 307 58.51 -0.87 -42.79
C ILE FA 307 59.36 -0.37 -41.63
N ALA FA 308 60.45 0.34 -41.95
CA ALA FA 308 61.29 0.93 -40.92
C ALA FA 308 60.52 1.95 -40.10
N ALA FA 309 59.69 2.76 -40.77
CA ALA FA 309 58.93 3.78 -40.07
C ALA FA 309 57.96 3.16 -39.08
N LEU FA 310 57.27 2.08 -39.48
CA LEU FA 310 56.36 1.42 -38.57
C LEU FA 310 57.11 0.73 -37.44
N SER FA 311 58.28 0.16 -37.74
CA SER FA 311 59.09 -0.47 -36.69
C SER FA 311 59.51 0.55 -35.64
N VAL FA 312 59.91 1.74 -36.10
CA VAL FA 312 60.32 2.80 -35.18
C VAL FA 312 59.12 3.34 -34.42
N SER FA 313 57.97 3.48 -35.10
CA SER FA 313 56.77 3.98 -34.45
C SER FA 313 56.32 3.04 -33.33
N LYS FA 314 56.29 1.73 -33.60
CA LYS FA 314 56.06 0.77 -32.53
C LYS FA 314 57.15 0.87 -31.48
N GLY FA 315 58.40 0.93 -31.91
CA GLY FA 315 59.53 1.00 -31.00
C GLY FA 315 59.52 -0.13 -30.00
N ILE FA 316 59.21 0.20 -28.76
CA ILE FA 316 59.02 -0.77 -27.69
C ILE FA 316 57.54 -0.79 -27.36
N THR FA 317 57.09 -1.88 -26.71
CA THR FA 317 55.68 -2.17 -26.48
C THR FA 317 54.93 -2.42 -27.78
N GLY FA 318 55.64 -2.90 -28.80
CA GLY FA 318 55.00 -3.15 -30.08
C GLY FA 318 55.90 -3.97 -30.98
N SER FA 319 55.30 -4.49 -32.03
CA SER FA 319 56.01 -5.29 -33.02
C SER FA 319 55.23 -5.22 -34.32
N ILE FA 320 55.89 -5.63 -35.41
CA ILE FA 320 55.32 -5.53 -36.75
C ILE FA 320 55.25 -6.92 -37.36
N CYS FA 321 55.03 -7.94 -36.53
CA CYS FA 321 54.97 -9.31 -37.04
C CYS FA 321 53.79 -9.49 -37.97
N ASN FA 322 52.61 -9.02 -37.57
CA ASN FA 322 51.40 -9.08 -38.39
C ASN FA 322 50.64 -7.78 -38.29
N ALA FA 323 51.36 -6.66 -38.38
CA ALA FA 323 50.72 -5.36 -38.29
C ALA FA 323 49.93 -5.06 -39.56
N LYS FA 324 48.84 -4.32 -39.41
CA LYS FA 324 47.94 -3.97 -40.51
C LYS FA 324 48.60 -2.85 -41.31
N THR FA 325 49.34 -3.23 -42.34
CA THR FA 325 49.99 -2.23 -43.18
C THR FA 325 48.99 -1.59 -44.13
N ILE FA 326 49.26 -0.34 -44.49
CA ILE FA 326 48.34 0.41 -45.33
C ILE FA 326 48.30 -0.12 -46.77
N PHE FA 327 49.29 -0.91 -47.17
CA PHE FA 327 49.36 -1.35 -48.56
C PHE FA 327 48.20 -2.29 -48.88
N GLU FA 328 47.70 -2.17 -50.11
CA GLU FA 328 46.53 -2.92 -50.56
C GLU FA 328 46.86 -4.07 -51.51
N GLU FA 329 48.12 -4.28 -51.86
CA GLU FA 329 48.49 -5.43 -52.68
C GLU FA 329 50.01 -5.59 -52.59
N VAL FA 330 50.47 -6.85 -52.68
CA VAL FA 330 51.89 -7.19 -52.61
C VAL FA 330 52.20 -8.29 -53.62
N GLU FA 331 53.51 -8.56 -53.76
CA GLU FA 331 54.04 -9.55 -54.67
C GLU FA 331 55.50 -9.78 -54.32
N PRO FA 332 56.05 -11.00 -54.54
CA PRO FA 332 55.42 -12.25 -54.98
C PRO FA 332 54.84 -13.02 -53.80
N ARG FA 333 54.26 -14.22 -54.02
CA ARG FA 333 53.58 -14.98 -52.98
C ARG FA 333 54.14 -16.40 -52.95
N LEU FA 334 53.92 -17.06 -51.81
CA LEU FA 334 54.60 -18.31 -51.51
C LEU FA 334 53.67 -19.20 -50.68
N SER FA 335 53.95 -20.50 -50.69
CA SER FA 335 53.24 -21.47 -49.87
C SER FA 335 53.82 -21.48 -48.45
N GLN FA 336 53.09 -22.15 -47.53
CA GLN FA 336 53.52 -22.14 -46.13
C GLN FA 336 54.89 -22.76 -45.94
N SER FA 337 55.16 -23.88 -46.61
CA SER FA 337 56.50 -24.45 -46.54
C SER FA 337 57.53 -23.51 -47.16
N GLU FA 338 57.17 -22.86 -48.26
CA GLU FA 338 58.10 -21.93 -48.89
C GLU FA 338 58.28 -20.67 -48.05
N VAL FA 339 57.21 -20.20 -47.41
CA VAL FA 339 57.34 -19.09 -46.46
C VAL FA 339 58.23 -19.49 -45.29
N LYS FA 340 58.11 -20.73 -44.83
CA LYS FA 340 58.99 -21.21 -43.77
C LYS FA 340 60.44 -21.19 -44.21
N GLU FA 341 60.71 -21.68 -45.42
CA GLU FA 341 62.09 -21.67 -45.94
C GLU FA 341 62.61 -20.25 -46.06
N CYS FA 342 61.78 -19.35 -46.57
CA CYS FA 342 62.19 -17.96 -46.73
C CYS FA 342 62.46 -17.29 -45.39
N LEU FA 343 61.61 -17.54 -44.39
CA LEU FA 343 61.83 -16.95 -43.08
C LEU FA 343 63.09 -17.52 -42.42
N LYS FA 344 63.32 -18.83 -42.58
CA LYS FA 344 64.56 -19.41 -42.08
C LYS FA 344 65.77 -18.77 -42.74
N SER FA 345 65.67 -18.47 -44.04
CA SER FA 345 66.72 -17.71 -44.71
C SER FA 345 66.85 -16.31 -44.15
N GLY FA 346 65.76 -15.75 -43.61
CA GLY FA 346 65.78 -14.46 -42.95
C GLY FA 346 65.29 -13.33 -43.82
N THR FA 347 64.20 -13.54 -44.57
CA THR FA 347 63.59 -12.54 -45.41
C THR FA 347 62.29 -12.06 -44.79
N LEU FA 348 62.12 -10.74 -44.75
CA LEU FA 348 60.82 -10.17 -44.40
C LEU FA 348 59.95 -10.14 -45.66
N VAL FA 349 58.75 -10.70 -45.56
CA VAL FA 349 57.84 -10.84 -46.70
C VAL FA 349 56.47 -10.35 -46.28
N LEU FA 350 55.93 -9.39 -47.02
CA LEU FA 350 54.55 -8.96 -46.83
C LEU FA 350 53.61 -9.97 -47.47
N ASP FA 351 52.40 -10.05 -46.91
CA ASP FA 351 51.37 -10.95 -47.42
C ASP FA 351 50.03 -10.22 -47.41
N PHE FA 352 49.17 -10.60 -48.36
CA PHE FA 352 47.87 -9.98 -48.53
C PHE FA 352 46.87 -10.93 -47.87
N ASP FA 353 46.85 -10.90 -46.53
CA ASP FA 353 46.06 -11.88 -45.79
C ASP FA 353 44.58 -11.59 -45.86
N ASP FA 354 44.20 -10.32 -45.92
CA ASP FA 354 42.81 -9.91 -46.11
C ASP FA 354 42.86 -8.73 -47.07
N GLY FA 355 41.77 -7.95 -47.14
CA GLY FA 355 41.70 -6.80 -48.04
C GLY FA 355 42.86 -5.82 -47.89
N ASP FA 356 43.49 -5.79 -46.71
CA ASP FA 356 44.69 -5.01 -46.46
C ASP FA 356 45.88 -5.92 -46.21
N VAL FA 357 47.07 -5.41 -46.54
CA VAL FA 357 48.29 -6.21 -46.44
C VAL FA 357 48.69 -6.38 -44.98
N ILE FA 358 49.30 -7.52 -44.67
CA ILE FA 358 49.76 -7.86 -43.33
C ILE FA 358 51.14 -8.49 -43.42
N ILE FA 359 52.04 -8.09 -42.51
CA ILE FA 359 53.38 -8.67 -42.45
C ILE FA 359 53.29 -10.12 -41.99
N VAL FA 360 54.28 -10.92 -42.41
CA VAL FA 360 54.28 -12.34 -42.06
C VAL FA 360 54.88 -12.56 -40.67
N ASP FA 361 55.98 -11.89 -40.33
CA ASP FA 361 56.66 -12.11 -39.07
C ASP FA 361 57.70 -11.02 -38.90
N ASP FA 362 58.07 -10.75 -37.64
CA ASP FA 362 58.97 -9.66 -37.30
C ASP FA 362 60.39 -10.24 -37.19
N VAL FA 363 61.02 -10.41 -38.34
CA VAL FA 363 62.30 -11.11 -38.45
C VAL FA 363 63.34 -10.17 -39.06
N ASN FA 364 64.58 -10.35 -38.65
CA ASN FA 364 65.73 -9.61 -39.15
C ASN FA 364 66.64 -10.56 -39.92
N THR FA 365 67.72 -10.01 -40.49
CA THR FA 365 68.66 -10.82 -41.25
C THR FA 365 69.46 -11.79 -40.39
N PHE FA 366 69.41 -11.66 -39.06
CA PHE FA 366 70.15 -12.52 -38.16
C PHE FA 366 69.35 -13.74 -37.70
N LYS FA 367 68.43 -14.23 -38.53
CA LYS FA 367 67.75 -15.47 -38.20
C LYS FA 367 68.74 -16.60 -38.11
N LYS FA 368 69.71 -16.63 -39.02
CA LYS FA 368 70.76 -17.65 -38.95
C LYS FA 368 71.57 -17.42 -37.68
N TYR FA 369 71.21 -18.16 -36.63
CA TYR FA 369 71.85 -18.14 -35.32
C TYR FA 369 72.79 -19.33 -35.19
N VAL FA 370 73.49 -19.38 -34.06
CA VAL FA 370 74.40 -20.47 -33.73
C VAL FA 370 74.24 -20.80 -32.25
N ASP FA 371 74.81 -21.94 -31.85
CA ASP FA 371 74.51 -22.50 -30.53
C ASP FA 371 74.99 -21.59 -29.41
N ASP FA 372 76.10 -20.88 -29.61
CA ASP FA 372 76.65 -20.04 -28.55
C ASP FA 372 75.75 -18.83 -28.25
N LYS FA 373 74.84 -18.48 -29.15
CA LYS FA 373 73.86 -17.42 -28.96
C LYS FA 373 72.46 -18.00 -28.93
N ASN FA 374 71.52 -17.20 -28.44
CA ASN FA 374 70.14 -17.63 -28.30
C ASN FA 374 69.32 -17.27 -29.54
N GLU FA 375 68.11 -17.83 -29.60
CA GLU FA 375 67.24 -17.63 -30.75
C GLU FA 375 66.43 -16.35 -30.66
N ALA FA 376 66.24 -15.81 -29.46
CA ALA FA 376 65.34 -14.68 -29.28
C ALA FA 376 65.86 -13.40 -29.94
N MET FA 377 67.16 -13.31 -30.19
CA MET FA 377 67.76 -12.08 -30.70
C MET FA 377 67.66 -11.96 -32.22
N GLY FA 378 67.07 -12.95 -32.90
CA GLY FA 378 66.91 -12.89 -34.34
C GLY FA 378 65.62 -12.21 -34.80
N TYR FA 379 65.04 -11.37 -33.95
CA TYR FA 379 63.80 -10.67 -34.23
C TYR FA 379 64.00 -9.18 -34.05
N ILE FA 380 63.33 -8.38 -34.90
CA ILE FA 380 63.51 -6.93 -34.88
C ILE FA 380 63.11 -6.36 -33.53
N SER FA 381 62.04 -6.88 -32.93
CA SER FA 381 61.57 -6.35 -31.66
C SER FA 381 62.64 -6.49 -30.58
N ASN FA 382 63.29 -7.66 -30.53
CA ASN FA 382 64.34 -7.86 -29.52
C ASN FA 382 65.57 -7.01 -29.80
N ILE FA 383 65.91 -6.79 -31.07
CA ILE FA 383 67.02 -5.90 -31.39
C ILE FA 383 66.71 -4.48 -30.92
N MET FA 384 65.50 -3.99 -31.21
CA MET FA 384 65.14 -2.66 -30.78
C MET FA 384 65.10 -2.56 -29.27
N PHE FA 385 64.67 -3.63 -28.60
CA PHE FA 385 64.55 -3.65 -27.15
C PHE FA 385 65.92 -3.64 -26.48
N ILE FA 386 66.84 -4.47 -26.97
CA ILE FA 386 68.20 -4.50 -26.45
C ILE FA 386 68.91 -3.18 -26.76
N ASN FA 387 68.69 -2.63 -27.96
CA ASN FA 387 69.31 -1.37 -28.32
C ASN FA 387 68.80 -0.25 -27.43
N THR FA 388 67.50 -0.24 -27.15
CA THR FA 388 66.92 0.77 -26.29
C THR FA 388 67.47 0.68 -24.87
N ILE FA 389 67.63 -0.55 -24.36
CA ILE FA 389 68.23 -0.70 -23.02
C ILE FA 389 69.67 -0.20 -23.03
N ASN FA 390 70.45 -0.62 -24.02
CA ASN FA 390 71.87 -0.24 -24.04
C ASN FA 390 72.02 1.27 -24.15
N LYS FA 391 71.16 1.91 -24.94
CA LYS FA 391 71.18 3.37 -25.02
C LYS FA 391 70.75 4.00 -23.70
N ASP FA 392 69.62 3.56 -23.14
CA ASP FA 392 69.05 4.22 -21.96
C ASP FA 392 69.99 4.10 -20.77
N THR FA 393 70.57 2.92 -20.55
CA THR FA 393 71.63 2.81 -19.56
C THR FA 393 72.83 3.64 -19.96
N SER FA 394 73.14 3.68 -21.26
CA SER FA 394 74.25 4.48 -21.75
C SER FA 394 73.96 5.99 -21.73
N LEU FA 395 72.69 6.39 -21.63
CA LEU FA 395 72.37 7.80 -21.43
C LEU FA 395 72.71 8.27 -20.01
N LYS FA 396 72.96 7.36 -19.08
CA LYS FA 396 73.29 7.74 -17.71
C LYS FA 396 74.76 8.09 -17.55
N ARG FA 397 75.30 8.97 -18.39
CA ARG FA 397 76.65 9.50 -18.19
C ARG FA 397 76.70 11.00 -17.99
N LYS FA 398 75.61 11.72 -18.22
CA LYS FA 398 75.68 13.17 -18.25
C LYS FA 398 75.79 13.76 -16.84
N GLU FA 399 75.58 12.93 -15.81
CA GLU FA 399 75.68 13.35 -14.41
C GLU FA 399 76.37 12.30 -13.55
N PHE FA 400 77.04 11.33 -14.18
CA PHE FA 400 77.22 10.02 -13.58
C PHE FA 400 78.65 9.50 -13.67
N VAL FA 401 79.32 9.79 -14.78
CA VAL FA 401 80.70 9.37 -15.04
C VAL FA 401 81.61 10.58 -14.88
N GLY FA 402 82.64 10.44 -14.05
CA GLY FA 402 83.49 11.54 -13.71
C GLY FA 402 82.92 12.48 -12.68
N LYS FA 403 81.69 12.21 -12.20
CA LYS FA 403 80.98 13.08 -11.29
C LYS FA 403 80.48 12.32 -10.06
N ILE FA 404 80.83 11.03 -9.93
CA ILE FA 404 80.43 10.17 -8.82
C ILE FA 404 81.66 9.47 -8.28
N PHE FA 405 81.63 9.13 -7.00
CA PHE FA 405 82.71 8.41 -6.35
C PHE FA 405 82.55 6.90 -6.60
N ASN FA 406 83.61 6.15 -6.31
CA ASN FA 406 83.65 4.70 -6.54
C ASN FA 406 83.70 3.94 -5.23
N ASP FA 407 82.90 4.37 -4.26
CA ASP FA 407 82.72 3.71 -2.97
C ASP FA 407 81.35 3.04 -2.93
N ALA FA 408 81.06 2.41 -1.79
CA ALA FA 408 79.80 1.69 -1.64
C ALA FA 408 78.59 2.61 -1.81
N THR FA 409 78.70 3.86 -1.33
CA THR FA 409 77.60 4.81 -1.49
C THR FA 409 77.35 5.10 -2.95
N GLY FA 410 78.42 5.40 -3.70
CA GLY FA 410 78.25 5.70 -5.11
C GLY FA 410 77.73 4.52 -5.90
N GLN FA 411 78.26 3.33 -5.64
CA GLN FA 411 77.80 2.13 -6.34
C GLN FA 411 76.34 1.85 -6.02
N THR FA 412 75.93 2.06 -4.77
CA THR FA 412 74.53 1.84 -4.42
C THR FA 412 73.63 2.86 -5.09
N THR FA 413 74.08 4.11 -5.21
CA THR FA 413 73.29 5.08 -5.98
C THR FA 413 73.19 4.67 -7.44
N VAL FA 414 74.27 4.11 -7.99
CA VAL FA 414 74.26 3.62 -9.37
C VAL FA 414 73.20 2.56 -9.54
N ILE FA 415 73.22 1.56 -8.66
CA ILE FA 415 72.28 0.45 -8.75
C ILE FA 415 70.87 0.95 -8.52
N CYS FA 416 70.69 1.93 -7.64
CA CYS FA 416 69.37 2.51 -7.43
C CYS FA 416 68.85 3.17 -8.70
N ALA FA 417 69.70 3.93 -9.39
CA ALA FA 417 69.26 4.60 -10.62
C ALA FA 417 68.92 3.59 -11.71
N LEU FA 418 69.76 2.56 -11.87
CA LEU FA 418 69.49 1.56 -12.90
C LEU FA 418 68.24 0.77 -12.57
N LYS FA 419 68.05 0.43 -11.29
CA LYS FA 419 66.82 -0.24 -10.87
C LYS FA 419 65.61 0.66 -11.09
N LYS FA 420 65.77 1.97 -10.87
CA LYS FA 420 64.68 2.89 -11.15
C LYS FA 420 64.29 2.85 -12.62
N TYR FA 421 65.29 2.85 -13.51
CA TYR FA 421 64.99 2.81 -14.93
C TYR FA 421 64.29 1.50 -15.29
N PHE FA 422 64.75 0.38 -14.73
CA PHE FA 422 64.11 -0.90 -15.03
C PHE FA 422 62.68 -0.95 -14.47
N GLU FA 423 62.48 -0.39 -13.27
CA GLU FA 423 61.15 -0.40 -12.66
C GLU FA 423 60.17 0.46 -13.45
N GLU FA 424 60.60 1.64 -13.89
CA GLU FA 424 59.75 2.42 -14.78
C GLU FA 424 59.52 1.70 -16.10
N LEU FA 425 60.52 0.98 -16.58
CA LEU FA 425 60.33 0.17 -17.79
C LEU FA 425 59.34 -0.95 -17.55
N MET FA 426 59.41 -1.59 -16.37
CA MET FA 426 58.44 -2.61 -16.02
C MET FA 426 57.04 -2.04 -15.88
N SER FA 427 56.92 -0.74 -15.61
CA SER FA 427 55.61 -0.13 -15.44
C SER FA 427 54.78 -0.17 -16.71
N GLN FA 428 55.42 -0.14 -17.88
CA GLN FA 428 54.68 -0.26 -19.14
C GLN FA 428 54.35 -1.71 -19.49
N GLY FA 429 54.70 -2.67 -18.63
CA GLY FA 429 54.45 -4.07 -18.92
C GLY FA 429 55.41 -4.70 -19.89
N ILE FA 430 56.51 -4.03 -20.22
CA ILE FA 430 57.46 -4.57 -21.18
C ILE FA 430 58.18 -5.79 -20.60
N ILE FA 431 58.33 -5.84 -19.29
CA ILE FA 431 59.10 -6.88 -18.61
C ILE FA 431 58.22 -7.50 -17.52
N SER FA 432 58.41 -8.80 -17.31
CA SER FA 432 57.70 -9.51 -16.24
C SER FA 432 58.50 -9.51 -14.94
N GLU FA 433 59.82 -9.66 -15.02
CA GLU FA 433 60.68 -9.63 -13.85
C GLU FA 433 62.07 -9.16 -14.28
N PHE FA 434 62.81 -8.60 -13.33
CA PHE FA 434 64.15 -8.12 -13.60
C PHE FA 434 65.00 -8.21 -12.35
N ASN FA 435 66.30 -8.10 -12.56
CA ASN FA 435 67.28 -8.08 -11.48
C ASN FA 435 68.41 -7.15 -11.89
N VAL FA 436 68.90 -6.35 -10.95
CA VAL FA 436 70.06 -5.50 -11.16
C VAL FA 436 70.86 -5.47 -9.87
N ASP FA 437 72.12 -5.90 -9.95
CA ASP FA 437 72.99 -6.09 -8.79
C ASP FA 437 74.43 -5.88 -9.23
N ILE FA 438 75.33 -5.93 -8.26
CA ILE FA 438 76.76 -5.79 -8.52
C ILE FA 438 77.28 -7.11 -9.09
N ASP FA 439 78.21 -7.01 -10.03
CA ASP FA 439 78.86 -8.19 -10.62
C ASP FA 439 80.07 -8.55 -9.75
N THR FA 440 79.80 -9.31 -8.69
CA THR FA 440 80.81 -9.55 -7.67
C THR FA 440 82.00 -10.32 -8.21
N GLU FA 441 81.75 -11.30 -9.08
CA GLU FA 441 82.82 -12.14 -9.61
C GLU FA 441 83.88 -11.29 -10.30
N LEU FA 442 83.46 -10.40 -11.19
CA LEU FA 442 84.40 -9.53 -11.87
C LEU FA 442 84.84 -8.39 -10.96
N GLN FA 443 83.94 -7.88 -10.11
CA GLN FA 443 84.27 -6.72 -9.29
C GLN FA 443 85.38 -7.02 -8.30
N ALA FA 444 85.52 -8.29 -7.90
CA ALA FA 444 86.63 -8.64 -7.02
C ALA FA 444 87.97 -8.37 -7.68
N THR FA 445 88.09 -8.67 -8.97
CA THR FA 445 89.30 -8.44 -9.73
C THR FA 445 89.35 -7.06 -10.37
N ALA FA 446 88.39 -6.19 -10.07
CA ALA FA 446 88.33 -4.89 -10.72
C ALA FA 446 89.48 -4.00 -10.31
N LYS FA 447 89.84 -3.09 -11.21
CA LYS FA 447 90.70 -1.97 -10.88
C LYS FA 447 89.89 -0.93 -10.12
N ALA FA 448 90.59 -0.03 -9.44
CA ALA FA 448 89.95 0.95 -8.56
C ALA FA 448 88.91 1.80 -9.29
N ASP FA 449 89.21 2.20 -10.52
CA ASP FA 449 88.29 3.05 -11.27
C ASP FA 449 87.11 2.27 -11.83
N GLU FA 450 87.31 1.01 -12.18
CA GLU FA 450 86.28 0.22 -12.84
C GLU FA 450 85.14 -0.09 -11.88
N PHE FA 451 83.92 -0.04 -12.39
CA PHE FA 451 82.73 -0.52 -11.70
C PHE FA 451 82.02 -1.52 -12.59
N TYR FA 452 81.63 -2.67 -12.04
CA TYR FA 452 81.10 -3.76 -12.83
C TYR FA 452 79.72 -4.10 -12.27
N TRP FA 453 78.73 -4.22 -13.14
CA TRP FA 453 77.40 -4.64 -12.74
C TRP FA 453 76.81 -5.59 -13.76
N LYS FA 454 75.70 -6.22 -13.38
CA LYS FA 454 75.00 -7.17 -14.22
C LYS FA 454 73.50 -6.98 -14.05
N TRP FA 455 72.74 -7.39 -15.06
CA TRP FA 455 71.29 -7.31 -15.02
C TRP FA 455 70.65 -8.48 -15.74
N ASP FA 456 69.45 -8.83 -15.30
CA ASP FA 456 68.63 -9.87 -15.90
C ASP FA 456 67.27 -9.26 -16.22
N ALA FA 457 66.59 -9.83 -17.20
CA ALA FA 457 65.22 -9.45 -17.50
C ALA FA 457 64.51 -10.59 -18.18
N VAL FA 458 63.18 -10.54 -18.13
CA VAL FA 458 62.34 -11.52 -18.81
C VAL FA 458 61.24 -10.76 -19.54
N LYS FA 459 61.36 -10.67 -20.86
CA LYS FA 459 60.34 -10.00 -21.66
C LYS FA 459 59.01 -10.71 -21.55
N VAL FA 460 57.94 -9.93 -21.52
CA VAL FA 460 56.60 -10.51 -21.46
C VAL FA 460 56.29 -11.22 -22.77
N ASP FA 461 55.66 -12.38 -22.66
CA ASP FA 461 55.33 -13.17 -23.84
C ASP FA 461 54.16 -12.53 -24.58
N VAL FA 462 54.21 -12.64 -25.91
CA VAL FA 462 53.18 -12.13 -26.81
C VAL FA 462 52.69 -13.30 -27.64
N MET FA 463 51.37 -13.49 -27.68
CA MET FA 463 50.81 -14.57 -28.49
C MET FA 463 51.15 -14.37 -29.96
N LYS FA 464 51.70 -15.42 -30.58
CA LYS FA 464 51.93 -15.48 -32.01
C LYS FA 464 51.25 -16.67 -32.66
N LYS FA 465 51.32 -17.84 -32.03
CA LYS FA 465 50.75 -19.08 -32.56
C LYS FA 465 49.62 -19.53 -31.67
N ILE FA 466 48.48 -19.84 -32.28
CA ILE FA 466 47.25 -20.21 -31.58
C ILE FA 466 46.66 -21.41 -32.31
N TYR FA 467 46.41 -22.51 -31.60
CA TYR FA 467 45.90 -23.72 -32.23
C TYR FA 467 44.57 -24.07 -31.58
N GLY FA 468 43.55 -24.30 -32.39
CA GLY FA 468 42.23 -24.69 -31.92
C GLY FA 468 41.83 -26.08 -32.38
N THR FA 469 41.47 -26.94 -31.43
CA THR FA 469 41.08 -28.32 -31.71
C THR FA 469 39.55 -28.40 -31.71
N GLY FA 470 38.97 -28.65 -32.88
CA GLY FA 470 37.53 -28.69 -33.01
C GLY FA 470 36.95 -30.07 -32.81
N TYR FA 471 35.67 -30.09 -32.45
CA TYR FA 471 34.90 -31.31 -32.28
C TYR FA 471 33.45 -31.01 -32.64
N LEU FA 472 32.69 -32.06 -32.92
CA LEU FA 472 31.29 -31.90 -33.33
C LEU FA 472 30.41 -33.07 -32.91
N ILE GA 7 48.96 -2.32 66.55
CA ILE GA 7 49.68 -2.59 67.81
C ILE GA 7 50.34 -3.96 67.74
N GLU GA 8 49.53 -5.01 67.63
CA GLU GA 8 50.02 -6.37 67.80
C GLU GA 8 50.89 -6.76 66.60
N GLU GA 9 52.16 -7.01 66.88
CA GLU GA 9 53.09 -7.49 65.86
C GLU GA 9 52.67 -8.82 65.26
N ALA GA 10 52.04 -9.69 66.07
CA ALA GA 10 51.80 -11.05 65.64
C ALA GA 10 50.69 -11.16 64.60
N SER GA 11 49.84 -10.15 64.47
CA SER GA 11 48.71 -10.24 63.56
C SER GA 11 49.15 -10.21 62.10
N PHE GA 12 50.27 -9.57 61.81
CA PHE GA 12 50.74 -9.48 60.43
C PHE GA 12 51.16 -10.84 59.90
N LEU GA 13 50.88 -11.06 58.62
CA LEU GA 13 51.12 -12.31 57.94
C LEU GA 13 52.10 -12.09 56.80
N ASN GA 14 53.17 -12.86 56.78
CA ASN GA 14 54.19 -12.73 55.76
C ASN GA 14 53.87 -13.65 54.58
N GLY GA 15 54.46 -13.33 53.43
CA GLY GA 15 54.32 -14.19 52.28
C GLY GA 15 54.94 -15.55 52.45
N SER GA 16 55.90 -15.68 53.36
CA SER GA 16 56.60 -16.93 53.60
C SER GA 16 55.72 -18.00 54.24
N ASP GA 17 54.57 -17.63 54.79
CA ASP GA 17 53.66 -18.56 55.44
C ASP GA 17 52.59 -19.08 54.48
N VAL GA 18 52.95 -19.25 53.22
CA VAL GA 18 52.02 -19.51 52.12
C VAL GA 18 52.32 -20.88 51.53
N VAL GA 19 51.28 -21.67 51.31
CA VAL GA 19 51.38 -22.92 50.58
C VAL GA 19 50.23 -22.99 49.59
N ILE GA 20 50.54 -23.33 48.34
CA ILE GA 20 49.59 -23.31 47.24
C ILE GA 20 49.46 -24.72 46.69
N LEU GA 21 48.22 -25.16 46.46
CA LEU GA 21 47.91 -26.46 45.89
C LEU GA 21 47.18 -26.24 44.57
N ILE GA 22 47.77 -26.73 43.49
CA ILE GA 22 47.17 -26.69 42.15
C ILE GA 22 46.66 -28.09 41.86
N ASP GA 23 45.34 -28.25 41.83
CA ASP GA 23 44.71 -29.54 41.55
C ASP GA 23 45.17 -30.59 42.57
N GLY GA 24 45.32 -30.16 43.83
CA GLY GA 24 45.61 -31.05 44.93
C GLY GA 24 47.06 -31.34 45.20
N VAL GA 25 47.98 -30.91 44.33
CA VAL GA 25 49.40 -31.13 44.50
C VAL GA 25 50.06 -29.79 44.79
N GLU GA 26 50.95 -29.77 45.79
CA GLU GA 26 51.53 -28.53 46.25
C GLU GA 26 52.45 -27.92 45.19
N GLU GA 27 52.38 -26.60 45.07
CA GLU GA 27 53.22 -25.83 44.17
C GLU GA 27 54.22 -25.05 45.01
N LEU GA 28 55.51 -25.29 44.78
CA LEU GA 28 56.57 -24.79 45.65
C LEU GA 28 57.32 -23.60 45.06
N TYR GA 29 57.34 -23.45 43.75
CA TYR GA 29 58.19 -22.48 43.06
C TYR GA 29 57.41 -21.26 42.60
N MET GA 30 56.46 -20.79 43.40
CA MET GA 30 55.65 -19.63 43.07
C MET GA 30 56.18 -18.38 43.75
N GLU GA 31 56.08 -17.25 43.05
CA GLU GA 31 56.56 -15.96 43.51
C GLU GA 31 55.45 -15.08 44.05
N GLU GA 32 54.29 -15.06 43.40
CA GLU GA 32 53.15 -14.30 43.91
C GLU GA 32 51.87 -14.87 43.32
N ILE GA 33 50.77 -14.55 44.00
CA ILE GA 33 49.44 -15.01 43.62
C ILE GA 33 48.43 -13.92 43.92
N LYS GA 34 47.41 -13.83 43.06
CA LYS GA 34 46.34 -12.85 43.20
C LYS GA 34 45.02 -13.54 42.89
N ALA GA 35 43.96 -13.10 43.55
CA ALA GA 35 42.62 -13.58 43.22
C ALA GA 35 41.61 -12.55 43.69
N ASP GA 36 40.71 -12.17 42.79
CA ASP GA 36 39.66 -11.20 43.07
C ASP GA 36 38.33 -11.74 42.57
N PHE GA 37 37.26 -11.38 43.28
CA PHE GA 37 35.89 -11.74 42.96
C PHE GA 37 35.13 -10.46 42.72
N GLU GA 38 34.90 -10.13 41.45
CA GLU GA 38 34.52 -8.79 41.02
C GLU GA 38 33.04 -8.71 40.69
N GLN GA 39 32.42 -7.60 41.08
CA GLN GA 39 31.04 -7.30 40.69
C GLN GA 39 30.96 -6.82 39.25
N ASP GA 40 29.81 -7.07 38.63
CA ASP GA 40 29.35 -6.27 37.50
C ASP GA 40 28.30 -5.28 38.00
N GLU GA 41 28.80 -4.32 38.80
CA GLU GA 41 27.92 -3.44 39.57
C GLU GA 41 26.99 -2.65 38.66
N GLN GA 42 25.71 -2.65 39.03
CA GLN GA 42 24.66 -2.01 38.24
C GLN GA 42 24.35 -0.65 38.82
N SER GA 43 24.48 0.38 37.99
CA SER GA 43 24.20 1.75 38.40
C SER GA 43 22.76 2.10 38.03
N ILE GA 44 22.06 2.72 38.98
CA ILE GA 44 20.66 3.07 38.84
C ILE GA 44 20.52 4.55 39.12
N LYS GA 45 19.84 5.26 38.22
CA LYS GA 45 19.47 6.66 38.40
C LYS GA 45 17.96 6.75 38.40
N LEU GA 46 17.42 7.46 39.38
CA LEU GA 46 15.98 7.62 39.54
C LEU GA 46 15.57 9.07 39.34
N LEU GA 47 14.32 9.25 38.95
CA LEU GA 47 13.84 10.58 38.60
C LEU GA 47 13.70 11.48 39.82
N GLY GA 48 13.21 10.95 40.93
CA GLY GA 48 13.03 11.76 42.11
C GLY GA 48 14.25 11.93 42.98
N CYS GA 49 15.34 11.24 42.68
CA CYS GA 49 16.49 11.14 43.56
C CYS GA 49 17.74 11.60 42.83
N GLN GA 50 18.65 12.23 43.56
CA GLN GA 50 19.79 12.94 42.99
C GLN GA 50 21.12 12.25 43.29
N ASN GA 51 21.11 10.96 43.62
CA ASN GA 51 22.33 10.18 43.73
C ASN GA 51 22.12 8.82 43.10
N GLU GA 52 23.20 8.24 42.57
CA GLU GA 52 23.12 6.95 41.94
C GLU GA 52 22.93 5.85 42.97
N ILE GA 53 22.11 4.86 42.62
CA ILE GA 53 21.92 3.66 43.41
C ILE GA 53 22.68 2.52 42.75
N SER GA 54 23.49 1.82 43.55
CA SER GA 54 24.33 0.74 43.09
C SER GA 54 23.80 -0.59 43.61
N ARG GA 55 23.75 -1.59 42.74
CA ARG GA 55 23.26 -2.91 43.06
C ARG GA 55 24.26 -3.96 42.60
N VAL GA 56 24.20 -5.12 43.23
CA VAL GA 56 25.14 -6.20 42.93
C VAL GA 56 24.72 -6.87 41.63
N GLY GA 57 25.68 -7.00 40.72
CA GLY GA 57 25.50 -7.74 39.50
C GLY GA 57 26.12 -9.11 39.58
N THR GA 58 26.33 -9.71 38.41
CA THR GA 58 26.94 -11.03 38.35
C THR GA 58 28.40 -10.96 38.80
N THR GA 59 28.82 -12.00 39.52
CA THR GA 59 30.15 -12.07 40.08
C THR GA 59 31.05 -12.93 39.19
N LYS GA 60 32.25 -12.43 38.92
CA LYS GA 60 33.27 -13.15 38.18
C LYS GA 60 34.54 -13.18 39.01
N GLY GA 61 35.28 -14.28 38.88
CA GLY GA 61 36.56 -14.45 39.54
C GLY GA 61 37.69 -14.32 38.53
N SER GA 62 38.77 -13.67 38.95
CA SER GA 62 39.98 -13.54 38.17
C SER GA 62 41.18 -13.79 39.07
N PHE GA 63 42.13 -14.58 38.59
CA PHE GA 63 43.34 -14.89 39.33
C PHE GA 63 44.55 -14.66 38.43
N SER GA 64 45.68 -14.35 39.05
CA SER GA 64 46.98 -14.39 38.41
C SER GA 64 47.95 -15.10 39.34
N LEU GA 65 48.97 -15.70 38.74
CA LEU GA 65 49.82 -16.67 39.44
C LEU GA 65 51.18 -16.67 38.77
N ASN GA 66 52.14 -15.99 39.39
CA ASN GA 66 53.49 -15.84 38.86
C ASN GA 66 54.45 -16.72 39.64
N GLY GA 67 55.38 -17.33 38.93
CA GLY GA 67 56.32 -18.23 39.57
C GLY GA 67 57.52 -18.51 38.70
N TYR GA 68 58.26 -19.53 39.11
CA TYR GA 68 59.48 -19.98 38.45
C TYR GA 68 59.22 -21.31 37.76
N LYS GA 69 59.67 -21.43 36.52
CA LYS GA 69 59.41 -22.61 35.73
C LYS GA 69 60.33 -23.75 36.16
N THR GA 70 59.71 -24.88 36.47
CA THR GA 70 60.42 -26.12 36.75
C THR GA 70 59.87 -27.32 35.99
N ASP GA 71 58.75 -27.17 35.30
CA ASP GA 71 58.14 -28.24 34.54
C ASP GA 71 57.19 -27.62 33.54
N SER GA 72 56.61 -28.46 32.69
CA SER GA 72 55.60 -28.05 31.72
C SER GA 72 54.19 -28.31 32.24
N LYS GA 73 54.00 -28.10 33.55
CA LYS GA 73 52.72 -28.42 34.18
C LYS GA 73 51.57 -27.66 33.54
N PHE GA 74 51.75 -26.36 33.34
CA PHE GA 74 50.66 -25.55 32.82
C PHE GA 74 50.44 -25.79 31.33
N ALA GA 75 51.49 -26.14 30.59
CA ALA GA 75 51.32 -26.46 29.17
C ALA GA 75 50.53 -27.76 28.99
N LYS GA 76 50.86 -28.80 29.78
CA LYS GA 76 50.02 -30.00 29.79
C LYS GA 76 48.62 -29.70 30.29
N LEU GA 77 48.52 -28.85 31.31
CA LEU GA 77 47.22 -28.56 31.91
C LEU GA 77 46.27 -27.95 30.90
N GLY GA 78 46.80 -27.22 29.93
CA GLY GA 78 45.98 -26.67 28.88
C GLY GA 78 44.92 -25.74 29.43
N PHE GA 79 43.73 -25.82 28.86
CA PHE GA 79 42.59 -25.01 29.27
C PHE GA 79 41.59 -25.82 30.08
N ARG GA 80 41.99 -26.97 30.61
CA ARG GA 80 41.12 -27.74 31.48
C ARG GA 80 40.85 -26.97 32.77
N SER GA 81 39.70 -27.26 33.37
CA SER GA 81 39.34 -26.68 34.64
C SER GA 81 40.12 -27.33 35.77
N PHE GA 82 40.56 -26.52 36.73
CA PHE GA 82 41.29 -27.00 37.89
C PHE GA 82 40.89 -26.15 39.09
N GLU GA 83 41.40 -26.53 40.25
CA GLU GA 83 41.14 -25.83 41.51
C GLU GA 83 42.45 -25.35 42.11
N ILE GA 84 42.34 -24.27 42.87
CA ILE GA 84 43.46 -23.68 43.60
C ILE GA 84 43.04 -23.58 45.06
N ILE GA 85 43.78 -24.23 45.94
CA ILE GA 85 43.61 -24.11 47.39
C ILE GA 85 44.78 -23.29 47.90
N TYR GA 86 44.46 -22.16 48.53
CA TYR GA 86 45.44 -21.21 49.03
C TYR GA 86 45.33 -21.14 50.54
N ASN GA 87 46.42 -21.48 51.23
CA ASN GA 87 46.48 -21.45 52.68
C ASN GA 87 47.51 -20.42 53.12
N LEU GA 88 47.09 -19.49 53.96
CA LEU GA 88 47.95 -18.48 54.56
C LEU GA 88 47.88 -18.67 56.06
N SER GA 89 48.99 -19.08 56.65
CA SER GA 89 49.05 -19.42 58.07
C SER GA 89 49.77 -18.33 58.86
N ASN GA 90 49.41 -18.23 60.14
CA ASN GA 90 50.16 -17.46 61.11
C ASN GA 90 51.08 -18.38 61.89
N SER GA 91 52.25 -17.86 62.25
CA SER GA 91 53.23 -18.59 63.03
C SER GA 91 53.20 -18.22 64.51
N GLU GA 92 53.23 -16.92 64.82
CA GLU GA 92 53.17 -16.50 66.21
C GLU GA 92 51.83 -16.89 66.84
N THR GA 93 50.75 -16.76 66.08
CA THR GA 93 49.47 -17.36 66.39
C THR GA 93 49.32 -18.63 65.57
N LEU GA 94 48.41 -19.50 66.00
CA LEU GA 94 48.17 -20.77 65.31
C LEU GA 94 47.05 -20.68 64.28
N GLY GA 95 46.44 -19.51 64.11
CA GLY GA 95 45.35 -19.39 63.16
C GLY GA 95 45.84 -19.41 61.73
N TYR GA 96 44.91 -19.72 60.83
CA TYR GA 96 45.23 -19.77 59.41
C TYR GA 96 43.96 -19.58 58.59
N GLU GA 97 44.17 -19.09 57.37
CA GLU GA 97 43.12 -18.91 56.38
C GLU GA 97 43.32 -19.93 55.27
N SER GA 98 42.23 -20.45 54.75
CA SER GA 98 42.27 -21.36 53.60
C SER GA 98 41.16 -20.99 52.64
N ILE GA 99 41.51 -20.79 51.37
CA ILE GA 99 40.58 -20.36 50.33
C ILE GA 99 40.72 -21.33 49.17
N ARG GA 100 39.59 -21.83 48.69
CA ARG GA 100 39.54 -22.78 47.57
C ARG GA 100 38.86 -22.07 46.41
N LEU GA 101 39.62 -21.84 45.34
CA LEU GA 101 39.07 -21.32 44.10
C LEU GA 101 38.66 -22.48 43.20
N LYS GA 102 37.42 -22.43 42.73
CA LYS GA 102 36.80 -23.53 42.00
C LYS GA 102 36.63 -23.19 40.53
N ASN GA 103 36.73 -24.22 39.69
CA ASN GA 103 36.55 -24.09 38.24
C ASN GA 103 37.53 -23.07 37.66
N CYS GA 104 38.75 -23.08 38.17
CA CYS GA 104 39.79 -22.20 37.65
C CYS GA 104 40.21 -22.66 36.27
N ARG GA 105 40.43 -21.70 35.38
CA ARG GA 105 40.74 -21.99 34.00
C ARG GA 105 41.67 -20.92 33.46
N LEU GA 106 42.71 -21.33 32.75
CA LEU GA 106 43.72 -20.41 32.26
C LEU GA 106 43.20 -19.62 31.07
N LYS GA 107 43.51 -18.33 31.05
CA LYS GA 107 43.19 -17.49 29.90
C LYS GA 107 44.19 -17.72 28.78
N LYS GA 108 45.46 -17.94 29.11
CA LYS GA 108 46.49 -18.20 28.12
C LYS GA 108 47.53 -19.15 28.69
N LEU GA 109 48.17 -19.90 27.80
CA LEU GA 109 49.17 -20.89 28.16
C LEU GA 109 50.56 -20.24 28.13
N PRO GA 110 51.36 -20.32 29.21
CA PRO GA 110 52.72 -19.76 29.11
C PRO GA 110 53.68 -20.75 28.47
N LEU GA 111 53.61 -20.85 27.14
CA LEU GA 111 54.42 -21.83 26.44
C LEU GA 111 55.90 -21.53 26.56
N ILE GA 112 56.28 -20.28 26.26
CA ILE GA 112 57.69 -19.87 26.24
C ILE GA 112 57.79 -18.51 26.92
N ASN GA 113 58.73 -18.39 27.84
CA ASN GA 113 59.07 -17.10 28.43
C ASN GA 113 60.49 -17.22 28.99
N SER GA 114 61.47 -16.72 28.25
CA SER GA 114 62.86 -16.78 28.69
C SER GA 114 63.60 -15.55 28.21
N LYS GA 115 64.53 -15.09 29.03
CA LYS GA 115 65.38 -13.94 28.74
C LYS GA 115 66.83 -14.40 28.81
N ALA GA 116 67.73 -13.51 28.38
CA ALA GA 116 69.10 -13.91 28.05
C ALA GA 116 69.84 -14.52 29.23
N GLY GA 117 69.81 -13.84 30.37
CA GLY GA 117 70.60 -14.26 31.53
C GLY GA 117 69.83 -14.32 32.82
N GLU GA 118 68.51 -14.41 32.74
CA GLU GA 118 67.63 -14.45 33.89
C GLU GA 118 67.05 -15.85 34.08
N ILE GA 119 66.55 -16.10 35.28
CA ILE GA 119 65.92 -17.36 35.59
C ILE GA 119 64.58 -17.43 34.89
N VAL GA 120 64.28 -18.59 34.30
CA VAL GA 120 63.05 -18.75 33.53
C VAL GA 120 61.87 -18.67 34.49
N LYS GA 121 61.00 -17.70 34.26
CA LYS GA 121 59.80 -17.48 35.05
C LYS GA 121 58.57 -17.84 34.24
N ILE GA 122 57.51 -18.17 34.97
CA ILE GA 122 56.22 -18.53 34.39
C ILE GA 122 55.15 -17.67 35.05
N GLU GA 123 54.30 -17.05 34.24
CA GLU GA 123 53.21 -16.22 34.72
C GLU GA 123 51.94 -16.62 33.97
N VAL GA 124 50.87 -16.86 34.73
CA VAL GA 124 49.58 -17.25 34.18
C VAL GA 124 48.49 -16.40 34.80
N GLU GA 125 47.39 -16.30 34.07
CA GLU GA 125 46.19 -15.61 34.52
C GLU GA 125 44.99 -16.42 34.07
N GLY GA 126 43.86 -16.19 34.72
CA GLY GA 126 42.67 -16.94 34.39
C GLY GA 126 41.48 -16.46 35.18
N SER GA 127 40.42 -17.26 35.14
CA SER GA 127 39.16 -16.95 35.77
C SER GA 127 38.67 -18.15 36.56
N PHE GA 128 37.92 -17.88 37.61
CA PHE GA 128 37.29 -18.91 38.42
C PHE GA 128 35.85 -18.52 38.71
N ARG GA 129 35.01 -19.54 38.94
CA ARG GA 129 33.58 -19.33 39.09
C ARG GA 129 33.25 -18.79 40.48
N GLY GA 130 33.64 -19.53 41.51
CA GLY GA 130 33.33 -19.18 42.88
C GLY GA 130 34.44 -19.61 43.81
N TYR GA 131 34.25 -19.33 45.09
CA TYR GA 131 35.25 -19.58 46.11
C TYR GA 131 34.58 -20.15 47.35
N ASP GA 132 35.34 -20.98 48.08
CA ASP GA 132 34.95 -21.49 49.38
C ASP GA 132 35.98 -21.03 50.40
N LEU GA 133 35.52 -20.33 51.43
CA LEU GA 133 36.38 -19.88 52.54
C LEU GA 133 36.42 -21.02 53.55
N LEU GA 134 37.35 -21.95 53.34
CA LEU GA 134 37.40 -23.16 54.15
C LEU GA 134 37.73 -22.85 55.60
N ASN GA 135 38.70 -21.98 55.83
CA ASN GA 135 39.16 -21.63 57.16
C ASN GA 135 39.54 -20.17 57.18
N GLU GA 136 39.87 -19.66 58.35
CA GLU GA 136 39.99 -18.22 58.56
C GLU GA 136 40.63 -17.85 59.88
N GLU HA 13 57.09 -23.12 -36.58
CA GLU HA 13 55.80 -22.73 -37.21
C GLU HA 13 55.73 -21.22 -37.42
N ILE HA 14 54.60 -20.77 -37.94
CA ILE HA 14 54.40 -19.37 -38.34
C ILE HA 14 53.26 -18.83 -37.47
N PRO HA 15 53.23 -17.54 -37.13
CA PRO HA 15 52.10 -17.02 -36.35
C PRO HA 15 50.76 -17.18 -37.09
N GLY HA 16 49.74 -17.54 -36.32
CA GLY HA 16 48.37 -17.54 -36.81
C GLY HA 16 47.54 -18.65 -36.20
N PHE HA 17 46.22 -18.54 -36.40
CA PHE HA 17 45.31 -19.64 -36.08
C PHE HA 17 45.55 -20.84 -36.96
N TYR HA 18 45.42 -22.02 -36.36
CA TYR HA 18 45.52 -23.30 -37.05
C TYR HA 18 44.43 -24.20 -36.47
N ASN HA 19 43.22 -24.05 -37.01
CA ASN HA 19 42.07 -24.85 -36.58
C ASN HA 19 42.17 -26.22 -37.23
N ARG HA 20 42.24 -27.26 -36.41
CA ARG HA 20 42.39 -28.63 -36.88
C ARG HA 20 41.48 -29.53 -36.06
N PHE HA 21 40.37 -29.93 -36.66
CA PHE HA 21 39.46 -30.91 -36.07
C PHE HA 21 40.19 -32.21 -35.78
N LYS HA 22 39.95 -32.75 -34.59
CA LYS HA 22 40.42 -34.08 -34.20
C LYS HA 22 39.21 -34.98 -33.96
N THR HA 23 39.31 -36.21 -34.44
CA THR HA 23 38.20 -37.15 -34.30
C THR HA 23 37.95 -37.49 -32.84
N GLN HA 24 36.68 -37.68 -32.48
CA GLN HA 24 36.31 -37.96 -31.11
C GLN HA 24 36.82 -39.30 -30.62
N ALA HA 25 37.17 -40.23 -31.52
CA ALA HA 25 37.66 -41.52 -31.09
C ALA HA 25 38.98 -41.42 -30.33
N GLU HA 26 39.74 -40.34 -30.53
CA GLU HA 26 41.07 -40.19 -29.95
C GLU HA 26 41.00 -39.51 -28.58
N LYS HA 27 40.29 -40.16 -27.65
CA LYS HA 27 40.18 -39.65 -26.29
C LYS HA 27 41.35 -40.12 -25.44
N SER HA 28 41.87 -39.21 -24.62
CA SER HA 28 42.90 -39.57 -23.68
C SER HA 28 42.29 -40.33 -22.50
N THR HA 29 43.14 -41.07 -21.78
CA THR HA 29 42.69 -41.86 -20.66
C THR HA 29 42.27 -40.94 -19.50
N ASN HA 30 41.81 -41.57 -18.42
CA ASN HA 30 41.32 -40.83 -17.27
C ASN HA 30 42.46 -40.08 -16.58
N THR HA 31 42.11 -39.36 -15.51
CA THR HA 31 43.06 -38.58 -14.73
C THR HA 31 43.24 -39.10 -13.31
N GLY HA 32 42.25 -39.79 -12.75
CA GLY HA 32 42.35 -40.31 -11.39
C GLY HA 32 43.15 -41.59 -11.32
N LEU HA 33 44.47 -41.47 -11.48
CA LEU HA 33 45.38 -42.60 -11.49
C LEU HA 33 46.53 -42.35 -10.53
N LYS HA 34 47.06 -43.43 -9.97
CA LYS HA 34 48.12 -43.36 -8.97
C LYS HA 34 48.93 -44.65 -9.02
N GLY HA 35 50.14 -44.58 -8.47
CA GLY HA 35 50.93 -45.76 -8.20
C GLY HA 35 51.75 -46.24 -9.38
N ARG HA 36 52.67 -47.16 -9.08
CA ARG HA 36 53.62 -47.71 -10.05
C ARG HA 36 53.57 -49.23 -10.02
N LEU HA 37 53.62 -49.85 -11.20
CA LEU HA 37 53.51 -51.29 -11.34
C LEU HA 37 54.57 -51.82 -12.30
N ALA HA 38 55.04 -53.03 -12.01
CA ALA HA 38 55.99 -53.75 -12.85
C ALA HA 38 55.26 -54.81 -13.66
N MET HA 39 55.84 -55.13 -14.82
CA MET HA 39 55.20 -56.01 -15.79
C MET HA 39 56.21 -56.70 -16.70
N PRO HA 40 56.65 -57.94 -16.38
CA PRO HA 40 57.53 -58.66 -17.33
C PRO HA 40 56.75 -59.22 -18.52
N ILE HA 41 56.40 -58.32 -19.44
CA ILE HA 41 55.50 -58.68 -20.53
C ILE HA 41 56.17 -59.63 -21.51
N ARG HA 42 55.45 -60.71 -21.87
CA ARG HA 42 55.86 -61.62 -22.93
C ARG HA 42 55.33 -61.06 -24.25
N ALA HA 43 56.08 -60.14 -24.83
CA ALA HA 43 55.67 -59.45 -26.05
C ALA HA 43 56.27 -60.13 -27.26
N ASN HA 44 55.44 -60.45 -28.25
CA ASN HA 44 55.95 -60.87 -29.54
C ASN HA 44 56.85 -59.80 -30.13
N TRP HA 45 56.48 -58.53 -29.96
CA TRP HA 45 57.26 -57.40 -30.43
C TRP HA 45 57.37 -56.38 -29.30
N GLY HA 46 58.50 -55.69 -29.27
CA GLY HA 46 58.72 -54.65 -28.27
C GLY HA 46 60.19 -54.53 -27.91
N ASP HA 47 60.43 -53.77 -26.84
CA ASP HA 47 61.76 -53.37 -26.44
C ASP HA 47 62.39 -54.45 -25.55
N VAL HA 48 63.46 -55.08 -26.04
CA VAL HA 48 64.10 -56.20 -25.35
C VAL HA 48 65.34 -55.68 -24.63
N GLY HA 49 65.51 -56.12 -23.39
CA GLY HA 49 66.68 -55.76 -22.60
C GLY HA 49 66.57 -54.46 -21.84
N LYS HA 50 65.40 -53.83 -21.81
CA LYS HA 50 65.23 -52.56 -21.13
C LYS HA 50 63.79 -52.41 -20.67
N VAL HA 51 63.61 -51.66 -19.59
CA VAL HA 51 62.30 -51.39 -18.99
C VAL HA 51 61.81 -50.05 -19.50
N VAL HA 52 60.55 -49.99 -19.94
CA VAL HA 52 59.94 -48.78 -20.48
C VAL HA 52 58.84 -48.36 -19.52
N THR HA 53 58.77 -47.07 -19.24
CA THR HA 53 57.81 -46.50 -18.29
C THR HA 53 56.65 -45.90 -19.09
N ILE HA 54 55.61 -46.70 -19.27
CA ILE HA 54 54.41 -46.25 -19.98
C ILE HA 54 53.56 -45.42 -19.04
N LYS HA 55 53.02 -44.32 -19.56
CA LYS HA 55 52.17 -43.41 -18.79
C LYS HA 55 50.74 -43.95 -18.75
N ASN HA 56 49.80 -43.13 -18.28
CA ASN HA 56 48.38 -43.47 -18.31
C ASN HA 56 47.91 -43.87 -19.70
N ASP HA 57 48.44 -43.21 -20.73
CA ASP HA 57 47.94 -43.39 -22.08
C ASP HA 57 48.16 -44.83 -22.56
N LEU HA 58 47.13 -45.42 -23.16
CA LEU HA 58 47.25 -46.72 -23.81
C LEU HA 58 47.99 -46.65 -25.13
N ARG HA 59 48.30 -45.46 -25.63
CA ARG HA 59 48.76 -45.35 -27.00
C ARG HA 59 50.21 -45.82 -27.12
N GLN HA 60 51.05 -45.45 -26.15
CA GLN HA 60 52.42 -45.91 -26.14
C GLN HA 60 52.49 -47.43 -26.01
N LEU HA 61 51.56 -48.01 -25.24
CA LEU HA 61 51.54 -49.46 -25.07
C LEU HA 61 51.34 -50.16 -26.42
N LYS HA 62 50.32 -49.76 -27.18
CA LYS HA 62 50.06 -50.49 -28.42
C LYS HA 62 51.10 -50.14 -29.47
N ASN HA 63 51.56 -48.89 -29.49
CA ASN HA 63 52.59 -48.50 -30.44
C ASN HA 63 53.89 -49.25 -30.21
N LEU HA 64 54.21 -49.55 -28.94
CA LEU HA 64 55.47 -50.20 -28.60
C LEU HA 64 55.37 -51.70 -28.44
N PHE HA 65 54.19 -52.25 -28.17
CA PHE HA 65 54.02 -53.66 -27.83
C PHE HA 65 52.83 -54.26 -28.55
N GLY HA 66 52.68 -53.93 -29.83
CA GLY HA 66 51.68 -54.57 -30.67
C GLY HA 66 50.24 -54.25 -30.29
N ASP HA 67 49.32 -54.58 -31.19
CA ASP HA 67 47.89 -54.36 -30.99
C ASP HA 67 47.14 -55.68 -30.82
N ASP HA 68 47.85 -56.81 -30.87
CA ASP HA 68 47.19 -58.10 -30.96
C ASP HA 68 46.80 -58.61 -29.58
N MET HA 69 45.59 -59.18 -29.50
CA MET HA 69 45.05 -59.63 -28.23
C MET HA 69 45.81 -60.84 -27.69
N ASN HA 70 46.21 -61.77 -28.57
CA ASN HA 70 46.89 -62.98 -28.11
C ASN HA 70 48.23 -62.63 -27.48
N TYR HA 71 48.83 -61.50 -27.86
CA TYR HA 71 50.07 -61.07 -27.22
C TYR HA 71 49.80 -60.84 -25.74
N SER HA 72 50.56 -61.53 -24.88
CA SER HA 72 50.41 -61.32 -23.44
C SER HA 72 50.71 -59.89 -23.06
N ALA HA 73 51.65 -59.24 -23.77
CA ALA HA 73 52.02 -57.88 -23.48
C ALA HA 73 50.83 -56.94 -23.60
N PHE HA 74 50.20 -56.90 -24.79
CA PHE HA 74 49.08 -56.00 -24.99
C PHE HA 74 47.90 -56.34 -24.09
N LYS HA 75 47.57 -57.62 -23.98
CA LYS HA 75 46.41 -58.04 -23.20
C LYS HA 75 46.55 -57.63 -21.75
N LEU HA 76 47.68 -57.99 -21.13
CA LEU HA 76 47.88 -57.71 -19.72
C LEU HA 76 48.20 -56.25 -19.45
N GLY HA 77 48.85 -55.54 -20.38
CA GLY HA 77 49.00 -54.11 -20.22
C GLY HA 77 47.67 -53.38 -20.27
N LYS HA 78 46.79 -53.82 -21.16
CA LYS HA 78 45.44 -53.28 -21.20
C LYS HA 78 44.72 -53.53 -19.87
N LEU HA 79 44.87 -54.74 -19.31
CA LEU HA 79 44.30 -55.00 -17.98
C LEU HA 79 44.86 -54.04 -16.95
N ALA HA 80 46.18 -53.86 -16.93
CA ALA HA 80 46.80 -53.03 -15.91
C ALA HA 80 46.35 -51.58 -16.03
N LEU HA 81 46.24 -51.08 -17.26
CA LEU HA 81 45.91 -49.68 -17.46
C LEU HA 81 44.41 -49.41 -17.28
N LEU HA 82 43.56 -50.41 -17.56
CA LEU HA 82 42.19 -50.34 -17.05
C LEU HA 82 42.14 -50.50 -15.53
N GLY HA 83 43.18 -51.06 -14.92
CA GLY HA 83 43.35 -50.98 -13.49
C GLY HA 83 43.75 -49.61 -12.98
N ASN HA 84 44.00 -48.67 -13.89
CA ASN HA 84 44.19 -47.25 -13.57
C ASN HA 84 45.48 -47.03 -12.76
N VAL HA 85 46.54 -47.73 -13.15
CA VAL HA 85 47.88 -47.46 -12.63
C VAL HA 85 48.45 -46.24 -13.34
N LYS HA 86 49.04 -45.33 -12.57
CA LYS HA 86 49.56 -44.09 -13.14
C LYS HA 86 50.74 -44.37 -14.07
N GLU HA 87 51.73 -45.13 -13.60
CA GLU HA 87 52.90 -45.51 -14.38
C GLU HA 87 53.02 -47.02 -14.41
N LEU HA 88 53.07 -47.60 -15.60
CA LEU HA 88 53.17 -49.03 -15.80
C LEU HA 88 54.52 -49.32 -16.44
N LEU HA 89 55.38 -50.04 -15.72
CA LEU HA 89 56.74 -50.31 -16.14
C LEU HA 89 56.80 -51.65 -16.84
N LEU HA 90 56.98 -51.64 -18.15
CA LEU HA 90 56.98 -52.83 -18.98
C LEU HA 90 58.40 -53.25 -19.33
N TYR HA 91 58.68 -54.53 -19.18
CA TYR HA 91 59.92 -55.16 -19.65
C TYR HA 91 59.54 -56.31 -20.55
N ARG HA 92 59.98 -56.25 -21.81
CA ARG HA 92 59.74 -57.35 -22.72
C ARG HA 92 60.50 -58.58 -22.29
N LEU HA 93 59.86 -59.74 -22.46
CA LEU HA 93 60.44 -61.03 -22.08
C LEU HA 93 60.51 -61.89 -23.34
N VAL HA 94 61.71 -62.27 -23.73
CA VAL HA 94 61.93 -63.17 -24.86
C VAL HA 94 62.96 -64.22 -24.47
N ASP HA 95 62.90 -65.36 -25.15
CA ASP HA 95 63.88 -66.41 -24.93
C ASP HA 95 65.23 -65.99 -25.50
N GLY HA 96 66.29 -66.66 -25.03
CA GLY HA 96 67.61 -66.39 -25.56
C GLY HA 96 67.70 -66.70 -27.04
N ASN HA 97 67.08 -67.79 -27.48
CA ASN HA 97 67.09 -68.13 -28.90
C ASN HA 97 66.32 -67.12 -29.74
N GLN HA 98 65.34 -66.44 -29.13
CA GLN HA 98 64.58 -65.42 -29.84
C GLN HA 98 65.49 -64.28 -30.26
N LYS HA 99 65.35 -63.84 -31.51
CA LYS HA 99 66.26 -62.88 -32.12
C LYS HA 99 65.50 -61.99 -33.08
N LYS HA 100 66.23 -61.08 -33.73
CA LYS HA 100 65.65 -60.17 -34.71
C LYS HA 100 65.43 -60.86 -36.05
N GLY HA 101 64.26 -60.62 -36.63
CA GLY HA 101 64.08 -60.94 -38.04
C GLY HA 101 65.05 -60.13 -38.89
N THR HA 102 65.61 -60.77 -39.91
CA THR HA 102 66.65 -60.17 -40.73
C THR HA 102 66.48 -60.59 -42.18
N LEU HA 103 66.73 -59.64 -43.08
CA LEU HA 103 66.76 -59.89 -44.51
C LEU HA 103 67.79 -58.99 -45.14
N THR HA 104 68.25 -59.41 -46.33
CA THR HA 104 69.24 -58.66 -47.10
C THR HA 104 68.67 -58.37 -48.48
N LEU HA 105 68.77 -57.13 -48.91
CA LEU HA 105 68.43 -56.76 -50.27
C LEU HA 105 69.65 -56.92 -51.17
N LYS HA 106 69.40 -57.02 -52.48
CA LYS HA 106 70.47 -57.19 -53.45
C LYS HA 106 70.12 -56.44 -54.72
N ASP HA 107 71.16 -56.13 -55.49
CA ASP HA 107 71.02 -55.43 -56.76
C ASP HA 107 70.98 -56.40 -57.93
N THR HA 108 70.55 -55.89 -59.07
CA THR HA 108 70.47 -56.66 -60.31
C THR HA 108 71.21 -56.00 -61.47
N THR HA 109 72.00 -54.95 -61.21
CA THR HA 109 72.76 -54.32 -62.27
C THR HA 109 73.79 -55.28 -62.85
N GLU HA 110 74.48 -56.02 -61.99
CA GLU HA 110 75.46 -57.00 -62.42
C GLU HA 110 74.78 -58.33 -62.73
N ASN HA 111 75.53 -59.22 -63.39
CA ASN HA 111 75.02 -60.56 -63.68
C ASN HA 111 74.78 -61.33 -62.39
N SER HA 112 75.68 -61.21 -61.42
CA SER HA 112 75.55 -61.85 -60.12
C SER HA 112 75.15 -60.81 -59.09
N ALA HA 113 74.05 -61.06 -58.39
CA ALA HA 113 73.55 -60.12 -57.39
C ALA HA 113 74.43 -60.14 -56.15
N LYS HA 114 74.50 -59.00 -55.46
CA LYS HA 114 75.31 -58.83 -54.27
C LYS HA 114 74.54 -58.01 -53.25
N ASP HA 115 74.89 -58.23 -51.97
CA ASP HA 115 74.19 -57.58 -50.88
C ASP HA 115 74.63 -56.13 -50.75
N VAL HA 116 73.65 -55.22 -50.61
CA VAL HA 116 73.92 -53.82 -50.35
C VAL HA 116 73.16 -53.26 -49.14
N ILE HA 117 72.06 -53.89 -48.71
CA ILE HA 117 71.27 -53.43 -47.56
C ILE HA 117 70.88 -54.65 -46.74
N LYS HA 118 70.93 -54.50 -45.40
CA LYS HA 118 70.33 -55.45 -44.46
C LYS HA 118 69.20 -54.74 -43.73
N LEU HA 119 68.01 -55.33 -43.80
CA LEU HA 119 66.86 -54.88 -43.03
C LEU HA 119 66.68 -55.83 -41.85
N GLU HA 120 66.90 -55.32 -40.65
CA GLU HA 120 66.72 -56.07 -39.42
C GLU HA 120 65.61 -55.41 -38.62
N THR HA 121 64.81 -56.23 -37.94
CA THR HA 121 63.79 -55.69 -37.05
C THR HA 121 64.45 -54.80 -36.00
N LYS HA 122 63.82 -53.67 -35.70
CA LYS HA 122 64.41 -52.71 -34.76
C LYS HA 122 64.71 -53.35 -33.42
N TYR HA 123 63.84 -54.25 -32.99
CA TYR HA 123 64.02 -55.03 -31.77
C TYR HA 123 63.73 -56.48 -32.11
N PRO HA 124 64.17 -57.43 -31.27
CA PRO HA 124 63.96 -58.85 -31.59
C PRO HA 124 62.50 -59.19 -31.80
N THR HA 125 62.22 -59.95 -32.86
CA THR HA 125 60.86 -60.40 -33.15
C THR HA 125 60.91 -61.33 -34.35
N ALA HA 126 59.83 -62.10 -34.51
CA ALA HA 126 59.65 -62.98 -35.67
C ALA HA 126 58.22 -62.89 -36.19
N ARG HA 127 57.56 -61.75 -36.00
CA ARG HA 127 56.20 -61.56 -36.47
C ARG HA 127 56.17 -61.55 -38.00
N ASN HA 128 54.96 -61.44 -38.56
CA ASN HA 128 54.77 -61.44 -40.01
C ASN HA 128 55.08 -60.06 -40.59
N PHE HA 129 56.33 -59.64 -40.42
CA PHE HA 129 56.79 -58.36 -40.90
C PHE HA 129 57.42 -58.54 -42.27
N ASN HA 130 56.70 -58.13 -43.31
CA ASN HA 130 57.08 -58.37 -44.69
C ASN HA 130 57.57 -57.08 -45.33
N VAL HA 131 58.32 -57.23 -46.43
CA VAL HA 131 58.89 -56.11 -47.17
C VAL HA 131 58.55 -56.28 -48.63
N THR HA 132 58.40 -55.16 -49.33
CA THR HA 132 58.22 -55.16 -50.78
C THR HA 132 58.92 -53.95 -51.36
N ILE HA 133 59.67 -54.18 -52.43
CA ILE HA 133 60.45 -53.14 -53.11
C ILE HA 133 60.22 -53.26 -54.60
N LYS HA 134 60.00 -52.12 -55.25
CA LYS HA 134 59.72 -52.07 -56.68
C LYS HA 134 60.27 -50.76 -57.23
N SER HA 135 60.19 -50.62 -58.55
CA SER HA 135 60.66 -49.41 -59.22
C SER HA 135 59.65 -48.28 -59.05
N ASN HA 136 60.16 -47.05 -59.03
CA ASN HA 136 59.33 -45.86 -58.93
C ASN HA 136 58.94 -45.38 -60.33
N LEU HA 137 57.64 -45.15 -60.52
CA LEU HA 137 57.15 -44.75 -61.84
C LEU HA 137 57.50 -43.29 -62.14
N VAL HA 138 57.47 -42.43 -61.12
CA VAL HA 138 57.72 -41.01 -61.34
C VAL HA 138 59.15 -40.77 -61.80
N ASP HA 139 60.12 -41.40 -61.12
CA ASP HA 139 61.54 -41.26 -61.42
C ASP HA 139 62.14 -42.65 -61.58
N SER HA 140 62.93 -42.83 -62.64
CA SER HA 140 63.54 -44.13 -62.89
C SER HA 140 64.53 -44.49 -61.78
N ASP HA 141 65.33 -43.53 -61.33
CA ASP HA 141 66.32 -43.81 -60.30
C ASP HA 141 65.69 -44.12 -58.96
N LYS HA 142 64.49 -43.61 -58.69
CA LYS HA 142 63.83 -43.86 -57.41
C LYS HA 142 63.22 -45.26 -57.38
N LYS HA 143 63.03 -45.75 -56.15
CA LYS HA 143 62.36 -47.02 -55.90
C LYS HA 143 61.34 -46.84 -54.78
N ASP HA 144 60.25 -47.59 -54.87
CA ASP HA 144 59.21 -47.60 -53.85
C ASP HA 144 59.51 -48.72 -52.87
N PHE HA 145 59.62 -48.37 -51.59
CA PHE HA 145 59.83 -49.33 -50.51
C PHE HA 145 58.62 -49.33 -49.60
N ILE HA 146 58.08 -50.52 -49.36
CA ILE HA 146 56.84 -50.70 -48.60
C ILE HA 146 57.05 -51.81 -47.58
N PHE HA 147 56.46 -51.63 -46.40
CA PHE HA 147 56.52 -52.61 -45.32
C PHE HA 147 55.10 -53.00 -44.92
N PHE HA 148 54.89 -54.30 -44.70
CA PHE HA 148 53.61 -54.89 -44.33
C PHE HA 148 53.68 -55.56 -42.96
N GLU HA 149 52.56 -55.49 -42.24
CA GLU HA 149 52.39 -56.13 -40.94
C GLU HA 149 51.09 -56.92 -40.95
N ASN HA 150 51.20 -58.25 -41.03
CA ASN HA 150 50.04 -59.14 -41.10
C ASN HA 150 49.10 -58.71 -42.23
N THR HA 151 49.71 -58.42 -43.39
CA THR HA 151 49.00 -57.94 -44.57
C THR HA 151 48.42 -56.54 -44.36
N LYS HA 152 49.04 -55.74 -43.50
CA LYS HA 152 48.66 -54.35 -43.26
C LYS HA 152 49.87 -53.46 -43.48
N GLN HA 153 49.71 -52.45 -44.34
CA GLN HA 153 50.81 -51.56 -44.66
C GLN HA 153 51.23 -50.74 -43.45
N LEU HA 154 52.55 -50.59 -43.27
CA LEU HA 154 53.15 -49.79 -42.21
C LEU HA 154 53.85 -48.55 -42.74
N PHE HA 155 54.72 -48.72 -43.74
CA PHE HA 155 55.52 -47.63 -44.27
C PHE HA 155 55.45 -47.68 -45.80
N SER HA 156 55.52 -46.52 -46.43
CA SER HA 156 55.52 -46.44 -47.89
C SER HA 156 56.16 -45.12 -48.30
N SER HA 157 57.18 -45.20 -49.14
CA SER HA 157 57.87 -44.00 -49.61
C SER HA 157 58.64 -44.33 -50.88
N SER HA 158 58.92 -43.29 -51.66
CA SER HA 158 59.75 -43.38 -52.85
C SER HA 158 61.03 -42.59 -52.61
N ILE HA 159 62.18 -43.26 -52.76
CA ILE HA 159 63.48 -42.68 -52.47
C ILE HA 159 64.42 -43.04 -53.60
N LYS HA 160 65.41 -42.18 -53.84
CA LYS HA 160 66.41 -42.40 -54.88
C LYS HA 160 67.08 -43.76 -54.71
N GLY HA 161 67.52 -44.33 -55.84
CA GLY HA 161 68.11 -45.66 -55.84
C GLY HA 161 69.42 -45.78 -55.08
N THR HA 162 70.04 -44.65 -54.73
CA THR HA 162 71.27 -44.69 -53.94
C THR HA 162 71.02 -45.35 -52.60
N ILE HA 163 71.92 -46.27 -52.23
CA ILE HA 163 71.75 -47.02 -50.98
C ILE HA 163 71.81 -46.09 -49.78
N ASP HA 164 72.59 -45.02 -49.86
CA ASP HA 164 72.71 -44.09 -48.74
C ASP HA 164 71.37 -43.44 -48.43
N GLU HA 165 70.71 -42.90 -49.45
CA GLU HA 165 69.41 -42.26 -49.24
C GLU HA 165 68.37 -43.26 -48.78
N ILE HA 166 68.41 -44.49 -49.31
CA ILE HA 166 67.44 -45.51 -48.94
C ILE HA 166 67.59 -45.84 -47.45
N VAL HA 167 68.82 -46.08 -47.01
CA VAL HA 167 69.07 -46.37 -45.60
C VAL HA 167 68.69 -45.18 -44.74
N LEU HA 168 69.00 -43.97 -45.19
CA LEU HA 168 68.69 -42.78 -44.42
C LEU HA 168 67.19 -42.63 -44.19
N GLU HA 169 66.40 -42.75 -45.27
CA GLU HA 169 64.95 -42.63 -45.12
C GLU HA 169 64.38 -43.78 -44.30
N ILE HA 170 64.91 -45.00 -44.47
CA ILE HA 170 64.36 -46.13 -43.72
C ILE HA 170 64.63 -45.94 -42.22
N ASN HA 171 65.83 -45.51 -41.85
CA ASN HA 171 66.14 -45.29 -40.45
C ASN HA 171 65.58 -43.97 -39.91
N SER HA 172 65.11 -43.08 -40.78
CA SER HA 172 64.62 -41.76 -40.35
C SER HA 172 63.11 -41.73 -40.13
N ASN HA 173 62.34 -42.22 -41.10
CA ASN HA 173 60.88 -42.13 -41.01
C ASN HA 173 60.37 -42.95 -39.83
N LEU HA 174 59.43 -42.38 -39.09
CA LEU HA 174 58.94 -43.00 -37.87
C LEU HA 174 58.07 -44.22 -38.13
N ASP HA 175 57.52 -44.36 -39.33
CA ASP HA 175 56.76 -45.56 -39.67
C ASP HA 175 57.66 -46.78 -39.85
N ASN HA 176 58.98 -46.60 -39.89
CA ASN HA 176 59.94 -47.69 -39.91
C ASN HA 176 60.35 -48.15 -38.52
N GLU HA 177 59.46 -47.97 -37.52
CA GLU HA 177 59.79 -48.35 -36.15
C GLU HA 177 60.07 -49.84 -36.00
N TYR HA 178 59.63 -50.67 -36.95
CA TYR HA 178 59.79 -52.11 -36.87
C TYR HA 178 61.00 -52.61 -37.66
N VAL HA 179 61.89 -51.73 -38.12
CA VAL HA 179 63.00 -52.15 -38.97
C VAL HA 179 64.10 -51.11 -38.91
N ILE HA 180 65.34 -51.57 -39.03
CA ILE HA 180 66.51 -50.73 -39.24
C ILE HA 180 67.18 -51.19 -40.54
N ALA HA 181 67.54 -50.24 -41.39
CA ALA HA 181 68.33 -50.51 -42.58
C ALA HA 181 69.77 -50.07 -42.34
N THR HA 182 70.72 -50.95 -42.64
CA THR HA 182 72.14 -50.65 -42.54
C THR HA 182 72.81 -50.99 -43.87
N LYS HA 183 73.65 -50.06 -44.34
CA LYS HA 183 74.31 -50.21 -45.64
C LYS HA 183 75.40 -51.27 -45.54
N VAL HA 184 75.23 -52.38 -46.26
CA VAL HA 184 76.24 -53.44 -46.27
C VAL HA 184 77.54 -52.92 -46.85
N ALA HA 185 77.45 -52.26 -48.01
CA ALA HA 185 78.62 -51.76 -48.72
C ALA HA 185 78.18 -50.56 -49.53
N ASP HA 186 79.15 -49.71 -49.86
CA ASP HA 186 78.85 -48.52 -50.63
C ASP HA 186 78.48 -48.90 -52.06
N SER HA 187 77.33 -48.42 -52.51
CA SER HA 187 76.86 -48.74 -53.86
C SER HA 187 75.68 -47.84 -54.19
N ASP HA 188 75.51 -47.59 -55.50
CA ASP HA 188 74.35 -46.88 -56.02
C ASP HA 188 73.56 -47.75 -57.00
N THR HA 189 73.77 -49.06 -56.97
CA THR HA 189 73.14 -49.96 -57.91
C THR HA 189 71.64 -50.05 -57.66
N ILE HA 190 70.89 -50.40 -58.71
CA ILE HA 190 69.45 -50.55 -58.62
C ILE HA 190 69.14 -51.86 -57.89
N LEU HA 191 68.28 -51.78 -56.89
CA LEU HA 191 67.98 -52.94 -56.06
C LEU HA 191 67.15 -53.96 -56.83
N ALA HA 192 67.06 -55.16 -56.26
CA ALA HA 192 66.22 -56.21 -56.81
C ALA HA 192 64.77 -55.99 -56.37
N ASN HA 193 63.85 -56.39 -57.24
CA ASN HA 193 62.42 -56.30 -56.96
C ASN HA 193 61.98 -57.57 -56.25
N VAL HA 194 61.60 -57.43 -54.98
CA VAL HA 194 61.14 -58.55 -54.16
C VAL HA 194 59.78 -58.18 -53.59
N VAL HA 195 58.89 -59.17 -53.52
CA VAL HA 195 57.50 -58.96 -53.13
C VAL HA 195 57.20 -59.83 -51.91
N ASN HA 196 56.82 -59.18 -50.82
CA ASN HA 196 56.31 -59.86 -49.62
C ASN HA 196 57.32 -60.86 -49.05
N GLN HA 197 58.51 -60.35 -48.74
CA GLN HA 197 59.57 -61.14 -48.13
C GLN HA 197 59.52 -60.94 -46.62
N ALA HA 198 59.33 -62.02 -45.88
CA ALA HA 198 59.18 -61.97 -44.44
C ALA HA 198 60.54 -61.92 -43.75
N LEU HA 199 60.67 -61.04 -42.77
CA LEU HA 199 61.90 -60.99 -41.98
C LEU HA 199 61.98 -62.22 -41.08
N GLU HA 200 63.11 -62.92 -41.14
CA GLU HA 200 63.32 -64.17 -40.43
C GLU HA 200 64.67 -64.13 -39.73
N GLY HA 201 64.85 -65.06 -38.79
CA GLY HA 201 66.05 -65.14 -37.98
C GLY HA 201 65.77 -64.90 -36.51
N GLY HA 202 64.59 -65.30 -36.05
CA GLY HA 202 64.22 -65.11 -34.67
C GLY HA 202 63.08 -66.03 -34.28
N ASN HA 203 62.50 -65.74 -33.11
CA ASN HA 203 61.39 -66.51 -32.56
C ASN HA 203 60.22 -65.58 -32.25
N ASP HA 204 59.11 -66.19 -31.86
CA ASP HA 204 57.87 -65.46 -31.61
C ASP HA 204 58.06 -64.41 -30.53
N GLY HA 205 58.35 -64.84 -29.30
CA GLY HA 205 58.51 -63.95 -28.17
C GLY HA 205 57.66 -64.38 -27.00
N CYS HA 206 56.45 -64.86 -27.30
CA CYS HA 206 55.60 -65.52 -26.32
C CYS HA 206 55.90 -67.00 -26.19
N THR HA 207 56.82 -67.54 -26.98
CA THR HA 207 57.15 -68.96 -27.02
C THR HA 207 58.52 -69.17 -26.38
N SER HA 208 58.68 -70.31 -25.70
CA SER HA 208 59.92 -70.64 -25.01
C SER HA 208 60.20 -69.64 -23.90
N ILE HA 209 59.15 -69.35 -23.14
CA ILE HA 209 59.23 -68.46 -21.98
C ILE HA 209 59.76 -69.28 -20.81
N THR HA 210 60.99 -68.97 -20.37
CA THR HA 210 61.78 -69.82 -19.50
C THR HA 210 62.13 -69.11 -18.19
N ASN HA 211 62.47 -69.94 -17.19
CA ASN HA 211 62.75 -69.43 -15.85
C ASN HA 211 63.95 -68.48 -15.85
N GLU HA 212 65.03 -68.85 -16.55
CA GLU HA 212 66.21 -67.99 -16.58
C GLU HA 212 65.89 -66.65 -17.22
N SER HA 213 64.98 -66.63 -18.19
CA SER HA 213 64.64 -65.38 -18.86
C SER HA 213 63.88 -64.46 -17.91
N TYR HA 214 62.92 -64.99 -17.16
CA TYR HA 214 62.34 -64.22 -16.04
C TYR HA 214 63.38 -63.76 -15.06
N LEU HA 215 64.34 -64.61 -14.71
CA LEU HA 215 65.28 -64.19 -13.67
C LEU HA 215 66.12 -63.02 -14.17
N LYS HA 216 66.49 -63.05 -15.46
CA LYS HA 216 67.12 -61.87 -16.06
C LYS HA 216 66.19 -60.67 -15.95
N ALA HA 217 64.92 -60.85 -16.30
CA ALA HA 217 63.99 -59.72 -16.30
C ALA HA 217 63.81 -59.14 -14.90
N LEU HA 218 63.75 -60.01 -13.90
CA LEU HA 218 63.64 -59.57 -12.51
C LEU HA 218 64.87 -58.77 -12.12
N GLU HA 219 66.06 -59.21 -12.56
CA GLU HA 219 67.25 -58.40 -12.32
C GLU HA 219 67.16 -57.06 -13.05
N GLU HA 220 66.57 -57.05 -14.24
CA GLU HA 220 66.33 -55.79 -14.93
C GLU HA 220 65.25 -54.97 -14.23
N PHE HA 221 64.31 -55.63 -13.56
CA PHE HA 221 63.30 -54.89 -12.81
C PHE HA 221 63.83 -54.36 -11.48
N GLU HA 222 65.02 -54.80 -11.05
CA GLU HA 222 65.64 -54.21 -9.86
C GLU HA 222 66.12 -52.78 -10.10
N ARG HA 223 66.07 -52.28 -11.34
CA ARG HA 223 66.39 -50.89 -11.61
C ARG HA 223 65.57 -49.95 -10.73
N TYR HA 224 64.26 -50.17 -10.66
CA TYR HA 224 63.33 -49.21 -10.07
C TYR HA 224 62.55 -49.87 -8.93
N SER HA 225 61.75 -49.06 -8.25
CA SER HA 225 60.92 -49.48 -7.13
C SER HA 225 59.47 -49.56 -7.60
N PHE HA 226 58.73 -50.54 -7.06
CA PHE HA 226 57.37 -50.81 -7.50
C PHE HA 226 56.44 -50.90 -6.29
N ASP HA 227 55.22 -50.39 -6.46
CA ASP HA 227 54.19 -50.65 -5.47
C ASP HA 227 53.81 -52.13 -5.44
N SER HA 228 53.85 -52.80 -6.58
CA SER HA 228 53.51 -54.21 -6.65
C SER HA 228 54.14 -54.82 -7.89
N PHE HA 229 54.33 -56.14 -7.84
CA PHE HA 229 54.82 -56.95 -8.96
C PHE HA 229 53.77 -58.01 -9.30
N VAL HA 230 53.64 -58.32 -10.58
CA VAL HA 230 52.48 -59.07 -11.08
C VAL HA 230 52.84 -60.36 -11.79
N LEU HA 231 54.11 -60.57 -12.16
CA LEU HA 231 54.62 -61.76 -12.86
C LEU HA 231 54.10 -61.88 -14.30
N ASP HA 232 53.34 -60.90 -14.79
CA ASP HA 232 52.79 -60.91 -16.16
C ASP HA 232 51.83 -62.09 -16.34
N GLY HA 233 51.14 -62.47 -15.27
CA GLY HA 233 50.05 -63.43 -15.40
C GLY HA 233 50.45 -64.80 -15.92
N VAL HA 234 51.53 -65.37 -15.39
CA VAL HA 234 51.97 -66.72 -15.72
C VAL HA 234 51.90 -67.55 -14.46
N ALA HA 235 51.14 -68.65 -14.51
CA ALA HA 235 50.81 -69.44 -13.33
C ALA HA 235 51.77 -70.61 -13.10
N ASP HA 236 52.95 -70.59 -13.71
CA ASP HA 236 53.90 -71.66 -13.48
C ASP HA 236 54.37 -71.65 -12.03
N GLU HA 237 54.41 -72.83 -11.41
CA GLU HA 237 54.77 -72.91 -10.00
C GLU HA 237 56.23 -72.53 -9.78
N ALA HA 238 57.12 -72.97 -10.67
CA ALA HA 238 58.54 -72.61 -10.53
C ALA HA 238 58.73 -71.10 -10.62
N LEU HA 239 58.01 -70.46 -11.54
CA LEU HA 239 58.12 -69.01 -11.68
C LEU HA 239 57.60 -68.29 -10.45
N GLN HA 240 56.48 -68.78 -9.90
CA GLN HA 240 55.94 -68.20 -8.67
C GLN HA 240 56.95 -68.33 -7.55
N GLU HA 241 57.59 -69.50 -7.43
CA GLU HA 241 58.58 -69.70 -6.36
C GLU HA 241 59.78 -68.79 -6.54
N THR HA 242 60.26 -68.64 -7.78
CA THR HA 242 61.42 -67.79 -8.04
C THR HA 242 61.10 -66.33 -7.72
N THR HA 243 59.95 -65.84 -8.16
CA THR HA 243 59.57 -64.47 -7.85
C THR HA 243 59.31 -64.29 -6.36
N LYS HA 244 58.82 -65.33 -5.68
CA LYS HA 244 58.63 -65.27 -4.24
C LYS HA 244 59.95 -65.09 -3.52
N ALA HA 245 60.95 -65.89 -3.90
CA ALA HA 245 62.28 -65.73 -3.30
C ALA HA 245 62.86 -64.37 -3.64
N TRP HA 246 62.61 -63.88 -4.86
CA TRP HA 246 63.09 -62.57 -5.27
C TRP HA 246 62.53 -61.46 -4.37
N VAL HA 247 61.21 -61.47 -4.16
CA VAL HA 247 60.60 -60.41 -3.36
C VAL HA 247 61.00 -60.56 -1.89
N ALA HA 248 61.18 -61.80 -1.42
CA ALA HA 248 61.65 -61.99 -0.06
C ALA HA 248 63.06 -61.42 0.11
N LYS HA 249 63.94 -61.66 -0.87
CA LYS HA 249 65.28 -61.07 -0.83
C LYS HA 249 65.20 -59.55 -0.84
N ASN HA 250 64.32 -58.99 -1.67
CA ASN HA 250 64.17 -57.54 -1.72
C ASN HA 250 63.68 -56.98 -0.40
N LYS HA 251 62.71 -57.64 0.23
CA LYS HA 251 62.20 -57.18 1.52
C LYS HA 251 63.29 -57.26 2.59
N GLU HA 252 64.08 -58.33 2.57
CA GLU HA 252 65.21 -58.41 3.49
C GLU HA 252 66.19 -57.28 3.23
N LEU HA 253 66.40 -56.93 1.96
CA LEU HA 253 67.25 -55.81 1.63
C LEU HA 253 66.60 -54.48 2.02
N GLY HA 254 65.28 -54.44 2.08
CA GLY HA 254 64.52 -53.24 2.42
C GLY HA 254 63.59 -52.77 1.33
N LYS HA 255 63.76 -53.24 0.10
CA LYS HA 255 62.86 -52.89 -0.99
C LYS HA 255 61.57 -53.69 -0.85
N ASP HA 256 60.46 -53.00 -0.66
CA ASP HA 256 59.16 -53.64 -0.44
C ASP HA 256 58.43 -53.78 -1.78
N ILE HA 257 58.19 -55.02 -2.19
CA ILE HA 257 57.46 -55.34 -3.41
C ILE HA 257 56.29 -56.24 -3.02
N LEU HA 258 55.09 -55.88 -3.48
CA LEU HA 258 53.88 -56.64 -3.21
C LEU HA 258 53.62 -57.53 -4.43
N LEU HA 259 53.78 -58.84 -4.25
CA LEU HA 259 53.66 -59.79 -5.34
C LEU HA 259 52.22 -60.26 -5.48
N PHE HA 260 51.75 -60.32 -6.72
CA PHE HA 260 50.41 -60.78 -7.06
C PHE HA 260 50.52 -61.97 -8.01
N LEU HA 261 49.68 -62.98 -7.78
CA LEU HA 261 49.75 -64.23 -8.52
C LEU HA 261 48.33 -64.74 -8.74
N GLY HA 262 48.22 -65.92 -9.36
CA GLY HA 262 46.93 -66.56 -9.51
C GLY HA 262 47.07 -68.03 -9.77
N GLY HA 263 46.08 -68.80 -9.31
CA GLY HA 263 46.06 -70.22 -9.55
C GLY HA 263 45.64 -70.57 -10.96
N LYS HA 264 45.84 -71.83 -11.32
CA LYS HA 264 45.47 -72.32 -12.63
C LYS HA 264 43.98 -72.64 -12.67
N THR HA 265 43.49 -73.04 -13.84
CA THR HA 265 42.10 -73.45 -13.99
C THR HA 265 41.84 -74.87 -13.51
N GLU HA 266 42.87 -75.71 -13.48
CA GLU HA 266 42.68 -77.11 -13.10
C GLU HA 266 42.37 -77.24 -11.61
N ASP HA 267 42.88 -76.33 -10.79
CA ASP HA 267 42.75 -76.46 -9.35
C ASP HA 267 41.29 -76.40 -8.91
N ASN HA 268 40.89 -77.35 -8.08
CA ASN HA 268 39.58 -77.34 -7.46
C ASN HA 268 39.61 -76.42 -6.23
N ILE HA 269 38.48 -76.34 -5.54
CA ILE HA 269 38.34 -75.40 -4.42
C ILE HA 269 39.31 -75.77 -3.30
N LYS HA 270 39.38 -77.07 -2.97
CA LYS HA 270 40.30 -77.50 -1.92
C LYS HA 270 41.74 -77.27 -2.34
N GLN HA 271 42.07 -77.55 -3.60
CA GLN HA 271 43.45 -77.36 -4.05
C GLN HA 271 43.87 -75.90 -3.99
N ILE HA 272 43.01 -74.98 -4.42
CA ILE HA 272 43.38 -73.57 -4.38
C ILE HA 272 43.46 -73.08 -2.94
N ASN HA 273 42.58 -73.59 -2.07
CA ASN HA 273 42.67 -73.23 -0.65
C ASN HA 273 44.01 -73.69 -0.06
N ASP HA 274 44.42 -74.92 -0.38
CA ASP HA 274 45.70 -75.42 0.10
C ASP HA 274 46.87 -74.63 -0.48
N LYS HA 275 46.75 -74.24 -1.76
CA LYS HA 275 47.80 -73.42 -2.37
C LYS HA 275 47.94 -72.09 -1.65
N SER HA 276 46.82 -71.46 -1.31
CA SER HA 276 46.88 -70.20 -0.57
C SER HA 276 47.48 -70.38 0.81
N LYS HA 277 47.07 -71.43 1.53
CA LYS HA 277 47.65 -71.68 2.84
C LYS HA 277 49.14 -72.00 2.73
N SER HA 278 49.58 -72.55 1.60
CA SER HA 278 51.01 -72.78 1.41
C SER HA 278 51.78 -71.46 1.45
N PHE HA 279 51.26 -70.45 0.77
CA PHE HA 279 51.84 -69.10 0.88
C PHE HA 279 51.46 -68.50 2.23
N ASN HA 280 52.46 -68.19 3.04
CA ASN HA 280 52.30 -67.52 4.32
C ASN HA 280 53.20 -66.30 4.39
N ASP HA 281 53.18 -65.50 3.33
CA ASP HA 281 53.97 -64.29 3.21
C ASP HA 281 53.06 -63.07 3.26
N GLU HA 282 53.54 -62.01 3.91
CA GLU HA 282 52.75 -60.80 4.03
C GLU HA 282 52.51 -60.15 2.68
N ASN HA 283 53.50 -60.17 1.79
CA ASN HA 283 53.48 -59.42 0.54
C ASN HA 283 53.38 -60.35 -0.67
N ILE HA 284 52.55 -61.37 -0.57
CA ILE HA 284 52.21 -62.25 -1.68
C ILE HA 284 50.69 -62.37 -1.74
N VAL HA 285 50.14 -62.31 -2.94
CA VAL HA 285 48.69 -62.37 -3.16
C VAL HA 285 48.42 -63.32 -4.31
N ASN HA 286 47.36 -64.12 -4.19
CA ASN HA 286 46.93 -65.06 -5.21
C ASN HA 286 45.45 -64.87 -5.50
N VAL HA 287 45.10 -64.97 -6.78
CA VAL HA 287 43.72 -64.93 -7.25
C VAL HA 287 43.32 -66.35 -7.64
N GLY HA 288 42.23 -66.84 -7.06
CA GLY HA 288 41.78 -68.20 -7.28
C GLY HA 288 40.54 -68.33 -8.14
N SER HA 289 40.28 -67.34 -9.00
CA SER HA 289 39.08 -67.34 -9.82
C SER HA 289 39.35 -66.62 -11.13
N SER HA 290 39.01 -67.29 -12.24
CA SER HA 290 39.14 -66.69 -13.56
C SER HA 290 37.96 -65.76 -13.84
N ALA HA 291 38.12 -64.92 -14.85
CA ALA HA 291 37.12 -63.91 -15.19
C ALA HA 291 37.00 -63.78 -16.70
N TYR HA 292 35.91 -63.14 -17.12
CA TYR HA 292 35.60 -62.88 -18.52
C TYR HA 292 35.26 -61.41 -18.66
N TYR HA 293 35.82 -60.75 -19.67
CA TYR HA 293 35.55 -59.32 -19.89
C TYR HA 293 35.65 -59.04 -21.38
N GLU HA 294 34.65 -58.33 -21.91
CA GLU HA 294 34.46 -58.19 -23.37
C GLU HA 294 34.42 -59.54 -24.05
N ASN HA 295 33.79 -60.52 -23.39
CA ASN HA 295 33.60 -61.89 -23.85
C ASN HA 295 34.92 -62.66 -23.99
N ILE HA 296 36.06 -62.09 -23.55
CA ILE HA 296 37.36 -62.74 -23.62
C ILE HA 296 37.71 -63.25 -22.24
N LYS HA 297 38.23 -64.47 -22.17
CA LYS HA 297 38.55 -65.07 -20.89
C LYS HA 297 39.91 -64.60 -20.39
N TYR HA 298 40.02 -64.50 -19.07
CA TYR HA 298 41.27 -64.24 -18.36
C TYR HA 298 41.41 -65.24 -17.23
N THR HA 299 42.50 -66.02 -17.25
CA THR HA 299 42.76 -66.97 -16.20
C THR HA 299 43.07 -66.21 -14.90
N PRO HA 300 42.98 -66.88 -13.74
CA PRO HA 300 43.15 -66.15 -12.48
C PRO HA 300 44.50 -65.45 -12.38
N SER HA 301 45.54 -66.01 -12.99
CA SER HA 301 46.84 -65.35 -12.99
C SER HA 301 46.82 -64.12 -13.88
N GLU HA 302 46.17 -64.19 -15.04
CA GLU HA 302 46.00 -62.99 -15.87
C GLU HA 302 45.14 -61.94 -15.17
N VAL HA 303 44.06 -62.37 -14.50
CA VAL HA 303 43.22 -61.43 -13.77
C VAL HA 303 44.01 -60.80 -12.62
N ALA HA 304 45.01 -61.51 -12.09
CA ALA HA 304 45.83 -60.94 -11.03
C ALA HA 304 46.54 -59.68 -11.49
N VAL HA 305 46.79 -59.53 -12.79
CA VAL HA 305 47.38 -58.30 -13.30
C VAL HA 305 46.47 -57.11 -13.01
N TYR HA 306 45.18 -57.24 -13.36
CA TYR HA 306 44.25 -56.15 -13.09
C TYR HA 306 44.06 -55.96 -11.59
N ILE HA 307 44.05 -57.06 -10.84
CA ILE HA 307 43.86 -56.94 -9.38
C ILE HA 307 45.01 -56.16 -8.77
N ALA HA 308 46.25 -56.49 -9.16
CA ALA HA 308 47.42 -55.75 -8.68
C ALA HA 308 47.36 -54.30 -9.13
N ALA HA 309 46.93 -54.06 -10.37
CA ALA HA 309 46.86 -52.70 -10.89
C ALA HA 309 45.87 -51.87 -10.09
N LEU HA 310 44.71 -52.43 -9.78
CA LEU HA 310 43.73 -51.69 -8.99
C LEU HA 310 44.22 -51.49 -7.56
N SER HA 311 44.91 -52.49 -7.00
CA SER HA 311 45.46 -52.34 -5.65
C SER HA 311 46.47 -51.19 -5.61
N VAL HA 312 47.32 -51.11 -6.63
CA VAL HA 312 48.32 -50.04 -6.69
C VAL HA 312 47.65 -48.70 -6.94
N SER HA 313 46.62 -48.69 -7.81
CA SER HA 313 45.92 -47.45 -8.10
C SER HA 313 45.25 -46.88 -6.86
N LYS HA 314 44.55 -47.73 -6.09
CA LYS HA 314 44.05 -47.30 -4.81
C LYS HA 314 45.19 -46.90 -3.88
N GLY HA 315 46.25 -47.71 -3.83
CA GLY HA 315 47.39 -47.44 -2.99
C GLY HA 315 46.98 -47.25 -1.54
N ILE HA 316 47.06 -46.01 -1.08
CA ILE HA 316 46.59 -45.61 0.23
C ILE HA 316 45.34 -44.76 0.02
N THR HA 317 44.53 -44.65 1.08
CA THR HA 317 43.20 -44.02 1.03
C THR HA 317 42.24 -44.84 0.18
N GLY HA 318 42.48 -46.14 0.06
CA GLY HA 318 41.61 -46.98 -0.73
C GLY HA 318 41.88 -48.44 -0.45
N SER HA 319 40.94 -49.27 -0.92
CA SER HA 319 41.03 -50.70 -0.76
C SER HA 319 40.20 -51.34 -1.86
N ILE HA 320 40.41 -52.65 -2.07
CA ILE HA 320 39.76 -53.39 -3.15
C ILE HA 320 38.95 -54.52 -2.57
N CYS HA 321 38.39 -54.32 -1.36
CA CYS HA 321 37.62 -55.36 -0.72
C CYS HA 321 36.36 -55.69 -1.52
N ASN HA 322 35.63 -54.66 -1.95
CA ASN HA 322 34.43 -54.82 -2.77
C ASN HA 322 34.42 -53.77 -3.87
N ALA HA 323 35.56 -53.57 -4.52
CA ALA HA 323 35.64 -52.59 -5.59
C ALA HA 323 34.91 -53.08 -6.83
N LYS HA 324 34.34 -52.14 -7.58
CA LYS HA 324 33.58 -52.44 -8.79
C LYS HA 324 34.56 -52.75 -9.91
N THR HA 325 34.87 -54.04 -10.08
CA THR HA 325 35.80 -54.44 -11.13
C THR HA 325 35.09 -54.43 -12.48
N ILE HA 326 35.87 -54.19 -13.53
CA ILE HA 326 35.31 -54.07 -14.88
C ILE HA 326 34.81 -55.41 -15.41
N PHE HA 327 35.23 -56.52 -14.81
CA PHE HA 327 34.88 -57.83 -15.35
C PHE HA 327 33.38 -58.07 -15.22
N GLU HA 328 32.82 -58.75 -16.23
CA GLU HA 328 31.37 -58.98 -16.30
C GLU HA 328 30.97 -60.43 -15.98
N GLU HA 329 31.91 -61.32 -15.69
CA GLU HA 329 31.56 -62.67 -15.28
C GLU HA 329 32.81 -63.30 -14.66
N VAL HA 330 32.59 -64.18 -13.68
CA VAL HA 330 33.66 -64.89 -12.98
C VAL HA 330 33.26 -66.34 -12.74
N GLU HA 331 34.23 -67.11 -12.25
CA GLU HA 331 34.08 -68.53 -11.95
C GLU HA 331 35.28 -68.97 -11.14
N PRO HA 332 35.15 -69.97 -10.25
CA PRO HA 332 33.94 -70.68 -9.81
C PRO HA 332 33.24 -69.94 -8.67
N ARG HA 333 32.13 -70.47 -8.13
CA ARG HA 333 31.34 -69.78 -7.11
C ARG HA 333 31.14 -70.70 -5.93
N LEU HA 334 30.80 -70.09 -4.79
CA LEU HA 334 30.82 -70.75 -3.49
C LEU HA 334 29.72 -70.20 -2.60
N SER HA 335 29.35 -70.98 -1.59
CA SER HA 335 28.38 -70.54 -0.59
C SER HA 335 29.08 -69.71 0.48
N GLN HA 336 28.27 -69.05 1.33
CA GLN HA 336 28.85 -68.15 2.33
C GLN HA 336 29.77 -68.88 3.30
N SER HA 337 29.37 -70.06 3.75
CA SER HA 337 30.26 -70.84 4.61
C SER HA 337 31.51 -71.26 3.84
N GLU HA 338 31.35 -71.62 2.57
CA GLU HA 338 32.51 -72.02 1.77
C GLU HA 338 33.40 -70.82 1.45
N VAL HA 339 32.78 -69.65 1.21
CA VAL HA 339 33.58 -68.43 1.04
C VAL HA 339 34.32 -68.11 2.33
N LYS HA 340 33.69 -68.33 3.48
CA LYS HA 340 34.38 -68.13 4.75
C LYS HA 340 35.59 -69.05 4.88
N GLU HA 341 35.40 -70.32 4.54
CA GLU HA 341 36.51 -71.27 4.61
C GLU HA 341 37.64 -70.86 3.67
N CYS HA 342 37.28 -70.45 2.45
CA CYS HA 342 38.27 -70.05 1.48
C CYS HA 342 39.02 -68.81 1.91
N LEU HA 343 38.31 -67.83 2.49
CA LEU HA 343 38.98 -66.61 2.95
C LEU HA 343 39.89 -66.92 4.14
N LYS HA 344 39.45 -67.79 5.05
CA LYS HA 344 40.31 -68.21 6.15
C LYS HA 344 41.57 -68.89 5.62
N SER HA 345 41.43 -69.68 4.55
CA SER HA 345 42.61 -70.24 3.89
C SER HA 345 43.47 -69.15 3.28
N GLY HA 346 42.87 -68.02 2.90
CA GLY HA 346 43.61 -66.88 2.39
C GLY HA 346 43.60 -66.77 0.88
N THR HA 347 42.45 -67.00 0.26
CA THR HA 347 42.28 -66.90 -1.18
C THR HA 347 41.48 -65.65 -1.51
N LEU HA 348 41.96 -64.88 -2.47
CA LEU HA 348 41.17 -63.81 -3.05
C LEU HA 348 40.25 -64.38 -4.12
N VAL HA 349 38.95 -64.10 -4.01
CA VAL HA 349 37.93 -64.66 -4.89
C VAL HA 349 37.04 -63.53 -5.37
N LEU HA 350 36.92 -63.39 -6.69
CA LEU HA 350 35.98 -62.47 -7.27
C LEU HA 350 34.57 -63.08 -7.23
N ASP HA 351 33.57 -62.20 -7.17
CA ASP HA 351 32.17 -62.61 -7.15
C ASP HA 351 31.37 -61.70 -8.06
N PHE HA 352 30.30 -62.27 -8.63
CA PHE HA 352 29.44 -61.55 -9.56
C PHE HA 352 28.23 -61.11 -8.75
N ASP HA 353 28.42 -60.07 -7.94
CA ASP HA 353 27.39 -59.67 -6.99
C ASP HA 353 26.22 -58.96 -7.67
N ASP HA 354 26.50 -58.22 -8.74
CA ASP HA 354 25.47 -57.60 -9.56
C ASP HA 354 25.93 -57.76 -11.00
N GLY HA 355 25.35 -56.97 -11.92
CA GLY HA 355 25.72 -57.05 -13.32
C GLY HA 355 27.21 -56.91 -13.60
N ASP HA 356 27.94 -56.25 -12.70
CA ASP HA 356 29.39 -56.16 -12.76
C ASP HA 356 30.02 -56.92 -11.60
N VAL HA 357 31.24 -57.41 -11.82
CA VAL HA 357 31.93 -58.22 -10.83
C VAL HA 357 32.40 -57.36 -9.67
N ILE HA 358 32.44 -57.96 -8.48
CA ILE HA 358 32.87 -57.29 -7.26
C ILE HA 358 33.76 -58.25 -6.46
N ILE HA 359 34.85 -57.72 -5.90
CA ILE HA 359 35.74 -58.51 -5.07
C ILE HA 359 35.03 -58.86 -3.75
N VAL HA 360 35.44 -59.99 -3.15
CA VAL HA 360 34.82 -60.43 -1.92
C VAL HA 360 35.43 -59.73 -0.70
N ASP HA 361 36.76 -59.59 -0.65
CA ASP HA 361 37.43 -59.02 0.51
C ASP HA 361 38.87 -58.76 0.13
N ASP HA 362 39.50 -57.81 0.84
CA ASP HA 362 40.87 -57.38 0.53
C ASP HA 362 41.83 -58.16 1.43
N VAL HA 363 42.13 -59.40 1.01
CA VAL HA 363 42.88 -60.35 1.81
C VAL HA 363 44.13 -60.75 1.05
N ASN HA 364 45.18 -61.05 1.81
CA ASN HA 364 46.46 -61.53 1.30
C ASN HA 364 46.68 -62.97 1.75
N THR HA 365 47.78 -63.55 1.31
CA THR HA 365 48.10 -64.94 1.68
C THR HA 365 48.45 -65.09 3.16
N PHE HA 366 48.67 -64.00 3.89
CA PHE HA 366 49.04 -64.05 5.31
C PHE HA 366 47.82 -63.98 6.22
N LYS HA 367 46.67 -64.49 5.78
CA LYS HA 367 45.53 -64.58 6.68
C LYS HA 367 45.86 -65.49 7.85
N LYS HA 368 46.56 -66.59 7.58
CA LYS HA 368 46.98 -67.48 8.66
C LYS HA 368 47.97 -66.73 9.53
N TYR HA 369 47.46 -66.16 10.62
CA TYR HA 369 48.22 -65.41 11.61
C TYR HA 369 48.48 -66.29 12.83
N VAL HA 370 49.23 -65.74 13.79
CA VAL HA 370 49.54 -66.42 15.04
C VAL HA 370 49.46 -65.39 16.17
N ASP HA 371 49.47 -65.89 17.40
CA ASP HA 371 49.13 -65.06 18.55
C ASP HA 371 50.15 -63.94 18.74
N ASP HA 372 51.43 -64.19 18.43
CA ASP HA 372 52.46 -63.17 18.66
C ASP HA 372 52.31 -61.97 17.73
N LYS HA 373 51.56 -62.12 16.63
CA LYS HA 373 51.26 -61.03 15.71
C LYS HA 373 49.76 -60.73 15.74
N ASN HA 374 49.40 -59.56 15.19
CA ASN HA 374 48.02 -59.11 15.20
C ASN HA 374 47.31 -59.53 13.91
N GLU HA 375 45.98 -59.38 13.93
CA GLU HA 375 45.15 -59.79 12.80
C GLU HA 375 45.09 -58.74 11.70
N ALA HA 376 45.35 -57.48 12.02
CA ALA HA 376 45.15 -56.41 11.05
C ALA HA 376 46.12 -56.48 9.88
N MET HA 377 47.25 -57.17 10.02
CA MET HA 377 48.27 -57.17 9.00
C MET HA 377 48.02 -58.23 7.92
N GLY HA 378 46.94 -59.00 8.03
CA GLY HA 378 46.61 -60.00 7.03
C GLY HA 378 45.76 -59.48 5.89
N TYR HA 379 45.78 -58.16 5.65
CA TYR HA 379 45.00 -57.53 4.60
C TYR HA 379 45.92 -56.72 3.70
N ILE HA 380 45.60 -56.70 2.40
CA ILE HA 380 46.45 -56.02 1.42
C ILE HA 380 46.58 -54.54 1.74
N SER HA 381 45.49 -53.91 2.19
CA SER HA 381 45.53 -52.49 2.48
C SER HA 381 46.54 -52.17 3.57
N ASN HA 382 46.57 -52.99 4.63
CA ASN HA 382 47.51 -52.76 5.72
C ASN HA 382 48.94 -53.04 5.29
N ILE HA 383 49.16 -54.04 4.43
CA ILE HA 383 50.50 -54.28 3.91
C ILE HA 383 50.98 -53.08 3.09
N MET HA 384 50.12 -52.57 2.21
CA MET HA 384 50.52 -51.41 1.41
C MET HA 384 50.76 -50.20 2.29
N PHE HA 385 49.97 -50.06 3.35
CA PHE HA 385 50.07 -48.90 4.24
C PHE HA 385 51.36 -48.96 5.06
N ILE HA 386 51.68 -50.12 5.62
CA ILE HA 386 52.92 -50.30 6.37
C ILE HA 386 54.12 -50.16 5.42
N ASN HA 387 54.02 -50.71 4.21
CA ASN HA 387 55.12 -50.60 3.26
C ASN HA 387 55.33 -49.15 2.87
N THR HA 388 54.25 -48.40 2.65
CA THR HA 388 54.36 -46.99 2.30
C THR HA 388 55.00 -46.19 3.43
N ILE HA 389 54.63 -46.48 4.68
CA ILE HA 389 55.28 -45.79 5.80
C ILE HA 389 56.76 -46.13 5.86
N ASN HA 390 57.09 -47.42 5.75
CA ASN HA 390 58.49 -47.82 5.89
C ASN HA 390 59.33 -47.21 4.78
N LYS HA 391 58.78 -47.14 3.57
CA LYS HA 391 59.48 -46.47 2.48
C LYS HA 391 59.61 -44.98 2.73
N ASP HA 392 58.50 -44.31 3.07
CA ASP HA 392 58.50 -42.86 3.19
C ASP HA 392 59.43 -42.38 4.29
N THR HA 393 59.40 -43.04 5.45
CA THR HA 393 60.41 -42.77 6.47
C THR HA 393 61.80 -43.16 5.95
N SER HA 394 61.89 -44.25 5.20
CA SER HA 394 63.15 -44.68 4.64
C SER HA 394 63.63 -43.79 3.49
N LEU HA 395 62.74 -42.99 2.90
CA LEU HA 395 63.17 -41.99 1.92
C LEU HA 395 63.90 -40.82 2.56
N LYS HA 396 63.82 -40.67 3.88
CA LYS HA 396 64.48 -39.56 4.57
C LYS HA 396 65.95 -39.88 4.85
N ARG HA 397 66.71 -40.29 3.83
CA ARG HA 397 68.17 -40.42 3.98
C ARG HA 397 68.96 -39.54 3.04
N LYS HA 398 68.33 -38.91 2.06
CA LYS HA 398 69.08 -38.23 1.02
C LYS HA 398 69.66 -36.91 1.52
N GLU HA 399 69.25 -36.45 2.71
CA GLU HA 399 69.73 -35.21 3.32
C GLU HA 399 69.95 -35.38 4.82
N PHE HA 400 69.96 -36.61 5.31
CA PHE HA 400 69.58 -36.89 6.69
C PHE HA 400 70.57 -37.80 7.40
N VAL HA 401 71.12 -38.78 6.69
CA VAL HA 401 72.07 -39.75 7.25
C VAL HA 401 73.46 -39.39 6.74
N GLY HA 402 74.40 -39.25 7.66
CA GLY HA 402 75.74 -38.79 7.34
C GLY HA 402 75.83 -37.29 7.14
N LYS HA 403 74.71 -36.57 7.28
CA LYS HA 403 74.64 -35.14 7.03
C LYS HA 403 74.03 -34.39 8.20
N ILE HA 404 73.73 -35.07 9.32
CA ILE HA 404 73.13 -34.49 10.53
C ILE HA 404 73.95 -34.95 11.73
N PHE HA 405 73.94 -34.12 12.77
CA PHE HA 405 74.63 -34.45 14.01
C PHE HA 405 73.73 -35.32 14.89
N ASN HA 406 74.34 -35.92 15.92
CA ASN HA 406 73.64 -36.84 16.83
C ASN HA 406 73.50 -36.24 18.22
N ASP HA 407 73.16 -34.96 18.29
CA ASP HA 407 72.88 -34.25 19.52
C ASP HA 407 71.38 -33.98 19.63
N ALA HA 408 70.99 -33.31 20.72
CA ALA HA 408 69.58 -33.05 20.96
C ALA HA 408 68.95 -32.22 19.84
N THR HA 409 69.72 -31.27 19.28
CA THR HA 409 69.20 -30.47 18.18
C THR HA 409 68.91 -31.32 16.97
N GLY HA 410 69.86 -32.18 16.59
CA GLY HA 410 69.65 -33.04 15.44
C GLY HA 410 68.52 -34.01 15.63
N GLN HA 411 68.45 -34.64 16.81
CA GLN HA 411 67.37 -35.58 17.10
C GLN HA 411 66.02 -34.88 17.07
N THR HA 412 65.95 -33.66 17.60
CA THR HA 412 64.69 -32.94 17.57
C THR HA 412 64.30 -32.56 16.14
N THR HA 413 65.27 -32.21 15.30
CA THR HA 413 64.94 -31.98 13.89
C THR HA 413 64.45 -33.26 13.23
N VAL HA 414 65.03 -34.40 13.60
CA VAL HA 414 64.58 -35.69 13.08
C VAL HA 414 63.12 -35.92 13.43
N ILE HA 415 62.80 -35.76 14.71
CA ILE HA 415 61.44 -36.01 15.17
C ILE HA 415 60.48 -35.00 14.56
N CYS HA 416 60.93 -33.76 14.35
CA CYS HA 416 60.10 -32.77 13.69
C CYS HA 416 59.78 -33.18 12.25
N ALA HA 417 60.79 -33.69 11.52
CA ALA HA 417 60.54 -34.10 10.13
C ALA HA 417 59.60 -35.30 10.08
N LEU HA 418 59.81 -36.28 10.96
CA LEU HA 418 58.95 -37.46 10.96
C LEU HA 418 57.53 -37.10 11.36
N LYS HA 419 57.39 -36.21 12.36
CA LYS HA 419 56.07 -35.73 12.74
C LYS HA 419 55.42 -34.96 11.61
N LYS HA 420 56.22 -34.20 10.85
CA LYS HA 420 55.67 -33.50 9.69
C LYS HA 420 55.11 -34.47 8.68
N TYR HA 421 55.84 -35.56 8.41
CA TYR HA 421 55.34 -36.54 7.46
C TYR HA 421 54.06 -37.18 7.96
N PHE HA 422 54.01 -37.51 9.26
CA PHE HA 422 52.79 -38.12 9.80
C PHE HA 422 51.62 -37.14 9.78
N GLU HA 423 51.88 -35.86 10.07
CA GLU HA 423 50.82 -34.86 10.08
C GLU HA 423 50.27 -34.63 8.68
N GLU HA 424 51.15 -34.55 7.67
CA GLU HA 424 50.65 -34.48 6.30
C GLU HA 424 49.91 -35.75 5.92
N LEU HA 425 50.35 -36.89 6.43
CA LEU HA 425 49.64 -38.14 6.19
C LEU HA 425 48.27 -38.12 6.86
N MET HA 426 48.20 -37.58 8.08
CA MET HA 426 46.93 -37.42 8.76
C MET HA 426 46.01 -36.47 8.02
N SER HA 427 46.57 -35.54 7.23
CA SER HA 427 45.75 -34.57 6.53
C SER HA 427 44.83 -35.23 5.50
N GLN HA 428 45.23 -36.36 4.92
CA GLN HA 428 44.35 -37.07 4.01
C GLN HA 428 43.31 -37.93 4.73
N GLY HA 429 43.28 -37.90 6.06
CA GLY HA 429 42.35 -38.73 6.80
C GLY HA 429 42.73 -40.17 6.93
N ILE HA 430 43.96 -40.54 6.56
CA ILE HA 430 44.38 -41.93 6.62
C ILE HA 430 44.50 -42.40 8.06
N ILE HA 431 44.79 -41.49 8.98
CA ILE HA 431 45.06 -41.81 10.38
C ILE HA 431 44.18 -40.93 11.26
N SER HA 432 43.73 -41.50 12.39
CA SER HA 432 42.95 -40.75 13.36
C SER HA 432 43.83 -40.09 14.41
N GLU HA 433 44.88 -40.77 14.85
CA GLU HA 433 45.82 -40.21 15.82
C GLU HA 433 47.17 -40.88 15.63
N PHE HA 434 48.23 -40.17 16.03
CA PHE HA 434 49.57 -40.69 15.90
C PHE HA 434 50.45 -40.13 17.01
N ASN HA 435 51.61 -40.77 17.18
CA ASN HA 435 52.61 -40.34 18.13
C ASN HA 435 53.97 -40.64 17.53
N VAL HA 436 54.92 -39.72 17.69
CA VAL HA 436 56.31 -39.93 17.27
C VAL HA 436 57.21 -39.26 18.31
N ASP HA 437 58.07 -40.06 18.94
CA ASP HA 437 58.90 -39.61 20.05
C ASP HA 437 60.19 -40.43 20.05
N ILE HA 438 61.09 -40.10 20.96
CA ILE HA 438 62.36 -40.81 21.12
C ILE HA 438 62.08 -42.12 21.85
N ASP HA 439 62.80 -43.17 21.45
CA ASP HA 439 62.70 -44.47 22.12
C ASP HA 439 63.71 -44.49 23.27
N THR HA 440 63.26 -43.95 24.41
CA THR HA 440 64.17 -43.71 25.53
C THR HA 440 64.75 -44.99 26.09
N GLU HA 441 63.94 -46.05 26.17
CA GLU HA 441 64.38 -47.32 26.74
C GLU HA 441 65.60 -47.85 26.01
N LEU HA 442 65.53 -47.91 24.68
CA LEU HA 442 66.66 -48.37 23.90
C LEU HA 442 67.72 -47.28 23.79
N GLN HA 443 67.32 -46.01 23.69
CA GLN HA 443 68.29 -44.94 23.47
C GLN HA 443 69.24 -44.79 24.64
N ALA HA 444 68.82 -45.18 25.84
CA ALA HA 444 69.73 -45.14 26.98
C ALA HA 444 70.93 -46.06 26.75
N THR HA 445 70.70 -47.24 26.20
CA THR HA 445 71.76 -48.20 25.90
C THR HA 445 72.36 -48.00 24.51
N ALA HA 446 71.98 -46.95 23.80
CA ALA HA 446 72.46 -46.76 22.44
C ALA HA 446 73.96 -46.48 22.39
N LYS HA 447 74.56 -46.85 21.27
CA LYS HA 447 75.89 -46.38 20.93
C LYS HA 447 75.80 -44.94 20.42
N ALA HA 448 76.95 -44.26 20.40
CA ALA HA 448 76.98 -42.84 20.08
C ALA HA 448 76.38 -42.54 18.71
N ASP HA 449 76.65 -43.41 17.73
CA ASP HA 449 76.15 -43.17 16.37
C ASP HA 449 74.67 -43.50 16.24
N GLU HA 450 74.20 -44.49 16.98
CA GLU HA 450 72.83 -44.96 16.83
C GLU HA 450 71.83 -43.92 17.33
N PHE HA 451 70.73 -43.79 16.61
CA PHE HA 451 69.57 -43.01 17.04
C PHE HA 451 68.34 -43.91 17.00
N TYR HA 452 67.55 -43.90 18.06
CA TYR HA 452 66.44 -44.84 18.20
C TYR HA 452 65.17 -44.02 18.38
N TRP HA 453 64.12 -44.34 17.63
CA TRP HA 453 62.83 -43.69 17.80
C TRP HA 453 61.71 -44.71 17.66
N LYS HA 454 60.51 -44.29 18.04
CA LYS HA 454 59.32 -45.12 17.99
C LYS HA 454 58.14 -44.28 17.52
N TRP HA 455 57.14 -44.95 16.96
CA TRP HA 455 55.93 -44.28 16.49
C TRP HA 455 54.71 -45.16 16.70
N ASP HA 456 53.57 -44.50 16.88
CA ASP HA 456 52.27 -45.15 17.00
C ASP HA 456 51.34 -44.53 15.98
N ALA HA 457 50.34 -45.29 15.57
CA ALA HA 457 49.29 -44.75 14.71
C ALA HA 457 48.02 -45.56 14.90
N VAL HA 458 46.91 -44.96 14.50
CA VAL HA 458 45.60 -45.61 14.53
C VAL HA 458 44.91 -45.35 13.20
N LYS HA 459 44.86 -46.36 12.34
CA LYS HA 459 44.20 -46.21 11.05
C LYS HA 459 42.71 -45.94 11.25
N VAL HA 460 42.16 -45.08 10.40
CA VAL HA 460 40.73 -44.78 10.46
C VAL HA 460 39.94 -46.01 10.06
N ASP HA 461 38.85 -46.26 10.78
CA ASP HA 461 38.02 -47.41 10.50
C ASP HA 461 37.20 -47.18 9.24
N VAL HA 462 37.00 -48.26 8.48
CA VAL HA 462 36.21 -48.26 7.25
C VAL HA 462 35.11 -49.29 7.42
N MET HA 463 33.87 -48.88 7.14
CA MET HA 463 32.75 -49.81 7.25
C MET HA 463 32.92 -50.96 6.28
N LYS HA 464 32.80 -52.18 6.80
CA LYS HA 464 32.75 -53.39 6.00
C LYS HA 464 31.50 -54.21 6.26
N LYS HA 465 31.09 -54.35 7.51
CA LYS HA 465 29.93 -55.15 7.90
C LYS HA 465 28.86 -54.23 8.46
N ILE HA 466 27.64 -54.39 7.97
CA ILE HA 466 26.51 -53.54 8.32
C ILE HA 466 25.32 -54.46 8.54
N TYR HA 467 24.67 -54.36 9.71
CA TYR HA 467 23.56 -55.25 10.03
C TYR HA 467 22.33 -54.38 10.31
N GLY HA 468 21.22 -54.71 9.66
CA GLY HA 468 19.97 -54.00 9.86
C GLY HA 468 18.88 -54.88 10.44
N THR HA 469 18.30 -54.45 11.56
CA THR HA 469 17.26 -55.20 12.26
C THR HA 469 15.90 -54.62 11.88
N GLY HA 470 15.11 -55.39 11.14
CA GLY HA 470 13.82 -54.92 10.67
C GLY HA 470 12.69 -55.23 11.64
N TYR HA 471 11.62 -54.43 11.49
CA TYR HA 471 10.39 -54.60 12.26
C TYR HA 471 9.23 -54.14 11.39
N LEU HA 472 8.02 -54.56 11.75
CA LEU HA 472 6.83 -54.22 10.96
C LEU HA 472 5.58 -54.14 11.81
N ILE IA 7 51.05 29.44 57.94
CA ILE IA 7 51.72 29.97 59.16
C ILE IA 7 51.63 28.96 60.29
N GLU IA 8 50.41 28.69 60.73
CA GLU IA 8 50.20 27.91 61.96
C GLU IA 8 50.59 26.47 61.74
N GLU IA 9 51.61 26.02 62.47
CA GLU IA 9 52.04 24.63 62.43
C GLU IA 9 50.95 23.68 62.88
N ALA IA 10 50.11 24.11 63.83
CA ALA IA 10 49.18 23.20 64.48
C ALA IA 10 48.02 22.80 63.57
N SER IA 11 47.75 23.56 62.52
CA SER IA 11 46.59 23.28 61.69
C SER IA 11 46.77 22.00 60.87
N PHE IA 12 48.01 21.64 60.54
CA PHE IA 12 48.25 20.45 59.75
C PHE IA 12 47.88 19.20 60.51
N LEU IA 13 47.35 18.21 59.77
CA LEU IA 13 46.85 16.97 60.32
C LEU IA 13 47.64 15.82 59.72
N ASN IA 14 48.19 14.97 60.57
CA ASN IA 14 48.99 13.84 60.13
C ASN IA 14 48.10 12.62 59.96
N GLY IA 15 48.59 11.67 59.18
CA GLY IA 15 47.88 10.42 59.02
C GLY IA 15 47.79 9.60 60.29
N SER IA 16 48.70 9.85 61.24
CA SER IA 16 48.73 9.10 62.49
C SER IA 16 47.55 9.41 63.41
N ASP IA 17 46.82 10.49 63.15
CA ASP IA 17 45.68 10.89 63.97
C ASP IA 17 44.36 10.33 63.42
N VAL IA 18 44.41 9.14 62.85
CA VAL IA 18 43.32 8.56 62.08
C VAL IA 18 42.84 7.29 62.78
N VAL IA 19 41.52 7.16 62.90
CA VAL IA 19 40.90 5.93 63.37
C VAL IA 19 39.73 5.61 62.45
N ILE IA 20 39.65 4.37 62.00
CA ILE IA 20 38.67 3.92 61.02
C ILE IA 20 37.80 2.85 61.65
N LEU IA 21 36.49 2.96 61.45
CA LEU IA 21 35.50 2.00 61.94
C LEU IA 21 34.78 1.40 60.75
N ILE IA 22 34.91 0.09 60.57
CA ILE IA 22 34.20 -0.65 59.52
C ILE IA 22 33.05 -1.38 60.20
N ASP IA 23 31.82 -0.94 59.91
CA ASP IA 23 30.62 -1.55 60.49
C ASP IA 23 30.67 -1.48 62.01
N GLY IA 24 31.19 -0.38 62.54
CA GLY IA 24 31.17 -0.10 63.96
C GLY IA 24 32.33 -0.64 64.76
N VAL IA 25 33.20 -1.46 64.17
CA VAL IA 25 34.36 -2.02 64.85
C VAL IA 25 35.61 -1.40 64.26
N GLU IA 26 36.53 -1.00 65.13
CA GLU IA 26 37.70 -0.25 64.71
C GLU IA 26 38.62 -1.13 63.87
N GLU IA 27 39.18 -0.52 62.83
CA GLU IA 27 40.15 -1.17 61.95
C GLU IA 27 41.51 -0.54 62.21
N LEU IA 28 42.47 -1.37 62.61
CA LEU IA 28 43.76 -0.89 63.10
C LEU IA 28 44.90 -1.04 62.11
N TYR IA 29 44.79 -1.97 61.17
CA TYR IA 29 45.89 -2.36 60.28
C TYR IA 29 45.74 -1.78 58.88
N MET IA 30 45.26 -0.54 58.78
CA MET IA 30 45.06 0.12 57.50
C MET IA 30 46.22 1.05 57.19
N GLU IA 31 46.57 1.12 55.90
CA GLU IA 31 47.68 1.93 55.41
C GLU IA 31 47.22 3.24 54.79
N GLU IA 32 46.13 3.23 54.04
CA GLU IA 32 45.58 4.46 53.48
C GLU IA 32 44.12 4.26 53.15
N ILE IA 33 43.41 5.38 53.03
CA ILE IA 33 41.99 5.41 52.72
C ILE IA 33 41.69 6.60 51.83
N LYS IA 34 40.72 6.41 50.93
CA LYS IA 34 40.28 7.44 50.01
C LYS IA 34 38.77 7.40 49.91
N ALA IA 35 38.16 8.56 49.71
CA ALA IA 35 36.72 8.62 49.47
C ALA IA 35 36.41 9.91 48.72
N ASP IA 36 35.67 9.78 47.62
CA ASP IA 36 35.28 10.90 46.79
C ASP IA 36 33.80 10.81 46.47
N PHE IA 37 33.16 11.96 46.36
CA PHE IA 37 31.74 12.09 46.02
C PHE IA 37 31.66 12.88 44.72
N GLU IA 38 31.44 12.16 43.62
CA GLU IA 38 31.69 12.67 42.27
C GLU IA 38 30.40 13.05 41.57
N GLN IA 39 30.45 14.17 40.84
CA GLN IA 39 29.35 14.59 39.98
C GLN IA 39 29.30 13.78 38.70
N ASP IA 40 28.09 13.64 38.15
CA ASP IA 40 27.90 13.38 36.73
C ASP IA 40 27.55 14.69 36.04
N GLU IA 41 28.56 15.57 35.99
CA GLU IA 41 28.34 16.95 35.58
C GLU IA 41 27.77 17.05 34.18
N GLN IA 42 26.72 17.85 34.03
CA GLN IA 42 25.99 17.99 32.78
C GLN IA 42 26.47 19.25 32.08
N SER IA 43 26.96 19.09 30.85
CA SER IA 43 27.43 20.20 30.04
C SER IA 43 26.30 20.68 29.14
N ILE IA 44 26.13 22.00 29.09
CA ILE IA 44 25.07 22.65 28.34
C ILE IA 44 25.71 23.66 27.41
N LYS IA 45 25.32 23.62 26.14
CA LYS IA 45 25.70 24.61 25.14
C LYS IA 45 24.43 25.27 24.64
N LEU IA 46 24.46 26.60 24.58
CA LEU IA 46 23.31 27.39 24.16
C LEU IA 46 23.63 28.13 22.87
N LEU IA 47 22.57 28.44 22.13
CA LEU IA 47 22.74 29.03 20.80
C LEU IA 47 23.24 30.47 20.90
N GLY IA 48 22.71 31.25 21.84
CA GLY IA 48 23.12 32.64 21.94
C GLY IA 48 24.40 32.89 22.73
N CYS IA 49 24.95 31.86 23.35
CA CYS IA 49 26.03 32.01 24.31
C CYS IA 49 27.23 31.17 23.87
N GLN IA 50 28.43 31.69 24.16
CA GLN IA 50 29.67 31.14 23.63
C GLN IA 50 30.53 30.46 24.69
N ASN IA 51 29.95 30.07 25.82
CA ASN IA 51 30.66 29.27 26.80
C ASN IA 51 29.72 28.18 27.33
N GLU IA 52 30.31 27.06 27.72
CA GLU IA 52 29.51 25.96 28.23
C GLU IA 52 28.98 26.26 29.61
N ILE IA 53 27.75 25.82 29.86
CA ILE IA 53 27.12 25.91 31.17
C ILE IA 53 27.13 24.53 31.79
N SER IA 54 27.61 24.46 33.04
CA SER IA 54 27.76 23.21 33.77
C SER IA 54 26.73 23.16 34.90
N ARG IA 55 26.09 22.01 35.05
CA ARG IA 55 25.07 21.79 36.06
C ARG IA 55 25.36 20.50 36.81
N VAL IA 56 24.85 20.42 38.03
CA VAL IA 56 25.10 19.27 38.89
C VAL IA 56 24.23 18.11 38.42
N GLY IA 57 24.86 16.96 38.22
CA GLY IA 57 24.17 15.73 37.92
C GLY IA 57 24.06 14.84 39.15
N THR IA 58 23.78 13.57 38.90
CA THR IA 58 23.67 12.62 39.99
C THR IA 58 25.02 12.39 40.65
N THR IA 59 25.00 12.25 41.97
CA THR IA 59 26.19 12.08 42.77
C THR IA 59 26.43 10.61 43.07
N LYS IA 60 27.67 10.17 42.89
CA LYS IA 60 28.09 8.83 43.25
C LYS IA 60 29.30 8.92 44.16
N GLY IA 61 29.39 7.97 45.08
CA GLY IA 61 30.52 7.85 46.00
C GLY IA 61 31.41 6.69 45.60
N SER IA 62 32.71 6.90 45.71
CA SER IA 62 33.71 5.87 45.48
C SER IA 62 34.76 5.94 46.57
N PHE IA 63 35.13 4.79 47.11
CA PHE IA 63 36.15 4.69 48.15
C PHE IA 63 37.16 3.63 47.77
N SER IA 64 38.38 3.80 48.27
CA SER IA 64 39.39 2.76 48.28
C SER IA 64 40.02 2.71 49.66
N LEU IA 65 40.53 1.54 50.00
CA LEU IA 65 40.90 1.24 51.38
C LEU IA 65 41.98 0.16 51.36
N ASN IA 66 43.23 0.59 51.55
CA ASN IA 66 44.39 -0.28 51.50
C ASN IA 66 44.92 -0.53 52.90
N GLY IA 67 45.32 -1.76 53.16
CA GLY IA 67 45.80 -2.11 54.47
C GLY IA 67 46.57 -3.41 54.48
N TYR IA 68 46.78 -3.91 55.70
CA TYR IA 68 47.52 -5.13 55.95
C TYR IA 68 46.56 -6.22 56.40
N LYS IA 69 46.72 -7.41 55.83
CA LYS IA 69 45.80 -8.50 56.10
C LYS IA 69 46.11 -9.12 57.46
N THR IA 70 45.08 -9.20 58.29
CA THR IA 70 45.14 -9.90 59.57
C THR IA 70 43.98 -10.86 59.79
N ASP IA 71 42.98 -10.85 58.91
CA ASP IA 71 41.84 -11.72 59.03
C ASP IA 71 41.15 -11.78 57.66
N SER IA 72 40.12 -12.62 57.57
CA SER IA 72 39.30 -12.73 56.36
C SER IA 72 38.05 -11.89 56.48
N LYS IA 73 38.16 -10.71 57.09
CA LYS IA 73 36.99 -9.87 57.36
C LYS IA 73 36.27 -9.50 56.07
N PHE IA 74 37.03 -9.08 55.06
CA PHE IA 74 36.40 -8.61 53.83
C PHE IA 74 35.86 -9.78 52.99
N ALA IA 75 36.49 -10.95 53.09
CA ALA IA 75 35.98 -12.12 52.37
C ALA IA 75 34.66 -12.58 52.96
N LYS IA 76 34.56 -12.64 54.30
CA LYS IA 76 33.26 -12.90 54.93
C LYS IA 76 32.27 -11.79 54.62
N LEU IA 77 32.73 -10.54 54.63
CA LEU IA 77 31.83 -9.41 54.42
C LEU IA 77 31.16 -9.49 53.06
N GLY IA 78 31.83 -10.07 52.07
CA GLY IA 78 31.22 -10.26 50.78
C GLY IA 78 30.84 -8.95 50.15
N PHE IA 79 29.68 -8.93 49.50
CA PHE IA 79 29.15 -7.75 48.86
C PHE IA 79 28.02 -7.13 49.65
N ARG IA 80 27.89 -7.47 50.93
CA ARG IA 80 26.89 -6.83 51.78
C ARG IA 80 27.22 -5.35 51.96
N SER IA 81 26.17 -4.57 52.21
CA SER IA 81 26.33 -3.15 52.50
C SER IA 81 26.86 -2.96 53.91
N PHE IA 82 27.78 -2.00 54.05
CA PHE IA 82 28.35 -1.65 55.35
C PHE IA 82 28.58 -0.14 55.38
N GLU IA 83 29.01 0.34 56.53
CA GLU IA 83 29.31 1.75 56.74
C GLU IA 83 30.76 1.92 57.16
N ILE IA 84 31.30 3.09 56.83
CA ILE IA 84 32.66 3.48 57.20
C ILE IA 84 32.55 4.80 57.93
N ILE IA 85 33.02 4.85 59.17
CA ILE IA 85 33.14 6.08 59.94
C ILE IA 85 34.62 6.40 60.02
N TYR IA 86 34.98 7.58 59.51
CA TYR IA 86 36.35 8.04 59.44
C TYR IA 86 36.52 9.27 60.31
N ASN IA 87 37.39 9.18 61.30
CA ASN IA 87 37.67 10.27 62.21
C ASN IA 87 39.13 10.70 62.05
N LEU IA 88 39.33 11.98 61.79
CA LEU IA 88 40.65 12.59 61.70
C LEU IA 88 40.72 13.67 62.75
N SER IA 89 41.57 13.47 63.75
CA SER IA 89 41.67 14.34 64.90
C SER IA 89 42.93 15.21 64.83
N ASN IA 90 42.86 16.36 65.47
CA ASN IA 90 44.01 17.19 65.74
C ASN IA 90 44.48 16.94 67.17
N SER IA 91 45.80 17.00 67.36
CA SER IA 91 46.42 16.83 68.67
C SER IA 91 46.78 18.15 69.32
N GLU IA 92 47.47 19.03 68.59
CA GLU IA 92 47.83 20.33 69.16
C GLU IA 92 46.58 21.16 69.44
N THR IA 93 45.60 21.08 68.55
CA THR IA 93 44.25 21.55 68.80
C THR IA 93 43.39 20.35 69.16
N LEU IA 94 42.25 20.60 69.79
CA LEU IA 94 41.34 19.54 70.19
C LEU IA 94 40.25 19.26 69.16
N GLY IA 95 40.26 19.96 68.02
CA GLY IA 95 39.24 19.74 67.03
C GLY IA 95 39.44 18.45 66.27
N TYR IA 96 38.35 17.98 65.66
CA TYR IA 96 38.40 16.75 64.90
C TYR IA 96 37.27 16.74 63.87
N GLU IA 97 37.50 15.98 62.82
CA GLU IA 97 36.53 15.75 61.75
C GLU IA 97 36.06 14.30 61.83
N SER IA 98 34.78 14.08 61.57
CA SER IA 98 34.22 12.75 61.51
C SER IA 98 33.29 12.66 60.30
N ILE IA 99 33.50 11.64 59.46
CA ILE IA 99 32.76 11.45 58.23
C ILE IA 99 32.23 10.02 58.24
N ARG IA 100 30.95 9.86 57.96
CA ARG IA 100 30.28 8.57 57.92
C ARG IA 100 29.86 8.31 56.48
N LEU IA 101 30.47 7.30 55.86
CA LEU IA 101 30.07 6.85 54.54
C LEU IA 101 29.03 5.74 54.68
N LYS IA 102 27.89 5.91 54.00
CA LYS IA 102 26.73 5.06 54.15
C LYS IA 102 26.54 4.18 52.92
N ASN IA 103 26.00 2.98 53.15
CA ASN IA 103 25.69 2.02 52.10
C ASN IA 103 26.94 1.70 51.28
N CYS IA 104 28.07 1.58 51.97
CA CYS IA 104 29.31 1.21 51.31
C CYS IA 104 29.25 -0.26 50.89
N ARG IA 105 29.77 -0.54 49.70
CA ARG IA 105 29.70 -1.87 49.12
C ARG IA 105 30.94 -2.12 48.29
N LEU IA 106 31.53 -3.30 48.45
CA LEU IA 106 32.78 -3.61 47.77
C LEU IA 106 32.53 -3.91 46.29
N LYS IA 107 33.41 -3.39 45.44
CA LYS IA 107 33.37 -3.73 44.03
C LYS IA 107 33.97 -5.10 43.77
N LYS IA 108 35.00 -5.48 44.51
CA LYS IA 108 35.61 -6.78 44.37
C LYS IA 108 36.14 -7.25 45.71
N LEU IA 109 36.21 -8.56 45.87
CA LEU IA 109 36.66 -9.21 47.10
C LEU IA 109 38.15 -9.47 47.03
N PRO IA 110 38.98 -9.01 47.99
CA PRO IA 110 40.41 -9.36 47.92
C PRO IA 110 40.67 -10.75 48.51
N LEU IA 111 40.36 -11.78 47.72
CA LEU IA 111 40.48 -13.14 48.23
C LEU IA 111 41.93 -13.49 48.50
N ILE IA 112 42.82 -13.26 47.54
CA ILE IA 112 44.22 -13.64 47.64
C ILE IA 112 45.07 -12.49 47.11
N ASN IA 113 46.09 -12.11 47.89
CA ASN IA 113 47.08 -11.14 47.42
C ASN IA 113 48.33 -11.36 48.29
N SER IA 114 49.31 -12.07 47.74
CA SER IA 114 50.54 -12.34 48.47
C SER IA 114 51.70 -12.38 47.49
N LYS IA 115 52.85 -11.91 47.96
CA LYS IA 115 54.09 -11.90 47.19
C LYS IA 115 55.14 -12.66 47.99
N ALA IA 116 56.28 -12.91 47.34
CA ALA IA 116 57.22 -13.93 47.82
C ALA IA 116 57.74 -13.64 49.21
N GLY IA 117 58.22 -12.43 49.45
CA GLY IA 117 58.86 -12.08 50.70
C GLY IA 117 58.36 -10.80 51.34
N GLU IA 118 57.16 -10.37 50.96
CA GLU IA 118 56.55 -9.16 51.46
C GLU IA 118 55.41 -9.49 52.42
N ILE IA 119 55.04 -8.48 53.21
CA ILE IA 119 53.93 -8.64 54.14
C ILE IA 119 52.63 -8.65 53.35
N VAL IA 120 51.73 -9.55 53.73
CA VAL IA 120 50.47 -9.72 53.00
C VAL IA 120 49.64 -8.47 53.20
N LYS IA 121 49.32 -7.80 52.11
CA LYS IA 121 48.50 -6.59 52.10
C LYS IA 121 47.14 -6.89 51.49
N ILE IA 122 46.17 -6.07 51.88
CA ILE IA 122 44.80 -6.16 51.39
C ILE IA 122 44.39 -4.79 50.88
N GLU IA 123 43.83 -4.75 49.68
CA GLU IA 123 43.36 -3.52 49.06
C GLU IA 123 41.96 -3.76 48.51
N VAL IA 124 41.03 -2.87 48.86
CA VAL IA 124 39.64 -2.96 48.41
C VAL IA 124 39.21 -1.61 47.87
N GLU IA 125 38.18 -1.67 47.03
CA GLU IA 125 37.55 -0.49 46.46
C GLU IA 125 36.05 -0.75 46.41
N GLY IA 126 35.29 0.33 46.32
CA GLY IA 126 33.85 0.18 46.32
C GLY IA 126 33.18 1.52 46.12
N SER IA 127 31.86 1.51 46.35
CA SER IA 127 31.02 2.66 46.17
C SER IA 127 30.13 2.86 47.39
N PHE IA 128 29.76 4.11 47.64
CA PHE IA 128 28.84 4.46 48.71
C PHE IA 128 27.82 5.46 48.19
N ARG IA 129 26.65 5.47 48.82
CA ARG IA 129 25.53 6.28 48.35
C ARG IA 129 25.71 7.74 48.75
N GLY IA 130 25.84 7.99 50.05
CA GLY IA 130 25.95 9.34 50.57
C GLY IA 130 26.84 9.37 51.79
N TYR IA 131 27.00 10.57 52.33
CA TYR IA 131 27.89 10.81 53.45
C TYR IA 131 27.22 11.74 54.45
N ASP IA 132 27.59 11.57 55.72
CA ASP IA 132 27.20 12.46 56.81
C ASP IA 132 28.47 13.05 57.41
N LEU IA 133 28.56 14.37 57.43
CA LEU IA 133 29.67 15.08 58.06
C LEU IA 133 29.31 15.27 59.52
N LEU IA 134 29.64 14.26 60.33
CA LEU IA 134 29.22 14.25 61.72
C LEU IA 134 29.87 15.38 62.52
N ASN IA 135 31.16 15.58 62.32
CA ASN IA 135 31.92 16.58 63.05
C ASN IA 135 32.96 17.18 62.11
N GLU IA 136 33.67 18.19 62.59
CA GLU IA 136 34.48 19.02 61.71
C GLU IA 136 35.41 19.97 62.47
N GLU JA 13 32.88 -62.84 10.11
CA GLU JA 13 31.85 -62.59 9.06
C GLU JA 13 32.49 -61.97 7.83
N ILE JA 14 31.65 -61.66 6.83
CA ILE JA 14 32.09 -61.18 5.52
C ILE JA 14 31.50 -59.79 5.35
N PRO JA 15 32.15 -58.87 4.64
CA PRO JA 15 31.53 -57.55 4.41
C PRO JA 15 30.18 -57.64 3.68
N GLY JA 16 29.24 -56.83 4.13
CA GLY JA 16 27.98 -56.63 3.42
C GLY JA 16 26.82 -56.39 4.36
N PHE JA 17 25.70 -55.95 3.77
CA PHE JA 17 24.44 -55.88 4.50
C PHE JA 17 23.94 -57.26 4.89
N TYR JA 18 23.36 -57.35 6.07
CA TYR JA 18 22.72 -58.56 6.58
C TYR JA 18 21.43 -58.12 7.27
N ASN JA 19 20.37 -57.96 6.48
CA ASN JA 19 19.07 -57.56 6.98
C ASN JA 19 18.39 -58.79 7.59
N ARG JA 20 18.07 -58.71 8.88
CA ARG JA 20 17.48 -59.83 9.60
C ARG JA 20 16.38 -59.28 10.51
N PHE JA 21 15.14 -59.49 10.09
CA PHE JA 21 13.98 -59.15 10.90
C PHE JA 21 14.03 -59.89 12.23
N LYS JA 22 13.73 -59.16 13.31
CA LYS JA 22 13.56 -59.73 14.64
C LYS JA 22 12.13 -59.50 15.09
N THR JA 23 11.53 -60.53 15.70
CA THR JA 23 10.15 -60.43 16.13
C THR JA 23 10.00 -59.39 17.23
N GLN JA 24 8.85 -58.70 17.22
CA GLN JA 24 8.60 -57.64 18.19
C GLN JA 24 8.46 -58.15 19.61
N ALA JA 25 8.19 -59.45 19.80
CA ALA JA 25 8.05 -59.98 21.14
C ALA JA 25 9.36 -59.89 21.94
N GLU JA 26 10.50 -59.80 21.26
CA GLU JA 26 11.81 -59.83 21.91
C GLU JA 26 12.28 -58.42 22.26
N LYS JA 27 11.49 -57.75 23.11
CA LYS JA 27 11.84 -56.41 23.56
C LYS JA 27 12.76 -56.48 24.77
N SER JA 28 13.76 -55.62 24.80
CA SER JA 28 14.62 -55.49 25.96
C SER JA 28 13.90 -54.73 27.07
N THR JA 29 14.39 -54.91 28.29
CA THR JA 29 13.78 -54.26 29.45
C THR JA 29 14.03 -52.75 29.40
N ASN JA 30 13.49 -52.05 30.39
CA ASN JA 30 13.59 -50.60 30.45
C ASN JA 30 15.03 -50.16 30.68
N THR JA 31 15.24 -48.85 30.73
CA THR JA 31 16.55 -48.25 30.95
C THR JA 31 16.67 -47.50 32.27
N GLY JA 32 15.56 -47.02 32.82
CA GLY JA 32 15.60 -46.29 34.08
C GLY JA 32 15.69 -47.21 35.29
N LEU JA 33 16.86 -47.81 35.48
CA LEU JA 33 17.10 -48.76 36.55
C LEU JA 33 18.36 -48.37 37.32
N LYS JA 34 18.39 -48.71 38.60
CA LYS JA 34 19.49 -48.35 39.48
C LYS JA 34 19.55 -49.36 40.62
N GLY JA 35 20.72 -49.41 41.26
CA GLY JA 35 20.87 -50.12 42.52
C GLY JA 35 21.18 -51.60 42.35
N ARG JA 36 21.58 -52.20 43.47
CA ARG JA 36 21.99 -53.60 43.53
C ARG JA 36 21.23 -54.32 44.63
N LEU JA 37 20.80 -55.56 44.34
CA LEU JA 37 19.98 -56.35 45.26
C LEU JA 37 20.52 -57.77 45.34
N ALA JA 38 20.38 -58.35 46.54
CA ALA JA 38 20.72 -59.74 46.79
C ALA JA 38 19.47 -60.61 46.82
N MET JA 39 19.65 -61.88 46.49
CA MET JA 39 18.53 -62.80 46.31
C MET JA 39 18.95 -64.25 46.54
N PRO JA 40 18.76 -64.81 47.75
CA PRO JA 40 19.04 -66.27 47.94
C PRO JA 40 17.93 -67.13 47.36
N ILE JA 41 17.93 -67.24 46.03
CA ILE JA 41 16.80 -67.87 45.34
C ILE JA 41 16.79 -69.37 45.60
N ARG JA 42 15.60 -69.89 45.93
CA ARG JA 42 15.36 -71.33 46.03
C ARG JA 42 14.97 -71.83 44.65
N ALA JA 43 15.97 -72.12 43.84
CA ALA JA 43 15.76 -72.53 42.46
C ALA JA 43 15.79 -74.04 42.36
N ASN JA 44 14.76 -74.61 41.72
CA ASN JA 44 14.82 -76.02 41.34
C ASN JA 44 16.03 -76.30 40.47
N TRP JA 45 16.34 -75.38 39.56
CA TRP JA 45 17.48 -75.48 38.68
C TRP JA 45 18.24 -74.16 38.68
N GLY JA 46 19.56 -74.24 38.54
CA GLY JA 46 20.39 -73.05 38.49
C GLY JA 46 21.77 -73.32 39.05
N ASP JA 47 22.49 -72.23 39.26
CA ASP JA 47 23.91 -72.27 39.61
C ASP JA 47 24.06 -72.38 41.12
N VAL JA 48 24.60 -73.51 41.58
CA VAL JA 48 24.73 -73.82 43.00
C VAL JA 48 26.15 -73.51 43.46
N GLY JA 49 26.28 -72.86 44.61
CA GLY JA 49 27.57 -72.55 45.19
C GLY JA 49 28.22 -71.28 44.69
N LYS JA 50 27.51 -70.46 43.92
CA LYS JA 50 28.07 -69.23 43.38
C LYS JA 50 26.96 -68.21 43.16
N VAL JA 51 27.32 -66.94 43.24
CA VAL JA 51 26.41 -65.82 43.05
C VAL JA 51 26.57 -65.33 41.62
N VAL JA 52 25.43 -65.12 40.94
CA VAL JA 52 25.40 -64.67 39.55
C VAL JA 52 24.79 -63.28 39.54
N THR JA 53 25.40 -62.38 38.76
CA THR JA 53 24.98 -60.98 38.66
C THR JA 53 24.15 -60.82 37.41
N ILE JA 54 22.84 -60.93 37.55
CA ILE JA 54 21.92 -60.75 36.44
C ILE JA 54 21.73 -59.26 36.18
N LYS JA 55 21.70 -58.88 34.91
CA LYS JA 55 21.51 -57.50 34.50
C LYS JA 55 20.02 -57.16 34.50
N ASN JA 56 19.68 -56.00 33.93
CA ASN JA 56 18.28 -55.61 33.75
C ASN JA 56 17.48 -56.67 33.01
N ASP JA 57 18.10 -57.35 32.04
CA ASP JA 57 17.37 -58.26 31.17
C ASP JA 57 16.82 -59.45 31.97
N LEU JA 58 15.54 -59.77 31.71
CA LEU JA 58 14.93 -60.97 32.27
C LEU JA 58 15.41 -62.25 31.61
N ARG JA 59 16.17 -62.15 30.52
CA ARG JA 59 16.43 -63.34 29.71
C ARG JA 59 17.44 -64.25 30.39
N GLN JA 60 18.47 -63.66 30.99
CA GLN JA 60 19.45 -64.46 31.72
C GLN JA 60 18.79 -65.15 32.91
N LEU JA 61 17.82 -64.48 33.55
CA LEU JA 61 17.14 -65.08 34.69
C LEU JA 61 16.42 -66.36 34.29
N LYS JA 62 15.62 -66.33 33.22
CA LYS JA 62 14.87 -67.54 32.88
C LYS JA 62 15.78 -68.59 32.27
N ASN JA 63 16.78 -68.15 31.51
CA ASN JA 63 17.72 -69.10 30.91
C ASN JA 63 18.52 -69.84 31.99
N LEU JA 64 18.83 -69.16 33.09
CA LEU JA 64 19.67 -69.73 34.13
C LEU JA 64 18.88 -70.33 35.30
N PHE JA 65 17.64 -69.91 35.51
CA PHE JA 65 16.86 -70.30 36.69
C PHE JA 65 15.43 -70.67 36.32
N GLY JA 66 15.27 -71.40 35.23
CA GLY JA 66 13.98 -71.96 34.87
C GLY JA 66 12.95 -70.92 34.46
N ASP JA 67 11.85 -71.39 33.86
CA ASP JA 67 10.76 -70.54 33.42
C ASP JA 67 9.51 -70.78 34.25
N ASP JA 68 9.56 -71.68 35.23
CA ASP JA 68 8.36 -72.13 35.92
C ASP JA 68 7.98 -71.17 37.04
N MET JA 69 6.67 -70.90 37.15
CA MET JA 69 6.19 -69.93 38.13
C MET JA 69 6.34 -70.45 39.55
N ASN JA 70 6.10 -71.75 39.77
CA ASN JA 70 6.18 -72.29 41.12
C ASN JA 70 7.61 -72.18 41.67
N TYR JA 71 8.61 -72.14 40.80
CA TYR JA 71 9.98 -71.94 41.25
C TYR JA 71 10.08 -70.59 41.95
N SER JA 72 10.52 -70.60 43.20
CA SER JA 72 10.70 -69.34 43.92
C SER JA 72 11.71 -68.44 43.21
N ALA JA 73 12.72 -69.05 42.58
CA ALA JA 73 13.75 -68.29 41.88
C ALA JA 73 13.15 -67.43 40.79
N PHE JA 74 12.45 -68.05 39.83
CA PHE JA 74 11.89 -67.29 38.72
C PHE JA 74 10.84 -66.30 39.19
N LYS JA 75 9.95 -66.72 40.09
CA LYS JA 75 8.86 -65.87 40.54
C LYS JA 75 9.40 -64.61 41.21
N LEU JA 76 10.29 -64.79 42.18
CA LEU JA 76 10.80 -63.65 42.93
C LEU JA 76 11.82 -62.83 42.14
N GLY JA 77 12.58 -63.46 41.24
CA GLY JA 77 13.43 -62.67 40.36
C GLY JA 77 12.62 -61.81 39.42
N LYS JA 78 11.51 -62.34 38.91
CA LYS JA 78 10.60 -61.54 38.12
C LYS JA 78 10.06 -60.38 38.92
N LEU JA 79 9.69 -60.62 40.19
CA LEU JA 79 9.26 -59.51 41.05
C LEU JA 79 10.36 -58.45 41.17
N ALA JA 80 11.59 -58.90 41.44
CA ALA JA 80 12.67 -57.95 41.67
C ALA JA 80 12.97 -57.13 40.42
N LEU JA 81 12.94 -57.76 39.25
CA LEU JA 81 13.28 -57.08 38.02
C LEU JA 81 12.15 -56.20 37.51
N LEU JA 82 10.89 -56.56 37.79
CA LEU JA 82 9.81 -55.57 37.67
C LEU JA 82 9.91 -54.48 38.73
N GLY JA 83 10.64 -54.73 39.82
CA GLY JA 83 11.03 -53.67 40.73
C GLY JA 83 12.12 -52.76 40.18
N ASN JA 84 12.65 -53.07 38.99
CA ASN JA 84 13.55 -52.19 38.24
C ASN JA 84 14.88 -51.99 38.96
N VAL JA 85 15.41 -53.08 39.53
CA VAL JA 85 16.77 -53.10 40.05
C VAL JA 85 17.74 -53.26 38.89
N LYS JA 86 18.80 -52.45 38.90
CA LYS JA 86 19.77 -52.47 37.80
C LYS JA 86 20.51 -53.81 37.75
N GLU JA 87 21.07 -54.23 38.88
CA GLU JA 87 21.79 -55.50 39.00
C GLU JA 87 21.16 -56.33 40.12
N LEU JA 88 20.76 -57.55 39.78
CA LEU JA 88 20.12 -58.47 40.73
C LEU JA 88 21.06 -59.64 40.91
N LEU JA 89 21.55 -59.82 42.13
CA LEU JA 89 22.55 -60.83 42.45
C LEU JA 89 21.85 -62.06 43.01
N LEU JA 90 21.82 -63.13 42.21
CA LEU JA 90 21.12 -64.36 42.55
C LEU JA 90 22.11 -65.42 43.03
N TYR JA 91 21.75 -66.06 44.15
CA TYR JA 91 22.46 -67.24 44.65
C TYR JA 91 21.44 -68.36 44.79
N ARG JA 92 21.67 -69.45 44.08
CA ARG JA 92 20.79 -70.60 44.23
C ARG JA 92 20.92 -71.20 45.61
N LEU JA 93 19.79 -71.66 46.15
CA LEU JA 93 19.72 -72.26 47.47
C LEU JA 93 19.18 -73.68 47.32
N VAL JA 94 19.99 -74.66 47.71
CA VAL JA 94 19.57 -76.06 47.70
C VAL JA 94 20.01 -76.72 49.00
N ASP JA 95 19.32 -77.78 49.38
CA ASP JA 95 19.70 -78.55 50.54
C ASP JA 95 20.98 -79.32 50.28
N GLY JA 96 21.65 -79.73 51.36
CA GLY JA 96 22.84 -80.55 51.23
C GLY JA 96 22.56 -81.86 50.53
N ASN JA 97 21.42 -82.48 50.86
CA ASN JA 97 21.06 -83.75 50.22
C ASN JA 97 20.76 -83.55 48.72
N GLN JA 98 20.32 -82.35 48.34
CA GLN JA 98 20.05 -82.07 46.94
C GLN JA 98 21.32 -82.18 46.12
N LYS JA 99 21.22 -82.86 44.97
CA LYS JA 99 22.40 -83.21 44.17
C LYS JA 99 22.02 -83.19 42.69
N LYS JA 100 22.99 -83.52 41.85
CA LYS JA 100 22.79 -83.57 40.40
C LYS JA 100 22.06 -84.85 40.00
N GLY JA 101 21.08 -84.69 39.11
CA GLY JA 101 20.57 -85.85 38.39
C GLY JA 101 21.67 -86.48 37.57
N THR JA 102 21.69 -87.81 37.54
CA THR JA 102 22.76 -88.55 36.89
C THR JA 102 22.20 -89.80 36.23
N LEU JA 103 22.73 -90.10 35.04
CA LEU JA 103 22.42 -91.34 34.34
C LEU JA 103 23.66 -91.80 33.60
N THR JA 104 23.68 -93.09 33.27
CA THR JA 104 24.78 -93.71 32.53
C THR JA 104 24.22 -94.38 31.29
N LEU JA 105 24.85 -94.12 30.15
CA LEU JA 105 24.53 -94.83 28.92
C LEU JA 105 25.37 -96.09 28.83
N LYS JA 106 24.91 -97.04 28.01
CA LYS JA 106 25.61 -98.30 27.83
C LYS JA 106 25.50 -98.74 26.38
N ASP JA 107 26.41 -99.61 25.97
CA ASP JA 107 26.45 -100.15 24.62
C ASP JA 107 25.78 -101.52 24.59
N THR JA 108 25.47 -101.96 23.36
CA THR JA 108 24.84 -103.26 23.11
C THR JA 108 25.64 -104.11 22.12
N THR JA 109 26.86 -103.70 21.76
CA THR JA 109 27.67 -104.51 20.85
C THR JA 109 28.00 -105.85 21.48
N GLU JA 110 28.38 -105.86 22.75
CA GLU JA 110 28.70 -107.08 23.47
C GLU JA 110 27.43 -107.70 24.05
N ASN JA 111 27.55 -108.96 24.48
CA ASN JA 111 26.42 -109.64 25.11
C ASN JA 111 26.03 -108.95 26.40
N SER JA 112 27.01 -108.53 27.20
CA SER JA 112 26.79 -107.80 28.44
C SER JA 112 27.09 -106.33 28.22
N ALA JA 113 26.12 -105.47 28.53
CA ALA JA 113 26.30 -104.04 28.34
C ALA JA 113 27.23 -103.46 29.39
N LYS JA 114 27.93 -102.39 29.02
CA LYS JA 114 28.88 -101.73 29.90
C LYS JA 114 28.78 -100.23 29.73
N ASP JA 115 29.15 -99.51 30.78
CA ASP JA 115 29.02 -98.06 30.81
C ASP JA 115 30.12 -97.41 29.97
N VAL JA 116 29.73 -96.45 29.14
CA VAL JA 116 30.68 -95.65 28.37
C VAL JA 116 30.46 -94.15 28.51
N ILE JA 117 29.27 -93.68 28.91
CA ILE JA 117 28.98 -92.26 29.08
C ILE JA 117 28.17 -92.08 30.36
N LYS JA 118 28.48 -91.02 31.11
CA LYS JA 118 27.65 -90.53 32.20
C LYS JA 118 27.12 -89.16 31.83
N LEU JA 119 25.80 -89.01 31.87
CA LEU JA 119 25.13 -87.74 31.70
C LEU JA 119 24.70 -87.24 33.06
N GLU JA 120 25.31 -86.16 33.52
CA GLU JA 120 24.98 -85.53 34.79
C GLU JA 120 24.46 -84.13 34.50
N THR JA 121 23.48 -83.70 35.29
CA THR JA 121 22.98 -82.33 35.15
C THR JA 121 24.12 -81.36 35.39
N LYS JA 122 24.17 -80.30 34.57
CA LYS JA 122 25.28 -79.35 34.65
C LYS JA 122 25.43 -78.77 36.04
N TYR JA 123 24.31 -78.55 36.72
CA TYR JA 123 24.28 -78.08 38.09
C TYR JA 123 23.27 -78.94 38.85
N PRO JA 124 23.33 -78.97 40.18
CA PRO JA 124 22.42 -79.84 40.94
C PRO JA 124 20.96 -79.57 40.62
N THR JA 125 20.20 -80.64 40.41
CA THR JA 125 18.75 -80.54 40.16
C THR JA 125 18.17 -81.94 40.09
N ALA JA 126 16.84 -82.02 40.23
CA ALA JA 126 16.10 -83.25 40.06
C ALA JA 126 14.82 -83.02 39.27
N ARG JA 127 14.84 -82.04 38.37
CA ARG JA 127 13.68 -81.74 37.53
C ARG JA 127 13.43 -82.89 36.56
N ASN JA 128 12.35 -82.76 35.78
CA ASN JA 128 11.98 -83.79 34.81
C ASN JA 128 12.82 -83.66 33.54
N PHE JA 129 14.12 -83.84 33.71
CA PHE JA 129 15.08 -83.74 32.61
C PHE JA 129 15.32 -85.14 32.06
N ASN JA 130 14.76 -85.42 30.90
CA ASN JA 130 14.76 -86.74 30.30
C ASN JA 130 15.71 -86.79 29.12
N VAL JA 131 16.12 -88.01 28.75
CA VAL JA 131 17.05 -88.24 27.65
C VAL JA 131 16.45 -89.30 26.75
N THR JA 132 16.76 -89.20 25.45
CA THR JA 132 16.38 -90.23 24.50
C THR JA 132 17.48 -90.35 23.46
N ILE JA 133 17.87 -91.60 23.16
CA ILE JA 133 18.95 -91.90 22.22
C ILE JA 133 18.46 -93.00 21.28
N LYS JA 134 18.73 -92.83 19.99
CA LYS JA 134 18.30 -93.78 18.98
C LYS JA 134 19.32 -93.77 17.84
N SER JA 135 19.12 -94.66 16.89
CA SER JA 135 20.01 -94.76 15.74
C SER JA 135 19.70 -93.65 14.73
N ASN JA 136 20.74 -93.22 14.02
CA ASN JA 136 20.61 -92.21 12.98
C ASN JA 136 20.30 -92.87 11.65
N LEU JA 137 19.26 -92.37 10.97
CA LEU JA 137 18.84 -92.98 9.71
C LEU JA 137 19.78 -92.61 8.58
N VAL JA 138 20.32 -91.39 8.60
CA VAL JA 138 21.18 -90.95 7.50
C VAL JA 138 22.47 -91.77 7.46
N ASP JA 139 23.10 -91.96 8.62
CA ASP JA 139 24.35 -92.69 8.74
C ASP JA 139 24.19 -93.76 9.82
N SER JA 140 24.62 -94.99 9.51
CA SER JA 140 24.50 -96.08 10.47
C SER JA 140 25.33 -95.82 11.71
N ASP JA 141 26.56 -95.32 11.54
CA ASP JA 141 27.43 -95.09 12.68
C ASP JA 141 26.94 -93.95 13.57
N LYS JA 142 26.18 -93.01 13.02
CA LYS JA 142 25.68 -91.89 13.81
C LYS JA 142 24.50 -92.31 14.66
N LYS JA 143 24.27 -91.55 15.73
CA LYS JA 143 23.12 -91.73 16.60
C LYS JA 143 22.49 -90.37 16.89
N ASP JA 144 21.17 -90.38 17.06
CA ASP JA 144 20.42 -89.17 17.41
C ASP JA 144 20.29 -89.11 18.93
N PHE JA 145 20.73 -88.00 19.51
CA PHE JA 145 20.63 -87.75 20.95
C PHE JA 145 19.70 -86.56 21.17
N ILE JA 146 18.69 -86.76 22.02
CA ILE JA 146 17.66 -85.77 22.26
C ILE JA 146 17.46 -85.63 23.76
N PHE JA 147 17.21 -84.40 24.21
CA PHE JA 147 16.94 -84.10 25.61
C PHE JA 147 15.59 -83.41 25.74
N PHE JA 148 14.83 -83.82 26.75
CA PHE JA 148 13.48 -83.31 27.03
C PHE JA 148 13.42 -82.64 28.40
N GLU JA 149 12.59 -81.59 28.48
CA GLU JA 149 12.34 -80.85 29.70
C GLU JA 149 10.82 -80.73 29.89
N ASN JA 150 10.26 -81.49 30.83
CA ASN JA 150 8.83 -81.52 31.08
C ASN JA 150 8.06 -81.79 29.79
N THR JA 151 8.55 -82.77 29.03
CA THR JA 151 7.99 -83.13 27.73
C THR JA 151 8.20 -82.03 26.68
N LYS JA 152 9.25 -81.23 26.83
CA LYS JA 152 9.62 -80.19 25.87
C LYS JA 152 11.06 -80.40 25.44
N GLN JA 153 11.28 -80.48 24.13
CA GLN JA 153 12.61 -80.73 23.62
C GLN JA 153 13.56 -79.57 23.91
N LEU JA 154 14.78 -79.91 24.31
CA LEU JA 154 15.84 -78.93 24.57
C LEU JA 154 16.96 -79.01 23.55
N PHE JA 155 17.49 -80.20 23.29
CA PHE JA 155 18.63 -80.39 22.40
C PHE JA 155 18.32 -81.55 21.47
N SER JA 156 18.84 -81.47 20.24
CA SER JA 156 18.67 -82.53 19.27
C SER JA 156 19.79 -82.45 18.24
N SER JA 157 20.52 -83.55 18.07
CA SER JA 157 21.61 -83.59 17.10
C SER JA 157 21.93 -85.04 16.77
N SER JA 158 22.56 -85.22 15.61
CA SER JA 158 23.06 -86.51 15.16
C SER JA 158 24.58 -86.45 15.13
N ILE JA 159 25.22 -87.37 15.84
CA ILE JA 159 26.68 -87.39 16.00
C ILE JA 159 27.15 -88.82 15.81
N LYS JA 160 28.39 -88.97 15.33
CA LYS JA 160 28.99 -90.28 15.12
C LYS JA 160 28.93 -91.11 16.39
N GLY JA 161 28.88 -92.44 16.22
CA GLY JA 161 28.75 -93.35 17.35
C GLY JA 161 29.94 -93.37 18.28
N THR JA 162 31.07 -92.78 17.88
CA THR JA 162 32.23 -92.71 18.76
C THR JA 162 31.89 -91.92 20.02
N ILE JA 163 32.28 -92.47 21.17
CA ILE JA 163 31.96 -91.83 22.44
C ILE JA 163 32.64 -90.47 22.56
N ASP JA 164 33.82 -90.31 21.96
CA ASP JA 164 34.53 -89.04 22.04
C ASP JA 164 33.74 -87.93 21.38
N GLU JA 165 33.26 -88.16 20.15
CA GLU JA 165 32.48 -87.15 19.45
C GLU JA 165 31.16 -86.87 20.16
N ILE JA 166 30.54 -87.92 20.71
CA ILE JA 166 29.27 -87.75 21.41
C ILE JA 166 29.45 -86.84 22.62
N VAL JA 167 30.48 -87.13 23.43
CA VAL JA 167 30.74 -86.31 24.61
C VAL JA 167 31.12 -84.90 24.19
N LEU JA 168 31.90 -84.76 23.12
CA LEU JA 168 32.33 -83.44 22.66
C LEU JA 168 31.13 -82.58 22.26
N GLU JA 169 30.23 -83.14 21.45
CA GLU JA 169 29.06 -82.37 21.02
C GLU JA 169 28.13 -82.09 22.20
N ILE JA 170 27.98 -83.05 23.11
CA ILE JA 170 27.09 -82.83 24.25
C ILE JA 170 27.62 -81.71 25.13
N ASN JA 171 28.92 -81.71 25.40
CA ASN JA 171 29.49 -80.64 26.22
C ASN JA 171 29.72 -79.35 25.46
N SER JA 172 29.62 -79.36 24.13
CA SER JA 172 29.90 -78.17 23.32
C SER JA 172 28.63 -77.38 23.00
N ASN JA 173 27.58 -78.04 22.51
CA ASN JA 173 26.39 -77.33 22.08
C ASN JA 173 25.72 -76.64 23.26
N LEU JA 174 25.29 -75.39 23.04
CA LEU JA 174 24.76 -74.58 24.13
C LEU JA 174 23.37 -75.04 24.58
N ASP JA 175 22.65 -75.80 23.76
CA ASP JA 175 21.37 -76.35 24.19
C ASP JA 175 21.53 -77.47 25.21
N ASN JA 176 22.76 -77.94 25.44
CA ASN JA 176 23.05 -78.91 26.49
C ASN JA 176 23.39 -78.25 27.82
N GLU JA 177 22.87 -77.04 28.07
CA GLU JA 177 23.18 -76.31 29.30
C GLU JA 177 22.72 -77.07 30.54
N TYR JA 178 21.82 -78.03 30.41
CA TYR JA 178 21.27 -78.76 31.54
C TYR JA 178 21.94 -80.11 31.76
N VAL JA 179 23.07 -80.37 31.09
CA VAL JA 179 23.70 -81.69 31.17
C VAL JA 179 25.16 -81.57 30.79
N ILE JA 180 26.00 -82.41 31.41
CA ILE JA 180 27.39 -82.63 31.00
C ILE JA 180 27.55 -84.11 30.71
N ALA JA 181 28.19 -84.43 29.60
CA ALA JA 181 28.57 -85.80 29.26
C ALA JA 181 30.06 -85.97 29.52
N THR JA 182 30.41 -87.04 30.24
CA THR JA 182 31.81 -87.39 30.51
C THR JA 182 32.03 -88.85 30.10
N LYS JA 183 33.13 -89.09 29.39
CA LYS JA 183 33.44 -90.41 28.87
C LYS JA 183 33.88 -91.32 30.01
N VAL JA 184 33.10 -92.36 30.29
CA VAL JA 184 33.46 -93.30 31.34
C VAL JA 184 34.75 -94.03 30.98
N ALA JA 185 34.82 -94.53 29.75
CA ALA JA 185 35.96 -95.30 29.28
C ALA JA 185 36.04 -95.14 27.77
N ASP JA 186 37.24 -95.36 27.24
CA ASP JA 186 37.44 -95.21 25.81
C ASP JA 186 36.72 -96.34 25.08
N SER JA 187 35.89 -95.98 24.11
CA SER JA 187 35.13 -96.96 23.36
C SER JA 187 34.50 -96.29 22.15
N ASP JA 188 34.28 -97.08 21.10
CA ASP JA 188 33.54 -96.66 19.91
C ASP JA 188 32.30 -97.52 19.70
N THR JA 189 31.85 -98.23 20.72
CA THR JA 189 30.73 -99.14 20.59
C THR JA 189 29.42 -98.38 20.38
N ILE JA 190 28.47 -99.05 19.75
CA ILE JA 190 27.16 -98.48 19.50
C ILE JA 190 26.37 -98.46 20.81
N LEU JA 191 25.82 -97.30 21.14
CA LEU JA 191 25.12 -97.13 22.41
C LEU JA 191 23.80 -97.88 22.41
N ALA JA 192 23.23 -98.02 23.60
CA ALA JA 192 21.91 -98.62 23.76
C ALA JA 192 20.83 -97.60 23.46
N ASN JA 193 19.71 -98.08 22.93
CA ASN JA 193 18.56 -97.23 22.62
C ASN JA 193 17.67 -97.15 23.85
N VAL JA 194 17.60 -95.96 24.45
CA VAL JA 194 16.79 -95.70 25.65
C VAL JA 194 15.87 -94.53 25.34
N VAL JA 195 14.64 -94.61 25.84
CA VAL JA 195 13.59 -93.64 25.52
C VAL JA 195 13.09 -93.03 26.83
N ASN JA 196 13.24 -91.71 26.96
CA ASN JA 196 12.65 -90.93 28.04
C ASN JA 196 13.12 -91.42 29.41
N GLN JA 197 14.44 -91.41 29.58
CA GLN JA 197 15.07 -91.77 30.85
C GLN JA 197 15.36 -90.50 31.65
N ALA JA 198 14.78 -90.41 32.84
CA ALA JA 198 14.89 -89.22 33.68
C ALA JA 198 16.18 -89.25 34.46
N LEU JA 199 16.87 -88.10 34.48
CA LEU JA 199 18.07 -87.98 35.31
C LEU JA 199 17.68 -87.95 36.78
N GLU JA 200 18.31 -88.80 37.58
CA GLU JA 200 18.00 -88.98 38.98
C GLU JA 200 19.29 -88.98 39.80
N GLY JA 201 19.14 -88.81 41.10
CA GLY JA 201 20.27 -88.72 42.02
C GLY JA 201 20.35 -87.37 42.70
N GLY JA 202 19.21 -86.75 42.94
CA GLY JA 202 19.17 -85.44 43.56
C GLY JA 202 17.81 -85.14 44.13
N ASN JA 203 17.62 -83.87 44.50
CA ASN JA 203 16.37 -83.38 45.07
C ASN JA 203 15.86 -82.20 44.26
N ASP JA 204 14.65 -81.75 44.63
CA ASP JA 204 13.97 -80.69 43.90
C ASP JA 204 14.80 -79.41 43.88
N GLY JA 205 15.02 -78.82 45.06
CA GLY JA 205 15.77 -77.57 45.18
C GLY JA 205 14.98 -76.55 45.97
N CYS JA 206 13.67 -76.52 45.77
CA CYS JA 206 12.76 -75.76 46.62
C CYS JA 206 12.32 -76.53 47.86
N THR JA 207 12.74 -77.79 48.01
CA THR JA 207 12.34 -78.66 49.11
C THR JA 207 13.52 -78.83 50.06
N SER JA 208 13.21 -78.96 51.35
CA SER JA 208 14.23 -79.12 52.39
C SER JA 208 15.11 -77.88 52.46
N ILE JA 209 14.46 -76.72 52.42
CA ILE JA 209 15.12 -75.43 52.53
C ILE JA 209 15.37 -75.16 54.02
N THR JA 210 16.64 -75.18 54.42
CA THR JA 210 17.04 -75.26 55.82
C THR JA 210 17.87 -74.06 56.24
N ASN JA 211 17.93 -73.85 57.56
CA ASN JA 211 18.62 -72.69 58.12
C ASN JA 211 20.10 -72.71 57.80
N GLU JA 212 20.75 -73.86 57.94
CA GLU JA 212 22.19 -73.94 57.64
C GLU JA 212 22.46 -73.62 56.18
N SER JA 213 21.54 -73.97 55.29
CA SER JA 213 21.74 -73.72 53.87
C SER JA 213 21.67 -72.22 53.58
N TYR JA 214 20.69 -71.52 54.16
CA TYR JA 214 20.72 -70.05 54.15
C TYR JA 214 22.00 -69.49 54.74
N LEU JA 215 22.47 -70.04 55.85
CA LEU JA 215 23.63 -69.43 56.47
C LEU JA 215 24.85 -69.56 55.56
N LYS JA 216 24.96 -70.71 54.88
CA LYS JA 216 25.98 -70.83 53.84
C LYS JA 216 25.78 -69.77 52.77
N ALA JA 217 24.54 -69.60 52.30
CA ALA JA 217 24.27 -68.65 51.22
C ALA JA 217 24.60 -67.23 51.64
N LEU JA 218 24.28 -66.87 52.88
CA LEU JA 218 24.61 -65.55 53.42
C LEU JA 218 26.11 -65.36 53.44
N GLU JA 219 26.86 -66.39 53.82
CA GLU JA 219 28.31 -66.29 53.75
C GLU JA 219 28.77 -66.14 52.30
N GLU JA 220 28.09 -66.79 51.36
CA GLU JA 220 28.39 -66.58 49.94
C GLU JA 220 27.95 -65.21 49.48
N PHE JA 221 26.92 -64.63 50.11
CA PHE JA 221 26.51 -63.28 49.76
C PHE JA 221 27.42 -62.23 50.38
N GLU JA 222 28.30 -62.60 51.31
CA GLU JA 222 29.30 -61.65 51.81
C GLU JA 222 30.36 -61.32 50.78
N ARG JA 223 30.37 -61.99 49.63
CA ARG JA 223 31.28 -61.62 48.54
C ARG JA 223 31.16 -60.15 48.18
N TYR JA 224 29.93 -59.67 48.00
CA TYR JA 224 29.67 -58.36 47.42
C TYR JA 224 28.84 -57.50 48.39
N SER JA 225 28.64 -56.25 48.00
CA SER JA 225 27.89 -55.26 48.76
C SER JA 225 26.52 -55.06 48.12
N PHE JA 226 25.50 -54.85 48.93
CA PHE JA 226 24.12 -54.75 48.46
C PHE JA 226 23.46 -53.51 49.02
N ASP JA 227 22.62 -52.89 48.19
CA ASP JA 227 21.75 -51.83 48.70
C ASP JA 227 20.73 -52.40 49.67
N SER JA 228 20.26 -53.62 49.44
CA SER JA 228 19.28 -54.25 50.32
C SER JA 228 19.35 -55.76 50.16
N PHE JA 229 18.89 -56.47 51.19
CA PHE JA 229 18.75 -57.91 51.20
C PHE JA 229 17.30 -58.28 51.45
N VAL JA 230 16.83 -59.36 50.83
CA VAL JA 230 15.42 -59.64 50.70
C VAL JA 230 15.00 -60.98 51.29
N LEU JA 231 15.93 -61.89 51.57
CA LEU JA 231 15.70 -63.22 52.14
C LEU JA 231 14.98 -64.17 51.17
N ASP JA 232 14.72 -63.73 49.93
CA ASP JA 232 14.05 -64.55 48.92
C ASP JA 232 12.62 -64.90 49.37
N GLY JA 233 11.99 -64.00 50.11
CA GLY JA 233 10.57 -64.13 50.41
C GLY JA 233 10.18 -65.38 51.18
N VAL JA 234 10.92 -65.70 52.24
CA VAL JA 234 10.61 -66.82 53.12
C VAL JA 234 10.33 -66.24 54.51
N ALA JA 235 9.15 -66.52 55.04
CA ALA JA 235 8.65 -65.90 56.25
C ALA JA 235 8.95 -66.70 57.52
N ASP JA 236 9.89 -67.63 57.46
CA ASP JA 236 10.24 -68.40 58.65
C ASP JA 236 10.87 -67.47 59.69
N GLU JA 237 10.42 -67.61 60.94
CA GLU JA 237 10.90 -66.73 62.01
C GLU JA 237 12.38 -66.96 62.30
N ALA JA 238 12.81 -68.23 62.30
CA ALA JA 238 14.23 -68.52 62.55
C ALA JA 238 15.11 -67.90 61.47
N LEU JA 239 14.66 -67.99 60.22
CA LEU JA 239 15.43 -67.42 59.12
C LEU JA 239 15.50 -65.91 59.23
N GLN JA 240 14.38 -65.27 59.59
CA GLN JA 240 14.37 -63.83 59.81
C GLN JA 240 15.34 -63.44 60.90
N GLU JA 241 15.37 -64.20 61.99
CA GLU JA 241 16.27 -63.90 63.10
C GLU JA 241 17.73 -64.07 62.68
N THR JA 242 18.02 -65.14 61.94
CA THR JA 242 19.40 -65.38 61.50
C THR JA 242 19.88 -64.27 60.56
N THR JA 243 19.04 -63.88 59.59
CA THR JA 243 19.42 -62.80 58.70
C THR JA 243 19.51 -61.47 59.43
N LYS JA 244 18.68 -61.28 60.47
CA LYS JA 244 18.75 -60.07 61.27
C LYS JA 244 20.09 -59.98 61.99
N ALA JA 245 20.53 -61.08 62.61
CA ALA JA 245 21.84 -61.10 63.26
C ALA JA 245 22.95 -60.90 62.24
N TRP JA 246 22.77 -61.48 61.05
CA TRP JA 246 23.76 -61.32 59.98
C TRP JA 246 23.93 -59.86 59.59
N VAL JA 247 22.82 -59.16 59.34
CA VAL JA 247 22.92 -57.77 58.91
C VAL JA 247 23.41 -56.89 60.06
N ALA JA 248 23.04 -57.23 61.30
CA ALA JA 248 23.57 -56.49 62.44
C ALA JA 248 25.08 -56.64 62.54
N LYS JA 249 25.58 -57.87 62.35
CA LYS JA 249 27.02 -58.09 62.35
C LYS JA 249 27.69 -57.30 61.23
N ASN JA 250 27.06 -57.28 60.04
CA ASN JA 250 27.64 -56.53 58.92
C ASN JA 250 27.68 -55.04 59.22
N LYS JA 251 26.61 -54.50 59.80
CA LYS JA 251 26.58 -53.08 60.13
C LYS JA 251 27.64 -52.75 61.18
N GLU JA 252 27.80 -53.62 62.18
CA GLU JA 252 28.88 -53.43 63.14
C GLU JA 252 30.24 -53.47 62.46
N LEU JA 253 30.39 -54.34 61.47
CA LEU JA 253 31.63 -54.38 60.69
C LEU JA 253 31.76 -53.14 59.80
N GLY JA 254 30.63 -52.54 59.41
CA GLY JA 254 30.60 -51.36 58.56
C GLY JA 254 29.86 -51.57 57.25
N LYS JA 255 29.60 -52.81 56.87
CA LYS JA 255 28.83 -53.10 55.66
C LYS JA 255 27.35 -52.87 55.95
N ASP JA 256 26.75 -51.92 55.25
CA ASP JA 256 25.36 -51.56 55.47
C ASP JA 256 24.47 -52.34 54.52
N ILE JA 257 23.60 -53.17 55.08
CA ILE JA 257 22.63 -53.97 54.32
C ILE JA 257 21.25 -53.64 54.87
N LEU JA 258 20.32 -53.32 53.98
CA LEU JA 258 18.94 -53.01 54.34
C LEU JA 258 18.11 -54.28 54.14
N LEU JA 259 17.65 -54.87 55.24
CA LEU JA 259 16.93 -56.12 55.19
C LEU JA 259 15.44 -55.88 55.03
N PHE JA 260 14.81 -56.66 54.14
CA PHE JA 260 13.38 -56.60 53.87
C PHE JA 260 12.77 -57.96 54.15
N LEU JA 261 11.59 -57.96 54.79
CA LEU JA 261 10.94 -59.17 55.24
C LEU JA 261 9.44 -59.02 55.05
N GLY JA 262 8.69 -60.04 55.48
CA GLY JA 262 7.24 -59.95 55.47
C GLY JA 262 6.62 -60.96 56.40
N GLY JA 263 5.46 -60.58 56.95
CA GLY JA 263 4.72 -61.47 57.82
C GLY JA 263 3.99 -62.54 57.05
N LYS JA 264 3.50 -63.52 57.79
CA LYS JA 264 2.75 -64.63 57.21
C LYS JA 264 1.30 -64.20 56.99
N THR JA 265 0.52 -65.09 56.39
CA THR JA 265 -0.91 -64.85 56.18
C THR JA 265 -1.73 -65.09 57.42
N GLU JA 266 -1.25 -65.92 58.34
CA GLU JA 266 -2.03 -66.25 59.54
C GLU JA 266 -2.14 -65.07 60.49
N ASP JA 267 -1.14 -64.19 60.49
CA ASP JA 267 -1.11 -63.10 61.47
C ASP JA 267 -2.26 -62.14 61.27
N ASN JA 268 -2.95 -61.82 62.38
CA ASN JA 268 -3.99 -60.81 62.37
C ASN JA 268 -3.34 -59.43 62.50
N ILE JA 269 -4.17 -58.39 62.54
CA ILE JA 269 -3.67 -57.02 62.54
C ILE JA 269 -2.86 -56.75 63.79
N LYS JA 270 -3.36 -57.17 64.96
CA LYS JA 270 -2.63 -56.97 66.19
C LYS JA 270 -1.32 -57.76 66.19
N GLN JA 271 -1.36 -58.99 65.69
CA GLN JA 271 -0.15 -59.81 65.66
C GLN JA 271 0.93 -59.20 64.78
N ILE JA 272 0.56 -58.71 63.60
CA ILE JA 272 1.56 -58.12 62.71
C ILE JA 272 2.08 -56.81 63.30
N ASN JA 273 1.21 -56.04 63.97
CA ASN JA 273 1.66 -54.82 64.62
C ASN JA 273 2.68 -55.15 65.71
N ASP JA 274 2.41 -56.18 66.51
CA ASP JA 274 3.34 -56.59 67.55
C ASP JA 274 4.64 -57.11 66.95
N LYS JA 275 4.55 -57.84 65.84
CA LYS JA 275 5.75 -58.33 65.16
C LYS JA 275 6.62 -57.17 64.70
N SER JA 276 6.00 -56.12 64.14
CA SER JA 276 6.78 -54.96 63.71
C SER JA 276 7.41 -54.24 64.89
N LYS JA 277 6.66 -54.06 65.98
CA LYS JA 277 7.23 -53.43 67.16
C LYS JA 277 8.34 -54.28 67.76
N SER JA 278 8.31 -55.59 67.57
CA SER JA 278 9.39 -56.44 68.02
C SER JA 278 10.70 -56.07 67.33
N PHE JA 279 10.63 -55.85 66.01
CA PHE JA 279 11.79 -55.32 65.29
C PHE JA 279 11.95 -53.84 65.60
N ASN JA 280 13.09 -53.48 66.18
CA ASN JA 280 13.46 -52.10 66.46
C ASN JA 280 14.84 -51.81 65.89
N ASP JA 281 15.05 -52.20 64.63
CA ASP JA 281 16.30 -52.01 63.92
C ASP JA 281 16.10 -50.99 62.81
N GLU JA 282 17.13 -50.15 62.60
CA GLU JA 282 17.04 -49.12 61.58
C GLU JA 282 16.94 -49.72 60.18
N ASN JA 283 17.66 -50.81 59.93
CA ASN JA 283 17.81 -51.38 58.59
C ASN JA 283 17.12 -52.73 58.46
N ILE JA 284 15.91 -52.84 59.03
CA ILE JA 284 15.03 -53.99 58.85
C ILE JA 284 13.65 -53.46 58.46
N VAL JA 285 13.02 -54.12 57.49
CA VAL JA 285 11.71 -53.73 56.98
C VAL JA 285 10.85 -54.98 56.86
N ASN JA 286 9.57 -54.84 57.20
CA ASN JA 286 8.59 -55.92 57.11
C ASN JA 286 7.36 -55.45 56.36
N VAL JA 287 6.82 -56.33 55.52
CA VAL JA 287 5.58 -56.10 54.79
C VAL JA 287 4.49 -56.95 55.45
N GLY JA 288 3.40 -56.30 55.85
CA GLY JA 288 2.33 -56.97 56.56
C GLY JA 288 1.07 -57.18 55.75
N SER JA 289 1.20 -57.23 54.42
CA SER JA 289 0.04 -57.36 53.56
C SER JA 289 0.42 -58.11 52.29
N SER JA 290 -0.35 -59.14 51.96
CA SER JA 290 -0.15 -59.91 50.74
C SER JA 290 -0.78 -59.17 49.56
N ALA JA 291 -0.38 -59.59 48.35
CA ALA JA 291 -0.80 -58.93 47.12
C ALA JA 291 -1.08 -59.96 46.04
N TYR JA 292 -1.78 -59.51 45.00
CA TYR JA 292 -2.12 -60.32 43.84
C TYR JA 292 -1.73 -59.54 42.59
N TYR JA 293 -1.08 -60.21 41.64
CA TYR JA 293 -0.66 -59.55 40.41
C TYR JA 293 -0.66 -60.58 39.28
N GLU JA 294 -1.26 -60.22 38.15
CA GLU JA 294 -1.56 -61.17 37.07
C GLU JA 294 -2.36 -62.36 37.60
N ASN JA 295 -3.27 -62.09 38.53
CA ASN JA 295 -4.16 -63.06 39.18
C ASN JA 295 -3.41 -64.09 40.03
N ILE JA 296 -2.10 -63.94 40.23
CA ILE JA 296 -1.29 -64.85 41.02
C ILE JA 296 -1.02 -64.19 42.37
N LYS JA 297 -1.14 -64.97 43.44
CA LYS JA 297 -0.97 -64.42 44.78
C LYS JA 297 0.51 -64.38 45.16
N TYR JA 298 0.84 -63.36 45.94
CA TYR JA 298 2.15 -63.19 46.56
C TYR JA 298 1.95 -62.90 48.05
N THR JA 299 2.52 -63.75 48.89
CA THR JA 299 2.46 -63.54 50.33
C THR JA 299 3.27 -62.30 50.69
N PRO JA 300 3.04 -61.71 51.87
CA PRO JA 300 3.74 -60.46 52.20
C PRO JA 300 5.25 -60.58 52.16
N SER JA 301 5.79 -61.75 52.47
CA SER JA 301 7.22 -61.95 52.37
C SER JA 301 7.68 -61.99 50.92
N GLU JA 302 6.90 -62.65 50.05
CA GLU JA 302 7.22 -62.61 48.62
C GLU JA 302 7.07 -61.20 48.06
N VAL JA 303 6.04 -60.47 48.47
CA VAL JA 303 5.86 -59.09 48.02
C VAL JA 303 7.02 -58.22 48.51
N ALA JA 304 7.62 -58.58 49.65
CA ALA JA 304 8.76 -57.83 50.15
C ALA JA 304 9.92 -57.83 49.17
N VAL JA 305 10.01 -58.85 48.31
CA VAL JA 305 11.04 -58.86 47.27
C VAL JA 305 10.86 -57.67 46.34
N TYR JA 306 9.64 -57.47 45.82
CA TYR JA 306 9.39 -56.33 44.95
C TYR JA 306 9.54 -55.02 45.70
N ILE JA 307 9.11 -54.99 46.96
CA ILE JA 307 9.22 -53.76 47.75
C ILE JA 307 10.69 -53.37 47.91
N ALA JA 308 11.54 -54.33 48.25
CA ALA JA 308 12.97 -54.08 48.36
C ALA JA 308 13.55 -53.66 47.02
N ALA JA 309 13.11 -54.31 45.95
CA ALA JA 309 13.63 -54.00 44.62
C ALA JA 309 13.29 -52.57 44.23
N LEU JA 310 12.06 -52.13 44.49
CA LEU JA 310 11.68 -50.76 44.19
C LEU JA 310 12.41 -49.77 45.09
N SER JA 311 12.62 -50.13 46.36
CA SER JA 311 13.36 -49.25 47.26
C SER JA 311 14.79 -49.06 46.76
N VAL JA 312 15.42 -50.13 46.30
CA VAL JA 312 16.78 -50.06 45.79
C VAL JA 312 16.81 -49.30 44.47
N SER JA 313 15.81 -49.53 43.61
CA SER JA 313 15.75 -48.84 42.33
C SER JA 313 15.62 -47.33 42.51
N LYS JA 314 14.73 -46.91 43.41
CA LYS JA 314 14.69 -45.50 43.77
C LYS JA 314 16.00 -45.05 44.39
N GLY JA 315 16.53 -45.86 45.32
CA GLY JA 315 17.78 -45.54 45.98
C GLY JA 315 17.73 -44.19 46.65
N ILE JA 316 18.46 -43.24 46.06
CA ILE JA 316 18.43 -41.85 46.47
C ILE JA 316 17.74 -41.07 45.36
N THR JA 317 17.25 -39.88 45.71
CA THR JA 317 16.39 -39.06 44.84
C THR JA 317 15.04 -39.72 44.61
N GLY JA 318 14.60 -40.56 45.55
CA GLY JA 318 13.33 -41.24 45.39
C GLY JA 318 12.90 -41.86 46.71
N SER JA 319 11.63 -42.25 46.72
CA SER JA 319 11.03 -42.89 47.89
C SER JA 319 9.84 -43.71 47.41
N ILE JA 320 9.39 -44.61 48.28
CA ILE JA 320 8.31 -45.54 47.94
C ILE JA 320 7.14 -45.34 48.88
N CYS JA 321 6.94 -44.10 49.34
CA CYS JA 321 5.85 -43.81 50.27
C CYS JA 321 4.50 -44.08 49.63
N ASN JA 322 4.29 -43.58 48.41
CA ASN JA 322 3.06 -43.79 47.65
C ASN JA 322 3.38 -44.10 46.21
N ALA JA 323 4.37 -44.96 45.98
CA ALA JA 323 4.75 -45.31 44.62
C ALA JA 323 3.70 -46.21 43.99
N LYS JA 324 3.56 -46.07 42.67
CA LYS JA 324 2.57 -46.83 41.90
C LYS JA 324 3.11 -48.24 41.69
N THR JA 325 2.74 -49.14 42.61
CA THR JA 325 3.19 -50.52 42.50
C THR JA 325 2.39 -51.26 41.42
N ILE JA 326 3.02 -52.26 40.82
CA ILE JA 326 2.39 -52.99 39.72
C ILE JA 326 1.24 -53.86 40.20
N PHE JA 327 1.15 -54.14 41.51
CA PHE JA 327 0.14 -55.06 42.00
C PHE JA 327 -1.25 -54.47 41.82
N GLU JA 328 -2.21 -55.35 41.51
CA GLU JA 328 -3.58 -54.94 41.21
C GLU JA 328 -4.57 -55.26 42.32
N GLU JA 329 -4.14 -55.87 43.42
CA GLU JA 329 -5.03 -56.08 44.57
C GLU JA 329 -4.17 -56.45 45.76
N VAL JA 330 -4.63 -56.06 46.96
CA VAL JA 330 -3.95 -56.32 48.22
C VAL JA 330 -4.95 -56.70 49.29
N GLU JA 331 -4.41 -57.12 50.43
CA GLU JA 331 -5.18 -57.54 51.60
C GLU JA 331 -4.23 -57.64 52.78
N PRO JA 332 -4.70 -57.40 54.02
CA PRO JA 332 -6.02 -56.93 54.47
C PRO JA 332 -6.10 -55.41 54.44
N ARG JA 333 -7.22 -54.81 54.85
CA ARG JA 333 -7.44 -53.37 54.76
C ARG JA 333 -7.87 -52.84 56.12
N LEU JA 334 -7.71 -51.53 56.29
CA LEU JA 334 -7.82 -50.89 57.60
C LEU JA 334 -8.37 -49.48 57.43
N SER JA 335 -8.92 -48.95 58.54
CA SER JA 335 -9.39 -47.57 58.57
C SER JA 335 -8.23 -46.63 58.85
N GLN JA 336 -8.48 -45.31 58.68
CA GLN JA 336 -7.41 -44.33 58.83
C GLN JA 336 -6.83 -44.35 60.23
N SER JA 337 -7.67 -44.43 61.26
CA SER JA 337 -7.15 -44.54 62.61
C SER JA 337 -6.38 -45.84 62.79
N GLU JA 338 -6.87 -46.93 62.20
CA GLU JA 338 -6.19 -48.21 62.33
C GLU JA 338 -4.89 -48.21 61.52
N VAL JA 339 -4.89 -47.56 60.35
CA VAL JA 339 -3.64 -47.40 59.60
C VAL JA 339 -2.65 -46.57 60.40
N LYS JA 340 -3.13 -45.54 61.09
CA LYS JA 340 -2.26 -44.75 61.95
C LYS JA 340 -1.64 -45.60 63.05
N GLU JA 341 -2.46 -46.43 63.70
CA GLU JA 341 -1.95 -47.31 64.75
C GLU JA 341 -0.92 -48.28 64.19
N CYS JA 342 -1.21 -48.85 63.01
CA CYS JA 342 -0.31 -49.81 62.40
C CYS JA 342 1.01 -49.15 62.00
N LEU JA 343 0.95 -47.94 61.45
CA LEU JA 343 2.17 -47.23 61.07
C LEU JA 343 2.99 -46.86 62.30
N LYS JA 344 2.32 -46.43 63.38
CA LYS JA 344 3.04 -46.15 64.63
C LYS JA 344 3.72 -47.42 65.14
N SER JA 345 3.06 -48.57 64.99
CA SER JA 345 3.72 -49.83 65.33
C SER JA 345 4.90 -50.11 64.41
N GLY JA 346 4.86 -49.58 63.18
CA GLY JA 346 5.96 -49.70 62.25
C GLY JA 346 5.80 -50.79 61.21
N THR JA 347 4.59 -50.90 60.66
CA THR JA 347 4.28 -51.88 59.62
C THR JA 347 4.15 -51.16 58.28
N LEU JA 348 4.78 -51.72 57.26
CA LEU JA 348 4.53 -51.28 55.90
C LEU JA 348 3.31 -52.02 55.36
N VAL JA 349 2.33 -51.25 54.86
CA VAL JA 349 1.06 -51.79 54.41
C VAL JA 349 0.75 -51.23 53.03
N LEU JA 350 0.52 -52.12 52.07
CA LEU JA 350 0.06 -51.70 50.76
C LEU JA 350 -1.44 -51.40 50.80
N ASP JA 351 -1.88 -50.50 49.93
CA ASP JA 351 -3.27 -50.12 49.84
C ASP JA 351 -3.67 -50.03 48.37
N PHE JA 352 -4.95 -50.32 48.10
CA PHE JA 352 -5.48 -50.31 46.74
C PHE JA 352 -6.21 -48.98 46.58
N ASP JA 353 -5.42 -47.91 46.42
CA ASP JA 353 -5.98 -46.56 46.42
C ASP JA 353 -6.75 -46.26 45.15
N ASP JA 354 -6.31 -46.81 44.02
CA ASP JA 354 -7.03 -46.69 42.75
C ASP JA 354 -6.92 -48.06 42.09
N GLY JA 355 -7.18 -48.13 40.77
CA GLY JA 355 -7.10 -49.38 40.05
C GLY JA 355 -5.79 -50.13 40.22
N ASP JA 356 -4.70 -49.41 40.53
CA ASP JA 356 -3.42 -50.00 40.84
C ASP JA 356 -3.06 -49.76 42.31
N VAL JA 357 -2.28 -50.68 42.87
CA VAL JA 357 -1.92 -50.63 44.28
C VAL JA 357 -0.93 -49.49 44.53
N ILE JA 358 -1.02 -48.90 45.73
CA ILE JA 358 -0.13 -47.81 46.15
C ILE JA 358 0.28 -48.05 47.60
N ILE JA 359 1.57 -47.81 47.88
CA ILE JA 359 2.09 -47.93 49.24
C ILE JA 359 1.51 -46.82 50.11
N VAL JA 360 1.40 -47.10 51.41
CA VAL JA 360 0.83 -46.13 52.35
C VAL JA 360 1.87 -45.10 52.78
N ASP JA 361 3.10 -45.53 53.09
CA ASP JA 361 4.12 -44.64 53.61
C ASP JA 361 5.45 -45.39 53.62
N ASP JA 362 6.54 -44.63 53.56
CA ASP JA 362 7.89 -45.20 53.45
C ASP JA 362 8.47 -45.31 54.86
N VAL JA 363 8.08 -46.37 55.57
CA VAL JA 363 8.39 -46.55 56.98
C VAL JA 363 9.17 -47.84 57.15
N ASN JA 364 10.04 -47.84 58.15
CA ASN JA 364 10.84 -48.99 58.54
C ASN JA 364 10.41 -49.46 59.93
N THR JA 365 11.01 -50.55 60.40
CA THR JA 365 10.68 -51.09 61.71
C THR JA 365 11.13 -50.19 62.86
N PHE JA 366 11.95 -49.18 62.60
CA PHE JA 366 12.45 -48.27 63.63
C PHE JA 366 11.57 -47.04 63.82
N LYS JA 367 10.27 -47.16 63.56
CA LYS JA 367 9.37 -46.05 63.87
C LYS JA 367 9.39 -45.76 65.35
N LYS JA 368 9.42 -46.80 66.18
CA LYS JA 368 9.52 -46.60 67.62
C LYS JA 368 10.87 -45.97 67.92
N TYR JA 369 10.86 -44.64 68.05
CA TYR JA 369 12.03 -43.82 68.36
C TYR JA 369 12.00 -43.45 69.84
N VAL JA 370 13.06 -42.75 70.26
CA VAL JA 370 13.19 -42.26 71.64
C VAL JA 370 13.78 -40.85 71.58
N ASP JA 371 13.73 -40.16 72.73
CA ASP JA 371 14.02 -38.74 72.76
C ASP JA 371 15.46 -38.44 72.36
N ASP JA 372 16.39 -39.33 72.73
CA ASP JA 372 17.80 -39.07 72.44
C ASP JA 372 18.11 -39.12 70.94
N LYS JA 373 17.23 -39.71 70.14
CA LYS JA 373 17.36 -39.74 68.68
C LYS JA 373 16.21 -38.95 68.05
N ASN JA 374 16.38 -38.64 66.77
CA ASN JA 374 15.41 -37.85 66.04
C ASN JA 374 14.40 -38.75 65.33
N GLU JA 375 13.33 -38.11 64.84
CA GLU JA 375 12.25 -38.83 64.18
C GLU JA 375 12.53 -39.11 62.72
N ALA JA 376 13.41 -38.35 62.08
CA ALA JA 376 13.61 -38.47 60.64
C ALA JA 376 14.24 -39.79 60.24
N MET JA 377 14.90 -40.48 61.15
CA MET JA 377 15.65 -41.69 60.80
C MET JA 377 14.76 -42.94 60.81
N GLY JA 378 13.47 -42.79 61.12
CA GLY JA 378 12.56 -43.93 61.11
C GLY JA 378 11.90 -44.19 59.77
N TYR JA 379 12.51 -43.72 58.68
CA TYR JA 379 11.98 -43.87 57.34
C TYR JA 379 13.04 -44.53 56.45
N ILE JA 380 12.58 -45.37 55.52
CA ILE JA 380 13.49 -46.13 54.66
C ILE JA 380 14.37 -45.19 53.84
N SER JA 381 13.79 -44.09 53.35
CA SER JA 381 14.56 -43.16 52.51
C SER JA 381 15.74 -42.59 53.28
N ASN JA 382 15.53 -42.21 54.54
CA ASN JA 382 16.61 -41.65 55.33
C ASN JA 382 17.65 -42.70 55.68
N ILE JA 383 17.23 -43.95 55.93
CA ILE JA 383 18.20 -45.02 56.16
C ILE JA 383 19.07 -45.23 54.92
N MET JA 384 18.45 -45.29 53.75
CA MET JA 384 19.22 -45.48 52.52
C MET JA 384 20.14 -44.29 52.28
N PHE JA 385 19.68 -43.09 52.62
CA PHE JA 385 20.46 -41.88 52.39
C PHE JA 385 21.67 -41.81 53.31
N ILE JA 386 21.47 -42.11 54.59
CA ILE JA 386 22.57 -42.13 55.55
C ILE JA 386 23.53 -43.27 55.22
N ASN JA 387 23.00 -44.43 54.81
CA ASN JA 387 23.87 -45.54 54.45
C ASN JA 387 24.70 -45.20 53.23
N THR JA 388 24.08 -44.55 52.23
CA THR JA 388 24.81 -44.15 51.04
C THR JA 388 25.91 -43.16 51.35
N ILE JA 389 25.64 -42.19 52.25
CA ILE JA 389 26.69 -41.25 52.65
C ILE JA 389 27.81 -41.99 53.37
N ASN JA 390 27.47 -42.85 54.31
CA ASN JA 390 28.50 -43.52 55.10
C ASN JA 390 29.36 -44.40 54.20
N LYS JA 391 28.74 -45.06 53.22
CA LYS JA 391 29.51 -45.85 52.26
C LYS JA 391 30.37 -44.95 51.38
N ASP JA 392 29.78 -43.91 50.79
CA ASP JA 392 30.50 -43.08 49.82
C ASP JA 392 31.69 -42.39 50.44
N THR JA 393 31.52 -41.83 51.64
CA THR JA 393 32.67 -41.33 52.39
C THR JA 393 33.61 -42.48 52.75
N SER JA 394 33.05 -43.64 53.08
CA SER JA 394 33.87 -44.81 53.41
C SER JA 394 34.53 -45.42 52.18
N LEU JA 395 34.05 -45.11 50.97
CA LEU JA 395 34.76 -45.53 49.76
C LEU JA 395 36.05 -44.75 49.54
N LYS JA 396 36.25 -43.63 50.25
CA LYS JA 396 37.45 -42.83 50.08
C LYS JA 396 38.62 -43.37 50.90
N ARG JA 397 38.93 -44.66 50.78
CA ARG JA 397 40.15 -45.21 51.39
C ARG JA 397 41.11 -45.81 50.39
N LYS JA 398 40.72 -45.98 49.13
CA LYS JA 398 41.55 -46.73 48.20
C LYS JA 398 42.76 -45.92 47.74
N GLU JA 399 42.80 -44.62 48.05
CA GLU JA 399 43.89 -43.73 47.68
C GLU JA 399 44.23 -42.76 48.81
N PHE JA 400 43.73 -43.02 50.02
CA PHE JA 400 43.46 -41.95 50.97
C PHE JA 400 43.98 -42.26 52.37
N VAL JA 401 43.88 -43.53 52.78
CA VAL JA 401 44.33 -43.98 54.10
C VAL JA 401 45.62 -44.76 53.93
N GLY JA 402 46.64 -44.37 54.70
CA GLY JA 402 47.97 -44.93 54.54
C GLY JA 402 48.74 -44.37 53.36
N LYS JA 403 48.14 -43.44 52.61
CA LYS JA 403 48.73 -42.89 51.40
C LYS JA 403 48.73 -41.36 51.43
N ILE JA 404 48.30 -40.73 52.54
CA ILE JA 404 48.25 -39.28 52.71
C ILE JA 404 48.92 -38.92 54.03
N PHE JA 405 49.46 -37.72 54.11
CA PHE JA 405 50.08 -37.21 55.31
C PHE JA 405 49.02 -36.62 56.24
N ASN JA 406 49.40 -36.38 57.49
CA ASN JA 406 48.49 -35.88 58.53
C ASN JA 406 48.87 -34.45 58.94
N ASP JA 407 49.20 -33.62 57.95
CA ASP JA 407 49.47 -32.21 58.14
C ASP JA 407 48.32 -31.38 57.59
N ALA JA 408 48.46 -30.05 57.68
CA ALA JA 408 47.41 -29.16 57.23
C ALA JA 408 47.11 -29.34 55.75
N THR JA 409 48.13 -29.59 54.93
CA THR JA 409 47.91 -29.81 53.50
C THR JA 409 47.06 -31.06 53.28
N GLY JA 410 47.42 -32.16 53.93
CA GLY JA 410 46.66 -33.39 53.75
C GLY JA 410 45.24 -33.27 54.25
N GLN JA 411 45.06 -32.66 55.43
CA GLN JA 411 43.71 -32.47 55.96
C GLN JA 411 42.87 -31.59 55.06
N THR JA 412 43.47 -30.54 54.49
CA THR JA 412 42.73 -29.68 53.58
C THR JA 412 42.37 -30.41 52.30
N THR JA 413 43.24 -31.28 51.80
CA THR JA 413 42.86 -32.10 50.65
C THR JA 413 41.72 -33.04 51.01
N VAL JA 414 41.73 -33.57 52.23
CA VAL JA 414 40.65 -34.44 52.69
C VAL JA 414 39.33 -33.68 52.66
N ILE JA 415 39.32 -32.51 53.26
CA ILE JA 415 38.09 -31.72 53.33
C ILE JA 415 37.65 -31.30 51.95
N CYS JA 416 38.61 -31.01 51.05
CA CYS JA 416 38.27 -30.68 49.67
C CYS JA 416 37.58 -31.85 48.98
N ALA JA 417 38.10 -33.06 49.16
CA ALA JA 417 37.49 -34.23 48.53
C ALA JA 417 36.09 -34.49 49.07
N LEU JA 418 35.93 -34.40 50.39
CA LEU JA 418 34.62 -34.65 50.98
C LEU JA 418 33.62 -33.57 50.57
N LYS JA 419 34.08 -32.32 50.52
CA LYS JA 419 33.23 -31.23 50.04
C LYS JA 419 32.87 -31.45 48.58
N LYS JA 420 33.81 -31.97 47.78
CA LYS JA 420 33.50 -32.26 46.38
C LYS JA 420 32.40 -33.30 46.28
N TYR JA 421 32.47 -34.35 47.11
CA TYR JA 421 31.43 -35.36 47.07
C TYR JA 421 30.08 -34.78 47.48
N PHE JA 422 30.07 -33.94 48.51
CA PHE JA 422 28.81 -33.33 48.94
C PHE JA 422 28.27 -32.37 47.88
N GLU JA 423 29.15 -31.61 47.22
CA GLU JA 423 28.71 -30.68 46.20
C GLU JA 423 28.14 -31.40 44.99
N GLU JA 424 28.79 -32.48 44.55
CA GLU JA 424 28.19 -33.29 43.49
C GLU JA 424 26.89 -33.92 43.94
N LEU JA 425 26.79 -34.28 45.22
CA LEU JA 425 25.54 -34.80 45.75
C LEU JA 425 24.46 -33.72 45.76
N MET JA 426 24.85 -32.49 46.12
CA MET JA 426 23.92 -31.37 46.07
C MET JA 426 23.47 -31.08 44.65
N SER JA 427 24.28 -31.45 43.66
CA SER JA 427 23.94 -31.16 42.27
C SER JA 427 22.68 -31.89 41.82
N GLN JA 428 22.39 -33.06 42.39
CA GLN JA 428 21.15 -33.76 42.07
C GLN JA 428 19.95 -33.22 42.84
N GLY JA 429 20.13 -32.18 43.65
CA GLY JA 429 19.04 -31.64 44.44
C GLY JA 429 18.70 -32.43 45.68
N ILE JA 430 19.53 -33.41 46.06
CA ILE JA 430 19.24 -34.23 47.22
C ILE JA 430 19.32 -33.42 48.50
N ILE JA 431 20.16 -32.38 48.52
CA ILE JA 431 20.44 -31.59 49.71
C ILE JA 431 20.23 -30.12 49.37
N SER JA 432 19.74 -29.37 50.36
CA SER JA 432 19.55 -27.92 50.21
C SER JA 432 20.79 -27.15 50.66
N GLU JA 433 21.44 -27.59 51.74
CA GLU JA 433 22.66 -26.95 52.22
C GLU JA 433 23.48 -27.99 52.96
N PHE JA 434 24.79 -27.75 53.03
CA PHE JA 434 25.69 -28.68 53.70
C PHE JA 434 26.87 -27.91 54.26
N ASN JA 435 27.60 -28.57 55.16
CA ASN JA 435 28.82 -28.04 55.74
C ASN JA 435 29.76 -29.21 55.98
N VAL JA 436 31.05 -29.00 55.69
CA VAL JA 436 32.08 -29.99 55.98
C VAL JA 436 33.34 -29.25 56.42
N ASP JA 437 33.79 -29.52 57.63
CA ASP JA 437 34.89 -28.79 58.27
C ASP JA 437 35.61 -29.73 59.23
N ILE JA 438 36.69 -29.23 59.83
CA ILE JA 438 37.46 -29.99 60.81
C ILE JA 438 36.70 -29.98 62.12
N ASP JA 439 36.76 -31.10 62.84
CA ASP JA 439 36.14 -31.21 64.16
C ASP JA 439 37.18 -30.76 65.20
N THR JA 440 37.22 -29.44 65.41
CA THR JA 440 38.29 -28.83 66.20
C THR JA 440 38.26 -29.29 67.65
N GLU JA 441 37.05 -29.43 68.23
CA GLU JA 441 36.92 -29.82 69.63
C GLU JA 441 37.61 -31.14 69.89
N LEU JA 442 37.32 -32.15 69.08
CA LEU JA 442 37.97 -33.44 69.25
C LEU JA 442 39.39 -33.41 68.71
N GLN JA 443 39.64 -32.68 67.61
CA GLN JA 443 40.95 -32.70 66.98
C GLN JA 443 42.03 -32.13 67.89
N ALA JA 444 41.66 -31.24 68.81
CA ALA JA 444 42.63 -30.73 69.76
C ALA JA 444 43.19 -31.85 70.62
N THR JA 445 42.34 -32.78 71.06
CA THR JA 445 42.75 -33.92 71.86
C THR JA 445 43.17 -35.12 71.03
N ALA JA 446 43.24 -34.97 69.71
CA ALA JA 446 43.54 -36.11 68.84
C ALA JA 446 44.96 -36.62 69.05
N LYS JA 447 45.13 -37.90 68.79
CA LYS JA 447 46.46 -38.47 68.62
C LYS JA 447 46.99 -38.10 67.25
N ALA JA 448 48.32 -38.24 67.07
CA ALA JA 448 48.98 -37.79 65.86
C ALA JA 448 48.40 -38.44 64.61
N ASP JA 449 48.07 -39.72 64.68
CA ASP JA 449 47.56 -40.43 63.51
C ASP JA 449 46.10 -40.10 63.24
N GLU JA 450 45.33 -39.83 64.28
CA GLU JA 450 43.89 -39.63 64.12
C GLU JA 450 43.61 -38.32 63.41
N PHE JA 451 42.60 -38.34 62.53
CA PHE JA 451 42.04 -37.15 61.91
C PHE JA 451 40.54 -37.13 62.17
N TYR JA 452 40.01 -35.99 62.61
CA TYR JA 452 38.62 -35.92 63.04
C TYR JA 452 37.95 -34.83 62.20
N TRP JA 453 36.77 -35.14 61.66
CA TRP JA 453 35.99 -34.16 60.92
C TRP JA 453 34.52 -34.32 61.24
N LYS JA 454 33.74 -33.32 60.82
CA LYS JA 454 32.30 -33.30 61.04
C LYS JA 454 31.61 -32.75 59.79
N TRP JA 455 30.34 -33.10 59.63
CA TRP JA 455 29.55 -32.62 58.51
C TRP JA 455 28.10 -32.41 58.92
N ASP JA 456 27.46 -31.47 58.22
CA ASP JA 456 26.06 -31.18 58.39
C ASP JA 456 25.39 -31.26 57.02
N ALA JA 457 24.09 -31.55 57.02
CA ALA JA 457 23.33 -31.51 55.79
C ALA JA 457 21.87 -31.25 56.12
N VAL JA 458 21.13 -30.80 55.11
CA VAL JA 458 19.70 -30.56 55.21
C VAL JA 458 19.03 -31.16 53.99
N LYS JA 459 18.38 -32.31 54.16
CA LYS JA 459 17.68 -32.93 53.04
C LYS JA 459 16.55 -32.04 52.54
N VAL JA 460 16.36 -32.05 51.23
CA VAL JA 460 15.28 -31.25 50.64
C VAL JA 460 13.95 -31.85 51.02
N ASP JA 461 12.99 -30.98 51.34
CA ASP JA 461 11.68 -31.44 51.75
C ASP JA 461 10.89 -31.94 50.55
N VAL JA 462 10.09 -32.97 50.80
CA VAL JA 462 9.23 -33.59 49.79
C VAL JA 462 7.80 -33.52 50.32
N MET JA 463 6.89 -33.03 49.49
CA MET JA 463 5.48 -32.95 49.89
C MET JA 463 4.94 -34.35 50.17
N LYS JA 464 4.32 -34.52 51.33
CA LYS JA 464 3.59 -35.72 51.68
C LYS JA 464 2.15 -35.42 52.06
N LYS JA 465 1.91 -34.37 52.85
CA LYS JA 465 0.58 -34.00 53.32
C LYS JA 465 0.18 -32.67 52.71
N ILE JA 466 -1.02 -32.63 52.15
CA ILE JA 466 -1.55 -31.47 51.44
C ILE JA 466 -2.99 -31.28 51.89
N TYR JA 467 -3.32 -30.08 52.37
CA TYR JA 467 -4.65 -29.82 52.89
C TYR JA 467 -5.26 -28.67 52.08
N GLY JA 468 -6.48 -28.87 51.58
CA GLY JA 468 -7.19 -27.85 50.84
C GLY JA 468 -8.47 -27.40 51.53
N THR JA 469 -8.60 -26.10 51.75
CA THR JA 469 -9.76 -25.52 52.43
C THR JA 469 -10.70 -24.96 51.37
N GLY JA 470 -11.87 -25.59 51.23
CA GLY JA 470 -12.83 -25.19 50.23
C GLY JA 470 -13.81 -24.14 50.72
N TYR JA 471 -14.38 -23.42 49.75
CA TYR JA 471 -15.41 -22.41 50.00
C TYR JA 471 -16.31 -22.37 48.79
N LEU JA 472 -17.51 -21.81 48.97
CA LEU JA 472 -18.49 -21.75 47.88
C LEU JA 472 -19.42 -20.54 47.99
#